data_7AS4
#
_entry.id   7AS4
#
loop_
_entity.id
_entity.type
_entity.pdbx_description
1 polymer 'Tubulin gamma-1 chain'
2 polymer 'Gamma-tubulin complex component 3'
3 polymer 'Gamma-tubulin complex component 6'
4 polymer 'Mitotic-spindle organizing protein 1'
5 polymer 'Actin, cytoplasmic 1'
6 polymer 'Gamma-tubulin complex component 2'
7 polymer 'Gamma-tubulin complex component 4'
8 polymer 'Gamma-tubulin complex component 5'
9 non-polymer "GUANOSINE-5'-DIPHOSPHATE"
#
loop_
_entity_poly.entity_id
_entity_poly.type
_entity_poly.pdbx_seq_one_letter_code
_entity_poly.pdbx_strand_id
1 'polypeptide(L)'
;MPREIITLQLGQCGNQIGFEFWKQLCAEHGISPEGIVEEFATEGTDRKDVFFYQADDEHYIPRAVLLDLEPRVIHSILNS
PYAKLYNPENIYLSEHGGGAGNNWASGFSQGEKIHEDIFDIIDREADGSDSLEGFVLCHSIAGGTGSGLGSYLLERLNDR
YPKKLVQTYSVFPNQDEMSDVVVQPYNSLLTLKRLTQNADCVVVLDNTALNRIATDRLHIQNPSFSQINQLVSTIMSAST
TTLRYPGYMNNDLIGLIASLIPTPRLHFLMTGYTPLTTDQSVASVRKTTVLDVMRRLLQPKNVMVSTGRDRQTNHCYIAI
LNIIQGEVDPTQVHKSLQRIRERKLANFIPWGPASIQVALSRKSPYLPSAHRVSGLMMANHTSISSLFERTCRQYDKLRK
REAFLEQFRKEDMFKDNFDEMDTSREIVQQLIDEYHAATRPDYISWG
;
1,2,O,P,Q,R,S,T,U,V,W,X,Y,Z
2 'polypeptide(L)'
;MATPDQKSPNVLLQNLCCRILGRSEADVAQQFQYAVRVIGSNFAPTVERDEFLVAEKIKKELIRQRREADAALFSELHRK
LHSQGVLKNKWSILYLLLSLSEDPRRQPSKVSSYATLFAQALPRDAHSTPYYYARPQTLPLSYQDRSAQSAQSSGSVGSS
GISSIGLCALSGPAPAPQSLLPGQSNQAPGVGDCLRQQLGSRLAWTLTANQPSSQATTSKGVPSAVSRNMTRSRREGDTG
GTMEITEAALVRDILYVFQGIDGKNIKMNNTENCYKVEGKANLSRSLRDTAVRLSELGWLHNKIRRYTDQRSLDRSFGLV
GQSFCAALHQELREYYRLLSVLHSQLQLEDDQGVNLGLESSLTLRRLLVWTYDPKIRLKTLAALVDHCQGRKGGELASAV
HAYTKTGDPYMRSLVQHILSLVSHPVLSFLYRWIYDGELEDTYHEFFVASDPTVKTDRLWHDKYTLRKSMIPSFMTMDQS
RKVLLIGKSINFLHQVCHDQTPTTKMIAVTKSAESPQDAADLFTDLENAFQGKIDAAYFETSKYLLDVLNKKYSLLDHMQ
AMRRYLLLGQGDFIRHLMDLLKPELVRPATTLYQHNLTGILETAVRATNAQFDSPEILRRLDVRLLEVSPGDTGWDVFSL
DYHVDGPIATVFTRECMSHYLRVFNFLWRAKRMEYILTDIRKGHMCNAKLLRNMPEFSGVLHQCHILASEMVHFIHQMQY
YITFEVLECSWDELWNKVQQAQDLDHIIAAHEVFLDTIISRCLLDSDSRALLNQLRAVFDQIIELQNAQDAIYRAALEEL
QRRLQFEEKKKQREIEGQWGVTAAEEEEENKRIGEFKESIPKMCSQLRILTHFYQGIVQQFLVLLTTSSDESLRFLSFRL
DFNEHYKAREPRLRVSLGTRGRRSSHT
;
3,B,D,F,H,N
3 'polypeptide(L)'
;MASITQLFDDLCEALLPAAKTHLGQRSVNRKRAKRSLKKVAYNALFTNLFQDETQQLQPDMSKLPARNKILMLSFDLRVG
GLGPKADRLEELVEELEAAPCCPLLEVGSVLDLLVQLAGSGPPQVLPRKRDYFLNNKHVGRNVPYSGYDCDDLSVFEMDV
QSLISREECLCHSMIQETLQVMEAAPGTGLPTVGLFSFGDPCGDRFERDTRVSLFGALVHSRTYDMDVRLGLPPVPDNAD
LSGLAIKVPPSVDQWEDEGFQSASNLTPDSQSEPSVTPDVDLWEAALTYEASKRRCWERVGCPPGHREEPYLTEAGRDAF
DKFCRLHQGELQLLAGGVLQAPQPVLVKECELVKDVLNVLIGVVSATFSLCQPAQAFVVKRGVHVSGASPESISSLLSEV
AEYGTCYTRLSHFSLQPVLDSLYSKGLVFQAFTSGLRRYLQYYRACVLSTPPTLSLLTIGFLFKKLGRQLRYLAELCGVG
AVLPGTCGGGPRAAFPTGVKLLSYLYQEALHNCSNEHYPVLLSLLKTSCEPYTRFIHDWVYSGVFRDAYGEFMIQVNHEY
LSFRDKLYWTHGYVLISKEVEDCVPVFLKHIAHDIYVCGKTINLLKLCCPRHYLCWSDVPVPRISVIFSLEELKEIEKDC
AVYVGRMERVARHSSVSKEEKELRMEIAKQELIAHAREAASRVLSALSDRQMSERMALDARKREQFQRLKEQFVKDQERR
QAARQEELDDDFSYARELRDRERRLKSLEEELERKARQALVDHYSKLSAEAARREQKALWRIQRHRLESARLRFLLEDEK
HIQEMLKAVSEAHQPQEPPDVLLSVHPQVTSPGPEHPEGGQGCDSGSAEQHSPAWDGWNRPGLLTPQPLKPLAVGAGGRG
LQQAEGARPFSDSLSIGDFLPVGPGAEPSVQTGMVPLLEVALQTINLDLPPSAPGEAPAAASTQPSRPQEYDFSTVLRPA
VATSPAPGPLQAAECSLGSSGLQLWEDSCGKMDACGSASRETLLPSHPPRRAALEEGSSQPTERLFGQVSGGGLPTGDYA
SEIAPTRPRWNTHGHVSDASIRVGENVSDVAPTQPRWNTHGHVSNASISLGESVSDVAPTRPRWNIHGHVSNASIRVGEN
VSDVAPTRPRWNTHGHVSNASIRVGENVSDVAPTRPRWNTHGHVSDASISLGESVSDMAPARPRWNTHGHVSDASISLGE
SVSDMAPTRPRWNTHGHVSDTSIRVGENVSDVAPIRSRCNTHGHVSDASISLGEPVSDVVSTRPRWNTHVPIPPPHMVLG
ALSPEAEPNTPRPQQSPPGHTSQSALSLGAQSTVLDCGPRLPVEVGPSLSSPSSGCGEGSISVGENVSDVAPTQPWWPNT
PGDSVSEELGPGRSGDTEDLSPNWPLNSQEDTAAQSSPGRGEEAEASAAEAQGGEQAYLAGLAGQYHLERYPDSYESMSE
PPIAHLLRPVLPRAFAFPVDPQVQSAADETAVQLSELLTLPVLMKRSITAPLAAHISLVNKAAVDYFFVELHLEAHYEAL
RHFLLMEDGEFAQSLSDLLFEKLGAGQTPGELLNPLVLNSVLSKALQCSLHGDTPHASNLSLALKYLPEVFAPNAPDVLS
CLELRYKVDWPLNIVITEGCVSKYSGVFSFLLQLKLMMWALKDVCFHLKRTALLSHMAGSVQFRQLQLFKHEMQHFVKVI
QGYIANQILHVTWCEFRARLATVGDLEEIQRAHAEYLHKAVFRGLLTEKAAPVMNVIHSIFSLVLKFRSQLISQAWGPPG
GPRGAEHPNFALMQQSYNTFKYYSHFLFKVVTKLVNRGYQPHLEDFLLRINFNNYYQDA
;
4,L
4 'polypeptide(L)'
;MASSSGAGAAAAAAAANLNAVRETMDVLLEISRILNTGLDMETLSICVRLCEQGINPEALSSVIKELRKATEALKAAENM
TS
;
5,6
5 'polypeptide(L)'
;DEEVAALVVDNGSGMCKAGFAGDDAPRAVFPSIVGRPRHQGVMVGMGQKDSYVGDEAQSKRGILTLKYPIEHGIVTNWDD
MEKIWHHTFYNELRVAPEEHPVLLTEAPLNPKANREKMTQIMFETFNTPAMYVAIQAVLSLYASGRTTGIVLDSGDGVSH
TVPIYEGYALPHAILRLDLAGRDLTDYLMKILTERGYSFTTTEEREIVRDIKEKLCYVALDFEQEMATAASSSSLEKSYE
LKDGQVITIGNERFRCPEALFQPSFLGMEACGIHETTYNSIMKCDVDIRKDLYANTVLSGGTTMYPGIADRMQKEITALA
PSTMKIKIIAPPERKYSVWIGGSILASLSTFQQMWISKQEYDESGPSIVHRKCF
;
7
6 'polypeptide(L)'
;MSEFRIHHDVNELLSLLRVHGGDGAEVYIDLLQKNRTPYVTTTVSAHSAKVKIAEFSRTPEDFLKKYDELKSKNTRNLDP
LVYLLSKLTEDKETLQYLQQNAKERAELAAAAVGSSTTSINVPAAASKISMQELEELRKQLGSVATGSTLQQSLELKRKM
LRDKQNKKNSGQHLPIFPAWVYERPALIGDFLIGAGISTDTALPIGTLPLASQESAVVEDLLYVLVGVDGRYVSAQPLAG
RQSRTFLVDPNLDLSIRELVHRILPVAASYSAVTRFIEEKSSFEYGQVNHALAAAMRTLVKEHLILVSQLEQLHRQGLLS
LQKLWFYIQPAMRTMDILASLATSVDKGECLGGSTLSLLHDRSFSYTGDSQAQELCLYLTKAASAPYFEVLEKWIYRGII
HDPYSEFMVEEHELRKERIQEDYNDKYWDQRYTIVQQQIPSFLQKMADKILSTGKYLNVVRECGHDVTCPVAKEIIYTLK
ERAYVEQIEKAFNYASKVLLDFLMEEKELVAHLRSIKRYFLMDQGDFFVHFMDLAEEELRKPVEDITPPRLEALLELALR
MSTANTDPFKDDLKIDLMPHDLITQLLRVLAIETKQEKAMAHADPTELALSGLEAFSFDYIVKWPLSLIINRKALTRYQM
LFRHMFYCKHVERQLCSVWISNKTAKQHSLHSAQWFAGAFTLRQRMLNFVQNIQYYMMFEVMEPTWHILEKNLKSASNID
DVLGHHTGFLDTCLKDCMLTNPELLKVFSKLMSVCVMFTNCMQKFTQSMKLDGELGGQTLEHSTVLGLPAGAEERARKEL
ARKHLAEHADTVQLVSGFEATINKFDKNFSAHLLDLLARLSIYSTSDCEHGMASVISRLDFNGFYTERLERLSAERSQKA
TPQVPVLRGPPAPAPRVAVTAQ
;
A,C,E,G,M
7 'polypeptide(L)'
;MIHELLLALSGYPGSIFTWNKRSGLQVSQDFPFLHPSETSVLNRLCRLGTDYIRFTEFIEQYTGHVQQQDHHPSQQGQGG
LHGIYLRAFCTGLDSVLQPYRQALLDLEQEFLGDPHLSISHVNYFLDQFQLLFPSVMVVVEQIKSQKIHGCQILETVYKH
SCGGLPPVRSALEKILAVCHGVMYKQLSAWMLHGLLLDQHEEFFIKQGPSSGNVSAQPEEDEEDLGIGGLTGKQLRELQD
LRLIEEENMLAPSLKQFSLRVEILPSYIPVRVAEKILFVGESVQMFENQNVNLTRKGSILKNQEDTFAAELHRLKQQPLF
SLVDFEQVVDRIRSTVAEHLWKLMVEESDLLGQLKIIKDFYLLGRGELFQAFIDTAQHMLKTPPTAVTEHDVNVAFQQSA
HKVLLDDDNLLPLLHLTIEYHGKEHKADATQAREGPSRETSPREAPASGWAALGLSYKVQWPLHILFTPAVLEKYNVVFK
YLLSVRRVQAELQHCWALQMQRKHLKSNQTDAIKWRLRNHMAFLVDNLQYYLQVDVLESQFSQLLHQINSTRDFESIRLA
HDHFLSNLLAQSFILLKPVFHCLNEILDLCHSFCSLVSQNLGPLDERGAAQLSILVKGFSRQSSLLFKILSSVRNHQINS
DLAQLLLRLDYNKYYTQAGGTLGSFGM
;
I,K
8 'polypeptide(L)'
;MARHGPPWSRLDAQQERDVRELVRGVAGLQDEADPNFQLALNFAWSNFRFHRFLDVNSHKIEKTIEGIYEKFVIHSDLSK
AASWKRLTEEFLNAPLPSIKEIKTDAHYSILSLLLCLSDSPSNSSYVETPRNKEVEKKDDFDWGKYLMEDEEMDIGPYMD
TPNWSEESEEENDQQPLSREDSGIQVDRTPLEEQDQNRKLDPCISWKDEPDDRSWLEHHVVHQYWTARPSQFPHSLHLHS
NLAAVWDQHLYSSDPLYVPDDRVLVTETQVIRETLWLLSGVKKLFIFQLIDGKVTVRNNIIVTHLTHSCLRSVLEQIAAY
GQVVFRLQEFIDEVMGHSSESMLPGSGSVPKKSTEAPFRTYQAFMWALYKYFISFKEELAEIEKCIINNDTTITLAIVVD
KLAPRLSQLKVLHKVFSTGVAEVPPDTRNVVRASHLLNTLYKAILEYDNVGEASEQTVSLLFSLWVETVRPYLQTVDEWI
VHGHLWDGAREFIIQRNKNVPVNHRDFWYATYTLYSVSEKTENEEKMSDNASASSGSDQGPSSRQHTMVSFLKPVLKQII
MAGKSMQLLKNLQCAESTTCQAGARDAERKSLYTLFLESVQSRLRHGEDSTPQVLTEQQATKENLMKMQSIAESHLELDD
VHDPLLAINFARMYLEQSDFHEKFAGGDVCVDRSSESVTCQTFELTLRSCLYPHIDKQYLDCCGNLMQTLKKDYRLVEYL
QAMRNFFLMEGGDTMYDFYTSIFDKIREKETWQNVSFLNVQLQEAVGQRYPEDSSRLSISFENVDTAKKKLPVHILDGLT
LSYKVPWPVDIVISLECQKIYNQVFLLLLQIKWAKYSLDVLLFGELVSTAEKPRLKEGLIHEQDTVAQFGPQKEPVRQQI
HRMFLLRVKLMHFVNSLHNYIMTRILHSTGLEFQHQVEEAKDLDQLIKIHYRYLSTIHDRCLLREKVSFVKEAIMKVLNL
ALMFADGWQAGLGTWRMESIEKMESDFKNCHMFLVTILNKAVCRGSFPHLESLALSLMAGMEQS
;
J
#
loop_
_chem_comp.id
_chem_comp.type
_chem_comp.name
_chem_comp.formula
GDP RNA linking GUANOSINE-5'-DIPHOSPHATE 'C10 H15 N5 O11 P2'
#
# COMPACT_ATOMS: atom_id res chain seq x y z
N ARG A 3 21.50 81.01 -107.73
CA ARG A 3 21.41 82.49 -107.79
C ARG A 3 19.96 82.93 -107.84
N GLU A 4 19.70 84.13 -107.33
CA GLU A 4 18.32 84.69 -107.25
C GLU A 4 17.78 84.96 -108.65
N ILE A 5 16.48 84.78 -108.86
CA ILE A 5 15.83 84.95 -110.19
C ILE A 5 15.15 86.31 -110.18
N ILE A 6 15.31 87.11 -111.24
CA ILE A 6 14.67 88.44 -111.37
C ILE A 6 13.59 88.32 -112.44
N THR A 7 12.34 88.66 -112.12
CA THR A 7 11.24 88.46 -113.08
C THR A 7 10.89 89.82 -113.69
N LEU A 8 11.04 89.93 -115.01
CA LEU A 8 10.73 91.18 -115.74
C LEU A 8 9.30 91.09 -116.24
N GLN A 9 8.31 91.36 -115.38
CA GLN A 9 6.88 91.33 -115.77
C GLN A 9 6.61 92.63 -116.53
N LEU A 10 6.06 92.56 -117.74
CA LEU A 10 5.86 93.76 -118.61
C LEU A 10 4.52 93.70 -119.35
N GLY A 11 3.93 94.86 -119.67
CA GLY A 11 2.67 94.93 -120.43
C GLY A 11 1.50 94.74 -119.49
N GLN A 12 0.31 95.21 -119.85
CA GLN A 12 -0.85 95.14 -118.93
C GLN A 12 -1.18 93.68 -118.63
N CYS A 13 -1.25 92.83 -119.65
CA CYS A 13 -1.57 91.39 -119.47
C CYS A 13 -0.47 90.72 -118.66
N GLY A 14 0.78 90.97 -119.00
CA GLY A 14 1.94 90.37 -118.29
C GLY A 14 1.98 90.85 -116.87
N ASN A 15 1.67 92.12 -116.62
CA ASN A 15 1.68 92.73 -115.26
C ASN A 15 0.54 92.11 -114.44
N GLN A 16 -0.56 91.74 -115.06
CA GLN A 16 -1.69 91.07 -114.35
C GLN A 16 -1.26 89.68 -113.84
N ILE A 17 -0.47 88.89 -114.58
CA ILE A 17 -0.15 87.47 -114.18
C ILE A 17 1.06 87.46 -113.24
N GLY A 18 1.91 88.48 -113.25
CA GLY A 18 3.01 88.67 -112.30
C GLY A 18 2.45 89.15 -110.99
N PHE A 19 1.45 90.02 -111.06
CA PHE A 19 0.80 90.55 -109.83
C PHE A 19 0.27 89.33 -109.06
N GLU A 20 -0.49 88.49 -109.75
CA GLU A 20 -1.10 87.28 -109.13
C GLU A 20 -0.07 86.22 -108.72
N PHE A 21 0.95 85.97 -109.54
CA PHE A 21 1.96 84.92 -109.25
C PHE A 21 2.67 85.26 -107.94
N TRP A 22 3.05 86.52 -107.76
CA TRP A 22 3.72 86.99 -106.51
C TRP A 22 2.73 86.89 -105.35
N LYS A 23 1.46 87.22 -105.58
CA LYS A 23 0.41 87.12 -104.53
C LYS A 23 0.24 85.65 -104.17
N GLN A 24 0.29 84.76 -105.15
CA GLN A 24 0.10 83.31 -104.94
C GLN A 24 1.20 82.77 -104.03
N LEU A 25 2.44 83.23 -104.23
CA LEU A 25 3.62 82.86 -103.40
C LEU A 25 3.59 83.69 -102.13
N CYS A 26 2.78 84.74 -102.03
CA CYS A 26 2.67 85.46 -100.74
C CYS A 26 1.99 84.54 -99.74
N ALA A 27 0.79 84.08 -100.05
CA ALA A 27 0.03 83.19 -99.15
C ALA A 27 0.75 81.84 -99.02
N GLU A 28 1.27 81.29 -100.12
CA GLU A 28 1.88 79.94 -100.12
C GLU A 28 3.11 79.97 -99.22
N HIS A 29 3.93 81.00 -99.34
CA HIS A 29 5.10 81.17 -98.45
C HIS A 29 4.63 81.86 -97.18
N GLY A 30 5.52 82.02 -96.21
CA GLY A 30 5.21 82.75 -94.98
C GLY A 30 5.39 84.23 -95.18
N ILE A 31 4.48 84.89 -95.92
CA ILE A 31 4.56 86.36 -96.19
C ILE A 31 3.15 86.93 -96.04
N SER A 32 3.01 88.15 -95.52
CA SER A 32 1.68 88.83 -95.37
C SER A 32 1.54 89.82 -96.53
N PRO A 33 0.47 90.64 -96.69
CA PRO A 33 0.39 91.66 -97.75
C PRO A 33 1.39 92.82 -97.59
N GLU A 34 1.98 93.03 -96.41
CA GLU A 34 3.00 94.09 -96.18
C GLU A 34 4.41 93.49 -96.31
N GLY A 35 4.52 92.26 -96.74
CA GLY A 35 5.81 91.54 -96.94
C GLY A 35 6.40 91.06 -95.62
N ILE A 36 5.72 91.22 -94.50
CA ILE A 36 6.26 90.89 -93.15
C ILE A 36 6.22 89.38 -92.96
N VAL A 37 7.19 88.80 -92.27
CA VAL A 37 7.16 87.36 -91.98
C VAL A 37 5.88 87.10 -91.19
N GLU A 38 5.12 86.07 -91.57
CA GLU A 38 3.83 85.75 -90.90
C GLU A 38 4.12 85.15 -89.53
N GLU A 39 3.38 85.55 -88.50
N GLU A 39 3.33 85.64 -88.55
CA GLU A 39 3.55 85.03 -87.13
CA GLU A 39 3.50 85.10 -87.17
C GLU A 39 3.19 83.54 -87.12
C GLU A 39 3.14 83.61 -87.15
N PHE A 40 2.18 83.12 -87.88
CA PHE A 40 1.70 81.71 -87.84
C PHE A 40 2.84 80.77 -88.24
N ALA A 41 3.68 81.13 -89.21
CA ALA A 41 4.74 80.24 -89.71
C ALA A 41 5.66 79.88 -88.55
N THR A 45 11.15 76.49 -93.69
CA THR A 45 11.49 75.12 -94.20
C THR A 45 11.59 75.23 -95.72
N ASP A 46 11.50 76.43 -96.28
CA ASP A 46 11.46 76.65 -97.75
C ASP A 46 12.70 77.41 -98.19
N ARG A 47 13.12 77.29 -99.46
CA ARG A 47 14.24 78.11 -99.97
C ARG A 47 13.64 79.39 -100.54
N LYS A 48 13.48 80.43 -99.72
CA LYS A 48 12.88 81.72 -100.16
C LYS A 48 13.98 82.62 -100.74
N ASP A 49 15.24 82.21 -100.66
CA ASP A 49 16.37 83.07 -101.11
C ASP A 49 16.24 83.38 -102.60
N VAL A 50 15.90 82.40 -103.44
CA VAL A 50 15.91 82.62 -104.92
C VAL A 50 14.87 83.66 -105.32
N PHE A 51 13.63 83.50 -104.88
CA PHE A 51 12.51 84.32 -105.39
C PHE A 51 12.33 85.58 -104.58
N PHE A 52 12.65 85.56 -103.29
CA PHE A 52 12.39 86.72 -102.41
C PHE A 52 13.68 87.34 -101.88
N TYR A 53 13.88 88.64 -102.09
CA TYR A 53 15.03 89.39 -101.51
C TYR A 53 14.79 89.41 -100.00
N GLN A 54 15.82 89.40 -99.16
CA GLN A 54 15.65 89.44 -97.69
C GLN A 54 16.00 90.84 -97.20
N ALA A 55 15.06 91.54 -96.54
CA ALA A 55 15.37 92.83 -95.86
C ALA A 55 15.63 92.45 -94.39
N ASP A 56 16.27 93.31 -93.60
CA ASP A 56 16.66 92.98 -92.20
C ASP A 56 15.43 92.72 -91.33
N ASP A 57 14.31 93.42 -91.57
CA ASP A 57 13.07 93.28 -90.75
C ASP A 57 12.15 92.27 -91.46
N GLU A 58 12.70 91.25 -92.09
CA GLU A 58 11.93 90.16 -92.73
C GLU A 58 10.92 90.74 -93.73
N HIS A 59 11.29 91.77 -94.49
CA HIS A 59 10.43 92.29 -95.59
C HIS A 59 10.80 91.48 -96.83
N TYR A 60 10.00 90.46 -97.16
CA TYR A 60 10.28 89.58 -98.31
C TYR A 60 9.72 90.30 -99.55
N ILE A 61 10.53 91.19 -100.12
CA ILE A 61 10.13 91.96 -101.33
C ILE A 61 10.64 91.15 -102.52
N PRO A 62 9.79 90.60 -103.41
CA PRO A 62 10.28 89.78 -104.50
C PRO A 62 11.05 90.71 -105.43
N ARG A 63 11.99 90.19 -106.22
CA ARG A 63 12.78 91.01 -107.18
C ARG A 63 11.95 91.18 -108.46
N ALA A 64 10.75 91.76 -108.36
CA ALA A 64 9.88 91.96 -109.54
C ALA A 64 10.31 93.24 -110.24
N VAL A 65 10.39 93.25 -111.56
CA VAL A 65 10.66 94.49 -112.34
C VAL A 65 9.33 94.75 -113.07
N LEU A 66 8.60 95.78 -112.69
CA LEU A 66 7.27 96.05 -113.29
C LEU A 66 7.47 97.18 -114.30
N LEU A 67 7.24 96.92 -115.59
CA LEU A 67 7.38 97.94 -116.67
C LEU A 67 5.98 98.34 -117.09
N ASP A 68 5.67 99.64 -117.04
CA ASP A 68 4.34 100.16 -117.41
C ASP A 68 4.50 101.10 -118.62
N LEU A 69 3.83 100.79 -119.73
CA LEU A 69 3.86 101.64 -120.94
C LEU A 69 2.44 102.16 -121.15
N GLU A 70 2.24 103.48 -121.22
CA GLU A 70 0.87 104.06 -121.29
C GLU A 70 0.08 103.39 -120.15
N PRO A 71 0.46 103.59 -118.87
CA PRO A 71 -0.17 102.86 -117.77
C PRO A 71 -1.66 103.09 -117.47
N ARG A 72 -2.42 102.02 -117.23
CA ARG A 72 -3.84 102.10 -116.80
C ARG A 72 -4.02 101.02 -115.73
N VAL A 73 -3.77 99.76 -116.06
CA VAL A 73 -3.85 98.60 -115.11
C VAL A 73 -2.83 98.82 -114.00
N ILE A 74 -1.67 99.37 -114.31
CA ILE A 74 -0.58 99.55 -113.31
C ILE A 74 -1.04 100.52 -112.23
N HIS A 75 -1.92 101.47 -112.54
CA HIS A 75 -2.48 102.39 -111.52
C HIS A 75 -3.23 101.55 -110.48
N SER A 76 -3.94 100.50 -110.90
CA SER A 76 -4.75 99.64 -110.01
C SER A 76 -3.84 98.74 -109.16
N ILE A 77 -2.77 98.20 -109.73
CA ILE A 77 -1.78 97.35 -109.00
C ILE A 77 -1.31 98.16 -107.79
N LEU A 78 -1.06 99.46 -107.97
CA LEU A 78 -0.60 100.36 -106.87
C LEU A 78 -1.67 100.51 -105.79
N ASN A 79 -2.95 100.66 -106.14
CA ASN A 79 -4.00 100.73 -105.08
C ASN A 79 -4.39 99.30 -104.71
N SER A 80 -3.51 98.59 -104.00
CA SER A 80 -3.76 97.20 -103.54
C SER A 80 -3.18 97.03 -102.13
N PRO A 81 -3.64 96.06 -101.32
CA PRO A 81 -3.03 95.81 -100.01
C PRO A 81 -1.58 95.34 -100.15
N TYR A 82 -1.20 94.80 -101.30
CA TYR A 82 0.14 94.20 -101.53
C TYR A 82 1.11 95.24 -102.12
N ALA A 83 0.72 96.51 -102.22
CA ALA A 83 1.58 97.57 -102.78
C ALA A 83 2.88 97.63 -101.98
N LYS A 84 2.80 97.50 -100.65
CA LYS A 84 4.00 97.49 -99.77
C LYS A 84 4.82 96.22 -100.00
N LEU A 85 4.18 95.10 -100.32
CA LEU A 85 4.90 93.81 -100.44
C LEU A 85 5.96 93.91 -101.53
N TYR A 86 5.61 94.47 -102.70
CA TYR A 86 6.56 94.66 -103.82
C TYR A 86 6.95 96.14 -103.77
N ASN A 87 8.07 96.46 -103.13
CA ASN A 87 8.59 97.86 -103.13
C ASN A 87 10.08 97.86 -103.43
N PRO A 88 10.51 97.49 -104.66
CA PRO A 88 11.89 97.71 -105.06
C PRO A 88 11.83 99.16 -105.57
N GLU A 89 10.64 99.80 -105.55
CA GLU A 89 10.48 101.22 -105.97
C GLU A 89 11.04 101.31 -107.38
N ASN A 90 10.66 100.40 -108.27
CA ASN A 90 11.20 100.34 -109.65
C ASN A 90 10.08 100.18 -110.68
N ILE A 91 9.21 101.18 -110.85
CA ILE A 91 8.14 101.18 -111.90
C ILE A 91 8.36 102.46 -112.73
N TYR A 92 8.48 102.37 -114.06
CA TYR A 92 8.83 103.55 -114.90
C TYR A 92 7.84 103.81 -116.04
N LEU A 93 7.42 105.07 -116.23
CA LEU A 93 6.49 105.47 -117.33
C LEU A 93 7.30 105.76 -118.59
N GLY A 101 0.97 101.94 -127.61
CA GLY A 101 0.13 101.62 -128.77
C GLY A 101 -0.21 100.14 -128.84
N ASN A 102 -1.12 99.75 -129.72
CA ASN A 102 -1.56 98.34 -129.85
C ASN A 102 -0.74 97.68 -130.98
N ASN A 103 0.31 98.34 -131.47
CA ASN A 103 1.14 97.81 -132.59
C ASN A 103 2.48 97.26 -132.08
N TRP A 104 3.00 96.21 -132.71
CA TRP A 104 4.30 95.60 -132.31
C TRP A 104 5.37 96.66 -132.56
N ALA A 105 5.32 97.33 -133.70
CA ALA A 105 6.27 98.42 -134.03
C ALA A 105 6.07 99.55 -133.02
N SER A 106 4.82 99.87 -132.67
CA SER A 106 4.52 100.99 -131.74
C SER A 106 5.15 100.72 -130.37
N GLY A 107 5.19 99.49 -129.88
CA GLY A 107 5.75 99.08 -128.59
C GLY A 107 7.27 99.07 -128.64
N PHE A 108 7.85 98.58 -129.73
CA PHE A 108 9.33 98.46 -129.90
C PHE A 108 9.97 99.84 -129.89
N SER A 109 9.37 100.81 -130.58
CA SER A 109 9.91 102.20 -130.65
C SER A 109 9.85 102.88 -129.29
N GLN A 110 8.75 102.71 -128.56
CA GLN A 110 8.57 103.35 -127.24
C GLN A 110 9.64 102.80 -126.29
N GLY A 111 9.94 101.51 -126.37
CA GLY A 111 10.93 100.87 -125.49
C GLY A 111 12.33 101.42 -125.75
N GLU A 112 12.68 101.70 -126.99
CA GLU A 112 14.06 102.15 -127.38
C GLU A 112 14.48 103.49 -126.74
N LYS A 113 13.60 104.47 -126.61
CA LYS A 113 13.91 105.80 -125.99
C LYS A 113 14.13 105.68 -124.48
N ILE A 114 13.42 104.78 -123.81
CA ILE A 114 13.50 104.61 -122.32
C ILE A 114 14.37 103.39 -122.00
N HIS A 115 15.11 102.84 -122.96
CA HIS A 115 15.83 101.57 -122.74
C HIS A 115 16.84 101.70 -121.58
N GLU A 116 17.60 102.80 -121.48
CA GLU A 116 18.69 102.96 -120.49
C GLU A 116 18.22 103.07 -119.02
N ASP A 117 17.11 103.75 -118.73
CA ASP A 117 16.57 103.86 -117.35
C ASP A 117 15.93 102.54 -116.93
N ILE A 118 15.22 101.87 -117.84
CA ILE A 118 14.64 100.53 -117.54
C ILE A 118 15.81 99.58 -117.35
N PHE A 119 16.88 99.72 -118.14
CA PHE A 119 18.07 98.84 -118.06
C PHE A 119 18.87 99.10 -116.78
N ASP A 120 18.91 100.33 -116.28
CA ASP A 120 19.57 100.67 -114.98
C ASP A 120 18.79 100.02 -113.84
N ILE A 121 17.46 99.98 -113.95
CA ILE A 121 16.57 99.32 -112.94
C ILE A 121 16.93 97.83 -112.93
N ILE A 122 17.27 97.25 -114.09
CA ILE A 122 17.74 95.84 -114.18
C ILE A 122 19.07 95.76 -113.44
N ASP A 123 19.96 96.74 -113.68
CA ASP A 123 21.31 96.72 -113.07
C ASP A 123 21.21 96.77 -111.55
N ARG A 124 20.46 97.74 -111.02
CA ARG A 124 20.31 97.93 -109.56
C ARG A 124 20.06 96.58 -108.91
N GLU A 125 19.06 95.84 -109.38
CA GLU A 125 18.69 94.55 -108.76
C GLU A 125 19.85 93.58 -108.92
N ALA A 126 20.52 93.56 -110.08
CA ALA A 126 21.64 92.63 -110.35
C ALA A 126 22.76 92.90 -109.36
N ASP A 127 23.05 94.18 -109.10
CA ASP A 127 24.09 94.59 -108.12
C ASP A 127 23.64 94.20 -106.72
N GLY A 128 22.37 94.43 -106.38
CA GLY A 128 21.85 94.19 -105.02
C GLY A 128 21.91 92.72 -104.63
N SER A 129 21.62 91.83 -105.57
CA SER A 129 21.57 90.37 -105.31
C SER A 129 22.98 89.82 -105.11
N ASP A 130 23.12 88.73 -104.35
CA ASP A 130 24.44 88.07 -104.21
C ASP A 130 24.81 87.64 -105.62
N SER A 131 23.82 87.18 -106.39
CA SER A 131 24.05 86.66 -107.75
C SER A 131 22.74 86.70 -108.54
N LEU A 132 22.77 86.57 -109.88
CA LEU A 132 21.57 86.57 -110.76
C LEU A 132 21.66 85.43 -111.77
N GLU A 133 20.77 84.41 -111.76
CA GLU A 133 20.90 83.22 -112.68
C GLU A 133 20.05 83.34 -113.94
N GLY A 134 18.85 83.94 -113.87
CA GLY A 134 17.98 83.97 -115.04
C GLY A 134 16.99 85.10 -114.99
N PHE A 135 16.45 85.52 -116.15
CA PHE A 135 15.44 86.61 -116.24
C PHE A 135 14.14 85.97 -116.70
N VAL A 136 13.12 85.90 -115.86
CA VAL A 136 11.86 85.19 -116.20
C VAL A 136 10.82 86.23 -116.58
N LEU A 137 10.41 86.26 -117.84
CA LEU A 137 9.52 87.35 -118.33
C LEU A 137 8.06 86.91 -118.33
N CYS A 138 7.15 87.64 -117.69
CA CYS A 138 5.70 87.37 -117.81
C CYS A 138 5.27 88.02 -119.12
N HIS A 139 5.77 87.54 -120.26
CA HIS A 139 5.54 88.13 -121.60
C HIS A 139 4.14 87.90 -122.13
N SER A 140 3.59 88.85 -122.87
CA SER A 140 2.29 88.68 -123.57
C SER A 140 2.59 88.73 -125.07
N ILE A 141 2.31 87.67 -125.84
CA ILE A 141 2.57 87.63 -127.32
C ILE A 141 1.44 88.42 -127.97
N ALA A 142 1.71 89.22 -129.00
CA ALA A 142 0.69 90.08 -129.65
C ALA A 142 -0.04 90.76 -128.51
N GLY A 143 0.70 91.38 -127.59
CA GLY A 143 0.14 92.02 -126.39
C GLY A 143 0.00 93.52 -126.55
N GLY A 144 -0.11 94.01 -127.79
CA GLY A 144 -0.16 95.46 -128.01
C GLY A 144 1.15 96.04 -127.52
N THR A 145 1.12 96.80 -126.43
CA THR A 145 2.36 97.36 -125.82
C THR A 145 3.24 96.22 -125.33
N GLY A 146 2.67 95.14 -124.78
CA GLY A 146 3.45 94.04 -124.20
C GLY A 146 4.38 93.41 -125.23
N SER A 147 3.91 93.17 -126.46
CA SER A 147 4.78 92.65 -127.54
C SER A 147 5.46 93.85 -128.17
N GLY A 148 6.59 93.68 -128.85
CA GLY A 148 7.36 94.83 -129.36
C GLY A 148 8.26 95.36 -128.27
N LEU A 149 7.72 95.83 -127.14
CA LEU A 149 8.57 96.25 -126.02
C LEU A 149 9.25 95.00 -125.48
N GLY A 150 8.53 93.87 -125.44
CA GLY A 150 9.06 92.64 -124.83
C GLY A 150 10.13 92.01 -125.69
N SER A 151 9.99 92.06 -127.01
CA SER A 151 10.94 91.53 -128.02
C SER A 151 12.23 92.34 -127.93
N TYR A 152 12.11 93.67 -127.84
CA TYR A 152 13.30 94.56 -127.79
C TYR A 152 14.08 94.29 -126.51
N LEU A 153 13.39 94.18 -125.39
CA LEU A 153 14.04 93.97 -124.08
C LEU A 153 14.62 92.57 -124.08
N LEU A 154 14.03 91.64 -124.84
CA LEU A 154 14.55 90.25 -124.96
C LEU A 154 15.90 90.31 -125.68
N GLU A 155 16.04 91.17 -126.68
CA GLU A 155 17.29 91.28 -127.47
C GLU A 155 18.41 91.93 -126.65
N ARG A 156 18.10 92.94 -125.85
CA ARG A 156 19.13 93.65 -125.05
C ARG A 156 19.69 92.75 -123.95
N LEU A 157 18.83 91.97 -123.30
CA LEU A 157 19.26 91.17 -122.14
C LEU A 157 20.33 90.16 -122.49
N ASN A 158 20.20 89.45 -123.60
CA ASN A 158 21.18 88.38 -123.95
C ASN A 158 22.55 89.01 -124.21
N ASP A 159 22.60 90.14 -124.92
CA ASP A 159 23.88 90.79 -125.25
C ASP A 159 24.59 91.22 -123.97
N ARG A 160 23.87 91.85 -123.04
CA ARG A 160 24.45 92.32 -121.75
C ARG A 160 24.80 91.15 -120.83
N TYR A 161 24.02 90.08 -120.82
CA TYR A 161 24.26 88.93 -119.95
C TYR A 161 24.46 87.71 -120.84
N PRO A 162 25.56 87.62 -121.63
CA PRO A 162 25.71 86.52 -122.59
C PRO A 162 25.73 85.17 -121.87
N LYS A 163 26.36 85.10 -120.72
CA LYS A 163 26.39 83.87 -119.89
C LYS A 163 25.00 83.55 -119.35
N LYS A 164 24.20 84.55 -118.96
CA LYS A 164 22.89 84.32 -118.28
C LYS A 164 21.82 83.81 -119.27
N LEU A 165 20.73 83.23 -118.77
CA LEU A 165 19.68 82.58 -119.60
C LEU A 165 18.35 83.28 -119.38
N VAL A 166 17.45 83.34 -120.37
CA VAL A 166 16.13 84.03 -120.27
C VAL A 166 15.01 83.02 -120.52
N GLN A 167 13.99 82.95 -119.67
CA GLN A 167 12.81 82.05 -119.84
C GLN A 167 11.64 82.97 -120.22
N THR A 168 10.56 82.45 -120.81
CA THR A 168 9.39 83.29 -121.13
C THR A 168 8.11 82.55 -120.82
N TYR A 169 7.31 83.07 -119.90
CA TYR A 169 5.98 82.49 -119.61
C TYR A 169 5.07 83.11 -120.65
N SER A 170 5.29 82.76 -121.91
CA SER A 170 4.52 83.36 -123.02
C SER A 170 3.07 82.93 -122.86
N VAL A 171 2.12 83.85 -122.82
CA VAL A 171 0.68 83.49 -122.81
C VAL A 171 0.25 83.50 -124.27
N PHE A 172 0.75 82.58 -125.12
CA PHE A 172 0.46 82.68 -126.57
C PHE A 172 -1.05 82.93 -126.69
N PRO A 173 -1.54 83.95 -127.43
CA PRO A 173 -2.96 84.28 -127.44
C PRO A 173 -3.77 83.58 -128.54
N ASN A 174 -4.74 82.77 -128.13
CA ASN A 174 -5.66 82.12 -129.09
C ASN A 174 -7.05 82.35 -128.48
N GLN A 175 -7.88 83.17 -129.12
CA GLN A 175 -9.23 83.51 -128.61
C GLN A 175 -10.22 83.17 -129.72
N ASP A 176 -9.90 82.19 -130.57
CA ASP A 176 -10.74 81.79 -131.73
C ASP A 176 -10.57 82.87 -132.80
N GLU A 177 -9.53 83.71 -132.67
CA GLU A 177 -9.29 84.83 -133.62
C GLU A 177 -10.57 85.66 -133.69
N ASP A 180 -10.42 93.07 -129.94
CA ASP A 180 -9.93 92.34 -131.13
C ASP A 180 -8.68 93.03 -131.65
N VAL A 181 -7.74 92.29 -132.26
CA VAL A 181 -6.54 92.87 -132.90
C VAL A 181 -6.56 92.35 -134.33
N VAL A 182 -6.60 93.24 -135.32
CA VAL A 182 -6.64 92.86 -136.76
C VAL A 182 -5.20 92.62 -137.18
N VAL A 183 -4.25 93.20 -136.46
CA VAL A 183 -2.78 93.05 -136.74
C VAL A 183 -2.24 91.96 -135.83
N GLN A 184 -3.09 91.22 -135.10
CA GLN A 184 -2.59 90.25 -134.09
C GLN A 184 -1.60 89.31 -134.76
N PRO A 185 -1.83 88.70 -135.94
CA PRO A 185 -0.88 87.75 -136.50
C PRO A 185 0.47 88.43 -136.78
N TYR A 186 0.45 89.65 -137.31
CA TYR A 186 1.70 90.36 -137.65
C TYR A 186 2.51 90.57 -136.38
N ASN A 187 1.86 91.01 -135.30
CA ASN A 187 2.57 91.31 -134.04
C ASN A 187 3.19 90.02 -133.52
N SER A 188 2.41 88.95 -133.49
CA SER A 188 2.87 87.64 -132.98
C SER A 188 3.99 87.15 -133.87
N LEU A 189 3.88 87.35 -135.18
CA LEU A 189 4.90 86.77 -136.10
C LEU A 189 6.23 87.36 -135.67
N LEU A 190 6.29 88.67 -135.48
CA LEU A 190 7.58 89.33 -135.16
C LEU A 190 8.08 88.84 -133.80
N THR A 191 7.20 88.66 -132.82
CA THR A 191 7.65 88.29 -131.45
C THR A 191 8.39 86.96 -131.50
N LEU A 192 7.87 85.98 -132.22
CA LEU A 192 8.48 84.62 -132.21
C LEU A 192 9.89 84.69 -132.81
N LYS A 193 10.12 85.47 -133.85
CA LYS A 193 11.44 85.47 -134.52
C LYS A 193 12.45 85.85 -133.46
N ARG A 194 12.14 86.89 -132.69
CA ARG A 194 13.03 87.33 -131.59
C ARG A 194 13.09 86.19 -130.60
N LEU A 195 11.94 85.60 -130.25
CA LEU A 195 11.88 84.54 -129.21
C LEU A 195 12.63 83.27 -129.63
N THR A 196 12.69 82.92 -130.90
CA THR A 196 13.36 81.68 -131.37
C THR A 196 14.87 81.79 -131.27
N GLN A 197 15.45 82.97 -131.52
CA GLN A 197 16.94 83.15 -131.55
C GLN A 197 17.46 83.84 -130.28
N ASN A 198 16.59 84.52 -129.53
CA ASN A 198 17.03 85.32 -128.35
C ASN A 198 16.37 84.87 -127.05
N ALA A 199 15.80 83.66 -126.93
CA ALA A 199 15.25 83.13 -125.66
C ALA A 199 15.79 81.72 -125.39
N ASP A 200 16.42 81.50 -124.24
CA ASP A 200 17.00 80.17 -123.86
C ASP A 200 15.87 79.16 -123.65
N CYS A 201 14.75 79.55 -123.03
CA CYS A 201 13.56 78.68 -122.79
C CYS A 201 12.25 79.46 -122.99
N VAL A 202 11.15 78.79 -123.30
CA VAL A 202 9.81 79.43 -123.40
C VAL A 202 8.81 78.41 -122.86
N VAL A 203 7.81 78.79 -122.07
CA VAL A 203 6.74 77.88 -121.58
C VAL A 203 5.47 78.41 -122.23
N VAL A 204 4.79 77.60 -123.03
CA VAL A 204 3.65 78.10 -123.84
C VAL A 204 2.36 77.89 -123.09
N LEU A 205 1.45 78.87 -123.14
CA LEU A 205 0.08 78.72 -122.60
C LEU A 205 -0.89 79.22 -123.68
N ASP A 206 -2.16 78.86 -123.64
CA ASP A 206 -3.15 79.22 -124.69
C ASP A 206 -4.44 79.74 -124.07
N ASN A 207 -4.93 80.89 -124.52
CA ASN A 207 -6.16 81.52 -123.96
C ASN A 207 -7.34 80.59 -124.23
N THR A 208 -7.48 80.06 -125.45
CA THR A 208 -8.59 79.17 -125.82
C THR A 208 -8.52 77.86 -125.04
N ALA A 209 -7.31 77.30 -124.89
CA ALA A 209 -7.13 75.99 -124.24
C ALA A 209 -7.61 76.14 -122.80
N LEU A 210 -7.21 77.22 -122.14
CA LEU A 210 -7.62 77.52 -120.76
C LEU A 210 -9.11 77.89 -120.73
N ASN A 211 -9.58 78.62 -121.73
CA ASN A 211 -11.01 79.03 -121.81
C ASN A 211 -11.85 77.76 -121.92
N ARG A 212 -11.39 76.78 -122.71
CA ARG A 212 -12.08 75.48 -122.89
C ARG A 212 -12.07 74.76 -121.52
N ILE A 213 -10.95 74.81 -120.79
CA ILE A 213 -10.85 74.18 -119.44
C ILE A 213 -11.82 74.92 -118.51
N ALA A 214 -11.93 76.25 -118.61
CA ALA A 214 -12.83 77.06 -117.75
C ALA A 214 -14.26 76.63 -118.03
N THR A 215 -14.62 76.46 -119.29
CA THR A 215 -15.97 75.99 -119.68
C THR A 215 -16.14 74.58 -119.09
N ASP A 216 -15.09 73.75 -119.15
CA ASP A 216 -15.19 72.34 -118.65
C ASP A 216 -15.37 72.32 -117.13
N ARG A 217 -14.40 72.80 -116.34
CA ARG A 217 -14.47 72.70 -114.86
C ARG A 217 -15.53 73.67 -114.29
N LEU A 218 -15.83 74.80 -114.95
CA LEU A 218 -16.82 75.78 -114.43
C LEU A 218 -17.74 76.27 -115.53
N HIS A 219 -18.76 77.04 -115.17
CA HIS A 219 -19.74 77.62 -116.15
C HIS A 219 -19.23 78.98 -116.62
N ILE A 220 -18.13 79.47 -116.05
CA ILE A 220 -17.58 80.82 -116.39
C ILE A 220 -17.26 80.84 -117.89
N GLN A 221 -17.84 81.79 -118.63
CA GLN A 221 -17.55 81.95 -120.09
C GLN A 221 -17.22 83.41 -120.40
N ASN A 222 -18.10 84.35 -120.04
CA ASN A 222 -17.93 85.79 -120.35
C ASN A 222 -16.74 86.42 -119.61
N PRO A 223 -16.50 86.19 -118.30
CA PRO A 223 -15.35 86.78 -117.60
C PRO A 223 -14.16 85.83 -117.73
N SER A 224 -13.84 85.39 -118.94
CA SER A 224 -12.76 84.37 -119.15
C SER A 224 -11.42 84.89 -118.63
N PHE A 225 -11.04 86.15 -118.86
CA PHE A 225 -9.69 86.66 -118.49
C PHE A 225 -9.46 86.67 -116.97
N SER A 226 -10.41 87.10 -116.15
CA SER A 226 -10.23 87.20 -114.68
C SER A 226 -10.05 85.82 -114.05
N GLN A 227 -10.89 84.86 -114.41
CA GLN A 227 -10.84 83.49 -113.83
C GLN A 227 -9.61 82.75 -114.32
N ILE A 228 -9.27 82.89 -115.62
CA ILE A 228 -8.13 82.16 -116.26
C ILE A 228 -6.84 82.64 -115.63
N ASN A 229 -6.82 83.85 -115.07
CA ASN A 229 -5.59 84.34 -114.41
C ASN A 229 -5.21 83.31 -113.35
N GLN A 230 -6.16 82.79 -112.56
CA GLN A 230 -5.90 81.82 -111.47
C GLN A 230 -5.31 80.54 -112.08
N LEU A 231 -5.78 80.13 -113.26
CA LEU A 231 -5.34 78.89 -113.93
C LEU A 231 -3.89 79.05 -114.40
N VAL A 232 -3.51 80.23 -114.91
CA VAL A 232 -2.13 80.50 -115.38
C VAL A 232 -1.24 80.52 -114.15
N SER A 233 -1.76 81.06 -113.04
CA SER A 233 -1.00 81.19 -111.77
C SER A 233 -0.68 79.83 -111.18
N THR A 234 -1.66 78.94 -111.14
CA THR A 234 -1.46 77.64 -110.49
C THR A 234 -0.33 76.95 -111.25
N ILE A 235 -0.33 77.05 -112.58
CA ILE A 235 0.74 76.45 -113.43
C ILE A 235 2.05 77.16 -113.08
N MET A 236 2.04 78.48 -112.99
CA MET A 236 3.30 79.26 -112.79
C MET A 236 3.92 78.96 -111.42
N SER A 237 3.14 78.95 -110.35
CA SER A 237 3.68 78.67 -109.01
C SER A 237 4.22 77.27 -109.06
N ALA A 238 3.44 76.38 -109.64
CA ALA A 238 3.78 74.96 -109.68
C ALA A 238 5.07 74.70 -110.46
N SER A 239 5.34 75.41 -111.55
CA SER A 239 6.50 75.12 -112.43
C SER A 239 7.80 75.34 -111.67
N THR A 240 7.76 76.14 -110.60
CA THR A 240 8.95 76.55 -109.81
C THR A 240 9.02 75.87 -108.45
N THR A 241 8.02 75.12 -108.02
CA THR A 241 7.94 74.60 -106.62
C THR A 241 9.16 73.74 -106.28
N THR A 242 9.70 72.97 -107.21
CA THR A 242 10.92 72.17 -106.95
C THR A 242 12.11 73.09 -106.57
N LEU A 243 12.20 74.31 -107.13
CA LEU A 243 13.26 75.31 -106.81
C LEU A 243 12.91 76.02 -105.53
N ARG A 244 11.68 76.49 -105.37
CA ARG A 244 11.24 77.28 -104.20
C ARG A 244 11.27 76.43 -102.93
N TYR A 245 11.17 75.08 -103.00
CA TYR A 245 11.26 74.14 -101.84
C TYR A 245 12.43 73.21 -102.07
N PRO A 246 13.32 72.95 -101.08
CA PRO A 246 14.49 72.16 -101.35
C PRO A 246 14.07 70.74 -101.71
N GLY A 247 14.96 69.99 -102.36
CA GLY A 247 14.69 68.60 -102.77
C GLY A 247 16.01 67.89 -103.00
N TYR A 248 16.01 66.58 -103.21
CA TYR A 248 17.24 65.85 -103.55
C TYR A 248 17.77 66.32 -104.90
N MET A 249 16.90 66.55 -105.89
CA MET A 249 17.31 66.87 -107.29
C MET A 249 16.46 68.02 -107.82
N ASN A 250 16.85 68.65 -108.93
CA ASN A 250 16.12 69.80 -109.54
C ASN A 250 16.09 70.96 -108.54
N ASN A 251 17.22 71.24 -107.90
CA ASN A 251 17.37 72.37 -106.93
C ASN A 251 18.10 73.52 -107.59
N ASP A 252 18.19 73.57 -108.92
CA ASP A 252 18.73 74.74 -109.65
C ASP A 252 17.79 74.92 -110.85
N LEU A 253 17.48 76.13 -111.33
CA LEU A 253 16.64 76.28 -112.55
C LEU A 253 17.34 75.56 -113.66
N ILE A 254 18.55 75.94 -113.97
CA ILE A 254 19.28 75.40 -115.16
C ILE A 254 19.32 73.88 -115.12
N GLY A 255 19.48 73.28 -113.94
CA GLY A 255 19.61 71.82 -113.86
C GLY A 255 18.33 71.21 -114.39
N LEU A 256 17.18 71.80 -114.05
CA LEU A 256 15.84 71.36 -114.52
C LEU A 256 15.66 71.68 -116.02
N ILE A 257 16.02 72.88 -116.49
CA ILE A 257 15.77 73.34 -117.89
C ILE A 257 16.36 72.37 -118.90
N ALA A 258 17.53 71.79 -118.66
CA ALA A 258 18.26 70.98 -119.68
C ALA A 258 17.41 69.85 -120.20
N SER A 259 16.77 69.07 -119.34
CA SER A 259 16.00 67.86 -119.74
C SER A 259 14.80 68.22 -120.62
N LEU A 260 14.08 69.29 -120.29
CA LEU A 260 12.88 69.74 -121.02
C LEU A 260 13.21 70.22 -122.44
N ILE A 261 14.37 70.88 -122.71
CA ILE A 261 14.77 71.43 -124.04
C ILE A 261 15.99 70.65 -124.56
N PRO A 262 15.89 69.64 -125.44
CA PRO A 262 17.08 68.88 -125.86
C PRO A 262 17.84 69.51 -127.02
N THR A 263 17.15 70.25 -127.87
CA THR A 263 17.82 70.99 -129.00
C THR A 263 17.49 72.46 -128.80
N PRO A 264 18.40 73.41 -129.05
CA PRO A 264 18.14 74.82 -128.71
C PRO A 264 16.90 75.43 -129.39
N ARG A 265 16.70 75.14 -130.67
CA ARG A 265 15.59 75.75 -131.44
C ARG A 265 14.24 75.34 -130.83
N LEU A 266 14.07 74.07 -130.47
CA LEU A 266 12.79 73.58 -129.91
C LEU A 266 12.83 73.80 -128.41
N HIS A 267 12.52 75.02 -127.96
CA HIS A 267 12.57 75.38 -126.53
C HIS A 267 11.19 75.75 -125.99
N PHE A 268 10.12 75.32 -126.66
CA PHE A 268 8.72 75.66 -126.26
C PHE A 268 8.16 74.51 -125.43
N LEU A 269 7.56 74.78 -124.26
CA LEU A 269 7.13 73.70 -123.33
C LEU A 269 5.63 73.69 -123.11
N MET A 270 4.99 72.52 -123.24
CA MET A 270 3.53 72.34 -123.04
C MET A 270 3.23 72.18 -121.54
N THR A 271 2.00 72.42 -121.08
CA THR A 271 1.62 72.34 -119.64
C THR A 271 0.46 71.35 -119.47
N GLY A 272 0.17 70.93 -118.21
CA GLY A 272 -0.96 70.05 -117.84
C GLY A 272 -1.05 70.04 -116.32
N TYR A 273 -2.21 69.77 -115.73
CA TYR A 273 -2.34 69.65 -114.26
C TYR A 273 -3.30 68.50 -114.00
N THR A 274 -2.90 67.52 -113.18
CA THR A 274 -3.72 66.29 -113.00
C THR A 274 -5.06 66.68 -112.38
N PRO A 275 -5.13 67.49 -111.29
CA PRO A 275 -6.40 67.97 -110.80
C PRO A 275 -6.67 69.40 -111.27
N LEU A 276 -7.23 69.57 -112.46
CA LEU A 276 -7.64 70.93 -112.91
C LEU A 276 -8.63 71.35 -111.83
N THR A 277 -9.47 70.41 -111.38
CA THR A 277 -10.38 70.63 -110.23
C THR A 277 -9.63 70.22 -108.95
N THR A 278 -8.57 70.95 -108.57
CA THR A 278 -7.81 70.69 -107.30
C THR A 278 -8.74 71.02 -106.13
N ASP A 279 -9.68 71.96 -106.33
CA ASP A 279 -10.65 72.37 -105.29
C ASP A 279 -11.52 71.17 -104.92
N LYS A 287 -7.74 58.91 -100.87
CA LYS A 287 -6.49 59.55 -101.38
C LYS A 287 -6.34 59.21 -102.86
N THR A 288 -5.30 59.71 -103.55
CA THR A 288 -5.00 59.33 -104.95
C THR A 288 -3.58 58.78 -105.01
N THR A 289 -3.38 57.57 -105.52
CA THR A 289 -2.04 56.91 -105.66
C THR A 289 -1.28 57.55 -106.81
N VAL A 290 0.05 57.46 -106.78
CA VAL A 290 0.88 58.05 -107.87
C VAL A 290 0.47 57.38 -109.16
N LEU A 291 0.18 56.08 -109.18
CA LEU A 291 -0.11 55.41 -110.46
C LEU A 291 -1.26 56.19 -111.11
N ASP A 292 -2.24 56.62 -110.32
CA ASP A 292 -3.41 57.35 -110.85
C ASP A 292 -3.10 58.75 -111.32
N VAL A 293 -2.34 59.53 -110.57
CA VAL A 293 -2.17 60.98 -110.92
C VAL A 293 -1.35 61.09 -112.19
N MET A 294 -0.52 60.09 -112.50
CA MET A 294 0.30 60.07 -113.73
C MET A 294 -0.59 59.78 -114.93
N ARG A 295 -1.40 58.73 -114.85
CA ARG A 295 -2.23 58.32 -116.01
C ARG A 295 -3.17 59.47 -116.33
N ARG A 296 -3.72 60.10 -115.30
CA ARG A 296 -4.72 61.16 -115.51
C ARG A 296 -4.08 62.26 -116.34
N LEU A 297 -2.83 62.59 -116.03
CA LEU A 297 -2.13 63.71 -116.69
C LEU A 297 -1.93 63.47 -118.19
N LEU A 298 -1.56 62.26 -118.59
CA LEU A 298 -1.23 61.99 -120.01
C LEU A 298 -2.49 62.13 -120.86
N GLN A 299 -3.67 62.02 -120.26
CA GLN A 299 -4.96 62.16 -120.98
C GLN A 299 -5.04 63.59 -121.51
N PRO A 300 -5.76 63.90 -122.61
CA PRO A 300 -5.71 65.24 -123.17
C PRO A 300 -6.63 66.29 -122.53
N LYS A 301 -7.59 65.88 -121.69
CA LYS A 301 -8.48 66.82 -120.96
C LYS A 301 -7.65 67.57 -119.92
N ASN A 302 -6.59 66.95 -119.39
CA ASN A 302 -5.73 67.56 -118.35
C ASN A 302 -4.71 68.47 -119.04
N VAL A 303 -4.40 68.25 -120.33
CA VAL A 303 -3.50 69.18 -121.09
C VAL A 303 -4.18 70.55 -121.30
N MET A 304 -3.42 71.67 -121.25
CA MET A 304 -3.97 73.06 -121.36
C MET A 304 -3.40 73.77 -122.60
N VAL A 305 -3.08 73.04 -123.66
CA VAL A 305 -2.64 73.59 -124.98
C VAL A 305 -3.69 73.12 -125.99
N SER A 306 -4.08 73.90 -126.99
CA SER A 306 -5.22 73.56 -127.89
C SER A 306 -4.77 72.99 -129.25
N THR A 313 0.29 62.68 -140.84
CA THR A 313 1.68 62.78 -140.35
C THR A 313 1.73 62.33 -138.89
N ASN A 314 2.69 61.51 -138.52
CA ASN A 314 2.85 61.03 -137.13
C ASN A 314 3.20 62.26 -136.30
N HIS A 315 2.87 62.28 -135.01
CA HIS A 315 3.30 63.38 -134.11
C HIS A 315 3.74 62.73 -132.81
N CYS A 316 4.74 63.25 -132.09
CA CYS A 316 5.26 62.60 -130.85
C CYS A 316 6.02 63.58 -129.95
N TYR A 317 6.10 63.29 -128.64
CA TYR A 317 6.84 64.13 -127.66
C TYR A 317 8.35 64.01 -127.90
N ILE A 318 9.15 65.02 -127.54
CA ILE A 318 10.64 64.95 -127.66
C ILE A 318 11.21 64.48 -126.31
N ALA A 319 10.58 64.81 -125.16
CA ALA A 319 10.99 64.30 -123.82
C ALA A 319 9.94 64.81 -122.83
N ILE A 320 9.51 63.99 -121.87
CA ILE A 320 8.44 64.39 -120.90
C ILE A 320 9.05 64.48 -119.51
N LEU A 321 8.52 65.35 -118.65
CA LEU A 321 8.93 65.41 -117.21
C LEU A 321 7.67 65.62 -116.37
N ASN A 322 7.62 65.16 -115.10
CA ASN A 322 6.46 65.39 -114.19
C ASN A 322 6.93 65.69 -112.77
N ILE A 323 6.22 66.55 -112.02
CA ILE A 323 6.54 66.86 -110.60
C ILE A 323 5.25 66.67 -109.81
N ILE A 324 5.29 65.99 -108.66
CA ILE A 324 4.09 65.69 -107.82
C ILE A 324 4.28 66.27 -106.42
N GLN A 325 3.30 67.00 -105.88
CA GLN A 325 3.39 67.59 -104.51
C GLN A 325 2.21 67.15 -103.67
N GLY A 326 2.45 66.14 -102.83
CA GLY A 326 1.40 65.71 -101.90
C GLY A 326 1.81 64.54 -101.06
N GLU A 327 0.82 63.79 -100.54
CA GLU A 327 1.10 62.61 -99.68
C GLU A 327 1.39 61.45 -100.62
N VAL A 328 2.62 61.36 -101.13
CA VAL A 328 2.99 60.33 -102.15
C VAL A 328 3.86 59.26 -101.48
N ASP A 329 3.51 57.99 -101.64
CA ASP A 329 4.35 56.90 -101.09
C ASP A 329 5.62 56.80 -101.93
N PRO A 330 6.81 56.70 -101.32
CA PRO A 330 8.01 56.69 -102.14
C PRO A 330 8.15 55.46 -103.03
N THR A 331 7.91 54.23 -102.52
CA THR A 331 8.15 52.98 -103.32
C THR A 331 7.10 52.87 -104.43
N GLN A 332 5.94 53.48 -104.24
CA GLN A 332 4.84 53.42 -105.25
C GLN A 332 5.32 54.09 -106.54
N VAL A 333 6.12 55.15 -106.45
CA VAL A 333 6.51 55.95 -107.66
C VAL A 333 7.30 55.05 -108.63
N HIS A 334 8.21 54.20 -108.16
CA HIS A 334 9.05 53.41 -109.12
C HIS A 334 8.14 52.36 -109.75
N LYS A 335 7.16 51.84 -109.02
CA LYS A 335 6.13 50.94 -109.59
C LYS A 335 5.23 51.75 -110.52
N SER A 336 4.97 53.03 -110.21
CA SER A 336 4.08 53.88 -111.05
C SER A 336 4.73 54.06 -112.42
N LEU A 337 6.04 54.26 -112.43
CA LEU A 337 6.77 54.46 -113.71
C LEU A 337 6.61 53.20 -114.56
N GLN A 338 6.73 52.02 -113.96
CA GLN A 338 6.60 50.75 -114.71
C GLN A 338 5.17 50.64 -115.28
N ARG A 339 4.16 51.00 -114.47
CA ARG A 339 2.75 50.91 -114.93
C ARG A 339 2.52 51.86 -116.12
N ILE A 340 3.07 53.07 -116.06
CA ILE A 340 2.92 54.06 -117.17
C ILE A 340 3.58 53.50 -118.43
N ARG A 341 4.74 52.84 -118.28
CA ARG A 341 5.47 52.28 -119.45
C ARG A 341 4.56 51.27 -120.13
N GLU A 342 3.82 50.49 -119.34
CA GLU A 342 2.92 49.45 -119.90
C GLU A 342 1.69 50.11 -120.52
N ARG A 343 1.12 51.11 -119.85
CA ARG A 343 -0.10 51.81 -120.34
C ARG A 343 0.22 52.50 -121.67
N LYS A 344 1.45 52.99 -121.88
CA LYS A 344 1.89 53.67 -123.13
C LYS A 344 0.91 54.80 -123.37
N LEU A 345 0.33 55.46 -122.37
CA LEU A 345 -0.70 56.48 -122.69
C LEU A 345 -0.09 57.47 -123.68
N ALA A 346 1.22 57.74 -123.59
CA ALA A 346 1.96 58.61 -124.55
C ALA A 346 3.30 57.96 -124.87
N ASN A 347 3.73 57.99 -126.14
CA ASN A 347 5.03 57.41 -126.57
C ASN A 347 5.91 58.49 -127.18
N PHE A 348 7.14 58.62 -126.69
CA PHE A 348 8.12 59.65 -127.15
C PHE A 348 8.57 59.42 -128.59
N ILE A 349 8.96 58.18 -128.87
CA ILE A 349 9.48 57.79 -130.21
C ILE A 349 10.36 58.91 -130.80
N PRO A 350 11.39 59.45 -130.11
CA PRO A 350 12.24 60.50 -130.64
C PRO A 350 13.55 59.90 -131.16
N TRP A 351 14.47 60.74 -131.60
CA TRP A 351 15.82 60.30 -132.04
C TRP A 351 16.68 59.93 -130.83
N GLY A 352 16.26 60.26 -129.59
CA GLY A 352 17.09 60.07 -128.36
C GLY A 352 16.51 59.17 -127.27
N PRO A 353 17.13 59.08 -126.07
CA PRO A 353 16.70 58.20 -124.97
C PRO A 353 15.67 58.86 -124.06
N ALA A 354 15.01 59.90 -124.56
CA ALA A 354 14.07 60.68 -123.74
C ALA A 354 13.13 59.73 -123.02
N SER A 355 12.95 59.90 -121.71
CA SER A 355 12.13 59.01 -120.86
C SER A 355 11.24 59.87 -119.98
N ILE A 356 10.08 59.35 -119.56
CA ILE A 356 9.24 60.10 -118.58
C ILE A 356 10.15 60.17 -117.36
N GLN A 357 10.27 61.33 -116.73
CA GLN A 357 11.17 61.52 -115.56
C GLN A 357 10.29 61.81 -114.36
N VAL A 358 10.34 60.97 -113.33
CA VAL A 358 9.49 61.17 -112.12
C VAL A 358 10.23 62.08 -111.16
N ALA A 359 9.58 63.12 -110.67
CA ALA A 359 10.18 64.06 -109.70
C ALA A 359 9.17 64.26 -108.60
N LEU A 360 9.55 64.59 -107.36
CA LEU A 360 8.58 64.66 -106.22
C LEU A 360 8.92 65.86 -105.33
N SER A 361 7.93 66.56 -104.75
CA SER A 361 8.13 67.79 -103.93
C SER A 361 7.15 67.79 -102.78
N ARG A 362 7.28 68.75 -101.86
CA ARG A 362 6.43 68.83 -100.66
C ARG A 362 5.34 69.84 -100.89
N LYS A 363 4.10 69.49 -100.61
CA LYS A 363 3.02 70.49 -100.63
C LYS A 363 3.26 71.36 -99.40
N SER A 364 2.93 72.65 -99.46
CA SER A 364 3.20 73.61 -98.37
C SER A 364 2.16 73.47 -97.25
N PRO A 365 2.46 73.85 -95.98
CA PRO A 365 1.48 73.82 -94.92
C PRO A 365 0.69 75.12 -94.99
N TYR A 366 -0.20 75.41 -94.03
CA TYR A 366 -1.00 76.66 -93.93
C TYR A 366 -2.13 76.69 -94.97
N LEU A 367 -1.82 76.63 -96.26
CA LEU A 367 -2.84 76.69 -97.33
C LEU A 367 -3.52 75.33 -97.39
N PRO A 368 -4.73 75.20 -98.00
CA PRO A 368 -5.45 73.93 -97.99
C PRO A 368 -4.65 72.78 -98.60
N SER A 369 -4.83 71.54 -98.11
CA SER A 369 -4.13 70.33 -98.59
C SER A 369 -5.11 69.50 -99.43
N ALA A 370 -6.15 70.13 -100.01
CA ALA A 370 -7.19 69.45 -100.80
C ALA A 370 -6.51 68.74 -101.96
N HIS A 371 -7.05 67.62 -102.45
CA HIS A 371 -6.34 66.82 -103.47
C HIS A 371 -4.97 66.60 -102.84
N ARG A 372 -4.93 65.82 -101.75
CA ARG A 372 -3.70 65.66 -100.96
C ARG A 372 -2.58 65.37 -101.95
N VAL A 373 -2.78 64.55 -102.99
CA VAL A 373 -1.77 64.36 -104.06
C VAL A 373 -2.24 65.13 -105.28
N SER A 374 -1.42 65.99 -105.89
CA SER A 374 -1.79 66.85 -107.05
C SER A 374 -0.55 67.10 -107.88
N GLY A 375 -0.58 67.01 -109.22
CA GLY A 375 0.64 67.08 -110.06
C GLY A 375 0.58 68.04 -111.22
N LEU A 376 1.71 68.26 -111.91
CA LEU A 376 1.82 69.10 -113.12
C LEU A 376 2.79 68.41 -114.07
N MET A 377 2.74 68.63 -115.38
CA MET A 377 3.75 68.07 -116.31
C MET A 377 4.23 69.18 -117.25
N MET A 378 5.51 69.23 -117.54
CA MET A 378 6.11 70.18 -118.53
C MET A 378 6.73 69.29 -119.58
N ALA A 379 6.37 69.42 -120.86
CA ALA A 379 6.87 68.49 -121.90
C ALA A 379 7.15 69.21 -123.22
N ASN A 380 8.10 68.69 -124.00
CA ASN A 380 8.46 69.23 -125.33
C ASN A 380 7.63 68.41 -126.30
N HIS A 381 6.61 68.99 -126.94
CA HIS A 381 5.69 68.26 -127.84
C HIS A 381 5.66 68.91 -129.22
N THR A 382 5.69 68.15 -130.32
CA THR A 382 5.69 68.68 -131.70
C THR A 382 4.31 69.19 -132.08
N SER A 383 3.28 68.91 -131.31
CA SER A 383 1.91 69.42 -131.58
C SER A 383 1.91 70.94 -131.52
N ILE A 384 2.71 71.55 -130.64
CA ILE A 384 2.71 73.04 -130.44
C ILE A 384 3.12 73.70 -131.77
N SER A 385 3.81 72.98 -132.65
CA SER A 385 4.16 73.51 -133.99
C SER A 385 2.89 73.94 -134.70
N SER A 386 1.83 73.17 -134.53
CA SER A 386 0.55 73.43 -135.21
C SER A 386 0.00 74.79 -134.78
N LEU A 387 0.09 75.14 -133.49
CA LEU A 387 -0.39 76.47 -133.02
C LEU A 387 0.42 77.58 -133.68
N PHE A 388 1.73 77.39 -133.81
CA PHE A 388 2.59 78.40 -134.47
C PHE A 388 2.17 78.55 -135.93
N GLU A 389 1.90 77.44 -136.62
CA GLU A 389 1.53 77.48 -138.06
C GLU A 389 0.20 78.19 -138.27
N ARG A 390 -0.75 78.10 -137.32
CA ARG A 390 -2.10 78.71 -137.43
C ARG A 390 -2.00 80.24 -137.46
N THR A 391 -1.15 80.84 -136.63
CA THR A 391 -0.92 82.30 -136.68
C THR A 391 -0.15 82.62 -137.97
N CYS A 392 0.78 81.75 -138.38
CA CYS A 392 1.54 81.92 -139.64
C CYS A 392 0.55 81.79 -140.80
N ARG A 393 -0.48 80.96 -140.67
CA ARG A 393 -1.55 80.82 -141.69
C ARG A 393 -2.37 82.10 -141.71
N GLN A 394 -2.74 82.64 -140.56
CA GLN A 394 -3.58 83.85 -140.56
C GLN A 394 -2.72 84.92 -141.22
N TYR A 395 -1.44 85.02 -140.84
CA TYR A 395 -0.52 86.07 -141.34
C TYR A 395 -0.31 85.93 -142.84
N ASP A 396 -0.12 84.71 -143.32
CA ASP A 396 0.16 84.50 -144.76
C ASP A 396 -1.07 84.98 -145.52
N LYS A 397 -2.25 84.63 -145.03
CA LYS A 397 -3.51 85.05 -145.69
C LYS A 397 -3.56 86.57 -145.61
N LEU A 398 -3.27 87.13 -144.43
CA LEU A 398 -3.33 88.60 -144.21
C LEU A 398 -2.26 89.31 -145.02
N ARG A 399 -1.08 88.71 -145.22
CA ARG A 399 0.05 89.35 -145.93
C ARG A 399 -0.34 89.59 -147.38
N LYS A 400 -0.97 88.59 -148.01
CA LYS A 400 -1.36 88.69 -149.43
C LYS A 400 -2.34 89.84 -149.58
N ARG A 401 -3.36 89.88 -148.71
CA ARG A 401 -4.41 90.93 -148.78
C ARG A 401 -3.75 92.27 -148.48
N GLU A 402 -2.80 92.29 -147.55
CA GLU A 402 -2.18 93.57 -147.09
C GLU A 402 -3.33 94.40 -146.52
N ALA A 403 -4.34 93.71 -145.97
CA ALA A 403 -5.53 94.41 -145.44
C ALA A 403 -5.11 95.32 -144.29
N PHE A 404 -4.19 94.83 -143.45
CA PHE A 404 -3.80 95.61 -142.26
C PHE A 404 -2.28 95.78 -142.26
N LEU A 405 -1.77 96.60 -143.17
CA LEU A 405 -0.31 96.90 -143.17
C LEU A 405 -0.10 98.02 -142.16
N GLU A 406 -1.19 98.51 -141.56
CA GLU A 406 -1.14 99.65 -140.59
C GLU A 406 -0.77 100.89 -141.38
N GLN A 407 0.36 100.85 -142.09
CA GLN A 407 0.85 102.01 -142.87
C GLN A 407 0.79 103.22 -141.94
N PHE A 408 0.63 102.97 -140.64
CA PHE A 408 0.70 104.09 -139.69
C PHE A 408 2.11 104.62 -139.85
N ARG A 409 2.33 105.92 -139.73
CA ARG A 409 3.67 106.48 -140.03
C ARG A 409 4.67 105.81 -139.12
N LYS A 410 4.32 105.56 -137.86
CA LYS A 410 5.22 104.80 -136.97
C LYS A 410 5.55 103.48 -137.67
N GLU A 411 4.55 102.73 -138.13
CA GLU A 411 4.77 101.38 -138.73
C GLU A 411 5.62 101.50 -139.99
N ASP A 412 5.29 102.42 -140.90
CA ASP A 412 6.02 102.57 -142.20
C ASP A 412 7.42 103.14 -141.94
N MET A 413 7.54 104.19 -141.13
CA MET A 413 8.84 104.86 -140.90
C MET A 413 9.76 103.88 -140.15
N PHE A 414 9.23 103.18 -139.16
CA PHE A 414 10.02 102.15 -138.42
C PHE A 414 10.38 101.04 -139.40
N LYS A 415 9.43 100.61 -140.25
CA LYS A 415 9.65 99.50 -141.20
C LYS A 415 9.14 99.87 -142.59
N ASP A 416 9.95 100.59 -143.37
CA ASP A 416 9.60 100.97 -144.77
C ASP A 416 9.69 99.71 -145.64
N ASN A 417 10.77 98.93 -145.52
CA ASN A 417 10.96 97.68 -146.32
C ASN A 417 9.89 96.67 -145.95
N PHE A 418 9.47 96.59 -144.68
CA PHE A 418 8.48 95.58 -144.19
C PHE A 418 9.12 94.20 -144.36
N ASP A 419 10.45 94.11 -144.35
CA ASP A 419 11.17 92.82 -144.60
C ASP A 419 11.53 92.07 -143.32
N GLU A 420 11.38 92.66 -142.14
CA GLU A 420 11.58 91.93 -140.85
C GLU A 420 10.46 90.90 -140.74
N MET A 421 9.28 91.23 -141.26
CA MET A 421 8.12 90.29 -141.24
C MET A 421 8.49 89.09 -142.10
N ASP A 422 9.11 89.31 -143.27
CA ASP A 422 9.58 88.21 -144.16
C ASP A 422 10.76 87.50 -143.49
N THR A 423 11.66 88.22 -142.83
CA THR A 423 12.79 87.59 -142.10
C THR A 423 12.18 86.71 -141.02
N SER A 424 11.16 87.20 -140.34
CA SER A 424 10.46 86.45 -139.28
C SER A 424 9.77 85.23 -139.90
N ARG A 425 9.18 85.41 -141.09
CA ARG A 425 8.42 84.31 -141.74
C ARG A 425 9.36 83.15 -142.07
N GLU A 426 10.55 83.42 -142.60
CA GLU A 426 11.52 82.34 -142.92
C GLU A 426 12.03 81.69 -141.61
N ILE A 427 12.29 82.48 -140.58
CA ILE A 427 12.84 81.95 -139.29
C ILE A 427 11.80 81.04 -138.64
N VAL A 428 10.53 81.46 -138.59
CA VAL A 428 9.44 80.65 -137.99
C VAL A 428 9.17 79.44 -138.87
N GLN A 429 9.27 79.57 -140.19
CA GLN A 429 9.08 78.43 -141.13
C GLN A 429 10.21 77.43 -140.90
N GLN A 430 11.43 77.91 -140.65
CA GLN A 430 12.55 77.00 -140.33
C GLN A 430 12.15 76.25 -139.06
N LEU A 431 11.58 76.96 -138.08
CA LEU A 431 11.11 76.34 -136.81
C LEU A 431 10.01 75.33 -137.10
N ILE A 432 9.05 75.68 -137.96
CA ILE A 432 7.90 74.79 -138.29
C ILE A 432 8.53 73.56 -138.92
N ASP A 433 9.49 73.75 -139.82
CA ASP A 433 10.18 72.63 -140.52
C ASP A 433 10.97 71.82 -139.50
N GLU A 434 11.71 72.47 -138.62
CA GLU A 434 12.59 71.74 -137.68
C GLU A 434 11.72 70.80 -136.86
N TYR A 435 10.59 71.28 -136.36
CA TYR A 435 9.71 70.46 -135.51
C TYR A 435 9.40 69.18 -136.26
N HIS A 436 8.87 69.27 -137.46
CA HIS A 436 8.42 68.07 -138.21
C HIS A 436 9.64 67.19 -138.50
N ALA A 437 10.82 67.80 -138.64
CA ALA A 437 12.06 67.02 -138.84
C ALA A 437 12.30 66.20 -137.59
N ALA A 438 11.94 66.75 -136.43
CA ALA A 438 12.10 66.03 -135.15
C ALA A 438 11.28 64.76 -135.19
N THR A 439 10.07 64.83 -135.74
CA THR A 439 9.16 63.66 -135.85
C THR A 439 9.85 62.60 -136.69
N ARG A 440 10.61 62.99 -137.71
CA ARG A 440 11.23 62.04 -138.66
C ARG A 440 12.30 61.22 -137.96
N PRO A 441 12.73 60.06 -138.51
CA PRO A 441 13.81 59.27 -137.93
C PRO A 441 15.22 59.88 -138.01
N ASP A 442 15.46 60.93 -138.81
CA ASP A 442 16.83 61.48 -139.02
C ASP A 442 16.98 62.94 -138.59
N TYR A 443 16.89 63.27 -137.30
CA TYR A 443 17.19 64.64 -136.81
C TYR A 443 18.69 64.62 -136.52
N ILE A 444 19.36 63.49 -136.71
CA ILE A 444 20.85 63.40 -136.58
C ILE A 444 21.38 64.31 -137.68
N SER A 445 20.78 64.29 -138.87
CA SER A 445 21.13 65.20 -139.99
C SER A 445 20.58 66.57 -139.64
N TRP A 446 21.03 67.62 -140.32
CA TRP A 446 20.64 69.00 -139.95
C TRP A 446 19.11 69.16 -140.03
N GLY A 447 18.50 69.91 -139.11
CA GLY A 447 17.04 70.13 -139.04
C GLY A 447 16.72 71.58 -139.33
N ARG B 3 38.73 113.87 -72.69
CA ARG B 3 38.25 115.25 -72.53
C ARG B 3 36.87 115.42 -73.13
N GLU B 4 36.09 116.35 -72.60
CA GLU B 4 34.69 116.58 -73.03
C GLU B 4 34.68 117.14 -74.45
N ILE B 5 33.68 116.79 -75.25
CA ILE B 5 33.57 117.21 -76.67
C ILE B 5 32.57 118.36 -76.73
N ILE B 6 32.90 119.44 -77.45
CA ILE B 6 31.99 120.61 -77.60
C ILE B 6 31.51 120.60 -79.05
N THR B 7 30.19 120.60 -79.28
CA THR B 7 29.65 120.48 -80.65
C THR B 7 29.19 121.85 -81.09
N LEU B 8 29.79 122.38 -82.15
CA LEU B 8 29.44 123.70 -82.71
C LEU B 8 28.40 123.49 -83.82
N GLN B 9 27.13 123.31 -83.44
CA GLN B 9 26.04 123.12 -84.44
C GLN B 9 25.71 124.51 -84.99
N LEU B 10 25.73 124.69 -86.32
CA LEU B 10 25.52 126.02 -86.95
C LEU B 10 24.67 125.93 -88.20
N GLY B 11 23.93 126.99 -88.55
CA GLY B 11 23.11 127.04 -89.76
C GLY B 11 21.78 126.37 -89.51
N GLN B 12 20.73 126.70 -90.27
CA GLN B 12 19.38 126.15 -89.98
C GLN B 12 19.42 124.63 -90.13
N CYS B 13 19.99 124.11 -91.21
CA CYS B 13 20.07 122.65 -91.46
C CYS B 13 20.91 121.99 -90.37
N GLY B 14 22.07 122.57 -90.07
CA GLY B 14 22.97 122.02 -89.04
C GLY B 14 22.32 122.06 -87.69
N ASN B 15 21.58 123.13 -87.38
CA ASN B 15 20.88 123.31 -86.09
C ASN B 15 19.75 122.28 -85.97
N GLN B 16 19.13 121.89 -87.08
CA GLN B 16 18.08 120.85 -87.08
C GLN B 16 18.66 119.48 -86.70
N ILE B 17 19.87 119.10 -87.12
CA ILE B 17 20.41 117.72 -86.89
C ILE B 17 21.11 117.66 -85.53
N GLY B 18 21.56 118.79 -84.97
CA GLY B 18 22.10 118.89 -83.61
C GLY B 18 20.95 118.86 -82.63
N PHE B 19 19.85 119.51 -82.98
CA PHE B 19 18.66 119.53 -82.10
C PHE B 19 18.24 118.07 -81.88
N GLU B 20 18.10 117.33 -82.97
CA GLU B 20 17.68 115.91 -82.92
C GLU B 20 18.74 114.99 -82.29
N PHE B 21 20.02 115.18 -82.59
CA PHE B 21 21.10 114.31 -82.08
C PHE B 21 21.11 114.37 -80.55
N TRP B 22 21.00 115.58 -79.99
CA TRP B 22 20.97 115.79 -78.53
C TRP B 22 19.69 115.17 -77.97
N LYS B 23 18.57 115.31 -78.68
CA LYS B 23 17.27 114.72 -78.24
C LYS B 23 17.42 113.20 -78.27
N GLN B 24 18.10 112.66 -79.27
CA GLN B 24 18.27 111.19 -79.42
C GLN B 24 19.05 110.64 -78.22
N LEU B 25 20.07 111.36 -77.77
CA LEU B 25 20.88 110.98 -76.57
C LEU B 25 20.13 111.41 -75.32
N CYS B 26 19.07 112.21 -75.42
CA CYS B 26 18.26 112.50 -74.21
C CYS B 26 17.56 111.21 -73.80
N ALA B 27 16.75 110.65 -74.69
CA ALA B 27 16.00 109.40 -74.40
C ALA B 27 16.98 108.24 -74.20
N GLU B 28 18.02 108.14 -75.04
CA GLU B 28 18.97 106.99 -74.99
C GLU B 28 19.67 106.98 -73.65
N HIS B 29 20.12 108.14 -73.21
CA HIS B 29 20.76 108.27 -71.88
C HIS B 29 19.66 108.45 -70.86
N GLY B 30 20.02 108.50 -69.57
CA GLY B 30 19.05 108.77 -68.50
C GLY B 30 18.85 110.26 -68.34
N ILE B 31 18.15 110.92 -69.27
CA ILE B 31 17.90 112.38 -69.22
C ILE B 31 16.43 112.61 -69.62
N SER B 32 15.74 113.58 -69.01
CA SER B 32 14.34 113.93 -69.34
C SER B 32 14.37 115.16 -70.25
N PRO B 33 13.24 115.77 -70.72
CA PRO B 33 13.30 117.02 -71.50
C PRO B 33 13.76 118.25 -70.71
N GLU B 34 13.77 118.22 -69.38
CA GLU B 34 14.25 119.34 -68.53
C GLU B 34 15.71 119.09 -68.12
N GLY B 35 16.41 118.06 -68.66
CA GLY B 35 17.83 117.69 -68.38
C GLY B 35 17.97 116.96 -67.04
N ILE B 36 16.83 116.68 -66.35
CA ILE B 36 16.87 116.08 -64.98
C ILE B 36 17.20 114.60 -65.11
N VAL B 37 17.96 114.05 -64.16
CA VAL B 37 18.24 112.59 -64.18
C VAL B 37 16.88 111.89 -64.11
N GLU B 38 16.67 110.89 -64.97
CA GLU B 38 15.39 110.16 -65.02
C GLU B 38 15.29 109.25 -63.79
N GLU B 39 14.12 109.20 -63.15
N GLU B 39 14.06 109.27 -63.20
CA GLU B 39 13.89 108.34 -61.97
CA GLU B 39 13.84 108.41 -62.02
C GLU B 39 14.01 106.87 -62.38
C GLU B 39 13.96 106.95 -62.43
N PHE B 40 13.55 106.50 -63.57
CA PHE B 40 13.53 105.08 -64.01
C PHE B 40 14.95 104.53 -64.01
N ALA B 41 15.95 105.31 -64.42
CA ALA B 41 17.34 104.81 -64.55
C ALA B 41 17.79 104.31 -63.18
N THR B 45 25.58 103.63 -65.82
CA THR B 45 26.48 102.57 -66.37
C THR B 45 27.13 103.12 -67.63
N ASP B 46 26.90 104.39 -67.95
CA ASP B 46 27.38 105.01 -69.21
C ASP B 46 28.41 106.09 -68.91
N ARG B 47 29.29 106.42 -69.86
CA ARG B 47 30.25 107.55 -69.66
C ARG B 47 29.56 108.80 -70.20
N LYS B 48 28.80 109.52 -69.37
CA LYS B 48 28.08 110.74 -69.79
C LYS B 48 28.98 111.96 -69.65
N ASP B 49 30.17 111.79 -69.08
CA ASP B 49 31.09 112.94 -68.82
C ASP B 49 31.45 113.62 -70.14
N VAL B 50 31.78 112.89 -71.19
CA VAL B 50 32.29 113.53 -72.44
C VAL B 50 31.23 114.43 -73.07
N PHE B 51 30.02 113.90 -73.27
CA PHE B 51 29.00 114.62 -74.07
C PHE B 51 28.16 115.54 -73.22
N PHE B 52 27.94 115.20 -71.95
CA PHE B 52 27.03 115.99 -71.09
C PHE B 52 27.77 116.65 -69.94
N TYR B 53 27.65 117.97 -69.79
CA TYR B 53 28.21 118.73 -68.64
C TYR B 53 27.40 118.27 -67.43
N GLN B 54 27.99 118.20 -66.23
CA GLN B 54 27.26 117.80 -65.00
C GLN B 54 26.96 119.04 -64.17
N ALA B 55 25.69 119.43 -64.02
CA ALA B 55 25.31 120.57 -63.15
C ALA B 55 25.22 120.04 -61.72
N ASP B 56 25.11 120.92 -60.72
CA ASP B 56 25.11 120.52 -59.27
C ASP B 56 23.93 119.59 -58.97
N ASP B 57 22.74 119.87 -59.51
CA ASP B 57 21.51 119.07 -59.21
C ASP B 57 21.25 118.12 -60.38
N GLU B 58 22.28 117.44 -60.90
CA GLU B 58 22.14 116.43 -61.98
C GLU B 58 21.38 116.98 -63.18
N HIS B 59 21.59 118.26 -63.53
CA HIS B 59 21.06 118.80 -64.80
C HIS B 59 22.19 118.56 -65.78
N TYR B 60 22.17 117.43 -66.51
CA TYR B 60 23.25 117.07 -67.46
C TYR B 60 22.95 117.88 -68.72
N ILE B 61 23.60 119.04 -68.90
CA ILE B 61 23.30 119.95 -70.04
C ILE B 61 24.29 119.65 -71.16
N PRO B 62 23.87 119.37 -72.40
CA PRO B 62 24.84 119.15 -73.45
C PRO B 62 25.71 120.40 -73.64
N ARG B 63 26.98 120.24 -74.02
CA ARG B 63 27.88 121.38 -74.32
C ARG B 63 27.65 121.78 -75.78
N ALA B 64 26.42 122.13 -76.14
CA ALA B 64 26.06 122.48 -77.53
C ALA B 64 26.33 123.97 -77.71
N VAL B 65 26.91 124.37 -78.83
CA VAL B 65 27.09 125.81 -79.19
C VAL B 65 26.14 126.01 -80.36
N LEU B 66 25.03 126.73 -80.18
CA LEU B 66 24.03 126.91 -81.25
C LEU B 66 24.27 128.30 -81.85
N LEU B 67 24.65 128.39 -83.13
CA LEU B 67 24.89 129.68 -83.82
C LEU B 67 23.70 129.92 -84.75
N ASP B 68 23.03 131.05 -84.61
CA ASP B 68 21.87 131.40 -85.44
C ASP B 68 22.29 132.58 -86.32
N LEU B 69 22.03 132.51 -87.63
CA LEU B 69 22.30 133.64 -88.55
C LEU B 69 20.99 133.85 -89.31
N GLU B 70 20.45 135.07 -89.33
CA GLU B 70 19.13 135.34 -89.96
C GLU B 70 18.17 134.30 -89.39
N PRO B 71 18.08 134.12 -88.06
CA PRO B 71 17.30 133.01 -87.47
C PRO B 71 15.80 132.88 -87.72
N ARG B 72 15.31 131.66 -87.97
CA ARG B 72 13.86 131.37 -88.13
C ARG B 72 13.57 130.08 -87.35
N VAL B 73 14.32 129.01 -87.63
CA VAL B 73 14.16 127.68 -86.97
C VAL B 73 14.92 127.70 -85.63
N ILE B 74 15.69 128.73 -85.35
CA ILE B 74 16.31 128.79 -84.01
C ILE B 74 15.19 129.19 -83.07
N HIS B 75 14.20 129.92 -83.55
CA HIS B 75 13.05 130.34 -82.72
C HIS B 75 12.19 129.12 -82.40
N SER B 76 11.93 128.23 -83.36
CA SER B 76 11.17 126.96 -83.19
C SER B 76 11.91 126.03 -82.21
N ILE B 77 13.26 126.01 -82.25
CA ILE B 77 14.09 125.19 -81.31
C ILE B 77 13.78 125.70 -79.90
N LEU B 78 13.69 127.01 -79.71
CA LEU B 78 13.40 127.64 -78.39
C LEU B 78 12.00 127.26 -77.90
N ASN B 79 10.98 127.26 -78.74
CA ASN B 79 9.63 126.83 -78.28
C ASN B 79 9.57 125.30 -78.37
N SER B 80 10.28 124.60 -77.49
CA SER B 80 10.28 123.12 -77.45
C SER B 80 10.29 122.67 -75.98
N PRO B 81 9.86 121.43 -75.64
CA PRO B 81 9.96 120.93 -74.27
C PRO B 81 11.42 120.80 -73.83
N TYR B 82 12.36 120.69 -74.77
CA TYR B 82 13.79 120.46 -74.47
C TYR B 82 14.56 121.77 -74.37
N ALA B 83 13.88 122.93 -74.40
CA ALA B 83 14.55 124.24 -74.32
C ALA B 83 15.35 124.31 -73.03
N LYS B 84 14.81 123.79 -71.92
CA LYS B 84 15.52 123.77 -70.62
C LYS B 84 16.69 122.79 -70.67
N LEU B 85 16.59 121.71 -71.45
CA LEU B 85 17.66 120.66 -71.46
C LEU B 85 18.96 121.28 -71.93
N TYR B 86 18.94 122.07 -72.99
CA TYR B 86 20.15 122.75 -73.52
C TYR B 86 20.05 124.20 -73.04
N ASN B 87 20.68 124.53 -71.91
CA ASN B 87 20.72 125.94 -71.44
C ASN B 87 22.14 126.31 -71.04
N PRO B 88 23.10 126.39 -71.98
CA PRO B 88 24.40 126.98 -71.69
C PRO B 88 24.11 128.47 -71.90
N GLU B 89 22.88 128.84 -72.30
CA GLU B 89 22.49 130.26 -72.47
C GLU B 89 23.50 130.87 -73.45
N ASN B 90 23.77 130.19 -74.56
CA ASN B 90 24.80 130.63 -75.54
C ASN B 90 24.26 130.58 -76.98
N ILE B 91 23.28 131.40 -77.33
CA ILE B 91 22.75 131.50 -78.73
C ILE B 91 22.88 132.97 -79.12
N TYR B 92 23.53 133.29 -80.25
CA TYR B 92 23.82 134.71 -80.64
C TYR B 92 23.31 135.09 -82.02
N LEU B 93 22.65 136.26 -82.15
CA LEU B 93 22.14 136.77 -83.46
C LEU B 93 23.26 137.56 -84.16
N GLY B 101 22.34 135.38 -95.56
CA GLY B 101 22.15 135.25 -97.02
C GLY B 101 22.32 133.83 -97.49
N ASN B 102 21.97 133.53 -98.75
CA ASN B 102 22.06 132.16 -99.31
C ASN B 102 23.39 132.02 -100.04
N ASN B 103 24.32 132.98 -99.88
CA ASN B 103 25.63 132.97 -100.59
C ASN B 103 26.76 132.55 -99.64
N TRP B 104 27.77 131.84 -100.16
CA TRP B 104 28.93 131.40 -99.33
C TRP B 104 29.64 132.66 -98.88
N ALA B 105 29.86 133.61 -99.78
CA ALA B 105 30.49 134.90 -99.44
C ALA B 105 29.59 135.64 -98.45
N SER B 106 28.27 135.61 -98.64
CA SER B 106 27.32 136.33 -97.77
C SER B 106 27.43 135.81 -96.33
N GLY B 107 27.61 134.52 -96.10
CA GLY B 107 27.75 133.86 -94.79
C GLY B 107 29.09 134.16 -94.15
N PHE B 108 30.16 134.12 -94.94
CA PHE B 108 31.55 134.33 -94.46
C PHE B 108 31.71 135.75 -93.91
N SER B 109 31.16 136.75 -94.60
CA SER B 109 31.26 138.17 -94.19
C SER B 109 30.48 138.40 -92.90
N GLN B 110 29.28 137.84 -92.78
CA GLN B 110 28.42 138.03 -91.59
C GLN B 110 29.15 137.43 -90.37
N GLY B 111 29.81 136.30 -90.55
CA GLY B 111 30.55 135.63 -89.45
C GLY B 111 31.69 136.49 -88.94
N GLU B 112 32.41 137.17 -89.83
CA GLU B 112 33.62 137.97 -89.47
C GLU B 112 33.36 139.11 -88.48
N LYS B 113 32.24 139.85 -88.59
CA LYS B 113 31.88 140.97 -87.66
C LYS B 113 31.53 140.46 -86.25
N ILE B 114 30.91 139.29 -86.16
CA ILE B 114 30.46 138.72 -84.85
C ILE B 114 31.45 137.66 -84.39
N HIS B 115 32.64 137.55 -85.00
CA HIS B 115 33.56 136.43 -84.70
C HIS B 115 33.96 136.41 -83.22
N GLU B 116 34.24 137.55 -82.60
CA GLU B 116 34.76 137.63 -81.21
C GLU B 116 33.76 137.21 -80.11
N ASP B 117 32.48 137.56 -80.23
CA ASP B 117 31.43 137.17 -79.25
C ASP B 117 31.11 135.67 -79.40
N ILE B 118 31.04 135.18 -80.63
CA ILE B 118 30.79 133.73 -80.87
C ILE B 118 32.03 133.00 -80.36
N PHE B 119 33.23 133.55 -80.55
CA PHE B 119 34.50 132.93 -80.10
C PHE B 119 34.63 132.96 -78.57
N ASP B 120 34.10 133.99 -77.89
CA ASP B 120 34.09 134.05 -76.40
C ASP B 120 33.15 132.97 -75.86
N ILE B 121 32.04 132.72 -76.56
CA ILE B 121 31.06 131.64 -76.20
C ILE B 121 31.81 130.30 -76.30
N ILE B 122 32.73 130.15 -77.26
CA ILE B 122 33.59 128.94 -77.38
C ILE B 122 34.49 128.91 -76.15
N ASP B 123 35.06 130.05 -75.79
CA ASP B 123 36.02 130.12 -74.65
C ASP B 123 35.34 129.72 -73.35
N ARG B 124 34.18 130.32 -73.05
CA ARG B 124 33.42 130.05 -71.80
C ARG B 124 33.36 128.56 -71.59
N GLU B 125 32.88 127.81 -72.58
CA GLU B 125 32.69 126.36 -72.43
C GLU B 125 34.07 125.70 -72.22
N ALA B 126 35.10 126.14 -72.95
CA ALA B 126 36.45 125.56 -72.85
C ALA B 126 36.98 125.75 -71.43
N ASP B 127 36.74 126.92 -70.85
CA ASP B 127 37.16 127.22 -69.46
C ASP B 127 36.35 126.37 -68.49
N GLY B 128 35.03 126.25 -68.71
CA GLY B 128 34.11 125.53 -67.80
C GLY B 128 34.45 124.05 -67.70
N SER B 129 34.82 123.42 -68.81
CA SER B 129 35.11 121.97 -68.86
C SER B 129 36.42 121.67 -68.16
N ASP B 130 36.57 120.46 -67.62
CA ASP B 130 37.86 120.04 -67.03
C ASP B 130 38.86 120.12 -68.17
N SER B 131 38.44 119.71 -69.37
CA SER B 131 39.32 119.66 -70.55
C SER B 131 38.47 119.68 -71.84
N LEU B 132 39.04 119.96 -73.01
CA LEU B 132 38.33 119.98 -74.32
C LEU B 132 39.14 119.21 -75.36
N GLU B 133 38.66 118.08 -75.95
CA GLU B 133 39.48 117.26 -76.89
C GLU B 133 39.19 117.58 -78.37
N GLY B 134 37.94 117.89 -78.73
CA GLY B 134 37.62 118.10 -80.14
C GLY B 134 36.40 118.95 -80.34
N PHE B 135 36.26 119.58 -81.52
CA PHE B 135 35.09 120.43 -81.86
C PHE B 135 34.32 119.73 -82.96
N VAL B 136 33.12 119.22 -82.69
CA VAL B 136 32.36 118.40 -83.68
C VAL B 136 31.29 119.31 -84.30
N LEU B 137 31.41 119.62 -85.57
CA LEU B 137 30.51 120.61 -86.22
C LEU B 137 29.36 119.93 -86.95
N CYS B 138 28.10 120.26 -86.65
CA CYS B 138 26.96 119.77 -87.46
C CYS B 138 26.90 120.67 -88.69
N HIS B 139 27.92 120.64 -89.54
CA HIS B 139 28.06 121.54 -90.71
C HIS B 139 27.11 121.20 -91.85
N SER B 140 26.63 122.20 -92.58
CA SER B 140 25.82 122.00 -93.80
C SER B 140 26.66 122.54 -94.98
N ILE B 141 27.03 121.72 -95.96
CA ILE B 141 27.83 122.16 -97.14
C ILE B 141 26.87 122.87 -98.09
N ALA B 142 27.27 123.98 -98.72
CA ALA B 142 26.37 124.76 -99.59
C ALA B 142 25.09 124.94 -98.80
N GLY B 143 25.20 125.40 -97.56
CA GLY B 143 24.06 125.55 -96.63
C GLY B 143 23.55 126.98 -96.58
N GLY B 144 23.79 127.77 -97.62
CA GLY B 144 23.42 129.19 -97.58
C GLY B 144 24.20 129.84 -96.46
N THR B 145 23.53 130.24 -95.38
CA THR B 145 24.20 130.81 -94.19
C THR B 145 25.13 129.77 -93.57
N GLY B 146 24.73 128.50 -93.55
CA GLY B 146 25.52 127.44 -92.88
C GLY B 146 26.91 127.32 -93.47
N SER B 147 27.04 127.36 -94.79
CA SER B 147 28.36 127.35 -95.46
C SER B 147 28.85 128.79 -95.48
N GLY B 148 30.16 129.03 -95.61
CA GLY B 148 30.69 130.40 -95.51
C GLY B 148 30.90 130.76 -94.05
N LEU B 149 29.85 130.78 -93.23
CA LEU B 149 30.04 131.01 -91.79
C LEU B 149 30.79 129.80 -91.24
N GLY B 150 30.48 128.60 -91.72
CA GLY B 150 31.06 127.37 -91.17
C GLY B 150 32.52 127.22 -91.56
N SER B 151 32.89 127.62 -92.77
CA SER B 151 34.27 127.59 -93.31
C SER B 151 35.12 128.57 -92.51
N TYR B 152 34.59 129.77 -92.26
CA TYR B 152 35.35 130.82 -91.52
C TYR B 152 35.63 130.35 -90.10
N LEU B 153 34.62 129.79 -89.45
CA LEU B 153 34.74 129.33 -88.04
C LEU B 153 35.67 128.12 -88.03
N LEU B 154 35.71 127.37 -89.12
CA LEU B 154 36.62 126.20 -89.25
C LEU B 154 38.05 126.70 -89.27
N GLU B 155 38.32 127.83 -89.92
CA GLU B 155 39.68 128.39 -90.04
C GLU B 155 40.15 128.98 -88.70
N ARG B 156 39.27 129.64 -87.96
CA ARG B 156 39.65 130.28 -86.67
C ARG B 156 39.99 129.22 -85.62
N LEU B 157 39.21 128.14 -85.57
CA LEU B 157 39.36 127.13 -84.50
C LEU B 157 40.74 126.48 -84.51
N ASN B 158 41.27 126.11 -85.67
CA ASN B 158 42.57 125.39 -85.73
C ASN B 158 43.69 126.32 -85.23
N ASP B 159 43.67 127.59 -85.62
CA ASP B 159 44.73 128.55 -85.23
C ASP B 159 44.72 128.70 -83.71
N ARG B 160 43.55 128.89 -83.11
CA ARG B 160 43.41 129.08 -81.64
C ARG B 160 43.72 127.78 -80.89
N TYR B 161 43.34 126.63 -81.42
CA TYR B 161 43.55 125.33 -80.74
C TYR B 161 44.43 124.49 -81.65
N PRO B 162 45.72 124.83 -81.87
CA PRO B 162 46.56 124.11 -82.84
C PRO B 162 46.69 122.64 -82.45
N LYS B 163 46.81 122.36 -81.16
CA LYS B 163 46.88 120.97 -80.65
C LYS B 163 45.54 120.26 -80.85
N LYS B 164 44.40 120.93 -80.69
CA LYS B 164 43.06 120.28 -80.73
C LYS B 164 42.67 119.87 -82.15
N LEU B 165 41.69 118.97 -82.30
CA LEU B 165 41.27 118.41 -83.62
C LEU B 165 39.81 118.75 -83.89
N VAL B 166 39.41 118.92 -85.16
CA VAL B 166 38.01 119.30 -85.54
C VAL B 166 37.43 118.22 -86.44
N GLN B 167 36.22 117.71 -86.17
CA GLN B 167 35.52 116.69 -87.00
C GLN B 167 34.38 117.45 -87.69
N THR B 168 33.82 116.93 -88.79
CA THR B 168 32.67 117.59 -89.44
C THR B 168 31.65 116.56 -89.87
N TYR B 169 30.44 116.63 -89.33
CA TYR B 169 29.35 115.75 -89.79
C TYR B 169 28.76 116.46 -90.99
N SER B 170 29.54 116.53 -92.06
CA SER B 170 29.12 117.27 -93.27
C SER B 170 27.93 116.55 -93.86
N VAL B 171 26.81 117.23 -94.08
CA VAL B 171 25.65 116.61 -94.79
C VAL B 171 25.83 116.96 -96.27
N PHE B 172 26.87 116.43 -96.93
CA PHE B 172 27.14 116.89 -98.32
C PHE B 172 25.80 116.88 -99.06
N PRO B 173 25.37 117.95 -99.75
CA PRO B 173 24.03 117.99 -100.34
C PRO B 173 23.95 117.50 -101.78
N ASN B 174 23.19 116.44 -102.00
CA ASN B 174 22.93 115.93 -103.37
C ASN B 174 21.42 115.72 -103.42
N GLN B 175 20.70 116.51 -104.20
CA GLN B 175 19.23 116.44 -104.30
C GLN B 175 18.89 116.25 -105.78
N ASP B 176 19.79 115.63 -106.55
CA ASP B 176 19.62 115.44 -108.02
C ASP B 176 19.87 116.78 -108.68
N GLU B 177 20.48 117.74 -107.96
CA GLU B 177 20.73 119.10 -108.48
C GLU B 177 19.38 119.66 -108.97
N ASP B 180 15.89 125.57 -104.29
CA ASP B 180 17.00 125.32 -105.25
C ASP B 180 18.09 126.36 -105.02
N VAL B 181 19.36 126.00 -105.27
CA VAL B 181 20.50 126.96 -105.19
C VAL B 181 21.19 126.88 -106.55
N VAL B 182 21.26 128.00 -107.27
CA VAL B 182 21.90 128.04 -108.61
C VAL B 182 23.40 128.21 -108.38
N VAL B 183 23.78 128.74 -107.21
CA VAL B 183 25.21 128.93 -106.84
C VAL B 183 25.65 127.75 -105.98
N GLN B 184 24.84 126.70 -105.85
CA GLN B 184 25.17 125.60 -104.93
C GLN B 184 26.58 125.08 -105.24
N PRO B 185 27.01 124.81 -106.48
CA PRO B 185 28.34 124.25 -106.71
C PRO B 185 29.42 125.23 -106.25
N TYR B 186 29.25 126.52 -106.49
CA TYR B 186 30.27 127.52 -106.10
C TYR B 186 30.42 127.51 -104.58
N ASN B 187 29.31 127.49 -103.86
CA ASN B 187 29.35 127.55 -102.38
C ASN B 187 30.07 126.30 -101.88
N SER B 188 29.69 125.14 -102.40
CA SER B 188 30.28 123.85 -101.97
C SER B 188 31.76 123.86 -102.34
N LEU B 189 32.11 124.39 -103.50
CA LEU B 189 33.51 124.31 -103.94
C LEU B 189 34.34 124.99 -102.87
N LEU B 190 33.94 126.17 -102.45
CA LEU B 190 34.74 126.95 -101.47
C LEU B 190 34.80 126.19 -100.15
N THR B 191 33.71 125.57 -99.71
CA THR B 191 33.68 124.91 -98.37
C THR B 191 34.74 123.83 -98.32
N LEU B 192 34.85 123.00 -99.37
CA LEU B 192 35.77 121.84 -99.32
C LEU B 192 37.22 122.34 -99.20
N LYS B 193 37.58 123.42 -99.88
CA LYS B 193 39.01 123.86 -99.86
C LYS B 193 39.36 124.11 -98.42
N ARG B 194 38.48 124.81 -97.70
CA ARG B 194 38.71 125.07 -96.26
C ARG B 194 38.72 123.72 -95.56
N LEU B 195 37.76 122.85 -95.88
CA LEU B 195 37.60 121.54 -95.19
C LEU B 195 38.79 120.62 -95.44
N THR B 196 39.37 120.64 -96.64
CA THR B 196 40.42 119.67 -97.05
C THR B 196 41.70 119.91 -96.26
N GLN B 197 41.97 121.14 -95.84
CA GLN B 197 43.25 121.49 -95.15
C GLN B 197 43.04 122.00 -93.72
N ASN B 198 41.85 122.51 -93.35
CA ASN B 198 41.55 123.00 -91.98
C ASN B 198 40.59 122.08 -91.22
N ALA B 199 40.42 120.81 -91.58
CA ALA B 199 39.60 119.83 -90.81
C ALA B 199 40.37 118.54 -90.59
N ASP B 200 40.55 118.12 -89.34
CA ASP B 200 41.29 116.87 -88.99
C ASP B 200 40.52 115.65 -89.49
N CYS B 201 39.18 115.63 -89.37
CA CYS B 201 38.32 114.51 -89.85
C CYS B 201 37.02 115.06 -90.48
N VAL B 202 36.45 114.31 -91.36
CA VAL B 202 35.12 114.68 -91.93
C VAL B 202 34.34 113.38 -92.09
N VAL B 203 32.97 113.34 -91.78
CA VAL B 203 32.11 112.12 -91.99
C VAL B 203 31.10 112.58 -93.04
N VAL B 204 31.06 111.91 -94.18
CA VAL B 204 30.23 112.40 -95.31
C VAL B 204 28.86 111.76 -95.27
N LEU B 205 27.80 112.51 -95.56
CA LEU B 205 26.44 111.95 -95.72
C LEU B 205 25.88 112.56 -97.01
N ASP B 206 24.84 111.96 -97.60
CA ASP B 206 24.29 112.43 -98.91
C ASP B 206 22.77 112.49 -98.85
N ASN B 207 22.17 113.60 -99.25
CA ASN B 207 20.70 113.80 -99.21
C ASN B 207 20.03 112.79 -100.13
N THR B 208 20.54 112.62 -101.36
CA THR B 208 19.98 111.67 -102.34
C THR B 208 20.14 110.24 -101.86
N ALA B 209 21.29 109.89 -101.30
CA ALA B 209 21.58 108.51 -100.87
C ALA B 209 20.55 108.15 -99.80
N LEU B 210 20.34 109.05 -98.85
CA LEU B 210 19.34 108.84 -97.77
C LEU B 210 17.93 108.91 -98.34
N ASN B 211 17.69 109.80 -99.31
CA ASN B 211 16.35 109.94 -99.94
C ASN B 211 16.04 108.61 -100.64
N ARG B 212 17.03 108.01 -101.30
CA ARG B 212 16.88 106.71 -101.99
C ARG B 212 16.58 105.65 -100.93
N ILE B 213 17.25 105.72 -99.78
CA ILE B 213 17.00 104.77 -98.65
C ILE B 213 15.57 104.98 -98.16
N ALA B 214 15.13 106.23 -98.05
CA ALA B 214 13.78 106.58 -97.56
C ALA B 214 12.75 105.99 -98.51
N THR B 215 12.98 106.11 -99.81
CA THR B 215 12.09 105.53 -100.84
C THR B 215 12.13 104.01 -100.66
N ASP B 216 13.31 103.44 -100.38
CA ASP B 216 13.45 101.97 -100.23
C ASP B 216 12.71 101.47 -98.99
N ARG B 217 13.09 101.91 -97.79
CA ARG B 217 12.50 101.40 -96.52
C ARG B 217 11.05 101.86 -96.40
N LEU B 218 10.73 103.08 -96.85
CA LEU B 218 9.38 103.67 -96.65
C LEU B 218 8.85 104.28 -97.95
N HIS B 219 7.59 104.70 -97.95
CA HIS B 219 6.95 105.33 -99.14
C HIS B 219 7.18 106.85 -99.09
N ILE B 220 7.78 107.36 -98.01
CA ILE B 220 7.99 108.82 -97.81
C ILE B 220 8.84 109.34 -98.97
N GLN B 221 8.35 110.33 -99.73
CA GLN B 221 9.11 110.95 -100.85
C GLN B 221 9.10 112.47 -100.70
N ASN B 222 7.92 113.09 -100.63
CA ASN B 222 7.76 114.56 -100.56
C ASN B 222 8.33 115.16 -99.26
N PRO B 223 8.10 114.61 -98.04
CA PRO B 223 8.65 115.19 -96.82
C PRO B 223 10.02 114.56 -96.56
N SER B 224 10.90 114.55 -97.55
CA SER B 224 12.21 113.85 -97.45
C SER B 224 13.03 114.44 -96.29
N PHE B 225 13.10 115.76 -96.10
CA PHE B 225 13.98 116.40 -95.08
C PHE B 225 13.60 116.01 -93.64
N SER B 226 12.31 116.00 -93.28
CA SER B 226 11.88 115.70 -91.89
C SER B 226 12.20 114.26 -91.50
N GLN B 227 11.88 113.30 -92.36
CA GLN B 227 12.10 111.86 -92.07
C GLN B 227 13.59 111.55 -92.08
N ILE B 228 14.34 112.11 -93.05
CA ILE B 228 15.79 111.82 -93.23
C ILE B 228 16.55 112.34 -92.01
N ASN B 229 16.00 113.31 -91.30
CA ASN B 229 16.66 113.81 -90.08
C ASN B 229 16.89 112.62 -89.17
N GLN B 230 15.91 111.72 -89.00
CA GLN B 230 15.99 110.54 -88.10
C GLN B 230 17.13 109.63 -88.59
N LEU B 231 17.26 109.48 -89.91
CA LEU B 231 18.31 108.61 -90.51
C LEU B 231 19.69 109.17 -90.18
N VAL B 232 19.89 110.49 -90.32
CA VAL B 232 21.20 111.15 -90.07
C VAL B 232 21.49 110.97 -88.59
N SER B 233 20.45 111.06 -87.75
CA SER B 233 20.58 110.96 -86.28
C SER B 233 21.03 109.58 -85.85
N THR B 234 20.42 108.54 -86.42
CA THR B 234 20.73 107.18 -85.99
C THR B 234 22.21 106.96 -86.28
N ILE B 235 22.70 107.43 -87.43
CA ILE B 235 24.14 107.31 -87.79
C ILE B 235 24.94 108.13 -86.77
N MET B 236 24.51 109.35 -86.46
CA MET B 236 25.30 110.25 -85.58
C MET B 236 25.40 109.69 -84.16
N SER B 237 24.31 109.23 -83.58
CA SER B 237 24.34 108.68 -82.21
C SER B 237 25.25 107.49 -82.26
N ALA B 238 25.05 106.67 -83.27
CA ALA B 238 25.79 105.41 -83.40
C ALA B 238 27.28 105.64 -83.56
N SER B 239 27.73 106.67 -84.28
CA SER B 239 29.17 106.86 -84.58
C SER B 239 29.96 107.10 -83.29
N THR B 240 29.27 107.53 -82.23
CA THR B 240 29.88 107.92 -80.92
C THR B 240 29.61 106.89 -79.82
N THR B 241 28.79 105.88 -80.04
CA THR B 241 28.34 104.98 -78.94
C THR B 241 29.52 104.30 -78.24
N THR B 242 30.62 103.99 -78.94
CA THR B 242 31.82 103.35 -78.32
C THR B 242 32.49 104.34 -77.35
N LEU B 243 32.33 105.65 -77.52
CA LEU B 243 32.86 106.70 -76.59
C LEU B 243 31.84 106.93 -75.49
N ARG B 244 30.56 107.10 -75.83
CA ARG B 244 29.49 107.42 -74.86
C ARG B 244 29.27 106.26 -73.89
N TYR B 245 29.62 105.00 -74.22
CA TYR B 245 29.52 103.79 -73.33
C TYR B 245 30.91 103.21 -73.18
N PRO B 246 31.47 102.78 -72.01
CA PRO B 246 32.90 102.37 -71.89
C PRO B 246 33.43 100.99 -72.28
N GLY B 247 34.75 100.78 -72.55
CA GLY B 247 35.31 99.44 -72.86
C GLY B 247 36.83 99.38 -72.97
N TYR B 248 37.47 98.22 -73.19
CA TYR B 248 38.95 98.04 -73.17
C TYR B 248 39.67 98.66 -74.36
N MET B 249 39.03 98.89 -75.51
CA MET B 249 39.66 99.51 -76.69
C MET B 249 38.79 100.63 -77.26
N ASN B 250 39.40 101.57 -77.98
CA ASN B 250 38.65 102.64 -78.69
C ASN B 250 37.97 103.59 -77.71
N ASN B 251 38.48 103.67 -76.49
CA ASN B 251 37.90 104.52 -75.42
C ASN B 251 37.69 105.97 -75.84
N ASP B 252 38.72 106.63 -76.35
CA ASP B 252 38.66 108.09 -76.64
C ASP B 252 38.40 108.34 -78.11
N LEU B 253 38.04 109.56 -78.51
CA LEU B 253 37.74 109.89 -79.92
C LEU B 253 38.99 109.67 -80.72
N ILE B 254 40.06 110.41 -80.49
CA ILE B 254 41.25 110.27 -81.36
C ILE B 254 41.63 108.80 -81.50
N GLY B 255 41.65 108.02 -80.41
CA GLY B 255 42.15 106.64 -80.54
C GLY B 255 41.42 105.98 -81.69
N LEU B 256 40.11 106.22 -81.81
CA LEU B 256 39.26 105.69 -82.89
C LEU B 256 39.58 106.40 -84.23
N ILE B 257 39.72 107.72 -84.26
CA ILE B 257 39.90 108.52 -85.52
C ILE B 257 41.11 107.99 -86.31
N ALA B 258 42.21 107.61 -85.68
CA ALA B 258 43.47 107.28 -86.40
C ALA B 258 43.27 106.20 -87.44
N SER B 259 42.59 105.11 -87.11
CA SER B 259 42.44 103.94 -88.02
C SER B 259 41.63 104.31 -89.26
N LEU B 260 40.57 105.07 -89.11
CA LEU B 260 39.66 105.48 -90.20
C LEU B 260 40.36 106.41 -91.22
N ILE B 261 41.27 107.31 -90.81
CA ILE B 261 41.98 108.30 -91.70
C ILE B 261 43.47 107.94 -91.74
N PRO B 262 44.01 107.31 -92.81
CA PRO B 262 45.40 106.88 -92.82
C PRO B 262 46.39 107.91 -93.35
N THR B 263 46.02 108.98 -94.03
CA THR B 263 46.97 110.07 -94.44
C THR B 263 46.22 111.39 -94.40
N PRO B 264 46.75 112.48 -93.82
CA PRO B 264 45.95 113.67 -93.53
C PRO B 264 45.09 114.17 -94.68
N ARG B 265 45.58 114.14 -95.91
CA ARG B 265 44.78 114.58 -97.08
C ARG B 265 43.58 113.62 -97.27
N LEU B 266 43.75 112.30 -97.13
CA LEU B 266 42.67 111.33 -97.38
C LEU B 266 41.86 111.16 -96.11
N HIS B 267 40.85 112.02 -95.87
CA HIS B 267 40.09 112.04 -94.60
C HIS B 267 38.57 112.25 -94.72
N PHE B 268 37.85 111.64 -95.65
CA PHE B 268 36.36 111.73 -95.72
C PHE B 268 35.82 110.32 -95.37
N LEU B 269 34.78 110.14 -94.52
CA LEU B 269 34.37 108.78 -94.09
C LEU B 269 32.96 108.42 -94.58
N MET B 270 32.80 107.25 -95.18
CA MET B 270 31.51 106.75 -95.70
C MET B 270 30.71 106.11 -94.55
N THR B 271 29.38 105.98 -94.65
CA THR B 271 28.52 105.41 -93.58
C THR B 271 27.72 104.21 -94.11
N GLY B 272 27.11 103.40 -93.22
CA GLY B 272 26.24 102.26 -93.57
C GLY B 272 25.57 101.80 -92.28
N TYR B 273 24.41 101.12 -92.29
CA TYR B 273 23.77 100.55 -91.06
C TYR B 273 23.10 99.22 -91.41
N THR B 274 23.41 98.09 -90.75
CA THR B 274 22.90 96.75 -91.16
C THR B 274 21.37 96.70 -91.08
N PRO B 275 20.69 96.95 -89.96
CA PRO B 275 19.23 96.94 -89.99
C PRO B 275 18.80 98.37 -90.24
N LEU B 276 18.84 98.80 -91.50
CA LEU B 276 18.33 100.14 -91.82
C LEU B 276 16.92 100.08 -91.26
N THR B 277 16.26 98.94 -91.44
CA THR B 277 14.94 98.70 -90.81
C THR B 277 15.22 98.03 -89.45
N THR B 278 15.72 98.80 -88.46
CA THR B 278 15.88 98.35 -87.05
C THR B 278 14.66 98.82 -86.24
N ASP B 279 13.81 99.67 -86.83
CA ASP B 279 12.66 100.29 -86.10
C ASP B 279 11.68 99.21 -85.62
N LYS B 287 17.01 85.64 -83.72
CA LYS B 287 18.11 86.62 -83.49
C LYS B 287 18.93 86.76 -84.77
N THR B 288 19.95 87.62 -84.83
CA THR B 288 20.87 87.72 -86.00
C THR B 288 22.30 87.49 -85.51
N THR B 289 23.03 86.54 -86.08
CA THR B 289 24.43 86.21 -85.71
C THR B 289 25.36 87.29 -86.27
N VAL B 290 26.54 87.44 -85.67
CA VAL B 290 27.51 88.46 -86.13
C VAL B 290 27.86 88.14 -87.57
N LEU B 291 27.98 86.87 -87.95
CA LEU B 291 28.42 86.54 -89.33
C LEU B 291 27.45 87.24 -90.27
N ASP B 292 26.16 87.24 -89.94
CA ASP B 292 25.12 87.85 -90.80
C ASP B 292 25.17 89.36 -90.83
N VAL B 293 25.30 90.03 -89.68
CA VAL B 293 25.17 91.52 -89.66
C VAL B 293 26.34 92.14 -90.39
N MET B 294 27.48 91.44 -90.46
CA MET B 294 28.69 91.94 -91.18
C MET B 294 28.45 91.84 -92.67
N ARG B 295 28.03 90.69 -93.16
CA ARG B 295 27.87 90.47 -94.61
C ARG B 295 26.84 91.47 -95.11
N ARG B 296 25.77 91.65 -94.35
CA ARG B 296 24.66 92.53 -94.80
C ARG B 296 25.22 93.92 -95.02
N LEU B 297 26.09 94.38 -94.15
CA LEU B 297 26.63 95.76 -94.20
C LEU B 297 27.45 95.99 -95.47
N LEU B 298 28.29 95.04 -95.88
CA LEU B 298 29.21 95.25 -97.03
C LEU B 298 28.39 95.41 -98.30
N GLN B 299 27.16 94.90 -98.32
CA GLN B 299 26.27 94.99 -99.51
C GLN B 299 25.99 96.47 -99.75
N PRO B 300 25.70 96.94 -100.98
CA PRO B 300 25.56 98.37 -101.21
C PRO B 300 24.20 99.00 -100.88
N LYS B 301 23.14 98.23 -100.62
CA LYS B 301 21.83 98.81 -100.20
C LYS B 301 22.03 99.39 -98.80
N ASN B 302 22.73 98.67 -97.91
CA ASN B 302 23.04 99.12 -96.53
C ASN B 302 23.94 100.37 -96.55
N VAL B 303 24.72 100.63 -97.60
CA VAL B 303 25.54 101.90 -97.70
C VAL B 303 24.62 103.11 -97.94
N MET B 304 24.92 104.30 -97.40
CA MET B 304 24.12 105.54 -97.41
C MET B 304 24.84 106.66 -98.18
N VAL B 305 25.76 106.34 -99.08
CA VAL B 305 26.49 107.31 -99.94
C VAL B 305 26.10 106.96 -101.37
N SER B 306 25.92 107.92 -102.29
CA SER B 306 25.38 107.64 -103.65
C SER B 306 26.46 107.57 -104.74
N THR B 313 38.40 102.18 -114.46
CA THR B 313 39.41 102.40 -113.39
C THR B 313 39.00 101.57 -112.18
N ASN B 314 39.94 100.86 -111.57
CA ASN B 314 39.69 100.05 -110.36
C ASN B 314 39.31 101.02 -109.26
N HIS B 315 38.52 100.61 -108.27
CA HIS B 315 38.22 101.47 -107.09
C HIS B 315 38.30 100.56 -105.88
N CYS B 316 38.77 101.07 -104.75
CA CYS B 316 38.98 100.25 -103.55
C CYS B 316 38.95 101.04 -102.24
N TYR B 317 38.42 100.44 -101.15
CA TYR B 317 38.42 101.05 -99.80
C TYR B 317 39.87 101.21 -99.34
N ILE B 318 40.21 102.14 -98.43
CA ILE B 318 41.60 102.32 -97.92
C ILE B 318 41.72 101.59 -96.59
N ALA B 319 40.71 101.61 -95.73
CA ALA B 319 40.69 100.83 -94.47
C ALA B 319 39.24 100.82 -93.98
N ILE B 320 38.74 99.73 -93.38
CA ILE B 320 37.30 99.64 -93.00
C ILE B 320 37.26 99.37 -91.52
N LEU B 321 36.22 99.86 -90.86
CA LEU B 321 36.01 99.58 -89.40
C LEU B 321 34.52 99.30 -89.19
N ASN B 322 34.11 98.49 -88.19
CA ASN B 322 32.68 98.23 -87.87
C ASN B 322 32.45 98.18 -86.37
N ILE B 323 31.29 98.65 -85.88
CA ILE B 323 30.92 98.59 -84.43
C ILE B 323 29.55 97.94 -84.34
N ILE B 324 29.34 96.98 -83.45
CA ILE B 324 28.06 96.23 -83.30
C ILE B 324 27.51 96.41 -81.88
N GLN B 325 26.23 96.75 -81.72
CA GLN B 325 25.61 96.93 -80.38
C GLN B 325 24.37 96.05 -80.25
N GLY B 326 24.56 94.91 -79.58
CA GLY B 326 23.40 94.04 -79.32
C GLY B 326 23.78 92.78 -78.59
N GLU B 327 22.92 91.76 -78.64
CA GLU B 327 23.17 90.50 -77.93
C GLU B 327 24.14 89.69 -78.77
N VAL B 328 25.21 90.32 -79.27
CA VAL B 328 26.23 89.62 -80.07
C VAL B 328 26.84 88.63 -79.09
N ASP B 329 27.13 87.42 -79.53
CA ASP B 329 27.86 86.47 -78.67
C ASP B 329 29.28 86.97 -78.85
N PRO B 330 29.95 87.58 -77.85
CA PRO B 330 31.27 88.14 -78.09
C PRO B 330 32.35 87.09 -78.40
N THR B 331 32.22 85.85 -77.94
CA THR B 331 33.27 84.82 -78.11
C THR B 331 33.53 84.49 -79.57
N GLN B 332 32.51 84.45 -80.42
CA GLN B 332 32.63 84.02 -81.84
C GLN B 332 32.84 85.21 -82.81
N VAL B 333 33.08 86.46 -82.39
CA VAL B 333 33.36 87.57 -83.35
C VAL B 333 34.74 87.37 -83.97
N HIS B 334 35.53 86.35 -83.60
CA HIS B 334 36.80 86.02 -84.29
C HIS B 334 36.53 85.01 -85.39
N LYS B 335 35.77 83.95 -85.06
CA LYS B 335 35.51 82.85 -86.02
C LYS B 335 34.83 83.54 -87.19
N SER B 336 33.98 84.52 -86.92
CA SER B 336 33.24 85.19 -87.99
C SER B 336 34.24 85.74 -88.98
N LEU B 337 35.29 86.43 -88.50
CA LEU B 337 36.24 87.16 -89.38
C LEU B 337 37.00 86.21 -90.30
N GLN B 338 37.27 84.99 -89.86
CA GLN B 338 38.03 84.00 -90.68
C GLN B 338 37.21 83.72 -91.95
N ARG B 339 35.89 83.55 -91.83
CA ARG B 339 35.00 83.22 -92.98
C ARG B 339 34.95 84.39 -93.97
N ILE B 340 34.86 85.64 -93.49
CA ILE B 340 34.77 86.86 -94.35
C ILE B 340 36.06 86.98 -95.18
N ARG B 341 37.22 86.74 -94.56
CA ARG B 341 38.54 86.86 -95.25
C ARG B 341 38.63 85.83 -96.38
N GLU B 342 38.19 84.58 -96.14
CA GLU B 342 38.25 83.49 -97.16
C GLU B 342 37.27 83.79 -98.30
N ARG B 343 36.10 84.37 -98.02
CA ARG B 343 35.07 84.71 -99.04
C ARG B 343 35.63 85.75 -100.02
N LYS B 344 36.67 86.50 -99.66
CA LYS B 344 37.27 87.59 -100.48
C LYS B 344 36.15 88.53 -100.88
N LEU B 345 35.31 88.94 -99.92
CA LEU B 345 34.17 89.84 -100.18
C LEU B 345 34.66 91.27 -100.29
N ALA B 346 35.90 91.57 -99.88
CA ALA B 346 36.46 92.95 -99.89
C ALA B 346 37.85 93.05 -100.54
N ASN B 347 38.19 94.15 -101.23
CA ASN B 347 39.48 94.34 -101.94
C ASN B 347 40.52 95.19 -101.19
N PHE B 348 40.15 96.30 -100.52
CA PHE B 348 41.07 97.21 -99.76
C PHE B 348 42.18 97.78 -100.66
N ILE B 349 43.42 98.04 -100.20
CA ILE B 349 44.47 98.79 -100.97
C ILE B 349 45.76 97.98 -101.19
N PRO B 350 46.41 98.01 -102.39
CA PRO B 350 47.69 97.31 -102.63
C PRO B 350 48.97 97.90 -101.99
N TRP B 351 49.10 99.23 -101.89
CA TRP B 351 50.25 99.91 -101.23
C TRP B 351 50.23 99.63 -99.73
N GLY B 352 51.09 98.75 -99.21
CA GLY B 352 51.18 98.54 -97.75
C GLY B 352 50.09 97.66 -97.18
N PRO B 353 49.93 97.57 -95.84
CA PRO B 353 48.92 96.73 -95.20
C PRO B 353 47.68 97.42 -94.62
N ALA B 354 46.49 96.86 -94.82
CA ALA B 354 45.23 97.34 -94.22
C ALA B 354 44.43 96.08 -93.85
N SER B 355 43.37 96.18 -93.04
CA SER B 355 42.56 95.00 -92.62
C SER B 355 41.19 95.39 -92.08
N ILE B 356 40.29 94.41 -91.93
CA ILE B 356 38.91 94.65 -91.42
C ILE B 356 39.04 94.68 -89.91
N GLN B 357 38.33 95.56 -89.21
CA GLN B 357 38.55 95.68 -87.76
C GLN B 357 37.19 95.51 -87.08
N VAL B 358 37.04 94.55 -86.16
CA VAL B 358 35.77 94.24 -85.46
C VAL B 358 35.78 94.95 -84.12
N ALA B 359 34.72 95.67 -83.80
CA ALA B 359 34.59 96.39 -82.51
C ALA B 359 33.21 96.07 -81.96
N LEU B 360 32.97 96.09 -80.65
CA LEU B 360 31.66 95.65 -80.07
C LEU B 360 31.27 96.59 -78.93
N SER B 361 29.98 96.89 -78.74
CA SER B 361 29.46 97.84 -77.71
C SER B 361 28.16 97.32 -77.13
N ARG B 362 27.63 97.99 -76.10
CA ARG B 362 26.41 97.56 -75.42
C ARG B 362 25.24 98.37 -75.93
N LYS B 363 24.18 97.80 -76.44
CA LYS B 363 23.03 98.66 -76.79
C LYS B 363 22.56 99.13 -75.43
N SER B 364 21.92 100.29 -75.33
CA SER B 364 21.54 100.87 -74.02
C SER B 364 20.30 100.17 -73.47
N PRO B 365 20.06 100.14 -72.15
CA PRO B 365 18.84 99.59 -71.61
C PRO B 365 17.81 100.73 -71.67
N TYR B 366 16.64 100.55 -71.05
CA TYR B 366 15.55 101.57 -71.02
C TYR B 366 14.86 101.66 -72.39
N LEU B 367 15.59 102.02 -73.43
CA LEU B 367 14.97 102.19 -74.77
C LEU B 367 14.70 100.79 -75.33
N PRO B 368 13.72 100.60 -76.24
CA PRO B 368 13.39 99.26 -76.69
C PRO B 368 14.62 98.72 -77.41
N SER B 369 15.08 97.56 -76.97
CA SER B 369 16.25 96.93 -77.62
C SER B 369 15.73 95.96 -78.71
N ALA B 370 14.58 96.20 -79.38
CA ALA B 370 14.07 95.39 -80.52
C ALA B 370 15.15 95.46 -81.58
N HIS B 371 15.37 94.40 -82.37
CA HIS B 371 16.53 94.34 -83.28
C HIS B 371 17.71 94.57 -82.36
N ARG B 372 17.82 93.72 -81.36
CA ARG B 372 18.84 93.94 -80.31
C ARG B 372 20.15 94.12 -81.06
N VAL B 373 20.43 93.27 -82.04
CA VAL B 373 21.70 93.36 -82.80
C VAL B 373 21.43 94.35 -83.93
N SER B 374 22.27 95.37 -84.08
CA SER B 374 22.12 96.42 -85.09
C SER B 374 23.45 97.14 -85.25
N GLY B 375 24.12 96.99 -86.38
CA GLY B 375 25.49 97.53 -86.55
C GLY B 375 25.61 98.75 -87.44
N LEU B 376 26.80 99.37 -87.48
CA LEU B 376 27.12 100.53 -88.36
C LEU B 376 28.54 100.34 -88.87
N MET B 377 28.93 100.91 -90.01
CA MET B 377 30.34 100.85 -90.46
C MET B 377 30.79 102.24 -90.87
N MET B 378 32.02 102.62 -90.53
CA MET B 378 32.64 103.91 -90.97
C MET B 378 33.86 103.49 -91.78
N ALA B 379 34.00 103.91 -93.04
CA ALA B 379 35.11 103.44 -93.90
C ALA B 379 35.66 104.54 -94.79
N ASN B 380 36.95 104.45 -95.14
CA ASN B 380 37.61 105.41 -96.06
C ASN B 380 37.51 104.76 -97.42
N HIS B 381 36.69 105.30 -98.33
CA HIS B 381 36.45 104.69 -99.66
C HIS B 381 36.77 105.70 -100.77
N THR B 382 37.44 105.31 -101.85
CA THR B 382 37.82 106.20 -102.97
C THR B 382 36.62 106.53 -103.84
N SER B 383 35.49 105.86 -103.66
CA SER B 383 34.25 106.15 -104.43
C SER B 383 33.78 107.57 -104.10
N ILE B 384 33.97 108.03 -102.86
CA ILE B 384 33.45 109.38 -102.42
C ILE B 384 34.12 110.46 -103.28
N SER B 385 35.27 110.16 -103.88
CA SER B 385 35.95 111.11 -104.79
C SER B 385 34.99 111.46 -105.91
N SER B 386 34.23 110.50 -106.38
CA SER B 386 33.29 110.70 -107.50
C SER B 386 32.24 111.76 -107.12
N LEU B 387 31.73 111.73 -105.90
CA LEU B 387 30.73 112.74 -105.46
C LEU B 387 31.36 114.13 -105.48
N PHE B 388 32.62 114.24 -105.05
CA PHE B 388 33.33 115.55 -105.05
C PHE B 388 33.48 116.03 -106.49
N GLU B 389 33.84 115.14 -107.42
CA GLU B 389 34.07 115.52 -108.83
C GLU B 389 32.77 115.99 -109.48
N ARG B 390 31.60 115.44 -109.10
CA ARG B 390 30.28 115.81 -109.69
C ARG B 390 29.93 117.27 -109.40
N THR B 391 30.17 117.75 -108.18
CA THR B 391 29.96 119.19 -107.86
C THR B 391 31.04 119.99 -108.59
N CYS B 392 32.27 119.47 -108.69
CA CYS B 392 33.38 120.13 -109.42
C CYS B 392 33.00 120.16 -110.91
N ARG B 393 32.29 119.15 -111.40
CA ARG B 393 31.80 119.11 -112.80
C ARG B 393 30.71 120.17 -112.96
N GLN B 394 29.77 120.26 -112.02
CA GLN B 394 28.70 121.25 -112.18
C GLN B 394 29.39 122.61 -112.18
N TYR B 395 30.33 122.83 -111.25
CA TYR B 395 31.02 124.14 -111.09
C TYR B 395 31.82 124.47 -112.34
N ASP B 396 32.54 123.51 -112.89
CA ASP B 396 33.40 123.77 -114.06
C ASP B 396 32.48 124.21 -115.19
N LYS B 397 31.36 123.51 -115.37
CA LYS B 397 30.38 123.87 -116.43
C LYS B 397 29.86 125.27 -116.11
N LEU B 398 29.50 125.51 -114.85
CA LEU B 398 28.94 126.81 -114.41
C LEU B 398 29.97 127.90 -114.52
N ARG B 399 31.25 127.62 -114.28
CA ARG B 399 32.32 128.65 -114.28
C ARG B 399 32.48 129.21 -115.68
N LYS B 400 32.46 128.33 -116.70
CA LYS B 400 32.65 128.76 -118.10
C LYS B 400 31.50 129.71 -118.45
N ARG B 401 30.27 129.30 -118.15
CA ARG B 401 29.07 130.10 -118.49
C ARG B 401 29.14 131.40 -117.69
N GLU B 402 29.60 131.32 -116.44
CA GLU B 402 29.59 132.52 -115.54
C GLU B 402 28.12 132.91 -115.40
N ALA B 403 27.22 131.93 -115.50
CA ALA B 403 25.78 132.21 -115.45
C ALA B 403 25.43 132.80 -114.09
N PHE B 404 26.06 132.28 -113.02
CA PHE B 404 25.70 132.76 -111.67
C PHE B 404 26.98 133.19 -110.95
N LEU B 405 27.54 134.32 -111.37
CA LEU B 405 28.73 134.87 -110.68
C LEU B 405 28.20 135.67 -109.49
N GLU B 406 26.86 135.76 -109.37
CA GLU B 406 26.20 136.56 -108.29
C GLU B 406 26.45 138.03 -108.60
N GLN B 407 27.74 138.39 -108.72
CA GLN B 407 28.12 139.80 -108.98
C GLN B 407 27.36 140.66 -107.97
N PHE B 408 26.78 140.01 -106.96
CA PHE B 408 26.15 140.81 -105.89
C PHE B 408 27.29 141.62 -105.31
N ARG B 409 27.05 142.85 -104.87
CA ARG B 409 28.16 143.73 -104.44
C ARG B 409 28.89 143.01 -103.30
N LYS B 410 28.17 142.35 -102.39
CA LYS B 410 28.83 141.54 -101.35
C LYS B 410 29.78 140.57 -102.05
N GLU B 411 29.31 139.82 -103.03
CA GLU B 411 30.13 138.77 -103.70
C GLU B 411 31.33 139.40 -104.42
N ASP B 412 31.11 140.46 -105.19
CA ASP B 412 32.21 141.10 -105.97
C ASP B 412 33.17 141.83 -105.02
N MET B 413 32.65 142.61 -104.08
CA MET B 413 33.51 143.42 -103.16
C MET B 413 34.30 142.46 -102.28
N PHE B 414 33.67 141.41 -101.77
CA PHE B 414 34.37 140.38 -100.95
C PHE B 414 35.40 139.69 -101.85
N LYS B 415 35.02 139.35 -103.08
CA LYS B 415 35.91 138.62 -104.02
C LYS B 415 35.89 139.27 -105.40
N ASP B 416 36.70 140.33 -105.60
CA ASP B 416 36.81 141.02 -106.91
C ASP B 416 37.60 140.11 -107.86
N ASN B 417 38.72 139.54 -107.40
CA ASN B 417 39.56 138.64 -108.23
C ASN B 417 38.78 137.37 -108.58
N PHE B 418 37.95 136.85 -107.67
CA PHE B 418 37.20 135.58 -107.86
C PHE B 418 38.23 134.45 -107.98
N ASP B 419 39.41 134.61 -107.38
CA ASP B 419 40.52 133.61 -107.51
C ASP B 419 40.55 132.61 -106.36
N GLU B 420 39.78 132.80 -105.28
CA GLU B 420 39.67 131.78 -104.21
C GLU B 420 38.95 130.57 -104.79
N MET B 421 38.03 130.80 -105.72
CA MET B 421 37.29 129.71 -106.38
C MET B 421 38.31 128.89 -107.18
N ASP B 422 39.23 129.56 -107.89
CA ASP B 422 40.30 128.86 -108.66
C ASP B 422 41.29 128.22 -107.68
N THR B 423 41.61 128.87 -106.55
CA THR B 423 42.50 128.29 -105.53
C THR B 423 41.80 127.04 -105.01
N SER B 424 40.50 127.11 -104.79
CA SER B 424 39.71 125.97 -104.31
C SER B 424 39.70 124.88 -105.37
N ARG B 425 39.59 125.27 -106.64
CA ARG B 425 39.49 124.29 -107.75
C ARG B 425 40.78 123.47 -107.82
N GLU B 426 41.96 124.09 -107.71
CA GLU B 426 43.25 123.36 -107.75
C GLU B 426 43.37 122.47 -106.49
N ILE B 427 42.97 122.95 -105.31
CA ILE B 427 43.11 122.17 -104.06
C ILE B 427 42.23 120.93 -104.19
N VAL B 428 40.97 121.09 -104.56
CA VAL B 428 40.01 119.95 -104.66
C VAL B 428 40.47 119.02 -105.77
N GLN B 429 41.03 119.54 -106.87
CA GLN B 429 41.57 118.71 -107.97
C GLN B 429 42.76 117.92 -107.44
N GLN B 430 43.59 118.52 -106.60
CA GLN B 430 44.71 117.79 -105.96
C GLN B 430 44.09 116.64 -105.17
N LEU B 431 43.01 116.91 -104.42
CA LEU B 431 42.29 115.88 -103.62
C LEU B 431 41.73 114.83 -104.58
N ILE B 432 41.12 115.22 -105.71
CA ILE B 432 40.52 114.25 -106.66
C ILE B 432 41.67 113.39 -107.16
N ASP B 433 42.79 114.01 -107.47
CA ASP B 433 43.99 113.30 -107.97
C ASP B 433 44.53 112.38 -106.88
N GLU B 434 44.60 112.87 -105.65
CA GLU B 434 45.25 112.13 -104.54
C GLU B 434 44.47 110.85 -104.31
N TYR B 435 43.14 110.91 -104.39
CA TYR B 435 42.29 109.72 -104.19
C TYR B 435 42.69 108.68 -105.21
N HIS B 436 42.65 109.02 -106.49
CA HIS B 436 42.91 108.02 -107.56
C HIS B 436 44.33 107.51 -107.41
N ALA B 437 45.25 108.33 -106.91
CA ALA B 437 46.65 107.90 -106.67
C ALA B 437 46.60 106.81 -105.61
N ALA B 438 45.74 106.91 -104.61
CA ALA B 438 45.60 105.86 -103.58
C ALA B 438 45.24 104.54 -104.23
N THR B 439 44.34 104.57 -105.23
CA THR B 439 43.94 103.33 -105.94
C THR B 439 45.18 102.70 -106.56
N ARG B 440 46.11 103.50 -107.05
CA ARG B 440 47.30 102.98 -107.75
C ARG B 440 48.13 102.11 -106.81
N PRO B 441 49.14 101.40 -107.32
CA PRO B 441 50.09 100.68 -106.47
C PRO B 441 51.17 101.55 -105.79
N ASP B 442 51.38 102.81 -106.20
CA ASP B 442 52.50 103.65 -105.67
C ASP B 442 52.04 104.93 -104.97
N TYR B 443 51.31 104.85 -103.87
CA TYR B 443 51.07 106.01 -102.99
C TYR B 443 52.36 105.99 -102.17
N ILE B 444 53.22 104.97 -102.34
CA ILE B 444 54.54 104.85 -101.67
C ILE B 444 55.37 106.02 -102.16
N SER B 445 55.24 106.41 -103.43
CA SER B 445 55.88 107.63 -103.99
C SER B 445 54.91 108.77 -103.68
N TRP B 446 55.21 110.01 -104.03
CA TRP B 446 54.35 111.16 -103.65
C TRP B 446 52.94 110.93 -104.21
N GLY B 447 51.90 111.43 -103.54
CA GLY B 447 50.51 111.36 -104.02
C GLY B 447 49.97 112.72 -104.37
N GLN C 6 20.23 -39.54 18.20
CA GLN C 6 19.19 -39.49 19.27
C GLN C 6 18.88 -40.90 19.77
N LYS C 7 19.58 -41.92 19.29
CA LYS C 7 19.16 -43.30 19.66
C LYS C 7 19.16 -43.50 21.18
N SER C 8 20.25 -43.12 21.87
CA SER C 8 20.36 -43.27 23.35
C SER C 8 19.07 -42.89 24.10
N PRO C 9 18.64 -43.67 25.12
CA PRO C 9 17.36 -43.41 25.82
C PRO C 9 17.08 -41.99 26.33
N ASN C 10 17.99 -41.46 27.13
CA ASN C 10 17.66 -40.15 27.76
C ASN C 10 17.31 -39.15 26.65
N VAL C 11 18.19 -38.97 25.65
CA VAL C 11 17.96 -37.97 24.58
C VAL C 11 16.48 -37.97 24.15
N LEU C 12 15.83 -39.13 24.03
CA LEU C 12 14.47 -39.20 23.43
C LEU C 12 13.49 -38.39 24.26
N LEU C 13 13.56 -38.55 25.57
CA LEU C 13 12.60 -37.94 26.52
C LEU C 13 12.61 -36.45 26.32
N GLN C 14 13.80 -35.85 26.20
CA GLN C 14 13.78 -34.40 25.99
C GLN C 14 12.75 -34.15 24.89
N ASN C 15 12.87 -34.77 23.71
CA ASN C 15 11.97 -34.56 22.53
C ASN C 15 10.54 -34.94 22.90
N LEU C 16 10.37 -36.07 23.60
CA LEU C 16 9.03 -36.58 24.05
C LEU C 16 8.42 -35.48 24.90
N CYS C 17 9.18 -35.04 25.92
CA CYS C 17 8.71 -33.99 26.84
C CYS C 17 8.38 -32.75 26.03
N CYS C 18 9.32 -32.24 25.23
CA CYS C 18 9.09 -30.96 24.53
C CYS C 18 7.86 -30.85 23.63
N ARG C 19 7.44 -31.97 23.00
CA ARG C 19 6.14 -32.03 22.25
C ARG C 19 4.82 -32.32 23.03
N ILE C 20 4.97 -33.15 24.07
CA ILE C 20 3.83 -33.49 24.99
C ILE C 20 3.58 -32.12 25.62
N LEU C 21 4.62 -31.51 26.18
CA LEU C 21 4.51 -30.16 26.81
C LEU C 21 4.81 -29.16 25.68
N GLY C 22 3.80 -28.46 25.20
CA GLY C 22 4.04 -27.67 23.97
C GLY C 22 4.80 -26.41 24.27
N ARG C 23 6.11 -26.53 24.55
CA ARG C 23 6.95 -25.35 24.88
C ARG C 23 8.31 -25.42 24.18
N SER C 24 9.25 -24.59 24.63
CA SER C 24 10.61 -24.46 24.02
C SER C 24 11.59 -25.53 24.52
N GLU C 25 12.75 -25.66 23.87
CA GLU C 25 13.72 -26.76 24.12
C GLU C 25 14.31 -26.81 25.53
N ALA C 26 14.80 -25.68 26.06
CA ALA C 26 15.51 -25.66 27.36
C ALA C 26 14.55 -25.19 28.43
N ASP C 27 13.48 -24.48 28.05
CA ASP C 27 12.51 -23.92 29.02
C ASP C 27 11.84 -25.00 29.88
N VAL C 28 11.46 -26.13 29.31
CA VAL C 28 10.67 -27.15 30.08
C VAL C 28 11.45 -27.92 31.16
N ALA C 29 12.75 -27.70 31.33
CA ALA C 29 13.58 -28.57 32.20
C ALA C 29 13.01 -28.76 33.60
N GLN C 30 12.40 -27.73 34.18
CA GLN C 30 11.96 -27.90 35.59
C GLN C 30 11.03 -29.10 35.66
N GLN C 31 9.97 -29.16 34.84
CA GLN C 31 9.03 -30.32 34.80
C GLN C 31 9.83 -31.48 34.22
N PHE C 32 10.71 -31.26 33.23
CA PHE C 32 11.46 -32.35 32.55
C PHE C 32 12.11 -33.19 33.66
N GLN C 33 12.60 -32.49 34.67
CA GLN C 33 13.25 -33.17 35.80
C GLN C 33 12.33 -34.23 36.38
N TYR C 34 11.00 -34.00 36.36
CA TYR C 34 10.03 -35.02 36.83
C TYR C 34 10.41 -36.41 36.34
N ALA C 35 10.45 -36.60 35.03
CA ALA C 35 10.65 -37.93 34.43
C ALA C 35 12.00 -38.53 34.78
N VAL C 36 13.02 -37.71 34.89
CA VAL C 36 14.39 -38.28 35.03
C VAL C 36 14.38 -39.21 36.23
N ARG C 37 13.78 -38.78 37.34
CA ARG C 37 13.83 -39.59 38.57
C ARG C 37 13.01 -40.87 38.43
N VAL C 38 11.76 -40.77 37.95
CA VAL C 38 10.85 -41.94 37.93
C VAL C 38 11.31 -42.96 36.90
N ILE C 39 11.68 -42.52 35.70
CA ILE C 39 12.05 -43.47 34.62
C ILE C 39 13.31 -44.19 35.08
N GLY C 40 14.22 -43.45 35.71
CA GLY C 40 15.47 -44.02 36.21
C GLY C 40 15.15 -45.03 37.28
N SER C 41 14.17 -44.72 38.12
CA SER C 41 13.80 -45.60 39.26
C SER C 41 13.65 -47.05 38.78
N ASN C 42 13.07 -47.27 37.62
CA ASN C 42 12.75 -48.64 37.11
C ASN C 42 13.09 -48.80 35.62
N PHE C 43 13.95 -49.77 35.27
CA PHE C 43 14.35 -50.05 33.86
C PHE C 43 14.09 -51.53 33.53
N ALA C 44 14.58 -52.46 34.39
CA ALA C 44 14.47 -53.93 34.21
C ALA C 44 13.12 -54.42 34.73
N PRO C 45 12.12 -54.63 33.84
CA PRO C 45 10.79 -55.02 34.27
C PRO C 45 10.76 -56.26 35.16
N THR C 46 9.84 -56.28 36.13
CA THR C 46 9.70 -57.44 37.04
C THR C 46 8.48 -58.32 36.75
N VAL C 47 7.87 -58.15 35.58
CA VAL C 47 6.64 -58.90 35.20
C VAL C 47 7.10 -59.65 33.97
N GLU C 48 6.83 -60.95 33.86
CA GLU C 48 7.38 -61.76 32.73
C GLU C 48 6.79 -61.49 31.35
N ARG C 49 7.38 -62.01 30.27
CA ARG C 49 6.84 -61.78 28.89
C ARG C 49 5.80 -62.72 28.28
N ASP C 50 4.63 -62.18 27.87
CA ASP C 50 3.51 -62.97 27.28
C ASP C 50 2.51 -61.98 26.67
N GLU C 51 2.44 -61.89 25.34
CA GLU C 51 1.53 -60.96 24.62
C GLU C 51 0.08 -61.38 24.80
N PHE C 52 -0.19 -62.68 24.88
CA PHE C 52 -1.58 -63.18 24.89
C PHE C 52 -2.33 -62.50 26.02
N LEU C 53 -1.74 -62.38 27.19
CA LEU C 53 -2.50 -61.82 28.33
C LEU C 53 -2.89 -60.42 27.92
N VAL C 54 -1.96 -59.66 27.37
CA VAL C 54 -2.25 -58.25 27.03
C VAL C 54 -3.36 -58.27 25.99
N ALA C 55 -3.28 -59.20 25.04
CA ALA C 55 -4.28 -59.27 23.96
C ALA C 55 -5.63 -59.56 24.57
N GLU C 56 -5.68 -60.51 25.50
CA GLU C 56 -6.95 -60.95 26.11
C GLU C 56 -7.51 -59.79 26.90
N LYS C 57 -6.66 -58.88 27.36
CA LYS C 57 -7.15 -57.80 28.22
C LYS C 57 -7.91 -56.87 27.31
N ILE C 58 -7.34 -56.31 26.25
CA ILE C 58 -7.99 -55.32 25.34
C ILE C 58 -9.28 -55.81 24.70
N LYS C 59 -9.43 -57.10 24.44
CA LYS C 59 -10.76 -57.55 23.96
C LYS C 59 -11.75 -57.35 25.12
N LYS C 60 -11.42 -57.85 26.32
CA LYS C 60 -12.40 -57.76 27.43
C LYS C 60 -12.69 -56.29 27.59
N GLU C 61 -11.65 -55.49 27.70
CA GLU C 61 -11.93 -54.07 27.96
C GLU C 61 -12.79 -53.69 26.78
N LEU C 62 -12.39 -54.03 25.57
CA LEU C 62 -13.18 -53.49 24.44
C LEU C 62 -14.63 -53.96 24.47
N ILE C 63 -14.88 -55.22 24.81
CA ILE C 63 -16.24 -55.81 24.82
C ILE C 63 -17.25 -55.20 25.80
N ARG C 64 -16.90 -54.85 27.03
CA ARG C 64 -17.94 -54.34 27.96
C ARG C 64 -18.34 -52.88 27.63
N GLN C 65 -17.88 -52.35 26.50
CA GLN C 65 -18.13 -50.91 26.19
C GLN C 65 -19.09 -50.74 24.99
N ARG C 66 -19.87 -51.77 24.66
CA ARG C 66 -20.86 -51.72 23.55
C ARG C 66 -20.15 -51.62 22.19
N ARG C 67 -18.89 -52.03 22.13
CA ARG C 67 -18.09 -51.99 20.87
C ARG C 67 -17.46 -53.38 20.67
N GLU C 68 -18.24 -54.35 20.18
CA GLU C 68 -17.68 -55.75 20.14
C GLU C 68 -17.09 -56.32 18.84
N ALA C 69 -17.35 -55.71 17.68
CA ALA C 69 -16.69 -56.13 16.41
C ALA C 69 -15.18 -55.95 16.57
N ASP C 70 -14.81 -54.89 17.28
CA ASP C 70 -13.40 -54.50 17.45
C ASP C 70 -12.68 -55.54 18.28
N ALA C 71 -13.42 -56.44 18.96
CA ALA C 71 -12.81 -57.57 19.72
C ALA C 71 -12.02 -58.54 18.84
N ALA C 72 -12.35 -58.48 17.54
CA ALA C 72 -11.66 -59.25 16.50
C ALA C 72 -10.93 -58.28 15.55
N LEU C 73 -11.39 -57.06 15.37
CA LEU C 73 -10.62 -56.11 14.52
C LEU C 73 -9.27 -55.97 15.19
N PHE C 74 -9.25 -55.88 16.51
CA PHE C 74 -7.99 -55.80 17.26
C PHE C 74 -7.21 -57.06 16.96
N SER C 75 -7.89 -58.21 16.96
CA SER C 75 -7.21 -59.51 16.73
C SER C 75 -6.57 -59.49 15.36
N GLU C 76 -7.26 -58.97 14.37
CA GLU C 76 -6.74 -59.00 12.98
C GLU C 76 -5.48 -58.16 12.98
N LEU C 77 -5.50 -57.01 13.63
CA LEU C 77 -4.33 -56.12 13.71
C LEU C 77 -3.23 -56.81 14.51
N HIS C 78 -3.56 -57.53 15.57
CA HIS C 78 -2.57 -58.15 16.48
C HIS C 78 -1.70 -59.16 15.72
N ARG C 79 -2.20 -59.70 14.63
CA ARG C 79 -1.42 -60.70 13.82
C ARG C 79 -0.72 -59.91 12.70
N LYS C 80 -1.33 -58.86 12.14
CA LYS C 80 -0.65 -58.05 11.10
C LYS C 80 0.76 -57.65 11.53
N LEU C 81 0.92 -57.14 12.76
CA LEU C 81 2.24 -56.70 13.30
C LEU C 81 3.11 -57.95 13.48
N HIS C 82 2.48 -59.05 13.92
CA HIS C 82 3.21 -60.31 14.17
C HIS C 82 3.84 -60.74 12.87
N SER C 83 3.23 -60.40 11.73
CA SER C 83 3.77 -60.75 10.39
C SER C 83 5.08 -60.00 10.15
N GLN C 84 5.17 -58.73 10.53
CA GLN C 84 6.36 -57.87 10.29
C GLN C 84 7.32 -57.97 11.49
N GLY C 85 8.37 -57.13 11.59
CA GLY C 85 9.39 -57.20 12.67
C GLY C 85 9.34 -56.05 13.68
N VAL C 86 9.04 -56.31 14.96
CA VAL C 86 9.06 -55.30 16.07
C VAL C 86 10.00 -55.81 17.17
N LEU C 87 10.80 -56.84 16.93
CA LEU C 87 11.85 -57.33 17.86
C LEU C 87 11.37 -57.72 19.26
N LYS C 88 10.22 -58.38 19.40
CA LYS C 88 9.76 -58.93 20.71
C LYS C 88 9.46 -57.82 21.72
N ASN C 89 9.11 -56.63 21.26
CA ASN C 89 8.65 -55.52 22.15
C ASN C 89 7.14 -55.43 22.01
N LYS C 90 6.51 -56.43 21.39
CA LYS C 90 5.05 -56.38 21.12
C LYS C 90 4.32 -56.25 22.45
N TRP C 91 4.74 -56.96 23.49
CA TRP C 91 4.03 -56.92 24.80
C TRP C 91 4.18 -55.52 25.36
N SER C 92 5.38 -54.96 25.33
CA SER C 92 5.64 -53.65 25.96
C SER C 92 4.90 -52.54 25.24
N ILE C 93 4.94 -52.48 23.91
CA ILE C 93 4.13 -51.48 23.16
C ILE C 93 2.80 -52.18 23.14
N LEU C 94 1.65 -51.57 22.76
CA LEU C 94 0.28 -52.14 22.87
C LEU C 94 -0.14 -52.12 24.35
N TYR C 95 0.67 -52.69 25.26
CA TYR C 95 0.33 -52.61 26.70
C TYR C 95 0.28 -51.14 27.06
N LEU C 96 1.34 -50.43 26.71
CA LEU C 96 1.37 -48.98 26.94
C LEU C 96 0.05 -48.40 26.40
N LEU C 97 -0.24 -48.59 25.12
CA LEU C 97 -1.41 -48.01 24.43
C LEU C 97 -2.68 -48.32 25.22
N LEU C 98 -2.71 -49.43 25.97
CA LEU C 98 -3.93 -49.69 26.76
C LEU C 98 -3.99 -48.74 27.93
N SER C 99 -2.99 -48.78 28.80
CA SER C 99 -3.08 -48.05 30.07
C SER C 99 -3.36 -46.58 29.84
N LEU C 100 -3.31 -46.14 28.60
CA LEU C 100 -3.67 -44.74 28.31
C LEU C 100 -4.98 -44.88 27.58
N SER C 101 -6.00 -45.44 28.22
CA SER C 101 -7.28 -45.70 27.50
C SER C 101 -8.42 -44.82 28.00
N GLU C 102 -9.50 -44.78 27.21
CA GLU C 102 -10.69 -43.93 27.50
C GLU C 102 -11.82 -44.40 26.60
N ASP C 103 -12.97 -44.81 27.14
CA ASP C 103 -14.17 -45.07 26.30
C ASP C 103 -14.60 -43.72 25.76
N PRO C 104 -15.01 -43.62 24.47
CA PRO C 104 -15.28 -42.32 23.84
C PRO C 104 -16.34 -41.57 24.63
N ARG C 105 -17.43 -42.28 24.99
CA ARG C 105 -18.45 -41.72 25.93
C ARG C 105 -17.77 -41.64 27.29
N ARG C 106 -18.06 -40.61 28.11
CA ARG C 106 -17.50 -40.50 29.48
C ARG C 106 -18.05 -41.63 30.38
N GLN C 107 -19.35 -41.92 30.28
CA GLN C 107 -20.03 -42.96 31.13
C GLN C 107 -19.50 -42.88 32.57
N LEU D 64 22.62 -26.92 23.70
CA LEU D 64 21.67 -27.08 24.83
C LEU D 64 22.19 -26.28 26.04
N PRO D 65 21.31 -25.78 26.92
CA PRO D 65 21.71 -24.97 28.06
C PRO D 65 22.39 -25.88 29.10
N ALA D 66 23.06 -25.28 30.09
CA ALA D 66 23.81 -26.06 31.08
C ALA D 66 22.92 -26.98 31.90
N ARG D 67 21.77 -26.51 32.36
CA ARG D 67 20.96 -27.38 33.27
C ARG D 67 20.53 -28.67 32.57
N ASN D 68 20.20 -28.60 31.28
CA ASN D 68 19.70 -29.78 30.55
C ASN D 68 20.79 -30.85 30.47
N LYS D 69 22.06 -30.48 30.28
CA LYS D 69 23.15 -31.47 30.02
C LYS D 69 23.72 -32.08 31.30
N ILE D 70 23.07 -31.77 32.42
CA ILE D 70 23.50 -32.33 33.72
C ILE D 70 22.53 -33.48 34.02
N LEU D 71 21.24 -33.20 33.88
CA LEU D 71 20.23 -34.22 34.21
C LEU D 71 20.44 -35.39 33.26
N MET D 72 20.76 -35.09 32.02
CA MET D 72 20.89 -36.17 31.03
C MET D 72 21.99 -37.09 31.54
N LEU D 73 23.08 -36.49 32.00
CA LEU D 73 24.18 -37.30 32.56
C LEU D 73 23.67 -38.01 33.81
N SER D 74 22.88 -37.33 34.62
CA SER D 74 22.45 -37.92 35.91
C SER D 74 21.69 -39.21 35.68
N PHE D 75 20.88 -39.25 34.63
CA PHE D 75 20.01 -40.43 34.43
C PHE D 75 20.89 -41.66 34.30
N ASP D 76 21.96 -41.53 33.53
CA ASP D 76 22.80 -42.72 33.27
C ASP D 76 23.16 -43.38 34.59
N LEU D 77 23.80 -42.62 35.48
CA LEU D 77 24.28 -43.20 36.75
C LEU D 77 23.19 -44.05 37.39
N ARG D 78 21.94 -43.57 37.38
CA ARG D 78 20.83 -44.30 38.05
C ARG D 78 20.63 -45.67 37.39
N VAL D 79 20.78 -45.75 36.05
CA VAL D 79 20.71 -47.05 35.32
C VAL D 79 21.90 -47.90 35.77
N GLY D 80 23.08 -47.28 35.95
CA GLY D 80 24.28 -47.99 36.44
C GLY D 80 24.07 -48.50 37.86
N GLY D 81 23.37 -47.74 38.70
CA GLY D 81 23.14 -48.14 40.10
C GLY D 81 23.53 -47.05 41.08
N LEU D 82 24.21 -46.00 40.60
CA LEU D 82 24.56 -44.85 41.48
C LEU D 82 23.28 -44.03 41.68
N GLY D 83 22.72 -43.94 42.90
CA GLY D 83 21.41 -43.28 43.05
C GLY D 83 21.40 -41.84 43.58
N PRO D 84 21.11 -41.58 44.88
CA PRO D 84 21.16 -40.20 45.42
C PRO D 84 22.52 -39.52 45.20
N LYS D 85 23.58 -40.30 44.92
CA LYS D 85 24.92 -39.78 44.49
C LYS D 85 24.64 -39.06 43.17
N ALA D 86 23.56 -39.46 42.49
CA ALA D 86 23.09 -38.73 41.29
C ALA D 86 22.01 -37.69 41.66
N ASP D 87 21.26 -37.85 42.76
CA ASP D 87 20.32 -36.77 43.20
C ASP D 87 21.14 -35.68 43.89
N ARG D 88 22.05 -36.05 44.79
CA ARG D 88 23.00 -35.09 45.46
C ARG D 88 23.51 -34.15 44.36
N LEU D 89 23.81 -34.73 43.18
CA LEU D 89 24.29 -33.94 42.03
C LEU D 89 23.21 -32.94 41.60
N GLU D 90 21.96 -33.39 41.60
CA GLU D 90 20.82 -32.52 41.26
C GLU D 90 20.75 -31.40 42.30
N GLU D 91 20.92 -31.72 43.58
CA GLU D 91 20.76 -30.65 44.59
C GLU D 91 21.99 -29.74 44.57
N LEU D 92 23.17 -30.30 44.30
CA LEU D 92 24.38 -29.45 44.32
C LEU D 92 24.21 -28.42 43.22
N VAL D 93 23.81 -28.88 42.05
CA VAL D 93 23.61 -27.95 40.91
C VAL D 93 22.55 -26.95 41.36
N GLU D 94 21.47 -27.45 41.93
CA GLU D 94 20.35 -26.55 42.30
C GLU D 94 20.86 -25.54 43.32
N GLU D 95 21.67 -25.99 44.26
CA GLU D 95 22.17 -25.09 45.32
C GLU D 95 22.99 -23.99 44.66
N LEU D 96 23.75 -24.34 43.63
CA LEU D 96 24.62 -23.34 42.97
C LEU D 96 23.70 -22.24 42.47
N GLU D 97 22.53 -22.60 41.96
CA GLU D 97 21.54 -21.56 41.57
C GLU D 97 20.82 -21.08 42.83
N LEU D 104 29.67 -20.87 36.51
CA LEU D 104 28.38 -20.66 35.82
C LEU D 104 28.41 -21.45 34.53
N LEU D 105 29.25 -21.04 33.59
CA LEU D 105 29.43 -21.82 32.34
C LEU D 105 30.49 -22.85 32.65
N GLU D 106 30.99 -22.80 33.88
CA GLU D 106 32.07 -23.73 34.29
C GLU D 106 31.53 -25.15 34.16
N VAL D 107 30.27 -25.36 34.53
CA VAL D 107 29.72 -26.74 34.52
C VAL D 107 29.79 -27.24 33.07
N GLY D 108 29.55 -26.35 32.12
CA GLY D 108 29.63 -26.76 30.71
C GLY D 108 31.01 -27.28 30.40
N SER D 109 32.05 -26.61 30.90
CA SER D 109 33.41 -27.16 30.69
C SER D 109 33.51 -28.52 31.38
N VAL D 110 32.99 -28.60 32.60
CA VAL D 110 33.13 -29.87 33.38
C VAL D 110 32.39 -30.93 32.59
N LEU D 111 31.29 -30.55 31.97
CA LEU D 111 30.47 -31.53 31.22
C LEU D 111 31.34 -32.13 30.12
N ASP D 112 32.06 -31.28 29.41
CA ASP D 112 32.84 -31.81 28.26
C ASP D 112 33.83 -32.79 28.83
N LEU D 113 34.40 -32.45 29.98
CA LEU D 113 35.40 -33.34 30.59
C LEU D 113 34.68 -34.39 31.43
N LEU D 114 34.17 -35.43 30.78
CA LEU D 114 33.52 -36.53 31.54
C LEU D 114 34.58 -37.21 32.42
N VAL D 115 35.77 -37.45 31.86
CA VAL D 115 36.81 -38.21 32.62
C VAL D 115 38.17 -37.53 32.45
N ALA E 14 17.01 -51.26 1.05
CA ALA E 14 16.77 -50.16 2.03
C ALA E 14 15.37 -49.57 1.83
N ALA E 15 14.86 -49.51 0.58
CA ALA E 15 13.49 -49.02 0.28
C ALA E 15 12.48 -49.96 0.95
N ALA E 16 12.75 -51.27 0.90
CA ALA E 16 11.89 -52.30 1.56
C ALA E 16 11.87 -52.07 3.08
N ASN E 17 13.02 -51.68 3.67
CA ASN E 17 13.10 -51.34 5.12
C ASN E 17 12.18 -50.15 5.41
N LEU E 18 12.17 -49.14 4.54
CA LEU E 18 11.33 -47.92 4.77
C LEU E 18 9.85 -48.30 4.69
N ASN E 19 9.50 -49.23 3.80
CA ASN E 19 8.09 -49.67 3.63
C ASN E 19 7.69 -50.54 4.83
N ALA E 20 8.62 -51.35 5.37
CA ALA E 20 8.33 -52.20 6.55
C ALA E 20 7.94 -51.30 7.71
N VAL E 21 8.74 -50.24 7.98
CA VAL E 21 8.48 -49.40 9.17
C VAL E 21 7.21 -48.64 8.95
N ARG E 22 6.98 -48.10 7.75
CA ARG E 22 5.79 -47.24 7.56
C ARG E 22 4.56 -48.12 7.69
N GLU E 23 4.61 -49.34 7.12
CA GLU E 23 3.49 -50.33 7.25
C GLU E 23 3.15 -50.62 8.73
N THR E 24 4.16 -51.02 9.53
CA THR E 24 3.90 -51.29 10.98
C THR E 24 3.55 -50.11 11.87
N MET E 25 4.14 -48.94 11.66
CA MET E 25 3.74 -47.74 12.44
C MET E 25 2.29 -47.40 12.11
N ASP E 26 1.88 -47.60 10.85
CA ASP E 26 0.47 -47.35 10.41
C ASP E 26 -0.48 -48.31 11.12
N VAL E 27 -0.10 -49.58 11.23
CA VAL E 27 -0.93 -50.60 11.94
C VAL E 27 -1.04 -50.20 13.40
N LEU E 28 0.07 -49.75 13.99
CA LEU E 28 0.08 -49.38 15.43
C LEU E 28 -0.76 -48.14 15.64
N LEU E 29 -0.76 -47.21 14.70
CA LEU E 29 -1.63 -46.03 14.82
C LEU E 29 -3.07 -46.53 14.76
N GLU E 30 -3.35 -47.55 13.94
CA GLU E 30 -4.78 -47.98 13.81
C GLU E 30 -5.29 -48.51 15.14
N ILE E 31 -4.53 -49.38 15.81
CA ILE E 31 -4.92 -49.85 17.17
C ILE E 31 -5.10 -48.66 18.12
N SER E 32 -4.21 -47.66 18.06
CA SER E 32 -4.22 -46.51 19.02
C SER E 32 -5.57 -45.82 18.96
N ARG E 33 -6.18 -45.74 17.78
CA ARG E 33 -7.49 -45.06 17.61
C ARG E 33 -8.63 -45.97 18.06
N ILE E 34 -8.46 -47.29 17.94
CA ILE E 34 -9.45 -48.28 18.43
C ILE E 34 -9.54 -48.24 19.96
N LEU E 35 -8.42 -48.04 20.65
CA LEU E 35 -8.42 -47.98 22.12
C LEU E 35 -8.74 -46.53 22.47
N ASN E 36 -8.73 -45.60 21.51
CA ASN E 36 -8.90 -44.15 21.81
C ASN E 36 -7.94 -43.69 22.91
N THR E 37 -6.64 -43.69 22.59
CA THR E 37 -5.56 -43.37 23.56
C THR E 37 -5.14 -41.91 23.44
N GLY E 38 -5.23 -41.32 22.25
CA GLY E 38 -4.98 -39.88 22.02
C GLY E 38 -3.62 -39.54 21.44
N LEU E 39 -2.67 -40.48 21.50
CA LEU E 39 -1.32 -40.29 20.93
C LEU E 39 -1.47 -39.99 19.45
N ASP E 40 -0.78 -38.94 18.95
CA ASP E 40 -0.68 -38.69 17.48
C ASP E 40 0.48 -39.50 16.91
N MET E 41 0.76 -39.44 15.61
CA MET E 41 1.78 -40.32 14.97
C MET E 41 3.17 -40.09 15.54
N GLU E 42 3.60 -38.83 15.68
CA GLU E 42 4.98 -38.52 16.13
C GLU E 42 5.24 -38.85 17.60
N THR E 43 4.25 -38.66 18.48
CA THR E 43 4.42 -39.05 19.90
C THR E 43 4.45 -40.57 20.01
N LEU E 44 3.79 -41.27 19.08
CA LEU E 44 3.71 -42.76 19.04
C LEU E 44 5.07 -43.22 18.60
N SER E 45 5.67 -42.48 17.65
CA SER E 45 7.02 -42.72 17.08
C SER E 45 8.09 -42.68 18.18
N ILE E 46 8.04 -41.66 19.05
CA ILE E 46 9.02 -41.55 20.19
C ILE E 46 8.76 -42.68 21.16
N CYS E 47 7.47 -42.92 21.44
CA CYS E 47 7.05 -43.90 22.47
C CYS E 47 7.54 -45.32 22.11
N VAL E 48 7.35 -45.76 20.86
CA VAL E 48 7.78 -47.12 20.46
C VAL E 48 9.28 -47.13 20.40
N ARG E 49 9.91 -46.02 19.98
CA ARG E 49 11.39 -45.97 19.84
C ARG E 49 11.89 -46.09 21.27
N LEU E 50 11.25 -45.49 22.28
CA LEU E 50 11.83 -45.61 23.65
C LEU E 50 11.60 -47.02 24.18
N CYS E 51 10.36 -47.50 24.12
CA CYS E 51 9.96 -48.83 24.68
C CYS E 51 10.71 -49.95 23.94
N GLU E 52 11.28 -49.63 22.77
CA GLU E 52 12.04 -50.63 22.00
C GLU E 52 13.31 -51.11 22.71
N GLN E 53 13.81 -50.38 23.71
CA GLN E 53 15.08 -50.73 24.43
C GLN E 53 14.77 -51.23 25.85
N GLY E 54 13.73 -52.04 26.03
CA GLY E 54 13.46 -52.68 27.33
C GLY E 54 12.92 -51.77 28.41
N ILE E 55 12.33 -50.61 28.07
CA ILE E 55 11.73 -49.66 29.07
C ILE E 55 10.55 -50.29 29.81
N ASN E 56 10.51 -50.15 31.15
CA ASN E 56 9.38 -50.67 31.98
C ASN E 56 8.20 -49.79 31.59
N PRO E 57 7.24 -50.31 30.80
CA PRO E 57 6.26 -49.49 30.13
C PRO E 57 5.23 -49.01 31.14
N GLU E 58 5.15 -49.59 32.34
CA GLU E 58 4.23 -49.03 33.36
C GLU E 58 4.75 -47.66 33.80
N ALA E 59 6.07 -47.54 33.96
CA ALA E 59 6.72 -46.26 34.39
C ALA E 59 6.48 -45.18 33.35
N LEU E 60 6.60 -45.53 32.07
CA LEU E 60 6.45 -44.53 30.98
C LEU E 60 5.00 -44.05 30.94
N SER E 61 4.04 -44.97 31.02
CA SER E 61 2.58 -44.67 30.96
C SER E 61 2.22 -43.58 31.99
N SER E 62 2.71 -43.74 33.23
CA SER E 62 2.48 -42.78 34.35
C SER E 62 3.07 -41.42 34.01
N VAL E 63 4.28 -41.40 33.43
CA VAL E 63 5.00 -40.14 33.08
C VAL E 63 4.17 -39.37 32.06
N ILE E 64 3.68 -40.08 31.03
CA ILE E 64 2.88 -39.45 29.95
C ILE E 64 1.56 -38.93 30.54
N LYS E 65 0.95 -39.68 31.47
CA LYS E 65 -0.35 -39.26 32.08
C LYS E 65 -0.10 -37.98 32.87
N GLU E 66 0.97 -37.95 33.67
CA GLU E 66 1.27 -36.84 34.60
C GLU E 66 1.70 -35.53 33.91
N LEU E 67 2.38 -35.63 32.77
CA LEU E 67 2.67 -34.41 31.96
C LEU E 67 1.46 -33.86 31.19
N ARG E 68 0.58 -34.75 30.77
CA ARG E 68 -0.65 -34.37 30.04
C ARG E 68 -1.54 -33.63 31.03
N LYS E 69 -1.42 -33.96 32.31
CA LYS E 69 -2.21 -33.28 33.36
C LYS E 69 -1.51 -32.01 33.80
N ALA E 70 -0.19 -31.94 33.72
CA ALA E 70 0.54 -30.68 34.01
C ALA E 70 0.34 -29.63 32.91
N THR E 71 0.33 -30.04 31.63
CA THR E 71 0.18 -29.11 30.46
C THR E 71 -1.21 -28.51 30.40
N GLU E 72 -2.11 -28.95 31.30
CA GLU E 72 -3.51 -28.46 31.35
C GLU E 72 -3.56 -26.99 31.75
N ALA E 73 -2.46 -26.39 32.24
CA ALA E 73 -2.39 -24.93 32.52
C ALA E 73 -1.35 -24.22 31.64
N ALA F 13 33.62 -7.48 55.06
CA ALA F 13 32.96 -8.70 54.55
C ALA F 13 33.73 -9.25 53.35
N ALA F 14 34.90 -8.69 52.98
CA ALA F 14 35.74 -9.26 51.90
C ALA F 14 36.22 -10.66 52.30
N ALA F 15 36.53 -10.88 53.60
CA ALA F 15 36.92 -12.22 54.13
C ALA F 15 35.70 -13.16 54.08
N ALA F 16 34.50 -12.64 54.34
CA ALA F 16 33.22 -13.41 54.23
C ALA F 16 32.96 -13.75 52.76
N ASN F 17 33.26 -12.81 51.84
CA ASN F 17 33.15 -13.05 50.37
C ASN F 17 34.21 -14.08 49.95
N LEU F 18 35.40 -14.05 50.59
CA LEU F 18 36.48 -15.04 50.31
C LEU F 18 36.02 -16.45 50.71
N ASN F 19 35.40 -16.59 51.89
CA ASN F 19 34.86 -17.91 52.35
C ASN F 19 33.70 -18.34 51.43
N ALA F 20 32.87 -17.40 50.96
CA ALA F 20 31.73 -17.68 50.05
C ALA F 20 32.23 -18.17 48.68
N VAL F 21 33.24 -17.52 48.10
CA VAL F 21 33.84 -17.95 46.79
C VAL F 21 34.58 -19.28 46.99
N ARG F 22 35.23 -19.48 48.14
CA ARG F 22 35.87 -20.79 48.48
C ARG F 22 34.75 -21.85 48.55
N GLU F 23 33.59 -21.50 49.10
CA GLU F 23 32.42 -22.42 49.17
C GLU F 23 31.88 -22.75 47.77
N THR F 24 31.75 -21.75 46.90
CA THR F 24 31.29 -22.01 45.51
C THR F 24 32.30 -22.95 44.85
N MET F 25 33.59 -22.67 44.99
CA MET F 25 34.69 -23.47 44.38
C MET F 25 34.69 -24.88 44.97
N ASP F 26 34.39 -25.03 46.27
CA ASP F 26 34.26 -26.35 46.94
C ASP F 26 33.08 -27.15 46.37
N VAL F 27 31.96 -26.46 46.06
CA VAL F 27 30.76 -27.08 45.42
C VAL F 27 31.18 -27.64 44.07
N LEU F 28 31.95 -26.86 43.30
CA LEU F 28 32.35 -27.25 41.92
C LEU F 28 33.37 -28.37 41.99
N LEU F 29 34.21 -28.39 43.02
CA LEU F 29 35.17 -29.51 43.24
C LEU F 29 34.40 -30.81 43.47
N GLU F 30 33.36 -30.75 44.33
CA GLU F 30 32.57 -31.97 44.70
C GLU F 30 31.91 -32.53 43.44
N ILE F 31 31.34 -31.65 42.60
CA ILE F 31 30.70 -32.06 41.31
C ILE F 31 31.78 -32.66 40.41
N SER F 32 32.94 -32.01 40.32
CA SER F 32 34.06 -32.47 39.46
C SER F 32 34.53 -33.85 39.89
N ARG F 33 34.48 -34.16 41.19
CA ARG F 33 34.82 -35.52 41.70
C ARG F 33 33.75 -36.57 41.37
N ILE F 34 32.47 -36.18 41.47
CA ILE F 34 31.32 -37.11 41.18
C ILE F 34 31.38 -37.52 39.69
N LEU F 35 31.57 -36.54 38.79
CA LEU F 35 31.68 -36.83 37.33
C LEU F 35 32.98 -37.62 37.07
N ASN F 36 33.96 -37.55 37.98
CA ASN F 36 35.25 -38.23 37.83
C ASN F 36 35.96 -37.71 36.59
N THR F 37 36.26 -36.41 36.59
CA THR F 37 36.94 -35.72 35.45
C THR F 37 38.45 -35.52 35.71
N GLY F 38 39.00 -35.97 36.83
CA GLY F 38 40.47 -35.95 37.05
C GLY F 38 41.05 -34.58 37.37
N LEU F 39 40.23 -33.54 37.52
CA LEU F 39 40.68 -32.15 37.86
C LEU F 39 41.04 -32.01 39.35
N ASP F 40 42.06 -31.19 39.67
CA ASP F 40 42.51 -30.89 41.07
C ASP F 40 42.13 -29.44 41.44
N MET F 41 42.13 -29.11 42.73
CA MET F 41 41.63 -27.80 43.24
C MET F 41 42.39 -26.65 42.57
N GLU F 42 43.72 -26.73 42.47
CA GLU F 42 44.55 -25.64 41.89
C GLU F 42 44.35 -25.56 40.37
N THR F 43 44.24 -26.74 39.71
CA THR F 43 43.98 -26.82 38.25
C THR F 43 42.54 -26.35 37.98
N LEU F 44 41.60 -26.74 38.86
CA LEU F 44 40.19 -26.23 38.76
C LEU F 44 40.23 -24.72 38.99
N SER F 45 41.09 -24.25 39.91
CA SER F 45 41.26 -22.81 40.23
C SER F 45 41.73 -22.04 38.97
N ILE F 46 42.69 -22.59 38.23
CA ILE F 46 43.19 -21.94 36.98
C ILE F 46 42.08 -21.95 35.93
N CYS F 47 41.40 -23.10 35.77
CA CYS F 47 40.36 -23.26 34.71
C CYS F 47 39.18 -22.32 34.96
N VAL F 48 38.70 -22.22 36.21
CA VAL F 48 37.57 -21.32 36.55
C VAL F 48 38.00 -19.87 36.36
N ARG F 49 39.23 -19.53 36.77
CA ARG F 49 39.78 -18.15 36.64
C ARG F 49 39.93 -17.78 35.17
N LEU F 50 40.14 -18.78 34.30
CA LEU F 50 40.26 -18.55 32.83
C LEU F 50 38.88 -18.32 32.22
N CYS F 51 37.92 -19.23 32.44
CA CYS F 51 36.61 -19.15 31.71
C CYS F 51 35.67 -18.10 32.31
N GLU F 52 35.99 -17.61 33.52
CA GLU F 52 35.11 -16.66 34.23
C GLU F 52 34.63 -15.61 33.23
N GLN F 53 35.53 -14.89 32.58
CA GLN F 53 35.16 -13.88 31.54
C GLN F 53 36.01 -14.12 30.29
N GLY F 54 36.73 -15.24 30.20
CA GLY F 54 37.69 -15.45 29.10
C GLY F 54 37.27 -16.43 28.04
N ILE F 55 37.93 -17.58 27.95
CA ILE F 55 37.76 -18.54 26.82
C ILE F 55 36.43 -19.27 26.91
N ASN F 56 35.87 -19.70 25.77
CA ASN F 56 34.64 -20.52 25.73
C ASN F 56 34.99 -21.92 26.23
N PRO F 57 34.15 -22.58 27.05
CA PRO F 57 34.52 -23.86 27.65
C PRO F 57 34.77 -25.01 26.68
N GLU F 58 33.98 -25.15 25.63
CA GLU F 58 34.07 -26.30 24.70
C GLU F 58 35.45 -26.40 24.06
N ALA F 59 36.25 -25.33 24.11
CA ALA F 59 37.60 -25.31 23.50
C ALA F 59 38.62 -25.65 24.59
N LEU F 60 38.35 -25.16 25.81
CA LEU F 60 39.24 -25.40 26.98
C LEU F 60 39.26 -26.90 27.27
N SER F 61 38.14 -27.59 27.02
CA SER F 61 38.06 -29.07 27.24
C SER F 61 39.13 -29.81 26.41
N SER F 62 39.20 -29.53 25.10
CA SER F 62 40.17 -30.15 24.18
C SER F 62 41.58 -29.65 24.49
N VAL F 63 41.70 -28.39 24.94
CA VAL F 63 43.04 -27.87 25.35
C VAL F 63 43.57 -28.69 26.54
N ILE F 64 42.74 -28.94 27.56
CA ILE F 64 43.18 -29.72 28.75
C ILE F 64 43.47 -31.15 28.31
N LYS F 65 42.65 -31.70 27.42
CA LYS F 65 42.82 -33.10 26.97
C LYS F 65 44.11 -33.24 26.20
N GLU F 66 44.47 -32.22 25.40
CA GLU F 66 45.72 -32.21 24.56
C GLU F 66 46.96 -32.06 25.46
N LEU F 67 46.83 -31.19 26.47
CA LEU F 67 47.93 -30.94 27.44
C LEU F 67 48.21 -32.28 28.17
N ARG F 68 47.14 -33.03 28.47
CA ARG F 68 47.25 -34.32 29.22
C ARG F 68 47.71 -35.43 28.29
N LYS F 69 47.47 -35.28 26.99
CA LYS F 69 47.95 -36.25 25.96
C LYS F 69 49.45 -36.05 25.73
N ALA F 70 49.94 -34.81 25.85
CA ALA F 70 51.38 -34.46 25.66
C ALA F 70 52.24 -34.97 26.82
N THR F 71 51.74 -34.86 28.06
CA THR F 71 52.49 -35.28 29.29
C THR F 71 52.60 -36.80 29.34
N GLU F 72 51.92 -37.51 28.44
CA GLU F 72 52.03 -39.00 28.35
C GLU F 72 53.47 -39.39 28.01
N ALA F 73 54.27 -38.47 27.44
CA ALA F 73 55.63 -38.81 26.96
C ALA F 73 56.57 -38.95 28.17
N ASP G 1 61.90 -24.87 20.11
CA ASP G 1 61.86 -24.55 18.68
C ASP G 1 62.57 -25.61 17.86
N GLU G 2 61.81 -26.59 17.35
CA GLU G 2 62.41 -27.61 16.49
C GLU G 2 62.97 -27.00 15.23
N GLU G 3 62.24 -26.07 14.62
CA GLU G 3 62.82 -25.27 13.55
C GLU G 3 63.67 -24.15 14.16
N VAL G 4 64.38 -23.42 13.28
CA VAL G 4 65.20 -22.31 13.74
C VAL G 4 64.32 -21.26 14.40
N ALA G 5 64.94 -20.39 15.20
CA ALA G 5 64.19 -19.42 15.98
C ALA G 5 63.45 -18.45 15.07
N ALA G 6 62.19 -18.19 15.41
CA ALA G 6 61.36 -17.25 14.68
C ALA G 6 61.54 -15.84 15.25
N LEU G 7 60.91 -14.87 14.60
CA LEU G 7 61.05 -13.48 15.00
C LEU G 7 59.73 -12.73 14.86
N VAL G 8 59.58 -11.70 15.69
CA VAL G 8 58.44 -10.80 15.67
C VAL G 8 58.97 -9.38 15.81
N VAL G 9 58.41 -8.47 15.03
CA VAL G 9 58.82 -7.06 15.00
C VAL G 9 57.58 -6.20 14.82
N ASP G 10 57.30 -5.34 15.81
CA ASP G 10 56.26 -4.34 15.73
C ASP G 10 56.89 -2.97 15.78
N ASN G 11 56.79 -2.22 14.68
CA ASN G 11 57.30 -0.86 14.59
C ASN G 11 56.21 0.10 15.06
N GLY G 12 56.28 0.51 16.32
CA GLY G 12 55.26 1.34 16.93
C GLY G 12 55.63 2.80 16.86
N SER G 13 54.72 3.65 17.35
CA SER G 13 54.94 5.09 17.28
C SER G 13 55.97 5.55 18.30
N GLY G 14 55.90 5.03 19.53
CA GLY G 14 56.75 5.50 20.59
C GLY G 14 57.98 4.64 20.82
N MET G 15 57.93 3.40 20.35
CA MET G 15 59.03 2.46 20.50
C MET G 15 58.80 1.27 19.57
N CYS G 16 59.87 0.56 19.24
CA CYS G 16 59.78 -0.66 18.46
C CYS G 16 60.02 -1.86 19.36
N LYS G 17 59.20 -2.89 19.17
CA LYS G 17 59.24 -4.10 19.98
C LYS G 17 59.60 -5.30 19.13
N ALA G 18 60.75 -5.91 19.40
CA ALA G 18 61.22 -7.06 18.64
C ALA G 18 61.40 -8.23 19.60
N GLY G 19 61.43 -9.44 19.07
CA GLY G 19 61.68 -10.60 19.90
C GLY G 19 61.61 -11.88 19.12
N PHE G 20 61.85 -13.00 19.82
CA PHE G 20 61.63 -14.31 19.22
C PHE G 20 60.30 -14.89 19.69
N ALA G 21 59.63 -15.61 18.78
CA ALA G 21 58.29 -16.11 19.07
C ALA G 21 58.29 -17.05 20.27
N GLY G 22 57.14 -17.16 20.92
CA GLY G 22 56.96 -18.01 22.07
C GLY G 22 57.49 -17.42 23.37
N ASP G 23 58.35 -16.41 23.30
CA ASP G 23 58.92 -15.80 24.49
C ASP G 23 57.83 -15.11 25.32
N ASP G 24 58.19 -14.78 26.56
CA ASP G 24 57.22 -14.16 27.47
C ASP G 24 56.69 -12.85 26.90
N ALA G 25 57.57 -12.05 26.33
CA ALA G 25 57.23 -10.75 25.76
C ALA G 25 58.19 -10.47 24.63
N PRO G 26 58.03 -9.35 23.93
CA PRO G 26 59.07 -8.92 22.99
C PRO G 26 60.42 -8.91 23.68
N ARG G 27 61.38 -9.64 23.10
CA ARG G 27 62.66 -9.85 23.75
C ARG G 27 63.43 -8.55 23.94
N ALA G 28 63.13 -7.53 23.13
CA ALA G 28 63.80 -6.25 23.19
C ALA G 28 62.83 -5.13 22.86
N VAL G 29 62.98 -3.99 23.53
CA VAL G 29 62.23 -2.78 23.25
C VAL G 29 63.22 -1.65 23.07
N PHE G 30 63.17 -0.98 21.92
CA PHE G 30 64.08 0.12 21.64
C PHE G 30 63.28 1.33 21.19
N PRO G 31 63.90 2.49 21.08
CA PRO G 31 63.18 3.67 20.57
C PRO G 31 63.13 3.68 19.05
N SER G 32 62.16 4.41 18.51
CA SER G 32 62.00 4.56 17.06
C SER G 32 62.56 5.91 16.59
N ILE G 33 63.89 5.97 16.51
CA ILE G 33 64.60 7.15 16.06
C ILE G 33 66.04 6.77 15.76
N VAL G 34 66.63 7.40 14.73
CA VAL G 34 68.02 7.21 14.36
C VAL G 34 68.77 8.51 14.58
N GLY G 35 70.06 8.42 14.88
CA GLY G 35 70.85 9.61 15.17
C GLY G 35 71.98 9.80 14.18
N ARG G 36 72.04 11.01 13.62
CA ARG G 36 72.99 11.41 12.61
C ARG G 36 73.72 12.68 13.03
N PRO G 37 74.85 12.97 12.38
CA PRO G 37 75.63 14.16 12.76
C PRO G 37 74.97 15.45 12.29
N ARG G 38 74.72 16.35 13.23
CA ARG G 38 74.12 17.64 12.91
C ARG G 38 75.08 18.77 13.27
N LYS G 49 80.86 9.90 16.61
CA LYS G 49 79.87 8.99 16.05
C LYS G 49 79.03 9.66 14.97
N ASP G 50 78.90 8.98 13.83
CA ASP G 50 78.11 9.54 12.74
C ASP G 50 76.68 9.03 12.77
N SER G 51 76.48 7.72 12.95
CA SER G 51 75.17 7.11 12.93
C SER G 51 75.00 6.15 14.11
N TYR G 52 73.87 6.28 14.80
CA TYR G 52 73.52 5.42 15.92
C TYR G 52 72.01 5.21 15.98
N VAL G 53 71.57 4.36 16.91
CA VAL G 53 70.16 4.02 17.03
C VAL G 53 69.76 3.94 18.49
N GLY G 54 68.55 4.41 18.78
CA GLY G 54 67.95 4.20 20.09
C GLY G 54 68.57 5.02 21.19
N ASP G 55 69.25 4.35 22.11
CA ASP G 55 69.71 4.99 23.34
C ASP G 55 70.84 5.99 23.07
N GLU G 56 71.81 5.59 22.25
CA GLU G 56 72.97 6.45 22.00
C GLU G 56 72.56 7.78 21.38
N ALA G 57 71.59 7.75 20.46
CA ALA G 57 71.16 8.98 19.80
C ALA G 57 70.45 9.91 20.77
N GLN G 58 69.56 9.35 21.61
CA GLN G 58 68.82 10.19 22.54
C GLN G 58 69.72 10.73 23.64
N SER G 59 70.76 9.97 24.02
CA SER G 59 71.70 10.47 25.01
C SER G 59 72.57 11.58 24.41
N LYS G 60 72.99 11.42 23.16
CA LYS G 60 73.78 12.40 22.45
C LYS G 60 72.92 13.33 21.59
N ARG G 61 71.66 13.54 21.99
CA ARG G 61 70.76 14.37 21.21
C ARG G 61 71.00 15.86 21.46
N GLY G 62 72.11 16.19 22.13
CA GLY G 62 72.44 17.58 22.36
C GLY G 62 73.02 18.27 21.14
N ILE G 63 73.94 17.59 20.45
CA ILE G 63 74.62 18.16 19.29
C ILE G 63 74.49 17.25 18.06
N LEU G 64 73.42 16.48 17.97
CA LEU G 64 73.16 15.62 16.82
C LEU G 64 71.71 15.76 16.39
N THR G 65 71.37 15.15 15.26
CA THR G 65 70.01 15.18 14.73
C THR G 65 69.36 13.82 14.93
N LEU G 66 68.08 13.81 15.27
CA LEU G 66 67.30 12.59 15.40
C LEU G 66 66.21 12.53 14.34
N LYS G 67 65.94 11.31 13.87
CA LYS G 67 64.94 11.07 12.85
C LYS G 67 63.95 10.02 13.36
N TYR G 68 62.66 10.28 13.13
CA TYR G 68 61.60 9.40 13.61
C TYR G 68 61.17 8.48 12.47
N PRO G 69 61.50 7.18 12.52
CA PRO G 69 61.08 6.27 11.46
C PRO G 69 59.60 5.91 11.53
N ILE G 70 59.00 6.02 12.71
CA ILE G 70 57.55 5.86 12.86
C ILE G 70 57.05 6.81 13.93
N GLU G 71 56.30 7.83 13.53
CA GLU G 71 55.86 8.84 14.49
C GLU G 71 54.41 8.66 14.88
N HIS G 72 53.49 8.67 13.90
CA HIS G 72 52.06 8.58 14.16
C HIS G 72 51.44 7.34 13.52
N GLY G 73 52.13 6.20 13.59
CA GLY G 73 51.73 5.02 12.87
C GLY G 73 52.08 5.04 11.40
N ILE G 74 52.33 6.20 10.83
CA ILE G 74 52.74 6.35 9.43
C ILE G 74 54.23 6.64 9.40
N VAL G 75 54.97 5.82 8.66
CA VAL G 75 56.42 5.97 8.58
C VAL G 75 56.77 7.31 7.93
N THR G 76 57.87 7.91 8.39
CA THR G 76 58.35 9.17 7.84
C THR G 76 59.34 8.99 6.71
N ASN G 77 60.26 8.03 6.82
CA ASN G 77 61.29 7.78 5.82
C ASN G 77 61.46 6.28 5.65
N TRP G 78 61.73 5.84 4.41
CA TRP G 78 61.99 4.43 4.17
C TRP G 78 63.39 4.04 4.61
N ASP G 79 64.38 4.92 4.38
CA ASP G 79 65.74 4.66 4.82
C ASP G 79 65.80 4.53 6.33
N ASP G 80 65.09 5.40 7.05
CA ASP G 80 65.03 5.29 8.51
C ASP G 80 64.34 4.00 8.94
N MET G 81 63.38 3.53 8.14
CA MET G 81 62.70 2.28 8.46
C MET G 81 63.65 1.10 8.33
N GLU G 82 64.37 1.01 7.21
CA GLU G 82 65.33 -0.06 7.05
C GLU G 82 66.44 0.02 8.09
N LYS G 83 66.85 1.24 8.46
CA LYS G 83 67.90 1.39 9.47
C LYS G 83 67.40 0.98 10.84
N ILE G 84 66.15 1.29 11.18
CA ILE G 84 65.58 0.85 12.46
C ILE G 84 65.50 -0.67 12.49
N TRP G 85 65.02 -1.28 11.40
CA TRP G 85 64.95 -2.74 11.36
C TRP G 85 66.34 -3.37 11.47
N HIS G 86 67.33 -2.77 10.79
CA HIS G 86 68.68 -3.35 10.80
C HIS G 86 69.35 -3.15 12.15
N HIS G 87 69.04 -2.06 12.85
CA HIS G 87 69.64 -1.84 14.16
C HIS G 87 68.88 -2.59 15.24
N THR G 88 67.66 -3.04 14.94
CA THR G 88 66.96 -3.95 15.83
C THR G 88 67.49 -5.38 15.66
N PHE G 89 67.75 -5.77 14.41
CA PHE G 89 68.24 -7.11 14.14
C PHE G 89 69.72 -7.25 14.50
N TYR G 90 70.48 -6.16 14.40
CA TYR G 90 71.93 -6.26 14.51
C TYR G 90 72.43 -5.74 15.85
N ASN G 91 71.81 -4.69 16.39
CA ASN G 91 72.29 -4.08 17.63
C ASN G 91 71.43 -4.45 18.83
N GLU G 92 70.11 -4.45 18.66
CA GLU G 92 69.21 -4.75 19.78
C GLU G 92 69.31 -6.22 20.19
N LEU G 93 69.30 -7.12 19.21
CA LEU G 93 69.35 -8.55 19.48
C LEU G 93 70.64 -9.21 19.01
N ARG G 94 71.44 -8.53 18.19
CA ARG G 94 72.68 -9.09 17.65
C ARG G 94 72.41 -10.40 16.90
N VAL G 95 71.63 -10.32 15.82
CA VAL G 95 71.20 -11.49 15.07
C VAL G 95 71.47 -11.25 13.59
N ALA G 96 71.32 -12.32 12.81
CA ALA G 96 71.48 -12.25 11.36
C ALA G 96 70.13 -12.34 10.70
N PRO G 97 69.66 -11.30 10.02
CA PRO G 97 68.29 -11.33 9.49
C PRO G 97 68.09 -12.32 8.36
N GLU G 98 69.12 -12.57 7.54
CA GLU G 98 68.97 -13.48 6.41
C GLU G 98 68.63 -14.90 6.84
N GLU G 99 68.80 -15.24 8.12
CA GLU G 99 68.55 -16.58 8.64
C GLU G 99 67.39 -16.63 9.64
N HIS G 100 66.47 -15.68 9.60
CA HIS G 100 65.38 -15.63 10.57
C HIS G 100 64.08 -15.19 9.92
N PRO G 101 62.98 -15.89 10.19
CA PRO G 101 61.68 -15.41 9.71
C PRO G 101 60.99 -14.53 10.75
N VAL G 102 60.43 -13.42 10.28
CA VAL G 102 59.88 -12.39 11.14
C VAL G 102 58.47 -12.04 10.66
N LEU G 103 57.55 -11.83 11.60
CA LEU G 103 56.18 -11.43 11.30
C LEU G 103 55.96 -9.99 11.76
N LEU G 104 55.61 -9.12 10.81
CA LEU G 104 55.49 -7.70 11.06
C LEU G 104 54.03 -7.29 11.22
N THR G 105 53.82 -6.09 11.77
CA THR G 105 52.51 -5.59 12.12
C THR G 105 52.02 -4.58 11.08
N GLU G 106 50.82 -4.06 11.30
CA GLU G 106 50.26 -3.01 10.47
C GLU G 106 49.22 -2.23 11.25
N ALA G 107 49.04 -0.98 10.87
CA ALA G 107 48.01 -0.14 11.44
C ALA G 107 46.68 -0.37 10.72
N PRO G 108 45.63 0.33 11.14
CA PRO G 108 44.32 0.13 10.51
C PRO G 108 44.29 0.64 9.07
N LEU G 109 44.11 -0.30 8.14
CA LEU G 109 43.95 0.02 6.72
C LEU G 109 45.16 0.78 6.18
N ASN G 110 46.32 0.13 6.16
CA ASN G 110 47.54 0.77 5.67
C ASN G 110 47.52 0.85 4.15
N PRO G 111 48.33 1.73 3.54
CA PRO G 111 48.36 1.82 2.08
C PRO G 111 49.08 0.62 1.46
N LYS G 112 48.56 0.17 0.32
CA LYS G 112 49.11 -1.00 -0.35
C LYS G 112 50.55 -0.77 -0.79
N ALA G 113 50.86 0.44 -1.26
CA ALA G 113 52.20 0.72 -1.75
C ALA G 113 53.22 0.71 -0.61
N ASN G 114 52.82 1.13 0.58
CA ASN G 114 53.70 1.04 1.74
C ASN G 114 54.04 -0.42 2.04
N ARG G 115 53.05 -1.30 1.99
CA ARG G 115 53.32 -2.73 2.19
C ARG G 115 54.21 -3.28 1.08
N GLU G 116 54.02 -2.81 -0.15
CA GLU G 116 54.88 -3.24 -1.24
C GLU G 116 56.34 -2.87 -0.98
N LYS G 117 56.57 -1.63 -0.55
CA LYS G 117 57.93 -1.20 -0.23
C LYS G 117 58.50 -1.99 0.94
N MET G 118 57.67 -2.24 1.97
CA MET G 118 58.14 -3.00 3.12
C MET G 118 58.50 -4.43 2.74
N THR G 119 57.70 -5.04 1.86
CA THR G 119 57.97 -6.41 1.44
C THR G 119 59.23 -6.48 0.59
N GLN G 120 59.41 -5.51 -0.32
CA GLN G 120 60.64 -5.46 -1.10
C GLN G 120 61.85 -5.28 -0.20
N ILE G 121 61.72 -4.47 0.85
CA ILE G 121 62.81 -4.29 1.80
C ILE G 121 63.12 -5.58 2.53
N MET G 122 62.08 -6.27 3.01
CA MET G 122 62.28 -7.46 3.82
C MET G 122 62.82 -8.63 2.98
N PHE G 123 62.48 -8.66 1.70
CA PHE G 123 62.96 -9.74 0.84
C PHE G 123 64.29 -9.38 0.18
N GLU G 124 64.66 -8.11 0.17
CA GLU G 124 65.89 -7.68 -0.48
C GLU G 124 66.97 -7.29 0.51
N THR G 125 66.68 -6.35 1.41
CA THR G 125 67.67 -5.90 2.39
C THR G 125 68.04 -7.00 3.38
N PHE G 126 67.07 -7.84 3.74
CA PHE G 126 67.31 -8.93 4.68
C PHE G 126 67.46 -10.28 3.99
N ASN G 127 66.73 -10.52 2.90
CA ASN G 127 66.78 -11.80 2.18
C ASN G 127 66.53 -12.99 3.11
N THR G 128 65.48 -12.88 3.92
CA THR G 128 65.18 -13.91 4.89
C THR G 128 64.38 -15.04 4.24
N PRO G 129 64.06 -16.10 4.98
CA PRO G 129 63.30 -17.22 4.38
C PRO G 129 61.83 -16.90 4.17
N ALA G 130 61.16 -16.29 5.14
CA ALA G 130 59.73 -16.04 5.05
C ALA G 130 59.33 -14.94 6.03
N MET G 131 58.18 -14.32 5.75
CA MET G 131 57.69 -13.23 6.57
C MET G 131 56.17 -13.16 6.46
N TYR G 132 55.58 -12.29 7.28
CA TYR G 132 54.14 -12.03 7.24
C TYR G 132 53.87 -10.65 7.83
N VAL G 133 52.81 -10.00 7.34
CA VAL G 133 52.42 -8.66 7.76
C VAL G 133 50.90 -8.57 7.78
N ALA G 134 50.35 -8.22 8.94
CA ALA G 134 48.90 -8.13 9.12
C ALA G 134 48.56 -7.10 10.19
N ILE G 135 47.26 -6.95 10.47
CA ILE G 135 46.79 -5.92 11.39
C ILE G 135 47.33 -6.19 12.80
N GLN G 136 47.34 -5.15 13.63
CA GLN G 136 47.91 -5.28 14.96
C GLN G 136 46.86 -5.69 15.99
N ALA G 137 45.75 -4.97 16.04
CA ALA G 137 44.71 -5.28 17.02
C ALA G 137 44.14 -6.67 16.80
N VAL G 138 44.12 -7.14 15.54
CA VAL G 138 43.69 -8.51 15.28
C VAL G 138 44.65 -9.49 15.94
N LEU G 139 45.94 -9.19 15.90
CA LEU G 139 46.91 -10.04 16.60
C LEU G 139 46.70 -9.99 18.11
N SER G 140 46.44 -8.80 18.65
CA SER G 140 46.20 -8.68 20.09
C SER G 140 44.96 -9.47 20.50
N LEU G 141 43.92 -9.45 19.67
CA LEU G 141 42.74 -10.27 19.95
C LEU G 141 43.09 -11.74 19.87
N TYR G 142 43.92 -12.12 18.90
CA TYR G 142 44.42 -13.48 18.85
C TYR G 142 45.19 -13.82 20.13
N ALA G 143 45.67 -12.80 20.84
CA ALA G 143 46.33 -13.06 22.14
C ALA G 143 45.26 -13.12 23.23
N SER G 144 44.16 -12.38 23.06
CA SER G 144 43.08 -12.40 24.05
C SER G 144 42.24 -13.66 23.97
N GLY G 145 42.67 -14.65 23.18
CA GLY G 145 42.00 -15.93 23.10
C GLY G 145 40.61 -15.88 22.50
N ARG G 146 40.09 -14.68 22.29
CA ARG G 146 38.76 -14.49 21.73
C ARG G 146 38.93 -13.96 20.31
N THR G 147 38.73 -14.81 19.32
CA THR G 147 38.90 -14.41 17.94
C THR G 147 37.88 -13.35 17.52
N THR G 148 36.84 -13.13 18.32
CA THR G 148 35.76 -12.20 18.00
C THR G 148 35.68 -11.15 19.10
N GLY G 149 35.70 -9.88 18.71
CA GLY G 149 35.57 -8.79 19.66
C GLY G 149 36.11 -7.50 19.11
N ILE G 150 35.99 -6.44 19.89
CA ILE G 150 36.47 -5.11 19.53
C ILE G 150 37.63 -4.76 20.45
N VAL G 151 38.77 -4.42 19.85
CA VAL G 151 39.97 -4.03 20.59
C VAL G 151 40.22 -2.55 20.33
N LEU G 152 40.30 -1.76 21.39
CA LEU G 152 40.54 -0.33 21.26
C LEU G 152 41.99 -0.06 21.59
N ASP G 153 42.79 0.22 20.55
CA ASP G 153 44.23 0.39 20.68
C ASP G 153 44.59 1.84 20.36
N SER G 154 45.13 2.54 21.36
CA SER G 154 45.69 3.87 21.19
C SER G 154 47.14 3.81 21.67
N GLY G 155 48.08 4.00 20.75
CA GLY G 155 49.49 3.85 21.09
C GLY G 155 50.15 5.15 21.49
N ASP G 156 51.07 5.63 20.64
CA ASP G 156 51.75 6.89 20.90
C ASP G 156 51.41 7.95 19.86
N GLY G 157 50.95 7.53 18.68
CA GLY G 157 50.65 8.47 17.62
C GLY G 157 49.39 8.18 16.81
N VAL G 158 48.64 7.15 17.17
CA VAL G 158 47.45 6.77 16.44
C VAL G 158 46.53 5.98 17.36
N SER G 159 45.25 5.97 17.05
CA SER G 159 44.26 5.25 17.83
C SER G 159 43.19 4.67 16.91
N HIS G 160 42.61 3.55 17.32
CA HIS G 160 41.51 2.95 16.59
C HIS G 160 40.80 1.92 17.45
N THR G 161 39.49 1.89 17.33
CA THR G 161 38.66 0.82 17.86
C THR G 161 38.40 -0.15 16.72
N VAL G 162 39.06 -1.30 16.77
CA VAL G 162 39.02 -2.27 15.69
C VAL G 162 37.98 -3.34 16.02
N PRO G 163 36.90 -3.43 15.25
CA PRO G 163 36.02 -4.59 15.38
C PRO G 163 36.61 -5.79 14.66
N ILE G 164 36.36 -6.98 15.19
CA ILE G 164 36.79 -8.22 14.58
C ILE G 164 35.67 -9.22 14.73
N TYR G 165 35.13 -9.68 13.61
CA TYR G 165 34.04 -10.64 13.59
C TYR G 165 34.51 -11.85 12.81
N GLU G 166 34.58 -12.99 13.48
CA GLU G 166 35.13 -14.22 12.89
C GLU G 166 36.58 -14.03 12.49
N GLY G 167 37.23 -13.04 13.09
CA GLY G 167 38.66 -12.83 12.91
C GLY G 167 39.05 -11.83 11.85
N TYR G 168 38.42 -11.85 10.68
CA TYR G 168 38.70 -10.90 9.61
C TYR G 168 37.94 -9.62 9.86
N ALA G 169 38.68 -8.58 10.27
CA ALA G 169 38.05 -7.35 10.74
C ALA G 169 37.16 -6.73 9.67
N LEU G 170 36.12 -6.03 10.11
CA LEU G 170 35.24 -5.31 9.20
C LEU G 170 35.73 -3.88 9.09
N PRO G 171 36.49 -3.53 8.03
CA PRO G 171 37.09 -2.19 7.99
C PRO G 171 36.08 -1.07 7.91
N HIS G 172 34.87 -1.35 7.39
CA HIS G 172 33.85 -0.32 7.34
C HIS G 172 33.47 0.17 8.73
N ALA G 173 33.64 -0.67 9.75
CA ALA G 173 33.37 -0.33 11.13
C ALA G 173 34.61 -0.04 11.95
N ILE G 174 35.79 -0.09 11.33
CA ILE G 174 37.01 0.30 12.02
C ILE G 174 36.93 1.79 12.37
N LEU G 175 37.05 2.11 13.65
CA LEU G 175 36.93 3.48 14.12
C LEU G 175 38.32 4.08 14.27
N ARG G 176 38.59 5.13 13.50
CA ARG G 176 39.89 5.79 13.49
C ARG G 176 39.85 7.02 14.37
N LEU G 177 40.84 7.16 15.26
CA LEU G 177 40.90 8.26 16.22
C LEU G 177 42.32 8.80 16.23
N ASP G 178 42.45 10.10 15.95
CA ASP G 178 43.75 10.77 15.90
C ASP G 178 44.08 11.42 17.25
N LEU G 179 44.05 10.61 18.29
CA LEU G 179 44.38 11.05 19.65
C LEU G 179 45.24 9.97 20.28
N ALA G 180 46.31 10.38 20.98
CA ALA G 180 47.29 9.44 21.48
C ALA G 180 48.02 10.07 22.68
N GLY G 181 49.13 9.46 23.08
CA GLY G 181 49.82 9.91 24.28
C GLY G 181 50.55 11.22 24.11
N ARG G 182 50.84 11.60 22.87
CA ARG G 182 51.46 12.89 22.61
C ARG G 182 50.57 14.04 23.08
N ASP G 183 49.32 14.07 22.62
CA ASP G 183 48.38 15.07 23.08
C ASP G 183 48.11 14.93 24.58
N LEU G 184 48.19 13.71 25.10
CA LEU G 184 48.02 13.50 26.54
C LEU G 184 49.07 14.27 27.33
N THR G 185 50.35 13.99 27.07
CA THR G 185 51.41 14.67 27.79
C THR G 185 51.39 16.16 27.51
N ASP G 186 51.03 16.56 26.29
CA ASP G 186 51.01 17.98 25.94
C ASP G 186 49.95 18.73 26.75
N TYR G 187 48.72 18.20 26.79
CA TYR G 187 47.67 18.86 27.55
C TYR G 187 47.94 18.83 29.04
N LEU G 188 48.55 17.74 29.53
CA LEU G 188 48.95 17.71 30.93
C LEU G 188 49.94 18.82 31.25
N MET G 189 50.95 18.99 30.39
CA MET G 189 51.93 20.05 30.59
C MET G 189 51.27 21.43 30.51
N LYS G 190 50.32 21.59 29.58
CA LYS G 190 49.65 22.88 29.43
C LYS G 190 48.86 23.21 30.69
N ILE G 191 48.13 22.24 31.23
CA ILE G 191 47.36 22.48 32.44
C ILE G 191 48.28 22.76 33.63
N LEU G 192 49.41 22.05 33.69
CA LEU G 192 50.35 22.26 34.79
C LEU G 192 50.97 23.65 34.74
N THR G 193 51.32 24.12 33.55
CA THR G 193 51.89 25.46 33.43
C THR G 193 50.82 26.54 33.62
N GLU G 194 49.57 26.24 33.25
CA GLU G 194 48.49 27.19 33.48
C GLU G 194 48.23 27.37 34.97
N ARG G 195 48.22 26.27 35.72
CA ARG G 195 48.06 26.37 37.17
C ARG G 195 49.23 27.11 37.79
N GLY G 196 50.36 27.15 37.11
CA GLY G 196 51.54 27.86 37.59
C GLY G 196 52.81 27.03 37.67
N TYR G 197 52.79 25.74 37.29
CA TYR G 197 53.99 24.93 37.40
C TYR G 197 54.91 25.13 36.19
N SER G 198 56.10 24.54 36.28
CA SER G 198 57.08 24.60 35.20
C SER G 198 57.08 23.25 34.46
N PHE G 199 56.16 23.13 33.50
CA PHE G 199 56.04 21.92 32.71
C PHE G 199 56.17 22.18 31.22
N THR G 200 56.94 23.19 30.82
CA THR G 200 57.03 23.52 29.40
C THR G 200 58.21 22.83 28.73
N THR G 201 59.39 22.89 29.36
CA THR G 201 60.63 22.55 28.68
C THR G 201 60.72 21.07 28.34
N THR G 202 61.78 20.70 27.62
CA THR G 202 61.97 19.31 27.20
C THR G 202 62.22 18.40 28.39
N GLU G 203 63.11 18.80 29.30
CA GLU G 203 63.23 18.10 30.57
C GLU G 203 61.90 18.10 31.31
N GLU G 204 61.20 19.25 31.28
CA GLU G 204 59.86 19.32 31.89
C GLU G 204 58.87 18.45 31.12
N ARG G 205 59.06 18.30 29.80
CA ARG G 205 58.19 17.41 29.04
C ARG G 205 58.37 15.97 29.48
N GLU G 206 59.62 15.52 29.62
CA GLU G 206 59.88 14.17 30.11
C GLU G 206 59.35 13.98 31.52
N ILE G 207 59.51 14.99 32.37
CA ILE G 207 59.05 14.88 33.75
C ILE G 207 57.52 14.78 33.79
N VAL G 208 56.83 15.57 32.98
CA VAL G 208 55.38 15.55 32.97
C VAL G 208 54.88 14.22 32.40
N ARG G 209 55.56 13.69 31.38
CA ARG G 209 55.18 12.39 30.84
C ARG G 209 55.37 11.28 31.88
N ASP G 210 56.47 11.32 32.62
CA ASP G 210 56.70 10.34 33.67
C ASP G 210 55.64 10.46 34.77
N ILE G 211 55.27 11.69 35.13
CA ILE G 211 54.26 11.89 36.17
C ILE G 211 52.91 11.39 35.69
N LYS G 212 52.59 11.60 34.41
CA LYS G 212 51.34 11.10 33.86
C LYS G 212 51.34 9.58 33.82
N GLU G 213 52.50 8.98 33.57
CA GLU G 213 52.57 7.52 33.57
C GLU G 213 52.40 6.94 34.96
N LYS G 214 53.05 7.53 35.97
CA LYS G 214 53.07 6.96 37.30
C LYS G 214 51.96 7.48 38.22
N LEU G 215 51.94 8.79 38.48
CA LEU G 215 51.09 9.36 39.52
C LEU G 215 49.69 9.75 39.05
N CYS G 216 49.48 9.98 37.75
CA CYS G 216 48.18 10.40 37.26
C CYS G 216 47.10 9.39 37.64
N TYR G 217 45.84 9.84 37.63
CA TYR G 217 44.73 9.04 38.11
C TYR G 217 43.67 8.90 37.03
N VAL G 218 42.84 7.87 37.18
CA VAL G 218 41.71 7.62 36.30
C VAL G 218 40.51 7.20 37.15
N ALA G 219 39.45 8.00 37.13
CA ALA G 219 38.27 7.70 37.90
C ALA G 219 37.18 7.12 37.02
N LEU G 220 35.97 6.99 37.59
CA LEU G 220 34.82 6.52 36.80
C LEU G 220 34.13 7.69 36.11
N ASP G 221 34.00 8.83 36.79
CA ASP G 221 33.30 9.99 36.25
C ASP G 221 34.07 11.25 36.62
N PHE G 222 33.65 12.38 36.07
CA PHE G 222 34.33 13.65 36.34
C PHE G 222 33.71 14.37 37.53
N GLU G 223 32.39 14.25 37.70
CA GLU G 223 31.70 15.00 38.74
C GLU G 223 32.10 14.53 40.14
N GLN G 224 32.09 13.22 40.37
CA GLN G 224 32.33 12.70 41.71
C GLN G 224 33.77 12.91 42.15
N GLU G 225 34.73 12.51 41.31
CA GLU G 225 36.14 12.75 41.63
C GLU G 225 36.46 14.24 41.67
N MET G 226 35.77 15.04 40.84
CA MET G 226 35.99 16.48 40.83
C MET G 226 35.53 17.13 42.13
N ALA G 227 34.35 16.75 42.60
CA ALA G 227 33.88 17.25 43.90
C ALA G 227 34.77 16.77 45.03
N THR G 228 35.23 15.51 44.96
CA THR G 228 36.07 14.96 46.02
C THR G 228 37.40 15.71 46.09
N ALA G 229 38.01 15.99 44.93
CA ALA G 229 39.28 16.71 44.92
C ALA G 229 39.08 18.19 45.22
N ALA G 230 37.89 18.72 44.94
CA ALA G 230 37.63 20.13 45.20
C ALA G 230 37.38 20.37 46.68
N SER G 231 36.88 19.36 47.39
CA SER G 231 36.61 19.50 48.82
C SER G 231 37.82 19.19 49.70
N SER G 232 38.74 18.35 49.23
CA SER G 232 39.93 18.00 49.99
C SER G 232 40.95 17.41 49.04
N SER G 233 42.16 17.14 49.57
CA SER G 233 43.31 16.80 48.74
C SER G 233 43.81 15.38 48.99
N SER G 234 42.91 14.40 49.07
CA SER G 234 43.35 13.03 49.34
C SER G 234 44.28 12.51 48.25
N LEU G 235 43.85 12.54 46.99
CA LEU G 235 44.64 11.97 45.91
C LEU G 235 45.94 12.73 45.68
N GLU G 236 46.04 13.93 46.25
CA GLU G 236 47.24 14.73 46.07
C GLU G 236 48.42 14.06 46.76
N LYS G 237 49.33 13.50 45.95
CA LYS G 237 50.48 12.78 46.44
C LYS G 237 51.75 13.54 46.12
N SER G 238 52.69 13.55 47.05
CA SER G 238 53.91 14.32 46.93
C SER G 238 55.02 13.47 46.32
N TYR G 239 55.76 14.04 45.38
CA TYR G 239 56.91 13.40 44.77
C TYR G 239 58.11 14.32 44.85
N GLU G 240 59.18 13.84 45.48
CA GLU G 240 60.45 14.54 45.53
C GLU G 240 61.52 13.67 44.88
N LEU G 241 61.77 13.90 43.60
CA LEU G 241 62.67 13.06 42.83
C LEU G 241 64.11 13.18 43.33
N LYS G 242 64.99 12.38 42.72
CA LYS G 242 66.42 12.49 43.03
C LYS G 242 66.94 13.88 42.76
N ASP G 243 66.37 14.58 41.77
CA ASP G 243 66.82 15.93 41.44
C ASP G 243 66.35 16.95 42.47
N GLY G 244 65.32 16.62 43.25
CA GLY G 244 64.84 17.48 44.30
C GLY G 244 63.61 18.30 43.94
N GLN G 245 63.12 18.19 42.71
CA GLN G 245 61.92 18.94 42.33
C GLN G 245 60.69 18.34 43.00
N VAL G 246 59.84 19.19 43.60
CA VAL G 246 58.67 18.70 44.40
C VAL G 246 57.40 19.50 44.11
N ILE G 247 56.51 18.99 43.24
CA ILE G 247 55.18 19.62 42.97
C ILE G 247 54.13 18.50 43.09
N THR G 248 53.05 18.69 43.87
CA THR G 248 51.97 17.69 44.04
C THR G 248 50.61 18.33 43.71
N ILE G 249 49.84 17.78 42.76
CA ILE G 249 48.48 18.30 42.41
C ILE G 249 47.52 17.12 42.27
N GLY G 250 46.58 16.95 43.20
CA GLY G 250 45.54 15.90 43.10
C GLY G 250 44.58 16.17 41.96
N ASN G 251 44.17 17.43 41.76
CA ASN G 251 43.17 17.82 40.73
C ASN G 251 43.69 17.54 39.31
N GLU G 252 44.98 17.80 39.04
CA GLU G 252 45.55 17.67 37.67
C GLU G 252 45.63 16.19 37.26
N ARG G 253 45.95 15.28 38.20
CA ARG G 253 46.03 13.84 37.94
C ARG G 253 44.65 13.25 37.69
N PHE G 254 43.61 13.89 38.21
CA PHE G 254 42.24 13.45 37.97
C PHE G 254 41.67 13.96 36.67
N ARG G 255 42.19 15.09 36.16
CA ARG G 255 41.70 15.62 34.89
C ARG G 255 42.49 15.07 33.72
N CYS G 256 43.67 14.52 33.96
CA CYS G 256 44.47 13.96 32.87
C CYS G 256 43.79 12.80 32.16
N PRO G 257 43.16 11.84 32.85
CA PRO G 257 42.54 10.73 32.11
C PRO G 257 41.14 11.03 31.62
N GLU G 258 40.42 11.94 32.30
CA GLU G 258 39.04 12.23 31.94
C GLU G 258 38.93 12.81 30.54
N ALA G 259 40.03 13.33 29.99
CA ALA G 259 40.01 13.93 28.65
C ALA G 259 39.57 12.94 27.59
N LEU G 260 39.50 11.65 27.92
CA LEU G 260 39.01 10.66 26.97
C LEU G 260 37.49 10.67 26.91
N PHE G 261 36.83 11.10 27.98
CA PHE G 261 35.38 11.21 27.99
C PHE G 261 34.90 12.64 27.80
N GLN G 262 35.68 13.63 28.23
CA GLN G 262 35.35 15.05 28.07
C GLN G 262 36.43 15.70 27.21
N PRO G 263 36.34 15.55 25.90
CA PRO G 263 37.45 15.97 25.03
C PRO G 263 37.75 17.45 25.07
N SER G 264 36.73 18.30 25.26
CA SER G 264 36.93 19.74 25.19
C SER G 264 37.82 20.25 26.33
N PHE G 265 38.30 19.35 27.19
CA PHE G 265 39.30 19.73 28.18
C PHE G 265 40.65 20.00 27.53
N LEU G 266 40.97 19.27 26.47
CA LEU G 266 42.24 19.43 25.77
C LEU G 266 42.07 19.97 24.35
N GLY G 267 40.90 20.52 24.02
CA GLY G 267 40.70 21.10 22.71
C GLY G 267 40.39 20.12 21.61
N MET G 268 39.61 19.08 21.88
CA MET G 268 39.31 18.03 20.91
C MET G 268 37.85 18.14 20.44
N GLU G 269 37.65 17.90 19.15
CA GLU G 269 36.33 17.88 18.55
C GLU G 269 35.90 16.49 18.07
N ALA G 270 36.54 15.43 18.55
CA ALA G 270 36.23 14.09 18.10
C ALA G 270 35.43 13.32 19.15
N CYS G 271 34.99 12.12 18.78
CA CYS G 271 34.14 11.32 19.64
C CYS G 271 34.93 10.72 20.80
N GLY G 272 34.24 10.43 21.89
CA GLY G 272 34.86 9.82 23.05
C GLY G 272 35.15 8.35 22.83
N ILE G 273 36.00 7.81 23.70
CA ILE G 273 36.42 6.42 23.57
C ILE G 273 35.22 5.48 23.65
N HIS G 274 34.46 5.57 24.74
CA HIS G 274 33.22 4.80 24.85
C HIS G 274 32.29 5.13 23.69
N GLU G 275 32.22 6.40 23.30
CA GLU G 275 31.39 6.78 22.16
C GLU G 275 31.98 6.29 20.85
N THR G 276 33.31 6.19 20.77
CA THR G 276 33.91 5.56 19.61
C THR G 276 33.46 4.11 19.47
N THR G 277 33.53 3.35 20.57
CA THR G 277 33.06 1.97 20.52
C THR G 277 31.56 1.92 20.23
N TYR G 278 30.80 2.88 20.73
CA TYR G 278 29.37 2.92 20.45
C TYR G 278 29.12 3.08 18.95
N ASN G 279 29.79 4.04 18.32
CA ASN G 279 29.65 4.21 16.88
C ASN G 279 30.16 2.99 16.12
N SER G 280 31.17 2.31 16.66
CA SER G 280 31.69 1.11 16.02
C SER G 280 30.66 -0.02 16.02
N ILE G 281 30.03 -0.25 17.17
CA ILE G 281 28.92 -1.21 17.23
C ILE G 281 27.79 -0.75 16.33
N MET G 282 27.61 0.57 16.19
CA MET G 282 26.59 1.12 15.31
C MET G 282 26.85 0.80 13.85
N LYS G 283 28.12 0.76 13.43
CA LYS G 283 28.47 0.32 12.09
C LYS G 283 28.59 -1.19 11.98
N CYS G 284 28.33 -1.93 13.05
CA CYS G 284 28.50 -3.37 13.07
C CYS G 284 27.21 -4.09 12.69
N ASP G 285 27.32 -5.40 12.50
CA ASP G 285 26.18 -6.21 12.10
C ASP G 285 25.35 -6.65 13.30
N VAL G 286 24.20 -7.26 13.03
CA VAL G 286 23.29 -7.65 14.11
C VAL G 286 23.72 -8.96 14.75
N ASP G 287 23.86 -10.03 13.95
CA ASP G 287 24.19 -11.34 14.52
C ASP G 287 25.50 -11.29 15.29
N ILE G 288 26.42 -10.41 14.89
CA ILE G 288 27.67 -10.25 15.60
C ILE G 288 27.64 -9.14 16.63
N ARG G 289 26.54 -8.38 16.72
CA ARG G 289 26.52 -7.20 17.59
C ARG G 289 26.72 -7.58 19.05
N LYS G 290 25.85 -8.44 19.58
CA LYS G 290 25.96 -8.80 20.99
C LYS G 290 27.24 -9.57 21.26
N ASP G 291 27.65 -10.44 20.33
CA ASP G 291 28.88 -11.19 20.50
C ASP G 291 30.07 -10.27 20.64
N LEU G 292 30.13 -9.21 19.81
CA LEU G 292 31.20 -8.23 19.93
C LEU G 292 31.07 -7.45 21.23
N TYR G 293 29.84 -7.14 21.63
CA TYR G 293 29.64 -6.47 22.92
C TYR G 293 29.94 -7.42 24.08
N ALA G 294 30.24 -8.69 23.77
CA ALA G 294 30.46 -9.69 24.80
C ALA G 294 31.92 -10.13 24.93
N ASN G 295 32.73 -9.97 23.88
CA ASN G 295 34.10 -10.47 23.91
C ASN G 295 35.08 -9.40 23.40
N THR G 296 34.91 -8.16 23.88
CA THR G 296 35.78 -7.05 23.53
C THR G 296 36.91 -6.96 24.55
N VAL G 297 38.10 -6.58 24.09
CA VAL G 297 39.32 -6.62 24.90
C VAL G 297 39.95 -5.25 24.93
N LEU G 298 40.81 -5.01 25.93
CA LEU G 298 41.52 -3.76 26.08
C LEU G 298 42.95 -3.90 25.57
N SER G 299 43.45 -2.86 24.92
CA SER G 299 44.77 -2.89 24.31
C SER G 299 45.28 -1.46 24.14
N GLY G 300 46.51 -1.35 23.69
CA GLY G 300 47.14 -0.05 23.60
C GLY G 300 47.78 0.34 24.91
N GLY G 301 49.06 0.71 24.84
CA GLY G 301 49.81 0.98 26.06
C GLY G 301 49.13 1.94 27.00
N THR G 302 48.27 2.82 26.46
CA THR G 302 47.50 3.75 27.28
C THR G 302 46.49 3.03 28.17
N THR G 303 46.36 1.71 28.06
CA THR G 303 45.57 0.93 29.00
C THR G 303 46.33 0.67 30.30
N MET G 304 47.46 1.33 30.50
CA MET G 304 48.22 1.21 31.74
C MET G 304 47.61 2.02 32.88
N TYR G 305 46.49 2.68 32.65
CA TYR G 305 45.84 3.44 33.71
C TYR G 305 45.05 2.50 34.60
N PRO G 306 45.31 2.46 35.90
CA PRO G 306 44.51 1.61 36.78
C PRO G 306 43.11 2.17 36.95
N GLY G 307 42.12 1.28 37.00
CA GLY G 307 40.75 1.66 37.20
C GLY G 307 40.04 2.24 36.00
N ILE G 308 40.78 2.65 34.97
CA ILE G 308 40.16 3.24 33.78
C ILE G 308 39.31 2.19 33.05
N ALA G 309 39.74 0.93 33.10
CA ALA G 309 39.00 -0.12 32.41
C ALA G 309 37.62 -0.31 33.04
N ASP G 310 37.53 -0.17 34.36
CA ASP G 310 36.23 -0.28 35.03
C ASP G 310 35.28 0.81 34.53
N ARG G 311 35.79 2.04 34.38
CA ARG G 311 34.95 3.13 33.89
C ARG G 311 34.54 2.89 32.44
N MET G 312 35.48 2.39 31.62
CA MET G 312 35.13 2.05 30.24
C MET G 312 34.01 1.03 30.19
N GLN G 313 34.10 -0.01 31.04
CA GLN G 313 33.08 -1.05 31.05
C GLN G 313 31.74 -0.51 31.55
N LYS G 314 31.78 0.38 32.55
CA LYS G 314 30.55 0.99 33.02
C LYS G 314 29.87 1.79 31.92
N GLU G 315 30.64 2.63 31.23
CA GLU G 315 30.07 3.41 30.14
C GLU G 315 29.59 2.51 29.01
N ILE G 316 30.26 1.38 28.78
CA ILE G 316 29.85 0.49 27.72
C ILE G 316 28.55 -0.22 28.09
N THR G 317 28.36 -0.51 29.38
CA THR G 317 27.11 -1.09 29.84
C THR G 317 25.98 -0.08 29.74
N ALA G 318 26.28 1.20 29.97
CA ALA G 318 25.28 2.25 29.85
C ALA G 318 24.91 2.50 28.39
N LEU G 319 25.88 2.33 27.49
CA LEU G 319 25.69 2.76 26.10
C LEU G 319 24.71 1.88 25.34
N ALA G 320 25.02 0.60 25.19
CA ALA G 320 24.19 -0.30 24.41
C ALA G 320 22.87 -0.60 25.12
N PRO G 321 22.01 -1.40 24.49
CA PRO G 321 20.74 -1.76 25.14
C PRO G 321 20.94 -2.72 26.30
N SER G 322 19.83 -3.05 26.95
CA SER G 322 19.90 -3.93 28.12
C SER G 322 20.08 -5.38 27.73
N THR G 323 19.75 -5.73 26.48
CA THR G 323 19.77 -7.13 26.06
C THR G 323 21.16 -7.74 26.26
N MET G 324 22.15 -7.24 25.54
CA MET G 324 23.50 -7.73 25.74
C MET G 324 24.08 -7.11 27.01
N LYS G 325 25.36 -7.36 27.25
CA LYS G 325 26.07 -6.86 28.42
C LYS G 325 27.39 -6.23 28.00
N ILE G 326 28.16 -5.79 28.98
CA ILE G 326 29.56 -5.40 28.79
C ILE G 326 30.43 -6.46 29.44
N LYS G 327 31.27 -7.11 28.65
CA LYS G 327 32.27 -8.04 29.16
C LYS G 327 33.59 -7.74 28.47
N ILE G 328 34.39 -6.88 29.09
CA ILE G 328 35.58 -6.32 28.47
C ILE G 328 36.80 -6.99 29.08
N ILE G 329 37.72 -7.43 28.23
CA ILE G 329 38.96 -8.04 28.67
C ILE G 329 39.97 -6.92 28.90
N ALA G 330 40.39 -6.75 30.15
CA ALA G 330 41.26 -5.65 30.57
C ALA G 330 42.61 -6.23 30.93
N PRO G 331 43.48 -6.43 29.94
CA PRO G 331 44.74 -7.10 30.21
C PRO G 331 45.65 -6.27 31.09
N PRO G 332 46.08 -6.83 32.22
CA PRO G 332 47.22 -6.24 32.93
C PRO G 332 48.54 -6.51 32.22
N GLU G 333 48.49 -7.20 31.08
CA GLU G 333 49.61 -7.26 30.15
C GLU G 333 49.36 -6.39 28.93
N ARG G 334 48.53 -5.36 29.08
CA ARG G 334 48.16 -4.52 27.95
C ARG G 334 49.33 -3.75 27.37
N LYS G 335 50.34 -3.45 28.18
CA LYS G 335 51.47 -2.64 27.71
C LYS G 335 52.14 -3.27 26.51
N TYR G 336 52.53 -4.55 26.62
CA TYR G 336 53.06 -5.30 25.49
C TYR G 336 51.97 -6.03 24.73
N SER G 337 50.73 -5.55 24.82
CA SER G 337 49.58 -6.28 24.30
C SER G 337 49.75 -6.67 22.84
N VAL G 338 50.32 -5.79 22.02
CA VAL G 338 50.54 -6.13 20.62
C VAL G 338 51.58 -7.24 20.51
N TRP G 339 52.71 -7.06 21.17
CA TRP G 339 53.80 -8.04 21.06
C TRP G 339 53.32 -9.43 21.41
N ILE G 340 52.76 -9.61 22.62
CA ILE G 340 52.22 -10.90 23.04
C ILE G 340 51.40 -11.51 21.91
N GLY G 341 50.60 -10.69 21.23
CA GLY G 341 49.80 -11.19 20.12
C GLY G 341 50.60 -12.03 19.15
N GLY G 342 51.62 -11.44 18.54
CA GLY G 342 52.42 -12.20 17.59
C GLY G 342 52.97 -13.47 18.18
N SER G 343 53.39 -13.41 19.45
CA SER G 343 53.98 -14.58 20.09
C SER G 343 53.06 -15.78 20.00
N ILE G 344 51.75 -15.55 20.06
CA ILE G 344 50.80 -16.65 19.91
C ILE G 344 50.76 -17.13 18.47
N LEU G 345 50.56 -16.20 17.53
CA LEU G 345 50.27 -16.58 16.15
C LEU G 345 51.42 -17.39 15.56
N ALA G 346 52.63 -16.83 15.57
CA ALA G 346 53.77 -17.53 14.99
C ALA G 346 54.07 -18.82 15.73
N SER G 347 53.51 -18.99 16.93
CA SER G 347 53.79 -20.19 17.71
C SER G 347 53.16 -21.42 17.07
N LEU G 348 51.98 -21.28 16.48
CA LEU G 348 51.25 -22.44 15.98
C LEU G 348 51.97 -23.07 14.80
N SER G 349 51.91 -24.40 14.72
CA SER G 349 52.57 -25.11 13.63
C SER G 349 51.82 -24.93 12.32
N THR G 350 50.49 -25.05 12.35
CA THR G 350 49.69 -24.80 11.16
C THR G 350 49.84 -23.35 10.69
N PHE G 351 49.97 -22.42 11.65
CA PHE G 351 50.25 -21.02 11.29
C PHE G 351 51.51 -20.89 10.46
N GLN G 352 52.36 -21.92 10.46
CA GLN G 352 53.58 -21.89 9.65
C GLN G 352 53.26 -21.72 8.17
N GLN G 353 52.05 -22.10 7.75
CA GLN G 353 51.70 -21.98 6.34
C GLN G 353 51.27 -20.55 6.00
N MET G 354 51.02 -19.72 7.02
CA MET G 354 50.42 -18.41 6.80
C MET G 354 51.44 -17.41 6.26
N TRP G 355 52.68 -17.49 6.72
CA TRP G 355 53.69 -16.54 6.28
C TRP G 355 54.13 -16.84 4.85
N ILE G 356 54.48 -15.79 4.12
CA ILE G 356 54.86 -15.93 2.71
C ILE G 356 56.38 -15.96 2.61
N SER G 357 56.90 -16.76 1.68
CA SER G 357 58.32 -17.00 1.55
C SER G 357 58.97 -16.01 0.59
N LYS G 358 60.28 -16.18 0.39
CA LYS G 358 61.03 -15.28 -0.49
C LYS G 358 60.90 -15.69 -1.95
N GLN G 359 60.64 -16.98 -2.22
CA GLN G 359 60.60 -17.45 -3.60
C GLN G 359 59.43 -16.85 -4.36
N GLU G 360 58.23 -16.92 -3.79
CA GLU G 360 57.07 -16.34 -4.45
C GLU G 360 57.18 -14.82 -4.52
N TYR G 361 57.72 -14.19 -3.49
CA TYR G 361 57.88 -12.74 -3.50
C TYR G 361 58.89 -12.32 -4.58
N ASP G 362 59.85 -13.19 -4.90
CA ASP G 362 60.83 -12.85 -5.92
C ASP G 362 60.29 -13.15 -7.31
N GLU G 363 59.48 -14.20 -7.45
CA GLU G 363 59.02 -14.62 -8.77
C GLU G 363 57.80 -13.81 -9.22
N SER G 364 56.98 -13.36 -8.27
CA SER G 364 55.74 -12.65 -8.57
C SER G 364 55.70 -11.26 -7.94
N GLY G 365 56.84 -10.74 -7.49
CA GLY G 365 56.90 -9.41 -6.94
C GLY G 365 56.43 -9.36 -5.50
N PRO G 366 56.57 -8.19 -4.87
CA PRO G 366 56.14 -8.08 -3.47
C PRO G 366 54.63 -7.93 -3.31
N SER G 367 53.94 -7.46 -4.35
CA SER G 367 52.49 -7.23 -4.28
C SER G 367 51.69 -8.50 -4.02
N ILE G 368 52.30 -9.68 -4.21
CA ILE G 368 51.63 -10.92 -3.86
C ILE G 368 51.34 -11.00 -2.37
N VAL G 369 52.01 -10.17 -1.56
CA VAL G 369 51.70 -10.10 -0.14
C VAL G 369 50.27 -9.62 0.08
N HIS G 370 49.68 -8.96 -0.91
CA HIS G 370 48.26 -8.60 -0.79
C HIS G 370 47.37 -9.83 -0.90
N ARG G 371 47.79 -10.82 -1.70
CA ARG G 371 47.00 -12.04 -1.84
C ARG G 371 47.32 -13.02 -0.72
N LYS G 372 48.60 -13.29 -0.48
CA LYS G 372 48.99 -14.32 0.48
C LYS G 372 48.73 -13.87 1.91
N CYS G 373 49.04 -12.61 2.23
CA CYS G 373 48.87 -12.08 3.58
C CYS G 373 47.52 -11.36 3.65
N PHE G 374 46.47 -12.14 3.83
CA PHE G 374 45.11 -11.60 3.87
C PHE G 374 44.81 -10.95 5.22
N LEU H 150 113.62 -58.11 8.73
CA LEU H 150 114.75 -58.13 7.76
C LEU H 150 115.55 -56.83 7.82
N GLN H 151 116.81 -56.88 7.39
CA GLN H 151 117.78 -55.76 7.48
C GLN H 151 117.67 -54.93 6.20
N GLN H 152 117.75 -55.57 5.03
CA GLN H 152 117.80 -54.91 3.71
C GLN H 152 116.54 -54.11 3.46
N SER H 153 115.41 -54.54 4.02
CA SER H 153 114.11 -53.82 3.87
C SER H 153 114.10 -52.57 4.75
N LEU H 154 114.74 -52.63 5.92
CA LEU H 154 114.70 -51.46 6.84
C LEU H 154 115.26 -50.27 6.04
N GLU H 155 116.17 -50.62 5.15
CA GLU H 155 116.87 -49.56 4.39
C GLU H 155 115.83 -48.78 3.66
N LEU H 156 114.88 -49.43 3.00
CA LEU H 156 113.95 -48.59 2.19
C LEU H 156 113.27 -47.56 3.09
N LYS H 157 112.79 -48.00 4.23
CA LYS H 157 112.08 -47.08 5.13
C LYS H 157 112.97 -45.98 5.68
N ARG H 158 114.12 -46.35 6.19
CA ARG H 158 114.96 -45.33 6.86
C ARG H 158 115.27 -44.22 5.86
N LYS H 159 115.38 -44.61 4.60
CA LYS H 159 115.69 -43.61 3.56
C LYS H 159 114.43 -42.74 3.44
N MET H 160 113.29 -43.35 3.12
CA MET H 160 112.05 -42.55 2.88
C MET H 160 111.70 -41.70 4.11
N LEU H 161 111.97 -42.21 5.30
CA LEU H 161 111.56 -41.44 6.51
C LEU H 161 112.34 -40.13 6.47
N ARG H 162 113.58 -40.16 5.99
CA ARG H 162 114.35 -38.90 6.03
C ARG H 162 113.88 -38.07 4.85
N ASP H 163 113.55 -38.73 3.74
CA ASP H 163 113.14 -37.96 2.54
C ASP H 163 111.88 -37.11 2.82
N LYS H 164 110.85 -37.71 3.42
CA LYS H 164 109.55 -37.04 3.67
C LYS H 164 109.69 -36.09 4.86
N GLN H 165 110.39 -36.48 5.93
CA GLN H 165 110.66 -35.58 7.08
C GLN H 165 111.29 -34.31 6.52
N ASN H 166 112.26 -34.44 5.62
CA ASN H 166 112.95 -33.21 5.13
C ASN H 166 111.90 -32.12 4.91
N LYS H 167 110.83 -32.43 4.17
CA LYS H 167 109.80 -31.41 3.81
C LYS H 167 109.01 -30.88 5.01
N LYS H 168 108.59 -31.73 5.95
CA LYS H 168 107.70 -31.27 7.05
C LYS H 168 108.47 -30.67 8.22
N ASN H 169 109.07 -29.50 8.04
CA ASN H 169 109.70 -28.83 9.21
C ASN H 169 108.59 -28.47 10.20
N SER H 170 107.41 -28.03 9.73
CA SER H 170 106.30 -27.52 10.58
C SER H 170 105.73 -28.61 11.49
N GLY H 171 105.10 -29.64 10.93
CA GLY H 171 104.46 -30.72 11.72
C GLY H 171 105.48 -31.60 12.41
N GLN H 172 105.08 -32.27 13.50
CA GLN H 172 105.98 -33.16 14.28
C GLN H 172 106.20 -34.43 13.47
N HIS H 173 107.06 -35.34 13.93
CA HIS H 173 107.46 -36.52 13.14
C HIS H 173 106.21 -37.30 12.72
N LEU H 174 106.19 -37.79 11.49
CA LEU H 174 105.03 -38.51 10.91
C LEU H 174 104.89 -39.84 11.62
N PRO H 175 103.69 -40.49 11.60
CA PRO H 175 103.45 -41.79 12.25
C PRO H 175 104.63 -42.76 12.11
N ILE H 176 105.02 -43.44 13.19
CA ILE H 176 106.14 -44.43 13.18
C ILE H 176 105.63 -45.73 13.84
N PHE H 177 105.73 -46.87 13.15
CA PHE H 177 105.29 -48.18 13.69
C PHE H 177 106.30 -48.64 14.75
N PRO H 178 105.92 -49.41 15.80
CA PRO H 178 106.88 -49.79 16.83
C PRO H 178 108.03 -50.65 16.30
N ALA H 179 109.05 -50.90 17.12
CA ALA H 179 110.22 -51.69 16.68
C ALA H 179 109.84 -53.17 16.51
N TRP H 180 109.07 -53.78 17.42
CA TRP H 180 108.79 -55.25 17.39
C TRP H 180 107.99 -55.66 16.16
N VAL H 181 107.08 -54.81 15.66
CA VAL H 181 106.17 -55.26 14.55
C VAL H 181 106.98 -55.83 13.39
N TYR H 182 108.06 -55.16 12.98
CA TYR H 182 108.90 -55.62 11.86
C TYR H 182 109.70 -56.85 12.27
N GLU H 183 110.20 -56.90 13.52
CA GLU H 183 111.03 -58.01 14.04
C GLU H 183 110.30 -59.34 14.23
N ARG H 184 109.05 -59.38 14.69
CA ARG H 184 108.41 -60.67 15.11
C ARG H 184 108.32 -61.71 13.99
N PRO H 185 108.82 -62.96 14.20
CA PRO H 185 108.73 -64.04 13.20
C PRO H 185 107.42 -64.83 13.16
N ALA H 186 106.80 -65.12 14.30
CA ALA H 186 105.58 -65.94 14.39
C ALA H 186 104.37 -65.28 13.72
N LEU H 187 104.25 -63.96 13.76
CA LEU H 187 103.06 -63.24 13.23
C LEU H 187 102.89 -63.49 11.71
N ILE H 188 103.96 -63.61 10.92
CA ILE H 188 103.89 -63.68 9.43
C ILE H 188 103.28 -65.03 9.02
N GLY H 189 102.91 -65.21 7.76
CA GLY H 189 102.27 -66.43 7.25
C GLY H 189 103.10 -67.70 7.32
N ASP H 190 104.39 -67.70 6.95
CA ASP H 190 105.22 -68.93 6.90
C ASP H 190 106.43 -68.79 7.80
N PHE H 191 106.74 -69.77 8.64
CA PHE H 191 107.94 -69.78 9.50
C PHE H 191 108.41 -71.23 9.69
N PRO H 204 108.76 -95.67 7.60
CA PRO H 204 108.15 -96.84 6.93
C PRO H 204 107.11 -96.46 5.87
N ILE H 205 107.22 -95.28 5.25
CA ILE H 205 106.25 -94.79 4.20
C ILE H 205 106.23 -95.77 3.02
N GLY H 206 107.40 -96.30 2.65
CA GLY H 206 107.50 -97.27 1.52
C GLY H 206 106.73 -98.56 1.78
N THR H 207 106.52 -98.91 3.06
CA THR H 207 105.81 -100.14 3.49
C THR H 207 104.28 -99.93 3.49
N LEU H 208 103.82 -98.67 3.66
CA LEU H 208 102.37 -98.37 3.81
C LEU H 208 101.64 -98.49 2.47
N PRO H 209 100.35 -98.88 2.46
CA PRO H 209 99.56 -98.88 1.24
C PRO H 209 99.36 -97.49 0.66
N LEU H 210 99.00 -97.42 -0.63
CA LEU H 210 98.79 -96.13 -1.36
C LEU H 210 97.67 -95.30 -0.71
N ALA H 211 96.65 -95.97 -0.16
CA ALA H 211 95.50 -95.29 0.51
C ALA H 211 95.97 -94.57 1.76
N SER H 212 96.82 -95.23 2.56
CA SER H 212 97.43 -94.63 3.78
C SER H 212 98.34 -93.46 3.37
N GLN H 213 99.03 -93.61 2.22
CA GLN H 213 99.89 -92.53 1.68
C GLN H 213 99.04 -91.36 1.19
N GLU H 214 97.88 -91.65 0.58
CA GLU H 214 96.95 -90.62 0.07
C GLU H 214 96.42 -89.82 1.26
N SER H 215 95.92 -90.50 2.29
CA SER H 215 95.31 -89.81 3.46
C SER H 215 96.38 -88.94 4.10
N ALA H 216 97.59 -89.48 4.28
CA ALA H 216 98.71 -88.72 4.87
C ALA H 216 99.14 -87.60 3.94
N VAL H 217 99.31 -87.89 2.64
CA VAL H 217 99.84 -86.87 1.71
C VAL H 217 98.79 -85.77 1.66
N VAL H 218 97.52 -86.14 1.60
CA VAL H 218 96.43 -85.13 1.49
C VAL H 218 96.39 -84.36 2.81
N GLU H 219 96.68 -85.02 3.92
CA GLU H 219 96.64 -84.39 5.26
C GLU H 219 97.72 -83.30 5.36
N ASP H 220 98.96 -83.55 4.94
CA ASP H 220 100.07 -82.57 5.14
C ASP H 220 99.98 -81.49 4.07
N LEU H 221 99.50 -81.84 2.87
CA LEU H 221 99.34 -80.88 1.76
C LEU H 221 98.27 -79.89 2.23
N LEU H 222 97.22 -80.40 2.84
CA LEU H 222 96.13 -79.56 3.37
C LEU H 222 96.77 -78.64 4.42
N TYR H 223 97.72 -79.15 5.19
CA TYR H 223 98.42 -78.33 6.20
C TYR H 223 99.18 -77.20 5.49
N VAL H 224 100.05 -77.52 4.53
CA VAL H 224 100.96 -76.51 3.89
C VAL H 224 100.20 -75.47 3.08
N LEU H 225 98.97 -75.73 2.67
CA LEU H 225 98.19 -74.71 1.95
C LEU H 225 98.01 -73.48 2.86
N VAL H 226 97.85 -73.64 4.18
CA VAL H 226 97.55 -72.48 5.09
C VAL H 226 98.76 -72.03 5.90
N GLY H 227 99.98 -72.37 5.49
CA GLY H 227 101.17 -71.72 6.09
C GLY H 227 101.79 -72.28 7.32
N VAL H 228 101.46 -73.48 7.76
CA VAL H 228 102.23 -74.13 8.87
C VAL H 228 103.00 -75.25 8.19
N ASP H 229 104.27 -75.41 8.48
CA ASP H 229 105.10 -76.40 7.76
C ASP H 229 104.46 -77.76 8.01
N GLY H 230 104.42 -78.62 6.99
CA GLY H 230 103.86 -79.97 7.12
C GLY H 230 104.95 -80.97 7.46
N ARG H 231 104.60 -82.22 7.76
CA ARG H 231 105.59 -83.27 8.07
C ARG H 231 106.15 -83.93 6.80
N TYR H 232 105.29 -84.53 5.97
CA TYR H 232 105.73 -85.25 4.73
C TYR H 232 106.24 -84.25 3.70
N VAL H 233 105.47 -83.19 3.44
CA VAL H 233 105.91 -82.07 2.56
C VAL H 233 106.48 -81.06 3.54
N SER H 234 107.54 -80.32 3.22
CA SER H 234 108.18 -79.39 4.18
C SER H 234 108.81 -78.20 3.46
N ALA H 235 108.39 -76.96 3.72
CA ALA H 235 108.94 -75.76 3.04
C ALA H 235 110.47 -75.74 3.21
N GLN H 236 111.23 -75.64 2.11
CA GLN H 236 112.72 -75.64 2.15
C GLN H 236 113.20 -74.33 2.77
N PRO H 237 114.21 -74.30 3.66
CA PRO H 237 114.67 -73.01 4.17
C PRO H 237 115.12 -72.24 2.92
N LEU H 238 114.68 -71.01 2.73
CA LEU H 238 115.05 -70.19 1.54
C LEU H 238 115.64 -68.86 1.99
N ALA H 239 116.71 -68.40 1.34
CA ALA H 239 117.37 -67.11 1.64
C ALA H 239 117.52 -66.36 0.32
N GLY H 240 117.62 -65.03 0.34
CA GLY H 240 117.67 -64.20 -0.88
C GLY H 240 116.27 -63.83 -1.33
N ARG H 241 116.12 -63.19 -2.50
CA ARG H 241 114.81 -62.76 -3.04
C ARG H 241 114.37 -63.77 -4.11
N GLN H 242 113.59 -64.79 -3.74
CA GLN H 242 113.09 -65.81 -4.70
C GLN H 242 111.73 -66.31 -4.21
N SER H 243 110.91 -66.87 -5.10
CA SER H 243 109.62 -67.48 -4.70
C SER H 243 109.92 -68.71 -3.85
N ARG H 244 109.05 -69.05 -2.90
CA ARG H 244 109.28 -70.18 -1.97
C ARG H 244 109.30 -71.50 -2.74
N THR H 245 110.26 -72.39 -2.45
CA THR H 245 110.37 -73.73 -3.09
C THR H 245 110.23 -74.75 -1.97
N PHE H 246 109.57 -75.88 -2.18
CA PHE H 246 109.28 -76.86 -1.09
C PHE H 246 109.93 -78.20 -1.41
N LEU H 247 110.31 -78.97 -0.39
CA LEU H 247 110.87 -80.32 -0.61
C LEU H 247 109.76 -81.34 -0.35
N VAL H 248 109.94 -82.56 -0.84
CA VAL H 248 108.99 -83.66 -0.50
C VAL H 248 109.82 -84.90 -0.13
N ASP H 249 109.21 -85.84 0.63
CA ASP H 249 109.85 -87.13 0.96
C ASP H 249 110.08 -87.87 -0.35
N PRO H 250 111.31 -88.37 -0.60
CA PRO H 250 111.63 -88.98 -1.89
C PRO H 250 110.91 -90.30 -2.17
N ASN H 251 110.80 -91.17 -1.16
CA ASN H 251 110.29 -92.56 -1.33
C ASN H 251 108.76 -92.60 -1.29
N LEU H 252 108.10 -91.98 -2.26
CA LEU H 252 106.62 -92.03 -2.39
C LEU H 252 106.27 -92.60 -3.77
N ASP H 253 104.96 -92.70 -4.09
CA ASP H 253 104.49 -93.13 -5.43
C ASP H 253 104.68 -91.96 -6.41
N LEU H 254 105.31 -92.25 -7.55
CA LEU H 254 105.69 -91.22 -8.56
C LEU H 254 104.45 -90.48 -9.06
N SER H 255 103.31 -91.18 -9.21
CA SER H 255 102.03 -90.54 -9.60
C SER H 255 101.66 -89.50 -8.54
N ILE H 256 101.87 -89.83 -7.27
CA ILE H 256 101.63 -88.85 -6.17
C ILE H 256 102.75 -87.81 -6.21
N ARG H 257 104.00 -88.28 -6.42
CA ARG H 257 105.23 -87.40 -6.37
C ARG H 257 105.12 -86.27 -7.38
N GLU H 258 104.34 -86.45 -8.46
CA GLU H 258 104.08 -85.33 -9.42
C GLU H 258 102.82 -84.57 -8.98
N LEU H 259 101.78 -85.30 -8.53
CA LEU H 259 100.48 -84.69 -8.17
C LEU H 259 100.71 -83.61 -7.12
N VAL H 260 101.62 -83.90 -6.18
CA VAL H 260 101.99 -82.86 -5.20
C VAL H 260 102.57 -81.68 -5.97
N HIS H 261 103.60 -81.92 -6.79
CA HIS H 261 104.32 -80.82 -7.50
C HIS H 261 103.33 -80.09 -8.37
N ARG H 262 102.22 -80.75 -8.69
CA ARG H 262 101.13 -80.09 -9.45
C ARG H 262 100.54 -78.94 -8.62
N ILE H 263 100.42 -79.10 -7.29
CA ILE H 263 99.62 -78.16 -6.45
C ILE H 263 100.46 -77.13 -5.72
N LEU H 264 101.61 -77.54 -5.15
CA LEU H 264 102.50 -76.67 -4.33
C LEU H 264 102.62 -75.25 -4.88
N PRO H 265 102.69 -74.99 -6.22
CA PRO H 265 102.68 -73.64 -6.75
C PRO H 265 101.70 -72.70 -6.03
N VAL H 266 100.44 -73.12 -5.83
CA VAL H 266 99.54 -72.20 -5.07
C VAL H 266 100.11 -72.01 -3.67
N ALA H 267 100.53 -73.10 -3.02
CA ALA H 267 101.00 -72.92 -1.65
C ALA H 267 102.18 -71.95 -1.69
N ALA H 268 103.05 -72.08 -2.72
CA ALA H 268 104.23 -71.21 -2.85
C ALA H 268 103.75 -69.79 -3.12
N SER H 269 102.72 -69.63 -3.96
CA SER H 269 102.27 -68.27 -4.27
C SER H 269 101.80 -67.61 -2.97
N TYR H 270 101.08 -68.35 -2.11
CA TYR H 270 100.51 -67.79 -0.87
C TYR H 270 101.70 -67.26 -0.10
N SER H 271 102.78 -68.01 0.09
CA SER H 271 103.87 -67.48 0.94
C SER H 271 104.18 -66.05 0.52
N ALA H 272 104.29 -65.79 -0.78
CA ALA H 272 104.63 -64.46 -1.30
C ALA H 272 103.53 -63.45 -1.00
N VAL H 273 102.26 -63.80 -1.15
CA VAL H 273 101.17 -62.79 -0.97
C VAL H 273 101.18 -62.30 0.48
N THR H 274 101.36 -63.19 1.46
CA THR H 274 101.25 -62.82 2.88
C THR H 274 102.34 -61.83 3.29
N ARG H 275 103.59 -62.04 2.90
CA ARG H 275 104.72 -61.18 3.33
C ARG H 275 104.51 -59.79 2.74
N PHE H 276 104.03 -59.74 1.51
CA PHE H 276 103.75 -58.46 0.84
C PHE H 276 102.69 -57.76 1.65
N ILE H 277 101.71 -58.49 2.21
CA ILE H 277 100.57 -57.87 2.96
C ILE H 277 101.05 -57.40 4.32
N GLU H 278 102.04 -58.05 4.95
CA GLU H 278 102.48 -57.70 6.32
C GLU H 278 103.68 -56.76 6.33
N GLU H 279 104.15 -56.30 5.16
CA GLU H 279 105.38 -55.47 5.12
C GLU H 279 105.02 -54.08 4.58
N LYS H 280 104.27 -54.05 3.48
CA LYS H 280 103.95 -52.76 2.83
C LYS H 280 102.99 -51.98 3.70
N SER H 281 102.34 -52.58 4.70
CA SER H 281 101.44 -51.87 5.64
C SER H 281 102.25 -51.15 6.71
N SER H 282 103.23 -50.33 6.31
CA SER H 282 104.03 -49.48 7.21
C SER H 282 103.87 -48.06 6.65
N PHE H 283 104.10 -47.02 7.43
CA PHE H 283 103.81 -45.62 7.03
C PHE H 283 104.68 -45.16 5.86
N GLU H 284 105.95 -45.59 5.79
CA GLU H 284 106.92 -45.13 4.77
C GLU H 284 106.49 -45.53 3.35
N TYR H 285 105.87 -46.69 3.16
CA TYR H 285 105.55 -47.23 1.80
C TYR H 285 104.54 -46.36 1.05
N GLY H 286 103.83 -45.45 1.73
CA GLY H 286 102.90 -44.50 1.09
C GLY H 286 101.46 -44.95 1.23
N GLN H 287 100.48 -44.05 1.18
CA GLN H 287 99.10 -44.42 1.54
C GLN H 287 98.50 -45.35 0.52
N VAL H 288 98.80 -45.23 -0.75
CA VAL H 288 98.28 -46.21 -1.74
C VAL H 288 98.86 -47.59 -1.51
N ASN H 289 100.15 -47.72 -1.24
CA ASN H 289 100.77 -49.06 -1.13
C ASN H 289 100.03 -49.78 0.00
N HIS H 290 99.72 -49.08 1.10
CA HIS H 290 99.08 -49.67 2.31
C HIS H 290 97.68 -50.18 1.95
N ALA H 291 96.93 -49.42 1.16
CA ALA H 291 95.55 -49.76 0.81
C ALA H 291 95.59 -50.93 -0.13
N LEU H 292 96.67 -51.16 -0.88
CA LEU H 292 96.77 -52.38 -1.72
C LEU H 292 96.81 -53.56 -0.76
N ALA H 293 97.47 -53.46 0.41
CA ALA H 293 97.55 -54.63 1.30
C ALA H 293 96.18 -54.82 1.92
N ALA H 294 95.45 -53.77 2.21
CA ALA H 294 94.15 -53.90 2.89
C ALA H 294 93.16 -54.62 2.00
N ALA H 295 93.07 -54.25 0.74
CA ALA H 295 92.12 -54.89 -0.20
C ALA H 295 92.57 -56.33 -0.47
N MET H 296 93.87 -56.54 -0.59
CA MET H 296 94.43 -57.90 -0.82
C MET H 296 94.12 -58.78 0.39
N ARG H 297 94.09 -58.23 1.60
CA ARG H 297 93.88 -58.98 2.87
C ARG H 297 92.50 -59.64 2.88
N THR H 298 91.46 -58.95 2.42
CA THR H 298 90.09 -59.51 2.39
C THR H 298 90.10 -60.75 1.51
N LEU H 299 90.74 -60.72 0.33
CA LEU H 299 90.82 -61.87 -0.60
C LEU H 299 91.62 -63.01 0.03
N VAL H 300 92.71 -62.69 0.72
CA VAL H 300 93.55 -63.73 1.35
C VAL H 300 92.69 -64.48 2.35
N LYS H 301 91.70 -63.82 2.94
CA LYS H 301 90.90 -64.49 3.99
C LYS H 301 90.11 -65.63 3.35
N GLU H 302 89.68 -65.50 2.11
CA GLU H 302 88.84 -66.55 1.48
C GLU H 302 89.64 -67.83 1.39
N HIS H 303 90.92 -67.73 1.09
CA HIS H 303 91.77 -68.91 0.98
C HIS H 303 91.61 -69.62 2.31
N LEU H 304 91.70 -68.89 3.42
CA LEU H 304 91.69 -69.56 4.73
C LEU H 304 90.35 -70.25 4.91
N ILE H 305 89.26 -69.66 4.42
CA ILE H 305 87.91 -70.26 4.68
C ILE H 305 87.80 -71.57 3.92
N LEU H 306 88.28 -71.62 2.68
CA LEU H 306 88.16 -72.82 1.83
C LEU H 306 88.95 -73.96 2.42
N VAL H 307 90.14 -73.71 2.93
CA VAL H 307 91.01 -74.84 3.35
C VAL H 307 90.35 -75.68 4.44
N SER H 308 89.69 -75.08 5.42
CA SER H 308 89.01 -75.82 6.52
C SER H 308 87.90 -76.70 6.00
N GLN H 309 87.11 -76.19 5.07
CA GLN H 309 85.97 -76.95 4.52
C GLN H 309 86.57 -78.12 3.79
N LEU H 310 87.67 -77.87 3.09
CA LEU H 310 88.39 -78.96 2.43
C LEU H 310 88.82 -79.88 3.57
N GLU H 311 89.18 -79.37 4.74
CA GLU H 311 89.52 -80.24 5.91
C GLU H 311 88.32 -81.07 6.37
N GLN H 312 87.12 -80.49 6.39
CA GLN H 312 85.97 -81.22 6.97
C GLN H 312 85.80 -82.50 6.17
N LEU H 313 85.99 -82.43 4.87
CA LEU H 313 85.84 -83.62 4.01
C LEU H 313 86.86 -84.64 4.45
N HIS H 314 88.08 -84.25 4.77
CA HIS H 314 89.14 -85.24 5.06
C HIS H 314 88.75 -86.10 6.27
N ARG H 315 88.11 -85.53 7.29
CA ARG H 315 87.66 -86.27 8.51
C ARG H 315 86.58 -87.29 8.13
N GLN H 316 85.68 -86.96 7.22
CA GLN H 316 84.59 -87.86 6.75
C GLN H 316 85.18 -88.81 5.70
N GLY H 317 86.46 -88.70 5.38
CA GLY H 317 87.18 -89.61 4.46
C GLY H 317 86.68 -89.50 3.04
N LEU H 318 85.91 -88.45 2.72
CA LEU H 318 85.30 -88.28 1.38
C LEU H 318 86.14 -87.29 0.56
N LEU H 319 87.44 -87.52 0.41
CA LEU H 319 88.26 -86.65 -0.49
C LEU H 319 89.42 -87.41 -1.17
N SER H 320 89.63 -87.15 -2.47
CA SER H 320 90.78 -87.68 -3.26
C SER H 320 91.54 -86.50 -3.86
N LEU H 321 92.82 -86.75 -4.20
CA LEU H 321 93.75 -85.69 -4.65
C LEU H 321 93.17 -85.00 -5.86
N GLN H 322 92.63 -85.78 -6.81
CA GLN H 322 92.07 -85.27 -8.09
C GLN H 322 90.90 -84.34 -7.79
N LYS H 323 90.04 -84.74 -6.85
CA LYS H 323 88.86 -83.92 -6.47
C LYS H 323 89.34 -82.61 -5.84
N LEU H 324 90.37 -82.69 -4.98
CA LEU H 324 90.95 -81.46 -4.36
C LEU H 324 91.54 -80.60 -5.47
N TRP H 325 92.30 -81.23 -6.35
CA TRP H 325 92.96 -80.46 -7.45
C TRP H 325 91.87 -79.68 -8.18
N PHE H 326 90.79 -80.37 -8.56
CA PHE H 326 89.67 -79.72 -9.28
C PHE H 326 89.16 -78.57 -8.41
N TYR H 327 88.93 -78.81 -7.11
CA TYR H 327 88.28 -77.80 -6.23
C TYR H 327 89.13 -76.52 -6.15
N ILE H 328 90.46 -76.65 -6.06
CA ILE H 328 91.36 -75.48 -5.82
C ILE H 328 91.66 -74.79 -7.14
N GLN H 329 90.98 -75.13 -8.23
CA GLN H 329 91.31 -74.55 -9.55
C GLN H 329 90.96 -73.07 -9.59
N PRO H 330 89.78 -72.57 -9.17
CA PRO H 330 89.52 -71.14 -9.24
C PRO H 330 90.50 -70.39 -8.34
N ALA H 331 90.71 -70.89 -7.11
CA ALA H 331 91.58 -70.21 -6.13
C ALA H 331 93.02 -70.22 -6.60
N MET H 332 93.54 -71.31 -7.16
CA MET H 332 94.98 -71.38 -7.49
C MET H 332 95.29 -70.28 -8.50
N ARG H 333 94.40 -70.01 -9.45
CA ARG H 333 94.60 -68.87 -10.39
C ARG H 333 94.48 -67.53 -9.66
N THR H 334 93.50 -67.31 -8.78
CA THR H 334 93.27 -66.00 -8.13
C THR H 334 94.49 -65.67 -7.28
N MET H 335 95.05 -66.64 -6.58
CA MET H 335 96.28 -66.45 -5.78
C MET H 335 97.44 -66.15 -6.74
N ASP H 336 97.49 -66.79 -7.89
CA ASP H 336 98.59 -66.56 -8.85
C ASP H 336 98.58 -65.09 -9.28
N ILE H 337 97.42 -64.49 -9.55
CA ILE H 337 97.33 -63.09 -10.05
C ILE H 337 97.79 -62.13 -8.95
N LEU H 338 97.43 -62.38 -7.69
CA LEU H 338 97.83 -61.51 -6.55
C LEU H 338 99.35 -61.55 -6.50
N ALA H 339 99.95 -62.72 -6.71
CA ALA H 339 101.43 -62.87 -6.71
C ALA H 339 102.03 -62.04 -7.85
N SER H 340 101.35 -61.95 -9.00
CA SER H 340 101.84 -61.18 -10.17
C SER H 340 102.00 -59.73 -9.74
N LEU H 341 101.00 -59.16 -9.07
CA LEU H 341 101.07 -57.76 -8.60
C LEU H 341 102.15 -57.67 -7.54
N ALA H 342 102.38 -58.72 -6.76
CA ALA H 342 103.36 -58.69 -5.64
C ALA H 342 104.79 -58.50 -6.14
N THR H 343 105.20 -59.13 -7.23
CA THR H 343 106.61 -59.08 -7.71
C THR H 343 106.87 -57.85 -8.56
N SER H 344 105.87 -57.28 -9.22
CA SER H 344 105.97 -56.06 -10.07
C SER H 344 105.89 -54.74 -9.28
N VAL H 345 105.14 -54.73 -8.18
CA VAL H 345 105.06 -53.53 -7.30
C VAL H 345 106.38 -53.39 -6.58
N ASP H 346 106.95 -54.51 -6.13
CA ASP H 346 108.19 -54.47 -5.31
C ASP H 346 109.44 -54.31 -6.17
N LYS H 347 109.69 -55.24 -7.09
CA LYS H 347 111.00 -55.33 -7.82
C LYS H 347 111.37 -53.93 -8.30
N GLY H 348 110.44 -53.20 -8.92
CA GLY H 348 110.64 -51.76 -9.20
C GLY H 348 109.91 -51.02 -8.09
N GLU H 349 110.60 -50.18 -7.30
CA GLU H 349 109.99 -49.55 -6.08
C GLU H 349 108.88 -48.60 -6.51
N CYS H 350 107.68 -48.83 -5.96
CA CYS H 350 106.49 -48.04 -6.35
C CYS H 350 105.74 -47.56 -5.12
N LEU H 351 105.89 -46.27 -4.80
CA LEU H 351 105.11 -45.63 -3.73
C LEU H 351 104.36 -44.50 -4.39
N GLY H 352 103.08 -44.40 -4.07
CA GLY H 352 102.16 -43.48 -4.76
C GLY H 352 101.83 -43.87 -6.18
N GLY H 353 101.89 -42.91 -7.09
CA GLY H 353 101.37 -43.09 -8.45
C GLY H 353 101.94 -44.30 -9.11
N SER H 354 103.23 -44.56 -8.91
CA SER H 354 103.92 -45.67 -9.62
C SER H 354 103.13 -46.96 -9.35
N THR H 355 102.70 -47.15 -8.12
CA THR H 355 101.93 -48.35 -7.75
C THR H 355 100.43 -48.11 -8.01
N LEU H 356 100.02 -47.02 -8.67
CA LEU H 356 98.58 -46.87 -9.06
C LEU H 356 98.50 -47.02 -10.57
N SER H 357 99.50 -46.53 -11.30
CA SER H 357 99.58 -46.74 -12.76
C SER H 357 99.86 -48.21 -13.09
N LEU H 358 100.74 -48.87 -12.33
CA LEU H 358 101.15 -50.27 -12.62
C LEU H 358 99.95 -51.20 -12.48
N LEU H 359 98.97 -50.84 -11.67
CA LEU H 359 97.70 -51.62 -11.59
C LEU H 359 96.67 -51.12 -12.62
N HIS H 360 96.94 -50.06 -13.37
CA HIS H 360 95.98 -49.72 -14.46
C HIS H 360 96.47 -50.36 -15.74
N ASP H 361 97.70 -50.90 -15.74
CA ASP H 361 98.32 -51.50 -16.96
C ASP H 361 98.45 -53.03 -16.86
N ARG H 362 98.27 -53.61 -15.66
CA ARG H 362 98.15 -55.09 -15.48
C ARG H 362 96.66 -55.42 -15.60
N SER H 363 95.81 -54.41 -15.93
CA SER H 363 94.34 -54.54 -16.11
C SER H 363 93.95 -54.51 -17.61
N PHE H 364 94.91 -54.23 -18.50
CA PHE H 364 94.68 -54.33 -19.97
C PHE H 364 95.35 -55.63 -20.48
N SER H 365 96.22 -56.28 -19.69
CA SER H 365 96.89 -57.57 -20.04
C SER H 365 95.93 -58.76 -19.98
N TYR H 366 95.12 -58.83 -18.93
CA TYR H 366 94.08 -59.89 -18.80
C TYR H 366 92.85 -59.34 -19.53
N THR H 367 92.70 -59.68 -20.82
CA THR H 367 91.62 -59.12 -21.70
C THR H 367 90.41 -60.05 -21.82
N GLY H 368 90.65 -61.35 -22.07
CA GLY H 368 89.57 -62.32 -22.35
C GLY H 368 89.39 -63.44 -21.33
N ASP H 369 89.89 -63.29 -20.09
CA ASP H 369 89.67 -64.27 -18.98
C ASP H 369 88.32 -64.02 -18.29
N SER H 370 87.93 -62.75 -18.08
CA SER H 370 86.66 -62.31 -17.40
C SER H 370 86.69 -62.69 -15.92
N GLN H 371 87.87 -63.10 -15.41
CA GLN H 371 88.07 -63.46 -13.99
C GLN H 371 89.05 -62.44 -13.41
N ALA H 372 90.21 -62.30 -14.03
CA ALA H 372 91.23 -61.32 -13.57
C ALA H 372 90.66 -59.90 -13.73
N GLN H 373 89.68 -59.71 -14.64
CA GLN H 373 89.10 -58.37 -14.93
C GLN H 373 88.36 -57.82 -13.72
N GLU H 374 87.51 -58.64 -13.09
CA GLU H 374 86.86 -58.18 -11.84
C GLU H 374 87.97 -57.95 -10.82
N LEU H 375 88.85 -58.93 -10.59
CA LEU H 375 89.87 -58.86 -9.49
C LEU H 375 90.61 -57.52 -9.58
N CYS H 376 91.17 -57.20 -10.73
CA CYS H 376 91.99 -55.99 -10.87
C CYS H 376 91.15 -54.74 -10.75
N LEU H 377 89.95 -54.73 -11.35
CA LEU H 377 89.05 -53.55 -11.18
C LEU H 377 88.86 -53.35 -9.68
N TYR H 378 88.65 -54.45 -8.92
CA TYR H 378 88.41 -54.37 -7.45
C TYR H 378 89.65 -53.82 -6.76
N LEU H 379 90.82 -54.39 -7.02
CA LEU H 379 92.07 -53.93 -6.36
C LEU H 379 92.39 -52.47 -6.76
N THR H 380 92.09 -52.04 -7.97
CA THR H 380 92.26 -50.61 -8.32
C THR H 380 91.25 -49.80 -7.52
N LYS H 381 89.95 -50.02 -7.65
CA LYS H 381 88.94 -49.16 -6.98
C LYS H 381 89.34 -49.02 -5.52
N ALA H 382 89.88 -50.06 -4.89
CA ALA H 382 90.34 -50.04 -3.48
C ALA H 382 91.55 -49.15 -3.29
N ALA H 383 92.54 -49.19 -4.18
CA ALA H 383 93.80 -48.43 -4.05
C ALA H 383 93.65 -47.03 -4.63
N SER H 384 92.53 -46.74 -5.26
CA SER H 384 92.24 -45.41 -5.79
C SER H 384 91.65 -44.56 -4.67
N ALA H 385 91.24 -45.14 -3.55
CA ALA H 385 90.57 -44.37 -2.47
C ALA H 385 91.52 -43.39 -1.81
N PRO H 386 92.74 -43.75 -1.38
CA PRO H 386 93.59 -42.76 -0.75
C PRO H 386 94.08 -41.68 -1.72
N TYR H 387 94.43 -42.02 -2.96
CA TYR H 387 95.03 -41.08 -3.94
C TYR H 387 93.98 -40.10 -4.44
N PHE H 388 92.80 -40.58 -4.80
CA PHE H 388 91.70 -39.67 -5.23
C PHE H 388 91.35 -38.74 -4.07
N GLU H 389 91.41 -39.22 -2.83
CA GLU H 389 90.99 -38.33 -1.72
C GLU H 389 91.89 -37.09 -1.70
N VAL H 390 93.18 -37.24 -1.99
CA VAL H 390 94.05 -36.03 -2.08
C VAL H 390 93.54 -35.13 -3.22
N LEU H 391 93.18 -35.73 -4.36
CA LEU H 391 92.75 -34.87 -5.50
C LEU H 391 91.51 -34.15 -5.03
N GLU H 392 90.63 -34.85 -4.34
CA GLU H 392 89.39 -34.15 -3.98
C GLU H 392 89.77 -32.93 -3.12
N LYS H 393 90.96 -32.93 -2.51
CA LYS H 393 91.35 -31.73 -1.75
C LYS H 393 92.17 -30.80 -2.64
N TRP H 394 92.65 -31.26 -3.79
CA TRP H 394 93.52 -30.41 -4.64
C TRP H 394 92.73 -29.65 -5.71
N ILE H 395 91.68 -30.19 -6.30
CA ILE H 395 90.99 -29.47 -7.42
C ILE H 395 89.94 -28.56 -6.80
N TYR H 396 89.07 -29.06 -5.93
CA TYR H 396 87.92 -28.28 -5.39
C TYR H 396 88.31 -27.20 -4.37
N ARG H 397 89.24 -27.43 -3.43
CA ARG H 397 89.54 -26.47 -2.33
C ARG H 397 91.00 -25.95 -2.30
N GLY H 398 91.85 -26.33 -3.25
CA GLY H 398 93.22 -25.79 -3.33
C GLY H 398 94.11 -26.01 -2.11
N ILE H 399 94.11 -27.17 -1.47
CA ILE H 399 95.04 -27.52 -0.35
C ILE H 399 95.71 -28.85 -0.71
N ILE H 400 97.05 -28.95 -0.70
CA ILE H 400 97.75 -30.17 -1.20
C ILE H 400 97.36 -31.32 -0.28
N HIS H 401 97.39 -31.14 1.03
CA HIS H 401 96.94 -32.15 2.02
C HIS H 401 97.48 -33.57 1.77
N ASP H 402 98.79 -33.77 1.57
CA ASP H 402 99.43 -35.12 1.52
C ASP H 402 100.49 -35.15 2.62
N PRO H 403 100.29 -35.85 3.74
CA PRO H 403 101.31 -35.93 4.77
C PRO H 403 102.59 -36.62 4.27
N TYR H 404 102.46 -37.74 3.55
CA TYR H 404 103.60 -38.42 2.90
C TYR H 404 103.66 -37.82 1.49
N SER H 405 104.73 -38.01 0.72
CA SER H 405 104.85 -37.36 -0.62
C SER H 405 104.41 -38.35 -1.69
N GLU H 406 103.17 -38.25 -2.17
CA GLU H 406 102.62 -39.18 -3.19
C GLU H 406 101.94 -38.48 -4.36
N PHE H 407 101.41 -37.28 -4.20
CA PHE H 407 100.58 -36.63 -5.25
C PHE H 407 101.45 -36.08 -6.37
N MET H 408 100.88 -35.86 -7.55
CA MET H 408 101.62 -35.34 -8.73
C MET H 408 102.20 -33.95 -8.42
N VAL H 409 101.49 -33.07 -7.69
CA VAL H 409 101.89 -31.65 -7.43
C VAL H 409 102.64 -31.50 -6.11
N GLU H 410 103.98 -31.53 -6.10
CA GLU H 410 104.77 -31.29 -4.87
C GLU H 410 104.78 -29.78 -4.64
N GLU H 411 105.24 -29.31 -3.48
CA GLU H 411 105.19 -27.86 -3.15
C GLU H 411 106.58 -27.37 -2.74
N HIS H 412 107.04 -26.24 -3.27
CA HIS H 412 108.32 -25.59 -2.88
C HIS H 412 107.95 -24.23 -2.31
N GLU H 413 108.51 -23.85 -1.15
CA GLU H 413 108.16 -22.57 -0.47
C GLU H 413 109.15 -21.49 -0.94
N LEU H 414 108.70 -20.54 -1.76
CA LEU H 414 109.57 -19.47 -2.32
C LEU H 414 108.70 -18.23 -2.53
N ASP H 425 109.96 -11.96 -5.83
CA ASP H 425 108.85 -12.62 -5.09
C ASP H 425 107.77 -13.05 -6.09
N LYS H 426 108.15 -13.47 -7.31
CA LYS H 426 107.21 -13.95 -8.36
C LYS H 426 107.36 -15.47 -8.41
N TYR H 427 106.29 -16.24 -8.21
CA TYR H 427 106.37 -17.72 -8.07
C TYR H 427 105.44 -18.50 -8.99
N TRP H 428 105.10 -18.02 -10.19
CA TRP H 428 104.06 -18.70 -10.98
C TRP H 428 104.40 -20.19 -11.14
N ASP H 429 105.64 -20.53 -11.47
CA ASP H 429 106.08 -21.95 -11.63
C ASP H 429 106.87 -22.42 -10.41
N GLN H 430 107.34 -21.51 -9.56
CA GLN H 430 108.16 -21.85 -8.36
C GLN H 430 107.34 -22.57 -7.28
N ARG H 431 106.09 -22.16 -7.03
CA ARG H 431 105.29 -22.70 -5.89
C ARG H 431 104.81 -24.15 -6.11
N TYR H 432 104.46 -24.57 -7.33
CA TYR H 432 103.89 -25.92 -7.58
C TYR H 432 104.47 -26.52 -8.85
N THR H 433 105.25 -27.60 -8.74
CA THR H 433 105.93 -28.24 -9.89
C THR H 433 105.53 -29.72 -9.95
N ILE H 434 105.01 -30.19 -11.07
CA ILE H 434 104.50 -31.59 -11.16
C ILE H 434 105.67 -32.54 -11.00
N VAL H 435 105.44 -33.69 -10.38
CA VAL H 435 106.47 -34.76 -10.24
C VAL H 435 106.12 -35.73 -11.36
N GLN H 436 106.92 -35.80 -12.44
CA GLN H 436 106.54 -36.60 -13.63
C GLN H 436 106.22 -38.04 -13.26
N GLN H 437 106.96 -38.66 -12.34
CA GLN H 437 106.78 -40.10 -12.04
C GLN H 437 105.41 -40.34 -11.41
N GLN H 438 105.03 -39.57 -10.41
CA GLN H 438 103.80 -39.86 -9.65
C GLN H 438 102.58 -39.61 -10.54
N ILE H 439 102.68 -38.87 -11.65
CA ILE H 439 101.46 -38.53 -12.43
C ILE H 439 100.75 -39.86 -12.68
N PRO H 440 99.47 -40.04 -12.36
CA PRO H 440 98.83 -41.31 -12.63
C PRO H 440 98.84 -41.49 -14.15
N SER H 441 99.12 -42.69 -14.67
CA SER H 441 99.14 -42.97 -16.13
C SER H 441 97.74 -42.86 -16.70
N PHE H 442 96.74 -43.33 -15.96
CA PHE H 442 95.33 -43.32 -16.40
C PHE H 442 94.90 -41.86 -16.59
N LEU H 443 95.49 -40.92 -15.85
CA LEU H 443 95.13 -39.47 -15.90
C LEU H 443 96.25 -38.64 -16.56
N GLN H 444 97.25 -39.27 -17.16
CA GLN H 444 98.43 -38.55 -17.71
C GLN H 444 97.96 -37.55 -18.78
N LYS H 445 96.94 -37.91 -19.53
CA LYS H 445 96.41 -37.05 -20.63
C LYS H 445 95.98 -35.69 -20.07
N MET H 446 95.38 -35.64 -18.88
CA MET H 446 94.88 -34.38 -18.26
C MET H 446 95.81 -33.99 -17.12
N ALA H 447 97.00 -34.58 -17.01
CA ALA H 447 97.90 -34.32 -15.88
C ALA H 447 98.26 -32.84 -15.81
N ASP H 448 98.50 -32.23 -16.95
CA ASP H 448 98.84 -30.79 -17.01
C ASP H 448 97.65 -29.98 -16.49
N LYS H 449 96.44 -30.42 -16.78
CA LYS H 449 95.21 -29.67 -16.41
C LYS H 449 95.07 -29.61 -14.89
N ILE H 450 95.39 -30.67 -14.12
CA ILE H 450 95.17 -30.72 -12.64
C ILE H 450 96.19 -29.87 -11.86
N LEU H 451 97.41 -29.65 -12.37
CA LEU H 451 98.38 -28.74 -11.71
C LEU H 451 97.84 -27.33 -11.94
N SER H 452 97.23 -27.09 -13.09
CA SER H 452 96.72 -25.74 -13.44
C SER H 452 95.55 -25.34 -12.55
N THR H 453 94.68 -26.28 -12.18
CA THR H 453 93.47 -25.94 -11.40
C THR H 453 93.88 -25.42 -10.03
N GLY H 454 94.82 -26.09 -9.36
CA GLY H 454 95.19 -25.74 -7.99
C GLY H 454 95.90 -24.41 -7.86
N LYS H 455 96.94 -24.14 -8.67
CA LYS H 455 97.68 -22.86 -8.64
C LYS H 455 96.69 -21.71 -8.81
N TYR H 456 95.66 -21.90 -9.61
CA TYR H 456 94.69 -20.83 -9.93
C TYR H 456 93.86 -20.61 -8.68
N LEU H 457 93.51 -21.67 -7.98
CA LEU H 457 92.65 -21.57 -6.78
C LEU H 457 93.45 -21.07 -5.58
N ASN H 458 94.78 -21.15 -5.60
CA ASN H 458 95.59 -20.79 -4.41
C ASN H 458 95.71 -19.26 -4.32
N VAL H 459 95.86 -18.54 -5.43
CA VAL H 459 96.10 -17.06 -5.43
C VAL H 459 94.89 -16.35 -4.81
N VAL H 460 93.67 -16.81 -5.07
CA VAL H 460 92.43 -16.12 -4.58
C VAL H 460 92.42 -16.15 -3.05
N ARG H 461 92.97 -17.19 -2.42
CA ARG H 461 92.88 -17.34 -0.95
C ARG H 461 93.55 -16.16 -0.25
N GLU H 462 94.72 -15.72 -0.72
CA GLU H 462 95.51 -14.67 -0.02
C GLU H 462 94.76 -13.33 0.01
N CYS H 463 94.21 -12.88 -1.11
CA CYS H 463 93.54 -11.56 -1.23
C CYS H 463 92.25 -11.46 -0.41
N GLY H 464 91.42 -12.49 -0.35
CA GLY H 464 90.11 -12.48 0.32
C GLY H 464 89.07 -12.87 -0.70
N HIS H 465 87.77 -12.94 -0.35
CA HIS H 465 86.71 -13.39 -1.30
C HIS H 465 86.83 -14.90 -1.46
N ASP H 466 87.46 -15.57 -0.50
CA ASP H 466 87.58 -17.06 -0.56
C ASP H 466 86.16 -17.64 -0.62
N VAL H 467 85.78 -18.24 -1.76
CA VAL H 467 84.39 -18.75 -1.93
C VAL H 467 84.44 -20.27 -2.12
N THR H 468 83.57 -21.01 -1.41
CA THR H 468 83.52 -22.49 -1.54
C THR H 468 83.09 -22.85 -2.98
N CYS H 469 83.67 -23.90 -3.54
CA CYS H 469 83.38 -24.27 -4.95
C CYS H 469 82.20 -25.25 -4.98
N PRO H 470 81.09 -24.93 -5.68
CA PRO H 470 79.91 -25.80 -5.72
C PRO H 470 80.02 -26.87 -6.80
N VAL H 471 80.94 -27.83 -6.62
CA VAL H 471 81.10 -28.95 -7.59
C VAL H 471 80.88 -30.27 -6.83
N ALA H 472 80.10 -31.19 -7.38
CA ALA H 472 79.90 -32.51 -6.74
C ALA H 472 81.27 -33.10 -6.39
N LYS H 473 81.55 -33.27 -5.10
CA LYS H 473 82.92 -33.72 -4.71
C LYS H 473 82.94 -35.24 -4.57
N GLU H 474 82.49 -35.97 -5.60
CA GLU H 474 82.55 -37.45 -5.55
C GLU H 474 83.39 -37.97 -6.72
N ILE H 475 84.48 -38.68 -6.44
CA ILE H 475 85.30 -39.29 -7.53
C ILE H 475 85.43 -40.80 -7.24
N ILE H 476 85.03 -41.64 -8.19
CA ILE H 476 85.18 -43.12 -8.05
C ILE H 476 85.86 -43.66 -9.31
N TYR H 477 86.88 -44.51 -9.15
CA TYR H 477 87.62 -45.03 -10.33
C TYR H 477 86.66 -45.81 -11.22
N THR H 478 86.73 -45.58 -12.54
CA THR H 478 85.85 -46.29 -13.49
C THR H 478 86.71 -46.95 -14.56
N LEU H 479 86.16 -47.93 -15.26
CA LEU H 479 86.85 -48.49 -16.45
C LEU H 479 85.78 -48.56 -17.54
N LYS H 480 86.20 -48.43 -18.82
CA LYS H 480 85.30 -48.50 -20.02
C LYS H 480 84.53 -47.18 -20.10
N GLU H 481 84.62 -46.37 -19.03
CA GLU H 481 83.97 -45.04 -18.93
C GLU H 481 85.03 -44.07 -18.39
N ARG H 482 85.06 -42.84 -18.92
CA ARG H 482 85.94 -41.76 -18.38
C ARG H 482 84.97 -40.75 -17.76
N ALA H 483 84.30 -41.15 -16.67
CA ALA H 483 83.32 -40.32 -15.92
C ALA H 483 84.05 -39.34 -15.00
N TYR H 484 85.33 -39.58 -14.74
CA TYR H 484 86.18 -38.74 -13.84
C TYR H 484 86.82 -37.63 -14.66
N VAL H 485 86.49 -37.56 -15.96
CA VAL H 485 87.10 -36.52 -16.83
C VAL H 485 86.23 -35.29 -16.73
N GLU H 486 84.99 -35.39 -17.17
CA GLU H 486 84.10 -34.19 -17.29
C GLU H 486 84.04 -33.44 -15.96
N GLN H 487 84.03 -34.17 -14.83
CA GLN H 487 83.91 -33.50 -13.51
C GLN H 487 85.11 -32.59 -13.33
N ILE H 488 86.31 -33.12 -13.64
CA ILE H 488 87.57 -32.35 -13.51
C ILE H 488 87.52 -31.16 -14.45
N GLU H 489 87.03 -31.37 -15.68
CA GLU H 489 86.93 -30.28 -16.65
C GLU H 489 86.06 -29.19 -16.04
N LYS H 490 84.90 -29.57 -15.48
CA LYS H 490 83.97 -28.53 -14.99
C LYS H 490 84.70 -27.76 -13.89
N ALA H 491 85.35 -28.50 -12.99
CA ALA H 491 85.97 -27.87 -11.81
C ALA H 491 87.01 -26.84 -12.27
N PHE H 492 87.83 -27.24 -13.25
CA PHE H 492 88.86 -26.31 -13.78
C PHE H 492 88.15 -25.10 -14.37
N ASN H 493 87.03 -25.32 -15.07
CA ASN H 493 86.29 -24.23 -15.75
C ASN H 493 85.76 -23.24 -14.70
N TYR H 494 85.11 -23.71 -13.64
CA TYR H 494 84.61 -22.82 -12.56
C TYR H 494 85.78 -22.12 -11.90
N ALA H 495 86.87 -22.83 -11.64
CA ALA H 495 88.06 -22.27 -10.96
C ALA H 495 88.64 -21.14 -11.80
N SER H 496 88.72 -21.35 -13.11
CA SER H 496 89.27 -20.32 -14.03
C SER H 496 88.34 -19.11 -14.03
N LYS H 497 87.02 -19.30 -14.05
CA LYS H 497 86.05 -18.18 -14.12
C LYS H 497 86.10 -17.32 -12.86
N VAL H 498 86.24 -17.92 -11.68
CA VAL H 498 86.25 -17.17 -10.38
C VAL H 498 87.49 -16.29 -10.28
N LEU H 499 88.67 -16.74 -10.78
CA LEU H 499 89.96 -15.99 -10.67
C LEU H 499 90.05 -14.88 -11.72
N LEU H 500 89.61 -15.13 -12.94
CA LEU H 500 89.74 -14.15 -14.03
C LEU H 500 88.78 -13.04 -13.69
N ASP H 501 87.53 -13.39 -13.43
CA ASP H 501 86.53 -12.31 -13.15
C ASP H 501 87.06 -11.54 -11.95
N PHE H 502 87.62 -12.25 -10.97
CA PHE H 502 88.10 -11.57 -9.73
C PHE H 502 89.02 -10.45 -10.20
N LEU H 503 90.03 -10.78 -11.02
CA LEU H 503 91.05 -9.79 -11.43
C LEU H 503 90.40 -8.69 -12.24
N MET H 504 89.54 -9.00 -13.22
CA MET H 504 89.05 -7.96 -14.18
C MET H 504 87.89 -7.14 -13.62
N GLU H 505 87.38 -7.45 -12.43
CA GLU H 505 86.22 -6.71 -11.83
C GLU H 505 86.62 -5.98 -10.55
N GLU H 506 87.42 -6.62 -9.70
CA GLU H 506 87.97 -5.95 -8.48
C GLU H 506 89.49 -5.95 -8.68
N LYS H 507 90.16 -4.80 -8.43
CA LYS H 507 91.56 -4.62 -8.87
C LYS H 507 91.55 -4.83 -10.38
N GLU H 508 90.70 -4.11 -11.12
CA GLU H 508 90.50 -4.27 -12.58
C GLU H 508 91.79 -4.09 -13.37
N LEU H 509 92.13 -5.05 -14.24
CA LEU H 509 93.43 -5.08 -14.93
C LEU H 509 93.39 -4.17 -16.13
N VAL H 510 92.19 -3.87 -16.66
CA VAL H 510 92.06 -3.07 -17.93
C VAL H 510 91.91 -1.58 -17.60
N ALA H 511 92.32 -1.19 -16.41
CA ALA H 511 92.47 0.24 -16.07
C ALA H 511 93.97 0.43 -15.83
N HIS H 512 94.61 -0.40 -14.97
CA HIS H 512 96.06 -0.33 -14.66
C HIS H 512 96.85 -0.36 -15.97
N LEU H 513 96.54 -1.27 -16.88
CA LEU H 513 97.26 -1.22 -18.16
C LEU H 513 96.99 0.15 -18.82
N ARG H 514 95.75 0.66 -18.87
CA ARG H 514 95.38 1.92 -19.61
C ARG H 514 96.06 3.14 -19.00
N SER H 515 96.60 3.03 -17.78
CA SER H 515 97.40 4.10 -17.15
C SER H 515 98.90 3.84 -17.40
N ILE H 516 99.32 2.61 -17.67
CA ILE H 516 100.73 2.32 -18.08
C ILE H 516 100.95 3.01 -19.42
N LYS H 517 99.99 2.97 -20.33
CA LYS H 517 100.12 3.58 -21.68
C LYS H 517 100.23 5.10 -21.64
N ARG H 518 99.46 5.77 -20.81
CA ARG H 518 99.41 7.25 -20.75
C ARG H 518 100.81 7.78 -20.46
N TYR H 519 101.63 7.08 -19.69
CA TYR H 519 102.97 7.55 -19.27
C TYR H 519 104.13 6.82 -19.95
N PHE H 520 104.14 5.48 -20.05
CA PHE H 520 105.23 4.68 -20.68
C PHE H 520 105.20 4.79 -22.22
N LEU H 521 104.07 4.57 -22.88
CA LEU H 521 104.01 4.57 -24.37
C LEU H 521 103.68 5.98 -24.84
N MET H 522 103.55 6.93 -23.94
CA MET H 522 103.37 8.36 -24.26
C MET H 522 102.10 8.73 -25.03
N ASP H 523 100.93 8.18 -24.71
CA ASP H 523 99.64 8.61 -25.32
C ASP H 523 99.33 10.05 -24.93
N GLN H 524 99.55 10.41 -23.67
CA GLN H 524 99.37 11.80 -23.20
C GLN H 524 100.68 12.51 -23.44
N GLY H 525 100.64 13.72 -23.98
CA GLY H 525 101.83 14.55 -24.12
C GLY H 525 101.61 15.89 -23.47
N ASP H 526 100.59 16.06 -22.66
CA ASP H 526 100.42 17.26 -21.81
C ASP H 526 101.34 17.02 -20.61
N PHE H 527 101.55 15.75 -20.24
CA PHE H 527 102.43 15.34 -19.11
C PHE H 527 103.90 15.31 -19.56
N PHE H 528 104.14 15.46 -20.87
CA PHE H 528 105.52 15.52 -21.42
C PHE H 528 105.88 16.94 -21.84
N VAL H 529 105.07 17.60 -22.65
CA VAL H 529 105.32 19.02 -23.06
C VAL H 529 105.80 19.74 -21.80
N HIS H 530 105.15 19.55 -20.66
CA HIS H 530 105.55 20.19 -19.39
C HIS H 530 106.83 19.60 -18.78
N PHE H 531 106.99 18.26 -18.66
CA PHE H 531 108.14 17.66 -17.92
C PHE H 531 109.48 18.00 -18.57
N MET H 532 109.57 17.90 -19.90
CA MET H 532 110.82 18.27 -20.61
C MET H 532 111.04 19.76 -20.36
N ASP H 533 110.01 20.60 -20.43
CA ASP H 533 110.20 22.07 -20.29
C ASP H 533 110.70 22.38 -18.88
N LEU H 534 110.11 21.77 -17.85
CA LEU H 534 110.42 22.07 -16.42
C LEU H 534 111.78 21.53 -15.96
N ALA H 535 112.20 20.32 -16.34
CA ALA H 535 113.40 19.64 -15.78
C ALA H 535 114.53 19.34 -16.78
N GLU H 536 114.49 19.85 -18.00
CA GLU H 536 115.50 19.55 -19.07
C GLU H 536 116.86 19.97 -18.57
N GLU H 537 116.95 21.15 -17.96
CA GLU H 537 118.26 21.72 -17.55
C GLU H 537 118.81 20.84 -16.45
N GLU H 538 118.00 20.62 -15.42
CA GLU H 538 118.47 19.87 -14.23
C GLU H 538 118.72 18.43 -14.65
N LEU H 539 118.29 18.02 -15.84
CA LEU H 539 118.67 16.68 -16.37
C LEU H 539 119.97 16.81 -17.19
N ARG H 540 120.15 17.90 -17.94
CA ARG H 540 121.33 18.13 -18.81
C ARG H 540 122.64 18.00 -18.04
N LYS H 541 122.62 18.13 -16.72
CA LYS H 541 123.83 18.07 -15.87
C LYS H 541 124.38 16.64 -15.86
N PRO H 542 125.63 16.38 -15.43
CA PRO H 542 126.11 15.01 -15.32
C PRO H 542 125.18 14.31 -14.32
N VAL H 543 124.93 13.02 -14.48
CA VAL H 543 123.90 12.30 -13.67
C VAL H 543 124.22 12.42 -12.17
N GLU H 544 125.48 12.29 -11.77
CA GLU H 544 125.88 12.39 -10.34
C GLU H 544 125.53 13.78 -9.83
N ASP H 545 125.74 14.81 -10.65
CA ASP H 545 125.48 16.22 -10.27
C ASP H 545 123.98 16.40 -9.99
N ILE H 546 123.09 15.75 -10.74
CA ILE H 546 121.62 15.96 -10.62
C ILE H 546 121.18 15.67 -9.19
N THR H 547 120.42 16.57 -8.53
CA THR H 547 119.88 16.34 -7.17
C THR H 547 118.68 15.41 -7.35
N PRO H 548 118.70 14.13 -6.91
CA PRO H 548 117.58 13.25 -7.19
C PRO H 548 116.27 13.78 -6.61
N PRO H 549 116.17 14.37 -5.41
CA PRO H 549 114.88 14.82 -4.90
C PRO H 549 114.24 15.83 -5.85
N ARG H 550 115.01 16.75 -6.42
CA ARG H 550 114.46 17.83 -7.28
C ARG H 550 113.69 17.24 -8.47
N LEU H 551 114.11 16.12 -9.05
CA LEU H 551 113.48 15.52 -10.26
C LEU H 551 112.09 15.01 -9.88
N GLU H 552 111.95 14.26 -8.79
CA GLU H 552 110.64 13.67 -8.44
C GLU H 552 109.68 14.82 -8.11
N ALA H 553 110.17 15.87 -7.45
CA ALA H 553 109.33 17.04 -7.10
C ALA H 553 108.83 17.70 -8.39
N LEU H 554 109.71 17.82 -9.37
CA LEU H 554 109.35 18.43 -10.69
C LEU H 554 108.31 17.53 -11.37
N LEU H 555 108.44 16.20 -11.27
CA LEU H 555 107.50 15.26 -11.94
C LEU H 555 106.11 15.53 -11.38
N GLU H 556 106.01 15.73 -10.07
CA GLU H 556 104.69 15.93 -9.43
C GLU H 556 104.08 17.24 -9.96
N LEU H 557 104.91 18.28 -10.18
CA LEU H 557 104.34 19.57 -10.61
C LEU H 557 103.66 19.44 -11.97
N ALA H 558 104.26 18.73 -12.94
CA ALA H 558 103.74 18.64 -14.33
C ALA H 558 102.59 17.64 -14.42
N LEU H 559 102.48 16.71 -13.48
CA LEU H 559 101.44 15.66 -13.43
C LEU H 559 100.14 16.36 -12.98
N ARG H 560 100.24 17.26 -11.99
CA ARG H 560 99.08 18.04 -11.50
C ARG H 560 98.62 19.04 -12.57
N MET H 561 99.56 19.74 -13.20
CA MET H 561 99.25 20.78 -14.23
C MET H 561 98.61 20.11 -15.45
N SER H 562 99.06 18.90 -15.80
CA SER H 562 98.59 18.16 -17.00
C SER H 562 97.19 17.59 -16.79
N THR H 563 96.56 17.06 -17.83
CA THR H 563 95.22 16.40 -17.75
C THR H 563 95.40 15.10 -16.97
N ALA H 564 96.64 14.64 -16.72
CA ALA H 564 96.95 13.43 -15.90
C ALA H 564 96.41 13.59 -14.47
N ASN H 565 95.89 14.75 -14.06
CA ASN H 565 95.25 14.95 -12.74
C ASN H 565 94.03 14.03 -12.62
N THR H 566 93.28 13.80 -13.69
CA THR H 566 92.02 13.02 -13.64
C THR H 566 92.30 11.52 -13.71
N ASP H 567 93.56 11.10 -13.74
CA ASP H 567 93.97 9.67 -13.80
C ASP H 567 94.05 9.14 -12.36
N PRO H 568 93.15 8.26 -11.86
CA PRO H 568 93.26 7.86 -10.44
C PRO H 568 94.58 7.17 -10.07
N PHE H 569 95.17 6.39 -10.97
CA PHE H 569 96.47 5.72 -10.77
C PHE H 569 97.67 6.61 -11.16
N LYS H 570 97.65 7.91 -10.82
CA LYS H 570 98.86 8.75 -11.07
C LYS H 570 99.90 8.53 -9.98
N ASP H 571 99.48 8.25 -8.75
CA ASP H 571 100.43 8.21 -7.60
C ASP H 571 101.46 7.15 -7.84
N ASP H 572 101.15 6.23 -8.74
CA ASP H 572 102.02 5.06 -8.98
C ASP H 572 103.34 5.39 -9.71
N LEU H 573 103.45 6.54 -10.39
CA LEU H 573 104.68 6.84 -11.20
C LEU H 573 105.79 7.29 -10.29
N LYS H 574 106.99 6.74 -10.47
CA LYS H 574 108.16 7.11 -9.64
C LYS H 574 109.32 7.37 -10.61
N ILE H 575 110.39 8.03 -10.17
CA ILE H 575 111.63 8.20 -11.00
C ILE H 575 112.62 7.06 -10.67
N ASP H 576 113.30 6.55 -11.67
CA ASP H 576 114.34 5.53 -11.49
C ASP H 576 115.43 6.03 -12.41
N LEU H 577 116.70 5.93 -12.05
CA LEU H 577 117.81 6.31 -12.94
C LEU H 577 118.58 5.03 -13.24
N MET H 578 118.67 4.63 -14.51
CA MET H 578 119.28 3.33 -14.91
C MET H 578 120.78 3.45 -15.15
N PRO H 579 121.58 2.35 -15.15
CA PRO H 579 123.01 2.42 -15.50
C PRO H 579 123.44 2.84 -16.92
N HIS H 580 122.73 2.39 -17.98
CA HIS H 580 123.05 2.77 -19.39
C HIS H 580 121.77 2.86 -20.24
N ASP H 581 121.79 3.68 -21.30
CA ASP H 581 120.58 3.88 -22.17
C ASP H 581 120.19 2.58 -22.89
N LEU H 582 121.16 1.91 -23.51
CA LEU H 582 120.88 0.59 -24.15
C LEU H 582 122.13 -0.27 -24.03
N ILE H 583 121.99 -1.51 -23.56
CA ILE H 583 123.15 -2.45 -23.47
C ILE H 583 122.65 -3.85 -23.80
N THR H 584 123.51 -4.70 -24.38
CA THR H 584 123.11 -6.10 -24.66
C THR H 584 121.80 -6.09 -25.46
N GLN H 585 120.79 -6.83 -25.00
CA GLN H 585 119.46 -6.80 -25.68
C GLN H 585 118.60 -5.74 -24.99
N ALA H 609 124.02 6.60 -19.03
CA ALA H 609 125.34 7.22 -19.27
C ALA H 609 125.53 8.34 -18.27
N LEU H 610 126.47 9.27 -18.50
CA LEU H 610 126.75 10.39 -17.56
C LEU H 610 125.94 11.63 -18.00
N SER H 611 124.72 11.45 -18.50
CA SER H 611 123.81 12.56 -18.87
C SER H 611 122.42 12.28 -18.33
N GLY H 612 121.76 13.23 -17.66
CA GLY H 612 120.38 13.02 -17.20
C GLY H 612 119.48 12.82 -18.38
N LEU H 613 119.62 13.63 -19.43
CA LEU H 613 118.87 13.36 -20.67
C LEU H 613 119.49 12.05 -21.17
N GLU H 614 118.66 11.08 -21.59
CA GLU H 614 119.14 9.76 -22.07
C GLU H 614 119.47 8.85 -20.87
N ALA H 615 119.17 9.25 -19.62
CA ALA H 615 119.28 8.38 -18.42
C ALA H 615 117.97 8.42 -17.62
N PHE H 616 116.93 9.12 -18.11
CA PHE H 616 115.65 9.30 -17.38
C PHE H 616 114.74 8.12 -17.72
N SER H 617 114.09 7.50 -16.74
CA SER H 617 113.26 6.29 -16.99
C SER H 617 112.14 6.24 -15.94
N PHE H 618 111.06 5.53 -16.21
CA PHE H 618 109.93 5.43 -15.27
C PHE H 618 109.76 4.02 -14.71
N ASP H 619 109.48 3.88 -13.39
CA ASP H 619 109.09 2.61 -12.72
C ASP H 619 107.67 2.84 -12.20
N TYR H 620 106.82 1.80 -12.14
CA TYR H 620 105.40 1.98 -11.77
C TYR H 620 105.04 0.99 -10.68
N ILE H 621 104.77 1.45 -9.46
CA ILE H 621 104.54 0.51 -8.31
C ILE H 621 103.30 -0.34 -8.54
N VAL H 622 103.41 -1.66 -8.38
CA VAL H 622 102.24 -2.56 -8.52
C VAL H 622 102.11 -3.46 -7.30
N LYS H 623 100.89 -3.70 -6.82
CA LYS H 623 100.65 -4.53 -5.60
C LYS H 623 100.67 -6.01 -5.96
N TRP H 624 100.77 -6.92 -4.97
CA TRP H 624 100.87 -8.39 -5.20
C TRP H 624 99.82 -8.96 -6.16
N PRO H 625 98.50 -8.79 -5.97
CA PRO H 625 97.52 -9.50 -6.81
C PRO H 625 97.56 -9.25 -8.34
N LEU H 626 97.86 -8.04 -8.85
CA LEU H 626 98.03 -7.75 -10.31
C LEU H 626 99.51 -7.76 -10.64
N SER H 627 100.38 -8.08 -9.69
CA SER H 627 101.82 -8.23 -9.95
C SER H 627 102.02 -9.42 -10.87
N LEU H 628 101.21 -10.47 -10.77
CA LEU H 628 101.42 -11.71 -11.56
C LEU H 628 101.34 -11.42 -13.06
N ILE H 629 100.56 -10.42 -13.53
CA ILE H 629 100.37 -10.08 -14.99
C ILE H 629 101.25 -8.89 -15.43
N ILE H 630 101.28 -7.75 -14.74
CA ILE H 630 102.23 -6.63 -15.06
C ILE H 630 103.51 -7.02 -14.31
N ASN H 631 104.26 -8.02 -14.76
CA ASN H 631 105.39 -8.64 -14.02
C ASN H 631 106.68 -7.84 -14.10
N ARG H 632 107.77 -8.33 -13.48
CA ARG H 632 109.12 -7.72 -13.54
C ARG H 632 109.68 -7.78 -14.96
N LYS H 633 109.50 -8.90 -15.64
CA LYS H 633 109.96 -9.05 -17.04
C LYS H 633 109.19 -8.04 -17.88
N ALA H 634 107.88 -7.82 -17.66
CA ALA H 634 107.04 -6.96 -18.52
C ALA H 634 107.34 -5.49 -18.28
N LEU H 635 107.63 -5.13 -17.06
CA LEU H 635 107.85 -3.70 -16.68
C LEU H 635 109.20 -3.25 -17.22
N THR H 636 110.24 -4.07 -17.15
CA THR H 636 111.59 -3.67 -17.62
C THR H 636 111.54 -3.44 -19.13
N ARG H 637 110.88 -4.33 -19.87
CA ARG H 637 110.81 -4.22 -21.35
C ARG H 637 109.98 -3.01 -21.70
N TYR H 638 108.91 -2.76 -20.98
CA TYR H 638 108.11 -1.53 -21.18
C TYR H 638 109.04 -0.32 -21.02
N GLN H 639 109.96 -0.33 -20.06
CA GLN H 639 110.83 0.83 -19.77
C GLN H 639 111.58 1.16 -21.05
N MET H 640 112.21 0.15 -21.68
CA MET H 640 113.13 0.43 -22.80
C MET H 640 112.38 1.10 -23.92
N LEU H 641 111.23 0.53 -24.23
CA LEU H 641 110.46 1.05 -25.37
C LEU H 641 110.22 2.54 -25.13
N PHE H 642 109.94 2.91 -23.87
CA PHE H 642 109.72 4.32 -23.51
C PHE H 642 110.99 5.11 -23.78
N ARG H 643 112.11 4.71 -23.16
CA ARG H 643 113.41 5.43 -23.29
C ARG H 643 113.65 5.78 -24.76
N HIS H 644 113.45 4.84 -25.68
CA HIS H 644 113.73 5.08 -27.12
C HIS H 644 112.83 6.20 -27.61
N MET H 645 111.53 6.14 -27.29
CA MET H 645 110.54 7.17 -27.70
C MET H 645 110.88 8.51 -27.05
N PHE H 646 111.37 8.53 -25.80
CA PHE H 646 111.68 9.80 -25.09
C PHE H 646 112.85 10.50 -25.77
N TYR H 647 113.89 9.77 -26.17
CA TYR H 647 115.06 10.37 -26.88
C TYR H 647 114.62 10.90 -28.23
N CYS H 648 113.76 10.17 -28.95
CA CYS H 648 113.24 10.58 -30.26
C CYS H 648 112.33 11.79 -30.06
N LYS H 649 111.82 12.00 -28.86
CA LYS H 649 110.93 13.15 -28.54
C LYS H 649 111.78 14.36 -28.20
N HIS H 650 112.93 14.15 -27.55
CA HIS H 650 113.85 15.24 -27.11
C HIS H 650 114.41 15.96 -28.32
N VAL H 651 114.84 15.22 -29.35
CA VAL H 651 115.48 15.80 -30.55
C VAL H 651 114.49 16.70 -31.30
N GLU H 652 113.21 16.34 -31.37
CA GLU H 652 112.19 17.13 -32.10
C GLU H 652 112.11 18.50 -31.45
N ARG H 653 112.12 18.57 -30.11
CA ARG H 653 112.02 19.85 -29.38
C ARG H 653 113.24 20.70 -29.75
N GLN H 654 114.43 20.10 -29.76
CA GLN H 654 115.68 20.84 -30.03
C GLN H 654 115.63 21.45 -31.43
N LEU H 655 115.20 20.67 -32.43
CA LEU H 655 115.15 21.14 -33.83
C LEU H 655 114.14 22.28 -33.91
N CYS H 656 113.01 22.14 -33.23
CA CYS H 656 111.96 23.18 -33.23
C CYS H 656 112.55 24.45 -32.60
N SER H 657 113.42 24.30 -31.59
CA SER H 657 114.05 25.45 -30.89
C SER H 657 114.84 26.27 -31.91
N VAL H 658 115.54 25.58 -32.80
CA VAL H 658 116.36 26.28 -33.83
C VAL H 658 115.36 27.05 -34.69
N TRP H 659 114.21 26.48 -35.02
CA TRP H 659 113.29 27.14 -35.96
C TRP H 659 112.84 28.46 -35.37
N ILE H 660 112.46 28.49 -34.10
CA ILE H 660 111.89 29.73 -33.48
C ILE H 660 112.96 30.83 -33.50
N SER H 661 114.19 30.53 -33.07
CA SER H 661 115.30 31.51 -33.01
C SER H 661 115.83 31.82 -34.41
N ASN H 662 116.00 30.80 -35.24
CA ASN H 662 116.63 30.95 -36.58
C ASN H 662 115.78 31.85 -37.45
N LYS H 663 114.47 31.72 -37.43
CA LYS H 663 113.65 32.66 -38.22
C LYS H 663 114.12 34.05 -37.79
N THR H 664 114.66 34.86 -38.70
CA THR H 664 115.10 36.24 -38.36
C THR H 664 114.53 37.20 -39.42
N ALA H 665 114.31 38.47 -39.08
CA ALA H 665 113.73 39.47 -40.00
C ALA H 665 114.81 39.97 -40.97
N TRP H 675 121.57 34.15 -42.69
CA TRP H 675 122.67 34.60 -43.57
C TRP H 675 122.67 33.76 -44.84
N PHE H 676 122.50 32.44 -44.70
CA PHE H 676 122.59 31.49 -45.83
C PHE H 676 121.43 30.50 -45.76
N ALA H 677 121.08 29.86 -46.87
CA ALA H 677 120.00 28.86 -46.95
C ALA H 677 120.57 27.44 -46.85
N GLY H 678 121.86 27.28 -46.57
CA GLY H 678 122.53 25.96 -46.53
C GLY H 678 122.02 25.03 -45.44
N ALA H 679 121.81 25.52 -44.22
CA ALA H 679 121.36 24.70 -43.07
C ALA H 679 119.85 24.76 -42.94
N PHE H 680 119.16 25.56 -43.75
CA PHE H 680 117.68 25.58 -43.77
C PHE H 680 117.26 24.34 -44.52
N THR H 681 117.99 23.96 -45.57
CA THR H 681 117.71 22.71 -46.35
C THR H 681 118.14 21.47 -45.55
N LEU H 682 119.27 21.51 -44.84
CA LEU H 682 119.74 20.37 -44.02
C LEU H 682 118.67 20.13 -42.96
N ARG H 683 118.10 21.21 -42.43
CA ARG H 683 117.00 21.10 -41.43
C ARG H 683 115.82 20.42 -42.10
N GLN H 684 115.53 20.71 -43.36
CA GLN H 684 114.30 20.16 -43.99
C GLN H 684 114.44 18.64 -44.17
N ARG H 685 115.63 18.04 -44.06
CA ARG H 685 115.86 16.57 -44.28
C ARG H 685 115.99 15.85 -42.94
N MET H 686 116.18 16.57 -41.83
CA MET H 686 116.17 15.97 -40.48
C MET H 686 114.77 16.18 -39.89
N LEU H 687 114.31 17.42 -39.71
CA LEU H 687 112.94 17.72 -39.18
C LEU H 687 111.92 16.85 -39.89
N ASN H 688 111.93 16.79 -41.23
CA ASN H 688 110.92 16.03 -42.01
C ASN H 688 111.38 14.58 -42.21
N PHE H 689 112.38 14.10 -41.47
CA PHE H 689 112.77 12.66 -41.38
C PHE H 689 112.34 12.10 -40.02
N VAL H 690 112.83 12.65 -38.90
CA VAL H 690 112.56 12.10 -37.54
C VAL H 690 111.06 12.25 -37.29
N GLN H 691 110.47 13.41 -37.55
CA GLN H 691 109.02 13.64 -37.31
C GLN H 691 108.29 12.49 -37.98
N ASN H 692 108.80 11.93 -39.09
CA ASN H 692 108.19 10.77 -39.81
C ASN H 692 108.52 9.41 -39.18
N ILE H 693 109.61 9.27 -38.42
CA ILE H 693 109.98 7.99 -37.73
C ILE H 693 109.06 7.91 -36.51
N GLN H 694 108.59 9.05 -36.02
CA GLN H 694 107.67 9.12 -34.86
C GLN H 694 106.28 8.75 -35.36
N TYR H 695 105.77 9.37 -36.43
CA TYR H 695 104.40 9.10 -36.89
C TYR H 695 104.34 7.61 -37.18
N TYR H 696 105.40 7.02 -37.70
CA TYR H 696 105.44 5.55 -37.91
C TYR H 696 105.50 4.88 -36.55
N MET H 697 106.51 5.25 -35.79
CA MET H 697 106.78 4.54 -34.51
C MET H 697 105.47 4.39 -33.72
N MET H 698 104.58 5.40 -33.73
CA MET H 698 103.38 5.36 -32.87
C MET H 698 102.12 4.99 -33.64
N PHE H 699 101.68 5.70 -34.68
CA PHE H 699 100.36 5.45 -35.33
C PHE H 699 100.41 4.30 -36.35
N GLU H 700 101.45 3.45 -36.35
CA GLU H 700 101.52 2.25 -37.23
C GLU H 700 101.82 0.98 -36.41
N VAL H 701 102.89 0.95 -35.63
CA VAL H 701 103.28 -0.23 -34.81
C VAL H 701 102.41 -0.27 -33.56
N MET H 702 102.40 0.82 -32.78
CA MET H 702 101.76 0.87 -31.43
C MET H 702 100.24 1.00 -31.45
N GLU H 703 99.67 2.05 -32.02
CA GLU H 703 98.22 2.27 -31.88
C GLU H 703 97.48 1.05 -32.41
N PRO H 704 97.84 0.44 -33.56
CA PRO H 704 97.20 -0.81 -33.97
C PRO H 704 97.43 -2.01 -33.04
N THR H 705 98.66 -2.26 -32.57
CA THR H 705 98.95 -3.47 -31.74
C THR H 705 98.17 -3.37 -30.43
N TRP H 706 98.08 -2.21 -29.80
CA TRP H 706 97.29 -2.05 -28.55
C TRP H 706 95.84 -2.34 -28.87
N HIS H 707 95.35 -1.94 -30.04
CA HIS H 707 93.94 -2.17 -30.42
C HIS H 707 93.68 -3.68 -30.40
N ILE H 708 94.70 -4.51 -30.72
CA ILE H 708 94.57 -6.00 -30.72
C ILE H 708 94.62 -6.55 -29.29
N LEU H 709 95.32 -5.90 -28.35
CA LEU H 709 95.33 -6.34 -26.94
C LEU H 709 94.08 -5.87 -26.21
N GLU H 710 93.18 -5.10 -26.83
CA GLU H 710 91.93 -4.67 -26.14
C GLU H 710 90.76 -5.52 -26.61
N LYS H 711 90.99 -6.46 -27.54
CA LYS H 711 89.94 -7.43 -27.96
C LYS H 711 90.27 -8.84 -27.41
N ASN H 712 91.52 -9.31 -27.58
CA ASN H 712 91.96 -10.67 -27.14
C ASN H 712 91.76 -10.77 -25.62
N LEU H 713 91.78 -9.63 -24.91
CA LEU H 713 91.59 -9.54 -23.43
C LEU H 713 90.15 -9.15 -23.07
N LYS H 714 89.22 -9.23 -24.03
CA LYS H 714 87.78 -9.10 -23.69
C LYS H 714 87.25 -10.54 -23.68
N SER H 715 87.64 -11.32 -24.70
CA SER H 715 87.23 -12.75 -24.84
C SER H 715 88.40 -13.69 -24.49
N ALA H 716 89.20 -13.36 -23.46
CA ALA H 716 90.26 -14.25 -22.95
C ALA H 716 89.67 -15.23 -21.95
N SER H 717 89.89 -16.54 -22.15
CA SER H 717 89.20 -17.57 -21.35
C SER H 717 89.66 -17.67 -19.90
N ASN H 718 90.98 -17.77 -19.66
CA ASN H 718 91.58 -18.03 -18.31
C ASN H 718 92.73 -17.06 -18.08
N ILE H 719 93.67 -17.29 -17.14
CA ILE H 719 94.78 -16.33 -16.80
C ILE H 719 96.04 -16.56 -17.63
N ASP H 720 96.46 -17.80 -17.89
CA ASP H 720 97.66 -18.15 -18.73
C ASP H 720 97.34 -17.83 -20.17
N ASP H 721 96.12 -17.31 -20.45
CA ASP H 721 95.78 -16.64 -21.73
C ASP H 721 96.13 -15.14 -21.56
N VAL H 722 95.60 -14.44 -20.54
CA VAL H 722 95.78 -12.95 -20.45
C VAL H 722 97.28 -12.69 -20.44
N LEU H 723 98.05 -13.48 -19.70
CA LEU H 723 99.53 -13.36 -19.67
C LEU H 723 100.11 -13.60 -21.06
N GLY H 724 99.59 -14.55 -21.85
CA GLY H 724 100.09 -14.84 -23.21
C GLY H 724 99.85 -13.65 -24.08
N HIS H 725 98.62 -13.08 -24.09
CA HIS H 725 98.21 -11.95 -24.96
C HIS H 725 99.00 -10.68 -24.67
N HIS H 726 99.44 -10.48 -23.43
CA HIS H 726 100.21 -9.26 -23.04
C HIS H 726 101.67 -9.47 -23.40
N THR H 727 102.19 -10.69 -23.30
CA THR H 727 103.59 -10.93 -23.74
C THR H 727 103.64 -10.62 -25.23
N GLY H 728 102.61 -11.01 -25.96
CA GLY H 728 102.57 -10.68 -27.40
C GLY H 728 102.54 -9.19 -27.67
N PHE H 729 101.72 -8.41 -26.97
CA PHE H 729 101.61 -6.97 -27.31
C PHE H 729 102.96 -6.29 -27.09
N LEU H 730 103.61 -6.59 -25.97
CA LEU H 730 104.95 -6.02 -25.74
C LEU H 730 105.97 -6.58 -26.73
N ASP H 731 106.00 -7.89 -26.97
CA ASP H 731 107.09 -8.44 -27.83
C ASP H 731 106.95 -7.99 -29.30
N THR H 732 105.75 -8.00 -29.86
CA THR H 732 105.60 -7.68 -31.31
C THR H 732 105.75 -6.17 -31.49
N CYS H 733 105.18 -5.40 -30.58
CA CYS H 733 105.25 -3.91 -30.65
C CYS H 733 106.69 -3.47 -30.44
N LEU H 734 107.58 -4.35 -29.98
CA LEU H 734 109.02 -4.01 -29.92
C LEU H 734 109.69 -4.39 -31.25
N LYS H 735 109.60 -5.67 -31.65
CA LYS H 735 110.34 -6.23 -32.82
C LYS H 735 109.95 -5.48 -34.10
N ASP H 736 108.71 -4.96 -34.19
CA ASP H 736 108.18 -4.21 -35.38
C ASP H 736 108.61 -2.75 -35.31
N CYS H 737 109.42 -2.42 -34.30
CA CYS H 737 110.16 -1.14 -34.23
C CYS H 737 111.63 -1.56 -34.30
N MET H 738 112.55 -0.63 -34.42
CA MET H 738 113.99 -0.94 -34.70
C MET H 738 114.71 -1.49 -33.48
N LEU H 739 114.06 -1.58 -32.32
CA LEU H 739 114.74 -1.95 -31.04
C LEU H 739 115.38 -3.34 -31.10
N THR H 740 114.64 -4.37 -31.54
CA THR H 740 115.14 -5.78 -31.49
C THR H 740 115.90 -6.13 -32.77
N ASN H 741 116.86 -5.30 -33.19
CA ASN H 741 117.76 -5.56 -34.35
C ASN H 741 119.10 -6.03 -33.78
N PRO H 742 119.76 -7.09 -34.32
CA PRO H 742 120.97 -7.63 -33.68
C PRO H 742 121.97 -6.50 -33.38
N GLU H 743 122.11 -5.53 -34.29
CA GLU H 743 122.98 -4.31 -34.12
C GLU H 743 122.10 -3.05 -34.00
N LEU H 744 120.82 -3.18 -33.63
CA LEU H 744 119.90 -2.03 -33.30
C LEU H 744 119.77 -1.10 -34.51
N LEU H 745 120.27 -1.50 -35.69
CA LEU H 745 120.45 -0.51 -36.80
C LEU H 745 121.12 0.68 -36.12
N LYS H 746 122.26 0.44 -35.45
CA LYS H 746 122.96 1.47 -34.65
C LYS H 746 123.15 2.71 -35.54
N VAL H 747 123.23 2.52 -36.87
CA VAL H 747 123.30 3.66 -37.84
C VAL H 747 122.23 4.68 -37.41
N PHE H 748 121.06 4.22 -36.91
CA PHE H 748 120.03 5.13 -36.36
C PHE H 748 120.65 5.92 -35.20
N SER H 749 121.30 5.25 -34.25
CA SER H 749 121.87 5.93 -33.07
C SER H 749 122.83 7.03 -33.53
N LYS H 750 123.72 6.72 -34.48
CA LYS H 750 124.72 7.69 -35.04
C LYS H 750 124.00 8.82 -35.79
N LEU H 751 122.97 8.45 -36.56
CA LEU H 751 122.21 9.48 -37.30
C LEU H 751 121.68 10.47 -36.27
N MET H 752 121.02 10.00 -35.21
CA MET H 752 120.41 10.91 -34.21
C MET H 752 121.57 11.65 -33.51
N SER H 753 122.68 10.96 -33.26
CA SER H 753 123.83 11.59 -32.59
C SER H 753 124.29 12.80 -33.42
N VAL H 754 124.44 12.66 -34.74
CA VAL H 754 124.88 13.78 -35.64
C VAL H 754 123.81 14.87 -35.69
N CYS H 755 122.54 14.48 -35.67
CA CYS H 755 121.44 15.48 -35.65
C CYS H 755 121.63 16.38 -34.43
N VAL H 756 121.81 15.79 -33.24
CA VAL H 756 121.93 16.55 -31.94
C VAL H 756 123.17 17.43 -32.03
N MET H 757 124.27 16.91 -32.62
CA MET H 757 125.55 17.66 -32.72
C MET H 757 125.33 18.87 -33.61
N PHE H 758 124.57 18.71 -34.70
CA PHE H 758 124.23 19.84 -35.63
C PHE H 758 123.34 20.85 -34.94
N THR H 759 122.33 20.38 -34.18
CA THR H 759 121.43 21.30 -33.45
C THR H 759 122.30 22.16 -32.54
N ASN H 760 123.20 21.54 -31.78
CA ASN H 760 124.16 22.30 -30.93
C ASN H 760 124.77 23.42 -31.76
N CYS H 761 125.33 23.09 -32.92
CA CYS H 761 125.99 24.11 -33.77
C CYS H 761 124.95 25.14 -34.23
N MET H 762 123.76 24.68 -34.64
CA MET H 762 122.68 25.59 -35.09
C MET H 762 122.17 26.39 -33.89
N GLN H 763 122.31 25.82 -32.69
CA GLN H 763 121.87 26.50 -31.44
C GLN H 763 122.70 27.76 -31.29
N LYS H 764 123.90 27.80 -31.86
CA LYS H 764 124.65 29.08 -31.86
C LYS H 764 124.08 29.90 -33.01
N PHE H 765 122.75 30.01 -33.07
CA PHE H 765 122.05 30.81 -34.13
C PHE H 765 122.42 32.28 -33.96
N THR H 766 122.51 32.74 -32.72
CA THR H 766 122.77 34.18 -32.46
C THR H 766 124.23 34.42 -32.07
N GLN H 767 125.18 33.99 -32.90
CA GLN H 767 126.60 34.31 -32.63
C GLN H 767 126.79 35.84 -32.69
N SER H 768 125.74 36.57 -33.04
CA SER H 768 125.82 38.05 -33.10
C SER H 768 124.44 38.66 -32.77
N LEU H 814 133.28 32.49 -37.98
CA LEU H 814 133.46 32.66 -39.45
C LEU H 814 132.29 32.00 -40.17
N VAL H 815 131.60 32.74 -41.04
CA VAL H 815 130.44 32.21 -41.81
C VAL H 815 130.96 31.04 -42.65
N SER H 816 132.12 31.19 -43.29
CA SER H 816 132.66 30.16 -44.20
C SER H 816 132.92 28.86 -43.42
N GLY H 817 133.47 28.96 -42.22
CA GLY H 817 133.80 27.74 -41.46
C GLY H 817 132.54 26.94 -41.18
N PHE H 818 131.47 27.64 -40.81
CA PHE H 818 130.18 26.94 -40.59
C PHE H 818 129.68 26.34 -41.90
N GLU H 819 129.76 27.08 -43.00
CA GLU H 819 129.20 26.61 -44.30
C GLU H 819 129.88 25.29 -44.68
N ALA H 820 131.12 25.06 -44.26
CA ALA H 820 131.85 23.78 -44.54
C ALA H 820 131.46 22.65 -43.60
N THR H 821 131.30 22.96 -42.30
CA THR H 821 130.84 21.96 -41.30
C THR H 821 129.41 21.54 -41.67
N ILE H 822 128.61 22.47 -42.21
CA ILE H 822 127.21 22.16 -42.63
C ILE H 822 127.24 21.09 -43.74
N ASN H 823 128.09 21.26 -44.76
CA ASN H 823 128.23 20.25 -45.85
C ASN H 823 128.93 19.01 -45.31
N LYS H 824 129.83 19.20 -44.32
CA LYS H 824 130.48 18.05 -43.62
C LYS H 824 129.36 17.25 -42.94
N PHE H 825 128.37 17.93 -42.37
CA PHE H 825 127.18 17.26 -41.78
C PHE H 825 126.41 16.55 -42.88
N ASP H 826 126.10 17.24 -43.99
CA ASP H 826 125.18 16.70 -45.04
C ASP H 826 125.65 15.35 -45.56
N LYS H 827 126.94 15.24 -45.91
CA LYS H 827 127.50 13.95 -46.37
C LYS H 827 127.45 12.96 -45.20
N ASN H 828 127.95 13.38 -44.02
CA ASN H 828 128.02 12.49 -42.83
C ASN H 828 126.60 12.06 -42.52
N PHE H 829 125.64 12.97 -42.70
CA PHE H 829 124.21 12.63 -42.53
C PHE H 829 123.74 11.74 -43.67
N SER H 830 123.87 12.20 -44.92
CA SER H 830 123.20 11.54 -46.08
C SER H 830 123.58 10.07 -46.12
N ALA H 831 124.89 9.81 -46.07
CA ALA H 831 125.39 8.42 -46.13
C ALA H 831 124.73 7.68 -44.98
N HIS H 832 124.79 8.27 -43.78
CA HIS H 832 124.24 7.62 -42.56
C HIS H 832 122.74 7.42 -42.74
N LEU H 833 122.04 8.28 -43.48
CA LEU H 833 120.61 8.03 -43.78
C LEU H 833 120.45 6.90 -44.80
N LEU H 834 121.31 6.87 -45.83
CA LEU H 834 121.17 5.87 -46.92
C LEU H 834 121.42 4.45 -46.39
N ASP H 835 122.41 4.27 -45.49
CA ASP H 835 122.79 2.95 -44.90
C ASP H 835 121.57 2.38 -44.16
N LEU H 836 120.78 3.27 -43.51
CA LEU H 836 119.51 2.88 -42.81
C LEU H 836 118.54 2.31 -43.83
N LEU H 837 118.20 3.12 -44.85
CA LEU H 837 117.18 2.68 -45.84
C LEU H 837 117.73 1.44 -46.56
N ALA H 838 119.06 1.37 -46.76
CA ALA H 838 119.75 0.20 -47.36
C ALA H 838 119.71 -1.02 -46.45
N ARG H 839 120.16 -0.87 -45.20
CA ARG H 839 120.26 -2.01 -44.26
C ARG H 839 118.86 -2.52 -43.92
N LEU H 840 117.90 -1.60 -43.77
CA LEU H 840 116.49 -1.95 -43.44
C LEU H 840 115.80 -2.61 -44.63
N SER H 841 116.15 -2.25 -45.87
CA SER H 841 115.59 -2.98 -47.04
C SER H 841 116.11 -4.41 -47.01
N ILE H 842 117.41 -4.59 -46.74
CA ILE H 842 118.00 -5.96 -46.63
C ILE H 842 117.38 -6.68 -45.43
N TYR H 843 117.22 -6.00 -44.30
CA TYR H 843 116.70 -6.63 -43.07
C TYR H 843 115.26 -7.09 -43.29
N SER H 844 114.91 -8.28 -42.79
CA SER H 844 113.53 -8.81 -42.93
C SER H 844 113.05 -9.37 -41.59
N GLY H 851 106.16 -5.70 -44.34
CA GLY H 851 106.36 -4.70 -43.26
C GLY H 851 107.48 -3.72 -43.55
N MET H 852 108.36 -4.04 -44.53
CA MET H 852 109.48 -3.15 -44.95
C MET H 852 108.92 -2.00 -45.78
N ALA H 853 108.15 -2.33 -46.83
CA ALA H 853 107.60 -1.33 -47.79
C ALA H 853 106.79 -0.30 -47.01
N SER H 854 106.24 -0.70 -45.86
CA SER H 854 105.45 0.22 -45.00
C SER H 854 106.38 1.26 -44.39
N VAL H 855 107.57 0.89 -43.98
CA VAL H 855 108.44 1.89 -43.27
C VAL H 855 109.08 2.69 -44.38
N ILE H 856 109.52 2.03 -45.44
CA ILE H 856 110.32 2.69 -46.51
C ILE H 856 109.47 3.74 -47.16
N SER H 857 108.23 3.38 -47.45
CA SER H 857 107.30 4.35 -48.03
C SER H 857 107.21 5.50 -47.03
N ARG H 858 107.11 5.18 -45.74
CA ARG H 858 106.91 6.26 -44.72
C ARG H 858 108.10 7.21 -44.74
N LEU H 859 109.33 6.70 -44.79
CA LEU H 859 110.52 7.57 -44.67
C LEU H 859 110.68 8.46 -45.89
N ASP H 860 110.37 8.00 -47.10
CA ASP H 860 110.44 8.83 -48.33
C ASP H 860 109.22 8.57 -49.22
N PHE H 861 108.04 8.95 -48.78
CA PHE H 861 106.78 8.68 -49.51
C PHE H 861 106.90 9.35 -50.88
N ASN H 862 107.46 10.55 -50.96
CA ASN H 862 107.51 11.30 -52.23
C ASN H 862 108.42 10.56 -53.19
N GLY H 863 109.50 9.93 -52.70
CA GLY H 863 110.50 9.29 -53.58
C GLY H 863 111.64 10.25 -53.84
N PHE H 864 111.70 11.36 -53.12
CA PHE H 864 112.81 12.32 -53.22
C PHE H 864 114.11 11.53 -53.15
N TYR H 865 114.17 10.48 -52.32
CA TYR H 865 115.36 9.60 -52.23
C TYR H 865 115.12 8.34 -53.06
N THR H 866 115.76 8.23 -54.22
CA THR H 866 115.74 6.99 -55.06
C THR H 866 117.17 6.84 -55.58
N GLU H 867 117.84 5.71 -55.35
CA GLU H 867 119.26 5.52 -55.73
C GLU H 867 119.42 4.17 -56.43
N ILE I 245 99.55 -86.58 25.21
CA ILE I 245 99.26 -85.22 24.68
C ILE I 245 98.36 -85.40 23.47
N THR I 246 97.29 -84.61 23.37
CA THR I 246 96.29 -84.80 22.29
C THR I 246 95.69 -83.48 21.85
N GLU I 247 95.14 -83.44 20.65
CA GLU I 247 94.44 -82.25 20.14
C GLU I 247 93.27 -82.00 21.06
N ALA I 248 92.81 -83.00 21.78
CA ALA I 248 91.68 -82.83 22.72
C ALA I 248 92.07 -81.79 23.77
N ALA I 249 93.30 -81.82 24.26
CA ALA I 249 93.74 -80.91 25.34
C ALA I 249 94.08 -79.50 24.82
N LEU I 250 94.86 -79.34 23.74
CA LEU I 250 95.30 -78.03 23.23
C LEU I 250 94.13 -77.39 22.55
N VAL I 251 93.10 -78.12 22.23
CA VAL I 251 91.88 -77.49 21.66
C VAL I 251 91.44 -76.58 22.77
N ARG I 252 91.60 -77.03 24.01
CA ARG I 252 91.18 -76.25 25.20
C ARG I 252 92.25 -75.22 25.59
N ASP I 253 93.54 -75.51 25.44
CA ASP I 253 94.56 -74.60 26.04
C ASP I 253 94.73 -73.36 25.19
N ILE I 254 94.57 -73.50 23.88
CA ILE I 254 94.73 -72.35 22.95
C ILE I 254 93.64 -71.38 23.34
N LEU I 255 92.44 -71.83 23.69
CA LEU I 255 91.40 -70.81 23.97
C LEU I 255 91.82 -70.07 25.23
N TYR I 256 92.40 -70.74 26.21
CA TYR I 256 92.87 -70.09 27.45
C TYR I 256 94.03 -69.14 27.20
N VAL I 257 94.99 -69.43 26.31
CA VAL I 257 96.24 -68.60 26.16
C VAL I 257 95.89 -67.31 25.47
N PHE I 258 94.85 -67.32 24.72
CA PHE I 258 94.36 -66.08 24.12
C PHE I 258 94.07 -65.10 25.26
N GLN I 259 93.47 -65.57 26.36
CA GLN I 259 93.04 -64.70 27.48
C GLN I 259 94.25 -64.17 28.27
N GLY I 260 95.46 -64.73 28.08
CA GLY I 260 96.65 -64.32 28.85
C GLY I 260 96.81 -65.21 30.05
N ILE I 261 95.93 -66.20 30.17
CA ILE I 261 95.96 -67.24 31.23
C ILE I 261 96.86 -68.32 30.67
N ASP I 262 98.10 -68.42 31.14
CA ASP I 262 98.96 -69.53 30.69
C ASP I 262 98.14 -70.79 30.77
N GLY I 263 98.18 -71.76 29.92
CA GLY I 263 97.28 -72.91 30.08
C GLY I 263 97.89 -74.03 30.91
N LYS I 264 97.56 -75.28 30.58
CA LYS I 264 98.13 -76.50 31.20
C LYS I 264 99.30 -76.97 30.34
N ASN I 265 99.18 -76.99 28.99
CA ASN I 265 100.26 -77.39 28.05
C ASN I 265 100.72 -76.21 27.18
N ILE I 266 100.48 -74.98 27.58
CA ILE I 266 101.01 -73.76 26.89
C ILE I 266 101.43 -72.92 28.09
N LYS I 267 102.41 -72.03 27.99
CA LYS I 267 102.93 -71.30 29.17
C LYS I 267 103.62 -70.02 28.78
N MET I 268 103.78 -69.06 29.69
CA MET I 268 104.55 -67.83 29.36
C MET I 268 106.04 -68.17 29.29
N ASN I 269 106.81 -67.47 28.45
CA ASN I 269 108.26 -67.79 28.28
C ASN I 269 109.10 -66.67 28.90
N ASN I 270 109.94 -66.99 29.89
CA ASN I 270 110.86 -65.99 30.48
C ASN I 270 111.94 -65.58 29.46
N THR I 271 112.47 -66.53 28.68
CA THR I 271 113.60 -66.22 27.76
C THR I 271 113.21 -65.22 26.67
N GLU I 272 112.01 -65.37 26.08
CA GLU I 272 111.61 -64.47 24.95
C GLU I 272 110.22 -63.90 25.25
N ASN I 273 109.94 -62.68 24.78
CA ASN I 273 108.65 -62.05 25.15
C ASN I 273 107.55 -62.86 24.47
N CYS I 274 107.88 -63.62 23.42
CA CYS I 274 106.93 -64.56 22.75
C CYS I 274 106.61 -65.83 23.53
N TYR I 275 105.39 -66.35 23.41
CA TYR I 275 104.94 -67.49 24.26
C TYR I 275 105.83 -68.73 24.16
N LYS I 276 105.70 -69.63 25.14
CA LYS I 276 106.46 -70.91 25.12
C LYS I 276 105.50 -72.07 24.87
N VAL I 277 105.86 -72.97 23.98
CA VAL I 277 105.03 -74.19 23.74
C VAL I 277 105.87 -75.42 24.10
N GLU I 278 105.37 -76.28 24.97
CA GLU I 278 106.09 -77.54 25.26
C GLU I 278 105.13 -78.72 25.04
N GLY I 279 105.51 -79.69 24.21
CA GLY I 279 104.66 -80.87 23.95
C GLY I 279 105.45 -82.17 23.90
N LYS I 280 105.11 -83.13 24.77
CA LYS I 280 105.79 -84.46 24.75
C LYS I 280 105.52 -85.13 23.41
N ALA I 281 104.27 -85.09 22.93
CA ALA I 281 103.98 -85.61 21.58
C ALA I 281 104.22 -84.43 20.66
N ASN I 282 105.47 -84.24 20.23
CA ASN I 282 105.80 -83.02 19.45
C ASN I 282 105.49 -83.17 17.97
N LEU I 283 104.21 -83.19 17.60
CA LEU I 283 103.90 -83.16 16.15
C LEU I 283 103.93 -81.68 15.83
N SER I 284 105.11 -81.06 15.88
CA SER I 284 105.19 -79.58 15.75
C SER I 284 104.60 -79.11 14.42
N ARG I 285 104.97 -79.78 13.34
CA ARG I 285 104.50 -79.30 12.02
C ARG I 285 102.97 -79.37 12.04
N SER I 286 102.44 -80.46 12.56
CA SER I 286 100.97 -80.55 12.70
C SER I 286 100.46 -79.60 13.78
N LEU I 287 101.16 -79.49 14.91
CA LEU I 287 100.57 -78.72 16.04
C LEU I 287 101.47 -77.66 16.70
N ARG I 288 102.69 -77.99 17.10
CA ARG I 288 103.48 -77.01 17.90
C ARG I 288 103.72 -75.74 17.08
N ASP I 289 104.03 -75.89 15.80
CA ASP I 289 104.22 -74.69 14.95
C ASP I 289 102.90 -73.92 14.91
N THR I 290 101.80 -74.64 14.73
CA THR I 290 100.48 -73.98 14.68
C THR I 290 100.25 -73.27 16.01
N ALA I 291 100.72 -73.89 17.10
CA ALA I 291 100.47 -73.31 18.43
C ALA I 291 101.13 -71.94 18.54
N VAL I 292 102.37 -71.83 18.10
CA VAL I 292 103.01 -70.49 18.12
C VAL I 292 102.22 -69.60 17.17
N ARG I 293 101.83 -70.14 16.02
CA ARG I 293 101.09 -69.34 15.01
C ARG I 293 99.86 -68.76 15.68
N LEU I 294 99.33 -69.44 16.70
CA LEU I 294 98.05 -69.00 17.32
C LEU I 294 98.28 -68.20 18.60
N SER I 295 99.29 -68.54 19.41
CA SER I 295 99.46 -67.90 20.73
C SER I 295 99.60 -66.38 20.59
N GLU I 296 100.23 -65.92 19.53
CA GLU I 296 100.47 -64.46 19.32
C GLU I 296 99.28 -63.60 19.76
N LEU I 297 98.04 -63.97 19.45
CA LEU I 297 96.90 -63.08 19.78
C LEU I 297 97.06 -62.68 21.24
N GLY I 298 97.70 -63.54 22.05
CA GLY I 298 97.89 -63.33 23.48
C GLY I 298 98.92 -62.31 23.83
N TRP I 299 100.07 -62.31 23.19
CA TRP I 299 101.12 -61.37 23.61
C TRP I 299 100.52 -59.99 23.46
N LEU I 300 99.76 -59.76 22.40
CA LEU I 300 99.10 -58.44 22.15
C LEU I 300 97.97 -58.20 23.16
N HIS I 301 97.41 -59.23 23.79
CA HIS I 301 96.38 -59.12 24.86
C HIS I 301 97.04 -59.13 26.24
N ASN I 302 98.36 -59.09 26.33
CA ASN I 302 99.07 -58.95 27.62
C ASN I 302 99.73 -57.59 27.59
N LYS I 303 100.30 -57.12 26.49
CA LYS I 303 100.81 -55.74 26.36
C LYS I 303 99.64 -54.79 26.45
N ILE I 304 98.54 -55.08 25.75
CA ILE I 304 97.41 -54.14 25.73
C ILE I 304 96.89 -53.97 27.14
N ARG I 305 96.69 -55.02 27.92
CA ARG I 305 96.08 -54.88 29.24
C ARG I 305 97.08 -54.21 30.16
N ARG I 306 98.38 -54.50 30.06
CA ARG I 306 99.35 -54.01 31.07
C ARG I 306 99.34 -52.49 31.09
N TYR I 307 99.29 -51.81 29.98
CA TYR I 307 99.19 -50.35 30.01
C TYR I 307 97.92 -50.01 30.76
N THR I 308 96.80 -50.66 30.46
CA THR I 308 95.52 -50.26 31.07
C THR I 308 95.62 -50.41 32.57
N ASP I 309 96.12 -51.51 33.08
CA ASP I 309 96.11 -51.73 34.54
C ASP I 309 97.15 -50.86 35.23
N GLN I 310 98.31 -50.65 34.65
CA GLN I 310 99.40 -49.90 35.35
C GLN I 310 99.02 -48.43 35.51
N ARG I 311 98.44 -47.79 34.49
CA ARG I 311 98.19 -46.33 34.55
C ARG I 311 96.83 -46.05 35.16
N SER I 312 95.96 -47.05 35.29
CA SER I 312 94.63 -46.88 35.94
C SER I 312 94.85 -46.93 37.45
N LEU I 313 96.00 -47.44 37.91
CA LEU I 313 96.39 -47.36 39.34
C LEU I 313 96.78 -45.91 39.68
N ASP I 314 97.48 -45.18 38.80
CA ASP I 314 97.97 -43.78 39.04
C ASP I 314 96.90 -42.72 38.73
N ARG I 315 96.79 -41.66 39.55
CA ARG I 315 95.79 -40.60 39.39
C ARG I 315 96.50 -39.33 38.90
N SER I 316 97.80 -39.39 38.65
CA SER I 316 98.57 -38.26 38.07
C SER I 316 98.41 -38.22 36.54
N PHE I 317 98.06 -39.34 35.91
CA PHE I 317 97.95 -39.48 34.43
C PHE I 317 97.10 -38.37 33.84
N GLY I 318 96.12 -37.86 34.60
CA GLY I 318 95.35 -36.68 34.17
C GLY I 318 93.88 -36.96 33.97
N LEU I 319 93.22 -36.16 33.15
CA LEU I 319 91.79 -36.33 32.84
C LEU I 319 91.62 -36.55 31.35
N VAL I 320 92.67 -36.60 30.53
CA VAL I 320 92.54 -36.95 29.08
C VAL I 320 93.05 -38.37 28.91
N GLY I 321 94.13 -38.77 29.57
CA GLY I 321 94.56 -40.17 29.64
C GLY I 321 93.43 -41.05 30.13
N GLN I 322 92.62 -40.54 31.04
CA GLN I 322 91.49 -41.31 31.62
C GLN I 322 90.57 -41.74 30.50
N SER I 323 90.22 -40.84 29.59
CA SER I 323 89.26 -41.19 28.53
C SER I 323 89.89 -42.29 27.66
N PHE I 324 91.18 -42.20 27.35
CA PHE I 324 91.85 -43.19 26.48
C PHE I 324 91.85 -44.55 27.15
N CYS I 325 92.16 -44.67 28.48
CA CYS I 325 92.28 -45.99 29.20
C CYS I 325 90.88 -46.52 29.48
N ALA I 326 89.85 -45.76 29.14
CA ALA I 326 88.47 -46.24 29.17
C ALA I 326 88.24 -46.83 27.81
N ALA I 327 88.60 -46.12 26.74
CA ALA I 327 88.34 -46.56 25.34
C ALA I 327 89.13 -47.82 25.03
N LEU I 328 90.33 -47.89 25.54
CA LEU I 328 91.18 -49.04 25.26
C LEU I 328 90.65 -50.19 26.07
N HIS I 329 89.74 -49.98 27.02
CA HIS I 329 89.11 -51.05 27.85
C HIS I 329 87.76 -51.43 27.28
N GLN I 330 87.00 -50.50 26.74
CA GLN I 330 85.72 -50.86 26.08
C GLN I 330 86.07 -51.76 24.88
N GLU I 331 87.19 -51.57 24.17
CA GLU I 331 87.47 -52.37 22.96
C GLU I 331 87.76 -53.77 23.43
N LEU I 332 88.46 -53.88 24.53
CA LEU I 332 88.87 -55.20 25.06
C LEU I 332 87.60 -55.98 25.41
N ARG I 333 86.48 -55.34 25.71
CA ARG I 333 85.27 -56.10 26.14
C ARG I 333 84.84 -56.98 24.98
N GLU I 334 84.85 -56.50 23.74
CA GLU I 334 84.37 -57.29 22.60
C GLU I 334 85.27 -58.51 22.41
N TYR I 335 86.57 -58.37 22.62
CA TYR I 335 87.53 -59.49 22.40
C TYR I 335 87.05 -60.59 23.33
N TYR I 336 86.62 -60.27 24.55
CA TYR I 336 86.13 -61.28 25.52
C TYR I 336 84.86 -61.93 24.99
N ARG I 337 83.97 -61.18 24.33
CA ARG I 337 82.75 -61.77 23.74
C ARG I 337 83.17 -62.79 22.70
N LEU I 338 84.14 -62.48 21.85
CA LEU I 338 84.53 -63.40 20.76
C LEU I 338 85.06 -64.64 21.45
N LEU I 339 85.82 -64.48 22.51
CA LEU I 339 86.40 -65.64 23.22
C LEU I 339 85.25 -66.49 23.76
N SER I 340 84.18 -65.90 24.27
CA SER I 340 83.02 -66.64 24.81
C SER I 340 82.32 -67.44 23.70
N VAL I 341 82.10 -66.87 22.52
CA VAL I 341 81.34 -67.55 21.43
C VAL I 341 82.12 -68.81 21.05
N LEU I 342 83.43 -68.70 20.91
CA LEU I 342 84.28 -69.84 20.54
C LEU I 342 84.20 -70.87 21.66
N HIS I 343 84.31 -70.48 22.93
CA HIS I 343 84.34 -71.47 24.04
C HIS I 343 83.01 -72.22 24.08
N SER I 344 81.94 -71.66 23.54
CA SER I 344 80.59 -72.28 23.58
C SER I 344 80.50 -73.42 22.57
N GLN I 345 81.41 -73.49 21.60
CA GLN I 345 81.39 -74.52 20.54
C GLN I 345 82.45 -75.57 20.79
N LEU I 346 83.22 -75.45 21.88
CA LEU I 346 84.34 -76.39 22.13
C LEU I 346 83.78 -77.79 22.32
N GLN I 347 82.64 -77.95 23.00
CA GLN I 347 81.98 -79.28 23.24
C GLN I 347 80.66 -79.32 22.45
N SER I 361 82.99 -78.49 16.33
CA SER I 361 83.99 -79.15 17.22
C SER I 361 85.10 -78.17 17.57
N LEU I 362 85.04 -76.93 17.09
CA LEU I 362 86.00 -75.87 17.45
C LEU I 362 87.43 -76.35 17.24
N THR I 363 87.73 -76.97 16.11
CA THR I 363 89.13 -77.30 15.70
C THR I 363 89.23 -76.70 14.31
N LEU I 364 88.70 -75.49 14.10
CA LEU I 364 88.64 -74.87 12.75
C LEU I 364 90.01 -74.31 12.49
N ARG I 365 90.91 -75.17 12.04
CA ARG I 365 92.32 -74.79 11.92
C ARG I 365 92.57 -74.27 13.31
N ARG I 366 92.04 -74.98 14.30
CA ARG I 366 92.19 -74.61 15.72
C ARG I 366 91.90 -73.10 15.85
N LEU I 367 90.78 -72.60 15.29
CA LEU I 367 90.36 -71.16 15.35
C LEU I 367 91.20 -70.23 14.45
N LEU I 368 91.82 -70.64 13.35
CA LEU I 368 92.67 -69.71 12.55
C LEU I 368 91.74 -68.74 11.83
N VAL I 369 90.71 -69.20 11.13
CA VAL I 369 89.64 -68.37 10.54
C VAL I 369 88.92 -67.62 11.63
N TRP I 370 88.64 -68.26 12.76
CA TRP I 370 87.79 -67.65 13.81
C TRP I 370 88.41 -66.41 14.47
N THR I 371 89.75 -66.37 14.56
CA THR I 371 90.48 -65.23 15.20
C THR I 371 91.45 -64.55 14.22
N TYR I 372 91.39 -64.85 12.92
CA TYR I 372 92.22 -64.16 11.90
C TYR I 372 91.85 -62.67 11.84
N ASP I 373 90.55 -62.36 11.78
CA ASP I 373 90.08 -60.95 11.65
C ASP I 373 90.42 -60.17 12.93
N PRO I 374 90.19 -60.71 14.15
CA PRO I 374 90.60 -60.03 15.37
C PRO I 374 92.09 -59.70 15.45
N LYS I 375 92.98 -60.56 14.96
CA LYS I 375 94.45 -60.36 15.11
C LYS I 375 94.83 -59.01 14.49
N ILE I 376 94.18 -58.62 13.40
CA ILE I 376 94.49 -57.35 12.69
C ILE I 376 94.23 -56.18 13.66
N ARG I 377 93.14 -56.24 14.42
CA ARG I 377 92.74 -55.13 15.33
C ARG I 377 93.64 -55.14 16.59
N LEU I 378 94.09 -56.31 17.06
CA LEU I 378 94.92 -56.44 18.27
C LEU I 378 96.39 -56.12 17.95
N LYS I 379 96.77 -55.96 16.67
CA LYS I 379 98.17 -55.60 16.32
C LYS I 379 98.23 -54.11 16.04
N THR I 380 97.12 -53.38 16.16
CA THR I 380 97.11 -51.90 16.06
C THR I 380 97.07 -51.41 17.48
N LEU I 381 96.25 -52.00 18.33
CA LEU I 381 96.10 -51.58 19.73
C LEU I 381 97.41 -51.79 20.49
N ALA I 382 98.20 -52.82 20.23
CA ALA I 382 99.50 -52.92 20.89
C ALA I 382 100.36 -51.75 20.42
N ALA I 383 100.30 -51.32 19.16
CA ALA I 383 101.05 -50.13 18.64
C ALA I 383 100.63 -48.76 19.23
N LEU I 384 99.35 -48.39 19.38
CA LEU I 384 98.97 -47.10 20.02
C LEU I 384 99.55 -47.16 21.42
N VAL I 385 99.44 -48.27 22.17
CA VAL I 385 99.94 -48.35 23.58
C VAL I 385 101.45 -48.24 23.64
N ASP I 386 102.24 -48.95 22.85
CA ASP I 386 103.71 -48.84 22.99
C ASP I 386 104.13 -47.44 22.59
N HIS I 387 103.58 -46.88 21.51
CA HIS I 387 103.97 -45.55 20.97
C HIS I 387 103.63 -44.43 21.92
N CYS I 388 102.47 -44.46 22.56
CA CYS I 388 102.00 -43.35 23.42
C CYS I 388 102.68 -43.39 24.78
N GLN I 389 103.38 -44.47 25.11
CA GLN I 389 103.95 -44.62 26.48
C GLN I 389 104.76 -43.39 26.82
N GLY I 390 104.54 -42.78 27.99
CA GLY I 390 105.32 -41.63 28.45
C GLY I 390 104.79 -40.30 27.98
N ARG I 391 103.53 -40.23 27.58
CA ARG I 391 102.89 -38.95 27.22
C ARG I 391 101.72 -38.76 28.16
N LYS I 392 101.54 -37.57 28.72
CA LYS I 392 100.43 -37.23 29.65
C LYS I 392 99.76 -35.98 29.13
N GLY I 393 98.47 -35.82 29.38
CA GLY I 393 97.80 -34.58 29.01
C GLY I 393 97.39 -34.58 27.57
N GLY I 394 97.35 -33.44 26.91
CA GLY I 394 96.89 -33.28 25.52
C GLY I 394 97.97 -33.72 24.56
N GLU I 395 99.07 -34.29 25.05
CA GLU I 395 100.14 -34.88 24.20
C GLU I 395 99.74 -36.34 24.01
N LEU I 396 98.64 -36.79 24.61
CA LEU I 396 98.07 -38.13 24.40
C LEU I 396 96.91 -37.98 23.44
N ALA I 397 96.86 -36.90 22.68
CA ALA I 397 95.89 -36.74 21.58
C ALA I 397 96.68 -36.67 20.26
N SER I 398 97.91 -36.19 20.23
CA SER I 398 98.78 -36.17 19.06
C SER I 398 99.08 -37.57 18.59
N ALA I 399 99.54 -38.46 19.45
CA ALA I 399 99.94 -39.83 19.05
C ALA I 399 98.73 -40.52 18.45
N VAL I 400 97.56 -40.31 19.02
CA VAL I 400 96.29 -40.87 18.47
C VAL I 400 95.92 -40.09 17.20
N HIS I 401 96.30 -38.83 16.97
CA HIS I 401 96.07 -38.18 15.64
C HIS I 401 97.01 -38.75 14.62
N ALA I 402 98.26 -39.02 14.95
CA ALA I 402 99.30 -39.47 14.00
C ALA I 402 99.04 -40.84 13.41
N TYR I 403 98.56 -41.79 14.20
CA TYR I 403 98.21 -43.14 13.69
C TYR I 403 96.90 -43.05 12.91
N THR I 404 96.13 -41.96 13.06
CA THR I 404 94.90 -41.81 12.24
C THR I 404 95.26 -41.74 10.78
N LYS I 405 96.40 -41.18 10.39
CA LYS I 405 96.73 -40.88 8.97
C LYS I 405 97.10 -42.11 8.15
N THR I 406 97.11 -43.32 8.72
CA THR I 406 97.53 -44.57 8.04
C THR I 406 96.81 -44.65 6.69
N GLY I 407 95.48 -44.81 6.68
CA GLY I 407 94.70 -44.99 5.44
C GLY I 407 94.21 -46.39 5.15
N ASP I 408 94.52 -47.42 5.94
CA ASP I 408 93.92 -48.77 5.75
C ASP I 408 92.44 -48.54 6.01
N PRO I 409 91.42 -48.92 5.21
CA PRO I 409 90.04 -48.54 5.53
C PRO I 409 89.64 -49.20 6.85
N TYR I 410 90.25 -50.31 7.22
CA TYR I 410 90.01 -51.10 8.45
C TYR I 410 90.65 -50.38 9.65
N MET I 411 91.76 -49.69 9.47
CA MET I 411 92.50 -49.06 10.58
C MET I 411 92.24 -47.55 10.62
N ARG I 412 91.51 -46.97 9.66
CA ARG I 412 91.37 -45.49 9.62
C ARG I 412 90.00 -45.14 10.17
N SER I 413 89.15 -46.16 10.36
CA SER I 413 87.85 -45.93 11.01
C SER I 413 87.90 -46.66 12.36
N LEU I 414 89.07 -47.08 12.88
CA LEU I 414 89.23 -47.70 14.24
C LEU I 414 89.91 -46.69 15.14
N VAL I 415 90.98 -46.06 14.68
CA VAL I 415 91.74 -45.07 15.48
C VAL I 415 91.07 -43.72 15.23
N GLN I 416 89.98 -43.67 14.47
CA GLN I 416 89.19 -42.42 14.33
C GLN I 416 88.02 -42.48 15.30
N HIS I 417 87.84 -43.58 16.03
CA HIS I 417 86.82 -43.68 17.12
C HIS I 417 87.56 -43.64 18.45
N ILE I 418 88.72 -44.27 18.59
CA ILE I 418 89.52 -44.17 19.84
C ILE I 418 89.86 -42.69 20.00
N LEU I 419 90.13 -41.96 18.91
CA LEU I 419 90.44 -40.50 18.95
C LEU I 419 89.21 -39.67 19.31
N SER I 420 88.01 -39.98 18.84
CA SER I 420 86.81 -39.11 19.04
C SER I 420 86.41 -39.06 20.52
N LEU I 421 86.80 -40.04 21.34
CA LEU I 421 86.64 -40.06 22.81
C LEU I 421 87.74 -39.29 23.52
N VAL I 422 88.99 -39.44 23.08
CA VAL I 422 90.17 -38.75 23.69
C VAL I 422 90.06 -37.28 23.35
N SER I 423 89.33 -36.96 22.30
CA SER I 423 89.07 -35.55 21.95
C SER I 423 88.22 -34.97 23.08
N HIS I 424 87.14 -35.61 23.51
CA HIS I 424 86.11 -35.01 24.41
C HIS I 424 86.71 -34.40 25.68
N PRO I 425 87.53 -35.05 26.52
CA PRO I 425 88.06 -34.38 27.68
C PRO I 425 88.72 -33.04 27.31
N VAL I 426 89.72 -32.98 26.41
CA VAL I 426 90.51 -31.75 26.05
C VAL I 426 89.58 -30.73 25.42
N LEU I 427 88.68 -31.15 24.58
CA LEU I 427 87.73 -30.17 24.07
C LEU I 427 87.01 -29.62 25.30
N SER I 428 86.77 -30.38 26.37
CA SER I 428 85.96 -29.81 27.48
C SER I 428 86.62 -28.57 28.05
N PHE I 429 87.92 -28.59 28.29
CA PHE I 429 88.63 -27.39 28.83
C PHE I 429 88.50 -26.28 27.79
N LEU I 430 88.66 -26.57 26.51
CA LEU I 430 88.58 -25.56 25.41
C LEU I 430 87.14 -25.15 25.30
N TYR I 431 86.22 -25.85 25.94
CA TYR I 431 84.81 -25.41 25.95
C TYR I 431 84.52 -24.56 27.17
N ARG I 432 85.50 -24.32 28.04
CA ARG I 432 85.33 -23.36 29.17
C ARG I 432 86.11 -22.08 28.86
N TRP I 433 87.31 -22.12 28.33
CA TRP I 433 88.15 -20.92 28.11
C TRP I 433 87.52 -20.04 27.05
N ILE I 434 86.66 -20.56 26.19
CA ILE I 434 86.10 -19.80 25.05
C ILE I 434 84.63 -19.46 25.30
N TYR I 435 84.16 -19.59 26.54
CA TYR I 435 82.77 -19.20 26.93
C TYR I 435 82.72 -18.56 28.33
N ASP I 436 83.22 -19.21 29.40
CA ASP I 436 83.17 -18.73 30.81
C ASP I 436 84.53 -18.22 31.28
N GLY I 437 85.61 -18.97 31.12
CA GLY I 437 86.94 -18.44 31.41
C GLY I 437 87.52 -18.79 32.76
N GLU I 438 87.79 -20.06 33.04
CA GLU I 438 88.43 -20.54 34.29
C GLU I 438 89.21 -21.78 33.89
N LEU I 439 90.46 -21.94 34.32
CA LEU I 439 91.30 -23.08 33.86
C LEU I 439 90.96 -24.41 34.54
N GLU I 440 91.14 -24.53 35.86
CA GLU I 440 90.87 -25.77 36.64
C GLU I 440 91.69 -26.94 36.10
N ASP I 441 92.89 -26.72 35.54
CA ASP I 441 93.81 -27.81 35.11
C ASP I 441 94.66 -28.18 36.31
N THR I 442 94.09 -28.83 37.31
CA THR I 442 94.80 -29.19 38.57
C THR I 442 95.90 -30.20 38.24
N TYR I 443 95.82 -30.90 37.09
CA TYR I 443 96.82 -31.91 36.65
C TYR I 443 97.64 -31.40 35.44
N HIS I 444 97.77 -30.09 35.24
CA HIS I 444 98.65 -29.52 34.18
C HIS I 444 98.38 -30.09 32.78
N GLU I 445 97.19 -29.87 32.18
CA GLU I 445 96.78 -30.48 30.89
C GLU I 445 96.52 -29.46 29.77
N PHE I 446 95.54 -28.58 29.90
CA PHE I 446 95.14 -27.63 28.83
C PHE I 446 96.29 -26.67 28.59
N PHE I 447 96.52 -26.25 27.35
CA PHE I 447 97.70 -25.42 27.00
C PHE I 447 97.67 -24.09 27.78
N VAL I 448 96.55 -23.40 27.91
CA VAL I 448 96.59 -22.08 28.60
C VAL I 448 96.93 -22.37 30.06
N ALA I 449 97.88 -21.63 30.63
CA ALA I 449 98.35 -21.85 32.02
C ALA I 449 98.58 -20.49 32.67
N SER I 450 98.43 -20.38 34.00
CA SER I 450 98.53 -19.09 34.72
C SER I 450 99.57 -19.08 35.82
N ASP I 451 100.56 -18.19 35.76
CA ASP I 451 101.55 -18.00 36.86
C ASP I 451 100.81 -17.26 37.96
N PRO I 452 101.06 -17.42 39.29
CA PRO I 452 100.38 -16.57 40.28
C PRO I 452 100.87 -15.13 40.02
N THR I 453 100.01 -14.11 39.87
CA THR I 453 100.44 -12.73 39.44
C THR I 453 99.72 -11.60 40.16
N VAL I 454 100.18 -10.36 39.99
CA VAL I 454 99.64 -9.16 40.69
C VAL I 454 98.17 -8.90 40.36
N LYS I 455 97.71 -9.15 39.12
CA LYS I 455 96.31 -8.86 38.68
C LYS I 455 96.05 -7.35 38.73
N THR I 456 97.06 -6.53 38.49
CA THR I 456 96.93 -5.05 38.49
C THR I 456 97.58 -4.55 37.22
N ASP I 457 96.98 -4.81 36.07
CA ASP I 457 97.45 -4.30 34.75
C ASP I 457 98.63 -5.12 34.25
N ARG I 458 99.08 -6.14 34.98
CA ARG I 458 100.08 -7.10 34.46
C ARG I 458 99.29 -8.27 33.88
N LEU I 459 97.98 -8.36 34.15
CA LEU I 459 97.17 -9.49 33.66
C LEU I 459 97.17 -9.46 32.13
N TRP I 460 96.86 -8.36 31.46
CA TRP I 460 96.78 -8.43 29.98
C TRP I 460 98.16 -8.88 29.51
N HIS I 461 99.24 -8.47 30.15
CA HIS I 461 100.59 -8.77 29.60
C HIS I 461 101.37 -9.88 30.31
N ASP I 462 100.90 -10.52 31.38
CA ASP I 462 101.78 -11.50 32.10
C ASP I 462 101.15 -12.84 32.51
N LYS I 463 99.98 -12.86 33.15
CA LYS I 463 99.44 -14.10 33.77
C LYS I 463 99.24 -15.25 32.80
N TYR I 464 98.64 -15.05 31.63
CA TYR I 464 98.26 -16.15 30.72
C TYR I 464 99.15 -16.21 29.48
N THR I 465 99.81 -17.32 29.16
CA THR I 465 100.58 -17.47 27.90
C THR I 465 100.53 -18.91 27.38
N LEU I 466 100.51 -19.10 26.05
CA LEU I 466 100.36 -20.44 25.43
C LEU I 466 101.42 -21.40 25.97
N ARG I 467 101.04 -22.61 26.32
CA ARG I 467 102.02 -23.65 26.71
C ARG I 467 102.18 -24.44 25.43
N LYS I 468 103.30 -24.33 24.72
CA LYS I 468 103.44 -24.94 23.38
C LYS I 468 103.34 -26.45 23.43
N SER I 469 103.88 -27.12 24.45
CA SER I 469 103.96 -28.60 24.46
C SER I 469 102.60 -29.26 24.39
N MET I 470 101.57 -28.74 25.04
CA MET I 470 100.26 -29.43 25.14
C MET I 470 99.29 -28.99 24.04
N ILE I 471 99.69 -28.30 22.98
CA ILE I 471 98.76 -28.00 21.85
C ILE I 471 98.61 -29.26 20.99
N PRO I 472 97.41 -29.82 20.71
CA PRO I 472 97.18 -31.04 19.93
C PRO I 472 97.58 -30.88 18.45
N SER I 473 97.82 -31.99 17.74
CA SER I 473 98.27 -31.95 16.32
C SER I 473 97.23 -31.28 15.41
N PHE I 474 95.96 -31.64 15.54
CA PHE I 474 94.92 -31.14 14.59
C PHE I 474 94.78 -29.60 14.63
N MET I 475 94.91 -28.98 15.80
CA MET I 475 94.67 -27.52 15.90
C MET I 475 95.72 -26.68 15.17
N THR I 476 95.30 -25.75 14.31
CA THR I 476 96.22 -24.81 13.61
C THR I 476 96.76 -23.83 14.64
N MET I 477 98.03 -23.42 14.51
CA MET I 477 98.72 -22.50 15.45
C MET I 477 97.96 -21.18 15.54
N ASP I 478 97.28 -20.74 14.48
CA ASP I 478 96.51 -19.45 14.47
C ASP I 478 95.22 -19.58 15.30
N GLN I 479 94.46 -20.66 15.11
CA GLN I 479 93.26 -20.92 15.95
C GLN I 479 93.76 -21.15 17.39
N SER I 480 94.95 -21.73 17.58
CA SER I 480 95.52 -21.97 18.93
C SER I 480 95.72 -20.64 19.65
N ARG I 481 96.33 -19.65 19.00
CA ARG I 481 96.59 -18.33 19.61
C ARG I 481 95.26 -17.62 19.86
N LYS I 482 94.36 -17.67 18.87
CA LYS I 482 93.10 -16.91 18.98
C LYS I 482 92.37 -17.32 20.24
N VAL I 483 92.42 -18.58 20.63
CA VAL I 483 91.67 -19.04 21.82
C VAL I 483 92.27 -18.37 23.05
N LEU I 484 93.59 -18.19 23.19
CA LEU I 484 94.13 -17.58 24.42
C LEU I 484 93.61 -16.14 24.42
N LEU I 485 93.29 -15.59 23.26
CA LEU I 485 92.81 -14.20 23.19
C LEU I 485 91.31 -14.14 23.51
N ILE I 486 90.51 -15.19 23.33
CA ILE I 486 89.08 -15.13 23.76
C ILE I 486 89.01 -15.63 25.20
N GLY I 487 90.06 -16.24 25.74
CA GLY I 487 90.11 -16.77 27.12
C GLY I 487 90.83 -15.82 28.04
N LYS I 488 91.41 -14.75 27.52
CA LYS I 488 92.07 -13.68 28.32
C LYS I 488 91.36 -12.37 28.03
N SER I 489 90.19 -12.42 27.42
CA SER I 489 89.32 -11.25 27.23
C SER I 489 88.21 -11.46 28.22
N ILE I 490 87.56 -12.61 28.17
CA ILE I 490 86.37 -12.82 29.06
C ILE I 490 86.84 -12.65 30.49
N ASN I 491 87.94 -13.30 30.83
CA ASN I 491 88.52 -13.22 32.19
C ASN I 491 88.82 -11.75 32.45
N PHE I 492 89.52 -11.06 31.56
CA PHE I 492 89.97 -9.68 31.85
C PHE I 492 88.73 -8.94 32.23
N LEU I 493 87.65 -9.06 31.46
CA LEU I 493 86.48 -8.23 31.74
C LEU I 493 85.97 -8.57 33.14
N HIS I 494 86.08 -9.82 33.61
CA HIS I 494 85.47 -10.26 34.90
C HIS I 494 86.36 -10.06 36.13
N GLN I 495 87.63 -9.71 36.01
CA GLN I 495 88.53 -9.64 37.20
C GLN I 495 89.12 -8.26 37.44
N VAL I 496 89.72 -7.60 36.46
CA VAL I 496 90.38 -6.27 36.66
C VAL I 496 89.49 -5.13 36.17
N CYS I 497 88.58 -5.34 35.22
CA CYS I 497 87.62 -4.32 34.78
C CYS I 497 86.37 -4.45 35.65
N HIS I 498 86.27 -5.47 36.49
CA HIS I 498 85.16 -5.65 37.47
C HIS I 498 83.77 -5.59 36.82
N ASP I 499 83.53 -6.21 35.65
CA ASP I 499 82.17 -6.29 35.06
C ASP I 499 82.01 -7.69 34.46
N GLN I 500 80.81 -8.30 34.55
CA GLN I 500 80.56 -9.71 34.10
C GLN I 500 79.17 -9.87 33.50
N THR I 501 78.45 -8.80 33.19
CA THR I 501 77.03 -8.88 32.76
C THR I 501 76.87 -9.78 31.54
N PRO I 502 75.69 -10.42 31.27
CA PRO I 502 75.58 -11.43 30.20
C PRO I 502 76.03 -10.92 28.83
N THR I 503 76.88 -11.69 28.13
CA THR I 503 77.42 -11.33 26.79
C THR I 503 77.01 -12.36 25.74
N THR I 504 76.35 -13.45 26.13
CA THR I 504 75.97 -14.55 25.21
C THR I 504 74.45 -14.56 25.06
N THR I 524 89.43 -31.72 8.29
CA THR I 524 90.68 -32.02 9.03
C THR I 524 90.51 -33.35 9.78
N ASP I 525 90.44 -33.34 11.13
CA ASP I 525 90.28 -34.56 11.98
C ASP I 525 89.03 -34.49 12.87
N LEU I 526 88.81 -33.38 13.59
CA LEU I 526 87.60 -33.15 14.45
C LEU I 526 86.50 -32.46 13.64
N GLU I 527 86.29 -32.88 12.37
CA GLU I 527 85.25 -32.33 11.42
C GLU I 527 85.48 -30.84 11.16
N ASN I 528 86.67 -30.32 11.48
CA ASN I 528 87.01 -28.87 11.33
C ASN I 528 85.87 -28.08 12.00
N ALA I 529 85.33 -28.59 13.12
CA ALA I 529 84.16 -27.98 13.81
C ALA I 529 84.54 -26.65 14.44
N PHE I 530 85.74 -26.59 15.03
CA PHE I 530 86.18 -25.40 15.82
C PHE I 530 86.07 -24.13 14.99
N GLN I 531 86.62 -24.10 13.77
CA GLN I 531 86.70 -22.84 12.97
C GLN I 531 85.28 -22.25 12.83
N GLY I 532 84.27 -23.13 12.77
CA GLY I 532 82.91 -22.63 12.65
C GLY I 532 82.56 -21.66 13.76
N LYS I 533 82.78 -22.03 15.04
CA LYS I 533 82.33 -21.20 16.19
C LYS I 533 83.42 -20.23 16.62
N ILE I 534 84.67 -20.69 16.72
CA ILE I 534 85.73 -19.86 17.36
C ILE I 534 85.67 -18.47 16.75
N ASP I 535 85.64 -18.40 15.42
CA ASP I 535 85.69 -17.08 14.74
C ASP I 535 84.51 -16.23 15.21
N ALA I 536 83.31 -16.81 15.24
CA ALA I 536 82.13 -16.03 15.67
C ALA I 536 82.41 -15.52 17.09
N ALA I 537 82.68 -16.42 18.03
CA ALA I 537 82.95 -16.05 19.43
C ALA I 537 83.96 -14.90 19.48
N TYR I 538 85.07 -14.92 18.75
CA TYR I 538 86.10 -13.86 18.77
C TYR I 538 85.50 -12.54 18.29
N PHE I 539 84.79 -12.56 17.15
CA PHE I 539 84.23 -11.32 16.53
C PHE I 539 83.17 -10.67 17.41
N GLU I 540 82.57 -11.46 18.30
CA GLU I 540 81.50 -10.99 19.21
C GLU I 540 82.20 -10.51 20.49
N THR I 541 82.82 -11.40 21.27
CA THR I 541 83.35 -11.08 22.61
C THR I 541 84.25 -9.84 22.55
N SER I 542 85.29 -9.88 21.73
CA SER I 542 86.27 -8.77 21.75
C SER I 542 85.56 -7.48 21.36
N LYS I 543 84.65 -7.53 20.38
CA LYS I 543 83.88 -6.33 19.94
C LYS I 543 83.07 -5.74 21.11
N TYR I 544 82.65 -6.59 22.07
CA TYR I 544 82.00 -6.11 23.33
C TYR I 544 83.06 -5.44 24.20
N LEU I 545 84.26 -6.02 24.21
CA LEU I 545 85.32 -5.50 25.11
C LEU I 545 85.72 -4.09 24.66
N LEU I 546 85.57 -3.76 23.36
CA LEU I 546 85.86 -2.41 22.83
C LEU I 546 84.57 -1.61 22.70
N ASP I 547 83.58 -1.82 23.58
CA ASP I 547 82.37 -0.96 23.69
C ASP I 547 82.27 -0.58 25.17
N VAL I 548 82.41 -1.51 26.12
CA VAL I 548 82.47 -1.17 27.57
C VAL I 548 83.61 -0.19 27.80
N LEU I 549 84.85 -0.54 27.46
CA LEU I 549 86.03 0.33 27.73
C LEU I 549 85.79 1.62 26.97
N ASN I 550 85.06 1.54 25.87
CA ASN I 550 84.69 2.71 25.07
C ASN I 550 83.76 3.63 25.87
N LYS I 551 82.77 3.13 26.64
CA LYS I 551 81.76 3.99 27.33
C LYS I 551 81.82 3.97 28.85
N LYS I 552 81.62 2.83 29.52
CA LYS I 552 81.58 2.76 31.01
C LYS I 552 82.81 3.51 31.49
N TYR I 553 83.97 3.17 30.93
CA TYR I 553 85.25 3.86 31.19
C TYR I 553 85.52 4.40 29.80
N SER I 554 86.42 5.35 29.56
CA SER I 554 86.59 5.92 28.19
C SER I 554 88.02 5.81 27.68
N LEU I 555 88.27 5.04 26.61
CA LEU I 555 89.61 4.99 25.97
C LEU I 555 89.69 6.09 24.92
N LEU I 556 88.60 6.34 24.20
CA LEU I 556 88.56 7.36 23.11
C LEU I 556 88.68 8.78 23.66
N ASP I 557 87.94 9.11 24.71
CA ASP I 557 87.90 10.50 25.25
C ASP I 557 89.25 10.85 25.87
N HIS I 558 89.91 9.91 26.56
CA HIS I 558 91.17 10.18 27.31
C HIS I 558 92.38 10.10 26.38
N MET I 559 92.26 9.42 25.24
CA MET I 559 93.38 9.29 24.27
C MET I 559 93.37 10.53 23.39
N GLN I 560 92.22 11.22 23.25
CA GLN I 560 92.13 12.40 22.35
C GLN I 560 92.48 13.67 23.11
N ALA I 561 91.98 13.86 24.33
CA ALA I 561 92.31 15.03 25.17
C ALA I 561 93.79 14.91 25.50
N MET I 562 94.35 13.71 25.46
CA MET I 562 95.80 13.54 25.66
C MET I 562 96.45 14.44 24.62
N ARG I 563 95.90 14.55 23.39
CA ARG I 563 96.54 15.38 22.32
C ARG I 563 96.60 16.80 22.83
N ARG I 564 95.55 17.25 23.48
CA ARG I 564 95.53 18.67 23.84
C ARG I 564 96.31 18.95 25.11
N TYR I 565 95.97 18.37 26.24
CA TYR I 565 96.60 18.80 27.52
C TYR I 565 98.08 18.45 27.64
N LEU I 566 98.54 17.25 27.31
CA LEU I 566 99.95 16.86 27.56
C LEU I 566 100.78 17.24 26.36
N LEU I 567 100.38 16.88 25.14
CA LEU I 567 101.16 17.11 23.88
C LEU I 567 101.10 18.58 23.42
N LEU I 568 100.40 19.46 24.13
CA LEU I 568 100.33 20.92 23.86
C LEU I 568 99.31 21.22 22.76
N GLY I 569 98.58 20.22 22.29
CA GLY I 569 97.60 20.38 21.20
C GLY I 569 96.66 21.55 21.39
N GLN I 570 96.29 21.89 22.62
CA GLN I 570 95.36 23.01 22.89
C GLN I 570 95.93 24.35 22.42
N GLY I 571 97.18 24.68 22.75
CA GLY I 571 97.81 25.92 22.29
C GLY I 571 97.28 27.12 23.03
N ASP I 572 95.96 27.31 23.07
CA ASP I 572 95.36 28.44 23.79
C ASP I 572 95.73 28.32 25.27
N PHE I 573 95.58 27.13 25.84
CA PHE I 573 95.89 26.88 27.27
C PHE I 573 97.37 27.04 27.51
N ILE I 574 98.26 26.53 26.66
CA ILE I 574 99.72 26.57 26.98
C ILE I 574 100.21 28.02 26.84
N ARG I 575 99.55 28.92 26.09
CA ARG I 575 99.96 30.35 26.10
C ARG I 575 99.67 30.97 27.45
N HIS I 576 98.46 30.76 27.97
CA HIS I 576 98.06 31.38 29.24
C HIS I 576 98.98 30.85 30.32
N LEU I 577 99.33 29.56 30.33
CA LEU I 577 100.14 28.91 31.40
C LEU I 577 101.52 29.54 31.38
N MET I 578 101.99 29.96 30.23
CA MET I 578 103.35 30.55 30.15
C MET I 578 103.31 32.04 30.49
N ASP I 579 102.15 32.72 30.51
CA ASP I 579 102.07 34.15 30.96
C ASP I 579 101.74 34.27 32.47
N LEU I 580 101.20 33.24 33.17
CA LEU I 580 101.00 33.28 34.67
C LEU I 580 102.17 32.64 35.44
N LEU I 581 102.71 31.53 34.91
CA LEU I 581 103.75 30.76 35.64
C LEU I 581 105.15 31.32 35.30
N LYS I 582 105.27 32.48 34.64
CA LYS I 582 106.61 33.07 34.37
C LYS I 582 107.36 33.46 35.66
N PRO I 583 106.79 34.31 36.55
CA PRO I 583 107.57 34.84 37.68
C PRO I 583 108.04 33.72 38.62
N GLU I 584 107.12 32.82 38.98
CA GLU I 584 107.40 31.74 39.96
C GLU I 584 108.45 30.80 39.39
N LEU I 585 108.44 30.63 38.08
CA LEU I 585 109.45 29.76 37.42
C LEU I 585 110.82 30.44 37.37
N VAL I 586 110.88 31.77 37.18
CA VAL I 586 112.19 32.50 37.06
C VAL I 586 112.86 32.61 38.43
N ARG I 587 112.21 32.10 39.48
CA ARG I 587 112.83 31.98 40.83
C ARG I 587 113.93 30.91 40.76
N PRO I 588 114.73 30.70 41.83
CA PRO I 588 115.61 29.53 41.92
C PRO I 588 114.76 28.24 42.10
N ALA I 589 115.33 27.10 41.71
CA ALA I 589 114.59 25.81 41.68
C ALA I 589 114.18 25.25 43.04
N THR I 590 115.13 25.18 43.99
CA THR I 590 114.91 24.45 45.26
C THR I 590 113.70 24.99 46.03
N THR I 591 113.53 26.32 46.08
CA THR I 591 112.47 26.98 46.91
C THR I 591 111.06 26.47 46.57
N LEU I 592 110.83 26.07 45.33
CA LEU I 592 109.45 25.70 44.88
C LEU I 592 108.97 24.38 45.48
N TYR I 593 107.65 24.30 45.76
CA TYR I 593 106.95 23.11 46.33
C TYR I 593 105.66 22.82 45.54
N GLN I 594 105.25 21.54 45.49
CA GLN I 594 104.13 21.09 44.60
C GLN I 594 102.88 21.96 44.78
N HIS I 595 102.47 22.24 46.02
CA HIS I 595 101.23 23.02 46.33
C HIS I 595 101.29 24.37 45.62
N ASN I 596 102.50 24.95 45.48
CA ASN I 596 102.68 26.25 44.79
C ASN I 596 102.22 26.11 43.34
N LEU I 597 102.79 25.14 42.59
CA LEU I 597 102.55 24.97 41.12
C LEU I 597 101.12 24.52 40.85
N THR I 598 100.61 23.63 41.72
CA THR I 598 99.24 23.08 41.55
C THR I 598 98.28 24.27 41.52
N GLY I 599 98.43 25.22 42.45
CA GLY I 599 97.46 26.33 42.61
C GLY I 599 97.11 26.95 41.29
N ILE I 600 98.08 27.33 40.47
CA ILE I 600 97.87 28.11 39.22
C ILE I 600 96.99 27.37 38.23
N LEU I 601 97.31 26.10 37.95
CA LEU I 601 96.59 25.31 36.92
C LEU I 601 95.10 25.63 36.99
N GLU I 602 94.53 25.69 38.21
CA GLU I 602 93.06 25.84 38.33
C GLU I 602 92.61 27.12 37.61
N THR I 603 93.31 28.24 37.83
CA THR I 603 92.89 29.54 37.25
C THR I 603 92.70 29.49 35.73
N ALA I 604 93.73 29.00 35.03
CA ALA I 604 93.76 28.96 33.55
C ALA I 604 92.72 28.01 32.98
N VAL I 605 92.54 26.83 33.58
CA VAL I 605 91.61 25.82 33.00
C VAL I 605 90.22 26.48 32.97
N ARG I 606 89.85 27.16 34.05
CA ARG I 606 88.56 27.89 34.13
C ARG I 606 88.56 29.07 33.15
N ALA I 607 89.64 29.84 33.08
CA ALA I 607 89.73 31.04 32.22
C ALA I 607 89.67 30.67 30.74
N THR I 608 90.34 29.59 30.34
CA THR I 608 90.44 29.15 28.92
C THR I 608 89.20 28.32 28.57
N ASN I 609 89.09 27.84 27.33
CA ASN I 609 87.95 27.02 26.86
C ASN I 609 88.05 25.62 27.48
N ALA I 610 89.14 25.31 28.21
CA ALA I 610 89.34 24.02 28.90
C ALA I 610 88.25 23.70 29.93
N GLN I 611 87.30 24.61 30.21
CA GLN I 611 86.19 24.35 31.16
C GLN I 611 85.12 23.45 30.54
N PHE I 612 84.94 23.48 29.22
CA PHE I 612 83.91 22.66 28.50
C PHE I 612 84.52 21.30 28.23
N ASP I 613 84.96 20.56 29.26
CA ASP I 613 85.66 19.28 29.08
C ASP I 613 85.10 18.26 30.07
N SER I 614 85.21 16.96 29.76
CA SER I 614 84.64 15.89 30.61
C SER I 614 85.11 16.19 32.03
N PRO I 615 84.25 16.63 32.96
CA PRO I 615 84.77 17.11 34.23
C PRO I 615 85.79 16.07 34.65
N GLU I 616 85.50 14.84 34.34
CA GLU I 616 86.43 13.77 34.70
C GLU I 616 87.81 14.05 34.11
N ILE I 617 87.94 14.50 32.86
CA ILE I 617 89.29 14.62 32.23
C ILE I 617 90.12 15.70 32.94
N LEU I 618 89.48 16.58 33.71
CA LEU I 618 90.19 17.68 34.40
C LEU I 618 90.58 17.25 35.81
N ARG I 619 89.91 16.25 36.41
CA ARG I 619 90.21 15.69 37.77
C ARG I 619 91.50 14.86 37.77
N ARG I 620 91.68 13.96 36.78
CA ARG I 620 92.89 13.08 36.64
C ARG I 620 94.04 13.94 36.16
N LEU I 621 93.75 15.12 35.61
CA LEU I 621 94.78 16.10 35.15
C LEU I 621 95.40 16.82 36.34
N ASP I 622 96.71 16.64 36.53
CA ASP I 622 97.45 17.22 37.69
C ASP I 622 98.88 17.57 37.29
N VAL I 623 99.60 18.23 38.19
CA VAL I 623 101.02 18.67 37.96
C VAL I 623 101.96 17.69 38.63
N ARG I 624 103.23 17.72 38.24
CA ARG I 624 104.30 16.94 38.90
C ARG I 624 105.55 17.81 38.87
N LEU I 625 106.59 17.42 39.63
CA LEU I 625 107.90 18.11 39.55
C LEU I 625 109.01 17.05 39.42
N LEU I 626 109.88 17.20 38.43
CA LEU I 626 110.95 16.19 38.15
C LEU I 626 112.01 16.26 39.25
N GLU I 627 112.98 15.34 39.22
CA GLU I 627 114.06 15.29 40.26
C GLU I 627 114.92 16.55 40.19
N VAL I 628 115.12 17.21 41.34
CA VAL I 628 115.95 18.44 41.44
C VAL I 628 117.43 18.06 41.40
N SER I 629 118.26 18.85 40.71
CA SER I 629 119.73 18.61 40.68
C SER I 629 120.41 19.74 41.49
N PRO I 630 121.74 19.72 41.76
CA PRO I 630 122.37 20.76 42.59
C PRO I 630 122.22 22.16 41.99
N GLY I 631 122.40 22.30 40.66
CA GLY I 631 122.17 23.60 40.00
C GLY I 631 121.03 23.49 39.00
N ASP I 632 119.96 24.28 39.17
CA ASP I 632 118.75 24.17 38.29
C ASP I 632 117.94 25.47 38.32
N THR I 633 116.97 25.62 37.42
CA THR I 633 116.05 26.79 37.38
C THR I 633 114.62 26.25 37.21
N GLY I 634 113.58 27.10 37.29
CA GLY I 634 112.21 26.58 37.22
C GLY I 634 111.92 25.99 35.85
N TRP I 635 112.39 26.63 34.76
CA TRP I 635 112.23 26.14 33.36
C TRP I 635 113.06 24.88 33.10
N ASP I 636 114.18 24.69 33.82
CA ASP I 636 115.06 23.49 33.68
C ASP I 636 114.40 22.22 34.21
N VAL I 637 113.68 22.33 35.34
CA VAL I 637 112.97 21.17 35.96
C VAL I 637 111.49 21.52 36.07
N PHE I 638 110.67 21.01 35.15
CA PHE I 638 109.19 21.13 35.26
C PHE I 638 108.60 20.15 34.24
N SER I 639 107.61 19.33 34.64
CA SER I 639 106.88 18.44 33.70
C SER I 639 105.46 18.21 34.22
N LEU I 640 104.49 17.94 33.32
CA LEU I 640 103.15 17.47 33.74
C LEU I 640 103.20 15.94 33.78
N ASP I 641 102.21 15.29 34.41
CA ASP I 641 102.21 13.81 34.56
C ASP I 641 100.95 13.20 33.94
N TYR I 642 99.76 13.78 34.21
CA TYR I 642 98.49 13.16 33.76
C TYR I 642 98.53 11.67 34.10
N HIS I 643 98.87 11.37 35.36
CA HIS I 643 98.98 9.94 35.79
C HIS I 643 97.63 9.27 35.61
N VAL I 644 97.61 8.03 35.12
CA VAL I 644 96.34 7.30 34.82
C VAL I 644 96.40 5.90 35.44
N ASP I 645 95.36 5.49 36.15
CA ASP I 645 95.24 4.12 36.71
C ASP I 645 93.76 3.77 36.64
N GLY I 646 93.42 2.51 36.39
CA GLY I 646 92.02 2.08 36.28
C GLY I 646 91.78 1.15 35.10
N PRO I 647 90.53 1.02 34.62
CA PRO I 647 90.22 0.19 33.47
C PRO I 647 90.95 0.57 32.18
N ILE I 648 91.11 1.87 31.89
CA ILE I 648 91.70 2.35 30.61
C ILE I 648 93.22 2.39 30.73
N ALA I 649 93.77 1.90 31.82
CA ALA I 649 95.22 1.92 32.07
C ALA I 649 95.99 1.12 31.02
N THR I 650 95.49 -0.01 30.51
CA THR I 650 96.20 -0.95 29.59
C THR I 650 96.60 -0.33 28.24
N VAL I 651 95.81 0.57 27.65
CA VAL I 651 96.17 1.24 26.38
C VAL I 651 97.45 1.99 26.71
N PHE I 652 97.51 2.64 27.87
CA PHE I 652 98.72 3.34 28.38
C PHE I 652 99.57 2.27 29.07
N THR I 653 100.83 2.57 29.40
CA THR I 653 101.74 1.61 30.07
C THR I 653 102.71 2.39 30.91
N ARG I 654 103.46 1.72 31.79
CA ARG I 654 104.41 2.41 32.68
C ARG I 654 105.42 3.11 31.77
N GLU I 655 105.93 2.41 30.76
CA GLU I 655 106.92 2.96 29.79
C GLU I 655 106.25 3.99 28.89
N CYS I 656 105.00 3.77 28.48
CA CYS I 656 104.33 4.65 27.51
C CYS I 656 104.30 6.08 28.04
N MET I 657 104.01 6.28 29.34
CA MET I 657 103.89 7.63 29.90
C MET I 657 105.31 8.10 30.17
N SER I 658 106.26 7.21 30.37
CA SER I 658 107.69 7.61 30.52
C SER I 658 108.19 8.18 29.19
N HIS I 659 107.43 8.05 28.10
CA HIS I 659 107.80 8.56 26.76
C HIS I 659 106.98 9.83 26.49
N TYR I 660 105.69 9.88 26.90
CA TYR I 660 104.83 11.07 26.72
C TYR I 660 105.40 12.25 27.53
N LEU I 661 106.30 12.00 28.49
CA LEU I 661 106.95 13.12 29.20
C LEU I 661 108.25 13.50 28.48
N ARG I 662 108.98 12.49 28.02
CA ARG I 662 110.26 12.77 27.34
C ARG I 662 109.96 13.68 26.14
N VAL I 663 108.77 13.57 25.53
CA VAL I 663 108.40 14.56 24.45
C VAL I 663 108.13 15.90 25.09
N PHE I 664 107.30 15.91 26.15
CA PHE I 664 106.82 17.20 26.70
C PHE I 664 107.99 18.13 26.96
N ASN I 665 109.05 17.62 27.60
CA ASN I 665 110.26 18.43 27.87
C ASN I 665 110.72 19.08 26.54
N PHE I 666 110.84 18.33 25.45
CA PHE I 666 111.29 18.88 24.15
C PHE I 666 110.26 19.87 23.62
N LEU I 667 108.97 19.54 23.71
CA LEU I 667 107.88 20.40 23.21
C LEU I 667 107.82 21.69 24.03
N TRP I 668 108.26 21.69 25.27
CA TRP I 668 108.14 22.86 26.19
C TRP I 668 109.29 23.83 26.00
N ARG I 669 110.51 23.36 25.75
CA ARG I 669 111.69 24.21 25.47
C ARG I 669 111.45 25.02 24.20
N ALA I 670 111.03 24.35 23.12
CA ALA I 670 110.78 25.11 21.89
C ALA I 670 109.69 26.11 22.18
N LYS I 671 108.56 25.67 22.70
CA LYS I 671 107.41 26.59 22.86
C LYS I 671 107.80 27.78 23.75
N ARG I 672 108.67 27.56 24.73
CA ARG I 672 109.22 28.67 25.57
C ARG I 672 109.92 29.68 24.65
N MET I 673 111.01 29.30 24.00
CA MET I 673 111.78 30.21 23.08
C MET I 673 110.83 30.96 22.14
N GLU I 674 109.72 30.34 21.77
CA GLU I 674 108.77 30.98 20.81
C GLU I 674 108.09 32.19 21.47
N TYR I 675 108.25 32.42 22.78
CA TYR I 675 107.71 33.64 23.46
C TYR I 675 108.88 34.44 24.04
N ILE I 676 110.07 33.87 24.25
CA ILE I 676 111.29 34.64 24.64
C ILE I 676 111.66 35.49 23.43
N LEU I 677 111.69 34.90 22.24
CA LEU I 677 112.00 35.63 20.98
C LEU I 677 110.81 36.51 20.60
N THR I 678 109.58 36.07 20.82
CA THR I 678 108.41 36.95 20.58
C THR I 678 108.52 38.10 21.57
N ASP I 679 109.17 37.91 22.71
CA ASP I 679 109.39 39.05 23.65
C ASP I 679 110.53 39.92 23.12
N ILE I 680 111.55 39.33 22.55
CA ILE I 680 112.63 40.17 21.96
C ILE I 680 111.97 41.03 20.89
N ARG I 681 111.15 40.46 20.03
CA ARG I 681 110.57 41.23 18.91
C ARG I 681 109.61 42.27 19.48
N LYS I 682 108.82 41.89 20.48
CA LYS I 682 107.91 42.84 21.12
C LYS I 682 108.83 43.90 21.69
N GLY I 683 110.00 43.51 22.15
CA GLY I 683 111.00 44.43 22.73
C GLY I 683 111.55 45.39 21.71
N HIS I 684 111.92 44.94 20.52
CA HIS I 684 112.54 45.82 19.50
C HIS I 684 111.54 46.88 19.09
N MET I 685 110.29 46.49 18.97
CA MET I 685 109.23 47.45 18.61
C MET I 685 109.06 48.39 19.78
N CYS I 686 109.07 47.93 21.04
CA CYS I 686 108.74 48.83 22.17
C CYS I 686 109.80 49.89 22.47
N ASN I 687 111.09 49.54 22.48
CA ASN I 687 112.14 50.49 22.93
C ASN I 687 112.85 51.11 21.74
N ALA I 688 112.42 50.88 20.51
CA ALA I 688 113.01 51.59 19.33
C ALA I 688 111.98 52.54 18.72
N LYS I 689 110.87 52.78 19.43
CA LYS I 689 109.91 53.83 19.05
C LYS I 689 109.97 54.76 20.26
N LEU I 690 110.50 54.25 21.38
CA LEU I 690 110.72 55.08 22.59
C LEU I 690 111.86 56.08 22.35
N LEU I 691 112.95 55.62 21.72
CA LEU I 691 114.15 56.49 21.54
C LEU I 691 114.43 56.69 20.05
N ARG I 692 113.38 56.80 19.24
CA ARG I 692 113.51 56.99 17.77
C ARG I 692 114.32 58.26 17.49
N ASN I 693 114.13 59.31 18.28
CA ASN I 693 114.80 60.61 18.01
C ASN I 693 116.32 60.44 18.04
N MET I 694 116.85 59.64 18.98
CA MET I 694 118.33 59.52 19.11
C MET I 694 118.90 58.79 17.90
N PRO I 695 119.88 59.38 17.18
CA PRO I 695 120.54 58.69 16.07
C PRO I 695 121.89 58.04 16.44
N GLU I 696 122.57 58.57 17.46
CA GLU I 696 123.86 57.98 17.91
C GLU I 696 123.81 56.44 17.93
N PHE I 697 122.72 55.82 18.39
CA PHE I 697 122.67 54.34 18.56
C PHE I 697 121.99 53.64 17.39
N SER I 698 121.51 54.36 16.37
CA SER I 698 120.70 53.73 15.29
C SER I 698 121.47 52.58 14.66
N GLY I 699 122.78 52.73 14.47
CA GLY I 699 123.57 51.68 13.80
C GLY I 699 123.68 50.38 14.58
N VAL I 700 124.28 50.33 15.75
CA VAL I 700 124.43 49.04 16.46
C VAL I 700 123.01 48.50 16.54
N LEU I 701 122.03 49.38 16.74
CA LEU I 701 120.63 48.93 16.90
C LEU I 701 120.20 48.16 15.66
N HIS I 702 120.39 48.70 14.45
CA HIS I 702 119.88 48.02 13.22
C HIS I 702 120.53 46.64 13.08
N GLN I 703 121.82 46.51 13.36
CA GLN I 703 122.54 45.22 13.16
C GLN I 703 121.85 44.20 14.06
N CYS I 704 121.51 44.58 15.28
CA CYS I 704 120.81 43.68 16.23
C CYS I 704 119.45 43.32 15.65
N HIS I 705 118.76 44.27 15.03
CA HIS I 705 117.38 44.02 14.51
C HIS I 705 117.41 42.93 13.44
N ILE I 706 118.39 42.91 12.53
CA ILE I 706 118.56 41.85 11.50
C ILE I 706 119.07 40.55 12.16
N LEU I 707 119.92 40.59 13.19
CA LEU I 707 120.33 39.33 13.85
C LEU I 707 119.08 38.72 14.48
N ALA I 708 118.24 39.53 15.09
CA ALA I 708 117.05 39.02 15.81
C ALA I 708 116.16 38.33 14.80
N SER I 709 115.87 38.98 13.67
CA SER I 709 115.00 38.45 12.57
C SER I 709 115.53 37.14 11.98
N GLU I 710 116.83 36.92 11.97
CA GLU I 710 117.43 35.64 11.52
C GLU I 710 116.91 34.51 12.40
N MET I 711 116.88 34.69 13.71
CA MET I 711 116.32 33.71 14.67
C MET I 711 114.80 33.65 14.52
N VAL I 712 114.11 34.77 14.31
CA VAL I 712 112.62 34.79 14.32
C VAL I 712 112.12 33.85 13.24
N HIS I 713 112.79 33.77 12.09
CA HIS I 713 112.37 32.91 10.94
C HIS I 713 112.85 31.45 11.11
N PHE I 714 113.91 31.17 11.87
CA PHE I 714 114.37 29.79 12.20
C PHE I 714 113.43 29.15 13.22
N ILE I 715 112.96 29.89 14.23
CA ILE I 715 112.14 29.32 15.33
C ILE I 715 110.69 29.25 14.88
N HIS I 716 110.16 30.25 14.17
CA HIS I 716 108.73 30.25 13.82
C HIS I 716 108.49 29.20 12.75
N GLN I 717 109.38 29.07 11.76
CA GLN I 717 109.20 28.08 10.65
C GLN I 717 109.33 26.65 11.20
N MET I 718 110.25 26.38 12.14
CA MET I 718 110.31 25.04 12.78
C MET I 718 109.02 24.84 13.57
N GLN I 719 108.47 25.88 14.18
CA GLN I 719 107.23 25.80 14.99
C GLN I 719 106.07 25.42 14.08
N TYR I 720 106.21 25.58 12.76
CA TYR I 720 105.22 25.10 11.77
C TYR I 720 105.48 23.61 11.50
N TYR I 721 106.73 23.16 11.45
CA TYR I 721 107.09 21.76 11.10
C TYR I 721 106.48 20.78 12.08
N ILE I 722 106.55 21.07 13.37
CA ILE I 722 106.02 20.18 14.42
C ILE I 722 104.51 20.10 14.24
N THR I 723 103.85 21.14 13.74
CA THR I 723 102.38 21.20 13.66
C THR I 723 101.82 20.37 12.53
N PHE I 724 102.43 20.44 11.34
CA PHE I 724 101.89 19.76 10.11
C PHE I 724 102.62 18.50 9.66
N GLU I 725 103.73 18.05 10.28
CA GLU I 725 104.27 16.70 9.93
C GLU I 725 104.54 15.89 11.20
N VAL I 726 105.35 16.33 12.15
CA VAL I 726 105.71 15.51 13.34
C VAL I 726 104.47 15.14 14.13
N LEU I 727 103.46 16.01 14.25
CA LEU I 727 102.29 15.73 15.14
C LEU I 727 100.95 15.53 14.40
N GLU I 728 100.44 16.45 13.57
CA GLU I 728 99.11 16.35 12.89
C GLU I 728 99.03 15.19 11.89
N CYS I 729 100.11 14.89 11.15
CA CYS I 729 100.11 13.83 10.11
C CYS I 729 100.49 12.48 10.72
N SER I 730 101.14 12.46 11.89
CA SER I 730 101.44 11.20 12.62
C SER I 730 100.21 10.90 13.47
N TRP I 731 99.37 11.92 13.74
CA TRP I 731 98.12 11.76 14.53
C TRP I 731 96.95 11.33 13.63
N ASP I 732 96.96 11.71 12.37
CA ASP I 732 95.92 11.25 11.44
C ASP I 732 95.98 9.73 11.41
N GLU I 733 97.18 9.14 11.43
CA GLU I 733 97.36 7.67 11.41
C GLU I 733 96.72 7.06 12.66
N LEU I 734 96.91 7.64 13.84
CA LEU I 734 96.38 7.00 15.06
C LEU I 734 94.86 6.96 14.93
N TRP I 735 94.23 8.05 14.54
CA TRP I 735 92.75 8.06 14.51
C TRP I 735 92.25 7.10 13.43
N ASN I 736 92.89 7.05 12.28
CA ASN I 736 92.45 6.19 11.15
C ASN I 736 92.67 4.68 11.41
N LYS I 737 93.77 4.28 12.03
CA LYS I 737 94.10 2.85 12.31
C LYS I 737 93.40 2.40 13.59
N VAL I 738 92.83 3.33 14.37
CA VAL I 738 92.05 3.01 15.61
C VAL I 738 90.56 2.96 15.28
N GLN I 739 90.03 3.88 14.49
CA GLN I 739 88.58 3.91 14.26
C GLN I 739 88.16 2.58 13.64
N GLN I 740 89.00 1.99 12.79
CA GLN I 740 88.70 0.68 12.11
C GLN I 740 88.97 -0.56 12.96
N ALA I 741 90.03 -0.62 13.79
CA ALA I 741 90.46 -1.85 14.52
C ALA I 741 89.32 -2.45 15.30
N GLN I 742 89.19 -3.77 15.35
CA GLN I 742 88.03 -4.42 16.00
C GLN I 742 88.33 -4.97 17.38
N ASP I 743 89.60 -5.17 17.77
CA ASP I 743 89.98 -5.81 19.07
C ASP I 743 91.05 -4.98 19.75
N LEU I 744 91.10 -4.97 21.09
CA LEU I 744 92.04 -4.08 21.80
C LEU I 744 93.46 -4.44 21.37
N ASP I 745 93.76 -5.72 21.12
CA ASP I 745 95.16 -6.11 20.86
C ASP I 745 95.61 -5.33 19.63
N HIS I 746 94.70 -4.96 18.74
CA HIS I 746 95.00 -4.05 17.60
C HIS I 746 95.17 -2.58 18.04
N ILE I 747 94.43 -2.04 19.04
CA ILE I 747 94.44 -0.61 19.48
C ILE I 747 95.46 -0.43 20.59
N ILE I 748 96.35 -1.38 20.81
CA ILE I 748 97.50 -1.23 21.74
C ILE I 748 98.73 -1.17 20.83
N ALA I 749 98.56 -1.08 19.50
CA ALA I 749 99.67 -1.03 18.52
C ALA I 749 99.66 0.29 17.74
N ALA I 750 98.53 0.77 17.24
CA ALA I 750 98.37 2.14 16.63
C ALA I 750 98.87 3.21 17.62
N HIS I 751 98.60 3.02 18.90
CA HIS I 751 99.13 3.90 19.97
C HIS I 751 100.64 3.69 20.11
N GLU I 752 101.14 2.46 19.84
CA GLU I 752 102.60 2.12 19.92
C GLU I 752 103.34 2.65 18.69
N VAL I 753 102.59 3.23 17.75
CA VAL I 753 103.18 3.93 16.57
C VAL I 753 103.02 5.45 16.75
N PHE I 754 101.85 5.87 17.22
CA PHE I 754 101.65 7.30 17.46
C PHE I 754 102.61 7.75 18.54
N LEU I 755 103.35 6.82 19.14
CA LEU I 755 104.42 7.26 20.06
C LEU I 755 105.79 7.19 19.37
N ASP I 756 106.17 6.03 18.86
CA ASP I 756 107.54 5.88 18.29
C ASP I 756 107.72 6.71 17.02
N THR I 757 106.65 7.06 16.29
CA THR I 757 106.75 7.96 15.12
C THR I 757 107.08 9.36 15.65
N ILE I 758 106.27 9.89 16.58
CA ILE I 758 106.45 11.26 17.11
C ILE I 758 107.87 11.32 17.67
N ILE I 759 108.39 10.29 18.33
CA ILE I 759 109.72 10.40 19.00
C ILE I 759 110.85 10.25 17.96
N SER I 760 110.71 9.38 16.97
CA SER I 760 111.74 9.19 15.92
C SER I 760 111.90 10.46 15.07
N ARG I 761 110.81 11.17 14.73
CA ARG I 761 110.86 12.37 13.84
C ARG I 761 111.20 13.65 14.61
N CYS I 762 111.40 13.60 15.94
CA CYS I 762 111.74 14.77 16.77
C CYS I 762 113.25 14.85 17.04
N LEU I 763 114.05 13.85 16.67
CA LEU I 763 115.51 13.74 16.94
C LEU I 763 115.70 13.29 18.39
N LEU I 764 114.61 13.00 19.12
CA LEU I 764 114.68 12.50 20.51
C LEU I 764 115.24 11.08 20.48
N ASP I 765 115.07 10.37 19.37
CA ASP I 765 115.51 8.95 19.23
C ASP I 765 117.01 8.87 19.46
N SER I 766 117.50 7.74 19.97
CA SER I 766 118.92 7.55 20.37
C SER I 766 119.91 7.73 19.23
N ASP I 767 119.61 7.24 18.03
CA ASP I 767 120.60 7.27 16.91
C ASP I 767 121.00 8.70 16.58
N SER I 768 120.08 9.67 16.59
CA SER I 768 120.35 11.08 16.18
C SER I 768 120.17 12.06 17.33
N ARG I 769 121.00 12.03 18.37
CA ARG I 769 120.97 13.02 19.49
C ARG I 769 121.84 14.22 19.12
N ALA I 770 122.93 13.97 18.38
CA ALA I 770 123.95 15.01 18.06
C ALA I 770 123.27 16.23 17.44
N LEU I 771 122.29 15.98 16.56
CA LEU I 771 121.54 17.07 15.89
C LEU I 771 120.89 17.87 17.01
N LEU I 772 120.24 17.20 17.95
CA LEU I 772 119.54 17.87 19.07
C LEU I 772 120.55 18.60 19.96
N ASN I 773 121.81 18.15 20.09
CA ASN I 773 122.82 18.77 21.00
C ASN I 773 123.13 20.18 20.48
N GLN I 774 122.97 20.41 19.18
CA GLN I 774 123.11 21.74 18.52
C GLN I 774 121.77 22.52 18.49
N LEU I 775 120.62 21.83 18.42
CA LEU I 775 119.29 22.51 18.47
C LEU I 775 119.23 23.23 19.82
N ARG I 776 119.75 22.61 20.88
CA ARG I 776 119.84 23.26 22.21
C ARG I 776 120.74 24.50 22.07
N ALA I 777 121.88 24.34 21.37
CA ALA I 777 122.86 25.44 21.23
C ALA I 777 122.11 26.64 20.69
N VAL I 778 121.20 26.46 19.71
CA VAL I 778 120.51 27.59 19.02
C VAL I 778 119.64 28.41 19.99
N PHE I 779 118.85 27.73 20.85
CA PHE I 779 118.04 28.44 21.87
C PHE I 779 119.03 29.17 22.80
N ASP I 780 120.18 28.54 23.09
CA ASP I 780 121.20 29.15 23.98
C ASP I 780 121.61 30.50 23.38
N GLN I 781 121.91 30.51 22.08
CA GLN I 781 122.29 31.76 21.39
C GLN I 781 121.11 32.73 21.51
N ILE I 782 119.86 32.24 21.43
CA ILE I 782 118.68 33.15 21.64
C ILE I 782 118.80 33.76 23.05
N ILE I 783 119.18 32.98 24.05
CA ILE I 783 119.27 33.49 25.46
C ILE I 783 120.39 34.53 25.51
N GLU I 784 121.52 34.24 24.86
CA GLU I 784 122.71 35.14 24.89
C GLU I 784 122.31 36.48 24.28
N LEU I 785 121.49 36.44 23.22
CA LEU I 785 120.97 37.67 22.57
C LEU I 785 119.98 38.40 23.49
N GLN I 786 119.11 37.64 24.15
CA GLN I 786 118.15 38.27 25.11
C GLN I 786 119.02 39.06 26.08
N ASN I 787 120.08 38.42 26.60
CA ASN I 787 121.00 39.05 27.58
C ASN I 787 121.65 40.29 26.96
N ALA I 788 122.49 40.09 25.93
CA ALA I 788 123.28 41.23 25.37
C ALA I 788 122.30 42.36 25.03
N GLN I 789 121.20 42.04 24.33
CA GLN I 789 120.23 43.09 23.91
C GLN I 789 119.80 43.85 25.16
N ASP I 790 119.36 43.15 26.21
CA ASP I 790 118.81 43.82 27.41
C ASP I 790 119.89 44.74 28.01
N ALA I 791 121.17 44.30 27.96
CA ALA I 791 122.31 45.09 28.48
C ALA I 791 122.47 46.39 27.69
N ILE I 792 122.43 46.33 26.34
CA ILE I 792 122.66 47.51 25.43
C ILE I 792 121.51 48.50 25.51
N TYR I 793 120.28 47.99 25.57
CA TYR I 793 119.08 48.85 25.71
C TYR I 793 119.02 49.48 27.10
N ARG I 794 119.49 48.74 28.12
CA ARG I 794 119.55 49.32 29.49
C ARG I 794 120.52 50.50 29.46
N ALA I 795 121.74 50.30 28.91
CA ALA I 795 122.79 51.34 28.87
C ALA I 795 122.28 52.57 28.12
N ALA I 796 121.69 52.38 26.94
CA ALA I 796 121.14 53.48 26.11
C ALA I 796 119.93 54.10 26.82
N LEU I 797 119.13 53.31 27.52
CA LEU I 797 117.91 53.81 28.22
C LEU I 797 118.30 54.73 29.38
N GLU I 798 119.29 54.32 30.18
CA GLU I 798 119.79 55.15 31.31
C GLU I 798 120.50 56.40 30.75
N GLU I 799 121.14 56.27 29.57
CA GLU I 799 121.74 57.45 28.89
C GLU I 799 120.62 58.41 28.50
N LEU I 800 119.53 57.89 27.92
CA LEU I 800 118.38 58.73 27.46
C LEU I 800 117.74 59.45 28.64
N GLN I 801 117.56 58.75 29.77
CA GLN I 801 116.94 59.34 30.99
C GLN I 801 117.84 60.46 31.54
N ARG I 802 119.16 60.27 31.46
CA ARG I 802 120.16 61.30 31.88
C ARG I 802 120.00 62.52 30.97
N ARG I 803 119.88 62.32 29.68
CA ARG I 803 119.68 63.43 28.70
C ARG I 803 118.34 64.12 28.95
N LEU I 804 117.31 63.36 29.40
CA LEU I 804 115.96 63.90 29.75
C LEU I 804 115.98 64.67 31.08
N GLN I 805 116.72 64.17 32.08
CA GLN I 805 116.90 64.91 33.36
C GLN I 805 117.76 66.15 33.10
N PHE I 806 118.64 66.11 32.07
CA PHE I 806 119.45 67.29 31.64
C PHE I 806 118.56 68.29 30.88
N GLU I 807 117.61 67.77 30.08
CA GLU I 807 116.61 68.59 29.32
C GLU I 807 115.82 69.44 30.33
N GLU I 808 115.35 68.83 31.44
CA GLU I 808 114.62 69.56 32.52
C GLU I 808 115.62 70.38 33.33
N LYS I 809 116.89 69.97 33.40
CA LYS I 809 117.98 70.74 34.09
C LYS I 809 118.27 72.04 33.34
N LYS I 810 118.02 72.08 32.01
CA LYS I 810 118.22 73.31 31.18
C LYS I 810 117.33 74.44 31.71
N LYS I 811 116.03 74.19 31.94
CA LYS I 811 115.06 75.17 32.52
C LYS I 811 115.30 75.37 34.02
N GLN I 812 115.79 74.33 34.73
CA GLN I 812 116.13 74.40 36.20
C GLN I 812 117.41 75.25 36.40
N ARG I 813 118.25 75.38 35.36
CA ARG I 813 119.50 76.20 35.39
C ARG I 813 119.22 77.64 34.90
N GLU I 814 118.50 77.79 33.76
CA GLU I 814 118.19 79.11 33.14
C GLU I 814 117.29 79.94 34.08
N ILE I 815 116.19 79.34 34.59
CA ILE I 815 115.21 80.01 35.51
C ILE I 815 115.18 79.24 36.84
N ALA I 823 129.46 77.74 30.42
CA ALA I 823 129.07 76.32 30.64
C ALA I 823 129.64 75.81 31.96
N ALA I 824 128.78 75.59 32.96
CA ALA I 824 129.16 75.04 34.30
C ALA I 824 129.23 73.51 34.24
N GLU I 825 128.32 72.86 33.50
CA GLU I 825 128.26 71.37 33.34
C GLU I 825 127.77 70.95 31.93
N GLU I 826 127.78 71.87 30.95
CA GLU I 826 127.38 71.55 29.53
C GLU I 826 128.58 70.89 28.84
N GLU I 827 129.80 71.34 29.17
CA GLU I 827 131.08 70.77 28.63
C GLU I 827 131.20 69.30 29.06
N GLU I 828 130.95 68.97 30.34
CA GLU I 828 130.99 67.59 30.88
C GLU I 828 129.90 66.75 30.23
N GLU I 829 128.77 67.36 29.88
CA GLU I 829 127.67 66.67 29.15
C GLU I 829 128.19 66.26 27.77
N ASN I 830 128.97 67.14 27.10
CA ASN I 830 129.62 66.86 25.77
C ASN I 830 130.67 65.74 25.94
N LYS I 831 131.33 65.68 27.11
CA LYS I 831 132.29 64.57 27.46
C LYS I 831 131.51 63.27 27.63
N ARG I 832 130.29 63.35 28.22
CA ARG I 832 129.37 62.18 28.39
C ARG I 832 128.95 61.67 27.01
N ILE I 833 128.60 62.58 26.08
CA ILE I 833 128.20 62.20 24.68
C ILE I 833 129.41 61.57 23.98
N GLY I 834 130.61 62.16 24.15
CA GLY I 834 131.87 61.65 23.56
C GLY I 834 132.21 60.27 24.10
N GLU I 835 131.94 60.01 25.40
CA GLU I 835 132.14 58.68 26.05
C GLU I 835 131.17 57.63 25.49
N PHE I 836 129.89 57.98 25.39
CA PHE I 836 128.87 57.03 24.85
C PHE I 836 129.24 56.73 23.40
N LYS I 837 129.68 57.74 22.65
CA LYS I 837 130.04 57.63 21.20
C LYS I 837 131.25 56.69 20.99
N GLU I 838 132.25 56.76 21.88
CA GLU I 838 133.45 55.87 21.80
C GLU I 838 133.15 54.51 22.44
N SER I 839 132.00 54.37 23.14
CA SER I 839 131.51 53.07 23.69
C SER I 839 130.68 52.33 22.62
N ILE I 840 130.07 53.08 21.69
CA ILE I 840 129.24 52.48 20.59
C ILE I 840 130.02 51.38 19.89
N PRO I 841 131.28 51.56 19.43
CA PRO I 841 132.00 50.50 18.69
C PRO I 841 132.20 49.20 19.48
N LYS I 842 132.28 49.28 20.82
CA LYS I 842 132.36 48.06 21.68
C LYS I 842 131.05 47.28 21.60
N MET I 843 129.89 47.98 21.58
CA MET I 843 128.56 47.33 21.43
C MET I 843 128.47 46.65 20.05
N CYS I 844 128.93 47.28 18.98
CA CYS I 844 128.94 46.63 17.64
C CYS I 844 129.72 45.34 17.70
N SER I 845 130.90 45.36 18.30
CA SER I 845 131.78 44.16 18.32
C SER I 845 131.05 43.03 19.04
N GLN I 846 130.39 43.33 20.14
CA GLN I 846 129.66 42.29 20.90
C GLN I 846 128.62 41.70 19.94
N LEU I 847 127.91 42.54 19.19
CA LEU I 847 126.83 42.05 18.29
C LEU I 847 127.41 41.21 17.16
N ARG I 848 128.54 41.58 16.55
CA ARG I 848 129.08 40.84 15.38
C ARG I 848 129.62 39.49 15.80
N ILE I 849 130.24 39.38 16.97
CA ILE I 849 130.82 38.09 17.47
C ILE I 849 129.68 37.12 17.80
N LEU I 850 128.59 37.59 18.40
CA LEU I 850 127.39 36.74 18.71
C LEU I 850 126.78 36.35 17.38
N THR I 851 126.58 37.31 16.50
CA THR I 851 126.01 37.10 15.14
C THR I 851 126.79 36.00 14.43
N HIS I 852 128.11 36.17 14.24
CA HIS I 852 128.94 35.19 13.48
C HIS I 852 128.87 33.81 14.11
N PHE I 853 128.84 33.73 15.45
CA PHE I 853 128.72 32.41 16.13
C PHE I 853 127.40 31.78 15.71
N TYR I 854 126.30 32.55 15.76
CA TYR I 854 124.94 32.04 15.44
C TYR I 854 124.87 31.61 13.97
N GLN I 855 125.55 32.37 13.11
CA GLN I 855 125.58 32.06 11.66
C GLN I 855 126.33 30.77 11.44
N GLY I 856 127.43 30.60 12.18
CA GLY I 856 128.33 29.44 12.01
C GLY I 856 127.84 28.19 12.70
N ILE I 857 126.83 28.32 13.57
CA ILE I 857 126.22 27.11 14.20
C ILE I 857 125.06 26.62 13.33
N VAL I 858 124.21 27.55 12.86
CA VAL I 858 123.05 27.20 11.98
C VAL I 858 123.61 26.65 10.67
N GLN I 859 124.73 27.21 10.18
CA GLN I 859 125.42 26.67 8.97
C GLN I 859 125.77 25.18 9.23
N GLN I 860 126.29 24.88 10.43
CA GLN I 860 126.63 23.49 10.80
C GLN I 860 125.34 22.67 10.84
N PHE I 861 124.29 23.19 11.46
CA PHE I 861 123.05 22.40 11.65
C PHE I 861 122.44 21.99 10.31
N LEU I 862 122.25 22.94 9.40
CA LEU I 862 121.56 22.68 8.11
C LEU I 862 122.30 21.57 7.34
N VAL I 863 123.61 21.42 7.51
CA VAL I 863 124.40 20.42 6.73
C VAL I 863 124.63 19.18 7.57
N LEU I 864 124.14 19.15 8.82
CA LEU I 864 124.30 17.97 9.69
C LEU I 864 123.29 16.93 9.26
N LEU I 865 122.40 17.25 8.32
CA LEU I 865 121.41 16.27 7.79
C LEU I 865 122.15 15.36 6.80
N THR I 866 123.17 14.62 7.26
CA THR I 866 123.98 13.68 6.44
C THR I 866 123.16 12.48 5.96
N THR I 867 122.41 11.81 6.84
CA THR I 867 121.42 10.74 6.45
C THR I 867 120.42 10.70 7.60
N SER I 868 119.54 11.70 7.74
CA SER I 868 118.65 11.86 8.91
C SER I 868 117.27 11.20 8.73
N SER I 869 117.00 10.04 9.37
CA SER I 869 115.71 9.31 9.29
C SER I 869 115.15 9.39 7.88
N ASP I 870 116.02 9.38 6.87
CA ASP I 870 115.60 9.39 5.45
C ASP I 870 114.64 10.54 5.18
N GLU I 871 113.49 10.31 4.54
CA GLU I 871 112.59 11.39 4.04
C GLU I 871 111.98 12.28 5.12
N SER I 872 111.56 11.75 6.26
CA SER I 872 110.76 12.57 7.21
C SER I 872 111.52 13.83 7.63
N LEU I 873 112.80 13.73 7.98
CA LEU I 873 113.57 14.90 8.49
C LEU I 873 114.13 15.68 7.30
N ARG I 874 114.26 15.05 6.14
CA ARG I 874 114.77 15.73 4.92
C ARG I 874 113.80 16.83 4.55
N PHE I 875 112.51 16.62 4.76
CA PHE I 875 111.46 17.61 4.40
C PHE I 875 111.81 18.95 5.03
N LEU I 876 112.29 18.99 6.28
CA LEU I 876 112.65 20.24 6.95
C LEU I 876 113.79 20.91 6.18
N SER I 877 114.77 20.19 5.66
CA SER I 877 115.95 20.84 5.01
C SER I 877 115.45 21.94 4.10
N PHE I 878 114.24 21.78 3.55
CA PHE I 878 113.63 22.76 2.62
C PHE I 878 112.84 23.84 3.36
N ARG I 879 112.06 23.49 4.38
CA ARG I 879 111.23 24.50 5.08
C ARG I 879 112.17 25.57 5.63
N LEU I 880 113.31 25.20 6.21
CA LEU I 880 114.25 26.16 6.85
C LEU I 880 114.92 27.03 5.81
N ASP I 881 115.12 26.56 4.58
CA ASP I 881 115.93 27.26 3.55
C ASP I 881 115.14 27.44 2.25
N PHE I 882 113.88 27.83 2.31
CA PHE I 882 113.02 27.89 1.10
C PHE I 882 113.64 28.79 0.05
N ASN I 883 114.27 29.91 0.41
CA ASN I 883 114.76 30.92 -0.58
C ASN I 883 116.15 30.60 -1.11
N GLU I 884 116.78 29.51 -0.70
CA GLU I 884 118.19 29.23 -1.09
C GLU I 884 118.97 30.48 -0.70
N HIS I 885 118.67 31.05 0.46
CA HIS I 885 119.38 32.23 1.01
C HIS I 885 120.33 31.71 2.09
N TYR I 886 120.55 30.41 2.15
CA TYR I 886 121.56 29.81 3.05
C TYR I 886 121.93 28.50 2.39
N LYS I 887 123.19 28.12 2.33
CA LYS I 887 123.62 26.79 1.83
C LYS I 887 123.46 26.72 0.30
N ALA I 888 123.02 27.78 -0.36
CA ALA I 888 123.04 27.82 -1.84
C ALA I 888 124.53 27.77 -2.09
N ARG I 889 125.27 28.46 -1.25
CA ARG I 889 126.75 28.41 -1.25
C ARG I 889 127.09 28.16 0.22
N GLU I 890 128.12 27.39 0.53
CA GLU I 890 128.52 27.24 1.93
C GLU I 890 128.66 28.69 2.35
N PRO I 891 129.26 29.60 1.53
CA PRO I 891 129.19 31.03 1.81
C PRO I 891 127.74 31.40 2.22
N ARG I 892 127.54 31.99 3.42
CA ARG I 892 126.18 32.26 3.92
C ARG I 892 125.53 33.32 3.03
N LEU I 893 124.21 33.33 2.97
CA LEU I 893 123.44 34.27 2.14
C LEU I 893 122.36 34.90 3.01
N LEU J 150 83.92 -54.71 65.62
CA LEU J 150 85.06 -53.79 65.88
C LEU J 150 84.60 -52.68 66.82
N GLN J 151 85.00 -52.75 68.08
CA GLN J 151 84.59 -51.78 69.12
C GLN J 151 85.07 -50.38 68.78
N GLN J 152 86.28 -50.28 68.23
CA GLN J 152 86.91 -48.95 67.97
C GLN J 152 85.82 -48.09 67.39
N SER J 153 84.97 -48.70 66.57
CA SER J 153 83.85 -47.97 65.92
C SER J 153 82.98 -47.30 66.99
N LEU J 154 82.54 -48.03 68.01
CA LEU J 154 81.70 -47.47 69.10
C LEU J 154 82.37 -46.20 69.66
N GLU J 155 83.69 -46.19 69.84
CA GLU J 155 84.37 -45.02 70.44
C GLU J 155 84.15 -43.83 69.51
N LEU J 156 84.28 -44.05 68.21
CA LEU J 156 84.12 -42.95 67.25
C LEU J 156 82.69 -42.50 67.44
N LYS J 157 81.79 -43.47 67.59
CA LYS J 157 80.36 -43.15 67.79
C LYS J 157 80.21 -42.42 69.12
N ARG J 158 80.92 -42.82 70.17
CA ARG J 158 80.73 -42.21 71.50
C ARG J 158 81.13 -40.75 71.40
N LYS J 159 82.24 -40.46 70.75
CA LYS J 159 82.77 -39.08 70.62
C LYS J 159 81.81 -38.21 69.83
N MET J 160 81.27 -38.76 68.75
CA MET J 160 80.40 -37.96 67.87
C MET J 160 79.23 -37.50 68.72
N LEU J 161 78.54 -38.42 69.38
CA LEU J 161 77.32 -38.07 70.15
C LEU J 161 77.69 -37.12 71.27
N ARG J 162 78.80 -37.37 71.95
CA ARG J 162 79.13 -36.54 73.13
C ARG J 162 79.28 -35.10 72.66
N ASP J 163 80.01 -34.89 71.57
CA ASP J 163 80.24 -33.52 71.05
C ASP J 163 78.89 -32.96 70.63
N LYS J 164 78.04 -33.75 69.98
CA LYS J 164 76.77 -33.21 69.43
C LYS J 164 75.87 -32.66 70.53
N GLN J 165 75.61 -33.44 71.56
CA GLN J 165 74.61 -33.09 72.60
C GLN J 165 74.88 -31.72 73.20
N ASN J 166 76.08 -31.47 73.69
CA ASN J 166 76.39 -30.21 74.41
C ASN J 166 76.16 -29.02 73.50
N LYS J 167 76.45 -29.13 72.20
CA LYS J 167 76.38 -27.96 71.30
C LYS J 167 74.97 -27.41 71.37
N LYS J 168 73.95 -28.27 71.37
CA LYS J 168 72.54 -27.84 71.51
C LYS J 168 71.80 -28.75 72.49
N ASN J 169 71.39 -28.23 73.65
CA ASN J 169 70.59 -28.97 74.64
C ASN J 169 69.14 -28.48 74.56
N SER J 170 68.82 -27.61 73.59
CA SER J 170 67.43 -27.12 73.35
C SER J 170 66.56 -28.31 72.96
N GLY J 171 67.05 -29.20 72.08
CA GLY J 171 66.36 -30.46 71.72
C GLY J 171 67.08 -31.59 72.43
N GLN J 172 66.37 -32.40 73.20
CA GLN J 172 67.02 -33.42 74.05
C GLN J 172 66.78 -34.82 73.52
N HIS J 173 67.52 -35.81 74.01
CA HIS J 173 67.30 -37.22 73.63
C HIS J 173 67.38 -37.37 72.11
N LEU J 174 68.46 -36.90 71.47
CA LEU J 174 68.67 -37.06 70.00
C LEU J 174 68.51 -38.54 69.67
N PRO J 175 68.04 -38.95 68.48
CA PRO J 175 67.77 -40.34 68.28
C PRO J 175 69.02 -41.16 68.47
N ILE J 176 68.93 -42.30 69.16
CA ILE J 176 70.05 -43.24 69.34
C ILE J 176 69.52 -44.63 69.01
N PHE J 177 70.23 -45.42 68.22
CA PHE J 177 69.75 -46.76 67.80
C PHE J 177 69.85 -47.74 68.95
N PRO J 178 69.02 -48.79 69.04
CA PRO J 178 69.15 -49.76 70.07
C PRO J 178 70.46 -50.48 69.84
N ALA J 179 71.05 -51.03 70.90
CA ALA J 179 72.36 -51.72 70.86
C ALA J 179 72.33 -53.02 70.07
N TRP J 180 71.29 -53.84 70.16
CA TRP J 180 71.28 -55.16 69.50
C TRP J 180 71.70 -54.99 68.04
N VAL J 181 71.55 -53.82 67.44
CA VAL J 181 71.79 -53.63 65.97
C VAL J 181 73.27 -53.80 65.65
N TYR J 182 74.15 -53.19 66.41
CA TYR J 182 75.59 -53.30 66.18
C TYR J 182 76.06 -54.68 66.57
N GLU J 183 75.55 -55.22 67.67
CA GLU J 183 76.03 -56.51 68.26
C GLU J 183 75.79 -57.75 67.39
N ARG J 184 74.62 -57.92 66.76
CA ARG J 184 74.31 -59.12 65.95
C ARG J 184 75.05 -59.00 64.62
N PRO J 185 75.73 -60.04 64.10
CA PRO J 185 76.51 -59.91 62.87
C PRO J 185 75.81 -60.27 61.56
N ALA J 186 74.54 -60.68 61.59
CA ALA J 186 73.80 -61.19 60.41
C ALA J 186 73.06 -60.09 59.69
N LEU J 187 72.93 -58.94 60.29
CA LEU J 187 72.36 -57.78 59.61
C LEU J 187 73.33 -57.43 58.49
N ILE J 188 74.65 -57.53 58.73
CA ILE J 188 75.69 -57.17 57.72
C ILE J 188 75.97 -58.41 56.89
N GLY J 189 76.43 -58.32 55.64
CA GLY J 189 76.61 -59.47 54.73
C GLY J 189 77.71 -60.51 54.97
N ASP J 190 78.97 -60.15 55.17
CA ASP J 190 80.05 -61.16 55.23
C ASP J 190 79.95 -61.96 56.53
N PHE J 191 80.45 -63.20 56.58
CA PHE J 191 80.46 -64.05 57.82
C PHE J 191 81.87 -64.52 58.12
N ALA J 202 83.39 -83.15 52.17
CA ALA J 202 82.78 -82.88 50.85
C ALA J 202 83.58 -83.60 49.78
N LEU J 203 83.15 -83.52 48.50
CA LEU J 203 83.82 -84.27 47.40
C LEU J 203 85.27 -83.80 47.30
N PRO J 204 86.26 -84.68 47.06
CA PRO J 204 87.63 -84.22 46.88
C PRO J 204 87.69 -83.52 45.52
N ILE J 205 88.22 -82.30 45.48
CA ILE J 205 88.33 -81.56 44.20
C ILE J 205 89.42 -82.22 43.34
N GLY J 206 90.49 -82.72 43.95
CA GLY J 206 91.65 -83.22 43.17
C GLY J 206 91.36 -84.34 42.19
N THR J 207 90.54 -85.34 42.52
CA THR J 207 90.37 -86.54 41.67
C THR J 207 89.27 -86.38 40.61
N LEU J 208 88.59 -85.25 40.54
CA LEU J 208 87.43 -85.07 39.63
C LEU J 208 87.87 -84.78 38.19
N PRO J 209 86.99 -84.98 37.18
CA PRO J 209 87.28 -84.59 35.79
C PRO J 209 87.46 -83.07 35.65
N LEU J 210 88.28 -82.62 34.72
CA LEU J 210 88.59 -81.19 34.57
C LEU J 210 87.29 -80.38 34.43
N ALA J 211 86.34 -80.82 33.60
CA ALA J 211 85.08 -80.09 33.39
C ALA J 211 84.32 -80.08 34.71
N SER J 212 84.38 -81.19 35.43
CA SER J 212 83.70 -81.29 36.75
C SER J 212 84.30 -80.24 37.66
N GLN J 213 85.60 -79.99 37.58
CA GLN J 213 86.25 -78.94 38.42
C GLN J 213 85.65 -77.58 38.03
N GLU J 214 85.47 -77.29 36.74
CA GLU J 214 84.98 -75.98 36.23
C GLU J 214 83.53 -75.75 36.62
N SER J 215 82.69 -76.77 36.65
CA SER J 215 81.24 -76.62 36.92
C SER J 215 81.03 -76.58 38.44
N ALA J 216 81.87 -77.23 39.24
CA ALA J 216 81.84 -77.17 40.71
C ALA J 216 82.32 -75.82 41.21
N VAL J 217 83.33 -75.22 40.55
CA VAL J 217 83.87 -73.88 40.90
C VAL J 217 82.84 -72.87 40.48
N VAL J 218 82.28 -73.00 39.29
CA VAL J 218 81.32 -71.99 38.79
C VAL J 218 80.13 -72.03 39.74
N GLU J 219 79.80 -73.19 40.30
CA GLU J 219 78.69 -73.28 41.28
C GLU J 219 79.04 -72.49 42.55
N ASP J 220 80.19 -72.73 43.17
CA ASP J 220 80.55 -72.06 44.44
C ASP J 220 80.83 -70.57 44.18
N LEU J 221 81.50 -70.21 43.10
CA LEU J 221 81.83 -68.79 42.86
C LEU J 221 80.51 -68.08 42.80
N LEU J 222 79.49 -68.70 42.22
CA LEU J 222 78.22 -67.96 42.05
C LEU J 222 77.68 -67.66 43.45
N TYR J 223 78.10 -68.41 44.49
CA TYR J 223 77.71 -68.11 45.88
C TYR J 223 78.59 -66.98 46.44
N VAL J 224 79.91 -66.96 46.26
CA VAL J 224 80.78 -65.89 46.87
C VAL J 224 80.50 -64.51 46.27
N LEU J 225 79.95 -64.39 45.07
CA LEU J 225 79.59 -63.09 44.47
C LEU J 225 78.58 -62.46 45.42
N VAL J 226 77.72 -63.22 46.10
CA VAL J 226 76.83 -62.66 47.16
C VAL J 226 77.59 -62.92 48.45
N GLY J 227 77.24 -62.30 49.56
CA GLY J 227 78.02 -62.42 50.78
C GLY J 227 77.68 -63.71 51.48
N VAL J 228 78.28 -64.82 51.05
CA VAL J 228 78.14 -66.14 51.72
C VAL J 228 79.40 -66.90 51.39
N ASP J 229 79.81 -67.85 52.20
CA ASP J 229 81.05 -68.65 51.97
C ASP J 229 80.74 -69.64 50.85
N GLY J 230 81.76 -70.24 50.25
CA GLY J 230 81.56 -71.25 49.20
C GLY J 230 82.13 -72.58 49.60
N ARG J 231 81.63 -73.67 49.04
CA ARG J 231 82.15 -75.02 49.34
C ARG J 231 83.65 -75.10 49.03
N TYR J 232 84.16 -74.45 47.97
CA TYR J 232 85.61 -74.41 47.61
C TYR J 232 86.13 -72.97 47.78
N VAL J 233 85.86 -72.01 46.89
CA VAL J 233 86.30 -70.60 47.14
C VAL J 233 85.73 -70.17 48.50
N SER J 234 86.51 -69.56 49.38
CA SER J 234 86.07 -69.14 50.76
C SER J 234 86.75 -67.84 51.18
N ALA J 235 86.32 -67.17 52.27
CA ALA J 235 86.93 -65.92 52.79
C ALA J 235 87.68 -66.18 54.09
N GLN J 236 88.94 -65.78 54.19
CA GLN J 236 89.73 -65.87 55.44
C GLN J 236 89.33 -64.65 56.28
N PRO J 237 89.46 -64.64 57.63
CA PRO J 237 89.02 -63.52 58.43
C PRO J 237 89.84 -62.28 58.07
N LEU J 238 89.23 -61.10 58.06
CA LEU J 238 89.91 -59.87 57.59
C LEU J 238 91.10 -59.52 58.47
N ALA J 239 90.97 -59.66 59.81
CA ALA J 239 92.07 -59.33 60.77
C ALA J 239 92.49 -57.85 60.68
N GLY J 240 93.77 -57.59 60.47
CA GLY J 240 94.27 -56.20 60.27
C GLY J 240 93.94 -55.61 58.92
N ARG J 241 94.09 -56.35 57.82
CA ARG J 241 93.89 -55.81 56.46
C ARG J 241 92.39 -55.66 56.21
N GLN J 242 91.92 -54.47 55.85
CA GLN J 242 90.46 -54.21 55.73
C GLN J 242 89.80 -54.99 54.59
N SER J 243 90.37 -55.06 53.39
CA SER J 243 89.73 -55.75 52.25
C SER J 243 89.79 -57.26 52.49
N ARG J 244 88.72 -58.02 52.25
CA ARG J 244 88.71 -59.46 52.60
C ARG J 244 89.38 -60.22 51.48
N THR J 245 90.62 -60.65 51.67
CA THR J 245 91.33 -61.47 50.68
C THR J 245 90.70 -62.85 50.78
N PHE J 246 90.83 -63.77 49.81
CA PHE J 246 90.09 -65.06 49.83
C PHE J 246 91.07 -66.20 49.69
N LEU J 247 90.63 -67.44 49.92
CA LEU J 247 91.49 -68.64 49.92
C LEU J 247 90.96 -69.71 48.97
N VAL J 248 91.27 -69.60 47.67
CA VAL J 248 90.87 -70.61 46.65
C VAL J 248 91.27 -71.99 47.15
N ASP J 249 90.36 -72.96 47.14
CA ASP J 249 90.60 -74.32 47.68
C ASP J 249 91.88 -74.87 47.07
N PRO J 250 92.82 -75.47 47.84
CA PRO J 250 94.10 -75.92 47.29
C PRO J 250 93.97 -77.11 46.34
N ASN J 251 94.92 -77.22 45.40
CA ASN J 251 94.94 -78.38 44.46
C ASN J 251 93.81 -78.24 43.45
N LEU J 252 93.35 -77.02 43.19
CA LEU J 252 92.33 -76.74 42.16
C LEU J 252 93.08 -76.61 40.84
N ASP J 253 92.40 -76.69 39.70
CA ASP J 253 93.05 -76.54 38.37
C ASP J 253 93.88 -75.27 38.43
N LEU J 254 95.13 -75.27 37.91
CA LEU J 254 96.02 -74.09 37.96
C LEU J 254 95.71 -73.23 36.75
N SER J 255 94.88 -73.71 35.85
CA SER J 255 94.42 -72.87 34.74
C SER J 255 93.39 -71.93 35.33
N ILE J 256 92.38 -72.44 36.06
CA ILE J 256 91.23 -71.63 36.57
C ILE J 256 91.60 -70.90 37.85
N ARG J 257 92.56 -71.39 38.61
CA ARG J 257 92.88 -70.77 39.90
C ARG J 257 93.22 -69.34 39.54
N GLU J 258 93.89 -69.13 38.41
CA GLU J 258 94.18 -67.76 37.94
C GLU J 258 92.88 -67.05 37.54
N LEU J 259 91.97 -67.67 36.79
CA LEU J 259 90.76 -66.96 36.28
C LEU J 259 89.85 -66.52 37.44
N VAL J 260 89.71 -67.32 38.49
CA VAL J 260 88.86 -67.00 39.66
C VAL J 260 89.41 -65.71 40.24
N HIS J 261 90.72 -65.55 40.30
CA HIS J 261 91.36 -64.36 40.92
C HIS J 261 91.09 -63.13 40.06
N ARG J 262 90.54 -63.28 38.86
CA ARG J 262 90.13 -62.12 38.03
C ARG J 262 88.64 -61.82 38.27
N ILE J 263 87.81 -62.78 38.70
CA ILE J 263 86.33 -62.59 38.97
C ILE J 263 86.11 -62.39 40.48
N LEU J 264 86.98 -62.90 41.35
CA LEU J 264 86.89 -62.79 42.83
C LEU J 264 87.15 -61.35 43.29
N PRO J 265 87.90 -60.49 42.58
CA PRO J 265 88.02 -59.11 42.99
C PRO J 265 86.66 -58.39 43.01
N VAL J 266 85.57 -58.94 42.46
CA VAL J 266 84.23 -58.32 42.62
C VAL J 266 83.67 -58.54 44.02
N ALA J 267 83.75 -59.72 44.57
CA ALA J 267 83.08 -60.02 45.85
C ALA J 267 83.80 -59.29 46.97
N ALA J 268 85.06 -58.90 46.81
CA ALA J 268 85.80 -58.06 47.79
C ALA J 268 85.45 -56.58 47.66
N SER J 269 85.15 -56.10 46.47
CA SER J 269 84.71 -54.71 46.25
C SER J 269 83.23 -54.65 46.58
N TYR J 270 82.63 -55.77 46.99
CA TYR J 270 81.24 -55.81 47.50
C TYR J 270 81.29 -56.08 49.00
N SER J 271 82.31 -56.76 49.48
CA SER J 271 82.41 -57.11 50.91
C SER J 271 82.48 -55.83 51.73
N ALA J 272 83.21 -54.81 51.28
CA ALA J 272 83.30 -53.52 51.99
C ALA J 272 82.41 -52.49 51.30
N VAL J 273 81.19 -52.81 50.92
CA VAL J 273 80.22 -51.82 50.39
C VAL J 273 78.95 -51.91 51.24
N THR J 274 78.55 -53.08 51.73
CA THR J 274 77.44 -53.21 52.70
C THR J 274 78.00 -52.79 54.05
N ARG J 275 79.29 -53.04 54.29
CA ARG J 275 79.94 -52.64 55.56
C ARG J 275 79.97 -51.12 55.64
N PHE J 276 79.77 -50.42 54.53
CA PHE J 276 79.58 -48.95 54.55
C PHE J 276 78.13 -48.66 54.94
N ILE J 277 77.13 -49.19 54.21
CA ILE J 277 75.66 -48.89 54.41
C ILE J 277 75.22 -49.34 55.80
N GLU J 278 75.76 -50.44 56.30
CA GLU J 278 75.41 -51.02 57.63
C GLU J 278 76.29 -50.39 58.70
N GLU J 279 76.90 -49.24 58.35
CA GLU J 279 77.58 -48.43 59.39
C GLU J 279 77.08 -46.99 59.33
N LYS J 280 76.99 -46.37 58.16
CA LYS J 280 76.74 -44.90 58.10
C LYS J 280 75.25 -44.67 58.14
N SER J 281 74.51 -45.64 58.69
CA SER J 281 73.04 -45.47 58.85
C SER J 281 72.78 -44.75 60.17
N SER J 282 73.78 -44.70 61.05
CA SER J 282 73.58 -44.07 62.37
C SER J 282 73.26 -42.59 62.20
N PHE J 283 72.35 -42.06 63.02
CA PHE J 283 71.96 -40.63 62.95
C PHE J 283 73.21 -39.79 63.23
N GLU J 284 74.05 -40.28 64.12
CA GLU J 284 75.26 -39.52 64.52
C GLU J 284 76.12 -39.28 63.28
N TYR J 285 76.24 -40.28 62.41
CA TYR J 285 77.14 -40.11 61.24
C TYR J 285 76.64 -38.96 60.38
N GLY J 286 75.49 -38.39 60.71
CA GLY J 286 75.04 -37.18 59.97
C GLY J 286 73.78 -37.35 59.17
N GLN J 287 73.28 -36.29 58.54
CA GLN J 287 72.04 -36.28 57.74
C GLN J 287 72.38 -36.23 56.25
N VAL J 288 73.66 -36.32 55.87
CA VAL J 288 74.10 -36.44 54.45
C VAL J 288 75.05 -37.65 54.36
N ASN J 289 75.79 -38.03 55.38
CA ASN J 289 76.54 -39.29 55.32
C ASN J 289 75.44 -40.36 55.25
N HIS J 290 74.22 -40.04 55.70
CA HIS J 290 73.06 -40.98 55.70
C HIS J 290 72.60 -41.37 54.30
N ALA J 291 72.40 -40.43 53.41
CA ALA J 291 71.83 -40.73 52.07
C ALA J 291 72.95 -41.13 51.11
N LEU J 292 74.21 -40.85 51.45
CA LEU J 292 75.35 -41.33 50.65
C LEU J 292 75.30 -42.82 50.75
N ALA J 293 74.90 -43.34 51.93
CA ALA J 293 74.88 -44.79 52.19
C ALA J 293 73.48 -45.38 52.18
N ALA J 294 72.44 -44.66 51.77
CA ALA J 294 71.11 -45.25 51.56
C ALA J 294 70.67 -45.06 50.12
N ALA J 295 71.44 -44.37 49.28
CA ALA J 295 71.24 -44.29 47.81
C ALA J 295 72.40 -45.07 47.20
N MET J 296 73.21 -45.70 48.02
CA MET J 296 74.26 -46.64 47.58
C MET J 296 73.70 -47.99 47.96
N ARG J 297 72.44 -48.08 48.39
CA ARG J 297 71.80 -49.38 48.74
C ARG J 297 70.99 -49.85 47.55
N THR J 298 70.29 -48.96 46.86
CA THR J 298 69.58 -49.31 45.61
C THR J 298 70.56 -50.03 44.69
N LEU J 299 71.84 -49.65 44.62
CA LEU J 299 72.83 -50.26 43.70
C LEU J 299 73.06 -51.67 44.14
N VAL J 300 72.97 -51.97 45.41
CA VAL J 300 73.23 -53.34 45.94
C VAL J 300 72.04 -54.21 45.58
N LYS J 301 70.85 -53.64 45.40
CA LYS J 301 69.66 -54.40 44.95
C LYS J 301 69.82 -54.74 43.49
N GLU J 302 70.28 -53.85 42.63
CA GLU J 302 70.45 -54.27 41.24
C GLU J 302 71.50 -55.39 41.21
N HIS J 303 72.57 -55.28 41.96
CA HIS J 303 73.67 -56.27 41.89
C HIS J 303 73.07 -57.60 42.19
N LEU J 304 72.27 -57.73 43.24
CA LEU J 304 71.71 -59.04 43.68
C LEU J 304 70.72 -59.56 42.63
N ILE J 305 70.08 -58.69 41.85
CA ILE J 305 69.19 -59.12 40.76
C ILE J 305 70.08 -59.81 39.74
N LEU J 306 71.22 -59.26 39.36
CA LEU J 306 72.08 -59.85 38.29
C LEU J 306 72.57 -61.19 38.78
N VAL J 307 73.06 -61.28 40.00
CA VAL J 307 73.67 -62.54 40.46
C VAL J 307 72.63 -63.64 40.32
N SER J 308 71.36 -63.38 40.56
CA SER J 308 70.29 -64.38 40.37
C SER J 308 70.10 -64.75 38.92
N GLN J 309 70.05 -63.78 37.99
CA GLN J 309 69.70 -64.07 36.58
C GLN J 309 70.74 -65.03 36.08
N LEU J 310 71.98 -64.82 36.49
CA LEU J 310 73.07 -65.74 36.12
C LEU J 310 72.80 -67.13 36.69
N GLU J 311 72.27 -67.30 37.89
CA GLU J 311 71.97 -68.68 38.36
C GLU J 311 70.96 -69.30 37.41
N GLN J 312 69.99 -68.54 36.90
CA GLN J 312 68.93 -69.14 36.06
C GLN J 312 69.64 -69.76 34.85
N LEU J 313 70.65 -69.12 34.29
CA LEU J 313 71.43 -69.74 33.19
C LEU J 313 72.17 -70.95 33.74
N HIS J 314 72.76 -70.87 34.93
CA HIS J 314 73.59 -71.96 35.48
C HIS J 314 72.71 -73.18 35.65
N ARG J 315 71.44 -72.98 35.92
CA ARG J 315 70.53 -74.12 36.18
C ARG J 315 70.50 -74.98 34.93
N GLN J 316 70.55 -74.38 33.74
CA GLN J 316 70.40 -75.12 32.46
C GLN J 316 71.75 -75.54 31.85
N GLY J 317 72.87 -75.59 32.59
CA GLY J 317 74.21 -76.03 32.08
C GLY J 317 74.84 -75.00 31.15
N LEU J 318 74.15 -73.85 30.85
CA LEU J 318 74.47 -72.76 29.84
C LEU J 318 75.44 -71.70 30.35
N LEU J 319 75.94 -71.77 31.57
CA LEU J 319 76.96 -70.80 32.06
C LEU J 319 78.26 -71.56 32.31
N SER J 320 79.41 -70.96 32.00
CA SER J 320 80.75 -71.57 32.10
C SER J 320 81.65 -70.46 32.62
N LEU J 321 82.78 -70.77 33.23
CA LEU J 321 83.63 -69.73 33.84
C LEU J 321 83.84 -68.58 32.84
N GLN J 322 84.07 -68.86 31.55
CA GLN J 322 84.34 -67.83 30.55
C GLN J 322 83.08 -67.01 30.37
N LYS J 323 81.91 -67.62 30.23
CA LYS J 323 80.71 -66.78 29.97
C LYS J 323 80.57 -65.80 31.15
N LEU J 324 80.78 -66.28 32.38
CA LEU J 324 80.65 -65.43 33.60
C LEU J 324 81.68 -64.29 33.50
N TRP J 325 82.89 -64.59 33.02
CA TRP J 325 83.99 -63.59 32.98
C TRP J 325 83.51 -62.43 32.12
N PHE J 326 82.86 -62.70 31.02
CA PHE J 326 82.27 -61.60 30.22
C PHE J 326 81.18 -60.95 31.02
N TYR J 327 80.29 -61.72 31.66
CA TYR J 327 79.07 -61.17 32.34
C TYR J 327 79.38 -60.29 33.55
N ILE J 328 80.42 -60.58 34.34
CA ILE J 328 80.75 -59.86 35.61
C ILE J 328 81.69 -58.68 35.35
N GLN J 329 82.06 -58.39 34.11
CA GLN J 329 82.94 -57.23 33.79
C GLN J 329 82.17 -55.94 34.04
N PRO J 330 80.88 -55.78 33.68
CA PRO J 330 80.13 -54.59 34.02
C PRO J 330 80.07 -54.27 35.49
N ALA J 331 80.21 -55.24 36.38
CA ALA J 331 80.07 -55.05 37.83
C ALA J 331 81.41 -55.13 38.55
N MET J 332 82.55 -54.99 37.86
CA MET J 332 83.87 -54.87 38.52
C MET J 332 84.23 -53.39 38.48
N ARG J 333 83.39 -52.55 37.88
CA ARG J 333 83.57 -51.09 37.86
C ARG J 333 82.42 -50.42 38.60
N THR J 334 81.17 -50.68 38.23
CA THR J 334 80.01 -49.97 38.83
C THR J 334 79.99 -50.29 40.30
N MET J 335 80.59 -51.39 40.76
CA MET J 335 80.70 -51.69 42.20
C MET J 335 82.12 -51.45 42.71
N ASP J 336 83.07 -51.02 41.88
CA ASP J 336 84.43 -50.63 42.38
C ASP J 336 84.52 -49.11 42.53
N ILE J 337 83.73 -48.32 41.81
CA ILE J 337 83.67 -46.86 42.04
C ILE J 337 83.11 -46.72 43.45
N LEU J 338 82.17 -47.59 43.87
CA LEU J 338 81.49 -47.55 45.20
C LEU J 338 82.45 -47.95 46.30
N ALA J 339 83.38 -48.86 46.05
CA ALA J 339 84.36 -49.32 47.05
C ALA J 339 85.49 -48.28 47.12
N SER J 340 85.40 -47.17 46.39
CA SER J 340 86.40 -46.06 46.46
C SER J 340 85.82 -44.91 47.25
N LEU J 341 84.62 -44.48 46.92
CA LEU J 341 83.98 -43.37 47.64
C LEU J 341 83.88 -43.86 49.07
N ALA J 342 83.53 -45.11 49.29
CA ALA J 342 83.33 -45.66 50.65
C ALA J 342 84.63 -45.62 51.46
N THR J 343 85.79 -45.90 50.86
CA THR J 343 87.09 -45.95 51.58
C THR J 343 87.70 -44.56 51.57
N SER J 344 87.04 -43.55 50.98
CA SER J 344 87.50 -42.13 51.02
C SER J 344 86.59 -41.30 51.94
N VAL J 345 85.27 -41.50 51.95
CA VAL J 345 84.33 -40.78 52.87
C VAL J 345 84.73 -41.26 54.25
N ASP J 346 85.05 -42.54 54.38
CA ASP J 346 85.50 -43.12 55.66
C ASP J 346 86.90 -42.60 55.96
N LYS J 347 87.77 -42.49 54.94
CA LYS J 347 89.17 -42.03 55.13
C LYS J 347 89.08 -40.65 55.72
N GLY J 348 90.00 -40.28 56.58
CA GLY J 348 89.82 -39.03 57.31
C GLY J 348 88.49 -39.22 58.00
N GLU J 349 87.61 -38.24 57.96
CA GLU J 349 86.22 -38.39 58.45
C GLU J 349 85.49 -37.36 57.63
N CYS J 350 84.18 -37.48 57.47
CA CYS J 350 83.43 -36.45 56.75
C CYS J 350 81.98 -36.44 57.20
N LEU J 351 81.39 -35.27 57.46
CA LEU J 351 79.98 -35.08 57.86
C LEU J 351 79.49 -33.89 57.07
N GLY J 352 78.19 -33.73 56.86
CA GLY J 352 77.61 -32.56 56.19
C GLY J 352 78.24 -32.17 54.88
N GLY J 353 78.70 -30.95 54.70
CA GLY J 353 79.20 -30.46 53.40
C GLY J 353 80.47 -31.16 52.99
N SER J 354 81.32 -31.62 53.91
CA SER J 354 82.64 -32.23 53.56
C SER J 354 82.40 -33.47 52.72
N THR J 355 81.39 -34.27 53.02
CA THR J 355 81.03 -35.40 52.15
C THR J 355 80.51 -34.85 50.83
N LEU J 356 79.74 -33.77 50.79
CA LEU J 356 79.14 -33.31 49.51
C LEU J 356 80.24 -32.75 48.60
N SER J 357 81.45 -32.52 49.10
CA SER J 357 82.60 -32.03 48.30
C SER J 357 83.48 -33.20 47.81
N LEU J 358 83.61 -34.29 48.56
CA LEU J 358 84.32 -35.51 48.13
C LEU J 358 83.52 -36.20 47.04
N LEU J 359 82.24 -35.88 46.83
CA LEU J 359 81.42 -36.44 45.72
C LEU J 359 81.26 -35.38 44.65
N HIS J 360 81.94 -34.25 44.75
CA HIS J 360 81.97 -33.24 43.67
C HIS J 360 83.45 -33.03 43.34
N ASP J 361 84.29 -33.99 43.71
CA ASP J 361 85.75 -33.98 43.37
C ASP J 361 85.97 -35.26 42.57
N ARG J 362 85.44 -36.39 43.07
CA ARG J 362 85.59 -37.71 42.45
C ARG J 362 84.60 -37.73 41.31
N SER J 363 83.91 -36.62 41.01
CA SER J 363 83.01 -36.52 39.84
C SER J 363 83.74 -35.93 38.64
N PHE J 364 84.60 -34.95 38.86
CA PHE J 364 85.39 -34.34 37.76
C PHE J 364 86.50 -35.32 37.37
N SER J 365 87.10 -36.01 38.33
CA SER J 365 88.21 -36.95 38.05
C SER J 365 87.70 -37.99 37.06
N TYR J 366 86.52 -38.57 37.29
CA TYR J 366 85.91 -39.52 36.34
C TYR J 366 85.03 -38.73 35.35
N THR J 367 85.46 -37.61 34.77
CA THR J 367 84.62 -36.78 33.85
C THR J 367 84.60 -37.35 32.43
N GLY J 368 85.42 -38.35 32.12
CA GLY J 368 85.51 -38.90 30.76
C GLY J 368 84.98 -40.31 30.61
N ASP J 369 85.00 -41.13 31.64
CA ASP J 369 84.63 -42.57 31.49
C ASP J 369 83.19 -42.65 30.99
N SER J 370 82.24 -41.88 31.54
CA SER J 370 80.77 -41.87 31.21
C SER J 370 80.07 -43.09 31.78
N GLN J 371 80.54 -44.32 31.53
CA GLN J 371 79.94 -45.50 32.22
C GLN J 371 79.90 -45.22 33.72
N ALA J 372 80.98 -44.67 34.28
CA ALA J 372 81.09 -44.38 35.72
C ALA J 372 80.61 -42.97 36.02
N GLN J 373 80.71 -42.00 35.12
CA GLN J 373 80.40 -40.62 35.51
C GLN J 373 78.95 -40.56 35.94
N GLU J 374 78.04 -41.23 35.26
CA GLU J 374 76.60 -41.10 35.62
C GLU J 374 76.39 -41.65 37.04
N LEU J 375 77.03 -42.75 37.44
CA LEU J 375 76.90 -43.33 38.80
C LEU J 375 77.38 -42.29 39.79
N CYS J 376 78.50 -41.61 39.60
CA CYS J 376 78.93 -40.63 40.62
C CYS J 376 77.91 -39.53 40.71
N LEU J 377 77.22 -39.19 39.62
CA LEU J 377 76.22 -38.09 39.63
C LEU J 377 74.93 -38.57 40.33
N TYR J 378 74.52 -39.82 40.19
CA TYR J 378 73.35 -40.38 40.92
C TYR J 378 73.69 -40.41 42.41
N LEU J 379 74.89 -40.79 42.80
CA LEU J 379 75.30 -40.79 44.22
C LEU J 379 75.27 -39.35 44.77
N THR J 380 75.72 -38.33 44.02
CA THR J 380 75.84 -36.91 44.53
C THR J 380 74.65 -36.03 44.17
N LYS J 381 73.70 -36.48 43.37
CA LYS J 381 72.46 -35.70 43.15
C LYS J 381 71.50 -36.17 44.24
N ALA J 382 71.86 -37.22 44.99
CA ALA J 382 71.03 -37.76 46.08
C ALA J 382 71.50 -37.25 47.44
N ALA J 383 72.77 -36.89 47.61
CA ALA J 383 73.33 -36.43 48.90
C ALA J 383 73.15 -34.93 49.04
N SER J 384 72.74 -34.23 47.99
CA SER J 384 72.46 -32.78 48.05
C SER J 384 71.03 -32.64 48.51
N ALA J 385 70.22 -33.69 48.43
CA ALA J 385 68.78 -33.57 48.75
C ALA J 385 68.58 -33.18 50.21
N PRO J 386 69.29 -33.73 51.22
CA PRO J 386 69.09 -33.28 52.57
C PRO J 386 69.52 -31.82 52.82
N TYR J 387 70.70 -31.40 52.36
CA TYR J 387 71.30 -30.07 52.68
C TYR J 387 70.50 -28.97 52.02
N PHE J 388 70.13 -29.13 50.77
CA PHE J 388 69.43 -28.06 50.04
C PHE J 388 68.10 -27.78 50.73
N GLU J 389 67.45 -28.74 51.37
CA GLU J 389 66.21 -28.42 52.13
C GLU J 389 66.56 -27.43 53.24
N VAL J 390 67.72 -27.56 53.91
CA VAL J 390 68.16 -26.63 54.99
C VAL J 390 68.46 -25.27 54.35
N LEU J 391 69.13 -25.25 53.19
CA LEU J 391 69.53 -24.00 52.51
C LEU J 391 68.33 -23.43 51.79
N GLU J 392 67.19 -24.11 51.79
CA GLU J 392 65.92 -23.55 51.23
C GLU J 392 65.18 -22.89 52.39
N LYS J 393 65.72 -22.93 53.61
CA LYS J 393 65.13 -22.22 54.77
C LYS J 393 66.02 -21.02 55.09
N TRP J 394 67.28 -21.21 55.44
CA TRP J 394 68.10 -20.06 55.89
C TRP J 394 68.05 -18.99 54.80
N ILE J 395 68.07 -19.38 53.53
CA ILE J 395 67.93 -18.42 52.41
C ILE J 395 66.54 -17.79 52.37
N TYR J 396 65.43 -18.50 52.61
CA TYR J 396 64.06 -17.95 52.43
C TYR J 396 63.41 -17.43 53.71
N ARG J 397 63.40 -18.16 54.83
CA ARG J 397 62.92 -17.64 56.14
C ARG J 397 64.07 -17.85 57.11
N GLY J 398 64.20 -17.07 58.16
CA GLY J 398 65.39 -17.11 59.02
C GLY J 398 65.62 -18.43 59.72
N ILE J 399 64.60 -19.25 59.92
CA ILE J 399 64.76 -20.47 60.76
C ILE J 399 65.84 -21.39 60.21
N ILE J 400 66.73 -21.91 61.05
CA ILE J 400 67.74 -22.93 60.63
C ILE J 400 67.38 -24.15 61.48
N HIS J 401 67.20 -25.35 60.92
CA HIS J 401 66.93 -26.60 61.70
C HIS J 401 68.25 -27.20 62.17
N ASP J 402 69.13 -27.61 61.26
CA ASP J 402 70.52 -28.01 61.64
C ASP J 402 70.53 -28.92 62.85
N PRO J 403 69.73 -29.98 62.93
CA PRO J 403 69.70 -30.76 64.15
C PRO J 403 71.06 -31.34 64.58
N TYR J 404 71.96 -31.68 63.66
CA TYR J 404 73.26 -32.33 63.97
C TYR J 404 74.47 -31.45 63.61
N SER J 405 74.36 -30.13 63.54
CA SER J 405 75.54 -29.23 63.33
C SER J 405 76.08 -29.32 61.89
N GLU J 406 75.32 -29.88 60.97
CA GLU J 406 75.72 -30.08 59.54
C GLU J 406 75.89 -28.79 58.76
N PHE J 407 74.99 -27.84 58.91
CA PHE J 407 74.94 -26.64 58.05
C PHE J 407 76.15 -25.73 58.25
N MET J 408 76.65 -25.14 57.16
CA MET J 408 77.77 -24.14 57.15
C MET J 408 77.48 -23.01 58.12
N VAL J 409 76.28 -22.40 58.18
CA VAL J 409 75.98 -21.17 59.00
C VAL J 409 75.44 -21.58 60.37
N GLU J 410 76.30 -21.84 61.35
CA GLU J 410 75.88 -22.20 62.73
C GLU J 410 75.26 -20.96 63.37
N GLU J 411 74.49 -21.08 64.46
CA GLU J 411 73.89 -19.92 65.20
C GLU J 411 74.32 -19.95 66.66
N HIS J 412 75.18 -19.04 67.11
CA HIS J 412 75.66 -18.96 68.52
C HIS J 412 74.54 -18.41 69.40
N GLU J 413 74.43 -18.87 70.65
CA GLU J 413 73.32 -18.48 71.57
C GLU J 413 73.35 -16.99 71.94
N LEU J 414 74.52 -16.42 72.23
CA LEU J 414 74.63 -15.01 72.72
C LEU J 414 73.41 -14.65 73.54
N TYR J 427 75.95 -9.82 68.75
CA TYR J 427 74.83 -10.26 67.87
C TYR J 427 75.30 -10.20 66.41
N TRP J 428 75.46 -9.00 65.85
CA TRP J 428 75.83 -8.85 64.42
C TRP J 428 77.20 -9.51 64.23
N ASP J 429 78.09 -9.30 65.17
CA ASP J 429 79.45 -9.83 65.08
C ASP J 429 79.51 -11.34 65.26
N GLN J 430 78.82 -11.93 66.26
CA GLN J 430 79.00 -13.38 66.59
C GLN J 430 77.75 -14.28 66.60
N ARG J 431 76.51 -13.77 66.55
CA ARG J 431 75.33 -14.67 66.63
C ARG J 431 75.36 -15.70 65.49
N TYR J 432 75.71 -15.31 64.25
CA TYR J 432 75.75 -16.23 63.08
C TYR J 432 77.14 -16.20 62.46
N THR J 433 77.76 -17.35 62.21
CA THR J 433 79.17 -17.42 61.71
C THR J 433 79.35 -18.48 60.61
N ILE J 434 80.12 -18.22 59.56
CA ILE J 434 80.43 -19.25 58.52
C ILE J 434 81.44 -20.19 59.14
N VAL J 435 81.23 -21.50 59.02
CA VAL J 435 82.18 -22.53 59.51
C VAL J 435 82.93 -22.93 58.24
N GLN J 436 84.24 -22.74 58.15
CA GLN J 436 84.97 -22.92 56.86
C GLN J 436 85.04 -24.37 56.40
N GLN J 437 85.30 -25.34 57.26
CA GLN J 437 85.53 -26.74 56.78
C GLN J 437 84.22 -27.31 56.22
N GLN J 438 83.09 -27.04 56.86
CA GLN J 438 81.77 -27.60 56.47
C GLN J 438 81.28 -26.95 55.18
N ILE J 439 81.77 -25.78 54.80
CA ILE J 439 81.19 -25.09 53.61
C ILE J 439 81.32 -26.09 52.50
N PRO J 440 80.29 -26.36 51.68
CA PRO J 440 80.42 -27.36 50.66
C PRO J 440 81.23 -26.67 49.56
N SER J 441 82.03 -27.41 48.78
CA SER J 441 82.93 -26.78 47.78
C SER J 441 82.23 -25.97 46.69
N PHE J 442 81.09 -26.42 46.16
CA PHE J 442 80.48 -25.70 45.01
C PHE J 442 79.68 -24.49 45.44
N LEU J 443 79.68 -24.08 46.72
CA LEU J 443 79.01 -22.81 47.12
C LEU J 443 80.03 -21.82 47.69
N GLN J 444 81.33 -22.12 47.63
CA GLN J 444 82.37 -21.24 48.24
C GLN J 444 82.20 -19.81 47.74
N LYS J 445 81.98 -19.64 46.43
CA LYS J 445 81.87 -18.28 45.84
C LYS J 445 80.61 -17.59 46.37
N MET J 446 79.52 -18.34 46.57
CA MET J 446 78.23 -17.73 46.98
C MET J 446 77.98 -17.93 48.49
N ALA J 447 79.02 -18.28 49.26
CA ALA J 447 78.87 -18.57 50.70
C ALA J 447 78.56 -17.24 51.38
N ASP J 448 79.22 -16.16 50.96
CA ASP J 448 79.04 -14.82 51.61
C ASP J 448 77.59 -14.36 51.47
N LYS J 449 76.98 -14.58 50.29
CA LYS J 449 75.58 -14.15 50.05
C LYS J 449 74.63 -14.91 50.98
N ILE J 450 74.89 -16.18 51.20
CA ILE J 450 73.96 -16.98 52.02
C ILE J 450 73.89 -16.35 53.41
N LEU J 451 75.03 -16.16 54.09
CA LEU J 451 75.00 -15.66 55.48
C LEU J 451 74.22 -14.37 55.45
N SER J 452 74.51 -13.52 54.48
CA SER J 452 73.88 -12.18 54.40
C SER J 452 72.35 -12.29 54.37
N THR J 453 71.76 -13.02 53.44
CA THR J 453 70.29 -13.01 53.23
C THR J 453 69.60 -13.40 54.52
N GLY J 454 70.08 -14.42 55.20
CA GLY J 454 69.45 -14.87 56.45
C GLY J 454 69.60 -13.90 57.59
N LYS J 455 70.78 -13.33 57.79
CA LYS J 455 71.01 -12.44 58.96
C LYS J 455 70.00 -11.33 58.80
N TYR J 456 69.86 -10.85 57.59
CA TYR J 456 68.93 -9.74 57.31
C TYR J 456 67.51 -10.19 57.63
N LEU J 457 67.14 -11.42 57.29
CA LEU J 457 65.77 -11.94 57.51
C LEU J 457 65.52 -12.08 59.02
N ASN J 458 66.54 -12.45 59.81
CA ASN J 458 66.31 -12.73 61.25
C ASN J 458 66.01 -11.44 62.03
N VAL J 459 66.70 -10.32 61.79
CA VAL J 459 66.51 -9.07 62.58
C VAL J 459 65.12 -8.53 62.36
N VAL J 460 64.48 -8.80 61.23
CA VAL J 460 63.07 -8.38 61.06
C VAL J 460 62.11 -9.42 61.65
N ARG J 461 62.52 -10.70 61.71
CA ARG J 461 61.69 -11.77 62.32
C ARG J 461 61.61 -11.85 63.85
N GLU J 462 62.39 -11.04 64.58
CA GLU J 462 62.28 -11.00 66.07
C GLU J 462 61.32 -9.87 66.46
N CYS J 463 61.16 -8.86 65.60
CA CYS J 463 60.25 -7.72 65.88
C CYS J 463 58.90 -7.96 65.19
N GLY J 464 58.72 -9.14 64.60
CA GLY J 464 57.47 -9.48 63.89
C GLY J 464 57.52 -9.10 62.42
N HIS J 465 56.70 -8.13 62.01
CA HIS J 465 56.67 -7.65 60.60
C HIS J 465 56.38 -8.83 59.65
N ASP J 466 57.16 -8.95 58.56
CA ASP J 466 56.93 -10.04 57.57
C ASP J 466 58.25 -10.75 57.27
N VAL J 467 58.29 -12.08 57.37
CA VAL J 467 59.52 -12.85 57.00
C VAL J 467 59.18 -13.73 55.79
N THR J 468 57.91 -13.77 55.41
CA THR J 468 57.48 -14.68 54.30
C THR J 468 58.14 -14.25 52.98
N CYS J 469 58.53 -15.24 52.16
CA CYS J 469 59.11 -14.93 50.84
C CYS J 469 58.04 -15.14 49.78
N PRO J 470 57.78 -14.17 48.87
CA PRO J 470 56.69 -14.30 47.90
C PRO J 470 56.88 -15.50 46.96
N VAL J 471 58.11 -15.74 46.51
CA VAL J 471 58.39 -16.93 45.65
C VAL J 471 59.37 -17.85 46.40
N ALA J 472 59.00 -19.13 46.55
CA ALA J 472 59.92 -20.10 47.19
C ALA J 472 60.14 -21.26 46.20
N LYS J 473 61.39 -21.61 45.92
CA LYS J 473 61.66 -22.66 44.90
C LYS J 473 62.55 -23.76 45.50
N GLU J 474 62.56 -24.94 44.87
CA GLU J 474 63.36 -26.08 45.37
C GLU J 474 64.72 -26.07 44.67
N ILE J 475 65.74 -25.48 45.29
CA ILE J 475 67.09 -25.40 44.69
C ILE J 475 67.54 -26.85 44.54
N ILE J 476 67.97 -27.29 43.34
CA ILE J 476 68.34 -28.71 43.06
C ILE J 476 69.73 -28.76 42.41
N TYR J 477 70.53 -29.78 42.72
CA TYR J 477 71.93 -29.89 42.25
C TYR J 477 71.95 -30.23 40.78
N THR J 478 73.05 -29.94 40.08
CA THR J 478 73.23 -30.26 38.65
C THR J 478 74.74 -30.15 38.41
N LEU J 479 75.27 -30.61 37.27
CA LEU J 479 76.69 -30.39 36.93
C LEU J 479 76.73 -29.71 35.57
N LYS J 480 77.37 -28.54 35.45
CA LYS J 480 77.57 -27.76 34.19
C LYS J 480 76.34 -26.91 33.82
N GLU J 481 75.23 -27.04 34.52
CA GLU J 481 74.02 -26.21 34.32
C GLU J 481 73.61 -25.82 35.75
N ARG J 482 74.12 -24.71 36.29
CA ARG J 482 73.92 -24.37 37.72
C ARG J 482 72.83 -23.33 37.94
N ALA J 483 71.66 -23.71 38.48
CA ALA J 483 70.62 -22.77 38.95
C ALA J 483 70.83 -22.72 40.47
N TYR J 484 71.82 -23.47 40.99
CA TYR J 484 72.16 -23.51 42.44
C TYR J 484 73.08 -22.33 42.72
N VAL J 485 73.39 -21.51 41.72
CA VAL J 485 74.16 -20.24 41.91
C VAL J 485 73.26 -19.07 41.54
N GLU J 486 72.02 -19.31 41.12
CA GLU J 486 71.11 -18.22 40.67
C GLU J 486 70.01 -17.90 41.68
N GLN J 487 69.27 -18.89 42.18
CA GLN J 487 68.10 -18.63 43.07
C GLN J 487 68.62 -18.01 44.38
N ILE J 488 69.87 -18.25 44.76
CA ILE J 488 70.49 -17.63 45.96
C ILE J 488 70.53 -16.12 45.76
N GLU J 489 70.64 -15.63 44.52
CA GLU J 489 70.71 -14.19 44.20
C GLU J 489 69.35 -13.52 44.18
N LYS J 490 68.26 -14.23 43.84
CA LYS J 490 66.87 -13.70 43.82
C LYS J 490 66.39 -13.64 45.26
N ALA J 491 67.14 -14.25 46.19
CA ALA J 491 66.99 -14.11 47.66
C ALA J 491 67.82 -12.98 48.28
N PHE J 492 69.08 -12.76 47.92
CA PHE J 492 69.86 -11.60 48.42
C PHE J 492 69.18 -10.32 47.92
N ASN J 493 68.56 -10.34 46.75
CA ASN J 493 67.94 -9.13 46.17
C ASN J 493 66.49 -8.99 46.60
N TYR J 494 65.98 -9.78 47.54
CA TYR J 494 64.66 -9.51 48.14
C TYR J 494 64.82 -9.29 49.62
N ALA J 495 65.52 -10.17 50.32
CA ALA J 495 65.71 -10.10 51.78
C ALA J 495 66.41 -8.81 52.20
N SER J 496 67.52 -8.43 51.58
CA SER J 496 68.32 -7.24 51.98
C SER J 496 67.76 -6.01 51.29
N LYS J 497 66.65 -6.11 50.58
CA LYS J 497 65.97 -4.94 49.99
C LYS J 497 64.67 -4.70 50.76
N VAL J 498 64.15 -5.69 51.48
CA VAL J 498 62.99 -5.46 52.37
C VAL J 498 63.49 -4.92 53.71
N LEU J 499 64.65 -5.35 54.18
CA LEU J 499 65.23 -4.85 55.46
C LEU J 499 65.61 -3.39 55.26
N LEU J 500 66.29 -3.05 54.18
CA LEU J 500 66.78 -1.67 53.98
C LEU J 500 65.57 -0.75 53.94
N ASP J 501 64.45 -1.14 53.35
CA ASP J 501 63.29 -0.20 53.19
C ASP J 501 62.46 -0.17 54.47
N PHE J 502 62.47 -1.23 55.28
CA PHE J 502 61.84 -1.26 56.63
C PHE J 502 62.46 -0.17 57.48
N LEU J 503 63.81 -0.16 57.52
CA LEU J 503 64.60 0.84 58.27
C LEU J 503 64.24 2.22 57.72
N MET J 504 64.20 2.39 56.40
CA MET J 504 64.03 3.74 55.78
C MET J 504 62.63 4.36 55.92
N GLU J 505 61.57 3.57 56.06
CA GLU J 505 60.24 4.20 56.30
C GLU J 505 59.62 3.85 57.66
N GLU J 506 60.16 2.87 58.39
CA GLU J 506 59.71 2.54 59.76
C GLU J 506 60.98 2.57 60.59
N LYS J 507 60.96 3.18 61.75
CA LYS J 507 62.21 3.32 62.52
C LYS J 507 63.18 3.98 61.54
N GLU J 508 62.85 5.16 61.01
CA GLU J 508 63.68 5.87 60.00
C GLU J 508 65.06 6.24 60.52
N LEU J 509 66.10 6.10 59.70
CA LEU J 509 67.42 6.63 60.07
C LEU J 509 67.67 7.89 59.24
N VAL J 510 66.81 8.25 58.28
CA VAL J 510 66.98 9.55 57.54
C VAL J 510 66.65 10.71 58.48
N ALA J 511 65.54 10.65 59.21
CA ALA J 511 65.12 11.71 60.15
C ALA J 511 66.02 11.75 61.38
N HIS J 512 66.35 10.61 61.99
CA HIS J 512 67.15 10.56 63.24
C HIS J 512 68.51 11.18 62.97
N LEU J 513 69.07 10.95 61.78
CA LEU J 513 70.43 11.43 61.46
C LEU J 513 70.43 12.97 61.50
N ARG J 514 69.34 13.59 61.00
CA ARG J 514 69.17 15.08 61.02
C ARG J 514 69.07 15.57 62.47
N SER J 515 68.37 14.84 63.34
CA SER J 515 68.27 15.23 64.78
C SER J 515 69.57 14.84 65.53
N ILE J 516 70.50 14.11 64.89
CA ILE J 516 71.87 13.95 65.46
C ILE J 516 72.66 15.16 65.01
N LYS J 517 72.58 15.55 63.73
CA LYS J 517 73.38 16.67 63.19
C LYS J 517 73.00 17.95 63.92
N ARG J 518 71.73 18.11 64.26
CA ARG J 518 71.22 19.36 64.87
C ARG J 518 71.97 19.68 66.17
N TYR J 519 72.34 18.71 66.99
CA TYR J 519 73.00 18.95 68.29
C TYR J 519 74.45 18.51 68.26
N PHE J 520 74.76 17.26 67.96
CA PHE J 520 76.14 16.72 68.07
C PHE J 520 77.09 17.49 67.14
N LEU J 521 76.68 17.84 65.93
CA LEU J 521 77.55 18.51 64.93
C LEU J 521 77.44 20.04 65.03
N MET J 522 76.75 20.58 66.06
CA MET J 522 76.65 22.04 66.31
C MET J 522 75.97 22.77 65.16
N ASP J 523 75.08 22.13 64.43
CA ASP J 523 74.31 22.82 63.35
C ASP J 523 73.43 23.92 63.94
N GLN J 524 72.72 23.64 65.03
CA GLN J 524 71.78 24.63 65.61
C GLN J 524 72.60 25.71 66.29
N GLY J 525 72.18 26.97 66.19
CA GLY J 525 72.84 28.13 66.82
C GLY J 525 72.04 28.64 68.01
N ASP J 526 70.73 28.56 67.99
CA ASP J 526 69.82 29.00 69.08
C ASP J 526 70.07 28.17 70.32
N PHE J 527 70.14 26.86 70.18
CA PHE J 527 70.30 25.95 71.33
C PHE J 527 71.63 26.30 71.98
N PHE J 528 72.66 26.56 71.19
CA PHE J 528 74.01 26.82 71.75
C PHE J 528 74.11 28.18 72.45
N VAL J 529 73.54 29.28 71.92
CA VAL J 529 73.69 30.63 72.55
C VAL J 529 72.89 30.71 73.86
N HIS J 530 71.66 30.20 73.90
CA HIS J 530 70.78 30.26 75.10
C HIS J 530 71.39 29.37 76.17
N PHE J 531 71.79 28.16 75.82
CA PHE J 531 72.39 27.18 76.77
C PHE J 531 73.68 27.68 77.39
N MET J 532 74.57 28.21 76.59
CA MET J 532 75.90 28.54 77.15
C MET J 532 75.73 29.58 78.25
N ASP J 533 75.00 30.65 77.99
CA ASP J 533 74.85 31.72 78.99
C ASP J 533 74.19 31.12 80.22
N LEU J 534 73.14 30.32 80.05
CA LEU J 534 72.35 29.81 81.21
C LEU J 534 73.24 28.96 82.11
N ALA J 535 74.13 28.16 81.55
CA ALA J 535 74.94 27.20 82.35
C ALA J 535 76.35 27.72 82.59
N GLU J 536 76.68 28.93 82.16
CA GLU J 536 78.08 29.40 82.22
C GLU J 536 78.61 29.39 83.66
N GLU J 537 77.82 29.83 84.63
CA GLU J 537 78.35 29.94 86.00
C GLU J 537 78.77 28.55 86.45
N GLU J 538 77.92 27.56 86.25
CA GLU J 538 78.21 26.16 86.67
C GLU J 538 79.34 25.61 85.82
N LEU J 539 79.40 25.98 84.55
CA LEU J 539 80.39 25.41 83.61
C LEU J 539 81.82 25.72 84.11
N ARG J 540 82.08 26.91 84.64
CA ARG J 540 83.44 27.32 85.09
C ARG J 540 83.87 26.43 86.28
N LYS J 541 82.94 25.94 87.09
CA LYS J 541 83.27 25.20 88.35
C LYS J 541 84.09 23.94 88.05
N PRO J 542 85.08 23.59 88.90
CA PRO J 542 85.78 22.32 88.73
C PRO J 542 84.95 21.07 89.05
N VAL J 543 85.17 19.95 88.36
CA VAL J 543 84.36 18.71 88.54
C VAL J 543 84.41 18.27 90.00
N GLU J 544 83.40 17.53 90.47
CA GLU J 544 83.18 17.13 91.90
C GLU J 544 82.49 18.28 92.63
N ASP J 545 82.39 19.45 91.99
CA ASP J 545 81.59 20.59 92.49
C ASP J 545 80.45 20.77 91.47
N ILE J 546 80.44 20.00 90.39
CA ILE J 546 79.43 20.14 89.30
C ILE J 546 78.14 19.49 89.78
N THR J 547 76.97 20.00 89.38
CA THR J 547 75.64 19.49 89.82
C THR J 547 74.99 18.71 88.66
N PRO J 548 75.21 17.37 88.51
CA PRO J 548 74.67 16.63 87.36
C PRO J 548 73.16 16.85 87.13
N PRO J 549 72.29 16.83 88.17
CA PRO J 549 70.86 16.99 87.98
C PRO J 549 70.56 18.42 87.50
N ARG J 550 71.42 19.35 87.91
CA ARG J 550 71.20 20.75 87.57
C ARG J 550 71.64 20.95 86.14
N LEU J 551 72.55 20.10 85.62
CA LEU J 551 72.98 20.21 84.21
C LEU J 551 71.97 19.47 83.32
N GLU J 552 71.18 18.58 83.91
CA GLU J 552 70.19 17.78 83.15
C GLU J 552 68.91 18.62 83.13
N ALA J 553 68.68 19.42 84.15
CA ALA J 553 67.53 20.35 84.19
C ALA J 553 67.75 21.54 83.24
N LEU J 554 68.97 22.09 83.28
CA LEU J 554 69.33 23.25 82.45
C LEU J 554 69.32 22.90 80.97
N LEU J 555 69.81 21.71 80.62
CA LEU J 555 69.76 21.26 79.22
C LEU J 555 68.30 21.17 78.87
N GLU J 556 67.50 20.50 79.67
CA GLU J 556 66.08 20.21 79.31
C GLU J 556 65.32 21.48 78.98
N LEU J 557 65.60 22.56 79.72
CA LEU J 557 64.97 23.90 79.46
C LEU J 557 65.54 24.64 78.25
N ALA J 558 66.88 24.64 78.13
CA ALA J 558 67.58 25.43 77.08
C ALA J 558 66.97 24.94 75.78
N LEU J 559 66.76 23.63 75.68
CA LEU J 559 66.14 23.03 74.50
C LEU J 559 64.68 23.48 74.37
N ARG J 560 63.91 23.44 75.47
CA ARG J 560 62.45 23.78 75.42
C ARG J 560 62.30 25.22 74.96
N MET J 561 63.28 26.09 75.22
CA MET J 561 63.17 27.53 74.88
C MET J 561 63.62 27.80 73.44
N SER J 562 64.52 26.98 72.91
CA SER J 562 65.11 27.21 71.56
C SER J 562 64.08 26.98 70.46
N THR J 563 64.43 27.27 69.20
CA THR J 563 63.59 26.90 68.01
C THR J 563 63.73 25.38 67.79
N ALA J 564 64.73 24.76 68.42
CA ALA J 564 65.02 23.30 68.35
C ALA J 564 63.99 22.52 69.17
N ASN J 565 62.98 23.19 69.73
CA ASN J 565 61.85 22.52 70.44
C ASN J 565 60.98 21.76 69.44
N THR J 566 60.79 22.33 68.24
CA THR J 566 59.79 21.83 67.25
C THR J 566 60.04 20.40 66.81
N ASP J 567 61.29 20.01 66.61
CA ASP J 567 61.64 18.66 66.10
C ASP J 567 61.21 17.57 67.09
N PRO J 568 60.68 16.42 66.66
CA PRO J 568 60.14 15.43 67.58
C PRO J 568 61.13 14.54 68.33
N PHE J 569 62.22 14.10 67.72
CA PHE J 569 63.15 13.12 68.34
C PHE J 569 64.08 13.74 69.39
N LYS J 570 63.86 14.98 69.77
CA LYS J 570 64.76 15.73 70.69
C LYS J 570 64.87 15.10 72.08
N ASP J 571 63.83 14.46 72.59
CA ASP J 571 63.79 14.03 74.01
C ASP J 571 64.98 13.14 74.30
N ASP J 572 65.48 12.47 73.29
CA ASP J 572 66.55 11.48 73.47
C ASP J 572 67.83 12.10 74.05
N LEU J 573 68.12 13.39 73.88
CA LEU J 573 69.43 13.95 74.32
C LEU J 573 69.67 13.68 75.80
N LYS J 574 70.89 13.31 76.20
CA LYS J 574 71.26 13.12 77.63
C LYS J 574 72.63 13.76 77.78
N ILE J 575 73.12 14.01 79.00
CA ILE J 575 74.45 14.66 79.27
C ILE J 575 75.43 13.61 79.82
N ASP J 576 76.54 13.33 79.12
CA ASP J 576 77.57 12.35 79.55
C ASP J 576 78.70 13.11 80.24
N LEU J 577 79.69 12.44 80.83
CA LEU J 577 80.73 13.13 81.61
C LEU J 577 82.07 12.47 81.31
N MET J 578 82.62 12.75 80.12
CA MET J 578 83.94 12.18 79.75
C MET J 578 85.00 12.75 80.68
N PRO J 579 85.63 11.92 81.54
CA PRO J 579 86.61 12.42 82.50
C PRO J 579 87.75 13.02 81.66
N HIS J 580 88.12 12.32 80.59
CA HIS J 580 89.21 12.80 79.70
C HIS J 580 88.70 13.93 78.81
N ASP J 581 89.61 14.76 78.29
CA ASP J 581 89.20 15.92 77.45
C ASP J 581 90.06 15.90 76.19
N LEU J 582 89.81 14.95 75.29
CA LEU J 582 90.58 14.82 74.01
C LEU J 582 91.96 14.29 74.39
N ILE J 583 92.28 14.31 75.69
CA ILE J 583 93.55 13.70 76.19
C ILE J 583 93.37 12.21 76.01
N THR J 584 92.13 11.74 76.22
CA THR J 584 91.83 10.32 75.99
C THR J 584 92.41 9.90 74.66
N GLN J 585 92.58 10.85 73.73
CA GLN J 585 93.02 10.39 72.39
C GLN J 585 94.33 9.62 72.54
N LEU J 586 94.44 8.46 71.89
CA LEU J 586 95.64 7.61 72.03
C LEU J 586 96.21 7.30 70.64
N ALA J 609 91.76 16.54 87.58
CA ALA J 609 90.33 16.94 87.65
C ALA J 609 90.25 18.35 87.06
N LEU J 610 89.71 18.48 85.83
CA LEU J 610 89.69 19.76 85.05
C LEU J 610 88.35 20.49 85.08
N SER J 611 88.17 21.53 84.27
CA SER J 611 86.96 22.40 84.25
C SER J 611 85.72 21.82 83.55
N GLY J 612 84.53 22.31 83.92
CA GLY J 612 83.26 21.85 83.34
C GLY J 612 83.19 22.14 81.87
N LEU J 613 83.80 23.22 81.42
CA LEU J 613 83.81 23.61 79.98
C LEU J 613 84.40 22.48 79.15
N GLU J 614 85.40 21.75 79.68
CA GLU J 614 86.11 20.69 78.91
C GLU J 614 85.73 19.29 79.42
N ALA J 615 84.63 19.13 80.15
CA ALA J 615 84.13 17.81 80.57
C ALA J 615 82.66 17.66 80.16
N PHE J 616 82.20 18.42 79.16
CA PHE J 616 80.78 18.43 78.72
C PHE J 616 80.63 17.48 77.54
N SER J 617 79.94 16.36 77.72
CA SER J 617 79.70 15.36 76.66
C SER J 617 78.19 15.19 76.43
N PHE J 618 77.76 14.68 75.29
CA PHE J 618 76.33 14.38 74.99
C PHE J 618 76.20 12.93 74.50
N ASP J 619 75.17 12.18 74.91
CA ASP J 619 74.88 10.81 74.40
C ASP J 619 73.41 10.79 74.00
N TYR J 620 73.07 10.40 72.77
CA TYR J 620 71.67 10.36 72.27
C TYR J 620 71.23 8.89 72.32
N ILE J 621 70.33 8.50 73.23
CA ILE J 621 69.84 7.10 73.37
C ILE J 621 69.28 6.64 72.05
N VAL J 622 69.44 5.38 71.66
CA VAL J 622 68.89 4.83 70.38
C VAL J 622 68.25 3.46 70.66
N LYS J 623 67.18 3.11 69.95
CA LYS J 623 66.43 1.84 70.13
C LYS J 623 67.19 0.70 69.44
N TRP J 624 66.85 -0.56 69.72
CA TRP J 624 67.55 -1.74 69.15
C TRP J 624 67.45 -1.79 67.62
N PRO J 625 66.30 -1.53 66.97
CA PRO J 625 66.24 -1.64 65.50
C PRO J 625 67.18 -0.68 64.75
N LEU J 626 67.28 0.59 65.18
CA LEU J 626 68.15 1.60 64.50
C LEU J 626 69.56 1.58 65.08
N SER J 627 69.80 0.87 66.19
CA SER J 627 71.14 0.76 66.80
C SER J 627 72.08 0.08 65.81
N LEU J 628 71.61 -0.93 65.07
CA LEU J 628 72.45 -1.70 64.12
C LEU J 628 73.37 -0.74 63.35
N ILE J 629 72.88 0.43 62.90
CA ILE J 629 73.71 1.35 62.05
C ILE J 629 74.53 2.23 62.98
N ILE J 630 73.86 3.07 63.78
CA ILE J 630 74.53 4.09 64.64
C ILE J 630 74.85 3.42 65.97
N ASN J 631 75.85 2.55 65.99
CA ASN J 631 76.19 1.75 67.19
C ASN J 631 77.05 2.56 68.14
N ARG J 632 77.51 1.93 69.22
CA ARG J 632 78.31 2.62 70.24
C ARG J 632 79.54 3.19 69.57
N LYS J 633 80.17 2.46 68.66
CA LYS J 633 81.43 2.92 68.04
C LYS J 633 81.17 4.21 67.27
N ALA J 634 80.09 4.29 66.51
CA ALA J 634 79.77 5.46 65.67
C ALA J 634 79.51 6.68 66.53
N LEU J 635 78.77 6.52 67.62
CA LEU J 635 78.42 7.66 68.48
C LEU J 635 79.67 8.18 69.16
N THR J 636 80.58 7.31 69.62
CA THR J 636 81.80 7.75 70.37
C THR J 636 82.57 8.72 69.49
N ARG J 637 82.80 8.36 68.22
CA ARG J 637 83.55 9.24 67.29
C ARG J 637 82.74 10.52 67.09
N TYR J 638 81.42 10.41 66.97
CA TYR J 638 80.55 11.60 66.84
C TYR J 638 80.78 12.44 68.08
N GLN J 639 80.90 11.81 69.23
CA GLN J 639 81.09 12.52 70.51
C GLN J 639 82.41 13.28 70.43
N MET J 640 83.49 12.65 69.95
CA MET J 640 84.84 13.28 69.92
C MET J 640 84.84 14.50 68.99
N LEU J 641 84.12 14.44 67.87
CA LEU J 641 84.05 15.57 66.90
C LEU J 641 83.44 16.76 67.64
N PHE J 642 82.44 16.53 68.49
CA PHE J 642 81.78 17.61 69.25
C PHE J 642 82.75 18.18 70.29
N ARG J 643 83.46 17.35 71.05
CA ARG J 643 84.35 17.83 72.14
C ARG J 643 85.37 18.81 71.60
N HIS J 644 85.96 18.51 70.43
CA HIS J 644 86.93 19.43 69.78
C HIS J 644 86.23 20.69 69.29
N MET J 645 85.06 20.58 68.67
CA MET J 645 84.35 21.76 68.14
C MET J 645 84.04 22.65 69.33
N PHE J 646 84.07 22.14 70.56
CA PHE J 646 83.66 22.92 71.74
C PHE J 646 84.55 24.14 71.96
N TYR J 647 85.88 23.98 72.03
CA TYR J 647 86.81 25.10 72.34
C TYR J 647 86.59 26.23 71.34
N CYS J 648 86.51 25.92 70.06
CA CYS J 648 86.37 26.96 69.01
C CYS J 648 85.10 27.75 69.30
N LYS J 649 84.01 27.07 69.65
CA LYS J 649 82.75 27.76 70.03
C LYS J 649 82.99 28.52 71.34
N HIS J 650 83.73 27.94 72.29
CA HIS J 650 83.95 28.54 73.63
C HIS J 650 84.75 29.85 73.57
N VAL J 651 85.83 29.90 72.79
CA VAL J 651 86.72 31.10 72.69
C VAL J 651 86.00 32.23 71.95
N GLU J 652 85.18 31.93 70.96
CA GLU J 652 84.55 32.97 70.12
C GLU J 652 83.69 33.89 70.99
N ARG J 653 83.02 33.36 72.00
CA ARG J 653 82.11 34.16 72.86
C ARG J 653 82.92 35.08 73.78
N GLN J 654 84.13 34.70 74.20
CA GLN J 654 85.02 35.46 75.13
C GLN J 654 85.65 36.65 74.42
N LEU J 655 86.14 36.48 73.19
CA LEU J 655 86.77 37.58 72.44
C LEU J 655 85.68 38.59 72.31
N CYS J 656 84.53 38.19 71.79
CA CYS J 656 83.41 39.12 71.61
C CYS J 656 83.11 39.74 72.99
N SER J 657 83.29 38.98 74.08
CA SER J 657 83.06 39.49 75.46
C SER J 657 84.05 40.62 75.78
N VAL J 658 85.35 40.47 75.50
CA VAL J 658 86.36 41.50 75.86
C VAL J 658 86.09 42.75 75.02
N TRP J 659 85.67 42.59 73.77
CA TRP J 659 85.51 43.75 72.85
C TRP J 659 84.48 44.70 73.45
N ILE J 660 83.35 44.18 73.92
CA ILE J 660 82.29 45.04 74.51
C ILE J 660 82.77 45.63 75.84
N SER J 661 83.52 44.89 76.65
CA SER J 661 83.89 45.39 78.00
C SER J 661 84.73 46.66 77.86
N ASN J 662 85.73 46.67 76.98
CA ASN J 662 86.57 47.87 76.73
C ASN J 662 85.74 48.92 75.97
N LYS J 663 84.93 48.51 75.00
CA LYS J 663 84.14 49.44 74.14
C LYS J 663 82.67 48.99 74.14
N ALA J 673 91.44 55.02 79.92
CA ALA J 673 90.81 53.70 80.08
C ALA J 673 90.62 53.04 78.71
N GLN J 674 89.84 53.65 77.81
CA GLN J 674 89.59 53.11 76.44
C GLN J 674 90.66 53.64 75.47
N TRP J 675 91.56 54.51 75.93
CA TRP J 675 92.65 55.07 75.10
C TRP J 675 93.60 53.97 74.63
N PHE J 676 93.93 52.98 75.46
CA PHE J 676 94.94 51.95 75.11
C PHE J 676 94.52 51.24 73.82
N ALA J 677 95.43 51.09 72.86
CA ALA J 677 95.14 50.46 71.54
C ALA J 677 96.19 49.37 71.24
N GLY J 678 96.94 48.89 72.25
CA GLY J 678 97.93 47.83 72.07
C GLY J 678 97.28 46.46 71.86
N ALA J 679 96.25 46.12 72.64
CA ALA J 679 95.56 44.80 72.53
C ALA J 679 94.42 44.88 71.53
N PHE J 680 94.18 46.05 70.92
CA PHE J 680 93.10 46.25 69.91
C PHE J 680 93.54 45.59 68.60
N THR J 681 94.81 45.21 68.47
CA THR J 681 95.37 44.56 67.24
C THR J 681 95.63 43.06 67.45
N LEU J 682 96.16 42.62 68.59
CA LEU J 682 96.45 41.18 68.86
C LEU J 682 95.10 40.50 68.88
N ARG J 683 94.12 41.14 69.52
CA ARG J 683 92.76 40.58 69.60
C ARG J 683 92.25 40.49 68.18
N GLN J 684 92.53 41.49 67.34
CA GLN J 684 91.99 41.51 65.97
C GLN J 684 92.56 40.30 65.22
N ARG J 685 93.84 39.99 65.40
CA ARG J 685 94.47 38.88 64.63
C ARG J 685 93.86 37.54 65.07
N MET J 686 93.65 37.35 66.36
CA MET J 686 93.08 36.09 66.88
C MET J 686 91.70 35.96 66.24
N LEU J 687 90.94 37.04 66.09
CA LEU J 687 89.54 36.96 65.61
C LEU J 687 89.60 36.32 64.22
N ASN J 688 90.53 36.73 63.36
CA ASN J 688 90.53 36.23 61.95
C ASN J 688 90.72 34.71 61.89
N PHE J 689 91.70 34.17 62.62
CA PHE J 689 91.98 32.71 62.61
C PHE J 689 90.81 31.93 63.20
N VAL J 690 90.21 32.39 64.30
CA VAL J 690 89.16 31.61 65.02
C VAL J 690 87.77 31.93 64.46
N GLN J 691 87.64 32.88 63.54
CA GLN J 691 86.35 33.10 62.85
C GLN J 691 86.50 32.50 61.45
N ASN J 692 87.73 32.29 60.94
CA ASN J 692 87.96 31.68 59.61
C ASN J 692 88.21 30.18 59.75
N ILE J 693 88.52 29.65 60.93
CA ILE J 693 88.62 28.16 61.11
C ILE J 693 87.18 27.71 61.08
N GLN J 694 86.27 28.49 61.69
CA GLN J 694 84.84 28.13 61.84
C GLN J 694 84.06 28.37 60.57
N TYR J 695 84.65 28.98 59.55
CA TYR J 695 83.99 29.10 58.23
C TYR J 695 84.49 27.92 57.40
N TYR J 696 85.77 27.55 57.51
CA TYR J 696 86.38 26.44 56.71
C TYR J 696 85.87 25.07 57.20
N MET J 697 85.85 24.88 58.51
CA MET J 697 85.37 23.63 59.13
C MET J 697 83.88 23.50 58.81
N MET J 698 83.07 24.49 59.10
CA MET J 698 81.60 24.36 58.95
C MET J 698 81.14 24.24 57.51
N PHE J 699 81.64 25.04 56.56
CA PHE J 699 81.09 25.08 55.18
C PHE J 699 81.88 24.28 54.13
N GLU J 700 82.99 23.59 54.49
CA GLU J 700 83.72 22.70 53.54
C GLU J 700 83.84 21.28 54.10
N VAL J 701 84.37 21.11 55.32
CA VAL J 701 84.59 19.77 55.94
C VAL J 701 83.25 19.13 56.25
N MET J 702 82.25 19.89 56.72
CA MET J 702 80.97 19.30 57.19
C MET J 702 79.80 19.50 56.23
N GLU J 703 79.41 20.72 55.85
CA GLU J 703 78.16 20.93 55.07
C GLU J 703 78.18 20.24 53.69
N PRO J 704 79.22 20.34 52.84
CA PRO J 704 79.22 19.60 51.59
C PRO J 704 79.30 18.08 51.78
N THR J 705 80.14 17.59 52.71
CA THR J 705 80.33 16.13 52.93
C THR J 705 79.04 15.52 53.47
N TRP J 706 78.31 16.24 54.30
CA TRP J 706 77.01 15.77 54.82
C TRP J 706 76.08 15.65 53.62
N HIS J 707 76.18 16.55 52.65
CA HIS J 707 75.34 16.50 51.42
C HIS J 707 75.72 15.25 50.61
N ILE J 708 76.98 14.81 50.64
CA ILE J 708 77.46 13.64 49.84
C ILE J 708 76.93 12.33 50.46
N LEU J 709 76.84 12.23 51.77
CA LEU J 709 76.24 11.06 52.48
C LEU J 709 74.72 11.01 52.24
N GLU J 710 74.01 12.13 52.35
CA GLU J 710 72.52 12.19 52.21
C GLU J 710 72.10 11.91 50.78
N LYS J 711 73.02 12.00 49.82
CA LYS J 711 72.73 11.58 48.42
C LYS J 711 73.07 10.10 48.27
N ASN J 712 74.22 9.68 48.79
CA ASN J 712 74.71 8.27 48.67
C ASN J 712 73.75 7.31 49.38
N LEU J 713 73.11 7.75 50.47
CA LEU J 713 72.13 6.90 51.21
C LEU J 713 70.89 6.64 50.37
N LYS J 714 70.51 7.58 49.50
CA LYS J 714 69.32 7.41 48.61
C LYS J 714 69.63 6.37 47.54
N SER J 715 70.89 5.99 47.32
CA SER J 715 71.28 5.02 46.26
C SER J 715 71.89 3.76 46.87
N ALA J 716 71.65 3.49 48.15
CA ALA J 716 72.22 2.32 48.85
C ALA J 716 71.41 1.07 48.52
N SER J 717 71.97 -0.13 48.72
CA SER J 717 71.32 -1.42 48.38
C SER J 717 71.05 -2.26 49.63
N ASN J 718 72.00 -2.33 50.54
CA ASN J 718 71.89 -3.22 51.74
C ASN J 718 72.47 -2.57 52.98
N ILE J 719 72.20 -3.13 54.15
CA ILE J 719 72.70 -2.60 55.44
C ILE J 719 74.22 -2.62 55.34
N ASP J 720 74.81 -3.59 54.66
CA ASP J 720 76.28 -3.62 54.47
C ASP J 720 76.70 -2.36 53.73
N ASP J 721 75.96 -1.94 52.71
CA ASP J 721 76.25 -0.67 51.98
C ASP J 721 76.00 0.55 52.86
N VAL J 722 74.89 0.61 53.59
CA VAL J 722 74.54 1.83 54.36
C VAL J 722 75.52 2.00 55.51
N LEU J 723 75.78 0.97 56.28
CA LEU J 723 76.64 1.11 57.45
C LEU J 723 77.99 1.58 56.91
N GLY J 724 78.21 1.50 55.61
CA GLY J 724 79.44 2.02 54.97
C GLY J 724 79.43 3.52 54.77
N HIS J 725 78.41 4.08 54.14
CA HIS J 725 78.37 5.54 53.83
C HIS J 725 78.38 6.33 55.14
N HIS J 726 77.60 5.95 56.15
CA HIS J 726 77.62 6.62 57.48
C HIS J 726 78.98 6.39 58.10
N THR J 727 79.60 5.22 57.92
CA THR J 727 81.00 5.03 58.38
C THR J 727 81.81 6.00 57.55
N GLY J 728 81.41 6.28 56.33
CA GLY J 728 82.14 7.21 55.45
C GLY J 728 82.13 8.63 55.98
N PHE J 729 80.97 9.29 56.06
CA PHE J 729 80.90 10.72 56.44
C PHE J 729 81.57 10.90 57.78
N LEU J 730 81.33 10.00 58.73
CA LEU J 730 81.91 10.14 60.08
C LEU J 730 83.42 10.04 59.98
N ASP J 731 83.96 9.03 59.29
CA ASP J 731 85.43 8.82 59.29
C ASP J 731 86.13 9.85 58.42
N THR J 732 85.65 10.09 57.22
CA THR J 732 86.33 11.00 56.27
C THR J 732 86.26 12.45 56.76
N CYS J 733 85.13 12.92 57.29
CA CYS J 733 84.96 14.31 57.80
C CYS J 733 85.85 14.53 59.02
N LEU J 734 85.97 13.54 59.89
CA LEU J 734 86.87 13.67 61.05
C LEU J 734 88.29 13.84 60.51
N LYS J 735 88.67 13.17 59.42
CA LYS J 735 90.07 13.23 58.92
C LYS J 735 90.37 14.60 58.29
N ASP J 736 89.38 15.27 57.71
CA ASP J 736 89.53 16.59 57.03
C ASP J 736 89.77 17.65 58.10
N CYS J 737 89.00 17.65 59.19
CA CYS J 737 89.28 18.57 60.33
C CYS J 737 90.69 18.24 60.80
N MET J 738 91.28 19.05 61.67
CA MET J 738 92.69 18.87 62.12
C MET J 738 92.80 17.71 63.10
N LEU J 739 91.69 17.07 63.46
CA LEU J 739 91.70 16.02 64.50
C LEU J 739 92.70 14.95 64.12
N THR J 740 92.74 14.54 62.85
CA THR J 740 93.58 13.39 62.46
C THR J 740 95.00 13.81 62.12
N ASN J 741 95.89 13.77 63.12
CA ASN J 741 97.32 14.10 62.90
C ASN J 741 98.13 13.28 63.91
N PRO J 742 99.34 12.74 63.61
CA PRO J 742 100.10 12.02 64.63
C PRO J 742 100.46 12.98 65.76
N GLU J 743 100.88 14.21 65.43
CA GLU J 743 101.21 15.25 66.42
C GLU J 743 99.89 15.86 66.85
N LEU J 744 98.78 15.42 66.26
CA LEU J 744 97.40 15.92 66.56
C LEU J 744 97.44 17.42 66.35
N LEU J 745 98.42 17.90 65.56
CA LEU J 745 98.56 19.35 65.34
C LEU J 745 98.36 19.96 66.73
N LYS J 746 99.23 19.60 67.67
CA LYS J 746 99.17 20.14 69.05
C LYS J 746 99.31 21.66 68.91
N VAL J 747 99.79 22.13 67.76
CA VAL J 747 99.87 23.59 67.47
C VAL J 747 98.48 24.18 67.73
N PHE J 748 97.40 23.48 67.36
CA PHE J 748 96.02 23.95 67.65
C PHE J 748 95.77 23.93 69.16
N SER J 749 96.24 22.90 69.86
CA SER J 749 96.03 22.78 71.33
C SER J 749 96.75 23.90 72.07
N LYS J 750 97.94 24.32 71.66
CA LYS J 750 98.76 25.30 72.41
C LYS J 750 98.38 26.73 72.01
N LEU J 751 97.80 26.92 70.84
CA LEU J 751 97.28 28.24 70.37
C LEU J 751 96.01 28.60 71.15
N MET J 752 95.12 27.63 71.34
CA MET J 752 93.87 27.88 72.11
C MET J 752 94.19 28.05 73.58
N SER J 753 95.18 27.33 74.14
CA SER J 753 95.59 27.51 75.57
C SER J 753 96.13 28.92 75.79
N VAL J 754 97.00 29.40 74.88
CA VAL J 754 97.62 30.76 74.99
C VAL J 754 96.56 31.84 74.75
N CYS J 755 95.61 31.56 73.86
CA CYS J 755 94.53 32.51 73.55
C CYS J 755 93.75 32.77 74.82
N VAL J 756 93.37 31.70 75.52
CA VAL J 756 92.58 31.83 76.77
C VAL J 756 93.48 32.59 77.73
N MET J 757 94.78 32.32 77.68
CA MET J 757 95.70 33.12 78.52
C MET J 757 95.51 34.60 78.20
N PHE J 758 95.52 34.98 76.92
CA PHE J 758 95.27 36.39 76.56
C PHE J 758 93.85 36.84 76.91
N THR J 759 92.82 36.03 76.62
CA THR J 759 91.40 36.48 76.83
C THR J 759 91.05 36.68 78.30
N ASN J 760 91.46 35.76 79.18
CA ASN J 760 91.04 35.87 80.59
C ASN J 760 92.22 35.73 81.55
N CYS J 761 93.13 34.80 81.29
CA CYS J 761 94.21 34.57 82.29
C CYS J 761 95.02 35.85 82.44
N MET J 762 95.30 36.54 81.34
CA MET J 762 95.99 37.85 81.48
C MET J 762 94.97 38.98 81.38
N GLN J 763 94.13 38.97 80.33
CA GLN J 763 93.21 40.12 80.19
C GLN J 763 92.41 40.20 81.48
N LYS J 764 91.68 39.13 81.81
CA LYS J 764 90.81 39.18 83.01
C LYS J 764 90.00 40.47 82.92
N PHE J 765 89.58 40.87 81.72
CA PHE J 765 88.90 42.20 81.55
C PHE J 765 89.80 43.28 82.17
N THR J 766 91.09 43.26 81.85
CA THR J 766 92.08 44.22 82.45
C THR J 766 92.12 43.99 83.96
N GLN J 767 91.95 42.76 84.43
CA GLN J 767 91.85 42.48 85.89
C GLN J 767 91.02 43.58 86.54
N SER J 768 89.97 44.04 85.86
CA SER J 768 89.08 45.11 86.38
C SER J 768 89.87 46.39 86.63
N MET J 769 90.92 46.64 85.85
CA MET J 769 91.66 47.93 85.99
C MET J 769 90.69 49.06 85.59
N LYS J 770 89.94 48.84 84.51
CA LYS J 770 88.93 49.85 84.08
C LYS J 770 87.86 49.92 85.17
N LEU J 771 87.51 48.78 85.75
CA LEU J 771 86.46 48.74 86.80
C LEU J 771 87.11 48.86 88.18
N LEU J 814 98.40 49.32 83.94
CA LEU J 814 98.68 50.04 85.21
C LEU J 814 100.13 50.51 85.18
N VAL J 815 101.10 49.61 85.31
CA VAL J 815 102.56 49.94 85.25
C VAL J 815 103.06 49.57 83.86
N SER J 816 102.17 49.17 82.93
CA SER J 816 102.52 48.72 81.56
C SER J 816 103.03 47.26 81.65
N GLY J 817 102.84 46.61 82.79
CA GLY J 817 103.25 45.21 82.97
C GLY J 817 102.46 44.33 82.02
N PHE J 818 101.17 44.63 81.84
CA PHE J 818 100.26 43.88 80.93
C PHE J 818 100.60 44.14 79.47
N GLU J 819 101.40 45.18 79.15
CA GLU J 819 101.84 45.47 77.76
C GLU J 819 103.01 44.53 77.45
N ALA J 820 103.84 44.18 78.44
CA ALA J 820 104.93 43.20 78.30
C ALA J 820 104.33 41.80 78.13
N THR J 821 103.24 41.50 78.83
CA THR J 821 102.61 40.17 78.73
C THR J 821 101.95 40.09 77.36
N ILE J 822 101.43 41.21 76.86
CA ILE J 822 100.82 41.24 75.50
C ILE J 822 101.94 40.90 74.52
N ASN J 823 103.13 41.47 74.72
CA ASN J 823 104.28 41.22 73.82
C ASN J 823 104.71 39.76 73.92
N LYS J 824 104.82 39.24 75.14
CA LYS J 824 105.30 37.84 75.37
C LYS J 824 104.30 36.93 74.67
N PHE J 825 103.03 37.23 74.82
CA PHE J 825 101.93 36.44 74.20
C PHE J 825 101.94 36.59 72.68
N ASP J 826 102.24 37.78 72.17
CA ASP J 826 102.20 38.05 70.71
C ASP J 826 103.27 37.23 69.99
N LYS J 827 104.44 37.05 70.61
CA LYS J 827 105.59 36.33 69.98
C LYS J 827 105.31 34.83 70.05
N ASN J 828 104.75 34.33 71.14
CA ASN J 828 104.30 32.91 71.31
C ASN J 828 103.25 32.61 70.24
N PHE J 829 102.39 33.60 69.95
CA PHE J 829 101.27 33.44 68.99
C PHE J 829 101.86 33.32 67.58
N SER J 830 102.79 34.19 67.21
CA SER J 830 103.40 34.19 65.85
C SER J 830 104.13 32.87 65.63
N ALA J 831 104.94 32.42 66.58
CA ALA J 831 105.67 31.13 66.46
C ALA J 831 104.65 30.02 66.24
N HIS J 832 103.65 29.92 67.10
CA HIS J 832 102.65 28.83 67.03
C HIS J 832 101.87 28.95 65.73
N LEU J 833 101.46 30.14 65.33
CA LEU J 833 100.62 30.33 64.12
C LEU J 833 101.41 29.85 62.91
N LEU J 834 102.70 30.18 62.86
CA LEU J 834 103.59 29.77 61.75
C LEU J 834 103.67 28.25 61.71
N ASP J 835 103.82 27.61 62.86
CA ASP J 835 104.06 26.14 62.88
C ASP J 835 102.89 25.46 62.19
N LEU J 836 101.67 25.91 62.44
CA LEU J 836 100.44 25.28 61.86
C LEU J 836 100.38 25.44 60.34
N LEU J 837 100.49 26.67 59.84
CA LEU J 837 100.35 26.90 58.37
C LEU J 837 101.43 26.09 57.67
N ALA J 838 102.64 26.08 58.24
CA ALA J 838 103.74 25.27 57.66
C ALA J 838 103.37 23.79 57.73
N ARG J 839 102.80 23.36 58.85
CA ARG J 839 102.35 21.95 58.99
C ARG J 839 101.24 21.66 57.97
N LEU J 840 100.34 22.62 57.75
CA LEU J 840 99.26 22.43 56.74
C LEU J 840 99.91 22.28 55.37
N SER J 841 100.96 23.04 55.08
CA SER J 841 101.68 22.85 53.79
C SER J 841 102.40 21.48 53.77
N ILE J 842 103.12 21.13 54.84
CA ILE J 842 103.93 19.87 54.82
C ILE J 842 103.04 18.62 54.79
N TYR J 843 101.97 18.61 55.59
CA TYR J 843 101.02 17.46 55.56
C TYR J 843 99.79 17.90 54.77
N SER J 844 99.43 17.19 53.69
CA SER J 844 98.32 17.63 52.82
C SER J 844 98.49 19.11 52.46
N ALA J 853 94.54 23.25 52.40
CA ALA J 853 94.79 24.26 51.36
C ALA J 853 93.90 25.49 51.51
N SER J 854 92.59 25.34 51.70
CA SER J 854 91.66 26.51 51.65
C SER J 854 91.88 27.49 52.81
N VAL J 855 92.16 27.04 54.03
CA VAL J 855 92.30 27.99 55.19
C VAL J 855 93.44 28.93 54.87
N ILE J 856 94.57 28.43 54.35
CA ILE J 856 95.72 29.28 53.90
C ILE J 856 95.29 30.04 52.66
N SER J 857 94.55 29.40 51.75
CA SER J 857 94.16 29.99 50.45
C SER J 857 93.43 31.32 50.63
N ARG J 858 92.73 31.55 51.74
CA ARG J 858 91.89 32.77 51.93
C ARG J 858 92.33 33.62 53.13
N LEU J 859 93.06 33.05 54.09
CA LEU J 859 93.57 33.86 55.23
C LEU J 859 94.38 34.97 54.59
N ASP J 860 95.17 34.63 53.59
CA ASP J 860 95.98 35.62 52.82
C ASP J 860 95.17 36.06 51.61
N PHE J 861 93.95 36.56 51.78
CA PHE J 861 93.07 36.93 50.63
C PHE J 861 93.80 37.99 49.80
N ASN J 862 94.72 38.76 50.39
CA ASN J 862 95.54 39.77 49.67
C ASN J 862 96.98 39.60 50.12
N GLY J 863 97.50 38.37 50.14
CA GLY J 863 98.89 38.07 50.51
C GLY J 863 99.23 38.52 51.91
N PHE J 864 98.24 38.56 52.81
CA PHE J 864 98.46 39.02 54.20
C PHE J 864 99.44 38.05 54.85
N TYR J 865 100.50 38.54 55.48
CA TYR J 865 101.46 37.67 56.19
C TYR J 865 101.81 36.53 55.22
N THR J 866 102.14 36.83 53.96
CA THR J 866 102.40 35.79 52.93
C THR J 866 103.58 34.92 53.38
N GLU J 867 104.65 35.50 53.92
CA GLU J 867 105.79 34.73 54.47
C GLU J 867 106.46 35.56 55.56
N ARG J 868 106.04 35.41 56.81
CA ARG J 868 106.74 36.10 57.93
C ARG J 868 108.16 35.54 57.96
N LEU J 869 108.31 34.24 57.68
CA LEU J 869 109.67 33.62 57.58
C LEU J 869 109.49 32.26 56.89
N GLU J 870 110.56 31.76 56.26
CA GLU J 870 110.46 30.48 55.51
C GLU J 870 111.31 29.41 56.21
N ARG J 871 110.72 28.25 56.49
CA ARG J 871 111.46 27.14 57.14
C ARG J 871 112.57 26.66 56.20
N LEU J 872 113.77 26.42 56.74
CA LEU J 872 114.91 25.94 55.92
C LEU J 872 114.89 26.65 54.56
N ILE K 245 69.76 -83.33 54.10
CA ILE K 245 68.42 -82.83 53.68
C ILE K 245 68.60 -82.15 52.34
N THR K 246 67.60 -81.41 51.85
CA THR K 246 67.62 -80.81 50.49
C THR K 246 67.18 -79.37 50.47
N GLU K 247 67.50 -78.63 49.43
CA GLU K 247 67.01 -77.25 49.26
C GLU K 247 65.53 -77.36 49.18
N ALA K 248 65.03 -78.46 48.66
CA ALA K 248 63.58 -78.64 48.49
C ALA K 248 62.87 -78.45 49.82
N ALA K 249 63.35 -79.09 50.89
CA ALA K 249 62.72 -79.03 52.22
C ALA K 249 62.96 -77.67 52.87
N LEU K 250 64.15 -77.10 52.72
CA LEU K 250 64.50 -75.86 53.42
C LEU K 250 63.70 -74.69 52.88
N VAL K 251 63.32 -74.64 51.62
CA VAL K 251 62.53 -73.47 51.18
C VAL K 251 61.21 -73.52 51.94
N ARG K 252 60.53 -74.65 52.13
CA ARG K 252 59.25 -74.62 52.89
C ARG K 252 59.50 -74.34 54.38
N ASP K 253 60.61 -74.77 54.96
CA ASP K 253 60.76 -74.57 56.42
C ASP K 253 61.04 -73.10 56.69
N ILE K 254 61.81 -72.46 55.80
CA ILE K 254 62.20 -71.04 56.02
C ILE K 254 60.94 -70.18 56.01
N LEU K 255 59.98 -70.48 55.14
CA LEU K 255 58.78 -69.62 55.03
C LEU K 255 58.05 -69.62 56.37
N TYR K 256 57.88 -70.79 56.97
CA TYR K 256 57.21 -70.90 58.28
C TYR K 256 58.06 -70.19 59.34
N VAL K 257 59.38 -70.30 59.24
CA VAL K 257 60.28 -69.72 60.27
C VAL K 257 60.05 -68.20 60.32
N PHE K 258 59.87 -67.58 59.15
CA PHE K 258 59.64 -66.12 59.11
C PHE K 258 58.37 -65.81 59.90
N GLN K 259 57.36 -66.68 59.76
CA GLN K 259 56.08 -66.45 60.46
C GLN K 259 56.27 -66.57 61.98
N GLY K 260 57.37 -67.16 62.43
CA GLY K 260 57.58 -67.20 63.89
C GLY K 260 57.54 -68.65 64.26
N ILE K 261 56.67 -69.41 63.59
CA ILE K 261 56.49 -70.86 63.90
C ILE K 261 57.77 -71.64 63.60
N ASP K 262 58.05 -72.64 64.44
CA ASP K 262 59.31 -73.42 64.33
C ASP K 262 59.11 -74.55 63.34
N GLY K 263 59.85 -74.54 62.23
CA GLY K 263 59.81 -75.65 61.27
C GLY K 263 60.50 -76.86 61.85
N LYS K 264 60.45 -78.00 61.13
CA LYS K 264 61.07 -79.28 61.54
C LYS K 264 62.58 -79.29 61.37
N ASN K 265 63.12 -79.05 60.17
CA ASN K 265 64.57 -79.07 59.90
C ASN K 265 65.27 -78.01 60.74
N ILE K 266 64.76 -76.78 60.79
CA ILE K 266 65.39 -75.63 61.51
C ILE K 266 64.52 -75.28 62.70
N LYS K 267 65.06 -75.22 63.92
CA LYS K 267 64.25 -74.97 65.14
C LYS K 267 64.93 -73.94 66.03
N MET K 268 64.17 -73.13 66.78
CA MET K 268 64.71 -72.05 67.64
C MET K 268 65.63 -72.68 68.69
N ASN K 269 66.69 -71.99 69.12
CA ASN K 269 67.66 -72.49 70.13
C ASN K 269 67.72 -71.41 71.20
N ASN K 270 66.70 -71.30 72.06
CA ASN K 270 66.52 -70.12 72.93
C ASN K 270 67.80 -69.74 73.66
N THR K 271 68.66 -70.67 74.06
CA THR K 271 69.86 -70.31 74.84
C THR K 271 70.64 -69.31 73.99
N GLU K 272 70.78 -69.59 72.70
CA GLU K 272 71.36 -68.58 71.79
C GLU K 272 70.14 -67.95 71.14
N ASN K 273 69.91 -66.65 71.23
CA ASN K 273 68.62 -66.08 70.76
C ASN K 273 68.34 -66.50 69.33
N CYS K 274 69.34 -66.65 68.47
CA CYS K 274 69.13 -66.86 67.02
C CYS K 274 68.60 -68.23 66.62
N TYR K 275 68.07 -68.38 65.40
CA TYR K 275 67.58 -69.67 64.86
C TYR K 275 68.79 -70.45 64.40
N LYS K 276 68.78 -71.76 64.53
CA LYS K 276 69.94 -72.62 64.21
C LYS K 276 69.46 -73.85 63.43
N VAL K 277 70.06 -74.19 62.29
CA VAL K 277 69.72 -75.46 61.60
C VAL K 277 70.40 -76.50 62.47
N GLU K 278 69.88 -77.73 62.56
CA GLU K 278 70.57 -78.80 63.34
C GLU K 278 71.88 -79.17 62.64
N SER K 286 78.34 -74.12 54.29
CA SER K 286 77.57 -74.57 53.11
C SER K 286 76.42 -73.59 52.86
N LEU K 287 75.30 -74.08 52.36
CA LEU K 287 74.11 -73.22 52.15
C LEU K 287 73.49 -72.93 53.52
N ARG K 288 73.95 -73.67 54.53
CA ARG K 288 73.38 -73.49 55.89
C ARG K 288 73.60 -72.02 56.26
N ASP K 289 74.73 -71.48 55.84
CA ASP K 289 75.06 -70.07 56.18
C ASP K 289 73.99 -69.17 55.57
N THR K 290 73.59 -69.45 54.34
CA THR K 290 72.65 -68.52 53.68
C THR K 290 71.42 -68.47 54.55
N ALA K 291 71.03 -69.62 55.08
CA ALA K 291 69.79 -69.68 55.88
C ALA K 291 69.90 -68.66 57.00
N VAL K 292 70.99 -68.73 57.76
CA VAL K 292 71.07 -67.84 58.94
C VAL K 292 70.78 -66.44 58.45
N ARG K 293 71.27 -66.13 57.26
CA ARG K 293 71.10 -64.74 56.80
C ARG K 293 69.61 -64.44 56.72
N LEU K 294 68.81 -65.39 56.24
CA LEU K 294 67.37 -65.09 56.02
C LEU K 294 66.59 -65.23 57.33
N SER K 295 66.85 -66.27 58.10
CA SER K 295 66.10 -66.55 59.33
C SER K 295 66.03 -65.28 60.16
N GLU K 296 66.89 -64.34 59.95
CA GLU K 296 66.78 -63.08 60.68
C GLU K 296 65.52 -62.31 60.30
N LEU K 297 64.92 -62.38 59.13
CA LEU K 297 63.73 -61.54 58.89
C LEU K 297 62.82 -61.92 60.04
N GLY K 298 62.79 -63.16 60.43
CA GLY K 298 61.83 -63.62 61.44
C GLY K 298 62.03 -63.08 62.82
N TRP K 299 63.23 -63.09 63.33
CA TRP K 299 63.42 -62.68 64.74
C TRP K 299 63.00 -61.25 64.74
N LEU K 300 63.33 -60.49 63.73
CA LEU K 300 62.84 -59.12 63.66
C LEU K 300 61.29 -59.13 63.57
N HIS K 301 60.60 -60.26 63.29
CA HIS K 301 59.11 -60.40 63.35
C HIS K 301 58.71 -60.99 64.67
N ASN K 302 59.38 -61.98 65.24
CA ASN K 302 58.92 -62.46 66.55
C ASN K 302 58.88 -61.25 67.48
N LYS K 303 59.79 -60.30 67.39
CA LYS K 303 59.89 -59.18 68.36
C LYS K 303 58.69 -58.31 68.19
N ILE K 304 58.33 -57.93 66.99
CA ILE K 304 57.21 -56.98 66.82
C ILE K 304 55.90 -57.67 67.20
N ARG K 305 55.73 -58.97 67.03
CA ARG K 305 54.49 -59.64 67.48
C ARG K 305 54.46 -59.55 68.99
N ARG K 306 55.55 -59.86 69.70
CA ARG K 306 55.56 -59.84 71.18
C ARG K 306 55.03 -58.47 71.64
N TYR K 307 55.66 -57.39 71.28
CA TYR K 307 55.26 -56.10 71.83
C TYR K 307 53.81 -55.90 71.54
N THR K 308 53.28 -56.17 70.35
CA THR K 308 51.86 -55.82 70.04
C THR K 308 50.89 -56.77 70.72
N ASP K 309 51.35 -57.88 71.32
CA ASP K 309 50.49 -58.83 72.09
C ASP K 309 50.48 -58.58 73.60
N GLN K 310 51.58 -58.15 74.21
CA GLN K 310 51.61 -57.79 75.65
C GLN K 310 50.82 -56.51 75.91
N ARG K 311 50.94 -55.53 75.04
CA ARG K 311 50.27 -54.23 75.22
C ARG K 311 48.83 -54.37 74.71
N SER K 312 48.42 -55.54 74.21
CA SER K 312 47.02 -55.83 73.76
C SER K 312 46.24 -56.34 74.97
N LEU K 313 46.89 -56.57 76.12
CA LEU K 313 46.23 -57.04 77.35
C LEU K 313 46.49 -55.97 78.40
N ASP K 314 46.56 -54.70 77.99
CA ASP K 314 46.66 -53.58 78.95
C ASP K 314 45.39 -52.74 78.87
N ARG K 315 44.63 -52.70 79.94
CA ARG K 315 43.48 -51.80 80.07
C ARG K 315 44.07 -50.39 80.22
N SER K 316 45.19 -50.23 80.92
CA SER K 316 45.75 -48.89 81.25
C SER K 316 46.67 -48.24 80.20
N PHE K 317 47.21 -48.95 79.21
CA PHE K 317 48.26 -48.43 78.27
C PHE K 317 47.90 -47.06 77.71
N GLY K 318 46.65 -46.66 77.57
CA GLY K 318 46.37 -45.29 77.13
C GLY K 318 45.84 -45.25 75.74
N LEU K 319 45.46 -44.08 75.24
CA LEU K 319 44.80 -43.93 73.92
C LEU K 319 45.84 -43.55 72.85
N VAL K 320 47.14 -43.46 73.17
CA VAL K 320 48.17 -43.24 72.10
C VAL K 320 48.71 -44.62 71.78
N GLY K 321 48.88 -45.43 72.78
CA GLY K 321 49.32 -46.78 72.43
C GLY K 321 48.30 -47.44 71.55
N GLN K 322 47.01 -47.28 71.84
CA GLN K 322 45.99 -48.01 71.05
C GLN K 322 45.93 -47.48 69.62
N SER K 323 46.71 -46.44 69.30
CA SER K 323 46.78 -45.97 67.89
C SER K 323 48.15 -46.38 67.33
N PHE K 324 49.19 -46.38 68.17
CA PHE K 324 50.53 -46.84 67.73
C PHE K 324 50.47 -48.33 67.38
N CYS K 325 49.77 -49.12 68.19
CA CYS K 325 49.62 -50.58 67.93
C CYS K 325 48.84 -50.79 66.63
N ALA K 326 47.81 -49.97 66.39
CA ALA K 326 46.97 -50.11 65.18
C ALA K 326 47.84 -49.90 63.93
N ALA K 327 48.74 -48.91 63.97
CA ALA K 327 49.65 -48.65 62.83
C ALA K 327 50.54 -49.87 62.61
N LEU K 328 51.02 -50.50 63.70
CA LEU K 328 51.92 -51.68 63.59
C LEU K 328 51.20 -52.83 62.89
N HIS K 329 49.91 -53.03 63.17
CA HIS K 329 49.16 -54.17 62.58
C HIS K 329 49.13 -54.04 61.06
N GLN K 330 48.90 -52.83 60.54
CA GLN K 330 48.82 -52.62 59.07
C GLN K 330 50.17 -52.93 58.41
N GLU K 331 51.27 -52.56 59.07
CA GLU K 331 52.62 -52.79 58.50
C GLU K 331 52.90 -54.30 58.36
N LEU K 332 52.52 -55.10 59.36
CA LEU K 332 52.72 -56.58 59.31
C LEU K 332 51.70 -57.16 58.34
N ARG K 333 50.56 -56.49 58.18
CA ARG K 333 49.49 -56.91 57.23
C ARG K 333 50.07 -56.90 55.81
N GLU K 334 51.04 -56.01 55.53
CA GLU K 334 51.69 -55.92 54.20
C GLU K 334 52.77 -56.96 54.07
N TYR K 335 53.39 -57.40 55.16
CA TYR K 335 54.41 -58.51 55.18
C TYR K 335 53.65 -59.79 55.28
N TYR K 336 52.31 -59.76 55.37
CA TYR K 336 51.48 -60.98 55.32
C TYR K 336 51.05 -61.13 53.87
N ARG K 337 51.08 -60.12 53.03
CA ARG K 337 50.87 -60.35 51.59
C ARG K 337 52.10 -61.07 51.09
N LEU K 338 53.32 -60.69 51.48
CA LEU K 338 54.55 -61.26 50.91
C LEU K 338 54.63 -62.71 51.29
N LEU K 339 54.59 -63.10 52.55
CA LEU K 339 54.78 -64.52 52.91
C LEU K 339 53.78 -65.33 52.10
N SER K 340 52.75 -64.73 51.52
CA SER K 340 51.81 -65.42 50.60
C SER K 340 52.33 -65.47 49.16
N VAL K 341 52.77 -64.38 48.55
CA VAL K 341 53.18 -64.43 47.13
C VAL K 341 54.33 -65.40 47.05
N LEU K 342 55.27 -65.30 47.96
CA LEU K 342 56.42 -66.19 47.93
C LEU K 342 55.80 -67.56 47.96
N HIS K 343 54.75 -67.80 48.71
CA HIS K 343 54.14 -69.16 48.86
C HIS K 343 53.49 -69.71 47.59
N SER K 344 52.80 -68.91 46.79
CA SER K 344 52.10 -69.38 45.57
C SER K 344 53.14 -69.85 44.58
N GLN K 345 54.28 -69.17 44.45
CA GLN K 345 55.42 -69.56 43.55
C GLN K 345 56.11 -70.84 44.05
N LEU K 346 55.80 -71.31 45.25
CA LEU K 346 56.46 -72.53 45.75
C LEU K 346 56.10 -73.63 44.79
N ARG K 366 67.57 -67.43 46.07
CA ARG K 366 67.16 -67.92 47.41
C ARG K 366 66.21 -66.91 48.06
N LEU K 367 65.50 -66.10 47.26
CA LEU K 367 64.51 -65.11 47.77
C LEU K 367 65.23 -63.98 48.52
N LEU K 368 66.56 -63.88 48.40
CA LEU K 368 67.31 -62.77 49.05
C LEU K 368 66.88 -61.45 48.41
N VAL K 369 66.75 -61.40 47.09
CA VAL K 369 66.30 -60.17 46.38
C VAL K 369 64.86 -59.87 46.80
N TRP K 370 64.03 -60.92 46.89
CA TRP K 370 62.59 -60.74 47.25
C TRP K 370 62.47 -60.17 48.66
N THR K 371 63.39 -60.55 49.57
CA THR K 371 63.38 -60.17 50.99
C THR K 371 64.37 -59.03 51.29
N TYR K 372 65.01 -58.44 50.27
CA TYR K 372 66.00 -57.37 50.52
C TYR K 372 65.25 -56.16 51.07
N ASP K 373 64.12 -55.79 50.47
CA ASP K 373 63.36 -54.57 50.87
C ASP K 373 62.60 -54.83 52.16
N PRO K 374 61.96 -55.99 52.41
CA PRO K 374 61.39 -56.28 53.70
C PRO K 374 62.34 -56.63 54.86
N LYS K 375 63.62 -56.94 54.74
CA LYS K 375 64.51 -57.09 55.91
C LYS K 375 65.03 -55.72 56.27
N ILE K 376 64.66 -54.70 55.50
CA ILE K 376 65.06 -53.30 55.84
C ILE K 376 63.88 -52.64 56.57
N ARG K 377 62.68 -52.79 56.02
CA ARG K 377 61.49 -52.13 56.62
C ARG K 377 61.29 -52.67 58.03
N LEU K 378 61.43 -53.98 58.21
CA LEU K 378 61.20 -54.59 59.55
C LEU K 378 62.21 -54.05 60.54
N LYS K 379 63.44 -53.85 60.10
CA LYS K 379 64.49 -53.45 61.07
C LYS K 379 64.07 -52.15 61.74
N THR K 380 63.57 -51.19 60.96
CA THR K 380 63.21 -49.88 61.56
C THR K 380 62.08 -50.08 62.57
N LEU K 381 61.10 -50.91 62.23
CA LEU K 381 59.93 -51.07 63.13
C LEU K 381 60.37 -51.69 64.46
N ALA K 382 61.23 -52.72 64.43
CA ALA K 382 61.61 -53.41 65.68
C ALA K 382 62.36 -52.39 66.55
N ALA K 383 62.85 -51.34 65.92
CA ALA K 383 63.61 -50.28 66.60
C ALA K 383 62.61 -49.28 67.18
N LEU K 384 61.65 -48.79 66.40
CA LEU K 384 60.62 -47.92 66.97
C LEU K 384 60.09 -48.71 68.13
N VAL K 385 59.72 -49.97 67.98
CA VAL K 385 59.10 -50.68 69.11
C VAL K 385 60.07 -50.66 70.26
N ASP K 386 61.28 -51.16 70.10
CA ASP K 386 62.20 -51.31 71.25
C ASP K 386 62.56 -49.94 71.82
N HIS K 387 62.79 -48.90 71.04
CA HIS K 387 63.16 -47.61 71.66
C HIS K 387 61.98 -47.24 72.55
N CYS K 388 60.73 -47.39 72.09
CA CYS K 388 59.54 -46.91 72.82
C CYS K 388 59.01 -47.97 73.76
N GLN K 389 59.90 -48.72 74.43
CA GLN K 389 59.48 -49.75 75.43
C GLN K 389 59.39 -49.14 76.82
N GLY K 390 58.18 -48.90 77.34
CA GLY K 390 57.91 -48.31 78.66
C GLY K 390 57.31 -46.93 78.61
N ARG K 391 57.42 -46.18 77.53
CA ARG K 391 56.95 -44.77 77.47
C ARG K 391 55.51 -44.77 77.00
N LYS K 392 54.60 -44.01 77.61
CA LYS K 392 53.17 -43.97 77.22
C LYS K 392 52.63 -42.55 77.15
N GLY K 393 51.44 -42.36 76.59
CA GLY K 393 50.90 -41.00 76.42
C GLY K 393 51.76 -40.25 75.45
N GLY K 394 52.03 -38.97 75.66
CA GLY K 394 52.72 -38.14 74.66
C GLY K 394 54.20 -38.36 74.64
N GLU K 395 54.73 -39.34 75.38
CA GLU K 395 56.17 -39.71 75.33
C GLU K 395 56.41 -40.86 74.33
N LEU K 396 55.35 -41.52 73.82
CA LEU K 396 55.40 -42.60 72.78
C LEU K 396 54.95 -41.90 71.52
N ALA K 397 54.76 -40.58 71.50
CA ALA K 397 54.53 -39.82 70.25
C ALA K 397 55.69 -38.86 70.16
N SER K 398 56.71 -39.05 70.98
CA SER K 398 57.98 -38.28 70.82
C SER K 398 59.16 -39.24 70.86
N ALA K 399 58.93 -40.52 70.58
CA ALA K 399 59.99 -41.49 70.26
C ALA K 399 59.58 -42.01 68.88
N VAL K 400 58.47 -41.48 68.33
CA VAL K 400 57.99 -41.72 66.95
C VAL K 400 58.34 -40.49 66.11
N HIS K 401 58.59 -39.33 66.75
CA HIS K 401 59.07 -38.10 66.10
C HIS K 401 60.59 -38.08 66.22
N ALA K 402 61.17 -38.86 67.15
CA ALA K 402 62.65 -38.99 67.35
C ALA K 402 63.30 -39.67 66.15
N TYR K 403 62.63 -40.67 65.56
CA TYR K 403 63.18 -41.47 64.43
C TYR K 403 62.83 -40.91 63.05
N THR K 404 62.25 -39.72 62.95
CA THR K 404 61.97 -39.04 61.67
C THR K 404 63.22 -38.20 61.34
N LYS K 405 64.21 -38.16 62.24
CA LYS K 405 65.49 -37.40 62.08
C LYS K 405 66.33 -37.97 60.92
N THR K 406 66.47 -39.27 60.78
CA THR K 406 67.34 -39.91 59.76
C THR K 406 67.05 -39.38 58.38
N GLY K 407 68.01 -39.41 57.47
CA GLY K 407 67.87 -38.90 56.09
C GLY K 407 67.52 -39.94 55.04
N ASP K 408 67.85 -41.24 55.13
CA ASP K 408 67.49 -42.32 54.16
C ASP K 408 66.04 -42.13 53.71
N PRO K 409 65.64 -41.61 52.53
CA PRO K 409 64.23 -41.28 52.30
C PRO K 409 63.18 -42.40 52.36
N TYR K 410 63.51 -43.68 52.42
CA TYR K 410 62.56 -44.82 52.59
C TYR K 410 62.18 -45.01 54.05
N MET K 411 63.07 -44.71 54.99
CA MET K 411 62.82 -44.83 56.43
C MET K 411 62.08 -43.58 56.90
N ARG K 412 62.22 -42.40 56.30
CA ARG K 412 61.36 -41.23 56.64
C ARG K 412 59.93 -41.64 56.29
N SER K 413 59.75 -42.30 55.15
CA SER K 413 58.41 -42.83 54.77
C SER K 413 57.98 -43.90 55.76
N LEU K 414 58.92 -44.75 56.21
CA LEU K 414 58.58 -45.87 57.14
C LEU K 414 58.06 -45.31 58.47
N VAL K 415 58.73 -44.31 59.04
CA VAL K 415 58.26 -43.67 60.30
C VAL K 415 56.95 -42.94 60.01
N GLN K 416 56.83 -42.34 58.81
CA GLN K 416 55.57 -41.64 58.42
C GLN K 416 54.50 -42.71 58.19
N HIS K 417 53.22 -42.32 58.16
CA HIS K 417 52.11 -43.32 58.05
C HIS K 417 52.02 -44.03 59.40
N ILE K 418 52.88 -43.65 60.35
CA ILE K 418 52.76 -44.21 61.73
C ILE K 418 52.76 -42.98 62.65
N LEU K 419 53.66 -42.03 62.39
CA LEU K 419 53.72 -40.78 63.20
C LEU K 419 52.34 -40.11 63.16
N SER K 420 51.71 -40.05 61.99
CA SER K 420 50.40 -39.36 61.86
C SER K 420 49.34 -40.08 62.70
N LEU K 421 49.29 -41.44 62.68
CA LEU K 421 48.30 -42.22 63.47
C LEU K 421 48.54 -42.01 64.96
N VAL K 422 49.81 -42.03 65.40
CA VAL K 422 50.15 -41.82 66.84
C VAL K 422 49.79 -40.38 67.25
N SER K 423 50.04 -39.40 66.37
CA SER K 423 49.75 -37.98 66.67
C SER K 423 48.24 -37.71 66.78
N HIS K 424 47.40 -38.47 66.07
CA HIS K 424 45.94 -38.14 66.04
C HIS K 424 45.27 -38.15 67.41
N PRO K 425 45.48 -39.14 68.33
CA PRO K 425 44.89 -39.07 69.68
C PRO K 425 45.44 -37.87 70.47
N VAL K 426 46.73 -37.58 70.34
CA VAL K 426 47.32 -36.39 71.03
C VAL K 426 46.61 -35.13 70.52
N LEU K 427 46.38 -35.03 69.21
CA LEU K 427 45.79 -33.82 68.65
C LEU K 427 44.29 -33.98 68.77
N SER K 428 43.76 -35.09 69.27
CA SER K 428 42.29 -35.18 69.52
C SER K 428 41.94 -34.34 70.74
N PHE K 429 42.66 -34.54 71.83
CA PHE K 429 42.40 -33.88 73.13
C PHE K 429 42.62 -32.38 73.02
N LEU K 430 43.50 -32.00 72.07
CA LEU K 430 43.92 -30.58 71.87
C LEU K 430 43.00 -29.87 70.88
N TYR K 431 41.81 -30.39 70.62
CA TYR K 431 40.85 -29.64 69.75
C TYR K 431 39.56 -29.29 70.53
N ARG K 432 39.56 -29.51 71.84
CA ARG K 432 38.43 -29.15 72.74
C ARG K 432 38.94 -28.25 73.87
N TRP K 433 40.11 -28.49 74.44
CA TRP K 433 40.74 -27.66 75.50
C TRP K 433 41.43 -26.54 74.78
N ILE K 434 41.31 -26.51 73.47
CA ILE K 434 41.83 -25.38 72.67
C ILE K 434 40.64 -24.60 72.10
N TYR K 435 39.40 -25.10 72.21
CA TYR K 435 38.17 -24.39 71.77
C TYR K 435 37.18 -24.36 72.94
N ASP K 436 36.36 -25.39 73.15
CA ASP K 436 35.43 -25.46 74.31
C ASP K 436 35.53 -26.84 74.97
N GLY K 437 36.05 -27.00 76.19
CA GLY K 437 36.14 -28.39 76.68
C GLY K 437 36.78 -28.69 78.00
N GLU K 438 37.00 -29.98 78.29
CA GLU K 438 37.52 -30.51 79.57
C GLU K 438 38.57 -31.58 79.36
N LEU K 439 39.47 -31.78 80.32
CA LEU K 439 40.53 -32.82 80.26
C LEU K 439 39.96 -34.20 80.66
N GLU K 440 39.60 -35.05 79.69
CA GLU K 440 39.18 -36.43 79.95
C GLU K 440 40.39 -37.26 79.60
N ASP K 441 41.05 -37.87 80.58
CA ASP K 441 42.19 -38.79 80.37
C ASP K 441 42.15 -39.72 81.57
N THR K 442 41.37 -40.79 81.48
CA THR K 442 41.30 -41.76 82.59
C THR K 442 42.73 -41.97 83.05
N TYR K 443 43.64 -42.34 82.15
CA TYR K 443 45.07 -42.54 82.45
C TYR K 443 45.73 -41.22 82.04
N HIS K 444 46.58 -40.60 82.86
CA HIS K 444 47.11 -39.24 82.56
C HIS K 444 47.86 -39.23 81.23
N GLU K 445 47.53 -38.35 80.29
CA GLU K 445 48.26 -38.24 78.99
C GLU K 445 48.43 -36.79 78.53
N PHE K 446 47.37 -36.04 78.33
CA PHE K 446 47.41 -34.65 77.81
C PHE K 446 48.23 -33.81 78.77
N PHE K 447 49.01 -32.87 78.26
CA PHE K 447 49.94 -32.13 79.14
C PHE K 447 49.17 -31.42 80.24
N VAL K 448 48.07 -30.70 79.98
CA VAL K 448 47.38 -29.95 81.07
C VAL K 448 46.90 -31.01 82.02
N ALA K 449 47.21 -30.95 83.31
CA ALA K 449 46.80 -31.96 84.31
C ALA K 449 46.11 -31.20 85.43
N SER K 450 44.85 -30.83 85.23
CA SER K 450 44.11 -29.96 86.17
C SER K 450 44.04 -30.55 87.55
N ASP K 451 43.83 -29.70 88.54
CA ASP K 451 43.78 -30.08 89.99
C ASP K 451 42.33 -30.12 90.45
N PRO K 452 41.84 -31.26 90.99
CA PRO K 452 40.51 -31.28 91.55
C PRO K 452 40.61 -30.70 92.97
N THR K 453 39.58 -30.85 93.80
CA THR K 453 39.62 -30.45 95.23
C THR K 453 39.39 -28.95 95.38
N VAL K 454 39.52 -28.18 94.29
CA VAL K 454 39.36 -26.69 94.35
C VAL K 454 38.41 -26.19 93.26
N LYS K 455 37.16 -25.91 93.62
CA LYS K 455 36.18 -25.32 92.66
C LYS K 455 35.97 -23.86 93.09
N THR K 456 36.85 -23.37 93.96
CA THR K 456 36.72 -22.01 94.56
C THR K 456 37.24 -20.94 93.58
N ASP K 457 37.35 -19.69 94.02
CA ASP K 457 37.78 -18.54 93.18
C ASP K 457 39.26 -18.67 92.80
N ARG K 458 39.99 -19.66 93.34
CA ARG K 458 41.44 -19.87 93.11
C ARG K 458 41.76 -20.85 91.96
N LEU K 459 41.44 -20.48 90.71
CA LEU K 459 41.77 -21.35 89.55
C LEU K 459 42.43 -20.53 88.43
N TRP K 460 41.99 -19.29 88.21
CA TRP K 460 42.66 -18.40 87.21
C TRP K 460 44.03 -18.15 87.77
N HIS K 461 44.25 -18.47 89.04
CA HIS K 461 45.61 -18.47 89.62
C HIS K 461 46.14 -19.90 89.79
N ASP K 462 45.37 -20.84 90.36
CA ASP K 462 45.96 -22.15 90.74
C ASP K 462 45.11 -23.40 90.47
N LYS K 463 44.96 -23.90 89.22
CA LYS K 463 44.29 -25.21 88.95
C LYS K 463 44.89 -25.93 87.72
N TYR K 464 45.97 -25.51 87.06
CA TYR K 464 46.37 -26.16 85.79
C TYR K 464 47.86 -26.18 85.54
N THR K 465 48.53 -27.16 86.08
CA THR K 465 49.98 -27.38 85.85
C THR K 465 50.21 -27.83 84.41
N LEU K 466 51.27 -27.38 83.76
CA LEU K 466 51.61 -27.86 82.41
C LEU K 466 52.56 -29.01 82.65
N ARG K 467 52.10 -30.26 82.63
CA ARG K 467 52.98 -31.41 82.98
C ARG K 467 54.05 -31.41 81.92
N LYS K 468 55.27 -30.98 82.24
CA LYS K 468 56.30 -30.85 81.17
C LYS K 468 56.63 -32.17 80.49
N SER K 469 56.50 -33.31 81.18
CA SER K 469 56.97 -34.63 80.67
C SER K 469 56.12 -35.15 79.51
N MET K 470 54.89 -34.68 79.39
CA MET K 470 53.99 -35.16 78.31
C MET K 470 53.74 -34.09 77.24
N ILE K 471 54.60 -33.08 77.13
CA ILE K 471 54.51 -32.13 75.97
C ILE K 471 55.20 -32.84 74.82
N PRO K 472 54.53 -33.21 73.72
CA PRO K 472 55.18 -33.98 72.68
C PRO K 472 56.29 -33.10 72.07
N SER K 473 57.43 -33.66 71.67
CA SER K 473 58.60 -32.83 71.24
C SER K 473 58.38 -32.04 69.96
N PHE K 474 57.30 -32.31 69.22
CA PHE K 474 57.01 -31.54 67.99
C PHE K 474 56.32 -30.22 68.36
N MET K 475 56.15 -29.96 69.66
CA MET K 475 55.57 -28.68 70.15
C MET K 475 56.63 -27.98 71.00
N THR K 476 57.00 -26.74 70.67
CA THR K 476 57.97 -25.96 71.49
C THR K 476 57.29 -25.61 72.79
N MET K 477 58.04 -25.17 73.79
CA MET K 477 57.48 -24.79 75.11
C MET K 477 56.55 -23.59 74.92
N ASP K 478 56.87 -22.69 73.99
CA ASP K 478 56.12 -21.40 73.78
C ASP K 478 54.74 -21.62 73.17
N GLN K 479 54.56 -22.74 72.45
CA GLN K 479 53.24 -23.11 71.88
C GLN K 479 52.44 -23.82 72.97
N SER K 480 53.11 -24.65 73.77
CA SER K 480 52.45 -25.46 74.81
C SER K 480 51.94 -24.55 75.92
N ARG K 481 52.34 -23.27 75.96
CA ARG K 481 51.96 -22.35 77.07
C ARG K 481 50.98 -21.33 76.56
N LYS K 482 50.28 -21.62 75.48
CA LYS K 482 49.13 -20.77 75.08
C LYS K 482 47.89 -21.65 75.09
N VAL K 483 47.99 -22.90 74.68
CA VAL K 483 46.87 -23.85 74.84
C VAL K 483 46.41 -23.81 76.31
N LEU K 484 47.25 -23.66 77.33
CA LEU K 484 46.81 -23.73 78.76
C LEU K 484 46.25 -22.37 79.11
N LEU K 485 46.42 -21.39 78.23
CA LEU K 485 45.80 -20.06 78.42
C LEU K 485 44.50 -20.01 77.63
N ILE K 486 44.17 -21.00 76.80
CA ILE K 486 42.82 -21.09 76.16
C ILE K 486 42.09 -22.21 76.90
N GLY K 487 42.79 -23.02 77.70
CA GLY K 487 42.20 -24.22 78.33
C GLY K 487 41.69 -23.93 79.70
N LYS K 488 42.48 -23.32 80.57
CA LYS K 488 42.04 -22.86 81.93
C LYS K 488 41.04 -21.74 81.72
N SER K 489 41.21 -20.87 80.72
CA SER K 489 40.28 -19.78 80.47
C SER K 489 38.88 -20.31 80.19
N ILE K 490 38.65 -21.12 79.17
CA ILE K 490 37.25 -21.52 78.78
C ILE K 490 36.59 -22.29 79.91
N ASN K 491 37.30 -23.16 80.60
CA ASN K 491 36.73 -23.88 81.77
C ASN K 491 36.39 -22.86 82.85
N PHE K 492 37.24 -21.86 83.11
CA PHE K 492 36.98 -20.81 84.13
C PHE K 492 35.83 -19.91 83.71
N LEU K 493 35.73 -19.49 82.46
CA LEU K 493 34.68 -18.53 82.07
C LEU K 493 33.34 -19.21 82.39
N HIS K 494 33.18 -20.47 82.01
CA HIS K 494 31.92 -21.21 82.24
C HIS K 494 31.64 -21.42 83.73
N GLN K 495 32.61 -21.85 84.54
CA GLN K 495 32.34 -22.30 85.92
C GLN K 495 32.43 -21.20 86.98
N VAL K 496 32.76 -19.95 86.63
CA VAL K 496 32.71 -18.82 87.64
C VAL K 496 31.90 -17.62 87.11
N CYS K 497 32.31 -17.00 86.01
CA CYS K 497 31.58 -15.84 85.46
C CYS K 497 30.16 -16.27 85.09
N HIS K 498 29.79 -17.56 85.20
CA HIS K 498 28.42 -18.09 84.96
C HIS K 498 27.79 -17.45 83.72
N ASP K 499 28.53 -17.37 82.63
CA ASP K 499 27.98 -16.89 81.34
C ASP K 499 28.44 -17.90 80.29
N GLN K 500 27.88 -19.10 80.32
CA GLN K 500 28.23 -20.12 79.31
C GLN K 500 27.69 -19.63 77.97
N THR K 501 28.52 -19.54 76.94
CA THR K 501 28.08 -19.23 75.56
C THR K 501 28.23 -20.58 74.87
N PRO K 502 27.17 -21.36 74.63
CA PRO K 502 27.34 -22.74 74.15
C PRO K 502 27.91 -22.79 72.73
N GLN K 531 50.30 -23.01 64.40
CA GLN K 531 49.91 -21.67 64.87
C GLN K 531 48.82 -21.20 63.94
N GLY K 532 48.36 -22.07 63.06
CA GLY K 532 47.25 -21.72 62.17
C GLY K 532 45.98 -21.45 62.94
N LYS K 533 45.62 -22.32 63.88
CA LYS K 533 44.35 -22.22 64.64
C LYS K 533 44.55 -21.55 65.99
N ILE K 534 45.62 -21.88 66.68
CA ILE K 534 45.78 -21.40 68.08
C ILE K 534 45.76 -19.89 68.07
N ASP K 535 46.42 -19.23 67.13
CA ASP K 535 46.57 -17.75 67.19
C ASP K 535 45.22 -17.06 67.05
N ALA K 536 44.36 -17.43 66.09
CA ALA K 536 43.04 -16.81 65.90
C ALA K 536 42.13 -17.13 67.07
N ALA K 537 42.19 -18.36 67.58
CA ALA K 537 41.37 -18.82 68.71
C ALA K 537 41.73 -18.10 70.00
N TYR K 538 43.01 -17.86 70.26
CA TYR K 538 43.45 -17.21 71.51
C TYR K 538 43.03 -15.77 71.48
N PHE K 539 43.22 -15.14 70.34
CA PHE K 539 42.77 -13.75 70.21
C PHE K 539 41.26 -13.74 70.39
N GLU K 540 40.50 -14.66 69.80
CA GLU K 540 39.02 -14.61 69.88
C GLU K 540 38.53 -14.85 71.32
N THR K 541 39.08 -15.84 72.04
CA THR K 541 38.56 -16.20 73.39
C THR K 541 39.03 -15.12 74.37
N SER K 542 40.09 -14.36 74.10
CA SER K 542 40.52 -13.23 74.96
C SER K 542 39.43 -12.19 74.89
N LYS K 543 38.82 -12.01 73.74
CA LYS K 543 37.77 -10.99 73.55
C LYS K 543 36.55 -11.31 74.43
N TYR K 544 36.18 -12.57 74.62
CA TYR K 544 35.02 -12.98 75.47
C TYR K 544 35.38 -12.73 76.93
N LEU K 545 36.55 -13.14 77.39
CA LEU K 545 36.87 -13.04 78.81
C LEU K 545 36.89 -11.55 79.18
N LEU K 546 37.50 -10.66 78.40
CA LEU K 546 37.63 -9.23 78.77
C LEU K 546 36.30 -8.50 78.63
N ASP K 547 35.52 -8.74 77.56
CA ASP K 547 34.26 -7.97 77.32
C ASP K 547 33.18 -8.45 78.27
N VAL K 548 33.10 -9.75 78.56
CA VAL K 548 32.16 -10.27 79.60
C VAL K 548 32.57 -9.73 80.96
N LEU K 549 33.84 -9.33 81.13
CA LEU K 549 34.25 -8.71 82.42
C LEU K 549 34.15 -7.19 82.36
N ASN K 550 34.06 -6.62 81.16
CA ASN K 550 34.05 -5.13 81.03
C ASN K 550 32.61 -4.60 80.94
N LYS K 551 31.76 -5.23 80.12
CA LYS K 551 30.38 -4.69 79.91
C LYS K 551 29.36 -5.49 80.73
N LYS K 552 29.38 -6.82 80.62
CA LYS K 552 28.40 -7.68 81.35
C LYS K 552 28.63 -7.52 82.85
N TYR K 553 29.90 -7.53 83.28
CA TYR K 553 30.21 -7.28 84.70
C TYR K 553 31.04 -6.00 84.70
N SER K 554 31.20 -5.32 85.83
CA SER K 554 32.09 -4.14 85.80
C SER K 554 33.38 -4.47 86.54
N LEU K 555 34.51 -4.44 85.82
CA LEU K 555 35.82 -4.70 86.46
C LEU K 555 36.60 -3.39 86.39
N LEU K 556 36.96 -2.96 85.18
CA LEU K 556 37.63 -1.65 85.02
C LEU K 556 36.80 -0.52 85.64
N ASP K 557 35.49 -0.46 85.42
CA ASP K 557 34.68 0.69 85.91
C ASP K 557 34.77 0.73 87.43
N HIS K 558 34.60 -0.42 88.08
CA HIS K 558 34.67 -0.49 89.57
C HIS K 558 36.12 -0.29 90.03
N MET K 559 37.12 -0.67 89.23
CA MET K 559 38.51 -0.40 89.71
C MET K 559 38.66 1.10 89.97
N GLN K 560 37.96 1.95 89.21
CA GLN K 560 38.10 3.43 89.36
C GLN K 560 37.68 3.86 90.76
N ALA K 561 36.61 3.27 91.29
CA ALA K 561 36.08 3.67 92.61
C ALA K 561 37.13 3.40 93.70
N MET K 562 37.89 2.31 93.57
CA MET K 562 38.85 1.95 94.64
C MET K 562 39.84 3.12 94.78
N ARG K 563 40.24 3.71 93.66
CA ARG K 563 41.14 4.90 93.71
C ARG K 563 40.42 6.04 94.45
N ARG K 564 39.13 6.23 94.17
CA ARG K 564 38.42 7.38 94.77
C ARG K 564 38.38 7.25 96.30
N TYR K 565 38.13 6.06 96.82
CA TYR K 565 37.95 5.98 98.29
C TYR K 565 39.17 5.35 98.99
N LEU K 566 39.62 4.17 98.55
CA LEU K 566 40.73 3.49 99.25
C LEU K 566 42.00 4.35 99.14
N LEU K 567 42.19 4.98 97.98
CA LEU K 567 43.39 5.83 97.76
C LEU K 567 43.05 7.27 98.18
N LEU K 568 41.84 7.52 98.67
CA LEU K 568 41.43 8.86 99.18
C LEU K 568 41.36 9.87 98.02
N GLY K 569 41.21 9.38 96.79
CA GLY K 569 41.18 10.27 95.62
C GLY K 569 39.97 11.18 95.67
N GLN K 570 38.80 10.63 95.93
CA GLN K 570 37.57 11.42 96.01
C GLN K 570 37.76 12.16 97.32
N GLY K 571 38.21 13.41 97.28
CA GLY K 571 38.52 14.20 98.49
C GLY K 571 37.31 14.81 99.15
N ASP K 572 36.17 14.95 98.49
CA ASP K 572 34.95 15.53 99.10
C ASP K 572 34.44 14.55 100.15
N PHE K 573 34.30 13.28 99.78
CA PHE K 573 33.87 12.22 100.71
C PHE K 573 34.86 12.11 101.86
N ILE K 574 36.16 12.01 101.62
CA ILE K 574 37.15 11.82 102.71
C ILE K 574 37.20 13.07 103.57
N ARG K 575 36.98 14.25 102.98
CA ARG K 575 36.96 15.54 103.73
C ARG K 575 35.80 15.53 104.71
N HIS K 576 34.64 15.03 104.29
CA HIS K 576 33.39 15.05 105.09
C HIS K 576 33.32 13.87 106.07
N LEU K 577 34.06 12.79 105.83
CA LEU K 577 34.10 11.62 106.73
C LEU K 577 34.80 12.01 108.01
N MET K 578 35.84 12.85 107.97
CA MET K 578 36.64 13.25 109.17
C MET K 578 35.88 14.38 109.87
N ASP K 579 35.09 15.17 109.13
CA ASP K 579 34.26 16.25 109.74
C ASP K 579 33.21 15.66 110.68
N LEU K 580 32.34 14.75 110.19
CA LEU K 580 31.24 14.18 111.01
C LEU K 580 31.81 13.21 112.03
N LEU K 581 32.86 12.47 111.64
CA LEU K 581 33.46 11.41 112.49
C LEU K 581 34.65 11.98 113.27
N LYS K 582 34.48 13.14 113.91
CA LYS K 582 35.57 13.69 114.77
C LYS K 582 35.45 13.12 116.20
N PRO K 583 34.31 13.23 116.90
CA PRO K 583 34.24 12.79 118.29
C PRO K 583 34.40 11.28 118.49
N GLU K 584 33.67 10.47 117.70
CA GLU K 584 33.64 8.99 117.87
C GLU K 584 35.05 8.45 117.66
N LEU K 585 35.82 9.08 116.77
CA LEU K 585 37.24 8.69 116.59
C LEU K 585 38.05 9.15 117.81
N VAL K 586 38.01 10.45 118.15
CA VAL K 586 38.86 10.99 119.26
C VAL K 586 38.42 10.35 120.57
N ARG K 587 37.11 10.10 120.71
CA ARG K 587 36.56 9.35 121.88
C ARG K 587 37.14 7.94 121.82
N PRO K 588 37.68 7.36 122.92
CA PRO K 588 38.17 6.00 122.86
C PRO K 588 36.99 5.12 122.43
N ALA K 589 37.15 4.34 121.36
CA ALA K 589 36.07 3.49 120.79
C ALA K 589 36.36 2.01 121.07
N THR K 590 37.11 1.70 122.14
CA THR K 590 37.34 0.29 122.55
C THR K 590 35.92 -0.19 122.83
N THR K 591 35.05 0.74 123.23
CA THR K 591 33.63 0.45 123.59
C THR K 591 32.73 0.39 122.34
N LEU K 592 32.97 1.29 121.36
CA LEU K 592 32.08 1.43 120.18
C LEU K 592 32.14 0.20 119.26
N TYR K 593 31.11 0.04 118.41
CA TYR K 593 31.01 -1.11 117.48
C TYR K 593 30.80 -0.59 116.07
N GLN K 594 30.89 -1.50 115.09
CA GLN K 594 30.83 -1.17 113.63
C GLN K 594 29.52 -0.48 113.23
N HIS K 595 28.39 -0.87 113.82
CA HIS K 595 27.03 -0.38 113.41
C HIS K 595 26.95 1.13 113.46
N ASN K 596 27.57 1.80 114.46
CA ASN K 596 27.58 3.28 114.60
C ASN K 596 28.32 3.92 113.42
N LEU K 597 29.44 3.29 113.03
CA LEU K 597 30.32 3.77 111.93
C LEU K 597 29.62 3.58 110.57
N THR K 598 28.91 2.46 110.40
CA THR K 598 28.13 2.23 109.15
C THR K 598 27.04 3.28 109.10
N GLY K 599 26.47 3.56 110.27
CA GLY K 599 25.36 4.53 110.37
C GLY K 599 25.81 5.90 109.97
N ILE K 600 26.99 6.33 110.44
CA ILE K 600 27.53 7.68 110.07
C ILE K 600 27.91 7.71 108.58
N LEU K 601 28.47 6.62 108.07
CA LEU K 601 28.86 6.52 106.64
C LEU K 601 27.59 6.63 105.77
N GLU K 602 26.44 6.21 106.31
CA GLU K 602 25.17 6.19 105.53
C GLU K 602 24.89 7.61 105.05
N THR K 603 25.17 8.62 105.88
CA THR K 603 25.02 10.04 105.47
C THR K 603 26.29 10.59 104.80
N ALA K 604 27.46 10.04 105.19
CA ALA K 604 28.75 10.53 104.67
C ALA K 604 28.78 10.34 103.17
N VAL K 605 28.28 9.19 102.68
CA VAL K 605 28.23 8.89 101.22
C VAL K 605 27.23 9.84 100.56
N ARG K 606 26.26 10.37 101.33
CA ARG K 606 25.22 11.27 100.78
C ARG K 606 25.68 12.72 100.69
N ALA K 607 26.40 13.23 101.71
CA ALA K 607 26.74 14.68 101.80
C ALA K 607 27.58 15.13 100.61
N THR K 608 28.29 14.19 99.98
CA THR K 608 29.19 14.48 98.84
C THR K 608 28.55 14.01 97.54
N ASN K 609 29.30 14.08 96.43
CA ASN K 609 28.81 13.66 95.09
C ASN K 609 28.89 12.14 94.96
N ALA K 610 29.42 11.46 95.98
CA ALA K 610 29.66 10.00 95.90
C ALA K 610 28.38 9.22 95.64
N GLN K 611 27.29 9.55 96.34
CA GLN K 611 25.98 8.85 96.17
C GLN K 611 25.51 9.04 94.74
N PHE K 612 25.87 10.19 94.14
CA PHE K 612 25.40 10.53 92.77
C PHE K 612 26.26 9.78 91.75
N ASP K 613 26.11 8.45 91.70
CA ASP K 613 26.79 7.58 90.70
C ASP K 613 26.17 6.19 90.82
N SER K 614 26.74 5.20 90.13
CA SER K 614 26.19 3.81 90.10
C SER K 614 26.04 3.29 91.53
N PRO K 615 24.83 2.92 91.99
CA PRO K 615 24.61 2.51 93.37
C PRO K 615 25.30 1.21 93.79
N GLU K 616 25.45 0.26 92.86
CA GLU K 616 26.16 -1.01 93.18
C GLU K 616 27.53 -0.71 93.80
N ILE K 617 28.33 0.17 93.18
CA ILE K 617 29.73 0.40 93.68
C ILE K 617 29.72 1.00 95.10
N LEU K 618 28.88 2.01 95.35
CA LEU K 618 28.84 2.67 96.69
C LEU K 618 28.32 1.69 97.74
N ARG K 619 27.39 0.80 97.35
CA ARG K 619 26.86 -0.22 98.30
C ARG K 619 28.02 -1.13 98.74
N ARG K 620 28.92 -1.50 97.82
CA ARG K 620 30.03 -2.42 98.15
C ARG K 620 30.98 -1.78 99.16
N LEU K 621 30.96 -0.45 99.31
CA LEU K 621 31.77 0.25 100.35
C LEU K 621 31.36 -0.19 101.76
N ASP K 622 32.28 -0.24 102.73
CA ASP K 622 31.92 -0.56 104.13
C ASP K 622 33.04 -0.10 105.08
N VAL K 623 32.76 0.10 106.37
CA VAL K 623 33.78 0.51 107.37
C VAL K 623 34.42 -0.76 107.92
N ARG K 624 35.63 -0.70 108.50
CA ARG K 624 36.32 -1.95 108.92
C ARG K 624 37.09 -1.76 110.24
N LEU K 625 37.06 -2.75 111.14
CA LEU K 625 37.80 -2.71 112.42
C LEU K 625 39.27 -3.13 112.21
N LEU K 626 40.14 -2.90 113.20
CA LEU K 626 41.59 -3.19 113.02
C LEU K 626 42.10 -4.24 114.03
N GLU K 627 43.39 -4.60 113.98
CA GLU K 627 44.03 -5.61 114.87
C GLU K 627 43.96 -5.11 116.31
N VAL K 628 43.77 -6.01 117.28
CA VAL K 628 43.60 -5.60 118.70
C VAL K 628 44.85 -4.86 119.18
N SER K 629 44.66 -3.75 119.90
CA SER K 629 45.80 -2.95 120.44
C SER K 629 45.40 -2.43 121.83
N PRO K 630 46.25 -1.76 122.65
CA PRO K 630 45.77 -1.25 123.94
C PRO K 630 44.87 -0.09 123.52
N GLY K 631 43.97 0.39 124.38
CA GLY K 631 42.97 1.39 123.95
C GLY K 631 43.61 2.55 123.24
N ASP K 632 43.10 2.89 122.05
CA ASP K 632 43.64 3.99 121.21
C ASP K 632 42.48 4.76 120.62
N THR K 633 42.70 5.99 120.18
CA THR K 633 41.65 6.83 119.55
C THR K 633 41.24 6.16 118.24
N GLY K 634 39.99 6.31 117.80
CA GLY K 634 39.57 5.82 116.49
C GLY K 634 40.41 6.44 115.40
N TRP K 635 41.04 7.59 115.63
CA TRP K 635 41.97 8.19 114.64
C TRP K 635 43.03 7.16 114.27
N ASP K 636 43.29 6.16 115.12
CA ASP K 636 44.21 5.04 114.78
C ASP K 636 43.54 3.81 114.17
N VAL K 637 42.21 3.68 114.16
CA VAL K 637 41.54 2.41 113.74
C VAL K 637 40.28 2.57 112.87
N PHE K 638 40.15 3.59 112.00
CA PHE K 638 39.01 3.70 111.04
C PHE K 638 39.60 3.64 109.64
N SER K 639 39.13 2.78 108.74
CA SER K 639 39.74 2.58 107.40
C SER K 639 38.73 2.03 106.38
N LEU K 640 38.37 2.80 105.37
CA LEU K 640 37.45 2.27 104.31
C LEU K 640 38.05 0.99 103.74
N ASP K 641 37.23 -0.03 103.55
CA ASP K 641 37.63 -1.30 102.88
C ASP K 641 36.47 -1.60 101.93
N TYR K 642 36.73 -1.94 100.67
CA TYR K 642 35.68 -2.24 99.66
C TYR K 642 35.74 -3.76 99.51
N HIS K 643 34.65 -4.50 99.72
CA HIS K 643 34.68 -5.98 99.71
C HIS K 643 34.16 -6.51 98.38
N VAL K 644 34.98 -7.25 97.63
CA VAL K 644 34.59 -7.73 96.28
C VAL K 644 34.55 -9.25 96.31
N ASP K 645 33.49 -9.88 95.78
CA ASP K 645 33.31 -11.35 95.83
C ASP K 645 32.89 -11.94 94.49
N GLY K 646 33.34 -13.15 94.15
CA GLY K 646 32.92 -13.88 92.94
C GLY K 646 33.92 -13.79 91.80
N PRO K 647 33.60 -13.17 90.64
CA PRO K 647 34.51 -13.14 89.52
C PRO K 647 35.74 -12.26 89.75
N ILE K 648 35.58 -11.03 90.21
CA ILE K 648 36.67 -10.04 90.39
C ILE K 648 37.67 -10.56 91.43
N ALA K 649 37.35 -11.63 92.15
CA ALA K 649 38.21 -12.17 93.23
C ALA K 649 39.56 -12.64 92.69
N THR K 650 39.70 -12.79 91.36
CA THR K 650 40.99 -13.13 90.68
C THR K 650 41.76 -11.84 90.30
N VAL K 651 41.11 -10.79 89.71
CA VAL K 651 41.75 -9.46 89.41
C VAL K 651 42.05 -8.68 90.69
N PHE K 652 41.12 -8.59 91.64
CA PHE K 652 41.39 -7.98 92.97
C PHE K 652 41.75 -9.16 93.86
N THR K 653 43.01 -9.59 93.83
CA THR K 653 43.48 -10.78 94.56
C THR K 653 43.32 -10.54 96.06
N ARG K 654 43.09 -11.57 96.85
CA ARG K 654 42.86 -11.40 98.31
C ARG K 654 44.12 -10.79 98.93
N GLU K 655 45.32 -11.20 98.52
CA GLU K 655 46.58 -10.63 99.03
C GLU K 655 46.61 -9.14 98.68
N CYS K 656 46.16 -8.76 97.48
CA CYS K 656 46.22 -7.36 96.99
C CYS K 656 45.48 -6.40 97.89
N MET K 657 44.31 -6.74 98.40
CA MET K 657 43.49 -5.80 99.20
C MET K 657 44.30 -5.53 100.45
N SER K 658 45.03 -6.51 100.98
CA SER K 658 45.77 -6.33 102.25
C SER K 658 46.77 -5.19 102.07
N HIS K 659 47.49 -5.14 100.94
CA HIS K 659 48.44 -4.05 100.65
C HIS K 659 47.70 -2.74 100.43
N TYR K 660 46.54 -2.78 99.79
CA TYR K 660 45.73 -1.56 99.54
C TYR K 660 45.40 -0.87 100.88
N LEU K 661 45.09 -1.60 101.96
CA LEU K 661 44.73 -1.04 103.30
C LEU K 661 45.96 -0.41 103.93
N ARG K 662 47.17 -0.90 103.61
CA ARG K 662 48.43 -0.27 104.12
C ARG K 662 48.59 1.14 103.52
N VAL K 663 48.21 1.34 102.25
CA VAL K 663 48.27 2.69 101.60
C VAL K 663 47.30 3.56 102.38
N PHE K 664 46.18 3.00 102.81
CA PHE K 664 45.16 3.82 103.52
C PHE K 664 45.75 4.24 104.86
N ASN K 665 46.64 3.44 105.45
CA ASN K 665 47.29 3.84 106.70
C ASN K 665 48.11 5.12 106.49
N PHE K 666 49.01 5.18 105.51
CA PHE K 666 49.91 6.37 105.35
C PHE K 666 49.08 7.55 104.96
N LEU K 667 48.18 7.33 104.03
CA LEU K 667 47.35 8.43 103.56
C LEU K 667 46.47 8.86 104.72
N TRP K 668 46.05 7.97 105.64
CA TRP K 668 45.28 8.42 106.83
C TRP K 668 46.19 9.21 107.76
N ARG K 669 47.44 8.80 107.95
CA ARG K 669 48.34 9.50 108.90
C ARG K 669 48.61 10.91 108.37
N ALA K 670 48.80 11.11 107.07
CA ALA K 670 49.15 12.44 106.51
C ALA K 670 47.93 13.14 105.96
N LYS K 671 46.75 12.55 106.05
CA LYS K 671 45.50 13.28 105.70
C LYS K 671 44.99 13.79 107.05
N ARG K 672 45.37 13.14 108.15
CA ARG K 672 45.02 13.63 109.50
C ARG K 672 45.92 14.81 109.83
N MET K 673 47.22 14.68 109.61
CA MET K 673 48.16 15.74 110.05
C MET K 673 47.87 17.01 109.28
N GLU K 674 47.22 16.91 108.12
CA GLU K 674 46.98 18.08 107.25
C GLU K 674 45.73 18.77 107.77
N TYR K 675 44.75 18.01 108.21
CA TYR K 675 43.51 18.58 108.80
C TYR K 675 43.78 19.20 110.18
N ILE K 676 44.66 18.61 111.00
CA ILE K 676 45.04 19.20 112.32
C ILE K 676 45.75 20.52 112.10
N LEU K 677 46.73 20.58 111.20
CA LEU K 677 47.54 21.80 110.99
C LEU K 677 46.71 22.91 110.37
N THR K 678 45.81 22.64 109.43
CA THR K 678 44.92 23.68 108.90
C THR K 678 44.03 24.10 110.06
N ASP K 679 43.81 23.24 111.05
CA ASP K 679 43.05 23.64 112.27
C ASP K 679 43.85 24.63 113.12
N ILE K 680 45.16 24.48 113.23
CA ILE K 680 46.03 25.39 114.04
C ILE K 680 46.04 26.76 113.37
N ARG K 681 46.18 26.84 112.04
CA ARG K 681 46.14 28.10 111.26
C ARG K 681 44.76 28.72 111.39
N LYS K 682 43.72 27.91 111.50
CA LYS K 682 42.38 28.43 111.79
C LYS K 682 42.47 29.02 113.19
N GLY K 683 43.24 28.39 114.09
CA GLY K 683 43.43 28.86 115.48
C GLY K 683 44.17 30.18 115.58
N HIS K 684 45.26 30.36 114.83
CA HIS K 684 46.08 31.59 114.95
C HIS K 684 45.25 32.81 114.60
N MET K 685 44.51 32.71 113.52
CA MET K 685 43.72 33.86 113.02
C MET K 685 42.53 34.07 113.95
N CYS K 686 41.89 33.03 114.49
CA CYS K 686 40.62 33.24 115.24
C CYS K 686 40.94 34.04 116.50
N ASN K 687 41.95 33.60 117.24
CA ASN K 687 42.37 34.26 118.50
C ASN K 687 42.85 35.68 118.22
N ALA K 688 43.48 35.93 117.07
CA ALA K 688 44.10 37.24 116.76
C ALA K 688 43.12 38.40 116.77
N LYS K 689 42.00 38.32 116.06
CA LYS K 689 41.07 39.48 115.93
C LYS K 689 40.66 39.97 117.31
N LEU K 690 40.45 39.07 118.27
CA LEU K 690 40.03 39.43 119.66
C LEU K 690 41.23 39.99 120.43
N LEU K 691 42.43 39.44 120.27
CA LEU K 691 43.61 39.84 121.09
C LEU K 691 44.35 41.04 120.49
N ARG K 692 43.73 41.78 119.57
CA ARG K 692 44.41 42.88 118.84
C ARG K 692 45.03 43.91 119.80
N ASN K 693 44.35 44.32 120.87
CA ASN K 693 44.81 45.40 121.79
C ASN K 693 46.01 45.01 122.64
N MET K 694 46.20 43.72 122.95
CA MET K 694 47.27 43.26 123.89
C MET K 694 48.66 43.27 123.23
N PRO K 695 49.61 44.13 123.67
CA PRO K 695 50.96 44.18 123.11
C PRO K 695 51.97 43.20 123.73
N GLU K 696 51.68 42.65 124.92
CA GLU K 696 52.58 41.72 125.65
C GLU K 696 52.72 40.36 124.97
N PHE K 697 51.65 39.81 124.42
CA PHE K 697 51.64 38.43 123.86
C PHE K 697 52.21 38.36 122.45
N SER K 698 52.17 39.45 121.67
CA SER K 698 52.51 39.38 120.23
C SER K 698 53.85 38.70 120.02
N GLY K 699 54.85 38.96 120.85
CA GLY K 699 56.20 38.40 120.63
C GLY K 699 56.24 36.88 120.67
N VAL K 700 55.70 36.24 121.70
CA VAL K 700 55.60 34.76 121.77
C VAL K 700 54.56 34.31 120.76
N LEU K 701 53.52 35.13 120.54
CA LEU K 701 52.44 34.84 119.55
C LEU K 701 53.08 34.82 118.17
N HIS K 702 54.00 35.73 117.89
CA HIS K 702 54.72 35.80 116.59
C HIS K 702 55.58 34.57 116.47
N GLN K 703 56.23 34.16 117.56
CA GLN K 703 57.07 32.94 117.60
C GLN K 703 56.17 31.73 117.30
N CYS K 704 54.89 31.81 117.64
CA CYS K 704 53.84 30.80 117.39
C CYS K 704 53.52 30.75 115.90
N HIS K 705 53.38 31.91 115.25
CA HIS K 705 53.00 31.99 113.81
C HIS K 705 54.09 31.41 112.89
N ILE K 706 55.36 31.77 113.15
CA ILE K 706 56.47 31.30 112.28
C ILE K 706 56.58 29.78 112.36
N LEU K 707 56.51 29.21 113.56
CA LEU K 707 56.66 27.74 113.74
C LEU K 707 55.56 27.05 112.96
N ALA K 708 54.37 27.66 112.90
CA ALA K 708 53.26 27.12 112.09
C ALA K 708 53.58 27.19 110.61
N SER K 709 53.99 28.36 110.09
CA SER K 709 54.36 28.60 108.67
C SER K 709 55.56 27.79 108.18
N GLU K 710 56.32 27.14 109.06
CA GLU K 710 57.40 26.23 108.60
C GLU K 710 56.72 24.89 108.29
N MET K 711 55.90 24.38 109.19
CA MET K 711 55.26 23.05 109.08
C MET K 711 54.23 23.04 107.95
N VAL K 712 53.52 24.16 107.77
CA VAL K 712 52.56 24.27 106.62
C VAL K 712 53.35 24.09 105.32
N HIS K 713 54.42 24.86 105.13
CA HIS K 713 55.25 24.80 103.90
C HIS K 713 55.73 23.38 103.70
N PHE K 714 55.91 22.59 104.77
CA PHE K 714 56.39 21.19 104.66
C PHE K 714 55.23 20.23 104.40
N ILE K 715 54.25 20.14 105.29
CA ILE K 715 53.16 19.13 105.20
C ILE K 715 52.22 19.45 104.05
N HIS K 716 52.09 20.71 103.66
CA HIS K 716 51.23 21.07 102.51
C HIS K 716 52.07 20.94 101.24
N GLN K 717 53.37 20.66 101.33
CA GLN K 717 54.21 20.36 100.13
C GLN K 717 54.47 18.86 100.00
N MET K 718 54.76 18.13 101.07
CA MET K 718 54.98 16.65 101.04
C MET K 718 53.75 15.92 100.57
N GLN K 719 52.56 16.34 101.00
CA GLN K 719 51.34 15.73 100.48
C GLN K 719 51.23 16.04 98.99
N TYR K 720 51.80 17.13 98.48
CA TYR K 720 51.65 17.41 97.03
C TYR K 720 52.52 16.34 96.36
N TYR K 721 53.68 15.99 96.90
CA TYR K 721 54.59 14.97 96.29
C TYR K 721 53.81 13.69 96.14
N ILE K 722 52.99 13.37 97.13
CA ILE K 722 52.14 12.15 97.07
C ILE K 722 51.13 12.37 95.96
N THR K 723 50.60 13.56 95.74
CA THR K 723 49.52 13.75 94.75
C THR K 723 50.00 13.59 93.32
N PHE K 724 51.14 14.17 92.94
CA PHE K 724 51.54 14.17 91.51
C PHE K 724 52.59 13.11 91.16
N GLU K 725 53.55 12.81 92.06
CA GLU K 725 54.68 11.91 91.69
C GLU K 725 54.35 10.44 91.93
N VAL K 726 53.61 10.17 93.00
CA VAL K 726 53.33 8.75 93.38
C VAL K 726 51.93 8.33 92.99
N LEU K 727 50.93 9.22 93.02
CA LEU K 727 49.63 8.61 92.71
C LEU K 727 49.12 9.14 91.37
N GLU K 728 49.18 10.45 91.11
CA GLU K 728 48.74 10.89 89.76
C GLU K 728 49.67 10.29 88.69
N CYS K 729 50.98 10.31 88.91
CA CYS K 729 51.91 9.81 87.86
C CYS K 729 51.69 8.32 87.63
N SER K 730 51.59 7.55 88.72
CA SER K 730 51.46 6.08 88.56
C SER K 730 50.15 5.78 87.83
N TRP K 731 49.07 6.49 88.18
CA TRP K 731 47.75 6.18 87.58
C TRP K 731 47.78 6.37 86.08
N ASP K 732 48.54 7.37 85.61
CA ASP K 732 48.56 7.67 84.17
C ASP K 732 49.01 6.42 83.41
N GLU K 733 49.96 5.66 83.96
CA GLU K 733 50.49 4.51 83.18
C GLU K 733 49.56 3.31 83.32
N LEU K 734 49.18 2.95 84.55
CA LEU K 734 48.36 1.75 84.73
C LEU K 734 47.22 1.89 83.76
N TRP K 735 46.60 3.06 83.69
CA TRP K 735 45.41 3.25 82.84
C TRP K 735 45.76 3.12 81.38
N ASN K 736 46.89 3.65 80.94
CA ASN K 736 47.18 3.44 79.49
C ASN K 736 47.39 1.93 79.22
N LYS K 737 48.32 1.24 79.91
CA LYS K 737 48.65 -0.18 79.59
C LYS K 737 47.45 -1.10 79.80
N VAL K 738 46.69 -0.93 80.87
CA VAL K 738 45.49 -1.79 81.01
C VAL K 738 44.53 -1.54 79.85
N GLN K 739 44.32 -0.29 79.45
CA GLN K 739 43.31 -0.08 78.38
C GLN K 739 43.75 -0.76 77.09
N GLN K 740 45.01 -0.60 76.69
CA GLN K 740 45.52 -1.21 75.42
C GLN K 740 45.61 -2.74 75.50
N ALA K 741 46.03 -3.31 76.61
CA ALA K 741 46.26 -4.78 76.67
C ALA K 741 44.97 -5.54 76.44
N GLN K 742 45.08 -6.69 75.77
CA GLN K 742 43.86 -7.44 75.38
C GLN K 742 43.82 -8.83 75.99
N ASP K 743 44.52 -9.09 77.10
CA ASP K 743 44.55 -10.45 77.71
C ASP K 743 44.40 -10.33 79.21
N LEU K 744 43.73 -11.25 79.90
CA LEU K 744 43.49 -11.04 81.36
C LEU K 744 44.76 -11.44 82.10
N ASP K 745 45.80 -11.91 81.44
CA ASP K 745 47.10 -12.15 82.12
C ASP K 745 47.92 -10.88 81.95
N HIS K 746 47.42 -9.87 81.19
CA HIS K 746 48.03 -8.53 81.02
C HIS K 746 47.23 -7.47 81.78
N ILE K 747 46.21 -7.83 82.56
CA ILE K 747 45.45 -6.90 83.46
C ILE K 747 45.67 -7.35 84.91
N ILE K 748 46.10 -8.58 85.16
CA ILE K 748 46.42 -9.12 86.53
C ILE K 748 47.90 -8.91 86.76
N ALA K 749 48.65 -8.45 85.76
CA ALA K 749 50.08 -8.12 85.91
C ALA K 749 50.32 -6.65 85.65
N ALA K 750 49.36 -5.87 85.09
CA ALA K 750 49.48 -4.40 84.93
C ALA K 750 49.06 -3.73 86.24
N HIS K 751 48.03 -4.22 86.94
CA HIS K 751 47.46 -3.60 88.15
C HIS K 751 48.34 -3.93 89.34
N GLU K 752 48.88 -5.16 89.41
CA GLU K 752 49.77 -5.61 90.52
C GLU K 752 51.04 -4.77 90.55
N VAL K 753 51.57 -4.39 89.40
CA VAL K 753 52.81 -3.56 89.34
C VAL K 753 52.51 -2.10 89.69
N PHE K 754 51.31 -1.62 89.38
CA PHE K 754 50.89 -0.26 89.78
C PHE K 754 50.90 -0.21 91.31
N LEU K 755 50.43 -1.26 91.97
CA LEU K 755 50.45 -1.36 93.46
C LEU K 755 51.88 -1.54 94.00
N ASP K 756 52.73 -2.33 93.35
CA ASP K 756 54.14 -2.54 93.78
C ASP K 756 54.86 -1.19 93.67
N THR K 757 54.44 -0.33 92.73
CA THR K 757 55.02 1.03 92.51
C THR K 757 54.61 2.06 93.57
N ILE K 758 53.33 2.10 93.92
CA ILE K 758 52.80 3.10 94.88
C ILE K 758 53.54 2.89 96.21
N ILE K 759 53.83 1.63 96.55
CA ILE K 759 54.45 1.29 97.86
C ILE K 759 55.94 1.57 97.89
N SER K 760 56.55 1.91 96.76
CA SER K 760 57.99 2.31 96.76
C SER K 760 58.18 3.81 96.53
N ARG K 761 57.32 4.41 95.69
CA ARG K 761 57.36 5.89 95.50
C ARG K 761 56.97 6.46 96.86
N CYS K 762 55.80 6.04 97.38
CA CYS K 762 55.43 6.43 98.77
C CYS K 762 56.46 5.71 99.65
N LEU K 763 56.74 6.16 100.87
CA LEU K 763 57.93 5.67 101.62
C LEU K 763 57.71 4.35 102.35
N LEU K 764 56.61 3.65 102.09
CA LEU K 764 56.20 2.43 102.84
C LEU K 764 57.12 1.22 102.61
N ASP K 765 58.04 1.27 101.65
CA ASP K 765 58.86 0.06 101.30
C ASP K 765 59.73 -0.34 102.48
N SER K 766 60.24 -1.58 102.50
CA SER K 766 60.96 -2.15 103.67
C SER K 766 62.22 -1.38 104.09
N ASP K 767 63.05 -0.97 103.14
CA ASP K 767 64.29 -0.22 103.47
C ASP K 767 63.97 1.18 104.00
N SER K 768 63.02 1.90 103.38
CA SER K 768 62.70 3.32 103.70
C SER K 768 61.85 3.44 104.98
N ARG K 769 61.64 2.32 105.69
CA ARG K 769 60.92 2.34 106.99
C ARG K 769 61.65 3.23 107.99
N ALA K 770 62.98 3.14 108.06
CA ALA K 770 63.80 3.97 108.98
C ALA K 770 63.55 5.44 108.60
N LEU K 771 63.43 5.72 107.29
CA LEU K 771 63.14 7.10 106.80
C LEU K 771 61.73 7.52 107.23
N LEU K 772 60.74 6.61 107.14
CA LEU K 772 59.38 6.89 107.68
C LEU K 772 59.46 6.96 109.21
N ASN K 773 60.33 6.14 109.81
CA ASN K 773 60.52 6.11 111.29
C ASN K 773 60.96 7.51 111.70
N GLN K 774 61.67 8.23 110.83
CA GLN K 774 61.98 9.66 111.06
C GLN K 774 60.77 10.56 110.77
N LEU K 775 60.01 10.31 109.70
CA LEU K 775 58.88 11.20 109.31
C LEU K 775 57.84 11.19 110.43
N ARG K 776 57.65 10.03 111.08
CA ARG K 776 56.67 9.90 112.18
C ARG K 776 57.10 10.87 113.29
N ALA K 777 58.41 11.07 113.46
CA ALA K 777 58.94 12.04 114.45
C ALA K 777 58.39 13.42 114.11
N VAL K 778 58.37 13.80 112.81
CA VAL K 778 57.75 15.09 112.37
C VAL K 778 56.23 15.03 112.56
N PHE K 779 55.60 13.90 112.23
CA PHE K 779 54.15 13.70 112.44
C PHE K 779 53.90 13.88 113.93
N ASP K 780 54.87 13.52 114.79
CA ASP K 780 54.79 13.77 116.25
C ASP K 780 54.95 15.27 116.58
N GLN K 781 55.95 15.94 115.99
CA GLN K 781 56.26 17.34 116.39
C GLN K 781 55.07 18.25 116.09
N ILE K 782 54.28 17.94 115.05
CA ILE K 782 53.12 18.79 114.67
C ILE K 782 52.01 18.69 115.71
N ILE K 783 51.67 17.47 116.15
CA ILE K 783 50.51 17.27 117.07
C ILE K 783 50.82 17.93 118.42
N GLU K 784 52.11 18.09 118.73
CA GLU K 784 52.53 18.75 119.99
C GLU K 784 51.97 20.17 119.98
N LEU K 785 52.01 20.86 118.83
CA LEU K 785 51.48 22.25 118.70
C LEU K 785 49.97 22.27 118.94
N GLN K 786 49.28 21.16 118.66
CA GLN K 786 47.81 21.05 118.86
C GLN K 786 47.52 21.14 120.36
N ASN K 787 48.57 21.08 121.20
CA ASN K 787 48.43 21.21 122.67
C ASN K 787 49.10 22.48 123.19
N ALA K 788 50.38 22.70 122.83
CA ALA K 788 51.17 23.81 123.38
C ALA K 788 50.58 25.15 122.98
N GLN K 789 50.17 25.33 121.72
CA GLN K 789 49.59 26.61 121.24
C GLN K 789 48.35 26.95 122.05
N ASP K 790 47.35 26.08 122.09
CA ASP K 790 46.07 26.37 122.78
C ASP K 790 46.32 26.50 124.28
N ALA K 791 47.30 25.76 124.83
CA ALA K 791 47.65 25.84 126.27
C ALA K 791 48.04 27.29 126.58
N ILE K 792 48.64 27.98 125.60
CA ILE K 792 48.93 29.44 125.76
C ILE K 792 47.62 30.25 125.74
N TYR K 793 46.79 30.13 124.69
CA TYR K 793 45.54 30.92 124.56
C TYR K 793 44.61 30.70 125.75
N ARG K 794 44.26 29.45 126.08
CA ARG K 794 43.26 29.17 127.15
C ARG K 794 43.83 29.74 128.45
N ALA K 795 45.15 29.94 128.52
CA ALA K 795 45.80 30.57 129.70
C ALA K 795 45.94 32.08 129.49
N ALA K 796 46.37 32.51 128.30
CA ALA K 796 46.58 33.95 128.01
C ALA K 796 45.25 34.69 127.93
N LEU K 797 44.31 34.24 127.09
CA LEU K 797 42.99 34.89 126.94
C LEU K 797 42.17 34.67 128.22
N GLU K 798 42.55 33.76 129.12
CA GLU K 798 41.86 33.59 130.43
C GLU K 798 41.98 34.90 131.22
N GLU K 799 43.19 35.47 131.32
CA GLU K 799 43.40 36.73 132.07
C GLU K 799 42.57 37.83 131.42
N LEU K 800 42.60 37.90 130.09
CA LEU K 800 41.86 38.95 129.33
C LEU K 800 40.36 38.86 129.64
N GLN K 801 39.80 37.64 129.70
CA GLN K 801 38.37 37.46 129.99
C GLN K 801 38.10 38.06 131.37
N ARG K 802 38.93 37.74 132.38
CA ARG K 802 38.80 38.29 133.76
C ARG K 802 39.02 39.82 133.72
N ARG K 803 39.96 40.28 132.89
CA ARG K 803 40.24 41.74 132.74
C ARG K 803 38.98 42.44 132.23
N LEU K 804 38.23 41.78 131.32
CA LEU K 804 36.92 42.34 130.85
C LEU K 804 36.00 42.41 132.07
N GLN K 805 35.94 41.31 132.85
CA GLN K 805 35.08 41.22 134.07
C GLN K 805 35.57 42.24 135.10
N PHE K 806 36.89 42.45 135.18
CA PHE K 806 37.51 43.42 136.11
C PHE K 806 37.05 44.83 135.74
N GLU K 807 37.08 45.17 134.44
CA GLU K 807 36.59 46.49 133.95
C GLU K 807 35.09 46.59 134.20
N GLU K 808 34.35 45.46 134.05
CA GLU K 808 32.89 45.39 134.30
C GLU K 808 32.63 45.74 135.77
N LYS K 809 33.54 45.39 136.70
CA LYS K 809 33.45 45.85 138.12
C LYS K 809 33.64 47.38 138.19
N LYS K 810 34.58 47.91 137.38
CA LYS K 810 34.86 49.38 137.31
C LYS K 810 33.66 50.11 136.68
N LYS K 811 32.82 49.39 135.91
CA LYS K 811 31.67 50.02 135.21
C LYS K 811 30.55 50.20 136.24
N ALA K 823 40.90 50.70 141.24
CA ALA K 823 40.83 51.36 142.56
C ALA K 823 41.69 50.59 143.57
N ALA K 824 41.07 49.99 144.59
CA ALA K 824 41.82 49.28 145.66
C ALA K 824 42.21 47.88 145.20
N GLU K 825 41.65 47.42 144.07
CA GLU K 825 41.86 46.03 143.58
C GLU K 825 42.65 46.02 142.27
N GLU K 826 43.17 47.17 141.81
CA GLU K 826 43.85 47.30 140.48
C GLU K 826 45.09 46.40 140.40
N GLU K 827 45.74 46.16 141.55
CA GLU K 827 47.03 45.41 141.61
C GLU K 827 46.86 43.97 141.13
N GLU K 828 45.62 43.47 141.02
CA GLU K 828 45.38 42.09 140.50
C GLU K 828 45.97 41.97 139.08
N GLU K 829 45.66 42.93 138.20
CA GLU K 829 46.14 42.93 136.79
C GLU K 829 47.66 43.07 136.77
N ASN K 830 48.23 43.87 137.68
CA ASN K 830 49.71 44.05 137.80
C ASN K 830 50.36 42.71 138.16
N LYS K 831 49.72 41.92 139.04
CA LYS K 831 50.21 40.56 139.39
C LYS K 831 50.08 39.66 138.16
N ARG K 832 49.01 39.83 137.37
CA ARG K 832 48.78 39.04 136.13
C ARG K 832 49.86 39.38 135.11
N ILE K 833 50.30 40.66 135.05
CA ILE K 833 51.46 41.04 134.20
C ILE K 833 52.73 40.40 134.77
N GLY K 834 52.83 40.28 136.12
CA GLY K 834 53.96 39.58 136.76
C GLY K 834 53.97 38.12 136.38
N GLU K 835 52.80 37.48 136.32
CA GLU K 835 52.67 36.06 135.86
C GLU K 835 53.07 36.01 134.39
N PHE K 836 52.73 37.05 133.62
CA PHE K 836 53.06 37.10 132.16
C PHE K 836 54.58 37.15 131.98
N LYS K 837 55.26 38.04 132.72
CA LYS K 837 56.72 38.25 132.57
C LYS K 837 57.51 37.09 133.18
N GLU K 838 56.88 36.25 134.02
CA GLU K 838 57.55 35.02 134.53
C GLU K 838 57.24 33.86 133.57
N SER K 839 56.15 33.97 132.79
CA SER K 839 55.75 32.95 131.79
C SER K 839 56.57 33.12 130.51
N ILE K 840 57.04 34.35 130.26
CA ILE K 840 57.78 34.64 129.00
C ILE K 840 59.09 33.82 128.91
N PRO K 841 59.94 33.76 129.96
CA PRO K 841 61.20 33.03 129.90
C PRO K 841 61.00 31.52 129.71
N LYS K 842 59.84 30.97 130.09
CA LYS K 842 59.56 29.52 129.94
C LYS K 842 58.75 29.26 128.67
N MET K 843 57.72 30.07 128.39
CA MET K 843 56.86 29.87 127.19
C MET K 843 57.69 30.09 125.92
N CYS K 844 58.43 31.21 125.86
CA CYS K 844 59.25 31.57 124.67
C CYS K 844 60.39 30.57 124.50
N SER K 845 61.03 30.18 125.61
CA SER K 845 62.17 29.21 125.59
C SER K 845 61.66 27.85 125.14
N GLN K 846 60.48 27.43 125.62
CA GLN K 846 59.86 26.14 125.23
C GLN K 846 59.54 26.14 123.73
N LEU K 847 58.99 27.24 123.22
CA LEU K 847 58.64 27.37 121.78
C LEU K 847 59.92 27.44 120.94
N ARG K 848 60.97 28.08 121.49
CA ARG K 848 62.25 28.24 120.77
C ARG K 848 62.92 26.88 120.64
N ILE K 849 63.00 26.13 121.72
CA ILE K 849 63.63 24.78 121.68
C ILE K 849 62.78 23.93 120.72
N LEU K 850 61.45 24.10 120.73
CA LEU K 850 60.56 23.36 119.82
C LEU K 850 60.87 23.75 118.37
N THR K 851 61.06 25.04 118.07
CA THR K 851 61.44 25.46 116.69
C THR K 851 62.80 24.82 116.41
N HIS K 852 63.72 24.86 117.39
CA HIS K 852 65.07 24.30 117.23
C HIS K 852 64.97 22.79 117.02
N PHE K 853 64.04 22.13 117.70
CA PHE K 853 63.84 20.66 117.56
C PHE K 853 63.29 20.34 116.18
N TYR K 854 62.39 21.16 115.63
CA TYR K 854 61.74 20.93 114.31
C TYR K 854 62.77 21.05 113.19
N GLN K 855 63.72 21.99 113.29
CA GLN K 855 64.73 22.25 112.23
C GLN K 855 65.84 21.19 112.33
N GLY K 856 66.19 20.80 113.56
CA GLY K 856 67.26 19.80 113.79
C GLY K 856 66.91 18.44 113.24
N ILE K 857 65.65 18.01 113.42
CA ILE K 857 65.15 16.71 112.87
C ILE K 857 64.92 16.79 111.35
N VAL K 858 64.42 17.92 110.83
CA VAL K 858 64.10 18.04 109.38
C VAL K 858 65.40 18.03 108.56
N GLN K 859 66.47 18.63 109.10
CA GLN K 859 67.79 18.63 108.42
C GLN K 859 68.32 17.19 108.35
N GLN K 860 68.18 16.45 109.46
CA GLN K 860 68.61 15.02 109.51
C GLN K 860 67.78 14.27 108.47
N PHE K 861 66.48 14.60 108.37
CA PHE K 861 65.55 13.92 107.43
C PHE K 861 65.96 14.17 105.98
N LEU K 862 66.28 15.42 105.62
CA LEU K 862 66.71 15.78 104.24
C LEU K 862 68.06 15.19 103.89
N VAL K 863 68.97 15.06 104.86
CA VAL K 863 70.31 14.44 104.61
C VAL K 863 70.16 12.92 104.59
N LEU K 864 69.11 12.36 105.21
CA LEU K 864 68.86 10.90 105.14
C LEU K 864 68.52 10.50 103.71
N LEU K 865 67.82 11.36 102.95
CA LEU K 865 67.37 11.02 101.57
C LEU K 865 68.56 11.21 100.62
N THR K 866 69.66 10.48 100.84
CA THR K 866 70.90 10.57 100.00
C THR K 866 71.39 9.17 99.58
N THR K 867 70.74 8.06 99.98
CA THR K 867 71.26 6.67 99.74
C THR K 867 70.25 5.70 99.11
N SER K 868 68.98 6.08 98.92
CA SER K 868 67.91 5.20 98.35
C SER K 868 68.08 5.12 96.82
N SER K 869 67.33 4.26 96.11
CA SER K 869 67.35 4.26 94.62
C SER K 869 67.41 5.73 94.23
N ASP K 870 66.62 6.59 94.90
CA ASP K 870 66.70 8.07 94.80
C ASP K 870 65.99 8.68 93.59
N GLU K 871 65.66 7.98 92.52
CA GLU K 871 65.02 8.68 91.38
C GLU K 871 63.67 9.19 91.86
N SER K 872 62.91 8.33 92.51
CA SER K 872 61.54 8.66 92.95
C SER K 872 61.53 9.76 94.00
N LEU K 873 62.62 9.97 94.74
CA LEU K 873 62.62 10.89 95.91
C LEU K 873 63.53 12.10 95.71
N ARG K 874 64.16 12.24 94.56
CA ARG K 874 65.01 13.41 94.26
C ARG K 874 64.08 14.61 94.27
N PHE K 875 62.82 14.40 93.89
CA PHE K 875 61.80 15.48 93.89
C PHE K 875 61.32 15.73 95.31
N LEU K 876 61.49 14.79 96.25
CA LEU K 876 61.18 15.09 97.66
C LEU K 876 62.29 15.99 98.21
N SER K 877 63.56 15.72 97.91
CA SER K 877 64.68 16.60 98.33
C SER K 877 64.44 17.94 97.66
N PHE K 878 63.94 17.93 96.43
CA PHE K 878 63.61 19.15 95.67
C PHE K 878 62.49 19.95 96.31
N ARG K 879 61.38 19.31 96.67
CA ARG K 879 60.17 20.03 97.15
C ARG K 879 60.25 20.28 98.66
N LEU K 880 61.35 19.99 99.30
CA LEU K 880 61.57 20.40 100.71
C LEU K 880 62.55 21.57 100.70
N ASP K 881 63.67 21.43 100.01
CA ASP K 881 64.70 22.50 99.89
C ASP K 881 64.35 23.37 98.68
N PHE K 882 63.37 24.27 98.78
CA PHE K 882 63.05 25.26 97.70
C PHE K 882 63.37 26.61 98.32
N ASN K 883 64.07 27.49 97.59
CA ASN K 883 64.48 28.83 98.11
C ASN K 883 65.61 28.68 99.15
N GLU K 884 66.09 27.45 99.35
CA GLU K 884 67.25 27.22 100.26
C GLU K 884 67.06 27.74 101.68
N HIS K 885 65.89 27.56 102.30
CA HIS K 885 65.80 27.91 103.73
C HIS K 885 66.83 27.01 104.37
N TYR K 886 67.02 25.81 103.78
CA TYR K 886 68.00 24.81 104.26
C TYR K 886 69.04 24.60 103.17
N LYS K 887 70.12 23.86 103.46
CA LYS K 887 71.24 23.62 102.52
C LYS K 887 72.10 24.86 102.47
N ALA K 888 71.75 25.89 103.24
CA ALA K 888 72.56 27.10 103.43
C ALA K 888 72.74 27.09 104.94
N ARG K 889 72.93 25.91 105.51
CA ARG K 889 72.99 25.74 106.98
C ARG K 889 71.67 26.17 107.60
N GLU K 890 70.54 25.88 106.97
CA GLU K 890 69.19 26.11 107.56
C GLU K 890 68.88 27.57 107.92
N LEU L 150 25.17 -73.03 81.50
CA LEU L 150 24.11 -73.41 80.53
C LEU L 150 22.79 -73.61 81.26
N GLN L 151 22.80 -74.40 82.34
CA GLN L 151 21.58 -74.70 83.15
C GLN L 151 21.40 -73.64 84.25
N GLN L 152 22.48 -73.03 84.74
CA GLN L 152 22.46 -72.01 85.84
C GLN L 152 21.92 -70.69 85.32
N SER L 153 21.98 -70.47 84.00
CA SER L 153 21.39 -69.26 83.38
C SER L 153 19.87 -69.36 83.49
N LEU L 154 19.28 -70.54 83.69
CA LEU L 154 17.81 -70.64 83.91
C LEU L 154 17.41 -69.80 85.14
N GLU L 155 18.30 -69.70 86.12
CA GLU L 155 18.04 -68.88 87.32
C GLU L 155 17.86 -67.43 86.90
N LEU L 156 18.78 -66.86 86.13
CA LEU L 156 18.71 -65.42 85.76
C LEU L 156 17.33 -65.04 85.21
N LYS L 157 16.73 -65.76 84.25
CA LYS L 157 15.56 -65.38 83.44
C LYS L 157 14.34 -65.27 84.37
N ARG L 158 14.27 -66.09 85.41
CA ARG L 158 13.17 -66.03 86.40
C ARG L 158 13.22 -64.80 87.31
N LYS L 159 14.32 -64.54 88.01
CA LYS L 159 14.34 -63.49 89.06
C LYS L 159 13.89 -62.19 88.44
N MET L 160 14.35 -61.91 87.22
CA MET L 160 14.09 -60.61 86.54
C MET L 160 12.63 -60.45 86.12
N LEU L 161 11.89 -61.56 85.98
CA LEU L 161 10.42 -61.46 85.74
C LEU L 161 9.82 -60.96 87.04
N ARG L 162 10.27 -61.53 88.16
CA ARG L 162 9.65 -61.23 89.48
C ARG L 162 9.77 -59.74 89.77
N ASP L 163 10.93 -59.15 89.48
CA ASP L 163 11.14 -57.73 89.81
C ASP L 163 10.12 -56.85 89.04
N LYS L 164 9.93 -57.08 87.73
CA LYS L 164 9.03 -56.24 86.89
C LYS L 164 7.57 -56.67 87.09
N GLN L 165 7.33 -57.96 87.39
CA GLN L 165 5.94 -58.47 87.43
C GLN L 165 5.12 -57.69 88.45
N ASN L 166 5.59 -57.63 89.71
CA ASN L 166 4.87 -56.96 90.82
C ASN L 166 4.88 -55.44 90.67
N LYS L 167 5.97 -54.88 90.11
CA LYS L 167 6.11 -53.41 90.05
C LYS L 167 4.97 -52.69 89.32
N LYS L 168 4.66 -53.08 88.07
CA LYS L 168 3.62 -52.32 87.31
C LYS L 168 2.23 -52.68 87.82
N ASN L 169 1.98 -53.97 88.07
CA ASN L 169 0.72 -54.44 88.71
C ASN L 169 -0.48 -53.79 88.01
N SER L 170 -0.38 -53.48 86.72
CA SER L 170 -1.51 -52.72 86.10
C SER L 170 -1.76 -53.16 84.66
N GLY L 171 -1.28 -54.35 84.30
CA GLY L 171 -1.39 -54.72 82.88
C GLY L 171 -1.40 -56.20 82.66
N GLN L 172 -1.58 -56.60 81.42
CA GLN L 172 -1.52 -58.03 81.06
C GLN L 172 -0.12 -58.51 81.42
N HIS L 173 -0.01 -59.73 81.92
CA HIS L 173 1.31 -60.18 82.42
C HIS L 173 2.34 -59.97 81.32
N LEU L 174 3.52 -59.43 81.66
CA LEU L 174 4.62 -59.18 80.68
C LEU L 174 4.85 -60.43 79.80
N PRO L 175 5.13 -60.27 78.49
CA PRO L 175 5.26 -61.38 77.59
C PRO L 175 6.39 -62.32 77.97
N ILE L 176 6.27 -63.60 77.66
CA ILE L 176 7.36 -64.60 77.89
C ILE L 176 7.39 -65.55 76.70
N PHE L 177 8.49 -66.27 76.48
CA PHE L 177 8.66 -67.16 75.31
C PHE L 177 8.36 -68.61 75.67
N PRO L 178 7.89 -69.44 74.73
CA PRO L 178 7.58 -70.77 75.05
C PRO L 178 8.93 -71.35 75.46
N ALA L 179 8.92 -72.35 76.31
CA ALA L 179 10.17 -72.99 76.78
C ALA L 179 10.95 -73.59 75.61
N TRP L 180 10.31 -74.03 74.54
CA TRP L 180 11.03 -74.73 73.46
C TRP L 180 12.11 -73.79 72.91
N VAL L 181 11.91 -72.48 72.92
CA VAL L 181 12.90 -71.48 72.40
C VAL L 181 14.27 -71.70 73.05
N TYR L 182 14.34 -71.92 74.36
CA TYR L 182 15.63 -72.09 75.10
C TYR L 182 16.09 -73.55 74.98
N GLU L 183 15.13 -74.48 74.91
CA GLU L 183 15.46 -75.92 74.94
C GLU L 183 16.32 -76.40 73.77
N ARG L 184 15.94 -75.99 72.55
CA ARG L 184 16.59 -76.42 71.27
C ARG L 184 18.09 -76.10 71.24
N PRO L 185 19.01 -77.10 71.17
CA PRO L 185 20.43 -76.82 70.99
C PRO L 185 20.70 -76.21 69.61
N ALA L 186 19.87 -76.50 68.62
CA ALA L 186 20.10 -76.08 67.21
C ALA L 186 20.20 -74.56 67.05
N LEU L 187 19.38 -73.78 67.77
CA LEU L 187 19.37 -72.30 67.62
C LEU L 187 20.76 -71.78 67.99
N ILE L 188 21.43 -72.38 68.98
CA ILE L 188 22.81 -71.98 69.42
C ILE L 188 23.82 -72.43 68.35
N GLY L 189 24.99 -71.77 68.24
CA GLY L 189 25.97 -72.04 67.18
C GLY L 189 26.56 -73.44 67.16
N ASP L 190 26.97 -74.00 68.29
CA ASP L 190 27.64 -75.34 68.34
C ASP L 190 26.61 -76.39 68.73
N PHE L 191 26.86 -77.69 68.46
CA PHE L 191 25.90 -78.78 68.77
C PHE L 191 26.43 -79.79 69.77
N LEU L 192 27.74 -79.86 69.93
CA LEU L 192 28.33 -80.60 71.09
C LEU L 192 28.32 -82.13 70.96
N ILE L 193 27.86 -82.71 69.83
CA ILE L 193 27.96 -84.20 69.62
C ILE L 193 28.45 -84.51 68.21
N THR L 201 34.12 -88.33 58.27
CA THR L 201 34.84 -88.34 59.57
C THR L 201 36.31 -87.96 59.35
N ALA L 202 37.23 -88.63 60.07
CA ALA L 202 38.66 -88.29 59.97
C ALA L 202 39.42 -89.45 59.31
N LEU L 203 40.23 -89.16 58.29
CA LEU L 203 41.02 -90.22 57.61
C LEU L 203 42.03 -90.78 58.59
N PRO L 204 42.22 -92.12 58.66
CA PRO L 204 43.12 -92.73 59.64
C PRO L 204 44.56 -92.86 59.13
N ILE L 205 44.83 -92.41 57.91
CA ILE L 205 46.18 -92.56 57.29
C ILE L 205 47.24 -92.04 58.27
N GLY L 206 46.86 -91.19 59.23
CA GLY L 206 47.84 -90.57 60.12
C GLY L 206 48.30 -89.25 59.55
N THR L 207 47.52 -88.66 58.64
CA THR L 207 47.84 -87.37 57.98
C THR L 207 49.27 -87.48 57.44
N LEU L 208 49.59 -88.55 56.71
CA LEU L 208 50.96 -88.78 56.16
C LEU L 208 51.35 -87.79 55.05
N PRO L 209 50.55 -87.48 54.00
CA PRO L 209 51.00 -86.59 52.93
C PRO L 209 51.15 -85.15 53.45
N LEU L 210 52.35 -84.58 53.49
CA LEU L 210 52.59 -83.24 54.10
C LEU L 210 51.91 -82.15 53.27
N ALA L 211 52.03 -82.19 51.93
CA ALA L 211 51.49 -81.15 51.05
C ALA L 211 49.98 -81.15 51.18
N SER L 212 49.39 -82.30 51.49
CA SER L 212 47.92 -82.44 51.52
C SER L 212 47.36 -82.01 52.86
N GLN L 213 48.01 -82.22 53.99
CA GLN L 213 47.52 -81.66 55.26
C GLN L 213 47.11 -80.21 55.05
N GLU L 214 47.87 -79.41 54.32
CA GLU L 214 47.50 -77.99 54.23
C GLU L 214 46.12 -77.95 53.63
N SER L 215 45.85 -78.71 52.58
CA SER L 215 44.54 -78.69 51.90
C SER L 215 43.44 -79.25 52.80
N ALA L 216 43.75 -80.25 53.60
CA ALA L 216 42.73 -80.89 54.46
C ALA L 216 42.36 -80.00 55.63
N VAL L 217 43.32 -79.39 56.27
CA VAL L 217 43.04 -78.67 57.53
C VAL L 217 42.37 -77.36 57.18
N VAL L 218 42.58 -76.92 55.94
CA VAL L 218 41.92 -75.67 55.50
C VAL L 218 40.44 -75.97 55.33
N GLU L 219 40.04 -77.10 54.79
CA GLU L 219 38.58 -77.32 54.56
C GLU L 219 37.90 -77.40 55.92
N ASP L 220 38.50 -78.06 56.91
CA ASP L 220 37.91 -78.15 58.26
C ASP L 220 37.95 -76.78 58.90
N LEU L 221 39.03 -76.06 58.74
CA LEU L 221 39.17 -74.76 59.41
C LEU L 221 38.07 -73.89 58.84
N LEU L 222 37.78 -74.03 57.56
CA LEU L 222 36.68 -73.25 56.99
C LEU L 222 35.43 -73.66 57.76
N TYR L 223 35.23 -74.93 58.08
CA TYR L 223 33.98 -75.33 58.76
C TYR L 223 33.95 -74.70 60.15
N VAL L 224 35.03 -74.72 60.93
CA VAL L 224 34.95 -74.23 62.33
C VAL L 224 34.62 -72.76 62.32
N LEU L 225 35.07 -71.97 61.36
CA LEU L 225 34.82 -70.52 61.42
C LEU L 225 33.32 -70.28 61.47
N VAL L 226 32.52 -71.10 60.81
CA VAL L 226 31.03 -70.96 60.84
C VAL L 226 30.44 -71.71 62.02
N GLY L 227 31.19 -72.45 62.81
CA GLY L 227 30.72 -73.04 64.08
C GLY L 227 30.30 -74.48 63.92
N VAL L 228 30.03 -74.92 62.71
CA VAL L 228 29.61 -76.30 62.40
C VAL L 228 30.89 -77.09 62.59
N ASP L 229 30.90 -78.14 63.41
CA ASP L 229 32.17 -78.79 63.83
C ASP L 229 32.87 -79.49 62.67
N GLY L 230 34.18 -79.72 62.78
CA GLY L 230 34.96 -80.28 61.66
C GLY L 230 35.32 -81.74 61.78
N ARG L 231 36.30 -82.20 60.98
CA ARG L 231 36.78 -83.61 61.00
C ARG L 231 38.05 -83.73 61.84
N TYR L 232 39.01 -82.78 61.70
CA TYR L 232 40.33 -82.84 62.38
C TYR L 232 40.35 -81.94 63.60
N VAL L 233 39.78 -80.75 63.47
CA VAL L 233 39.59 -79.90 64.67
C VAL L 233 38.25 -80.35 65.27
N SER L 234 38.07 -80.26 66.59
CA SER L 234 36.74 -80.53 67.19
C SER L 234 36.53 -79.63 68.42
N ALA L 235 35.32 -79.02 68.55
CA ALA L 235 35.01 -78.09 69.68
C ALA L 235 34.95 -78.86 71.00
N GLN L 236 35.60 -78.36 72.06
CA GLN L 236 35.53 -78.98 73.41
C GLN L 236 34.18 -78.63 74.05
N PRO L 237 33.60 -79.48 74.90
CA PRO L 237 32.25 -79.27 75.38
C PRO L 237 31.96 -78.11 76.32
N LEU L 238 32.96 -77.59 77.04
CA LEU L 238 32.65 -76.60 78.12
C LEU L 238 31.80 -75.41 77.67
N ALA L 239 30.76 -75.14 78.45
CA ALA L 239 29.91 -73.94 78.26
C ALA L 239 29.70 -73.29 79.65
N GLY L 240 30.16 -73.90 80.76
CA GLY L 240 30.10 -73.23 82.09
C GLY L 240 30.99 -72.02 82.04
N ARG L 241 32.22 -72.18 81.55
CA ARG L 241 33.13 -71.05 81.23
C ARG L 241 32.76 -70.70 79.79
N GLN L 242 33.12 -69.51 79.30
CA GLN L 242 32.70 -69.08 77.94
C GLN L 242 33.93 -68.97 77.01
N SER L 243 34.92 -69.85 77.22
CA SER L 243 36.18 -69.78 76.42
C SER L 243 36.15 -70.71 75.20
N ARG L 244 35.36 -71.78 75.23
CA ARG L 244 35.23 -72.70 74.06
C ARG L 244 36.62 -73.05 73.54
N THR L 245 37.43 -73.74 74.36
CA THR L 245 38.80 -74.17 73.94
C THR L 245 38.65 -75.22 72.85
N PHE L 246 39.61 -75.35 71.93
CA PHE L 246 39.46 -76.24 70.76
C PHE L 246 40.45 -77.41 70.79
N LEU L 247 40.04 -78.59 70.30
CA LEU L 247 40.91 -79.79 70.21
C LEU L 247 41.27 -80.00 68.75
N VAL L 248 42.57 -80.10 68.42
CA VAL L 248 43.02 -80.46 67.05
C VAL L 248 43.57 -81.90 67.15
N ASP L 249 43.75 -82.58 66.00
CA ASP L 249 44.32 -83.95 65.98
C ASP L 249 45.74 -83.87 66.55
N PRO L 250 46.15 -84.83 67.39
CA PRO L 250 47.47 -84.78 68.04
C PRO L 250 48.62 -84.89 67.03
N ASN L 251 48.52 -85.82 66.09
CA ASN L 251 49.60 -86.05 65.09
C ASN L 251 49.35 -85.15 63.88
N LEU L 252 49.80 -83.89 63.93
CA LEU L 252 49.60 -82.92 62.83
C LEU L 252 50.93 -82.21 62.57
N ASP L 253 51.04 -81.41 61.52
CA ASP L 253 52.34 -80.77 61.20
C ASP L 253 52.63 -79.82 62.34
N LEU L 254 53.81 -79.90 62.92
CA LEU L 254 54.14 -79.06 64.08
C LEU L 254 54.02 -77.64 63.59
N SER L 255 54.47 -77.39 62.37
CA SER L 255 54.37 -76.05 61.77
C SER L 255 52.89 -75.69 61.61
N ILE L 256 52.09 -76.59 61.03
CA ILE L 256 50.66 -76.24 60.75
C ILE L 256 49.87 -76.17 62.05
N ARG L 257 50.18 -77.04 63.01
CA ARG L 257 49.35 -77.08 64.25
C ARG L 257 49.42 -75.73 64.95
N GLU L 258 50.61 -75.15 65.03
CA GLU L 258 50.74 -73.84 65.70
C GLU L 258 49.94 -72.80 64.91
N LEU L 259 50.00 -72.89 63.59
CA LEU L 259 49.29 -71.88 62.75
C LEU L 259 47.78 -71.99 63.01
N VAL L 260 47.27 -73.21 63.15
CA VAL L 260 45.78 -73.33 63.31
C VAL L 260 45.41 -72.64 64.62
N HIS L 261 46.23 -72.79 65.65
CA HIS L 261 45.94 -72.15 66.96
C HIS L 261 45.89 -70.64 66.73
N ARG L 262 46.77 -70.14 65.86
CA ARG L 262 46.79 -68.69 65.57
C ARG L 262 45.45 -68.26 64.98
N ILE L 263 44.78 -69.13 64.21
CA ILE L 263 43.48 -68.75 63.56
C ILE L 263 42.28 -69.07 64.47
N LEU L 264 42.47 -69.96 65.43
CA LEU L 264 41.36 -70.40 66.33
C LEU L 264 40.73 -69.26 67.15
N PRO L 265 41.40 -68.19 67.58
CA PRO L 265 40.74 -67.15 68.34
C PRO L 265 39.53 -66.53 67.64
N VAL L 266 39.54 -66.35 66.31
CA VAL L 266 38.30 -65.81 65.67
C VAL L 266 37.18 -66.82 65.87
N ALA L 267 37.49 -68.11 65.83
CA ALA L 267 36.47 -69.16 66.09
C ALA L 267 35.98 -69.09 67.52
N ALA L 268 36.88 -68.88 68.49
CA ALA L 268 36.50 -68.71 69.91
C ALA L 268 35.73 -67.40 70.08
N SER L 269 36.08 -66.37 69.30
CA SER L 269 35.45 -65.03 69.35
C SER L 269 34.22 -65.06 68.46
N TYR L 270 33.81 -66.24 67.97
CA TYR L 270 32.54 -66.36 67.21
C TYR L 270 31.56 -67.19 68.02
N SER L 271 32.07 -68.22 68.69
CA SER L 271 31.24 -69.12 69.53
C SER L 271 30.68 -68.32 70.68
N ALA L 272 31.24 -67.13 70.92
CA ALA L 272 30.85 -66.35 72.12
C ALA L 272 30.11 -65.10 71.74
N VAL L 273 29.84 -64.91 70.46
CA VAL L 273 28.93 -63.79 70.12
C VAL L 273 27.55 -64.35 69.87
N THR L 274 27.47 -65.45 69.13
CA THR L 274 26.14 -65.98 68.73
C THR L 274 25.37 -66.45 69.96
N ARG L 275 26.08 -66.91 71.02
CA ARG L 275 25.42 -67.26 72.29
C ARG L 275 24.80 -66.01 72.89
N PHE L 276 25.50 -64.86 72.83
CA PHE L 276 25.00 -63.58 73.35
C PHE L 276 23.77 -63.18 72.57
N ILE L 277 23.75 -63.29 71.25
CA ILE L 277 22.62 -62.75 70.44
C ILE L 277 21.33 -63.50 70.76
N GLU L 278 21.43 -64.80 71.01
CA GLU L 278 20.23 -65.61 71.38
C GLU L 278 19.79 -65.36 72.83
N GLU L 279 20.70 -65.47 73.78
CA GLU L 279 20.34 -65.39 75.24
C GLU L 279 19.77 -64.01 75.57
N LYS L 280 20.37 -62.92 75.07
CA LYS L 280 19.96 -61.57 75.47
C LYS L 280 18.88 -61.13 74.50
N SER L 281 18.30 -62.08 73.77
CA SER L 281 17.16 -61.77 72.87
C SER L 281 15.86 -62.20 73.53
N SER L 282 15.92 -62.71 74.77
CA SER L 282 14.68 -63.03 75.51
C SER L 282 14.01 -61.71 75.88
N PHE L 283 12.71 -61.73 76.22
CA PHE L 283 11.94 -60.50 76.56
C PHE L 283 12.35 -59.92 77.90
N GLU L 284 12.84 -60.76 78.80
CA GLU L 284 13.17 -60.33 80.18
C GLU L 284 14.19 -59.19 80.19
N TYR L 285 15.19 -59.20 79.30
CA TYR L 285 16.31 -58.23 79.34
C TYR L 285 15.90 -56.84 78.82
N GLY L 286 15.12 -56.06 79.59
CA GLY L 286 14.82 -54.65 79.24
C GLY L 286 14.37 -54.45 77.82
N GLN L 287 14.91 -53.43 77.15
CA GLN L 287 14.45 -53.08 75.79
C GLN L 287 15.64 -52.54 75.02
N VAL L 288 16.75 -52.07 75.63
CA VAL L 288 18.01 -51.62 74.99
C VAL L 288 18.93 -52.83 74.90
N ASN L 289 18.93 -53.75 75.89
CA ASN L 289 19.72 -55.00 75.79
C ASN L 289 19.18 -55.77 74.59
N HIS L 290 17.90 -55.64 74.25
CA HIS L 290 17.32 -56.25 73.04
C HIS L 290 17.99 -55.79 71.77
N ALA L 291 17.95 -54.49 71.42
CA ALA L 291 18.36 -53.84 70.17
C ALA L 291 19.87 -53.87 70.03
N LEU L 292 20.57 -54.05 71.15
CA LEU L 292 22.05 -54.20 71.15
C LEU L 292 22.38 -55.51 70.42
N ALA L 293 21.72 -56.64 70.78
CA ALA L 293 22.07 -57.92 70.15
C ALA L 293 21.58 -57.90 68.75
N ALA L 294 20.42 -57.33 68.53
CA ALA L 294 19.75 -57.33 67.22
C ALA L 294 20.48 -56.56 66.14
N ALA L 295 21.33 -55.62 66.53
CA ALA L 295 22.17 -54.86 65.57
C ALA L 295 23.56 -55.49 65.49
N MET L 296 23.90 -56.32 66.47
CA MET L 296 25.14 -57.12 66.43
C MET L 296 24.86 -58.25 65.46
N ARG L 297 23.72 -58.23 64.76
CA ARG L 297 23.32 -59.28 63.78
C ARG L 297 23.71 -58.88 62.36
N THR L 298 23.84 -57.58 62.07
CA THR L 298 24.29 -57.07 60.73
C THR L 298 25.76 -57.48 60.53
N LEU L 299 26.54 -57.79 61.57
CA LEU L 299 28.01 -58.03 61.55
C LEU L 299 28.31 -59.52 61.60
N VAL L 300 27.30 -60.36 61.88
CA VAL L 300 27.42 -61.83 61.70
C VAL L 300 27.00 -62.09 60.26
N LYS L 301 26.21 -61.22 59.67
CA LYS L 301 25.94 -61.40 58.24
C LYS L 301 27.28 -61.26 57.53
N GLU L 302 27.99 -60.17 57.77
CA GLU L 302 29.27 -59.93 57.06
C GLU L 302 30.12 -61.21 57.20
N HIS L 303 30.38 -61.73 58.40
CA HIS L 303 31.29 -62.85 58.78
C HIS L 303 30.94 -64.16 58.10
N LEU L 304 29.68 -64.48 57.87
CA LEU L 304 29.27 -65.72 57.19
C LEU L 304 29.55 -65.68 55.68
N ILE L 305 29.28 -64.53 55.06
CA ILE L 305 29.43 -64.35 53.57
C ILE L 305 30.91 -64.45 53.19
N LEU L 306 31.82 -63.94 54.01
CA LEU L 306 33.26 -64.04 53.69
C LEU L 306 33.64 -65.49 53.76
N VAL L 307 33.15 -66.29 54.69
CA VAL L 307 33.48 -67.75 54.63
C VAL L 307 32.89 -68.31 53.34
N SER L 308 31.69 -67.91 52.97
CA SER L 308 31.03 -68.52 51.79
C SER L 308 31.78 -68.22 50.51
N GLN L 309 32.13 -66.97 50.27
CA GLN L 309 32.82 -66.57 49.01
C GLN L 309 34.21 -67.18 49.03
N LEU L 310 34.91 -67.20 50.17
CA LEU L 310 36.22 -67.86 50.28
C LEU L 310 35.95 -69.31 49.98
N GLU L 311 34.86 -69.89 50.40
CA GLU L 311 34.67 -71.34 50.17
C GLU L 311 34.61 -71.60 48.68
N GLN L 312 34.02 -70.70 47.90
CA GLN L 312 33.82 -70.97 46.46
C GLN L 312 35.19 -70.83 45.82
N LEU L 313 36.10 -70.05 46.42
CA LEU L 313 37.49 -69.90 45.91
C LEU L 313 38.25 -71.20 46.13
N HIS L 314 38.08 -71.89 47.26
CA HIS L 314 38.84 -73.13 47.57
C HIS L 314 38.45 -74.17 46.53
N ARG L 315 37.27 -74.18 45.98
CA ARG L 315 36.97 -75.25 45.02
C ARG L 315 38.01 -75.24 43.92
N GLN L 316 38.44 -74.09 43.40
CA GLN L 316 39.36 -74.09 42.24
C GLN L 316 40.82 -74.33 42.66
N GLY L 317 41.09 -74.72 43.92
CA GLY L 317 42.45 -75.09 44.39
C GLY L 317 43.35 -73.89 44.54
N LEU L 318 42.81 -72.68 44.34
CA LEU L 318 43.61 -71.43 44.40
C LEU L 318 43.53 -70.83 45.81
N LEU L 319 43.48 -71.66 46.85
CA LEU L 319 43.49 -71.13 48.25
C LEU L 319 44.58 -71.85 49.04
N SER L 320 45.31 -71.12 49.89
CA SER L 320 46.41 -71.73 50.70
C SER L 320 46.22 -71.35 52.16
N LEU L 321 46.82 -72.14 53.06
CA LEU L 321 46.62 -71.89 54.51
C LEU L 321 47.14 -70.49 54.83
N GLN L 322 48.29 -70.14 54.26
CA GLN L 322 48.87 -68.80 54.52
C GLN L 322 47.91 -67.75 53.96
N LYS L 323 47.36 -67.99 52.77
CA LYS L 323 46.48 -66.96 52.17
C LYS L 323 45.29 -66.76 53.11
N LEU L 324 44.73 -67.87 53.59
CA LEU L 324 43.56 -67.80 54.50
C LEU L 324 43.96 -66.93 55.69
N TRP L 325 45.06 -67.29 56.34
CA TRP L 325 45.45 -66.55 57.56
C TRP L 325 45.47 -65.07 57.23
N PHE L 326 46.02 -64.67 56.07
CA PHE L 326 46.06 -63.26 55.61
C PHE L 326 44.63 -62.76 55.34
N TYR L 327 43.77 -63.57 54.73
CA TYR L 327 42.38 -63.17 54.33
C TYR L 327 41.50 -62.84 55.54
N ILE L 328 41.62 -63.56 56.66
CA ILE L 328 40.69 -63.42 57.83
C ILE L 328 41.17 -62.39 58.87
N GLN L 329 42.18 -61.55 58.58
CA GLN L 329 42.69 -60.56 59.55
C GLN L 329 41.57 -59.65 59.94
N PRO L 330 40.79 -59.05 59.03
CA PRO L 330 39.82 -58.07 59.47
C PRO L 330 38.81 -58.68 60.44
N ALA L 331 38.37 -59.90 60.22
CA ALA L 331 37.40 -60.60 61.08
C ALA L 331 38.04 -61.02 62.39
N MET L 332 39.35 -61.17 62.47
CA MET L 332 39.96 -61.47 63.78
C MET L 332 39.65 -60.29 64.67
N ARG L 333 39.54 -59.08 64.11
CA ARG L 333 39.27 -57.84 64.90
C ARG L 333 37.80 -57.52 65.09
N THR L 334 36.97 -57.43 64.07
CA THR L 334 35.58 -57.00 64.30
C THR L 334 34.99 -58.02 65.23
N MET L 335 35.16 -59.28 64.99
CA MET L 335 34.45 -60.26 65.83
C MET L 335 35.01 -60.16 67.23
N ASP L 336 36.23 -59.73 67.40
CA ASP L 336 36.84 -59.70 68.76
C ASP L 336 36.27 -58.56 69.61
N ILE L 337 36.02 -57.39 69.02
CA ILE L 337 35.46 -56.22 69.76
C ILE L 337 34.08 -56.65 70.27
N LEU L 338 33.32 -57.41 69.49
CA LEU L 338 31.94 -57.88 69.86
C LEU L 338 32.02 -58.90 71.00
N ALA L 339 33.17 -59.55 71.18
CA ALA L 339 33.36 -60.49 72.30
C ALA L 339 33.62 -59.76 73.62
N SER L 340 34.40 -58.68 73.60
CA SER L 340 34.60 -57.91 74.84
C SER L 340 33.27 -57.29 75.25
N LEU L 341 32.51 -56.72 74.29
CA LEU L 341 31.25 -56.00 74.64
C LEU L 341 30.32 -57.03 75.25
N ALA L 342 30.28 -58.24 74.68
CA ALA L 342 29.37 -59.28 75.19
C ALA L 342 29.77 -59.74 76.60
N THR L 343 31.05 -60.00 76.82
CA THR L 343 31.52 -60.51 78.13
C THR L 343 31.34 -59.44 79.20
N SER L 344 31.60 -58.19 78.85
CA SER L 344 31.42 -57.05 79.80
C SER L 344 29.95 -56.76 80.15
N VAL L 345 29.02 -56.89 79.19
CA VAL L 345 27.58 -56.73 79.51
C VAL L 345 27.20 -57.86 80.45
N ASP L 346 27.71 -59.07 80.20
CA ASP L 346 27.42 -60.26 81.05
C ASP L 346 28.09 -60.17 82.44
N LYS L 347 29.35 -59.74 82.51
CA LYS L 347 30.12 -59.79 83.79
C LYS L 347 29.45 -58.95 84.86
N GLY L 348 29.12 -57.70 84.56
CA GLY L 348 28.34 -56.88 85.51
C GLY L 348 26.95 -56.82 84.93
N GLU L 349 25.94 -57.33 85.66
CA GLU L 349 24.62 -57.46 85.00
C GLU L 349 24.25 -56.07 84.52
N CYS L 350 24.13 -55.92 83.21
CA CYS L 350 23.82 -54.60 82.62
C CYS L 350 22.43 -54.70 81.99
N LEU L 351 21.49 -53.85 82.42
CA LEU L 351 20.12 -53.81 81.84
C LEU L 351 19.56 -52.40 81.93
N GLY L 352 19.35 -51.71 80.80
CA GLY L 352 18.68 -50.40 80.83
C GLY L 352 19.61 -49.24 80.59
N GLY L 353 19.91 -48.49 81.64
CA GLY L 353 20.77 -47.30 81.53
C GLY L 353 22.22 -47.66 81.69
N SER L 354 22.54 -48.77 82.37
CA SER L 354 23.91 -49.29 82.59
C SER L 354 24.52 -49.77 81.27
N THR L 355 23.72 -50.50 80.47
CA THR L 355 24.18 -51.07 79.18
C THR L 355 24.36 -49.94 78.15
N LEU L 356 23.89 -48.71 78.43
CA LEU L 356 24.01 -47.58 77.48
C LEU L 356 25.18 -46.72 77.94
N SER L 357 25.79 -47.07 79.09
CA SER L 357 26.98 -46.36 79.64
C SER L 357 28.23 -47.13 79.23
N LEU L 358 28.25 -48.45 79.45
CA LEU L 358 29.40 -49.33 79.10
C LEU L 358 29.78 -49.12 77.64
N LEU L 359 28.79 -48.91 76.75
CA LEU L 359 29.05 -48.69 75.30
C LEU L 359 29.67 -47.30 75.10
N HIS L 360 29.23 -46.28 75.87
CA HIS L 360 29.79 -44.91 75.79
C HIS L 360 31.20 -44.91 76.36
N ASP L 361 31.57 -45.93 77.14
CA ASP L 361 32.97 -46.09 77.63
C ASP L 361 33.91 -46.64 76.54
N ARG L 362 33.49 -47.70 75.84
CA ARG L 362 34.32 -48.30 74.77
C ARG L 362 34.48 -47.27 73.65
N SER L 363 33.47 -46.44 73.40
CA SER L 363 33.49 -45.45 72.28
C SER L 363 34.59 -44.41 72.52
N PHE L 364 35.19 -44.39 73.73
CA PHE L 364 36.38 -43.55 73.97
C PHE L 364 37.63 -44.43 74.03
N SER L 365 37.50 -45.66 74.53
CA SER L 365 38.67 -46.57 74.73
C SER L 365 39.31 -46.69 73.35
N TYR L 366 38.54 -46.41 72.29
CA TYR L 366 39.11 -46.25 70.95
C TYR L 366 38.75 -44.83 70.54
N THR L 367 39.71 -44.01 70.09
CA THR L 367 39.43 -42.68 69.49
C THR L 367 40.40 -42.47 68.33
N GLY L 368 41.37 -43.38 68.15
CA GLY L 368 42.38 -43.21 67.10
C GLY L 368 42.36 -44.30 66.05
N ASP L 369 41.67 -45.42 66.31
CA ASP L 369 41.65 -46.59 65.39
C ASP L 369 40.85 -46.26 64.13
N SER L 370 39.71 -45.59 64.28
CA SER L 370 38.86 -45.10 63.16
C SER L 370 38.27 -46.28 62.40
N GLN L 371 38.49 -47.52 62.87
CA GLN L 371 37.83 -48.73 62.31
C GLN L 371 37.03 -49.30 63.45
N ALA L 372 37.63 -49.42 64.64
CA ALA L 372 37.00 -50.05 65.81
C ALA L 372 36.26 -48.99 66.61
N GLN L 373 36.14 -47.78 66.06
CA GLN L 373 35.27 -46.75 66.64
C GLN L 373 33.99 -46.82 65.82
N GLU L 374 34.07 -46.77 64.49
CA GLU L 374 32.80 -46.69 63.72
C GLU L 374 31.93 -47.86 64.17
N LEU L 375 32.50 -49.06 64.39
CA LEU L 375 31.73 -50.22 64.87
C LEU L 375 31.08 -49.93 66.21
N CYS L 376 31.83 -49.46 67.21
CA CYS L 376 31.30 -49.17 68.58
C CYS L 376 30.30 -48.03 68.47
N LEU L 377 30.58 -47.03 67.66
CA LEU L 377 29.73 -45.81 67.54
C LEU L 377 28.48 -46.13 66.76
N TYR L 378 28.42 -47.27 66.07
CA TYR L 378 27.15 -47.71 65.41
C TYR L 378 26.35 -48.52 66.40
N LEU L 379 27.03 -49.34 67.20
CA LEU L 379 26.35 -50.14 68.23
C LEU L 379 25.66 -49.21 69.23
N THR L 380 26.32 -48.07 69.56
CA THR L 380 25.79 -47.05 70.51
C THR L 380 24.60 -46.32 69.89
N LYS L 381 24.66 -45.92 68.63
CA LYS L 381 23.55 -45.11 68.05
C LYS L 381 22.37 -46.03 67.88
N ALA L 382 22.61 -47.31 67.63
CA ALA L 382 21.55 -48.33 67.47
C ALA L 382 20.90 -48.70 68.79
N ALA L 383 21.73 -48.88 69.80
CA ALA L 383 21.21 -49.34 71.10
C ALA L 383 20.40 -48.23 71.77
N SER L 384 20.69 -47.00 71.46
CA SER L 384 20.04 -45.90 72.18
C SER L 384 18.92 -45.31 71.35
N ALA L 385 18.14 -46.16 70.68
CA ALA L 385 16.91 -45.60 70.06
C ALA L 385 15.74 -45.93 70.98
N PRO L 386 15.64 -47.11 71.63
CA PRO L 386 14.56 -47.39 72.58
C PRO L 386 14.56 -46.40 73.75
N TYR L 387 15.75 -46.17 74.31
CA TYR L 387 15.93 -45.30 75.50
C TYR L 387 15.54 -43.88 75.13
N PHE L 388 16.06 -43.42 73.99
CA PHE L 388 15.85 -42.03 73.55
C PHE L 388 14.47 -41.91 72.93
N GLU L 389 13.63 -42.94 72.98
CA GLU L 389 12.22 -42.82 72.48
C GLU L 389 11.26 -42.82 73.65
N VAL L 390 11.71 -43.19 74.85
CA VAL L 390 10.87 -43.12 76.08
C VAL L 390 10.97 -41.67 76.62
N LEU L 391 12.09 -40.96 76.47
CA LEU L 391 12.43 -39.55 76.82
C LEU L 391 11.89 -38.61 75.76
N GLU L 392 11.55 -39.09 74.58
CA GLU L 392 10.91 -38.24 73.53
C GLU L 392 9.46 -37.99 73.94
N LYS L 393 8.95 -38.70 74.96
CA LYS L 393 7.59 -38.48 75.50
C LYS L 393 7.67 -37.88 76.90
N TRP L 394 8.33 -38.56 77.85
CA TRP L 394 8.45 -38.13 79.27
C TRP L 394 8.87 -36.67 79.38
N ILE L 395 9.72 -36.19 78.45
CA ILE L 395 10.25 -34.80 78.47
C ILE L 395 9.23 -33.88 77.77
N TYR L 396 8.42 -34.40 76.84
CA TYR L 396 7.45 -33.56 76.13
C TYR L 396 6.06 -33.74 76.73
N ARG L 397 5.74 -34.93 77.24
CA ARG L 397 4.44 -35.18 77.92
C ARG L 397 4.74 -35.92 79.21
N GLY L 398 3.77 -36.10 80.09
CA GLY L 398 4.05 -36.66 81.42
C GLY L 398 3.96 -38.18 81.45
N ILE L 399 4.09 -38.84 80.31
CA ILE L 399 3.91 -40.31 80.25
C ILE L 399 5.27 -41.00 80.19
N ILE L 400 5.50 -42.05 81.00
CA ILE L 400 6.73 -42.88 80.97
C ILE L 400 6.23 -44.32 80.76
N HIS L 401 5.91 -44.72 79.52
CA HIS L 401 5.26 -46.05 79.33
C HIS L 401 6.18 -47.08 79.95
N ASP L 402 7.42 -47.20 79.47
CA ASP L 402 8.45 -48.01 80.15
C ASP L 402 7.92 -49.27 80.81
N PRO L 403 7.43 -50.29 80.08
CA PRO L 403 6.87 -51.48 80.74
C PRO L 403 7.93 -52.14 81.62
N TYR L 404 9.15 -52.29 81.12
CA TYR L 404 10.28 -52.80 81.95
C TYR L 404 10.84 -51.55 82.63
N SER L 405 10.92 -51.48 83.96
CA SER L 405 11.36 -50.19 84.55
C SER L 405 12.86 -50.04 84.30
N GLU L 406 13.23 -49.33 83.23
CA GLU L 406 14.65 -49.15 82.86
C GLU L 406 14.95 -47.66 82.68
N PHE L 407 13.94 -46.82 82.73
CA PHE L 407 14.19 -45.38 82.63
C PHE L 407 14.80 -44.92 83.94
N MET L 408 15.46 -43.77 83.93
CA MET L 408 16.01 -43.17 85.16
C MET L 408 14.88 -42.78 86.13
N VAL L 409 13.77 -42.21 85.63
CA VAL L 409 12.61 -41.81 86.47
C VAL L 409 11.79 -43.05 86.77
N GLU L 410 11.16 -43.11 87.95
CA GLU L 410 10.14 -44.15 88.25
C GLU L 410 8.94 -43.49 88.95
N GLU L 411 7.73 -43.76 88.44
CA GLU L 411 6.49 -43.26 89.07
C GLU L 411 6.15 -44.16 90.24
N HIS L 412 5.51 -43.62 91.29
CA HIS L 412 4.99 -44.45 92.41
C HIS L 412 3.47 -44.34 92.53
N GLU L 413 2.83 -45.38 93.06
CA GLU L 413 1.36 -45.37 93.31
C GLU L 413 1.09 -44.82 94.71
N LEU L 414 1.31 -43.51 94.90
CA LEU L 414 0.96 -42.84 96.19
C LEU L 414 -0.02 -41.70 95.87
N ARG L 415 -1.13 -42.05 95.20
CA ARG L 415 -2.26 -41.12 94.94
C ARG L 415 -3.54 -41.97 95.08
N LYS L 416 -3.77 -42.52 96.27
CA LYS L 416 -4.99 -43.32 96.60
C LYS L 416 -5.73 -42.58 97.72
N GLU L 417 -6.78 -43.18 98.31
CA GLU L 417 -7.59 -42.56 99.40
C GLU L 417 -6.71 -42.29 100.62
N ARG L 418 -5.74 -43.16 100.91
CA ARG L 418 -4.88 -43.05 102.12
C ARG L 418 -4.11 -41.72 102.11
N ILE L 419 -3.63 -41.27 100.95
CA ILE L 419 -2.81 -40.02 100.83
C ILE L 419 -3.73 -38.80 101.05
N GLN L 420 -3.17 -37.66 101.47
CA GLN L 420 -3.91 -36.40 101.73
C GLN L 420 -3.04 -35.32 101.07
N GLU L 421 -3.19 -34.04 101.45
CA GLU L 421 -2.32 -32.96 100.92
C GLU L 421 -0.88 -33.21 101.37
N ASP L 422 -0.64 -33.64 102.62
CA ASP L 422 0.73 -33.78 103.19
C ASP L 422 1.08 -35.22 103.62
N TYR L 423 0.30 -36.24 103.27
CA TYR L 423 0.59 -37.64 103.65
C TYR L 423 1.87 -38.10 102.92
N ASN L 424 2.08 -37.77 101.65
CA ASN L 424 3.35 -38.09 100.96
C ASN L 424 4.20 -36.82 101.07
N ASP L 425 4.08 -36.07 102.18
CA ASP L 425 4.73 -34.74 102.31
C ASP L 425 4.13 -33.98 101.13
N LYS L 426 4.85 -33.05 100.52
CA LYS L 426 4.38 -32.46 99.25
C LYS L 426 4.71 -33.57 98.24
N TYR L 427 4.05 -33.66 97.09
CA TYR L 427 4.24 -34.79 96.14
C TYR L 427 5.71 -34.88 95.71
N TRP L 428 6.42 -33.75 95.56
CA TRP L 428 7.83 -33.72 95.07
C TRP L 428 8.71 -34.70 95.83
N ASP L 429 8.50 -34.89 97.14
CA ASP L 429 9.47 -35.63 98.00
C ASP L 429 9.44 -37.16 97.83
N GLN L 430 8.27 -37.81 97.86
CA GLN L 430 8.24 -39.30 97.90
C GLN L 430 7.72 -39.97 96.62
N ARG L 431 6.67 -39.45 95.99
CA ARG L 431 6.02 -40.13 94.83
C ARG L 431 6.96 -40.11 93.63
N TYR L 432 7.73 -39.03 93.46
CA TYR L 432 8.64 -38.86 92.29
C TYR L 432 10.09 -38.92 92.72
N THR L 433 10.83 -39.91 92.22
CA THR L 433 12.26 -40.14 92.49
C THR L 433 13.02 -40.31 91.19
N ILE L 434 14.33 -40.20 91.28
CA ILE L 434 15.30 -40.40 90.17
C ILE L 434 16.12 -41.62 90.61
N VAL L 435 16.14 -42.68 89.80
CA VAL L 435 16.90 -43.92 90.13
C VAL L 435 18.36 -43.64 89.79
N GLN L 436 19.33 -44.25 90.51
CA GLN L 436 20.76 -43.86 90.34
C GLN L 436 21.48 -44.61 89.23
N GLN L 437 21.53 -45.95 89.31
CA GLN L 437 22.35 -46.77 88.38
C GLN L 437 21.89 -46.69 86.93
N GLN L 438 20.59 -46.49 86.70
CA GLN L 438 20.03 -46.45 85.32
C GLN L 438 20.02 -45.03 84.76
N ILE L 439 21.03 -44.22 85.09
CA ILE L 439 21.20 -42.89 84.42
C ILE L 439 22.26 -43.22 83.35
N PRO L 440 22.14 -42.82 82.06
CA PRO L 440 23.09 -43.25 81.03
C PRO L 440 24.58 -42.91 81.25
N SER L 441 24.92 -41.99 82.14
CA SER L 441 26.32 -41.61 82.48
C SER L 441 26.87 -40.55 81.52
N PHE L 442 26.12 -40.23 80.47
CA PHE L 442 26.48 -39.11 79.58
C PHE L 442 25.32 -38.13 79.66
N LEU L 443 24.47 -38.31 80.69
CA LEU L 443 23.32 -37.41 80.91
C LEU L 443 23.32 -36.86 82.34
N GLN L 444 24.26 -37.28 83.19
CA GLN L 444 24.28 -36.90 84.63
C GLN L 444 24.34 -35.38 84.80
N LYS L 445 25.03 -34.68 83.92
CA LYS L 445 25.14 -33.21 84.01
C LYS L 445 23.73 -32.63 83.92
N MET L 446 22.84 -33.22 83.11
CA MET L 446 21.42 -32.76 82.97
C MET L 446 20.49 -33.72 83.69
N ALA L 447 21.02 -34.74 84.37
CA ALA L 447 20.13 -35.79 84.92
C ALA L 447 19.05 -35.18 85.81
N ASP L 448 19.45 -34.30 86.73
CA ASP L 448 18.48 -33.78 87.73
C ASP L 448 17.37 -33.05 87.00
N LYS L 449 17.70 -32.19 86.04
CA LYS L 449 16.67 -31.33 85.37
C LYS L 449 15.64 -32.20 84.71
N ILE L 450 16.07 -33.33 84.09
CA ILE L 450 15.21 -34.34 83.39
C ILE L 450 14.09 -34.83 84.31
N LEU L 451 14.34 -35.11 85.59
CA LEU L 451 13.25 -35.48 86.53
C LEU L 451 12.33 -34.30 86.77
N SER L 452 12.90 -33.13 87.08
CA SER L 452 12.09 -31.91 87.32
C SER L 452 11.40 -31.57 86.03
N THR L 453 12.09 -31.81 84.90
CA THR L 453 11.59 -31.44 83.56
C THR L 453 10.28 -32.14 83.37
N GLY L 454 10.17 -33.43 83.77
CA GLY L 454 8.94 -34.23 83.55
C GLY L 454 8.03 -34.25 84.76
N LYS L 455 8.47 -33.86 85.96
CA LYS L 455 7.60 -33.80 87.17
C LYS L 455 6.64 -32.61 87.01
N TYR L 456 7.12 -31.49 86.47
CA TYR L 456 6.35 -30.26 86.24
C TYR L 456 5.25 -30.56 85.23
N LEU L 457 5.55 -31.37 84.22
CA LEU L 457 4.58 -31.67 83.12
C LEU L 457 3.32 -32.33 83.66
N ASN L 458 3.39 -33.12 84.74
CA ASN L 458 2.22 -33.92 85.17
C ASN L 458 1.32 -33.21 86.19
N VAL L 459 1.84 -32.28 86.98
CA VAL L 459 1.02 -31.50 87.96
C VAL L 459 0.14 -30.52 87.19
N VAL L 460 0.23 -30.43 85.87
CA VAL L 460 -0.75 -29.61 85.11
C VAL L 460 -1.75 -30.60 84.53
N ARG L 461 -1.28 -31.75 84.03
CA ARG L 461 -2.13 -32.85 83.47
C ARG L 461 -3.16 -33.32 84.49
N GLU L 462 -2.79 -33.39 85.78
CA GLU L 462 -3.72 -33.91 86.81
C GLU L 462 -4.97 -33.04 86.71
N CYS L 463 -4.80 -31.79 86.28
CA CYS L 463 -5.95 -30.86 86.10
C CYS L 463 -6.20 -30.59 84.61
N GLY L 464 -5.48 -29.64 84.02
CA GLY L 464 -5.66 -29.29 82.59
C GLY L 464 -5.28 -30.43 81.68
N HIS L 465 -6.19 -30.87 80.82
CA HIS L 465 -5.93 -32.08 79.98
C HIS L 465 -4.94 -31.83 78.84
N ASP L 466 -4.53 -30.59 78.60
CA ASP L 466 -3.66 -30.35 77.40
C ASP L 466 -2.22 -30.00 77.78
N VAL L 467 -1.26 -30.86 77.39
CA VAL L 467 0.19 -30.55 77.63
C VAL L 467 0.63 -29.39 76.71
N THR L 468 0.13 -29.35 75.47
CA THR L 468 0.45 -28.27 74.49
C THR L 468 1.96 -28.10 74.27
N CYS L 469 2.70 -29.21 74.09
CA CYS L 469 4.16 -29.13 73.82
C CYS L 469 4.39 -29.00 72.30
N PRO L 470 5.00 -27.91 71.80
CA PRO L 470 5.21 -27.71 70.36
C PRO L 470 6.61 -28.00 69.82
N VAL L 471 7.51 -28.50 70.66
CA VAL L 471 8.91 -28.80 70.21
C VAL L 471 8.87 -30.08 69.38
N ALA L 472 8.46 -31.19 70.00
CA ALA L 472 8.33 -32.49 69.28
C ALA L 472 9.62 -32.81 68.54
N LYS L 473 10.77 -32.61 69.17
CA LYS L 473 12.07 -32.82 68.48
C LYS L 473 12.57 -34.22 68.79
N GLU L 474 12.83 -35.02 67.76
CA GLU L 474 13.36 -36.38 67.99
C GLU L 474 14.77 -36.24 68.58
N ILE L 475 15.05 -36.97 69.67
CA ILE L 475 16.40 -36.93 70.31
C ILE L 475 17.14 -38.23 69.95
N ILE L 476 18.36 -38.12 69.41
CA ILE L 476 19.14 -39.32 68.98
C ILE L 476 20.57 -39.18 69.50
N TYR L 477 21.30 -40.28 69.60
CA TYR L 477 22.67 -40.21 70.17
C TYR L 477 23.66 -39.64 69.15
N THR L 478 24.44 -38.65 69.57
CA THR L 478 25.54 -38.08 68.75
C THR L 478 26.84 -38.03 69.57
N LEU L 479 27.99 -38.41 69.00
CA LEU L 479 29.27 -38.12 69.68
C LEU L 479 29.83 -36.85 69.05
N LYS L 480 30.56 -36.02 69.81
CA LYS L 480 31.25 -34.78 69.33
C LYS L 480 30.32 -33.58 69.31
N GLU L 481 29.01 -33.78 69.52
CA GLU L 481 28.05 -32.66 69.36
C GLU L 481 26.89 -32.83 70.35
N ARG L 482 26.83 -32.00 71.41
CA ARG L 482 25.77 -32.09 72.45
C ARG L 482 24.53 -31.38 71.91
N ALA L 483 23.77 -32.03 71.03
CA ALA L 483 22.45 -31.50 70.57
C ALA L 483 21.41 -31.99 71.57
N TYR L 484 21.71 -33.11 72.24
CA TYR L 484 20.76 -33.70 73.21
C TYR L 484 20.98 -33.02 74.55
N VAL L 485 21.77 -31.94 74.56
CA VAL L 485 21.90 -31.11 75.79
C VAL L 485 21.06 -29.86 75.54
N GLU L 486 21.16 -29.29 74.34
CA GLU L 486 20.36 -28.08 74.00
C GLU L 486 18.87 -28.43 73.96
N GLN L 487 18.53 -29.58 73.37
CA GLN L 487 17.12 -30.02 73.18
C GLN L 487 16.45 -30.27 74.53
N ILE L 488 17.20 -30.83 75.47
CA ILE L 488 16.71 -31.08 76.86
C ILE L 488 16.43 -29.72 77.49
N GLU L 489 17.29 -28.74 77.25
CA GLU L 489 17.12 -27.39 77.83
C GLU L 489 15.90 -26.74 77.21
N LYS L 490 15.67 -26.98 75.92
CA LYS L 490 14.53 -26.35 75.20
C LYS L 490 13.26 -26.82 75.87
N ALA L 491 13.18 -28.10 76.24
CA ALA L 491 12.00 -28.66 76.94
C ALA L 491 11.87 -28.17 78.38
N PHE L 492 12.97 -28.18 79.14
CA PHE L 492 12.94 -27.80 80.58
C PHE L 492 12.40 -26.38 80.68
N ASN L 493 12.71 -25.57 79.68
CA ASN L 493 12.23 -24.17 79.64
C ASN L 493 10.72 -24.10 79.42
N TYR L 494 10.18 -24.78 78.40
CA TYR L 494 8.75 -24.61 78.06
C TYR L 494 7.89 -25.11 79.19
N ALA L 495 8.36 -26.19 79.80
CA ALA L 495 7.62 -26.82 80.91
C ALA L 495 7.39 -25.82 82.05
N SER L 496 8.45 -25.17 82.51
CA SER L 496 8.38 -24.26 83.67
C SER L 496 7.81 -22.93 83.24
N LYS L 497 7.78 -22.65 81.94
CA LYS L 497 7.09 -21.42 81.47
C LYS L 497 5.58 -21.59 81.59
N VAL L 498 5.03 -22.69 81.06
CA VAL L 498 3.55 -22.89 81.05
C VAL L 498 3.03 -23.07 82.48
N LEU L 499 3.71 -23.92 83.28
CA LEU L 499 3.22 -24.22 84.66
C LEU L 499 3.25 -22.95 85.51
N LEU L 500 4.34 -22.18 85.43
CA LEU L 500 4.49 -20.96 86.26
C LEU L 500 3.45 -19.94 85.83
N ASP L 501 3.27 -19.75 84.51
CA ASP L 501 2.31 -18.73 84.01
C ASP L 501 0.91 -19.19 84.41
N PHE L 502 0.67 -20.50 84.38
CA PHE L 502 -0.65 -21.07 84.75
C PHE L 502 -0.92 -20.70 86.19
N LEU L 503 0.05 -20.89 87.08
CA LEU L 503 -0.16 -20.71 88.52
C LEU L 503 -0.22 -19.22 88.87
N MET L 504 0.48 -18.31 88.15
CA MET L 504 0.36 -16.87 88.48
C MET L 504 -0.80 -16.24 87.71
N GLU L 505 -1.39 -16.96 86.74
CA GLU L 505 -2.55 -16.48 85.97
C GLU L 505 -3.80 -17.12 86.59
N GLU L 506 -3.94 -18.45 86.45
CA GLU L 506 -5.06 -19.20 87.09
C GLU L 506 -4.60 -19.49 88.51
N LYS L 507 -5.50 -19.46 89.49
CA LYS L 507 -5.12 -19.78 90.88
C LYS L 507 -4.00 -18.83 91.26
N GLU L 508 -4.08 -17.57 90.79
CA GLU L 508 -3.04 -16.54 91.07
C GLU L 508 -2.58 -16.65 92.52
N LEU L 509 -1.27 -16.65 92.76
CA LEU L 509 -0.71 -16.81 94.13
C LEU L 509 -0.34 -15.45 94.70
N VAL L 510 -0.50 -14.40 93.92
CA VAL L 510 -0.27 -13.01 94.44
C VAL L 510 -1.42 -12.71 95.39
N ALA L 511 -2.64 -13.11 95.00
CA ALA L 511 -3.86 -12.82 95.79
C ALA L 511 -3.96 -13.61 97.08
N HIS L 512 -3.90 -14.95 97.01
CA HIS L 512 -4.04 -15.86 98.18
C HIS L 512 -3.00 -15.53 99.25
N LEU L 513 -1.82 -15.04 98.88
CA LEU L 513 -0.77 -14.64 99.84
C LEU L 513 -1.18 -13.33 100.56
N ARG L 514 -1.85 -12.43 99.83
CA ARG L 514 -2.38 -11.17 100.45
C ARG L 514 -3.44 -11.54 101.46
N SER L 515 -4.28 -12.52 101.13
CA SER L 515 -5.37 -12.96 102.03
C SER L 515 -4.78 -13.65 103.25
N ILE L 516 -3.63 -14.31 103.08
CA ILE L 516 -2.99 -14.94 104.27
C ILE L 516 -2.52 -13.83 105.20
N LYS L 517 -1.80 -12.83 104.67
CA LYS L 517 -1.22 -11.70 105.47
C LYS L 517 -2.30 -10.81 106.08
N ARG L 518 -3.48 -10.69 105.46
CA ARG L 518 -4.57 -9.82 105.97
C ARG L 518 -5.04 -10.36 107.31
N TYR L 519 -5.00 -11.68 107.53
CA TYR L 519 -5.52 -12.30 108.78
C TYR L 519 -4.40 -12.90 109.63
N PHE L 520 -3.22 -13.19 109.06
CA PHE L 520 -2.11 -13.82 109.82
C PHE L 520 -1.13 -12.77 110.36
N LEU L 521 -0.80 -11.73 109.57
CA LEU L 521 0.12 -10.62 110.00
C LEU L 521 -0.71 -9.43 110.50
N MET L 522 -2.04 -9.54 110.57
CA MET L 522 -2.93 -8.48 111.11
C MET L 522 -2.80 -7.15 110.37
N ASP L 523 -2.70 -7.15 109.04
CA ASP L 523 -2.72 -5.85 108.30
C ASP L 523 -4.10 -5.20 108.49
N GLN L 524 -5.17 -5.98 108.43
CA GLN L 524 -6.55 -5.47 108.64
C GLN L 524 -6.79 -5.60 110.13
N GLY L 525 -6.41 -4.58 110.91
CA GLY L 525 -6.71 -4.55 112.35
C GLY L 525 -8.12 -4.10 112.60
N ASP L 526 -8.75 -3.45 111.63
CA ASP L 526 -10.17 -3.03 111.74
C ASP L 526 -10.90 -4.28 112.18
N PHE L 527 -10.64 -5.39 111.50
CA PHE L 527 -11.30 -6.67 111.80
C PHE L 527 -10.95 -7.07 113.24
N PHE L 528 -9.69 -6.94 113.65
CA PHE L 528 -9.24 -7.34 115.01
C PHE L 528 -9.89 -6.44 116.07
N VAL L 529 -10.03 -5.14 115.83
CA VAL L 529 -10.65 -4.32 116.93
C VAL L 529 -12.07 -4.85 117.15
N HIS L 530 -12.83 -5.05 116.08
CA HIS L 530 -14.24 -5.52 116.19
C HIS L 530 -14.26 -6.92 116.78
N PHE L 531 -13.44 -7.85 116.26
CA PHE L 531 -13.47 -9.27 116.69
C PHE L 531 -12.99 -9.45 118.13
N MET L 532 -11.94 -8.75 118.54
CA MET L 532 -11.31 -9.00 119.85
C MET L 532 -12.33 -8.98 120.98
N ASP L 533 -13.12 -7.93 121.15
CA ASP L 533 -13.99 -7.76 122.35
C ASP L 533 -15.28 -8.55 122.16
N LEU L 534 -15.68 -8.81 120.93
CA LEU L 534 -16.96 -9.48 120.58
C LEU L 534 -16.85 -10.94 121.02
N ALA L 535 -15.63 -11.49 121.06
CA ALA L 535 -15.39 -12.89 121.49
C ALA L 535 -14.71 -12.96 122.86
N GLU L 536 -14.19 -11.84 123.38
CA GLU L 536 -13.34 -11.89 124.61
C GLU L 536 -14.10 -12.43 125.81
N GLU L 537 -15.34 -12.01 126.00
CA GLU L 537 -16.12 -12.43 127.19
C GLU L 537 -16.15 -13.95 127.18
N GLU L 538 -16.22 -14.58 126.00
CA GLU L 538 -16.09 -16.06 125.87
C GLU L 538 -14.63 -16.53 126.02
N LEU L 539 -13.68 -15.78 125.44
CA LEU L 539 -12.26 -16.20 125.42
C LEU L 539 -11.73 -16.32 126.85
N ARG L 540 -12.13 -15.43 127.75
CA ARG L 540 -11.57 -15.42 129.13
C ARG L 540 -11.87 -16.75 129.80
N LYS L 541 -12.91 -17.47 129.35
CA LYS L 541 -13.22 -18.83 129.89
C LYS L 541 -12.16 -19.83 129.43
N PRO L 542 -11.92 -20.88 130.22
CA PRO L 542 -10.96 -21.93 129.87
C PRO L 542 -11.47 -22.93 128.83
N VAL L 543 -10.60 -23.85 128.39
CA VAL L 543 -10.92 -24.85 127.33
C VAL L 543 -11.86 -25.92 127.87
N GLU L 544 -12.57 -26.63 126.96
CA GLU L 544 -13.54 -27.71 127.27
C GLU L 544 -14.83 -27.03 127.75
N ASP L 545 -14.78 -25.71 127.93
CA ASP L 545 -15.93 -24.90 128.40
C ASP L 545 -16.21 -23.88 127.29
N ILE L 546 -15.48 -23.98 126.17
CA ILE L 546 -15.62 -23.03 125.01
C ILE L 546 -16.23 -23.78 123.83
N THR L 547 -17.27 -23.20 123.21
CA THR L 547 -18.01 -23.90 122.13
C THR L 547 -17.53 -23.38 120.77
N PRO L 548 -16.91 -24.23 119.92
CA PRO L 548 -16.44 -23.81 118.61
C PRO L 548 -17.57 -23.19 117.77
N PRO L 549 -18.84 -23.65 117.82
CA PRO L 549 -19.90 -22.97 117.08
C PRO L 549 -20.02 -21.50 117.48
N ARG L 550 -19.91 -21.19 118.78
CA ARG L 550 -20.04 -19.78 119.25
C ARG L 550 -18.91 -18.92 118.68
N LEU L 551 -17.66 -19.39 118.80
CA LEU L 551 -16.49 -18.62 118.29
C LEU L 551 -16.60 -18.53 116.76
N GLU L 552 -17.01 -19.62 116.12
CA GLU L 552 -17.08 -19.64 114.64
C GLU L 552 -18.08 -18.58 114.20
N ALA L 553 -19.29 -18.59 114.76
CA ALA L 553 -20.33 -17.61 114.41
C ALA L 553 -19.80 -16.21 114.68
N LEU L 554 -19.09 -16.01 115.80
CA LEU L 554 -18.58 -14.68 116.19
C LEU L 554 -17.53 -14.18 115.20
N LEU L 555 -16.60 -15.04 114.78
CA LEU L 555 -15.61 -14.64 113.73
C LEU L 555 -16.35 -14.44 112.42
N GLU L 556 -17.29 -15.34 112.08
CA GLU L 556 -18.03 -15.28 110.80
C GLU L 556 -18.72 -13.94 110.73
N LEU L 557 -19.25 -13.48 111.86
CA LEU L 557 -19.96 -12.18 111.97
C LEU L 557 -18.93 -11.05 111.87
N ALA L 558 -17.86 -11.10 112.67
CA ALA L 558 -16.85 -10.03 112.71
C ALA L 558 -16.32 -9.79 111.30
N LEU L 559 -16.12 -10.85 110.53
CA LEU L 559 -15.54 -10.72 109.17
C LEU L 559 -16.50 -9.88 108.32
N ARG L 560 -17.80 -10.15 108.42
CA ARG L 560 -18.82 -9.36 107.67
C ARG L 560 -18.81 -7.92 108.17
N MET L 561 -18.67 -7.72 109.48
CA MET L 561 -18.71 -6.36 110.09
C MET L 561 -17.54 -5.52 109.60
N SER L 562 -16.34 -6.09 109.44
CA SER L 562 -15.12 -5.32 109.10
C SER L 562 -15.15 -4.75 107.68
N THR L 563 -14.37 -3.69 107.41
CA THR L 563 -14.22 -3.09 106.06
C THR L 563 -13.56 -4.13 105.16
N ALA L 564 -12.89 -5.14 105.73
CA ALA L 564 -12.24 -6.24 104.98
C ALA L 564 -13.29 -7.29 104.60
N ASN L 565 -14.35 -6.91 103.88
CA ASN L 565 -15.40 -7.86 103.40
C ASN L 565 -15.32 -7.82 101.87
N THR L 566 -14.16 -7.43 101.32
CA THR L 566 -13.96 -7.31 99.84
C THR L 566 -12.98 -8.34 99.28
N ASP L 567 -12.39 -9.17 100.16
CA ASP L 567 -11.39 -10.18 99.76
C ASP L 567 -12.13 -11.42 99.27
N PRO L 568 -11.82 -11.97 98.07
CA PRO L 568 -12.59 -13.08 97.51
C PRO L 568 -12.50 -14.36 98.35
N PHE L 569 -11.35 -14.64 98.92
CA PHE L 569 -11.09 -15.93 99.63
C PHE L 569 -11.37 -15.76 101.13
N LYS L 570 -12.09 -14.71 101.54
CA LYS L 570 -12.30 -14.42 102.98
C LYS L 570 -12.86 -15.64 103.68
N ASP L 571 -13.69 -16.44 103.00
CA ASP L 571 -14.40 -17.57 103.64
C ASP L 571 -13.41 -18.56 104.23
N ASP L 572 -12.21 -18.62 103.69
CA ASP L 572 -11.26 -19.68 104.09
C ASP L 572 -10.96 -19.74 105.60
N LEU L 573 -10.82 -18.62 106.30
CA LEU L 573 -10.41 -18.69 107.74
C LEU L 573 -11.29 -19.65 108.55
N LYS L 574 -10.72 -20.46 109.44
CA LYS L 574 -11.49 -21.35 110.35
C LYS L 574 -10.86 -21.24 111.74
N ILE L 575 -11.65 -21.33 112.82
CA ILE L 575 -11.13 -21.22 114.21
C ILE L 575 -10.80 -22.62 114.71
N ASP L 576 -9.54 -22.89 115.01
CA ASP L 576 -9.04 -24.18 115.55
C ASP L 576 -8.24 -23.86 116.81
N LEU L 577 -7.89 -24.90 117.59
CA LEU L 577 -7.13 -24.68 118.85
C LEU L 577 -5.72 -25.24 118.72
N MET L 578 -4.74 -24.54 119.33
CA MET L 578 -3.35 -25.06 119.32
C MET L 578 -3.11 -25.82 120.62
N PRO L 579 -3.07 -27.17 120.60
CA PRO L 579 -2.89 -27.93 121.84
C PRO L 579 -1.47 -27.68 122.37
N HIS L 580 -1.37 -27.25 123.63
CA HIS L 580 -0.07 -26.99 124.30
C HIS L 580 0.48 -25.65 123.81
N ASP L 581 -0.18 -25.03 122.85
CA ASP L 581 0.22 -23.66 122.43
C ASP L 581 1.72 -23.63 122.12
N LEU L 582 2.43 -22.65 122.68
CA LEU L 582 3.89 -22.49 122.43
C LEU L 582 4.69 -23.55 123.20
N ILE L 583 4.07 -24.25 124.15
CA ILE L 583 4.77 -25.33 124.90
C ILE L 583 5.14 -26.47 123.95
N THR L 584 4.23 -26.86 123.06
CA THR L 584 4.53 -27.92 122.08
C THR L 584 5.73 -27.47 121.25
N GLN L 585 5.83 -26.16 121.01
CA GLN L 585 6.94 -25.59 120.22
C GLN L 585 8.26 -25.94 120.92
N LEU L 586 9.27 -26.33 120.14
CA LEU L 586 10.60 -26.69 120.71
C LEU L 586 10.98 -25.67 121.79
N GLU L 607 -0.89 -23.05 131.02
CA GLU L 607 -1.60 -24.36 131.06
C GLU L 607 -2.38 -24.58 129.76
N LEU L 608 -2.62 -25.84 129.37
CA LEU L 608 -3.49 -26.16 128.20
C LEU L 608 -4.94 -25.75 128.53
N ALA L 609 -5.34 -25.91 129.80
CA ALA L 609 -6.69 -25.51 130.28
C ALA L 609 -6.87 -24.00 130.08
N LEU L 610 -5.78 -23.23 130.22
CA LEU L 610 -5.81 -21.76 130.01
C LEU L 610 -6.17 -21.54 128.56
N SER L 611 -7.00 -20.53 128.26
CA SER L 611 -7.54 -20.31 126.90
C SER L 611 -7.87 -18.85 126.67
N GLY L 612 -8.36 -18.55 125.49
CA GLY L 612 -8.80 -17.20 125.13
C GLY L 612 -7.75 -16.54 124.29
N LEU L 613 -7.11 -15.49 124.78
CA LEU L 613 -5.95 -14.94 124.06
C LEU L 613 -5.00 -16.14 124.04
N GLU L 614 -5.02 -16.95 125.10
CA GLU L 614 -4.07 -18.06 125.27
C GLU L 614 -4.16 -19.14 124.19
N ALA L 615 -5.33 -19.68 123.82
CA ALA L 615 -5.43 -20.87 122.93
C ALA L 615 -6.07 -20.59 121.56
N PHE L 616 -5.95 -19.38 121.04
CA PHE L 616 -6.58 -19.00 119.76
C PHE L 616 -5.64 -19.27 118.59
N SER L 617 -6.09 -19.92 117.50
CA SER L 617 -5.23 -20.09 116.30
C SER L 617 -6.10 -20.06 115.05
N PHE L 618 -5.76 -19.23 114.06
CA PHE L 618 -6.49 -19.22 112.76
C PHE L 618 -5.93 -20.39 111.92
N ASP L 619 -6.64 -20.78 110.86
CA ASP L 619 -6.18 -21.84 109.93
C ASP L 619 -6.82 -21.52 108.60
N TYR L 620 -6.10 -21.69 107.49
CA TYR L 620 -6.62 -21.27 106.15
C TYR L 620 -6.73 -22.51 105.28
N ILE L 621 -7.73 -22.52 104.39
CA ILE L 621 -7.98 -23.71 103.52
C ILE L 621 -7.42 -23.48 102.11
N VAL L 622 -6.74 -24.47 101.55
CA VAL L 622 -6.23 -24.38 100.15
C VAL L 622 -6.51 -25.70 99.44
N LYS L 623 -6.85 -25.66 98.14
CA LYS L 623 -7.13 -26.88 97.32
C LYS L 623 -5.81 -27.42 96.78
N TRP L 624 -5.82 -28.48 95.95
CA TRP L 624 -4.58 -29.12 95.42
C TRP L 624 -3.73 -28.16 94.58
N PRO L 625 -4.34 -27.35 93.68
CA PRO L 625 -3.58 -26.46 92.82
C PRO L 625 -2.53 -25.68 93.60
N LEU L 626 -2.90 -24.82 94.55
CA LEU L 626 -1.95 -23.95 95.28
C LEU L 626 -1.55 -24.57 96.61
N SER L 627 -2.05 -25.73 96.93
CA SER L 627 -1.61 -26.42 98.16
C SER L 627 -0.13 -26.71 98.01
N LEU L 628 0.34 -26.91 96.78
CA LEU L 628 1.73 -27.37 96.52
C LEU L 628 2.74 -26.28 96.89
N ILE L 629 2.34 -25.02 97.02
CA ILE L 629 3.24 -23.94 97.50
C ILE L 629 2.89 -23.61 98.97
N ILE L 630 1.64 -23.26 99.29
CA ILE L 630 1.19 -22.92 100.67
C ILE L 630 0.81 -24.25 101.30
N ASN L 631 1.69 -24.87 102.07
CA ASN L 631 1.44 -26.24 102.57
C ASN L 631 1.41 -26.30 104.08
N ARG L 632 1.48 -27.48 104.70
CA ARG L 632 1.51 -27.69 106.17
C ARG L 632 2.72 -26.98 106.76
N LYS L 633 3.89 -27.16 106.18
CA LYS L 633 5.12 -26.57 106.75
C LYS L 633 4.97 -25.06 106.74
N ALA L 634 4.40 -24.48 105.70
CA ALA L 634 4.25 -23.01 105.57
C ALA L 634 3.24 -22.47 106.56
N LEU L 635 2.07 -23.11 106.70
CA LEU L 635 0.95 -22.60 107.54
C LEU L 635 1.12 -23.02 109.00
N THR L 636 2.04 -23.94 109.33
CA THR L 636 2.28 -24.26 110.75
C THR L 636 3.00 -23.06 111.34
N ARG L 637 3.81 -22.39 110.55
CA ARG L 637 4.64 -21.26 111.04
C ARG L 637 3.93 -19.92 110.91
N TYR L 638 3.13 -19.66 109.88
CA TYR L 638 2.34 -18.42 109.75
C TYR L 638 1.42 -18.32 110.97
N GLN L 639 0.78 -19.44 111.36
CA GLN L 639 -0.05 -19.48 112.59
C GLN L 639 0.81 -19.17 113.80
N MET L 640 1.99 -19.82 113.94
CA MET L 640 2.86 -19.66 115.13
C MET L 640 3.35 -18.22 115.22
N LEU L 641 3.51 -17.53 114.09
CA LEU L 641 3.83 -16.07 114.06
C LEU L 641 2.63 -15.25 114.55
N PHE L 642 1.44 -15.56 114.01
CA PHE L 642 0.21 -14.81 114.34
C PHE L 642 -0.07 -14.90 115.83
N ARG L 643 0.11 -16.10 116.42
CA ARG L 643 -0.22 -16.35 117.84
C ARG L 643 0.59 -15.42 118.76
N HIS L 644 1.92 -15.39 118.64
CA HIS L 644 2.77 -14.49 119.45
C HIS L 644 2.33 -13.07 119.15
N MET L 645 2.01 -12.73 117.90
CA MET L 645 1.67 -11.32 117.57
C MET L 645 0.32 -10.96 118.18
N PHE L 646 -0.55 -11.94 118.45
CA PHE L 646 -1.89 -11.71 119.06
C PHE L 646 -1.75 -11.21 120.50
N TYR L 647 -0.87 -11.81 121.31
CA TYR L 647 -0.70 -11.46 122.75
C TYR L 647 -0.25 -10.01 122.86
N CYS L 648 0.68 -9.61 122.02
CA CYS L 648 1.24 -8.25 122.04
C CYS L 648 0.08 -7.29 121.80
N LYS L 649 -0.82 -7.60 120.88
CA LYS L 649 -2.01 -6.75 120.61
C LYS L 649 -3.00 -6.88 121.77
N HIS L 650 -3.22 -8.08 122.28
CA HIS L 650 -4.25 -8.33 123.33
C HIS L 650 -3.91 -7.65 124.65
N VAL L 651 -2.67 -7.75 125.11
CA VAL L 651 -2.27 -7.27 126.47
C VAL L 651 -1.95 -5.78 126.41
N GLU L 652 -1.66 -5.22 125.24
CA GLU L 652 -1.46 -3.76 125.11
C GLU L 652 -2.81 -3.12 125.41
N ARG L 653 -3.92 -3.71 124.95
CA ARG L 653 -5.28 -3.14 125.15
C ARG L 653 -5.76 -3.42 126.57
N GLN L 654 -5.28 -4.48 127.25
CA GLN L 654 -5.57 -4.74 128.67
C GLN L 654 -4.90 -3.67 129.53
N LEU L 655 -3.66 -3.27 129.20
CA LEU L 655 -2.97 -2.15 129.89
C LEU L 655 -3.74 -0.87 129.59
N CYS L 656 -4.22 -0.70 128.36
CA CYS L 656 -5.02 0.49 127.97
C CYS L 656 -6.33 0.49 128.76
N SER L 657 -6.96 -0.66 129.01
CA SER L 657 -8.28 -0.75 129.69
C SER L 657 -8.16 -0.36 131.16
N VAL L 658 -7.10 -0.77 131.84
CA VAL L 658 -6.86 -0.45 133.27
C VAL L 658 -6.66 1.07 133.38
N TRP L 659 -6.05 1.70 132.38
CA TRP L 659 -5.76 3.16 132.38
C TRP L 659 -7.05 3.96 132.14
N ILE L 660 -8.04 3.38 131.47
CA ILE L 660 -9.39 4.02 131.26
C ILE L 660 -10.16 4.01 132.58
N SER L 661 -10.12 2.92 133.35
CA SER L 661 -10.94 2.78 134.60
C SER L 661 -10.55 3.86 135.61
N ASN L 662 -9.25 4.06 135.83
CA ASN L 662 -8.74 5.13 136.74
C ASN L 662 -9.03 6.48 136.08
N LYS L 663 -8.87 6.57 134.75
CA LYS L 663 -9.10 7.81 133.96
C LYS L 663 -7.99 8.80 134.29
N GLN L 674 -5.99 9.90 147.01
CA GLN L 674 -6.84 10.05 145.80
C GLN L 674 -6.07 9.57 144.58
N TRP L 675 -6.34 8.35 144.10
CA TRP L 675 -5.68 7.78 142.89
C TRP L 675 -4.17 7.97 143.03
N PHE L 676 -3.60 7.43 144.09
CA PHE L 676 -2.16 7.61 144.38
C PHE L 676 -1.43 7.12 143.13
N ALA L 677 -0.29 7.72 142.79
CA ALA L 677 0.40 7.46 141.50
C ALA L 677 1.10 6.11 141.47
N GLY L 678 1.07 5.34 142.54
CA GLY L 678 1.88 4.13 142.57
C GLY L 678 1.68 3.39 141.26
N ALA L 679 0.45 3.17 140.80
CA ALA L 679 0.20 2.53 139.50
C ALA L 679 0.75 3.34 138.33
N PHE L 680 0.48 4.62 138.18
CA PHE L 680 0.77 5.41 136.97
C PHE L 680 2.26 5.31 136.61
N THR L 681 3.19 5.20 137.57
CA THR L 681 4.64 5.04 137.26
C THR L 681 4.90 3.73 136.49
N LEU L 682 4.43 2.60 137.01
CA LEU L 682 4.76 1.27 136.45
C LEU L 682 4.05 1.00 135.13
N ARG L 683 2.80 1.48 134.99
CA ARG L 683 1.95 1.25 133.80
C ARG L 683 2.50 2.08 132.65
N GLN L 684 2.97 3.29 132.90
CA GLN L 684 3.63 4.12 131.89
C GLN L 684 4.90 3.40 131.39
N ARG L 685 5.60 2.65 132.26
CA ARG L 685 6.87 1.92 131.94
C ARG L 685 6.57 0.74 131.00
N MET L 686 5.60 -0.12 131.35
CA MET L 686 5.27 -1.34 130.56
C MET L 686 4.71 -0.94 129.20
N LEU L 687 3.77 0.02 129.20
CA LEU L 687 3.09 0.44 127.95
C LEU L 687 4.12 1.02 127.01
N ASN L 688 5.01 1.90 127.46
CA ASN L 688 5.98 2.54 126.54
C ASN L 688 7.01 1.49 126.12
N PHE L 689 7.19 0.41 126.88
CA PHE L 689 8.11 -0.66 126.45
C PHE L 689 7.43 -1.48 125.34
N VAL L 690 6.19 -1.93 125.54
CA VAL L 690 5.46 -2.83 124.59
C VAL L 690 5.04 -2.14 123.29
N GLN L 691 4.38 -0.99 123.36
CA GLN L 691 3.96 -0.25 122.15
C GLN L 691 5.19 -0.14 121.24
N ASN L 692 6.40 -0.11 121.79
CA ASN L 692 7.66 0.00 121.01
C ASN L 692 8.07 -1.36 120.45
N ILE L 693 7.75 -2.47 121.13
CA ILE L 693 8.03 -3.84 120.58
C ILE L 693 7.12 -4.04 119.37
N GLN L 694 5.89 -3.53 119.40
CA GLN L 694 4.90 -3.77 118.34
C GLN L 694 5.15 -2.80 117.18
N TYR L 695 5.90 -1.72 117.38
CA TYR L 695 6.27 -0.79 116.29
C TYR L 695 7.53 -1.35 115.64
N TYR L 696 8.36 -2.06 116.40
CA TYR L 696 9.55 -2.77 115.84
C TYR L 696 9.10 -4.02 115.07
N MET L 697 8.19 -4.81 115.64
CA MET L 697 7.81 -6.12 115.01
C MET L 697 7.10 -5.90 113.67
N MET L 698 6.14 -4.99 113.63
CA MET L 698 5.31 -4.76 112.42
C MET L 698 6.02 -3.82 111.44
N PHE L 699 6.86 -2.89 111.90
CA PHE L 699 7.51 -1.93 111.00
C PHE L 699 9.03 -2.03 110.96
N GLU L 700 9.64 -3.05 111.56
CA GLU L 700 11.10 -3.25 111.43
C GLU L 700 11.42 -4.64 110.84
N VAL L 701 10.50 -5.61 110.94
CA VAL L 701 10.69 -7.00 110.40
C VAL L 701 9.67 -7.29 109.29
N MET L 702 8.36 -7.32 109.60
CA MET L 702 7.31 -7.84 108.68
C MET L 702 7.21 -7.09 107.34
N GLU L 703 6.76 -5.84 107.29
CA GLU L 703 6.55 -5.05 106.05
C GLU L 703 7.90 -4.93 105.32
N PRO L 704 9.05 -4.87 106.03
CA PRO L 704 10.37 -4.97 105.37
C PRO L 704 10.54 -6.23 104.49
N THR L 705 10.46 -7.43 105.08
CA THR L 705 10.75 -8.74 104.43
C THR L 705 9.66 -9.12 103.42
N TRP L 706 8.42 -8.76 103.71
CA TRP L 706 7.29 -9.06 102.79
C TRP L 706 7.56 -8.37 101.46
N HIS L 707 8.14 -7.16 101.48
CA HIS L 707 8.51 -6.43 100.24
C HIS L 707 9.70 -7.12 99.58
N ILE L 708 10.46 -7.95 100.32
CA ILE L 708 11.50 -8.83 99.72
C ILE L 708 10.81 -9.96 98.97
N LEU L 709 9.78 -10.57 99.59
CA LEU L 709 9.05 -11.72 98.98
C LEU L 709 8.26 -11.30 97.73
N GLU L 710 7.51 -10.20 97.79
CA GLU L 710 6.67 -9.74 96.66
C GLU L 710 7.62 -9.35 95.53
N LYS L 711 8.82 -8.87 95.84
CA LYS L 711 9.84 -8.47 94.83
C LYS L 711 10.47 -9.69 94.14
N ASN L 712 10.90 -10.69 94.91
CA ASN L 712 11.63 -11.87 94.37
C ASN L 712 10.67 -12.84 93.69
N LEU L 713 9.43 -13.00 94.16
CA LEU L 713 8.40 -13.84 93.50
C LEU L 713 7.97 -13.20 92.19
N LYS L 714 8.32 -11.94 91.94
CA LYS L 714 8.00 -11.26 90.66
C LYS L 714 9.10 -11.61 89.67
N SER L 715 10.28 -11.98 90.17
CA SER L 715 11.47 -12.23 89.31
C SER L 715 11.96 -13.69 89.33
N ALA L 716 11.17 -14.63 89.86
CA ALA L 716 11.51 -16.08 89.74
C ALA L 716 11.02 -16.52 88.36
N SER L 717 11.57 -17.62 87.83
CA SER L 717 11.10 -18.18 86.53
C SER L 717 10.79 -19.68 86.63
N ASN L 718 10.74 -20.24 87.85
CA ASN L 718 10.49 -21.69 88.10
C ASN L 718 9.67 -21.85 89.38
N ILE L 719 8.99 -23.00 89.56
CA ILE L 719 8.18 -23.29 90.79
C ILE L 719 8.95 -24.18 91.77
N ASP L 720 10.29 -24.18 91.68
CA ASP L 720 11.15 -24.77 92.74
C ASP L 720 11.94 -23.58 93.29
N ASP L 721 11.86 -22.43 92.58
CA ASP L 721 12.52 -21.17 93.04
C ASP L 721 11.48 -20.30 93.78
N VAL L 722 10.21 -20.31 93.36
CA VAL L 722 9.10 -19.63 94.08
C VAL L 722 9.01 -20.30 95.45
N LEU L 723 9.17 -21.63 95.51
CA LEU L 723 9.22 -22.42 96.77
C LEU L 723 10.46 -21.99 97.56
N GLY L 724 11.53 -21.55 96.88
CA GLY L 724 12.69 -20.99 97.60
C GLY L 724 12.41 -19.66 98.29
N HIS L 725 11.77 -18.69 97.59
CA HIS L 725 11.50 -17.33 98.16
C HIS L 725 10.51 -17.41 99.32
N HIS L 726 9.43 -18.18 99.14
CA HIS L 726 8.31 -18.34 100.12
C HIS L 726 8.85 -18.83 101.46
N THR L 727 9.72 -19.86 101.47
CA THR L 727 10.33 -20.44 102.69
C THR L 727 11.43 -19.49 103.16
N GLY L 728 12.01 -18.71 102.23
CA GLY L 728 13.03 -17.72 102.56
C GLY L 728 12.47 -16.54 103.33
N PHE L 729 11.33 -15.99 102.87
CA PHE L 729 10.66 -14.87 103.57
C PHE L 729 10.22 -15.36 104.94
N LEU L 730 9.59 -16.54 104.99
CA LEU L 730 9.01 -17.10 106.24
C LEU L 730 10.08 -17.35 107.30
N ASP L 731 11.26 -17.88 106.91
CA ASP L 731 12.35 -18.18 107.88
C ASP L 731 12.99 -16.87 108.33
N THR L 732 13.08 -15.91 107.41
CA THR L 732 13.64 -14.57 107.77
C THR L 732 12.79 -13.85 108.84
N CYS L 733 11.46 -13.74 108.64
CA CYS L 733 10.57 -13.04 109.59
C CYS L 733 10.47 -13.82 110.90
N LEU L 734 10.55 -15.15 110.85
CA LEU L 734 10.54 -15.96 112.09
C LEU L 734 11.84 -15.77 112.89
N LYS L 735 12.99 -15.73 112.20
CA LYS L 735 14.32 -15.63 112.89
C LYS L 735 14.69 -14.22 113.33
N ASP L 736 14.48 -13.21 112.46
CA ASP L 736 14.83 -11.79 112.75
C ASP L 736 13.96 -11.33 113.93
N CYS L 737 12.70 -11.74 113.94
CA CYS L 737 11.82 -11.47 115.10
C CYS L 737 12.30 -12.35 116.26
N MET L 738 11.86 -12.06 117.48
CA MET L 738 12.39 -12.70 118.72
C MET L 738 11.83 -14.11 118.95
N LEU L 739 11.08 -14.65 117.99
CA LEU L 739 10.62 -16.07 118.08
C LEU L 739 11.86 -16.98 118.04
N THR L 740 12.86 -16.60 117.24
CA THR L 740 14.12 -17.39 117.13
C THR L 740 15.16 -16.86 118.13
N ASN L 741 15.19 -17.43 119.34
CA ASN L 741 16.25 -17.13 120.36
C ASN L 741 16.65 -18.51 120.94
N PRO L 742 17.90 -18.75 121.41
CA PRO L 742 18.25 -20.09 121.94
C PRO L 742 17.34 -20.56 123.08
N GLU L 743 17.02 -19.70 124.06
CA GLU L 743 16.06 -19.99 125.16
C GLU L 743 14.71 -19.40 124.73
N LEU L 744 14.59 -18.98 123.46
CA LEU L 744 13.30 -18.57 122.81
C LEU L 744 12.72 -17.30 123.48
N LEU L 745 13.51 -16.50 124.19
CA LEU L 745 13.03 -15.29 124.92
C LEU L 745 11.83 -15.66 125.81
N LYS L 746 12.00 -16.57 126.77
CA LYS L 746 10.95 -16.83 127.79
C LYS L 746 10.95 -15.57 128.67
N VAL L 747 12.05 -14.80 128.65
CA VAL L 747 12.16 -13.53 129.42
C VAL L 747 11.04 -12.58 128.96
N PHE L 748 10.72 -12.57 127.66
CA PHE L 748 9.59 -11.76 127.11
C PHE L 748 8.29 -12.29 127.71
N SER L 749 8.14 -13.62 127.81
CA SER L 749 6.94 -14.27 128.42
C SER L 749 6.81 -13.90 129.90
N LYS L 750 7.92 -13.87 130.65
CA LYS L 750 7.92 -13.49 132.09
C LYS L 750 7.51 -12.03 132.22
N LEU L 751 7.94 -11.18 131.27
CA LEU L 751 7.56 -9.74 131.24
C LEU L 751 6.05 -9.62 131.04
N MET L 752 5.49 -10.46 130.15
CA MET L 752 4.03 -10.42 129.82
C MET L 752 3.22 -11.02 130.97
N SER L 753 3.81 -11.90 131.80
CA SER L 753 3.10 -12.47 132.98
C SER L 753 2.94 -11.40 134.08
N VAL L 754 3.99 -10.63 134.33
CA VAL L 754 3.94 -9.54 135.36
C VAL L 754 3.01 -8.43 134.85
N CYS L 755 2.99 -8.19 133.53
CA CYS L 755 2.14 -7.14 132.93
C CYS L 755 0.66 -7.49 133.13
N VAL L 756 0.28 -8.76 132.90
CA VAL L 756 -1.14 -9.21 133.05
C VAL L 756 -1.53 -9.28 134.52
N MET L 757 -0.60 -9.72 135.38
CA MET L 757 -0.85 -9.80 136.84
C MET L 757 -1.03 -8.38 137.38
N PHE L 758 -0.25 -7.44 136.84
CA PHE L 758 -0.36 -6.01 137.25
C PHE L 758 -1.74 -5.48 136.87
N THR L 759 -2.13 -5.64 135.61
CA THR L 759 -3.42 -5.05 135.16
C THR L 759 -4.55 -5.72 135.91
N ASN L 760 -4.45 -7.03 136.14
CA ASN L 760 -5.50 -7.79 136.85
C ASN L 760 -5.78 -7.12 138.19
N CYS L 761 -4.80 -7.15 139.10
CA CYS L 761 -5.03 -6.59 140.46
C CYS L 761 -5.29 -5.09 140.37
N MET L 762 -4.60 -4.37 139.49
CA MET L 762 -4.76 -2.89 139.48
C MET L 762 -6.22 -2.57 139.14
N GLN L 763 -6.77 -3.24 138.12
CA GLN L 763 -8.20 -3.03 137.77
C GLN L 763 -9.06 -3.51 138.94
N LYS L 764 -8.68 -4.65 139.52
CA LYS L 764 -9.49 -5.21 140.63
C LYS L 764 -9.48 -4.24 141.80
N PHE L 765 -8.32 -3.66 142.14
CA PHE L 765 -8.23 -2.73 143.28
C PHE L 765 -9.05 -1.48 142.98
N THR L 766 -8.94 -0.96 141.76
CA THR L 766 -9.65 0.31 141.45
C THR L 766 -11.14 0.01 141.49
N GLN L 767 -11.52 -1.22 141.13
CA GLN L 767 -12.93 -1.61 141.30
C GLN L 767 -13.19 -1.72 142.79
N SER L 768 -12.28 -2.33 143.54
CA SER L 768 -12.49 -2.57 144.99
C SER L 768 -12.61 -1.25 145.77
N MET L 769 -11.72 -0.29 145.51
CA MET L 769 -11.75 0.98 146.28
C MET L 769 -13.03 1.74 145.93
N LYS L 770 -13.40 1.73 144.63
CA LYS L 770 -14.66 2.40 144.20
C LYS L 770 -15.83 1.67 144.83
N LEU L 771 -15.77 0.33 144.87
CA LEU L 771 -16.90 -0.47 145.39
C LEU L 771 -16.44 -1.29 146.60
N LEU L 814 -5.07 1.02 151.64
CA LEU L 814 -5.20 1.94 150.48
C LEU L 814 -3.84 1.95 149.81
N VAL L 815 -2.76 2.05 150.59
CA VAL L 815 -1.36 1.94 150.07
C VAL L 815 -0.63 0.76 150.74
N SER L 816 -1.12 0.25 151.88
CA SER L 816 -0.51 -0.92 152.58
C SER L 816 -0.63 -2.13 151.67
N GLY L 817 -1.70 -2.22 150.87
CA GLY L 817 -1.87 -3.29 149.87
C GLY L 817 -1.48 -2.81 148.48
N PHE L 818 -1.89 -1.61 148.07
CA PHE L 818 -1.65 -1.17 146.66
C PHE L 818 -0.16 -0.81 146.49
N GLU L 819 0.35 0.16 147.25
CA GLU L 819 1.75 0.61 147.00
C GLU L 819 2.71 -0.55 147.22
N ALA L 820 2.36 -1.51 148.09
CA ALA L 820 3.19 -2.72 148.30
C ALA L 820 3.33 -3.49 146.98
N THR L 821 2.22 -3.70 146.26
CA THR L 821 2.22 -4.38 144.94
C THR L 821 2.89 -3.49 143.89
N ILE L 822 2.67 -2.18 143.98
CA ILE L 822 3.24 -1.22 142.98
C ILE L 822 4.77 -1.28 143.05
N ASN L 823 5.34 -1.23 144.25
CA ASN L 823 6.82 -1.19 144.43
C ASN L 823 7.43 -2.52 143.97
N LYS L 824 6.82 -3.65 144.36
CA LYS L 824 7.37 -4.98 144.02
C LYS L 824 7.24 -5.22 142.50
N PHE L 825 6.11 -4.80 141.90
CA PHE L 825 5.86 -5.00 140.45
C PHE L 825 6.80 -4.11 139.63
N ASP L 826 7.02 -2.87 140.08
CA ASP L 826 7.93 -1.93 139.36
C ASP L 826 9.35 -2.47 139.46
N LYS L 827 9.73 -3.03 140.62
CA LYS L 827 11.10 -3.56 140.88
C LYS L 827 11.36 -4.81 140.04
N ASN L 828 10.37 -5.72 139.91
CA ASN L 828 10.51 -6.96 139.10
C ASN L 828 10.53 -6.58 137.62
N PHE L 829 9.71 -5.60 137.23
CA PHE L 829 9.66 -5.12 135.83
C PHE L 829 11.01 -4.51 135.46
N SER L 830 11.53 -3.59 136.26
CA SER L 830 12.78 -2.88 135.89
C SER L 830 13.89 -3.92 135.79
N ALA L 831 13.84 -4.94 136.66
CA ALA L 831 14.84 -6.03 136.59
C ALA L 831 14.78 -6.77 135.25
N HIS L 832 13.58 -7.20 134.83
CA HIS L 832 13.44 -8.02 133.60
C HIS L 832 13.62 -7.15 132.36
N LEU L 833 13.21 -5.88 132.43
CA LEU L 833 13.39 -4.94 131.29
C LEU L 833 14.89 -4.80 131.03
N LEU L 834 15.66 -4.62 132.10
CA LEU L 834 17.13 -4.46 131.97
C LEU L 834 17.76 -5.79 131.55
N ASP L 835 17.24 -6.93 132.04
CA ASP L 835 17.78 -8.26 131.68
C ASP L 835 17.58 -8.48 130.17
N LEU L 836 16.44 -8.04 129.63
CA LEU L 836 16.12 -8.20 128.18
C LEU L 836 17.11 -7.42 127.33
N LEU L 837 17.31 -6.13 127.64
CA LEU L 837 18.20 -5.25 126.82
C LEU L 837 19.63 -5.80 126.95
N ALA L 838 20.01 -6.27 128.15
CA ALA L 838 21.37 -6.79 128.41
C ALA L 838 21.64 -8.08 127.64
N ARG L 839 20.68 -9.01 127.66
CA ARG L 839 20.86 -10.33 126.98
C ARG L 839 20.63 -10.15 125.47
N LEU L 840 20.19 -8.98 125.02
CA LEU L 840 20.01 -8.68 123.57
C LEU L 840 21.19 -7.82 123.10
N SER L 841 21.93 -7.18 124.01
CA SER L 841 23.18 -6.44 123.67
C SER L 841 24.31 -7.42 123.34
N ILE L 842 24.23 -8.66 123.84
CA ILE L 842 25.27 -9.72 123.58
C ILE L 842 25.31 -10.02 122.07
N TYR L 843 24.17 -9.93 121.38
CA TYR L 843 24.10 -10.18 119.92
C TYR L 843 24.67 -8.95 119.22
N SER L 844 25.92 -9.06 118.73
CA SER L 844 26.62 -7.92 118.07
C SER L 844 26.78 -6.73 119.03
N GLY L 851 19.68 -4.73 111.33
CA GLY L 851 18.47 -5.00 112.15
C GLY L 851 18.80 -5.76 113.42
N MET L 852 19.96 -5.50 114.02
CA MET L 852 20.43 -6.22 115.24
C MET L 852 20.19 -5.36 116.49
N ALA L 853 20.74 -4.14 116.52
CA ALA L 853 20.63 -3.24 117.71
C ALA L 853 19.53 -2.23 117.50
N SER L 854 18.70 -2.36 116.47
CA SER L 854 17.68 -1.34 116.15
C SER L 854 16.61 -1.50 117.23
N VAL L 855 16.65 -2.63 117.92
CA VAL L 855 15.75 -2.87 119.08
C VAL L 855 16.19 -2.04 120.31
N ILE L 856 17.41 -2.25 120.83
CA ILE L 856 17.87 -1.66 122.12
C ILE L 856 18.13 -0.19 121.96
N SER L 857 18.79 0.22 120.88
CA SER L 857 19.02 1.64 120.55
C SER L 857 17.68 2.34 120.59
N ARG L 858 16.61 1.69 120.11
CA ARG L 858 15.24 2.27 120.07
C ARG L 858 14.59 2.20 121.45
N LEU L 859 14.68 1.06 122.15
CA LEU L 859 14.02 0.87 123.49
C LEU L 859 14.49 1.94 124.48
N ASP L 860 15.70 2.49 124.29
CA ASP L 860 16.28 3.52 125.18
C ASP L 860 16.41 4.83 124.40
N PHE L 861 15.50 5.10 123.46
CA PHE L 861 15.60 6.29 122.57
C PHE L 861 15.64 7.56 123.42
N ASN L 862 16.40 8.56 123.01
CA ASN L 862 16.59 9.82 123.78
C ASN L 862 17.29 9.47 125.09
N GLY L 863 18.14 8.44 125.09
CA GLY L 863 18.98 8.10 126.25
C GLY L 863 18.25 7.89 127.56
N PHE L 864 17.14 7.16 127.60
CA PHE L 864 16.46 6.82 128.86
C PHE L 864 16.81 5.38 129.19
N TYR L 865 17.43 5.11 130.34
CA TYR L 865 17.87 3.75 130.77
C TYR L 865 18.95 3.26 129.80
N THR L 866 19.55 4.15 128.99
CA THR L 866 20.63 3.78 128.02
C THR L 866 21.85 3.33 128.81
N GLU L 867 22.18 4.02 129.91
CA GLU L 867 23.32 3.66 130.78
C GLU L 867 22.78 3.55 132.20
N ARG L 868 22.71 2.34 132.76
CA ARG L 868 22.18 2.11 134.13
C ARG L 868 23.23 1.23 134.81
N LEU L 869 23.49 0.04 134.27
CA LEU L 869 24.51 -0.91 134.79
C LEU L 869 25.11 -1.62 133.57
N GLU L 870 26.43 -1.52 133.38
CA GLU L 870 27.21 -2.22 132.32
C GLU L 870 27.42 -3.66 132.79
N ARG L 871 27.09 -4.66 131.96
CA ARG L 871 27.16 -6.08 132.36
C ARG L 871 28.60 -6.50 132.66
N LEU L 872 28.82 -7.26 133.75
CA LEU L 872 30.17 -7.78 134.15
C LEU L 872 31.13 -6.61 134.41
N ILE M 245 27.59 -91.61 48.86
CA ILE M 245 26.59 -90.55 48.46
C ILE M 245 27.26 -89.17 48.43
N THR M 246 26.68 -88.20 47.70
CA THR M 246 27.29 -86.86 47.53
C THR M 246 26.50 -85.80 48.31
N GLU M 247 27.07 -84.62 48.54
CA GLU M 247 26.40 -83.50 49.24
C GLU M 247 25.41 -82.86 48.25
N ALA M 248 25.60 -83.08 46.95
CA ALA M 248 24.75 -82.48 45.90
C ALA M 248 23.31 -82.97 46.04
N ALA M 249 23.12 -84.16 46.61
CA ALA M 249 21.78 -84.74 46.85
C ALA M 249 21.10 -84.11 48.07
N LEU M 250 21.90 -83.77 49.10
CA LEU M 250 21.37 -83.21 50.37
C LEU M 250 20.74 -81.87 50.06
N VAL M 251 21.28 -81.15 49.07
CA VAL M 251 20.78 -79.79 48.74
C VAL M 251 19.42 -79.82 48.05
N ARG M 252 19.26 -80.73 47.09
CA ARG M 252 17.95 -80.91 46.40
C ARG M 252 16.96 -81.48 47.41
N ASP M 253 17.45 -82.23 48.41
CA ASP M 253 16.62 -82.95 49.40
C ASP M 253 16.13 -81.99 50.48
N ILE M 254 17.05 -81.25 51.09
CA ILE M 254 16.72 -80.27 52.17
C ILE M 254 15.86 -79.18 51.56
N LEU M 255 16.02 -78.83 50.31
CA LEU M 255 15.17 -77.73 49.79
C LEU M 255 13.71 -78.17 50.03
N TYR M 256 13.37 -79.45 49.94
CA TYR M 256 12.01 -79.97 50.29
C TYR M 256 11.73 -79.93 51.79
N VAL M 257 12.68 -80.32 52.66
CA VAL M 257 12.41 -80.42 54.13
C VAL M 257 12.02 -79.02 54.57
N PHE M 258 12.52 -77.99 53.92
CA PHE M 258 12.10 -76.60 54.19
C PHE M 258 10.58 -76.42 54.02
N GLN M 259 9.99 -76.89 52.93
CA GLN M 259 8.51 -76.81 52.69
C GLN M 259 7.76 -77.82 53.56
N GLY M 260 8.51 -78.73 54.17
CA GLY M 260 7.98 -79.76 55.09
C GLY M 260 7.73 -81.13 54.53
N ILE M 261 7.81 -81.28 53.22
CA ILE M 261 7.66 -82.61 52.57
C ILE M 261 8.84 -83.44 53.06
N ASP M 262 8.63 -84.71 53.41
CA ASP M 262 9.70 -85.58 53.96
C ASP M 262 10.72 -85.77 52.83
N GLY M 263 11.97 -86.09 53.15
CA GLY M 263 13.04 -86.20 52.14
C GLY M 263 13.60 -87.60 51.95
N LYS M 264 14.39 -87.84 50.90
CA LYS M 264 15.04 -89.14 50.60
C LYS M 264 16.08 -89.54 51.66
N ASN M 265 16.93 -88.61 52.09
CA ASN M 265 17.97 -89.02 53.07
C ASN M 265 17.48 -88.67 54.47
N ILE M 266 16.66 -87.63 54.63
CA ILE M 266 16.22 -87.16 55.99
C ILE M 266 14.87 -87.85 56.29
N LYS M 267 14.83 -89.13 56.66
CA LYS M 267 13.58 -89.91 56.76
C LYS M 267 12.63 -89.38 57.83
N MET M 268 13.11 -88.91 58.98
CA MET M 268 12.21 -88.50 60.10
C MET M 268 11.52 -87.17 59.81
N ASN M 269 10.31 -86.96 60.36
CA ASN M 269 9.52 -85.72 60.16
C ASN M 269 8.89 -85.33 61.50
N ASN M 270 9.66 -85.16 62.58
CA ASN M 270 9.16 -84.64 63.89
C ASN M 270 8.10 -85.56 64.50
N THR M 271 8.01 -86.84 64.12
CA THR M 271 7.07 -87.79 64.75
C THR M 271 7.57 -88.06 66.17
N GLU M 272 8.84 -88.45 66.33
CA GLU M 272 9.47 -88.65 67.66
C GLU M 272 10.62 -87.64 67.74
N ASN M 273 10.68 -86.83 68.80
CA ASN M 273 11.72 -85.77 68.94
C ASN M 273 11.54 -84.81 67.75
N CYS M 274 12.55 -84.61 66.90
CA CYS M 274 12.53 -83.66 65.76
C CYS M 274 13.17 -84.33 64.54
N TYR M 275 13.34 -83.62 63.41
CA TYR M 275 13.91 -84.17 62.15
C TYR M 275 15.33 -84.69 62.40
N LYS M 276 15.75 -85.76 61.70
CA LYS M 276 17.10 -86.40 61.87
C LYS M 276 17.53 -87.06 60.56
N VAL M 277 18.82 -87.20 60.29
CA VAL M 277 19.24 -87.76 58.98
C VAL M 277 19.87 -89.12 59.22
N GLU M 278 19.57 -90.10 58.38
CA GLU M 278 20.26 -91.40 58.52
C GLU M 278 21.09 -91.60 57.26
N GLY M 279 22.40 -91.74 57.40
CA GLY M 279 23.27 -91.85 56.21
C GLY M 279 24.62 -92.49 56.48
N LYS M 280 25.26 -93.02 55.44
CA LYS M 280 26.61 -93.62 55.59
C LYS M 280 27.64 -92.68 54.97
N ALA M 281 27.23 -91.47 54.62
CA ALA M 281 28.19 -90.47 54.10
C ALA M 281 29.21 -90.25 55.20
N ASN M 282 28.77 -90.41 56.46
CA ASN M 282 29.68 -90.30 57.62
C ASN M 282 30.46 -88.98 57.56
N LEU M 283 29.84 -87.92 57.03
CA LEU M 283 30.54 -86.61 57.07
C LEU M 283 30.15 -85.94 58.38
N SER M 284 31.07 -85.90 59.34
CA SER M 284 30.76 -85.34 60.69
C SER M 284 30.11 -83.96 60.53
N ARG M 285 30.55 -83.16 59.55
CA ARG M 285 30.03 -81.79 59.42
C ARG M 285 28.90 -81.77 58.41
N SER M 286 29.20 -82.16 57.17
CA SER M 286 28.16 -82.00 56.13
C SER M 286 27.00 -82.91 56.41
N LEU M 287 27.26 -84.21 56.60
CA LEU M 287 26.13 -85.15 56.76
C LEU M 287 25.32 -84.81 58.02
N ARG M 288 25.96 -84.31 59.08
CA ARG M 288 25.10 -84.13 60.27
C ARG M 288 24.93 -82.68 60.70
N ASP M 289 26.01 -82.05 61.13
CA ASP M 289 25.81 -80.74 61.78
C ASP M 289 25.14 -79.75 60.85
N THR M 290 25.62 -79.65 59.62
CA THR M 290 25.02 -78.58 58.79
C THR M 290 23.56 -78.89 58.57
N ALA M 291 23.26 -80.16 58.28
CA ALA M 291 21.87 -80.47 57.91
C ALA M 291 20.94 -80.18 59.07
N VAL M 292 21.31 -80.65 60.25
CA VAL M 292 20.39 -80.48 61.40
C VAL M 292 20.22 -78.99 61.56
N ARG M 293 21.33 -78.29 61.44
CA ARG M 293 21.28 -76.84 61.71
C ARG M 293 20.24 -76.22 60.80
N LEU M 294 20.16 -76.65 59.54
CA LEU M 294 19.23 -76.06 58.54
C LEU M 294 17.85 -76.72 58.58
N SER M 295 17.70 -77.89 59.18
CA SER M 295 16.42 -78.65 59.22
C SER M 295 15.40 -77.97 60.13
N GLU M 296 15.80 -77.09 61.02
CA GLU M 296 14.89 -76.48 62.01
C GLU M 296 14.09 -75.37 61.37
N LEU M 297 14.45 -74.88 60.20
CA LEU M 297 13.60 -73.89 59.49
C LEU M 297 12.35 -74.66 59.08
N GLY M 298 12.46 -75.95 58.81
CA GLY M 298 11.31 -76.76 58.36
C GLY M 298 10.47 -77.24 59.52
N TRP M 299 11.03 -77.47 60.69
CA TRP M 299 10.25 -77.86 61.89
C TRP M 299 9.33 -76.69 62.25
N LEU M 300 9.85 -75.47 62.17
CA LEU M 300 9.05 -74.26 62.44
C LEU M 300 7.95 -74.18 61.36
N HIS M 301 8.23 -74.51 60.10
CA HIS M 301 7.22 -74.49 59.02
C HIS M 301 6.12 -75.48 59.36
N ASN M 302 6.48 -76.62 59.92
CA ASN M 302 5.46 -77.64 60.29
C ASN M 302 4.52 -77.06 61.33
N LYS M 303 5.02 -76.36 62.37
CA LYS M 303 4.16 -75.81 63.47
C LYS M 303 3.30 -74.67 62.95
N ILE M 304 3.87 -73.75 62.18
CA ILE M 304 3.12 -72.55 61.73
C ILE M 304 1.98 -73.00 60.82
N ARG M 305 2.16 -74.03 60.01
CA ARG M 305 1.12 -74.44 59.03
C ARG M 305 0.09 -75.35 59.69
N ARG M 306 0.47 -76.12 60.71
CA ARG M 306 -0.46 -77.07 61.37
C ARG M 306 -1.59 -76.26 62.00
N TYR M 307 -1.26 -75.16 62.65
CA TYR M 307 -2.28 -74.31 63.31
C TYR M 307 -3.24 -73.74 62.27
N THR M 308 -2.77 -73.18 61.15
CA THR M 308 -3.68 -72.52 60.16
C THR M 308 -4.55 -73.59 59.51
N ASP M 309 -4.02 -74.79 59.37
CA ASP M 309 -4.74 -75.92 58.71
C ASP M 309 -5.97 -76.31 59.53
N GLN M 310 -6.04 -75.98 60.83
CA GLN M 310 -7.15 -76.45 61.71
C GLN M 310 -8.16 -75.33 62.04
N ARG M 311 -7.77 -74.06 62.06
CA ARG M 311 -8.67 -72.95 62.48
C ARG M 311 -9.70 -72.62 61.41
N SER M 312 -9.31 -72.71 60.15
CA SER M 312 -10.27 -72.49 59.04
C SER M 312 -11.13 -73.75 58.87
N LEU M 313 -10.79 -74.81 59.61
CA LEU M 313 -11.67 -76.00 59.68
C LEU M 313 -12.47 -75.86 60.97
N ASP M 314 -12.55 -74.65 61.57
CA ASP M 314 -13.35 -74.38 62.79
C ASP M 314 -14.17 -73.12 62.49
N ARG M 315 -15.49 -73.23 62.40
CA ARG M 315 -16.39 -72.09 62.04
C ARG M 315 -16.66 -71.29 63.31
N SER M 316 -16.12 -71.74 64.46
CA SER M 316 -16.31 -71.12 65.79
C SER M 316 -15.08 -70.32 66.21
N PHE M 317 -14.02 -70.25 65.39
CA PHE M 317 -12.77 -69.59 65.81
C PHE M 317 -13.06 -68.10 65.81
N GLY M 318 -14.20 -67.66 65.30
CA GLY M 318 -14.62 -66.27 65.46
C GLY M 318 -14.46 -65.42 64.23
N LEU M 319 -14.46 -64.10 64.36
CA LEU M 319 -14.26 -63.16 63.26
C LEU M 319 -13.03 -62.30 63.49
N VAL M 320 -12.30 -62.41 64.61
CA VAL M 320 -10.96 -61.77 64.72
C VAL M 320 -9.97 -62.94 64.69
N GLY M 321 -10.46 -64.19 64.69
CA GLY M 321 -9.61 -65.41 64.61
C GLY M 321 -9.52 -65.88 63.19
N GLN M 322 -10.53 -65.58 62.36
CA GLN M 322 -10.53 -65.91 60.91
C GLN M 322 -9.92 -64.74 60.15
N SER M 323 -9.42 -63.70 60.83
CA SER M 323 -8.64 -62.59 60.22
C SER M 323 -7.18 -62.82 60.55
N PHE M 324 -6.90 -63.24 61.77
CA PHE M 324 -5.53 -63.62 62.19
C PHE M 324 -5.07 -64.80 61.37
N CYS M 325 -5.93 -65.80 61.17
CA CYS M 325 -5.62 -67.05 60.47
C CYS M 325 -5.47 -66.83 58.95
N ALA M 326 -5.86 -65.66 58.42
CA ALA M 326 -5.71 -65.31 56.99
C ALA M 326 -4.56 -64.32 56.77
N ALA M 327 -4.04 -63.77 57.87
CA ALA M 327 -2.87 -62.86 57.94
C ALA M 327 -1.59 -63.67 58.04
N LEU M 328 -1.70 -64.92 58.45
CA LEU M 328 -0.55 -65.78 58.75
C LEU M 328 -0.32 -66.68 57.55
N HIS M 329 -1.04 -66.48 56.41
CA HIS M 329 -0.79 -67.18 55.13
C HIS M 329 0.02 -66.24 54.24
N GLN M 330 -0.27 -64.94 54.22
CA GLN M 330 0.52 -63.97 53.44
C GLN M 330 1.97 -64.08 53.90
N GLU M 331 2.24 -64.37 55.17
CA GLU M 331 3.62 -64.46 55.73
C GLU M 331 4.10 -65.90 55.63
N LEU M 332 3.29 -66.83 55.16
CA LEU M 332 3.72 -68.22 54.88
C LEU M 332 3.97 -68.33 53.38
N ARG M 333 3.22 -67.62 52.56
CA ARG M 333 3.41 -67.63 51.10
C ARG M 333 4.77 -67.09 50.74
N GLU M 334 5.22 -66.01 51.38
CA GLU M 334 6.50 -65.38 50.99
C GLU M 334 7.65 -66.32 51.35
N TYR M 335 7.46 -67.15 52.39
CA TYR M 335 8.51 -68.14 52.70
C TYR M 335 8.65 -69.04 51.48
N TYR M 336 7.52 -69.41 50.89
CA TYR M 336 7.56 -70.25 49.66
C TYR M 336 8.24 -69.47 48.55
N ARG M 337 8.01 -68.16 48.48
CA ARG M 337 8.59 -67.36 47.39
C ARG M 337 10.10 -67.44 47.49
N LEU M 338 10.63 -67.34 48.70
CA LEU M 338 12.10 -67.44 48.89
C LEU M 338 12.55 -68.83 48.44
N LEU M 339 11.77 -69.85 48.79
CA LEU M 339 12.20 -71.24 48.46
C LEU M 339 12.32 -71.35 46.94
N SER M 340 11.37 -70.76 46.21
CA SER M 340 11.41 -70.82 44.73
C SER M 340 12.80 -70.38 44.25
N VAL M 341 13.27 -69.23 44.73
CA VAL M 341 14.58 -68.68 44.33
C VAL M 341 15.71 -69.63 44.72
N LEU M 342 15.69 -70.17 45.94
CA LEU M 342 16.68 -71.19 46.39
C LEU M 342 16.73 -72.29 45.33
N HIS M 343 15.58 -72.65 44.74
CA HIS M 343 15.51 -73.76 43.74
C HIS M 343 16.14 -73.31 42.44
N SER M 344 15.87 -72.06 42.02
CA SER M 344 16.34 -71.52 40.73
C SER M 344 17.86 -71.55 40.65
N GLN M 345 18.61 -71.20 41.69
CA GLN M 345 20.10 -71.12 41.54
C GLN M 345 20.71 -72.53 41.69
N LEU M 346 19.90 -73.61 41.79
CA LEU M 346 20.43 -74.98 42.00
C LEU M 346 21.35 -75.43 40.86
N GLN M 347 21.16 -74.91 39.63
CA GLN M 347 22.04 -75.21 38.48
C GLN M 347 22.42 -73.94 37.70
N LEU M 362 24.63 -74.59 44.43
CA LEU M 362 24.10 -73.72 45.51
C LEU M 362 24.37 -74.37 46.86
N THR M 363 25.63 -74.39 47.28
CA THR M 363 26.06 -74.86 48.61
C THR M 363 26.73 -73.63 49.18
N LEU M 364 25.95 -72.61 49.59
CA LEU M 364 26.49 -71.37 50.19
C LEU M 364 26.72 -71.77 51.61
N ARG M 365 27.68 -72.68 51.82
CA ARG M 365 27.86 -73.34 53.11
C ARG M 365 26.46 -73.87 53.38
N ARG M 366 25.76 -74.27 52.31
CA ARG M 366 24.37 -74.76 52.37
C ARG M 366 23.40 -73.61 52.68
N LEU M 367 23.55 -72.42 52.07
CA LEU M 367 22.58 -71.29 52.13
C LEU M 367 22.47 -70.68 53.53
N LEU M 368 23.57 -70.65 54.28
CA LEU M 368 23.54 -70.02 55.62
C LEU M 368 23.13 -68.56 55.41
N VAL M 369 23.62 -67.91 54.35
CA VAL M 369 23.24 -66.51 54.01
C VAL M 369 21.77 -66.42 53.59
N TRP M 370 21.28 -67.36 52.77
CA TRP M 370 19.90 -67.27 52.20
C TRP M 370 18.81 -67.56 53.25
N THR M 371 19.08 -68.45 54.20
CA THR M 371 18.13 -68.78 55.29
C THR M 371 18.56 -68.09 56.57
N TYR M 372 18.49 -66.75 56.66
CA TYR M 372 18.78 -66.08 57.94
C TYR M 372 17.61 -65.21 58.30
N ASP M 373 17.10 -64.38 57.39
CA ASP M 373 15.82 -63.67 57.70
C ASP M 373 14.78 -64.75 57.93
N PRO M 374 14.69 -65.83 57.10
CA PRO M 374 13.82 -66.98 57.36
C PRO M 374 14.42 -67.69 58.56
N LYS M 375 13.64 -68.36 59.41
CA LYS M 375 14.09 -68.96 60.69
C LYS M 375 14.11 -67.85 61.75
N ILE M 376 13.76 -66.60 61.41
CA ILE M 376 13.65 -65.47 62.38
C ILE M 376 12.21 -64.99 62.27
N ARG M 377 11.73 -64.75 61.04
CA ARG M 377 10.29 -64.47 60.87
C ARG M 377 9.61 -65.72 61.43
N LEU M 378 10.10 -66.91 61.09
CA LEU M 378 9.47 -68.18 61.51
C LEU M 378 9.52 -68.30 63.03
N LYS M 379 10.64 -67.97 63.67
CA LYS M 379 10.75 -68.17 65.14
C LYS M 379 9.71 -67.24 65.78
N THR M 380 9.55 -66.02 65.26
CA THR M 380 8.56 -65.04 65.77
C THR M 380 7.15 -65.56 65.48
N LEU M 381 6.92 -66.18 64.32
CA LEU M 381 5.57 -66.64 63.89
C LEU M 381 5.28 -68.03 64.46
N ALA M 382 6.20 -68.64 65.20
CA ALA M 382 5.96 -69.94 65.87
C ALA M 382 5.64 -69.69 67.34
N ALA M 383 5.73 -68.44 67.78
CA ALA M 383 5.55 -68.06 69.21
C ALA M 383 4.15 -67.42 69.32
N LEU M 384 3.82 -66.48 68.42
CA LEU M 384 2.48 -65.86 68.36
C LEU M 384 1.48 -66.97 68.09
N VAL M 385 1.90 -68.08 67.49
CA VAL M 385 1.00 -69.21 67.10
C VAL M 385 1.09 -70.31 68.15
N ASP M 386 1.70 -70.04 69.31
CA ASP M 386 1.70 -70.98 70.46
C ASP M 386 1.20 -70.25 71.69
N HIS M 387 1.68 -69.04 71.97
CA HIS M 387 1.17 -68.19 73.09
C HIS M 387 -0.31 -67.87 72.82
N CYS M 388 -0.70 -67.57 71.58
CA CYS M 388 -2.12 -67.30 71.20
C CYS M 388 -2.81 -68.62 70.90
N GLN M 389 -2.87 -69.54 71.87
CA GLN M 389 -3.55 -70.84 71.70
C GLN M 389 -4.69 -70.94 72.70
N GLY M 390 -5.92 -71.19 72.24
CA GLY M 390 -7.10 -71.31 73.12
C GLY M 390 -7.73 -69.97 73.42
N ARG M 391 -7.37 -68.90 72.70
CA ARG M 391 -7.99 -67.57 72.88
C ARG M 391 -8.77 -67.23 71.63
N LYS M 392 -9.84 -66.46 71.74
CA LYS M 392 -10.61 -65.98 70.57
C LYS M 392 -11.20 -64.62 70.90
N GLY M 393 -11.52 -63.83 69.90
CA GLY M 393 -12.06 -62.48 70.12
C GLY M 393 -10.96 -61.51 70.45
N GLY M 394 -11.28 -60.35 70.98
CA GLY M 394 -10.31 -59.30 71.27
C GLY M 394 -9.27 -59.82 72.22
N GLU M 395 -9.45 -60.97 72.86
CA GLU M 395 -8.42 -61.63 73.70
C GLU M 395 -7.28 -62.14 72.82
N LEU M 396 -7.42 -62.11 71.50
CA LEU M 396 -6.35 -62.47 70.53
C LEU M 396 -5.71 -61.22 69.97
N ALA M 397 -6.40 -60.09 69.85
CA ALA M 397 -5.82 -58.78 69.45
C ALA M 397 -5.21 -58.23 70.72
N SER M 398 -5.14 -58.99 71.79
CA SER M 398 -4.47 -58.67 73.07
C SER M 398 -3.28 -59.60 73.26
N ALA M 399 -3.27 -60.73 72.60
CA ALA M 399 -2.19 -61.73 72.62
C ALA M 399 -1.16 -61.41 71.57
N VAL M 400 -1.50 -60.52 70.63
CA VAL M 400 -0.61 -60.12 69.51
C VAL M 400 -0.04 -58.78 69.94
N HIS M 401 -0.67 -58.10 70.89
CA HIS M 401 -0.13 -56.85 71.48
C HIS M 401 0.94 -57.19 72.50
N ALA M 402 1.02 -58.47 72.91
CA ALA M 402 2.01 -59.04 73.85
C ALA M 402 3.39 -59.21 73.23
N TYR M 403 3.53 -58.95 71.94
CA TYR M 403 4.80 -59.16 71.21
C TYR M 403 5.25 -57.95 70.42
N THR M 404 4.74 -56.78 70.74
CA THR M 404 5.08 -55.52 70.03
C THR M 404 5.97 -54.70 70.97
N LYS M 405 6.74 -55.34 71.84
CA LYS M 405 7.56 -54.64 72.87
C LYS M 405 8.96 -55.24 72.72
N THR M 406 9.56 -55.12 71.53
CA THR M 406 10.87 -55.71 71.20
C THR M 406 11.71 -54.69 70.45
N GLY M 407 12.84 -54.29 71.02
CA GLY M 407 13.76 -53.27 70.42
C GLY M 407 14.38 -53.67 69.08
N ASP M 408 14.48 -55.00 68.85
CA ASP M 408 14.89 -55.57 67.54
C ASP M 408 13.87 -55.07 66.54
N PRO M 409 14.12 -54.05 65.72
CA PRO M 409 13.05 -53.52 64.89
C PRO M 409 12.48 -54.52 63.88
N TYR M 410 13.17 -55.62 63.58
CA TYR M 410 12.63 -56.67 62.67
C TYR M 410 11.40 -57.33 63.29
N MET M 411 11.44 -57.76 64.54
CA MET M 411 10.25 -58.36 65.20
C MET M 411 9.20 -57.28 65.40
N ARG M 412 9.61 -56.08 65.77
CA ARG M 412 8.67 -54.98 66.04
C ARG M 412 7.91 -54.66 64.77
N SER M 413 8.51 -54.75 63.58
CA SER M 413 7.87 -54.34 62.30
C SER M 413 7.06 -55.47 61.67
N LEU M 414 7.19 -56.70 62.16
CA LEU M 414 6.38 -57.85 61.68
C LEU M 414 5.07 -57.94 62.47
N VAL M 415 5.05 -57.75 63.80
CA VAL M 415 3.86 -57.94 64.69
C VAL M 415 3.20 -56.60 64.89
N GLN M 416 3.77 -55.51 64.37
CA GLN M 416 3.07 -54.20 64.33
C GLN M 416 2.30 -54.19 62.99
N HIS M 417 2.47 -55.21 62.13
CA HIS M 417 1.72 -55.41 60.86
C HIS M 417 0.70 -56.52 61.04
N ILE M 418 1.07 -57.59 61.74
CA ILE M 418 0.12 -58.70 62.05
C ILE M 418 -1.03 -58.19 62.93
N LEU M 419 -0.83 -57.29 63.89
CA LEU M 419 -1.81 -56.70 64.84
C LEU M 419 -2.59 -55.61 64.12
N SER M 420 -2.12 -55.10 62.97
CA SER M 420 -2.94 -54.16 62.13
C SER M 420 -4.06 -54.89 61.40
N LEU M 421 -3.79 -56.09 60.89
CA LEU M 421 -4.80 -56.96 60.20
C LEU M 421 -5.79 -57.47 61.26
N VAL M 422 -5.28 -58.00 62.37
CA VAL M 422 -6.12 -58.66 63.42
C VAL M 422 -7.08 -57.65 64.05
N SER M 423 -6.62 -56.44 64.29
CA SER M 423 -7.46 -55.45 64.97
C SER M 423 -8.20 -54.58 63.97
N HIS M 424 -8.58 -55.10 62.80
CA HIS M 424 -9.48 -54.35 61.87
C HIS M 424 -10.94 -54.64 62.20
N PRO M 425 -11.37 -55.91 62.32
CA PRO M 425 -12.74 -56.19 62.71
C PRO M 425 -13.13 -55.61 64.09
N VAL M 426 -12.19 -55.54 65.02
CA VAL M 426 -12.44 -55.01 66.39
C VAL M 426 -12.56 -53.50 66.32
N LEU M 427 -12.30 -52.93 65.14
CA LEU M 427 -12.57 -51.47 64.91
C LEU M 427 -13.69 -51.30 63.85
N SER M 428 -14.44 -52.36 63.60
CA SER M 428 -15.68 -52.22 62.78
C SER M 428 -16.83 -52.58 63.72
N PHE M 429 -16.60 -53.53 64.63
CA PHE M 429 -17.59 -53.85 65.70
C PHE M 429 -17.81 -52.56 66.53
N LEU M 430 -16.74 -51.79 66.77
CA LEU M 430 -16.77 -50.61 67.66
C LEU M 430 -17.00 -49.38 66.82
N TYR M 431 -17.50 -49.58 65.61
CA TYR M 431 -17.87 -48.41 64.76
C TYR M 431 -19.33 -48.54 64.33
N ARG M 432 -19.98 -49.66 64.65
CA ARG M 432 -21.44 -49.84 64.38
C ARG M 432 -22.16 -49.79 65.74
N TRP M 433 -21.46 -50.18 66.81
CA TRP M 433 -21.95 -50.10 68.21
C TRP M 433 -22.04 -48.63 68.64
N ILE M 434 -21.28 -47.73 68.00
CA ILE M 434 -21.22 -46.30 68.41
C ILE M 434 -22.04 -45.45 67.45
N TYR M 435 -21.72 -45.46 66.15
CA TYR M 435 -22.29 -44.49 65.17
C TYR M 435 -23.77 -44.77 64.89
N ASP M 436 -24.14 -46.07 64.87
CA ASP M 436 -25.53 -46.49 64.50
C ASP M 436 -26.15 -47.36 65.60
N GLY M 437 -25.34 -48.10 66.35
CA GLY M 437 -25.86 -48.82 67.53
C GLY M 437 -26.37 -50.19 67.19
N GLU M 438 -25.50 -51.19 67.16
CA GLU M 438 -25.81 -52.60 66.78
C GLU M 438 -24.82 -53.49 67.56
N LEU M 439 -25.26 -54.66 68.01
CA LEU M 439 -24.34 -55.57 68.73
C LEU M 439 -24.46 -56.98 68.16
N GLU M 440 -23.80 -57.26 67.03
CA GLU M 440 -23.98 -58.54 66.30
C GLU M 440 -22.70 -59.34 66.36
N ASP M 441 -22.70 -60.42 67.14
CA ASP M 441 -21.59 -61.42 67.18
C ASP M 441 -22.16 -62.71 67.75
N THR M 442 -22.43 -63.68 66.88
CA THR M 442 -23.03 -64.97 67.30
C THR M 442 -22.02 -65.62 68.25
N TYR M 443 -20.72 -65.36 68.02
CA TYR M 443 -19.64 -65.82 68.92
C TYR M 443 -19.28 -64.61 69.79
N HIS M 444 -18.78 -64.81 71.00
CA HIS M 444 -18.56 -63.72 71.98
C HIS M 444 -17.15 -63.13 71.83
N GLU M 445 -17.06 -61.98 71.13
CA GLU M 445 -15.78 -61.24 70.90
C GLU M 445 -15.89 -59.79 71.38
N PHE M 446 -16.87 -59.02 70.91
CA PHE M 446 -16.98 -57.58 71.28
C PHE M 446 -17.29 -57.39 72.76
N PHE M 447 -16.60 -56.47 73.44
CA PHE M 447 -16.63 -56.39 74.93
C PHE M 447 -18.01 -56.13 75.46
N VAL M 448 -18.87 -55.50 74.67
CA VAL M 448 -20.29 -55.28 75.08
C VAL M 448 -21.01 -56.61 74.87
N ALA M 449 -21.62 -57.18 75.92
CA ALA M 449 -22.41 -58.43 75.79
C ALA M 449 -23.83 -58.14 76.29
N SER M 450 -24.73 -57.82 75.37
CA SER M 450 -26.12 -57.44 75.72
C SER M 450 -26.96 -58.65 76.14
N ASP M 451 -27.84 -58.47 77.13
CA ASP M 451 -28.78 -59.56 77.56
C ASP M 451 -30.11 -59.34 76.83
N PRO M 452 -30.66 -60.36 76.13
CA PRO M 452 -31.96 -60.23 75.50
C PRO M 452 -33.03 -60.48 76.57
N THR M 453 -34.27 -60.74 76.16
CA THR M 453 -35.38 -60.98 77.11
C THR M 453 -35.60 -59.73 77.98
N VAL M 454 -35.41 -58.54 77.39
CA VAL M 454 -35.64 -57.26 78.12
C VAL M 454 -36.44 -56.31 77.24
N LYS M 455 -37.74 -56.16 77.51
CA LYS M 455 -38.64 -55.26 76.71
C LYS M 455 -39.11 -54.12 77.61
N THR M 456 -38.69 -54.12 78.88
CA THR M 456 -39.13 -53.09 79.85
C THR M 456 -38.14 -51.92 79.89
N ASP M 457 -38.28 -51.01 80.87
CA ASP M 457 -37.34 -49.87 81.03
C ASP M 457 -36.16 -50.35 81.89
N ARG M 458 -36.00 -51.66 82.03
CA ARG M 458 -34.86 -52.23 82.78
C ARG M 458 -33.65 -52.11 81.86
N LEU M 459 -33.77 -51.38 80.74
CA LEU M 459 -32.65 -51.13 79.77
C LEU M 459 -31.47 -50.40 80.44
N TRP M 460 -31.69 -49.19 80.93
CA TRP M 460 -30.55 -48.40 81.44
C TRP M 460 -29.92 -49.08 82.65
N HIS M 461 -30.58 -50.09 83.20
CA HIS M 461 -30.06 -50.75 84.44
C HIS M 461 -29.52 -52.13 84.09
N ASP M 462 -30.12 -52.83 83.12
CA ASP M 462 -29.72 -54.22 82.73
C ASP M 462 -29.46 -54.28 81.22
N LYS M 463 -29.32 -55.48 80.64
CA LYS M 463 -29.30 -55.64 79.16
C LYS M 463 -27.94 -55.34 78.57
N TYR M 464 -26.97 -54.86 79.37
CA TYR M 464 -25.64 -54.45 78.85
C TYR M 464 -24.64 -54.52 80.00
N THR M 465 -23.44 -55.03 79.74
CA THR M 465 -22.41 -55.23 80.80
C THR M 465 -21.03 -55.28 80.14
N LEU M 466 -20.04 -54.55 80.68
CA LEU M 466 -18.73 -54.41 80.02
C LEU M 466 -17.96 -55.68 80.32
N ARG M 467 -18.08 -56.69 79.44
CA ARG M 467 -17.37 -57.97 79.68
C ARG M 467 -15.87 -57.68 79.75
N LYS M 468 -15.20 -58.05 80.85
CA LYS M 468 -13.81 -57.61 81.13
C LYS M 468 -12.79 -58.69 80.74
N SER M 469 -13.18 -59.65 79.89
CA SER M 469 -12.23 -60.63 79.30
C SER M 469 -11.91 -60.11 77.91
N MET M 470 -12.94 -59.68 77.15
CA MET M 470 -12.85 -59.25 75.74
C MET M 470 -12.71 -57.74 75.60
N ILE M 471 -12.21 -57.05 76.64
CA ILE M 471 -11.81 -55.62 76.46
C ILE M 471 -10.42 -55.69 75.84
N PRO M 472 -10.18 -55.11 74.64
CA PRO M 472 -8.88 -55.31 73.99
C PRO M 472 -7.74 -54.66 74.78
N SER M 473 -6.50 -55.12 74.66
CA SER M 473 -5.34 -54.65 75.48
C SER M 473 -4.96 -53.19 75.23
N PHE M 474 -5.04 -52.74 73.98
CA PHE M 474 -4.58 -51.38 73.59
C PHE M 474 -5.54 -50.31 74.07
N MET M 475 -6.67 -50.69 74.66
CA MET M 475 -7.63 -49.73 75.28
C MET M 475 -7.63 -49.92 76.79
N THR M 476 -7.60 -48.84 77.58
CA THR M 476 -7.76 -49.00 79.04
C THR M 476 -9.23 -48.96 79.43
N MET M 477 -9.52 -49.21 80.71
CA MET M 477 -10.93 -49.35 81.20
C MET M 477 -11.75 -48.12 80.90
N ASP M 478 -11.22 -46.91 81.16
CA ASP M 478 -11.98 -45.63 81.02
C ASP M 478 -12.42 -45.43 79.57
N GLN M 479 -11.54 -45.72 78.60
CA GLN M 479 -11.82 -45.50 77.16
C GLN M 479 -13.04 -46.33 76.80
N SER M 480 -13.18 -47.51 77.41
CA SER M 480 -14.23 -48.52 77.09
C SER M 480 -15.52 -48.31 77.87
N ARG M 481 -15.47 -47.54 78.97
CA ARG M 481 -16.67 -47.25 79.79
C ARG M 481 -17.49 -46.22 79.03
N LYS M 482 -16.90 -45.60 78.00
CA LYS M 482 -17.55 -44.51 77.23
C LYS M 482 -18.26 -45.08 76.01
N VAL M 483 -17.61 -45.96 75.27
CA VAL M 483 -18.20 -46.62 74.07
C VAL M 483 -19.51 -47.27 74.52
N LEU M 484 -19.52 -47.87 75.72
CA LEU M 484 -20.74 -48.57 76.25
C LEU M 484 -21.83 -47.55 76.51
N LEU M 485 -21.47 -46.42 77.11
CA LEU M 485 -22.41 -45.31 77.39
C LEU M 485 -22.93 -44.70 76.08
N ILE M 486 -22.09 -44.64 75.06
CA ILE M 486 -22.57 -44.09 73.75
C ILE M 486 -23.52 -45.11 73.13
N GLY M 487 -23.12 -46.38 73.10
CA GLY M 487 -23.96 -47.38 72.43
C GLY M 487 -25.31 -47.54 73.11
N LYS M 488 -25.33 -47.60 74.44
CA LYS M 488 -26.63 -47.85 75.12
C LYS M 488 -27.54 -46.68 74.80
N SER M 489 -26.98 -45.47 74.84
CA SER M 489 -27.83 -44.27 74.62
C SER M 489 -28.42 -44.28 73.22
N ILE M 490 -27.63 -44.62 72.19
CA ILE M 490 -28.20 -44.52 70.82
C ILE M 490 -29.36 -45.51 70.68
N ASN M 491 -29.18 -46.72 71.23
CA ASN M 491 -30.25 -47.75 71.16
C ASN M 491 -31.47 -47.25 71.93
N PHE M 492 -31.24 -46.65 73.10
CA PHE M 492 -32.36 -46.15 73.95
C PHE M 492 -33.16 -45.14 73.13
N LEU M 493 -32.47 -44.23 72.44
CA LEU M 493 -33.20 -43.17 71.72
C LEU M 493 -34.26 -43.85 70.85
N HIS M 494 -33.95 -45.00 70.28
CA HIS M 494 -34.88 -45.72 69.39
C HIS M 494 -35.86 -46.58 70.19
N GLN M 495 -35.38 -47.49 71.03
CA GLN M 495 -36.27 -48.48 71.71
C GLN M 495 -37.29 -47.87 72.68
N VAL M 496 -36.90 -46.96 73.57
CA VAL M 496 -37.81 -46.40 74.62
C VAL M 496 -38.28 -45.01 74.23
N CYS M 497 -37.36 -44.13 73.82
CA CYS M 497 -37.70 -42.74 73.45
C CYS M 497 -38.47 -42.78 72.13
N HIS M 498 -38.48 -43.90 71.40
CA HIS M 498 -39.32 -44.08 70.18
C HIS M 498 -39.06 -42.96 69.17
N ASP M 499 -37.82 -42.49 69.03
CA ASP M 499 -37.45 -41.50 68.00
C ASP M 499 -36.38 -42.20 67.17
N GLN M 500 -36.58 -42.36 65.87
CA GLN M 500 -35.64 -43.10 64.99
C GLN M 500 -35.10 -42.13 63.95
N THR M 501 -34.20 -41.21 64.35
CA THR M 501 -33.55 -40.28 63.41
C THR M 501 -32.05 -40.34 63.68
N PRO M 502 -31.33 -41.47 63.40
CA PRO M 502 -29.92 -41.58 63.74
C PRO M 502 -29.06 -40.90 62.66
N THR M 503 -29.06 -39.57 62.62
CA THR M 503 -28.27 -38.78 61.63
C THR M 503 -27.24 -37.94 62.38
N THR M 504 -25.96 -38.07 62.06
CA THR M 504 -24.87 -37.28 62.69
C THR M 504 -23.68 -37.26 61.74
N LYS M 505 -22.74 -36.32 61.91
CA LYS M 505 -21.51 -36.23 61.10
C LYS M 505 -20.50 -35.36 61.85
N THR M 524 0.01 -46.03 72.37
CA THR M 524 -0.82 -45.68 71.19
C THR M 524 -1.92 -46.74 71.03
N ASP M 525 -3.18 -46.39 71.29
CA ASP M 525 -4.32 -47.36 71.24
C ASP M 525 -4.44 -47.85 69.81
N LEU M 526 -4.36 -46.95 68.83
CA LEU M 526 -4.29 -47.31 67.39
C LEU M 526 -3.67 -46.09 66.75
N GLU M 527 -2.39 -45.82 67.00
CA GLU M 527 -1.75 -44.56 66.52
C GLU M 527 -2.59 -43.43 67.13
N ASN M 528 -3.08 -43.58 68.36
CA ASN M 528 -3.87 -42.55 69.09
C ASN M 528 -5.06 -42.11 68.23
N ALA M 529 -5.77 -43.04 67.61
CA ALA M 529 -6.93 -42.75 66.73
C ALA M 529 -8.24 -42.66 67.53
N PHE M 530 -8.52 -43.65 68.37
CA PHE M 530 -9.82 -43.75 69.09
C PHE M 530 -10.17 -42.51 69.90
N GLN M 531 -9.25 -41.89 70.63
CA GLN M 531 -9.63 -40.83 71.60
C GLN M 531 -10.34 -39.65 70.94
N GLY M 532 -9.86 -39.17 69.80
CA GLY M 532 -10.45 -37.96 69.19
C GLY M 532 -11.87 -38.15 68.72
N LYS M 533 -12.19 -39.24 68.05
CA LYS M 533 -13.52 -39.43 67.44
C LYS M 533 -14.54 -39.82 68.50
N ILE M 534 -14.10 -40.43 69.60
CA ILE M 534 -15.00 -40.97 70.66
C ILE M 534 -15.60 -39.80 71.45
N ASP M 535 -14.82 -38.75 71.71
CA ASP M 535 -15.31 -37.55 72.44
C ASP M 535 -16.32 -36.79 71.59
N ALA M 536 -16.09 -36.74 70.26
CA ALA M 536 -17.02 -36.06 69.31
C ALA M 536 -18.36 -36.78 69.31
N ALA M 537 -18.32 -38.13 69.31
CA ALA M 537 -19.54 -38.97 69.35
C ALA M 537 -20.24 -38.73 70.68
N TYR M 538 -19.45 -38.62 71.76
CA TYR M 538 -20.00 -38.45 73.13
C TYR M 538 -20.79 -37.16 73.26
N PHE M 539 -20.20 -36.07 72.77
CA PHE M 539 -20.88 -34.74 72.88
C PHE M 539 -22.17 -34.70 72.03
N GLU M 540 -22.06 -34.99 70.74
CA GLU M 540 -23.22 -34.84 69.81
C GLU M 540 -24.33 -35.79 70.26
N THR M 541 -24.03 -37.06 70.53
CA THR M 541 -25.08 -38.06 70.83
C THR M 541 -25.77 -37.72 72.15
N SER M 542 -24.99 -37.56 73.23
CA SER M 542 -25.54 -37.36 74.60
C SER M 542 -26.27 -36.02 74.69
N LYS M 543 -25.74 -35.00 74.00
CA LYS M 543 -26.42 -33.68 73.88
C LYS M 543 -27.77 -33.85 73.18
N TYR M 544 -27.80 -34.61 72.08
CA TYR M 544 -29.08 -34.86 71.37
C TYR M 544 -30.06 -35.60 72.26
N LEU M 545 -29.59 -36.55 73.08
CA LEU M 545 -30.47 -37.33 73.98
C LEU M 545 -31.12 -36.43 75.02
N LEU M 546 -30.35 -35.51 75.62
CA LEU M 546 -30.86 -34.55 76.63
C LEU M 546 -31.76 -33.51 75.96
N ASP M 547 -31.50 -33.16 74.70
CA ASP M 547 -32.34 -32.20 73.92
C ASP M 547 -33.71 -32.81 73.64
N VAL M 548 -33.80 -34.12 73.37
CA VAL M 548 -35.08 -34.78 72.98
C VAL M 548 -35.79 -35.33 74.22
N LEU M 549 -35.13 -35.45 75.36
CA LEU M 549 -35.83 -35.87 76.60
C LEU M 549 -36.33 -34.61 77.29
N ASN M 550 -35.64 -33.49 77.14
CA ASN M 550 -36.04 -32.19 77.72
C ASN M 550 -37.35 -31.70 77.11
N LYS M 551 -37.58 -31.93 75.80
CA LYS M 551 -38.79 -31.40 75.10
C LYS M 551 -39.89 -32.44 74.97
N LYS M 552 -39.66 -33.52 74.21
CA LYS M 552 -40.74 -34.48 73.92
C LYS M 552 -41.24 -35.11 75.20
N TYR M 553 -40.34 -35.50 76.12
CA TYR M 553 -40.71 -36.23 77.37
C TYR M 553 -40.63 -35.29 78.58
N SER M 554 -40.20 -34.05 78.42
CA SER M 554 -40.25 -33.03 79.50
C SER M 554 -39.79 -33.57 80.87
N LEU M 555 -38.56 -34.05 81.00
CA LEU M 555 -38.01 -34.44 82.33
C LEU M 555 -37.98 -33.18 83.19
N LEU M 556 -37.67 -32.03 82.58
CA LEU M 556 -37.55 -30.71 83.28
C LEU M 556 -38.84 -30.30 83.97
N ASP M 557 -40.01 -30.42 83.33
CA ASP M 557 -41.29 -29.92 83.88
C ASP M 557 -41.82 -30.89 84.93
N HIS M 558 -41.47 -32.18 84.88
CA HIS M 558 -41.93 -33.22 85.83
C HIS M 558 -41.20 -33.07 87.17
N MET M 559 -39.90 -32.83 87.15
CA MET M 559 -39.08 -32.67 88.38
C MET M 559 -39.35 -31.29 88.94
N GLN M 560 -39.74 -30.32 88.09
CA GLN M 560 -40.06 -28.91 88.48
C GLN M 560 -41.37 -28.85 89.27
N ALA M 561 -42.38 -29.61 88.83
CA ALA M 561 -43.72 -29.60 89.47
C ALA M 561 -43.84 -30.71 90.50
N MET M 562 -42.84 -31.61 90.63
CA MET M 562 -42.83 -32.68 91.68
C MET M 562 -42.69 -32.06 93.05
N ARG M 563 -41.79 -31.07 93.19
CA ARG M 563 -41.58 -30.32 94.48
C ARG M 563 -42.90 -29.66 94.84
N ARG M 564 -43.54 -29.06 93.84
CA ARG M 564 -44.75 -28.25 94.05
C ARG M 564 -45.91 -29.07 94.61
N TYR M 565 -46.11 -30.32 94.13
CA TYR M 565 -47.35 -31.07 94.49
C TYR M 565 -47.09 -32.24 95.45
N LEU M 566 -46.00 -32.97 95.31
CA LEU M 566 -45.78 -34.18 96.16
C LEU M 566 -44.94 -33.78 97.39
N LEU M 567 -44.28 -32.62 97.37
CA LEU M 567 -43.47 -32.10 98.51
C LEU M 567 -44.18 -30.86 99.09
N LEU M 568 -45.45 -30.66 98.75
CA LEU M 568 -46.27 -29.55 99.29
C LEU M 568 -45.67 -28.21 98.93
N GLY M 569 -44.91 -28.14 97.84
CA GLY M 569 -44.22 -26.90 97.45
C GLY M 569 -45.21 -25.80 97.15
N GLN M 570 -46.38 -26.15 96.62
CA GLN M 570 -47.43 -25.13 96.36
C GLN M 570 -48.09 -24.71 97.66
N GLY M 571 -48.38 -25.66 98.54
CA GLY M 571 -48.95 -25.34 99.89
C GLY M 571 -50.40 -24.93 99.79
N ASP M 572 -50.69 -23.85 99.05
CA ASP M 572 -52.06 -23.35 98.79
C ASP M 572 -52.96 -24.52 98.42
N PHE M 573 -52.55 -25.31 97.44
CA PHE M 573 -53.35 -26.46 96.98
C PHE M 573 -53.55 -27.37 98.18
N ILE M 574 -52.50 -27.64 98.97
CA ILE M 574 -52.62 -28.60 100.10
C ILE M 574 -53.54 -28.03 101.19
N ARG M 575 -53.45 -26.74 101.53
CA ARG M 575 -54.29 -26.15 102.60
C ARG M 575 -55.74 -26.17 102.11
N HIS M 576 -56.00 -25.90 100.83
CA HIS M 576 -57.37 -25.99 100.25
C HIS M 576 -57.81 -27.45 100.34
N LEU M 577 -56.91 -28.39 100.04
CA LEU M 577 -57.22 -29.86 100.06
C LEU M 577 -57.54 -30.28 101.49
N MET M 578 -56.81 -29.78 102.48
CA MET M 578 -57.01 -30.19 103.89
C MET M 578 -58.37 -29.62 104.35
N ASP M 579 -58.74 -28.43 103.88
CA ASP M 579 -60.01 -27.74 104.24
C ASP M 579 -61.23 -28.54 103.78
N LEU M 580 -61.23 -29.01 102.52
CA LEU M 580 -62.39 -29.72 101.92
C LEU M 580 -62.41 -31.18 102.37
N LEU M 581 -61.24 -31.78 102.64
CA LEU M 581 -61.09 -33.24 102.88
C LEU M 581 -61.02 -33.61 104.36
N LYS M 582 -61.44 -32.73 105.28
CA LYS M 582 -61.47 -33.09 106.73
C LYS M 582 -62.56 -34.09 107.08
N PRO M 583 -63.84 -33.89 106.69
CA PRO M 583 -64.92 -34.75 107.18
C PRO M 583 -64.74 -36.22 106.81
N GLU M 584 -64.29 -36.50 105.58
CA GLU M 584 -64.13 -37.87 105.06
C GLU M 584 -62.93 -38.54 105.74
N LEU M 585 -61.83 -37.80 105.90
CA LEU M 585 -60.58 -38.36 106.50
C LEU M 585 -60.78 -38.65 107.98
N VAL M 586 -61.45 -37.77 108.73
CA VAL M 586 -61.72 -38.01 110.18
C VAL M 586 -62.63 -39.22 110.34
N ARG M 587 -63.60 -39.37 109.42
CA ARG M 587 -64.51 -40.55 109.39
C ARG M 587 -63.61 -41.77 109.17
N PRO M 588 -63.88 -42.95 109.80
CA PRO M 588 -63.07 -44.12 109.50
C PRO M 588 -63.15 -44.40 107.99
N ALA M 589 -61.98 -44.42 107.32
CA ALA M 589 -61.90 -44.52 105.83
C ALA M 589 -62.05 -45.97 105.40
N THR M 590 -62.24 -46.90 106.35
CA THR M 590 -62.53 -48.35 106.04
C THR M 590 -63.85 -48.36 105.24
N THR M 591 -64.73 -47.37 105.49
CA THR M 591 -65.99 -47.16 104.70
C THR M 591 -65.70 -46.32 103.45
N LEU M 592 -64.65 -45.48 103.51
CA LEU M 592 -64.32 -44.56 102.40
C LEU M 592 -63.67 -45.33 101.25
N TYR M 593 -63.76 -44.77 100.03
CA TYR M 593 -63.15 -45.35 98.80
C TYR M 593 -62.52 -44.27 97.94
N GLN M 594 -61.64 -44.67 97.00
CA GLN M 594 -60.75 -43.76 96.22
C GLN M 594 -61.47 -42.76 95.31
N HIS M 595 -62.61 -43.15 94.75
CA HIS M 595 -63.36 -42.30 93.75
C HIS M 595 -63.77 -40.96 94.35
N ASN M 596 -64.23 -40.93 95.60
CA ASN M 596 -64.68 -39.71 96.31
C ASN M 596 -63.48 -38.76 96.45
N LEU M 597 -62.32 -39.31 96.79
CA LEU M 597 -61.07 -38.55 96.98
C LEU M 597 -60.64 -37.93 95.65
N THR M 598 -60.80 -38.69 94.56
CA THR M 598 -60.42 -38.21 93.20
C THR M 598 -61.31 -37.01 92.84
N GLY M 599 -62.62 -37.15 93.09
CA GLY M 599 -63.60 -36.11 92.72
C GLY M 599 -63.39 -34.83 93.50
N ILE M 600 -63.08 -34.93 94.79
CA ILE M 600 -62.82 -33.73 95.64
C ILE M 600 -61.53 -33.05 95.18
N LEU M 601 -60.54 -33.85 94.82
CA LEU M 601 -59.23 -33.32 94.36
C LEU M 601 -59.46 -32.53 93.07
N GLU M 602 -60.39 -33.00 92.22
CA GLU M 602 -60.62 -32.35 90.92
C GLU M 602 -61.06 -30.90 91.16
N THR M 603 -62.10 -30.68 91.96
CA THR M 603 -62.65 -29.32 92.24
C THR M 603 -61.62 -28.55 93.07
N ALA M 604 -60.85 -29.23 93.92
CA ALA M 604 -59.82 -28.59 94.76
C ALA M 604 -58.76 -27.98 93.85
N VAL M 605 -58.37 -28.68 92.79
CA VAL M 605 -57.36 -28.17 91.81
C VAL M 605 -57.95 -26.94 91.13
N ARG M 606 -59.24 -26.98 90.81
CA ARG M 606 -59.93 -25.84 90.16
C ARG M 606 -59.89 -24.65 91.13
N ALA M 607 -60.07 -24.87 92.43
CA ALA M 607 -60.10 -23.78 93.43
C ALA M 607 -58.74 -23.07 93.50
N THR M 608 -57.62 -23.79 93.47
CA THR M 608 -56.24 -23.23 93.61
C THR M 608 -55.71 -22.76 92.24
N ASN M 609 -54.55 -22.09 92.20
CA ASN M 609 -53.90 -21.60 90.95
C ASN M 609 -53.16 -22.77 90.29
N ALA M 610 -53.24 -23.97 90.85
CA ALA M 610 -52.69 -25.23 90.29
C ALA M 610 -53.30 -25.49 88.91
N GLN M 611 -54.58 -25.15 88.73
CA GLN M 611 -55.31 -25.35 87.44
C GLN M 611 -54.62 -24.57 86.31
N PHE M 612 -53.88 -23.50 86.67
CA PHE M 612 -53.16 -22.66 85.67
C PHE M 612 -51.79 -23.27 85.35
N ASP M 613 -51.79 -24.51 84.83
CA ASP M 613 -50.56 -25.28 84.51
C ASP M 613 -50.83 -26.16 83.28
N SER M 614 -49.81 -26.87 82.77
CA SER M 614 -49.96 -27.78 81.61
C SER M 614 -50.84 -28.96 82.02
N PRO M 615 -51.85 -29.38 81.22
CA PRO M 615 -52.86 -30.33 81.67
C PRO M 615 -52.29 -31.71 81.98
N GLU M 616 -51.20 -32.07 81.31
CA GLU M 616 -50.62 -33.43 81.42
C GLU M 616 -50.15 -33.70 82.86
N ILE M 617 -49.33 -32.82 83.43
CA ILE M 617 -48.80 -33.01 84.82
C ILE M 617 -49.99 -32.96 85.78
N LEU M 618 -50.98 -32.12 85.49
CA LEU M 618 -52.18 -31.94 86.35
C LEU M 618 -52.99 -33.23 86.34
N ARG M 619 -52.83 -34.06 85.30
CA ARG M 619 -53.61 -35.31 85.13
C ARG M 619 -52.85 -36.49 85.75
N ARG M 620 -51.53 -36.48 85.74
CA ARG M 620 -50.72 -37.63 86.23
C ARG M 620 -51.01 -37.87 87.71
N LEU M 621 -51.17 -36.81 88.50
CA LEU M 621 -51.36 -36.94 89.97
C LEU M 621 -52.63 -37.74 90.25
N ASP M 622 -52.59 -38.68 91.19
CA ASP M 622 -53.75 -39.51 91.57
C ASP M 622 -53.67 -39.86 93.06
N VAL M 623 -54.80 -39.90 93.76
CA VAL M 623 -54.83 -40.26 95.21
C VAL M 623 -54.44 -41.73 95.30
N ARG M 624 -53.66 -42.10 96.32
CA ARG M 624 -53.26 -43.51 96.53
C ARG M 624 -53.74 -43.95 97.90
N LEU M 625 -54.47 -45.06 97.98
CA LEU M 625 -54.85 -45.63 99.28
C LEU M 625 -53.61 -46.36 99.76
N LEU M 626 -53.46 -46.57 101.06
CA LEU M 626 -52.32 -47.32 101.63
C LEU M 626 -52.90 -48.66 102.01
N GLU M 627 -52.14 -49.51 102.71
CA GLU M 627 -52.77 -50.73 103.28
C GLU M 627 -53.90 -50.16 104.14
N VAL M 628 -55.10 -50.77 104.19
CA VAL M 628 -56.17 -50.25 105.09
C VAL M 628 -55.80 -50.69 106.49
N SER M 629 -55.07 -49.84 107.21
CA SER M 629 -54.63 -50.18 108.59
C SER M 629 -55.87 -50.42 109.45
N PRO M 630 -55.83 -51.43 110.36
CA PRO M 630 -56.96 -51.75 111.24
C PRO M 630 -57.35 -50.65 112.26
N GLY M 631 -58.65 -50.50 112.52
CA GLY M 631 -59.07 -49.54 113.55
C GLY M 631 -58.45 -48.19 113.28
N ASP M 632 -58.52 -47.71 112.05
CA ASP M 632 -57.81 -46.44 111.74
C ASP M 632 -58.74 -45.38 111.20
N THR M 633 -58.23 -44.14 111.06
CA THR M 633 -58.98 -42.97 110.51
C THR M 633 -58.32 -42.56 109.19
N GLY M 634 -59.07 -41.92 108.29
CA GLY M 634 -58.46 -41.64 106.98
C GLY M 634 -57.14 -40.91 107.09
N TRP M 635 -56.93 -40.13 108.15
CA TRP M 635 -55.71 -39.28 108.32
C TRP M 635 -54.45 -40.13 108.37
N ASP M 636 -54.52 -41.32 108.98
CA ASP M 636 -53.34 -42.22 109.13
C ASP M 636 -52.97 -42.88 107.81
N VAL M 637 -53.95 -43.12 106.92
CA VAL M 637 -53.68 -43.83 105.63
C VAL M 637 -54.22 -43.01 104.45
N PHE M 638 -53.48 -41.98 104.00
CA PHE M 638 -53.83 -41.21 102.77
C PHE M 638 -52.57 -40.52 102.24
N SER M 639 -52.11 -40.86 101.03
CA SER M 639 -50.90 -40.25 100.41
C SER M 639 -51.04 -40.17 98.89
N LEU M 640 -50.69 -39.02 98.30
CA LEU M 640 -50.66 -38.84 96.82
C LEU M 640 -49.57 -39.76 96.24
N ASP M 641 -49.70 -40.15 94.96
CA ASP M 641 -48.73 -41.08 94.32
C ASP M 641 -48.00 -40.37 93.19
N TYR M 642 -48.71 -39.69 92.29
CA TYR M 642 -48.10 -39.19 91.03
C TYR M 642 -47.54 -40.37 90.25
N HIS M 643 -48.41 -41.30 89.86
CA HIS M 643 -48.00 -42.44 88.96
C HIS M 643 -47.30 -41.87 87.73
N VAL M 644 -46.14 -42.44 87.35
CA VAL M 644 -45.37 -41.96 86.17
C VAL M 644 -44.89 -43.16 85.37
N ASP M 645 -45.10 -43.13 84.04
CA ASP M 645 -44.66 -44.20 83.12
C ASP M 645 -44.18 -43.57 81.82
N GLY M 646 -43.40 -44.32 81.03
CA GLY M 646 -42.76 -43.78 79.81
C GLY M 646 -41.26 -43.68 79.97
N PRO M 647 -40.53 -42.90 79.15
CA PRO M 647 -39.09 -42.72 79.30
C PRO M 647 -38.66 -41.97 80.55
N ILE M 648 -39.53 -41.12 81.08
CA ILE M 648 -39.23 -40.29 82.29
C ILE M 648 -39.00 -41.28 83.43
N ALA M 649 -39.50 -42.50 83.30
CA ALA M 649 -39.38 -43.55 84.34
C ALA M 649 -37.92 -43.79 84.66
N THR M 650 -37.00 -43.73 83.69
CA THR M 650 -35.58 -44.06 83.94
C THR M 650 -35.02 -43.11 85.00
N VAL M 651 -35.32 -41.80 84.95
CA VAL M 651 -34.89 -40.83 86.00
C VAL M 651 -35.66 -41.08 87.29
N PHE M 652 -36.99 -41.26 87.23
CA PHE M 652 -37.83 -41.52 88.43
C PHE M 652 -38.20 -43.01 88.42
N THR M 653 -37.49 -43.84 89.18
CA THR M 653 -37.68 -45.32 89.17
C THR M 653 -38.63 -45.73 90.28
N ARG M 654 -38.85 -47.04 90.48
CA ARG M 654 -39.69 -47.58 91.58
C ARG M 654 -39.04 -47.21 92.91
N GLU M 655 -37.71 -47.23 92.99
CA GLU M 655 -36.99 -46.82 94.22
C GLU M 655 -37.29 -45.34 94.51
N CYS M 656 -37.34 -44.46 93.50
CA CYS M 656 -37.56 -43.00 93.68
C CYS M 656 -38.95 -42.69 94.24
N MET M 657 -40.02 -43.30 93.74
CA MET M 657 -41.41 -42.98 94.18
C MET M 657 -41.60 -43.50 95.61
N SER M 658 -40.95 -44.58 96.00
CA SER M 658 -41.04 -45.20 97.35
C SER M 658 -40.43 -44.26 98.39
N HIS M 659 -39.29 -43.67 98.07
CA HIS M 659 -38.58 -42.77 99.03
C HIS M 659 -39.36 -41.46 99.14
N TYR M 660 -40.01 -41.00 98.06
CA TYR M 660 -40.87 -39.79 98.10
C TYR M 660 -42.08 -40.02 99.01
N LEU M 661 -42.62 -41.24 99.05
CA LEU M 661 -43.81 -41.56 99.88
C LEU M 661 -43.45 -41.51 101.38
N ARG M 662 -42.22 -41.85 101.77
CA ARG M 662 -41.75 -41.72 103.18
C ARG M 662 -41.70 -40.24 103.54
N VAL M 663 -41.20 -39.40 102.62
CA VAL M 663 -41.12 -37.91 102.79
C VAL M 663 -42.55 -37.44 102.97
N PHE M 664 -43.46 -37.93 102.11
CA PHE M 664 -44.86 -37.45 102.14
C PHE M 664 -45.56 -37.87 103.43
N ASN M 665 -45.27 -39.09 103.89
CA ASN M 665 -45.87 -39.65 105.13
C ASN M 665 -45.53 -38.68 106.26
N PHE M 666 -44.28 -38.19 106.31
CA PHE M 666 -43.78 -37.25 107.34
C PHE M 666 -44.36 -35.85 107.21
N LEU M 667 -44.41 -35.32 105.97
CA LEU M 667 -44.83 -33.91 105.71
C LEU M 667 -46.33 -33.72 105.89
N TRP M 668 -47.13 -34.73 105.59
CA TRP M 668 -48.61 -34.68 105.83
C TRP M 668 -48.90 -34.59 107.32
N ARG M 669 -48.16 -35.35 108.15
CA ARG M 669 -48.35 -35.35 109.63
C ARG M 669 -48.05 -33.94 110.19
N ALA M 670 -46.90 -33.39 109.82
CA ALA M 670 -46.48 -32.09 110.38
C ALA M 670 -46.87 -30.98 109.43
N LYS M 671 -47.94 -31.17 108.66
CA LYS M 671 -48.59 -30.04 107.96
C LYS M 671 -50.00 -30.04 108.56
N ARG M 672 -50.55 -31.22 108.89
CA ARG M 672 -51.82 -31.27 109.65
C ARG M 672 -51.56 -30.72 111.05
N MET M 673 -50.57 -31.25 111.79
CA MET M 673 -50.39 -30.95 113.23
C MET M 673 -50.29 -29.44 113.42
N GLU M 674 -49.72 -28.74 112.45
CA GLU M 674 -49.68 -27.26 112.49
C GLU M 674 -51.03 -26.63 112.16
N TYR M 675 -51.79 -27.20 111.23
CA TYR M 675 -53.14 -26.67 110.89
C TYR M 675 -54.15 -27.03 111.99
N ILE M 676 -53.79 -27.96 112.90
CA ILE M 676 -54.62 -28.30 114.09
C ILE M 676 -54.34 -27.24 115.17
N LEU M 677 -53.08 -26.86 115.34
CA LEU M 677 -52.69 -25.87 116.36
C LEU M 677 -53.15 -24.47 115.95
N THR M 678 -53.23 -24.19 114.65
CA THR M 678 -53.81 -22.89 114.19
C THR M 678 -55.32 -22.91 114.44
N ASP M 679 -55.96 -24.09 114.37
CA ASP M 679 -57.41 -24.20 114.74
C ASP M 679 -57.60 -24.00 116.25
N ILE M 680 -56.71 -24.60 117.01
CA ILE M 680 -56.66 -24.32 118.47
C ILE M 680 -56.65 -22.79 118.61
N ARG M 681 -55.68 -22.07 118.05
CA ARG M 681 -55.54 -20.60 118.30
C ARG M 681 -56.73 -19.90 117.68
N LYS M 682 -57.33 -20.48 116.65
CA LYS M 682 -58.58 -19.89 116.09
C LYS M 682 -59.61 -19.98 117.20
N GLY M 683 -59.68 -21.11 117.90
CA GLY M 683 -60.64 -21.32 119.00
C GLY M 683 -60.39 -20.45 120.21
N HIS M 684 -59.13 -20.33 120.65
CA HIS M 684 -58.81 -19.55 121.88
C HIS M 684 -59.22 -18.12 121.62
N MET M 685 -58.90 -17.59 120.44
CA MET M 685 -59.33 -16.24 120.04
C MET M 685 -60.85 -16.18 119.90
N CYS M 686 -61.49 -17.22 119.35
CA CYS M 686 -62.95 -17.21 119.02
C CYS M 686 -63.85 -17.65 120.18
N ASN M 687 -63.30 -17.96 121.35
CA ASN M 687 -64.12 -18.30 122.55
C ASN M 687 -63.97 -17.18 123.59
N ALA M 688 -62.79 -16.57 123.71
CA ALA M 688 -62.54 -15.55 124.76
C ALA M 688 -63.27 -14.25 124.42
N LYS M 689 -63.59 -14.00 123.15
CA LYS M 689 -64.23 -12.71 122.74
C LYS M 689 -65.70 -12.62 123.21
N LEU M 690 -66.32 -13.72 123.67
CA LEU M 690 -67.74 -13.73 124.20
C LEU M 690 -67.77 -14.04 125.71
N LEU M 691 -66.61 -14.21 126.34
CA LEU M 691 -66.50 -14.48 127.80
C LEU M 691 -65.89 -13.23 128.47
N ARG M 692 -66.11 -12.03 127.89
CA ARG M 692 -65.55 -10.73 128.39
C ARG M 692 -66.27 -10.28 129.66
N ASN M 693 -67.43 -10.89 129.96
CA ASN M 693 -68.21 -10.56 131.18
C ASN M 693 -67.66 -11.34 132.39
N MET M 694 -67.31 -12.63 132.20
CA MET M 694 -66.91 -13.54 133.31
C MET M 694 -65.50 -13.24 133.79
N PRO M 695 -65.32 -12.83 135.08
CA PRO M 695 -63.98 -12.64 135.63
C PRO M 695 -63.36 -13.87 136.33
N GLU M 696 -64.18 -14.87 136.67
CA GLU M 696 -63.73 -16.07 137.43
C GLU M 696 -62.89 -17.01 136.56
N PHE M 697 -63.14 -17.07 135.25
CA PHE M 697 -62.51 -18.05 134.32
C PHE M 697 -61.08 -17.70 133.90
N SER M 698 -60.77 -16.42 133.71
CA SER M 698 -59.50 -15.96 133.10
C SER M 698 -58.31 -16.77 133.64
N GLY M 699 -58.30 -17.10 134.94
CA GLY M 699 -57.13 -17.77 135.52
C GLY M 699 -56.77 -19.07 134.84
N VAL M 700 -57.71 -20.03 134.73
CA VAL M 700 -57.47 -21.33 134.03
C VAL M 700 -57.34 -21.07 132.53
N LEU M 701 -58.06 -20.05 132.03
CA LEU M 701 -58.01 -19.68 130.60
C LEU M 701 -56.59 -19.25 130.24
N HIS M 702 -55.94 -18.50 131.15
CA HIS M 702 -54.57 -17.96 130.91
C HIS M 702 -53.57 -19.10 130.85
N GLN M 703 -53.70 -20.09 131.76
CA GLN M 703 -52.78 -21.26 131.80
C GLN M 703 -52.92 -22.08 130.51
N CYS M 704 -54.11 -22.14 129.91
CA CYS M 704 -54.32 -22.86 128.61
C CYS M 704 -53.68 -22.07 127.46
N HIS M 705 -53.76 -20.74 127.47
CA HIS M 705 -53.19 -19.88 126.40
C HIS M 705 -51.67 -19.98 126.33
N ILE M 706 -50.98 -19.86 127.47
CA ILE M 706 -49.49 -19.83 127.48
C ILE M 706 -48.93 -21.14 126.93
N LEU M 707 -49.44 -22.30 127.40
CA LEU M 707 -48.94 -23.63 126.94
C LEU M 707 -49.21 -23.74 125.45
N ALA M 708 -50.40 -23.27 125.00
CA ALA M 708 -50.78 -23.25 123.57
C ALA M 708 -49.81 -22.39 122.76
N SER M 709 -49.47 -21.19 123.26
CA SER M 709 -48.43 -20.30 122.66
C SER M 709 -47.08 -21.02 122.61
N GLU M 710 -46.62 -21.61 123.71
CA GLU M 710 -45.29 -22.27 123.75
C GLU M 710 -45.26 -23.40 122.72
N MET M 711 -46.35 -24.15 122.58
CA MET M 711 -46.42 -25.23 121.56
C MET M 711 -46.30 -24.59 120.18
N VAL M 712 -46.96 -23.45 119.90
CA VAL M 712 -46.92 -22.86 118.54
C VAL M 712 -45.49 -22.40 118.26
N HIS M 713 -44.73 -22.03 119.28
CA HIS M 713 -43.30 -21.62 119.12
C HIS M 713 -42.47 -22.80 118.62
N PHE M 714 -42.73 -24.02 119.07
CA PHE M 714 -41.90 -25.20 118.73
C PHE M 714 -42.24 -25.78 117.35
N ILE M 715 -43.52 -26.00 117.05
CA ILE M 715 -43.95 -26.59 115.75
C ILE M 715 -43.77 -25.59 114.62
N HIS M 716 -44.12 -24.32 114.83
CA HIS M 716 -44.01 -23.29 113.76
C HIS M 716 -42.55 -23.14 113.36
N GLN M 717 -41.61 -23.14 114.31
CA GLN M 717 -40.16 -23.03 113.99
C GLN M 717 -39.65 -24.27 113.25
N MET M 718 -40.05 -25.48 113.66
CA MET M 718 -39.62 -26.72 112.97
C MET M 718 -40.14 -26.63 111.55
N GLN M 719 -41.31 -26.03 111.35
CA GLN M 719 -41.89 -25.86 110.00
C GLN M 719 -40.95 -25.03 109.14
N TYR M 720 -40.34 -23.97 109.69
CA TYR M 720 -39.35 -23.13 108.96
C TYR M 720 -38.08 -23.96 108.70
N TYR M 721 -37.62 -24.77 109.66
CA TYR M 721 -36.35 -25.54 109.51
C TYR M 721 -36.51 -26.48 108.33
N ILE M 722 -37.65 -27.14 108.22
CA ILE M 722 -37.96 -28.04 107.08
C ILE M 722 -38.04 -27.15 105.83
N THR M 723 -38.62 -25.95 105.93
CA THR M 723 -38.81 -25.07 104.75
C THR M 723 -37.48 -24.68 104.12
N PHE M 724 -36.50 -24.14 104.88
CA PHE M 724 -35.24 -23.57 104.33
C PHE M 724 -33.94 -24.36 104.60
N GLU M 725 -33.95 -25.48 105.32
CA GLU M 725 -32.70 -26.21 105.68
C GLU M 725 -32.76 -27.69 105.27
N VAL M 726 -33.87 -28.17 104.72
CA VAL M 726 -34.03 -29.57 104.20
C VAL M 726 -34.66 -29.56 102.79
N LEU M 727 -35.46 -28.55 102.43
CA LEU M 727 -36.16 -28.45 101.11
C LEU M 727 -35.85 -27.18 100.30
N GLU M 728 -34.92 -26.31 100.68
CA GLU M 728 -34.52 -25.16 99.82
C GLU M 728 -33.05 -25.31 99.44
N CYS M 729 -32.17 -25.61 100.38
CA CYS M 729 -30.72 -25.84 100.13
C CYS M 729 -30.50 -27.17 99.40
N SER M 730 -31.32 -28.18 99.60
CA SER M 730 -31.20 -29.47 98.88
C SER M 730 -31.61 -29.24 97.44
N TRP M 731 -32.74 -28.56 97.23
CA TRP M 731 -33.24 -28.28 95.86
C TRP M 731 -32.29 -27.35 95.14
N ASP M 732 -31.68 -26.41 95.83
CA ASP M 732 -30.68 -25.53 95.17
C ASP M 732 -29.51 -26.39 94.71
N GLU M 733 -29.07 -27.34 95.54
CA GLU M 733 -27.92 -28.22 95.21
C GLU M 733 -28.27 -29.09 94.00
N LEU M 734 -29.48 -29.65 93.96
CA LEU M 734 -29.91 -30.56 92.87
C LEU M 734 -29.96 -29.80 91.57
N TRP M 735 -30.53 -28.61 91.60
CA TRP M 735 -30.80 -27.85 90.36
C TRP M 735 -29.51 -27.50 89.66
N ASN M 736 -28.54 -26.95 90.39
CA ASN M 736 -27.30 -26.45 89.72
C ASN M 736 -26.50 -27.62 89.13
N LYS M 737 -26.41 -28.72 89.87
CA LYS M 737 -25.63 -29.92 89.44
C LYS M 737 -26.33 -30.59 88.28
N VAL M 738 -27.65 -30.38 88.14
CA VAL M 738 -28.43 -31.00 87.03
C VAL M 738 -28.40 -30.12 85.79
N GLN M 739 -28.65 -28.82 85.91
CA GLN M 739 -28.80 -27.94 84.73
C GLN M 739 -27.45 -27.64 84.07
N GLN M 740 -26.34 -27.88 84.74
CA GLN M 740 -24.99 -27.69 84.15
C GLN M 740 -24.46 -28.99 83.54
N ALA M 741 -25.14 -30.12 83.81
CA ALA M 741 -24.74 -31.49 83.36
C ALA M 741 -24.80 -31.67 81.85
N GLN M 742 -24.24 -32.76 81.31
CA GLN M 742 -24.35 -33.07 79.86
C GLN M 742 -24.66 -34.55 79.70
N ASP M 743 -23.90 -35.39 80.29
CA ASP M 743 -24.19 -36.84 80.42
C ASP M 743 -25.50 -37.03 81.23
N LEU M 744 -26.45 -37.77 80.73
CA LEU M 744 -27.72 -38.06 81.43
C LEU M 744 -27.36 -38.83 82.72
N ASP M 745 -26.22 -39.51 82.71
CA ASP M 745 -25.74 -40.26 83.90
C ASP M 745 -25.43 -39.30 85.03
N HIS M 746 -25.13 -38.01 84.75
CA HIS M 746 -24.93 -37.04 85.87
C HIS M 746 -26.28 -36.59 86.43
N ILE M 747 -27.38 -36.75 85.69
CA ILE M 747 -28.73 -36.35 86.17
C ILE M 747 -29.29 -37.43 87.10
N ILE M 748 -29.05 -38.69 86.82
CA ILE M 748 -29.57 -39.81 87.67
C ILE M 748 -28.81 -39.86 89.00
N ALA M 749 -27.51 -40.10 88.99
CA ALA M 749 -26.67 -40.36 90.18
C ALA M 749 -26.57 -39.11 91.02
N ALA M 750 -27.05 -37.95 90.53
CA ALA M 750 -27.10 -36.67 91.30
C ALA M 750 -28.48 -36.45 91.91
N HIS M 751 -29.52 -36.69 91.13
CA HIS M 751 -30.92 -36.52 91.59
C HIS M 751 -31.13 -37.42 92.78
N GLU M 752 -30.50 -38.61 92.81
CA GLU M 752 -30.60 -39.57 93.94
C GLU M 752 -29.92 -39.00 95.18
N VAL M 753 -28.93 -38.13 94.97
CA VAL M 753 -28.20 -37.47 96.10
C VAL M 753 -29.12 -36.45 96.77
N PHE M 754 -29.88 -35.68 95.98
CA PHE M 754 -30.92 -34.74 96.52
C PHE M 754 -31.88 -35.60 97.35
N LEU M 755 -32.26 -36.76 96.82
CA LEU M 755 -33.21 -37.65 97.54
C LEU M 755 -32.57 -38.20 98.81
N ASP M 756 -31.32 -38.65 98.75
CA ASP M 756 -30.69 -39.36 99.91
C ASP M 756 -30.07 -38.36 100.87
N THR M 757 -30.28 -37.06 100.65
CA THR M 757 -29.83 -36.01 101.60
C THR M 757 -31.06 -35.47 102.35
N ILE M 758 -32.23 -35.43 101.72
CA ILE M 758 -33.49 -35.01 102.38
C ILE M 758 -33.81 -36.00 103.50
N ILE M 759 -33.59 -37.29 103.28
CA ILE M 759 -33.98 -38.37 104.22
C ILE M 759 -33.08 -38.32 105.45
N SER M 760 -31.94 -37.62 105.36
CA SER M 760 -31.00 -37.50 106.51
C SER M 760 -31.09 -36.11 107.16
N ARG M 761 -31.41 -35.04 106.40
CA ARG M 761 -31.68 -33.70 107.00
C ARG M 761 -33.05 -33.73 107.66
N CYS M 762 -34.00 -34.51 107.13
CA CYS M 762 -35.26 -34.83 107.87
C CYS M 762 -34.84 -35.97 108.81
N LEU M 763 -35.76 -36.53 109.59
CA LEU M 763 -35.38 -37.57 110.58
C LEU M 763 -35.79 -38.98 110.07
N LEU M 764 -36.00 -39.14 108.76
CA LEU M 764 -36.57 -40.39 108.18
C LEU M 764 -35.53 -41.50 108.00
N ASP M 765 -34.25 -41.21 108.20
CA ASP M 765 -33.15 -42.21 108.11
C ASP M 765 -33.28 -43.23 109.25
N SER M 766 -32.70 -44.43 109.06
CA SER M 766 -32.72 -45.52 110.06
C SER M 766 -31.97 -45.14 111.34
N ASP M 767 -31.17 -44.07 111.30
CA ASP M 767 -30.38 -43.61 112.48
C ASP M 767 -31.10 -42.44 113.16
N SER M 768 -31.77 -41.58 112.38
CA SER M 768 -32.44 -40.39 112.95
C SER M 768 -33.85 -40.81 113.40
N ARG M 769 -34.19 -42.11 113.24
CA ARG M 769 -35.53 -42.65 113.63
C ARG M 769 -35.74 -42.47 115.13
N ALA M 770 -34.70 -42.65 115.95
CA ALA M 770 -34.87 -42.58 117.41
C ALA M 770 -35.38 -41.19 117.83
N LEU M 771 -34.89 -40.15 117.15
CA LEU M 771 -35.24 -38.74 117.46
C LEU M 771 -36.66 -38.48 116.94
N LEU M 772 -37.08 -39.11 115.84
CA LEU M 772 -38.46 -39.04 115.31
C LEU M 772 -39.39 -39.69 116.34
N ASN M 773 -38.98 -40.80 116.95
CA ASN M 773 -39.79 -41.54 117.95
C ASN M 773 -40.15 -40.57 119.10
N GLN M 774 -39.18 -39.74 119.50
CA GLN M 774 -39.42 -38.69 120.55
C GLN M 774 -40.26 -37.54 119.97
N LEU M 775 -40.07 -37.23 118.69
CA LEU M 775 -40.83 -36.17 117.99
C LEU M 775 -42.31 -36.57 117.93
N ARG M 776 -42.58 -37.87 117.82
CA ARG M 776 -43.97 -38.42 117.76
C ARG M 776 -44.71 -37.99 119.03
N ALA M 777 -44.02 -38.01 120.18
CA ALA M 777 -44.65 -37.64 121.48
C ALA M 777 -45.16 -36.19 121.41
N VAL M 778 -44.35 -35.29 120.84
CA VAL M 778 -44.81 -33.88 120.61
C VAL M 778 -45.98 -33.89 119.62
N PHE M 779 -45.83 -34.64 118.52
CA PHE M 779 -46.89 -34.76 117.49
C PHE M 779 -48.11 -35.43 118.12
N ASP M 780 -47.94 -36.11 119.26
CA ASP M 780 -49.08 -36.65 120.05
C ASP M 780 -49.63 -35.57 120.99
N GLN M 781 -48.75 -34.90 121.74
CA GLN M 781 -49.17 -33.96 122.82
C GLN M 781 -49.94 -32.78 122.24
N ILE M 782 -49.73 -32.46 120.95
CA ILE M 782 -50.49 -31.36 120.27
C ILE M 782 -51.99 -31.71 120.22
N ILE M 783 -52.34 -32.89 119.69
CA ILE M 783 -53.77 -33.32 119.57
C ILE M 783 -54.27 -33.72 120.95
N GLU M 784 -53.36 -34.02 121.90
CA GLU M 784 -53.75 -34.29 123.31
C GLU M 784 -54.40 -33.01 123.88
N LEU M 785 -53.81 -31.83 123.64
CA LEU M 785 -54.41 -30.52 124.02
C LEU M 785 -55.72 -30.26 123.26
N GLN M 786 -55.84 -30.73 122.01
CA GLN M 786 -57.07 -30.58 121.20
C GLN M 786 -58.24 -31.22 121.95
N ASN M 787 -57.98 -32.25 122.78
CA ASN M 787 -59.00 -32.98 123.56
C ASN M 787 -59.11 -32.39 124.97
N ALA M 788 -58.00 -31.90 125.53
CA ALA M 788 -57.99 -31.26 126.87
C ALA M 788 -58.75 -29.93 126.80
N GLN M 789 -58.55 -29.16 125.72
CA GLN M 789 -59.14 -27.80 125.60
C GLN M 789 -60.65 -27.86 125.40
N ASP M 790 -61.12 -28.58 124.38
CA ASP M 790 -62.56 -28.57 123.99
C ASP M 790 -63.45 -29.14 125.10
N ALA M 791 -62.97 -30.17 125.80
CA ALA M 791 -63.74 -30.86 126.86
C ALA M 791 -64.04 -29.87 127.98
N ILE M 792 -63.17 -28.88 128.20
CA ILE M 792 -63.43 -27.79 129.20
C ILE M 792 -64.49 -26.79 128.72
N TYR M 793 -64.37 -26.29 127.48
CA TYR M 793 -65.32 -25.23 127.02
C TYR M 793 -66.77 -25.73 126.96
N ARG M 794 -66.99 -26.90 126.33
CA ARG M 794 -68.37 -27.44 126.19
C ARG M 794 -68.91 -27.73 127.59
N ALA M 795 -68.05 -27.79 128.63
CA ALA M 795 -68.48 -27.91 130.05
C ALA M 795 -68.60 -26.52 130.67
N ALA M 796 -67.56 -25.67 130.53
CA ALA M 796 -67.54 -24.30 131.10
C ALA M 796 -68.53 -23.38 130.38
N LEU M 797 -68.44 -23.32 129.04
CA LEU M 797 -69.33 -22.45 128.20
C LEU M 797 -70.77 -22.91 128.41
N GLU M 798 -70.95 -24.20 128.70
CA GLU M 798 -72.29 -24.81 128.91
C GLU M 798 -73.01 -24.01 129.99
N GLU M 799 -72.36 -23.72 131.13
CA GLU M 799 -73.01 -23.01 132.26
C GLU M 799 -73.44 -21.62 131.83
N LEU M 800 -72.61 -20.92 131.04
CA LEU M 800 -72.90 -19.53 130.62
C LEU M 800 -74.25 -19.47 129.87
N GLN M 801 -74.49 -20.41 128.95
CA GLN M 801 -75.74 -20.43 128.13
C GLN M 801 -76.93 -20.56 129.09
N ARG M 802 -76.83 -21.48 130.07
CA ARG M 802 -77.88 -21.70 131.11
C ARG M 802 -78.03 -20.45 132.00
N ARG M 803 -76.94 -19.72 132.29
CA ARG M 803 -76.96 -18.47 133.11
C ARG M 803 -77.79 -17.41 132.38
N LEU M 804 -77.68 -17.34 131.04
CA LEU M 804 -78.56 -16.44 130.23
C LEU M 804 -80.00 -16.93 130.39
N GLN M 805 -80.22 -18.26 130.32
CA GLN M 805 -81.56 -18.89 130.45
C GLN M 805 -82.05 -18.82 131.90
N PHE M 806 -81.14 -18.79 132.89
CA PHE M 806 -81.49 -18.61 134.33
C PHE M 806 -82.00 -17.18 134.53
N GLU M 807 -81.37 -16.19 133.89
CA GLU M 807 -81.82 -14.77 133.93
C GLU M 807 -83.06 -14.60 133.04
N GLU M 808 -83.17 -15.37 131.94
CA GLU M 808 -84.38 -15.38 131.05
C GLU M 808 -85.55 -15.97 131.83
N LYS M 809 -85.29 -16.79 132.87
CA LYS M 809 -86.35 -17.25 133.84
C LYS M 809 -86.76 -16.06 134.73
N LYS M 810 -85.79 -15.27 135.22
CA LYS M 810 -86.04 -14.06 136.06
C LYS M 810 -86.76 -12.98 135.24
N LYS M 811 -86.52 -12.94 133.93
CA LYS M 811 -87.13 -11.92 133.00
C LYS M 811 -88.62 -12.28 132.86
N GLU M 827 -80.30 -19.44 143.19
CA GLU M 827 -79.87 -20.53 144.12
C GLU M 827 -79.34 -21.71 143.29
N GLU M 828 -79.87 -21.93 142.08
CA GLU M 828 -79.38 -22.98 141.14
C GLU M 828 -77.97 -22.61 140.66
N GLU M 829 -77.75 -21.31 140.36
CA GLU M 829 -76.43 -20.80 139.88
C GLU M 829 -75.44 -20.68 141.04
N ASN M 830 -75.89 -20.87 142.30
CA ASN M 830 -74.99 -20.93 143.50
C ASN M 830 -74.41 -22.35 143.62
N LYS M 831 -75.11 -23.35 143.05
CA LYS M 831 -74.58 -24.76 142.99
C LYS M 831 -73.65 -24.86 141.77
N ARG M 832 -73.86 -24.01 140.74
CA ARG M 832 -72.98 -23.92 139.53
C ARG M 832 -71.64 -23.24 139.91
N ILE M 833 -71.67 -22.28 140.85
CA ILE M 833 -70.40 -21.72 141.42
C ILE M 833 -69.74 -22.84 142.23
N GLY M 834 -70.52 -23.71 142.89
CA GLY M 834 -70.00 -24.88 143.65
C GLY M 834 -69.24 -25.86 142.75
N GLU M 835 -69.80 -26.20 141.58
CA GLU M 835 -69.12 -27.11 140.60
C GLU M 835 -67.93 -26.38 139.96
N PHE M 836 -68.02 -25.05 139.85
CA PHE M 836 -66.90 -24.22 139.33
C PHE M 836 -65.72 -24.27 140.29
N LYS M 837 -65.95 -24.04 141.58
CA LYS M 837 -64.86 -23.90 142.59
C LYS M 837 -64.18 -25.25 142.84
N GLU M 838 -64.90 -26.36 142.60
CA GLU M 838 -64.33 -27.72 142.76
C GLU M 838 -63.71 -28.19 141.44
N SER M 839 -64.15 -27.62 140.30
CA SER M 839 -63.67 -28.00 138.93
C SER M 839 -62.38 -27.24 138.60
N ILE M 840 -62.21 -26.06 139.19
CA ILE M 840 -60.98 -25.23 138.94
C ILE M 840 -59.72 -25.96 139.40
N PRO M 841 -59.67 -26.57 140.61
CA PRO M 841 -58.47 -27.29 141.04
C PRO M 841 -58.09 -28.47 140.14
N LYS M 842 -59.07 -29.30 139.73
CA LYS M 842 -58.80 -30.52 138.92
C LYS M 842 -58.33 -30.13 137.52
N MET M 843 -58.95 -29.11 136.92
CA MET M 843 -58.55 -28.61 135.57
C MET M 843 -57.15 -27.98 135.70
N CYS M 844 -56.93 -27.26 136.80
CA CYS M 844 -55.62 -26.60 137.06
C CYS M 844 -54.52 -27.66 137.12
N SER M 845 -54.69 -28.69 137.97
CA SER M 845 -53.67 -29.75 138.15
C SER M 845 -53.48 -30.57 136.87
N GLN M 846 -54.56 -30.87 136.12
CA GLN M 846 -54.51 -31.64 134.83
C GLN M 846 -53.69 -30.87 133.79
N LEU M 847 -53.94 -29.56 133.66
CA LEU M 847 -53.21 -28.69 132.70
C LEU M 847 -51.76 -28.52 133.18
N ARG M 848 -51.57 -28.45 134.50
CA ARG M 848 -50.20 -28.28 135.08
C ARG M 848 -49.35 -29.50 134.75
N ILE M 849 -49.90 -30.70 134.96
CA ILE M 849 -49.16 -31.97 134.68
C ILE M 849 -48.90 -32.05 133.17
N LEU M 850 -49.82 -31.53 132.35
CA LEU M 850 -49.63 -31.48 130.87
C LEU M 850 -48.43 -30.59 130.50
N THR M 851 -48.34 -29.39 131.10
CA THR M 851 -47.21 -28.46 130.80
C THR M 851 -45.90 -29.11 131.23
N HIS M 852 -45.85 -29.71 132.43
CA HIS M 852 -44.61 -30.35 132.96
C HIS M 852 -44.21 -31.54 132.08
N PHE M 853 -45.20 -32.32 131.61
CA PHE M 853 -44.95 -33.50 130.75
C PHE M 853 -44.40 -33.02 129.38
N TYR M 854 -44.98 -31.91 128.86
CA TYR M 854 -44.53 -31.31 127.58
C TYR M 854 -43.11 -30.77 127.74
N GLN M 855 -42.83 -30.14 128.88
CA GLN M 855 -41.47 -29.59 129.15
C GLN M 855 -40.48 -30.76 129.26
N GLY M 856 -40.90 -31.82 129.95
CA GLY M 856 -40.08 -33.03 130.20
C GLY M 856 -39.72 -33.73 128.90
N ILE M 857 -40.63 -33.73 127.92
CA ILE M 857 -40.36 -34.34 126.58
C ILE M 857 -39.53 -33.41 125.69
N VAL M 858 -39.87 -32.12 125.63
CA VAL M 858 -39.19 -31.19 124.68
C VAL M 858 -37.75 -30.95 125.13
N GLN M 859 -37.49 -30.89 126.46
CA GLN M 859 -36.13 -30.67 127.00
C GLN M 859 -35.30 -31.94 126.74
N GLN M 860 -35.87 -33.13 126.90
CA GLN M 860 -35.19 -34.42 126.62
C GLN M 860 -34.94 -34.53 125.12
N PHE M 861 -35.86 -33.99 124.30
CA PHE M 861 -35.71 -33.98 122.82
C PHE M 861 -34.53 -33.10 122.41
N LEU M 862 -34.44 -31.88 122.96
CA LEU M 862 -33.35 -30.92 122.63
C LEU M 862 -31.98 -31.45 123.09
N VAL M 863 -31.96 -32.11 124.26
CA VAL M 863 -30.74 -32.75 124.80
C VAL M 863 -30.56 -34.08 124.06
N LEU M 864 -31.62 -34.60 123.41
CA LEU M 864 -31.46 -35.81 122.58
C LEU M 864 -30.71 -35.41 121.32
N LEU M 865 -30.99 -34.23 120.76
CA LEU M 865 -30.23 -33.92 119.53
C LEU M 865 -28.86 -33.37 119.88
N THR M 866 -27.97 -34.24 120.40
CA THR M 866 -26.54 -33.89 120.65
C THR M 866 -25.82 -34.15 119.34
N THR M 867 -24.59 -33.70 119.22
CA THR M 867 -23.95 -33.77 117.88
C THR M 867 -23.66 -35.22 117.48
N SER M 868 -24.08 -35.61 116.28
CA SER M 868 -23.65 -36.92 115.77
C SER M 868 -22.83 -36.54 114.55
N SER M 869 -23.48 -35.91 113.56
CA SER M 869 -22.79 -35.38 112.35
C SER M 869 -22.69 -33.86 112.44
N ASP M 870 -23.79 -33.19 112.81
CA ASP M 870 -23.86 -31.70 112.94
C ASP M 870 -24.10 -31.06 111.57
N GLU M 871 -24.28 -31.89 110.54
CA GLU M 871 -24.59 -31.35 109.18
C GLU M 871 -25.96 -30.66 109.22
N SER M 872 -26.95 -31.26 109.87
CA SER M 872 -28.32 -30.67 109.82
C SER M 872 -28.96 -30.51 111.21
N LEU M 873 -28.26 -30.87 112.29
CA LEU M 873 -28.88 -30.85 113.64
C LEU M 873 -28.55 -29.56 114.41
N ARG M 874 -27.47 -28.89 114.06
CA ARG M 874 -27.06 -27.69 114.82
C ARG M 874 -27.97 -26.53 114.44
N PHE M 875 -28.47 -26.45 113.21
CA PHE M 875 -29.24 -25.28 112.74
C PHE M 875 -30.71 -25.40 113.16
N LEU M 876 -31.15 -26.53 113.71
CA LEU M 876 -32.53 -26.69 114.25
C LEU M 876 -32.44 -26.46 115.75
N SER M 877 -31.41 -27.01 116.38
CA SER M 877 -31.20 -26.90 117.85
C SER M 877 -31.14 -25.43 118.20
N PHE M 878 -30.39 -24.64 117.43
CA PHE M 878 -30.35 -23.18 117.63
C PHE M 878 -31.77 -22.64 117.51
N ARG M 879 -32.53 -23.04 116.50
CA ARG M 879 -33.87 -22.46 116.27
C ARG M 879 -34.78 -22.77 117.45
N LEU M 880 -34.77 -24.01 117.97
CA LEU M 880 -35.70 -24.42 119.06
C LEU M 880 -35.27 -23.71 120.34
N ASP M 881 -33.98 -23.52 120.58
CA ASP M 881 -33.47 -22.73 121.74
C ASP M 881 -32.90 -21.42 121.23
N PHE M 882 -33.74 -20.40 120.98
CA PHE M 882 -33.34 -19.03 120.60
C PHE M 882 -33.95 -18.20 121.71
N ASN M 883 -33.26 -17.21 122.28
CA ASN M 883 -33.73 -16.43 123.45
C ASN M 883 -33.38 -17.22 124.72
N GLU M 884 -32.79 -18.40 124.60
CA GLU M 884 -32.30 -19.20 125.75
C GLU M 884 -33.40 -19.40 126.80
N HIS M 885 -34.66 -19.60 126.40
CA HIS M 885 -35.71 -19.93 127.38
C HIS M 885 -35.35 -21.30 127.98
N TYR M 886 -35.02 -22.27 127.13
CA TYR M 886 -34.58 -23.61 127.58
C TYR M 886 -33.07 -23.48 127.80
N LYS M 887 -32.43 -24.47 128.42
CA LYS M 887 -30.96 -24.48 128.66
C LYS M 887 -30.63 -23.43 129.72
N ALA M 888 -31.62 -22.71 130.26
CA ALA M 888 -31.45 -21.79 131.40
C ALA M 888 -32.26 -22.51 132.46
N ARG M 889 -32.22 -23.85 132.44
CA ARG M 889 -33.07 -24.68 133.31
C ARG M 889 -34.49 -24.24 133.07
N GLU M 890 -34.83 -23.99 131.81
CA GLU M 890 -36.23 -23.70 131.42
C GLU M 890 -36.78 -22.51 132.19
N LEU N 150 -26.19 -88.72 39.35
CA LEU N 150 -26.25 -88.49 37.89
C LEU N 150 -27.68 -88.75 37.41
N GLN N 151 -28.14 -90.00 37.46
CA GLN N 151 -29.52 -90.36 37.03
C GLN N 151 -30.49 -89.74 38.03
N GLN N 152 -30.14 -89.71 39.31
CA GLN N 152 -31.05 -89.22 40.39
C GLN N 152 -31.39 -87.74 40.15
N SER N 153 -30.48 -86.97 39.56
CA SER N 153 -30.69 -85.52 39.34
C SER N 153 -31.90 -85.32 38.44
N LEU N 154 -32.07 -86.16 37.42
CA LEU N 154 -33.16 -85.98 36.42
C LEU N 154 -34.51 -85.75 37.11
N GLU N 155 -34.76 -86.38 38.27
CA GLU N 155 -36.05 -86.23 38.99
C GLU N 155 -36.18 -84.78 39.44
N LEU N 156 -35.32 -84.32 40.36
CA LEU N 156 -35.41 -82.97 40.96
C LEU N 156 -35.80 -81.95 39.90
N LYS N 157 -35.20 -81.99 38.72
CA LYS N 157 -35.46 -80.94 37.70
C LYS N 157 -36.95 -80.95 37.33
N ARG N 158 -37.57 -82.12 37.17
CA ARG N 158 -38.99 -82.22 36.74
C ARG N 158 -39.93 -81.84 37.88
N LYS N 159 -39.66 -82.31 39.10
CA LYS N 159 -40.59 -82.08 40.23
C LYS N 159 -40.71 -80.58 40.41
N MET N 160 -39.60 -79.87 40.34
CA MET N 160 -39.58 -78.39 40.48
C MET N 160 -40.36 -77.78 39.32
N LEU N 161 -40.27 -78.36 38.12
CA LEU N 161 -40.94 -77.81 36.91
C LEU N 161 -42.46 -77.85 37.09
N ARG N 162 -42.99 -78.93 37.63
CA ARG N 162 -44.45 -79.10 37.81
C ARG N 162 -44.97 -78.03 38.73
N ASP N 163 -44.22 -77.62 39.75
CA ASP N 163 -44.70 -76.64 40.76
C ASP N 163 -44.99 -75.29 40.10
N LYS N 164 -44.19 -74.82 39.14
CA LYS N 164 -44.37 -73.48 38.52
C LYS N 164 -45.44 -73.56 37.43
N GLN N 165 -45.72 -74.75 36.93
CA GLN N 165 -46.71 -74.95 35.85
C GLN N 165 -48.12 -74.88 36.42
N ASN N 166 -48.39 -75.51 37.55
CA ASN N 166 -49.72 -75.44 38.21
C ASN N 166 -49.90 -74.04 38.78
N LYS N 167 -48.86 -73.45 39.35
CA LYS N 167 -48.95 -72.11 40.02
C LYS N 167 -49.34 -71.03 39.01
N LYS N 168 -48.75 -71.03 37.82
CA LYS N 168 -49.00 -69.99 36.78
C LYS N 168 -49.48 -70.66 35.50
N ASN N 169 -50.73 -70.46 35.12
CA ASN N 169 -51.27 -70.96 33.83
C ASN N 169 -51.41 -69.77 32.88
N SER N 170 -51.14 -68.53 33.35
CA SER N 170 -51.17 -67.32 32.50
C SER N 170 -50.00 -67.36 31.52
N GLY N 171 -48.82 -67.73 31.98
CA GLY N 171 -47.62 -67.90 31.12
C GLY N 171 -47.51 -69.38 30.83
N GLN N 172 -47.51 -69.79 29.56
CA GLN N 172 -47.59 -71.23 29.22
C GLN N 172 -46.31 -71.79 28.61
N HIS N 173 -46.10 -73.11 28.71
CA HIS N 173 -44.98 -73.82 28.04
C HIS N 173 -43.64 -73.28 28.58
N LEU N 174 -43.46 -73.29 29.91
CA LEU N 174 -42.20 -72.82 30.53
C LEU N 174 -41.09 -73.58 29.81
N PRO N 175 -39.98 -72.93 29.41
CA PRO N 175 -38.98 -73.58 28.58
C PRO N 175 -38.15 -74.69 29.21
N ILE N 176 -37.69 -75.66 28.42
CA ILE N 176 -36.80 -76.76 28.87
C ILE N 176 -35.72 -76.93 27.79
N PHE N 177 -34.54 -77.45 28.13
CA PHE N 177 -33.41 -77.57 27.18
C PHE N 177 -33.40 -78.97 26.55
N PRO N 178 -32.94 -79.20 25.30
CA PRO N 178 -33.01 -80.55 24.72
C PRO N 178 -32.31 -81.60 25.60
N ALA N 179 -32.74 -82.87 25.53
CA ALA N 179 -32.20 -83.97 26.37
C ALA N 179 -30.67 -84.08 26.23
N TRP N 180 -30.10 -83.88 25.03
CA TRP N 180 -28.64 -84.04 24.78
C TRP N 180 -27.84 -83.06 25.64
N VAL N 181 -28.43 -81.93 26.03
CA VAL N 181 -27.71 -80.86 26.77
C VAL N 181 -27.09 -81.46 28.04
N TYR N 182 -27.81 -82.41 28.64
CA TYR N 182 -27.39 -83.09 29.90
C TYR N 182 -26.70 -84.40 29.54
N GLU N 183 -27.18 -85.10 28.52
CA GLU N 183 -26.63 -86.44 28.15
C GLU N 183 -25.20 -86.35 27.62
N ARG N 184 -24.87 -85.38 26.75
CA ARG N 184 -23.52 -85.30 26.11
C ARG N 184 -22.46 -85.00 27.19
N PRO N 185 -21.42 -85.83 27.39
CA PRO N 185 -20.48 -85.61 28.49
C PRO N 185 -19.37 -84.63 28.12
N ALA N 186 -19.16 -84.36 26.83
CA ALA N 186 -18.09 -83.47 26.34
C ALA N 186 -18.38 -82.02 26.72
N LEU N 187 -19.63 -81.59 26.70
CA LEU N 187 -19.99 -80.17 26.92
C LEU N 187 -19.50 -79.73 28.31
N ILE N 188 -19.65 -80.56 29.34
CA ILE N 188 -19.15 -80.25 30.70
C ILE N 188 -17.63 -80.41 30.66
N GLY N 189 -16.87 -79.72 31.50
CA GLY N 189 -15.40 -79.71 31.45
C GLY N 189 -14.67 -81.01 31.74
N ASP N 190 -15.04 -81.79 32.76
CA ASP N 190 -14.22 -82.98 33.14
C ASP N 190 -14.64 -84.29 32.51
N PHE N 191 -13.70 -85.21 32.24
CA PHE N 191 -13.98 -86.57 31.73
C PHE N 191 -12.86 -87.51 32.17
N THR N 201 3.37 -96.57 25.16
CA THR N 201 4.44 -95.56 24.90
C THR N 201 4.78 -94.82 26.20
N ALA N 202 4.01 -95.04 27.28
CA ALA N 202 4.28 -94.40 28.59
C ALA N 202 5.58 -94.96 29.13
N LEU N 203 6.65 -94.14 29.20
CA LEU N 203 7.98 -94.61 29.67
C LEU N 203 7.87 -95.03 31.12
N PRO N 204 8.59 -96.07 31.62
CA PRO N 204 8.51 -96.41 33.03
C PRO N 204 9.23 -95.28 33.78
N ILE N 205 8.54 -94.55 34.64
CA ILE N 205 9.13 -93.37 35.36
C ILE N 205 10.16 -93.85 36.38
N GLY N 206 10.08 -95.11 36.81
CA GLY N 206 11.00 -95.67 37.82
C GLY N 206 12.44 -95.61 37.37
N THR N 207 12.72 -95.80 36.07
CA THR N 207 14.11 -95.87 35.54
C THR N 207 14.67 -94.47 35.24
N LEU N 208 13.90 -93.40 35.43
CA LEU N 208 14.34 -92.04 35.02
C LEU N 208 15.26 -91.35 36.03
N PRO N 209 16.06 -90.33 35.63
CA PRO N 209 16.81 -89.49 36.55
C PRO N 209 15.79 -88.55 37.20
N LEU N 210 16.17 -87.87 38.27
CA LEU N 210 15.22 -87.11 39.13
C LEU N 210 14.66 -85.84 38.52
N ALA N 211 15.53 -84.99 37.94
CA ALA N 211 15.12 -83.66 37.45
C ALA N 211 14.49 -83.78 36.08
N SER N 212 14.23 -85.02 35.64
CA SER N 212 13.41 -85.24 34.41
C SER N 212 11.98 -85.57 34.86
N GLN N 213 11.83 -86.31 35.96
CA GLN N 213 10.50 -86.68 36.50
C GLN N 213 9.79 -85.38 36.83
N GLU N 214 10.51 -84.39 37.36
CA GLU N 214 9.89 -83.11 37.77
C GLU N 214 9.28 -82.45 36.55
N SER N 215 9.98 -82.43 35.41
CA SER N 215 9.47 -81.83 34.16
C SER N 215 8.24 -82.61 33.70
N ALA N 216 8.26 -83.95 33.79
CA ALA N 216 7.12 -84.80 33.40
C ALA N 216 5.93 -84.51 34.31
N VAL N 217 6.11 -84.58 35.62
CA VAL N 217 5.01 -84.38 36.61
C VAL N 217 4.47 -82.98 36.43
N VAL N 218 5.34 -82.01 36.21
CA VAL N 218 4.89 -80.61 35.96
C VAL N 218 4.04 -80.64 34.69
N GLU N 219 4.48 -81.37 33.66
CA GLU N 219 3.75 -81.38 32.37
C GLU N 219 2.37 -81.98 32.58
N ASP N 220 2.26 -83.09 33.32
CA ASP N 220 0.98 -83.79 33.56
C ASP N 220 0.06 -82.90 34.39
N LEU N 221 0.58 -82.18 35.38
CA LEU N 221 -0.25 -81.34 36.28
C LEU N 221 -0.80 -80.20 35.48
N LEU N 222 -0.01 -79.66 34.57
CA LEU N 222 -0.46 -78.48 33.81
C LEU N 222 -1.74 -78.89 33.07
N TYR N 223 -1.84 -80.12 32.57
CA TYR N 223 -3.06 -80.65 31.91
C TYR N 223 -4.20 -80.89 32.91
N VAL N 224 -3.92 -81.39 34.11
CA VAL N 224 -4.95 -81.71 35.14
C VAL N 224 -5.70 -80.45 35.55
N LEU N 225 -5.03 -79.31 35.63
CA LEU N 225 -5.65 -78.06 36.13
C LEU N 225 -6.85 -77.71 35.26
N VAL N 226 -6.80 -77.93 33.94
CA VAL N 226 -7.91 -77.55 33.00
C VAL N 226 -8.93 -78.69 32.90
N GLY N 227 -8.72 -79.83 33.55
CA GLY N 227 -9.72 -80.92 33.61
C GLY N 227 -9.40 -82.09 32.70
N VAL N 228 -8.33 -82.07 31.92
CA VAL N 228 -8.02 -83.13 30.90
C VAL N 228 -7.07 -84.11 31.58
N ASP N 229 -7.34 -85.42 31.49
CA ASP N 229 -6.52 -86.48 32.15
C ASP N 229 -5.05 -86.30 31.76
N GLY N 230 -4.12 -86.88 32.53
CA GLY N 230 -2.67 -86.82 32.24
C GLY N 230 -2.05 -88.20 32.18
N ARG N 231 -0.86 -88.34 31.57
CA ARG N 231 -0.23 -89.67 31.37
C ARG N 231 0.17 -90.31 32.70
N TYR N 232 0.78 -89.57 33.62
CA TYR N 232 1.33 -90.13 34.88
C TYR N 232 0.37 -89.93 36.06
N VAL N 233 -0.63 -89.05 35.94
CA VAL N 233 -1.64 -88.80 37.01
C VAL N 233 -3.02 -88.92 36.38
N SER N 234 -3.89 -89.76 36.91
CA SER N 234 -5.25 -90.01 36.36
C SER N 234 -6.32 -89.40 37.26
N ALA N 235 -7.43 -88.88 36.71
CA ALA N 235 -8.57 -88.35 37.50
C ALA N 235 -9.55 -89.50 37.76
N GLN N 236 -9.70 -89.93 39.02
CA GLN N 236 -10.53 -91.12 39.34
C GLN N 236 -11.97 -90.82 38.92
N PRO N 237 -12.70 -91.76 38.28
CA PRO N 237 -14.04 -91.49 37.77
C PRO N 237 -15.18 -91.86 38.72
N LEU N 238 -14.85 -92.34 39.91
CA LEU N 238 -15.90 -92.63 40.92
C LEU N 238 -16.84 -91.42 40.94
N ALA N 239 -16.32 -90.25 41.28
CA ALA N 239 -17.13 -89.01 41.39
C ALA N 239 -18.31 -89.32 42.30
N GLY N 240 -18.13 -90.22 43.27
CA GLY N 240 -19.20 -90.63 44.19
C GLY N 240 -19.50 -89.48 45.12
N ARG N 241 -20.71 -89.42 45.69
CA ARG N 241 -21.11 -88.27 46.54
C ARG N 241 -20.77 -87.04 45.69
N GLN N 242 -20.05 -86.04 46.23
CA GLN N 242 -19.62 -84.85 45.46
C GLN N 242 -18.10 -84.67 45.51
N SER N 243 -17.34 -85.61 46.10
CA SER N 243 -15.87 -85.44 46.31
C SER N 243 -15.05 -86.09 45.19
N ARG N 244 -14.41 -85.29 44.33
CA ARG N 244 -13.52 -85.81 43.25
C ARG N 244 -12.23 -86.29 43.90
N THR N 245 -11.63 -87.37 43.41
CA THR N 245 -10.35 -87.93 43.95
C THR N 245 -9.43 -88.17 42.75
N PHE N 246 -8.11 -88.22 42.95
CA PHE N 246 -7.11 -88.38 41.87
C PHE N 246 -6.12 -89.48 42.25
N LEU N 247 -5.54 -90.19 41.27
CA LEU N 247 -4.57 -91.30 41.53
C LEU N 247 -3.24 -91.00 40.84
N VAL N 248 -2.16 -90.76 41.59
CA VAL N 248 -0.81 -90.46 41.03
C VAL N 248 -0.12 -91.81 40.81
N ASP N 249 0.85 -91.91 39.88
CA ASP N 249 1.44 -93.23 39.55
C ASP N 249 2.10 -93.73 40.84
N PRO N 250 2.08 -95.05 41.15
CA PRO N 250 2.59 -95.51 42.43
C PRO N 250 4.11 -95.34 42.52
N ASN N 251 4.83 -95.67 41.44
CA ASN N 251 6.30 -95.62 41.42
C ASN N 251 6.72 -94.22 41.00
N LEU N 252 7.08 -93.36 41.96
CA LEU N 252 7.60 -91.98 41.73
C LEU N 252 8.57 -91.73 42.89
N ASP N 253 9.09 -90.50 43.09
CA ASP N 253 9.91 -90.23 44.30
C ASP N 253 8.96 -89.74 45.38
N LEU N 254 8.97 -90.35 46.57
CA LEU N 254 8.03 -89.97 47.66
C LEU N 254 8.06 -88.45 47.80
N SER N 255 9.23 -87.84 47.67
CA SER N 255 9.31 -86.37 47.85
C SER N 255 8.34 -85.72 46.87
N ILE N 256 8.49 -86.01 45.58
CA ILE N 256 7.64 -85.35 44.54
C ILE N 256 6.18 -85.75 44.79
N ARG N 257 5.94 -87.00 45.16
CA ARG N 257 4.54 -87.48 45.27
C ARG N 257 3.78 -86.65 46.30
N GLU N 258 4.39 -86.38 47.45
CA GLU N 258 3.66 -85.65 48.52
C GLU N 258 3.32 -84.26 48.01
N LEU N 259 4.26 -83.62 47.32
CA LEU N 259 4.02 -82.25 46.83
C LEU N 259 2.86 -82.31 45.84
N VAL N 260 2.82 -83.36 45.02
CA VAL N 260 1.76 -83.39 43.98
C VAL N 260 0.42 -83.38 44.70
N HIS N 261 0.31 -84.17 45.77
CA HIS N 261 -0.97 -84.24 46.51
C HIS N 261 -1.27 -82.85 47.08
N ARG N 262 -0.24 -82.05 47.32
CA ARG N 262 -0.50 -80.77 48.00
C ARG N 262 -0.93 -79.77 46.94
N ILE N 263 -0.59 -79.99 45.67
CA ILE N 263 -1.01 -79.09 44.54
C ILE N 263 -2.26 -79.67 43.88
N LEU N 264 -2.65 -80.92 44.19
CA LEU N 264 -3.86 -81.59 43.60
C LEU N 264 -5.21 -81.08 44.12
N PRO N 265 -5.39 -80.37 45.27
CA PRO N 265 -6.75 -79.96 45.71
C PRO N 265 -7.42 -78.93 44.80
N VAL N 266 -6.66 -78.20 43.97
CA VAL N 266 -7.19 -77.16 43.04
C VAL N 266 -7.84 -77.81 41.83
N ALA N 267 -7.59 -79.11 41.64
CA ALA N 267 -8.24 -79.93 40.59
C ALA N 267 -9.60 -80.43 41.11
N ALA N 268 -9.64 -80.95 42.34
CA ALA N 268 -10.92 -81.40 42.91
C ALA N 268 -11.83 -80.19 43.08
N SER N 269 -11.24 -79.00 43.19
CA SER N 269 -11.99 -77.73 43.30
C SER N 269 -12.14 -77.10 41.91
N TYR N 270 -11.95 -77.87 40.84
CA TYR N 270 -12.16 -77.40 39.43
C TYR N 270 -13.21 -78.27 38.72
N SER N 271 -13.22 -79.59 38.91
CA SER N 271 -14.22 -80.52 38.29
C SER N 271 -15.54 -80.43 39.06
N ALA N 272 -15.49 -80.34 40.40
CA ALA N 272 -16.69 -80.12 41.24
C ALA N 272 -17.30 -78.76 40.92
N VAL N 273 -16.46 -77.72 40.75
CA VAL N 273 -16.92 -76.32 40.45
C VAL N 273 -17.62 -76.32 39.08
N THR N 274 -17.08 -77.05 38.09
CA THR N 274 -17.62 -77.02 36.71
C THR N 274 -18.97 -77.74 36.65
N ARG N 275 -19.19 -78.83 37.41
CA ARG N 275 -20.45 -79.62 37.33
C ARG N 275 -21.58 -78.71 37.77
N PHE N 276 -21.37 -77.86 38.79
CA PHE N 276 -22.40 -76.95 39.35
C PHE N 276 -22.80 -75.89 38.32
N ILE N 277 -21.90 -75.52 37.41
CA ILE N 277 -22.16 -74.44 36.40
C ILE N 277 -23.00 -75.02 35.24
N GLU N 278 -23.03 -76.34 35.04
CA GLU N 278 -23.82 -77.00 33.97
C GLU N 278 -25.23 -77.28 34.52
N GLU N 279 -25.29 -77.93 35.69
CA GLU N 279 -26.58 -78.40 36.26
C GLU N 279 -27.46 -77.28 36.73
N LYS N 280 -26.92 -76.20 37.28
CA LYS N 280 -27.75 -75.11 37.88
C LYS N 280 -27.84 -73.97 36.92
N SER N 281 -27.84 -74.23 35.61
CA SER N 281 -28.03 -73.19 34.56
C SER N 281 -29.34 -73.46 33.82
N SER N 282 -30.14 -74.44 34.24
CA SER N 282 -31.40 -74.84 33.57
C SER N 282 -32.50 -73.90 34.02
N PHE N 283 -33.59 -73.77 33.26
CA PHE N 283 -34.69 -72.84 33.56
C PHE N 283 -35.36 -73.23 34.88
N GLU N 284 -35.36 -74.50 35.24
CA GLU N 284 -36.04 -75.02 36.45
C GLU N 284 -35.48 -74.44 37.76
N TYR N 285 -34.16 -74.23 37.90
CA TYR N 285 -33.53 -73.80 39.19
C TYR N 285 -33.87 -72.35 39.58
N GLY N 286 -34.41 -71.50 38.71
CA GLY N 286 -34.93 -70.16 39.10
C GLY N 286 -34.06 -69.00 38.69
N GLN N 287 -34.54 -67.75 38.75
CA GLN N 287 -33.78 -66.61 38.13
C GLN N 287 -32.40 -66.31 38.76
N VAL N 288 -32.19 -66.50 40.07
CA VAL N 288 -30.93 -66.08 40.77
C VAL N 288 -29.84 -67.16 40.66
N ASN N 289 -30.16 -68.44 40.73
CA ASN N 289 -29.23 -69.60 40.70
C ASN N 289 -28.56 -69.54 39.32
N HIS N 290 -29.26 -68.99 38.32
CA HIS N 290 -28.74 -68.84 36.94
C HIS N 290 -27.66 -67.76 36.93
N ALA N 291 -27.88 -66.61 37.58
CA ALA N 291 -26.92 -65.50 37.63
C ALA N 291 -25.66 -65.90 38.42
N LEU N 292 -25.82 -66.64 39.51
CA LEU N 292 -24.68 -67.06 40.38
C LEU N 292 -23.69 -67.88 39.54
N ALA N 293 -24.16 -68.84 38.73
CA ALA N 293 -23.32 -69.72 37.87
C ALA N 293 -22.81 -68.99 36.62
N ALA N 294 -23.55 -67.99 36.10
CA ALA N 294 -23.19 -67.20 34.91
C ALA N 294 -22.11 -66.17 35.21
N ALA N 295 -21.86 -65.87 36.48
CA ALA N 295 -20.73 -64.98 36.90
C ALA N 295 -19.67 -65.84 37.59
N MET N 296 -19.95 -67.13 37.81
CA MET N 296 -18.98 -68.13 38.32
C MET N 296 -18.24 -68.71 37.11
N ARG N 297 -18.86 -68.67 35.93
CA ARG N 297 -18.28 -69.21 34.67
C ARG N 297 -17.19 -68.25 34.17
N THR N 298 -17.27 -66.97 34.53
CA THR N 298 -16.28 -65.93 34.14
C THR N 298 -14.96 -66.19 34.87
N LEU N 299 -15.01 -66.67 36.11
CA LEU N 299 -13.80 -67.00 36.91
C LEU N 299 -13.12 -68.25 36.33
N VAL N 300 -13.87 -69.10 35.63
CA VAL N 300 -13.33 -70.35 35.01
C VAL N 300 -12.46 -69.91 33.84
N LYS N 301 -12.95 -69.00 33.02
CA LYS N 301 -12.20 -68.50 31.85
C LYS N 301 -10.90 -67.89 32.35
N GLU N 302 -10.93 -67.20 33.49
CA GLU N 302 -9.73 -66.48 33.96
C GLU N 302 -8.81 -67.55 34.56
N HIS N 303 -9.36 -68.69 34.97
CA HIS N 303 -8.50 -69.80 35.41
C HIS N 303 -7.81 -70.41 34.20
N LEU N 304 -8.56 -70.64 33.13
CA LEU N 304 -8.01 -71.20 31.86
C LEU N 304 -6.91 -70.25 31.39
N ILE N 305 -7.12 -68.95 31.52
CA ILE N 305 -6.11 -67.93 31.12
C ILE N 305 -4.80 -68.26 31.82
N LEU N 306 -4.84 -68.52 33.11
CA LEU N 306 -3.59 -68.66 33.90
C LEU N 306 -2.88 -69.91 33.45
N VAL N 307 -3.58 -71.00 33.12
CA VAL N 307 -2.85 -72.26 32.81
C VAL N 307 -2.14 -72.12 31.45
N SER N 308 -2.53 -71.13 30.67
CA SER N 308 -1.93 -70.93 29.33
C SER N 308 -0.63 -70.18 29.49
N GLN N 309 -0.53 -69.35 30.52
CA GLN N 309 0.67 -68.52 30.69
C GLN N 309 1.70 -69.44 31.30
N LEU N 310 1.23 -70.34 32.14
CA LEU N 310 2.16 -71.28 32.82
C LEU N 310 2.76 -72.21 31.77
N GLU N 311 2.00 -72.57 30.74
CA GLU N 311 2.47 -73.49 29.67
C GLU N 311 3.62 -72.85 28.91
N GLN N 312 3.54 -71.56 28.60
CA GLN N 312 4.58 -70.84 27.84
C GLN N 312 5.88 -70.86 28.65
N LEU N 313 5.80 -70.64 29.95
CA LEU N 313 7.00 -70.65 30.81
C LEU N 313 7.55 -72.07 30.75
N HIS N 314 6.70 -73.08 30.82
CA HIS N 314 7.13 -74.51 30.81
C HIS N 314 7.82 -74.83 29.49
N ARG N 315 7.35 -74.25 28.40
CA ARG N 315 7.91 -74.48 27.04
C ARG N 315 9.37 -74.02 27.02
N GLN N 316 9.70 -72.92 27.71
CA GLN N 316 11.07 -72.33 27.71
C GLN N 316 11.94 -72.95 28.81
N GLY N 317 11.61 -74.13 29.37
CA GLY N 317 12.44 -74.88 30.36
C GLY N 317 12.67 -74.08 31.64
N LEU N 318 11.90 -73.00 31.86
CA LEU N 318 12.09 -71.96 32.90
C LEU N 318 11.04 -72.03 34.03
N LEU N 319 10.35 -73.17 34.19
CA LEU N 319 9.35 -73.39 35.27
C LEU N 319 9.66 -74.73 35.92
N SER N 320 9.40 -74.88 37.22
CA SER N 320 9.71 -76.11 38.01
C SER N 320 8.55 -76.33 38.97
N LEU N 321 8.51 -77.45 39.69
CA LEU N 321 7.33 -77.80 40.51
C LEU N 321 7.33 -76.91 41.75
N GLN N 322 8.48 -76.36 42.12
CA GLN N 322 8.62 -75.45 43.27
C GLN N 322 8.17 -74.07 42.83
N LYS N 323 8.38 -73.67 41.58
CA LYS N 323 7.89 -72.36 41.05
C LYS N 323 6.38 -72.47 40.82
N LEU N 324 5.91 -73.58 40.24
CA LEU N 324 4.47 -73.78 39.96
C LEU N 324 3.72 -73.70 41.28
N TRP N 325 4.25 -74.31 42.34
CA TRP N 325 3.55 -74.37 43.65
C TRP N 325 3.26 -72.95 44.13
N PHE N 326 4.24 -72.05 44.08
CA PHE N 326 4.09 -70.63 44.50
C PHE N 326 3.16 -69.89 43.53
N TYR N 327 3.25 -70.16 42.23
CA TYR N 327 2.48 -69.44 41.17
C TYR N 327 0.97 -69.69 41.30
N ILE N 328 0.52 -70.90 41.66
CA ILE N 328 -0.94 -71.25 41.68
C ILE N 328 -1.59 -70.92 43.03
N GLN N 329 -0.84 -70.51 44.05
CA GLN N 329 -1.41 -70.30 45.40
C GLN N 329 -2.53 -69.27 45.32
N PRO N 330 -2.42 -68.15 44.58
CA PRO N 330 -3.50 -67.18 44.59
C PRO N 330 -4.82 -67.75 44.09
N ALA N 331 -4.81 -68.59 43.05
CA ALA N 331 -6.04 -69.16 42.45
C ALA N 331 -6.43 -70.46 43.14
N MET N 332 -5.61 -71.02 44.02
CA MET N 332 -6.02 -72.18 44.83
C MET N 332 -7.09 -71.67 45.79
N ARG N 333 -6.98 -70.44 46.29
CA ARG N 333 -7.97 -69.85 47.24
C ARG N 333 -9.26 -69.50 46.50
N THR N 334 -9.20 -68.81 45.37
CA THR N 334 -10.43 -68.36 44.68
C THR N 334 -11.27 -69.57 44.41
N MET N 335 -10.69 -70.63 43.90
CA MET N 335 -11.47 -71.84 43.56
C MET N 335 -12.06 -72.42 44.84
N ASP N 336 -11.33 -72.42 45.95
CA ASP N 336 -11.80 -73.02 47.22
C ASP N 336 -13.06 -72.33 47.72
N ILE N 337 -13.15 -71.00 47.62
CA ILE N 337 -14.35 -70.21 48.03
C ILE N 337 -15.50 -70.52 47.07
N LEU N 338 -15.26 -70.64 45.76
CA LEU N 338 -16.30 -70.95 44.75
C LEU N 338 -16.79 -72.38 44.88
N ALA N 339 -15.96 -73.35 45.26
CA ALA N 339 -16.33 -74.78 45.34
C ALA N 339 -17.11 -75.09 46.60
N SER N 340 -16.76 -74.47 47.73
CA SER N 340 -17.52 -74.61 49.01
C SER N 340 -18.89 -73.94 48.89
N LEU N 341 -18.96 -72.73 48.34
CA LEU N 341 -20.23 -71.96 48.17
C LEU N 341 -21.17 -72.76 47.28
N ALA N 342 -20.66 -73.36 46.21
CA ALA N 342 -21.47 -74.19 45.30
C ALA N 342 -21.96 -75.43 46.01
N THR N 343 -21.15 -76.10 46.83
CA THR N 343 -21.64 -77.26 47.61
C THR N 343 -22.86 -76.81 48.43
N SER N 344 -22.76 -75.71 49.17
CA SER N 344 -23.85 -75.24 50.06
C SER N 344 -25.13 -74.83 49.32
N VAL N 345 -25.05 -74.07 48.21
CA VAL N 345 -26.24 -73.60 47.44
C VAL N 345 -26.93 -74.85 46.94
N ASP N 346 -26.18 -75.87 46.51
CA ASP N 346 -26.74 -77.20 46.11
C ASP N 346 -27.25 -78.03 47.28
N LYS N 347 -26.54 -78.08 48.40
CA LYS N 347 -26.85 -78.99 49.53
C LYS N 347 -28.22 -78.70 50.14
N GLY N 348 -28.58 -77.44 50.32
CA GLY N 348 -29.85 -77.03 50.95
C GLY N 348 -30.96 -76.91 49.93
N GLU N 349 -30.69 -77.23 48.66
CA GLU N 349 -31.69 -77.09 47.58
C GLU N 349 -32.18 -75.66 47.64
N CYS N 350 -31.27 -74.69 47.76
CA CYS N 350 -31.63 -73.25 47.87
C CYS N 350 -31.82 -72.63 46.48
N LEU N 351 -32.85 -71.83 46.31
CA LEU N 351 -33.16 -71.20 45.00
C LEU N 351 -34.05 -70.01 45.29
N GLY N 352 -34.08 -69.03 44.40
CA GLY N 352 -34.84 -67.78 44.64
C GLY N 352 -34.09 -66.83 45.54
N GLY N 353 -34.45 -66.74 46.81
CA GLY N 353 -33.82 -65.78 47.74
C GLY N 353 -33.07 -66.51 48.81
N SER N 354 -33.33 -67.79 48.93
CA SER N 354 -32.59 -68.68 49.85
C SER N 354 -31.12 -68.76 49.40
N THR N 355 -30.83 -68.38 48.15
CA THR N 355 -29.43 -68.24 47.67
C THR N 355 -29.15 -66.78 47.35
N LEU N 356 -29.80 -65.90 48.05
CA LEU N 356 -29.35 -64.51 47.98
C LEU N 356 -29.07 -64.10 49.44
N SER N 357 -29.51 -64.90 50.41
CA SER N 357 -29.17 -64.72 51.85
C SER N 357 -27.83 -65.44 52.10
N LEU N 358 -27.68 -66.68 51.59
CA LEU N 358 -26.46 -67.52 51.77
C LEU N 358 -25.28 -66.76 51.18
N LEU N 359 -25.47 -65.90 50.19
CA LEU N 359 -24.36 -65.08 49.63
C LEU N 359 -24.14 -63.82 50.47
N HIS N 360 -25.14 -63.25 51.12
CA HIS N 360 -24.95 -62.10 52.06
C HIS N 360 -24.22 -62.56 53.31
N ASP N 361 -24.58 -63.70 53.87
CA ASP N 361 -23.98 -64.22 55.13
C ASP N 361 -22.52 -64.69 54.94
N ARG N 362 -22.20 -65.39 53.86
CA ARG N 362 -20.83 -65.88 53.60
C ARG N 362 -19.92 -64.67 53.45
N SER N 363 -20.40 -63.58 52.85
CA SER N 363 -19.60 -62.34 52.64
C SER N 363 -19.18 -61.78 53.99
N PHE N 364 -20.04 -61.83 55.01
CA PHE N 364 -19.68 -61.42 56.38
C PHE N 364 -18.65 -62.40 56.98
N SER N 365 -18.83 -63.70 56.80
CA SER N 365 -17.96 -64.73 57.41
C SER N 365 -16.52 -64.24 57.29
N TYR N 366 -16.02 -64.03 56.07
CA TYR N 366 -14.67 -63.41 55.89
C TYR N 366 -14.89 -61.89 55.87
N THR N 367 -14.58 -61.18 56.96
CA THR N 367 -14.73 -59.70 57.06
C THR N 367 -13.36 -59.03 57.04
N GLY N 368 -12.28 -59.76 57.35
CA GLY N 368 -10.92 -59.22 57.47
C GLY N 368 -10.04 -59.65 56.33
N ASP N 369 -10.32 -60.78 55.67
CA ASP N 369 -9.44 -61.41 54.64
C ASP N 369 -9.14 -60.49 53.44
N SER N 370 -10.13 -60.01 52.69
CA SER N 370 -10.01 -59.05 51.53
C SER N 370 -9.45 -59.73 50.28
N GLN N 371 -8.87 -60.93 50.38
CA GLN N 371 -8.43 -61.72 49.21
C GLN N 371 -9.66 -62.49 48.74
N ALA N 372 -10.43 -63.07 49.67
CA ALA N 372 -11.67 -63.80 49.37
C ALA N 372 -12.91 -62.89 49.52
N GLN N 373 -12.87 -61.81 50.29
CA GLN N 373 -14.06 -60.98 50.54
C GLN N 373 -14.49 -60.35 49.23
N GLU N 374 -13.55 -59.90 48.40
CA GLU N 374 -13.89 -59.20 47.14
C GLU N 374 -14.57 -60.18 46.18
N LEU N 375 -14.15 -61.45 46.17
CA LEU N 375 -14.79 -62.46 45.29
C LEU N 375 -16.25 -62.61 45.71
N CYS N 376 -16.57 -62.76 47.00
CA CYS N 376 -17.95 -63.01 47.46
C CYS N 376 -18.79 -61.78 47.26
N LEU N 377 -18.25 -60.62 47.58
CA LEU N 377 -19.01 -59.36 47.48
C LEU N 377 -19.37 -59.20 46.01
N TYR N 378 -18.54 -59.72 45.11
CA TYR N 378 -18.80 -59.66 43.65
C TYR N 378 -19.90 -60.65 43.24
N LEU N 379 -19.90 -61.86 43.80
CA LEU N 379 -20.88 -62.92 43.42
C LEU N 379 -22.30 -62.48 43.80
N THR N 380 -22.46 -61.60 44.80
CA THR N 380 -23.74 -61.11 45.28
C THR N 380 -24.17 -59.90 44.46
N LYS N 381 -23.23 -59.07 44.00
CA LYS N 381 -23.60 -57.96 43.08
C LYS N 381 -24.17 -58.62 41.82
N ALA N 382 -23.50 -59.65 41.28
CA ALA N 382 -23.91 -60.39 40.06
C ALA N 382 -25.21 -61.21 40.25
N ALA N 383 -25.38 -61.92 41.38
CA ALA N 383 -26.54 -62.84 41.58
C ALA N 383 -27.80 -62.09 42.02
N SER N 384 -27.68 -60.87 42.55
CA SER N 384 -28.81 -60.05 43.05
C SER N 384 -29.35 -59.11 41.96
N ALA N 385 -28.75 -59.09 40.76
CA ALA N 385 -29.21 -58.23 39.65
C ALA N 385 -30.65 -58.60 39.24
N PRO N 386 -31.05 -59.89 39.13
CA PRO N 386 -32.44 -60.26 38.81
C PRO N 386 -33.45 -60.01 39.94
N TYR N 387 -33.08 -60.21 41.21
CA TYR N 387 -34.01 -60.05 42.37
C TYR N 387 -34.40 -58.59 42.56
N PHE N 388 -33.43 -57.67 42.49
CA PHE N 388 -33.66 -56.22 42.68
C PHE N 388 -34.58 -55.74 41.54
N GLU N 389 -34.42 -56.28 40.33
CA GLU N 389 -35.26 -55.91 39.15
C GLU N 389 -36.73 -56.27 39.41
N VAL N 390 -37.01 -57.41 40.06
CA VAL N 390 -38.41 -57.82 40.42
C VAL N 390 -38.96 -56.81 41.43
N LEU N 391 -38.19 -56.45 42.45
CA LEU N 391 -38.65 -55.55 43.54
C LEU N 391 -38.88 -54.18 42.94
N GLU N 392 -38.10 -53.79 41.97
CA GLU N 392 -38.24 -52.49 41.30
C GLU N 392 -39.58 -52.46 40.59
N LYS N 393 -40.01 -53.55 39.97
CA LYS N 393 -41.37 -53.56 39.35
C LYS N 393 -42.46 -53.51 40.42
N TRP N 394 -42.39 -54.32 41.47
CA TRP N 394 -43.44 -54.43 42.53
C TRP N 394 -43.59 -53.14 43.34
N ILE N 395 -42.49 -52.50 43.72
CA ILE N 395 -42.53 -51.24 44.51
C ILE N 395 -43.09 -50.12 43.65
N TYR N 396 -42.69 -49.99 42.39
CA TYR N 396 -43.08 -48.83 41.55
C TYR N 396 -44.33 -49.08 40.73
N ARG N 397 -44.77 -50.33 40.60
CA ARG N 397 -46.04 -50.68 39.91
C ARG N 397 -46.55 -51.94 40.61
N GLY N 398 -47.82 -52.29 40.48
CA GLY N 398 -48.36 -53.46 41.19
C GLY N 398 -47.92 -54.75 40.51
N ILE N 399 -47.25 -54.67 39.36
CA ILE N 399 -46.91 -55.88 38.56
C ILE N 399 -45.95 -56.78 39.34
N ILE N 400 -46.14 -58.10 39.32
CA ILE N 400 -45.19 -59.09 39.93
C ILE N 400 -44.89 -60.10 38.84
N HIS N 401 -43.98 -59.81 37.90
CA HIS N 401 -43.76 -60.71 36.72
C HIS N 401 -43.33 -62.08 37.24
N ASP N 402 -42.31 -62.15 38.07
CA ASP N 402 -41.98 -63.41 38.77
C ASP N 402 -42.36 -64.65 37.96
N PRO N 403 -41.79 -64.95 36.78
CA PRO N 403 -42.28 -66.07 35.98
C PRO N 403 -42.21 -67.38 36.75
N TYR N 404 -41.14 -67.62 37.51
CA TYR N 404 -41.02 -68.80 38.40
C TYR N 404 -41.34 -68.29 39.80
N SER N 405 -41.82 -69.12 40.73
CA SER N 405 -42.20 -68.68 42.09
C SER N 405 -40.93 -68.44 42.91
N GLU N 406 -40.34 -67.23 42.87
CA GLU N 406 -39.11 -66.93 43.65
C GLU N 406 -39.28 -65.68 44.48
N PHE N 407 -40.03 -64.69 44.03
CA PHE N 407 -40.09 -63.39 44.74
C PHE N 407 -40.75 -63.56 46.10
N MET N 408 -40.40 -62.70 47.05
CA MET N 408 -40.95 -62.76 48.43
C MET N 408 -42.46 -62.57 48.40
N VAL N 409 -43.00 -61.54 47.76
CA VAL N 409 -44.48 -61.33 47.64
C VAL N 409 -45.00 -62.34 46.64
N GLU N 410 -46.24 -62.80 46.79
CA GLU N 410 -46.88 -63.71 45.81
C GLU N 410 -48.28 -63.15 45.60
N GLU N 411 -48.90 -63.36 44.44
CA GLU N 411 -50.27 -62.87 44.14
C GLU N 411 -51.18 -64.09 44.05
N HIS N 412 -52.06 -64.28 45.03
CA HIS N 412 -53.04 -65.40 45.03
C HIS N 412 -54.18 -65.00 44.10
N GLU N 413 -54.67 -65.93 43.28
CA GLU N 413 -55.81 -65.67 42.37
C GLU N 413 -57.06 -65.87 43.21
N LEU N 414 -57.32 -64.97 44.16
CA LEU N 414 -58.52 -65.05 45.03
C LEU N 414 -59.63 -64.29 44.34
N ARG N 415 -59.48 -63.97 43.05
CA ARG N 415 -60.59 -63.36 42.28
C ARG N 415 -61.64 -64.43 42.02
N LYS N 416 -61.24 -65.70 41.89
CA LYS N 416 -62.21 -66.77 41.52
C LYS N 416 -63.36 -66.80 42.52
N GLU N 417 -63.08 -66.74 43.83
CA GLU N 417 -64.13 -66.77 44.88
C GLU N 417 -64.67 -65.37 45.13
N ARG N 418 -63.82 -64.35 45.27
CA ARG N 418 -64.25 -62.98 45.64
C ARG N 418 -64.16 -62.11 44.38
N ILE N 419 -65.28 -61.88 43.69
CA ILE N 419 -65.36 -61.04 42.46
C ILE N 419 -66.82 -60.55 42.38
N GLN N 420 -67.09 -59.36 41.85
CA GLN N 420 -68.45 -58.73 41.81
C GLN N 420 -68.76 -58.33 43.25
N GLU N 421 -68.80 -59.29 44.19
CA GLU N 421 -68.90 -58.99 45.64
C GLU N 421 -67.52 -59.40 46.17
N ASP N 422 -66.78 -58.48 46.77
CA ASP N 422 -65.43 -58.78 47.31
C ASP N 422 -65.76 -59.35 48.68
N TYR N 423 -66.28 -60.58 48.71
CA TYR N 423 -66.76 -61.20 49.96
C TYR N 423 -65.69 -61.09 51.04
N ASN N 424 -64.43 -61.37 50.71
CA ASN N 424 -63.31 -61.38 51.69
C ASN N 424 -62.66 -60.01 51.77
N ASP N 425 -63.06 -59.05 50.92
CA ASP N 425 -62.32 -57.76 50.85
C ASP N 425 -60.90 -58.30 50.66
N LYS N 426 -60.74 -59.23 49.73
CA LYS N 426 -59.48 -59.98 49.58
C LYS N 426 -58.30 -59.05 49.41
N TYR N 427 -58.43 -57.94 48.72
CA TYR N 427 -57.23 -57.12 48.40
C TYR N 427 -56.48 -56.85 49.71
N TRP N 428 -57.17 -56.51 50.80
CA TRP N 428 -56.50 -56.13 52.08
C TRP N 428 -56.36 -57.34 52.99
N ASP N 429 -56.74 -58.54 52.53
CA ASP N 429 -56.72 -59.78 53.34
C ASP N 429 -55.77 -60.82 52.74
N GLN N 430 -56.17 -61.54 51.67
CA GLN N 430 -55.37 -62.67 51.14
C GLN N 430 -55.19 -62.64 49.62
N ARG N 431 -55.33 -61.49 48.95
CA ARG N 431 -55.04 -61.44 47.49
C ARG N 431 -53.53 -61.36 47.35
N TYR N 432 -52.89 -60.28 47.78
CA TYR N 432 -51.42 -60.09 47.72
C TYR N 432 -50.92 -60.47 49.10
N THR N 433 -50.26 -61.62 49.25
CA THR N 433 -49.85 -62.17 50.56
C THR N 433 -48.36 -62.35 50.56
N ILE N 434 -47.69 -62.73 51.67
CA ILE N 434 -46.20 -62.79 51.73
C ILE N 434 -45.69 -64.24 51.74
N VAL N 435 -44.40 -64.47 51.49
CA VAL N 435 -43.74 -65.81 51.56
C VAL N 435 -42.62 -65.64 52.59
N GLN N 436 -42.30 -66.68 53.39
CA GLN N 436 -41.33 -66.55 54.50
C GLN N 436 -39.91 -66.96 54.09
N GLN N 437 -39.73 -68.17 53.52
CA GLN N 437 -38.40 -68.74 53.19
C GLN N 437 -37.77 -68.06 51.97
N GLN N 438 -38.50 -67.21 51.26
CA GLN N 438 -37.97 -66.47 50.08
C GLN N 438 -37.85 -65.00 50.45
N ILE N 439 -37.35 -64.68 51.65
CA ILE N 439 -37.06 -63.27 52.06
C ILE N 439 -35.54 -63.17 52.02
N PRO N 440 -34.91 -62.12 51.47
CA PRO N 440 -33.46 -62.09 51.26
C PRO N 440 -32.56 -62.01 52.49
N SER N 441 -33.07 -61.74 53.69
CA SER N 441 -32.30 -61.76 54.97
C SER N 441 -31.58 -60.43 55.19
N PHE N 442 -31.46 -59.58 54.17
CA PHE N 442 -30.95 -58.20 54.34
C PHE N 442 -32.15 -57.27 54.29
N LEU N 443 -33.26 -57.71 53.68
CA LEU N 443 -34.47 -56.89 53.50
C LEU N 443 -35.52 -57.30 54.53
N GLN N 444 -35.17 -58.10 55.54
CA GLN N 444 -36.15 -58.61 56.55
C GLN N 444 -36.70 -57.47 57.38
N LYS N 445 -35.93 -56.39 57.61
CA LYS N 445 -36.42 -55.18 58.35
C LYS N 445 -37.46 -54.41 57.53
N MET N 446 -37.28 -54.37 56.20
CA MET N 446 -38.25 -53.70 55.32
C MET N 446 -39.24 -54.70 54.77
N ALA N 447 -39.16 -55.98 55.16
CA ALA N 447 -40.00 -57.06 54.55
C ALA N 447 -41.48 -56.71 54.54
N ASP N 448 -42.03 -56.36 55.70
CA ASP N 448 -43.46 -56.02 55.83
C ASP N 448 -43.78 -54.82 54.95
N LYS N 449 -42.94 -53.77 54.98
CA LYS N 449 -43.26 -52.52 54.25
C LYS N 449 -43.40 -52.78 52.76
N ILE N 450 -42.53 -53.62 52.20
CA ILE N 450 -42.51 -53.90 50.73
C ILE N 450 -43.92 -54.28 50.31
N LEU N 451 -44.55 -55.23 51.04
CA LEU N 451 -45.87 -55.77 50.64
C LEU N 451 -46.86 -54.63 50.65
N SER N 452 -46.86 -53.87 51.73
CA SER N 452 -47.82 -52.75 51.89
C SER N 452 -47.54 -51.74 50.77
N THR N 453 -46.27 -51.59 50.38
CA THR N 453 -45.86 -50.56 49.40
C THR N 453 -46.56 -50.79 48.09
N GLY N 454 -46.66 -52.06 47.72
CA GLY N 454 -47.15 -52.47 46.41
C GLY N 454 -48.62 -52.76 46.39
N LYS N 455 -49.17 -53.22 47.50
CA LYS N 455 -50.61 -53.63 47.55
C LYS N 455 -51.42 -52.37 47.37
N TYR N 456 -50.97 -51.28 47.97
CA TYR N 456 -51.67 -49.98 48.00
C TYR N 456 -51.77 -49.47 46.58
N LEU N 457 -50.78 -49.78 45.75
CA LEU N 457 -50.73 -49.35 44.33
C LEU N 457 -51.87 -50.00 43.56
N ASN N 458 -52.15 -51.26 43.88
CA ASN N 458 -53.17 -52.03 43.12
C ASN N 458 -54.59 -51.46 43.28
N VAL N 459 -54.97 -51.08 44.51
CA VAL N 459 -56.37 -50.65 44.76
C VAL N 459 -56.65 -49.29 44.13
N VAL N 460 -55.66 -48.67 43.49
CA VAL N 460 -55.97 -47.51 42.60
C VAL N 460 -55.73 -48.00 41.17
N ARG N 461 -54.75 -48.90 40.95
CA ARG N 461 -54.48 -49.51 39.62
C ARG N 461 -55.60 -50.49 39.28
N GLU N 462 -56.47 -50.83 40.22
CA GLU N 462 -57.66 -51.68 39.97
C GLU N 462 -58.82 -50.84 39.47
N CYS N 463 -58.97 -49.60 39.95
CA CYS N 463 -60.16 -48.73 39.71
C CYS N 463 -60.00 -47.84 38.51
N GLY N 464 -58.91 -47.91 37.76
CA GLY N 464 -58.78 -47.21 36.47
C GLY N 464 -58.24 -45.80 36.57
N HIS N 465 -58.17 -45.21 37.77
CA HIS N 465 -57.47 -43.92 37.99
C HIS N 465 -56.00 -44.23 37.76
N ASP N 466 -55.33 -43.50 36.85
CA ASP N 466 -53.91 -43.76 36.50
C ASP N 466 -53.01 -43.49 37.71
N VAL N 467 -52.21 -44.47 38.13
CA VAL N 467 -51.25 -44.23 39.25
C VAL N 467 -49.82 -44.44 38.73
N THR N 468 -49.05 -43.37 38.63
CA THR N 468 -47.65 -43.47 38.10
C THR N 468 -46.67 -42.88 39.10
N CYS N 469 -45.58 -43.61 39.41
CA CYS N 469 -44.53 -43.04 40.28
C CYS N 469 -43.90 -41.85 39.55
N PRO N 470 -43.57 -40.73 40.22
CA PRO N 470 -43.05 -39.55 39.52
C PRO N 470 -41.72 -39.92 38.84
N VAL N 471 -40.85 -40.64 39.55
CA VAL N 471 -39.56 -41.12 38.96
C VAL N 471 -39.32 -42.55 39.45
N ALA N 472 -38.88 -43.45 38.58
CA ALA N 472 -38.54 -44.81 39.04
C ALA N 472 -37.01 -44.87 39.18
N LYS N 473 -36.51 -45.06 40.40
CA LYS N 473 -35.05 -45.06 40.63
C LYS N 473 -34.54 -46.50 40.66
N GLU N 474 -33.35 -46.75 40.10
CA GLU N 474 -32.86 -48.15 40.03
C GLU N 474 -32.17 -48.49 41.36
N ILE N 475 -32.11 -49.77 41.74
CA ILE N 475 -31.51 -50.20 43.05
C ILE N 475 -30.50 -51.34 42.86
N ILE N 476 -29.30 -51.20 43.45
CA ILE N 476 -28.15 -52.15 43.32
C ILE N 476 -27.65 -52.66 44.67
N TYR N 477 -27.39 -53.98 44.83
CA TYR N 477 -26.85 -54.52 46.10
C TYR N 477 -25.58 -53.80 46.42
N THR N 478 -25.30 -53.71 47.71
CA THR N 478 -24.17 -52.90 48.19
C THR N 478 -23.84 -53.40 49.60
N LEU N 479 -22.63 -53.23 50.07
CA LEU N 479 -22.33 -53.68 51.45
C LEU N 479 -21.80 -52.45 52.16
N LYS N 480 -22.16 -52.29 53.43
CA LYS N 480 -21.72 -51.14 54.30
C LYS N 480 -22.57 -49.89 54.05
N GLU N 481 -23.35 -49.85 52.96
CA GLU N 481 -24.08 -48.62 52.58
C GLU N 481 -25.54 -48.98 52.21
N ARG N 482 -26.46 -48.92 53.18
CA ARG N 482 -27.90 -49.21 52.95
C ARG N 482 -28.55 -47.97 52.35
N ALA N 483 -28.39 -47.78 51.03
CA ALA N 483 -29.00 -46.64 50.29
C ALA N 483 -30.34 -47.15 49.77
N TYR N 484 -30.48 -48.47 49.64
CA TYR N 484 -31.76 -49.09 49.21
C TYR N 484 -32.80 -48.74 50.28
N VAL N 485 -32.47 -48.77 51.56
CA VAL N 485 -33.41 -48.43 52.69
C VAL N 485 -34.15 -47.11 52.40
N GLU N 486 -33.44 -46.02 52.11
CA GLU N 486 -34.01 -44.65 51.93
C GLU N 486 -34.95 -44.65 50.72
N GLN N 487 -34.63 -45.41 49.66
CA GLN N 487 -35.41 -45.47 48.39
C GLN N 487 -36.73 -46.23 48.60
N ILE N 488 -36.66 -47.33 49.37
CA ILE N 488 -37.87 -48.15 49.67
C ILE N 488 -38.82 -47.19 50.39
N GLU N 489 -38.27 -46.36 51.28
CA GLU N 489 -39.11 -45.40 52.05
C GLU N 489 -39.65 -44.30 51.15
N LYS N 490 -38.83 -43.79 50.23
CA LYS N 490 -39.26 -42.69 49.34
C LYS N 490 -40.44 -43.18 48.49
N ALA N 491 -40.40 -44.44 48.04
CA ALA N 491 -41.52 -45.03 47.26
C ALA N 491 -42.72 -45.36 48.15
N PHE N 492 -42.47 -45.92 49.34
CA PHE N 492 -43.55 -46.35 50.26
C PHE N 492 -44.40 -45.12 50.56
N ASN N 493 -43.78 -43.99 50.85
CA ASN N 493 -44.50 -42.78 51.31
C ASN N 493 -45.38 -42.24 50.20
N TYR N 494 -44.90 -42.25 48.95
CA TYR N 494 -45.72 -41.82 47.78
C TYR N 494 -46.92 -42.76 47.60
N ALA N 495 -46.74 -44.06 47.84
CA ALA N 495 -47.83 -45.05 47.69
C ALA N 495 -49.01 -44.77 48.62
N SER N 496 -48.72 -44.63 49.92
CA SER N 496 -49.78 -44.35 50.93
C SER N 496 -50.36 -42.96 50.66
N LYS N 497 -49.50 -41.99 50.37
CA LYS N 497 -49.99 -40.61 50.15
C LYS N 497 -51.00 -40.62 49.01
N VAL N 498 -50.70 -41.24 47.86
CA VAL N 498 -51.59 -41.17 46.64
C VAL N 498 -52.93 -41.80 46.94
N LEU N 499 -52.93 -42.97 47.59
CA LEU N 499 -54.18 -43.73 47.89
C LEU N 499 -55.06 -42.93 48.84
N LEU N 500 -54.44 -42.35 49.88
CA LEU N 500 -55.18 -41.56 50.90
C LEU N 500 -55.76 -40.30 50.29
N ASP N 501 -55.00 -39.60 49.45
CA ASP N 501 -55.48 -38.35 48.79
C ASP N 501 -56.66 -38.70 47.88
N PHE N 502 -56.55 -39.73 47.07
CA PHE N 502 -57.64 -40.09 46.12
C PHE N 502 -58.86 -40.44 46.96
N LEU N 503 -58.68 -41.21 48.05
CA LEU N 503 -59.80 -41.69 48.89
C LEU N 503 -60.49 -40.53 49.60
N MET N 504 -59.75 -39.51 50.03
CA MET N 504 -60.34 -38.41 50.81
C MET N 504 -60.91 -37.33 49.89
N GLU N 505 -60.72 -37.45 48.57
CA GLU N 505 -61.38 -36.52 47.60
C GLU N 505 -62.31 -37.31 46.66
N GLU N 506 -61.80 -38.37 46.03
CA GLU N 506 -62.62 -39.29 45.18
C GLU N 506 -63.02 -40.46 46.07
N LYS N 507 -64.24 -40.97 45.99
CA LYS N 507 -64.73 -41.95 47.00
C LYS N 507 -64.67 -41.27 48.38
N GLU N 508 -64.96 -39.95 48.45
CA GLU N 508 -64.70 -39.15 49.69
C GLU N 508 -65.28 -39.87 50.87
N LEU N 509 -64.44 -40.20 51.86
CA LEU N 509 -64.82 -41.05 53.01
C LEU N 509 -65.40 -40.18 54.11
N VAL N 510 -64.97 -38.92 54.19
CA VAL N 510 -65.43 -38.05 55.30
C VAL N 510 -66.94 -37.88 55.21
N ALA N 511 -67.51 -37.64 54.01
CA ALA N 511 -68.96 -37.37 53.83
C ALA N 511 -69.79 -38.64 54.04
N HIS N 512 -69.36 -39.77 53.46
CA HIS N 512 -70.03 -41.08 53.59
C HIS N 512 -70.11 -41.44 55.07
N LEU N 513 -69.06 -41.16 55.84
CA LEU N 513 -69.02 -41.49 57.29
C LEU N 513 -70.04 -40.64 58.05
N ARG N 514 -70.27 -39.37 57.67
CA ARG N 514 -71.32 -38.55 58.31
C ARG N 514 -72.70 -39.10 57.95
N SER N 515 -72.93 -39.37 56.67
CA SER N 515 -74.29 -39.78 56.21
C SER N 515 -74.52 -41.26 56.55
N ILE N 516 -73.65 -41.85 57.36
CA ILE N 516 -73.92 -43.16 58.01
C ILE N 516 -74.32 -42.75 59.43
N LYS N 517 -73.66 -41.74 60.02
CA LYS N 517 -74.00 -41.19 61.36
C LYS N 517 -75.39 -40.54 61.37
N ARG N 518 -75.81 -39.90 60.29
CA ARG N 518 -77.10 -39.13 60.24
C ARG N 518 -78.24 -40.12 60.34
N TYR N 519 -78.01 -41.39 59.99
CA TYR N 519 -79.08 -42.43 59.96
C TYR N 519 -78.84 -43.51 61.01
N PHE N 520 -77.63 -43.99 61.26
CA PHE N 520 -77.45 -45.10 62.23
C PHE N 520 -77.45 -44.52 63.66
N LEU N 521 -76.68 -43.47 63.93
CA LEU N 521 -76.54 -42.89 65.29
C LEU N 521 -77.64 -41.86 65.56
N MET N 522 -78.57 -41.64 64.63
CA MET N 522 -79.76 -40.76 64.83
C MET N 522 -79.40 -39.32 65.13
N ASP N 523 -78.43 -38.72 64.45
CA ASP N 523 -78.15 -37.26 64.61
C ASP N 523 -79.37 -36.48 64.13
N GLN N 524 -80.01 -36.92 63.05
CA GLN N 524 -81.24 -36.27 62.52
C GLN N 524 -82.45 -36.92 63.21
N GLY N 525 -83.25 -36.15 63.96
CA GLY N 525 -84.44 -36.69 64.66
C GLY N 525 -85.67 -36.53 63.77
N ASP N 526 -85.66 -35.55 62.86
CA ASP N 526 -86.85 -35.21 62.03
C ASP N 526 -87.24 -36.44 61.24
N PHE N 527 -86.22 -37.13 60.70
CA PHE N 527 -86.43 -38.39 59.93
C PHE N 527 -87.18 -39.36 60.84
N PHE N 528 -86.75 -39.47 62.11
CA PHE N 528 -87.38 -40.40 63.10
C PHE N 528 -88.75 -39.95 63.58
N VAL N 529 -88.94 -38.67 63.90
CA VAL N 529 -90.23 -38.21 64.50
C VAL N 529 -91.32 -38.53 63.48
N HIS N 530 -91.03 -38.37 62.17
CA HIS N 530 -91.97 -38.73 61.08
C HIS N 530 -92.09 -40.24 60.87
N PHE N 531 -90.95 -40.93 60.71
CA PHE N 531 -90.92 -42.39 60.35
C PHE N 531 -91.56 -43.22 61.46
N MET N 532 -91.25 -42.92 62.72
CA MET N 532 -91.76 -43.73 63.86
C MET N 532 -93.29 -43.76 63.83
N ASP N 533 -93.93 -42.61 63.56
CA ASP N 533 -95.41 -42.46 63.56
C ASP N 533 -96.04 -43.24 62.41
N LEU N 534 -95.48 -43.13 61.20
CA LEU N 534 -96.07 -43.73 59.98
C LEU N 534 -95.78 -45.24 59.94
N ALA N 535 -95.12 -45.78 60.98
CA ALA N 535 -94.67 -47.19 60.98
C ALA N 535 -95.28 -48.07 62.06
N GLU N 536 -95.51 -47.56 63.28
CA GLU N 536 -95.76 -48.44 64.45
C GLU N 536 -96.96 -49.32 64.24
N GLU N 537 -98.03 -48.78 63.67
CA GLU N 537 -99.27 -49.54 63.36
C GLU N 537 -98.88 -50.69 62.44
N GLU N 538 -97.94 -50.46 61.49
CA GLU N 538 -97.36 -51.56 60.66
C GLU N 538 -96.39 -52.41 61.48
N LEU N 539 -95.55 -51.76 62.29
CA LEU N 539 -94.50 -52.47 63.07
C LEU N 539 -95.10 -53.44 64.08
N ARG N 540 -96.16 -53.05 64.80
CA ARG N 540 -96.68 -53.84 65.96
C ARG N 540 -97.08 -55.23 65.49
N LYS N 541 -97.30 -55.39 64.18
CA LYS N 541 -97.66 -56.71 63.61
C LYS N 541 -96.51 -57.69 63.79
N PRO N 542 -96.80 -59.00 63.91
CA PRO N 542 -95.74 -60.02 63.96
C PRO N 542 -95.18 -60.37 62.59
N VAL N 543 -94.04 -61.10 62.55
CA VAL N 543 -93.33 -61.42 61.28
C VAL N 543 -94.14 -62.41 60.45
N GLU N 544 -93.83 -62.50 59.15
CA GLU N 544 -94.54 -63.39 58.17
C GLU N 544 -95.88 -62.76 57.84
N ASP N 545 -96.21 -61.60 58.44
CA ASP N 545 -97.51 -60.91 58.23
C ASP N 545 -97.26 -59.47 57.77
N ILE N 546 -96.03 -58.96 57.86
CA ILE N 546 -95.69 -57.61 57.31
C ILE N 546 -95.10 -57.75 55.91
N THR N 547 -95.38 -56.79 55.01
CA THR N 547 -94.89 -56.81 53.61
C THR N 547 -93.70 -55.84 53.52
N PRO N 548 -92.47 -56.33 53.22
CA PRO N 548 -91.29 -55.45 53.18
C PRO N 548 -91.46 -54.27 52.23
N PRO N 549 -92.12 -54.41 51.06
CA PRO N 549 -92.41 -53.28 50.17
C PRO N 549 -93.14 -52.14 50.90
N ARG N 550 -94.05 -52.48 51.82
CA ARG N 550 -94.83 -51.44 52.56
C ARG N 550 -93.83 -50.59 53.35
N LEU N 551 -92.96 -51.21 54.15
CA LEU N 551 -92.02 -50.46 55.01
C LEU N 551 -91.01 -49.74 54.11
N GLU N 552 -90.65 -50.35 52.97
CA GLU N 552 -89.68 -49.78 52.00
C GLU N 552 -90.25 -48.46 51.47
N ALA N 553 -91.53 -48.46 51.07
CA ALA N 553 -92.20 -47.25 50.53
C ALA N 553 -92.30 -46.20 51.63
N LEU N 554 -92.61 -46.63 52.87
CA LEU N 554 -92.78 -45.73 54.04
C LEU N 554 -91.44 -45.07 54.39
N LEU N 555 -90.34 -45.82 54.35
CA LEU N 555 -89.00 -45.21 54.61
C LEU N 555 -88.67 -44.20 53.51
N GLU N 556 -88.98 -44.53 52.26
CA GLU N 556 -88.70 -43.62 51.13
C GLU N 556 -89.46 -42.33 51.41
N LEU N 557 -90.72 -42.45 51.80
CA LEU N 557 -91.58 -41.27 52.04
C LEU N 557 -91.00 -40.46 53.18
N ALA N 558 -90.63 -41.12 54.28
CA ALA N 558 -90.17 -40.42 55.49
C ALA N 558 -88.89 -39.66 55.20
N LEU N 559 -87.95 -40.29 54.52
CA LEU N 559 -86.62 -39.69 54.28
C LEU N 559 -86.76 -38.43 53.41
N ARG N 560 -87.52 -38.49 52.32
CA ARG N 560 -87.72 -37.34 51.40
C ARG N 560 -88.59 -36.30 52.11
N MET N 561 -89.58 -36.75 52.86
CA MET N 561 -90.52 -35.83 53.57
C MET N 561 -89.72 -35.01 54.59
N SER N 562 -88.78 -35.65 55.28
CA SER N 562 -87.96 -34.99 56.33
C SER N 562 -87.03 -33.95 55.70
N THR N 563 -86.31 -33.15 56.49
CA THR N 563 -85.32 -32.15 56.00
C THR N 563 -83.97 -32.84 55.76
N ALA N 564 -83.93 -34.17 55.84
CA ALA N 564 -82.71 -34.96 55.51
C ALA N 564 -82.76 -35.28 54.01
N ASN N 565 -83.21 -34.31 53.20
CA ASN N 565 -83.44 -34.52 51.74
C ASN N 565 -82.33 -33.81 50.97
N THR N 566 -81.27 -33.34 51.67
CA THR N 566 -80.09 -32.67 51.04
C THR N 566 -78.99 -33.68 50.71
N ASP N 567 -78.80 -34.65 51.61
CA ASP N 567 -77.67 -35.61 51.56
C ASP N 567 -77.75 -36.59 50.41
N PRO N 568 -76.63 -36.92 49.75
CA PRO N 568 -76.66 -37.62 48.47
C PRO N 568 -76.82 -39.10 48.64
N PHE N 569 -76.21 -39.64 49.71
CA PHE N 569 -76.02 -41.10 49.94
C PHE N 569 -77.23 -41.67 50.65
N LYS N 570 -78.36 -40.96 50.62
CA LYS N 570 -79.58 -41.35 51.37
C LYS N 570 -80.54 -42.10 50.46
N ASP N 571 -80.48 -41.86 49.14
CA ASP N 571 -81.47 -42.41 48.18
C ASP N 571 -81.39 -43.93 48.24
N ASP N 572 -80.32 -44.50 48.80
CA ASP N 572 -80.13 -45.97 48.91
C ASP N 572 -80.02 -46.41 50.37
N LEU N 573 -81.14 -46.61 51.06
CA LEU N 573 -81.16 -47.17 52.44
C LEU N 573 -81.98 -48.46 52.34
N LYS N 574 -81.49 -49.59 52.84
CA LYS N 574 -82.14 -50.92 52.66
C LYS N 574 -82.72 -51.46 53.98
N ILE N 575 -84.04 -51.46 54.15
CA ILE N 575 -84.69 -52.07 55.35
C ILE N 575 -84.48 -53.58 55.29
N ASP N 576 -83.78 -54.16 56.24
CA ASP N 576 -83.59 -55.64 56.35
C ASP N 576 -83.95 -56.09 57.76
N LEU N 577 -84.17 -57.39 57.92
CA LEU N 577 -84.58 -57.95 59.23
C LEU N 577 -83.39 -58.58 59.94
N MET N 578 -83.50 -58.72 61.27
CA MET N 578 -82.47 -59.43 62.07
C MET N 578 -83.21 -60.59 62.74
N PRO N 579 -83.04 -61.84 62.29
CA PRO N 579 -83.86 -62.94 62.83
C PRO N 579 -83.70 -63.30 64.32
N HIS N 580 -82.47 -63.32 64.83
CA HIS N 580 -82.29 -63.81 66.22
C HIS N 580 -82.28 -62.67 67.24
N ASP N 581 -82.42 -61.43 66.79
CA ASP N 581 -82.53 -60.31 67.75
C ASP N 581 -81.30 -60.27 68.67
N LEU N 582 -81.50 -60.06 69.98
CA LEU N 582 -80.35 -59.89 70.92
C LEU N 582 -79.66 -61.24 71.15
N ILE N 583 -80.31 -62.33 70.78
CA ILE N 583 -79.67 -63.67 70.91
C ILE N 583 -78.41 -63.62 70.05
N THR N 584 -78.51 -62.98 68.88
CA THR N 584 -77.35 -62.91 67.96
C THR N 584 -76.10 -62.44 68.72
N GLN N 585 -76.26 -61.70 69.82
CA GLN N 585 -75.02 -61.17 70.47
C GLN N 585 -74.09 -62.36 70.67
N LEU N 586 -72.81 -62.20 70.29
CA LEU N 586 -71.85 -63.32 70.36
C LEU N 586 -71.68 -63.77 71.81
N GLU N 607 -88.02 -61.40 69.90
CA GLU N 607 -88.56 -62.75 69.60
C GLU N 607 -88.69 -62.91 68.08
N LEU N 608 -88.67 -64.15 67.58
CA LEU N 608 -88.77 -64.44 66.12
C LEU N 608 -90.12 -63.99 65.58
N ALA N 609 -91.22 -64.14 66.34
CA ALA N 609 -92.60 -63.79 65.91
C ALA N 609 -92.91 -62.31 66.15
N LEU N 610 -91.94 -61.40 65.97
CA LEU N 610 -92.11 -59.94 66.14
C LEU N 610 -91.37 -59.31 64.95
N SER N 611 -92.00 -58.44 64.16
CA SER N 611 -91.31 -57.72 63.06
C SER N 611 -91.59 -56.23 63.18
N GLY N 612 -90.57 -55.42 63.48
CA GLY N 612 -90.72 -53.97 63.73
C GLY N 612 -90.60 -53.69 65.21
N LEU N 613 -91.07 -54.61 66.06
CA LEU N 613 -90.94 -54.49 67.54
C LEU N 613 -89.49 -54.75 67.93
N GLU N 614 -88.84 -55.77 67.36
CA GLU N 614 -87.44 -56.16 67.69
C GLU N 614 -86.65 -56.73 66.49
N ALA N 615 -87.24 -56.82 65.28
CA ALA N 615 -86.63 -57.43 64.07
C ALA N 615 -86.40 -56.39 62.97
N PHE N 616 -86.31 -55.09 63.29
CA PHE N 616 -86.15 -54.00 62.29
C PHE N 616 -84.73 -53.38 62.37
N SER N 617 -84.11 -53.06 61.22
CA SER N 617 -82.73 -52.50 61.19
C SER N 617 -82.43 -51.90 59.83
N PHE N 618 -81.72 -50.76 59.77
CA PHE N 618 -81.30 -50.22 58.46
C PHE N 618 -80.07 -50.98 57.99
N ASP N 619 -79.77 -50.96 56.68
CA ASP N 619 -78.53 -51.54 56.11
C ASP N 619 -78.02 -50.45 55.16
N TYR N 620 -76.81 -50.56 54.62
CA TYR N 620 -76.27 -49.58 53.65
C TYR N 620 -75.49 -50.31 52.55
N ILE N 621 -75.37 -49.74 51.34
CA ILE N 621 -74.64 -50.38 50.20
C ILE N 621 -73.26 -49.70 50.01
N VAL N 622 -72.16 -50.46 50.09
CA VAL N 622 -70.76 -49.91 49.98
C VAL N 622 -70.10 -50.44 48.70
N LYS N 623 -69.42 -49.58 47.93
CA LYS N 623 -68.78 -49.94 46.63
C LYS N 623 -67.42 -50.61 46.85
N TRP N 624 -66.82 -51.21 45.81
CA TRP N 624 -65.57 -52.00 45.92
C TRP N 624 -64.38 -51.17 46.43
N PRO N 625 -64.14 -49.91 46.01
CA PRO N 625 -63.06 -49.13 46.61
C PRO N 625 -63.33 -48.79 48.09
N LEU N 626 -64.57 -48.45 48.49
CA LEU N 626 -64.90 -48.03 49.88
C LEU N 626 -65.38 -49.22 50.71
N SER N 627 -65.41 -50.43 50.15
CA SER N 627 -65.74 -51.65 50.91
C SER N 627 -64.52 -51.99 51.77
N LEU N 628 -63.42 -51.27 51.59
CA LEU N 628 -62.14 -51.49 52.32
C LEU N 628 -62.27 -51.06 53.78
N ILE N 629 -62.85 -49.89 54.05
CA ILE N 629 -62.94 -49.32 55.44
C ILE N 629 -64.28 -49.73 56.04
N ILE N 630 -65.40 -49.32 55.45
CA ILE N 630 -66.76 -49.75 55.93
C ILE N 630 -67.05 -51.05 55.17
N ASN N 631 -67.01 -52.19 55.86
CA ASN N 631 -67.22 -53.52 55.25
C ASN N 631 -68.32 -54.24 56.02
N ARG N 632 -68.43 -55.56 55.91
CA ARG N 632 -69.40 -56.41 56.65
C ARG N 632 -69.18 -56.22 58.15
N LYS N 633 -67.95 -56.30 58.65
CA LYS N 633 -67.69 -56.23 60.11
C LYS N 633 -68.19 -54.88 60.65
N ALA N 634 -67.84 -53.77 60.01
CA ALA N 634 -68.20 -52.42 60.51
C ALA N 634 -69.70 -52.26 60.51
N LEU N 635 -70.37 -52.69 59.45
CA LEU N 635 -71.83 -52.49 59.34
C LEU N 635 -72.51 -53.27 60.46
N THR N 636 -72.06 -54.50 60.74
CA THR N 636 -72.74 -55.35 61.76
C THR N 636 -72.58 -54.68 63.12
N ARG N 637 -71.44 -54.07 63.42
CA ARG N 637 -71.24 -53.30 64.68
C ARG N 637 -72.11 -52.05 64.64
N TYR N 638 -72.20 -51.38 63.50
CA TYR N 638 -73.01 -50.15 63.33
C TYR N 638 -74.50 -50.48 63.47
N GLN N 639 -74.95 -51.65 63.04
CA GLN N 639 -76.39 -52.05 63.07
C GLN N 639 -76.80 -52.53 64.47
N MET N 640 -75.95 -53.26 65.20
CA MET N 640 -76.24 -53.81 66.55
C MET N 640 -76.18 -52.66 67.56
N LEU N 641 -75.48 -51.57 67.22
CA LEU N 641 -75.55 -50.34 68.06
C LEU N 641 -76.87 -49.62 67.82
N PHE N 642 -77.22 -49.31 66.56
CA PHE N 642 -78.46 -48.59 66.18
C PHE N 642 -79.70 -49.34 66.68
N ARG N 643 -79.76 -50.67 66.56
CA ARG N 643 -80.95 -51.48 66.96
C ARG N 643 -81.16 -51.35 68.47
N HIS N 644 -80.10 -51.38 69.28
CA HIS N 644 -80.18 -51.22 70.76
C HIS N 644 -80.69 -49.82 71.10
N MET N 645 -80.22 -48.80 70.40
CA MET N 645 -80.63 -47.38 70.65
C MET N 645 -82.09 -47.22 70.21
N PHE N 646 -82.57 -48.06 69.29
CA PHE N 646 -83.95 -47.95 68.75
C PHE N 646 -84.93 -48.22 69.90
N TYR N 647 -84.57 -49.04 70.89
CA TYR N 647 -85.40 -49.34 72.09
C TYR N 647 -85.45 -48.15 73.07
N CYS N 648 -84.40 -47.37 73.23
CA CYS N 648 -84.46 -46.18 74.12
C CYS N 648 -85.26 -45.10 73.41
N LYS N 649 -85.18 -45.00 72.08
CA LYS N 649 -85.93 -44.01 71.29
C LYS N 649 -87.42 -44.38 71.26
N HIS N 650 -87.79 -45.67 71.21
CA HIS N 650 -89.20 -46.12 71.01
C HIS N 650 -90.00 -46.22 72.31
N VAL N 651 -89.47 -46.86 73.36
CA VAL N 651 -90.16 -47.10 74.66
C VAL N 651 -90.31 -45.77 75.39
N GLU N 652 -89.35 -44.85 75.21
CA GLU N 652 -89.44 -43.50 75.83
C GLU N 652 -90.68 -42.80 75.30
N ARG N 653 -90.89 -42.78 73.98
CA ARG N 653 -92.04 -42.07 73.35
C ARG N 653 -93.35 -42.83 73.65
N GLN N 654 -93.25 -44.16 73.85
CA GLN N 654 -94.44 -44.98 74.25
C GLN N 654 -94.97 -44.51 75.62
N LEU N 655 -94.08 -44.30 76.60
CA LEU N 655 -94.47 -43.78 77.93
C LEU N 655 -94.88 -42.32 77.80
N CYS N 656 -94.25 -41.54 76.92
CA CYS N 656 -94.64 -40.12 76.67
C CYS N 656 -96.06 -40.07 76.08
N SER N 657 -96.42 -41.03 75.22
CA SER N 657 -97.78 -41.09 74.61
C SER N 657 -98.80 -41.50 75.68
N VAL N 658 -98.41 -42.35 76.63
CA VAL N 658 -99.33 -42.80 77.74
C VAL N 658 -99.62 -41.60 78.64
N TRP N 659 -98.65 -40.70 78.85
CA TRP N 659 -98.78 -39.51 79.73
C TRP N 659 -99.96 -38.63 79.29
N ILE N 660 -100.06 -38.28 78.00
CA ILE N 660 -101.09 -37.31 77.50
C ILE N 660 -102.49 -37.93 77.53
N SER N 661 -102.64 -39.19 77.93
CA SER N 661 -103.98 -39.82 78.06
C SER N 661 -104.80 -39.01 79.06
N ASN N 662 -104.19 -38.58 80.16
CA ASN N 662 -104.85 -37.76 81.21
C ASN N 662 -104.09 -36.44 81.40
N LYS N 663 -103.25 -36.05 80.44
CA LYS N 663 -102.39 -34.83 80.58
C LYS N 663 -102.00 -34.66 82.05
N GLN N 674 -109.80 -39.70 95.42
CA GLN N 674 -110.38 -39.80 94.05
C GLN N 674 -109.28 -39.49 93.03
N TRP N 675 -109.08 -40.33 92.01
CA TRP N 675 -108.06 -40.13 90.94
C TRP N 675 -106.69 -39.92 91.58
N PHE N 676 -106.35 -40.70 92.61
CA PHE N 676 -105.03 -40.62 93.29
C PHE N 676 -103.91 -40.64 92.24
N ALA N 677 -102.86 -39.83 92.39
CA ALA N 677 -101.76 -39.71 91.41
C ALA N 677 -100.58 -40.61 91.79
N GLY N 678 -100.84 -41.85 92.21
CA GLY N 678 -99.78 -42.82 92.52
C GLY N 678 -99.01 -43.15 91.25
N ALA N 679 -99.71 -43.26 90.12
CA ALA N 679 -99.11 -43.57 88.80
C ALA N 679 -98.23 -42.42 88.32
N PHE N 680 -98.45 -41.17 88.77
CA PHE N 680 -97.71 -39.96 88.28
C PHE N 680 -96.26 -39.97 88.77
N THR N 681 -95.96 -40.46 89.98
CA THR N 681 -94.57 -40.56 90.51
C THR N 681 -93.76 -41.66 89.81
N LEU N 682 -94.36 -42.82 89.54
CA LEU N 682 -93.70 -43.91 88.76
C LEU N 682 -93.43 -43.36 87.36
N ARG N 683 -94.45 -42.77 86.74
CA ARG N 683 -94.34 -42.25 85.35
C ARG N 683 -93.26 -41.17 85.30
N GLN N 684 -93.23 -40.26 86.27
CA GLN N 684 -92.19 -39.20 86.31
C GLN N 684 -90.82 -39.86 86.51
N ARG N 685 -90.70 -40.83 87.41
CA ARG N 685 -89.39 -41.45 87.73
C ARG N 685 -88.84 -42.20 86.50
N MET N 686 -89.67 -42.98 85.80
CA MET N 686 -89.23 -43.75 84.61
C MET N 686 -88.82 -42.77 83.52
N LEU N 687 -89.59 -41.70 83.31
CA LEU N 687 -89.30 -40.72 82.22
C LEU N 687 -87.95 -40.07 82.49
N ASN N 688 -87.66 -39.72 83.75
CA ASN N 688 -86.36 -39.12 84.12
C ASN N 688 -85.25 -40.14 83.87
N PHE N 689 -85.46 -41.41 84.24
CA PHE N 689 -84.43 -42.46 84.08
C PHE N 689 -84.07 -42.68 82.61
N VAL N 690 -85.06 -42.78 81.70
CA VAL N 690 -84.86 -43.05 80.25
C VAL N 690 -84.28 -41.81 79.56
N GLN N 691 -84.72 -40.62 79.95
CA GLN N 691 -84.29 -39.34 79.32
C GLN N 691 -82.83 -39.10 79.67
N ASN N 692 -82.43 -39.26 80.93
CA ASN N 692 -81.01 -39.10 81.32
C ASN N 692 -80.17 -40.15 80.58
N ILE N 693 -80.64 -41.40 80.47
CA ILE N 693 -79.83 -42.49 79.84
C ILE N 693 -79.54 -42.04 78.42
N GLN N 694 -80.56 -41.58 77.70
CA GLN N 694 -80.39 -41.17 76.29
C GLN N 694 -79.47 -39.96 76.24
N TYR N 695 -79.66 -38.98 77.12
CA TYR N 695 -78.87 -37.72 77.06
C TYR N 695 -77.39 -38.06 77.25
N TYR N 696 -77.09 -39.02 78.11
CA TYR N 696 -75.69 -39.41 78.41
C TYR N 696 -75.03 -39.87 77.11
N MET N 697 -75.72 -40.74 76.36
CA MET N 697 -75.18 -41.26 75.08
C MET N 697 -75.10 -40.11 74.08
N MET N 698 -76.07 -39.22 74.06
CA MET N 698 -76.12 -38.14 73.04
C MET N 698 -74.95 -37.18 73.19
N PHE N 699 -74.52 -36.80 74.39
CA PHE N 699 -73.47 -35.74 74.55
C PHE N 699 -72.28 -36.17 75.42
N GLU N 700 -72.15 -37.43 75.82
CA GLU N 700 -70.93 -37.93 76.55
C GLU N 700 -70.07 -38.82 75.66
N VAL N 701 -70.66 -39.79 74.96
CA VAL N 701 -69.88 -40.80 74.18
C VAL N 701 -70.03 -40.53 72.68
N MET N 702 -71.22 -40.65 72.11
CA MET N 702 -71.38 -40.59 70.63
C MET N 702 -70.99 -39.23 70.07
N GLU N 703 -71.47 -38.11 70.62
CA GLU N 703 -71.16 -36.79 70.00
C GLU N 703 -69.71 -36.39 70.27
N PRO N 704 -69.15 -36.46 71.50
CA PRO N 704 -67.76 -36.04 71.71
C PRO N 704 -66.72 -36.90 71.02
N THR N 705 -66.89 -38.23 71.01
CA THR N 705 -65.89 -39.18 70.44
C THR N 705 -66.01 -39.18 68.92
N TRP N 706 -67.10 -38.65 68.35
CA TRP N 706 -67.19 -38.51 66.87
C TRP N 706 -66.35 -37.31 66.45
N HIS N 707 -66.29 -36.26 67.26
CA HIS N 707 -65.46 -35.04 67.06
C HIS N 707 -63.98 -35.43 67.05
N ILE N 708 -63.59 -36.49 67.77
CA ILE N 708 -62.17 -36.98 67.80
C ILE N 708 -61.91 -37.80 66.54
N LEU N 709 -62.77 -38.76 66.16
CA LEU N 709 -62.54 -39.62 64.98
C LEU N 709 -62.38 -38.67 63.79
N GLU N 710 -63.16 -37.60 63.74
CA GLU N 710 -63.12 -36.62 62.62
C GLU N 710 -61.77 -35.90 62.63
N LYS N 711 -61.01 -35.99 63.73
CA LYS N 711 -59.65 -35.36 63.85
C LYS N 711 -58.54 -36.39 63.56
N ASN N 712 -58.66 -37.64 64.04
CA ASN N 712 -57.66 -38.72 63.86
C ASN N 712 -57.59 -39.11 62.38
N LEU N 713 -58.74 -39.25 61.70
CA LEU N 713 -58.79 -39.59 60.26
C LEU N 713 -58.49 -38.32 59.47
N LYS N 714 -58.36 -37.17 60.13
CA LYS N 714 -57.92 -35.92 59.46
C LYS N 714 -56.38 -35.88 59.59
N SER N 715 -55.78 -36.61 60.55
CA SER N 715 -54.32 -36.58 60.80
C SER N 715 -53.68 -37.95 60.56
N ALA N 716 -54.27 -38.81 59.74
CA ALA N 716 -53.70 -40.13 59.38
C ALA N 716 -52.77 -39.95 58.19
N SER N 717 -51.84 -40.88 57.92
CA SER N 717 -50.91 -40.82 56.76
C SER N 717 -51.18 -41.93 55.74
N ASN N 718 -51.68 -43.10 56.17
CA ASN N 718 -51.96 -44.29 55.29
C ASN N 718 -53.31 -44.92 55.58
N ILE N 719 -53.78 -45.85 54.75
CA ILE N 719 -55.15 -46.43 54.81
C ILE N 719 -55.19 -47.65 55.74
N ASP N 720 -54.07 -47.94 56.44
CA ASP N 720 -54.09 -48.96 57.53
C ASP N 720 -54.16 -48.21 58.88
N ASP N 721 -54.02 -46.87 58.86
CA ASP N 721 -54.19 -46.02 60.07
C ASP N 721 -55.63 -45.51 60.08
N VAL N 722 -56.20 -45.18 58.91
CA VAL N 722 -57.62 -44.75 58.80
C VAL N 722 -58.48 -45.93 59.24
N LEU N 723 -58.16 -47.13 58.78
CA LEU N 723 -58.89 -48.35 59.17
C LEU N 723 -58.69 -48.51 60.67
N GLY N 724 -57.48 -48.26 61.17
CA GLY N 724 -57.19 -48.43 62.61
C GLY N 724 -58.00 -47.51 63.49
N HIS N 725 -58.10 -46.22 63.15
CA HIS N 725 -58.88 -45.24 63.93
C HIS N 725 -60.38 -45.57 63.83
N HIS N 726 -60.87 -45.92 62.65
CA HIS N 726 -62.31 -46.21 62.43
C HIS N 726 -62.73 -47.43 63.22
N THR N 727 -61.99 -48.52 63.17
CA THR N 727 -62.30 -49.74 63.95
C THR N 727 -62.15 -49.35 65.42
N GLY N 728 -61.18 -48.48 65.72
CA GLY N 728 -60.97 -47.99 67.09
C GLY N 728 -62.15 -47.17 67.59
N PHE N 729 -62.71 -46.27 66.79
CA PHE N 729 -63.85 -45.40 67.18
C PHE N 729 -65.07 -46.28 67.44
N LEU N 730 -65.43 -47.14 66.50
CA LEU N 730 -66.70 -47.89 66.61
C LEU N 730 -66.61 -48.78 67.83
N ASP N 731 -65.46 -49.42 68.06
CA ASP N 731 -65.28 -50.33 69.21
C ASP N 731 -65.35 -49.55 70.53
N THR N 732 -64.66 -48.41 70.63
CA THR N 732 -64.60 -47.62 71.90
C THR N 732 -65.99 -47.09 72.23
N CYS N 733 -66.69 -46.50 71.26
CA CYS N 733 -68.03 -45.90 71.48
C CYS N 733 -69.02 -46.99 71.85
N LEU N 734 -68.94 -48.17 71.25
CA LEU N 734 -69.81 -49.30 71.65
C LEU N 734 -69.48 -49.67 73.09
N LYS N 735 -68.19 -49.75 73.44
CA LYS N 735 -67.74 -50.20 74.79
C LYS N 735 -68.08 -49.17 75.88
N ASP N 736 -67.89 -47.87 75.62
CA ASP N 736 -68.11 -46.79 76.64
C ASP N 736 -69.61 -46.68 76.86
N CYS N 737 -70.42 -46.89 75.82
CA CYS N 737 -71.89 -46.93 75.96
C CYS N 737 -72.19 -48.28 76.59
N MET N 738 -73.41 -48.51 77.05
CA MET N 738 -73.71 -49.74 77.84
C MET N 738 -73.86 -50.96 76.94
N LEU N 739 -73.81 -50.76 75.63
CA LEU N 739 -73.93 -51.87 74.64
C LEU N 739 -73.09 -53.06 75.08
N THR N 740 -71.84 -52.86 75.50
CA THR N 740 -70.91 -53.97 75.85
C THR N 740 -70.92 -54.21 77.36
N ASN N 741 -71.32 -55.40 77.81
CA ASN N 741 -71.29 -55.78 79.25
C ASN N 741 -71.04 -57.28 79.35
N PRO N 742 -70.42 -57.83 80.42
CA PRO N 742 -70.27 -59.29 80.57
C PRO N 742 -71.61 -60.01 80.76
N GLU N 743 -72.50 -59.46 81.59
CA GLU N 743 -73.82 -60.07 81.88
C GLU N 743 -74.82 -59.62 80.81
N LEU N 744 -74.41 -58.79 79.86
CA LEU N 744 -75.26 -58.28 78.75
C LEU N 744 -76.28 -57.31 79.33
N LEU N 745 -76.07 -56.85 80.57
CA LEU N 745 -77.00 -55.91 81.25
C LEU N 745 -78.41 -56.43 81.05
N LYS N 746 -78.67 -57.67 81.43
CA LYS N 746 -80.04 -58.22 81.40
C LYS N 746 -80.80 -57.36 82.42
N VAL N 747 -80.09 -56.63 83.29
CA VAL N 747 -80.75 -55.66 84.21
C VAL N 747 -81.52 -54.66 83.32
N PHE N 748 -81.00 -54.28 82.16
CA PHE N 748 -81.64 -53.27 81.26
C PHE N 748 -82.81 -53.87 80.47
N SER N 749 -82.75 -55.12 80.00
CA SER N 749 -83.84 -55.83 79.28
C SER N 749 -85.08 -55.98 80.15
N LYS N 750 -84.89 -56.43 81.40
CA LYS N 750 -86.01 -56.65 82.38
C LYS N 750 -86.59 -55.30 82.80
N LEU N 751 -85.76 -54.25 82.89
CA LEU N 751 -86.22 -52.90 83.31
C LEU N 751 -87.15 -52.40 82.21
N MET N 752 -86.75 -52.50 80.94
CA MET N 752 -87.58 -52.01 79.81
C MET N 752 -88.77 -52.94 79.62
N SER N 753 -88.65 -54.22 80.02
CA SER N 753 -89.78 -55.17 79.91
C SER N 753 -90.98 -54.65 80.74
N VAL N 754 -90.75 -54.34 82.02
CA VAL N 754 -91.84 -53.93 82.97
C VAL N 754 -92.30 -52.52 82.63
N CYS N 755 -91.51 -51.74 81.89
CA CYS N 755 -91.86 -50.35 81.52
C CYS N 755 -92.82 -50.43 80.34
N VAL N 756 -92.69 -51.44 79.49
CA VAL N 756 -93.67 -51.71 78.37
C VAL N 756 -94.94 -52.31 78.97
N MET N 757 -94.78 -53.18 79.99
CA MET N 757 -95.95 -53.86 80.60
C MET N 757 -96.87 -52.80 81.20
N PHE N 758 -96.31 -51.80 81.88
CA PHE N 758 -97.06 -50.71 82.57
C PHE N 758 -97.66 -49.74 81.56
N THR N 759 -96.96 -49.41 80.47
CA THR N 759 -97.43 -48.46 79.42
C THR N 759 -98.62 -49.10 78.70
N ASN N 760 -98.55 -50.41 78.47
CA ASN N 760 -99.65 -51.15 77.79
C ASN N 760 -100.89 -51.20 78.68
N CYS N 761 -100.75 -51.75 79.89
CA CYS N 761 -101.92 -52.05 80.77
C CYS N 761 -102.59 -50.76 81.23
N MET N 762 -101.79 -49.71 81.47
CA MET N 762 -102.30 -48.42 81.97
C MET N 762 -103.25 -47.80 80.93
N GLN N 763 -102.84 -47.88 79.66
CA GLN N 763 -103.63 -47.28 78.57
C GLN N 763 -104.85 -48.17 78.30
N LYS N 764 -104.69 -49.48 78.47
CA LYS N 764 -105.86 -50.36 78.31
C LYS N 764 -106.86 -49.93 79.37
N PHE N 765 -106.35 -49.64 80.57
CA PHE N 765 -107.23 -49.15 81.66
C PHE N 765 -107.83 -47.78 81.27
N THR N 766 -107.01 -46.88 80.72
CA THR N 766 -107.47 -45.48 80.47
C THR N 766 -108.56 -45.43 79.40
N GLN N 767 -108.45 -46.20 78.33
CA GLN N 767 -109.57 -46.16 77.35
C GLN N 767 -110.81 -46.63 78.11
N SER N 768 -110.66 -47.67 78.94
CA SER N 768 -111.79 -48.14 79.77
C SER N 768 -112.21 -47.05 80.75
N MET N 769 -111.23 -46.32 81.33
CA MET N 769 -111.53 -45.30 82.37
C MET N 769 -112.38 -44.17 81.76
N LYS N 770 -111.99 -43.71 80.56
CA LYS N 770 -112.80 -42.68 79.87
C LYS N 770 -114.18 -43.28 79.59
N LEU N 771 -114.23 -44.55 79.19
CA LEU N 771 -115.52 -45.24 78.94
C LEU N 771 -116.22 -45.47 80.28
N LEU N 814 -110.80 -50.48 90.39
CA LEU N 814 -110.59 -49.05 90.09
C LEU N 814 -109.21 -48.62 90.61
N VAL N 815 -108.83 -49.08 91.81
CA VAL N 815 -107.45 -48.79 92.30
C VAL N 815 -106.62 -50.08 92.22
N SER N 816 -107.28 -51.24 92.21
CA SER N 816 -106.55 -52.53 92.10
C SER N 816 -105.85 -52.62 90.75
N GLY N 817 -106.54 -52.21 89.69
CA GLY N 817 -105.94 -52.22 88.34
C GLY N 817 -105.21 -50.92 88.09
N PHE N 818 -105.32 -49.97 89.02
CA PHE N 818 -104.62 -48.67 88.87
C PHE N 818 -103.52 -48.56 89.93
N GLU N 819 -103.85 -48.05 91.12
CA GLU N 819 -102.81 -47.79 92.15
C GLU N 819 -102.10 -49.10 92.55
N ALA N 820 -102.85 -50.20 92.75
CA ALA N 820 -102.21 -51.45 93.22
C ALA N 820 -101.24 -51.98 92.16
N THR N 821 -101.63 -51.95 90.89
CA THR N 821 -100.68 -52.37 89.82
C THR N 821 -99.51 -51.40 89.81
N ILE N 822 -99.78 -50.10 90.01
CA ILE N 822 -98.69 -49.09 89.92
C ILE N 822 -97.63 -49.43 90.97
N ASN N 823 -98.05 -49.75 92.19
CA ASN N 823 -97.07 -50.04 93.27
C ASN N 823 -96.27 -51.30 92.93
N LYS N 824 -96.93 -52.32 92.37
CA LYS N 824 -96.22 -53.57 91.99
C LYS N 824 -95.18 -53.23 90.91
N PHE N 825 -95.57 -52.42 89.92
CA PHE N 825 -94.62 -52.00 88.86
C PHE N 825 -93.52 -51.15 89.49
N ASP N 826 -93.88 -50.25 90.41
CA ASP N 826 -92.89 -49.34 91.02
C ASP N 826 -91.85 -50.18 91.77
N LYS N 827 -92.32 -51.20 92.48
CA LYS N 827 -91.40 -52.05 93.28
C LYS N 827 -90.37 -52.70 92.37
N ASN N 828 -90.82 -53.53 91.42
CA ASN N 828 -89.88 -54.29 90.54
C ASN N 828 -88.96 -53.30 89.83
N PHE N 829 -89.50 -52.14 89.38
CA PHE N 829 -88.73 -51.14 88.60
C PHE N 829 -87.72 -50.43 89.51
N SER N 830 -88.04 -50.16 90.77
CA SER N 830 -87.07 -49.57 91.73
C SER N 830 -86.00 -50.63 92.04
N ALA N 831 -86.44 -51.87 92.28
CA ALA N 831 -85.51 -52.97 92.65
C ALA N 831 -84.49 -53.20 91.53
N HIS N 832 -84.95 -53.32 90.28
CA HIS N 832 -84.08 -53.62 89.12
C HIS N 832 -83.20 -52.40 88.85
N LEU N 833 -83.75 -51.20 89.06
CA LEU N 833 -82.99 -49.93 88.86
C LEU N 833 -81.84 -49.88 89.86
N LEU N 834 -82.10 -50.26 91.12
CA LEU N 834 -81.05 -50.22 92.17
C LEU N 834 -80.02 -51.32 91.90
N ASP N 835 -80.44 -52.50 91.40
CA ASP N 835 -79.52 -53.63 91.07
C ASP N 835 -78.58 -53.16 89.95
N LEU N 836 -79.12 -52.38 89.01
CA LEU N 836 -78.32 -51.88 87.85
C LEU N 836 -77.28 -50.86 88.29
N LEU N 837 -77.69 -49.85 89.10
CA LEU N 837 -76.78 -48.76 89.54
C LEU N 837 -75.70 -49.37 90.43
N ALA N 838 -76.07 -50.38 91.23
CA ALA N 838 -75.12 -51.09 92.11
C ALA N 838 -74.09 -51.86 91.28
N ARG N 839 -74.56 -52.58 90.23
CA ARG N 839 -73.69 -53.42 89.38
C ARG N 839 -72.87 -52.53 88.46
N LEU N 840 -73.22 -51.23 88.35
CA LEU N 840 -72.43 -50.24 87.57
C LEU N 840 -71.44 -49.52 88.48
N SER N 841 -71.78 -49.41 89.78
CA SER N 841 -70.92 -48.77 90.80
C SER N 841 -69.64 -49.56 91.05
N ILE N 842 -69.63 -50.88 90.82
CA ILE N 842 -68.45 -51.77 91.08
C ILE N 842 -67.31 -51.39 90.14
N TYR N 843 -67.62 -50.89 88.94
CA TYR N 843 -66.59 -50.62 87.89
C TYR N 843 -65.67 -49.47 88.29
N SER N 844 -64.41 -49.79 88.67
CA SER N 844 -63.36 -48.78 89.00
C SER N 844 -63.84 -47.76 90.04
N GLY N 851 -66.03 -39.47 83.50
CA GLY N 851 -66.28 -40.16 82.21
C GLY N 851 -67.02 -41.47 82.42
N MET N 852 -66.32 -42.52 82.87
CA MET N 852 -66.95 -43.85 83.12
C MET N 852 -67.95 -43.75 84.28
N ALA N 853 -67.63 -43.02 85.36
CA ALA N 853 -68.47 -42.90 86.57
C ALA N 853 -69.40 -41.69 86.46
N SER N 854 -69.26 -40.89 85.40
CA SER N 854 -70.13 -39.71 85.17
C SER N 854 -71.55 -40.23 84.95
N VAL N 855 -71.69 -41.51 84.60
CA VAL N 855 -73.01 -42.18 84.44
C VAL N 855 -73.83 -42.11 85.74
N ILE N 856 -73.28 -42.56 86.87
CA ILE N 856 -74.03 -42.65 88.16
C ILE N 856 -74.18 -41.24 88.73
N SER N 857 -73.13 -40.42 88.64
CA SER N 857 -73.14 -39.04 89.19
C SER N 857 -74.26 -38.24 88.55
N ARG N 858 -74.46 -38.35 87.24
CA ARG N 858 -75.51 -37.57 86.51
C ARG N 858 -76.90 -38.11 86.85
N LEU N 859 -77.08 -39.44 86.97
CA LEU N 859 -78.42 -40.05 87.17
C LEU N 859 -79.14 -39.49 88.42
N ASP N 860 -78.42 -39.21 89.51
CA ASP N 860 -79.03 -38.61 90.73
C ASP N 860 -78.29 -37.30 91.01
N PHE N 861 -78.46 -36.31 90.12
CA PHE N 861 -77.80 -34.98 90.21
C PHE N 861 -78.34 -34.19 91.40
N ASN N 862 -79.51 -34.56 91.92
CA ASN N 862 -80.09 -33.92 93.13
C ASN N 862 -79.65 -34.69 94.37
N GLY N 863 -79.59 -36.03 94.30
CA GLY N 863 -79.32 -36.89 95.47
C GLY N 863 -80.58 -37.64 95.83
N PHE N 864 -81.57 -37.74 94.92
CA PHE N 864 -82.78 -38.57 95.15
C PHE N 864 -82.36 -40.03 95.04
N TYR N 865 -82.71 -40.84 96.04
CA TYR N 865 -82.26 -42.26 96.12
C TYR N 865 -80.74 -42.26 96.07
N THR N 866 -80.11 -41.35 96.83
CA THR N 866 -78.61 -41.21 96.90
C THR N 866 -78.04 -42.57 97.33
N GLU N 867 -78.69 -43.26 98.27
CA GLU N 867 -78.37 -44.67 98.61
C GLU N 867 -79.52 -45.29 99.41
N ARG N 868 -80.05 -46.43 98.95
CA ARG N 868 -81.17 -47.13 99.65
C ARG N 868 -80.62 -48.33 100.43
N LEU N 869 -79.96 -49.28 99.73
CA LEU N 869 -79.36 -50.48 100.37
C LEU N 869 -77.85 -50.50 100.09
N GLU N 870 -77.04 -50.37 101.14
CA GLU N 870 -75.55 -50.49 100.98
C GLU N 870 -75.26 -51.97 100.78
N ARG N 871 -74.57 -52.32 99.67
CA ARG N 871 -74.28 -53.75 99.33
C ARG N 871 -73.20 -54.27 100.28
N LEU N 872 -73.49 -55.35 101.02
CA LEU N 872 -72.52 -55.99 101.99
C LEU N 872 -72.02 -54.97 103.03
N ILE O 245 2.19 -89.22 15.23
CA ILE O 245 1.11 -88.19 15.14
C ILE O 245 1.38 -87.09 16.16
N THR O 246 2.28 -86.18 15.84
CA THR O 246 2.66 -85.07 16.73
C THR O 246 1.47 -84.14 16.85
N GLU O 247 1.51 -83.23 17.81
CA GLU O 247 0.43 -82.23 18.05
C GLU O 247 0.32 -81.26 16.89
N ALA O 248 1.42 -80.76 16.32
CA ALA O 248 1.39 -79.83 15.17
C ALA O 248 0.45 -80.43 14.15
N ALA O 249 0.37 -81.76 14.06
CA ALA O 249 -0.59 -82.46 13.18
C ALA O 249 -2.01 -82.20 13.70
N LEU O 250 -2.34 -82.32 14.99
CA LEU O 250 -3.74 -82.14 15.48
C LEU O 250 -4.24 -80.70 15.28
N VAL O 251 -3.42 -79.70 15.58
CA VAL O 251 -3.84 -78.28 15.51
C VAL O 251 -4.25 -78.03 14.08
N ARG O 252 -3.52 -78.60 13.11
CA ARG O 252 -3.83 -78.28 11.70
C ARG O 252 -5.23 -78.83 11.41
N ASP O 253 -5.53 -80.03 11.86
CA ASP O 253 -6.84 -80.70 11.60
C ASP O 253 -8.03 -80.09 12.33
N ILE O 254 -7.89 -79.80 13.61
CA ILE O 254 -9.01 -79.30 14.45
C ILE O 254 -9.50 -78.01 13.85
N LEU O 255 -8.65 -77.17 13.32
CA LEU O 255 -9.08 -75.84 12.86
C LEU O 255 -10.10 -75.95 11.71
N TYR O 256 -10.33 -77.13 11.10
CA TYR O 256 -11.40 -77.33 10.08
C TYR O 256 -12.63 -78.00 10.67
N VAL O 257 -12.52 -78.79 11.73
CA VAL O 257 -13.66 -79.54 12.34
C VAL O 257 -14.53 -78.50 13.02
N PHE O 258 -14.07 -77.27 13.10
CA PHE O 258 -14.83 -76.12 13.62
C PHE O 258 -15.88 -75.73 12.57
N GLN O 259 -15.54 -75.72 11.27
CA GLN O 259 -16.54 -75.51 10.19
C GLN O 259 -17.38 -76.76 10.25
N GLY O 260 -16.74 -77.92 10.34
CA GLY O 260 -17.45 -79.20 10.44
C GLY O 260 -17.00 -80.16 9.41
N ILE O 261 -16.01 -79.74 8.60
CA ILE O 261 -15.38 -80.53 7.52
C ILE O 261 -14.54 -81.61 8.18
N ASP O 262 -14.76 -82.89 7.87
CA ASP O 262 -14.03 -84.01 8.53
C ASP O 262 -12.52 -83.78 8.34
N GLY O 263 -11.71 -83.93 9.40
CA GLY O 263 -10.25 -83.70 9.36
C GLY O 263 -9.49 -84.92 8.87
N LYS O 264 -8.15 -84.88 8.83
CA LYS O 264 -7.28 -85.99 8.35
C LYS O 264 -7.21 -87.10 9.41
N ASN O 265 -6.78 -86.80 10.62
CA ASN O 265 -6.67 -87.79 11.73
C ASN O 265 -7.85 -87.62 12.70
N ILE O 266 -8.85 -86.80 12.39
CA ILE O 266 -10.10 -86.64 13.20
C ILE O 266 -11.26 -86.78 12.20
N LYS O 267 -12.25 -87.62 12.47
CA LYS O 267 -13.41 -87.80 11.55
C LYS O 267 -14.63 -88.17 12.39
N MET O 268 -15.85 -87.96 11.88
CA MET O 268 -17.11 -88.35 12.57
C MET O 268 -17.32 -89.85 12.27
N ASN O 269 -16.39 -90.72 12.71
CA ASN O 269 -16.40 -92.17 12.33
C ASN O 269 -17.72 -92.81 12.76
N ASN O 270 -18.19 -92.51 13.97
CA ASN O 270 -19.54 -92.99 14.36
C ASN O 270 -20.43 -91.86 13.86
N THR O 271 -21.43 -92.16 13.02
CA THR O 271 -22.22 -91.07 12.37
C THR O 271 -23.04 -90.23 13.36
N GLU O 272 -23.52 -90.75 14.49
CA GLU O 272 -24.28 -89.86 15.40
C GLU O 272 -23.36 -89.30 16.48
N ASN O 273 -22.41 -90.09 16.99
CA ASN O 273 -21.50 -89.64 18.08
C ASN O 273 -20.53 -88.58 17.54
N CYS O 274 -19.91 -87.80 18.42
CA CYS O 274 -18.96 -86.70 18.04
C CYS O 274 -17.68 -87.28 17.46
N TYR O 275 -16.88 -86.48 16.76
CA TYR O 275 -15.66 -86.96 16.06
C TYR O 275 -14.72 -87.68 17.03
N LYS O 276 -14.08 -88.78 16.59
CA LYS O 276 -13.11 -89.59 17.39
C LYS O 276 -11.76 -89.61 16.68
N VAL O 277 -10.68 -89.36 17.41
CA VAL O 277 -9.31 -89.34 16.84
C VAL O 277 -8.97 -90.77 16.44
N GLU O 278 -8.35 -90.98 15.28
CA GLU O 278 -7.98 -92.32 14.76
C GLU O 278 -6.45 -92.46 14.82
N ARG O 285 -1.96 -89.07 24.45
CA ARG O 285 -3.19 -89.56 25.11
C ARG O 285 -3.87 -88.38 25.81
N SER O 286 -3.09 -87.62 26.56
CA SER O 286 -3.71 -86.41 27.15
C SER O 286 -4.22 -85.61 25.97
N LEU O 287 -3.42 -85.56 24.91
CA LEU O 287 -3.79 -84.71 23.77
C LEU O 287 -5.11 -85.19 23.20
N ARG O 288 -5.29 -86.51 23.13
CA ARG O 288 -6.49 -87.01 22.45
C ARG O 288 -7.72 -86.45 23.17
N ASP O 289 -7.68 -86.50 24.48
CA ASP O 289 -8.88 -86.09 25.24
C ASP O 289 -9.13 -84.61 24.99
N THR O 290 -8.07 -83.80 24.91
CA THR O 290 -8.32 -82.34 24.81
C THR O 290 -9.14 -82.07 23.57
N ALA O 291 -8.89 -82.83 22.51
CA ALA O 291 -9.57 -82.51 21.25
C ALA O 291 -11.08 -82.59 21.46
N VAL O 292 -11.51 -83.58 22.21
CA VAL O 292 -12.98 -83.74 22.32
C VAL O 292 -13.66 -82.42 22.68
N ARG O 293 -13.21 -81.71 23.72
CA ARG O 293 -14.01 -80.50 24.07
C ARG O 293 -13.97 -79.58 22.87
N LEU O 294 -12.82 -79.42 22.24
CA LEU O 294 -12.66 -78.49 21.10
C LEU O 294 -13.52 -78.98 19.93
N SER O 295 -13.70 -80.29 19.76
CA SER O 295 -14.42 -80.85 18.59
C SER O 295 -15.93 -80.76 18.77
N GLU O 296 -16.42 -80.49 19.98
CA GLU O 296 -17.88 -80.36 20.24
C GLU O 296 -18.42 -79.20 19.42
N LEU O 297 -17.65 -78.14 19.26
CA LEU O 297 -18.16 -76.93 18.57
C LEU O 297 -18.60 -77.38 17.17
N GLY O 298 -17.87 -78.30 16.55
CA GLY O 298 -18.24 -78.83 15.22
C GLY O 298 -19.57 -79.54 15.26
N TRP O 299 -19.82 -80.39 16.25
CA TRP O 299 -21.07 -81.17 16.34
C TRP O 299 -22.21 -80.17 16.49
N LEU O 300 -22.03 -79.17 17.35
CA LEU O 300 -23.05 -78.10 17.54
C LEU O 300 -23.16 -77.37 16.21
N HIS O 301 -22.04 -77.13 15.54
CA HIS O 301 -22.03 -76.36 14.27
C HIS O 301 -22.85 -77.11 13.23
N ASN O 302 -22.75 -78.43 13.21
CA ASN O 302 -23.45 -79.26 12.21
C ASN O 302 -24.96 -79.06 12.38
N LYS O 303 -25.44 -78.89 13.61
CA LYS O 303 -26.91 -78.81 13.83
C LYS O 303 -27.41 -77.50 13.24
N ILE O 304 -26.94 -76.35 13.73
CA ILE O 304 -27.48 -75.03 13.25
C ILE O 304 -27.30 -74.85 11.73
N ARG O 305 -26.20 -75.31 11.11
CA ARG O 305 -25.93 -75.00 9.67
C ARG O 305 -26.78 -75.86 8.74
N ARG O 306 -26.89 -77.17 8.99
CA ARG O 306 -27.69 -78.13 8.17
C ARG O 306 -29.16 -77.73 8.19
N TYR O 307 -29.64 -76.96 9.18
CA TYR O 307 -31.07 -76.56 9.31
C TYR O 307 -31.36 -75.18 8.73
N THR O 308 -30.39 -74.27 8.65
CA THR O 308 -30.64 -72.95 8.00
C THR O 308 -30.27 -73.01 6.54
N ASP O 309 -29.60 -74.09 6.16
CA ASP O 309 -29.35 -74.29 4.72
C ASP O 309 -30.71 -74.67 4.12
N GLN O 310 -31.36 -75.70 4.66
CA GLN O 310 -32.67 -76.22 4.14
C GLN O 310 -33.89 -75.35 4.47
N ARG O 311 -34.06 -74.88 5.70
CA ARG O 311 -35.28 -74.13 6.16
C ARG O 311 -35.35 -72.88 5.35
N SER O 312 -34.24 -72.42 4.83
CA SER O 312 -34.23 -71.14 4.08
C SER O 312 -34.90 -71.28 2.74
N LEU O 313 -34.87 -72.48 2.15
CA LEU O 313 -35.36 -72.66 0.76
C LEU O 313 -36.85 -72.98 0.77
N ASP O 314 -37.49 -73.15 1.94
CA ASP O 314 -38.91 -73.60 2.01
C ASP O 314 -39.80 -72.38 2.20
N ARG O 315 -40.57 -72.00 1.17
CA ARG O 315 -41.48 -70.83 1.25
C ARG O 315 -42.67 -71.20 2.14
N SER O 316 -42.87 -72.49 2.43
CA SER O 316 -43.96 -72.98 3.32
C SER O 316 -43.80 -72.56 4.78
N PHE O 317 -42.58 -72.55 5.32
CA PHE O 317 -42.32 -72.30 6.77
C PHE O 317 -43.01 -71.02 7.14
N GLY O 318 -42.96 -70.09 6.23
CA GLY O 318 -43.70 -68.85 6.45
C GLY O 318 -42.82 -67.66 6.63
N LEU O 319 -43.35 -66.48 6.44
CA LEU O 319 -42.60 -65.19 6.54
C LEU O 319 -41.88 -65.21 7.88
N VAL O 320 -42.58 -65.67 8.92
CA VAL O 320 -41.91 -65.82 10.23
C VAL O 320 -41.30 -67.22 10.21
N GLY O 321 -40.00 -67.33 10.44
CA GLY O 321 -39.31 -68.62 10.30
C GLY O 321 -38.20 -68.46 9.27
N GLN O 322 -38.54 -67.86 8.15
CA GLN O 322 -37.47 -67.58 7.16
C GLN O 322 -36.62 -66.45 7.73
N SER O 323 -37.22 -65.61 8.58
CA SER O 323 -36.50 -64.47 9.19
C SER O 323 -35.68 -64.95 10.39
N PHE O 324 -36.18 -66.01 11.02
CA PHE O 324 -35.36 -66.66 12.06
C PHE O 324 -34.10 -67.28 11.45
N CYS O 325 -34.21 -67.82 10.24
CA CYS O 325 -33.02 -68.37 9.55
C CYS O 325 -32.02 -67.31 9.14
N ALA O 326 -32.45 -66.24 8.51
CA ALA O 326 -31.51 -65.15 8.24
C ALA O 326 -30.63 -65.03 9.48
N ALA O 327 -31.20 -64.85 10.67
CA ALA O 327 -30.44 -64.56 11.91
C ALA O 327 -29.60 -65.71 12.40
N LEU O 328 -30.03 -66.95 12.33
CA LEU O 328 -29.16 -68.07 12.71
C LEU O 328 -27.94 -68.04 11.80
N HIS O 329 -28.15 -67.64 10.54
CA HIS O 329 -27.07 -67.59 9.52
C HIS O 329 -26.21 -66.35 9.67
N GLN O 330 -26.74 -65.14 9.81
CA GLN O 330 -25.89 -63.95 10.06
C GLN O 330 -25.01 -64.18 11.28
N GLU O 331 -25.48 -64.89 12.29
CA GLU O 331 -24.68 -65.26 13.50
C GLU O 331 -23.60 -66.27 13.14
N LEU O 332 -23.87 -67.24 12.29
CA LEU O 332 -22.85 -68.22 11.86
C LEU O 332 -21.78 -67.48 11.07
N ARG O 333 -22.11 -66.59 10.16
CA ARG O 333 -21.11 -65.74 9.44
C ARG O 333 -20.05 -65.23 10.42
N GLU O 334 -20.42 -64.72 11.58
CA GLU O 334 -19.45 -64.13 12.54
C GLU O 334 -18.50 -65.18 13.13
N TYR O 335 -18.96 -66.40 13.38
CA TYR O 335 -18.11 -67.47 13.94
C TYR O 335 -17.01 -67.70 12.94
N TYR O 336 -17.22 -67.40 11.65
CA TYR O 336 -16.23 -67.65 10.57
C TYR O 336 -15.19 -66.54 10.50
N ARG O 337 -15.48 -65.31 10.93
CA ARG O 337 -14.42 -64.26 11.03
C ARG O 337 -13.43 -64.68 12.11
N LEU O 338 -13.87 -65.30 13.19
CA LEU O 338 -12.88 -65.82 14.17
C LEU O 338 -12.09 -66.94 13.51
N LEU O 339 -12.73 -67.87 12.83
CA LEU O 339 -11.94 -69.02 12.27
C LEU O 339 -10.92 -68.49 11.25
N SER O 340 -11.23 -67.49 10.41
CA SER O 340 -10.29 -67.05 9.33
C SER O 340 -8.98 -66.62 9.96
N VAL O 341 -9.06 -65.82 11.03
CA VAL O 341 -7.85 -65.37 11.74
C VAL O 341 -7.07 -66.58 12.21
N LEU O 342 -7.75 -67.50 12.89
CA LEU O 342 -6.95 -68.57 13.47
C LEU O 342 -6.09 -69.19 12.40
N HIS O 343 -6.65 -69.37 11.20
CA HIS O 343 -5.91 -69.93 10.04
C HIS O 343 -4.63 -69.17 9.71
N SER O 344 -4.71 -67.83 9.55
CA SER O 344 -3.55 -66.96 9.25
C SER O 344 -2.52 -67.04 10.39
N GLN O 345 -3.01 -67.19 11.63
CA GLN O 345 -2.11 -67.28 12.83
C GLN O 345 -1.31 -68.55 12.62
N LEU O 346 -1.68 -69.39 11.65
CA LEU O 346 -0.84 -70.52 11.23
C LEU O 346 0.03 -69.98 10.10
N GLN O 347 1.17 -69.37 10.50
CA GLN O 347 2.10 -68.76 9.51
C GLN O 347 1.52 -67.45 8.96
N SER O 361 3.85 -69.55 18.96
CA SER O 361 3.01 -70.72 18.58
C SER O 361 1.54 -70.38 18.78
N LEU O 362 0.61 -71.26 18.37
CA LEU O 362 -0.85 -71.06 18.60
C LEU O 362 -1.38 -72.36 19.19
N THR O 363 -0.95 -72.72 20.39
CA THR O 363 -1.44 -73.90 21.11
C THR O 363 -1.81 -73.37 22.49
N LEU O 364 -2.78 -72.44 22.55
CA LEU O 364 -3.25 -71.83 23.81
C LEU O 364 -4.09 -72.89 24.51
N ARG O 365 -3.42 -73.90 25.07
CA ARG O 365 -4.14 -75.07 25.60
C ARG O 365 -4.88 -75.54 24.38
N ARG O 366 -4.20 -75.56 23.24
CA ARG O 366 -4.86 -75.92 21.96
C ARG O 366 -6.09 -75.01 21.76
N LEU O 367 -5.94 -73.70 22.05
CA LEU O 367 -7.02 -72.70 21.80
C LEU O 367 -8.26 -72.93 22.65
N LEU O 368 -8.18 -73.67 23.77
CA LEU O 368 -9.38 -73.83 24.65
C LEU O 368 -9.92 -72.46 25.07
N VAL O 369 -9.03 -71.48 25.31
CA VAL O 369 -9.43 -70.12 25.75
C VAL O 369 -9.89 -69.30 24.55
N TRP O 370 -9.48 -69.69 23.37
CA TRP O 370 -9.84 -68.95 22.12
C TRP O 370 -11.28 -69.33 21.80
N THR O 371 -11.61 -70.61 21.89
CA THR O 371 -12.92 -71.20 21.58
C THR O 371 -14.03 -70.88 22.61
N TYR O 372 -13.76 -70.55 23.86
CA TYR O 372 -14.78 -70.47 24.96
C TYR O 372 -15.91 -69.50 24.72
N ASP O 373 -15.68 -68.34 24.15
CA ASP O 373 -16.73 -67.31 23.89
C ASP O 373 -17.59 -67.73 22.71
N PRO O 374 -17.09 -68.33 21.60
CA PRO O 374 -18.07 -68.89 20.65
C PRO O 374 -18.79 -70.16 21.11
N LYS O 375 -18.19 -70.98 21.97
CA LYS O 375 -18.73 -72.27 22.47
C LYS O 375 -20.01 -72.14 23.25
N ILE O 376 -20.27 -71.06 24.01
CA ILE O 376 -21.50 -70.82 24.81
C ILE O 376 -22.53 -70.21 23.86
N ARG O 377 -22.09 -69.39 22.89
CA ARG O 377 -22.98 -68.75 21.90
C ARG O 377 -23.39 -69.81 20.89
N LEU O 378 -22.83 -71.03 20.99
CA LEU O 378 -23.19 -72.18 20.11
C LEU O 378 -24.17 -73.08 20.85
N LYS O 379 -24.07 -73.24 22.19
CA LYS O 379 -24.95 -74.12 23.00
C LYS O 379 -26.37 -73.52 22.89
N THR O 380 -26.54 -72.19 23.00
CA THR O 380 -27.89 -71.54 22.97
C THR O 380 -28.61 -71.43 21.64
N LEU O 381 -27.88 -71.18 20.56
CA LEU O 381 -28.58 -71.20 19.26
C LEU O 381 -28.96 -72.65 18.94
N ALA O 382 -28.10 -73.63 19.27
CA ALA O 382 -28.33 -75.07 18.98
C ALA O 382 -29.53 -75.56 19.78
N ALA O 383 -29.73 -75.04 20.98
CA ALA O 383 -30.94 -75.34 21.80
C ALA O 383 -32.17 -74.71 21.15
N LEU O 384 -32.06 -73.46 20.69
CA LEU O 384 -33.23 -72.70 20.13
C LEU O 384 -33.80 -73.38 18.89
N VAL O 385 -33.00 -74.12 18.09
CA VAL O 385 -33.47 -74.79 16.83
C VAL O 385 -34.44 -75.95 17.12
N ASP O 386 -34.22 -76.76 18.19
CA ASP O 386 -35.02 -77.98 18.51
C ASP O 386 -36.27 -77.62 19.34
N HIS O 387 -36.34 -76.42 19.94
CA HIS O 387 -37.47 -75.89 20.75
C HIS O 387 -38.34 -75.14 19.77
N CYS O 388 -37.84 -74.77 18.63
CA CYS O 388 -38.63 -74.11 17.59
C CYS O 388 -38.95 -75.10 16.47
N GLN O 389 -38.77 -76.42 16.67
CA GLN O 389 -39.07 -77.48 15.67
C GLN O 389 -40.56 -77.83 15.67
N GLY O 390 -41.19 -77.87 14.49
CA GLY O 390 -42.64 -78.11 14.34
C GLY O 390 -43.39 -76.81 14.26
N ARG O 391 -43.16 -75.91 15.20
CA ARG O 391 -43.81 -74.59 15.33
C ARG O 391 -43.41 -73.71 14.17
N LYS O 392 -44.36 -72.87 13.75
CA LYS O 392 -44.11 -71.88 12.67
C LYS O 392 -45.01 -70.69 13.03
N GLY O 393 -44.88 -69.56 12.32
CA GLY O 393 -45.75 -68.40 12.55
C GLY O 393 -45.67 -67.83 13.96
N GLY O 394 -46.80 -67.41 14.53
CA GLY O 394 -46.80 -66.77 15.85
C GLY O 394 -46.29 -67.70 16.93
N GLU O 395 -46.61 -69.00 16.81
CA GLU O 395 -46.22 -69.96 17.87
C GLU O 395 -44.70 -69.98 17.96
N LEU O 396 -44.02 -69.91 16.83
CA LEU O 396 -42.55 -69.88 16.84
C LEU O 396 -42.08 -68.63 17.58
N ALA O 397 -42.74 -67.49 17.37
CA ALA O 397 -42.27 -66.23 17.98
C ALA O 397 -42.30 -66.37 19.51
N SER O 398 -43.35 -66.98 20.03
CA SER O 398 -43.45 -67.18 21.49
C SER O 398 -42.32 -68.11 21.95
N ALA O 399 -41.98 -69.10 21.13
CA ALA O 399 -40.95 -70.11 21.52
C ALA O 399 -39.55 -69.47 21.61
N VAL O 400 -39.42 -68.21 21.16
CA VAL O 400 -38.14 -67.46 21.30
C VAL O 400 -38.27 -66.53 22.50
N HIS O 401 -39.46 -65.94 22.71
CA HIS O 401 -39.77 -65.13 23.91
C HIS O 401 -39.67 -66.09 25.11
N ALA O 402 -39.79 -67.40 24.87
CA ALA O 402 -39.62 -68.45 25.90
C ALA O 402 -38.18 -68.48 26.39
N TYR O 403 -37.20 -68.30 25.50
CA TYR O 403 -35.75 -68.38 25.82
C TYR O 403 -35.20 -67.05 26.35
N THR O 404 -36.00 -65.97 26.48
CA THR O 404 -35.55 -64.69 27.10
C THR O 404 -36.21 -64.63 28.47
N LYS O 405 -36.00 -65.67 29.27
CA LYS O 405 -36.52 -65.72 30.64
C LYS O 405 -35.45 -66.35 31.52
N THR O 406 -34.20 -66.16 31.12
CA THR O 406 -33.11 -66.76 31.87
C THR O 406 -32.23 -65.66 32.42
N GLY O 407 -31.91 -65.75 33.70
CA GLY O 407 -31.12 -64.66 34.32
C GLY O 407 -29.78 -64.47 33.63
N ASP O 408 -29.10 -65.55 33.21
CA ASP O 408 -27.77 -65.49 32.55
C ASP O 408 -27.68 -64.24 31.66
N PRO O 409 -26.85 -63.20 31.97
CA PRO O 409 -26.83 -61.95 31.18
C PRO O 409 -26.36 -62.04 29.70
N TYR O 410 -25.35 -62.87 29.37
CA TYR O 410 -24.77 -62.99 28.01
C TYR O 410 -25.73 -63.71 27.06
N MET O 411 -26.48 -64.72 27.55
CA MET O 411 -27.46 -65.53 26.77
C MET O 411 -28.72 -64.71 26.58
N ARG O 412 -29.06 -63.86 27.56
CA ARG O 412 -30.26 -63.00 27.50
C ARG O 412 -29.95 -61.85 26.54
N SER O 413 -28.69 -61.41 26.44
CA SER O 413 -28.26 -60.38 25.47
C SER O 413 -28.40 -60.94 24.05
N LEU O 414 -28.06 -62.22 23.82
CA LEU O 414 -28.04 -62.87 22.48
C LEU O 414 -29.45 -63.17 21.92
N VAL O 415 -30.35 -63.80 22.67
CA VAL O 415 -31.67 -64.26 22.18
C VAL O 415 -32.44 -63.00 21.90
N GLN O 416 -32.49 -62.11 22.89
CA GLN O 416 -33.40 -60.95 22.83
C GLN O 416 -33.13 -60.10 21.59
N HIS O 417 -31.95 -60.24 20.94
CA HIS O 417 -31.64 -59.61 19.63
C HIS O 417 -32.29 -60.39 18.47
N ILE O 418 -32.16 -61.71 18.49
CA ILE O 418 -32.81 -62.58 17.47
C ILE O 418 -34.30 -62.31 17.48
N LEU O 419 -34.88 -62.16 18.69
CA LEU O 419 -36.35 -62.00 18.78
C LEU O 419 -36.73 -60.72 18.10
N SER O 420 -35.92 -59.66 18.17
CA SER O 420 -36.35 -58.37 17.54
C SER O 420 -36.56 -58.56 16.05
N LEU O 421 -35.69 -59.33 15.40
CA LEU O 421 -35.80 -59.65 13.94
C LEU O 421 -37.00 -60.58 13.71
N VAL O 422 -37.10 -61.64 14.51
CA VAL O 422 -38.15 -62.65 14.24
C VAL O 422 -39.51 -61.95 14.30
N SER O 423 -39.71 -61.09 15.28
CA SER O 423 -41.07 -60.52 15.43
C SER O 423 -41.28 -59.20 14.67
N HIS O 424 -40.39 -58.82 13.76
CA HIS O 424 -40.60 -57.62 12.89
C HIS O 424 -41.65 -57.93 11.82
N PRO O 425 -41.55 -59.02 11.05
CA PRO O 425 -42.67 -59.36 10.16
C PRO O 425 -44.01 -59.33 10.91
N VAL O 426 -44.07 -59.97 12.09
CA VAL O 426 -45.34 -60.04 12.86
C VAL O 426 -45.99 -58.67 13.08
N LEU O 427 -45.19 -57.74 13.62
CA LEU O 427 -45.59 -56.33 13.87
C LEU O 427 -45.81 -55.62 12.54
N SER O 428 -45.27 -56.12 11.42
CA SER O 428 -45.53 -55.56 10.06
C SER O 428 -46.98 -55.86 9.68
N PHE O 429 -47.47 -57.06 10.04
CA PHE O 429 -48.88 -57.45 9.84
C PHE O 429 -49.72 -56.68 10.85
N LEU O 430 -49.20 -56.32 12.03
CA LEU O 430 -49.92 -55.52 13.07
C LEU O 430 -50.11 -54.06 12.66
N TYR O 431 -49.10 -53.39 12.08
CA TYR O 431 -49.13 -51.93 11.73
C TYR O 431 -49.72 -51.69 10.35
N ARG O 432 -50.21 -52.73 9.64
CA ARG O 432 -50.94 -52.65 8.35
C ARG O 432 -52.43 -52.96 8.57
N TRP O 433 -52.76 -54.08 9.21
CA TRP O 433 -54.14 -54.53 9.52
C TRP O 433 -54.83 -53.63 10.52
N ILE O 434 -54.15 -52.63 11.05
CA ILE O 434 -54.78 -51.56 11.83
C ILE O 434 -54.83 -50.31 10.98
N TYR O 435 -53.68 -49.75 10.55
CA TYR O 435 -53.60 -48.54 9.69
C TYR O 435 -54.06 -48.74 8.24
N ASP O 436 -53.44 -49.66 7.47
CA ASP O 436 -53.70 -49.81 6.03
C ASP O 436 -55.14 -50.21 5.71
N GLY O 437 -55.76 -51.08 6.50
CA GLY O 437 -57.17 -51.48 6.31
C GLY O 437 -57.30 -52.95 5.95
N GLU O 438 -56.35 -53.54 5.20
CA GLU O 438 -56.41 -54.94 4.69
C GLU O 438 -55.29 -55.81 5.27
N LEU O 439 -55.47 -57.14 5.32
CA LEU O 439 -54.48 -58.11 5.82
C LEU O 439 -54.08 -59.07 4.68
N GLU O 440 -52.79 -59.38 4.48
CA GLU O 440 -52.34 -60.21 3.34
C GLU O 440 -51.31 -61.26 3.76
N ASP O 441 -51.73 -62.43 4.25
CA ASP O 441 -50.84 -63.57 4.63
C ASP O 441 -51.29 -64.80 3.85
N THR O 442 -50.40 -65.45 3.09
CA THR O 442 -50.71 -66.67 2.27
C THR O 442 -50.83 -67.88 3.19
N TYR O 443 -49.87 -68.08 4.11
CA TYR O 443 -49.86 -69.21 5.08
C TYR O 443 -50.59 -68.70 6.32
N HIS O 444 -51.04 -69.61 7.18
CA HIS O 444 -51.83 -69.22 8.38
C HIS O 444 -50.85 -68.88 9.50
N GLU O 445 -50.50 -67.61 9.63
CA GLU O 445 -49.51 -67.14 10.63
C GLU O 445 -50.09 -66.06 11.53
N PHE O 446 -50.78 -65.05 11.02
CA PHE O 446 -51.27 -63.92 11.85
C PHE O 446 -52.36 -64.43 12.80
N PHE O 447 -52.61 -63.80 13.96
CA PHE O 447 -53.59 -64.22 15.01
C PHE O 447 -55.05 -63.81 14.78
N VAL O 448 -55.48 -63.41 13.58
CA VAL O 448 -56.89 -63.15 13.18
C VAL O 448 -57.12 -64.16 12.05
N ALA O 449 -58.35 -64.63 11.80
CA ALA O 449 -58.65 -65.62 10.74
C ALA O 449 -59.86 -65.23 9.88
N SER O 450 -59.68 -64.43 8.80
CA SER O 450 -60.78 -64.05 7.89
C SER O 450 -61.30 -65.28 7.13
N ASP O 451 -62.62 -65.34 6.91
CA ASP O 451 -63.28 -66.44 6.15
C ASP O 451 -64.04 -65.79 4.99
N PRO O 452 -63.69 -66.07 3.72
CA PRO O 452 -64.35 -65.41 2.59
C PRO O 452 -65.75 -65.98 2.34
N THR O 453 -66.76 -65.13 2.10
CA THR O 453 -68.15 -65.45 1.76
C THR O 453 -68.87 -64.15 1.45
N VAL O 454 -70.13 -64.19 0.97
CA VAL O 454 -70.84 -62.94 0.57
C VAL O 454 -70.89 -61.85 1.64
N LYS O 455 -71.29 -62.18 2.87
CA LYS O 455 -71.21 -61.23 4.03
C LYS O 455 -71.83 -59.88 3.66
N THR O 456 -72.98 -59.88 3.00
CA THR O 456 -73.54 -58.58 2.53
C THR O 456 -73.82 -57.68 3.74
N ASP O 457 -74.77 -58.05 4.60
CA ASP O 457 -75.12 -57.25 5.81
C ASP O 457 -74.57 -57.95 7.05
N ARG O 458 -74.17 -59.22 6.92
CA ARG O 458 -73.64 -60.03 8.03
C ARG O 458 -72.17 -59.74 8.22
N LEU O 459 -71.51 -59.00 7.31
CA LEU O 459 -70.06 -58.67 7.39
C LEU O 459 -69.52 -58.42 8.78
N TRP O 460 -70.08 -57.54 9.55
CA TRP O 460 -69.49 -57.03 10.82
C TRP O 460 -69.43 -58.18 11.84
N HIS O 461 -70.51 -58.96 11.96
CA HIS O 461 -70.60 -60.01 13.00
C HIS O 461 -69.75 -61.25 12.71
N ASP O 462 -69.52 -61.67 11.46
CA ASP O 462 -68.85 -62.98 11.24
C ASP O 462 -67.56 -63.04 10.41
N LYS O 463 -67.23 -62.04 9.58
CA LYS O 463 -66.06 -62.15 8.66
C LYS O 463 -64.71 -62.25 9.39
N TYR O 464 -64.61 -61.72 10.61
CA TYR O 464 -63.27 -61.67 11.27
C TYR O 464 -63.34 -62.26 12.67
N THR O 465 -62.40 -63.16 12.96
CA THR O 465 -62.47 -63.85 14.27
C THR O 465 -61.06 -64.08 14.81
N LEU O 466 -60.93 -64.01 16.14
CA LEU O 466 -59.59 -64.13 16.75
C LEU O 466 -59.15 -65.60 16.79
N ARG O 467 -58.13 -65.96 16.01
CA ARG O 467 -57.50 -67.32 16.15
C ARG O 467 -56.73 -67.28 17.48
N LYS O 468 -56.47 -68.44 18.10
CA LYS O 468 -55.89 -68.42 19.49
C LYS O 468 -54.53 -69.11 19.60
N SER O 469 -54.02 -69.69 18.51
CA SER O 469 -52.70 -70.38 18.51
C SER O 469 -51.59 -69.41 18.16
N MET O 470 -51.95 -68.26 17.54
CA MET O 470 -50.96 -67.34 16.89
C MET O 470 -50.90 -65.93 17.48
N ILE O 471 -51.57 -65.71 18.62
CA ILE O 471 -51.29 -64.47 19.35
C ILE O 471 -49.90 -64.71 19.92
N PRO O 472 -48.95 -63.79 19.71
CA PRO O 472 -47.57 -64.01 20.16
C PRO O 472 -47.46 -63.87 21.68
N SER O 473 -46.52 -64.57 22.32
CA SER O 473 -46.50 -64.61 23.80
C SER O 473 -46.32 -63.25 24.49
N PHE O 474 -45.73 -62.27 23.81
CA PHE O 474 -45.53 -60.92 24.39
C PHE O 474 -46.76 -60.02 24.09
N MET O 475 -47.97 -60.57 24.18
CA MET O 475 -49.18 -59.72 23.97
C MET O 475 -50.26 -60.12 24.97
N THR O 476 -51.04 -59.15 25.45
CA THR O 476 -52.18 -59.46 26.36
C THR O 476 -53.37 -59.85 25.48
N MET O 477 -54.17 -60.82 25.94
CA MET O 477 -55.36 -61.28 25.21
C MET O 477 -56.29 -60.09 25.01
N ASP O 478 -56.27 -59.12 25.92
CA ASP O 478 -57.09 -57.90 25.76
C ASP O 478 -56.59 -57.15 24.53
N GLN O 479 -55.28 -57.05 24.34
CA GLN O 479 -54.70 -56.31 23.20
C GLN O 479 -55.10 -57.00 21.91
N SER O 480 -55.02 -58.33 21.85
CA SER O 480 -55.35 -59.10 20.64
C SER O 480 -56.80 -58.84 20.25
N ARG O 481 -57.68 -58.83 21.24
CA ARG O 481 -59.11 -58.60 20.99
C ARG O 481 -59.34 -57.17 20.51
N LYS O 482 -58.65 -56.19 21.05
CA LYS O 482 -58.81 -54.76 20.67
C LYS O 482 -58.29 -54.52 19.27
N VAL O 483 -57.19 -55.16 18.87
CA VAL O 483 -56.57 -54.92 17.54
C VAL O 483 -57.60 -55.32 16.50
N LEU O 484 -58.29 -56.47 16.60
CA LEU O 484 -59.37 -56.88 15.67
C LEU O 484 -60.40 -55.76 15.65
N LEU O 485 -60.78 -55.28 16.80
CA LEU O 485 -61.85 -54.27 16.72
C LEU O 485 -61.41 -53.11 15.82
N ILE O 486 -60.10 -52.79 15.74
CA ILE O 486 -59.66 -51.76 14.77
C ILE O 486 -59.58 -52.38 13.37
N GLY O 487 -58.98 -53.54 13.20
CA GLY O 487 -58.92 -54.05 11.82
C GLY O 487 -60.29 -54.13 11.17
N LYS O 488 -61.27 -54.64 11.90
CA LYS O 488 -62.65 -54.78 11.37
C LYS O 488 -63.25 -53.40 11.08
N SER O 489 -63.09 -52.45 12.00
CA SER O 489 -63.76 -51.14 11.83
C SER O 489 -63.24 -50.44 10.57
N ILE O 490 -61.92 -50.45 10.34
CA ILE O 490 -61.31 -49.69 9.19
C ILE O 490 -61.61 -50.43 7.88
N ASN O 491 -62.09 -51.68 7.97
CA ASN O 491 -62.48 -52.43 6.74
C ASN O 491 -63.99 -52.34 6.52
N PHE O 492 -64.78 -52.32 7.60
CA PHE O 492 -66.25 -52.15 7.48
C PHE O 492 -66.46 -50.77 6.84
N LEU O 493 -65.55 -49.83 7.13
CA LEU O 493 -65.71 -48.42 6.71
C LEU O 493 -65.49 -48.24 5.19
N HIS O 494 -64.77 -49.18 4.58
CA HIS O 494 -64.50 -49.07 3.11
C HIS O 494 -65.57 -49.84 2.33
N GLN O 495 -65.70 -51.16 2.55
CA GLN O 495 -66.56 -52.10 1.76
C GLN O 495 -68.07 -51.87 1.89
N VAL O 496 -68.54 -51.27 2.99
CA VAL O 496 -70.00 -50.97 3.19
C VAL O 496 -70.24 -49.47 3.12
N CYS O 497 -69.81 -48.72 4.14
CA CYS O 497 -70.17 -47.28 4.26
C CYS O 497 -69.72 -46.53 3.02
N HIS O 498 -68.76 -47.07 2.25
CA HIS O 498 -68.34 -46.51 0.93
C HIS O 498 -67.79 -45.11 1.11
N ASP O 499 -66.98 -44.89 2.16
CA ASP O 499 -66.34 -43.56 2.41
C ASP O 499 -64.83 -43.79 2.45
N GLN O 500 -64.24 -44.03 1.25
CA GLN O 500 -62.79 -44.37 1.14
C GLN O 500 -61.98 -43.10 1.43
N THR O 501 -61.80 -42.80 2.73
CA THR O 501 -60.94 -41.66 3.20
C THR O 501 -59.56 -42.27 3.46
N PRO O 502 -58.59 -42.06 2.55
CA PRO O 502 -57.30 -42.77 2.65
C PRO O 502 -56.42 -42.32 3.81
N THR O 503 -55.46 -43.19 4.19
CA THR O 503 -54.50 -42.90 5.31
C THR O 503 -55.26 -42.39 6.54
N THR O 504 -56.35 -43.07 6.93
CA THR O 504 -57.07 -42.72 8.20
C THR O 504 -56.11 -43.17 9.30
N LYS O 505 -55.47 -42.22 10.00
CA LYS O 505 -54.40 -42.54 11.01
C LYS O 505 -55.01 -42.89 12.37
N THR O 524 -40.88 -55.23 28.51
CA THR O 524 -41.14 -54.54 27.23
C THR O 524 -41.84 -55.47 26.24
N ASP O 525 -43.10 -55.13 25.86
CA ASP O 525 -43.84 -55.90 24.82
C ASP O 525 -43.26 -55.41 23.49
N LEU O 526 -43.41 -54.11 23.20
CA LEU O 526 -42.71 -53.46 22.08
C LEU O 526 -42.23 -52.11 22.63
N GLU O 527 -41.46 -52.14 23.75
CA GLU O 527 -40.88 -50.90 24.36
C GLU O 527 -42.01 -50.07 25.00
N ASN O 528 -43.14 -50.71 25.38
CA ASN O 528 -44.38 -50.03 25.90
C ASN O 528 -44.84 -48.93 24.94
N ALA O 529 -45.01 -49.27 23.64
CA ALA O 529 -45.52 -48.36 22.59
C ALA O 529 -46.83 -48.91 21.98
N PHE O 530 -47.07 -50.24 22.07
CA PHE O 530 -48.37 -50.80 21.62
C PHE O 530 -49.46 -50.13 22.46
N GLN O 531 -49.36 -50.26 23.80
CA GLN O 531 -50.41 -49.78 24.74
C GLN O 531 -50.60 -48.29 24.55
N GLY O 532 -49.58 -47.62 24.00
CA GLY O 532 -49.64 -46.20 23.58
C GLY O 532 -50.19 -46.01 22.18
N LYS O 533 -49.72 -46.75 21.17
CA LYS O 533 -50.17 -46.52 19.77
C LYS O 533 -51.55 -47.12 19.54
N ILE O 534 -51.76 -48.34 20.03
CA ILE O 534 -52.94 -49.16 19.65
C ILE O 534 -54.20 -48.52 20.20
N ASP O 535 -54.15 -48.13 21.46
CA ASP O 535 -55.31 -47.37 21.98
C ASP O 535 -55.44 -46.14 21.06
N ALA O 536 -54.32 -45.50 20.65
CA ALA O 536 -54.42 -44.24 19.88
C ALA O 536 -55.15 -44.49 18.56
N ALA O 537 -54.74 -45.54 17.82
CA ALA O 537 -55.40 -45.91 16.54
C ALA O 537 -56.87 -46.22 16.84
N TYR O 538 -57.13 -47.08 17.83
CA TYR O 538 -58.51 -47.49 18.24
C TYR O 538 -59.36 -46.23 18.44
N PHE O 539 -58.82 -45.19 19.06
CA PHE O 539 -59.65 -44.03 19.44
C PHE O 539 -60.05 -43.19 18.24
N GLU O 540 -59.08 -42.91 17.37
CA GLU O 540 -59.39 -42.05 16.20
C GLU O 540 -60.42 -42.80 15.36
N THR O 541 -60.08 -44.03 14.93
CA THR O 541 -60.92 -44.80 13.97
C THR O 541 -62.37 -44.79 14.42
N SER O 542 -62.65 -45.33 15.61
CA SER O 542 -64.05 -45.52 16.09
C SER O 542 -64.75 -44.17 16.14
N LYS O 543 -64.06 -43.12 16.59
CA LYS O 543 -64.79 -41.84 16.73
C LYS O 543 -65.38 -41.45 15.36
N TYR O 544 -64.65 -41.64 14.24
CA TYR O 544 -65.12 -41.29 12.86
C TYR O 544 -66.27 -42.19 12.40
N LEU O 545 -66.11 -43.50 12.61
CA LEU O 545 -67.09 -44.52 12.13
C LEU O 545 -68.47 -44.08 12.62
N LEU O 546 -68.53 -43.68 13.90
CA LEU O 546 -69.77 -43.13 14.49
C LEU O 546 -70.16 -41.77 13.90
N ASP O 547 -69.21 -40.83 13.69
CA ASP O 547 -69.64 -39.52 13.11
C ASP O 547 -70.37 -39.83 11.80
N VAL O 548 -69.69 -40.46 10.84
CA VAL O 548 -70.26 -40.66 9.45
C VAL O 548 -71.61 -41.38 9.57
N LEU O 549 -71.69 -42.38 10.45
CA LEU O 549 -72.93 -43.19 10.60
C LEU O 549 -74.06 -42.23 10.98
N ASN O 550 -73.75 -41.18 11.75
CA ASN O 550 -74.78 -40.26 12.32
C ASN O 550 -75.06 -39.01 11.46
N LYS O 551 -74.42 -38.85 10.30
CA LYS O 551 -74.76 -37.74 9.34
C LYS O 551 -74.93 -38.26 7.90
N LYS O 552 -74.24 -39.34 7.52
CA LYS O 552 -74.42 -39.91 6.16
C LYS O 552 -75.53 -40.97 6.14
N TYR O 553 -75.84 -41.59 7.28
CA TYR O 553 -77.00 -42.52 7.33
C TYR O 553 -77.94 -42.20 8.49
N SER O 554 -77.64 -41.15 9.27
CA SER O 554 -78.47 -40.73 10.45
C SER O 554 -78.92 -41.99 11.21
N LEU O 555 -77.98 -42.74 11.80
CA LEU O 555 -78.31 -43.99 12.53
C LEU O 555 -79.19 -43.61 13.73
N LEU O 556 -78.99 -42.44 14.31
CA LEU O 556 -79.71 -42.06 15.55
C LEU O 556 -81.10 -41.55 15.20
N ASP O 557 -81.26 -40.72 14.18
CA ASP O 557 -82.58 -40.11 13.88
C ASP O 557 -83.54 -41.24 13.59
N HIS O 558 -83.08 -42.36 13.03
CA HIS O 558 -83.95 -43.55 12.84
C HIS O 558 -84.41 -44.14 14.17
N MET O 559 -83.52 -44.31 15.14
CA MET O 559 -83.91 -45.00 16.40
C MET O 559 -85.03 -44.15 17.00
N GLN O 560 -84.93 -42.83 16.91
CA GLN O 560 -85.94 -41.88 17.44
C GLN O 560 -87.26 -42.06 16.68
N ALA O 561 -87.22 -42.48 15.41
CA ALA O 561 -88.42 -42.72 14.57
C ALA O 561 -88.67 -44.21 14.34
N MET O 562 -88.03 -45.13 15.07
CA MET O 562 -88.36 -46.58 15.02
C MET O 562 -89.22 -46.85 16.23
N ARG O 563 -89.28 -45.97 17.22
CA ARG O 563 -90.15 -46.05 18.42
C ARG O 563 -91.31 -45.09 18.22
N ARG O 564 -91.04 -43.87 17.76
CA ARG O 564 -92.11 -42.88 17.52
C ARG O 564 -93.15 -43.53 16.61
N TYR O 565 -92.82 -44.21 15.53
CA TYR O 565 -93.85 -44.75 14.62
C TYR O 565 -94.15 -46.22 14.88
N LEU O 566 -93.19 -47.12 14.89
CA LEU O 566 -93.51 -48.56 15.02
C LEU O 566 -94.07 -48.91 16.40
N LEU O 567 -93.53 -48.40 17.51
CA LEU O 567 -93.94 -48.83 18.90
C LEU O 567 -95.10 -47.98 19.42
N LEU O 568 -95.75 -47.16 18.59
CA LEU O 568 -96.98 -46.37 18.87
C LEU O 568 -96.70 -45.09 19.64
N GLY O 569 -95.45 -44.74 19.87
CA GLY O 569 -95.06 -43.52 20.58
C GLY O 569 -95.52 -42.27 19.86
N GLN O 570 -95.81 -42.34 18.56
CA GLN O 570 -96.20 -41.13 17.76
C GLN O 570 -97.52 -40.68 18.32
N GLY O 571 -98.38 -41.62 18.72
CA GLY O 571 -99.64 -41.30 19.42
C GLY O 571 -100.73 -40.83 18.51
N ASP O 572 -100.56 -39.67 17.88
CA ASP O 572 -101.58 -39.10 16.97
C ASP O 572 -101.61 -39.88 15.66
N PHE O 573 -100.52 -40.00 14.92
CA PHE O 573 -100.52 -40.82 13.69
C PHE O 573 -101.24 -42.12 14.03
N ILE O 574 -101.02 -42.77 15.17
CA ILE O 574 -101.60 -44.13 15.37
C ILE O 574 -103.09 -44.04 15.65
N ARG O 575 -103.65 -42.93 16.14
CA ARG O 575 -105.14 -42.89 16.28
C ARG O 575 -105.83 -42.45 15.00
N HIS O 576 -105.22 -41.75 14.04
CA HIS O 576 -105.98 -41.33 12.84
C HIS O 576 -105.89 -42.44 11.80
N LEU O 577 -104.99 -43.39 11.98
CA LEU O 577 -104.83 -44.52 11.05
C LEU O 577 -105.89 -45.50 11.51
N MET O 578 -106.00 -45.75 12.82
CA MET O 578 -106.97 -46.73 13.38
C MET O 578 -108.37 -46.24 13.06
N ASP O 579 -108.64 -44.93 13.06
CA ASP O 579 -109.98 -44.43 12.64
C ASP O 579 -110.20 -44.71 11.16
N LEU O 580 -109.28 -44.39 10.26
CA LEU O 580 -109.53 -44.54 8.80
C LEU O 580 -109.44 -46.01 8.41
N LEU O 581 -108.87 -46.90 9.22
CA LEU O 581 -108.64 -48.32 8.84
C LEU O 581 -109.77 -49.19 9.39
N LYS O 582 -110.75 -48.61 10.10
CA LYS O 582 -111.84 -49.40 10.75
C LYS O 582 -112.76 -50.09 9.73
N PRO O 583 -113.31 -49.42 8.69
CA PRO O 583 -114.23 -50.12 7.80
C PRO O 583 -113.52 -51.29 7.11
N GLU O 584 -112.31 -51.07 6.57
CA GLU O 584 -111.58 -52.10 5.78
C GLU O 584 -111.26 -53.28 6.68
N LEU O 585 -110.75 -53.01 7.88
CA LEU O 585 -110.30 -54.09 8.78
C LEU O 585 -111.48 -54.90 9.32
N VAL O 586 -112.63 -54.30 9.62
CA VAL O 586 -113.76 -55.04 10.27
C VAL O 586 -114.24 -56.14 9.32
N ARG O 587 -113.84 -56.13 8.05
CA ARG O 587 -114.20 -57.17 7.04
C ARG O 587 -113.14 -58.30 7.06
N PRO O 588 -113.53 -59.59 6.92
CA PRO O 588 -112.57 -60.70 6.90
C PRO O 588 -111.46 -60.46 5.87
N ALA O 589 -110.20 -60.50 6.31
CA ALA O 589 -109.04 -60.15 5.45
C ALA O 589 -108.51 -61.34 4.67
N THR O 590 -109.19 -62.49 4.69
CA THR O 590 -108.84 -63.59 3.76
C THR O 590 -109.15 -63.00 2.38
N THR O 591 -110.05 -61.99 2.34
CA THR O 591 -110.44 -61.25 1.11
C THR O 591 -109.82 -59.84 1.08
N LEU O 592 -108.65 -59.58 1.70
CA LEU O 592 -108.09 -58.20 1.72
C LEU O 592 -106.95 -58.13 0.70
N TYR O 593 -106.78 -56.98 0.03
CA TYR O 593 -105.73 -56.74 -0.99
C TYR O 593 -104.79 -55.65 -0.47
N GLN O 594 -103.49 -55.77 -0.73
CA GLN O 594 -102.46 -54.84 -0.17
C GLN O 594 -102.50 -53.46 -0.81
N HIS O 595 -103.13 -53.27 -1.98
CA HIS O 595 -103.09 -51.97 -2.70
C HIS O 595 -103.90 -50.92 -1.92
N ASN O 596 -104.87 -51.35 -1.13
CA ASN O 596 -105.77 -50.43 -0.36
C ASN O 596 -105.16 -50.09 1.01
N LEU O 597 -104.31 -50.97 1.55
CA LEU O 597 -103.57 -50.66 2.81
C LEU O 597 -102.44 -49.65 2.52
N THR O 598 -101.61 -49.95 1.51
CA THR O 598 -100.47 -49.05 1.18
C THR O 598 -101.05 -47.67 0.86
N GLY O 599 -102.27 -47.62 0.31
CA GLY O 599 -102.88 -46.34 -0.08
C GLY O 599 -103.38 -45.58 1.12
N ILE O 600 -103.90 -46.26 2.13
CA ILE O 600 -104.54 -45.55 3.27
C ILE O 600 -103.47 -45.13 4.27
N LEU O 601 -102.39 -45.90 4.48
CA LEU O 601 -101.32 -45.42 5.38
C LEU O 601 -100.86 -44.05 4.85
N GLU O 602 -100.76 -43.87 3.53
CA GLU O 602 -100.23 -42.61 2.96
C GLU O 602 -101.11 -41.46 3.40
N THR O 603 -102.43 -41.60 3.28
CA THR O 603 -103.40 -40.59 3.75
C THR O 603 -103.07 -40.28 5.20
N ALA O 604 -102.89 -41.27 6.06
CA ALA O 604 -102.67 -41.11 7.51
C ALA O 604 -101.41 -40.28 7.76
N VAL O 605 -100.32 -40.58 7.08
CA VAL O 605 -99.03 -39.88 7.32
C VAL O 605 -99.16 -38.40 6.94
N ARG O 606 -99.83 -38.08 5.83
CA ARG O 606 -99.99 -36.67 5.36
C ARG O 606 -100.97 -35.86 6.21
N ALA O 607 -102.10 -36.41 6.63
CA ALA O 607 -103.14 -35.67 7.38
C ALA O 607 -102.69 -35.29 8.79
N THR O 608 -101.99 -36.18 9.50
CA THR O 608 -101.61 -36.03 10.94
C THR O 608 -100.17 -35.55 11.10
N ASN O 609 -99.69 -35.23 12.31
CA ASN O 609 -98.34 -34.65 12.58
C ASN O 609 -97.21 -35.52 12.02
N ALA O 610 -97.45 -36.78 11.74
CA ALA O 610 -96.41 -37.62 11.14
C ALA O 610 -95.69 -36.84 10.04
N GLN O 611 -96.43 -36.21 9.13
CA GLN O 611 -95.79 -35.58 7.94
C GLN O 611 -94.57 -34.79 8.39
N PHE O 612 -94.62 -34.12 9.55
CA PHE O 612 -93.54 -33.22 10.02
C PHE O 612 -92.37 -34.08 10.52
N ASP O 613 -91.79 -34.82 9.57
CA ASP O 613 -90.65 -35.72 9.85
C ASP O 613 -89.79 -35.77 8.59
N SER O 614 -88.60 -36.39 8.66
CA SER O 614 -87.71 -36.54 7.48
C SER O 614 -88.41 -37.41 6.43
N PRO O 615 -88.28 -37.07 5.13
CA PRO O 615 -88.86 -37.90 4.08
C PRO O 615 -88.26 -39.31 3.96
N GLU O 616 -86.98 -39.53 4.37
CA GLU O 616 -86.30 -40.85 4.21
C GLU O 616 -86.91 -41.88 5.15
N ILE O 617 -86.93 -41.57 6.44
CA ILE O 617 -87.53 -42.52 7.41
C ILE O 617 -88.98 -42.78 6.93
N LEU O 618 -89.68 -41.74 6.47
CA LEU O 618 -91.08 -41.87 5.98
C LEU O 618 -91.16 -42.78 4.76
N ARG O 619 -90.24 -42.68 3.81
CA ARG O 619 -90.20 -43.61 2.65
C ARG O 619 -89.96 -45.05 3.12
N ARG O 620 -89.16 -45.23 4.18
CA ARG O 620 -88.83 -46.59 4.70
C ARG O 620 -89.99 -47.13 5.52
N LEU O 621 -90.98 -46.32 5.90
CA LEU O 621 -92.14 -46.76 6.72
C LEU O 621 -93.34 -47.07 5.80
N ASP O 622 -93.84 -48.31 5.77
CA ASP O 622 -94.95 -48.72 4.87
C ASP O 622 -95.66 -49.95 5.41
N VAL O 623 -96.94 -50.18 5.05
CA VAL O 623 -97.77 -51.30 5.61
C VAL O 623 -97.22 -52.64 5.17
N ARG O 624 -97.69 -53.72 5.78
CA ARG O 624 -97.27 -55.09 5.42
C ARG O 624 -98.40 -55.98 5.89
N LEU O 625 -98.46 -57.25 5.51
CA LEU O 625 -99.48 -58.19 6.02
C LEU O 625 -98.82 -59.48 6.47
N LEU O 626 -99.38 -60.15 7.47
CA LEU O 626 -98.92 -61.47 7.96
C LEU O 626 -99.63 -62.52 7.11
N GLU O 627 -99.41 -63.81 7.37
CA GLU O 627 -100.04 -64.91 6.61
C GLU O 627 -101.54 -64.97 6.92
N VAL O 628 -102.36 -65.51 6.02
CA VAL O 628 -103.84 -65.55 6.17
C VAL O 628 -104.26 -66.67 7.13
N SER O 629 -105.36 -66.51 7.87
CA SER O 629 -105.93 -67.51 8.80
C SER O 629 -107.22 -68.04 8.18
N PRO O 630 -107.67 -69.29 8.41
CA PRO O 630 -108.96 -69.73 7.87
C PRO O 630 -110.01 -68.79 8.45
N GLY O 631 -109.93 -68.47 9.75
CA GLY O 631 -110.81 -67.47 10.38
C GLY O 631 -109.99 -66.21 10.55
N ASP O 632 -110.27 -65.17 9.78
CA ASP O 632 -109.45 -63.93 9.79
C ASP O 632 -110.32 -62.70 9.87
N THR O 633 -109.81 -61.62 10.44
CA THR O 633 -110.47 -60.29 10.46
C THR O 633 -109.30 -59.36 10.15
N GLY O 634 -109.53 -58.12 9.78
CA GLY O 634 -108.42 -57.19 9.55
C GLY O 634 -107.62 -57.06 10.82
N TRP O 635 -108.27 -57.02 11.98
CA TRP O 635 -107.58 -56.81 13.27
C TRP O 635 -106.73 -58.02 13.64
N ASP O 636 -106.94 -59.17 13.01
CA ASP O 636 -106.10 -60.39 13.24
C ASP O 636 -104.81 -60.39 12.40
N VAL O 637 -104.82 -59.88 11.17
CA VAL O 637 -103.65 -59.98 10.23
C VAL O 637 -103.34 -58.60 9.62
N PHE O 638 -102.71 -57.68 10.35
CA PHE O 638 -102.28 -56.36 9.83
C PHE O 638 -101.02 -56.01 10.61
N SER O 639 -100.18 -55.10 10.14
CA SER O 639 -98.98 -54.64 10.90
C SER O 639 -98.35 -53.45 10.21
N LEU O 640 -97.50 -52.67 10.89
CA LEU O 640 -96.71 -51.59 10.26
C LEU O 640 -95.29 -52.14 10.35
N ASP O 641 -94.51 -52.17 9.27
CA ASP O 641 -93.11 -52.63 9.34
C ASP O 641 -92.17 -51.57 8.82
N TYR O 642 -91.16 -51.18 9.60
CA TYR O 642 -90.11 -50.25 9.12
C TYR O 642 -89.00 -51.14 8.56
N HIS O 643 -88.60 -50.95 7.30
CA HIS O 643 -87.60 -51.83 6.62
C HIS O 643 -86.25 -51.11 6.53
N VAL O 644 -85.15 -51.84 6.69
CA VAL O 644 -83.76 -51.28 6.60
C VAL O 644 -82.85 -52.43 6.12
N ASP O 645 -82.11 -52.23 5.02
CA ASP O 645 -81.23 -53.29 4.42
C ASP O 645 -79.84 -52.85 3.97
N GLY O 646 -79.25 -51.75 4.50
CA GLY O 646 -77.96 -51.25 3.98
C GLY O 646 -76.84 -51.20 5.01
N PRO O 647 -76.31 -50.01 5.32
CA PRO O 647 -75.31 -49.90 6.40
C PRO O 647 -75.90 -50.19 7.78
N ILE O 648 -77.04 -49.56 8.08
CA ILE O 648 -77.67 -49.58 9.44
C ILE O 648 -78.19 -50.99 9.73
N ALA O 649 -78.21 -51.86 8.72
CA ALA O 649 -78.62 -53.26 8.91
C ALA O 649 -78.02 -53.83 10.20
N THR O 650 -76.74 -53.59 10.47
CA THR O 650 -76.05 -54.22 11.65
C THR O 650 -76.57 -53.72 13.01
N VAL O 651 -77.32 -52.61 13.04
CA VAL O 651 -77.87 -52.06 14.31
C VAL O 651 -79.36 -52.37 14.40
N PHE O 652 -79.98 -52.68 13.25
CA PHE O 652 -81.40 -53.09 13.21
C PHE O 652 -81.39 -54.40 12.39
N THR O 653 -80.75 -55.44 12.95
CA THR O 653 -80.57 -56.75 12.25
C THR O 653 -81.89 -57.50 12.04
N ARG O 654 -81.99 -58.34 11.00
CA ARG O 654 -83.21 -59.14 10.69
C ARG O 654 -83.67 -59.94 11.92
N GLU O 655 -82.77 -60.19 12.87
CA GLU O 655 -83.21 -61.03 14.01
C GLU O 655 -83.79 -60.08 15.08
N CYS O 656 -83.49 -58.79 15.06
CA CYS O 656 -84.02 -57.78 16.01
C CYS O 656 -85.31 -57.22 15.40
N MET O 657 -85.53 -57.42 14.10
CA MET O 657 -86.79 -57.04 13.40
C MET O 657 -87.91 -57.98 13.87
N SER O 658 -87.59 -59.24 14.26
CA SER O 658 -88.57 -60.24 14.76
C SER O 658 -89.06 -59.89 16.16
N HIS O 659 -88.22 -59.38 17.07
CA HIS O 659 -88.54 -59.01 18.47
C HIS O 659 -89.46 -57.80 18.45
N TYR O 660 -89.13 -56.79 17.65
CA TYR O 660 -89.99 -55.57 17.51
C TYR O 660 -91.39 -55.90 16.96
N LEU O 661 -91.49 -56.81 16.00
CA LEU O 661 -92.82 -57.19 15.46
C LEU O 661 -93.62 -57.82 16.59
N ARG O 662 -93.03 -58.70 17.41
CA ARG O 662 -93.74 -59.36 18.53
C ARG O 662 -94.16 -58.31 19.56
N VAL O 663 -93.27 -57.40 19.91
CA VAL O 663 -93.60 -56.32 20.86
C VAL O 663 -94.68 -55.49 20.18
N PHE O 664 -94.57 -55.16 18.91
CA PHE O 664 -95.57 -54.29 18.24
C PHE O 664 -96.91 -55.00 18.29
N ASN O 665 -96.94 -56.32 18.13
CA ASN O 665 -98.20 -57.10 18.08
C ASN O 665 -98.96 -56.95 19.41
N PHE O 666 -98.30 -56.99 20.56
CA PHE O 666 -98.96 -56.80 21.88
C PHE O 666 -99.47 -55.38 21.99
N LEU O 667 -98.70 -54.42 21.54
CA LEU O 667 -99.06 -53.01 21.69
C LEU O 667 -99.99 -52.59 20.56
N TRP O 668 -100.61 -53.49 19.78
CA TRP O 668 -101.65 -53.09 18.78
C TRP O 668 -102.99 -53.48 19.38
N ARG O 669 -103.14 -54.72 19.80
CA ARG O 669 -104.34 -55.23 20.51
C ARG O 669 -104.82 -54.25 21.60
N ALA O 670 -103.94 -53.88 22.51
CA ALA O 670 -104.29 -53.05 23.66
C ALA O 670 -104.54 -51.62 23.24
N LYS O 671 -104.10 -51.17 22.07
CA LYS O 671 -104.44 -49.80 21.59
C LYS O 671 -105.76 -49.85 20.81
N ARG O 672 -106.34 -51.04 20.56
CA ARG O 672 -107.68 -51.19 19.92
C ARG O 672 -108.70 -51.41 21.03
N MET O 673 -108.43 -52.28 22.00
CA MET O 673 -109.38 -52.59 23.09
C MET O 673 -109.63 -51.27 23.79
N GLU O 674 -108.62 -50.46 23.98
CA GLU O 674 -108.77 -49.16 24.64
C GLU O 674 -109.68 -48.31 23.79
N TYR O 675 -109.53 -48.32 22.48
CA TYR O 675 -110.45 -47.58 21.57
C TYR O 675 -111.87 -48.19 21.56
N ILE O 676 -112.00 -49.51 21.61
CA ILE O 676 -113.31 -50.20 21.66
C ILE O 676 -114.00 -49.75 22.95
N LEU O 677 -113.34 -49.75 24.10
CA LEU O 677 -113.98 -49.40 25.39
C LEU O 677 -114.29 -47.91 25.44
N THR O 678 -113.44 -47.06 24.92
CA THR O 678 -113.78 -45.64 24.85
C THR O 678 -114.83 -45.49 23.77
N ASP O 679 -115.18 -46.55 23.04
CA ASP O 679 -116.32 -46.51 22.07
C ASP O 679 -117.62 -46.95 22.80
N ILE O 680 -117.58 -47.96 23.65
CA ILE O 680 -118.78 -48.34 24.44
C ILE O 680 -119.14 -47.14 25.33
N ARG O 681 -118.18 -46.51 25.99
CA ARG O 681 -118.42 -45.36 26.88
C ARG O 681 -118.89 -44.16 26.05
N LYS O 682 -118.38 -44.00 24.85
CA LYS O 682 -118.85 -42.92 23.95
C LYS O 682 -120.33 -43.23 23.79
N GLY O 683 -120.65 -44.50 23.59
CA GLY O 683 -122.03 -44.93 23.35
C GLY O 683 -122.94 -44.61 24.50
N HIS O 684 -122.57 -44.87 25.75
CA HIS O 684 -123.51 -44.66 26.90
C HIS O 684 -123.85 -43.18 26.98
N MET O 685 -122.90 -42.28 26.90
CA MET O 685 -123.16 -40.84 27.09
C MET O 685 -124.04 -40.33 25.96
N CYS O 686 -124.18 -41.08 24.88
CA CYS O 686 -124.94 -40.60 23.69
C CYS O 686 -126.35 -41.17 23.61
N ASN O 687 -126.50 -42.48 23.70
CA ASN O 687 -127.83 -43.14 23.60
C ASN O 687 -128.70 -42.79 24.79
N ALA O 688 -128.17 -42.77 26.01
CA ALA O 688 -128.96 -42.58 27.24
C ALA O 688 -129.60 -41.19 27.29
N LYS O 689 -129.05 -40.21 26.59
CA LYS O 689 -129.60 -38.83 26.61
C LYS O 689 -130.83 -38.79 25.69
N LEU O 690 -131.14 -39.89 24.99
CA LEU O 690 -132.38 -40.02 24.17
C LEU O 690 -133.40 -40.95 24.85
N LEU O 691 -132.96 -41.83 25.77
CA LEU O 691 -133.86 -42.75 26.53
C LEU O 691 -134.10 -42.12 27.90
N ARG O 692 -134.53 -40.85 27.95
CA ARG O 692 -134.80 -40.07 29.19
C ARG O 692 -136.25 -40.24 29.62
N ASN O 693 -137.14 -40.64 28.71
CA ASN O 693 -138.60 -40.81 29.00
C ASN O 693 -138.91 -42.26 29.38
N MET O 694 -137.92 -43.17 29.30
CA MET O 694 -138.10 -44.61 29.60
C MET O 694 -137.63 -44.88 31.04
N PRO O 695 -138.51 -45.21 32.01
CA PRO O 695 -138.07 -45.60 33.34
C PRO O 695 -137.85 -47.11 33.51
N GLU O 696 -138.47 -47.96 32.69
CA GLU O 696 -138.42 -49.44 32.88
C GLU O 696 -136.98 -49.92 32.72
N PHE O 697 -136.19 -49.33 31.82
CA PHE O 697 -134.81 -49.78 31.53
C PHE O 697 -133.78 -49.23 32.52
N SER O 698 -134.14 -48.31 33.42
CA SER O 698 -133.12 -47.63 34.28
C SER O 698 -132.30 -48.70 34.97
N GLY O 699 -132.92 -49.77 35.46
CA GLY O 699 -132.20 -50.89 36.09
C GLY O 699 -131.13 -51.45 35.17
N VAL O 700 -131.52 -52.03 34.04
CA VAL O 700 -130.54 -52.71 33.14
C VAL O 700 -129.55 -51.66 32.62
N LEU O 701 -130.00 -50.47 32.23
CA LEU O 701 -129.12 -49.46 31.60
C LEU O 701 -128.05 -49.05 32.60
N HIS O 702 -128.37 -48.88 33.88
CA HIS O 702 -127.35 -48.58 34.93
C HIS O 702 -126.43 -49.77 35.16
N GLN O 703 -126.92 -51.01 35.19
CA GLN O 703 -126.04 -52.14 35.53
C GLN O 703 -124.94 -52.16 34.48
N CYS O 704 -125.26 -51.78 33.24
CA CYS O 704 -124.27 -51.72 32.14
C CYS O 704 -123.21 -50.67 32.45
N HIS O 705 -123.58 -49.52 33.00
CA HIS O 705 -122.62 -48.41 33.26
C HIS O 705 -121.51 -48.85 34.24
N ILE O 706 -121.75 -49.78 35.16
CA ILE O 706 -120.71 -50.15 36.15
C ILE O 706 -119.84 -51.21 35.48
N LEU O 707 -120.38 -52.26 34.87
CA LEU O 707 -119.48 -53.29 34.25
C LEU O 707 -118.49 -52.59 33.33
N ALA O 708 -118.90 -51.50 32.70
CA ALA O 708 -117.97 -50.73 31.87
C ALA O 708 -116.83 -50.18 32.72
N SER O 709 -117.10 -49.62 33.90
CA SER O 709 -116.09 -48.91 34.74
C SER O 709 -115.01 -49.81 35.37
N GLU O 710 -115.25 -51.10 35.60
CA GLU O 710 -114.24 -52.04 36.14
C GLU O 710 -113.31 -52.44 35.01
N MET O 711 -113.81 -52.59 33.79
CA MET O 711 -112.95 -52.79 32.60
C MET O 711 -112.23 -51.50 32.20
N VAL O 712 -112.84 -50.31 32.19
CA VAL O 712 -112.13 -49.07 31.71
C VAL O 712 -110.91 -48.88 32.60
N HIS O 713 -110.93 -49.23 33.88
CA HIS O 713 -109.74 -49.17 34.76
C HIS O 713 -108.67 -50.15 34.27
N PHE O 714 -108.97 -51.43 34.06
CA PHE O 714 -107.94 -52.44 33.69
C PHE O 714 -107.31 -52.10 32.35
N ILE O 715 -107.99 -51.35 31.47
CA ILE O 715 -107.47 -50.94 30.12
C ILE O 715 -107.03 -49.48 30.17
N HIS O 716 -107.00 -48.82 31.32
CA HIS O 716 -106.35 -47.49 31.46
C HIS O 716 -105.23 -47.60 32.48
N GLN O 717 -105.04 -48.73 33.16
CA GLN O 717 -103.88 -48.99 34.05
C GLN O 717 -102.88 -49.88 33.32
N MET O 718 -103.30 -50.82 32.48
CA MET O 718 -102.36 -51.59 31.63
C MET O 718 -101.75 -50.59 30.67
N GLN O 719 -102.54 -49.65 30.14
CA GLN O 719 -102.07 -48.68 29.11
C GLN O 719 -101.26 -47.57 29.76
N TYR O 720 -101.01 -47.58 31.08
CA TYR O 720 -100.08 -46.59 31.70
C TYR O 720 -98.82 -47.32 32.16
N TYR O 721 -98.95 -48.60 32.53
CA TYR O 721 -97.76 -49.41 32.92
C TYR O 721 -97.02 -49.85 31.65
N ILE O 722 -97.65 -49.72 30.47
CA ILE O 722 -97.03 -50.10 29.17
C ILE O 722 -96.29 -48.85 28.68
N THR O 723 -96.50 -47.71 29.36
CA THR O 723 -95.89 -46.42 28.91
C THR O 723 -94.84 -45.88 29.88
N PHE O 724 -95.13 -45.71 31.17
CA PHE O 724 -94.16 -45.03 32.07
C PHE O 724 -93.13 -45.99 32.67
N GLU O 725 -93.43 -47.29 32.76
CA GLU O 725 -92.49 -48.30 33.28
C GLU O 725 -91.95 -49.26 32.24
N VAL O 726 -92.51 -49.38 31.02
CA VAL O 726 -92.07 -50.39 30.01
C VAL O 726 -91.30 -49.70 28.91
N LEU O 727 -91.91 -48.75 28.23
CA LEU O 727 -91.35 -48.03 27.07
C LEU O 727 -90.89 -46.62 27.45
N GLU O 728 -90.62 -46.42 28.73
CA GLU O 728 -90.06 -45.09 29.09
C GLU O 728 -88.85 -45.22 30.00
N CYS O 729 -88.99 -46.09 31.00
CA CYS O 729 -87.80 -46.37 31.82
C CYS O 729 -86.77 -47.03 30.91
N SER O 730 -87.22 -48.01 30.12
CA SER O 730 -86.27 -48.77 29.28
C SER O 730 -85.72 -47.94 28.12
N TRP O 731 -86.53 -47.08 27.49
CA TRP O 731 -85.93 -46.21 26.45
C TRP O 731 -84.90 -45.26 27.06
N ASP O 732 -85.25 -44.63 28.17
CA ASP O 732 -84.31 -43.63 28.72
C ASP O 732 -82.98 -44.36 28.94
N GLU O 733 -83.01 -45.51 29.62
CA GLU O 733 -81.73 -46.21 29.97
C GLU O 733 -80.93 -46.43 28.68
N LEU O 734 -81.52 -46.93 27.57
CA LEU O 734 -80.75 -47.07 26.31
C LEU O 734 -80.16 -45.72 25.90
N TRP O 735 -80.98 -44.67 25.86
CA TRP O 735 -80.54 -43.37 25.29
C TRP O 735 -79.32 -42.83 26.02
N ASN O 736 -79.14 -43.20 27.29
CA ASN O 736 -77.87 -42.87 28.00
C ASN O 736 -76.72 -43.79 27.58
N LYS O 737 -76.90 -45.12 27.65
CA LYS O 737 -75.75 -46.04 27.40
C LYS O 737 -75.29 -45.89 25.97
N VAL O 738 -75.96 -45.07 25.17
CA VAL O 738 -75.46 -44.72 23.81
C VAL O 738 -74.80 -43.34 23.83
N GLN O 739 -75.50 -42.30 24.30
CA GLN O 739 -75.09 -40.88 24.13
C GLN O 739 -73.78 -40.58 24.84
N GLN O 740 -73.43 -41.41 25.83
CA GLN O 740 -72.06 -41.37 26.40
C GLN O 740 -71.23 -42.30 25.51
N ALA O 741 -71.64 -43.54 25.19
CA ALA O 741 -70.78 -44.54 24.52
C ALA O 741 -70.17 -44.03 23.22
N GLN O 742 -68.92 -44.39 22.98
CA GLN O 742 -68.19 -43.98 21.75
C GLN O 742 -67.63 -45.24 21.10
N ASP O 743 -68.50 -46.20 20.74
CA ASP O 743 -68.09 -47.41 20.02
C ASP O 743 -69.31 -48.00 19.32
N LEU O 744 -69.15 -48.55 18.12
CA LEU O 744 -70.27 -49.23 17.37
C LEU O 744 -70.64 -50.51 18.11
N ASP O 745 -69.65 -51.19 18.68
CA ASP O 745 -69.84 -52.47 19.42
C ASP O 745 -70.59 -52.31 20.75
N HIS O 746 -70.55 -51.12 21.34
CA HIS O 746 -71.37 -50.82 22.56
C HIS O 746 -72.77 -50.38 22.13
N ILE O 747 -72.87 -49.58 21.06
CA ILE O 747 -74.19 -49.11 20.55
C ILE O 747 -75.02 -50.37 20.27
N ILE O 748 -74.49 -51.29 19.47
CA ILE O 748 -75.22 -52.51 19.01
C ILE O 748 -75.69 -53.21 20.28
N ALA O 749 -74.78 -53.48 21.25
CA ALA O 749 -75.03 -54.29 22.46
C ALA O 749 -75.86 -53.57 23.54
N ALA O 750 -76.26 -52.27 23.35
CA ALA O 750 -77.21 -51.51 24.24
C ALA O 750 -78.61 -51.51 23.64
N HIS O 751 -78.70 -51.54 22.31
CA HIS O 751 -80.00 -51.77 21.62
C HIS O 751 -80.36 -53.21 21.97
N GLU O 752 -79.44 -54.15 21.90
CA GLU O 752 -79.73 -55.55 22.28
C GLU O 752 -80.50 -55.62 23.59
N VAL O 753 -80.00 -55.06 24.69
CA VAL O 753 -80.64 -55.19 26.04
C VAL O 753 -82.01 -54.51 26.07
N PHE O 754 -82.18 -53.34 25.46
CA PHE O 754 -83.46 -52.57 25.51
C PHE O 754 -84.55 -53.40 24.90
N LEU O 755 -84.27 -54.09 23.81
CA LEU O 755 -85.25 -54.97 23.17
C LEU O 755 -85.55 -56.13 24.11
N ASP O 756 -84.55 -56.72 24.76
CA ASP O 756 -84.74 -57.87 25.71
C ASP O 756 -85.50 -57.41 26.95
N THR O 757 -85.26 -56.20 27.46
CA THR O 757 -85.94 -55.64 28.66
C THR O 757 -87.40 -55.34 28.34
N ILE O 758 -87.76 -54.89 27.14
CA ILE O 758 -89.18 -54.65 26.76
C ILE O 758 -89.89 -56.00 26.68
N ILE O 759 -89.25 -57.17 26.53
CA ILE O 759 -90.01 -58.46 26.41
C ILE O 759 -90.44 -58.95 27.79
N SER O 760 -89.72 -58.57 28.85
CA SER O 760 -89.95 -59.04 30.23
C SER O 760 -90.96 -58.14 30.94
N ARG O 761 -90.87 -56.81 30.75
CA ARG O 761 -91.83 -55.84 31.31
C ARG O 761 -93.15 -56.14 30.61
N CYS O 762 -93.13 -56.45 29.31
CA CYS O 762 -94.33 -56.94 28.61
C CYS O 762 -94.34 -58.40 29.02
N LEU O 763 -95.38 -59.16 28.77
CA LEU O 763 -95.51 -60.54 29.32
C LEU O 763 -95.25 -61.51 28.16
N LEU O 764 -94.56 -61.02 27.12
CA LEU O 764 -94.29 -61.76 25.85
C LEU O 764 -93.11 -62.73 25.97
N ASP O 765 -92.57 -62.94 27.18
CA ASP O 765 -91.39 -63.84 27.40
C ASP O 765 -91.84 -65.29 27.18
N SER O 766 -90.95 -66.26 27.44
CA SER O 766 -91.26 -67.72 27.34
C SER O 766 -91.74 -68.31 28.69
N ASP O 767 -91.74 -67.53 29.78
CA ASP O 767 -92.09 -68.02 31.14
C ASP O 767 -93.43 -67.40 31.62
N SER O 768 -93.72 -66.16 31.22
CA SER O 768 -94.99 -65.47 31.58
C SER O 768 -96.09 -65.88 30.62
N ARG O 769 -95.99 -67.05 30.00
CA ARG O 769 -97.04 -67.57 29.09
C ARG O 769 -98.32 -67.78 29.90
N ALA O 770 -98.22 -68.34 31.10
CA ALA O 770 -99.39 -68.58 31.98
C ALA O 770 -100.01 -67.23 32.31
N LEU O 771 -99.20 -66.21 32.56
CA LEU O 771 -99.74 -64.85 32.82
C LEU O 771 -100.33 -64.30 31.53
N LEU O 772 -99.70 -64.50 30.38
CA LEU O 772 -100.18 -63.89 29.12
C LEU O 772 -101.55 -64.43 28.78
N ASN O 773 -101.77 -65.74 28.92
CA ASN O 773 -103.06 -66.35 28.52
C ASN O 773 -104.15 -65.73 29.36
N GLN O 774 -103.91 -65.51 30.65
CA GLN O 774 -104.91 -64.93 31.57
C GLN O 774 -105.27 -63.54 31.05
N LEU O 775 -104.28 -62.75 30.62
CA LEU O 775 -104.53 -61.36 30.16
C LEU O 775 -105.39 -61.39 28.91
N ARG O 776 -105.19 -62.38 28.05
CA ARG O 776 -105.97 -62.51 26.80
C ARG O 776 -107.44 -62.73 27.16
N ALA O 777 -107.78 -63.40 28.28
CA ALA O 777 -109.17 -63.73 28.66
C ALA O 777 -109.86 -62.52 29.29
N VAL O 778 -109.17 -61.42 29.56
CA VAL O 778 -109.71 -60.13 30.09
C VAL O 778 -109.89 -59.18 28.92
N PHE O 779 -109.42 -59.53 27.73
CA PHE O 779 -109.69 -58.79 26.49
C PHE O 779 -110.84 -59.58 25.86
N ASP O 780 -110.98 -60.86 26.18
CA ASP O 780 -112.13 -61.70 25.76
C ASP O 780 -113.41 -61.15 26.37
N GLN O 781 -113.48 -60.97 27.70
CA GLN O 781 -114.78 -60.59 28.30
C GLN O 781 -115.13 -59.16 27.89
N ILE O 782 -114.19 -58.40 27.31
CA ILE O 782 -114.46 -57.03 26.77
C ILE O 782 -115.21 -57.12 25.46
N ILE O 783 -114.73 -57.91 24.51
CA ILE O 783 -115.35 -57.95 23.15
C ILE O 783 -116.74 -58.56 23.30
N GLU O 784 -116.87 -59.51 24.25
CA GLU O 784 -118.20 -60.11 24.57
C GLU O 784 -119.17 -58.98 24.95
N LEU O 785 -118.80 -58.10 25.89
CA LEU O 785 -119.65 -56.95 26.32
C LEU O 785 -119.92 -56.05 25.10
N GLN O 786 -119.00 -55.99 24.14
CA GLN O 786 -119.24 -55.15 22.93
C GLN O 786 -120.57 -55.60 22.29
N ASN O 787 -120.79 -56.91 22.11
CA ASN O 787 -122.03 -57.43 21.46
C ASN O 787 -123.24 -57.28 22.39
N ALA O 788 -123.14 -57.79 23.63
CA ALA O 788 -124.29 -57.84 24.58
C ALA O 788 -124.84 -56.44 24.81
N GLN O 789 -123.95 -55.47 24.96
CA GLN O 789 -124.40 -54.08 25.26
C GLN O 789 -125.34 -53.64 24.14
N ASP O 790 -124.92 -53.72 22.87
CA ASP O 790 -125.72 -53.16 21.76
C ASP O 790 -126.92 -54.05 21.44
N ALA O 791 -126.79 -55.36 21.71
CA ALA O 791 -127.90 -56.34 21.53
C ALA O 791 -129.05 -55.90 22.43
N ILE O 792 -128.75 -55.04 23.43
CA ILE O 792 -129.82 -54.36 24.18
C ILE O 792 -130.46 -53.33 23.25
N TYR O 793 -129.72 -52.31 22.81
CA TYR O 793 -130.31 -51.13 22.13
C TYR O 793 -130.98 -51.53 20.82
N ARG O 794 -130.36 -52.46 20.07
CA ARG O 794 -130.92 -52.98 18.77
C ARG O 794 -132.19 -53.81 19.02
N ALA O 795 -132.53 -54.07 20.30
CA ALA O 795 -133.82 -54.69 20.69
C ALA O 795 -134.59 -53.69 21.58
N ALA O 796 -133.92 -53.11 22.58
CA ALA O 796 -134.52 -52.13 23.52
C ALA O 796 -134.90 -50.83 22.82
N LEU O 797 -133.93 -50.02 22.35
CA LEU O 797 -134.23 -48.66 21.78
C LEU O 797 -135.26 -48.84 20.67
N GLU O 798 -135.12 -49.92 19.87
CA GLU O 798 -135.99 -50.19 18.70
C GLU O 798 -137.47 -50.10 19.12
N GLU O 799 -137.86 -50.72 20.25
CA GLU O 799 -139.25 -50.69 20.77
C GLU O 799 -139.69 -49.25 20.99
N LEU O 800 -138.79 -48.37 21.42
CA LEU O 800 -139.17 -46.98 21.78
C LEU O 800 -139.55 -46.28 20.47
N GLN O 801 -138.88 -46.61 19.37
CA GLN O 801 -139.20 -46.01 18.04
C GLN O 801 -140.62 -46.38 17.64
N ARG O 802 -141.05 -47.63 17.90
CA ARG O 802 -142.43 -48.11 17.63
C ARG O 802 -143.46 -47.39 18.52
N ARG O 803 -143.09 -47.12 19.79
CA ARG O 803 -143.96 -46.42 20.78
C ARG O 803 -144.27 -45.01 20.29
N LEU O 804 -143.30 -44.34 19.68
CA LEU O 804 -143.52 -43.00 19.06
C LEU O 804 -144.50 -43.16 17.89
N GLN O 805 -144.35 -44.22 17.07
CA GLN O 805 -145.27 -44.51 15.92
C GLN O 805 -146.63 -45.00 16.43
N PHE O 806 -146.68 -45.54 17.66
CA PHE O 806 -147.96 -45.93 18.34
C PHE O 806 -148.71 -44.66 18.74
N GLU O 807 -148.00 -43.60 19.16
CA GLU O 807 -148.60 -42.27 19.45
C GLU O 807 -149.00 -41.59 18.13
N GLU O 808 -148.19 -41.75 17.07
CA GLU O 808 -148.47 -41.21 15.70
C GLU O 808 -149.76 -41.82 15.15
N LYS O 809 -150.07 -43.07 15.53
CA LYS O 809 -151.38 -43.72 15.19
C LYS O 809 -152.51 -42.94 15.89
N LYS O 810 -152.30 -42.56 17.17
CA LYS O 810 -153.31 -41.79 17.98
C LYS O 810 -153.36 -40.32 17.53
N LYS O 811 -152.32 -39.81 16.86
CA LYS O 811 -152.22 -38.38 16.44
C LYS O 811 -153.13 -38.18 15.21
N GLU O 827 -153.23 -50.96 24.20
CA GLU O 827 -153.34 -52.40 24.55
C GLU O 827 -152.18 -53.15 23.87
N GLU O 828 -151.78 -52.73 22.66
CA GLU O 828 -150.69 -53.38 21.88
C GLU O 828 -149.33 -53.13 22.55
N GLU O 829 -149.02 -51.88 22.93
CA GLU O 829 -147.76 -51.52 23.65
C GLU O 829 -147.84 -52.08 25.08
N ASN O 830 -149.08 -52.19 25.57
CA ASN O 830 -149.32 -52.81 26.90
C ASN O 830 -148.85 -54.26 26.81
N LYS O 831 -148.95 -54.89 25.62
CA LYS O 831 -148.37 -56.24 25.37
C LYS O 831 -146.85 -56.10 25.21
N ARG O 832 -146.38 -54.95 24.67
CA ARG O 832 -144.93 -54.64 24.58
C ARG O 832 -144.36 -54.47 25.99
N ILE O 833 -145.14 -53.89 26.92
CA ILE O 833 -144.71 -53.81 28.35
C ILE O 833 -144.73 -55.22 28.95
N GLY O 834 -145.73 -56.04 28.55
CA GLY O 834 -145.81 -57.43 29.05
C GLY O 834 -144.58 -58.23 28.68
N GLU O 835 -144.16 -58.19 27.40
CA GLU O 835 -142.95 -58.94 26.92
C GLU O 835 -141.70 -58.38 27.59
N PHE O 836 -141.70 -57.10 27.95
CA PHE O 836 -140.54 -56.47 28.65
C PHE O 836 -140.47 -56.97 30.08
N LYS O 837 -141.62 -57.20 30.69
CA LYS O 837 -141.59 -57.77 32.05
C LYS O 837 -141.20 -59.24 31.98
N GLU O 838 -141.11 -59.80 30.77
CA GLU O 838 -140.61 -61.19 30.56
C GLU O 838 -139.13 -61.13 30.11
N SER O 839 -138.78 -60.19 29.23
CA SER O 839 -137.40 -60.03 28.71
C SER O 839 -136.45 -59.38 29.72
N ILE O 840 -136.87 -58.26 30.33
CA ILE O 840 -135.94 -57.45 31.17
C ILE O 840 -135.25 -58.36 32.19
N PRO O 841 -135.94 -59.22 32.97
CA PRO O 841 -135.27 -60.06 33.95
C PRO O 841 -134.12 -60.98 33.50
N LYS O 842 -134.31 -61.81 32.49
CA LYS O 842 -133.29 -62.74 31.93
C LYS O 842 -132.04 -61.96 31.47
N MET O 843 -132.22 -60.78 30.86
CA MET O 843 -131.08 -59.92 30.40
C MET O 843 -130.29 -59.45 31.62
N CYS O 844 -131.02 -59.04 32.67
CA CYS O 844 -130.35 -58.66 33.93
C CYS O 844 -129.57 -59.88 34.43
N SER O 845 -130.20 -61.07 34.50
CA SER O 845 -129.55 -62.31 34.99
C SER O 845 -128.36 -62.67 34.09
N GLN O 846 -128.42 -62.31 32.79
CA GLN O 846 -127.27 -62.50 31.85
C GLN O 846 -126.09 -61.58 32.20
N LEU O 847 -126.35 -60.26 32.30
CA LEU O 847 -125.29 -59.27 32.64
C LEU O 847 -124.74 -59.63 34.02
N ARG O 848 -125.62 -60.12 34.91
CA ARG O 848 -125.27 -60.54 36.29
C ARG O 848 -124.28 -61.70 36.28
N ILE O 849 -124.46 -62.72 35.42
CA ILE O 849 -123.44 -63.82 35.39
C ILE O 849 -122.17 -63.33 34.69
N LEU O 850 -122.32 -62.54 33.62
CA LEU O 850 -121.15 -62.02 32.88
C LEU O 850 -120.25 -61.27 33.88
N THR O 851 -120.86 -60.39 34.67
CA THR O 851 -120.07 -59.59 35.64
C THR O 851 -119.31 -60.58 36.54
N HIS O 852 -119.99 -61.48 37.22
CA HIS O 852 -119.28 -62.34 38.21
C HIS O 852 -118.12 -63.03 37.50
N PHE O 853 -118.36 -63.63 36.33
CA PHE O 853 -117.31 -64.31 35.51
C PHE O 853 -116.09 -63.43 35.28
N TYR O 854 -116.27 -62.13 35.07
CA TYR O 854 -115.18 -61.15 34.82
C TYR O 854 -114.50 -60.85 36.15
N GLN O 855 -115.26 -60.38 37.13
CA GLN O 855 -114.69 -60.08 38.46
C GLN O 855 -113.97 -61.35 38.88
N GLY O 856 -114.46 -62.53 38.48
CA GLY O 856 -113.81 -63.83 38.77
C GLY O 856 -112.46 -64.04 38.11
N ILE O 857 -112.29 -63.64 36.84
CA ILE O 857 -111.03 -63.88 36.06
C ILE O 857 -109.95 -62.85 36.44
N VAL O 858 -110.30 -61.55 36.50
CA VAL O 858 -109.32 -60.48 36.88
C VAL O 858 -108.78 -60.79 38.27
N GLN O 859 -109.56 -61.45 39.13
CA GLN O 859 -109.09 -61.85 40.48
C GLN O 859 -108.04 -62.97 40.33
N GLN O 860 -108.26 -63.87 39.37
CA GLN O 860 -107.32 -64.98 39.08
C GLN O 860 -106.04 -64.44 38.45
N PHE O 861 -106.03 -63.22 37.91
CA PHE O 861 -104.82 -62.60 37.29
C PHE O 861 -103.93 -61.98 38.35
N LEU O 862 -104.48 -61.22 39.31
CA LEU O 862 -103.66 -60.50 40.32
C LEU O 862 -102.98 -61.55 41.22
N VAL O 863 -103.66 -62.65 41.53
CA VAL O 863 -103.08 -63.74 42.37
C VAL O 863 -101.91 -64.35 41.60
N LEU O 864 -102.03 -64.57 40.30
CA LEU O 864 -100.94 -65.14 39.45
C LEU O 864 -99.83 -64.10 39.35
N LEU O 865 -100.19 -62.81 39.27
CA LEU O 865 -99.21 -61.69 39.13
C LEU O 865 -98.30 -61.68 40.35
N THR O 866 -98.74 -62.14 41.53
CA THR O 866 -97.94 -62.06 42.77
C THR O 866 -96.61 -62.76 42.53
N THR O 867 -96.63 -63.90 41.84
CA THR O 867 -95.40 -64.66 41.52
C THR O 867 -94.90 -64.16 40.16
N SER O 868 -93.87 -63.30 40.11
CA SER O 868 -93.40 -62.69 38.84
C SER O 868 -91.98 -62.12 39.01
N SER O 869 -91.47 -61.37 38.02
CA SER O 869 -90.13 -60.73 38.09
C SER O 869 -90.17 -59.90 39.36
N ASP O 870 -89.04 -59.70 40.03
CA ASP O 870 -89.06 -59.10 41.39
C ASP O 870 -89.76 -57.76 41.39
N GLU O 871 -89.59 -56.90 40.39
CA GLU O 871 -90.15 -55.53 40.50
C GLU O 871 -91.02 -55.10 39.32
N SER O 872 -90.50 -55.09 38.10
CA SER O 872 -91.27 -54.56 36.96
C SER O 872 -92.73 -54.99 37.07
N LEU O 873 -93.00 -56.30 37.03
CA LEU O 873 -94.39 -56.82 37.04
C LEU O 873 -95.06 -56.53 38.37
N ARG O 874 -94.37 -56.62 39.49
CA ARG O 874 -95.05 -56.46 40.80
C ARG O 874 -95.69 -55.08 40.77
N PHE O 875 -95.05 -54.12 40.12
CA PHE O 875 -95.55 -52.74 40.09
C PHE O 875 -96.91 -52.76 39.42
N LEU O 876 -97.15 -53.72 38.52
CA LEU O 876 -98.48 -53.84 37.86
C LEU O 876 -99.54 -54.06 38.93
N SER O 877 -99.27 -54.84 39.98
CA SER O 877 -100.29 -55.20 41.00
C SER O 877 -100.82 -53.96 41.71
N PHE O 878 -99.97 -52.99 41.99
CA PHE O 878 -100.36 -51.78 42.76
C PHE O 878 -101.24 -50.92 41.89
N ARG O 879 -100.88 -50.74 40.63
CA ARG O 879 -101.66 -49.84 39.78
C ARG O 879 -103.08 -50.37 39.69
N LEU O 880 -103.27 -51.69 39.48
CA LEU O 880 -104.61 -52.27 39.21
C LEU O 880 -105.50 -52.22 40.46
N ASP O 881 -104.92 -52.10 41.65
CA ASP O 881 -105.68 -52.18 42.92
C ASP O 881 -105.24 -51.05 43.88
N PHE O 882 -105.45 -49.79 43.53
CA PHE O 882 -105.07 -48.63 44.37
C PHE O 882 -106.09 -48.47 45.50
N ASN O 883 -107.40 -48.51 45.22
CA ASN O 883 -108.46 -48.25 46.24
C ASN O 883 -108.90 -49.56 46.86
N GLU O 884 -108.17 -50.64 46.67
CA GLU O 884 -108.41 -51.93 47.34
C GLU O 884 -109.83 -52.45 47.13
N HIS O 885 -110.45 -52.30 45.97
CA HIS O 885 -111.76 -52.95 45.70
C HIS O 885 -111.48 -54.44 45.66
N TYR O 886 -110.35 -54.84 45.06
CA TYR O 886 -109.93 -56.26 44.98
C TYR O 886 -109.01 -56.51 46.18
N LYS O 887 -108.93 -57.73 46.70
CA LYS O 887 -108.07 -58.11 47.85
C LYS O 887 -108.74 -57.66 49.13
N ALA O 888 -109.95 -57.10 49.06
CA ALA O 888 -110.76 -56.77 50.25
C ALA O 888 -112.14 -57.41 50.11
N ARG O 889 -112.37 -58.19 49.05
CA ARG O 889 -113.66 -58.87 48.79
C ARG O 889 -113.52 -60.33 49.25
N GLU O 890 -112.31 -60.87 49.36
CA GLU O 890 -111.99 -62.26 49.77
C GLU O 890 -112.20 -62.46 51.28
N MET P 1 -4.28 -69.67 -8.00
CA MET P 1 -4.91 -70.18 -6.76
C MET P 1 -5.82 -69.08 -6.20
N ILE P 2 -5.24 -67.99 -5.69
CA ILE P 2 -6.09 -66.86 -5.24
C ILE P 2 -6.38 -65.95 -6.43
N HIS P 3 -5.85 -66.22 -7.64
CA HIS P 3 -6.28 -65.51 -8.87
C HIS P 3 -7.04 -66.49 -9.75
N GLU P 4 -6.76 -67.80 -9.63
CA GLU P 4 -7.49 -68.85 -10.39
C GLU P 4 -8.92 -68.94 -9.84
N LEU P 5 -9.09 -68.96 -8.52
CA LEU P 5 -10.44 -68.98 -7.87
C LEU P 5 -11.12 -67.63 -8.00
N LEU P 6 -10.41 -66.52 -7.83
CA LEU P 6 -11.02 -65.18 -7.84
C LEU P 6 -11.35 -64.79 -9.28
N LEU P 7 -11.17 -65.74 -10.22
CA LEU P 7 -11.67 -65.63 -11.61
C LEU P 7 -12.60 -66.83 -11.85
N ALA P 8 -12.39 -67.98 -11.20
CA ALA P 8 -13.27 -69.16 -11.33
C ALA P 8 -14.66 -68.82 -10.76
N LEU P 9 -14.72 -68.06 -9.68
CA LEU P 9 -16.01 -67.60 -9.12
C LEU P 9 -16.64 -66.74 -10.21
N SER P 10 -15.83 -66.00 -10.96
CA SER P 10 -16.32 -65.20 -12.12
C SER P 10 -16.56 -66.18 -13.27
N GLY P 11 -16.85 -65.72 -14.48
CA GLY P 11 -17.26 -66.63 -15.58
C GLY P 11 -16.21 -67.61 -16.08
N TYR P 12 -14.90 -67.32 -16.03
CA TYR P 12 -13.87 -68.20 -16.65
C TYR P 12 -13.62 -69.43 -15.75
N PRO P 13 -14.02 -70.67 -16.14
CA PRO P 13 -13.90 -71.83 -15.24
C PRO P 13 -12.49 -72.31 -14.90
N GLY P 14 -11.61 -72.43 -15.90
CA GLY P 14 -10.21 -72.88 -15.73
C GLY P 14 -10.04 -74.36 -15.45
N SER P 15 -8.80 -74.87 -15.36
CA SER P 15 -8.49 -76.33 -15.22
C SER P 15 -8.92 -76.89 -13.87
N ILE P 16 -8.67 -76.15 -12.78
CA ILE P 16 -8.98 -76.64 -11.41
C ILE P 16 -10.49 -76.85 -11.35
N PHE P 17 -11.29 -75.83 -11.64
CA PHE P 17 -12.76 -75.82 -11.48
C PHE P 17 -13.45 -76.24 -12.79
N THR P 18 -13.31 -77.49 -13.21
CA THR P 18 -13.87 -77.98 -14.50
C THR P 18 -15.38 -77.76 -14.54
N TRP P 19 -15.93 -77.30 -15.68
CA TRP P 19 -17.39 -77.07 -15.85
C TRP P 19 -18.05 -78.29 -16.51
N ASN P 20 -19.31 -78.57 -16.21
CA ASN P 20 -20.04 -79.75 -16.73
C ASN P 20 -21.51 -79.30 -16.76
N LYS P 21 -22.36 -79.89 -17.59
CA LYS P 21 -23.76 -79.46 -17.73
C LYS P 21 -24.56 -79.94 -16.51
N ARG P 22 -24.43 -81.21 -16.10
CA ARG P 22 -25.16 -81.78 -14.93
C ARG P 22 -24.80 -81.04 -13.65
N SER P 23 -23.55 -80.66 -13.46
CA SER P 23 -23.10 -79.89 -12.27
C SER P 23 -22.03 -78.91 -12.73
N GLY P 24 -21.99 -77.66 -12.22
CA GLY P 24 -21.10 -76.57 -12.68
C GLY P 24 -19.90 -76.28 -11.78
N LEU P 25 -18.73 -75.92 -12.32
CA LEU P 25 -17.50 -75.61 -11.56
C LEU P 25 -17.30 -76.58 -10.39
N GLN P 26 -17.42 -77.89 -10.60
CA GLN P 26 -17.13 -78.86 -9.53
C GLN P 26 -15.68 -79.36 -9.59
N VAL P 27 -14.72 -78.70 -8.93
CA VAL P 27 -13.30 -79.18 -8.86
C VAL P 27 -13.31 -80.60 -8.30
N SER P 28 -12.68 -81.56 -8.97
CA SER P 28 -12.57 -82.97 -8.51
C SER P 28 -11.13 -83.46 -8.70
N GLN P 29 -10.24 -83.15 -7.76
CA GLN P 29 -8.86 -83.69 -7.86
C GLN P 29 -8.22 -83.77 -6.48
N ASP P 30 -7.30 -84.71 -6.28
CA ASP P 30 -6.56 -84.75 -4.99
C ASP P 30 -5.28 -83.96 -5.24
N PHE P 31 -5.13 -82.81 -4.58
CA PHE P 31 -3.96 -81.95 -4.89
C PHE P 31 -3.03 -81.87 -3.69
N PRO P 32 -1.71 -82.06 -3.87
CA PRO P 32 -0.77 -81.89 -2.78
C PRO P 32 -0.78 -80.42 -2.33
N PHE P 33 -0.92 -79.48 -3.28
CA PHE P 33 -0.82 -78.04 -2.92
C PHE P 33 -1.95 -77.57 -1.99
N LEU P 34 -3.22 -77.75 -2.37
CA LEU P 34 -4.33 -77.39 -1.45
C LEU P 34 -4.33 -78.44 -0.35
N HIS P 35 -4.85 -78.14 0.85
CA HIS P 35 -4.91 -79.08 1.98
C HIS P 35 -5.92 -80.13 1.59
N PRO P 36 -5.85 -81.43 1.99
CA PRO P 36 -6.83 -82.39 1.52
C PRO P 36 -8.26 -81.84 1.58
N SER P 37 -8.64 -81.13 2.64
CA SER P 37 -10.05 -80.72 2.83
C SER P 37 -10.39 -79.38 2.22
N GLU P 38 -9.45 -78.60 1.72
CA GLU P 38 -9.87 -77.27 1.20
C GLU P 38 -10.87 -77.56 0.08
N THR P 39 -10.87 -78.77 -0.49
CA THR P 39 -11.79 -79.09 -1.60
C THR P 39 -13.20 -79.07 -1.03
N SER P 40 -13.40 -79.53 0.20
CA SER P 40 -14.72 -79.46 0.87
C SER P 40 -15.17 -78.00 1.01
N VAL P 41 -14.26 -77.11 1.43
CA VAL P 41 -14.58 -75.66 1.55
C VAL P 41 -14.88 -75.15 0.15
N LEU P 42 -14.07 -75.54 -0.82
CA LEU P 42 -14.21 -75.05 -2.21
C LEU P 42 -15.55 -75.54 -2.76
N ASN P 43 -15.96 -76.76 -2.44
CA ASN P 43 -17.20 -77.33 -2.98
C ASN P 43 -18.35 -76.43 -2.52
N ARG P 44 -18.33 -76.03 -1.25
CA ARG P 44 -19.37 -75.12 -0.71
C ARG P 44 -19.28 -73.80 -1.46
N LEU P 45 -18.06 -73.29 -1.67
CA LEU P 45 -17.85 -72.00 -2.37
C LEU P 45 -18.27 -72.11 -3.83
N CYS P 46 -18.06 -73.27 -4.46
CA CYS P 46 -18.33 -73.48 -5.90
C CYS P 46 -19.81 -73.26 -6.22
N ARG P 47 -20.69 -73.47 -5.25
CA ARG P 47 -22.15 -73.35 -5.47
C ARG P 47 -22.46 -71.94 -5.96
N LEU P 48 -21.77 -70.92 -5.45
CA LEU P 48 -22.06 -69.50 -5.77
C LEU P 48 -21.69 -69.22 -7.23
N GLY P 49 -20.48 -69.56 -7.66
CA GLY P 49 -20.02 -69.37 -9.04
C GLY P 49 -20.93 -70.02 -10.07
N THR P 50 -21.46 -71.22 -9.81
CA THR P 50 -22.25 -71.99 -10.80
C THR P 50 -23.47 -71.18 -11.20
N ASP P 51 -24.15 -70.56 -10.26
CA ASP P 51 -25.32 -69.72 -10.55
C ASP P 51 -24.88 -68.44 -11.28
N TYR P 52 -23.75 -67.82 -10.94
CA TYR P 52 -23.30 -66.62 -11.69
C TYR P 52 -22.97 -66.98 -13.13
N ILE P 53 -22.42 -68.15 -13.40
CA ILE P 53 -22.15 -68.56 -14.81
C ILE P 53 -23.51 -68.67 -15.50
N ARG P 54 -24.47 -69.32 -14.86
CA ARG P 54 -25.79 -69.59 -15.48
C ARG P 54 -26.60 -68.32 -15.65
N PHE P 55 -26.60 -67.40 -14.70
CA PHE P 55 -27.48 -66.21 -14.78
C PHE P 55 -27.15 -65.40 -16.02
N THR P 56 -25.87 -65.34 -16.44
CA THR P 56 -25.42 -64.56 -17.61
C THR P 56 -25.82 -65.27 -18.91
N GLU P 57 -25.79 -66.61 -18.94
CA GLU P 57 -26.28 -67.27 -20.18
C GLU P 57 -27.72 -66.83 -20.42
N PHE P 58 -28.56 -66.81 -19.39
CA PHE P 58 -29.97 -66.39 -19.52
C PHE P 58 -30.06 -64.93 -19.90
N ILE P 59 -29.26 -64.03 -19.34
CA ILE P 59 -29.47 -62.61 -19.75
C ILE P 59 -29.03 -62.50 -21.18
N GLU P 60 -28.12 -63.38 -21.61
CA GLU P 60 -27.53 -63.27 -22.98
C GLU P 60 -28.60 -63.51 -24.04
N GLN P 61 -29.33 -64.62 -23.94
CA GLN P 61 -30.28 -64.94 -25.03
C GLN P 61 -31.34 -63.83 -25.11
N TYR P 62 -31.88 -63.38 -23.99
CA TYR P 62 -32.83 -62.25 -24.08
C TYR P 62 -32.01 -60.96 -24.13
N THR P 63 -32.67 -59.79 -24.10
CA THR P 63 -31.95 -58.49 -24.24
C THR P 63 -30.95 -58.57 -25.40
N GLY P 79 -41.51 -68.46 -30.55
CA GLY P 79 -41.52 -69.90 -30.19
C GLY P 79 -41.20 -70.09 -28.72
N GLY P 80 -40.01 -69.70 -28.28
CA GLY P 80 -39.59 -69.77 -26.86
C GLY P 80 -40.09 -68.53 -26.14
N LEU P 81 -39.50 -68.21 -25.01
CA LEU P 81 -39.88 -66.98 -24.28
C LEU P 81 -39.51 -65.83 -25.20
N HIS P 82 -40.29 -64.76 -25.27
CA HIS P 82 -39.92 -63.57 -26.06
C HIS P 82 -40.70 -62.41 -25.49
N GLY P 83 -40.29 -61.17 -25.70
CA GLY P 83 -41.13 -60.06 -25.25
C GLY P 83 -40.32 -58.87 -24.85
N ILE P 84 -40.96 -57.81 -24.34
CA ILE P 84 -40.25 -56.59 -23.87
C ILE P 84 -40.03 -56.73 -22.36
N TYR P 85 -40.78 -57.60 -21.69
CA TYR P 85 -40.58 -57.82 -20.24
C TYR P 85 -39.31 -58.64 -20.04
N LEU P 86 -39.07 -59.72 -20.78
CA LEU P 86 -37.82 -60.51 -20.66
C LEU P 86 -36.68 -59.59 -21.10
N ARG P 87 -36.95 -58.42 -21.68
CA ARG P 87 -35.90 -57.41 -21.97
C ARG P 87 -35.87 -56.39 -20.82
N ALA P 88 -36.59 -56.69 -19.73
CA ALA P 88 -36.64 -55.78 -18.55
C ALA P 88 -36.31 -56.52 -17.25
N PHE P 89 -36.80 -57.77 -17.07
CA PHE P 89 -36.41 -58.62 -15.92
C PHE P 89 -34.94 -58.89 -16.08
N CYS P 90 -34.49 -59.09 -17.32
CA CYS P 90 -33.06 -59.41 -17.58
C CYS P 90 -32.18 -58.21 -17.32
N THR P 91 -32.59 -57.00 -17.71
CA THR P 91 -31.69 -55.88 -17.38
C THR P 91 -31.55 -55.91 -15.87
N GLY P 92 -32.62 -56.26 -15.14
CA GLY P 92 -32.57 -56.25 -13.67
C GLY P 92 -31.59 -57.24 -13.11
N LEU P 93 -31.57 -58.44 -13.70
CA LEU P 93 -30.70 -59.50 -13.14
C LEU P 93 -29.27 -59.01 -13.26
N ASP P 94 -29.00 -57.95 -14.03
CA ASP P 94 -27.64 -57.39 -14.15
C ASP P 94 -27.33 -56.53 -12.93
N SER P 95 -28.31 -55.76 -12.47
CA SER P 95 -28.11 -54.85 -11.30
C SER P 95 -28.03 -55.62 -9.97
N VAL P 96 -28.82 -56.68 -9.78
CA VAL P 96 -28.68 -57.48 -8.53
C VAL P 96 -27.27 -58.02 -8.55
N LEU P 97 -26.75 -58.42 -9.71
CA LEU P 97 -25.42 -59.09 -9.80
C LEU P 97 -24.30 -58.07 -9.72
N GLN P 98 -24.60 -56.76 -9.73
CA GLN P 98 -23.49 -55.77 -9.76
C GLN P 98 -22.72 -55.72 -8.43
N PRO P 99 -23.32 -55.72 -7.21
CA PRO P 99 -22.54 -55.75 -6.01
C PRO P 99 -21.87 -57.09 -5.82
N TYR P 100 -22.16 -58.10 -6.62
CA TYR P 100 -21.42 -59.38 -6.62
C TYR P 100 -20.28 -59.38 -7.63
N ARG P 101 -20.11 -58.32 -8.42
CA ARG P 101 -18.92 -58.23 -9.30
C ARG P 101 -17.94 -57.38 -8.53
N GLN P 102 -18.32 -56.23 -7.98
CA GLN P 102 -17.40 -55.30 -7.27
C GLN P 102 -16.85 -56.03 -6.06
N ALA P 103 -17.54 -57.00 -5.51
CA ALA P 103 -17.09 -57.64 -4.27
C ALA P 103 -16.20 -58.78 -4.62
N LEU P 104 -16.01 -59.11 -5.89
CA LEU P 104 -14.99 -60.11 -6.27
C LEU P 104 -13.76 -59.34 -6.71
N LEU P 105 -13.88 -58.12 -7.21
CA LEU P 105 -12.69 -57.30 -7.55
C LEU P 105 -11.94 -56.96 -6.25
N ASP P 106 -12.61 -56.54 -5.17
CA ASP P 106 -11.94 -56.12 -3.92
C ASP P 106 -11.25 -57.32 -3.33
N LEU P 107 -11.83 -58.50 -3.40
CA LEU P 107 -11.16 -59.64 -2.74
C LEU P 107 -9.75 -59.65 -3.32
N GLU P 108 -9.57 -59.58 -4.64
CA GLU P 108 -8.20 -59.72 -5.20
C GLU P 108 -7.36 -58.58 -4.67
N GLN P 109 -7.88 -57.36 -4.60
CA GLN P 109 -7.02 -56.21 -4.22
C GLN P 109 -6.41 -56.46 -2.83
N GLU P 110 -7.18 -56.96 -1.88
CA GLU P 110 -6.65 -57.28 -0.55
C GLU P 110 -5.67 -58.41 -0.73
N PHE P 111 -6.01 -59.41 -1.53
CA PHE P 111 -5.17 -60.62 -1.66
C PHE P 111 -3.83 -60.25 -2.28
N LEU P 112 -3.75 -59.21 -3.12
CA LEU P 112 -2.53 -58.85 -3.89
C LEU P 112 -1.38 -58.51 -2.96
N GLY P 113 -1.64 -57.75 -1.90
CA GLY P 113 -0.58 -57.29 -0.99
C GLY P 113 -0.38 -58.21 0.19
N ASP P 114 -1.45 -58.60 0.87
CA ASP P 114 -1.34 -59.42 2.09
C ASP P 114 -0.99 -60.81 1.61
N PRO P 115 0.16 -61.38 1.96
CA PRO P 115 0.53 -62.64 1.40
C PRO P 115 0.05 -63.81 2.22
N HIS P 116 -0.54 -63.58 3.40
CA HIS P 116 -0.94 -64.66 4.33
C HIS P 116 -2.44 -65.01 4.29
N LEU P 117 -3.34 -64.07 3.97
CA LEU P 117 -4.80 -64.32 3.95
C LEU P 117 -5.01 -65.61 3.17
N SER P 118 -5.86 -66.50 3.67
CA SER P 118 -6.05 -67.84 3.05
C SER P 118 -7.46 -67.95 2.49
N ILE P 119 -7.85 -69.13 2.00
CA ILE P 119 -9.18 -69.29 1.34
C ILE P 119 -10.28 -68.78 2.28
N SER P 120 -10.19 -69.05 3.56
CA SER P 120 -11.26 -68.70 4.51
C SER P 120 -11.70 -67.27 4.27
N HIS P 121 -10.79 -66.34 4.02
CA HIS P 121 -11.17 -64.92 3.88
C HIS P 121 -12.13 -64.85 2.71
N VAL P 122 -11.94 -65.65 1.68
CA VAL P 122 -12.93 -65.67 0.55
C VAL P 122 -14.26 -66.15 1.12
N ASN P 123 -14.28 -67.24 1.91
CA ASN P 123 -15.53 -67.82 2.46
C ASN P 123 -16.30 -66.70 3.16
N TYR P 124 -15.69 -66.08 4.18
CA TYR P 124 -16.36 -65.03 4.98
C TYR P 124 -16.83 -63.87 4.11
N PHE P 125 -16.00 -63.37 3.20
CA PHE P 125 -16.35 -62.16 2.42
C PHE P 125 -17.52 -62.53 1.52
N LEU P 126 -17.53 -63.75 0.98
CA LEU P 126 -18.60 -64.21 0.04
C LEU P 126 -19.50 -65.21 0.74
N ASP P 127 -20.10 -64.84 1.88
CA ASP P 127 -21.10 -65.69 2.58
C ASP P 127 -22.46 -64.98 2.48
N GLN P 128 -22.50 -63.69 2.10
CA GLN P 128 -23.74 -62.89 2.07
C GLN P 128 -24.41 -63.18 0.76
N PHE P 129 -23.75 -63.90 -0.15
CA PHE P 129 -24.25 -64.13 -1.52
C PHE P 129 -24.77 -65.55 -1.60
N GLN P 130 -25.01 -66.19 -0.45
CA GLN P 130 -25.60 -67.55 -0.37
C GLN P 130 -27.04 -67.41 0.12
N LEU P 131 -27.64 -66.20 0.07
CA LEU P 131 -29.07 -65.95 0.41
C LEU P 131 -29.72 -65.21 -0.78
N LEU P 132 -29.10 -64.19 -1.37
CA LEU P 132 -29.63 -63.52 -2.58
C LEU P 132 -29.64 -64.50 -3.74
N PHE P 133 -28.57 -65.26 -3.98
CA PHE P 133 -28.42 -66.14 -5.18
C PHE P 133 -29.28 -67.39 -5.17
N PRO P 134 -29.39 -68.21 -4.12
CA PRO P 134 -30.22 -69.41 -4.21
C PRO P 134 -31.71 -69.12 -4.43
N SER P 135 -32.27 -68.08 -3.81
CA SER P 135 -33.71 -67.70 -3.89
C SER P 135 -34.03 -66.80 -5.09
N VAL P 136 -33.04 -66.27 -5.81
CA VAL P 136 -33.30 -65.51 -7.08
C VAL P 136 -33.16 -66.54 -8.22
N MET P 137 -32.51 -67.69 -8.00
CA MET P 137 -32.49 -68.79 -9.00
C MET P 137 -33.84 -69.48 -9.16
N VAL P 138 -34.66 -69.71 -8.15
CA VAL P 138 -36.06 -70.26 -8.35
C VAL P 138 -36.91 -69.27 -9.15
N VAL P 139 -36.83 -67.97 -8.97
CA VAL P 139 -37.67 -67.08 -9.81
C VAL P 139 -37.33 -67.33 -11.26
N VAL P 140 -36.06 -67.48 -11.64
CA VAL P 140 -35.60 -67.67 -13.06
C VAL P 140 -36.00 -69.02 -13.59
N GLU P 141 -35.91 -70.09 -12.84
CA GLU P 141 -36.38 -71.40 -13.33
C GLU P 141 -37.89 -71.36 -13.48
N GLN P 142 -38.62 -70.73 -12.58
CA GLN P 142 -40.10 -70.58 -12.74
C GLN P 142 -40.42 -69.90 -14.07
N ILE P 143 -39.65 -68.89 -14.49
CA ILE P 143 -39.98 -68.09 -15.70
C ILE P 143 -39.62 -68.90 -16.94
N LYS P 144 -38.86 -69.98 -16.80
CA LYS P 144 -38.44 -70.86 -17.92
C LYS P 144 -39.26 -72.14 -18.00
N SER P 145 -39.44 -72.84 -16.91
CA SER P 145 -40.25 -74.07 -16.88
C SER P 145 -41.65 -73.63 -17.27
N GLN P 146 -42.18 -72.52 -16.79
CA GLN P 146 -43.53 -72.03 -17.22
C GLN P 146 -43.33 -70.78 -18.05
N LYS P 147 -44.00 -70.67 -19.19
CA LYS P 147 -43.71 -69.54 -20.11
C LYS P 147 -44.47 -68.31 -19.62
N ILE P 148 -43.97 -67.65 -18.58
CA ILE P 148 -44.60 -66.42 -18.05
C ILE P 148 -44.05 -65.33 -18.94
N HIS P 149 -44.44 -65.32 -20.21
CA HIS P 149 -43.86 -64.38 -21.20
C HIS P 149 -44.62 -63.06 -21.26
N GLY P 150 -45.92 -63.06 -21.02
CA GLY P 150 -46.72 -61.83 -21.20
C GLY P 150 -46.64 -60.92 -19.99
N CYS P 151 -47.69 -60.21 -19.60
CA CYS P 151 -47.57 -59.25 -18.47
C CYS P 151 -47.71 -59.95 -17.11
N GLN P 152 -47.77 -61.27 -17.09
CA GLN P 152 -47.99 -62.06 -15.87
C GLN P 152 -46.58 -62.31 -15.32
N ILE P 153 -45.57 -61.65 -15.88
CA ILE P 153 -44.17 -61.76 -15.39
C ILE P 153 -44.19 -60.91 -14.15
N LEU P 154 -44.98 -59.84 -14.14
CA LEU P 154 -44.93 -58.95 -12.94
C LEU P 154 -45.45 -59.74 -11.73
N GLU P 155 -46.49 -60.56 -11.92
CA GLU P 155 -47.00 -61.42 -10.84
C GLU P 155 -45.89 -62.28 -10.23
N THR P 156 -45.07 -63.00 -11.00
CA THR P 156 -44.07 -63.93 -10.41
C THR P 156 -42.95 -63.17 -9.69
N VAL P 157 -42.76 -61.85 -9.86
CA VAL P 157 -41.79 -61.06 -9.07
C VAL P 157 -42.46 -60.61 -7.77
N TYR P 158 -43.72 -60.14 -7.79
CA TYR P 158 -44.46 -59.61 -6.61
C TYR P 158 -44.99 -60.76 -5.77
N LYS P 159 -44.96 -62.00 -6.24
CA LYS P 159 -45.40 -63.18 -5.47
C LYS P 159 -44.20 -63.68 -4.66
N HIS P 160 -42.98 -63.45 -5.13
CA HIS P 160 -41.74 -63.82 -4.38
C HIS P 160 -41.23 -62.58 -3.63
N SER P 161 -41.66 -61.37 -3.99
CA SER P 161 -41.22 -60.09 -3.36
C SER P 161 -41.74 -59.90 -1.96
N CYS P 162 -42.91 -60.43 -1.59
CA CYS P 162 -43.38 -60.37 -0.18
C CYS P 162 -42.28 -61.08 0.60
N GLY P 163 -41.77 -62.21 0.07
CA GLY P 163 -40.59 -62.91 0.61
C GLY P 163 -40.57 -63.11 2.10
N GLY P 164 -39.50 -62.71 2.77
CA GLY P 164 -39.32 -63.02 4.20
C GLY P 164 -37.86 -63.16 4.57
N LEU P 165 -36.98 -63.69 3.70
CA LEU P 165 -35.51 -63.70 3.95
C LEU P 165 -35.15 -62.28 3.51
N PRO P 166 -34.80 -61.32 4.39
CA PRO P 166 -34.66 -59.94 3.96
C PRO P 166 -33.63 -59.66 2.86
N PRO P 167 -32.44 -60.32 2.74
CA PRO P 167 -31.53 -60.01 1.64
C PRO P 167 -32.18 -60.28 0.28
N VAL P 168 -32.93 -61.37 0.11
CA VAL P 168 -33.60 -61.74 -1.19
C VAL P 168 -34.91 -60.99 -1.32
N ARG P 169 -35.30 -60.22 -0.33
CA ARG P 169 -36.58 -59.49 -0.34
C ARG P 169 -36.35 -58.14 -0.95
N SER P 170 -35.17 -57.51 -0.77
CA SER P 170 -34.99 -56.23 -1.49
C SER P 170 -34.33 -56.50 -2.82
N ALA P 171 -33.62 -57.61 -2.94
CA ALA P 171 -33.04 -57.93 -4.24
C ALA P 171 -34.19 -58.02 -5.23
N LEU P 172 -35.22 -58.82 -4.91
CA LEU P 172 -36.33 -59.06 -5.86
C LEU P 172 -37.09 -57.76 -6.00
N GLU P 173 -37.05 -56.93 -4.98
CA GLU P 173 -37.64 -55.60 -5.16
C GLU P 173 -36.88 -54.87 -6.26
N LYS P 174 -35.55 -54.95 -6.35
CA LYS P 174 -34.87 -54.18 -7.41
C LYS P 174 -35.42 -54.63 -8.76
N ILE P 175 -35.53 -55.93 -8.98
CA ILE P 175 -36.01 -56.43 -10.29
C ILE P 175 -37.44 -55.97 -10.54
N LEU P 176 -38.37 -56.05 -9.59
CA LEU P 176 -39.80 -55.74 -9.81
C LEU P 176 -40.07 -54.29 -10.25
N ALA P 177 -39.38 -53.30 -9.70
CA ALA P 177 -39.60 -51.87 -9.96
C ALA P 177 -39.29 -51.53 -11.38
N VAL P 178 -38.20 -52.11 -11.93
CA VAL P 178 -37.78 -51.93 -13.35
C VAL P 178 -38.96 -52.31 -14.24
N CYS P 179 -39.58 -53.45 -13.99
CA CYS P 179 -40.77 -53.91 -14.74
C CYS P 179 -41.81 -52.82 -14.70
N HIS P 180 -42.01 -52.21 -13.52
CA HIS P 180 -43.03 -51.16 -13.32
C HIS P 180 -42.70 -49.95 -14.20
N GLY P 181 -41.44 -49.60 -14.45
CA GLY P 181 -41.04 -48.53 -15.40
C GLY P 181 -41.38 -48.86 -16.85
N VAL P 182 -41.36 -50.13 -17.26
CA VAL P 182 -41.78 -50.47 -18.65
C VAL P 182 -43.29 -50.42 -18.64
N MET P 183 -43.91 -50.77 -17.51
CA MET P 183 -45.39 -50.82 -17.43
C MET P 183 -45.92 -49.43 -17.09
N TYR P 184 -45.06 -48.42 -16.94
CA TYR P 184 -45.54 -47.03 -16.79
C TYR P 184 -45.31 -46.20 -18.05
N LYS P 185 -44.81 -46.82 -19.13
CA LYS P 185 -44.50 -46.10 -20.40
C LYS P 185 -45.49 -46.56 -21.48
N GLN P 186 -45.91 -47.82 -21.46
CA GLN P 186 -46.92 -48.34 -22.40
C GLN P 186 -48.25 -47.75 -21.95
N LEU P 187 -48.46 -47.65 -20.64
CA LEU P 187 -49.74 -47.16 -20.05
C LEU P 187 -49.73 -45.64 -19.91
N SER P 188 -48.73 -44.96 -20.45
CA SER P 188 -48.71 -43.48 -20.46
C SER P 188 -48.95 -43.05 -21.88
N ALA P 189 -48.51 -43.85 -22.84
CA ALA P 189 -48.83 -43.54 -24.24
C ALA P 189 -50.32 -43.78 -24.47
N TRP P 190 -50.90 -44.81 -23.85
CA TRP P 190 -52.35 -45.10 -24.04
C TRP P 190 -53.24 -44.02 -23.43
N MET P 191 -52.97 -43.63 -22.19
CA MET P 191 -53.89 -42.72 -21.49
C MET P 191 -53.53 -41.28 -21.77
N LEU P 192 -52.51 -41.05 -22.54
CA LEU P 192 -52.22 -39.62 -22.81
C LEU P 192 -52.22 -39.35 -24.32
N HIS P 193 -51.56 -40.18 -25.13
CA HIS P 193 -51.41 -39.93 -26.59
C HIS P 193 -52.45 -40.71 -27.40
N GLY P 194 -53.02 -41.78 -26.87
CA GLY P 194 -54.02 -42.59 -27.56
C GLY P 194 -53.43 -43.69 -28.42
N LEU P 195 -52.09 -43.80 -28.48
CA LEU P 195 -51.40 -44.78 -29.37
C LEU P 195 -51.95 -46.19 -29.14
N LEU P 196 -52.35 -46.90 -30.20
CA LEU P 196 -52.82 -48.31 -30.13
C LEU P 196 -51.60 -49.22 -30.10
N LEU P 197 -51.69 -50.43 -29.51
CA LEU P 197 -50.59 -51.43 -29.51
C LEU P 197 -49.28 -50.75 -29.09
N ASP P 198 -49.29 -49.97 -28.01
CA ASP P 198 -48.05 -49.32 -27.55
C ASP P 198 -46.99 -50.43 -27.62
N GLN P 199 -47.39 -51.70 -27.45
CA GLN P 199 -46.48 -52.87 -27.63
C GLN P 199 -47.23 -53.98 -28.36
N HIS P 200 -46.57 -55.08 -28.71
CA HIS P 200 -47.24 -56.26 -29.36
C HIS P 200 -48.13 -57.02 -28.36
N GLU P 201 -49.07 -57.85 -28.86
CA GLU P 201 -50.03 -58.60 -28.02
C GLU P 201 -49.28 -59.47 -27.01
N GLU P 202 -49.61 -59.40 -25.70
CA GLU P 202 -48.97 -60.19 -24.60
C GLU P 202 -47.46 -60.00 -24.59
N GLN P 256 -63.58 -50.28 -30.88
CA GLN P 256 -62.13 -50.42 -30.73
C GLN P 256 -61.81 -51.59 -29.81
N PHE P 257 -60.52 -51.86 -29.55
CA PHE P 257 -60.03 -52.96 -28.68
C PHE P 257 -60.49 -52.77 -27.22
N SER P 258 -60.43 -53.81 -26.38
CA SER P 258 -60.95 -53.76 -24.98
C SER P 258 -60.20 -54.67 -24.00
N LEU P 259 -60.50 -54.62 -22.68
CA LEU P 259 -59.79 -55.32 -21.56
C LEU P 259 -59.34 -56.76 -21.85
N ARG P 260 -58.13 -57.13 -21.42
CA ARG P 260 -57.57 -58.49 -21.55
C ARG P 260 -57.41 -58.95 -20.12
N VAL P 261 -58.50 -59.40 -19.48
CA VAL P 261 -58.50 -59.69 -18.03
C VAL P 261 -57.45 -60.76 -17.66
N GLU P 262 -57.21 -61.79 -18.45
CA GLU P 262 -56.27 -62.86 -18.00
C GLU P 262 -54.87 -62.29 -17.69
N ILE P 263 -54.33 -61.24 -18.36
CA ILE P 263 -52.93 -60.77 -18.15
C ILE P 263 -52.85 -59.57 -17.19
N LEU P 264 -53.97 -59.08 -16.63
CA LEU P 264 -53.95 -57.96 -15.67
C LEU P 264 -53.18 -58.41 -14.44
N PRO P 265 -52.18 -57.70 -13.93
CA PRO P 265 -51.54 -58.11 -12.70
C PRO P 265 -52.58 -58.13 -11.57
N SER P 266 -52.48 -59.02 -10.59
CA SER P 266 -53.52 -59.19 -9.53
C SER P 266 -53.70 -57.93 -8.69
N TYR P 267 -52.63 -57.29 -8.29
CA TYR P 267 -52.67 -56.11 -7.39
C TYR P 267 -53.35 -54.92 -8.05
N ILE P 268 -53.27 -54.76 -9.37
CA ILE P 268 -54.03 -53.67 -10.04
C ILE P 268 -55.47 -54.17 -10.04
N PRO P 269 -56.42 -53.56 -9.31
CA PRO P 269 -57.76 -54.14 -9.18
C PRO P 269 -58.52 -54.07 -10.50
N VAL P 270 -59.46 -54.96 -10.75
CA VAL P 270 -60.16 -54.99 -12.07
C VAL P 270 -60.80 -53.62 -12.27
N ARG P 271 -61.26 -52.95 -11.22
CA ARG P 271 -61.92 -51.61 -11.34
C ARG P 271 -60.90 -50.55 -11.76
N VAL P 272 -59.66 -50.52 -11.25
CA VAL P 272 -58.70 -49.49 -11.74
C VAL P 272 -58.42 -49.74 -13.22
N ALA P 273 -58.32 -50.99 -13.72
CA ALA P 273 -58.08 -51.28 -15.14
C ALA P 273 -59.21 -50.70 -15.97
N GLU P 274 -60.46 -50.83 -15.55
CA GLU P 274 -61.55 -50.36 -16.41
C GLU P 274 -61.39 -48.85 -16.56
N LYS P 275 -60.99 -48.15 -15.51
CA LYS P 275 -60.92 -46.68 -15.62
C LYS P 275 -59.93 -46.31 -16.70
N ILE P 276 -58.87 -47.08 -16.87
CA ILE P 276 -57.83 -46.71 -17.86
C ILE P 276 -58.47 -46.74 -19.25
N LEU P 277 -59.29 -47.72 -19.55
CA LEU P 277 -59.78 -47.85 -20.94
C LEU P 277 -60.55 -46.59 -21.31
N PHE P 278 -61.49 -46.16 -20.47
CA PHE P 278 -62.34 -44.99 -20.83
C PHE P 278 -61.47 -43.78 -21.17
N VAL P 279 -60.40 -43.54 -20.40
CA VAL P 279 -59.51 -42.39 -20.62
C VAL P 279 -58.94 -42.62 -21.99
N GLY P 280 -58.60 -43.87 -22.30
CA GLY P 280 -57.97 -44.20 -23.59
C GLY P 280 -58.86 -44.02 -24.80
N GLU P 281 -60.07 -44.55 -24.78
CA GLU P 281 -60.94 -44.50 -25.96
C GLU P 281 -61.23 -43.05 -26.26
N SER P 282 -61.50 -42.25 -25.25
CA SER P 282 -61.90 -40.87 -25.53
C SER P 282 -60.79 -40.11 -26.23
N VAL P 283 -59.53 -40.42 -25.97
CA VAL P 283 -58.46 -39.58 -26.58
C VAL P 283 -58.59 -39.67 -28.09
N GLN P 284 -58.90 -40.85 -28.65
CA GLN P 284 -58.91 -40.98 -30.13
C GLN P 284 -59.91 -39.98 -30.69
N MET P 285 -61.10 -39.93 -30.13
CA MET P 285 -62.08 -38.91 -30.54
C MET P 285 -61.53 -37.54 -30.12
N SER P 298 -58.68 -32.02 -27.16
CA SER P 298 -59.13 -32.07 -25.75
C SER P 298 -58.33 -31.05 -24.96
N ILE P 299 -58.52 -30.96 -23.65
CA ILE P 299 -57.65 -30.09 -22.81
C ILE P 299 -56.57 -31.01 -22.26
N LEU P 300 -56.68 -32.29 -22.58
CA LEU P 300 -55.66 -33.25 -22.13
C LEU P 300 -54.35 -32.84 -22.78
N LYS P 301 -54.36 -32.42 -24.05
CA LYS P 301 -53.13 -32.02 -24.80
C LYS P 301 -52.49 -30.79 -24.14
N ASN P 302 -53.30 -29.85 -23.67
CA ASN P 302 -52.81 -28.60 -23.02
C ASN P 302 -51.99 -28.94 -21.77
N GLN P 303 -52.45 -29.85 -20.93
CA GLN P 303 -51.78 -30.22 -19.65
C GLN P 303 -51.19 -31.61 -19.78
N GLU P 304 -50.95 -32.09 -21.00
CA GLU P 304 -50.53 -33.49 -21.20
C GLU P 304 -49.23 -33.77 -20.46
N ASP P 305 -48.25 -32.90 -20.59
CA ASP P 305 -46.95 -33.09 -19.91
C ASP P 305 -47.14 -32.99 -18.40
N THR P 306 -48.04 -32.15 -17.89
CA THR P 306 -48.13 -32.05 -16.42
C THR P 306 -48.53 -33.43 -15.91
N PHE P 307 -49.44 -34.09 -16.63
CA PHE P 307 -49.89 -35.45 -16.29
C PHE P 307 -48.79 -36.44 -16.64
N ALA P 308 -47.86 -36.12 -17.54
CA ALA P 308 -46.73 -37.01 -17.87
C ALA P 308 -45.65 -36.79 -16.83
N ALA P 309 -45.51 -35.59 -16.28
CA ALA P 309 -44.55 -35.36 -15.18
C ALA P 309 -44.98 -36.23 -14.00
N GLU P 310 -46.26 -36.24 -13.65
CA GLU P 310 -46.72 -37.02 -12.48
C GLU P 310 -46.50 -38.49 -12.79
N LEU P 311 -46.96 -38.96 -13.95
CA LEU P 311 -46.68 -40.36 -14.36
C LEU P 311 -45.17 -40.51 -14.38
N HIS P 312 -44.41 -39.49 -14.77
CA HIS P 312 -42.94 -39.63 -14.62
C HIS P 312 -42.63 -39.73 -13.13
N ARG P 313 -43.27 -38.97 -12.25
CA ARG P 313 -42.91 -39.01 -10.82
C ARG P 313 -43.14 -40.44 -10.35
N LEU P 314 -44.28 -41.03 -10.68
CA LEU P 314 -44.57 -42.39 -10.20
C LEU P 314 -43.47 -43.34 -10.68
N LYS P 315 -42.76 -43.01 -11.74
CA LYS P 315 -41.75 -43.94 -12.29
C LYS P 315 -40.53 -43.89 -11.36
N GLN P 316 -40.17 -42.71 -10.87
CA GLN P 316 -38.94 -42.53 -10.03
C GLN P 316 -39.06 -43.24 -8.68
N GLN P 317 -40.24 -43.27 -8.04
CA GLN P 317 -40.40 -43.80 -6.66
C GLN P 317 -39.97 -45.27 -6.55
N PRO P 318 -39.33 -45.70 -5.45
CA PRO P 318 -38.83 -47.07 -5.32
C PRO P 318 -39.84 -48.21 -5.25
N LEU P 319 -40.99 -48.06 -4.57
CA LEU P 319 -41.95 -49.17 -4.35
C LEU P 319 -43.33 -48.83 -4.90
N PHE P 320 -44.18 -49.83 -5.17
CA PHE P 320 -45.50 -49.62 -5.81
C PHE P 320 -46.61 -49.52 -4.76
N SER P 321 -47.37 -48.41 -4.74
CA SER P 321 -48.51 -48.19 -3.81
C SER P 321 -49.76 -47.99 -4.66
N LEU P 322 -50.83 -48.77 -4.46
CA LEU P 322 -52.02 -48.68 -5.35
C LEU P 322 -52.67 -47.36 -4.98
N VAL P 323 -52.62 -47.00 -3.71
CA VAL P 323 -53.18 -45.73 -3.18
C VAL P 323 -52.59 -44.60 -4.03
N ASP P 324 -51.31 -44.64 -4.37
CA ASP P 324 -50.81 -43.56 -5.25
C ASP P 324 -51.21 -43.76 -6.70
N PHE P 325 -51.18 -44.98 -7.23
CA PHE P 325 -51.43 -45.14 -8.69
C PHE P 325 -52.80 -44.61 -9.04
N GLU P 326 -53.83 -44.98 -8.28
CA GLU P 326 -55.21 -44.61 -8.62
C GLU P 326 -55.27 -43.11 -8.67
N GLN P 327 -54.67 -42.44 -7.72
CA GLN P 327 -54.87 -40.99 -7.67
C GLN P 327 -54.49 -40.37 -9.02
N VAL P 328 -53.44 -40.82 -9.69
CA VAL P 328 -53.15 -40.21 -11.02
C VAL P 328 -54.23 -40.59 -12.04
N VAL P 329 -54.37 -41.92 -12.23
CA VAL P 329 -55.40 -42.46 -13.14
C VAL P 329 -56.63 -41.63 -12.84
N ASP P 330 -56.98 -41.50 -11.57
CA ASP P 330 -58.21 -40.77 -11.21
C ASP P 330 -58.10 -39.32 -11.64
N ARG P 331 -56.96 -38.66 -11.43
CA ARG P 331 -56.95 -37.24 -11.83
C ARG P 331 -57.18 -37.18 -13.34
N ILE P 332 -56.36 -37.94 -14.07
CA ILE P 332 -56.49 -38.00 -15.55
C ILE P 332 -57.93 -38.40 -15.85
N ARG P 333 -58.53 -39.29 -15.09
CA ARG P 333 -59.96 -39.60 -15.35
C ARG P 333 -60.73 -38.30 -15.23
N SER P 334 -60.51 -37.51 -14.21
CA SER P 334 -61.36 -36.32 -14.00
C SER P 334 -61.49 -35.43 -15.25
N THR P 335 -60.44 -35.01 -15.95
CA THR P 335 -60.36 -34.05 -17.08
C THR P 335 -60.79 -34.72 -18.38
N VAL P 336 -60.31 -35.94 -18.68
CA VAL P 336 -60.63 -36.59 -19.98
C VAL P 336 -62.13 -36.83 -20.06
N ALA P 337 -62.74 -37.40 -19.03
CA ALA P 337 -64.21 -37.58 -19.03
C ALA P 337 -64.90 -36.23 -19.02
N GLU P 338 -64.42 -35.27 -18.26
CA GLU P 338 -65.20 -34.02 -18.23
C GLU P 338 -65.23 -33.51 -19.66
N HIS P 339 -64.21 -33.77 -20.48
CA HIS P 339 -64.21 -33.16 -21.83
C HIS P 339 -65.36 -33.67 -22.69
N LEU P 340 -65.69 -34.96 -22.68
CA LEU P 340 -66.74 -35.41 -23.60
C LEU P 340 -68.05 -34.74 -23.22
N TRP P 341 -68.40 -34.73 -21.94
CA TRP P 341 -69.62 -34.04 -21.47
C TRP P 341 -69.45 -32.57 -21.78
N LYS P 342 -68.23 -32.09 -21.68
CA LYS P 342 -68.05 -30.64 -21.86
C LYS P 342 -68.59 -30.28 -23.24
N LEU P 343 -68.43 -31.16 -24.22
CA LEU P 343 -68.84 -30.81 -25.60
C LEU P 343 -70.22 -31.33 -25.95
N MET P 344 -70.49 -32.60 -25.69
CA MET P 344 -71.75 -33.22 -26.18
C MET P 344 -72.93 -32.42 -25.69
N VAL P 345 -72.94 -31.95 -24.44
CA VAL P 345 -74.12 -31.22 -23.88
C VAL P 345 -74.30 -29.89 -24.62
N GLU P 346 -73.20 -29.19 -25.00
CA GLU P 346 -73.30 -27.85 -25.63
C GLU P 346 -73.18 -27.94 -27.16
N GLU P 347 -72.10 -28.52 -27.73
CA GLU P 347 -71.86 -28.52 -29.20
C GLU P 347 -72.46 -29.73 -29.95
N SER P 348 -72.81 -30.86 -29.31
CA SER P 348 -73.50 -32.02 -29.95
C SER P 348 -74.97 -31.95 -29.60
N ASP P 349 -75.36 -30.96 -28.79
CA ASP P 349 -76.78 -30.71 -28.40
C ASP P 349 -77.39 -31.97 -27.80
N LEU P 350 -76.65 -32.71 -26.97
CA LEU P 350 -77.07 -34.00 -26.37
C LEU P 350 -78.52 -33.90 -25.89
N LEU P 351 -78.89 -32.86 -25.12
CA LEU P 351 -80.25 -32.68 -24.53
C LEU P 351 -81.29 -32.46 -25.64
N GLY P 352 -81.00 -31.62 -26.63
CA GLY P 352 -81.92 -31.26 -27.71
C GLY P 352 -82.28 -32.42 -28.62
N GLN P 353 -81.34 -33.31 -28.99
CA GLN P 353 -81.60 -34.51 -29.80
C GLN P 353 -82.44 -35.47 -28.98
N LEU P 354 -82.35 -35.47 -27.66
CA LEU P 354 -83.19 -36.45 -26.94
C LEU P 354 -84.65 -36.14 -27.25
N LYS P 355 -85.06 -34.86 -27.28
CA LYS P 355 -86.46 -34.53 -27.64
C LYS P 355 -86.80 -35.26 -28.93
N ILE P 356 -85.87 -35.33 -29.87
CA ILE P 356 -86.07 -36.04 -31.17
C ILE P 356 -86.17 -37.54 -30.95
N ILE P 357 -85.40 -38.16 -30.06
CA ILE P 357 -85.62 -39.62 -29.91
C ILE P 357 -87.04 -39.82 -29.35
N LYS P 358 -87.43 -39.09 -28.32
CA LYS P 358 -88.76 -39.36 -27.74
C LYS P 358 -89.88 -38.98 -28.71
N ASP P 359 -89.79 -37.84 -29.37
CA ASP P 359 -90.93 -37.35 -30.18
C ASP P 359 -91.30 -38.32 -31.29
N PHE P 360 -90.36 -38.87 -32.04
CA PHE P 360 -90.72 -39.71 -33.19
C PHE P 360 -90.51 -41.19 -32.88
N TYR P 361 -89.97 -41.58 -31.72
CA TYR P 361 -89.60 -42.99 -31.46
C TYR P 361 -90.36 -43.61 -30.30
N LEU P 362 -90.70 -42.85 -29.25
CA LEU P 362 -91.49 -43.35 -28.09
C LEU P 362 -92.93 -42.84 -28.25
N LEU P 363 -93.37 -42.59 -29.47
CA LEU P 363 -94.74 -42.14 -29.83
C LEU P 363 -95.05 -40.81 -29.14
N GLY P 364 -94.05 -40.03 -28.86
CA GLY P 364 -94.22 -38.72 -28.21
C GLY P 364 -94.83 -37.74 -29.16
N ARG P 365 -95.05 -38.06 -30.43
CA ARG P 365 -95.75 -37.15 -31.38
C ARG P 365 -97.15 -37.65 -31.67
N GLY P 366 -98.15 -36.75 -31.79
CA GLY P 366 -99.56 -37.12 -32.01
C GLY P 366 -99.91 -37.18 -33.48
N GLU P 367 -99.47 -36.19 -34.24
CA GLU P 367 -99.80 -36.11 -35.67
C GLU P 367 -99.04 -37.13 -36.51
N LEU P 368 -97.77 -37.43 -36.22
CA LEU P 368 -96.97 -38.22 -37.18
C LEU P 368 -97.39 -39.67 -37.07
N PHE P 369 -97.68 -40.18 -35.88
CA PHE P 369 -97.98 -41.63 -35.67
C PHE P 369 -99.47 -41.93 -35.56
N GLN P 370 -100.35 -40.95 -35.74
CA GLN P 370 -101.82 -41.20 -35.75
C GLN P 370 -102.31 -41.14 -37.19
N ALA P 371 -102.03 -40.04 -37.87
CA ALA P 371 -102.47 -39.85 -39.27
C ALA P 371 -101.72 -40.84 -40.14
N PHE P 372 -100.52 -41.30 -39.76
CA PHE P 372 -99.78 -42.33 -40.51
C PHE P 372 -100.56 -43.63 -40.52
N ILE P 373 -101.25 -44.00 -39.44
CA ILE P 373 -101.95 -45.32 -39.37
C ILE P 373 -103.23 -45.17 -40.19
N ASP P 374 -103.83 -43.99 -40.24
CA ASP P 374 -105.03 -43.73 -41.07
C ASP P 374 -104.69 -43.79 -42.55
N THR P 375 -103.54 -43.30 -42.95
CA THR P 375 -103.16 -43.25 -44.40
C THR P 375 -102.23 -44.43 -44.72
N ALA P 376 -102.06 -45.39 -43.83
CA ALA P 376 -101.26 -46.58 -44.18
C ALA P 376 -101.97 -47.84 -43.72
N GLN P 377 -103.25 -47.78 -43.49
CA GLN P 377 -103.94 -48.96 -42.92
C GLN P 377 -103.82 -50.12 -43.90
N HIS P 378 -103.65 -49.86 -45.18
CA HIS P 378 -103.69 -50.94 -46.20
C HIS P 378 -102.62 -52.00 -45.97
N MET P 379 -101.52 -51.70 -45.28
CA MET P 379 -100.45 -52.70 -45.03
C MET P 379 -100.86 -53.64 -43.89
N LEU P 380 -101.95 -54.39 -44.02
CA LEU P 380 -102.41 -55.36 -43.00
C LEU P 380 -102.10 -56.78 -43.46
N LYS P 381 -101.85 -56.98 -44.76
CA LYS P 381 -101.54 -58.32 -45.35
C LYS P 381 -100.08 -58.65 -45.08
N THR P 382 -99.69 -59.92 -45.12
CA THR P 382 -98.28 -60.32 -44.95
C THR P 382 -97.50 -59.73 -46.12
N PRO P 383 -96.39 -58.97 -45.93
CA PRO P 383 -95.57 -58.49 -47.05
C PRO P 383 -94.23 -59.21 -47.24
N PRO P 384 -93.74 -59.42 -48.49
CA PRO P 384 -92.40 -59.98 -48.73
C PRO P 384 -91.41 -58.81 -48.80
N THR P 385 -91.87 -57.58 -48.58
CA THR P 385 -91.06 -56.32 -48.61
C THR P 385 -90.93 -55.87 -50.06
N ALA P 386 -91.62 -56.52 -51.00
CA ALA P 386 -91.49 -56.21 -52.44
C ALA P 386 -91.98 -54.80 -52.75
N VAL P 387 -93.16 -54.41 -52.26
CA VAL P 387 -93.77 -53.10 -52.61
C VAL P 387 -94.13 -52.31 -51.35
N THR P 388 -94.73 -52.94 -50.35
CA THR P 388 -95.22 -52.25 -49.12
C THR P 388 -94.04 -51.56 -48.45
N GLU P 389 -92.88 -52.21 -48.42
CA GLU P 389 -91.68 -51.62 -47.78
C GLU P 389 -91.48 -50.20 -48.35
N HIS P 390 -91.42 -50.01 -49.67
CA HIS P 390 -91.19 -48.64 -50.14
C HIS P 390 -92.38 -47.80 -49.72
N ASP P 391 -93.62 -48.27 -49.81
CA ASP P 391 -94.85 -47.45 -49.62
C ASP P 391 -94.99 -46.91 -48.18
N VAL P 392 -94.53 -47.56 -47.09
CA VAL P 392 -94.74 -47.13 -45.68
C VAL P 392 -93.83 -45.93 -45.41
N ASN P 393 -92.57 -45.96 -45.83
CA ASN P 393 -91.70 -44.78 -45.65
C ASN P 393 -92.33 -43.68 -46.47
N VAL P 394 -92.82 -44.04 -47.64
CA VAL P 394 -93.47 -43.04 -48.51
C VAL P 394 -94.60 -42.47 -47.68
N ALA P 395 -95.34 -43.30 -46.95
CA ALA P 395 -96.49 -42.85 -46.16
C ALA P 395 -96.04 -41.96 -45.01
N PHE P 396 -94.98 -42.34 -44.32
CA PHE P 396 -94.53 -41.59 -43.13
C PHE P 396 -94.18 -40.18 -43.55
N GLN P 397 -93.37 -40.05 -44.59
CA GLN P 397 -92.91 -38.71 -44.99
C GLN P 397 -94.12 -37.93 -45.47
N GLN P 398 -95.02 -38.57 -46.17
CA GLN P 398 -96.24 -37.86 -46.56
C GLN P 398 -96.97 -37.47 -45.29
N SER P 399 -97.10 -38.35 -44.31
CA SER P 399 -97.89 -38.04 -43.10
C SER P 399 -97.46 -36.67 -42.56
N ALA P 400 -96.16 -36.47 -42.37
CA ALA P 400 -95.63 -35.24 -41.74
C ALA P 400 -96.03 -33.99 -42.52
N HIS P 401 -96.17 -34.08 -43.84
CA HIS P 401 -96.40 -32.90 -44.71
C HIS P 401 -97.77 -32.26 -44.47
N LYS P 402 -98.73 -32.94 -43.84
CA LYS P 402 -100.11 -32.40 -43.71
C LYS P 402 -100.12 -31.08 -42.94
N VAL P 403 -99.37 -30.92 -41.84
CA VAL P 403 -99.26 -29.64 -41.08
C VAL P 403 -97.80 -29.37 -40.75
N LEU P 404 -97.12 -28.56 -41.55
CA LEU P 404 -95.71 -28.17 -41.27
C LEU P 404 -94.93 -29.45 -40.92
N LEU P 405 -94.17 -29.48 -39.81
CA LEU P 405 -93.35 -30.66 -39.40
C LEU P 405 -92.50 -31.02 -40.61
N ASP P 406 -91.99 -30.03 -41.33
CA ASP P 406 -91.21 -30.26 -42.58
C ASP P 406 -89.85 -29.57 -42.48
N ASP P 407 -88.93 -30.10 -41.68
CA ASP P 407 -87.53 -29.59 -41.63
C ASP P 407 -86.62 -30.83 -41.52
N ASP P 408 -85.50 -30.91 -42.26
CA ASP P 408 -84.64 -32.12 -42.30
C ASP P 408 -85.61 -33.31 -42.40
N ASN P 409 -85.63 -34.27 -41.47
CA ASN P 409 -86.55 -35.44 -41.46
C ASN P 409 -86.11 -36.46 -42.50
N LEU P 410 -84.92 -36.30 -43.06
CA LEU P 410 -84.37 -37.28 -44.03
C LEU P 410 -83.99 -38.54 -43.28
N LEU P 411 -83.37 -38.39 -42.10
CA LEU P 411 -82.84 -39.57 -41.38
C LEU P 411 -83.92 -40.62 -41.03
N PRO P 412 -85.13 -40.28 -40.48
CA PRO P 412 -86.03 -41.34 -40.04
C PRO P 412 -86.43 -42.26 -41.19
N LEU P 413 -86.20 -43.56 -41.04
CA LEU P 413 -86.51 -44.59 -42.07
C LEU P 413 -87.26 -45.73 -41.39
N LEU P 414 -88.38 -46.20 -41.94
CA LEU P 414 -89.09 -47.36 -41.38
C LEU P 414 -88.63 -48.57 -42.18
N HIS P 415 -88.63 -49.76 -41.60
CA HIS P 415 -88.14 -51.00 -42.25
C HIS P 415 -89.10 -52.16 -42.01
N LEU P 416 -89.25 -53.08 -42.96
CA LEU P 416 -90.10 -54.28 -42.80
C LEU P 416 -89.20 -55.51 -42.84
N THR P 417 -89.26 -56.38 -41.85
CA THR P 417 -88.37 -57.57 -41.79
C THR P 417 -88.70 -58.55 -42.91
N SER P 448 -99.74 -59.71 -40.89
CA SER P 448 -98.51 -59.26 -40.20
C SER P 448 -98.04 -57.98 -40.85
N GLY P 449 -98.94 -57.30 -41.56
CA GLY P 449 -98.59 -56.07 -42.26
C GLY P 449 -98.14 -55.00 -41.29
N TRP P 450 -98.77 -54.90 -40.11
CA TRP P 450 -98.37 -53.95 -39.04
C TRP P 450 -97.55 -54.67 -37.97
N ALA P 451 -97.30 -55.97 -38.12
CA ALA P 451 -96.56 -56.78 -37.12
C ALA P 451 -95.11 -56.34 -37.02
N ALA P 452 -94.46 -56.06 -38.14
CA ALA P 452 -93.05 -55.60 -38.14
C ALA P 452 -92.95 -54.22 -38.77
N LEU P 453 -92.56 -53.20 -38.01
CA LEU P 453 -92.31 -51.85 -38.54
C LEU P 453 -91.21 -51.24 -37.67
N GLY P 454 -90.13 -51.97 -37.45
CA GLY P 454 -89.01 -51.48 -36.61
C GLY P 454 -88.39 -50.25 -37.22
N LEU P 455 -88.15 -49.20 -36.43
CA LEU P 455 -87.61 -47.90 -36.92
C LEU P 455 -86.09 -47.88 -36.72
N SER P 456 -85.33 -47.07 -37.48
CA SER P 456 -83.87 -46.88 -37.38
C SER P 456 -83.50 -45.42 -37.63
N TYR P 457 -82.79 -44.75 -36.70
CA TYR P 457 -82.32 -43.36 -36.87
C TYR P 457 -80.83 -43.47 -37.19
N LYS P 458 -80.25 -42.53 -37.92
CA LYS P 458 -78.80 -42.53 -38.22
C LYS P 458 -78.14 -41.46 -37.37
N VAL P 459 -77.20 -41.82 -36.49
CA VAL P 459 -76.51 -40.88 -35.55
C VAL P 459 -75.18 -40.43 -36.19
N GLN P 460 -74.55 -39.37 -35.67
CA GLN P 460 -73.18 -38.94 -36.08
C GLN P 460 -72.27 -39.69 -35.12
N TRP P 461 -71.54 -40.76 -35.53
CA TRP P 461 -70.76 -41.66 -34.64
C TRP P 461 -69.56 -41.00 -33.91
N PRO P 462 -68.64 -40.22 -34.54
CA PRO P 462 -67.62 -39.52 -33.75
C PRO P 462 -68.25 -38.59 -32.69
N LEU P 463 -69.39 -37.97 -33.01
CA LEU P 463 -70.12 -37.02 -32.10
C LEU P 463 -71.15 -37.72 -31.22
N HIS P 464 -71.40 -39.03 -31.37
CA HIS P 464 -72.34 -39.77 -30.49
C HIS P 464 -71.91 -41.21 -30.24
N ILE P 465 -71.34 -41.48 -29.05
CA ILE P 465 -71.00 -42.86 -28.58
C ILE P 465 -72.03 -43.28 -27.53
N LEU P 466 -72.85 -42.36 -26.99
CA LEU P 466 -73.94 -42.66 -26.01
C LEU P 466 -74.99 -43.54 -26.68
N PHE P 467 -75.43 -43.20 -27.88
CA PHE P 467 -76.39 -44.01 -28.67
C PHE P 467 -75.52 -45.01 -29.42
N THR P 468 -75.77 -46.30 -29.27
CA THR P 468 -74.89 -47.37 -29.81
C THR P 468 -75.72 -48.34 -30.63
N PRO P 469 -75.12 -49.33 -31.34
CA PRO P 469 -75.93 -50.31 -32.05
C PRO P 469 -76.81 -51.07 -31.07
N ALA P 470 -76.29 -51.47 -29.92
CA ALA P 470 -77.04 -52.23 -28.89
C ALA P 470 -78.14 -51.39 -28.24
N VAL P 471 -77.93 -50.11 -27.93
CA VAL P 471 -78.91 -49.30 -27.16
C VAL P 471 -80.12 -48.96 -28.02
N LEU P 472 -79.95 -48.51 -29.26
CA LEU P 472 -81.07 -48.13 -30.15
C LEU P 472 -81.88 -49.39 -30.46
N GLU P 473 -81.30 -50.58 -30.36
CA GLU P 473 -82.09 -51.83 -30.53
C GLU P 473 -83.14 -51.92 -29.42
N LYS P 474 -82.77 -51.66 -28.17
CA LYS P 474 -83.71 -51.75 -27.02
C LYS P 474 -84.78 -50.67 -27.18
N TYR P 475 -84.42 -49.47 -27.61
CA TYR P 475 -85.42 -48.41 -27.87
C TYR P 475 -86.37 -48.97 -28.90
N ASN P 476 -85.91 -49.74 -29.88
CA ASN P 476 -86.77 -50.29 -30.97
C ASN P 476 -87.81 -51.23 -30.35
N VAL P 477 -87.43 -52.06 -29.38
CA VAL P 477 -88.38 -53.06 -28.83
C VAL P 477 -89.55 -52.29 -28.22
N VAL P 478 -89.25 -51.23 -27.51
CA VAL P 478 -90.30 -50.40 -26.86
C VAL P 478 -91.16 -49.79 -27.96
N PHE P 479 -90.57 -49.32 -29.06
CA PHE P 479 -91.35 -48.62 -30.11
C PHE P 479 -92.39 -49.56 -30.67
N LYS P 480 -92.04 -50.82 -30.90
CA LYS P 480 -92.98 -51.81 -31.46
C LYS P 480 -94.10 -52.10 -30.46
N TYR P 481 -93.78 -52.29 -29.18
CA TYR P 481 -94.78 -52.57 -28.12
C TYR P 481 -95.71 -51.38 -27.89
N LEU P 482 -95.15 -50.17 -27.85
CA LEU P 482 -95.96 -48.97 -27.57
C LEU P 482 -96.78 -48.71 -28.83
N LEU P 483 -96.37 -49.24 -29.97
CA LEU P 483 -97.21 -49.09 -31.20
C LEU P 483 -98.45 -49.96 -31.08
N SER P 484 -98.35 -51.14 -30.46
CA SER P 484 -99.49 -52.08 -30.39
C SER P 484 -100.67 -51.43 -29.67
N VAL P 485 -100.42 -50.79 -28.53
CA VAL P 485 -101.50 -50.15 -27.73
C VAL P 485 -102.09 -49.02 -28.56
N ARG P 486 -101.27 -48.23 -29.23
CA ARG P 486 -101.81 -47.05 -29.97
C ARG P 486 -102.74 -47.56 -31.07
N ARG P 487 -102.37 -48.63 -31.76
CA ARG P 487 -103.18 -49.14 -32.89
C ARG P 487 -104.53 -49.64 -32.37
N VAL P 488 -104.56 -50.39 -31.27
CA VAL P 488 -105.84 -51.00 -30.78
C VAL P 488 -106.77 -49.89 -30.29
N GLN P 489 -106.24 -48.86 -29.65
CA GLN P 489 -107.09 -47.80 -29.05
C GLN P 489 -107.74 -47.00 -30.17
N ALA P 490 -107.16 -47.00 -31.36
CA ALA P 490 -107.74 -46.31 -32.54
C ALA P 490 -108.98 -47.06 -33.01
N GLU P 491 -108.93 -48.40 -33.04
CA GLU P 491 -110.07 -49.21 -33.51
C GLU P 491 -111.26 -48.97 -32.58
N LEU P 492 -111.05 -49.03 -31.26
CA LEU P 492 -112.16 -48.89 -30.28
C LEU P 492 -112.78 -47.50 -30.39
N GLN P 493 -111.99 -46.45 -30.46
CA GLN P 493 -112.55 -45.07 -30.51
C GLN P 493 -113.33 -44.99 -31.80
N HIS P 494 -112.85 -45.58 -32.90
CA HIS P 494 -113.58 -45.64 -34.19
C HIS P 494 -114.81 -46.54 -34.03
N CYS P 495 -114.67 -47.66 -33.30
CA CYS P 495 -115.76 -48.64 -33.09
C CYS P 495 -116.87 -47.94 -32.33
N TRP P 496 -116.57 -46.80 -31.69
CA TRP P 496 -117.60 -45.98 -31.02
C TRP P 496 -118.28 -45.24 -32.16
N ALA P 497 -118.96 -45.96 -33.05
CA ALA P 497 -119.76 -45.38 -34.16
C ALA P 497 -121.23 -45.66 -33.82
N LEU P 498 -121.52 -46.11 -32.60
CA LEU P 498 -122.92 -46.29 -32.11
C LEU P 498 -123.50 -44.91 -31.82
N GLN P 499 -122.77 -44.07 -31.09
CA GLN P 499 -123.24 -42.69 -30.83
C GLN P 499 -123.25 -41.99 -32.18
N MET P 500 -122.25 -42.24 -33.01
CA MET P 500 -122.10 -41.54 -34.31
C MET P 500 -123.20 -41.88 -35.32
N GLN P 501 -123.62 -43.13 -35.47
CA GLN P 501 -124.52 -43.53 -36.58
C GLN P 501 -125.67 -44.44 -36.16
N ARG P 502 -125.41 -45.64 -35.68
CA ARG P 502 -126.50 -46.63 -35.46
C ARG P 502 -127.56 -46.07 -34.51
N LYS P 503 -127.20 -45.47 -33.38
CA LYS P 503 -128.22 -45.01 -32.40
C LYS P 503 -128.61 -43.57 -32.70
N HIS P 504 -127.86 -42.87 -33.56
CA HIS P 504 -128.14 -41.44 -33.81
C HIS P 504 -129.32 -41.35 -34.78
N LEU P 505 -130.49 -40.87 -34.33
CA LEU P 505 -131.72 -40.67 -35.15
C LEU P 505 -132.48 -41.97 -35.36
N LYS P 506 -131.94 -43.12 -34.97
CA LYS P 506 -132.59 -44.43 -35.19
C LYS P 506 -132.62 -45.22 -33.89
N SER P 507 -133.80 -45.63 -33.41
CA SER P 507 -133.94 -46.48 -32.21
C SER P 507 -133.35 -47.87 -32.50
N ASN P 508 -133.54 -48.39 -33.71
CA ASN P 508 -133.08 -49.77 -34.08
C ASN P 508 -133.74 -50.72 -33.08
N GLN P 509 -133.00 -51.68 -32.50
CA GLN P 509 -133.51 -52.63 -31.49
C GLN P 509 -132.57 -52.58 -30.29
N THR P 510 -133.10 -52.51 -29.08
CA THR P 510 -132.28 -52.42 -27.84
C THR P 510 -132.38 -53.78 -27.15
N ASP P 511 -131.27 -54.37 -26.69
CA ASP P 511 -131.21 -55.71 -26.03
C ASP P 511 -131.38 -56.78 -27.12
N ALA P 512 -132.43 -56.71 -27.92
CA ALA P 512 -132.68 -57.67 -29.03
C ALA P 512 -131.53 -57.58 -30.04
N ILE P 513 -131.07 -56.38 -30.40
CA ILE P 513 -129.93 -56.20 -31.36
C ILE P 513 -128.93 -55.21 -30.76
N LYS P 514 -128.11 -55.66 -29.79
CA LYS P 514 -127.01 -54.84 -29.24
C LYS P 514 -125.83 -55.80 -29.05
N TRP P 515 -124.59 -55.30 -28.97
CA TRP P 515 -123.37 -56.13 -28.75
C TRP P 515 -123.13 -56.20 -27.25
N ARG P 516 -124.08 -55.70 -26.45
CA ARG P 516 -124.01 -55.70 -24.97
C ARG P 516 -123.16 -54.50 -24.57
N LEU P 517 -122.73 -53.66 -25.53
CA LEU P 517 -121.89 -52.47 -25.26
C LEU P 517 -120.72 -52.89 -24.39
N ARG P 518 -120.08 -54.02 -24.72
CA ARG P 518 -118.84 -54.43 -24.02
C ARG P 518 -117.79 -53.42 -24.46
N ASN P 519 -118.05 -52.63 -25.49
CA ASN P 519 -117.12 -51.54 -25.90
C ASN P 519 -116.65 -50.81 -24.65
N HIS P 520 -117.47 -50.64 -23.60
CA HIS P 520 -117.05 -49.83 -22.44
C HIS P 520 -116.01 -50.58 -21.60
N MET P 521 -116.15 -51.89 -21.37
CA MET P 521 -115.21 -52.68 -20.53
C MET P 521 -113.89 -52.94 -21.25
N ALA P 522 -113.91 -53.28 -22.52
CA ALA P 522 -112.67 -53.46 -23.30
C ALA P 522 -111.93 -52.14 -23.25
N PHE P 523 -112.68 -51.05 -23.34
CA PHE P 523 -112.04 -49.72 -23.38
C PHE P 523 -111.26 -49.47 -22.10
N LEU P 524 -111.79 -49.81 -20.93
CA LEU P 524 -111.06 -49.43 -19.70
C LEU P 524 -109.71 -50.12 -19.71
N VAL P 525 -109.65 -51.44 -19.94
CA VAL P 525 -108.38 -52.22 -19.88
C VAL P 525 -107.44 -51.69 -20.97
N ASP P 526 -107.94 -50.92 -21.93
CA ASP P 526 -107.09 -50.33 -23.00
C ASP P 526 -106.90 -48.84 -22.78
N ASN P 527 -107.89 -48.11 -22.25
CA ASN P 527 -107.71 -46.69 -21.90
C ASN P 527 -106.81 -46.58 -20.67
N LEU P 528 -106.90 -47.50 -19.70
CA LEU P 528 -106.12 -47.39 -18.45
C LEU P 528 -104.63 -47.59 -18.73
N GLN P 529 -104.26 -48.47 -19.67
CA GLN P 529 -102.84 -48.74 -20.00
C GLN P 529 -102.24 -47.47 -20.60
N TYR P 530 -103.02 -46.74 -21.41
CA TYR P 530 -102.60 -45.45 -22.02
C TYR P 530 -102.37 -44.43 -20.90
N TYR P 531 -103.23 -44.27 -19.91
CA TYR P 531 -102.94 -43.30 -18.84
C TYR P 531 -101.72 -43.81 -18.05
N LEU P 532 -101.58 -45.10 -17.76
CA LEU P 532 -100.38 -45.66 -17.08
C LEU P 532 -99.13 -45.30 -17.88
N GLN P 533 -99.12 -45.53 -19.19
CA GLN P 533 -97.94 -45.34 -20.08
C GLN P 533 -97.53 -43.87 -20.07
N VAL P 534 -98.46 -42.94 -19.79
CA VAL P 534 -98.20 -41.46 -19.74
C VAL P 534 -97.32 -41.15 -18.52
N ASP P 535 -97.52 -41.79 -17.36
CA ASP P 535 -96.64 -41.65 -16.15
C ASP P 535 -95.32 -42.45 -16.17
N VAL P 536 -95.25 -43.72 -16.62
CA VAL P 536 -93.96 -44.44 -16.72
C VAL P 536 -93.05 -43.71 -17.70
N LEU P 537 -93.52 -43.31 -18.88
CA LEU P 537 -92.64 -42.51 -19.78
C LEU P 537 -92.41 -41.09 -19.28
N GLU P 538 -93.43 -40.33 -19.00
CA GLU P 538 -93.15 -38.91 -18.66
C GLU P 538 -92.41 -38.81 -17.35
N SER P 539 -92.63 -39.68 -16.36
CA SER P 539 -91.83 -39.52 -15.13
C SER P 539 -90.36 -39.69 -15.45
N GLN P 540 -90.01 -40.73 -16.18
CA GLN P 540 -88.57 -40.99 -16.37
C GLN P 540 -87.94 -39.83 -17.14
N PHE P 541 -88.58 -39.29 -18.16
CA PHE P 541 -87.93 -38.26 -18.98
C PHE P 541 -87.72 -37.00 -18.17
N SER P 542 -88.51 -36.74 -17.16
CA SER P 542 -88.18 -35.56 -16.34
C SER P 542 -86.86 -35.81 -15.61
N GLN P 543 -86.68 -37.02 -15.07
CA GLN P 543 -85.45 -37.38 -14.28
C GLN P 543 -84.16 -37.52 -15.12
N LEU P 544 -84.19 -38.18 -16.28
CA LEU P 544 -83.03 -38.27 -17.19
C LEU P 544 -82.64 -36.86 -17.67
N LEU P 545 -83.55 -35.90 -17.89
CA LEU P 545 -83.20 -34.57 -18.46
C LEU P 545 -82.95 -33.55 -17.38
N HIS P 546 -83.05 -33.94 -16.12
CA HIS P 546 -82.66 -33.03 -15.03
C HIS P 546 -81.31 -33.52 -14.47
N GLN P 547 -81.13 -34.84 -14.34
CA GLN P 547 -79.83 -35.38 -13.90
C GLN P 547 -78.77 -34.97 -14.89
N ILE P 548 -79.00 -35.20 -16.18
CA ILE P 548 -77.97 -34.88 -17.20
C ILE P 548 -77.53 -33.45 -16.90
N ASN P 549 -78.44 -32.58 -16.51
CA ASN P 549 -78.06 -31.16 -16.30
C ASN P 549 -77.07 -30.97 -15.15
N SER P 550 -77.24 -31.64 -14.01
CA SER P 550 -76.34 -31.41 -12.84
C SER P 550 -74.91 -31.97 -12.96
N THR P 551 -74.71 -33.23 -13.35
CA THR P 551 -73.32 -33.82 -13.31
C THR P 551 -72.41 -33.33 -14.42
N ARG P 552 -71.11 -33.70 -14.42
CA ARG P 552 -70.12 -33.11 -15.35
C ARG P 552 -69.16 -34.13 -16.00
N ASP P 553 -69.36 -35.44 -15.87
CA ASP P 553 -68.53 -36.45 -16.57
C ASP P 553 -69.42 -37.28 -17.49
N PHE P 554 -69.02 -37.49 -18.74
CA PHE P 554 -69.83 -38.25 -19.71
C PHE P 554 -70.05 -39.69 -19.23
N GLU P 555 -69.04 -40.31 -18.62
CA GLU P 555 -69.17 -41.74 -18.23
C GLU P 555 -70.33 -41.87 -17.24
N SER P 556 -70.47 -40.93 -16.32
CA SER P 556 -71.58 -40.97 -15.33
C SER P 556 -72.93 -40.83 -16.04
N ILE P 557 -73.12 -39.72 -16.77
CA ILE P 557 -74.37 -39.48 -17.56
C ILE P 557 -74.77 -40.79 -18.22
N ARG P 558 -73.80 -41.58 -18.66
CA ARG P 558 -74.14 -42.81 -19.39
C ARG P 558 -74.89 -43.72 -18.44
N LEU P 559 -74.55 -43.69 -17.17
CA LEU P 559 -75.31 -44.49 -16.16
C LEU P 559 -76.76 -43.99 -16.14
N ALA P 560 -76.99 -42.68 -16.19
CA ALA P 560 -78.37 -42.13 -16.07
C ALA P 560 -79.19 -42.70 -17.20
N HIS P 561 -78.65 -42.59 -18.40
CA HIS P 561 -79.41 -43.06 -19.57
C HIS P 561 -79.54 -44.57 -19.46
N ASP P 562 -78.52 -45.29 -19.03
CA ASP P 562 -78.70 -46.77 -19.04
C ASP P 562 -79.65 -47.17 -17.93
N HIS P 563 -79.99 -46.24 -17.05
CA HIS P 563 -81.04 -46.53 -16.04
C HIS P 563 -82.38 -46.00 -16.60
N PHE P 564 -82.36 -44.92 -17.40
CA PHE P 564 -83.63 -44.32 -17.91
C PHE P 564 -84.29 -45.33 -18.80
N LEU P 565 -83.59 -45.90 -19.74
CA LEU P 565 -84.15 -47.00 -20.58
C LEU P 565 -84.39 -48.24 -19.71
N SER P 566 -83.53 -48.60 -18.75
CA SER P 566 -83.67 -49.87 -17.97
C SER P 566 -84.95 -49.84 -17.15
N ASN P 567 -85.36 -48.67 -16.62
CA ASN P 567 -86.62 -48.53 -15.84
C ASN P 567 -87.83 -48.46 -16.78
N LEU P 568 -87.70 -47.91 -17.97
CA LEU P 568 -88.85 -47.76 -18.88
C LEU P 568 -89.32 -49.18 -19.22
N LEU P 569 -88.37 -50.10 -19.42
CA LEU P 569 -88.72 -51.48 -19.78
C LEU P 569 -89.57 -52.14 -18.70
N ALA P 570 -89.01 -52.41 -17.52
CA ALA P 570 -89.75 -53.20 -16.50
C ALA P 570 -91.01 -52.48 -16.04
N GLN P 571 -90.95 -51.17 -15.84
CA GLN P 571 -92.11 -50.39 -15.32
C GLN P 571 -93.25 -50.43 -16.33
N SER P 572 -92.95 -50.42 -17.63
CA SER P 572 -93.98 -50.50 -18.68
C SER P 572 -94.47 -51.92 -18.85
N PHE P 573 -93.80 -52.91 -18.26
CA PHE P 573 -94.18 -54.35 -18.30
C PHE P 573 -93.69 -55.00 -19.59
N ILE P 574 -93.01 -54.27 -20.51
CA ILE P 574 -92.47 -54.86 -21.77
C ILE P 574 -91.39 -55.88 -21.41
N LEU P 575 -90.65 -55.67 -20.34
CA LEU P 575 -89.67 -56.70 -19.98
C LEU P 575 -90.55 -57.92 -19.96
N LEU P 576 -90.19 -58.95 -20.72
CA LEU P 576 -91.08 -60.12 -20.89
C LEU P 576 -91.51 -60.67 -19.52
N LYS P 577 -92.80 -60.90 -19.35
CA LYS P 577 -93.32 -61.36 -18.05
C LYS P 577 -94.62 -62.13 -18.30
N PRO P 578 -95.24 -62.86 -17.36
CA PRO P 578 -96.55 -63.45 -17.62
C PRO P 578 -97.54 -62.32 -17.89
N VAL P 579 -97.33 -61.20 -17.22
CA VAL P 579 -98.32 -60.08 -17.29
C VAL P 579 -98.39 -59.55 -18.73
N PHE P 580 -97.26 -59.36 -19.39
CA PHE P 580 -97.29 -58.78 -20.75
C PHE P 580 -97.99 -59.77 -21.66
N HIS P 581 -97.78 -61.07 -21.45
CA HIS P 581 -98.43 -62.11 -22.30
C HIS P 581 -99.94 -62.03 -22.10
N CYS P 582 -100.41 -61.90 -20.86
CA CYS P 582 -101.85 -61.76 -20.69
C CYS P 582 -102.31 -60.51 -21.41
N LEU P 583 -101.56 -59.42 -21.31
CA LEU P 583 -102.03 -58.14 -21.92
C LEU P 583 -102.10 -58.27 -23.44
N ASN P 584 -101.15 -58.97 -24.04
CA ASN P 584 -101.14 -59.20 -25.51
C ASN P 584 -102.34 -60.08 -25.90
N GLU P 585 -102.68 -61.07 -25.09
CA GLU P 585 -103.88 -61.87 -25.40
C GLU P 585 -105.09 -60.93 -25.36
N ILE P 586 -105.19 -60.11 -24.30
CA ILE P 586 -106.31 -59.14 -24.17
C ILE P 586 -106.34 -58.35 -25.47
N LEU P 587 -105.16 -57.96 -25.96
CA LEU P 587 -105.09 -57.09 -27.16
C LEU P 587 -105.61 -57.83 -28.40
N ASP P 588 -105.25 -59.09 -28.58
CA ASP P 588 -105.76 -59.87 -29.72
C ASP P 588 -107.27 -60.08 -29.64
N LEU P 589 -107.80 -60.34 -28.45
CA LEU P 589 -109.28 -60.47 -28.30
C LEU P 589 -109.93 -59.14 -28.69
N CYS P 590 -109.31 -58.04 -28.29
CA CYS P 590 -109.84 -56.71 -28.61
C CYS P 590 -109.86 -56.54 -30.11
N HIS P 591 -108.80 -56.98 -30.76
CA HIS P 591 -108.72 -56.84 -32.23
C HIS P 591 -109.88 -57.62 -32.83
N SER P 592 -110.13 -58.83 -32.36
CA SER P 592 -111.20 -59.60 -32.98
C SER P 592 -112.56 -58.94 -32.72
N PHE P 593 -112.76 -58.28 -31.59
CA PHE P 593 -114.10 -57.69 -31.30
C PHE P 593 -114.30 -56.52 -32.23
N CYS P 594 -113.22 -55.83 -32.53
CA CYS P 594 -113.38 -54.74 -33.50
C CYS P 594 -113.87 -55.39 -34.78
N SER P 595 -113.34 -56.56 -35.13
CA SER P 595 -113.69 -57.19 -36.43
C SER P 595 -115.18 -57.51 -36.53
N LEU P 596 -115.79 -58.04 -35.49
CA LEU P 596 -117.21 -58.43 -35.57
C LEU P 596 -118.05 -57.20 -35.89
N VAL P 597 -117.95 -56.16 -35.09
CA VAL P 597 -118.84 -54.98 -35.30
C VAL P 597 -118.48 -54.36 -36.65
N SER P 598 -117.24 -54.43 -37.09
CA SER P 598 -116.87 -53.72 -38.33
C SER P 598 -117.77 -54.13 -39.50
N GLN P 599 -117.89 -55.41 -39.83
CA GLN P 599 -118.65 -55.85 -41.04
C GLN P 599 -120.17 -55.77 -40.87
N ASN P 600 -120.71 -55.87 -39.66
CA ASN P 600 -122.18 -55.99 -39.47
C ASN P 600 -122.92 -54.87 -40.19
N LEU P 601 -122.43 -53.63 -40.16
CA LEU P 601 -123.15 -52.46 -40.74
C LEU P 601 -124.51 -52.31 -40.04
N GLY P 602 -125.62 -52.25 -40.80
CA GLY P 602 -126.94 -52.01 -40.20
C GLY P 602 -127.22 -53.03 -39.12
N PRO P 603 -127.77 -52.66 -37.94
CA PRO P 603 -127.78 -53.57 -36.81
C PRO P 603 -128.51 -54.86 -37.11
N LEU P 604 -127.85 -56.00 -36.95
CA LEU P 604 -128.46 -57.31 -37.26
C LEU P 604 -127.61 -58.38 -36.57
N ASP P 605 -128.13 -59.60 -36.42
CA ASP P 605 -127.28 -60.70 -35.89
C ASP P 605 -127.14 -61.77 -36.95
N GLU P 606 -126.07 -61.73 -37.74
CA GLU P 606 -125.80 -62.79 -38.73
C GLU P 606 -125.09 -63.89 -37.97
N ARG P 607 -125.74 -64.52 -37.00
CA ARG P 607 -125.07 -65.51 -36.11
C ARG P 607 -123.94 -64.76 -35.42
N GLY P 608 -124.09 -63.44 -35.23
CA GLY P 608 -123.08 -62.62 -34.57
C GLY P 608 -122.93 -63.10 -33.14
N ALA P 609 -124.02 -63.56 -32.55
CA ALA P 609 -124.01 -63.95 -31.13
C ALA P 609 -122.95 -65.02 -30.92
N ALA P 610 -122.79 -65.96 -31.85
CA ALA P 610 -121.82 -67.06 -31.61
C ALA P 610 -120.42 -66.48 -31.45
N GLN P 611 -120.05 -65.53 -32.32
CA GLN P 611 -118.73 -64.86 -32.18
C GLN P 611 -118.70 -64.05 -30.88
N LEU P 612 -119.76 -63.32 -30.59
CA LEU P 612 -119.79 -62.44 -29.40
C LEU P 612 -119.64 -63.33 -28.18
N SER P 613 -120.27 -64.50 -28.18
CA SER P 613 -120.25 -65.40 -27.01
C SER P 613 -118.83 -65.88 -26.73
N ILE P 614 -118.08 -66.27 -27.75
CA ILE P 614 -116.67 -66.67 -27.51
C ILE P 614 -115.93 -65.45 -26.96
N LEU P 615 -116.14 -64.28 -27.55
CA LEU P 615 -115.44 -63.04 -27.12
C LEU P 615 -115.85 -62.62 -25.71
N VAL P 616 -117.15 -62.58 -25.39
CA VAL P 616 -117.58 -62.07 -24.06
C VAL P 616 -117.04 -63.04 -23.01
N LYS P 617 -117.10 -64.32 -23.28
CA LYS P 617 -116.56 -65.32 -22.33
C LYS P 617 -115.05 -65.11 -22.22
N GLY P 618 -114.36 -64.93 -23.34
CA GLY P 618 -112.89 -64.84 -23.31
C GLY P 618 -112.42 -63.64 -22.53
N PHE P 619 -113.05 -62.49 -22.70
CA PHE P 619 -112.57 -61.26 -22.05
C PHE P 619 -112.68 -61.46 -20.54
N SER P 620 -113.78 -62.05 -20.08
CA SER P 620 -113.99 -62.25 -18.63
C SER P 620 -112.89 -63.15 -18.09
N ARG P 621 -112.60 -64.24 -18.78
CA ARG P 621 -111.59 -65.18 -18.23
C ARG P 621 -110.27 -64.46 -18.14
N GLN P 622 -109.91 -63.74 -19.20
CA GLN P 622 -108.60 -63.07 -19.23
C GLN P 622 -108.55 -61.90 -18.25
N SER P 623 -109.63 -61.14 -18.08
CA SER P 623 -109.62 -59.95 -17.20
C SER P 623 -109.31 -60.41 -15.79
N SER P 624 -109.78 -61.60 -15.43
CA SER P 624 -109.49 -62.16 -14.09
C SER P 624 -107.99 -62.35 -13.92
N LEU P 625 -107.26 -62.68 -14.99
CA LEU P 625 -105.79 -62.88 -14.93
C LEU P 625 -105.12 -61.55 -14.56
N LEU P 626 -105.80 -60.42 -14.80
CA LEU P 626 -105.29 -59.07 -14.44
C LEU P 626 -105.42 -58.86 -12.94
N PHE P 627 -106.00 -59.81 -12.19
CA PHE P 627 -106.06 -59.76 -10.71
C PHE P 627 -104.76 -60.38 -10.18
N LYS P 628 -103.90 -60.89 -11.06
CA LYS P 628 -102.55 -61.36 -10.63
C LYS P 628 -101.83 -60.11 -10.14
N ILE P 629 -102.06 -58.97 -10.79
CA ILE P 629 -101.46 -57.66 -10.39
C ILE P 629 -101.99 -57.36 -8.98
N LEU P 630 -103.28 -57.61 -8.74
CA LEU P 630 -103.91 -57.38 -7.41
C LEU P 630 -103.21 -58.26 -6.38
N SER P 631 -102.88 -59.51 -6.74
CA SER P 631 -102.14 -60.44 -5.85
C SER P 631 -100.77 -59.84 -5.51
N ASN Q 241 4.40 -69.97 -2.97
CA ASN Q 241 4.05 -68.58 -2.56
C ASN Q 241 2.71 -68.20 -3.16
N LEU Q 242 2.14 -69.00 -4.07
CA LEU Q 242 0.81 -68.78 -4.72
C LEU Q 242 0.91 -67.72 -5.80
N ALA Q 243 2.11 -67.22 -6.13
CA ALA Q 243 2.33 -66.31 -7.29
C ALA Q 243 2.95 -67.16 -8.39
N ALA Q 244 3.12 -68.47 -8.17
CA ALA Q 244 3.69 -69.42 -9.15
C ALA Q 244 2.74 -70.61 -9.26
N VAL Q 245 1.54 -70.38 -9.78
CA VAL Q 245 0.52 -71.46 -9.94
C VAL Q 245 0.82 -72.18 -11.26
N TRP Q 246 0.84 -73.51 -11.24
CA TRP Q 246 1.13 -74.36 -12.43
C TRP Q 246 2.62 -74.26 -12.81
N ASP Q 247 3.45 -73.48 -12.10
CA ASP Q 247 4.91 -73.47 -12.37
C ASP Q 247 5.46 -74.84 -11.98
N GLN Q 248 4.97 -75.40 -10.87
CA GLN Q 248 5.39 -76.76 -10.44
C GLN Q 248 4.57 -77.79 -11.23
N HIS Q 249 5.20 -78.69 -11.94
CA HIS Q 249 4.34 -79.71 -12.60
C HIS Q 249 4.61 -81.02 -11.87
N LEU Q 250 4.63 -80.97 -10.54
CA LEU Q 250 4.78 -82.22 -9.75
C LEU Q 250 3.52 -83.04 -9.93
N TYR Q 251 2.36 -82.37 -9.90
CA TYR Q 251 1.10 -83.10 -10.16
C TYR Q 251 1.24 -83.76 -11.53
N SER Q 252 1.70 -82.98 -12.50
CA SER Q 252 1.91 -83.53 -13.86
C SER Q 252 3.01 -84.60 -13.81
N SER Q 253 4.02 -84.40 -12.95
CA SER Q 253 5.15 -85.34 -12.87
C SER Q 253 4.71 -86.64 -12.20
N ASP Q 254 3.54 -86.67 -11.55
CA ASP Q 254 3.17 -87.91 -10.82
C ASP Q 254 3.15 -89.05 -11.84
N PRO Q 255 2.50 -88.94 -13.03
CA PRO Q 255 2.65 -89.96 -14.08
C PRO Q 255 3.82 -89.52 -14.98
N LEU Q 256 4.40 -90.43 -15.76
CA LEU Q 256 5.45 -89.98 -16.71
C LEU Q 256 4.78 -89.02 -17.69
N TYR Q 257 5.43 -87.89 -18.02
CA TYR Q 257 4.75 -86.87 -18.86
C TYR Q 257 5.78 -85.97 -19.53
N VAL Q 258 5.47 -85.49 -20.75
CA VAL Q 258 6.39 -84.55 -21.45
C VAL Q 258 5.89 -83.12 -21.23
N PRO Q 259 6.72 -82.16 -20.76
CA PRO Q 259 6.30 -80.78 -20.64
C PRO Q 259 6.36 -80.12 -22.02
N ASP Q 260 5.35 -79.31 -22.38
CA ASP Q 260 5.33 -78.57 -23.67
C ASP Q 260 5.91 -77.17 -23.47
N ASP Q 261 6.71 -76.66 -24.41
CA ASP Q 261 7.38 -75.33 -24.24
C ASP Q 261 6.33 -74.22 -24.35
N ARG Q 262 6.39 -73.20 -23.47
CA ARG Q 262 5.43 -72.06 -23.45
C ARG Q 262 6.22 -70.77 -23.27
N VAL Q 263 5.76 -69.65 -23.81
CA VAL Q 263 6.50 -68.35 -23.85
C VAL Q 263 6.72 -67.74 -22.45
N LEU Q 264 5.82 -67.92 -21.49
CA LEU Q 264 5.88 -67.25 -20.14
C LEU Q 264 5.74 -65.72 -20.25
N VAL Q 265 4.68 -65.24 -20.92
CA VAL Q 265 4.38 -63.77 -21.02
C VAL Q 265 3.96 -63.25 -19.65
N THR Q 266 4.20 -61.97 -19.33
CA THR Q 266 3.78 -61.35 -18.05
C THR Q 266 2.31 -60.96 -18.15
N GLU Q 267 1.60 -60.86 -17.04
CA GLU Q 267 0.17 -60.44 -17.02
C GLU Q 267 0.07 -58.99 -17.49
N THR Q 268 1.05 -58.15 -17.18
CA THR Q 268 1.04 -56.72 -17.60
C THR Q 268 1.08 -56.62 -19.13
N GLN Q 269 1.87 -57.47 -19.79
CA GLN Q 269 2.00 -57.45 -21.27
C GLN Q 269 0.64 -57.77 -21.90
N VAL Q 270 -0.12 -58.69 -21.29
CA VAL Q 270 -1.42 -59.13 -21.89
C VAL Q 270 -2.37 -57.92 -22.00
N ILE Q 271 -2.39 -57.05 -21.00
CA ILE Q 271 -3.34 -55.90 -21.01
C ILE Q 271 -3.01 -54.98 -22.19
N ARG Q 272 -1.72 -54.73 -22.44
CA ARG Q 272 -1.29 -53.87 -23.58
C ARG Q 272 -1.72 -54.53 -24.89
N GLU Q 273 -1.65 -55.87 -24.96
CA GLU Q 273 -2.05 -56.62 -26.18
C GLU Q 273 -3.56 -56.46 -26.50
N THR Q 274 -4.42 -56.64 -25.49
CA THR Q 274 -5.88 -56.59 -25.71
C THR Q 274 -6.28 -55.19 -26.09
N LEU Q 275 -5.71 -54.16 -25.45
CA LEU Q 275 -6.14 -52.76 -25.71
C LEU Q 275 -5.82 -52.43 -27.17
N TRP Q 276 -4.65 -52.88 -27.67
CA TRP Q 276 -4.34 -52.67 -29.12
C TRP Q 276 -5.32 -53.42 -30.00
N LEU Q 277 -5.68 -54.68 -29.63
CA LEU Q 277 -6.60 -55.58 -30.39
C LEU Q 277 -8.03 -55.03 -30.42
N LEU Q 278 -8.52 -54.54 -29.25
CA LEU Q 278 -9.89 -53.98 -29.10
C LEU Q 278 -9.96 -52.77 -30.02
N SER Q 279 -8.85 -52.09 -30.25
CA SER Q 279 -8.76 -51.03 -31.29
C SER Q 279 -8.29 -51.72 -32.56
N GLY Q 280 -8.25 -51.05 -33.70
CA GLY Q 280 -7.85 -51.79 -34.91
C GLY Q 280 -6.35 -51.97 -35.02
N VAL Q 281 -5.83 -53.20 -34.99
CA VAL Q 281 -4.37 -53.50 -35.16
C VAL Q 281 -4.31 -54.93 -35.70
N LYS Q 282 -3.32 -55.36 -36.49
CA LYS Q 282 -3.23 -56.77 -36.93
C LYS Q 282 -1.88 -57.37 -36.55
N LYS Q 283 -1.73 -58.69 -36.62
CA LYS Q 283 -0.41 -59.38 -36.42
C LYS Q 283 0.10 -59.21 -34.98
N LEU Q 284 -0.78 -59.28 -33.98
CA LEU Q 284 -0.36 -59.27 -32.56
C LEU Q 284 0.15 -60.67 -32.23
N PHE Q 285 1.21 -60.81 -31.40
CA PHE Q 285 1.80 -62.14 -31.09
C PHE Q 285 0.74 -62.96 -30.35
N ILE Q 286 -0.01 -62.34 -29.43
CA ILE Q 286 -1.17 -63.00 -28.75
C ILE Q 286 -2.33 -62.82 -29.73
N PHE Q 287 -3.39 -63.62 -29.64
CA PHE Q 287 -4.59 -63.48 -30.50
C PHE Q 287 -4.20 -63.55 -31.97
N GLN Q 288 -3.33 -64.50 -32.35
CA GLN Q 288 -2.86 -64.63 -33.76
C GLN Q 288 -4.09 -64.84 -34.64
N LEU Q 289 -4.21 -64.12 -35.76
CA LEU Q 289 -5.38 -64.24 -36.70
C LEU Q 289 -4.91 -65.08 -37.89
N ILE Q 290 -5.81 -65.88 -38.50
CA ILE Q 290 -5.42 -66.81 -39.61
C ILE Q 290 -6.28 -66.58 -40.87
N ASP Q 291 -7.60 -66.47 -40.74
CA ASP Q 291 -8.48 -66.37 -41.94
C ASP Q 291 -9.68 -65.47 -41.64
N GLY Q 292 -9.46 -64.24 -41.14
CA GLY Q 292 -10.58 -63.35 -40.73
C GLY Q 292 -11.12 -63.82 -39.40
N LYS Q 293 -10.45 -64.80 -38.78
CA LYS Q 293 -10.83 -65.39 -37.48
C LYS Q 293 -9.69 -65.10 -36.50
N VAL Q 294 -9.87 -64.13 -35.59
CA VAL Q 294 -8.88 -63.85 -34.52
C VAL Q 294 -9.04 -64.99 -33.52
N THR Q 295 -7.97 -65.68 -33.13
CA THR Q 295 -8.01 -66.86 -32.23
C THR Q 295 -6.89 -66.73 -31.20
N VAL Q 296 -7.11 -67.15 -29.96
CA VAL Q 296 -6.08 -67.03 -28.88
C VAL Q 296 -4.86 -67.80 -29.34
N ARG Q 297 -3.67 -67.27 -29.12
CA ARG Q 297 -2.41 -67.90 -29.57
C ARG Q 297 -2.35 -69.24 -28.85
N ASN Q 298 -1.85 -70.27 -29.49
CA ASN Q 298 -1.91 -71.63 -28.91
C ASN Q 298 -1.13 -71.73 -27.61
N ASN Q 299 0.07 -71.14 -27.50
CA ASN Q 299 0.94 -71.34 -26.30
C ASN Q 299 1.34 -70.02 -25.62
N ILE Q 300 0.66 -69.63 -24.53
CA ILE Q 300 1.03 -68.47 -23.69
C ILE Q 300 0.80 -68.93 -22.25
N ILE Q 301 1.72 -68.69 -21.31
CA ILE Q 301 1.54 -69.07 -19.89
C ILE Q 301 1.95 -67.86 -19.05
N VAL Q 302 1.40 -67.71 -17.84
CA VAL Q 302 1.77 -66.59 -16.91
C VAL Q 302 2.14 -67.24 -15.57
N THR Q 303 2.90 -66.55 -14.73
CA THR Q 303 3.30 -67.12 -13.41
C THR Q 303 1.98 -67.43 -12.70
N HIS Q 304 1.14 -66.42 -12.44
CA HIS Q 304 -0.08 -66.68 -11.61
C HIS Q 304 -1.31 -66.99 -12.47
N LEU Q 305 -1.21 -67.97 -13.39
CA LEU Q 305 -2.38 -68.39 -14.20
C LEU Q 305 -2.15 -69.81 -14.71
N THR Q 306 -3.19 -70.65 -14.71
CA THR Q 306 -3.04 -72.02 -15.26
C THR Q 306 -3.33 -71.87 -16.74
N HIS Q 307 -2.86 -72.79 -17.59
CA HIS Q 307 -2.98 -72.63 -19.05
C HIS Q 307 -4.45 -72.59 -19.44
N SER Q 308 -5.28 -73.43 -18.84
CA SER Q 308 -6.70 -73.54 -19.21
C SER Q 308 -7.48 -72.27 -18.89
N CYS Q 309 -7.36 -71.70 -17.69
CA CYS Q 309 -8.14 -70.51 -17.26
C CYS Q 309 -7.75 -69.30 -18.10
N LEU Q 310 -6.47 -69.13 -18.39
CA LEU Q 310 -5.93 -68.04 -19.25
C LEU Q 310 -6.52 -68.17 -20.64
N ARG Q 311 -6.60 -69.41 -21.17
CA ARG Q 311 -7.19 -69.68 -22.52
C ARG Q 311 -8.65 -69.21 -22.47
N SER Q 312 -9.35 -69.51 -21.37
CA SER Q 312 -10.79 -69.20 -21.23
C SER Q 312 -11.01 -67.69 -21.31
N VAL Q 313 -10.27 -66.90 -20.53
CA VAL Q 313 -10.49 -65.43 -20.48
C VAL Q 313 -10.05 -64.85 -21.82
N LEU Q 314 -8.93 -65.35 -22.36
CA LEU Q 314 -8.33 -64.74 -23.58
C LEU Q 314 -9.23 -64.99 -24.78
N GLU Q 315 -9.71 -66.23 -24.90
CA GLU Q 315 -10.65 -66.62 -25.99
C GLU Q 315 -11.85 -65.68 -25.84
N GLN Q 316 -12.26 -65.42 -24.59
CA GLN Q 316 -13.47 -64.63 -24.31
C GLN Q 316 -13.30 -63.19 -24.80
N ILE Q 317 -12.08 -62.62 -24.65
CA ILE Q 317 -11.77 -61.24 -25.17
C ILE Q 317 -11.68 -61.29 -26.69
N ALA Q 318 -11.11 -62.38 -27.22
CA ALA Q 318 -10.88 -62.55 -28.67
C ALA Q 318 -12.21 -62.55 -29.43
N ALA Q 319 -13.26 -63.04 -28.78
CA ALA Q 319 -14.59 -63.09 -29.42
C ALA Q 319 -15.06 -61.67 -29.72
N TYR Q 320 -14.88 -60.74 -28.78
CA TYR Q 320 -15.19 -59.30 -28.99
C TYR Q 320 -14.23 -58.82 -30.07
N GLY Q 321 -13.03 -59.41 -30.07
CA GLY Q 321 -11.98 -59.15 -31.06
C GLY Q 321 -12.48 -59.38 -32.47
N GLN Q 322 -13.27 -60.44 -32.69
CA GLN Q 322 -13.77 -60.82 -34.03
C GLN Q 322 -14.78 -59.77 -34.53
N VAL Q 323 -15.61 -59.21 -33.66
CA VAL Q 323 -16.59 -58.15 -34.05
C VAL Q 323 -15.88 -56.87 -34.46
N VAL Q 324 -14.99 -56.38 -33.62
CA VAL Q 324 -14.32 -55.08 -33.91
C VAL Q 324 -13.52 -55.28 -35.20
N PHE Q 325 -12.94 -56.45 -35.41
CA PHE Q 325 -12.14 -56.69 -36.63
C PHE Q 325 -13.03 -56.58 -37.89
N ARG Q 326 -14.21 -57.22 -37.87
CA ARG Q 326 -15.11 -57.28 -39.05
C ARG Q 326 -15.59 -55.88 -39.41
N LEU Q 327 -15.87 -55.06 -38.40
CA LEU Q 327 -16.31 -53.66 -38.62
C LEU Q 327 -15.15 -52.87 -39.20
N GLN Q 328 -13.93 -53.12 -38.71
CA GLN Q 328 -12.69 -52.44 -39.20
C GLN Q 328 -12.46 -52.83 -40.66
N GLU Q 329 -12.72 -54.09 -41.03
CA GLU Q 329 -12.57 -54.59 -42.42
C GLU Q 329 -13.60 -53.92 -43.33
N PHE Q 330 -14.85 -53.78 -42.89
CA PHE Q 330 -15.85 -53.06 -43.71
C PHE Q 330 -15.48 -51.58 -43.84
N ILE Q 331 -15.24 -50.89 -42.72
CA ILE Q 331 -14.89 -49.44 -42.73
C ILE Q 331 -13.76 -49.28 -43.74
N ASP Q 332 -12.73 -50.12 -43.64
CA ASP Q 332 -11.54 -50.03 -44.53
C ASP Q 332 -12.04 -50.10 -45.98
N GLU Q 333 -12.95 -51.03 -46.31
CA GLU Q 333 -13.29 -51.33 -47.72
C GLU Q 333 -13.90 -50.13 -48.43
N VAL Q 334 -14.75 -49.34 -47.76
CA VAL Q 334 -15.48 -48.22 -48.42
C VAL Q 334 -14.96 -46.86 -47.93
N MET Q 335 -13.69 -46.79 -47.49
CA MET Q 335 -13.06 -45.53 -47.01
C MET Q 335 -12.40 -44.83 -48.21
N GLY Q 336 -12.47 -45.40 -49.42
CA GLY Q 336 -11.73 -44.88 -50.58
C GLY Q 336 -10.50 -45.74 -50.83
N HIS Q 337 -10.09 -46.55 -49.84
CA HIS Q 337 -8.93 -47.46 -50.00
C HIS Q 337 -9.32 -48.61 -50.93
N SER Q 338 -10.63 -48.78 -51.18
CA SER Q 338 -11.12 -49.88 -52.06
C SER Q 338 -10.48 -51.21 -51.65
N SER Q 353 -17.30 -48.69 -58.84
CA SER Q 353 -17.30 -48.63 -60.32
C SER Q 353 -16.95 -47.20 -60.75
N THR Q 354 -17.15 -46.85 -62.03
CA THR Q 354 -16.88 -45.48 -62.55
C THR Q 354 -18.09 -44.61 -62.22
N GLU Q 355 -17.94 -43.71 -61.23
CA GLU Q 355 -19.08 -42.90 -60.71
C GLU Q 355 -20.16 -43.77 -60.08
N ALA Q 356 -19.82 -44.45 -58.98
CA ALA Q 356 -20.84 -45.22 -58.21
C ALA Q 356 -20.73 -44.89 -56.72
N PRO Q 357 -21.02 -43.63 -56.28
CA PRO Q 357 -20.96 -43.30 -54.86
C PRO Q 357 -22.26 -43.94 -54.31
N PHE Q 358 -22.12 -44.99 -53.49
CA PHE Q 358 -23.31 -45.71 -52.97
C PHE Q 358 -24.15 -44.73 -52.14
N ARG Q 359 -23.51 -43.80 -51.42
CA ARG Q 359 -24.17 -42.64 -50.75
C ARG Q 359 -24.91 -42.97 -49.46
N THR Q 360 -25.16 -44.27 -49.18
CA THR Q 360 -25.78 -44.68 -47.89
C THR Q 360 -24.76 -45.53 -47.09
N TYR Q 361 -24.07 -46.47 -47.77
CA TYR Q 361 -23.00 -47.28 -47.11
C TYR Q 361 -21.93 -46.30 -46.64
N GLN Q 362 -21.69 -45.23 -47.42
CA GLN Q 362 -20.72 -44.16 -47.05
C GLN Q 362 -21.21 -43.36 -45.84
N ALA Q 363 -22.52 -43.11 -45.75
CA ALA Q 363 -23.07 -42.39 -44.58
C ALA Q 363 -23.03 -43.31 -43.35
N PHE Q 364 -23.26 -44.62 -43.51
CA PHE Q 364 -23.27 -45.56 -42.36
C PHE Q 364 -21.85 -45.73 -41.86
N MET Q 365 -20.89 -45.99 -42.75
CA MET Q 365 -19.49 -46.26 -42.33
C MET Q 365 -18.96 -45.01 -41.62
N TRP Q 366 -19.32 -43.81 -42.07
CA TRP Q 366 -18.79 -42.56 -41.47
C TRP Q 366 -19.26 -42.48 -40.02
N ALA Q 367 -20.53 -42.80 -39.76
CA ALA Q 367 -21.09 -42.81 -38.39
C ALA Q 367 -20.37 -43.89 -37.58
N LEU Q 368 -20.13 -45.04 -38.19
CA LEU Q 368 -19.47 -46.16 -37.50
C LEU Q 368 -18.08 -45.69 -37.11
N TYR Q 369 -17.42 -44.91 -37.98
CA TYR Q 369 -16.06 -44.38 -37.73
C TYR Q 369 -16.09 -43.45 -36.52
N LYS Q 370 -17.11 -42.60 -36.41
CA LYS Q 370 -17.20 -41.63 -35.29
C LYS Q 370 -17.26 -42.44 -34.00
N TYR Q 371 -18.03 -43.53 -33.98
CA TYR Q 371 -18.15 -44.42 -32.80
C TYR Q 371 -16.79 -45.06 -32.51
N PHE Q 372 -16.03 -45.43 -33.54
CA PHE Q 372 -14.72 -46.08 -33.38
C PHE Q 372 -13.67 -45.09 -32.87
N ILE Q 373 -13.83 -43.79 -33.09
CA ILE Q 373 -12.84 -42.75 -32.67
C ILE Q 373 -12.94 -42.63 -31.14
N SER Q 374 -14.13 -42.37 -30.62
CA SER Q 374 -14.40 -42.29 -29.16
C SER Q 374 -14.05 -43.55 -28.36
N PHE Q 375 -14.25 -44.73 -28.96
CA PHE Q 375 -13.93 -46.02 -28.30
C PHE Q 375 -12.40 -46.13 -28.17
N LYS Q 376 -11.67 -45.80 -29.27
CA LYS Q 376 -10.17 -45.83 -29.36
C LYS Q 376 -9.57 -44.86 -28.36
N GLU Q 377 -10.24 -43.75 -28.07
CA GLU Q 377 -9.77 -42.73 -27.08
C GLU Q 377 -9.93 -43.22 -25.63
N GLU Q 378 -11.04 -43.86 -25.27
CA GLU Q 378 -11.19 -44.44 -23.89
C GLU Q 378 -10.09 -45.48 -23.68
N LEU Q 379 -9.75 -46.20 -24.75
CA LEU Q 379 -8.72 -47.26 -24.67
C LEU Q 379 -7.37 -46.56 -24.53
N ALA Q 380 -7.22 -45.37 -25.10
CA ALA Q 380 -5.97 -44.57 -24.94
C ALA Q 380 -5.79 -44.15 -23.48
N GLU Q 381 -6.85 -43.68 -22.81
CA GLU Q 381 -6.77 -43.25 -21.40
C GLU Q 381 -6.34 -44.42 -20.53
N ILE Q 382 -6.94 -45.60 -20.73
CA ILE Q 382 -6.63 -46.79 -19.90
C ILE Q 382 -5.15 -47.06 -20.10
N GLU Q 383 -4.66 -46.96 -21.33
CA GLU Q 383 -3.23 -47.24 -21.64
C GLU Q 383 -2.34 -46.23 -20.93
N LYS Q 384 -2.70 -44.96 -20.90
CA LYS Q 384 -1.80 -43.93 -20.33
C LYS Q 384 -1.59 -44.25 -18.85
N CYS Q 385 -2.65 -44.59 -18.11
CA CYS Q 385 -2.54 -44.94 -16.67
C CYS Q 385 -1.69 -46.20 -16.52
N ILE Q 386 -1.84 -47.16 -17.42
CA ILE Q 386 -1.08 -48.45 -17.35
C ILE Q 386 0.42 -48.18 -17.48
N ILE Q 387 0.85 -47.23 -18.30
CA ILE Q 387 2.31 -47.02 -18.58
C ILE Q 387 3.02 -46.19 -17.51
N ASN Q 388 2.44 -45.10 -16.99
CA ASN Q 388 3.17 -44.18 -16.07
C ASN Q 388 2.43 -43.98 -14.75
N ASN Q 389 2.35 -45.01 -13.91
CA ASN Q 389 1.74 -44.90 -12.57
C ASN Q 389 2.02 -46.15 -11.74
N ASP Q 390 1.80 -46.06 -10.42
CA ASP Q 390 1.98 -47.20 -9.48
C ASP Q 390 0.60 -47.80 -9.22
N THR Q 391 -0.46 -47.21 -9.78
CA THR Q 391 -1.86 -47.72 -9.63
C THR Q 391 -1.90 -49.12 -10.21
N THR Q 392 -2.60 -50.05 -9.57
CA THR Q 392 -2.65 -51.46 -10.02
C THR Q 392 -3.75 -51.58 -11.06
N ILE Q 393 -3.43 -51.95 -12.31
CA ILE Q 393 -4.44 -52.25 -13.36
C ILE Q 393 -4.14 -53.69 -13.77
N THR Q 394 -5.07 -54.63 -13.59
CA THR Q 394 -4.87 -56.07 -13.89
C THR Q 394 -6.01 -56.53 -14.80
N LEU Q 395 -6.04 -57.79 -15.22
CA LEU Q 395 -7.01 -58.27 -16.23
C LEU Q 395 -8.44 -58.04 -15.74
N ALA Q 396 -8.79 -58.33 -14.49
CA ALA Q 396 -10.18 -58.22 -14.00
C ALA Q 396 -10.61 -56.77 -13.94
N ILE Q 397 -9.74 -55.86 -13.51
CA ILE Q 397 -10.08 -54.41 -13.34
C ILE Q 397 -10.50 -53.80 -14.68
N VAL Q 398 -9.69 -53.96 -15.73
CA VAL Q 398 -9.96 -53.34 -17.06
C VAL Q 398 -11.16 -54.00 -17.73
N VAL Q 399 -11.27 -55.34 -17.61
CA VAL Q 399 -12.35 -56.13 -18.29
C VAL Q 399 -13.68 -55.53 -17.80
N ASP Q 400 -13.81 -55.30 -16.50
CA ASP Q 400 -15.05 -54.76 -15.91
C ASP Q 400 -15.13 -53.24 -16.11
N LYS Q 401 -14.01 -52.57 -16.32
CA LYS Q 401 -13.99 -51.11 -16.60
C LYS Q 401 -14.65 -50.82 -17.95
N LEU Q 402 -14.47 -51.71 -18.92
CA LEU Q 402 -14.94 -51.47 -20.30
C LEU Q 402 -16.38 -51.94 -20.44
N ALA Q 403 -16.99 -52.52 -19.40
CA ALA Q 403 -18.28 -53.25 -19.57
C ALA Q 403 -19.32 -52.45 -20.32
N PRO Q 404 -19.50 -51.13 -20.13
CA PRO Q 404 -20.41 -50.34 -20.98
C PRO Q 404 -20.03 -50.32 -22.47
N ARG Q 405 -18.74 -50.27 -22.82
CA ARG Q 405 -18.30 -50.30 -24.24
C ARG Q 405 -18.60 -51.70 -24.82
N LEU Q 406 -18.43 -52.77 -24.05
CA LEU Q 406 -18.66 -54.17 -24.50
C LEU Q 406 -20.17 -54.36 -24.67
N SER Q 407 -21.00 -53.63 -23.90
CA SER Q 407 -22.49 -53.70 -24.07
C SER Q 407 -22.85 -53.13 -25.44
N GLN Q 408 -22.17 -52.05 -25.81
CA GLN Q 408 -22.48 -51.37 -27.08
C GLN Q 408 -22.06 -52.26 -28.25
N LEU Q 409 -20.93 -52.95 -28.18
CA LEU Q 409 -20.39 -53.71 -29.34
C LEU Q 409 -21.29 -54.86 -29.77
N LYS Q 410 -21.88 -55.56 -28.80
CA LYS Q 410 -22.72 -56.73 -29.13
C LYS Q 410 -23.96 -56.26 -29.91
N VAL Q 411 -24.53 -55.11 -29.54
CA VAL Q 411 -25.71 -54.54 -30.26
C VAL Q 411 -25.24 -54.13 -31.64
N LEU Q 412 -24.08 -53.46 -31.73
CA LEU Q 412 -23.57 -52.91 -33.02
C LEU Q 412 -23.28 -54.03 -34.00
N HIS Q 413 -22.75 -55.14 -33.51
CA HIS Q 413 -22.50 -56.31 -34.38
C HIS Q 413 -23.83 -56.79 -34.94
N LYS Q 414 -24.89 -56.80 -34.11
CA LYS Q 414 -26.24 -57.30 -34.54
C LYS Q 414 -26.82 -56.43 -35.65
N VAL Q 415 -26.75 -55.12 -35.51
CA VAL Q 415 -27.32 -54.19 -36.52
C VAL Q 415 -26.58 -54.49 -37.82
N PHE Q 416 -25.26 -54.70 -37.76
CA PHE Q 416 -24.46 -54.92 -38.99
C PHE Q 416 -24.76 -56.30 -39.57
N SER Q 417 -24.76 -57.35 -38.73
CA SER Q 417 -24.87 -58.74 -39.24
C SER Q 417 -26.25 -58.96 -39.87
N THR Q 418 -27.20 -58.06 -39.67
CA THR Q 418 -28.49 -58.21 -40.38
C THR Q 418 -28.58 -57.21 -41.54
N GLY Q 419 -28.23 -55.95 -41.31
CA GLY Q 419 -28.35 -54.88 -42.31
C GLY Q 419 -27.50 -55.10 -43.54
N VAL Q 420 -26.29 -55.63 -43.38
CA VAL Q 420 -25.33 -55.83 -44.51
C VAL Q 420 -25.01 -57.32 -44.73
N ALA Q 421 -25.32 -58.22 -43.78
CA ALA Q 421 -24.93 -59.64 -44.00
C ALA Q 421 -26.14 -60.58 -44.20
N GLU Q 422 -27.36 -60.04 -44.35
CA GLU Q 422 -28.57 -60.91 -44.43
C GLU Q 422 -28.63 -61.80 -45.67
N VAL Q 423 -28.17 -61.22 -46.80
CA VAL Q 423 -28.07 -61.92 -48.11
C VAL Q 423 -26.60 -61.82 -48.53
N PRO Q 424 -25.74 -62.86 -48.37
CA PRO Q 424 -24.31 -62.73 -48.69
C PRO Q 424 -23.95 -62.37 -50.14
N PRO Q 425 -24.62 -62.88 -51.20
CA PRO Q 425 -24.28 -62.44 -52.56
C PRO Q 425 -24.53 -60.94 -52.70
N ASP Q 426 -25.61 -60.40 -52.12
CA ASP Q 426 -25.94 -58.94 -52.13
C ASP Q 426 -25.80 -58.37 -53.54
N THR Q 427 -26.62 -58.80 -54.50
CA THR Q 427 -26.51 -58.37 -55.91
C THR Q 427 -27.12 -56.98 -56.12
N ARG Q 428 -28.39 -56.76 -55.79
CA ARG Q 428 -29.10 -55.49 -56.12
C ARG Q 428 -28.65 -54.34 -55.21
N ASN Q 429 -28.78 -53.09 -55.66
CA ASN Q 429 -28.32 -51.88 -54.93
C ASN Q 429 -29.47 -51.14 -54.21
N VAL Q 430 -30.66 -51.04 -54.80
CA VAL Q 430 -31.85 -50.43 -54.13
C VAL Q 430 -32.25 -51.35 -52.98
N VAL Q 431 -32.12 -52.65 -53.15
CA VAL Q 431 -32.50 -53.65 -52.12
C VAL Q 431 -31.61 -53.45 -50.89
N ARG Q 432 -30.31 -53.18 -51.07
CA ARG Q 432 -29.35 -53.00 -49.95
C ARG Q 432 -29.62 -51.74 -49.13
N ALA Q 433 -29.95 -50.59 -49.75
CA ALA Q 433 -30.13 -49.30 -49.04
C ALA Q 433 -31.47 -49.30 -48.29
N SER Q 434 -32.56 -49.65 -48.96
CA SER Q 434 -33.88 -49.75 -48.29
C SER Q 434 -33.72 -50.66 -47.07
N HIS Q 435 -33.07 -51.81 -47.21
CA HIS Q 435 -32.96 -52.80 -46.10
C HIS Q 435 -32.21 -52.20 -44.92
N LEU Q 436 -31.09 -51.51 -45.15
CA LEU Q 436 -30.25 -51.00 -44.03
C LEU Q 436 -31.04 -49.95 -43.25
N LEU Q 437 -31.76 -49.07 -43.93
CA LEU Q 437 -32.58 -48.03 -43.26
C LEU Q 437 -33.73 -48.73 -42.53
N ASN Q 438 -34.05 -49.98 -42.88
CA ASN Q 438 -35.17 -50.75 -42.28
C ASN Q 438 -34.68 -51.72 -41.18
N THR Q 439 -33.38 -51.98 -41.01
CA THR Q 439 -32.87 -52.76 -39.85
C THR Q 439 -32.48 -51.76 -38.77
N LEU Q 440 -32.46 -50.46 -39.10
CA LEU Q 440 -32.16 -49.37 -38.13
C LEU Q 440 -33.48 -48.79 -37.61
N TYR Q 441 -34.48 -48.53 -38.45
CA TYR Q 441 -35.79 -48.03 -37.95
C TYR Q 441 -36.49 -49.15 -37.17
N LYS Q 442 -36.19 -50.41 -37.50
CA LYS Q 442 -36.86 -51.56 -36.83
C LYS Q 442 -36.24 -51.82 -35.46
N ALA Q 443 -34.92 -52.02 -35.40
CA ALA Q 443 -34.26 -52.35 -34.12
C ALA Q 443 -34.21 -51.23 -33.10
N ILE Q 444 -34.43 -49.97 -33.51
CA ILE Q 444 -34.56 -48.85 -32.52
C ILE Q 444 -35.90 -49.03 -31.81
N LEU Q 445 -36.97 -49.39 -32.50
CA LEU Q 445 -38.24 -49.67 -31.79
C LEU Q 445 -38.02 -50.81 -30.80
N GLU Q 446 -37.22 -51.82 -31.15
CA GLU Q 446 -37.00 -53.01 -30.28
C GLU Q 446 -36.38 -52.57 -28.95
N TYR Q 447 -35.41 -51.65 -28.96
CA TYR Q 447 -34.69 -51.21 -27.74
C TYR Q 447 -35.37 -49.99 -27.11
N ASP Q 448 -36.44 -49.46 -27.71
CA ASP Q 448 -37.10 -48.21 -27.23
C ASP Q 448 -37.71 -48.37 -25.84
N ASN Q 449 -38.38 -49.48 -25.54
CA ASN Q 449 -39.11 -49.70 -24.26
C ASN Q 449 -38.39 -50.77 -23.42
N VAL Q 450 -37.12 -51.05 -23.71
CA VAL Q 450 -36.34 -52.09 -22.98
C VAL Q 450 -36.26 -51.70 -21.50
N GLY Q 451 -36.07 -50.42 -21.21
CA GLY Q 451 -36.00 -49.90 -19.83
C GLY Q 451 -35.49 -48.48 -19.84
N GLU Q 452 -35.38 -47.79 -18.70
CA GLU Q 452 -34.77 -46.42 -18.65
C GLU Q 452 -33.45 -46.51 -17.88
N ALA Q 453 -32.94 -47.71 -17.61
CA ALA Q 453 -31.77 -47.90 -16.74
C ALA Q 453 -30.45 -47.33 -17.27
N SER Q 454 -30.10 -47.56 -18.55
CA SER Q 454 -28.76 -47.17 -19.09
C SER Q 454 -28.91 -46.10 -20.17
N GLU Q 455 -29.98 -46.19 -20.98
CA GLU Q 455 -30.27 -45.20 -22.07
C GLU Q 455 -29.04 -45.16 -22.96
N GLN Q 456 -28.27 -46.25 -23.02
CA GLN Q 456 -26.95 -46.26 -23.73
C GLN Q 456 -27.21 -46.80 -25.13
N THR Q 457 -27.68 -48.05 -25.21
CA THR Q 457 -27.95 -48.76 -26.49
C THR Q 457 -28.82 -47.92 -27.43
N VAL Q 458 -29.91 -47.30 -26.94
CA VAL Q 458 -30.85 -46.53 -27.83
C VAL Q 458 -30.18 -45.28 -28.35
N SER Q 459 -29.49 -44.54 -27.49
CA SER Q 459 -28.82 -43.26 -27.86
C SER Q 459 -27.77 -43.57 -28.94
N LEU Q 460 -27.11 -44.74 -28.84
CA LEU Q 460 -26.12 -45.19 -29.88
C LEU Q 460 -26.84 -45.51 -31.19
N LEU Q 461 -27.88 -46.34 -31.13
CA LEU Q 461 -28.57 -46.78 -32.37
C LEU Q 461 -29.15 -45.55 -33.06
N PHE Q 462 -29.68 -44.59 -32.29
CA PHE Q 462 -30.33 -43.36 -32.85
C PHE Q 462 -29.30 -42.49 -33.55
N SER Q 463 -28.11 -42.43 -32.98
CA SER Q 463 -27.00 -41.68 -33.62
C SER Q 463 -26.62 -42.34 -34.95
N LEU Q 464 -26.59 -43.69 -35.03
CA LEU Q 464 -26.32 -44.37 -36.33
C LEU Q 464 -27.44 -44.06 -37.30
N TRP Q 465 -28.68 -43.97 -36.80
CA TRP Q 465 -29.85 -43.76 -37.70
C TRP Q 465 -29.75 -42.38 -38.33
N VAL Q 466 -29.51 -41.30 -37.55
CA VAL Q 466 -29.54 -39.93 -38.18
C VAL Q 466 -28.45 -39.78 -39.21
N GLU Q 467 -27.34 -40.47 -39.07
CA GLU Q 467 -26.23 -40.26 -40.02
C GLU Q 467 -26.31 -41.33 -41.11
N THR Q 468 -27.38 -42.14 -41.21
CA THR Q 468 -27.58 -43.09 -42.33
C THR Q 468 -28.78 -42.63 -43.17
N VAL Q 469 -29.71 -41.84 -42.64
CA VAL Q 469 -30.85 -41.26 -43.43
C VAL Q 469 -30.42 -39.91 -43.99
N ARG Q 470 -29.28 -39.38 -43.59
CA ARG Q 470 -28.89 -38.02 -44.05
C ARG Q 470 -28.88 -38.06 -45.57
N PRO Q 471 -28.32 -39.08 -46.27
CA PRO Q 471 -28.38 -39.08 -47.71
C PRO Q 471 -29.79 -39.04 -48.32
N TYR Q 472 -30.73 -39.85 -47.84
CA TYR Q 472 -32.09 -39.95 -48.42
C TYR Q 472 -32.79 -38.61 -48.27
N LEU Q 473 -32.58 -37.88 -47.18
CA LEU Q 473 -33.34 -36.64 -46.89
C LEU Q 473 -32.70 -35.45 -47.63
N GLN Q 474 -31.48 -35.58 -48.13
CA GLN Q 474 -30.83 -34.60 -49.04
C GLN Q 474 -31.52 -34.77 -50.40
N THR Q 475 -31.68 -36.02 -50.85
CA THR Q 475 -32.34 -36.32 -52.15
C THR Q 475 -33.80 -35.86 -52.15
N VAL Q 476 -34.57 -36.15 -51.08
CA VAL Q 476 -35.99 -35.70 -50.99
C VAL Q 476 -36.15 -34.18 -51.04
N ASP Q 477 -35.33 -33.46 -50.27
CA ASP Q 477 -35.45 -31.99 -50.23
C ASP Q 477 -35.07 -31.40 -51.58
N GLU Q 478 -34.05 -31.96 -52.23
CA GLU Q 478 -33.61 -31.47 -53.58
C GLU Q 478 -34.79 -31.62 -54.55
N TRP Q 479 -35.53 -32.72 -54.48
CA TRP Q 479 -36.66 -32.98 -55.41
C TRP Q 479 -37.90 -32.14 -55.01
N ILE Q 480 -38.14 -31.88 -53.73
CA ILE Q 480 -39.35 -31.14 -53.27
C ILE Q 480 -39.33 -29.66 -53.61
N VAL Q 481 -38.16 -29.01 -53.70
CA VAL Q 481 -38.21 -27.59 -54.14
C VAL Q 481 -37.47 -27.34 -55.46
N HIS Q 482 -36.34 -28.03 -55.72
CA HIS Q 482 -35.62 -27.91 -57.02
C HIS Q 482 -36.36 -28.66 -58.14
N GLY Q 483 -37.24 -29.59 -57.77
CA GLY Q 483 -38.09 -30.30 -58.74
C GLY Q 483 -37.32 -31.23 -59.65
N HIS Q 484 -36.16 -31.70 -59.20
CA HIS Q 484 -35.42 -32.73 -59.98
C HIS Q 484 -34.98 -33.87 -59.08
N LEU Q 485 -35.59 -35.04 -59.23
CA LEU Q 485 -35.12 -36.26 -58.55
C LEU Q 485 -33.74 -36.48 -59.12
N TRP Q 486 -32.74 -36.77 -58.31
CA TRP Q 486 -31.31 -36.83 -58.73
C TRP Q 486 -30.63 -37.90 -57.88
N ASP Q 487 -30.35 -39.08 -58.45
CA ASP Q 487 -29.70 -40.20 -57.73
C ASP Q 487 -28.86 -41.08 -58.67
N GLY Q 488 -27.86 -41.78 -58.13
CA GLY Q 488 -27.02 -42.74 -58.86
C GLY Q 488 -27.09 -44.06 -58.11
N ALA Q 489 -26.70 -45.18 -58.72
CA ALA Q 489 -26.71 -46.53 -58.10
C ALA Q 489 -28.16 -46.92 -57.78
N ARG Q 490 -29.15 -46.19 -58.29
CA ARG Q 490 -30.59 -46.50 -58.08
C ARG Q 490 -30.86 -46.61 -56.57
N GLU Q 491 -30.25 -45.75 -55.77
CA GLU Q 491 -30.38 -45.82 -54.29
C GLU Q 491 -31.79 -45.48 -53.83
N PHE Q 492 -32.45 -44.46 -54.38
CA PHE Q 492 -33.77 -43.98 -53.87
C PHE Q 492 -34.86 -45.03 -54.15
N ILE Q 493 -36.01 -44.97 -53.45
CA ILE Q 493 -37.08 -46.02 -53.54
C ILE Q 493 -38.10 -45.67 -54.61
N ILE Q 494 -38.31 -44.41 -54.98
CA ILE Q 494 -39.22 -44.05 -56.11
C ILE Q 494 -38.35 -43.94 -57.37
N GLN Q 495 -37.78 -45.07 -57.81
CA GLN Q 495 -36.84 -45.06 -58.95
C GLN Q 495 -37.55 -44.45 -60.14
N ARG Q 496 -36.97 -43.41 -60.71
CA ARG Q 496 -37.52 -42.71 -61.89
C ARG Q 496 -36.99 -43.44 -63.12
N ASN Q 497 -37.34 -44.71 -63.28
CA ASN Q 497 -36.81 -45.56 -64.39
C ASN Q 497 -37.43 -45.06 -65.69
N LYS Q 498 -38.70 -44.66 -65.65
CA LYS Q 498 -39.44 -44.12 -66.82
C LYS Q 498 -39.33 -42.58 -66.85
N ASN Q 499 -38.56 -41.91 -65.98
CA ASN Q 499 -38.48 -40.43 -66.10
C ASN Q 499 -37.66 -40.01 -67.32
N VAL Q 500 -36.68 -40.80 -67.82
CA VAL Q 500 -35.89 -40.25 -68.97
C VAL Q 500 -36.73 -39.72 -70.14
N PRO Q 501 -37.64 -40.47 -70.81
CA PRO Q 501 -38.32 -39.98 -72.01
C PRO Q 501 -39.76 -39.47 -71.89
N VAL Q 502 -40.36 -39.56 -70.72
CA VAL Q 502 -41.81 -39.20 -70.57
C VAL Q 502 -42.20 -37.74 -70.85
N ASN Q 503 -41.40 -36.76 -70.43
CA ASN Q 503 -41.79 -35.32 -70.56
C ASN Q 503 -41.94 -34.89 -72.02
N HIS Q 504 -41.45 -35.74 -72.93
CA HIS Q 504 -41.67 -35.47 -74.37
C HIS Q 504 -43.19 -35.50 -74.55
N ARG Q 505 -43.90 -36.37 -73.85
CA ARG Q 505 -45.38 -36.53 -74.04
C ARG Q 505 -46.24 -35.31 -73.68
N ASP Q 506 -45.90 -34.55 -72.63
CA ASP Q 506 -46.66 -33.30 -72.35
C ASP Q 506 -48.16 -33.61 -72.45
N ASN Q 530 -48.90 -39.97 -64.53
CA ASN Q 530 -48.45 -41.29 -65.05
C ASN Q 530 -47.63 -41.02 -66.31
N ALA Q 531 -48.27 -40.45 -67.35
CA ALA Q 531 -47.52 -40.03 -68.55
C ALA Q 531 -46.57 -38.97 -68.00
N SER Q 532 -47.05 -38.21 -67.02
CA SER Q 532 -46.13 -37.28 -66.35
C SER Q 532 -45.36 -38.13 -65.33
N ALA Q 533 -44.42 -38.98 -65.74
CA ALA Q 533 -43.73 -39.88 -64.76
C ALA Q 533 -42.45 -39.21 -64.25
N SER Q 534 -42.57 -38.02 -63.66
CA SER Q 534 -41.41 -37.37 -62.98
C SER Q 534 -40.98 -38.40 -61.97
N SER Q 535 -41.93 -39.10 -61.38
CA SER Q 535 -41.66 -40.23 -60.47
C SER Q 535 -42.34 -41.40 -61.14
N GLY Q 536 -41.61 -42.29 -61.82
CA GLY Q 536 -42.26 -43.49 -62.38
C GLY Q 536 -42.34 -44.52 -61.26
N SER Q 537 -43.16 -44.25 -60.24
CA SER Q 537 -43.28 -45.14 -59.08
C SER Q 537 -43.84 -46.46 -59.61
N ASP Q 538 -44.37 -46.44 -60.83
CA ASP Q 538 -44.85 -47.70 -61.45
C ASP Q 538 -43.67 -48.66 -61.47
N GLN Q 539 -42.45 -48.16 -61.66
CA GLN Q 539 -41.21 -48.99 -61.65
C GLN Q 539 -40.42 -48.72 -60.36
N GLY Q 540 -40.98 -47.93 -59.42
CA GLY Q 540 -40.26 -47.55 -58.18
C GLY Q 540 -40.63 -48.46 -57.02
N PRO Q 541 -41.59 -48.06 -56.15
CA PRO Q 541 -42.06 -48.92 -55.06
C PRO Q 541 -42.99 -50.05 -55.52
N SER Q 542 -42.88 -51.23 -54.90
CA SER Q 542 -43.77 -52.38 -55.16
C SER Q 542 -43.69 -53.26 -53.91
N SER Q 543 -44.67 -54.13 -53.68
CA SER Q 543 -44.65 -55.07 -52.52
C SER Q 543 -43.51 -56.11 -52.65
N ARG Q 544 -43.28 -56.69 -53.83
CA ARG Q 544 -42.32 -57.82 -53.99
C ARG Q 544 -41.15 -57.53 -54.94
N GLN Q 545 -41.41 -57.10 -56.18
CA GLN Q 545 -40.34 -56.92 -57.20
C GLN Q 545 -39.36 -55.86 -56.72
N HIS Q 546 -39.88 -54.77 -56.12
CA HIS Q 546 -39.07 -53.66 -55.57
C HIS Q 546 -39.41 -53.55 -54.09
N THR Q 547 -38.89 -52.56 -53.37
CA THR Q 547 -39.16 -52.38 -51.93
C THR Q 547 -39.40 -50.91 -51.53
N MET Q 548 -40.09 -50.67 -50.41
CA MET Q 548 -40.30 -49.33 -49.79
C MET Q 548 -39.81 -49.37 -48.34
N VAL Q 549 -38.99 -48.37 -47.96
CA VAL Q 549 -38.46 -48.20 -46.58
C VAL Q 549 -39.66 -47.89 -45.70
N SER Q 550 -39.66 -48.40 -44.47
CA SER Q 550 -40.83 -48.26 -43.56
C SER Q 550 -41.06 -46.85 -43.04
N PHE Q 551 -40.05 -46.14 -42.57
CA PHE Q 551 -40.31 -44.82 -41.95
C PHE Q 551 -41.06 -43.89 -42.91
N LEU Q 552 -40.90 -43.92 -44.22
CA LEU Q 552 -41.48 -42.89 -45.14
C LEU Q 552 -42.84 -43.30 -45.72
N LYS Q 553 -43.40 -44.46 -45.38
CA LYS Q 553 -44.74 -44.89 -45.87
C LYS Q 553 -45.80 -43.87 -45.44
N PRO Q 554 -45.80 -43.30 -44.22
CA PRO Q 554 -46.86 -42.39 -43.84
C PRO Q 554 -46.89 -41.16 -44.76
N VAL Q 555 -45.76 -40.63 -45.18
CA VAL Q 555 -45.71 -39.37 -45.99
C VAL Q 555 -45.37 -39.61 -47.46
N LEU Q 556 -45.19 -40.86 -47.90
CA LEU Q 556 -44.79 -41.23 -49.29
C LEU Q 556 -45.70 -40.56 -50.34
N LYS Q 557 -47.02 -40.56 -50.16
CA LYS Q 557 -47.99 -40.07 -51.18
C LYS Q 557 -47.81 -38.57 -51.35
N GLN Q 558 -47.49 -37.86 -50.28
CA GLN Q 558 -47.37 -36.37 -50.31
C GLN Q 558 -46.10 -36.00 -51.09
N ILE Q 559 -45.01 -36.73 -50.86
CA ILE Q 559 -43.69 -36.42 -51.47
C ILE Q 559 -43.82 -36.52 -53.00
N ILE Q 560 -44.34 -37.64 -53.50
CA ILE Q 560 -44.38 -37.84 -54.98
C ILE Q 560 -45.18 -36.72 -55.60
N MET Q 561 -46.31 -36.34 -54.99
CA MET Q 561 -47.23 -35.35 -55.62
C MET Q 561 -46.69 -33.93 -55.48
N ALA Q 562 -45.90 -33.59 -54.44
CA ALA Q 562 -45.19 -32.29 -54.39
C ALA Q 562 -44.08 -32.31 -55.41
N GLY Q 563 -43.47 -33.49 -55.57
CA GLY Q 563 -42.36 -33.66 -56.52
C GLY Q 563 -42.78 -33.36 -57.94
N LYS Q 564 -43.87 -34.00 -58.42
CA LYS Q 564 -44.40 -33.81 -59.80
C LYS Q 564 -44.91 -32.38 -59.93
N SER Q 565 -45.59 -31.87 -58.89
CA SER Q 565 -46.18 -30.51 -58.90
C SER Q 565 -45.09 -29.48 -59.15
N MET Q 566 -43.96 -29.58 -58.45
CA MET Q 566 -42.86 -28.58 -58.53
C MET Q 566 -42.26 -28.57 -59.93
N GLN Q 567 -42.08 -29.74 -60.56
CA GLN Q 567 -41.47 -29.83 -61.92
C GLN Q 567 -42.39 -29.17 -62.95
N LEU Q 568 -43.71 -29.34 -62.83
CA LEU Q 568 -44.67 -28.66 -63.74
C LEU Q 568 -44.64 -27.14 -63.48
N LEU Q 569 -44.55 -26.75 -62.21
CA LEU Q 569 -44.49 -25.31 -61.83
C LEU Q 569 -43.22 -24.70 -62.44
N LYS Q 570 -42.20 -25.51 -62.74
CA LYS Q 570 -40.91 -24.96 -63.24
C LYS Q 570 -40.92 -24.76 -64.76
N ASN Q 571 -41.68 -25.57 -65.51
CA ASN Q 571 -41.62 -25.52 -67.00
C ASN Q 571 -42.25 -24.22 -67.49
N LEU Q 572 -42.70 -23.37 -66.55
CA LEU Q 572 -43.23 -22.01 -66.87
C LEU Q 572 -42.20 -20.95 -66.43
N GLU Q 637 -33.30 -27.81 -46.75
CA GLU Q 637 -32.59 -27.97 -45.46
C GLU Q 637 -33.33 -29.00 -44.60
N LEU Q 638 -33.82 -30.10 -45.19
CA LEU Q 638 -34.66 -31.07 -44.45
C LEU Q 638 -33.85 -31.78 -43.35
N ASP Q 639 -32.58 -32.13 -43.58
CA ASP Q 639 -31.71 -32.71 -42.51
C ASP Q 639 -31.49 -31.64 -41.45
N ASP Q 640 -31.36 -30.38 -41.86
CA ASP Q 640 -31.04 -29.25 -40.93
C ASP Q 640 -32.33 -28.61 -40.43
N VAL Q 641 -33.47 -29.29 -40.54
CA VAL Q 641 -34.74 -28.81 -39.94
C VAL Q 641 -35.18 -29.92 -38.96
N HIS Q 642 -34.96 -31.19 -39.29
CA HIS Q 642 -35.23 -32.33 -38.38
C HIS Q 642 -34.35 -32.22 -37.14
N ASP Q 643 -33.06 -31.96 -37.30
CA ASP Q 643 -32.10 -31.90 -36.16
C ASP Q 643 -32.46 -30.73 -35.24
N PRO Q 644 -32.80 -29.51 -35.70
CA PRO Q 644 -33.22 -28.45 -34.78
C PRO Q 644 -34.44 -28.79 -33.93
N LEU Q 645 -35.49 -29.36 -34.52
CA LEU Q 645 -36.71 -29.72 -33.76
C LEU Q 645 -36.39 -30.91 -32.85
N LEU Q 646 -35.50 -31.81 -33.25
CA LEU Q 646 -35.09 -32.98 -32.44
C LEU Q 646 -34.40 -32.51 -31.15
N ALA Q 647 -33.62 -31.43 -31.17
CA ALA Q 647 -32.81 -30.96 -30.02
C ALA Q 647 -33.64 -30.34 -28.89
N ILE Q 648 -34.98 -30.37 -28.93
CA ILE Q 648 -35.91 -29.82 -27.86
C ILE Q 648 -36.79 -30.92 -27.21
N THR Q 682 -42.19 -45.23 -27.06
CA THR Q 682 -41.74 -44.32 -25.97
C THR Q 682 -41.19 -43.05 -26.64
N PHE Q 683 -42.06 -42.18 -27.18
CA PHE Q 683 -41.66 -40.90 -27.82
C PHE Q 683 -40.66 -41.18 -28.97
N GLU Q 684 -40.45 -42.42 -29.45
CA GLU Q 684 -39.63 -42.68 -30.65
C GLU Q 684 -40.48 -42.40 -31.89
N LEU Q 685 -41.70 -42.93 -31.92
CA LEU Q 685 -42.61 -42.71 -33.07
C LEU Q 685 -42.99 -41.25 -33.02
N THR Q 686 -43.19 -40.69 -31.83
CA THR Q 686 -43.54 -39.27 -31.63
C THR Q 686 -42.35 -38.38 -32.04
N LEU Q 687 -41.11 -38.82 -31.87
CA LEU Q 687 -39.94 -38.04 -32.35
C LEU Q 687 -40.04 -37.96 -33.87
N ARG Q 688 -40.42 -39.05 -34.53
CA ARG Q 688 -40.56 -39.09 -36.01
C ARG Q 688 -41.80 -38.31 -36.40
N SER Q 689 -42.75 -38.12 -35.49
CA SER Q 689 -43.95 -37.29 -35.78
C SER Q 689 -43.56 -35.83 -36.04
N CYS Q 690 -42.56 -35.29 -35.35
CA CYS Q 690 -42.12 -33.87 -35.48
C CYS Q 690 -41.39 -33.62 -36.81
N LEU Q 691 -41.06 -34.66 -37.57
CA LEU Q 691 -40.29 -34.56 -38.85
C LEU Q 691 -41.35 -34.24 -39.93
N TYR Q 692 -42.58 -34.73 -39.79
CA TYR Q 692 -43.60 -34.70 -40.85
C TYR Q 692 -44.14 -33.30 -41.18
N PRO Q 693 -44.39 -32.44 -40.18
CA PRO Q 693 -44.99 -31.11 -40.43
C PRO Q 693 -44.12 -30.27 -41.38
N HIS Q 694 -42.81 -30.53 -41.38
CA HIS Q 694 -41.84 -29.85 -42.28
C HIS Q 694 -42.24 -30.22 -43.71
N ILE Q 695 -42.63 -31.48 -43.92
CA ILE Q 695 -43.06 -31.99 -45.26
C ILE Q 695 -44.50 -31.56 -45.62
N ASP Q 696 -45.42 -31.66 -44.66
CA ASP Q 696 -46.85 -31.30 -44.88
C ASP Q 696 -46.91 -29.84 -45.31
N LYS Q 697 -46.04 -28.97 -44.76
CA LYS Q 697 -45.99 -27.54 -45.14
C LYS Q 697 -45.64 -27.41 -46.62
N GLN Q 698 -44.60 -28.13 -47.09
CA GLN Q 698 -44.13 -28.00 -48.49
C GLN Q 698 -45.25 -28.43 -49.44
N TYR Q 699 -45.90 -29.57 -49.16
CA TYR Q 699 -46.96 -30.12 -50.06
C TYR Q 699 -48.09 -29.12 -50.10
N LEU Q 700 -48.54 -28.63 -48.94
CA LEU Q 700 -49.73 -27.74 -48.84
C LEU Q 700 -49.45 -26.46 -49.62
N ASP Q 701 -48.22 -25.94 -49.53
CA ASP Q 701 -47.87 -24.65 -50.19
C ASP Q 701 -47.60 -24.83 -51.69
N CYS Q 702 -46.62 -25.65 -52.06
CA CYS Q 702 -46.19 -25.86 -53.47
C CYS Q 702 -47.31 -26.40 -54.36
N CYS Q 703 -48.07 -27.38 -53.89
CA CYS Q 703 -49.13 -28.04 -54.71
C CYS Q 703 -50.27 -27.05 -54.80
N GLY Q 704 -50.48 -26.23 -53.76
CA GLY Q 704 -51.49 -25.17 -53.77
C GLY Q 704 -51.09 -24.10 -54.77
N ASN Q 705 -49.80 -23.78 -54.87
CA ASN Q 705 -49.28 -22.72 -55.76
C ASN Q 705 -49.56 -23.08 -57.22
N LEU Q 706 -49.53 -24.36 -57.58
CA LEU Q 706 -49.89 -24.73 -58.98
C LEU Q 706 -51.34 -24.33 -59.24
N MET Q 707 -52.24 -24.97 -58.50
CA MET Q 707 -53.69 -24.74 -58.75
C MET Q 707 -53.90 -23.26 -59.00
N GLN Q 708 -53.46 -22.40 -58.07
CA GLN Q 708 -53.72 -20.95 -58.10
C GLN Q 708 -53.06 -20.27 -59.30
N THR Q 709 -51.92 -20.77 -59.81
CA THR Q 709 -51.34 -20.18 -61.06
C THR Q 709 -52.02 -20.76 -62.29
N LEU Q 710 -52.59 -21.96 -62.14
CA LEU Q 710 -53.28 -22.62 -63.26
C LEU Q 710 -54.72 -22.12 -63.37
N LYS Q 711 -55.06 -21.01 -62.69
CA LYS Q 711 -56.39 -20.37 -62.82
C LYS Q 711 -56.19 -18.95 -63.31
N LYS Q 712 -55.31 -18.18 -62.67
CA LYS Q 712 -55.00 -16.78 -63.10
C LYS Q 712 -54.30 -16.77 -64.47
N ASP Q 713 -53.39 -17.71 -64.77
CA ASP Q 713 -52.58 -17.68 -66.02
C ASP Q 713 -53.15 -18.63 -67.06
N TYR Q 714 -52.89 -19.94 -66.96
CA TYR Q 714 -53.45 -20.93 -67.92
C TYR Q 714 -54.83 -21.24 -67.37
N ARG Q 715 -55.82 -20.39 -67.67
CA ARG Q 715 -57.16 -20.47 -67.04
C ARG Q 715 -57.78 -21.86 -67.12
N LEU Q 716 -58.24 -22.40 -65.99
CA LEU Q 716 -58.86 -23.74 -65.91
C LEU Q 716 -60.37 -23.53 -65.73
N VAL Q 717 -60.78 -22.60 -64.88
CA VAL Q 717 -62.21 -22.35 -64.57
C VAL Q 717 -62.95 -21.91 -65.84
N GLU Q 718 -62.36 -21.02 -66.65
CA GLU Q 718 -63.01 -20.53 -67.89
C GLU Q 718 -63.11 -21.70 -68.88
N TYR Q 719 -62.06 -22.50 -69.04
CA TYR Q 719 -62.06 -23.63 -69.99
C TYR Q 719 -63.10 -24.67 -69.56
N LEU Q 720 -63.18 -24.99 -68.27
CA LEU Q 720 -64.11 -26.04 -67.77
C LEU Q 720 -65.53 -25.56 -68.09
N GLN Q 721 -65.82 -24.28 -67.82
CA GLN Q 721 -67.19 -23.73 -68.03
C GLN Q 721 -67.45 -23.64 -69.53
N ALA Q 722 -66.41 -23.39 -70.33
CA ALA Q 722 -66.54 -23.33 -71.80
C ALA Q 722 -66.99 -24.71 -72.27
N MET Q 723 -66.45 -25.79 -71.70
CA MET Q 723 -66.80 -27.18 -72.09
C MET Q 723 -68.28 -27.38 -71.83
N ARG Q 724 -68.83 -26.76 -70.78
CA ARG Q 724 -70.25 -26.92 -70.40
C ARG Q 724 -71.14 -25.92 -71.15
N ASN Q 725 -71.12 -24.63 -70.79
CA ASN Q 725 -72.06 -23.63 -71.36
C ASN Q 725 -71.75 -23.40 -72.84
N PHE Q 726 -72.78 -23.25 -73.66
CA PHE Q 726 -72.62 -22.96 -75.11
C PHE Q 726 -71.77 -24.06 -75.74
N PHE Q 727 -71.91 -25.31 -75.26
CA PHE Q 727 -71.09 -26.44 -75.73
C PHE Q 727 -71.88 -27.73 -75.54
N LEU Q 728 -71.24 -28.90 -75.44
CA LEU Q 728 -71.97 -30.19 -75.42
C LEU Q 728 -73.01 -30.27 -74.30
N MET Q 729 -72.69 -29.87 -73.07
CA MET Q 729 -73.64 -30.05 -71.93
C MET Q 729 -74.83 -29.11 -71.99
N GLU Q 730 -74.63 -27.82 -72.24
CA GLU Q 730 -75.73 -26.81 -72.18
C GLU Q 730 -75.81 -26.11 -73.53
N GLY Q 731 -76.99 -26.08 -74.15
CA GLY Q 731 -77.13 -25.40 -75.44
C GLY Q 731 -77.05 -23.89 -75.36
N GLY Q 732 -77.77 -23.24 -74.45
CA GLY Q 732 -77.86 -21.77 -74.42
C GLY Q 732 -78.67 -21.32 -75.61
N ASP Q 733 -78.52 -20.06 -76.04
CA ASP Q 733 -79.18 -19.53 -77.27
C ASP Q 733 -78.27 -19.81 -78.46
N THR Q 734 -76.97 -19.96 -78.22
CA THR Q 734 -75.97 -20.23 -79.28
C THR Q 734 -76.32 -21.52 -80.00
N MET Q 735 -76.61 -22.58 -79.26
CA MET Q 735 -76.88 -23.91 -79.87
C MET Q 735 -78.29 -23.95 -80.47
N TYR Q 736 -79.21 -23.10 -80.01
CA TYR Q 736 -80.57 -23.04 -80.62
C TYR Q 736 -80.40 -22.64 -82.09
N ASP Q 737 -79.51 -21.68 -82.35
CA ASP Q 737 -79.26 -21.22 -83.73
C ASP Q 737 -78.66 -22.36 -84.56
N PHE Q 738 -77.67 -23.09 -84.02
CA PHE Q 738 -76.99 -24.17 -84.79
C PHE Q 738 -77.93 -25.33 -85.04
N TYR Q 739 -78.69 -25.77 -84.04
CA TYR Q 739 -79.54 -26.98 -84.19
C TYR Q 739 -80.68 -26.76 -85.17
N THR Q 740 -81.35 -25.60 -85.14
CA THR Q 740 -82.56 -25.37 -85.97
C THR Q 740 -82.15 -25.48 -87.44
N SER Q 741 -80.98 -24.97 -87.82
CA SER Q 741 -80.47 -25.01 -89.22
C SER Q 741 -80.32 -26.44 -89.71
N ILE Q 742 -79.66 -27.33 -88.96
CA ILE Q 742 -79.38 -28.74 -89.41
C ILE Q 742 -80.72 -29.47 -89.53
N PHE Q 743 -81.69 -29.17 -88.68
CA PHE Q 743 -83.03 -29.80 -88.70
C PHE Q 743 -83.83 -29.43 -89.96
N ASP Q 744 -83.71 -28.21 -90.47
CA ASP Q 744 -84.60 -27.74 -91.58
C ASP Q 744 -84.61 -28.73 -92.73
N LYS Q 745 -85.81 -29.05 -93.27
CA LYS Q 745 -86.00 -30.05 -94.35
C LYS Q 745 -85.77 -29.45 -95.75
N ILE Q 746 -85.87 -28.12 -95.91
CA ILE Q 746 -85.60 -27.44 -97.21
C ILE Q 746 -84.09 -27.50 -97.48
N ARG Q 747 -83.67 -27.75 -98.74
CA ARG Q 747 -82.24 -27.76 -99.14
C ARG Q 747 -81.45 -28.69 -98.20
N GLU Q 748 -82.00 -29.85 -97.87
CA GLU Q 748 -81.34 -30.76 -96.90
C GLU Q 748 -80.81 -32.01 -97.61
N LYS Q 749 -79.52 -32.31 -97.46
CA LYS Q 749 -78.94 -33.56 -98.03
C LYS Q 749 -79.41 -34.73 -97.16
N GLU Q 750 -79.33 -35.96 -97.66
CA GLU Q 750 -80.08 -37.08 -97.03
C GLU Q 750 -79.65 -37.18 -95.57
N THR Q 751 -78.35 -37.09 -95.29
CA THR Q 751 -77.88 -37.05 -93.88
C THR Q 751 -77.32 -35.65 -93.56
N TRP Q 752 -77.29 -34.75 -94.55
CA TRP Q 752 -76.78 -33.36 -94.39
C TRP Q 752 -75.40 -33.44 -93.73
N GLN Q 753 -74.51 -34.32 -94.23
CA GLN Q 753 -73.18 -34.52 -93.60
C GLN Q 753 -72.09 -33.78 -94.38
N ASN Q 754 -72.37 -32.58 -94.90
CA ASN Q 754 -71.26 -31.82 -95.54
C ASN Q 754 -70.47 -31.07 -94.46
N VAL Q 755 -69.22 -31.46 -94.22
CA VAL Q 755 -68.39 -31.01 -93.05
C VAL Q 755 -68.12 -29.51 -93.10
N SER Q 756 -67.88 -28.97 -94.30
CA SER Q 756 -67.68 -27.51 -94.52
C SER Q 756 -68.97 -26.76 -94.14
N PHE Q 757 -70.14 -27.29 -94.50
CA PHE Q 757 -71.44 -26.68 -94.15
C PHE Q 757 -71.59 -26.71 -92.63
N LEU Q 758 -71.39 -27.89 -92.02
CA LEU Q 758 -71.60 -28.05 -90.56
C LEU Q 758 -70.63 -27.14 -89.81
N ASN Q 759 -69.37 -27.09 -90.24
CA ASN Q 759 -68.34 -26.25 -89.58
C ASN Q 759 -68.75 -24.78 -89.75
N VAL Q 760 -69.24 -24.41 -90.94
CA VAL Q 760 -69.63 -23.00 -91.23
C VAL Q 760 -70.75 -22.61 -90.27
N GLN Q 761 -71.71 -23.51 -90.04
CA GLN Q 761 -72.86 -23.22 -89.16
C GLN Q 761 -72.34 -22.95 -87.75
N LEU Q 762 -71.35 -23.71 -87.29
CA LEU Q 762 -70.81 -23.58 -85.90
C LEU Q 762 -70.19 -22.20 -85.70
N GLN Q 763 -69.46 -21.68 -86.70
CA GLN Q 763 -68.73 -20.38 -86.55
C GLN Q 763 -69.75 -19.24 -86.48
N GLU Q 764 -70.88 -19.36 -87.17
CA GLU Q 764 -71.97 -18.37 -87.16
C GLU Q 764 -72.55 -18.31 -85.75
N ALA Q 765 -72.57 -19.44 -85.04
CA ALA Q 765 -73.18 -19.55 -83.69
C ALA Q 765 -72.12 -19.54 -82.58
N VAL Q 766 -70.85 -19.21 -82.88
CA VAL Q 766 -69.82 -19.10 -81.82
C VAL Q 766 -70.37 -18.08 -80.83
N GLY Q 767 -70.94 -16.95 -81.28
CA GLY Q 767 -71.67 -16.00 -80.40
C GLY Q 767 -70.89 -15.65 -79.13
N GLN Q 768 -69.61 -15.33 -79.24
CA GLN Q 768 -68.75 -14.94 -78.11
C GLN Q 768 -67.61 -14.13 -78.72
N ARG Q 769 -66.64 -13.69 -77.92
CA ARG Q 769 -65.44 -12.99 -78.42
C ARG Q 769 -64.47 -14.09 -78.85
N TYR Q 770 -64.28 -15.10 -77.99
CA TYR Q 770 -63.44 -16.27 -78.36
C TYR Q 770 -64.29 -17.21 -79.21
N PRO Q 771 -63.91 -17.38 -80.48
CA PRO Q 771 -64.66 -18.26 -81.41
C PRO Q 771 -63.67 -19.25 -82.05
N GLU Q 772 -62.97 -20.05 -81.23
CA GLU Q 772 -61.94 -20.95 -81.79
C GLU Q 772 -61.94 -22.30 -81.06
N ASP Q 773 -61.35 -23.34 -81.66
CA ASP Q 773 -61.22 -24.67 -81.02
C ASP Q 773 -62.51 -25.49 -81.08
N SER Q 774 -63.51 -25.04 -81.83
CA SER Q 774 -64.74 -25.85 -82.01
C SER Q 774 -64.87 -26.26 -83.48
N SER Q 775 -64.92 -27.56 -83.78
CA SER Q 775 -64.89 -28.08 -85.17
C SER Q 775 -66.23 -28.63 -85.70
N ARG Q 776 -66.94 -29.48 -84.94
CA ARG Q 776 -68.16 -30.16 -85.44
C ARG Q 776 -67.76 -30.87 -86.73
N LEU Q 777 -66.57 -31.47 -86.78
CA LEU Q 777 -65.99 -32.04 -88.03
C LEU Q 777 -65.86 -33.56 -88.03
N SER Q 778 -65.73 -34.20 -86.86
CA SER Q 778 -65.50 -35.66 -86.78
C SER Q 778 -66.47 -36.32 -87.77
N ILE Q 779 -66.00 -37.31 -88.53
CA ILE Q 779 -66.88 -37.91 -89.58
C ILE Q 779 -68.12 -38.52 -88.94
N SER Q 780 -69.29 -38.28 -89.55
CA SER Q 780 -70.54 -38.89 -89.04
C SER Q 780 -70.43 -40.41 -89.22
N PHE Q 781 -70.89 -41.17 -88.22
CA PHE Q 781 -70.75 -42.65 -88.30
C PHE Q 781 -71.57 -43.17 -89.48
N GLU Q 782 -71.00 -44.11 -90.25
CA GLU Q 782 -71.69 -44.66 -91.44
C GLU Q 782 -71.94 -46.16 -91.22
N LEU Q 791 -81.27 -48.12 -87.43
CA LEU Q 791 -81.88 -46.76 -87.34
C LEU Q 791 -83.41 -46.87 -87.47
N PRO Q 792 -84.18 -47.13 -86.39
CA PRO Q 792 -85.63 -47.31 -86.49
C PRO Q 792 -86.31 -46.03 -87.02
N VAL Q 793 -85.93 -44.85 -86.53
CA VAL Q 793 -86.40 -43.54 -87.04
C VAL Q 793 -85.27 -43.08 -87.94
N HIS Q 794 -85.17 -41.79 -88.23
CA HIS Q 794 -83.96 -41.34 -88.95
C HIS Q 794 -82.84 -41.74 -87.99
N ILE Q 795 -82.98 -41.50 -86.68
CA ILE Q 795 -82.03 -42.02 -85.66
C ILE Q 795 -80.61 -41.80 -86.15
N LEU Q 796 -80.30 -40.63 -86.71
CA LEU Q 796 -78.97 -40.35 -87.31
C LEU Q 796 -77.95 -40.05 -86.21
N ASP Q 797 -76.99 -40.97 -85.95
CA ASP Q 797 -75.90 -40.74 -84.98
C ASP Q 797 -74.77 -40.06 -85.77
N GLY Q 798 -73.68 -39.66 -85.13
CA GLY Q 798 -72.73 -38.86 -85.93
C GLY Q 798 -72.77 -37.42 -85.47
N LEU Q 799 -72.42 -36.47 -86.34
CA LEU Q 799 -72.44 -35.02 -86.00
C LEU Q 799 -71.48 -34.79 -84.83
N THR Q 800 -70.54 -35.70 -84.52
CA THR Q 800 -69.67 -35.62 -83.32
C THR Q 800 -68.93 -34.26 -83.26
N LEU Q 801 -68.82 -33.64 -82.07
CA LEU Q 801 -68.16 -32.32 -81.87
C LEU Q 801 -66.93 -32.54 -80.99
N SER Q 802 -65.74 -32.08 -81.41
CA SER Q 802 -64.46 -32.24 -80.66
C SER Q 802 -63.88 -30.86 -80.36
N TYR Q 803 -63.45 -30.59 -79.12
CA TYR Q 803 -62.93 -29.27 -78.69
C TYR Q 803 -61.43 -29.39 -78.47
N LYS Q 804 -60.61 -28.52 -79.08
CA LYS Q 804 -59.13 -28.60 -78.98
C LYS Q 804 -58.67 -27.82 -77.75
N VAL Q 805 -58.20 -28.52 -76.71
CA VAL Q 805 -57.75 -27.87 -75.45
C VAL Q 805 -56.23 -27.97 -75.35
N PRO Q 806 -55.55 -26.88 -74.93
CA PRO Q 806 -54.09 -26.83 -74.88
C PRO Q 806 -53.48 -27.73 -73.80
N TRP Q 807 -52.15 -27.82 -73.77
CA TRP Q 807 -51.40 -28.74 -72.85
C TRP Q 807 -51.43 -28.35 -71.37
N PRO Q 808 -51.14 -27.09 -70.98
CA PRO Q 808 -51.07 -26.76 -69.57
C PRO Q 808 -52.44 -27.05 -68.93
N VAL Q 809 -53.49 -27.32 -69.72
CA VAL Q 809 -54.79 -27.76 -69.16
C VAL Q 809 -55.24 -29.15 -69.68
N ASP Q 810 -54.53 -29.75 -70.65
CA ASP Q 810 -54.89 -31.09 -71.19
C ASP Q 810 -54.85 -32.10 -70.05
N ILE Q 811 -54.01 -31.85 -69.04
CA ILE Q 811 -53.74 -32.84 -67.95
C ILE Q 811 -55.06 -33.27 -67.33
N VAL Q 812 -56.07 -32.39 -67.27
CA VAL Q 812 -57.37 -32.68 -66.60
C VAL Q 812 -58.54 -32.85 -67.58
N ILE Q 813 -58.36 -32.46 -68.84
CA ILE Q 813 -59.41 -32.68 -69.87
C ILE Q 813 -58.80 -33.70 -70.85
N SER Q 814 -59.06 -35.00 -70.65
CA SER Q 814 -58.41 -36.08 -71.43
C SER Q 814 -59.08 -36.35 -72.77
N LEU Q 815 -58.29 -36.73 -73.78
CA LEU Q 815 -58.85 -37.16 -75.09
C LEU Q 815 -59.66 -38.44 -74.84
N GLU Q 816 -59.36 -39.19 -73.78
CA GLU Q 816 -60.21 -40.37 -73.41
C GLU Q 816 -61.58 -39.86 -72.95
N CYS Q 817 -61.62 -38.86 -72.05
CA CYS Q 817 -62.86 -38.31 -71.43
C CYS Q 817 -63.74 -37.61 -72.47
N GLN Q 818 -63.15 -37.09 -73.55
CA GLN Q 818 -63.90 -36.31 -74.56
C GLN Q 818 -65.02 -37.21 -75.04
N LYS Q 819 -64.77 -38.51 -75.15
CA LYS Q 819 -65.78 -39.47 -75.65
C LYS Q 819 -67.00 -39.45 -74.72
N ILE Q 820 -66.81 -39.41 -73.40
CA ILE Q 820 -67.95 -39.46 -72.43
C ILE Q 820 -68.81 -38.22 -72.63
N TYR Q 821 -68.20 -37.04 -72.77
CA TYR Q 821 -68.96 -35.79 -73.04
C TYR Q 821 -69.67 -35.94 -74.38
N ASN Q 822 -69.01 -36.53 -75.38
CA ASN Q 822 -69.60 -36.66 -76.73
C ASN Q 822 -70.88 -37.50 -76.62
N GLN Q 823 -70.86 -38.54 -75.80
CA GLN Q 823 -72.02 -39.46 -75.69
C GLN Q 823 -73.26 -38.70 -75.22
N VAL Q 824 -73.14 -37.84 -74.20
CA VAL Q 824 -74.29 -37.07 -73.63
C VAL Q 824 -74.76 -36.05 -74.68
N PHE Q 825 -73.86 -35.47 -75.47
CA PHE Q 825 -74.22 -34.43 -76.46
C PHE Q 825 -75.25 -34.99 -77.43
N LEU Q 826 -75.05 -36.21 -77.90
CA LEU Q 826 -75.97 -36.82 -78.89
C LEU Q 826 -77.38 -36.90 -78.30
N LEU Q 827 -77.53 -37.35 -77.06
CA LEU Q 827 -78.86 -37.56 -76.43
C LEU Q 827 -79.54 -36.22 -76.30
N LEU Q 828 -78.81 -35.17 -75.97
CA LEU Q 828 -79.39 -33.82 -75.81
C LEU Q 828 -79.96 -33.34 -77.15
N LEU Q 829 -79.37 -33.72 -78.29
CA LEU Q 829 -79.79 -33.23 -79.63
C LEU Q 829 -80.95 -34.06 -80.19
N GLN Q 830 -81.09 -35.33 -79.83
CA GLN Q 830 -82.25 -36.18 -80.21
C GLN Q 830 -83.48 -35.71 -79.43
N ILE Q 831 -83.33 -35.41 -78.14
CA ILE Q 831 -84.49 -35.03 -77.27
C ILE Q 831 -84.98 -33.68 -77.75
N LYS Q 832 -84.05 -32.77 -78.00
CA LYS Q 832 -84.38 -31.43 -78.56
C LYS Q 832 -85.04 -31.65 -79.95
N TRP Q 833 -84.50 -32.58 -80.75
CA TRP Q 833 -85.08 -32.87 -82.09
C TRP Q 833 -86.52 -33.36 -81.89
N ALA Q 834 -86.76 -34.30 -80.96
CA ALA Q 834 -88.10 -34.92 -80.75
C ALA Q 834 -89.08 -33.84 -80.29
N LYS Q 835 -88.67 -33.01 -79.32
CA LYS Q 835 -89.56 -31.95 -78.80
C LYS Q 835 -89.76 -30.90 -79.87
N TYR Q 836 -88.66 -30.48 -80.51
CA TYR Q 836 -88.71 -29.49 -81.62
C TYR Q 836 -89.55 -30.06 -82.75
N SER Q 837 -89.59 -31.38 -82.93
CA SER Q 837 -90.40 -32.05 -83.99
C SER Q 837 -91.89 -31.89 -83.69
N LEU Q 838 -92.30 -31.91 -82.40
CA LEU Q 838 -93.74 -31.78 -82.02
C LEU Q 838 -94.14 -30.34 -81.73
N ASP Q 839 -93.23 -29.38 -81.94
CA ASP Q 839 -93.50 -27.96 -81.58
C ASP Q 839 -93.62 -27.09 -82.84
N VAL Q 840 -92.97 -27.47 -83.94
CA VAL Q 840 -93.09 -26.74 -85.23
C VAL Q 840 -94.56 -26.71 -85.63
N LEU Q 841 -95.23 -27.86 -85.65
CA LEU Q 841 -96.67 -27.96 -86.02
C LEU Q 841 -97.49 -26.90 -85.28
N LEU Q 842 -98.48 -26.28 -85.94
CA LEU Q 842 -99.34 -25.23 -85.36
C LEU Q 842 -98.47 -24.16 -84.70
N GLN Q 879 -111.50 -37.40 -85.78
CA GLN Q 879 -110.24 -37.93 -86.37
C GLN Q 879 -109.28 -36.78 -86.63
N ILE Q 880 -109.72 -35.74 -87.36
CA ILE Q 880 -108.83 -34.59 -87.73
C ILE Q 880 -108.38 -33.89 -86.46
N HIS Q 881 -109.27 -33.69 -85.48
CA HIS Q 881 -108.94 -33.08 -84.17
C HIS Q 881 -108.62 -34.18 -83.17
N ARG Q 882 -108.95 -35.44 -83.46
CA ARG Q 882 -108.56 -36.56 -82.56
C ARG Q 882 -107.04 -36.60 -82.58
N MET Q 883 -106.43 -36.26 -83.72
CA MET Q 883 -104.95 -36.21 -83.83
C MET Q 883 -104.44 -35.10 -82.91
N PHE Q 884 -105.13 -33.97 -82.85
CA PHE Q 884 -104.75 -32.83 -81.99
C PHE Q 884 -104.77 -33.31 -80.52
N LEU Q 885 -105.72 -34.17 -80.17
CA LEU Q 885 -105.74 -34.73 -78.80
C LEU Q 885 -104.47 -35.55 -78.58
N LEU Q 886 -104.05 -36.36 -79.55
CA LEU Q 886 -102.84 -37.23 -79.43
C LEU Q 886 -101.59 -36.34 -79.38
N ARG Q 887 -101.64 -35.12 -79.93
CA ARG Q 887 -100.50 -34.17 -79.92
C ARG Q 887 -100.16 -33.87 -78.46
N VAL Q 888 -101.16 -33.80 -77.58
CA VAL Q 888 -100.93 -33.43 -76.15
C VAL Q 888 -100.49 -34.66 -75.35
N LYS Q 889 -100.96 -35.86 -75.68
CA LYS Q 889 -100.65 -37.07 -74.89
C LYS Q 889 -99.19 -37.45 -75.14
N LEU Q 890 -98.62 -36.95 -76.24
CA LEU Q 890 -97.21 -37.26 -76.62
C LEU Q 890 -96.25 -36.18 -76.14
N MET Q 891 -96.59 -34.91 -76.42
CA MET Q 891 -95.71 -33.76 -76.08
C MET Q 891 -95.46 -33.73 -74.58
N HIS Q 892 -96.50 -33.99 -73.78
CA HIS Q 892 -96.35 -33.99 -72.29
C HIS Q 892 -95.24 -35.00 -71.96
N PHE Q 893 -95.31 -36.21 -72.52
CA PHE Q 893 -94.38 -37.32 -72.15
C PHE Q 893 -92.93 -36.96 -72.51
N VAL Q 894 -92.70 -36.59 -73.78
CA VAL Q 894 -91.30 -36.33 -74.23
C VAL Q 894 -90.81 -35.11 -73.47
N ASN Q 895 -91.68 -34.11 -73.25
CA ASN Q 895 -91.31 -32.87 -72.53
C ASN Q 895 -90.96 -33.19 -71.09
N SER Q 896 -91.69 -34.10 -70.45
CA SER Q 896 -91.35 -34.55 -69.08
C SER Q 896 -89.97 -35.22 -69.05
N LEU Q 897 -89.59 -36.01 -70.09
CA LEU Q 897 -88.24 -36.59 -70.13
C LEU Q 897 -87.19 -35.49 -70.21
N HIS Q 898 -87.37 -34.58 -71.17
CA HIS Q 898 -86.38 -33.48 -71.40
C HIS Q 898 -86.27 -32.66 -70.12
N ASN Q 899 -87.31 -32.53 -69.31
CA ASN Q 899 -87.20 -31.78 -68.04
C ASN Q 899 -86.25 -32.54 -67.11
N TYR Q 900 -86.44 -33.84 -66.90
CA TYR Q 900 -85.62 -34.64 -65.96
C TYR Q 900 -84.16 -34.69 -66.39
N ILE Q 901 -83.88 -35.00 -67.64
CA ILE Q 901 -82.47 -35.17 -68.08
C ILE Q 901 -81.77 -33.82 -68.05
N MET Q 902 -82.36 -32.76 -68.59
CA MET Q 902 -81.68 -31.45 -68.68
C MET Q 902 -81.57 -30.76 -67.33
N THR Q 903 -82.61 -30.79 -66.47
CA THR Q 903 -82.61 -30.01 -65.18
C THR Q 903 -82.35 -30.88 -63.94
N ARG Q 904 -83.07 -31.99 -63.72
CA ARG Q 904 -82.90 -32.80 -62.48
C ARG Q 904 -81.50 -33.43 -62.42
N ILE Q 905 -80.99 -33.98 -63.53
CA ILE Q 905 -79.69 -34.72 -63.53
C ILE Q 905 -78.54 -33.80 -63.90
N LEU Q 906 -78.41 -33.31 -65.13
CA LEU Q 906 -77.22 -32.57 -65.63
C LEU Q 906 -77.08 -31.12 -65.10
N HIS Q 907 -78.14 -30.38 -64.75
CA HIS Q 907 -77.98 -29.02 -64.17
C HIS Q 907 -77.64 -29.02 -62.69
N SER Q 908 -78.36 -29.80 -61.88
CA SER Q 908 -78.14 -29.86 -60.41
C SER Q 908 -76.77 -30.45 -60.09
N THR Q 909 -76.34 -31.51 -60.77
CA THR Q 909 -74.99 -32.12 -60.59
C THR Q 909 -73.95 -31.11 -61.07
N GLY Q 910 -74.21 -30.40 -62.15
CA GLY Q 910 -73.27 -29.41 -62.71
C GLY Q 910 -73.07 -28.23 -61.79
N LEU Q 911 -73.90 -28.05 -60.76
CA LEU Q 911 -73.70 -26.98 -59.74
C LEU Q 911 -72.81 -27.47 -58.58
N GLU Q 912 -72.90 -28.73 -58.16
CA GLU Q 912 -72.06 -29.29 -57.05
C GLU Q 912 -70.64 -29.30 -57.59
N PHE Q 913 -70.46 -29.50 -58.91
CA PHE Q 913 -69.11 -29.64 -59.51
C PHE Q 913 -68.48 -28.27 -59.64
N GLN Q 914 -69.24 -27.30 -60.12
CA GLN Q 914 -68.72 -25.93 -60.34
C GLN Q 914 -68.23 -25.43 -58.99
N HIS Q 915 -68.99 -25.65 -57.92
CA HIS Q 915 -68.61 -25.24 -56.54
C HIS Q 915 -67.49 -26.07 -55.93
N GLN Q 916 -67.52 -27.40 -56.03
CA GLN Q 916 -66.55 -28.26 -55.30
C GLN Q 916 -65.11 -28.08 -55.81
N VAL Q 917 -64.90 -27.82 -57.11
CA VAL Q 917 -63.53 -27.72 -57.68
C VAL Q 917 -62.86 -26.45 -57.14
N GLU Q 918 -63.62 -25.46 -56.68
CA GLU Q 918 -63.01 -24.25 -56.07
C GLU Q 918 -62.22 -24.67 -54.83
N GLU Q 919 -62.79 -25.52 -53.97
CA GLU Q 919 -62.16 -25.93 -52.68
C GLU Q 919 -60.94 -26.82 -52.85
N ALA Q 920 -60.94 -27.82 -53.74
CA ALA Q 920 -59.85 -28.82 -53.85
C ALA Q 920 -58.54 -28.14 -54.22
N LYS Q 921 -57.40 -28.63 -53.70
CA LYS Q 921 -56.06 -28.03 -53.94
C LYS Q 921 -55.07 -29.10 -54.39
N ASP Q 922 -55.23 -29.65 -55.61
CA ASP Q 922 -54.29 -30.69 -56.13
C ASP Q 922 -54.42 -30.93 -57.63
N LEU Q 923 -53.38 -31.51 -58.23
CA LEU Q 923 -53.36 -31.87 -59.66
C LEU Q 923 -54.07 -33.22 -59.82
N ASP Q 924 -53.93 -34.13 -58.84
CA ASP Q 924 -54.64 -35.44 -58.89
C ASP Q 924 -56.07 -35.42 -58.37
N GLN Q 925 -56.36 -34.65 -57.31
CA GLN Q 925 -57.76 -34.53 -56.82
C GLN Q 925 -58.61 -33.85 -57.90
N LEU Q 926 -58.14 -32.73 -58.45
CA LEU Q 926 -58.90 -32.00 -59.50
C LEU Q 926 -59.26 -32.95 -60.64
N ILE Q 927 -58.49 -34.03 -60.80
CA ILE Q 927 -58.77 -35.07 -61.84
C ILE Q 927 -59.80 -36.04 -61.28
N LYS Q 928 -59.60 -36.48 -60.03
CA LYS Q 928 -60.48 -37.51 -59.39
C LYS Q 928 -61.89 -36.97 -59.30
N ILE Q 929 -62.06 -35.70 -58.88
CA ILE Q 929 -63.41 -35.06 -58.74
C ILE Q 929 -64.05 -34.97 -60.12
N HIS Q 930 -63.28 -34.60 -61.15
CA HIS Q 930 -63.78 -34.43 -62.53
C HIS Q 930 -64.21 -35.77 -63.12
N TYR Q 931 -63.43 -36.83 -62.84
CA TYR Q 931 -63.78 -38.23 -63.24
C TYR Q 931 -65.05 -38.70 -62.50
N ARG Q 932 -65.20 -38.33 -61.22
CA ARG Q 932 -66.40 -38.68 -60.43
C ARG Q 932 -67.63 -38.03 -61.08
N TYR Q 933 -67.50 -36.75 -61.49
CA TYR Q 933 -68.59 -35.92 -62.08
C TYR Q 933 -69.00 -36.42 -63.46
N LEU Q 934 -68.11 -37.06 -64.22
CA LEU Q 934 -68.47 -37.63 -65.54
C LEU Q 934 -69.01 -39.04 -65.40
N SER Q 935 -68.50 -39.81 -64.43
CA SER Q 935 -68.99 -41.19 -64.13
C SER Q 935 -70.39 -41.12 -63.55
N THR Q 936 -70.81 -39.95 -63.02
CA THR Q 936 -72.19 -39.72 -62.49
C THR Q 936 -73.12 -39.14 -63.56
N ILE Q 937 -72.71 -38.15 -64.35
CA ILE Q 937 -73.54 -37.59 -65.46
C ILE Q 937 -73.87 -38.73 -66.43
N HIS Q 938 -72.91 -39.54 -66.86
CA HIS Q 938 -73.14 -40.60 -67.88
C HIS Q 938 -74.02 -41.72 -67.30
N ASP Q 939 -74.13 -41.84 -65.97
CA ASP Q 939 -74.87 -42.96 -65.33
C ASP Q 939 -76.30 -42.55 -64.98
N ARG Q 940 -76.51 -41.37 -64.42
CA ARG Q 940 -77.86 -40.88 -64.01
C ARG Q 940 -78.68 -40.73 -65.29
N CYS Q 941 -78.11 -40.19 -66.37
CA CYS Q 941 -78.78 -40.23 -67.69
C CYS Q 941 -78.75 -41.71 -68.05
N LEU Q 942 -79.74 -42.27 -68.72
CA LEU Q 942 -79.84 -43.74 -68.90
C LEU Q 942 -78.96 -44.24 -70.04
N LEU Q 943 -77.62 -44.24 -69.93
CA LEU Q 943 -76.71 -44.58 -71.06
C LEU Q 943 -75.72 -45.72 -70.72
N ARG Q 944 -75.87 -46.43 -69.60
CA ARG Q 944 -74.92 -47.50 -69.18
C ARG Q 944 -75.69 -48.63 -68.51
N GLU Q 945 -74.99 -49.64 -67.97
CA GLU Q 945 -75.63 -50.77 -67.23
C GLU Q 945 -76.63 -51.44 -68.19
N LYS Q 946 -77.89 -51.68 -67.79
CA LYS Q 946 -78.89 -52.39 -68.64
C LYS Q 946 -79.34 -51.45 -69.76
N VAL Q 947 -79.35 -51.91 -71.02
CA VAL Q 947 -79.73 -51.08 -72.20
C VAL Q 947 -81.01 -51.63 -72.85
N SER Q 948 -81.08 -52.93 -73.14
CA SER Q 948 -82.28 -53.57 -73.74
C SER Q 948 -83.45 -53.46 -72.77
N PHE Q 949 -83.19 -53.51 -71.46
CA PHE Q 949 -84.22 -53.47 -70.39
C PHE Q 949 -84.85 -52.08 -70.26
N VAL Q 950 -84.05 -51.00 -70.31
CA VAL Q 950 -84.58 -49.62 -70.06
C VAL Q 950 -84.42 -48.69 -71.26
N LYS Q 951 -83.23 -48.50 -71.84
CA LYS Q 951 -82.98 -47.48 -72.90
C LYS Q 951 -83.87 -47.66 -74.14
N GLU Q 952 -83.98 -48.86 -74.70
CA GLU Q 952 -84.77 -49.13 -75.94
C GLU Q 952 -86.23 -48.73 -75.80
N ALA Q 953 -86.79 -48.75 -74.58
CA ALA Q 953 -88.20 -48.37 -74.35
C ALA Q 953 -88.46 -46.90 -74.69
N ILE Q 954 -87.60 -46.00 -74.19
CA ILE Q 954 -87.72 -44.52 -74.45
C ILE Q 954 -87.39 -44.30 -75.93
N MET Q 955 -86.45 -45.08 -76.45
CA MET Q 955 -85.97 -44.95 -77.85
C MET Q 955 -87.14 -45.17 -78.82
N LYS Q 956 -87.94 -46.23 -78.67
CA LYS Q 956 -89.05 -46.55 -79.60
C LYS Q 956 -90.21 -45.56 -79.43
N VAL Q 957 -90.50 -45.22 -78.16
CA VAL Q 957 -91.61 -44.27 -77.85
C VAL Q 957 -91.20 -42.87 -78.32
N LEU Q 958 -89.89 -42.64 -78.53
CA LEU Q 958 -89.39 -41.40 -79.19
C LEU Q 958 -89.61 -41.58 -80.69
N ASN Q 959 -89.31 -42.80 -81.21
CA ASN Q 959 -89.44 -43.24 -82.64
C ASN Q 959 -90.87 -43.08 -83.15
N LEU Q 960 -91.87 -43.20 -82.28
CA LEU Q 960 -93.31 -43.07 -82.66
C LEU Q 960 -93.69 -41.59 -82.83
N ALA Q 961 -93.18 -40.73 -81.95
CA ALA Q 961 -93.38 -39.26 -82.04
C ALA Q 961 -92.73 -38.79 -83.33
N LEU Q 962 -91.56 -39.37 -83.65
CA LEU Q 962 -90.78 -38.98 -84.85
C LEU Q 962 -91.57 -39.39 -86.10
N MET Q 963 -92.11 -40.61 -86.17
CA MET Q 963 -92.91 -41.12 -87.33
C MET Q 963 -94.20 -40.32 -87.40
N PHE Q 964 -94.78 -39.99 -86.24
CA PHE Q 964 -96.09 -39.28 -86.15
C PHE Q 964 -96.03 -37.89 -86.80
N ALA Q 965 -95.02 -37.09 -86.48
CA ALA Q 965 -94.89 -35.75 -87.11
C ALA Q 965 -94.24 -35.90 -88.48
N ASP Q 966 -93.52 -37.01 -88.74
CA ASP Q 966 -92.91 -37.32 -90.07
C ASP Q 966 -94.00 -37.70 -91.09
N GLY Q 967 -95.17 -38.16 -90.61
CA GLY Q 967 -96.31 -38.50 -91.47
C GLY Q 967 -97.34 -37.38 -91.44
N TRP Q 968 -96.94 -36.20 -90.96
CA TRP Q 968 -97.82 -35.00 -90.90
C TRP Q 968 -97.05 -33.76 -91.40
N GLN Q 969 -97.72 -32.93 -92.22
CA GLN Q 969 -97.19 -31.61 -92.69
C GLN Q 969 -98.33 -30.60 -92.56
N ALA Q 970 -98.06 -29.32 -92.23
CA ALA Q 970 -99.10 -28.32 -91.89
C ALA Q 970 -100.05 -27.90 -93.03
N GLY Q 971 -101.37 -27.83 -92.77
CA GLY Q 971 -102.32 -27.21 -93.70
C GLY Q 971 -103.11 -28.06 -94.67
N LEU Q 972 -103.96 -29.02 -94.24
CA LEU Q 972 -104.99 -29.71 -95.09
C LEU Q 972 -105.83 -30.55 -94.11
N GLY Q 973 -106.83 -31.30 -94.59
CA GLY Q 973 -107.56 -32.25 -93.73
C GLY Q 973 -107.42 -33.69 -94.20
N THR Q 974 -107.29 -33.93 -95.52
CA THR Q 974 -107.35 -35.31 -96.13
C THR Q 974 -106.05 -36.08 -95.94
N TRP Q 975 -105.63 -36.29 -94.69
CA TRP Q 975 -104.42 -37.11 -94.41
C TRP Q 975 -104.72 -38.57 -94.77
N ARG Q 976 -106.00 -38.95 -94.76
CA ARG Q 976 -106.42 -40.33 -95.12
C ARG Q 976 -105.65 -41.35 -94.27
N MET Q 977 -105.51 -41.09 -92.97
CA MET Q 977 -104.74 -42.00 -92.09
C MET Q 977 -105.70 -42.87 -91.28
N GLU Q 978 -105.65 -44.19 -91.46
CA GLU Q 978 -106.49 -45.11 -90.66
C GLU Q 978 -105.64 -45.71 -89.54
N SER Q 979 -104.36 -45.34 -89.51
CA SER Q 979 -103.37 -45.95 -88.58
C SER Q 979 -103.38 -45.23 -87.24
N ILE Q 980 -104.24 -44.23 -87.01
CA ILE Q 980 -104.26 -43.37 -85.79
C ILE Q 980 -104.65 -44.24 -84.58
N GLU Q 981 -105.46 -45.29 -84.77
CA GLU Q 981 -105.86 -46.26 -83.71
C GLU Q 981 -104.70 -47.22 -83.42
N LYS Q 982 -103.86 -47.50 -84.43
CA LYS Q 982 -102.72 -48.44 -84.27
C LYS Q 982 -101.63 -47.71 -83.47
N MET Q 983 -101.41 -46.42 -83.78
CA MET Q 983 -100.43 -45.55 -83.09
C MET Q 983 -100.94 -45.22 -81.69
N GLU Q 984 -102.25 -44.98 -81.53
CA GLU Q 984 -102.85 -44.76 -80.17
C GLU Q 984 -102.59 -45.99 -79.30
N SER Q 985 -102.86 -47.20 -79.82
CA SER Q 985 -102.60 -48.48 -79.12
C SER Q 985 -101.10 -48.66 -78.88
N ASP Q 986 -100.27 -48.32 -79.88
CA ASP Q 986 -98.82 -48.56 -79.79
C ASP Q 986 -98.36 -47.72 -78.61
N PHE Q 987 -98.54 -46.41 -78.63
CA PHE Q 987 -97.99 -45.50 -77.58
C PHE Q 987 -98.50 -45.98 -76.23
N LYS Q 988 -99.80 -46.31 -76.12
CA LYS Q 988 -100.40 -46.68 -74.81
C LYS Q 988 -99.71 -47.92 -74.23
N ASN Q 989 -99.55 -48.99 -75.03
CA ASN Q 989 -99.00 -50.29 -74.56
C ASN Q 989 -97.50 -50.15 -74.28
N CYS Q 990 -96.76 -49.52 -75.19
CA CYS Q 990 -95.28 -49.28 -75.05
C CYS Q 990 -95.04 -48.36 -73.85
N HIS Q 991 -95.98 -47.44 -73.60
CA HIS Q 991 -95.91 -46.55 -72.41
C HIS Q 991 -96.09 -47.39 -71.15
N MET Q 992 -97.07 -48.31 -71.14
CA MET Q 992 -97.38 -49.19 -69.97
C MET Q 992 -96.12 -50.01 -69.67
N PHE Q 993 -95.44 -50.44 -70.74
CA PHE Q 993 -94.20 -51.24 -70.62
C PHE Q 993 -93.17 -50.33 -69.94
N LEU Q 994 -92.99 -49.08 -70.37
CA LEU Q 994 -91.98 -48.13 -69.80
C LEU Q 994 -92.24 -47.90 -68.31
N VAL Q 995 -93.44 -47.57 -67.91
CA VAL Q 995 -93.64 -47.22 -66.48
C VAL Q 995 -93.61 -48.49 -65.62
N THR Q 996 -94.04 -49.66 -66.10
CA THR Q 996 -93.80 -50.93 -65.33
C THR Q 996 -92.30 -51.20 -65.20
N ILE Q 997 -91.51 -50.90 -66.23
CA ILE Q 997 -90.03 -51.05 -66.23
C ILE Q 997 -89.41 -50.15 -65.16
N LEU Q 998 -89.80 -48.86 -65.11
CA LEU Q 998 -89.31 -47.90 -64.07
C LEU Q 998 -89.81 -48.38 -62.72
N ASN Q 999 -90.98 -49.02 -62.69
CA ASN Q 999 -91.56 -49.53 -61.42
C ASN Q 999 -90.81 -50.79 -60.98
N LYS Q 1000 -90.18 -51.50 -61.93
CA LYS Q 1000 -89.38 -52.69 -61.57
C LYS Q 1000 -88.18 -52.24 -60.73
N ALA Q 1001 -87.77 -50.98 -60.86
CA ALA Q 1001 -86.61 -50.46 -60.12
C ALA Q 1001 -86.86 -50.50 -58.61
N VAL Q 1002 -88.11 -50.53 -58.17
CA VAL Q 1002 -88.36 -50.46 -56.69
C VAL Q 1002 -87.63 -51.64 -56.04
N CYS Q 1003 -87.73 -52.83 -56.64
CA CYS Q 1003 -87.11 -54.03 -56.03
C CYS Q 1003 -85.58 -53.89 -56.00
N ARG Q 1004 -84.97 -53.46 -57.10
CA ARG Q 1004 -83.48 -53.36 -57.19
C ARG Q 1004 -83.10 -52.26 -58.18
N GLY Q 1005 -81.89 -51.71 -58.08
CA GLY Q 1005 -81.44 -50.72 -59.09
C GLY Q 1005 -81.31 -49.32 -58.52
N SER Q 1006 -81.13 -48.32 -59.39
CA SER Q 1006 -80.92 -46.92 -58.93
C SER Q 1006 -82.27 -46.29 -58.65
N PHE Q 1007 -82.79 -46.51 -57.44
CA PHE Q 1007 -84.13 -45.98 -57.07
C PHE Q 1007 -84.18 -44.44 -57.11
N PRO Q 1008 -83.21 -43.67 -56.58
CA PRO Q 1008 -83.34 -42.20 -56.55
C PRO Q 1008 -83.47 -41.59 -57.96
N HIS Q 1009 -82.64 -42.04 -58.88
CA HIS Q 1009 -82.68 -41.51 -60.28
C HIS Q 1009 -84.01 -41.90 -60.92
N LEU Q 1010 -84.52 -43.09 -60.61
CA LEU Q 1010 -85.75 -43.57 -61.30
C LEU Q 1010 -87.02 -43.17 -60.54
N GLU Q 1011 -87.14 -43.49 -59.24
CA GLU Q 1011 -88.42 -43.19 -58.54
C GLU Q 1011 -88.68 -41.69 -58.64
N SER Q 1012 -87.74 -40.92 -59.18
CA SER Q 1012 -88.00 -39.48 -59.38
C SER Q 1012 -88.82 -39.29 -60.67
N LEU Q 1013 -88.49 -40.01 -61.75
CA LEU Q 1013 -89.15 -39.85 -63.07
C LEU Q 1013 -90.21 -40.94 -63.24
N ALA Q 1014 -90.20 -41.99 -62.41
CA ALA Q 1014 -91.26 -43.02 -62.50
C ALA Q 1014 -92.57 -42.32 -62.23
N LEU Q 1015 -92.52 -41.25 -61.44
CA LEU Q 1015 -93.76 -40.45 -61.23
C LEU Q 1015 -93.92 -39.57 -62.47
N SER Q 1016 -94.26 -40.20 -63.60
CA SER Q 1016 -94.49 -39.44 -64.87
C SER Q 1016 -95.93 -38.96 -64.86
N LEU Q 1017 -96.69 -39.26 -63.81
CA LEU Q 1017 -98.13 -38.88 -63.66
C LEU Q 1017 -98.95 -39.92 -64.42
N MET Q 1018 -98.26 -40.94 -64.98
CA MET Q 1018 -98.89 -42.03 -65.77
C MET Q 1018 -99.92 -41.45 -66.75
N ALA Q 1019 -101.17 -41.93 -66.77
CA ALA Q 1019 -102.22 -41.49 -67.72
C ALA Q 1019 -101.79 -40.23 -68.49
N MET R 1 11.94 -43.36 -31.74
CA MET R 1 10.68 -43.77 -32.42
C MET R 1 9.63 -42.67 -32.36
N ILE R 2 9.75 -41.73 -31.42
CA ILE R 2 8.67 -40.73 -31.19
C ILE R 2 8.89 -39.47 -32.03
N HIS R 3 9.97 -38.74 -31.80
CA HIS R 3 10.26 -37.48 -32.54
C HIS R 3 10.44 -37.94 -33.97
N GLU R 4 11.00 -39.12 -34.16
CA GLU R 4 11.32 -39.61 -35.53
C GLU R 4 10.05 -39.63 -36.37
N LEU R 5 8.95 -40.16 -35.83
CA LEU R 5 7.72 -40.29 -36.63
C LEU R 5 7.24 -38.91 -37.05
N LEU R 6 7.26 -37.93 -36.16
CA LEU R 6 6.73 -36.58 -36.49
C LEU R 6 7.57 -36.09 -37.65
N LEU R 7 8.87 -36.35 -37.64
CA LEU R 7 9.79 -35.89 -38.70
C LEU R 7 9.36 -36.52 -40.02
N ALA R 8 9.05 -37.80 -39.97
CA ALA R 8 8.65 -38.50 -41.19
C ALA R 8 7.31 -37.95 -41.68
N LEU R 9 6.32 -37.82 -40.79
CA LEU R 9 4.95 -37.41 -41.20
C LEU R 9 5.08 -36.01 -41.75
N SER R 10 5.97 -35.22 -41.19
CA SER R 10 6.13 -33.81 -41.57
C SER R 10 6.59 -33.74 -43.01
N GLY R 11 7.18 -34.82 -43.50
CA GLY R 11 7.56 -34.90 -44.92
C GLY R 11 9.05 -34.91 -45.17
N TYR R 12 9.87 -35.43 -44.25
CA TYR R 12 11.32 -35.61 -44.50
C TYR R 12 11.71 -37.01 -44.02
N PRO R 13 12.17 -37.94 -44.87
CA PRO R 13 12.42 -39.31 -44.42
C PRO R 13 13.65 -39.56 -43.53
N GLY R 14 13.72 -40.73 -42.89
CA GLY R 14 14.84 -41.13 -42.01
C GLY R 14 15.12 -42.61 -42.22
N SER R 15 16.22 -43.18 -41.75
CA SER R 15 16.58 -44.60 -42.06
C SER R 15 15.48 -45.55 -41.58
N ILE R 16 14.87 -45.29 -40.41
CA ILE R 16 13.84 -46.20 -39.84
C ILE R 16 12.63 -46.16 -40.76
N PHE R 17 12.36 -45.01 -41.39
CA PHE R 17 11.22 -44.83 -42.32
C PHE R 17 11.82 -44.64 -43.71
N THR R 18 12.03 -45.75 -44.45
CA THR R 18 12.73 -45.72 -45.76
C THR R 18 11.80 -45.28 -46.89
N TRP R 19 12.04 -44.12 -47.48
CA TRP R 19 11.22 -43.69 -48.64
C TRP R 19 11.60 -44.46 -49.90
N ASN R 20 10.64 -45.15 -50.51
CA ASN R 20 10.89 -45.80 -51.81
C ASN R 20 9.83 -45.16 -52.72
N LYS R 21 10.17 -44.71 -53.93
CA LYS R 21 9.13 -44.01 -54.72
C LYS R 21 7.97 -44.98 -54.96
N ARG R 22 8.31 -46.24 -55.23
CA ARG R 22 7.26 -47.26 -55.40
C ARG R 22 6.51 -47.52 -54.08
N SER R 23 7.21 -47.58 -52.96
CA SER R 23 6.53 -47.98 -51.70
C SER R 23 6.13 -46.79 -50.82
N GLY R 24 6.26 -45.56 -51.31
CA GLY R 24 5.97 -44.42 -50.42
C GLY R 24 6.85 -44.52 -49.19
N LEU R 25 6.26 -44.42 -48.00
CA LEU R 25 7.07 -44.66 -46.78
C LEU R 25 6.92 -46.13 -46.44
N GLN R 26 7.98 -46.75 -45.90
CA GLN R 26 7.92 -48.17 -45.52
C GLN R 26 8.86 -48.42 -44.34
N VAL R 27 8.40 -49.15 -43.33
CA VAL R 27 9.26 -49.51 -42.18
C VAL R 27 10.22 -50.57 -42.68
N SER R 28 11.38 -50.73 -42.05
CA SER R 28 12.34 -51.81 -42.42
C SER R 28 11.67 -53.16 -42.18
N GLN R 29 10.74 -53.26 -41.22
CA GLN R 29 9.91 -54.47 -40.98
C GLN R 29 10.68 -55.46 -40.10
N ASP R 30 11.92 -55.13 -39.71
CA ASP R 30 12.76 -56.05 -38.92
C ASP R 30 13.64 -55.30 -37.93
N PHE R 31 13.22 -55.22 -36.67
CA PHE R 31 14.03 -54.65 -35.58
C PHE R 31 13.79 -55.53 -34.36
N PRO R 32 14.76 -56.34 -33.88
CA PRO R 32 14.50 -57.24 -32.76
C PRO R 32 13.98 -56.45 -31.56
N PHE R 33 14.40 -55.19 -31.40
CA PHE R 33 14.00 -54.36 -30.22
C PHE R 33 12.49 -54.12 -30.22
N LEU R 34 11.85 -53.87 -31.36
CA LEU R 34 10.38 -53.55 -31.41
C LEU R 34 9.60 -54.80 -31.83
N HIS R 35 8.58 -55.19 -31.06
CA HIS R 35 7.75 -56.38 -31.35
C HIS R 35 6.81 -56.08 -32.52
N PRO R 36 6.24 -57.09 -33.23
CA PRO R 36 5.45 -56.83 -34.44
C PRO R 36 4.21 -55.98 -34.24
N SER R 37 3.67 -55.93 -33.02
CA SER R 37 2.40 -55.24 -32.73
C SER R 37 2.45 -53.76 -33.12
N GLU R 38 3.55 -53.07 -32.82
CA GLU R 38 3.64 -51.60 -33.06
C GLU R 38 3.89 -51.36 -34.56
N THR R 39 4.50 -52.30 -35.26
CA THR R 39 4.85 -52.17 -36.68
C THR R 39 3.61 -51.82 -37.48
N SER R 40 2.58 -52.64 -37.37
CA SER R 40 1.38 -52.46 -38.22
C SER R 40 0.91 -51.04 -38.00
N VAL R 41 0.83 -50.62 -36.74
CA VAL R 41 0.24 -49.29 -36.43
C VAL R 41 1.06 -48.27 -37.18
N LEU R 42 2.38 -48.44 -37.17
CA LEU R 42 3.23 -47.43 -37.81
C LEU R 42 2.86 -47.39 -39.28
N ASN R 43 2.76 -48.57 -39.89
CA ASN R 43 2.45 -48.64 -41.33
C ASN R 43 1.17 -47.87 -41.53
N ARG R 44 0.20 -48.09 -40.67
CA ARG R 44 -1.10 -47.43 -40.86
C ARG R 44 -0.82 -45.95 -40.80
N LEU R 45 -0.04 -45.51 -39.81
CA LEU R 45 0.23 -44.07 -39.63
C LEU R 45 0.98 -43.61 -40.88
N CYS R 46 1.82 -44.47 -41.44
CA CYS R 46 2.68 -44.08 -42.57
C CYS R 46 1.80 -43.69 -43.74
N ARG R 47 0.64 -44.30 -43.88
CA ARG R 47 -0.20 -44.07 -45.07
C ARG R 47 -0.49 -42.58 -45.16
N LEU R 48 -0.84 -41.96 -44.04
CA LEU R 48 -1.21 -40.53 -44.07
C LEU R 48 0.01 -39.83 -44.61
N GLY R 49 1.17 -40.24 -44.15
CA GLY R 49 2.44 -39.65 -44.58
C GLY R 49 2.71 -39.90 -46.04
N THR R 50 2.38 -41.08 -46.55
CA THR R 50 2.71 -41.44 -47.94
C THR R 50 2.01 -40.42 -48.79
N ASP R 51 0.80 -40.06 -48.41
CA ASP R 51 -0.01 -39.13 -49.19
C ASP R 51 0.56 -37.72 -48.99
N TYR R 52 1.05 -37.37 -47.82
CA TYR R 52 1.52 -35.99 -47.57
C TYR R 52 2.67 -35.73 -48.52
N ILE R 53 3.57 -36.67 -48.65
CA ILE R 53 4.77 -36.44 -49.49
C ILE R 53 4.32 -36.27 -50.92
N ARG R 54 3.44 -37.15 -51.41
CA ARG R 54 3.07 -37.14 -52.85
C ARG R 54 2.45 -35.79 -53.15
N PHE R 55 1.61 -35.34 -52.24
CA PHE R 55 0.87 -34.09 -52.49
C PHE R 55 1.89 -32.99 -52.64
N THR R 56 2.78 -32.88 -51.66
CA THR R 56 3.72 -31.75 -51.71
C THR R 56 4.49 -31.86 -53.01
N GLU R 57 4.89 -33.08 -53.39
CA GLU R 57 5.75 -33.15 -54.59
C GLU R 57 4.95 -32.59 -55.75
N PHE R 58 3.69 -33.01 -55.84
CA PHE R 58 2.89 -32.56 -56.99
C PHE R 58 2.74 -31.04 -56.92
N ILE R 59 2.44 -30.53 -55.72
CA ILE R 59 2.16 -29.07 -55.63
C ILE R 59 3.44 -28.38 -56.09
N GLU R 60 4.56 -28.80 -55.52
CA GLU R 60 5.87 -28.23 -55.90
C GLU R 60 6.04 -28.37 -57.40
N GLN R 61 5.68 -29.52 -57.97
CA GLN R 61 5.99 -29.79 -59.39
C GLN R 61 5.33 -28.76 -60.31
N TYR R 62 4.07 -28.38 -60.11
CA TYR R 62 3.35 -27.52 -61.07
C TYR R 62 3.15 -26.11 -60.55
N THR R 63 3.55 -25.79 -59.32
CA THR R 63 3.26 -24.45 -58.74
C THR R 63 4.54 -23.67 -58.54
N GLY R 64 4.67 -22.50 -59.16
CA GLY R 64 5.83 -21.61 -59.01
C GLY R 64 7.09 -22.23 -59.56
N HIS R 65 7.04 -23.45 -60.08
CA HIS R 65 8.24 -24.18 -60.58
C HIS R 65 8.90 -23.36 -61.69
N VAL R 66 8.12 -22.55 -62.43
CA VAL R 66 8.63 -21.73 -63.57
C VAL R 66 7.91 -20.39 -63.58
N GLN R 67 8.48 -19.38 -64.24
CA GLN R 67 7.82 -18.05 -64.40
C GLN R 67 7.00 -18.13 -65.68
N GLN R 68 6.03 -19.05 -65.75
CA GLN R 68 5.19 -19.28 -66.96
C GLN R 68 6.13 -19.45 -68.16
N GLN R 69 7.22 -20.20 -68.00
CA GLN R 69 8.20 -20.45 -69.10
C GLN R 69 8.28 -19.22 -70.00
N GLN R 76 4.56 -26.83 -74.76
CA GLN R 76 3.23 -27.38 -75.12
C GLN R 76 2.37 -27.39 -73.85
N GLY R 77 2.31 -26.28 -73.13
CA GLY R 77 1.46 -26.19 -71.93
C GLY R 77 0.00 -26.39 -72.29
N GLN R 78 -0.74 -27.14 -71.48
CA GLN R 78 -2.14 -27.48 -71.84
C GLN R 78 -2.82 -27.81 -70.52
N GLY R 79 -4.14 -27.98 -70.47
CA GLY R 79 -4.82 -28.12 -69.16
C GLY R 79 -4.23 -29.22 -68.30
N GLY R 80 -3.93 -30.39 -68.84
CA GLY R 80 -3.25 -31.38 -67.99
C GLY R 80 -1.88 -30.88 -67.58
N LEU R 81 -1.13 -30.36 -68.55
CA LEU R 81 0.25 -29.91 -68.25
C LEU R 81 0.21 -28.66 -67.38
N HIS R 82 -0.61 -27.68 -67.72
CA HIS R 82 -0.59 -26.39 -67.00
C HIS R 82 -1.85 -25.58 -67.26
N GLY R 83 -1.98 -24.42 -66.62
CA GLY R 83 -3.11 -23.54 -66.95
C GLY R 83 -3.45 -22.78 -65.70
N ILE R 84 -4.08 -21.62 -65.83
CA ILE R 84 -4.32 -20.78 -64.63
C ILE R 84 -5.14 -21.63 -63.68
N TYR R 85 -6.08 -22.41 -64.20
CA TYR R 85 -6.92 -23.27 -63.34
C TYR R 85 -6.06 -24.31 -62.63
N LEU R 86 -5.12 -24.95 -63.34
CA LEU R 86 -4.35 -26.04 -62.71
C LEU R 86 -3.61 -25.43 -61.54
N ARG R 87 -3.09 -24.23 -61.72
CA ARG R 87 -2.34 -23.54 -60.65
C ARG R 87 -3.29 -23.31 -59.49
N ALA R 88 -4.54 -22.91 -59.76
CA ALA R 88 -5.51 -22.59 -58.69
C ALA R 88 -5.76 -23.83 -57.85
N PHE R 89 -5.81 -25.02 -58.45
CA PHE R 89 -6.05 -26.27 -57.70
C PHE R 89 -4.93 -26.42 -56.68
N CYS R 90 -3.70 -26.18 -57.09
CA CYS R 90 -2.53 -26.30 -56.21
C CYS R 90 -2.60 -25.25 -55.10
N THR R 91 -2.97 -24.02 -55.40
CA THR R 91 -2.95 -22.95 -54.36
C THR R 91 -3.84 -23.45 -53.25
N GLY R 92 -5.00 -23.99 -53.58
CA GLY R 92 -5.98 -24.51 -52.61
C GLY R 92 -5.52 -25.76 -51.90
N LEU R 93 -4.87 -26.68 -52.62
CA LEU R 93 -4.58 -28.00 -52.03
C LEU R 93 -3.78 -27.82 -50.76
N ASP R 94 -2.80 -26.90 -50.78
CA ASP R 94 -1.90 -26.71 -49.62
C ASP R 94 -2.68 -26.07 -48.45
N SER R 95 -3.63 -25.16 -48.68
CA SER R 95 -4.37 -24.44 -47.61
C SER R 95 -5.38 -25.36 -46.96
N VAL R 96 -5.95 -26.27 -47.74
CA VAL R 96 -6.86 -27.31 -47.18
C VAL R 96 -6.05 -28.25 -46.30
N LEU R 97 -4.79 -28.52 -46.64
CA LEU R 97 -3.93 -29.44 -45.86
C LEU R 97 -3.35 -28.71 -44.66
N GLN R 98 -3.55 -27.41 -44.53
CA GLN R 98 -2.94 -26.62 -43.43
C GLN R 98 -3.27 -27.18 -42.06
N PRO R 99 -4.51 -27.63 -41.74
CA PRO R 99 -4.81 -28.04 -40.38
C PRO R 99 -3.93 -29.22 -39.98
N TYR R 100 -3.59 -30.10 -40.91
CA TYR R 100 -2.73 -31.28 -40.66
C TYR R 100 -1.39 -30.80 -40.18
N ARG R 101 -0.91 -29.73 -40.78
CA ARG R 101 0.36 -29.16 -40.32
C ARG R 101 0.18 -28.68 -38.88
N GLN R 102 -0.91 -27.97 -38.58
CA GLN R 102 -1.05 -27.38 -37.22
C GLN R 102 -1.10 -28.50 -36.22
N ALA R 103 -1.81 -29.57 -36.55
CA ALA R 103 -1.99 -30.69 -35.63
C ALA R 103 -0.65 -31.34 -35.31
N LEU R 104 0.15 -31.57 -36.33
CA LEU R 104 1.42 -32.28 -36.11
C LEU R 104 2.23 -31.39 -35.18
N LEU R 105 2.29 -30.09 -35.48
CA LEU R 105 3.00 -29.08 -34.66
C LEU R 105 2.53 -29.20 -33.21
N ASP R 106 1.23 -29.31 -32.99
CA ASP R 106 0.66 -29.32 -31.62
C ASP R 106 1.13 -30.58 -30.90
N LEU R 107 1.19 -31.71 -31.59
CA LEU R 107 1.52 -32.97 -30.91
C LEU R 107 2.86 -32.73 -30.24
N GLU R 108 3.79 -32.10 -30.94
CA GLU R 108 5.16 -31.95 -30.40
C GLU R 108 5.01 -31.24 -29.08
N GLN R 109 4.17 -30.21 -28.99
CA GLN R 109 4.11 -29.38 -27.77
C GLN R 109 3.77 -30.30 -26.61
N GLU R 110 2.88 -31.26 -26.81
CA GLU R 110 2.46 -32.20 -25.75
C GLU R 110 3.63 -33.12 -25.39
N PHE R 111 4.35 -33.59 -26.38
CA PHE R 111 5.50 -34.49 -26.16
C PHE R 111 6.55 -33.68 -25.42
N LEU R 112 6.70 -32.41 -25.74
CA LEU R 112 7.61 -31.53 -24.97
C LEU R 112 7.03 -31.50 -23.56
N GLY R 113 5.71 -31.39 -23.44
CA GLY R 113 5.03 -31.34 -22.14
C GLY R 113 5.20 -32.60 -21.33
N ASP R 114 5.19 -33.79 -21.95
CA ASP R 114 5.31 -35.09 -21.24
C ASP R 114 6.30 -35.99 -21.99
N PRO R 115 7.20 -36.72 -21.30
CA PRO R 115 8.22 -37.49 -21.99
C PRO R 115 7.88 -38.94 -22.35
N HIS R 116 6.63 -39.37 -22.22
CA HIS R 116 6.26 -40.78 -22.47
C HIS R 116 4.79 -40.88 -22.90
N LEU R 117 4.51 -40.64 -24.19
CA LEU R 117 3.14 -40.72 -24.78
C LEU R 117 3.09 -41.86 -25.80
N SER R 118 2.15 -42.79 -25.67
CA SER R 118 2.06 -43.98 -26.55
C SER R 118 1.78 -43.57 -27.99
N ILE R 119 2.05 -44.46 -28.94
CA ILE R 119 1.76 -44.20 -30.37
C ILE R 119 0.24 -44.11 -30.48
N SER R 120 -0.47 -44.91 -29.70
CA SER R 120 -1.94 -44.96 -29.80
C SER R 120 -2.45 -43.54 -29.63
N HIS R 121 -1.81 -42.77 -28.74
CA HIS R 121 -2.22 -41.37 -28.50
C HIS R 121 -2.10 -40.64 -29.82
N VAL R 122 -1.05 -40.92 -30.57
CA VAL R 122 -0.84 -40.28 -31.90
C VAL R 122 -1.99 -40.73 -32.79
N ASN R 123 -2.32 -42.01 -32.74
CA ASN R 123 -3.32 -42.53 -33.69
C ASN R 123 -4.59 -41.75 -33.46
N TYR R 124 -4.95 -41.54 -32.21
CA TYR R 124 -6.24 -40.89 -31.87
C TYR R 124 -6.29 -39.46 -32.43
N PHE R 125 -5.26 -38.66 -32.22
CA PHE R 125 -5.32 -37.23 -32.63
C PHE R 125 -5.30 -37.09 -34.15
N LEU R 126 -4.55 -37.93 -34.85
CA LEU R 126 -4.39 -37.75 -36.32
C LEU R 126 -5.46 -38.56 -37.06
N ASP R 127 -6.34 -39.30 -36.37
CA ASP R 127 -7.27 -40.25 -37.06
C ASP R 127 -8.45 -39.58 -37.77
N GLN R 128 -8.58 -38.26 -37.71
CA GLN R 128 -9.66 -37.54 -38.45
C GLN R 128 -9.12 -37.30 -39.86
N PHE R 129 -7.80 -37.16 -39.99
CA PHE R 129 -7.10 -36.93 -41.28
C PHE R 129 -6.97 -38.27 -42.00
N GLN R 130 -6.91 -39.37 -41.25
CA GLN R 130 -6.76 -40.73 -41.79
C GLN R 130 -7.80 -40.93 -42.90
N LEU R 131 -8.95 -40.25 -42.81
CA LEU R 131 -10.07 -40.44 -43.78
C LEU R 131 -10.12 -39.33 -44.83
N LEU R 132 -9.82 -38.07 -44.52
CA LEU R 132 -9.94 -36.95 -45.49
C LEU R 132 -8.87 -37.13 -46.56
N PHE R 133 -7.65 -37.52 -46.18
CA PHE R 133 -6.55 -37.55 -47.19
C PHE R 133 -6.80 -38.58 -48.29
N PRO R 134 -7.21 -39.83 -48.02
CA PRO R 134 -7.38 -40.75 -49.11
C PRO R 134 -8.39 -40.15 -50.06
N SER R 135 -9.43 -39.53 -49.52
CA SER R 135 -10.51 -39.04 -50.41
C SER R 135 -9.97 -37.98 -51.36
N VAL R 136 -9.21 -37.04 -50.83
CA VAL R 136 -8.78 -35.93 -51.72
C VAL R 136 -7.91 -36.53 -52.80
N MET R 137 -7.34 -37.69 -52.55
CA MET R 137 -6.39 -38.24 -53.54
C MET R 137 -7.09 -38.47 -54.87
N VAL R 138 -8.30 -39.00 -54.85
CA VAL R 138 -8.91 -39.33 -56.17
C VAL R 138 -9.19 -38.05 -56.93
N VAL R 139 -9.44 -36.95 -56.23
CA VAL R 139 -9.85 -35.71 -56.92
C VAL R 139 -8.70 -35.36 -57.84
N VAL R 140 -7.47 -35.41 -57.31
CA VAL R 140 -6.27 -35.16 -58.14
C VAL R 140 -6.04 -36.29 -59.13
N GLU R 141 -6.20 -37.55 -58.72
CA GLU R 141 -5.83 -38.70 -59.57
C GLU R 141 -6.65 -38.65 -60.87
N GLN R 142 -7.92 -38.28 -60.77
CA GLN R 142 -8.77 -38.13 -61.98
C GLN R 142 -8.17 -37.02 -62.86
N ILE R 143 -7.75 -35.90 -62.26
CA ILE R 143 -7.22 -34.78 -63.05
C ILE R 143 -6.04 -35.20 -63.91
N LYS R 144 -5.09 -35.93 -63.35
CA LYS R 144 -3.89 -36.36 -64.11
C LYS R 144 -4.11 -37.39 -65.23
N SER R 145 -4.93 -38.39 -64.97
CA SER R 145 -5.14 -39.46 -65.97
C SER R 145 -5.95 -38.94 -67.15
N GLN R 146 -7.02 -38.20 -66.89
CA GLN R 146 -7.92 -37.78 -68.00
C GLN R 146 -7.34 -36.54 -68.68
N LYS R 147 -6.21 -36.04 -68.17
CA LYS R 147 -5.61 -34.81 -68.74
C LYS R 147 -6.67 -33.73 -68.70
N ILE R 148 -7.40 -33.64 -67.59
CA ILE R 148 -8.52 -32.68 -67.54
C ILE R 148 -7.94 -31.31 -67.84
N HIS R 149 -8.58 -30.56 -68.71
CA HIS R 149 -7.99 -29.27 -69.14
C HIS R 149 -8.89 -28.10 -68.82
N GLY R 150 -8.31 -27.04 -68.27
CA GLY R 150 -9.10 -25.82 -68.02
C GLY R 150 -10.29 -26.02 -67.13
N CYS R 151 -11.39 -25.33 -67.43
CA CYS R 151 -12.56 -25.34 -66.54
C CYS R 151 -13.03 -26.76 -66.28
N GLN R 152 -12.71 -27.69 -67.16
CA GLN R 152 -13.29 -29.04 -66.91
C GLN R 152 -12.88 -29.49 -65.51
N ILE R 153 -11.79 -28.96 -64.95
CA ILE R 153 -11.39 -29.28 -63.55
C ILE R 153 -12.50 -28.79 -62.62
N LEU R 154 -13.12 -27.64 -62.90
CA LEU R 154 -14.13 -27.04 -61.97
C LEU R 154 -15.25 -28.05 -61.75
N GLU R 155 -15.69 -28.73 -62.80
CA GLU R 155 -16.71 -29.79 -62.66
C GLU R 155 -16.18 -31.01 -61.92
N THR R 156 -14.94 -31.45 -62.18
CA THR R 156 -14.43 -32.73 -61.62
C THR R 156 -14.53 -32.70 -60.11
N VAL R 157 -14.17 -31.60 -59.50
CA VAL R 157 -14.35 -31.48 -58.02
C VAL R 157 -15.84 -31.45 -57.69
N TYR R 158 -16.66 -30.74 -58.46
CA TYR R 158 -18.08 -30.53 -58.09
C TYR R 158 -18.81 -31.87 -58.01
N LYS R 159 -18.50 -32.81 -58.88
CA LYS R 159 -19.13 -34.16 -58.84
C LYS R 159 -18.70 -34.87 -57.57
N HIS R 160 -17.50 -34.62 -57.04
CA HIS R 160 -17.03 -35.20 -55.76
C HIS R 160 -17.49 -34.30 -54.62
N SER R 161 -18.20 -33.20 -54.89
CA SER R 161 -18.78 -32.28 -53.87
C SER R 161 -20.01 -32.95 -53.26
N CYS R 162 -20.46 -34.05 -53.85
CA CYS R 162 -21.64 -34.80 -53.36
C CYS R 162 -21.16 -35.89 -52.42
N GLY R 163 -19.96 -35.75 -51.87
CA GLY R 163 -19.33 -36.79 -51.04
C GLY R 163 -20.12 -37.11 -49.79
N GLY R 164 -20.10 -38.37 -49.37
CA GLY R 164 -20.90 -38.84 -48.24
C GLY R 164 -20.21 -38.63 -46.92
N LEU R 165 -19.03 -38.03 -46.92
CA LEU R 165 -18.38 -37.70 -45.65
C LEU R 165 -18.56 -36.20 -45.48
N PRO R 166 -19.23 -35.70 -44.43
CA PRO R 166 -19.40 -34.28 -44.30
C PRO R 166 -18.05 -33.57 -44.27
N PRO R 167 -16.99 -34.05 -43.60
CA PRO R 167 -15.75 -33.30 -43.60
C PRO R 167 -15.21 -33.10 -45.03
N VAL R 168 -15.23 -34.17 -45.82
CA VAL R 168 -14.62 -34.10 -47.18
C VAL R 168 -15.38 -33.04 -47.94
N ARG R 169 -16.71 -33.00 -47.79
CA ARG R 169 -17.53 -32.08 -48.61
C ARG R 169 -17.06 -30.67 -48.32
N SER R 170 -16.93 -30.34 -47.03
CA SER R 170 -16.51 -28.97 -46.65
C SER R 170 -15.11 -28.79 -47.18
N ALA R 171 -14.30 -29.83 -47.09
CA ALA R 171 -12.87 -29.69 -47.46
C ALA R 171 -12.76 -29.34 -48.94
N LEU R 172 -13.42 -30.08 -49.83
CA LEU R 172 -13.32 -29.84 -51.29
C LEU R 172 -13.97 -28.51 -51.62
N GLU R 173 -15.05 -28.17 -50.93
CA GLU R 173 -15.84 -26.95 -51.27
C GLU R 173 -14.90 -25.76 -51.22
N LYS R 174 -13.98 -25.78 -50.28
CA LYS R 174 -13.06 -24.64 -50.14
C LYS R 174 -12.32 -24.52 -51.47
N ILE R 175 -11.84 -25.61 -52.04
CA ILE R 175 -11.01 -25.52 -53.27
C ILE R 175 -11.84 -24.89 -54.38
N LEU R 176 -13.11 -25.27 -54.55
CA LEU R 176 -13.92 -24.75 -55.69
C LEU R 176 -14.03 -23.24 -55.52
N ALA R 177 -14.19 -22.78 -54.29
CA ALA R 177 -14.33 -21.34 -54.03
C ALA R 177 -13.06 -20.70 -54.57
N VAL R 178 -11.90 -21.30 -54.33
CA VAL R 178 -10.61 -20.70 -54.76
C VAL R 178 -10.59 -20.68 -56.29
N CYS R 179 -10.93 -21.79 -56.94
CA CYS R 179 -10.84 -21.91 -58.41
C CYS R 179 -11.83 -20.98 -59.09
N HIS R 180 -13.01 -20.85 -58.51
CA HIS R 180 -14.05 -20.00 -59.09
C HIS R 180 -13.43 -18.62 -59.13
N GLY R 181 -12.59 -18.30 -58.15
CA GLY R 181 -12.06 -16.93 -58.10
C GLY R 181 -11.47 -16.61 -59.45
N VAL R 182 -10.69 -17.51 -60.03
CA VAL R 182 -10.04 -17.19 -61.32
C VAL R 182 -11.13 -17.02 -62.37
N MET R 183 -12.10 -17.93 -62.42
CA MET R 183 -13.11 -17.90 -63.49
C MET R 183 -13.83 -16.59 -63.36
N TYR R 184 -14.27 -16.30 -62.15
CA TYR R 184 -14.92 -15.02 -61.87
C TYR R 184 -13.95 -13.95 -62.33
N LYS R 185 -12.65 -14.16 -62.17
CA LYS R 185 -11.61 -13.18 -62.58
C LYS R 185 -11.54 -13.00 -64.10
N GLN R 186 -11.64 -14.06 -64.89
CA GLN R 186 -11.49 -13.98 -66.37
C GLN R 186 -12.80 -13.42 -66.91
N LEU R 187 -13.91 -13.84 -66.33
CA LEU R 187 -15.26 -13.39 -66.73
C LEU R 187 -15.36 -11.94 -66.33
N SER R 188 -14.56 -11.52 -65.37
CA SER R 188 -14.57 -10.13 -64.88
C SER R 188 -14.13 -9.19 -65.98
N ALA R 189 -13.46 -9.70 -67.02
CA ALA R 189 -12.90 -8.86 -68.11
C ALA R 189 -13.73 -8.96 -69.39
N TRP R 190 -13.96 -10.16 -69.90
CA TRP R 190 -14.60 -10.30 -71.22
C TRP R 190 -15.96 -9.64 -71.14
N MET R 191 -16.63 -9.85 -70.03
CA MET R 191 -17.91 -9.16 -69.81
C MET R 191 -17.67 -7.67 -69.66
N LEU R 192 -16.62 -7.29 -68.97
CA LEU R 192 -16.47 -5.85 -68.63
C LEU R 192 -15.72 -5.06 -69.68
N HIS R 193 -14.47 -5.39 -69.99
CA HIS R 193 -13.63 -4.61 -70.93
C HIS R 193 -13.62 -5.27 -72.29
N GLY R 194 -14.47 -6.28 -72.50
CA GLY R 194 -14.65 -6.87 -73.83
C GLY R 194 -13.39 -7.52 -74.38
N LEU R 195 -12.52 -8.05 -73.51
CA LEU R 195 -11.34 -8.77 -74.05
C LEU R 195 -11.11 -10.09 -73.31
N LEU R 196 -10.94 -11.17 -74.07
CA LEU R 196 -10.58 -12.45 -73.41
C LEU R 196 -9.12 -12.33 -72.98
N LEU R 197 -8.73 -13.02 -71.92
CA LEU R 197 -7.31 -13.00 -71.51
C LEU R 197 -6.87 -14.44 -71.28
N ASP R 198 -6.75 -15.22 -72.36
CA ASP R 198 -6.45 -16.64 -72.09
C ASP R 198 -5.39 -17.21 -73.02
N GLN R 199 -4.50 -18.04 -72.49
CA GLN R 199 -3.48 -18.72 -73.32
C GLN R 199 -3.65 -20.21 -73.08
N HIS R 200 -4.13 -20.95 -74.08
CA HIS R 200 -4.33 -22.43 -74.00
C HIS R 200 -5.55 -22.83 -73.18
N GLU R 201 -5.73 -22.29 -71.96
CA GLU R 201 -6.94 -22.53 -71.12
C GLU R 201 -8.10 -21.71 -71.70
N GLU R 202 -9.31 -21.89 -71.17
CA GLU R 202 -10.52 -21.21 -71.70
C GLU R 202 -11.48 -20.86 -70.58
N PHE R 203 -12.43 -19.97 -70.84
CA PHE R 203 -13.50 -19.65 -69.87
C PHE R 203 -14.83 -19.84 -70.61
N PHE R 204 -14.92 -20.85 -71.47
CA PHE R 204 -16.18 -21.22 -72.20
C PHE R 204 -16.54 -20.17 -73.26
N ILE R 205 -15.64 -19.28 -73.64
CA ILE R 205 -15.85 -18.34 -74.77
C ILE R 205 -14.59 -18.47 -75.62
N LYS R 206 -14.69 -18.78 -76.92
CA LYS R 206 -13.51 -19.07 -77.79
C LYS R 206 -12.95 -17.78 -78.36
N SER R 253 -13.77 -9.72 -85.74
CA SER R 253 -14.75 -9.73 -84.62
C SER R 253 -15.92 -10.62 -85.00
N LEU R 254 -16.95 -10.72 -84.14
CA LEU R 254 -18.19 -11.52 -84.40
C LEU R 254 -17.74 -12.86 -84.96
N LYS R 255 -16.50 -13.23 -84.68
CA LYS R 255 -15.90 -14.48 -85.16
C LYS R 255 -14.72 -14.64 -84.22
N GLN R 256 -14.29 -15.87 -83.97
CA GLN R 256 -13.19 -16.15 -83.01
C GLN R 256 -13.77 -16.00 -81.61
N PHE R 257 -15.07 -15.65 -81.49
CA PHE R 257 -15.80 -15.39 -80.21
C PHE R 257 -17.09 -16.22 -80.19
N SER R 258 -17.07 -17.42 -79.60
CA SER R 258 -18.22 -18.34 -79.52
C SER R 258 -18.09 -19.35 -78.40
N LEU R 259 -19.18 -19.88 -77.86
CA LEU R 259 -19.11 -20.78 -76.68
C LEU R 259 -18.46 -22.11 -76.98
N ARG R 260 -17.75 -22.72 -76.00
CA ARG R 260 -17.16 -24.09 -76.09
C ARG R 260 -18.03 -25.00 -75.24
N VAL R 261 -18.98 -25.70 -75.84
CA VAL R 261 -19.94 -26.52 -75.05
C VAL R 261 -19.17 -27.55 -74.26
N GLU R 262 -18.18 -28.20 -74.88
CA GLU R 262 -17.44 -29.28 -74.18
C GLU R 262 -17.00 -28.70 -72.84
N ILE R 263 -16.26 -27.59 -72.82
CA ILE R 263 -15.65 -27.05 -71.57
C ILE R 263 -16.70 -26.54 -70.60
N LEU R 264 -17.78 -25.91 -71.05
CA LEU R 264 -18.74 -25.26 -70.14
C LEU R 264 -18.97 -26.12 -68.90
N PRO R 265 -18.83 -25.62 -67.64
CA PRO R 265 -19.20 -26.40 -66.46
C PRO R 265 -20.71 -26.67 -66.43
N SER R 266 -21.11 -27.86 -66.00
CA SER R 266 -22.53 -28.32 -66.03
C SER R 266 -23.44 -27.46 -65.17
N TYR R 267 -23.03 -27.16 -63.95
CA TYR R 267 -23.91 -26.46 -62.99
C TYR R 267 -24.29 -25.11 -63.58
N ILE R 268 -23.39 -24.47 -64.31
CA ILE R 268 -23.74 -23.19 -64.97
C ILE R 268 -24.66 -23.54 -66.14
N PRO R 269 -25.88 -22.97 -66.23
CA PRO R 269 -26.83 -23.35 -67.26
C PRO R 269 -26.43 -22.75 -68.60
N VAL R 270 -26.77 -23.41 -69.70
CA VAL R 270 -26.35 -22.93 -71.03
C VAL R 270 -26.95 -21.55 -71.23
N ARG R 271 -28.20 -21.34 -70.81
CA ARG R 271 -28.93 -20.07 -71.10
C ARG R 271 -28.16 -18.87 -70.56
N VAL R 272 -27.62 -18.96 -69.36
CA VAL R 272 -26.95 -17.78 -68.75
C VAL R 272 -25.73 -17.49 -69.60
N ALA R 273 -25.07 -18.54 -70.07
CA ALA R 273 -23.81 -18.35 -70.82
C ALA R 273 -24.13 -17.48 -72.01
N GLU R 274 -25.28 -17.70 -72.64
CA GLU R 274 -25.64 -16.92 -73.84
C GLU R 274 -25.76 -15.45 -73.49
N LYS R 275 -26.32 -15.13 -72.34
CA LYS R 275 -26.40 -13.70 -71.97
C LYS R 275 -24.97 -13.20 -71.90
N ILE R 276 -24.09 -13.99 -71.31
CA ILE R 276 -22.70 -13.52 -71.12
C ILE R 276 -22.15 -13.26 -72.50
N LEU R 277 -22.33 -14.21 -73.41
CA LEU R 277 -21.69 -14.08 -74.74
C LEU R 277 -22.24 -12.80 -75.32
N PHE R 278 -23.51 -12.57 -75.11
CA PHE R 278 -24.13 -11.38 -75.73
C PHE R 278 -23.44 -10.16 -75.14
N VAL R 279 -23.22 -10.12 -73.84
CA VAL R 279 -22.68 -8.84 -73.27
C VAL R 279 -21.29 -8.59 -73.85
N GLY R 280 -20.45 -9.61 -73.91
CA GLY R 280 -19.06 -9.40 -74.35
C GLY R 280 -18.98 -9.00 -75.80
N GLU R 281 -19.74 -9.68 -76.65
CA GLU R 281 -19.76 -9.34 -78.09
C GLU R 281 -20.29 -7.92 -78.18
N SER R 282 -21.29 -7.62 -77.37
CA SER R 282 -21.91 -6.30 -77.45
C SER R 282 -20.88 -5.23 -77.12
N VAL R 283 -20.15 -5.40 -76.03
CA VAL R 283 -19.17 -4.39 -75.62
C VAL R 283 -18.06 -4.36 -76.67
N GLN R 284 -17.67 -5.52 -77.21
CA GLN R 284 -16.54 -5.60 -78.15
C GLN R 284 -16.89 -4.75 -79.37
N MET R 285 -18.11 -4.86 -79.90
CA MET R 285 -18.45 -4.17 -81.16
C MET R 285 -18.36 -2.66 -80.99
N PHE R 286 -18.99 -2.07 -79.96
CA PHE R 286 -19.03 -0.59 -79.82
C PHE R 286 -17.82 -0.17 -78.99
N GLU R 287 -17.00 -1.12 -78.50
CA GLU R 287 -15.72 -0.77 -77.80
C GLU R 287 -14.76 -0.20 -78.84
N ASN R 288 -14.65 -0.86 -79.99
CA ASN R 288 -13.73 -0.42 -81.09
C ASN R 288 -14.53 0.43 -82.08
N GLN R 289 -13.91 0.94 -83.13
CA GLN R 289 -14.55 1.82 -84.15
C GLN R 289 -14.76 3.22 -83.54
N ASN R 290 -14.14 3.51 -82.38
CA ASN R 290 -14.32 4.81 -81.66
C ASN R 290 -13.39 5.86 -82.26
N VAL R 291 -12.07 5.65 -82.22
CA VAL R 291 -11.02 6.58 -82.76
C VAL R 291 -10.97 7.85 -81.89
N LEU R 300 -21.51 2.18 -72.17
CA LEU R 300 -20.65 3.40 -72.15
C LEU R 300 -20.68 4.02 -70.75
N LYS R 301 -21.77 3.88 -70.00
CA LYS R 301 -21.82 4.41 -68.60
C LYS R 301 -20.82 3.62 -67.74
N ASN R 302 -20.10 4.29 -66.84
CA ASN R 302 -19.03 3.62 -66.05
C ASN R 302 -19.60 2.95 -64.79
N GLN R 303 -20.36 1.89 -64.95
CA GLN R 303 -20.83 1.13 -63.76
C GLN R 303 -19.84 0.00 -63.60
N GLU R 304 -18.74 0.06 -64.35
CA GLU R 304 -17.78 -1.08 -64.35
C GLU R 304 -17.33 -1.30 -62.92
N ASP R 305 -17.01 -0.22 -62.21
CA ASP R 305 -16.63 -0.32 -60.79
C ASP R 305 -17.82 -0.86 -60.00
N THR R 306 -18.98 -0.24 -60.15
CA THR R 306 -20.12 -0.67 -59.30
C THR R 306 -20.23 -2.18 -59.53
N PHE R 307 -20.22 -2.57 -60.78
CA PHE R 307 -20.35 -3.99 -61.17
C PHE R 307 -19.12 -4.72 -60.66
N ALA R 308 -17.96 -4.08 -60.68
CA ALA R 308 -16.71 -4.71 -60.20
C ALA R 308 -16.89 -4.96 -58.72
N ALA R 309 -17.48 -4.00 -58.01
CA ALA R 309 -17.76 -4.14 -56.57
C ALA R 309 -18.75 -5.29 -56.46
N GLU R 310 -19.72 -5.35 -57.39
CA GLU R 310 -20.76 -6.39 -57.32
C GLU R 310 -20.07 -7.73 -57.46
N LEU R 311 -19.23 -7.85 -58.48
CA LEU R 311 -18.57 -9.13 -58.73
C LEU R 311 -17.61 -9.34 -57.56
N HIS R 312 -16.98 -8.28 -57.09
CA HIS R 312 -15.97 -8.47 -56.02
C HIS R 312 -16.66 -9.14 -54.85
N ARG R 313 -17.83 -8.62 -54.51
CA ARG R 313 -18.58 -9.19 -53.37
C ARG R 313 -18.91 -10.63 -53.74
N LEU R 314 -19.22 -10.87 -55.01
CA LEU R 314 -19.64 -12.24 -55.36
C LEU R 314 -18.47 -13.15 -55.03
N LYS R 315 -17.24 -12.71 -55.31
CA LYS R 315 -16.05 -13.56 -55.08
C LYS R 315 -15.96 -13.89 -53.61
N GLN R 316 -16.22 -12.93 -52.73
CA GLN R 316 -16.02 -13.14 -51.28
C GLN R 316 -16.95 -14.25 -50.77
N GLN R 317 -18.13 -14.40 -51.34
CA GLN R 317 -19.12 -15.38 -50.80
C GLN R 317 -18.50 -16.78 -50.77
N PRO R 318 -18.65 -17.60 -49.70
CA PRO R 318 -17.99 -18.92 -49.61
C PRO R 318 -18.43 -20.06 -50.55
N LEU R 319 -19.72 -20.22 -50.83
CA LEU R 319 -20.25 -21.37 -51.64
C LEU R 319 -20.99 -20.80 -52.86
N PHE R 320 -20.89 -21.43 -54.03
CA PHE R 320 -21.51 -20.91 -55.27
C PHE R 320 -23.03 -20.87 -55.14
N SER R 321 -23.66 -19.73 -55.44
CA SER R 321 -25.14 -19.54 -55.41
C SER R 321 -25.54 -19.05 -56.79
N LEU R 322 -26.02 -19.96 -57.65
CA LEU R 322 -26.25 -19.59 -59.07
C LEU R 322 -27.18 -18.38 -59.14
N VAL R 323 -28.16 -18.30 -58.26
CA VAL R 323 -29.21 -17.24 -58.38
C VAL R 323 -28.55 -15.86 -58.29
N ASP R 324 -27.62 -15.63 -57.39
CA ASP R 324 -26.99 -14.28 -57.22
C ASP R 324 -26.19 -13.97 -58.49
N PHE R 325 -25.47 -14.97 -59.02
CA PHE R 325 -24.63 -14.80 -60.23
C PHE R 325 -25.58 -14.42 -61.33
N GLU R 326 -26.68 -15.15 -61.42
CA GLU R 326 -27.66 -14.93 -62.49
C GLU R 326 -28.16 -13.51 -62.30
N GLN R 327 -28.42 -13.13 -61.05
CA GLN R 327 -29.04 -11.81 -60.77
C GLN R 327 -28.11 -10.71 -61.26
N VAL R 328 -26.84 -10.78 -60.87
CA VAL R 328 -25.88 -9.69 -61.20
C VAL R 328 -25.63 -9.69 -62.71
N VAL R 329 -25.48 -10.86 -63.33
CA VAL R 329 -25.11 -10.92 -64.77
C VAL R 329 -26.24 -10.28 -65.57
N ASP R 330 -27.48 -10.63 -65.27
CA ASP R 330 -28.64 -10.09 -66.01
C ASP R 330 -28.84 -8.63 -65.62
N ARG R 331 -28.42 -8.22 -64.43
CA ARG R 331 -28.52 -6.79 -64.10
C ARG R 331 -27.69 -6.06 -65.15
N ILE R 332 -26.49 -6.55 -65.41
CA ILE R 332 -25.56 -5.92 -66.38
C ILE R 332 -26.14 -6.09 -67.79
N ARG R 333 -26.51 -7.33 -68.13
CA ARG R 333 -27.02 -7.64 -69.48
C ARG R 333 -28.12 -6.64 -69.74
N SER R 334 -28.98 -6.47 -68.75
CA SER R 334 -30.14 -5.59 -68.94
C SER R 334 -29.61 -4.19 -69.21
N THR R 335 -28.58 -3.73 -68.51
CA THR R 335 -28.14 -2.32 -68.68
C THR R 335 -27.54 -2.12 -70.06
N VAL R 336 -26.86 -3.12 -70.65
CA VAL R 336 -26.16 -2.95 -71.95
C VAL R 336 -27.21 -2.92 -73.06
N ALA R 337 -28.19 -3.82 -73.04
CA ALA R 337 -29.19 -3.93 -74.11
C ALA R 337 -30.01 -2.66 -74.16
N GLU R 338 -30.40 -2.13 -73.00
CA GLU R 338 -31.26 -0.93 -72.95
C GLU R 338 -30.51 0.24 -73.55
N HIS R 339 -29.26 0.43 -73.15
CA HIS R 339 -28.42 1.54 -73.66
C HIS R 339 -28.21 1.32 -75.15
N LEU R 340 -27.93 0.09 -75.55
CA LEU R 340 -27.65 -0.26 -76.97
C LEU R 340 -28.91 0.03 -77.79
N TRP R 341 -30.09 -0.36 -77.29
CA TRP R 341 -31.35 -0.19 -78.05
C TRP R 341 -31.55 1.30 -78.30
N LYS R 342 -31.35 2.16 -77.29
CA LYS R 342 -31.66 3.61 -77.44
C LYS R 342 -30.81 4.16 -78.57
N LEU R 343 -29.52 3.85 -78.58
CA LEU R 343 -28.63 4.43 -79.60
C LEU R 343 -29.14 4.04 -80.97
N MET R 344 -29.16 2.75 -81.28
CA MET R 344 -29.52 2.36 -82.66
C MET R 344 -30.93 2.86 -82.97
N VAL R 345 -31.89 2.70 -82.06
CA VAL R 345 -33.28 3.07 -82.48
C VAL R 345 -33.39 4.57 -82.76
N GLU R 346 -32.77 5.42 -81.94
CA GLU R 346 -33.02 6.86 -82.18
C GLU R 346 -31.89 7.49 -82.99
N GLU R 347 -30.65 7.26 -82.59
CA GLU R 347 -29.55 7.96 -83.30
C GLU R 347 -29.56 7.50 -84.76
N SER R 348 -29.78 6.21 -85.00
CA SER R 348 -29.83 5.68 -86.38
C SER R 348 -31.20 5.05 -86.58
N ASP R 349 -32.21 5.87 -86.89
CA ASP R 349 -33.59 5.32 -86.89
C ASP R 349 -33.65 4.06 -87.74
N LEU R 350 -34.17 2.99 -87.15
CA LEU R 350 -34.25 1.69 -87.85
C LEU R 350 -35.59 1.64 -88.57
N LEU R 351 -36.56 2.40 -88.08
CA LEU R 351 -37.92 2.25 -88.67
C LEU R 351 -37.79 2.55 -90.15
N GLY R 352 -37.04 3.59 -90.48
CA GLY R 352 -36.90 3.94 -91.89
C GLY R 352 -36.15 2.85 -92.60
N GLN R 353 -35.10 2.34 -91.98
CA GLN R 353 -34.26 1.36 -92.73
C GLN R 353 -35.18 0.24 -93.19
N LEU R 354 -36.02 -0.25 -92.29
CA LEU R 354 -36.91 -1.41 -92.60
C LEU R 354 -37.86 -0.99 -93.71
N LYS R 355 -38.36 0.25 -93.68
CA LYS R 355 -39.34 0.71 -94.69
C LYS R 355 -38.65 0.53 -96.02
N ILE R 356 -37.38 0.92 -96.11
CA ILE R 356 -36.60 0.80 -97.37
C ILE R 356 -36.45 -0.68 -97.73
N ILE R 357 -36.15 -1.56 -96.76
CA ILE R 357 -35.85 -2.97 -97.09
C ILE R 357 -37.09 -3.58 -97.74
N LYS R 358 -38.27 -3.43 -97.14
CA LYS R 358 -39.56 -3.95 -97.68
C LYS R 358 -39.87 -3.20 -98.97
N ASP R 359 -39.59 -1.89 -99.03
CA ASP R 359 -39.95 -1.03 -100.20
C ASP R 359 -39.26 -1.53 -101.46
N PHE R 360 -38.19 -2.34 -101.38
CA PHE R 360 -37.42 -2.79 -102.57
C PHE R 360 -37.25 -4.32 -102.60
N TYR R 361 -36.73 -4.89 -101.52
CA TYR R 361 -36.51 -6.35 -101.50
C TYR R 361 -37.89 -7.00 -101.57
N LEU R 362 -38.87 -6.32 -100.98
CA LEU R 362 -40.21 -6.94 -100.88
C LEU R 362 -41.21 -6.23 -101.79
N LEU R 363 -40.74 -5.55 -102.81
CA LEU R 363 -41.66 -5.00 -103.83
C LEU R 363 -42.68 -4.11 -103.16
N GLY R 364 -42.27 -3.43 -102.11
CA GLY R 364 -43.18 -2.47 -101.47
C GLY R 364 -43.37 -1.22 -102.31
N ARG R 365 -42.60 -1.10 -103.40
CA ARG R 365 -42.73 0.07 -104.30
C ARG R 365 -43.36 -0.38 -105.59
N GLY R 366 -44.69 -0.33 -105.67
CA GLY R 366 -45.38 -0.85 -106.86
C GLY R 366 -45.15 -0.07 -108.14
N GLU R 367 -45.24 1.25 -108.09
CA GLU R 367 -45.14 1.99 -109.37
C GLU R 367 -43.77 1.77 -109.98
N LEU R 368 -42.72 1.91 -109.16
CA LEU R 368 -41.36 1.82 -109.70
C LEU R 368 -41.07 0.40 -110.20
N PHE R 369 -41.39 -0.61 -109.41
CA PHE R 369 -40.98 -1.96 -109.85
C PHE R 369 -41.72 -2.28 -111.14
N GLN R 370 -43.00 -1.90 -111.20
CA GLN R 370 -43.78 -2.27 -112.40
C GLN R 370 -43.12 -1.59 -113.60
N ALA R 371 -42.78 -0.31 -113.42
CA ALA R 371 -42.17 0.42 -114.54
C ALA R 371 -40.80 -0.23 -114.82
N PHE R 372 -40.00 -0.50 -113.79
CA PHE R 372 -38.69 -1.10 -114.16
C PHE R 372 -38.89 -2.34 -115.04
N ILE R 373 -39.86 -3.19 -114.76
CA ILE R 373 -40.15 -4.42 -115.55
C ILE R 373 -40.51 -3.95 -116.95
N ASP R 374 -41.30 -2.89 -117.04
CA ASP R 374 -41.81 -2.37 -118.33
C ASP R 374 -40.66 -1.87 -119.21
N THR R 375 -39.79 -0.98 -118.70
CA THR R 375 -38.74 -0.36 -119.56
C THR R 375 -37.68 -1.35 -120.01
N ALA R 376 -37.23 -2.23 -119.12
CA ALA R 376 -36.08 -3.09 -119.47
C ALA R 376 -36.58 -4.47 -119.84
N GLN R 377 -37.81 -4.56 -120.32
CA GLN R 377 -38.38 -5.89 -120.60
C GLN R 377 -37.38 -6.74 -121.41
N HIS R 378 -36.99 -6.27 -122.59
CA HIS R 378 -36.13 -7.07 -123.49
C HIS R 378 -34.75 -7.35 -122.91
N MET R 379 -34.14 -6.36 -122.27
CA MET R 379 -32.74 -6.57 -121.83
C MET R 379 -32.71 -7.75 -120.88
N LEU R 380 -33.64 -7.77 -119.91
CA LEU R 380 -33.67 -8.83 -118.87
C LEU R 380 -34.09 -10.14 -119.52
N LYS R 381 -34.94 -10.07 -120.55
CA LYS R 381 -35.44 -11.26 -121.28
C LYS R 381 -34.27 -11.95 -121.98
N THR R 382 -33.35 -11.19 -122.58
CA THR R 382 -32.23 -11.76 -123.34
C THR R 382 -31.28 -12.48 -122.38
N PRO R 383 -30.49 -13.50 -122.80
CA PRO R 383 -29.67 -14.29 -121.88
C PRO R 383 -28.48 -13.57 -121.23
N PRO R 384 -27.98 -14.03 -120.07
CA PRO R 384 -26.89 -13.35 -119.35
C PRO R 384 -25.45 -13.41 -119.91
N THR R 385 -24.65 -12.39 -119.66
CA THR R 385 -23.23 -12.31 -120.09
C THR R 385 -22.60 -11.27 -119.16
N ALA R 386 -21.32 -10.96 -119.31
CA ALA R 386 -20.60 -10.07 -118.37
C ALA R 386 -21.09 -8.61 -118.40
N VAL R 387 -21.51 -8.04 -119.54
CA VAL R 387 -21.85 -6.58 -119.62
C VAL R 387 -23.33 -6.23 -119.37
N THR R 388 -24.21 -7.19 -119.10
CA THR R 388 -25.64 -6.83 -118.96
C THR R 388 -25.89 -6.13 -117.63
N GLU R 389 -24.95 -6.19 -116.69
CA GLU R 389 -25.12 -5.69 -115.30
C GLU R 389 -25.32 -4.17 -115.24
N HIS R 390 -24.44 -3.41 -115.88
CA HIS R 390 -24.57 -1.93 -115.92
C HIS R 390 -25.86 -1.62 -116.63
N ASP R 391 -26.15 -2.38 -117.69
CA ASP R 391 -27.32 -2.09 -118.57
C ASP R 391 -28.60 -2.13 -117.74
N VAL R 392 -28.75 -3.10 -116.85
CA VAL R 392 -29.96 -3.15 -115.98
C VAL R 392 -29.96 -2.00 -114.99
N ASN R 393 -28.81 -1.67 -114.42
CA ASN R 393 -28.77 -0.65 -113.34
C ASN R 393 -29.15 0.72 -113.86
N VAL R 394 -28.59 1.14 -115.00
CA VAL R 394 -28.94 2.44 -115.63
C VAL R 394 -30.42 2.38 -115.94
N ALA R 395 -30.95 1.22 -116.32
CA ALA R 395 -32.41 1.05 -116.55
C ALA R 395 -33.15 1.23 -115.21
N PHE R 396 -32.61 0.71 -114.10
CA PHE R 396 -33.22 0.80 -112.74
C PHE R 396 -33.11 2.23 -112.21
N GLN R 397 -32.04 2.96 -112.56
CA GLN R 397 -31.88 4.39 -112.23
C GLN R 397 -32.81 5.16 -113.16
N GLN R 398 -32.90 4.74 -114.42
CA GLN R 398 -33.78 5.41 -115.39
C GLN R 398 -35.20 5.22 -114.88
N SER R 399 -35.54 4.05 -114.34
CA SER R 399 -36.88 3.76 -113.77
C SER R 399 -37.09 4.63 -112.53
N ALA R 400 -36.06 4.89 -111.74
CA ALA R 400 -36.16 5.69 -110.50
C ALA R 400 -36.66 7.12 -110.83
N HIS R 401 -36.14 7.77 -111.88
CA HIS R 401 -36.55 9.13 -112.27
C HIS R 401 -37.82 9.00 -113.08
N LYS R 402 -38.07 7.84 -113.69
CA LYS R 402 -39.33 7.61 -114.44
C LYS R 402 -40.51 7.75 -113.49
N VAL R 403 -40.42 7.25 -112.25
CA VAL R 403 -41.52 7.51 -111.28
C VAL R 403 -41.50 9.02 -111.01
N LEU R 404 -40.32 9.64 -110.96
CA LEU R 404 -40.15 11.10 -110.73
C LEU R 404 -40.31 11.38 -109.23
N LEU R 405 -40.61 10.39 -108.38
CA LEU R 405 -40.73 10.57 -106.91
C LEU R 405 -39.34 10.31 -106.34
N ASP R 406 -38.49 11.34 -106.26
CA ASP R 406 -37.08 11.18 -105.82
C ASP R 406 -36.70 12.24 -104.80
N ASP R 407 -35.60 12.04 -104.08
CA ASP R 407 -35.08 12.97 -103.05
C ASP R 407 -33.58 12.72 -103.02
N ASP R 408 -32.80 13.52 -102.30
CA ASP R 408 -31.32 13.38 -102.27
C ASP R 408 -30.96 11.98 -101.77
N ASN R 409 -29.91 11.39 -102.34
CA ASN R 409 -29.48 10.02 -101.94
C ASN R 409 -30.65 9.05 -102.11
N LEU R 410 -30.93 8.19 -101.14
CA LEU R 410 -31.94 7.11 -101.25
C LEU R 410 -31.38 6.04 -102.20
N LEU R 411 -31.11 6.42 -103.46
CA LEU R 411 -30.60 5.48 -104.50
C LEU R 411 -29.20 4.96 -104.22
N PRO R 412 -28.24 5.74 -103.68
CA PRO R 412 -26.89 5.25 -103.51
C PRO R 412 -26.75 3.92 -102.77
N LEU R 413 -27.71 3.55 -101.92
CA LEU R 413 -27.58 2.34 -101.08
C LEU R 413 -28.19 1.10 -101.73
N LEU R 414 -28.52 1.13 -103.02
CA LEU R 414 -29.08 -0.04 -103.73
C LEU R 414 -28.52 -0.16 -105.15
N HIS R 415 -28.39 -1.39 -105.66
CA HIS R 415 -27.90 -1.69 -107.03
C HIS R 415 -28.41 -3.08 -107.42
N LEU R 416 -28.47 -3.43 -108.72
CA LEU R 416 -28.88 -4.80 -109.16
C LEU R 416 -27.60 -5.59 -109.45
N THR R 417 -27.59 -6.91 -109.19
CA THR R 417 -26.39 -7.78 -109.32
C THR R 417 -26.70 -9.02 -110.18
N ILE R 418 -26.29 -9.02 -111.46
CA ILE R 418 -26.51 -10.17 -112.38
C ILE R 418 -25.26 -11.05 -112.35
N GLU R 419 -25.42 -12.38 -112.41
CA GLU R 419 -24.29 -13.35 -112.46
C GLU R 419 -24.41 -14.14 -113.77
N TYR R 420 -23.33 -14.32 -114.52
CA TYR R 420 -23.31 -15.05 -115.81
C TYR R 420 -22.28 -16.17 -115.74
N HIS R 421 -22.46 -17.24 -116.51
CA HIS R 421 -21.52 -18.41 -116.52
C HIS R 421 -21.39 -18.92 -115.08
N GLY R 422 -22.50 -18.96 -114.32
CA GLY R 422 -22.51 -19.39 -112.91
C GLY R 422 -23.20 -18.37 -112.03
N SER R 448 -32.46 -15.92 -120.58
CA SER R 448 -33.39 -15.68 -119.44
C SER R 448 -32.65 -14.99 -118.31
N GLY R 449 -32.28 -13.71 -118.51
CA GLY R 449 -31.53 -12.95 -117.50
C GLY R 449 -32.34 -12.77 -116.24
N TRP R 450 -33.67 -12.83 -116.34
CA TRP R 450 -34.58 -12.67 -115.18
C TRP R 450 -34.17 -13.69 -114.12
N ALA R 451 -33.60 -14.84 -114.52
CA ALA R 451 -33.17 -15.93 -113.61
C ALA R 451 -32.04 -15.51 -112.64
N ALA R 452 -31.12 -14.63 -113.01
CA ALA R 452 -29.92 -14.26 -112.20
C ALA R 452 -30.01 -12.88 -111.56
N LEU R 453 -31.17 -12.23 -111.55
CA LEU R 453 -31.33 -10.84 -111.05
C LEU R 453 -31.37 -10.84 -109.52
N GLY R 454 -30.36 -10.29 -108.83
CA GLY R 454 -30.28 -10.22 -107.36
C GLY R 454 -30.11 -8.78 -106.85
N LEU R 455 -30.90 -8.34 -105.86
CA LEU R 455 -30.90 -6.97 -105.27
C LEU R 455 -30.00 -6.96 -104.03
N SER R 456 -29.14 -5.95 -103.82
CA SER R 456 -28.23 -5.86 -102.64
C SER R 456 -28.29 -4.48 -101.98
N TYR R 457 -28.12 -4.39 -100.65
CA TYR R 457 -28.20 -3.12 -99.87
C TYR R 457 -26.87 -2.88 -99.14
N LYS R 458 -26.48 -1.63 -98.91
CA LYS R 458 -25.23 -1.28 -98.17
C LYS R 458 -25.64 -0.91 -96.74
N VAL R 459 -25.28 -1.75 -95.76
CA VAL R 459 -25.70 -1.55 -94.33
C VAL R 459 -24.68 -0.67 -93.59
N GLN R 460 -25.15 0.24 -92.72
CA GLN R 460 -24.26 1.09 -91.86
C GLN R 460 -23.70 0.18 -90.77
N TRP R 461 -22.61 0.56 -90.11
CA TRP R 461 -21.94 -0.34 -89.12
C TRP R 461 -22.87 -0.71 -87.99
N PRO R 462 -23.66 0.20 -87.39
CA PRO R 462 -24.45 -0.16 -86.22
C PRO R 462 -25.40 -1.30 -86.55
N LEU R 463 -25.98 -1.33 -87.75
CA LEU R 463 -27.02 -2.31 -88.14
C LEU R 463 -26.39 -3.56 -88.72
N HIS R 464 -25.07 -3.65 -88.79
CA HIS R 464 -24.36 -4.79 -89.43
C HIS R 464 -24.68 -6.12 -88.74
N ILE R 465 -24.68 -6.16 -87.41
CA ILE R 465 -25.00 -7.41 -86.65
C ILE R 465 -26.42 -7.82 -87.00
N LEU R 466 -27.38 -6.88 -86.98
CA LEU R 466 -28.82 -7.18 -87.19
C LEU R 466 -29.02 -7.72 -88.60
N PHE R 467 -28.19 -7.27 -89.56
CA PHE R 467 -28.34 -7.65 -90.99
C PHE R 467 -27.06 -8.33 -91.47
N THR R 468 -26.78 -9.51 -90.92
CA THR R 468 -25.63 -10.33 -91.37
C THR R 468 -26.01 -10.73 -92.79
N PRO R 469 -25.08 -11.11 -93.69
CA PRO R 469 -25.48 -11.39 -95.06
C PRO R 469 -26.55 -12.49 -95.09
N ALA R 470 -26.53 -13.40 -94.13
CA ALA R 470 -27.46 -14.55 -94.10
C ALA R 470 -28.90 -14.03 -94.16
N VAL R 471 -29.26 -13.02 -93.38
CA VAL R 471 -30.68 -12.56 -93.32
C VAL R 471 -31.01 -11.92 -94.67
N LEU R 472 -30.11 -11.12 -95.22
CA LEU R 472 -30.34 -10.49 -96.53
C LEU R 472 -30.33 -11.60 -97.59
N GLU R 473 -29.56 -12.66 -97.37
CA GLU R 473 -29.46 -13.80 -98.32
C GLU R 473 -30.83 -14.49 -98.39
N LYS R 474 -31.46 -14.71 -97.25
CA LYS R 474 -32.83 -15.30 -97.23
C LYS R 474 -33.76 -14.28 -97.87
N TYR R 475 -33.60 -12.98 -97.56
CA TYR R 475 -34.47 -11.90 -98.11
C TYR R 475 -34.34 -11.94 -99.62
N ASN R 476 -33.15 -12.24 -100.12
CA ASN R 476 -32.86 -12.23 -101.58
C ASN R 476 -33.82 -13.18 -102.26
N VAL R 477 -34.06 -14.36 -101.69
CA VAL R 477 -34.89 -15.39 -102.37
C VAL R 477 -36.31 -14.82 -102.52
N VAL R 478 -36.83 -14.15 -101.50
CA VAL R 478 -38.23 -13.66 -101.53
C VAL R 478 -38.35 -12.62 -102.63
N PHE R 479 -37.28 -11.84 -102.89
CA PHE R 479 -37.28 -10.77 -103.93
C PHE R 479 -37.43 -11.43 -105.30
N LYS R 480 -36.67 -12.50 -105.59
CA LYS R 480 -36.71 -13.15 -106.92
C LYS R 480 -38.13 -13.67 -107.18
N TYR R 481 -38.77 -14.29 -106.19
CA TYR R 481 -40.13 -14.88 -106.33
C TYR R 481 -41.22 -13.81 -106.47
N LEU R 482 -41.19 -12.76 -105.66
CA LEU R 482 -42.26 -11.71 -105.65
C LEU R 482 -42.27 -11.04 -107.02
N LEU R 483 -41.10 -10.83 -107.65
CA LEU R 483 -40.98 -10.15 -108.98
C LEU R 483 -41.27 -11.15 -110.11
N SER R 484 -41.32 -12.47 -109.84
CA SER R 484 -41.73 -13.44 -110.88
C SER R 484 -43.24 -13.31 -111.07
N VAL R 485 -44.01 -13.29 -109.98
CA VAL R 485 -45.49 -13.15 -110.05
C VAL R 485 -45.83 -11.76 -110.58
N ARG R 486 -45.23 -10.69 -110.03
CA ARG R 486 -45.54 -9.29 -110.43
C ARG R 486 -45.32 -9.18 -111.94
N ARG R 487 -44.28 -9.83 -112.47
CA ARG R 487 -43.95 -9.76 -113.92
C ARG R 487 -45.06 -10.44 -114.69
N VAL R 488 -45.44 -11.62 -114.25
CA VAL R 488 -46.43 -12.42 -115.03
C VAL R 488 -47.69 -11.57 -115.11
N GLN R 489 -48.10 -10.94 -114.02
CA GLN R 489 -49.43 -10.27 -113.99
C GLN R 489 -49.47 -9.21 -115.10
N ALA R 490 -48.44 -8.39 -115.26
CA ALA R 490 -48.46 -7.27 -116.23
C ALA R 490 -48.54 -7.73 -117.68
N GLU R 491 -47.68 -8.64 -118.14
CA GLU R 491 -47.65 -8.99 -119.59
C GLU R 491 -48.96 -9.71 -119.90
N LEU R 492 -49.55 -10.34 -118.89
CA LEU R 492 -50.83 -11.03 -119.07
C LEU R 492 -51.87 -9.98 -119.43
N GLN R 493 -51.84 -8.81 -118.79
CA GLN R 493 -52.83 -7.72 -119.04
C GLN R 493 -52.55 -7.14 -120.42
N HIS R 494 -51.31 -7.26 -120.91
CA HIS R 494 -50.94 -6.77 -122.26
C HIS R 494 -51.76 -7.64 -123.21
N CYS R 495 -51.82 -8.94 -122.95
CA CYS R 495 -52.66 -9.84 -123.76
C CYS R 495 -54.11 -9.30 -123.74
N TRP R 496 -54.62 -9.01 -122.55
CA TRP R 496 -56.02 -8.53 -122.43
C TRP R 496 -56.35 -7.31 -123.26
N ALA R 497 -55.46 -6.33 -123.27
CA ALA R 497 -55.67 -5.12 -124.07
C ALA R 497 -55.68 -5.50 -125.54
N LEU R 498 -54.70 -6.30 -125.98
CA LEU R 498 -54.67 -6.76 -127.40
C LEU R 498 -56.04 -7.31 -127.79
N GLN R 499 -56.55 -8.28 -127.02
CA GLN R 499 -57.87 -8.90 -127.35
C GLN R 499 -58.99 -7.86 -127.29
N MET R 500 -58.96 -6.98 -126.28
CA MET R 500 -60.00 -5.93 -126.13
C MET R 500 -59.94 -5.00 -127.35
N GLN R 501 -58.73 -4.65 -127.78
CA GLN R 501 -58.54 -3.76 -128.96
C GLN R 501 -59.12 -4.46 -130.20
N ARG R 502 -58.88 -5.76 -130.34
CA ARG R 502 -59.33 -6.51 -131.54
C ARG R 502 -60.86 -6.70 -131.47
N GLN R 509 -62.95 -14.30 -134.82
CA GLN R 509 -62.94 -15.71 -135.30
C GLN R 509 -63.21 -16.62 -134.10
N THR R 510 -63.56 -17.88 -134.36
CA THR R 510 -63.78 -18.85 -133.25
C THR R 510 -62.46 -19.09 -132.48
N ASP R 511 -61.34 -19.22 -133.19
CA ASP R 511 -60.03 -19.47 -132.52
C ASP R 511 -59.66 -18.28 -131.62
N ALA R 512 -59.92 -17.04 -132.05
CA ALA R 512 -59.53 -15.84 -131.27
C ALA R 512 -60.24 -15.74 -129.90
N ILE R 513 -61.54 -16.00 -129.82
CA ILE R 513 -62.21 -15.82 -128.50
C ILE R 513 -61.70 -16.97 -127.62
N LYS R 514 -61.38 -18.11 -128.24
CA LYS R 514 -60.79 -19.25 -127.51
C LYS R 514 -59.64 -18.66 -126.69
N TRP R 515 -58.89 -17.71 -127.26
CA TRP R 515 -57.74 -17.11 -126.56
C TRP R 515 -58.26 -16.34 -125.35
N ARG R 516 -59.35 -15.60 -125.50
CA ARG R 516 -59.93 -14.82 -124.38
C ARG R 516 -60.31 -15.82 -123.27
N LEU R 517 -60.82 -17.00 -123.63
CA LEU R 517 -61.21 -18.03 -122.63
C LEU R 517 -59.95 -18.47 -121.90
N ARG R 518 -58.89 -18.77 -122.64
CA ARG R 518 -57.61 -19.21 -122.05
C ARG R 518 -57.05 -18.05 -121.23
N ASN R 519 -57.16 -16.81 -121.72
CA ASN R 519 -56.63 -15.60 -121.04
C ASN R 519 -57.36 -15.30 -119.75
N HIS R 520 -58.69 -15.31 -119.73
CA HIS R 520 -59.50 -14.99 -118.54
C HIS R 520 -59.35 -16.12 -117.53
N MET R 521 -59.26 -17.37 -118.00
CA MET R 521 -59.18 -18.56 -117.12
C MET R 521 -57.85 -18.55 -116.37
N ALA R 522 -56.77 -18.18 -117.04
CA ALA R 522 -55.44 -18.09 -116.39
C ALA R 522 -55.35 -16.82 -115.54
N PHE R 523 -56.05 -15.75 -115.94
CA PHE R 523 -55.99 -14.46 -115.21
C PHE R 523 -56.55 -14.58 -113.79
N LEU R 524 -57.64 -15.34 -113.60
CA LEU R 524 -58.28 -15.52 -112.28
C LEU R 524 -57.24 -15.95 -111.23
N VAL R 525 -56.62 -17.12 -111.39
CA VAL R 525 -55.68 -17.68 -110.37
C VAL R 525 -54.47 -16.76 -110.22
N ASP R 526 -53.96 -16.18 -111.31
CA ASP R 526 -52.73 -15.34 -111.27
C ASP R 526 -52.97 -14.10 -110.38
N ASN R 527 -54.11 -13.43 -110.54
CA ASN R 527 -54.46 -12.23 -109.73
C ASN R 527 -54.67 -12.67 -108.27
N LEU R 528 -55.34 -13.79 -108.05
CA LEU R 528 -55.64 -14.27 -106.68
C LEU R 528 -54.34 -14.55 -105.94
N GLN R 529 -53.38 -15.20 -106.60
CA GLN R 529 -52.14 -15.64 -105.90
C GLN R 529 -51.43 -14.42 -105.33
N TYR R 530 -51.31 -13.35 -106.12
CA TYR R 530 -50.65 -12.11 -105.69
C TYR R 530 -51.47 -11.45 -104.59
N TYR R 531 -52.79 -11.47 -104.70
CA TYR R 531 -53.66 -10.80 -103.71
C TYR R 531 -53.39 -11.49 -102.37
N LEU R 532 -53.15 -12.81 -102.36
CA LEU R 532 -52.78 -13.54 -101.12
C LEU R 532 -51.44 -13.02 -100.63
N GLN R 533 -50.52 -12.76 -101.54
CA GLN R 533 -49.19 -12.20 -101.19
C GLN R 533 -49.38 -10.80 -100.62
N VAL R 534 -50.31 -10.02 -101.17
CA VAL R 534 -50.59 -8.63 -100.68
C VAL R 534 -51.11 -8.76 -99.26
N ASP R 535 -51.82 -9.86 -98.93
CA ASP R 535 -52.38 -10.07 -97.57
C ASP R 535 -51.26 -10.32 -96.56
N VAL R 536 -50.31 -11.23 -96.83
CA VAL R 536 -49.21 -11.58 -95.86
C VAL R 536 -48.32 -10.35 -95.66
N LEU R 537 -47.99 -9.61 -96.72
CA LEU R 537 -47.01 -8.49 -96.61
C LEU R 537 -47.60 -7.41 -95.69
N GLU R 538 -48.88 -7.08 -95.86
CA GLU R 538 -49.56 -6.07 -95.00
C GLU R 538 -49.69 -6.58 -93.57
N SER R 539 -50.14 -7.82 -93.38
CA SER R 539 -50.40 -8.38 -92.03
C SER R 539 -49.12 -8.61 -91.22
N GLN R 540 -48.06 -9.14 -91.83
CA GLN R 540 -46.83 -9.48 -91.07
C GLN R 540 -46.06 -8.22 -90.67
N PHE R 541 -45.95 -7.22 -91.54
CA PHE R 541 -45.11 -6.01 -91.27
C PHE R 541 -45.72 -5.18 -90.12
N SER R 542 -47.03 -5.27 -89.84
CA SER R 542 -47.70 -4.48 -88.79
C SER R 542 -47.25 -5.12 -87.47
N GLN R 543 -47.17 -6.45 -87.40
CA GLN R 543 -46.69 -7.17 -86.19
C GLN R 543 -45.23 -6.84 -85.91
N LEU R 544 -44.37 -6.83 -86.94
CA LEU R 544 -42.92 -6.58 -86.75
C LEU R 544 -42.75 -5.19 -86.15
N LEU R 545 -43.42 -4.18 -86.70
CA LEU R 545 -43.22 -2.80 -86.23
C LEU R 545 -43.70 -2.71 -84.80
N HIS R 546 -44.85 -3.32 -84.49
CA HIS R 546 -45.44 -3.20 -83.14
C HIS R 546 -44.48 -3.80 -82.11
N GLN R 547 -44.01 -5.02 -82.36
CA GLN R 547 -43.08 -5.73 -81.43
C GLN R 547 -41.84 -4.87 -81.25
N ILE R 548 -41.41 -4.16 -82.29
CA ILE R 548 -40.16 -3.33 -82.22
C ILE R 548 -40.41 -2.21 -81.21
N ASN R 549 -41.59 -1.58 -81.22
CA ASN R 549 -41.90 -0.44 -80.31
C ASN R 549 -42.47 -0.99 -79.01
N SER R 550 -42.65 -2.31 -78.90
CA SER R 550 -43.25 -2.95 -77.70
C SER R 550 -42.38 -2.72 -76.47
N THR R 551 -41.07 -2.92 -76.53
CA THR R 551 -40.16 -2.76 -75.36
C THR R 551 -38.85 -2.11 -75.79
N ARG R 552 -38.16 -1.47 -74.84
CA ARG R 552 -36.92 -0.72 -75.14
C ARG R 552 -35.74 -1.69 -75.13
N ASP R 553 -35.99 -2.98 -75.00
CA ASP R 553 -34.92 -4.00 -74.95
C ASP R 553 -34.37 -4.21 -76.36
N PHE R 554 -33.08 -4.51 -76.50
CA PHE R 554 -32.49 -4.87 -77.81
C PHE R 554 -32.91 -6.29 -78.15
N GLU R 555 -33.00 -7.14 -77.15
CA GLU R 555 -33.29 -8.57 -77.38
C GLU R 555 -34.62 -8.69 -78.13
N SER R 556 -35.62 -7.89 -77.78
CA SER R 556 -36.97 -7.99 -78.39
C SER R 556 -36.94 -7.56 -79.85
N ILE R 557 -36.02 -6.69 -80.26
CA ILE R 557 -35.88 -6.18 -81.65
C ILE R 557 -35.38 -7.32 -82.53
N ARG R 558 -34.42 -8.12 -82.06
CA ARG R 558 -33.90 -9.28 -82.82
C ARG R 558 -34.99 -10.34 -82.96
N LEU R 559 -35.73 -10.63 -81.88
CA LEU R 559 -36.80 -11.66 -81.89
C LEU R 559 -37.92 -11.20 -82.81
N ALA R 560 -38.24 -9.91 -82.82
CA ALA R 560 -39.32 -9.34 -83.66
C ALA R 560 -38.94 -9.61 -85.12
N HIS R 561 -37.69 -9.36 -85.49
CA HIS R 561 -37.20 -9.61 -86.88
C HIS R 561 -37.23 -11.11 -87.14
N ASP R 562 -36.85 -11.93 -86.16
CA ASP R 562 -36.85 -13.42 -86.31
C ASP R 562 -38.28 -13.90 -86.54
N HIS R 563 -39.25 -13.38 -85.79
CA HIS R 563 -40.69 -13.74 -85.94
C HIS R 563 -41.19 -13.27 -87.30
N PHE R 564 -40.80 -12.07 -87.73
CA PHE R 564 -41.27 -11.46 -89.00
C PHE R 564 -40.83 -12.28 -90.20
N LEU R 565 -39.57 -12.73 -90.24
CA LEU R 565 -39.02 -13.53 -91.37
C LEU R 565 -39.60 -14.95 -91.41
N SER R 566 -39.80 -15.60 -90.26
CA SER R 566 -40.29 -17.00 -90.22
C SER R 566 -41.66 -17.05 -90.91
N ASN R 567 -42.60 -16.16 -90.56
CA ASN R 567 -43.99 -16.10 -91.08
C ASN R 567 -43.93 -15.62 -92.51
N LEU R 568 -43.08 -14.62 -92.79
CA LEU R 568 -43.00 -14.02 -94.14
C LEU R 568 -42.74 -15.17 -95.09
N LEU R 569 -41.78 -16.02 -94.75
CA LEU R 569 -41.41 -17.16 -95.61
C LEU R 569 -42.54 -18.18 -95.68
N ALA R 570 -43.26 -18.42 -94.59
CA ALA R 570 -44.29 -19.48 -94.52
C ALA R 570 -45.50 -19.23 -95.40
N GLN R 571 -46.09 -18.04 -95.36
CA GLN R 571 -47.34 -17.75 -96.12
C GLN R 571 -46.98 -17.85 -97.59
N SER R 572 -45.75 -17.49 -97.97
CA SER R 572 -45.27 -17.58 -99.37
C SER R 572 -45.33 -19.05 -99.81
N PHE R 573 -45.02 -19.98 -98.90
CA PHE R 573 -45.03 -21.45 -99.17
C PHE R 573 -43.80 -21.83 -99.99
N ILE R 574 -42.81 -20.94 -100.08
CA ILE R 574 -41.56 -21.19 -100.84
C ILE R 574 -40.84 -22.38 -100.19
N LEU R 575 -40.95 -22.54 -98.87
CA LEU R 575 -40.22 -23.59 -98.10
C LEU R 575 -40.61 -25.00 -98.55
N LEU R 576 -41.90 -25.28 -98.72
CA LEU R 576 -42.39 -26.62 -99.17
C LEU R 576 -42.15 -26.71 -100.67
N LYS R 577 -41.49 -27.76 -101.15
CA LYS R 577 -41.16 -27.92 -102.59
C LYS R 577 -42.38 -28.15 -103.48
N PRO R 578 -43.37 -29.00 -103.12
CA PRO R 578 -44.41 -29.33 -104.08
C PRO R 578 -45.25 -28.16 -104.56
N VAL R 579 -45.74 -27.32 -103.64
CA VAL R 579 -46.59 -26.14 -103.99
C VAL R 579 -45.74 -25.21 -104.83
N PHE R 580 -44.46 -25.02 -104.48
CA PHE R 580 -43.51 -24.15 -105.22
C PHE R 580 -43.09 -24.69 -106.60
N HIS R 581 -42.89 -26.00 -106.72
CA HIS R 581 -42.39 -26.63 -107.97
C HIS R 581 -43.55 -26.96 -108.93
N CYS R 582 -44.76 -26.53 -108.56
CA CYS R 582 -45.97 -26.69 -109.41
C CYS R 582 -46.55 -25.30 -109.74
N LEU R 583 -46.61 -24.35 -108.78
CA LEU R 583 -47.13 -22.99 -109.08
C LEU R 583 -46.20 -22.33 -110.10
N ASN R 584 -44.89 -22.52 -109.97
CA ASN R 584 -43.91 -21.85 -110.87
C ASN R 584 -44.27 -22.23 -112.29
N GLU R 585 -44.59 -23.50 -112.51
CA GLU R 585 -44.95 -24.03 -113.84
C GLU R 585 -46.25 -23.37 -114.30
N ILE R 586 -47.20 -23.13 -113.39
CA ILE R 586 -48.51 -22.50 -113.75
C ILE R 586 -48.17 -21.15 -114.36
N LEU R 587 -47.19 -20.42 -113.83
CA LEU R 587 -46.71 -19.14 -114.43
C LEU R 587 -45.93 -19.34 -115.73
N ASP R 588 -45.04 -20.35 -115.81
CA ASP R 588 -44.14 -20.54 -116.98
C ASP R 588 -44.93 -20.94 -118.23
N LEU R 589 -45.92 -21.80 -118.06
CA LEU R 589 -46.76 -22.25 -119.19
C LEU R 589 -47.53 -21.03 -119.64
N CYS R 590 -47.96 -20.18 -118.70
CA CYS R 590 -48.77 -18.95 -119.01
C CYS R 590 -47.90 -18.00 -119.84
N HIS R 591 -46.60 -17.92 -119.56
CA HIS R 591 -45.67 -17.06 -120.34
C HIS R 591 -45.69 -17.54 -121.79
N SER R 592 -45.65 -18.86 -122.02
CA SER R 592 -45.62 -19.44 -123.38
C SER R 592 -46.93 -19.09 -124.09
N PHE R 593 -48.07 -19.19 -123.41
CA PHE R 593 -49.39 -18.85 -124.00
C PHE R 593 -49.36 -17.38 -124.34
N CYS R 594 -48.88 -16.55 -123.42
CA CYS R 594 -48.82 -15.08 -123.58
C CYS R 594 -47.95 -14.77 -124.79
N SER R 595 -46.98 -15.63 -125.06
CA SER R 595 -46.10 -15.42 -126.24
C SER R 595 -46.88 -15.79 -127.50
N LEU R 596 -47.63 -16.89 -127.47
CA LEU R 596 -48.35 -17.33 -128.69
C LEU R 596 -49.35 -16.26 -129.10
N VAL R 597 -50.10 -15.74 -128.13
CA VAL R 597 -51.07 -14.65 -128.44
C VAL R 597 -50.27 -13.43 -128.88
N SER R 598 -49.12 -13.20 -128.26
CA SER R 598 -48.30 -12.02 -128.60
C SER R 598 -47.87 -12.10 -130.06
N GLN R 599 -47.74 -13.32 -130.60
CA GLN R 599 -47.17 -13.42 -131.96
C GLN R 599 -48.00 -12.68 -133.02
N ASN R 600 -49.33 -12.84 -133.05
CA ASN R 600 -50.09 -12.22 -134.17
C ASN R 600 -51.49 -11.76 -133.78
N LEU R 601 -51.99 -10.70 -134.42
CA LEU R 601 -53.39 -10.24 -134.20
C LEU R 601 -54.25 -11.05 -135.16
N GLY R 602 -53.66 -11.54 -136.26
CA GLY R 602 -54.39 -12.44 -137.17
C GLY R 602 -54.58 -13.81 -136.53
N PRO R 603 -55.74 -14.50 -136.67
CA PRO R 603 -56.01 -15.77 -135.98
C PRO R 603 -54.91 -16.78 -136.26
N LEU R 604 -54.46 -17.54 -135.26
CA LEU R 604 -53.31 -18.47 -135.44
C LEU R 604 -53.70 -19.91 -135.15
N ASP R 605 -53.85 -20.74 -136.18
CA ASP R 605 -54.11 -22.18 -135.99
C ASP R 605 -52.86 -22.93 -136.44
N GLU R 606 -51.74 -22.21 -136.58
CA GLU R 606 -50.51 -22.83 -137.13
C GLU R 606 -49.81 -23.60 -136.02
N ARG R 607 -50.44 -24.66 -135.51
CA ARG R 607 -49.88 -25.52 -134.43
C ARG R 607 -50.12 -24.83 -133.09
N GLY R 608 -50.57 -23.58 -133.13
CA GLY R 608 -50.92 -22.90 -131.87
C GLY R 608 -52.11 -23.60 -131.27
N ALA R 609 -53.09 -23.94 -132.10
CA ALA R 609 -54.33 -24.56 -131.58
C ALA R 609 -53.98 -25.88 -130.91
N ALA R 610 -53.11 -26.65 -131.57
CA ALA R 610 -52.72 -27.98 -131.03
C ALA R 610 -52.27 -27.82 -129.58
N GLN R 611 -51.40 -26.83 -129.33
CA GLN R 611 -50.84 -26.65 -127.96
C GLN R 611 -51.78 -25.79 -127.11
N LEU R 612 -52.56 -24.87 -127.70
CA LEU R 612 -53.41 -23.92 -126.93
C LEU R 612 -54.46 -24.74 -126.16
N SER R 613 -55.02 -25.77 -126.81
CA SER R 613 -56.03 -26.64 -126.18
C SER R 613 -55.32 -27.60 -125.22
N ILE R 614 -54.12 -28.06 -125.57
CA ILE R 614 -53.33 -28.91 -124.63
C ILE R 614 -53.13 -28.03 -123.41
N LEU R 615 -52.85 -26.76 -123.63
CA LEU R 615 -52.62 -25.79 -122.55
C LEU R 615 -53.89 -25.62 -121.71
N VAL R 616 -55.07 -25.49 -122.34
CA VAL R 616 -56.30 -25.22 -121.53
C VAL R 616 -56.46 -26.42 -120.63
N LYS R 617 -56.30 -27.61 -121.16
CA LYS R 617 -56.48 -28.85 -120.37
C LYS R 617 -55.34 -28.92 -119.36
N GLY R 618 -54.13 -28.55 -119.77
CA GLY R 618 -52.95 -28.67 -118.88
C GLY R 618 -53.10 -27.76 -117.69
N PHE R 619 -53.62 -26.56 -117.89
CA PHE R 619 -53.71 -25.54 -116.83
C PHE R 619 -54.83 -25.90 -115.86
N SER R 620 -55.89 -26.55 -116.30
CA SER R 620 -57.06 -26.98 -115.48
C SER R 620 -56.59 -28.10 -114.57
N ARG R 621 -55.77 -29.03 -115.08
CA ARG R 621 -55.30 -30.20 -114.29
C ARG R 621 -54.49 -29.72 -113.11
N GLN R 622 -53.51 -28.84 -113.34
CA GLN R 622 -52.64 -28.31 -112.25
C GLN R 622 -53.44 -27.32 -111.40
N SER R 623 -54.29 -26.48 -111.99
CA SER R 623 -55.03 -25.42 -111.26
C SER R 623 -55.97 -26.08 -110.26
N SER R 624 -56.64 -27.17 -110.64
CA SER R 624 -57.49 -27.98 -109.73
C SER R 624 -56.62 -28.73 -108.71
N LEU R 625 -55.44 -29.22 -109.10
CA LEU R 625 -54.56 -30.05 -108.21
C LEU R 625 -54.21 -29.22 -106.99
N LEU R 626 -53.79 -27.97 -107.19
CA LEU R 626 -53.45 -27.06 -106.07
C LEU R 626 -54.73 -26.59 -105.37
N PHE R 627 -55.87 -26.54 -106.06
CA PHE R 627 -57.15 -26.20 -105.39
C PHE R 627 -57.39 -27.28 -104.36
N LYS R 628 -57.19 -28.55 -104.74
CA LYS R 628 -57.40 -29.70 -103.83
C LYS R 628 -56.43 -29.62 -102.65
N ILE R 629 -55.16 -29.27 -102.91
CA ILE R 629 -54.11 -29.18 -101.85
C ILE R 629 -54.53 -28.06 -100.89
N LEU R 630 -55.01 -26.93 -101.42
CA LEU R 630 -55.45 -25.75 -100.60
C LEU R 630 -56.64 -26.18 -99.73
N SER R 631 -57.62 -26.91 -100.28
CA SER R 631 -58.79 -27.44 -99.52
C SER R 631 -58.47 -28.85 -99.00
N HIS R 636 -50.65 -25.88 -90.87
CA HIS R 636 -50.99 -25.03 -89.69
C HIS R 636 -52.38 -24.43 -89.89
N GLN R 637 -53.09 -24.80 -90.96
CA GLN R 637 -54.48 -24.33 -91.24
C GLN R 637 -54.49 -22.81 -91.12
N ILE R 638 -53.43 -22.14 -91.61
CA ILE R 638 -53.32 -20.68 -91.46
C ILE R 638 -54.60 -20.07 -92.03
N ASN R 639 -55.11 -19.02 -91.41
CA ASN R 639 -56.38 -18.39 -91.86
C ASN R 639 -56.12 -17.91 -93.28
N SER R 640 -54.94 -17.35 -93.57
CA SER R 640 -54.61 -16.79 -94.90
C SER R 640 -54.68 -17.86 -95.98
N ASP R 641 -54.08 -19.03 -95.76
CA ASP R 641 -54.03 -20.09 -96.81
C ASP R 641 -55.43 -20.67 -97.07
N LEU R 642 -56.17 -21.02 -96.01
CA LEU R 642 -57.53 -21.62 -96.15
C LEU R 642 -58.54 -20.58 -96.63
N ALA R 643 -58.51 -19.37 -96.10
CA ALA R 643 -59.49 -18.31 -96.44
C ALA R 643 -59.34 -17.98 -97.93
N GLN R 644 -58.13 -18.09 -98.47
CA GLN R 644 -57.87 -17.77 -99.91
C GLN R 644 -58.75 -18.64 -100.80
N LEU R 645 -58.99 -19.88 -100.39
CA LEU R 645 -59.79 -20.83 -101.22
C LEU R 645 -61.12 -20.20 -101.55
N LEU R 646 -61.79 -19.55 -100.59
CA LEU R 646 -63.19 -19.10 -100.74
C LEU R 646 -63.37 -18.07 -101.85
N LEU R 647 -62.34 -17.32 -102.24
CA LEU R 647 -62.48 -16.42 -103.42
C LEU R 647 -62.75 -17.30 -104.65
N ARG R 648 -62.06 -18.43 -104.78
CA ARG R 648 -62.28 -19.40 -105.89
C ARG R 648 -63.58 -20.18 -105.63
N LEU R 649 -63.91 -20.48 -104.37
CA LEU R 649 -65.11 -21.29 -104.00
C LEU R 649 -66.39 -20.45 -104.02
N ASP R 650 -66.32 -19.16 -104.39
CA ASP R 650 -67.51 -18.29 -104.54
C ASP R 650 -68.34 -18.90 -105.66
N TYR R 651 -67.69 -19.40 -106.71
CA TYR R 651 -68.37 -20.09 -107.83
C TYR R 651 -68.19 -21.61 -107.72
N ASN R 652 -67.25 -22.09 -106.90
CA ASN R 652 -66.95 -23.53 -106.78
C ASN R 652 -66.68 -23.96 -108.21
N LYS R 653 -65.94 -23.17 -108.97
CA LYS R 653 -65.83 -23.43 -110.44
C LYS R 653 -65.00 -24.69 -110.68
N TYR R 654 -63.86 -24.85 -110.01
CA TYR R 654 -62.95 -25.99 -110.28
C TYR R 654 -63.50 -27.24 -109.62
N TYR R 655 -64.00 -27.08 -108.40
CA TYR R 655 -64.54 -28.24 -107.67
C TYR R 655 -65.75 -28.78 -108.42
N THR R 656 -66.68 -27.91 -108.84
CA THR R 656 -67.92 -28.33 -109.54
C THR R 656 -67.50 -29.18 -110.75
N GLN R 657 -66.45 -28.78 -111.48
CA GLN R 657 -65.95 -29.60 -112.61
C GLN R 657 -65.43 -30.92 -112.05
N GLU S 351 18.13 -25.62 -29.77
CA GLU S 351 19.32 -24.82 -29.39
C GLU S 351 20.07 -24.50 -30.67
N LEU S 352 20.26 -25.51 -31.50
CA LEU S 352 20.99 -25.37 -32.77
C LEU S 352 20.15 -24.47 -33.67
N VAL S 353 18.84 -24.48 -33.45
CA VAL S 353 17.90 -23.72 -34.32
C VAL S 353 18.29 -22.25 -34.35
N LYS S 354 18.89 -21.76 -33.29
CA LYS S 354 19.17 -20.32 -33.22
C LYS S 354 19.96 -19.98 -34.47
N ASP S 355 20.88 -20.86 -34.84
CA ASP S 355 21.68 -20.64 -36.05
C ASP S 355 20.77 -20.57 -37.24
N VAL S 356 19.82 -21.48 -37.31
CA VAL S 356 18.95 -21.58 -38.51
C VAL S 356 18.22 -20.26 -38.64
N LEU S 357 17.84 -19.66 -37.53
CA LEU S 357 17.03 -18.44 -37.64
C LEU S 357 17.83 -17.43 -38.43
N ASN S 358 19.10 -17.29 -38.12
CA ASN S 358 19.92 -16.24 -38.75
C ASN S 358 20.44 -16.75 -40.08
N VAL S 359 20.29 -18.04 -40.35
CA VAL S 359 20.66 -18.61 -41.67
C VAL S 359 19.66 -18.04 -42.68
N LEU S 360 18.48 -17.64 -42.24
CA LEU S 360 17.52 -17.00 -43.17
C LEU S 360 18.24 -15.74 -43.64
N ILE S 361 18.80 -14.98 -42.72
CA ILE S 361 19.66 -13.82 -43.10
C ILE S 361 20.95 -14.52 -43.50
N GLY S 362 21.89 -13.87 -44.14
CA GLY S 362 23.17 -14.57 -44.39
C GLY S 362 23.92 -14.79 -43.08
N VAL S 363 24.34 -16.00 -42.74
CA VAL S 363 25.24 -16.26 -41.56
C VAL S 363 26.17 -17.39 -41.94
N VAL S 364 27.27 -17.55 -41.22
CA VAL S 364 28.33 -18.52 -41.59
C VAL S 364 28.24 -19.83 -40.82
N SER S 365 27.37 -20.00 -39.84
CA SER S 365 27.38 -21.31 -39.13
C SER S 365 27.10 -22.32 -40.22
N ALA S 366 26.15 -22.08 -41.13
CA ALA S 366 25.93 -22.91 -42.34
C ALA S 366 26.61 -22.12 -43.46
N THR S 367 26.72 -22.63 -44.70
CA THR S 367 27.52 -21.93 -45.75
C THR S 367 26.98 -22.10 -47.18
N PHE S 368 27.33 -21.18 -48.10
CA PHE S 368 26.97 -21.24 -49.55
C PHE S 368 28.30 -20.91 -50.23
N SER S 369 29.33 -21.74 -50.01
CA SER S 369 30.70 -21.43 -50.53
C SER S 369 30.58 -21.17 -52.02
N LEU S 370 31.12 -20.05 -52.48
CA LEU S 370 31.01 -19.67 -53.90
C LEU S 370 32.07 -20.53 -54.54
N CYS S 371 31.73 -21.77 -54.81
CA CYS S 371 32.76 -22.74 -55.22
C CYS S 371 32.18 -23.88 -56.04
N GLN S 372 33.02 -24.82 -56.46
CA GLN S 372 32.58 -25.94 -57.34
C GLN S 372 31.66 -26.84 -56.52
N PRO S 373 30.43 -27.20 -56.96
CA PRO S 373 29.48 -27.93 -56.18
C PRO S 373 30.23 -29.03 -55.43
N ALA S 374 30.07 -29.12 -54.11
CA ALA S 374 30.67 -30.18 -53.27
C ALA S 374 32.18 -30.03 -53.13
N GLN S 375 32.90 -29.85 -54.23
CA GLN S 375 34.37 -29.90 -54.14
C GLN S 375 34.80 -28.81 -53.19
N ALA S 376 34.32 -27.59 -53.39
CA ALA S 376 34.60 -26.50 -52.45
C ALA S 376 33.28 -25.84 -52.08
N PHE S 377 32.30 -25.86 -52.96
CA PHE S 377 30.95 -25.35 -52.62
C PHE S 377 30.50 -26.22 -51.46
N VAL S 378 29.82 -25.69 -50.44
CA VAL S 378 29.44 -26.46 -49.21
C VAL S 378 28.31 -25.85 -48.35
N VAL S 379 27.65 -26.63 -47.44
CA VAL S 379 26.68 -26.17 -46.41
C VAL S 379 27.11 -26.87 -45.12
N LYS S 380 27.29 -26.17 -43.99
CA LYS S 380 27.84 -26.82 -42.77
C LYS S 380 26.89 -27.98 -42.54
N ARG S 381 27.43 -29.16 -42.26
CA ARG S 381 26.64 -30.38 -42.05
C ARG S 381 27.34 -31.30 -41.06
N GLY S 382 26.62 -32.21 -40.44
CA GLY S 382 27.21 -33.23 -39.54
C GLY S 382 27.06 -34.58 -40.18
N VAL S 383 28.12 -35.37 -40.28
CA VAL S 383 28.09 -36.68 -41.01
C VAL S 383 28.58 -37.77 -40.05
N HIS S 384 28.07 -39.00 -40.19
CA HIS S 384 28.42 -40.12 -39.29
C HIS S 384 28.11 -39.63 -37.87
N VAL S 385 29.09 -39.55 -36.98
CA VAL S 385 28.81 -39.17 -35.57
C VAL S 385 28.24 -37.76 -35.56
N SER S 386 27.20 -37.51 -34.77
CA SER S 386 26.61 -36.16 -34.62
C SER S 386 25.90 -36.04 -33.28
N GLY S 387 25.73 -34.84 -32.75
CA GLY S 387 25.02 -34.62 -31.48
C GLY S 387 23.54 -34.43 -31.74
N ALA S 388 22.72 -35.47 -31.57
CA ALA S 388 21.25 -35.44 -31.82
C ALA S 388 20.95 -34.91 -33.23
N SER S 389 21.45 -35.57 -34.28
CA SER S 389 21.23 -35.14 -35.68
C SER S 389 20.89 -36.33 -36.59
N PRO S 390 19.68 -36.92 -36.57
CA PRO S 390 19.29 -37.95 -37.54
C PRO S 390 19.30 -37.25 -38.89
N GLU S 391 19.52 -37.97 -39.97
CA GLU S 391 19.74 -37.33 -41.30
C GLU S 391 18.62 -36.40 -41.71
N SER S 392 17.38 -36.75 -41.45
CA SER S 392 16.27 -35.94 -41.98
C SER S 392 16.38 -34.54 -41.43
N ILE S 393 16.94 -34.36 -40.22
CA ILE S 393 17.15 -33.00 -39.66
C ILE S 393 18.03 -32.25 -40.66
N SER S 394 19.09 -32.89 -41.15
CA SER S 394 20.01 -32.28 -42.13
C SER S 394 19.23 -31.97 -43.40
N SER S 395 18.35 -32.87 -43.83
CA SER S 395 17.54 -32.68 -45.06
C SER S 395 16.62 -31.48 -44.82
N LEU S 396 16.02 -31.39 -43.64
CA LEU S 396 15.12 -30.27 -43.28
C LEU S 396 15.96 -29.00 -43.26
N LEU S 397 17.17 -29.08 -42.71
CA LEU S 397 18.09 -27.92 -42.64
C LEU S 397 18.43 -27.51 -44.07
N SER S 398 18.57 -28.48 -44.97
CA SER S 398 18.94 -28.25 -46.39
C SER S 398 17.85 -27.42 -47.08
N GLU S 399 16.58 -27.63 -46.77
CA GLU S 399 15.45 -26.94 -47.45
C GLU S 399 15.48 -25.45 -47.08
N VAL S 400 15.73 -25.12 -45.82
CA VAL S 400 15.83 -23.73 -45.32
C VAL S 400 17.01 -23.15 -46.06
N ALA S 401 18.06 -23.94 -46.18
CA ALA S 401 19.30 -23.43 -46.77
C ALA S 401 18.98 -22.96 -48.16
N GLU S 402 18.13 -23.70 -48.85
CA GLU S 402 17.86 -23.32 -50.24
C GLU S 402 17.35 -21.91 -50.15
N TYR S 403 16.47 -21.67 -49.20
CA TYR S 403 15.87 -20.32 -49.09
C TYR S 403 17.00 -19.35 -48.85
N GLY S 404 17.91 -19.70 -47.97
CA GLY S 404 18.97 -18.77 -47.59
C GLY S 404 19.83 -18.42 -48.77
N THR S 405 20.16 -19.40 -49.58
CA THR S 405 21.11 -19.13 -50.67
C THR S 405 20.50 -18.06 -51.51
N CYS S 406 19.21 -18.16 -51.72
CA CYS S 406 18.52 -17.19 -52.58
C CYS S 406 18.67 -15.81 -51.95
N TYR S 407 18.40 -15.69 -50.65
CA TYR S 407 18.48 -14.38 -49.97
C TYR S 407 19.84 -13.80 -50.28
N THR S 408 20.89 -14.57 -50.08
CA THR S 408 22.25 -13.99 -50.23
C THR S 408 22.40 -13.51 -51.66
N ARG S 409 22.06 -14.38 -52.60
CA ARG S 409 22.27 -14.04 -54.01
C ARG S 409 21.38 -12.86 -54.34
N LEU S 410 20.14 -12.90 -53.89
CA LEU S 410 19.18 -11.83 -54.22
C LEU S 410 19.63 -10.55 -53.54
N SER S 411 20.02 -10.66 -52.29
CA SER S 411 20.38 -9.45 -51.52
C SER S 411 21.52 -8.86 -52.32
N HIS S 412 22.37 -9.72 -52.87
CA HIS S 412 23.47 -9.27 -53.73
C HIS S 412 22.94 -8.62 -55.03
N PHE S 413 22.05 -9.26 -55.79
CA PHE S 413 21.56 -8.76 -57.09
C PHE S 413 21.00 -7.35 -56.97
N SER S 414 20.23 -7.05 -55.91
CA SER S 414 19.59 -5.74 -55.68
C SER S 414 20.62 -4.85 -55.03
N LEU S 415 21.38 -5.36 -54.04
CA LEU S 415 22.35 -4.54 -53.26
C LEU S 415 23.26 -3.76 -54.19
N GLN S 416 23.82 -4.42 -55.21
CA GLN S 416 24.79 -3.71 -56.06
C GLN S 416 24.04 -2.45 -56.47
N PRO S 417 24.51 -1.22 -56.14
CA PRO S 417 23.76 -0.03 -56.43
C PRO S 417 23.99 0.32 -57.90
N VAL S 418 23.52 1.47 -58.36
CA VAL S 418 23.84 1.90 -59.75
C VAL S 418 25.34 2.15 -59.87
N LEU S 419 26.02 2.78 -58.89
CA LEU S 419 27.46 3.19 -58.91
C LEU S 419 27.60 4.53 -59.65
N ASP S 420 26.51 5.12 -60.17
CA ASP S 420 26.48 6.44 -60.87
C ASP S 420 27.01 6.30 -62.30
N SER S 421 27.24 5.08 -62.80
CA SER S 421 27.78 4.81 -64.16
C SER S 421 27.34 3.41 -64.63
N LEU S 422 26.05 3.11 -64.54
CA LEU S 422 25.50 1.81 -64.99
C LEU S 422 25.13 1.95 -66.48
N TYR S 423 26.11 1.85 -67.38
CA TYR S 423 25.86 1.95 -68.84
C TYR S 423 25.09 0.73 -69.32
N SER S 424 25.45 -0.47 -68.82
CA SER S 424 24.83 -1.73 -69.28
C SER S 424 23.33 -1.72 -69.00
N LYS S 425 22.96 -1.37 -67.77
CA LYS S 425 21.54 -1.30 -67.36
C LYS S 425 21.07 0.11 -67.71
N GLY S 426 19.74 0.35 -67.67
CA GLY S 426 19.14 1.66 -67.98
C GLY S 426 18.68 2.37 -66.71
N LEU S 427 18.15 3.58 -66.86
CA LEU S 427 17.62 4.32 -65.69
C LEU S 427 16.52 3.45 -65.09
N VAL S 428 15.73 2.80 -65.93
CA VAL S 428 14.58 1.95 -65.48
C VAL S 428 15.08 0.73 -64.72
N PHE S 429 16.22 0.12 -65.09
CA PHE S 429 16.79 -1.03 -64.33
C PHE S 429 17.17 -0.55 -62.93
N GLN S 430 17.63 0.69 -62.77
CA GLN S 430 18.11 1.19 -61.46
C GLN S 430 16.89 1.37 -60.56
N ALA S 431 15.72 1.69 -61.12
CA ALA S 431 14.44 1.85 -60.40
C ALA S 431 14.00 0.47 -59.90
N PHE S 432 14.18 -0.57 -60.73
CA PHE S 432 13.71 -1.94 -60.38
C PHE S 432 14.42 -2.42 -59.14
N THR S 433 15.72 -2.25 -59.13
CA THR S 433 16.52 -2.76 -58.02
C THR S 433 16.09 -2.01 -56.76
N SER S 434 15.87 -0.71 -56.85
CA SER S 434 15.58 0.06 -55.62
C SER S 434 14.35 -0.55 -54.99
N GLY S 435 13.35 -0.80 -55.82
CA GLY S 435 12.10 -1.35 -55.30
C GLY S 435 12.36 -2.71 -54.71
N LEU S 436 13.20 -3.51 -55.35
CA LEU S 436 13.41 -4.91 -54.90
C LEU S 436 13.93 -4.86 -53.49
N ARG S 437 14.84 -3.94 -53.23
CA ARG S 437 15.46 -3.87 -51.89
C ARG S 437 14.36 -3.60 -50.87
N ARG S 438 13.39 -2.74 -51.18
CA ARG S 438 12.35 -2.38 -50.21
C ARG S 438 11.70 -3.68 -49.81
N TYR S 439 11.40 -4.56 -50.77
CA TYR S 439 10.83 -5.91 -50.45
C TYR S 439 11.86 -6.67 -49.62
N LEU S 440 13.11 -6.70 -50.04
CA LEU S 440 14.12 -7.53 -49.33
C LEU S 440 14.14 -7.05 -47.88
N GLN S 441 14.09 -5.75 -47.65
CA GLN S 441 14.15 -5.18 -46.29
C GLN S 441 12.96 -5.69 -45.50
N TYR S 442 11.77 -5.68 -46.11
CA TYR S 442 10.55 -6.17 -45.43
C TYR S 442 10.75 -7.67 -45.17
N TYR S 443 11.28 -8.42 -46.12
CA TYR S 443 11.53 -9.87 -45.94
C TYR S 443 12.48 -10.00 -44.74
N ARG S 444 13.57 -9.23 -44.67
CA ARG S 444 14.57 -9.33 -43.58
C ARG S 444 13.88 -9.08 -42.24
N ALA S 445 12.99 -8.09 -42.18
CA ALA S 445 12.32 -7.70 -40.91
C ALA S 445 11.51 -8.88 -40.37
N CYS S 446 10.80 -9.61 -41.22
CA CYS S 446 9.98 -10.78 -40.82
C CYS S 446 10.89 -11.84 -40.19
N VAL S 447 12.06 -12.05 -40.78
CA VAL S 447 13.03 -13.05 -40.27
C VAL S 447 13.41 -12.63 -38.85
N LEU S 448 13.71 -11.35 -38.63
CA LEU S 448 14.11 -10.84 -37.29
C LEU S 448 12.94 -10.99 -36.31
N SER S 449 11.72 -10.74 -36.77
CA SER S 449 10.52 -10.78 -35.91
C SER S 449 10.32 -12.17 -35.33
N THR S 450 10.75 -13.23 -36.03
CA THR S 450 10.55 -14.61 -35.55
C THR S 450 10.83 -14.72 -34.04
N PRO S 451 9.97 -15.36 -33.21
CA PRO S 451 10.23 -15.54 -31.82
C PRO S 451 11.61 -16.18 -31.71
N PRO S 452 12.48 -15.72 -30.81
CA PRO S 452 13.76 -16.37 -30.65
C PRO S 452 13.46 -17.79 -30.20
N THR S 453 12.43 -17.99 -29.39
CA THR S 453 12.06 -19.32 -28.86
C THR S 453 10.94 -19.90 -29.70
N LEU S 454 11.19 -21.00 -30.41
CA LEU S 454 10.17 -21.68 -31.23
C LEU S 454 10.60 -23.15 -31.44
N SER S 455 9.69 -24.05 -31.81
CA SER S 455 10.01 -25.48 -32.05
C SER S 455 10.73 -25.64 -33.37
N LEU S 456 11.59 -26.64 -33.44
CA LEU S 456 12.42 -26.82 -34.64
C LEU S 456 11.59 -26.99 -35.88
N LEU S 457 10.61 -27.87 -35.84
CA LEU S 457 9.86 -28.18 -37.06
C LEU S 457 8.97 -26.99 -37.26
N THR S 458 8.49 -26.44 -36.16
CA THR S 458 7.52 -25.33 -36.27
C THR S 458 8.11 -24.16 -37.06
N ILE S 459 9.41 -23.88 -36.96
CA ILE S 459 10.05 -22.72 -37.64
C ILE S 459 9.90 -22.88 -39.16
N GLY S 460 10.04 -24.08 -39.72
CA GLY S 460 10.02 -24.29 -41.17
C GLY S 460 8.62 -24.15 -41.65
N PHE S 461 7.69 -24.83 -40.98
CA PHE S 461 6.26 -24.80 -41.36
C PHE S 461 5.79 -23.36 -41.36
N LEU S 462 6.35 -22.53 -40.48
CA LEU S 462 5.97 -21.11 -40.38
C LEU S 462 6.46 -20.36 -41.61
N PHE S 463 7.65 -20.64 -42.09
CA PHE S 463 8.25 -19.83 -43.18
C PHE S 463 7.99 -20.45 -44.53
N LYS S 464 7.28 -21.56 -44.60
CA LYS S 464 7.15 -22.24 -45.90
C LYS S 464 6.55 -21.30 -46.94
N LYS S 465 5.49 -20.59 -46.60
CA LYS S 465 4.79 -19.79 -47.63
C LYS S 465 5.79 -18.78 -48.16
N LEU S 466 6.51 -18.15 -47.26
CA LEU S 466 7.46 -17.11 -47.67
C LEU S 466 8.57 -17.79 -48.46
N GLY S 467 8.99 -18.98 -48.05
CA GLY S 467 10.17 -19.61 -48.65
C GLY S 467 9.96 -19.80 -50.13
N ARG S 468 8.82 -20.31 -50.50
CA ARG S 468 8.51 -20.44 -51.93
C ARG S 468 8.33 -19.05 -52.51
N GLN S 469 7.69 -18.14 -51.78
CA GLN S 469 7.34 -16.83 -52.37
C GLN S 469 8.62 -16.21 -52.89
N LEU S 470 9.65 -16.28 -52.09
CA LEU S 470 10.93 -15.67 -52.47
C LEU S 470 11.56 -16.46 -53.61
N ARG S 471 11.53 -17.78 -53.58
CA ARG S 471 12.26 -18.57 -54.60
C ARG S 471 11.65 -18.17 -55.92
N TYR S 472 10.34 -17.95 -55.93
CA TYR S 472 9.64 -17.49 -57.14
C TYR S 472 10.15 -16.12 -57.51
N LEU S 473 10.23 -15.23 -56.53
CA LEU S 473 10.77 -13.87 -56.78
C LEU S 473 12.15 -14.04 -57.37
N ALA S 474 12.90 -15.02 -56.89
CA ALA S 474 14.28 -15.21 -57.35
C ALA S 474 14.25 -15.58 -58.80
N GLU S 475 13.45 -16.55 -59.16
CA GLU S 475 13.47 -17.07 -60.54
C GLU S 475 12.99 -15.95 -61.46
N LEU S 476 12.16 -15.06 -60.95
CA LEU S 476 11.58 -14.00 -61.81
C LEU S 476 12.76 -13.27 -62.41
N CYS S 477 13.79 -13.04 -61.61
CA CYS S 477 15.04 -12.45 -62.11
C CYS S 477 15.97 -13.59 -62.50
N GLY S 478 16.79 -13.41 -63.53
CA GLY S 478 17.65 -14.50 -64.00
C GLY S 478 18.64 -14.90 -62.93
N VAL S 479 19.22 -13.94 -62.23
CA VAL S 479 20.27 -14.24 -61.23
C VAL S 479 19.71 -15.25 -60.25
N GLY S 480 18.58 -14.91 -59.64
CA GLY S 480 17.99 -15.76 -58.61
C GLY S 480 17.66 -17.08 -59.22
N ALA S 481 17.15 -17.05 -60.44
CA ALA S 481 16.84 -18.29 -61.15
C ALA S 481 18.17 -19.02 -61.25
N VAL S 482 19.23 -18.29 -61.57
CA VAL S 482 20.56 -18.89 -61.79
C VAL S 482 21.09 -19.30 -60.43
N LEU S 483 22.07 -20.20 -60.39
CA LEU S 483 22.55 -20.77 -59.12
C LEU S 483 21.31 -21.29 -58.40
N PRO S 484 20.39 -22.02 -59.10
CA PRO S 484 19.26 -22.61 -58.42
C PRO S 484 19.87 -23.65 -57.48
N GLY S 485 21.02 -24.25 -57.84
CA GLY S 485 21.69 -25.31 -57.06
C GLY S 485 21.66 -26.58 -57.89
N THR S 486 20.72 -26.67 -58.83
CA THR S 486 20.55 -27.83 -59.71
C THR S 486 21.37 -27.58 -60.98
N CYS S 487 22.06 -26.44 -61.06
CA CYS S 487 22.90 -26.09 -62.22
C CYS S 487 24.10 -25.25 -61.80
N GLY S 488 25.12 -25.08 -62.65
CA GLY S 488 26.26 -24.19 -62.34
C GLY S 488 25.89 -22.73 -62.49
N GLY S 489 26.83 -21.81 -62.28
CA GLY S 489 26.62 -20.36 -62.44
C GLY S 489 26.94 -19.92 -63.86
N GLY S 490 27.34 -20.86 -64.73
CA GLY S 490 27.71 -20.59 -66.13
C GLY S 490 26.58 -20.02 -66.98
N PRO S 491 25.29 -20.42 -66.85
CA PRO S 491 24.25 -19.94 -67.77
C PRO S 491 24.19 -18.40 -67.73
N ARG S 492 24.20 -17.79 -66.55
CA ARG S 492 24.28 -16.31 -66.43
C ARG S 492 23.27 -15.70 -67.41
N ALA S 493 22.00 -16.10 -67.33
CA ALA S 493 20.95 -15.67 -68.30
C ALA S 493 20.88 -14.15 -68.36
N ALA S 494 20.78 -13.56 -69.56
CA ALA S 494 20.64 -12.09 -69.74
C ALA S 494 19.28 -11.62 -69.22
N PHE S 495 19.25 -10.53 -68.44
CA PHE S 495 18.01 -9.93 -67.88
C PHE S 495 17.55 -8.88 -68.90
N PRO S 496 16.27 -8.76 -69.26
CA PRO S 496 15.88 -7.73 -70.21
C PRO S 496 16.14 -6.40 -69.51
N THR S 497 16.37 -5.32 -70.28
CA THR S 497 16.60 -3.96 -69.73
C THR S 497 15.87 -2.95 -70.62
N GLY S 498 15.49 -1.79 -70.07
CA GLY S 498 14.85 -0.72 -70.85
C GLY S 498 13.35 -0.96 -70.98
N VAL S 499 12.72 -0.65 -72.12
CA VAL S 499 11.29 -0.99 -72.33
C VAL S 499 11.10 -2.49 -72.24
N LYS S 500 12.05 -3.28 -72.74
CA LYS S 500 11.87 -4.75 -72.82
C LYS S 500 11.63 -5.28 -71.43
N LEU S 501 12.38 -4.80 -70.47
CA LEU S 501 12.23 -5.25 -69.08
C LEU S 501 10.84 -4.86 -68.62
N LEU S 502 10.40 -3.65 -68.93
CA LEU S 502 9.11 -3.15 -68.41
C LEU S 502 8.04 -4.09 -68.96
N SER S 503 8.16 -4.43 -70.24
CA SER S 503 7.20 -5.34 -70.90
C SER S 503 7.37 -6.76 -70.36
N TYR S 504 8.59 -7.23 -70.15
CA TYR S 504 8.81 -8.64 -69.74
C TYR S 504 7.99 -8.80 -68.49
N LEU S 505 8.07 -7.78 -67.66
CA LEU S 505 7.34 -7.81 -66.38
C LEU S 505 5.84 -7.82 -66.62
N TYR S 506 5.34 -6.99 -67.51
CA TYR S 506 3.87 -6.86 -67.63
C TYR S 506 3.33 -8.20 -68.06
N GLN S 507 3.99 -8.85 -68.98
CA GLN S 507 3.46 -10.12 -69.49
C GLN S 507 3.42 -11.08 -68.31
N GLU S 508 4.53 -11.22 -67.58
CA GLU S 508 4.61 -12.11 -66.39
C GLU S 508 3.51 -11.69 -65.43
N ALA S 509 3.08 -10.43 -65.44
CA ALA S 509 2.01 -9.95 -64.55
C ALA S 509 0.72 -10.69 -64.89
N LEU S 510 0.34 -10.70 -66.16
CA LEU S 510 -0.91 -11.36 -66.62
C LEU S 510 -0.83 -12.85 -66.33
N HIS S 511 0.33 -13.48 -66.54
CA HIS S 511 0.50 -14.95 -66.40
C HIS S 511 0.19 -15.42 -64.99
N ASN S 512 0.60 -14.68 -63.95
CA ASN S 512 0.44 -15.08 -62.53
C ASN S 512 -0.62 -14.20 -61.87
N CYS S 513 -1.51 -13.56 -62.63
CA CYS S 513 -2.47 -12.55 -62.08
C CYS S 513 -3.36 -13.16 -60.98
N SER S 514 -3.89 -14.36 -61.16
CA SER S 514 -4.81 -15.02 -60.19
C SER S 514 -4.02 -15.66 -59.05
N ASN S 515 -2.72 -15.92 -59.22
CA ASN S 515 -1.88 -16.63 -58.21
C ASN S 515 -1.63 -15.78 -56.96
N GLU S 516 -1.30 -16.40 -55.83
CA GLU S 516 -1.02 -15.70 -54.53
C GLU S 516 0.17 -14.75 -54.66
N HIS S 517 1.15 -15.02 -55.51
CA HIS S 517 2.39 -14.23 -55.67
C HIS S 517 2.15 -12.90 -56.42
N TYR S 518 0.96 -12.66 -56.99
CA TYR S 518 0.67 -11.46 -57.82
C TYR S 518 0.88 -10.11 -57.13
N PRO S 519 0.57 -9.86 -55.85
CA PRO S 519 0.70 -8.51 -55.30
C PRO S 519 2.15 -8.02 -55.36
N VAL S 520 3.13 -8.90 -55.12
CA VAL S 520 4.58 -8.54 -55.14
C VAL S 520 4.88 -7.85 -56.49
N LEU S 521 4.33 -8.32 -57.60
CA LEU S 521 4.63 -7.84 -58.96
C LEU S 521 4.02 -6.47 -59.15
N LEU S 522 2.81 -6.29 -58.68
CA LEU S 522 2.11 -5.02 -58.95
C LEU S 522 3.01 -3.96 -58.36
N SER S 523 3.54 -4.21 -57.18
CA SER S 523 4.36 -3.20 -56.48
C SER S 523 5.58 -2.89 -57.32
N LEU S 524 6.29 -3.93 -57.74
CA LEU S 524 7.55 -3.64 -58.45
C LEU S 524 7.16 -2.79 -59.64
N LEU S 525 6.10 -3.19 -60.31
CA LEU S 525 5.77 -2.48 -61.55
C LEU S 525 5.43 -1.03 -61.29
N LYS S 526 4.68 -0.76 -60.23
CA LYS S 526 4.20 0.64 -60.09
C LYS S 526 5.42 1.52 -60.04
N THR S 527 6.36 1.15 -59.21
CA THR S 527 7.55 2.01 -59.06
C THR S 527 8.31 1.98 -60.37
N SER S 528 8.39 0.81 -60.94
CA SER S 528 9.26 0.71 -62.13
C SER S 528 8.73 1.68 -63.18
N CYS S 529 7.42 1.81 -63.27
CA CYS S 529 6.84 2.61 -64.37
C CYS S 529 7.12 4.11 -64.20
N GLU S 530 7.56 4.52 -63.02
CA GLU S 530 7.66 5.98 -62.78
C GLU S 530 8.56 6.69 -63.79
N PRO S 531 9.75 6.21 -64.13
CA PRO S 531 10.60 7.00 -64.99
C PRO S 531 9.88 7.32 -66.30
N TYR S 532 9.21 6.32 -66.86
CA TYR S 532 8.63 6.58 -68.20
C TYR S 532 7.65 7.70 -68.09
N THR S 533 6.91 7.71 -67.00
CA THR S 533 5.88 8.76 -66.94
C THR S 533 6.60 10.10 -66.98
N ARG S 534 7.70 10.22 -66.26
CA ARG S 534 8.33 11.54 -66.24
C ARG S 534 8.77 11.83 -67.66
N PHE S 535 9.29 10.80 -68.32
CA PHE S 535 9.82 11.06 -69.68
C PHE S 535 8.65 11.57 -70.47
N ILE S 536 7.52 10.92 -70.24
CA ILE S 536 6.33 11.30 -71.02
C ILE S 536 6.04 12.75 -70.66
N HIS S 537 6.06 13.08 -69.38
CA HIS S 537 5.64 14.44 -69.02
C HIS S 537 6.58 15.44 -69.71
N ASP S 538 7.87 15.12 -69.66
CA ASP S 538 8.89 16.04 -70.22
C ASP S 538 8.71 16.18 -71.73
N TRP S 539 8.35 15.09 -72.38
CA TRP S 539 8.10 15.19 -73.83
C TRP S 539 6.61 15.37 -74.09
N VAL S 540 5.86 15.66 -73.04
CA VAL S 540 4.42 15.94 -73.28
C VAL S 540 4.14 17.40 -72.96
N TYR S 541 3.93 17.74 -71.70
CA TYR S 541 3.52 19.14 -71.42
C TYR S 541 4.66 20.00 -71.95
N SER S 542 5.88 19.49 -71.79
CA SER S 542 7.04 20.20 -72.34
C SER S 542 7.47 19.51 -73.62
N GLY S 543 8.23 20.21 -74.46
CA GLY S 543 8.75 19.54 -75.64
C GLY S 543 10.17 19.10 -75.39
N VAL S 544 10.67 19.26 -74.17
CA VAL S 544 12.11 18.95 -73.92
C VAL S 544 12.42 17.49 -74.25
N PHE S 545 13.47 17.25 -75.02
CA PHE S 545 13.93 15.89 -75.37
C PHE S 545 15.11 15.48 -74.49
N ARG S 546 14.94 14.59 -73.50
CA ARG S 546 16.02 14.29 -72.53
C ARG S 546 16.19 12.78 -72.36
N ASP S 547 17.41 12.25 -72.51
CA ASP S 547 17.70 10.80 -72.30
C ASP S 547 19.20 10.60 -72.18
N ALA S 548 19.65 9.48 -71.60
CA ALA S 548 21.07 9.12 -71.41
C ALA S 548 21.38 7.88 -72.24
N TYR S 549 20.75 6.74 -71.93
CA TYR S 549 21.03 5.45 -72.61
C TYR S 549 20.06 5.22 -73.77
N GLY S 550 19.13 6.15 -74.01
CA GLY S 550 18.17 6.03 -75.12
C GLY S 550 17.28 4.80 -74.97
N GLU S 551 16.89 4.41 -73.74
CA GLU S 551 15.97 3.27 -73.52
C GLU S 551 14.56 3.75 -73.90
N PHE S 552 14.27 5.04 -73.79
CA PHE S 552 12.97 5.60 -74.22
C PHE S 552 12.85 5.36 -75.72
N MET S 553 11.70 4.91 -76.20
CA MET S 553 11.51 4.53 -77.62
C MET S 553 11.70 5.74 -78.54
N ILE S 554 11.13 6.89 -78.21
CA ILE S 554 11.19 8.07 -79.12
C ILE S 554 12.69 8.35 -79.30
N GLN S 555 13.15 8.74 -80.49
CA GLN S 555 14.58 9.05 -80.73
C GLN S 555 14.68 10.37 -81.49
N VAL S 556 15.78 11.10 -81.31
CA VAL S 556 16.01 12.42 -81.99
C VAL S 556 17.33 12.33 -82.75
N ASN S 557 17.44 13.00 -83.90
CA ASN S 557 18.67 13.02 -84.71
C ASN S 557 19.13 14.46 -84.94
N HIS S 558 20.26 14.65 -85.62
CA HIS S 558 20.84 15.98 -85.92
C HIS S 558 20.24 16.54 -87.20
N GLU S 559 19.41 15.78 -87.91
CA GLU S 559 18.69 16.30 -89.10
C GLU S 559 17.77 17.41 -88.61
N TYR S 560 17.19 17.29 -87.43
CA TYR S 560 16.31 18.33 -86.85
C TYR S 560 17.12 19.62 -86.74
N LEU S 561 18.40 19.50 -86.41
CA LEU S 561 19.29 20.67 -86.29
C LEU S 561 19.41 21.31 -87.68
N SER S 562 19.16 20.59 -88.78
CA SER S 562 19.11 21.21 -90.12
C SER S 562 18.01 22.24 -90.06
N PHE S 563 16.95 21.95 -89.30
CA PHE S 563 15.85 22.91 -89.07
C PHE S 563 15.22 23.23 -90.42
N ARG S 564 14.61 22.24 -91.10
CA ARG S 564 13.92 22.43 -92.41
C ARG S 564 12.84 21.37 -92.55
N ASP S 565 11.85 21.53 -93.44
CA ASP S 565 10.70 20.59 -93.54
C ASP S 565 11.18 19.19 -93.93
N LYS S 566 12.06 19.06 -94.92
CA LYS S 566 12.51 17.73 -95.42
C LYS S 566 13.28 17.02 -94.31
N LEU S 567 14.18 17.71 -93.63
CA LEU S 567 15.01 17.12 -92.55
C LEU S 567 14.18 17.00 -91.28
N TYR S 568 13.13 17.81 -91.12
CA TYR S 568 12.20 17.69 -89.96
C TYR S 568 11.55 16.31 -90.06
N TRP S 569 11.14 15.88 -91.26
CA TRP S 569 10.60 14.51 -91.49
C TRP S 569 11.71 13.47 -91.39
N THR S 570 12.91 13.76 -91.91
CA THR S 570 14.05 12.79 -91.89
C THR S 570 14.35 12.47 -90.43
N HIS S 571 14.27 13.47 -89.54
CA HIS S 571 14.35 13.25 -88.07
C HIS S 571 12.98 12.66 -87.72
N GLY S 572 12.91 11.59 -86.94
CA GLY S 572 11.63 10.95 -86.62
C GLY S 572 11.55 10.52 -85.20
N TYR S 573 11.13 9.27 -84.98
CA TYR S 573 11.06 8.65 -83.65
C TYR S 573 11.19 7.17 -83.98
N VAL S 574 11.40 6.28 -83.02
CA VAL S 574 11.46 4.84 -83.39
C VAL S 574 10.03 4.47 -83.74
N LEU S 575 9.80 3.29 -84.29
CA LEU S 575 8.46 2.91 -84.77
C LEU S 575 7.51 2.93 -83.58
N ILE S 576 6.20 2.92 -83.84
CA ILE S 576 5.17 2.90 -82.76
C ILE S 576 5.66 1.82 -81.81
N SER S 577 6.19 0.72 -82.34
CA SER S 577 6.79 -0.38 -81.55
C SER S 577 8.30 -0.21 -81.55
N LYS S 578 9.00 -0.38 -80.42
CA LYS S 578 10.48 -0.34 -80.47
C LYS S 578 10.85 -1.51 -81.37
N GLU S 579 11.45 -1.27 -82.54
CA GLU S 579 11.66 -2.36 -83.52
C GLU S 579 10.26 -2.96 -83.71
N VAL S 580 10.04 -4.23 -83.39
CA VAL S 580 8.67 -4.83 -83.40
C VAL S 580 8.26 -5.05 -81.93
N GLU S 581 9.12 -4.70 -80.99
CA GLU S 581 8.82 -4.82 -79.54
C GLU S 581 8.01 -3.61 -79.09
N ASP S 582 6.70 -3.57 -79.35
CA ASP S 582 5.81 -2.48 -78.86
C ASP S 582 5.45 -2.76 -77.41
N CYS S 583 5.39 -1.72 -76.58
CA CYS S 583 4.96 -1.88 -75.18
C CYS S 583 3.45 -1.69 -75.19
N VAL S 584 2.68 -2.77 -75.28
CA VAL S 584 1.20 -2.65 -75.13
C VAL S 584 0.96 -2.19 -73.67
N PRO S 585 1.70 -2.63 -72.63
CA PRO S 585 1.48 -2.12 -71.27
C PRO S 585 1.41 -0.59 -71.11
N VAL S 586 2.30 0.17 -71.75
CA VAL S 586 2.37 1.65 -71.57
C VAL S 586 1.75 2.36 -72.77
N PHE S 587 2.21 2.06 -73.98
CA PHE S 587 1.68 2.69 -75.22
C PHE S 587 0.30 2.15 -75.56
N LEU S 588 0.05 0.85 -75.36
CA LEU S 588 -1.21 0.18 -75.79
C LEU S 588 -1.18 0.31 -77.31
N LYS S 589 -0.08 0.84 -77.85
CA LYS S 589 0.04 1.12 -79.28
C LYS S 589 -0.88 2.29 -79.59
N HIS S 590 -1.64 2.79 -78.62
CA HIS S 590 -2.64 3.85 -78.87
C HIS S 590 -1.92 5.17 -78.81
N ILE S 591 -1.17 5.36 -77.73
CA ILE S 591 -0.42 6.62 -77.52
C ILE S 591 0.96 6.39 -78.09
N ALA S 592 1.18 5.24 -78.70
CA ALA S 592 2.48 5.07 -79.35
C ALA S 592 2.57 6.19 -80.36
N HIS S 593 1.50 6.42 -81.11
CA HIS S 593 1.51 7.45 -82.18
C HIS S 593 1.16 8.82 -81.63
N ASP S 594 0.24 8.92 -80.67
CA ASP S 594 -0.22 10.25 -80.20
C ASP S 594 0.91 10.94 -79.49
N ILE S 595 1.61 10.23 -78.63
CA ILE S 595 2.74 10.82 -77.85
C ILE S 595 3.69 11.38 -78.88
N TYR S 596 4.06 10.57 -79.88
CA TYR S 596 5.02 11.01 -80.93
C TYR S 596 4.53 12.33 -81.52
N VAL S 597 3.23 12.45 -81.84
CA VAL S 597 2.72 13.66 -82.54
C VAL S 597 2.85 14.87 -81.62
N CYS S 598 2.29 14.85 -80.41
CA CYS S 598 2.23 16.01 -79.50
C CYS S 598 3.65 16.51 -79.28
N GLY S 599 4.60 15.59 -79.15
CA GLY S 599 5.98 16.00 -78.86
C GLY S 599 6.48 16.87 -79.97
N LYS S 600 6.26 16.51 -81.24
CA LYS S 600 6.81 17.24 -82.42
C LYS S 600 6.08 18.57 -82.66
N THR S 601 4.81 18.72 -82.27
CA THR S 601 3.99 19.91 -82.52
C THR S 601 4.33 20.98 -81.50
N ILE S 602 4.47 20.61 -80.23
CA ILE S 602 4.73 21.61 -79.17
C ILE S 602 6.12 22.13 -79.46
N ASN S 603 7.05 21.22 -79.79
CA ASN S 603 8.47 21.54 -80.09
C ASN S 603 8.53 22.45 -81.32
N LEU S 604 7.59 22.33 -82.27
CA LEU S 604 7.55 23.15 -83.50
C LEU S 604 7.00 24.55 -83.22
N LEU S 605 5.87 24.64 -82.53
CA LEU S 605 5.22 25.94 -82.26
C LEU S 605 6.16 26.72 -81.37
N LYS S 606 6.56 26.10 -80.25
CA LYS S 606 7.51 26.68 -79.28
C LYS S 606 8.80 27.04 -80.04
N LEU S 607 9.26 26.15 -80.94
CA LEU S 607 10.51 26.39 -81.68
C LEU S 607 10.30 27.70 -82.43
N CYS S 608 9.16 27.82 -83.10
CA CYS S 608 8.86 29.02 -83.90
C CYS S 608 8.87 30.21 -82.97
N CYS S 609 8.06 30.28 -81.91
CA CYS S 609 8.17 31.43 -80.98
C CYS S 609 7.18 31.28 -79.82
N PRO S 610 7.46 31.86 -78.63
CA PRO S 610 6.52 31.80 -77.53
C PRO S 610 5.21 32.44 -78.02
N ARG S 611 4.09 31.73 -77.91
CA ARG S 611 2.76 32.24 -78.31
C ARG S 611 2.00 32.46 -77.00
N HIS S 612 1.13 33.46 -76.90
CA HIS S 612 0.50 33.83 -75.60
C HIS S 612 -0.14 32.60 -74.96
N TYR S 613 -0.85 31.76 -75.72
CA TYR S 613 -1.59 30.61 -75.16
C TYR S 613 -0.65 29.62 -74.47
N LEU S 614 0.54 29.35 -75.02
CA LEU S 614 1.51 28.38 -74.44
C LEU S 614 2.78 29.11 -73.99
N CYS S 615 3.49 29.80 -74.88
CA CYS S 615 4.70 30.61 -74.54
C CYS S 615 5.65 29.77 -73.67
N TRP S 616 6.06 28.52 -74.08
CA TRP S 616 6.93 27.54 -73.35
C TRP S 616 6.21 27.16 -72.05
N SER S 617 6.82 27.30 -70.88
CA SER S 617 6.18 26.98 -69.57
C SER S 617 5.41 28.20 -69.03
N ASP S 618 4.70 28.95 -69.88
CA ASP S 618 3.82 30.06 -69.41
C ASP S 618 2.43 29.46 -69.14
N VAL S 619 2.19 28.22 -69.61
CA VAL S 619 0.87 27.53 -69.45
C VAL S 619 0.61 27.41 -67.93
N PRO S 620 -0.57 27.80 -67.38
CA PRO S 620 -0.75 27.81 -65.92
C PRO S 620 -1.19 26.55 -65.16
N VAL S 621 -0.41 26.11 -64.16
CA VAL S 621 -0.71 24.92 -63.31
C VAL S 621 -1.27 23.75 -64.12
N PRO S 622 -0.56 23.19 -65.14
CA PRO S 622 -1.03 21.97 -65.81
C PRO S 622 -0.68 20.86 -64.80
N ARG S 623 -1.63 20.05 -64.35
CA ARG S 623 -1.29 19.05 -63.31
C ARG S 623 -0.31 18.07 -63.96
N ILE S 624 0.79 17.75 -63.29
CA ILE S 624 1.84 16.88 -63.88
C ILE S 624 1.19 15.52 -64.18
N SER S 625 0.33 15.01 -63.31
CA SER S 625 -0.44 13.78 -63.58
C SER S 625 0.52 12.65 -63.97
N VAL S 626 0.38 12.02 -65.14
CA VAL S 626 1.25 10.88 -65.57
C VAL S 626 1.50 9.97 -64.37
N GLU S 1415 -31.73 61.48 -100.89
CA GLU S 1415 -31.79 60.85 -102.24
C GLU S 1415 -32.27 59.40 -102.07
N GLN S 1416 -33.19 58.94 -102.92
CA GLN S 1416 -33.74 57.55 -102.84
C GLN S 1416 -32.61 56.56 -103.04
N ALA S 1417 -31.68 56.84 -103.95
CA ALA S 1417 -30.52 55.96 -104.20
C ALA S 1417 -29.68 55.85 -102.93
N TYR S 1418 -29.48 56.96 -102.20
CA TYR S 1418 -28.64 56.98 -100.97
C TYR S 1418 -29.29 56.20 -99.81
N LEU S 1419 -30.60 56.35 -99.58
CA LEU S 1419 -31.30 55.55 -98.53
C LEU S 1419 -31.34 54.09 -98.97
N ALA S 1420 -31.53 53.81 -100.26
CA ALA S 1420 -31.46 52.43 -100.81
C ALA S 1420 -30.01 51.98 -100.63
N GLY S 1421 -29.05 52.88 -100.82
CA GLY S 1421 -27.61 52.60 -100.64
C GLY S 1421 -27.33 52.22 -99.21
N LEU S 1422 -27.96 52.89 -98.24
CA LEU S 1422 -27.82 52.58 -96.79
C LEU S 1422 -28.39 51.18 -96.52
N ALA S 1423 -29.52 50.81 -97.12
CA ALA S 1423 -30.08 49.45 -96.97
C ALA S 1423 -29.04 48.47 -97.54
N GLY S 1424 -28.45 48.80 -98.68
CA GLY S 1424 -27.38 47.99 -99.29
C GLY S 1424 -26.13 47.98 -98.42
N GLN S 1425 -25.82 49.10 -97.76
CA GLN S 1425 -24.65 49.20 -96.85
C GLN S 1425 -24.85 48.23 -95.70
N TYR S 1426 -26.06 48.14 -95.16
CA TYR S 1426 -26.38 47.22 -94.04
C TYR S 1426 -26.25 45.78 -94.54
N HIS S 1427 -26.73 45.48 -95.76
CA HIS S 1427 -26.61 44.13 -96.37
C HIS S 1427 -25.13 43.81 -96.60
N LEU S 1428 -24.35 44.78 -97.08
CA LEU S 1428 -22.89 44.59 -97.28
C LEU S 1428 -22.25 44.41 -95.90
N GLU S 1429 -22.65 45.19 -94.89
CA GLU S 1429 -22.10 45.15 -93.50
C GLU S 1429 -22.51 43.86 -92.81
N ARG S 1430 -23.60 43.22 -93.24
CA ARG S 1430 -24.02 41.91 -92.68
C ARG S 1430 -22.88 40.92 -92.95
N TYR S 1431 -22.23 40.97 -94.11
CA TYR S 1431 -21.16 40.01 -94.47
C TYR S 1431 -20.00 40.12 -93.47
N PRO S 1432 -19.45 41.30 -93.09
CA PRO S 1432 -18.45 41.41 -92.01
C PRO S 1432 -18.95 40.91 -90.66
N ASP S 1433 -20.23 41.14 -90.32
CA ASP S 1433 -20.82 40.61 -89.07
C ASP S 1433 -20.74 39.08 -89.12
N SER S 1434 -21.05 38.48 -90.27
CA SER S 1434 -20.90 37.01 -90.49
C SER S 1434 -19.41 36.67 -90.48
N TYR S 1435 -18.55 37.55 -91.02
CA TYR S 1435 -17.08 37.36 -91.10
C TYR S 1435 -16.44 37.54 -89.72
N GLU S 1436 -17.13 38.12 -88.73
CA GLU S 1436 -16.58 38.21 -87.35
C GLU S 1436 -16.42 36.77 -86.86
N SER S 1437 -17.34 35.86 -87.19
CA SER S 1437 -17.31 34.42 -86.82
C SER S 1437 -16.07 33.78 -87.44
N MET S 1438 -15.69 34.16 -88.66
CA MET S 1438 -14.47 33.64 -89.31
C MET S 1438 -13.25 34.11 -88.50
N SER S 1439 -13.29 35.35 -87.99
CA SER S 1439 -12.17 35.96 -87.23
C SER S 1439 -12.32 35.75 -85.72
N GLU S 1440 -13.34 35.02 -85.25
CA GLU S 1440 -13.56 34.73 -83.81
C GLU S 1440 -12.47 33.81 -83.19
N PRO S 1441 -11.93 32.77 -83.89
CA PRO S 1441 -11.02 31.81 -83.24
C PRO S 1441 -9.73 32.36 -82.59
N PRO S 1442 -8.96 33.31 -83.16
CA PRO S 1442 -7.73 33.78 -82.51
C PRO S 1442 -8.01 34.88 -81.48
N ILE S 1443 -8.85 34.59 -80.49
CA ILE S 1443 -9.17 35.54 -79.39
C ILE S 1443 -7.91 35.77 -78.56
N ALA S 1444 -7.11 34.74 -78.25
CA ALA S 1444 -5.83 34.82 -77.50
C ALA S 1444 -6.06 35.13 -76.00
N HIS S 1445 -6.75 36.22 -75.67
CA HIS S 1445 -7.02 36.64 -74.26
C HIS S 1445 -7.98 35.69 -73.57
N LEU S 1446 -8.95 35.12 -74.29
CA LEU S 1446 -9.93 34.15 -73.73
C LEU S 1446 -9.33 32.74 -73.79
N LEU S 1447 -8.35 32.51 -74.66
CA LEU S 1447 -7.73 31.18 -74.79
C LEU S 1447 -7.11 30.86 -73.44
N ARG S 1448 -6.52 31.86 -72.78
CA ARG S 1448 -5.83 31.58 -71.51
C ARG S 1448 -6.85 31.06 -70.49
N PRO S 1449 -8.02 31.69 -70.24
CA PRO S 1449 -8.93 31.22 -69.19
C PRO S 1449 -9.33 29.76 -69.33
N VAL S 1450 -9.44 29.27 -70.54
CA VAL S 1450 -9.86 27.88 -70.79
C VAL S 1450 -8.83 27.01 -70.12
N LEU S 1451 -7.54 27.35 -70.22
CA LEU S 1451 -6.48 26.44 -69.73
C LEU S 1451 -6.52 26.18 -68.22
N PRO S 1452 -6.62 27.17 -67.31
CA PRO S 1452 -6.59 26.85 -65.89
C PRO S 1452 -7.82 25.98 -65.64
N ARG S 1453 -8.96 26.42 -66.15
CA ARG S 1453 -10.18 25.60 -66.03
C ARG S 1453 -9.88 24.24 -66.68
N ALA S 1454 -9.32 24.27 -67.89
CA ALA S 1454 -9.12 23.02 -68.65
C ALA S 1454 -8.30 21.98 -67.93
N PHE S 1455 -7.22 22.37 -67.24
CA PHE S 1455 -6.29 21.44 -66.53
C PHE S 1455 -6.81 21.21 -65.11
N ALA S 1456 -7.63 22.11 -64.56
CA ALA S 1456 -8.27 21.93 -63.25
C ALA S 1456 -9.29 20.83 -63.42
N PHE S 1457 -9.93 20.77 -64.58
CA PHE S 1457 -10.99 19.77 -64.82
C PHE S 1457 -10.40 18.39 -64.68
N PRO S 1458 -9.24 18.04 -65.27
CA PRO S 1458 -8.60 16.77 -65.03
C PRO S 1458 -8.29 16.55 -63.56
N VAL S 1459 -7.97 17.62 -62.85
CA VAL S 1459 -7.56 17.43 -61.44
C VAL S 1459 -8.73 16.70 -60.80
N ASP S 1460 -9.97 17.03 -61.18
CA ASP S 1460 -11.12 16.44 -60.48
C ASP S 1460 -11.11 14.92 -60.69
N PRO S 1461 -10.97 14.35 -61.90
CA PRO S 1461 -10.81 12.92 -62.02
C PRO S 1461 -9.56 12.49 -61.26
N GLN S 1462 -8.46 13.22 -61.38
CA GLN S 1462 -7.17 12.86 -60.75
C GLN S 1462 -7.36 12.83 -59.22
N VAL S 1463 -8.30 13.61 -58.69
CA VAL S 1463 -8.54 13.64 -57.22
C VAL S 1463 -9.20 12.33 -56.83
N GLN S 1464 -10.25 11.94 -57.53
CA GLN S 1464 -10.98 10.71 -57.17
C GLN S 1464 -10.11 9.52 -57.50
N SER S 1465 -9.37 9.56 -58.60
CA SER S 1465 -8.64 8.37 -59.08
C SER S 1465 -7.66 7.90 -58.04
N ALA S 1466 -6.93 8.79 -57.38
CA ALA S 1466 -5.88 8.38 -56.44
C ALA S 1466 -6.53 7.62 -55.28
N ALA S 1467 -7.59 8.19 -54.75
CA ALA S 1467 -8.29 7.57 -53.61
C ALA S 1467 -8.86 6.25 -54.09
N ASP S 1468 -9.51 6.28 -55.24
CA ASP S 1468 -10.17 5.07 -55.78
C ASP S 1468 -9.06 4.10 -56.16
N GLU S 1469 -7.87 4.59 -56.48
CA GLU S 1469 -6.73 3.69 -56.79
C GLU S 1469 -6.47 2.92 -55.51
N THR S 1470 -6.60 3.56 -54.35
CA THR S 1470 -6.43 2.85 -53.05
C THR S 1470 -7.53 1.80 -52.94
N ALA S 1471 -8.79 2.12 -53.29
CA ALA S 1471 -9.92 1.17 -53.24
C ALA S 1471 -9.72 0.04 -54.25
N VAL S 1472 -9.25 0.35 -55.46
CA VAL S 1472 -9.02 -0.66 -56.54
C VAL S 1472 -7.87 -1.54 -56.08
N GLN S 1473 -6.83 -0.91 -55.55
CA GLN S 1473 -5.67 -1.65 -55.01
C GLN S 1473 -6.21 -2.50 -53.88
N LEU S 1474 -7.07 -1.98 -53.00
CA LEU S 1474 -7.56 -2.74 -51.82
C LEU S 1474 -8.41 -3.91 -52.29
N SER S 1475 -9.17 -3.75 -53.37
CA SER S 1475 -10.13 -4.78 -53.81
C SER S 1475 -9.43 -5.87 -54.62
N GLU S 1476 -9.20 -7.05 -54.04
CA GLU S 1476 -8.65 -8.23 -54.78
C GLU S 1476 -7.36 -7.85 -55.49
N LEU S 1477 -6.50 -7.01 -54.91
CA LEU S 1477 -5.25 -6.51 -55.54
C LEU S 1477 -5.66 -5.55 -56.67
N LEU S 1478 -6.45 -5.98 -57.67
CA LEU S 1478 -7.08 -5.08 -58.67
C LEU S 1478 -8.51 -5.60 -58.87
N THR S 1479 -9.53 -4.82 -58.50
CA THR S 1479 -10.94 -5.23 -58.74
C THR S 1479 -11.14 -5.41 -60.24
N LEU S 1480 -10.54 -4.55 -61.06
CA LEU S 1480 -10.69 -4.56 -62.55
C LEU S 1480 -9.55 -5.39 -63.15
N PRO S 1481 -9.50 -5.75 -64.46
CA PRO S 1481 -8.34 -6.48 -64.99
C PRO S 1481 -7.04 -5.67 -64.87
N VAL S 1482 -5.88 -6.32 -64.99
CA VAL S 1482 -4.56 -5.61 -64.90
C VAL S 1482 -4.52 -4.55 -65.99
N LEU S 1483 -5.13 -4.81 -67.16
CA LEU S 1483 -5.13 -3.90 -68.33
C LEU S 1483 -5.83 -2.57 -68.00
N MET S 1484 -6.69 -2.55 -66.98
CA MET S 1484 -7.47 -1.34 -66.58
C MET S 1484 -6.52 -0.19 -66.21
N LYS S 1485 -5.24 -0.44 -65.90
CA LYS S 1485 -4.25 0.61 -65.48
C LYS S 1485 -4.17 1.70 -66.57
N ARG S 1486 -4.65 1.43 -67.78
CA ARG S 1486 -4.73 2.44 -68.87
C ARG S 1486 -5.55 3.66 -68.42
N SER S 1487 -6.45 3.52 -67.45
CA SER S 1487 -7.25 4.64 -66.91
C SER S 1487 -6.34 5.71 -66.30
N ILE S 1488 -5.26 5.31 -65.62
CA ILE S 1488 -4.33 6.25 -64.94
C ILE S 1488 -3.64 7.15 -65.99
N THR S 1489 -3.29 6.66 -67.18
CA THR S 1489 -2.53 7.42 -68.22
C THR S 1489 -3.47 8.19 -69.14
N ALA S 1490 -4.76 8.06 -68.94
CA ALA S 1490 -5.75 8.70 -69.83
C ALA S 1490 -5.62 10.22 -69.87
N PRO S 1491 -5.24 10.95 -68.80
CA PRO S 1491 -5.26 12.41 -68.83
C PRO S 1491 -4.43 13.02 -69.94
N LEU S 1492 -3.48 12.26 -70.47
CA LEU S 1492 -2.57 12.77 -71.52
C LEU S 1492 -3.40 13.38 -72.62
N ALA S 1493 -4.55 12.79 -72.92
CA ALA S 1493 -5.38 13.24 -74.06
C ALA S 1493 -5.68 14.72 -73.91
N ALA S 1494 -5.86 15.16 -72.68
CA ALA S 1494 -6.24 16.54 -72.45
C ALA S 1494 -5.18 17.44 -73.08
N HIS S 1495 -3.91 17.16 -72.81
CA HIS S 1495 -2.83 18.01 -73.34
C HIS S 1495 -2.88 17.89 -74.84
N ILE S 1496 -3.18 16.70 -75.35
CA ILE S 1496 -3.16 16.46 -76.81
C ILE S 1496 -4.18 17.38 -77.47
N SER S 1497 -5.37 17.52 -76.92
CA SER S 1497 -6.45 18.33 -77.54
C SER S 1497 -5.99 19.76 -77.66
N LEU S 1498 -5.44 20.26 -76.58
CA LEU S 1498 -5.02 21.66 -76.55
C LEU S 1498 -3.95 21.83 -77.61
N VAL S 1499 -3.07 20.86 -77.74
CA VAL S 1499 -1.94 21.02 -78.69
C VAL S 1499 -2.51 21.15 -80.09
N ASN S 1500 -3.39 20.25 -80.48
CA ASN S 1500 -3.85 20.26 -81.89
C ASN S 1500 -4.58 21.56 -82.17
N LYS S 1501 -5.53 21.92 -81.31
CA LYS S 1501 -6.39 23.08 -81.61
C LYS S 1501 -5.46 24.28 -81.75
N ALA S 1502 -4.49 24.39 -80.86
CA ALA S 1502 -3.65 25.59 -80.89
C ALA S 1502 -2.97 25.64 -82.25
N ALA S 1503 -2.39 24.55 -82.68
CA ALA S 1503 -1.57 24.57 -83.89
C ALA S 1503 -2.41 25.10 -85.04
N VAL S 1504 -3.66 24.66 -85.07
CA VAL S 1504 -4.55 24.97 -86.21
C VAL S 1504 -4.66 26.48 -86.36
N ASP S 1505 -4.86 27.24 -85.29
CA ASP S 1505 -5.08 28.70 -85.37
C ASP S 1505 -3.81 29.35 -85.91
N TYR S 1506 -2.67 28.94 -85.39
CA TYR S 1506 -1.42 29.59 -85.83
C TYR S 1506 -1.34 29.25 -87.30
N PHE S 1507 -1.52 27.98 -87.64
CA PHE S 1507 -1.32 27.51 -89.03
C PHE S 1507 -2.35 28.19 -89.92
N PHE S 1508 -3.52 28.51 -89.40
CA PHE S 1508 -4.61 29.02 -90.26
C PHE S 1508 -4.76 30.51 -90.12
N VAL S 1509 -5.43 31.03 -89.10
CA VAL S 1509 -5.76 32.48 -89.01
C VAL S 1509 -4.48 33.30 -88.88
N GLU S 1510 -3.57 32.91 -88.00
CA GLU S 1510 -2.33 33.68 -87.79
C GLU S 1510 -1.60 33.73 -89.11
N LEU S 1511 -1.45 32.58 -89.79
CA LEU S 1511 -0.68 32.50 -91.04
C LEU S 1511 -1.58 32.67 -92.26
N HIS S 1512 -2.89 32.86 -92.09
CA HIS S 1512 -3.86 33.08 -93.21
C HIS S 1512 -3.58 32.06 -94.31
N LEU S 1513 -3.53 30.77 -93.99
CA LEU S 1513 -3.15 29.70 -94.97
C LEU S 1513 -4.14 29.61 -96.12
N GLU S 1514 -5.44 29.68 -95.83
CA GLU S 1514 -6.48 29.52 -96.87
C GLU S 1514 -6.16 30.47 -98.01
N ALA S 1515 -5.69 31.67 -97.70
CA ALA S 1515 -5.40 32.69 -98.72
C ALA S 1515 -4.30 32.14 -99.64
N HIS S 1516 -3.30 31.45 -99.09
CA HIS S 1516 -2.20 30.87 -99.89
C HIS S 1516 -2.79 29.82 -100.83
N TYR S 1517 -3.66 28.95 -100.33
CA TYR S 1517 -4.34 27.96 -101.20
C TYR S 1517 -5.17 28.72 -102.22
N GLU S 1518 -5.87 29.77 -101.79
CA GLU S 1518 -6.82 30.53 -102.65
C GLU S 1518 -6.06 31.17 -103.81
N ALA S 1519 -4.92 31.79 -103.54
CA ALA S 1519 -4.08 32.42 -104.58
C ALA S 1519 -3.48 31.34 -105.49
N LEU S 1520 -3.02 30.22 -104.90
CA LEU S 1520 -2.36 29.16 -105.70
C LEU S 1520 -3.41 28.67 -106.67
N ARG S 1521 -4.63 28.49 -106.20
CA ARG S 1521 -5.74 28.10 -107.09
C ARG S 1521 -5.91 29.22 -108.11
N HIS S 1522 -5.93 30.47 -107.68
CA HIS S 1522 -6.20 31.59 -108.60
C HIS S 1522 -5.17 31.66 -109.72
N PHE S 1523 -3.88 31.55 -109.43
CA PHE S 1523 -2.83 31.78 -110.43
C PHE S 1523 -2.28 30.48 -111.02
N LEU S 1524 -2.07 29.47 -110.21
CA LEU S 1524 -1.45 28.20 -110.70
C LEU S 1524 -2.50 27.34 -111.38
N LEU S 1525 -3.72 27.30 -110.86
CA LEU S 1525 -4.84 26.55 -111.50
C LEU S 1525 -5.64 27.52 -112.37
N MET S 1526 -5.23 28.78 -112.43
CA MET S 1526 -5.84 29.76 -113.36
C MET S 1526 -7.34 29.91 -113.09
N GLU S 1527 -7.74 30.05 -111.84
CA GLU S 1527 -9.18 30.29 -111.54
C GLU S 1527 -9.55 31.71 -111.96
N ASP S 1528 -8.76 32.71 -111.58
CA ASP S 1528 -9.03 34.11 -111.95
C ASP S 1528 -9.05 34.14 -113.47
N GLY S 1529 -10.15 34.59 -114.08
CA GLY S 1529 -10.28 34.56 -115.54
C GLY S 1529 -9.34 35.50 -116.25
N GLU S 1530 -9.20 36.74 -115.79
CA GLU S 1530 -8.40 37.73 -116.52
C GLU S 1530 -6.93 37.34 -116.54
N PHE S 1531 -6.37 36.92 -115.41
CA PHE S 1531 -4.92 36.63 -115.32
C PHE S 1531 -4.54 35.50 -116.28
N ALA S 1532 -5.38 34.48 -116.36
CA ALA S 1532 -5.09 33.29 -117.18
C ALA S 1532 -5.04 33.67 -118.66
N GLN S 1533 -5.92 34.53 -119.12
CA GLN S 1533 -6.02 34.81 -120.58
C GLN S 1533 -4.84 35.64 -121.03
N SER S 1534 -4.30 36.53 -120.21
CA SER S 1534 -3.26 37.51 -120.60
C SER S 1534 -1.89 36.85 -120.60
N LEU S 1535 -1.55 36.09 -119.56
CA LEU S 1535 -0.19 35.49 -119.46
C LEU S 1535 -0.05 34.59 -120.67
N SER S 1536 -1.07 33.80 -120.93
CA SER S 1536 -1.09 32.89 -122.09
C SER S 1536 -1.12 33.72 -123.38
N ASP S 1537 -1.82 34.86 -123.44
CA ASP S 1537 -2.04 35.64 -124.69
C ASP S 1537 -0.73 36.21 -125.28
N LEU S 1538 0.05 37.01 -124.56
CA LEU S 1538 1.33 37.60 -125.01
C LEU S 1538 2.23 36.48 -125.48
N LEU S 1539 2.33 35.42 -124.71
CA LEU S 1539 3.25 34.32 -125.02
C LEU S 1539 2.82 33.72 -126.34
N PHE S 1540 1.53 33.56 -126.53
CA PHE S 1540 1.01 32.87 -127.73
C PHE S 1540 1.38 33.68 -128.96
N GLU S 1541 1.26 35.00 -128.89
CA GLU S 1541 1.51 35.80 -130.10
C GLU S 1541 2.95 35.52 -130.49
N LYS S 1542 3.85 35.55 -129.51
CA LYS S 1542 5.30 35.34 -129.78
C LYS S 1542 5.55 33.91 -130.23
N LEU S 1543 4.98 32.94 -129.54
CA LEU S 1543 5.27 31.51 -129.81
C LEU S 1543 4.90 31.18 -131.24
N GLY S 1544 3.70 31.56 -131.66
CA GLY S 1544 3.28 31.33 -133.04
C GLY S 1544 4.04 32.21 -134.00
N ALA S 1545 4.25 33.48 -133.65
CA ALA S 1545 4.83 34.46 -134.58
C ALA S 1545 6.24 34.07 -135.00
N GLY S 1546 7.08 33.62 -134.08
CA GLY S 1546 8.49 33.36 -134.39
C GLY S 1546 9.30 33.34 -133.12
N GLN S 1547 10.61 33.60 -133.19
CA GLN S 1547 11.49 33.52 -132.00
C GLN S 1547 11.44 32.05 -131.62
N THR S 1548 10.99 31.20 -132.53
CA THR S 1548 10.75 29.80 -132.20
C THR S 1548 11.97 29.11 -131.61
N PRO S 1549 13.23 29.40 -131.99
CA PRO S 1549 14.35 28.74 -131.33
C PRO S 1549 14.60 29.25 -129.90
N GLY S 1550 13.63 29.10 -129.01
CA GLY S 1550 13.83 29.46 -127.61
C GLY S 1550 14.24 30.91 -127.47
N GLU S 1551 13.84 31.75 -128.41
CA GLU S 1551 14.11 33.21 -128.31
C GLU S 1551 12.97 33.78 -127.48
N LEU S 1552 11.93 32.99 -127.26
CA LEU S 1552 10.80 33.37 -126.38
C LEU S 1552 11.15 32.93 -124.96
N LEU S 1553 12.27 32.22 -124.78
CA LEU S 1553 12.73 31.71 -123.46
C LEU S 1553 13.76 32.67 -122.88
N ASN S 1554 13.88 33.86 -123.47
CA ASN S 1554 14.81 34.85 -122.89
C ASN S 1554 14.33 35.03 -121.46
N PRO S 1555 15.16 34.86 -120.41
CA PRO S 1555 14.67 35.07 -119.08
C PRO S 1555 13.99 36.44 -119.03
N LEU S 1556 14.46 37.44 -119.76
CA LEU S 1556 13.88 38.79 -119.68
C LEU S 1556 12.44 38.78 -120.19
N VAL S 1557 12.16 38.15 -121.33
CA VAL S 1557 10.79 38.22 -121.88
C VAL S 1557 9.89 37.51 -120.90
N LEU S 1558 10.37 36.39 -120.36
CA LEU S 1558 9.52 35.56 -119.51
C LEU S 1558 9.12 36.39 -118.31
N ASN S 1559 10.10 37.05 -117.70
CA ASN S 1559 9.82 37.84 -116.47
C ASN S 1559 8.93 38.99 -116.89
N SER S 1560 9.22 39.60 -118.03
CA SER S 1560 8.49 40.80 -118.45
C SER S 1560 7.02 40.43 -118.59
N VAL S 1561 6.73 39.33 -119.25
CA VAL S 1561 5.32 38.96 -119.51
C VAL S 1561 4.69 38.66 -118.16
N LEU S 1562 5.41 37.97 -117.28
CA LEU S 1562 4.79 37.54 -116.02
C LEU S 1562 4.35 38.77 -115.26
N SER S 1563 5.24 39.73 -115.12
CA SER S 1563 4.93 40.92 -114.30
C SER S 1563 3.76 41.57 -115.01
N LYS S 1564 3.81 41.60 -116.35
CA LYS S 1564 2.76 42.29 -117.13
C LYS S 1564 1.44 41.59 -116.84
N ALA S 1565 1.46 40.25 -116.83
CA ALA S 1565 0.23 39.47 -116.63
C ALA S 1565 -0.31 39.74 -115.24
N LEU S 1566 0.58 39.70 -114.24
CA LEU S 1566 0.14 39.86 -112.84
C LEU S 1566 -0.47 41.24 -112.68
N GLN S 1567 0.18 42.27 -113.23
CA GLN S 1567 -0.27 43.67 -113.07
C GLN S 1567 -1.61 43.86 -113.75
N CYS S 1568 -1.77 43.29 -114.94
CA CYS S 1568 -2.96 43.57 -115.77
C CYS S 1568 -4.14 42.68 -115.42
N SER S 1569 -4.02 41.76 -114.46
CA SER S 1569 -5.08 40.78 -114.14
C SER S 1569 -6.30 41.53 -113.63
N LEU S 1570 -6.13 42.54 -112.78
CA LEU S 1570 -7.21 43.38 -112.18
C LEU S 1570 -7.99 42.69 -111.05
N HIS S 1571 -7.77 41.42 -110.76
CA HIS S 1571 -8.36 40.75 -109.58
C HIS S 1571 -7.66 41.38 -108.39
N GLY S 1572 -6.42 41.80 -108.60
CA GLY S 1572 -5.70 42.58 -107.56
C GLY S 1572 -4.18 42.49 -107.46
N ASP S 1573 -3.55 43.50 -106.84
CA ASP S 1573 -2.08 43.50 -106.54
C ASP S 1573 -1.97 43.27 -105.03
N THR S 1574 -1.32 42.19 -104.56
CA THR S 1574 -1.35 41.80 -103.13
C THR S 1574 -0.02 41.28 -102.60
N PRO S 1575 0.19 41.24 -101.27
CA PRO S 1575 1.39 40.60 -100.72
C PRO S 1575 1.38 39.16 -101.26
N HIS S 1576 0.24 38.54 -101.55
CA HIS S 1576 -0.02 37.16 -102.04
C HIS S 1576 0.58 36.99 -103.42
N ALA S 1577 0.55 38.04 -104.25
CA ALA S 1577 1.08 37.98 -105.64
C ALA S 1577 2.58 37.70 -105.58
N SER S 1578 3.22 37.96 -104.44
CA SER S 1578 4.65 37.67 -104.25
C SER S 1578 4.83 36.16 -104.28
N ASN S 1579 6.03 35.68 -104.63
CA ASN S 1579 6.36 34.24 -104.69
C ASN S 1579 5.87 33.71 -106.03
N LEU S 1580 5.30 34.56 -106.85
CA LEU S 1580 4.87 34.14 -108.20
C LEU S 1580 6.12 34.22 -109.05
N SER S 1581 6.44 33.16 -109.77
CA SER S 1581 7.64 33.12 -110.65
C SER S 1581 7.27 32.49 -111.97
N LEU S 1582 7.81 32.98 -113.09
CA LEU S 1582 7.63 32.32 -114.41
C LEU S 1582 8.96 31.61 -114.63
N ALA S 1583 8.96 30.34 -115.01
CA ALA S 1583 10.20 29.57 -115.13
C ALA S 1583 10.06 28.51 -116.23
N LEU S 1584 11.12 27.75 -116.50
CA LEU S 1584 11.09 26.64 -117.48
C LEU S 1584 11.92 25.49 -116.91
N LYS S 1585 11.66 24.25 -117.34
CA LYS S 1585 12.42 23.07 -116.90
C LYS S 1585 13.13 22.47 -118.11
N TYR S 1586 12.52 21.52 -118.81
CA TYR S 1586 13.10 20.96 -120.07
C TYR S 1586 13.35 22.13 -121.01
N LEU S 1587 14.45 22.09 -121.77
CA LEU S 1587 14.80 23.20 -122.68
C LEU S 1587 14.41 22.81 -124.10
N PRO S 1588 13.51 23.54 -124.79
CA PRO S 1588 13.21 23.24 -126.19
C PRO S 1588 14.31 23.53 -127.22
N GLU S 1589 14.65 22.56 -128.09
CA GLU S 1589 15.63 22.78 -129.17
C GLU S 1589 15.04 23.88 -130.05
N VAL S 1590 13.79 23.74 -130.47
CA VAL S 1590 13.05 24.76 -131.25
C VAL S 1590 11.58 24.45 -131.02
N PHE S 1591 10.67 25.40 -131.22
CA PHE S 1591 9.22 25.09 -131.12
C PHE S 1591 8.87 24.36 -132.42
N ALA S 1592 7.89 23.46 -132.43
CA ALA S 1592 7.58 22.56 -133.57
C ALA S 1592 6.55 23.16 -134.55
N PRO S 1593 6.11 22.46 -135.63
CA PRO S 1593 5.05 22.95 -136.51
C PRO S 1593 3.72 23.13 -135.77
N ASN S 1594 2.98 24.22 -136.01
CA ASN S 1594 1.72 24.59 -135.31
C ASN S 1594 2.13 25.20 -133.96
N ALA S 1595 3.44 25.34 -133.67
CA ALA S 1595 3.96 25.90 -132.40
C ALA S 1595 3.19 25.24 -131.26
N PRO S 1596 3.05 23.89 -131.21
CA PRO S 1596 2.16 23.24 -130.26
C PRO S 1596 2.53 23.50 -128.80
N ASP S 1597 3.82 23.60 -128.47
CA ASP S 1597 4.21 23.70 -127.05
C ASP S 1597 3.34 22.62 -126.40
N VAL S 1598 3.24 21.43 -127.03
CA VAL S 1598 2.33 20.35 -126.56
C VAL S 1598 2.81 19.89 -125.16
N LEU S 1599 4.09 20.02 -124.82
CA LEU S 1599 4.60 19.75 -123.45
C LEU S 1599 5.51 20.89 -123.02
N SER S 1600 5.34 22.09 -123.57
CA SER S 1600 6.34 23.15 -123.30
C SER S 1600 6.55 23.20 -121.81
N CYS S 1601 7.79 23.05 -121.35
CA CYS S 1601 8.13 22.98 -119.92
C CYS S 1601 8.29 24.40 -119.42
N LEU S 1602 7.19 25.11 -119.25
CA LEU S 1602 7.20 26.45 -118.62
C LEU S 1602 6.63 26.18 -117.23
N GLU S 1603 7.45 26.19 -116.19
CA GLU S 1603 7.00 25.82 -114.84
C GLU S 1603 6.75 27.07 -114.01
N LEU S 1604 5.52 27.28 -113.56
CA LEU S 1604 5.25 28.39 -112.63
C LEU S 1604 5.77 27.84 -111.31
N ARG S 1605 6.64 28.58 -110.62
CA ARG S 1605 7.25 28.11 -109.36
C ARG S 1605 6.67 28.96 -108.24
N TYR S 1606 6.26 28.36 -107.13
CA TYR S 1606 5.73 29.11 -105.98
C TYR S 1606 6.58 28.84 -104.74
N LYS S 1607 7.22 29.88 -104.21
CA LYS S 1607 8.00 29.76 -102.96
C LYS S 1607 7.02 29.58 -101.81
N VAL S 1608 7.40 28.87 -100.75
CA VAL S 1608 6.56 28.70 -99.53
C VAL S 1608 7.35 29.08 -98.28
N ASP S 1609 6.75 29.74 -97.30
CA ASP S 1609 7.41 30.18 -96.03
C ASP S 1609 7.75 28.96 -95.17
N TRP S 1610 8.72 29.04 -94.26
CA TRP S 1610 9.19 27.90 -93.42
C TRP S 1610 8.05 27.13 -92.78
N PRO S 1611 7.11 27.72 -92.02
CA PRO S 1611 6.12 26.90 -91.38
C PRO S 1611 5.25 26.15 -92.40
N LEU S 1612 4.80 26.82 -93.46
CA LEU S 1612 3.86 26.21 -94.44
C LEU S 1612 4.68 25.40 -95.41
N ASN S 1613 5.99 25.54 -95.37
CA ASN S 1613 6.87 24.71 -96.21
C ASN S 1613 6.55 23.29 -95.77
N ILE S 1614 6.35 23.10 -94.47
CA ILE S 1614 5.95 21.77 -93.94
C ILE S 1614 4.55 21.45 -94.48
N VAL S 1615 3.61 22.39 -94.47
CA VAL S 1615 2.18 22.15 -94.89
C VAL S 1615 2.08 21.86 -96.39
N ILE S 1616 2.84 22.54 -97.23
CA ILE S 1616 2.78 22.39 -98.72
C ILE S 1616 4.07 21.69 -99.16
N THR S 1617 4.06 20.40 -99.52
CA THR S 1617 5.31 19.63 -99.82
C THR S 1617 5.67 19.84 -101.29
N GLU S 1618 6.94 19.70 -101.63
CA GLU S 1618 7.43 20.01 -103.00
C GLU S 1618 6.71 19.12 -103.98
N GLY S 1619 6.54 17.85 -103.62
CA GLY S 1619 5.83 16.93 -104.50
C GLY S 1619 4.45 17.50 -104.71
N CYS S 1620 3.78 17.99 -103.68
CA CYS S 1620 2.38 18.50 -103.77
C CYS S 1620 2.31 19.60 -104.83
N VAL S 1621 3.23 20.59 -104.84
CA VAL S 1621 3.11 21.71 -105.81
C VAL S 1621 3.54 21.16 -107.15
N SER S 1622 4.28 20.05 -107.14
CA SER S 1622 4.69 19.41 -108.41
C SER S 1622 3.40 19.04 -109.14
N LYS S 1623 2.42 18.51 -108.42
CA LYS S 1623 1.12 18.16 -109.04
C LYS S 1623 0.42 19.43 -109.53
N TYR S 1624 0.45 20.53 -108.77
CA TYR S 1624 -0.31 21.75 -109.11
C TYR S 1624 0.07 22.17 -110.51
N SER S 1625 1.34 22.02 -110.86
CA SER S 1625 1.85 22.47 -112.17
C SER S 1625 1.12 21.78 -113.30
N GLY S 1626 0.75 20.53 -113.11
CA GLY S 1626 0.19 19.76 -114.22
C GLY S 1626 -1.00 20.44 -114.83
N VAL S 1627 -1.91 20.95 -114.02
CA VAL S 1627 -3.18 21.50 -114.61
C VAL S 1627 -2.78 22.70 -115.44
N PHE S 1628 -1.81 23.47 -114.96
CA PHE S 1628 -1.46 24.71 -115.67
C PHE S 1628 -1.16 24.26 -117.08
N SER S 1629 -0.48 23.14 -117.21
CA SER S 1629 -0.03 22.68 -118.54
C SER S 1629 -1.22 22.40 -119.44
N PHE S 1630 -2.12 21.54 -118.98
CA PHE S 1630 -3.23 21.13 -119.88
C PHE S 1630 -4.12 22.33 -120.08
N LEU S 1631 -4.32 23.06 -119.00
CA LEU S 1631 -5.28 24.16 -119.16
C LEU S 1631 -4.72 25.08 -120.22
N LEU S 1632 -3.43 25.33 -120.13
CA LEU S 1632 -2.87 26.32 -121.06
C LEU S 1632 -3.10 25.78 -122.46
N GLN S 1633 -2.85 24.50 -122.65
CA GLN S 1633 -2.95 24.00 -124.03
C GLN S 1633 -4.40 24.17 -124.46
N LEU S 1634 -5.32 23.97 -123.54
CA LEU S 1634 -6.70 24.19 -123.98
C LEU S 1634 -6.77 25.64 -124.41
N LYS S 1635 -6.21 26.52 -123.61
CA LYS S 1635 -6.38 27.94 -123.94
C LYS S 1635 -5.74 28.10 -125.30
N LEU S 1636 -4.64 27.38 -125.49
CA LEU S 1636 -3.91 27.54 -126.75
C LEU S 1636 -4.87 27.17 -127.86
N MET S 1637 -5.59 26.07 -127.67
CA MET S 1637 -6.46 25.62 -128.76
C MET S 1637 -7.45 26.74 -128.96
N MET S 1638 -7.91 27.26 -127.85
CA MET S 1638 -8.97 28.26 -127.96
C MET S 1638 -8.46 29.43 -128.74
N TRP S 1639 -7.21 29.78 -128.52
CA TRP S 1639 -6.75 31.07 -129.10
C TRP S 1639 -6.94 31.12 -130.60
N ALA S 1640 -6.33 30.15 -131.26
CA ALA S 1640 -6.33 30.22 -132.72
C ALA S 1640 -7.76 30.21 -133.22
N LEU S 1641 -8.64 29.48 -132.56
CA LEU S 1641 -9.97 29.40 -133.20
C LEU S 1641 -10.61 30.78 -133.19
N LYS S 1642 -10.63 31.42 -132.04
CA LYS S 1642 -11.21 32.78 -131.98
C LYS S 1642 -10.57 33.52 -133.13
N ASP S 1643 -9.26 33.34 -133.25
CA ASP S 1643 -8.51 34.07 -134.30
C ASP S 1643 -8.98 33.66 -135.70
N VAL S 1644 -9.24 32.39 -135.95
CA VAL S 1644 -9.61 32.02 -137.35
C VAL S 1644 -10.96 32.65 -137.66
N CYS S 1645 -11.85 32.66 -136.68
CA CYS S 1645 -13.14 33.36 -136.89
C CYS S 1645 -12.81 34.83 -137.10
N PHE S 1646 -11.86 35.34 -136.30
CA PHE S 1646 -11.44 36.74 -136.46
C PHE S 1646 -10.84 36.91 -137.84
N HIS S 1647 -10.12 35.90 -138.35
CA HIS S 1647 -9.52 35.94 -139.71
C HIS S 1647 -10.62 35.90 -140.78
N LEU S 1648 -11.64 35.09 -140.58
CA LEU S 1648 -12.76 35.10 -141.54
C LEU S 1648 -13.34 36.50 -141.42
N LYS S 1649 -13.43 36.99 -140.19
CA LYS S 1649 -13.89 38.38 -139.96
C LYS S 1649 -12.78 39.32 -140.44
N ARG S 1650 -11.54 38.82 -140.55
CA ARG S 1650 -10.48 39.68 -141.10
C ARG S 1650 -10.79 39.82 -142.58
N THR S 1651 -11.08 38.69 -143.22
CA THR S 1651 -11.53 38.82 -144.62
C THR S 1651 -12.80 39.64 -144.48
N ALA S 1652 -13.65 39.25 -143.52
CA ALA S 1652 -14.91 39.98 -143.23
C ALA S 1652 -15.76 39.86 -144.48
N LEU S 1653 -15.34 39.00 -145.41
CA LEU S 1653 -16.02 39.05 -146.71
C LEU S 1653 -16.01 40.55 -146.98
N LEU S 1654 -14.86 41.20 -146.80
CA LEU S 1654 -14.80 42.68 -146.89
C LEU S 1654 -15.31 43.01 -148.28
N SER S 1655 -15.00 42.14 -149.24
CA SER S 1655 -15.61 42.34 -150.57
C SER S 1655 -17.02 41.77 -150.43
N HIS S 1656 -17.85 42.39 -149.59
CA HIS S 1656 -19.24 41.93 -149.42
C HIS S 1656 -19.85 41.94 -150.82
N MET S 1657 -19.32 42.82 -151.68
CA MET S 1657 -19.81 42.83 -153.08
C MET S 1657 -19.80 41.39 -153.58
N ALA S 1658 -18.81 40.59 -153.18
CA ALA S 1658 -18.81 39.17 -153.58
C ALA S 1658 -19.17 38.27 -152.39
N GLY S 1659 -20.30 37.57 -152.48
CA GLY S 1659 -20.63 36.60 -151.41
C GLY S 1659 -20.28 35.21 -151.91
N SER S 1660 -19.32 34.55 -151.25
CA SER S 1660 -18.87 33.25 -151.80
C SER S 1660 -19.62 32.08 -151.17
N VAL S 1661 -20.10 31.18 -152.02
CA VAL S 1661 -20.81 29.98 -151.52
C VAL S 1661 -19.85 29.13 -150.68
N GLN S 1662 -18.62 28.92 -151.13
CA GLN S 1662 -17.73 28.00 -150.37
C GLN S 1662 -17.49 28.63 -149.01
N PHE S 1663 -17.29 29.94 -149.00
CA PHE S 1663 -17.09 30.65 -147.72
C PHE S 1663 -18.15 30.15 -146.77
N ARG S 1664 -19.40 30.11 -147.24
CA ARG S 1664 -20.47 29.77 -146.29
C ARG S 1664 -20.15 28.39 -145.77
N GLN S 1665 -19.73 27.49 -146.65
CA GLN S 1665 -19.53 26.11 -146.19
C GLN S 1665 -18.46 26.08 -145.11
N LEU S 1666 -17.34 26.72 -145.38
CA LEU S 1666 -16.25 26.61 -144.40
C LEU S 1666 -16.71 27.32 -143.15
N GLN S 1667 -17.43 28.43 -143.32
CA GLN S 1667 -17.87 29.24 -142.15
C GLN S 1667 -18.40 28.25 -141.14
N LEU S 1668 -18.86 27.11 -141.65
CA LEU S 1668 -19.53 26.16 -140.73
C LEU S 1668 -18.50 25.17 -140.21
N PHE S 1669 -17.54 24.74 -141.03
CA PHE S 1669 -16.58 23.70 -140.59
C PHE S 1669 -15.89 24.25 -139.35
N LYS S 1670 -15.52 25.55 -139.39
CA LYS S 1670 -14.87 26.20 -138.22
C LYS S 1670 -15.76 26.00 -136.99
N HIS S 1671 -17.07 26.26 -137.09
CA HIS S 1671 -17.98 26.17 -135.93
C HIS S 1671 -18.01 24.76 -135.35
N GLU S 1672 -18.08 23.73 -136.18
CA GLU S 1672 -18.21 22.34 -135.66
C GLU S 1672 -16.96 21.99 -134.83
N MET S 1673 -15.78 22.27 -135.35
CA MET S 1673 -14.52 21.98 -134.61
C MET S 1673 -14.53 22.85 -133.35
N GLN S 1674 -14.97 24.09 -133.48
CA GLN S 1674 -15.05 25.04 -132.33
C GLN S 1674 -16.02 24.47 -131.30
N HIS S 1675 -17.12 23.85 -131.70
CA HIS S 1675 -18.14 23.37 -130.74
C HIS S 1675 -17.55 22.29 -129.84
N PHE S 1676 -16.76 21.36 -130.37
CA PHE S 1676 -16.22 20.23 -129.56
C PHE S 1676 -15.27 20.75 -128.49
N VAL S 1677 -14.38 21.70 -128.78
CA VAL S 1677 -13.30 22.21 -127.89
C VAL S 1677 -13.93 23.05 -126.78
N LYS S 1678 -14.98 23.80 -127.09
CA LYS S 1678 -15.69 24.60 -126.06
C LYS S 1678 -16.28 23.63 -125.03
N VAL S 1679 -16.83 22.49 -125.47
CA VAL S 1679 -17.42 21.47 -124.55
C VAL S 1679 -16.29 20.89 -123.68
N ILE S 1680 -15.14 20.57 -124.27
CA ILE S 1680 -14.03 19.92 -123.51
C ILE S 1680 -13.55 20.88 -122.43
N GLN S 1681 -13.37 22.15 -122.75
CA GLN S 1681 -12.87 23.15 -121.78
C GLN S 1681 -13.94 23.31 -120.69
N GLY S 1682 -15.20 23.25 -121.09
CA GLY S 1682 -16.31 23.31 -120.14
C GLY S 1682 -16.30 22.10 -119.23
N TYR S 1683 -16.07 20.89 -119.76
CA TYR S 1683 -16.19 19.64 -118.95
C TYR S 1683 -15.20 19.64 -117.80
N ILE S 1684 -13.96 20.01 -118.08
CA ILE S 1684 -12.90 20.01 -117.05
C ILE S 1684 -13.24 21.06 -116.02
N ALA S 1685 -13.76 22.20 -116.45
CA ALA S 1685 -13.98 23.35 -115.55
C ALA S 1685 -14.94 23.02 -114.43
N ASN S 1686 -16.12 22.54 -114.76
CA ASN S 1686 -17.12 22.22 -113.72
C ASN S 1686 -16.49 21.13 -112.88
N GLN S 1687 -15.86 20.14 -113.52
CA GLN S 1687 -15.34 18.96 -112.78
C GLN S 1687 -14.35 19.41 -111.73
N ILE S 1688 -13.54 20.41 -112.01
CA ILE S 1688 -12.47 20.83 -111.06
C ILE S 1688 -12.73 22.23 -110.50
N LEU S 1689 -13.03 23.22 -111.32
CA LEU S 1689 -13.14 24.62 -110.86
C LEU S 1689 -14.27 24.86 -109.84
N HIS S 1690 -15.43 24.23 -109.92
CA HIS S 1690 -16.45 24.38 -108.84
C HIS S 1690 -16.86 23.06 -108.18
N VAL S 1691 -16.45 21.89 -108.66
CA VAL S 1691 -16.91 20.57 -108.09
C VAL S 1691 -15.97 20.01 -107.01
N THR S 1692 -14.69 20.35 -106.97
CA THR S 1692 -13.71 19.77 -106.02
C THR S 1692 -13.15 20.83 -105.05
N TRP S 1693 -12.80 22.08 -105.43
CA TRP S 1693 -12.41 23.15 -104.47
C TRP S 1693 -13.46 23.35 -103.39
N CYS S 1694 -14.74 23.26 -103.73
CA CYS S 1694 -15.82 23.38 -102.72
C CYS S 1694 -15.65 22.23 -101.71
N GLU S 1695 -15.35 21.02 -102.19
CA GLU S 1695 -15.16 19.85 -101.32
C GLU S 1695 -13.94 20.09 -100.44
N PHE S 1696 -12.86 20.59 -101.02
CA PHE S 1696 -11.61 20.84 -100.25
C PHE S 1696 -11.92 21.87 -99.18
N ARG S 1697 -12.68 22.92 -99.50
CA ARG S 1697 -12.92 24.01 -98.51
C ARG S 1697 -13.65 23.43 -97.31
N ALA S 1698 -14.63 22.55 -97.51
CA ALA S 1698 -15.35 21.90 -96.40
C ALA S 1698 -14.37 21.04 -95.59
N ARG S 1699 -13.48 20.32 -96.27
CA ARG S 1699 -12.45 19.50 -95.59
C ARG S 1699 -11.48 20.45 -94.86
N LEU S 1700 -11.13 21.59 -95.46
CA LEU S 1700 -10.18 22.56 -94.86
C LEU S 1700 -10.82 23.07 -93.56
N ALA S 1701 -12.10 23.36 -93.56
CA ALA S 1701 -12.80 23.80 -92.34
C ALA S 1701 -12.74 22.67 -91.31
N THR S 1702 -12.96 21.42 -91.73
CA THR S 1702 -13.00 20.24 -90.84
C THR S 1702 -11.63 19.84 -90.26
N VAL S 1703 -10.54 19.91 -91.02
CA VAL S 1703 -9.22 19.38 -90.56
C VAL S 1703 -8.84 20.06 -89.24
N GLY S 1704 -8.40 19.29 -88.24
CA GLY S 1704 -8.06 19.81 -86.90
C GLY S 1704 -6.65 19.47 -86.43
N ASP S 1705 -5.78 18.94 -87.28
CA ASP S 1705 -4.42 18.50 -86.85
C ASP S 1705 -3.48 18.52 -88.04
N LEU S 1706 -2.17 18.55 -87.78
CA LEU S 1706 -1.17 18.64 -88.86
C LEU S 1706 -1.37 17.50 -89.85
N GLU S 1707 -1.56 16.27 -89.40
CA GLU S 1707 -1.68 15.11 -90.31
C GLU S 1707 -2.99 15.27 -91.10
N GLU S 1708 -4.05 15.73 -90.43
CA GLU S 1708 -5.37 15.90 -91.08
C GLU S 1708 -5.24 16.95 -92.17
N ILE S 1709 -4.54 18.05 -91.90
CA ILE S 1709 -4.41 19.15 -92.90
C ILE S 1709 -3.69 18.60 -94.12
N GLN S 1710 -2.71 17.70 -93.96
CA GLN S 1710 -1.87 17.21 -95.08
C GLN S 1710 -2.70 16.41 -96.05
N ARG S 1711 -3.78 15.78 -95.61
CA ARG S 1711 -4.50 14.80 -96.48
C ARG S 1711 -5.63 15.48 -97.25
N ALA S 1712 -6.07 16.67 -96.82
CA ALA S 1712 -7.16 17.44 -97.48
C ALA S 1712 -6.61 18.07 -98.75
N HIS S 1713 -5.51 18.78 -98.62
CA HIS S 1713 -4.82 19.35 -99.80
C HIS S 1713 -4.40 18.17 -100.65
N ALA S 1714 -4.00 17.04 -100.05
CA ALA S 1714 -3.48 15.87 -100.80
C ALA S 1714 -4.54 15.38 -101.76
N GLU S 1715 -5.77 15.31 -101.29
CA GLU S 1715 -6.89 14.81 -102.12
C GLU S 1715 -7.59 15.99 -102.80
N TYR S 1716 -7.32 17.23 -102.42
CA TYR S 1716 -7.88 18.38 -103.16
C TYR S 1716 -7.31 18.18 -104.53
N LEU S 1717 -6.07 17.68 -104.57
CA LEU S 1717 -5.35 17.45 -105.85
C LEU S 1717 -5.41 16.01 -106.35
N HIS S 1718 -5.42 14.98 -105.53
CA HIS S 1718 -5.41 13.62 -106.13
C HIS S 1718 -6.71 13.50 -106.90
N LYS S 1719 -7.75 14.16 -106.40
CA LYS S 1719 -9.08 14.13 -107.05
C LYS S 1719 -9.11 15.02 -108.26
N ALA S 1720 -8.59 16.24 -108.16
CA ALA S 1720 -8.67 17.18 -109.28
C ALA S 1720 -7.97 16.50 -110.45
N VAL S 1721 -6.87 15.80 -110.17
CA VAL S 1721 -6.08 15.11 -111.22
C VAL S 1721 -6.93 14.01 -111.82
N PHE S 1722 -7.63 13.26 -110.98
CA PHE S 1722 -8.47 12.14 -111.44
C PHE S 1722 -9.57 12.70 -112.35
N ARG S 1723 -10.19 13.81 -111.98
CA ARG S 1723 -11.30 14.41 -112.76
C ARG S 1723 -10.71 15.09 -113.99
N GLY S 1724 -9.43 15.42 -113.95
CA GLY S 1724 -8.72 16.00 -115.11
C GLY S 1724 -8.61 15.02 -116.25
N LEU S 1725 -8.51 13.72 -115.97
CA LEU S 1725 -8.36 12.63 -116.98
C LEU S 1725 -6.89 12.48 -117.33
N LEU S 1726 -6.03 13.31 -116.74
CA LEU S 1726 -4.57 13.25 -116.97
C LEU S 1726 -4.04 12.02 -116.25
N THR S 1727 -4.86 11.45 -115.37
CA THR S 1727 -4.46 10.25 -114.61
C THR S 1727 -4.04 9.18 -115.62
N GLU S 1728 -3.03 8.38 -115.30
CA GLU S 1728 -2.44 7.38 -116.23
C GLU S 1728 -3.45 6.31 -116.67
N LYS S 1729 -4.32 5.85 -115.79
CA LYS S 1729 -5.26 4.74 -116.14
C LYS S 1729 -6.20 5.27 -117.21
N ALA S 1730 -6.39 6.58 -117.27
CA ALA S 1730 -7.34 7.23 -118.20
C ALA S 1730 -6.61 7.74 -119.43
N ALA S 1731 -5.44 7.20 -119.73
CA ALA S 1731 -4.63 7.70 -120.84
C ALA S 1731 -5.41 7.67 -122.16
N PRO S 1732 -6.24 6.65 -122.46
CA PRO S 1732 -6.83 6.57 -123.79
C PRO S 1732 -7.59 7.82 -124.21
N VAL S 1733 -8.42 8.37 -123.34
CA VAL S 1733 -9.27 9.55 -123.70
C VAL S 1733 -8.36 10.73 -123.98
N MET S 1734 -7.31 10.88 -123.19
CA MET S 1734 -6.36 12.00 -123.35
C MET S 1734 -5.67 11.81 -124.71
N ASN S 1735 -5.42 10.57 -125.10
CA ASN S 1735 -4.71 10.26 -126.36
C ASN S 1735 -5.56 10.69 -127.56
N VAL S 1736 -6.86 10.41 -127.54
CA VAL S 1736 -7.78 10.74 -128.64
C VAL S 1736 -7.77 12.26 -128.69
N ILE S 1737 -7.76 12.87 -127.51
CA ILE S 1737 -7.82 14.35 -127.43
C ILE S 1737 -6.62 14.85 -128.19
N HIS S 1738 -5.47 14.22 -128.01
CA HIS S 1738 -4.23 14.75 -128.63
C HIS S 1738 -4.42 14.72 -130.13
N SER S 1739 -4.95 13.63 -130.66
CA SER S 1739 -5.13 13.50 -132.11
C SER S 1739 -6.10 14.58 -132.54
N ILE S 1740 -7.17 14.72 -131.78
CA ILE S 1740 -8.22 15.70 -132.13
C ILE S 1740 -7.58 17.07 -132.06
N PHE S 1741 -6.91 17.35 -130.96
CA PHE S 1741 -6.35 18.69 -130.73
C PHE S 1741 -5.31 18.97 -131.79
N SER S 1742 -4.50 17.99 -132.18
CA SER S 1742 -3.47 18.18 -133.24
C SER S 1742 -4.16 18.61 -134.55
N LEU S 1743 -5.19 17.87 -134.97
CA LEU S 1743 -5.86 18.17 -136.27
C LEU S 1743 -6.37 19.60 -136.24
N VAL S 1744 -7.00 20.01 -135.14
CA VAL S 1744 -7.63 21.35 -135.08
C VAL S 1744 -6.53 22.39 -135.26
N LEU S 1745 -5.41 22.20 -134.59
CA LEU S 1745 -4.32 23.20 -134.63
C LEU S 1745 -3.81 23.31 -136.05
N LYS S 1746 -3.36 22.20 -136.63
CA LYS S 1746 -2.65 22.21 -137.93
C LYS S 1746 -3.57 22.63 -139.09
N PHE S 1747 -4.78 22.11 -139.20
CA PHE S 1747 -5.66 22.36 -140.37
C PHE S 1747 -6.17 23.80 -140.40
N ARG S 1748 -6.53 24.36 -139.23
CA ARG S 1748 -6.99 25.78 -139.14
C ARG S 1748 -5.81 26.66 -139.58
N SER S 1749 -4.58 26.29 -139.24
CA SER S 1749 -3.36 27.04 -139.64
C SER S 1749 -3.26 27.09 -141.17
N GLN S 1750 -3.70 26.04 -141.87
CA GLN S 1750 -3.60 25.97 -143.35
C GLN S 1750 -4.44 27.09 -143.99
N LEU S 1751 -5.71 27.24 -143.60
CA LEU S 1751 -6.60 28.23 -144.22
C LEU S 1751 -5.91 29.59 -144.10
N ILE S 1752 -5.08 29.77 -143.06
CA ILE S 1752 -4.49 31.11 -142.78
C ILE S 1752 -3.38 31.28 -143.79
N SER S 1753 -2.72 30.18 -144.11
CA SER S 1753 -1.54 30.24 -145.02
C SER S 1753 -1.92 30.78 -146.39
N GLN S 1754 -3.06 30.35 -146.96
CA GLN S 1754 -3.43 30.74 -148.34
C GLN S 1754 -4.16 32.08 -148.36
N ALA S 1755 -4.45 32.61 -149.55
CA ALA S 1755 -5.20 33.88 -149.74
C ALA S 1755 -6.30 33.64 -150.77
N TRP S 1756 -7.42 34.39 -150.68
CA TRP S 1756 -8.61 34.26 -151.57
C TRP S 1756 -8.19 34.49 -153.03
N GLY S 1757 -9.09 34.22 -154.00
CA GLY S 1757 -8.79 34.39 -155.45
C GLY S 1757 -9.77 35.29 -156.18
N PRO S 1758 -9.59 35.50 -157.50
CA PRO S 1758 -10.54 36.29 -158.31
C PRO S 1758 -12.05 36.09 -158.05
N PRO S 1759 -12.89 37.17 -158.03
CA PRO S 1759 -14.34 37.02 -157.81
C PRO S 1759 -15.20 36.71 -159.04
N GLY S 1760 -15.54 35.43 -159.29
CA GLY S 1760 -16.47 35.05 -160.38
C GLY S 1760 -17.14 33.70 -160.14
N GLY S 1761 -18.45 33.56 -160.36
CA GLY S 1761 -19.17 32.27 -160.28
C GLY S 1761 -18.93 31.51 -158.98
N PRO S 1762 -18.79 30.16 -159.00
CA PRO S 1762 -18.41 29.40 -157.80
C PRO S 1762 -16.90 29.59 -157.63
N ARG S 1763 -16.41 29.91 -156.42
CA ARG S 1763 -14.98 30.25 -156.21
C ARG S 1763 -14.41 29.49 -155.02
N GLY S 1764 -14.26 28.16 -155.10
CA GLY S 1764 -13.60 27.37 -154.04
C GLY S 1764 -12.14 27.70 -153.98
N ALA S 1765 -11.56 28.15 -155.10
CA ALA S 1765 -10.12 28.43 -155.22
C ALA S 1765 -9.72 29.50 -154.20
N GLU S 1766 -10.64 30.38 -153.77
CA GLU S 1766 -10.28 31.32 -152.67
C GLU S 1766 -9.68 30.42 -151.62
N HIS S 1767 -8.40 30.60 -151.28
CA HIS S 1767 -7.71 29.62 -150.39
C HIS S 1767 -7.96 28.28 -151.09
N PRO S 1768 -7.26 27.91 -152.19
CA PRO S 1768 -7.59 26.70 -152.94
C PRO S 1768 -7.35 25.44 -152.12
N ASN S 1769 -6.50 25.52 -151.10
CA ASN S 1769 -6.21 24.39 -150.19
C ASN S 1769 -7.47 23.92 -149.48
N PHE S 1770 -8.58 24.67 -149.60
CA PHE S 1770 -9.85 24.34 -148.94
C PHE S 1770 -10.19 22.88 -149.17
N ALA S 1771 -9.89 22.38 -150.36
CA ALA S 1771 -10.29 21.00 -150.71
C ALA S 1771 -9.64 20.07 -149.73
N LEU S 1772 -8.35 20.25 -149.46
CA LEU S 1772 -7.61 19.36 -148.54
C LEU S 1772 -8.29 19.41 -147.16
N MET S 1773 -8.73 20.59 -146.73
CA MET S 1773 -9.28 20.76 -145.36
C MET S 1773 -10.53 19.91 -145.18
N GLN S 1774 -11.34 19.75 -146.23
CA GLN S 1774 -12.59 18.97 -146.11
C GLN S 1774 -12.20 17.55 -145.70
N GLN S 1775 -11.11 17.04 -146.27
CA GLN S 1775 -10.63 15.68 -145.93
C GLN S 1775 -10.34 15.70 -144.45
N SER S 1776 -9.70 16.76 -144.00
CA SER S 1776 -9.36 16.93 -142.57
C SER S 1776 -10.63 17.01 -141.75
N TYR S 1777 -11.67 17.68 -142.25
CA TYR S 1777 -12.92 17.89 -141.49
C TYR S 1777 -13.44 16.50 -141.18
N ASN S 1778 -13.28 15.57 -142.10
CA ASN S 1778 -13.82 14.21 -141.94
C ASN S 1778 -12.99 13.42 -140.93
N THR S 1779 -11.69 13.68 -140.82
CA THR S 1779 -10.76 12.99 -139.90
C THR S 1779 -11.09 13.39 -138.48
N PHE S 1780 -11.35 14.68 -138.27
CA PHE S 1780 -11.71 15.19 -136.94
C PHE S 1780 -13.01 14.50 -136.55
N LYS S 1781 -13.93 14.44 -137.50
CA LYS S 1781 -15.24 13.84 -137.21
C LYS S 1781 -15.03 12.37 -136.86
N TYR S 1782 -14.12 11.72 -137.56
CA TYR S 1782 -13.93 10.27 -137.35
C TYR S 1782 -13.55 10.11 -135.88
N TYR S 1783 -12.63 10.93 -135.41
CA TYR S 1783 -12.16 10.84 -134.02
C TYR S 1783 -13.34 11.12 -133.11
N SER S 1784 -14.18 12.07 -133.47
CA SER S 1784 -15.31 12.46 -132.59
C SER S 1784 -16.19 11.26 -132.40
N HIS S 1785 -16.49 10.57 -133.48
CA HIS S 1785 -17.41 9.41 -133.41
C HIS S 1785 -16.68 8.40 -132.53
N PHE S 1786 -15.38 8.26 -132.75
CA PHE S 1786 -14.58 7.25 -132.01
C PHE S 1786 -14.61 7.59 -130.53
N LEU S 1787 -14.52 8.87 -130.22
CA LEU S 1787 -14.50 9.33 -128.82
C LEU S 1787 -15.87 9.02 -128.25
N PHE S 1788 -16.91 9.11 -129.07
CA PHE S 1788 -18.29 8.83 -128.62
C PHE S 1788 -18.27 7.36 -128.21
N LYS S 1789 -17.52 6.54 -128.95
CA LYS S 1789 -17.50 5.10 -128.65
C LYS S 1789 -16.50 4.83 -127.55
N VAL S 1790 -15.43 5.59 -127.45
CA VAL S 1790 -14.35 5.31 -126.46
C VAL S 1790 -14.83 5.54 -125.06
N VAL S 1791 -15.55 6.62 -124.82
CA VAL S 1791 -15.90 6.94 -123.41
C VAL S 1791 -16.70 5.77 -122.90
N THR S 1792 -17.65 5.29 -123.69
CA THR S 1792 -18.56 4.19 -123.26
C THR S 1792 -17.74 2.92 -123.09
N LYS S 1793 -16.81 2.65 -123.99
CA LYS S 1793 -16.03 1.39 -123.93
C LYS S 1793 -15.52 1.29 -122.49
N LEU S 1794 -15.07 2.39 -121.92
CA LEU S 1794 -14.44 2.31 -120.59
C LEU S 1794 -15.49 2.29 -119.49
N VAL S 1795 -16.60 3.00 -119.65
CA VAL S 1795 -17.55 3.16 -118.51
C VAL S 1795 -18.07 1.79 -118.09
N ASN S 1796 -18.42 0.94 -119.04
CA ASN S 1796 -19.08 -0.34 -118.69
C ASN S 1796 -18.13 -1.27 -117.96
N ARG S 1797 -16.85 -1.33 -118.35
CA ARG S 1797 -15.90 -2.35 -117.81
C ARG S 1797 -15.73 -2.22 -116.30
N GLY S 1798 -15.55 -0.99 -115.80
CA GLY S 1798 -15.32 -0.71 -114.37
C GLY S 1798 -16.24 0.39 -113.91
N TYR S 1799 -15.93 1.04 -112.80
CA TYR S 1799 -16.71 2.21 -112.31
C TYR S 1799 -15.83 3.45 -112.45
N GLN S 1800 -16.22 4.40 -113.31
CA GLN S 1800 -15.54 5.70 -113.49
C GLN S 1800 -16.70 6.67 -113.43
N PRO S 1801 -17.27 6.94 -112.24
CA PRO S 1801 -18.47 7.75 -112.18
C PRO S 1801 -18.21 9.10 -112.87
N HIS S 1802 -16.98 9.59 -112.81
CA HIS S 1802 -16.63 10.89 -113.42
C HIS S 1802 -16.91 10.87 -114.91
N LEU S 1803 -16.65 9.77 -115.60
CA LEU S 1803 -16.77 9.70 -117.08
C LEU S 1803 -18.24 9.72 -117.50
N GLU S 1804 -19.16 9.37 -116.62
CA GLU S 1804 -20.59 9.45 -116.91
C GLU S 1804 -20.87 10.90 -117.27
N ASP S 1805 -20.29 11.82 -116.53
CA ASP S 1805 -20.46 13.25 -116.84
C ASP S 1805 -19.82 13.49 -118.19
N PHE S 1806 -18.71 12.86 -118.49
CA PHE S 1806 -18.06 13.20 -119.78
C PHE S 1806 -19.07 12.93 -120.89
N LEU S 1807 -19.46 11.67 -121.02
CA LEU S 1807 -20.31 11.26 -122.15
C LEU S 1807 -21.61 12.00 -122.09
N LEU S 1808 -22.09 12.26 -120.89
CA LEU S 1808 -23.44 12.83 -120.80
C LEU S 1808 -23.44 14.06 -121.70
N ARG S 1809 -22.44 14.90 -121.55
CA ARG S 1809 -22.38 16.16 -122.30
C ARG S 1809 -22.05 15.92 -123.76
N ILE S 1810 -21.16 14.97 -124.05
CA ILE S 1810 -20.63 14.84 -125.44
C ILE S 1810 -21.80 14.59 -126.38
N ASN S 1811 -22.82 13.83 -125.99
CA ASN S 1811 -23.95 13.51 -126.89
C ASN S 1811 -25.22 13.77 -126.10
N PHE S 1812 -25.46 15.04 -125.81
CA PHE S 1812 -26.67 15.43 -125.06
C PHE S 1812 -27.90 15.06 -125.86
N ASN S 1813 -27.88 15.22 -127.18
CA ASN S 1813 -29.11 15.07 -127.99
C ASN S 1813 -29.15 13.90 -128.99
N ASN S 1814 -28.05 13.22 -129.31
CA ASN S 1814 -28.07 12.23 -130.43
C ASN S 1814 -27.05 11.11 -130.32
N TYR S 1815 -27.15 10.11 -131.21
CA TYR S 1815 -26.12 9.06 -131.32
C TYR S 1815 -24.91 9.88 -131.67
N TYR S 1816 -25.08 10.84 -132.56
CA TYR S 1816 -24.01 11.81 -132.86
C TYR S 1816 -24.64 13.10 -133.40
N GLN S 1817 -23.99 14.25 -133.18
CA GLN S 1817 -24.48 15.58 -133.62
C GLN S 1817 -24.13 15.82 -135.09
N LEU T 150 48.08 14.79 -48.54
CA LEU T 150 48.16 15.63 -47.32
C LEU T 150 49.05 16.83 -47.61
N GLN T 151 50.35 16.62 -47.82
CA GLN T 151 51.31 17.70 -48.12
C GLN T 151 50.97 18.26 -49.50
N GLN T 152 50.57 17.40 -50.44
CA GLN T 152 50.30 17.81 -51.84
C GLN T 152 49.16 18.82 -51.88
N SER T 153 48.19 18.75 -50.96
CA SER T 153 47.02 19.65 -50.95
C SER T 153 47.50 21.08 -50.79
N LEU T 154 48.50 21.33 -49.95
CA LEU T 154 48.97 22.71 -49.64
C LEU T 154 49.18 23.51 -50.93
N GLU T 155 49.64 22.89 -52.01
CA GLU T 155 49.89 23.59 -53.29
C GLU T 155 48.56 24.12 -53.82
N LEU T 156 47.64 23.24 -54.22
CA LEU T 156 46.35 23.62 -54.84
C LEU T 156 45.79 24.87 -54.17
N LYS T 157 45.80 24.95 -52.85
CA LYS T 157 45.16 26.09 -52.15
C LYS T 157 45.83 27.39 -52.58
N ARG T 158 47.15 27.43 -52.69
CA ARG T 158 47.90 28.68 -53.03
C ARG T 158 47.73 29.03 -54.51
N LYS T 159 47.82 28.04 -55.39
CA LYS T 159 47.78 28.31 -56.85
C LYS T 159 46.45 28.99 -57.16
N MET T 160 45.38 28.49 -56.56
CA MET T 160 44.02 29.06 -56.74
C MET T 160 44.01 30.46 -56.17
N LEU T 161 44.70 30.70 -55.06
CA LEU T 161 44.70 32.03 -54.38
C LEU T 161 45.32 33.08 -55.30
N ARG T 162 46.41 32.76 -55.98
CA ARG T 162 47.13 33.73 -56.84
C ARG T 162 46.19 34.17 -57.96
N ASP T 163 45.34 33.29 -58.48
CA ASP T 163 44.47 33.60 -59.64
C ASP T 163 43.50 34.74 -59.29
N LYS T 164 42.94 34.78 -58.08
CA LYS T 164 41.91 35.81 -57.71
C LYS T 164 42.61 37.10 -57.31
N GLN T 165 43.88 37.03 -56.94
CA GLN T 165 44.67 38.20 -56.50
C GLN T 165 45.06 39.05 -57.70
N ASN T 166 45.54 38.43 -58.79
CA ASN T 166 45.89 39.17 -60.03
C ASN T 166 44.60 39.67 -60.68
N LYS T 167 43.55 38.86 -60.67
CA LYS T 167 42.27 39.20 -61.36
C LYS T 167 41.64 40.45 -60.74
N LYS T 168 41.61 40.56 -59.42
CA LYS T 168 40.97 41.69 -58.70
C LYS T 168 42.00 42.36 -57.80
N ASN T 169 42.40 43.60 -58.11
CA ASN T 169 43.30 44.40 -57.24
C ASN T 169 42.45 45.48 -56.55
N SER T 170 41.16 45.58 -56.89
CA SER T 170 40.23 46.54 -56.24
C SER T 170 39.98 46.09 -54.80
N GLY T 171 39.75 44.80 -54.58
CA GLY T 171 39.59 44.22 -53.23
C GLY T 171 40.91 43.62 -52.84
N GLN T 172 41.51 44.04 -51.74
CA GLN T 172 42.89 43.63 -51.40
C GLN T 172 42.98 42.68 -50.21
N HIS T 173 44.06 41.90 -50.13
CA HIS T 173 44.37 41.04 -48.95
C HIS T 173 43.26 40.00 -48.77
N LEU T 174 42.95 39.24 -49.82
CA LEU T 174 41.90 38.19 -49.76
C LEU T 174 42.27 37.34 -48.53
N PRO T 175 41.30 36.97 -47.66
CA PRO T 175 41.64 36.31 -46.42
C PRO T 175 42.17 34.89 -46.48
N ILE T 176 43.01 34.48 -45.52
CA ILE T 176 43.55 33.09 -45.41
C ILE T 176 43.47 32.71 -43.94
N PHE T 177 43.39 31.42 -43.60
CA PHE T 177 43.21 30.95 -42.21
C PHE T 177 44.58 30.62 -41.59
N PRO T 178 44.83 30.75 -40.26
CA PRO T 178 46.18 30.48 -39.73
C PRO T 178 46.68 29.08 -40.09
N ALA T 179 47.99 28.87 -40.19
CA ALA T 179 48.61 27.58 -40.58
C ALA T 179 48.10 26.43 -39.68
N TRP T 180 47.95 26.64 -38.37
CA TRP T 180 47.53 25.59 -37.40
C TRP T 180 46.11 25.06 -37.68
N VAL T 181 45.32 25.76 -38.49
CA VAL T 181 43.93 25.33 -38.84
C VAL T 181 43.99 23.99 -39.59
N TYR T 182 45.02 23.84 -40.41
CA TYR T 182 45.23 22.64 -41.25
C TYR T 182 46.19 21.69 -40.53
N GLU T 183 47.20 22.23 -39.86
CA GLU T 183 48.25 21.40 -39.20
C GLU T 183 47.68 20.58 -38.03
N ARG T 184 46.83 21.17 -37.16
CA ARG T 184 46.29 20.50 -35.95
C ARG T 184 45.43 19.30 -36.36
N PRO T 185 45.74 18.02 -35.97
CA PRO T 185 44.95 16.90 -36.46
C PRO T 185 43.69 16.65 -35.62
N ALA T 186 43.61 17.21 -34.42
CA ALA T 186 42.46 17.03 -33.50
C ALA T 186 41.21 17.70 -34.05
N LEU T 187 41.34 18.86 -34.69
CA LEU T 187 40.16 19.65 -35.13
C LEU T 187 39.31 18.84 -36.11
N ILE T 188 39.94 18.09 -37.02
CA ILE T 188 39.21 17.20 -37.96
C ILE T 188 38.74 15.99 -37.16
N GLY T 189 37.66 15.32 -37.54
CA GLY T 189 37.06 14.22 -36.76
C GLY T 189 37.89 12.96 -36.58
N ASP T 190 38.55 12.41 -37.60
CA ASP T 190 39.21 11.08 -37.47
C ASP T 190 40.68 11.13 -37.06
N PHE T 191 41.17 10.12 -36.31
CA PHE T 191 42.60 9.98 -35.93
C PHE T 191 42.91 8.50 -35.71
N THR T 201 45.74 -4.61 -21.06
CA THR T 201 44.45 -4.86 -20.35
C THR T 201 43.41 -5.41 -21.34
N ALA T 202 43.71 -5.43 -22.65
CA ALA T 202 42.80 -5.95 -23.68
C ALA T 202 42.68 -7.46 -23.46
N LEU T 203 41.51 -7.95 -23.04
CA LEU T 203 41.30 -9.39 -22.74
C LEU T 203 41.46 -10.17 -24.04
N PRO T 204 42.00 -11.42 -24.04
CA PRO T 204 42.08 -12.17 -25.29
C PRO T 204 40.65 -12.57 -25.63
N ILE T 205 40.11 -12.14 -26.76
CA ILE T 205 38.69 -12.40 -27.15
C ILE T 205 38.52 -13.87 -27.49
N GLY T 206 39.59 -14.57 -27.84
CA GLY T 206 39.54 -15.99 -28.22
C GLY T 206 38.98 -16.87 -27.11
N THR T 207 39.28 -16.56 -25.84
CA THR T 207 38.88 -17.39 -24.67
C THR T 207 37.46 -17.07 -24.20
N LEU T 208 36.77 -16.10 -24.82
CA LEU T 208 35.44 -15.63 -24.30
C LEU T 208 34.27 -16.52 -24.74
N PRO T 209 33.11 -16.48 -24.05
CA PRO T 209 31.89 -17.12 -24.53
C PRO T 209 31.34 -16.23 -25.65
N LEU T 210 30.37 -16.73 -26.41
CA LEU T 210 29.93 -16.08 -27.67
C LEU T 210 29.13 -14.79 -27.47
N ALA T 211 28.12 -14.81 -26.59
CA ALA T 211 27.17 -13.68 -26.44
C ALA T 211 27.80 -12.60 -25.56
N SER T 212 29.09 -12.75 -25.25
CA SER T 212 29.84 -11.65 -24.60
C SER T 212 30.64 -10.90 -25.68
N GLN T 213 31.15 -11.63 -26.66
CA GLN T 213 31.93 -11.04 -27.78
C GLN T 213 30.99 -10.08 -28.50
N GLU T 214 29.71 -10.44 -28.64
CA GLU T 214 28.74 -9.60 -29.37
C GLU T 214 28.62 -8.26 -28.65
N SER T 215 28.53 -8.26 -27.31
CA SER T 215 28.42 -7.01 -26.53
C SER T 215 29.70 -6.20 -26.71
N ALA T 216 30.88 -6.84 -26.70
CA ALA T 216 32.18 -6.16 -26.90
C ALA T 216 32.22 -5.55 -28.29
N VAL T 217 31.97 -6.34 -29.33
CA VAL T 217 32.07 -5.88 -30.74
C VAL T 217 31.06 -4.76 -30.93
N VAL T 218 29.88 -4.89 -30.35
CA VAL T 218 28.85 -3.81 -30.43
C VAL T 218 29.45 -2.59 -29.76
N GLU T 219 30.12 -2.75 -28.62
CA GLU T 219 30.65 -1.60 -27.87
C GLU T 219 31.72 -0.90 -28.72
N ASP T 220 32.62 -1.66 -29.35
CA ASP T 220 33.72 -1.09 -30.16
C ASP T 220 33.15 -0.39 -31.38
N LEU T 221 32.11 -0.94 -32.01
CA LEU T 221 31.53 -0.36 -33.26
C LEU T 221 30.87 0.95 -32.89
N LEU T 222 30.24 1.00 -31.73
CA LEU T 222 29.49 2.22 -31.37
C LEU T 222 30.51 3.37 -31.35
N TYR T 223 31.75 3.13 -30.90
CA TYR T 223 32.84 4.16 -30.93
C TYR T 223 33.33 4.45 -32.35
N VAL T 224 33.45 3.45 -33.22
CA VAL T 224 33.98 3.62 -34.61
C VAL T 224 33.06 4.55 -35.40
N LEU T 225 31.76 4.50 -35.20
CA LEU T 225 30.80 5.28 -36.00
C LEU T 225 31.12 6.78 -35.86
N VAL T 226 31.55 7.27 -34.69
CA VAL T 226 31.83 8.71 -34.46
C VAL T 226 33.27 9.04 -34.82
N GLY T 227 34.10 8.07 -35.22
CA GLY T 227 35.47 8.32 -35.71
C GLY T 227 36.56 7.99 -34.72
N VAL T 228 36.24 7.55 -33.50
CA VAL T 228 37.25 7.33 -32.41
C VAL T 228 37.62 5.85 -32.48
N ASP T 229 38.92 5.52 -32.46
CA ASP T 229 39.42 4.12 -32.57
C ASP T 229 38.73 3.26 -31.50
N GLY T 230 38.74 1.92 -31.67
CA GLY T 230 38.15 0.98 -30.70
C GLY T 230 39.15 -0.08 -30.26
N ARG T 231 38.91 -0.76 -29.14
CA ARG T 231 39.88 -1.74 -28.58
C ARG T 231 40.05 -2.95 -29.50
N TYR T 232 38.97 -3.53 -30.02
CA TYR T 232 39.02 -4.78 -30.82
C TYR T 232 39.02 -4.51 -32.32
N VAL T 233 38.66 -3.31 -32.75
CA VAL T 233 38.64 -2.93 -34.20
C VAL T 233 39.42 -1.63 -34.34
N SER T 234 40.44 -1.58 -35.20
CA SER T 234 41.31 -0.38 -35.38
C SER T 234 41.03 0.28 -36.73
N ALA T 235 41.10 1.61 -36.84
CA ALA T 235 40.95 2.35 -38.12
C ALA T 235 42.33 2.47 -38.77
N GLN T 236 42.55 1.80 -39.92
CA GLN T 236 43.89 1.76 -40.55
C GLN T 236 44.29 3.19 -40.93
N PRO T 237 45.53 3.64 -40.70
CA PRO T 237 45.93 5.02 -40.94
C PRO T 237 46.55 5.28 -42.31
N LEU T 238 46.63 4.26 -43.16
CA LEU T 238 47.13 4.46 -44.53
C LEU T 238 46.42 5.70 -45.08
N ALA T 239 45.10 5.66 -45.18
CA ALA T 239 44.29 6.77 -45.73
C ALA T 239 44.89 7.12 -47.10
N GLY T 240 45.44 6.12 -47.80
CA GLY T 240 46.07 6.33 -49.12
C GLY T 240 45.00 6.64 -50.13
N ARG T 241 45.33 7.31 -51.23
CA ARG T 241 44.31 7.73 -52.22
C ARG T 241 43.22 8.41 -51.38
N GLN T 242 41.94 8.04 -51.53
CA GLN T 242 40.82 8.61 -50.72
C GLN T 242 40.05 7.49 -50.01
N SER T 243 40.46 6.23 -50.09
CA SER T 243 39.68 5.07 -49.54
C SER T 243 40.15 4.69 -48.13
N ARG T 244 39.33 4.95 -47.11
CA ARG T 244 39.63 4.55 -45.71
C ARG T 244 39.42 3.04 -45.60
N THR T 245 40.23 2.34 -44.81
CA THR T 245 40.12 0.87 -44.60
C THR T 245 40.17 0.62 -43.10
N PHE T 246 39.65 -0.51 -42.60
CA PHE T 246 39.59 -0.83 -41.16
C PHE T 246 40.11 -2.26 -40.94
N LEU T 247 40.69 -2.57 -39.76
CA LEU T 247 41.24 -3.90 -39.44
C LEU T 247 40.57 -4.47 -38.20
N VAL T 248 39.77 -5.53 -38.32
CA VAL T 248 39.06 -6.18 -37.17
C VAL T 248 40.03 -7.20 -36.57
N ASP T 249 39.90 -7.54 -35.27
CA ASP T 249 40.90 -8.43 -34.64
C ASP T 249 40.85 -9.76 -35.38
N PRO T 250 41.98 -10.47 -35.59
CA PRO T 250 41.96 -11.67 -36.42
C PRO T 250 41.17 -12.79 -35.74
N ASN T 251 41.38 -12.97 -34.44
CA ASN T 251 40.74 -14.08 -33.68
C ASN T 251 39.39 -13.59 -33.18
N LEU T 252 38.29 -13.93 -33.88
CA LEU T 252 36.89 -13.60 -33.49
C LEU T 252 36.06 -14.78 -34.01
N ASP T 253 34.72 -14.74 -33.99
CA ASP T 253 33.92 -15.81 -34.63
C ASP T 253 33.68 -15.38 -36.07
N LEU T 254 34.00 -16.21 -37.07
CA LEU T 254 33.84 -15.84 -38.49
C LEU T 254 32.44 -15.25 -38.68
N SER T 255 31.44 -15.82 -38.02
CA SER T 255 30.03 -15.37 -38.16
C SER T 255 29.89 -13.92 -37.67
N ILE T 256 30.43 -13.60 -36.52
CA ILE T 256 30.36 -12.22 -35.95
C ILE T 256 31.21 -11.32 -36.84
N ARG T 257 32.37 -11.82 -37.27
CA ARG T 257 33.36 -11.00 -38.01
C ARG T 257 32.76 -10.48 -39.31
N GLU T 258 32.04 -11.30 -40.05
CA GLU T 258 31.51 -10.91 -41.38
C GLU T 258 30.50 -9.80 -41.18
N LEU T 259 29.65 -9.89 -40.16
CA LEU T 259 28.57 -8.88 -39.93
C LEU T 259 29.22 -7.56 -39.53
N VAL T 260 30.36 -7.57 -38.85
CA VAL T 260 31.08 -6.31 -38.51
C VAL T 260 31.50 -5.65 -39.81
N HIS T 261 32.01 -6.41 -40.78
CA HIS T 261 32.50 -5.88 -42.08
C HIS T 261 31.34 -5.29 -42.85
N ARG T 262 30.15 -5.87 -42.75
CA ARG T 262 28.98 -5.42 -43.53
C ARG T 262 28.45 -4.15 -42.88
N ILE T 263 28.74 -3.90 -41.60
CA ILE T 263 28.31 -2.67 -40.88
C ILE T 263 29.47 -1.65 -40.92
N LEU T 264 30.68 -2.05 -41.31
CA LEU T 264 31.88 -1.15 -41.37
C LEU T 264 31.87 -0.13 -42.52
N PRO T 265 31.11 -0.22 -43.64
CA PRO T 265 31.20 0.78 -44.73
C PRO T 265 30.71 2.18 -44.33
N VAL T 266 29.90 2.32 -43.27
CA VAL T 266 29.35 3.62 -42.78
C VAL T 266 30.43 4.39 -42.03
N ALA T 267 31.53 3.72 -41.68
CA ALA T 267 32.71 4.35 -41.05
C ALA T 267 33.61 4.93 -42.16
N ALA T 268 33.86 4.16 -43.20
CA ALA T 268 34.68 4.67 -44.32
C ALA T 268 33.94 5.82 -44.99
N SER T 269 32.61 5.83 -44.85
CA SER T 269 31.76 6.92 -45.39
C SER T 269 31.51 7.96 -44.30
N TYR T 270 32.31 7.98 -43.23
CA TYR T 270 32.24 9.00 -42.15
C TYR T 270 33.57 9.76 -42.02
N SER T 271 34.72 9.10 -42.11
CA SER T 271 36.08 9.74 -42.04
C SER T 271 36.38 10.43 -43.36
N ALA T 272 36.04 9.81 -44.50
CA ALA T 272 36.18 10.43 -45.85
C ALA T 272 35.26 11.64 -45.94
N VAL T 273 34.02 11.54 -45.43
CA VAL T 273 33.01 12.65 -45.47
C VAL T 273 33.54 13.82 -44.64
N THR T 274 34.16 13.56 -43.48
CA THR T 274 34.60 14.63 -42.55
C THR T 274 35.80 15.37 -43.15
N ARG T 275 36.73 14.71 -43.85
CA ARG T 275 37.97 15.35 -44.37
C ARG T 275 37.52 16.42 -45.37
N PHE T 276 36.50 16.15 -46.19
CA PHE T 276 35.99 17.08 -47.24
C PHE T 276 35.39 18.33 -46.60
N ILE T 277 34.86 18.24 -45.38
CA ILE T 277 34.18 19.38 -44.69
C ILE T 277 35.25 20.32 -44.10
N GLU T 278 36.48 19.85 -43.86
CA GLU T 278 37.59 20.68 -43.30
C GLU T 278 38.30 21.36 -44.47
N GLU T 279 38.70 20.57 -45.47
CA GLU T 279 39.54 21.08 -46.58
C GLU T 279 38.81 22.03 -47.50
N LYS T 280 37.52 21.84 -47.75
CA LYS T 280 36.78 22.67 -48.74
C LYS T 280 35.95 23.69 -48.01
N SER T 281 36.43 24.19 -46.86
CA SER T 281 35.78 25.29 -46.11
C SER T 281 36.68 26.53 -46.12
N SER T 282 37.80 26.51 -46.83
CA SER T 282 38.79 27.61 -46.86
C SER T 282 38.31 28.66 -47.85
N PHE T 283 38.77 29.89 -47.74
CA PHE T 283 38.33 31.02 -48.60
C PHE T 283 38.70 30.73 -50.06
N GLU T 284 39.79 30.01 -50.31
CA GLU T 284 40.31 29.72 -51.67
C GLU T 284 39.32 28.93 -52.54
N TYR T 285 38.57 27.95 -52.01
CA TYR T 285 37.70 27.05 -52.84
C TYR T 285 36.47 27.76 -53.42
N GLY T 286 36.08 28.97 -52.98
CA GLY T 286 35.02 29.77 -53.64
C GLY T 286 33.70 29.80 -52.91
N GLN T 287 32.76 30.70 -53.26
CA GLN T 287 31.55 30.90 -52.41
C GLN T 287 30.61 29.69 -52.29
N VAL T 288 30.45 28.84 -53.30
CA VAL T 288 29.44 27.73 -53.29
C VAL T 288 29.98 26.46 -52.59
N ASN T 289 31.26 26.12 -52.74
CA ASN T 289 31.91 24.91 -52.19
C ASN T 289 31.85 25.07 -50.67
N HIS T 290 31.82 26.31 -50.18
CA HIS T 290 31.72 26.63 -48.74
C HIS T 290 30.33 26.29 -48.25
N ALA T 291 29.27 26.66 -48.97
CA ALA T 291 27.87 26.38 -48.60
C ALA T 291 27.57 24.88 -48.63
N LEU T 292 28.10 24.16 -49.62
CA LEU T 292 27.87 22.69 -49.77
C LEU T 292 28.35 21.97 -48.51
N ALA T 293 29.55 22.29 -47.99
CA ALA T 293 30.15 21.66 -46.79
C ALA T 293 29.51 22.19 -45.49
N ALA T 294 29.01 23.42 -45.46
CA ALA T 294 28.37 24.07 -44.28
C ALA T 294 26.97 23.55 -44.06
N ALA T 295 26.36 22.90 -45.05
CA ALA T 295 25.04 22.23 -44.90
C ALA T 295 25.25 20.71 -44.91
N MET T 296 26.49 20.25 -45.17
CA MET T 296 26.89 18.83 -45.08
C MET T 296 27.34 18.58 -43.63
N ARG T 297 27.77 19.62 -42.92
CA ARG T 297 28.24 19.53 -41.51
C ARG T 297 27.03 19.35 -40.59
N THR T 298 25.84 19.82 -41.01
CA THR T 298 24.59 19.70 -40.23
C THR T 298 24.15 18.23 -40.17
N LEU T 299 24.38 17.48 -41.25
CA LEU T 299 24.05 16.03 -41.32
C LEU T 299 24.99 15.23 -40.42
N VAL T 300 26.21 15.74 -40.17
CA VAL T 300 27.22 15.08 -39.30
C VAL T 300 26.76 15.30 -37.87
N LYS T 301 26.21 16.48 -37.51
CA LYS T 301 25.70 16.73 -36.15
C LYS T 301 24.59 15.72 -35.86
N GLU T 302 23.68 15.50 -36.80
CA GLU T 302 22.52 14.58 -36.66
C GLU T 302 23.04 13.14 -36.61
N HIS T 303 24.10 12.80 -37.32
CA HIS T 303 24.69 11.44 -37.23
C HIS T 303 25.17 11.22 -35.80
N LEU T 304 25.82 12.20 -35.20
CA LEU T 304 26.36 12.06 -33.81
C LEU T 304 25.19 11.89 -32.84
N ILE T 305 24.08 12.59 -33.12
CA ILE T 305 22.85 12.52 -32.27
C ILE T 305 22.30 11.09 -32.32
N LEU T 306 22.41 10.39 -33.45
CA LEU T 306 21.96 8.98 -33.52
C LEU T 306 22.86 8.09 -32.67
N VAL T 307 24.18 8.23 -32.72
CA VAL T 307 25.08 7.26 -32.02
C VAL T 307 24.90 7.41 -30.50
N SER T 308 24.46 8.56 -30.00
CA SER T 308 24.25 8.86 -28.55
C SER T 308 23.02 8.12 -28.08
N GLN T 309 21.96 8.05 -28.89
CA GLN T 309 20.72 7.30 -28.56
C GLN T 309 21.04 5.80 -28.53
N LEU T 310 21.82 5.30 -29.49
CA LEU T 310 22.16 3.86 -29.56
C LEU T 310 22.95 3.49 -28.31
N GLU T 311 23.77 4.40 -27.79
CA GLU T 311 24.60 4.13 -26.58
C GLU T 311 23.70 3.89 -25.37
N GLN T 312 22.63 4.67 -25.22
CA GLN T 312 21.70 4.54 -24.06
C GLN T 312 21.04 3.16 -24.11
N LEU T 313 20.64 2.70 -25.29
CA LEU T 313 20.01 1.38 -25.43
C LEU T 313 21.07 0.35 -25.04
N HIS T 314 22.31 0.53 -25.46
CA HIS T 314 23.41 -0.42 -25.17
C HIS T 314 23.66 -0.47 -23.67
N ARG T 315 23.53 0.66 -22.99
CA ARG T 315 23.76 0.77 -21.53
C ARG T 315 22.76 -0.13 -20.80
N GLN T 316 21.52 -0.23 -21.28
CA GLN T 316 20.43 -1.01 -20.62
C GLN T 316 20.43 -2.47 -21.12
N GLY T 317 21.53 -3.00 -21.70
CA GLY T 317 21.68 -4.43 -22.10
C GLY T 317 20.65 -4.86 -23.14
N LEU T 318 19.95 -3.89 -23.76
CA LEU T 318 18.74 -4.08 -24.63
C LEU T 318 19.03 -3.84 -26.12
N LEU T 319 20.29 -3.89 -26.54
CA LEU T 319 20.71 -3.73 -27.97
C LEU T 319 21.66 -4.86 -28.30
N SER T 320 21.66 -5.34 -29.56
CA SER T 320 22.49 -6.48 -30.02
C SER T 320 22.99 -6.15 -31.41
N LEU T 321 23.88 -6.94 -32.00
CA LEU T 321 24.52 -6.58 -33.29
C LEU T 321 23.50 -6.78 -34.40
N GLN T 322 22.47 -7.59 -34.17
CA GLN T 322 21.39 -7.83 -35.16
C GLN T 322 20.42 -6.67 -35.06
N LYS T 323 20.21 -6.06 -33.88
CA LYS T 323 19.31 -4.87 -33.75
C LYS T 323 20.06 -3.65 -34.29
N LEU T 324 21.36 -3.50 -33.98
CA LEU T 324 22.18 -2.36 -34.46
C LEU T 324 22.16 -2.38 -35.98
N TRP T 325 22.31 -3.54 -36.59
CA TRP T 325 22.40 -3.65 -38.07
C TRP T 325 21.16 -3.04 -38.70
N PHE T 326 19.96 -3.37 -38.21
CA PHE T 326 18.68 -2.82 -38.72
C PHE T 326 18.58 -1.33 -38.39
N TYR T 327 19.01 -0.91 -37.20
CA TYR T 327 18.88 0.50 -36.72
C TYR T 327 19.68 1.49 -37.57
N ILE T 328 20.87 1.13 -38.04
CA ILE T 328 21.78 2.07 -38.77
C ILE T 328 21.51 2.08 -40.28
N GLN T 329 20.64 1.21 -40.81
CA GLN T 329 20.44 1.10 -42.28
C GLN T 329 19.99 2.46 -42.81
N PRO T 330 19.08 3.22 -42.18
CA PRO T 330 18.63 4.46 -42.78
C PRO T 330 19.78 5.45 -42.98
N ALA T 331 20.72 5.57 -42.04
CA ALA T 331 21.83 6.53 -42.10
C ALA T 331 23.02 5.94 -42.83
N MET T 332 23.02 4.66 -43.15
CA MET T 332 24.09 4.08 -43.99
C MET T 332 23.90 4.67 -45.38
N ARG T 333 22.65 4.89 -45.82
CA ARG T 333 22.36 5.46 -47.17
C ARG T 333 22.69 6.94 -47.19
N THR T 334 22.26 7.73 -46.23
CA THR T 334 22.46 9.20 -46.27
C THR T 334 23.96 9.45 -46.40
N MET T 335 24.76 8.77 -45.62
CA MET T 335 26.23 8.99 -45.65
C MET T 335 26.74 8.58 -47.02
N ASP T 336 26.25 7.50 -47.61
CA ASP T 336 26.75 7.00 -48.92
C ASP T 336 26.55 8.04 -50.01
N ILE T 337 25.41 8.74 -50.03
CA ILE T 337 25.11 9.81 -51.03
C ILE T 337 26.03 11.02 -50.77
N LEU T 338 26.28 11.38 -49.52
CA LEU T 338 27.16 12.52 -49.14
C LEU T 338 28.63 12.20 -49.43
N ALA T 339 29.08 10.97 -49.30
CA ALA T 339 30.50 10.57 -49.47
C ALA T 339 30.86 10.44 -50.94
N SER T 340 29.96 9.91 -51.77
CA SER T 340 30.16 9.83 -53.25
C SER T 340 30.13 11.23 -53.86
N LEU T 341 29.17 12.08 -53.48
CA LEU T 341 29.04 13.47 -54.02
C LEU T 341 30.29 14.25 -53.68
N ALA T 342 30.81 14.10 -52.47
CA ALA T 342 32.04 14.79 -52.04
C ALA T 342 33.24 14.27 -52.84
N THR T 343 33.36 12.99 -53.11
CA THR T 343 34.46 12.49 -53.97
C THR T 343 34.40 13.22 -55.30
N SER T 344 33.24 13.28 -55.96
CA SER T 344 33.09 13.90 -57.30
C SER T 344 33.37 15.41 -57.32
N VAL T 345 32.86 16.20 -56.37
CA VAL T 345 33.07 17.68 -56.33
C VAL T 345 34.57 17.90 -56.17
N ASP T 346 35.25 17.08 -55.38
CA ASP T 346 36.73 17.12 -55.24
C ASP T 346 37.47 16.59 -56.46
N LYS T 347 37.02 15.50 -57.07
CA LYS T 347 37.77 14.80 -58.16
C LYS T 347 37.94 15.68 -59.38
N GLY T 348 36.92 16.44 -59.78
CA GLY T 348 36.97 17.29 -60.98
C GLY T 348 37.49 18.67 -60.66
N GLU T 349 37.89 18.92 -59.42
CA GLU T 349 38.38 20.25 -58.99
C GLU T 349 37.28 21.23 -59.36
N CYS T 350 36.02 20.91 -59.06
CA CYS T 350 34.86 21.76 -59.41
C CYS T 350 34.63 22.83 -58.33
N LEU T 351 34.36 24.06 -58.74
CA LEU T 351 34.16 25.18 -57.80
C LEU T 351 33.40 26.26 -58.55
N GLY T 352 32.70 27.13 -57.85
CA GLY T 352 31.85 28.14 -58.50
C GLY T 352 30.53 27.58 -58.96
N GLY T 353 30.36 27.28 -60.24
CA GLY T 353 29.07 26.80 -60.77
C GLY T 353 29.23 25.38 -61.29
N SER T 354 30.45 24.97 -61.46
CA SER T 354 30.78 23.58 -61.83
C SER T 354 30.35 22.64 -60.71
N THR T 355 30.12 23.17 -59.50
CA THR T 355 29.51 22.38 -58.39
C THR T 355 28.15 22.96 -58.05
N LEU T 356 27.50 23.52 -59.02
CA LEU T 356 26.08 23.82 -58.81
C LEU T 356 25.34 23.10 -59.94
N SER T 357 26.05 22.63 -60.96
CA SER T 357 25.49 21.76 -62.04
C SER T 357 25.55 20.31 -61.55
N LEU T 358 26.68 19.89 -60.98
CA LEU T 358 26.91 18.51 -60.48
C LEU T 358 25.87 18.20 -59.41
N LEU T 359 25.35 19.20 -58.70
CA LEU T 359 24.28 18.98 -57.69
C LEU T 359 22.91 18.96 -58.37
N HIS T 360 22.68 19.68 -59.48
CA HIS T 360 21.40 19.61 -60.23
C HIS T 360 21.28 18.25 -60.93
N ASP T 361 22.36 17.75 -61.54
CA ASP T 361 22.34 16.47 -62.30
C ASP T 361 22.20 15.25 -61.38
N ARG T 362 22.91 15.20 -60.25
CA ARG T 362 22.83 14.05 -59.31
C ARG T 362 21.41 13.96 -58.78
N SER T 363 20.74 15.08 -58.56
CA SER T 363 19.35 15.12 -58.05
C SER T 363 18.42 14.42 -59.03
N PHE T 364 18.63 14.58 -60.34
CA PHE T 364 17.87 13.83 -61.37
C PHE T 364 18.22 12.35 -61.32
N SER T 365 19.50 11.98 -61.19
CA SER T 365 19.95 10.58 -61.22
C SER T 365 18.96 9.75 -60.42
N TYR T 366 18.77 10.03 -59.13
CA TYR T 366 17.71 9.35 -58.33
C TYR T 366 16.45 10.20 -58.51
N THR T 367 15.49 9.76 -59.32
CA THR T 367 14.21 10.49 -59.56
C THR T 367 13.05 9.75 -58.89
N GLY T 368 13.21 8.45 -58.57
CA GLY T 368 12.16 7.59 -58.03
C GLY T 368 12.39 7.26 -56.58
N ASP T 369 13.65 7.30 -56.10
CA ASP T 369 14.03 6.82 -54.74
C ASP T 369 13.32 7.56 -53.59
N SER T 370 13.42 8.89 -53.46
CA SER T 370 12.72 9.76 -52.46
C SER T 370 13.31 9.62 -51.06
N GLN T 371 14.15 8.60 -50.79
CA GLN T 371 14.89 8.47 -49.51
C GLN T 371 16.16 9.29 -49.69
N ALA T 372 16.82 9.18 -50.85
CA ALA T 372 18.04 9.96 -51.18
C ALA T 372 17.70 11.23 -51.97
N GLN T 373 16.57 11.31 -52.66
CA GLN T 373 16.26 12.48 -53.52
C GLN T 373 16.10 13.70 -52.64
N GLU T 374 15.48 13.57 -51.48
CA GLU T 374 15.23 14.73 -50.59
C GLU T 374 16.55 15.26 -50.06
N LEU T 375 17.52 14.41 -49.77
CA LEU T 375 18.84 14.86 -49.28
C LEU T 375 19.48 15.71 -50.37
N CYS T 376 19.52 15.27 -51.63
CA CYS T 376 20.23 16.00 -52.72
C CYS T 376 19.50 17.28 -53.02
N LEU T 377 18.18 17.23 -53.08
CA LEU T 377 17.38 18.41 -53.45
C LEU T 377 17.64 19.45 -52.36
N TYR T 378 17.94 19.01 -51.15
CA TYR T 378 18.25 19.93 -50.01
C TYR T 378 19.66 20.52 -50.16
N LEU T 379 20.64 19.72 -50.59
CA LEU T 379 22.07 20.19 -50.70
C LEU T 379 22.17 21.29 -51.76
N THR T 380 21.27 21.31 -52.74
CA THR T 380 21.25 22.30 -53.83
C THR T 380 20.49 23.54 -53.40
N LYS T 381 19.45 23.40 -52.58
CA LYS T 381 18.78 24.61 -52.02
C LYS T 381 19.84 25.34 -51.18
N ALA T 382 20.58 24.62 -50.34
CA ALA T 382 21.63 25.20 -49.45
C ALA T 382 22.84 25.73 -50.22
N ALA T 383 23.36 25.03 -51.23
CA ALA T 383 24.61 25.40 -51.95
C ALA T 383 24.37 26.50 -53.00
N SER T 384 23.13 26.70 -53.46
CA SER T 384 22.76 27.69 -54.50
C SER T 384 22.34 29.02 -53.87
N ALA T 385 22.30 29.14 -52.54
CA ALA T 385 21.91 30.39 -51.85
C ALA T 385 22.90 31.52 -52.20
N PRO T 386 24.23 31.32 -52.25
CA PRO T 386 25.19 32.37 -52.65
C PRO T 386 25.18 32.72 -54.14
N TYR T 387 24.96 31.75 -55.05
CA TYR T 387 24.99 31.98 -56.53
C TYR T 387 23.80 32.83 -56.95
N PHE T 388 22.60 32.52 -56.45
CA PHE T 388 21.36 33.27 -56.81
C PHE T 388 21.51 34.71 -56.31
N GLU T 389 22.15 34.91 -55.15
CA GLU T 389 22.37 36.26 -54.57
C GLU T 389 23.23 37.12 -55.51
N VAL T 390 24.25 36.53 -56.16
CA VAL T 390 25.11 37.26 -57.15
C VAL T 390 24.26 37.64 -58.36
N LEU T 391 23.43 36.73 -58.87
CA LEU T 391 22.62 36.97 -60.08
C LEU T 391 21.59 38.04 -59.76
N GLU T 392 21.10 38.06 -58.54
CA GLU T 392 20.11 39.05 -58.11
C GLU T 392 20.76 40.42 -58.16
N LYS T 393 22.02 40.57 -57.80
CA LYS T 393 22.69 41.90 -57.93
C LYS T 393 22.89 42.25 -59.41
N TRP T 394 23.41 41.34 -60.24
CA TRP T 394 23.73 41.59 -61.68
C TRP T 394 22.49 41.90 -62.51
N ILE T 395 21.40 41.17 -62.32
CA ILE T 395 20.14 41.38 -63.09
C ILE T 395 19.52 42.70 -62.69
N TYR T 396 19.47 43.05 -61.41
CA TYR T 396 18.75 44.25 -60.92
C TYR T 396 19.64 45.49 -60.84
N ARG T 397 20.95 45.33 -60.88
CA ARG T 397 21.90 46.47 -60.90
C ARG T 397 23.10 45.97 -61.70
N GLY T 398 23.96 46.85 -62.20
CA GLY T 398 25.10 46.42 -63.02
C GLY T 398 26.19 45.84 -62.16
N ILE T 399 26.07 45.90 -60.83
CA ILE T 399 27.16 45.48 -59.90
C ILE T 399 27.44 43.99 -60.05
N ILE T 400 28.71 43.56 -60.06
CA ILE T 400 29.09 42.11 -60.07
C ILE T 400 30.08 41.95 -58.92
N HIS T 401 29.62 41.82 -57.66
CA HIS T 401 30.55 41.81 -56.50
C HIS T 401 31.50 40.64 -56.65
N ASP T 402 31.02 39.43 -56.86
CA ASP T 402 31.88 38.30 -57.25
C ASP T 402 33.29 38.42 -56.67
N PRO T 403 33.54 38.40 -55.35
CA PRO T 403 34.89 38.66 -54.84
C PRO T 403 35.90 37.66 -55.40
N TYR T 404 35.53 36.39 -55.52
CA TYR T 404 36.38 35.35 -56.16
C TYR T 404 35.81 35.17 -57.55
N SER T 405 36.58 34.74 -58.55
CA SER T 405 36.09 34.58 -59.94
C SER T 405 35.21 33.32 -60.03
N GLU T 406 33.90 33.43 -59.77
CA GLU T 406 32.99 32.26 -59.83
C GLU T 406 31.78 32.54 -60.71
N PHE T 407 31.28 33.76 -60.73
CA PHE T 407 30.01 34.05 -61.45
C PHE T 407 30.18 33.84 -62.94
N MET T 408 29.09 33.49 -63.63
CA MET T 408 29.12 33.24 -65.09
C MET T 408 29.57 34.50 -65.84
N VAL T 409 28.97 35.67 -65.60
CA VAL T 409 29.40 36.95 -66.26
C VAL T 409 30.70 37.38 -65.61
N GLU T 410 31.59 38.05 -66.33
CA GLU T 410 32.84 38.61 -65.76
C GLU T 410 32.94 40.03 -66.31
N GLU T 411 33.60 40.95 -65.60
CA GLU T 411 33.78 42.34 -66.06
C GLU T 411 35.25 42.55 -66.37
N HIS T 412 35.59 42.68 -67.65
CA HIS T 412 36.99 42.94 -68.08
C HIS T 412 37.27 44.42 -67.88
N GLU T 413 38.45 44.77 -67.37
CA GLU T 413 38.83 46.19 -67.17
C GLU T 413 39.37 46.66 -68.51
N LEU T 414 38.49 46.81 -69.50
CA LEU T 414 38.89 47.28 -70.85
C LEU T 414 38.79 48.80 -70.84
N ARG T 415 38.68 49.42 -69.68
CA ARG T 415 38.71 50.90 -69.60
C ARG T 415 40.15 51.34 -69.86
N LYS T 416 41.14 50.55 -69.47
CA LYS T 416 42.56 50.99 -69.58
C LYS T 416 42.88 51.39 -71.03
N GLU T 417 42.47 50.58 -72.01
CA GLU T 417 42.73 50.88 -73.44
C GLU T 417 41.65 51.80 -74.01
N ARG T 418 40.37 51.52 -73.75
CA ARG T 418 39.24 52.29 -74.36
C ARG T 418 38.66 53.19 -73.26
N ILE T 419 39.03 54.48 -73.25
CA ILE T 419 38.53 55.49 -72.27
C ILE T 419 38.70 56.85 -72.96
N GLN T 420 37.83 57.83 -72.69
CA GLN T 420 37.83 59.17 -73.37
C GLN T 420 37.35 58.91 -74.79
N GLU T 421 38.04 58.08 -75.57
CA GLU T 421 37.54 57.60 -76.89
C GLU T 421 37.26 56.12 -76.64
N ASP T 422 36.02 55.67 -76.83
CA ASP T 422 35.64 54.26 -76.61
C ASP T 422 36.05 53.62 -77.93
N TYR T 423 37.35 53.46 -78.15
CA TYR T 423 37.88 52.96 -79.44
C TYR T 423 37.15 51.68 -79.84
N ASN T 424 36.96 50.75 -78.90
CA ASN T 424 36.33 49.43 -79.20
C ASN T 424 34.82 49.51 -79.00
N ASP T 425 34.28 50.63 -78.52
CA ASP T 425 32.84 50.66 -78.16
C ASP T 425 32.79 49.43 -77.26
N LYS T 426 33.73 49.33 -76.32
CA LYS T 426 33.92 48.11 -75.53
C LYS T 426 32.63 47.69 -74.82
N TYR T 427 31.80 48.62 -74.36
CA TYR T 427 30.66 48.20 -73.53
C TYR T 427 29.87 47.14 -74.29
N TRP T 428 29.64 47.29 -75.60
CA TRP T 428 28.79 46.35 -76.39
C TRP T 428 29.67 45.27 -77.03
N ASP T 429 30.98 45.27 -76.78
CA ASP T 429 31.93 44.32 -77.40
C ASP T 429 32.59 43.42 -76.35
N GLN T 430 33.58 43.91 -75.59
CA GLN T 430 34.38 43.04 -74.67
C GLN T 430 34.55 43.64 -73.27
N ARG T 431 33.70 44.57 -72.82
CA ARG T 431 33.80 45.05 -71.42
C ARG T 431 33.15 43.99 -70.54
N TYR T 432 31.84 43.78 -70.65
CA TYR T 432 31.09 42.77 -69.88
C TYR T 432 30.98 41.57 -70.79
N THR T 433 31.71 40.49 -70.52
CA THR T 433 31.81 39.32 -71.43
C THR T 433 31.36 38.10 -70.68
N ILE T 434 31.22 36.91 -71.27
CA ILE T 434 30.66 35.70 -70.57
C ILE T 434 31.76 34.67 -70.26
N VAL T 435 31.50 33.70 -69.38
CA VAL T 435 32.41 32.57 -69.04
C VAL T 435 31.63 31.31 -69.38
N GLN T 436 32.27 30.24 -69.86
CA GLN T 436 31.56 29.03 -70.33
C GLN T 436 31.44 27.95 -69.25
N GLN T 437 32.54 27.56 -68.61
CA GLN T 437 32.57 26.42 -67.63
C GLN T 437 31.94 26.82 -66.29
N GLN T 438 31.60 28.09 -66.09
CA GLN T 438 30.94 28.56 -64.85
C GLN T 438 29.51 28.94 -65.17
N ILE T 439 28.80 28.14 -65.97
CA ILE T 439 27.35 28.35 -66.25
C ILE T 439 26.65 27.24 -65.47
N PRO T 440 25.55 27.49 -64.72
CA PRO T 440 24.98 26.49 -63.81
C PRO T 440 24.32 25.27 -64.44
N SER T 441 24.06 25.21 -65.74
CA SER T 441 23.53 24.01 -66.46
C SER T 441 22.02 23.93 -66.35
N PHE T 442 21.39 24.70 -65.47
CA PHE T 442 19.91 24.83 -65.42
C PHE T 442 19.58 26.19 -66.03
N LEU T 443 20.53 27.12 -66.03
CA LEU T 443 20.31 28.50 -66.52
C LEU T 443 20.93 28.64 -67.92
N GLN T 444 21.32 27.54 -68.58
CA GLN T 444 21.99 27.59 -69.91
C GLN T 444 21.03 28.13 -70.97
N LYS T 445 19.71 27.91 -70.84
CA LYS T 445 18.69 28.46 -71.77
C LYS T 445 18.57 29.98 -71.63
N MET T 446 18.70 30.49 -70.40
CA MET T 446 18.65 31.94 -70.15
C MET T 446 20.06 32.52 -70.11
N ALA T 447 21.09 31.72 -70.36
CA ALA T 447 22.51 32.16 -70.19
C ALA T 447 22.80 33.45 -70.94
N ASP T 448 22.49 33.47 -72.24
CA ASP T 448 22.74 34.67 -73.09
C ASP T 448 21.95 35.85 -72.54
N LYS T 449 20.68 35.65 -72.21
CA LYS T 449 19.82 36.80 -71.81
C LYS T 449 20.37 37.49 -70.58
N ILE T 450 20.88 36.72 -69.61
CA ILE T 450 21.38 37.27 -68.31
C ILE T 450 22.39 38.38 -68.64
N LEU T 451 23.35 38.09 -69.53
CA LEU T 451 24.44 39.06 -69.83
C LEU T 451 23.81 40.31 -70.38
N SER T 452 22.94 40.13 -71.37
CA SER T 452 22.29 41.28 -72.03
C SER T 452 21.49 42.05 -70.98
N THR T 453 20.90 41.32 -70.02
CA THR T 453 19.99 41.92 -69.01
C THR T 453 20.72 42.98 -68.22
N GLY T 454 21.97 42.66 -67.90
CA GLY T 454 22.77 43.48 -66.98
C GLY T 454 23.63 44.48 -67.69
N LYS T 455 24.06 44.17 -68.91
CA LYS T 455 25.00 45.08 -69.64
C LYS T 455 24.24 46.34 -69.95
N TYR T 456 22.97 46.19 -70.31
CA TYR T 456 22.07 47.28 -70.76
C TYR T 456 21.92 48.25 -69.60
N LEU T 457 21.95 47.75 -68.37
CA LEU T 457 21.80 48.57 -67.13
C LEU T 457 22.99 49.52 -67.01
N ASN T 458 24.17 49.02 -67.37
CA ASN T 458 25.41 49.83 -67.18
C ASN T 458 25.44 51.08 -68.07
N VAL T 459 25.03 50.97 -69.33
CA VAL T 459 25.17 52.11 -70.28
C VAL T 459 24.18 53.22 -69.94
N VAL T 460 23.33 53.04 -68.93
CA VAL T 460 22.58 54.19 -68.36
C VAL T 460 23.19 54.47 -66.98
N ARG T 461 23.63 53.42 -66.26
CA ARG T 461 24.32 53.57 -64.95
C ARG T 461 25.71 54.16 -65.17
N GLU T 462 26.20 54.25 -66.39
CA GLU T 462 27.49 54.89 -66.73
C GLU T 462 27.29 56.38 -66.93
N CYS T 463 26.15 56.82 -67.48
CA CYS T 463 25.90 58.22 -67.90
C CYS T 463 25.26 59.06 -66.84
N GLY T 464 25.02 58.54 -65.65
CA GLY T 464 24.57 59.35 -64.49
C GLY T 464 23.07 59.51 -64.38
N HIS T 465 22.29 59.16 -65.42
CA HIS T 465 20.81 59.10 -65.33
C HIS T 465 20.54 57.93 -64.36
N ASP T 466 19.78 58.18 -63.28
CA ASP T 466 19.50 57.14 -62.25
C ASP T 466 18.68 56.00 -62.87
N VAL T 467 19.16 54.76 -62.78
CA VAL T 467 18.34 53.60 -63.27
C VAL T 467 18.05 52.67 -62.08
N THR T 468 16.77 52.58 -61.70
CA THR T 468 16.40 51.74 -60.53
C THR T 468 15.34 50.71 -60.94
N CYS T 469 15.52 49.44 -60.58
CA CYS T 469 14.47 48.42 -60.85
C CYS T 469 13.23 48.79 -60.04
N PRO T 470 12.00 48.63 -60.55
CA PRO T 470 10.81 49.07 -59.81
C PRO T 470 10.70 48.26 -58.52
N VAL T 471 10.93 46.94 -58.60
CA VAL T 471 10.93 46.07 -57.39
C VAL T 471 12.06 45.05 -57.56
N ALA T 472 12.81 44.75 -56.50
CA ALA T 472 13.81 43.68 -56.62
C ALA T 472 13.20 42.42 -56.01
N LYS T 473 12.94 41.40 -56.83
CA LYS T 473 12.27 40.16 -56.34
C LYS T 473 13.35 39.12 -56.03
N GLU T 474 13.21 38.40 -54.92
CA GLU T 474 14.28 37.45 -54.53
C GLU T 474 14.06 36.15 -55.31
N ILE T 475 15.11 35.36 -55.55
CA ILE T 475 15.03 34.09 -56.35
C ILE T 475 15.67 32.91 -55.64
N ILE T 476 14.96 31.77 -55.54
CA ILE T 476 15.36 30.54 -54.80
C ILE T 476 15.38 29.29 -55.70
N TYR T 477 16.42 28.44 -55.63
CA TYR T 477 16.47 27.20 -56.43
C TYR T 477 15.24 26.39 -56.11
N THR T 478 14.81 25.61 -57.09
CA THR T 478 13.54 24.88 -56.98
C THR T 478 13.60 23.74 -58.01
N LEU T 479 12.87 22.66 -57.81
CA LEU T 479 12.90 21.59 -58.83
C LEU T 479 11.46 21.40 -59.25
N LYS T 480 11.20 21.01 -60.50
CA LYS T 480 9.83 20.85 -61.09
C LYS T 480 9.11 22.19 -61.33
N GLU T 481 9.60 23.35 -60.84
CA GLU T 481 8.87 24.64 -60.94
C GLU T 481 9.85 25.76 -61.33
N ARG T 482 9.99 26.03 -62.64
CA ARG T 482 10.87 27.11 -63.15
C ARG T 482 10.13 28.45 -63.01
N ALA T 483 10.13 29.02 -61.80
CA ALA T 483 9.51 30.34 -61.53
C ALA T 483 10.59 31.38 -61.72
N TYR T 484 11.86 30.97 -61.62
CA TYR T 484 13.01 31.87 -61.86
C TYR T 484 12.92 32.33 -63.31
N VAL T 485 12.57 31.46 -64.27
CA VAL T 485 12.45 31.80 -65.72
C VAL T 485 11.62 33.08 -65.92
N GLU T 486 10.40 33.16 -65.37
CA GLU T 486 9.44 34.28 -65.56
C GLU T 486 10.04 35.56 -64.98
N GLN T 487 10.78 35.48 -63.87
CA GLN T 487 11.39 36.65 -63.17
C GLN T 487 12.56 37.23 -63.97
N ILE T 488 13.38 36.33 -64.55
CA ILE T 488 14.55 36.76 -65.37
C ILE T 488 13.95 37.56 -66.51
N GLU T 489 12.82 37.09 -67.04
CA GLU T 489 12.16 37.78 -68.18
C GLU T 489 11.55 39.11 -67.73
N LYS T 490 10.93 39.14 -66.55
CA LYS T 490 10.28 40.38 -66.06
C LYS T 490 11.36 41.45 -65.88
N ALA T 491 12.55 41.09 -65.41
CA ALA T 491 13.67 42.04 -65.27
C ALA T 491 14.28 42.40 -66.63
N PHE T 492 14.48 41.41 -67.50
CA PHE T 492 15.13 41.62 -68.82
C PHE T 492 14.33 42.67 -69.56
N ASN T 493 13.00 42.54 -69.55
CA ASN T 493 12.13 43.42 -70.38
C ASN T 493 12.20 44.84 -69.88
N TYR T 494 12.24 45.07 -68.56
CA TYR T 494 12.39 46.44 -67.99
C TYR T 494 13.75 47.02 -68.39
N ALA T 495 14.80 46.20 -68.44
CA ALA T 495 16.16 46.66 -68.81
C ALA T 495 16.22 47.26 -70.22
N SER T 496 15.75 46.49 -71.20
CA SER T 496 15.73 46.93 -72.61
C SER T 496 14.77 48.12 -72.74
N LYS T 497 13.61 48.03 -72.11
CA LYS T 497 12.62 49.12 -72.24
C LYS T 497 13.24 50.43 -71.76
N VAL T 498 13.88 50.46 -70.58
CA VAL T 498 14.40 51.73 -69.98
C VAL T 498 15.46 52.35 -70.88
N LEU T 499 16.38 51.53 -71.38
CA LEU T 499 17.52 52.01 -72.22
C LEU T 499 16.97 52.58 -73.53
N LEU T 500 16.03 51.88 -74.15
CA LEU T 500 15.42 52.31 -75.45
C LEU T 500 14.64 53.60 -75.28
N ASP T 501 13.86 53.73 -74.20
CA ASP T 501 13.06 54.95 -73.94
C ASP T 501 14.01 56.13 -73.72
N PHE T 502 15.04 55.97 -72.90
CA PHE T 502 15.98 57.08 -72.61
C PHE T 502 16.62 57.47 -73.94
N LEU T 503 17.05 56.49 -74.74
CA LEU T 503 17.78 56.74 -76.02
C LEU T 503 16.88 57.45 -77.04
N MET T 504 15.59 57.11 -77.08
CA MET T 504 14.70 57.69 -78.12
C MET T 504 14.13 59.03 -77.66
N GLU T 505 14.41 59.47 -76.42
CA GLU T 505 14.01 60.83 -75.95
C GLU T 505 15.26 61.63 -75.56
N GLU T 506 16.13 61.07 -74.71
CA GLU T 506 17.44 61.70 -74.34
C GLU T 506 18.48 61.06 -75.25
N LYS T 507 19.45 61.81 -75.77
CA LYS T 507 20.35 61.28 -76.84
C LYS T 507 19.45 60.89 -78.03
N GLU T 508 18.37 61.66 -78.31
CA GLU T 508 17.33 61.23 -79.29
C GLU T 508 17.99 60.80 -80.57
N LEU T 509 17.78 59.55 -80.97
CA LEU T 509 18.48 58.93 -82.12
C LEU T 509 17.74 59.23 -83.41
N VAL T 510 16.42 59.42 -83.32
CA VAL T 510 15.62 59.63 -84.55
C VAL T 510 16.08 60.91 -85.24
N ALA T 511 16.32 62.00 -84.50
CA ALA T 511 16.71 63.32 -85.08
C ALA T 511 18.14 63.30 -85.62
N HIS T 512 19.08 62.74 -84.84
CA HIS T 512 20.51 62.62 -85.23
C HIS T 512 20.59 61.83 -86.53
N LEU T 513 19.77 60.79 -86.69
CA LEU T 513 19.78 59.93 -87.90
C LEU T 513 19.30 60.72 -89.11
N ARG T 514 18.33 61.64 -88.97
CA ARG T 514 17.90 62.51 -90.08
C ARG T 514 19.02 63.48 -90.44
N SER T 515 19.59 64.15 -89.44
CA SER T 515 20.58 65.22 -89.69
C SER T 515 21.94 64.59 -90.03
N ILE T 516 21.96 63.28 -90.27
CA ILE T 516 23.14 62.60 -90.90
C ILE T 516 22.66 62.43 -92.34
N LYS T 517 21.40 62.09 -92.57
CA LYS T 517 20.79 61.97 -93.93
C LYS T 517 20.77 63.30 -94.67
N ARG T 518 20.57 64.42 -93.98
CA ARG T 518 20.41 65.76 -94.61
C ARG T 518 21.74 66.15 -95.23
N TYR T 519 22.85 65.59 -94.75
CA TYR T 519 24.21 65.96 -95.21
C TYR T 519 24.89 64.80 -95.94
N PHE T 520 24.79 63.55 -95.52
CA PHE T 520 25.54 62.47 -96.22
C PHE T 520 24.76 62.05 -97.47
N LEU T 521 23.45 61.79 -97.37
CA LEU T 521 22.63 61.30 -98.52
C LEU T 521 22.11 62.48 -99.35
N MET T 522 22.45 63.72 -99.02
CA MET T 522 22.11 64.92 -99.83
C MET T 522 20.61 65.14 -99.99
N ASP T 523 19.80 64.99 -98.95
CA ASP T 523 18.36 65.34 -99.01
C ASP T 523 18.24 66.84 -99.26
N GLN T 524 19.09 67.65 -98.61
CA GLN T 524 19.10 69.12 -98.81
C GLN T 524 20.05 69.43 -99.97
N GLY T 525 19.54 70.02 -101.07
CA GLY T 525 20.38 70.38 -102.24
C GLY T 525 20.90 71.80 -102.09
N ASP T 526 20.18 72.66 -101.36
CA ASP T 526 20.51 74.11 -101.25
C ASP T 526 21.92 74.24 -100.70
N PHE T 527 22.21 73.41 -99.69
CA PHE T 527 23.57 73.37 -99.06
C PHE T 527 24.57 73.09 -100.18
N PHE T 528 24.28 72.12 -101.06
CA PHE T 528 25.18 71.73 -102.18
C PHE T 528 25.25 72.74 -103.31
N VAL T 529 24.11 73.29 -103.75
CA VAL T 529 24.11 74.21 -104.93
C VAL T 529 25.03 75.38 -104.58
N HIS T 530 25.01 75.85 -103.32
CA HIS T 530 25.90 76.92 -102.83
C HIS T 530 27.35 76.44 -102.63
N PHE T 531 27.54 75.33 -101.88
CA PHE T 531 28.90 74.85 -101.49
C PHE T 531 29.69 74.45 -102.72
N MET T 532 29.07 73.76 -103.67
CA MET T 532 29.80 73.25 -104.87
C MET T 532 30.44 74.42 -105.60
N ASP T 533 29.72 75.54 -105.76
CA ASP T 533 30.19 76.75 -106.50
C ASP T 533 31.36 77.42 -105.79
N LEU T 534 31.24 77.60 -104.47
CA LEU T 534 32.25 78.37 -103.68
C LEU T 534 33.48 77.50 -103.43
N ALA T 535 33.52 76.27 -103.96
CA ALA T 535 34.60 75.30 -103.66
C ALA T 535 35.44 74.87 -104.86
N GLU T 536 34.85 74.71 -106.05
CA GLU T 536 35.53 73.95 -107.14
C GLU T 536 36.85 74.58 -107.52
N GLU T 537 36.89 75.91 -107.58
CA GLU T 537 38.13 76.67 -107.90
C GLU T 537 39.18 76.30 -106.85
N GLU T 538 38.77 76.12 -105.58
CA GLU T 538 39.67 75.59 -104.51
C GLU T 538 39.88 74.08 -104.69
N LEU T 539 38.81 73.35 -105.01
CA LEU T 539 38.88 71.87 -105.11
C LEU T 539 39.81 71.43 -106.24
N ARG T 540 39.76 72.06 -107.41
CA ARG T 540 40.47 71.57 -108.62
C ARG T 540 41.96 71.49 -108.36
N LYS T 541 42.44 72.20 -107.33
CA LYS T 541 43.87 72.16 -106.94
C LYS T 541 44.24 70.77 -106.47
N PRO T 542 45.51 70.35 -106.66
CA PRO T 542 45.99 69.07 -106.13
C PRO T 542 46.32 69.13 -104.64
N VAL T 543 46.52 67.96 -104.00
CA VAL T 543 46.76 67.87 -102.51
C VAL T 543 48.12 68.43 -102.16
N GLU T 544 48.32 68.78 -100.88
CA GLU T 544 49.57 69.38 -100.35
C GLU T 544 49.62 70.85 -100.76
N ASP T 545 48.60 71.33 -101.50
CA ASP T 545 48.54 72.72 -102.02
C ASP T 545 47.24 73.39 -101.57
N ILE T 546 46.28 72.62 -101.05
CA ILE T 546 45.02 73.22 -100.47
C ILE T 546 45.17 73.36 -98.96
N THR T 547 44.58 74.42 -98.37
CA THR T 547 44.65 74.70 -96.92
C THR T 547 43.32 74.26 -96.29
N PRO T 548 43.31 73.24 -95.40
CA PRO T 548 42.07 72.75 -94.81
C PRO T 548 41.24 73.85 -94.13
N PRO T 549 41.85 74.84 -93.45
CA PRO T 549 41.11 75.96 -92.88
C PRO T 549 40.15 76.74 -93.79
N ARG T 550 40.55 76.99 -95.05
CA ARG T 550 39.66 77.70 -96.01
C ARG T 550 38.43 76.85 -96.40
N LEU T 551 38.65 75.56 -96.62
CA LEU T 551 37.55 74.64 -97.01
C LEU T 551 36.66 74.61 -95.77
N GLU T 552 37.26 74.60 -94.57
CA GLU T 552 36.54 74.57 -93.27
C GLU T 552 35.68 75.83 -93.16
N ALA T 553 36.27 77.00 -93.46
CA ALA T 553 35.55 78.30 -93.41
C ALA T 553 34.46 78.32 -94.45
N LEU T 554 34.74 77.79 -95.66
CA LEU T 554 33.79 77.77 -96.79
C LEU T 554 32.59 76.87 -96.46
N LEU T 555 32.83 75.71 -95.84
CA LEU T 555 31.69 74.83 -95.42
C LEU T 555 30.86 75.54 -94.36
N GLU T 556 31.50 76.21 -93.41
CA GLU T 556 30.78 76.94 -92.34
C GLU T 556 29.89 77.96 -93.02
N LEU T 557 30.44 78.69 -93.99
CA LEU T 557 29.69 79.75 -94.69
C LEU T 557 28.51 79.12 -95.43
N ALA T 558 28.74 78.04 -96.16
CA ALA T 558 27.71 77.43 -97.01
C ALA T 558 26.56 76.92 -96.15
N LEU T 559 26.88 76.23 -95.05
CA LEU T 559 25.84 75.60 -94.21
C LEU T 559 24.93 76.67 -93.60
N ARG T 560 25.49 77.74 -93.04
CA ARG T 560 24.70 78.83 -92.40
C ARG T 560 23.99 79.62 -93.50
N MET T 561 24.66 79.83 -94.64
CA MET T 561 24.09 80.62 -95.76
C MET T 561 22.85 79.88 -96.28
N SER T 562 22.91 78.56 -96.38
CA SER T 562 21.80 77.73 -96.90
C SER T 562 20.60 77.78 -95.94
N THR T 563 19.46 77.21 -96.30
CA THR T 563 18.25 77.12 -95.44
C THR T 563 18.36 75.90 -94.51
N ALA T 564 19.52 75.23 -94.49
CA ALA T 564 19.79 74.11 -93.56
C ALA T 564 20.37 74.72 -92.27
N ASN T 565 19.84 75.87 -91.85
CA ASN T 565 20.39 76.63 -90.69
C ASN T 565 19.43 76.46 -89.50
N THR T 566 18.47 75.53 -89.61
CA THR T 566 17.50 75.22 -88.51
C THR T 566 18.02 74.09 -87.62
N ASP T 567 18.66 73.09 -88.25
CA ASP T 567 19.06 71.82 -87.59
C ASP T 567 20.18 72.00 -86.59
N PRO T 568 20.14 71.30 -85.43
CA PRO T 568 21.02 71.63 -84.32
C PRO T 568 22.38 71.02 -84.46
N PHE T 569 22.42 69.81 -85.06
CA PHE T 569 23.60 68.91 -85.09
C PHE T 569 24.48 69.25 -86.27
N LYS T 570 24.31 70.44 -86.85
CA LYS T 570 25.01 70.85 -88.09
C LYS T 570 26.25 71.68 -87.76
N ASP T 571 26.24 72.36 -86.60
CA ASP T 571 27.31 73.33 -86.23
C ASP T 571 28.63 72.57 -86.16
N ASP T 572 28.60 71.23 -86.08
CA ASP T 572 29.82 70.39 -86.00
C ASP T 572 29.91 69.42 -87.19
N LEU T 573 30.41 69.87 -88.35
CA LEU T 573 30.68 68.99 -89.51
C LEU T 573 32.18 69.10 -89.77
N LYS T 574 32.90 67.99 -89.91
CA LYS T 574 34.39 67.99 -90.00
C LYS T 574 34.87 67.57 -91.40
N ILE T 575 35.38 68.50 -92.22
CA ILE T 575 35.97 68.17 -93.54
C ILE T 575 37.24 67.37 -93.31
N ASP T 576 37.31 66.13 -93.76
CA ASP T 576 38.54 65.29 -93.68
C ASP T 576 38.83 64.70 -95.06
N LEU T 577 40.05 64.22 -95.25
CA LEU T 577 40.48 63.67 -96.54
C LEU T 577 40.43 62.14 -96.54
N MET T 578 40.30 61.51 -97.71
CA MET T 578 40.49 60.04 -97.80
C MET T 578 41.61 59.76 -98.81
N PRO T 579 42.76 59.16 -98.44
CA PRO T 579 43.94 59.08 -99.34
C PRO T 579 44.02 58.18 -100.58
N HIS T 580 43.61 56.91 -100.50
CA HIS T 580 43.77 55.95 -101.63
C HIS T 580 42.58 56.05 -102.59
N ASP T 581 41.58 56.89 -102.25
CA ASP T 581 40.39 57.08 -103.10
C ASP T 581 39.63 55.75 -103.24
N LEU T 582 39.45 55.27 -104.47
CA LEU T 582 38.65 54.03 -104.70
C LEU T 582 39.34 52.85 -104.02
N ILE T 583 40.66 52.91 -103.87
CA ILE T 583 41.44 51.79 -103.26
C ILE T 583 40.98 51.56 -101.81
N THR T 584 40.51 52.60 -101.12
CA THR T 584 39.98 52.40 -99.74
C THR T 584 38.84 51.38 -99.81
N GLN T 585 37.98 51.46 -100.83
CA GLN T 585 36.93 50.42 -101.01
C GLN T 585 37.61 49.10 -101.37
N LEU T 586 37.14 47.99 -100.79
CA LEU T 586 37.74 46.66 -101.08
C LEU T 586 37.28 46.19 -102.47
N GLU T 607 43.03 59.76 -107.31
CA GLU T 607 44.51 59.73 -107.25
C GLU T 607 44.98 60.46 -106.00
N LEU T 608 46.18 60.14 -105.49
CA LEU T 608 46.75 60.77 -104.27
C LEU T 608 46.99 62.27 -104.50
N ALA T 609 47.43 62.68 -105.70
CA ALA T 609 47.75 64.09 -106.04
C ALA T 609 46.50 64.86 -106.48
N LEU T 610 45.33 64.61 -105.88
CA LEU T 610 44.06 65.31 -106.18
C LEU T 610 43.41 65.57 -104.83
N SER T 611 43.02 66.81 -104.50
CA SER T 611 42.30 67.13 -103.24
C SER T 611 41.05 67.94 -103.56
N GLY T 612 39.86 67.36 -103.35
CA GLY T 612 38.58 68.01 -103.72
C GLY T 612 38.01 67.34 -104.95
N LEU T 613 38.87 66.90 -105.87
CA LEU T 613 38.44 66.16 -107.09
C LEU T 613 38.01 64.73 -106.69
N GLU T 614 38.77 64.07 -105.81
CA GLU T 614 38.49 62.66 -105.37
C GLU T 614 38.90 62.39 -103.91
N ALA T 615 39.44 63.36 -103.17
CA ALA T 615 39.97 63.20 -101.78
C ALA T 615 39.13 63.99 -100.76
N PHE T 616 37.88 64.34 -101.06
CA PHE T 616 37.02 65.17 -100.18
C PHE T 616 35.88 64.33 -99.57
N SER T 617 35.55 64.54 -98.28
CA SER T 617 34.49 63.73 -97.59
C SER T 617 34.09 64.42 -96.29
N PHE T 618 32.80 64.40 -95.94
CA PHE T 618 32.37 64.93 -94.63
C PHE T 618 32.64 63.87 -93.56
N ASP T 619 32.73 64.26 -92.29
CA ASP T 619 32.86 63.33 -91.14
C ASP T 619 31.85 63.88 -90.13
N TYR T 620 31.56 63.14 -89.04
CA TYR T 620 30.64 63.62 -87.98
C TYR T 620 31.18 63.21 -86.60
N ILE T 621 30.83 63.94 -85.53
CA ILE T 621 31.32 63.65 -84.15
C ILE T 621 30.20 62.98 -83.33
N VAL T 622 30.41 61.76 -82.80
CA VAL T 622 29.38 60.99 -82.03
C VAL T 622 29.82 60.85 -80.57
N LYS T 623 28.92 61.07 -79.61
CA LYS T 623 29.22 61.03 -78.14
C LYS T 623 29.22 59.60 -77.62
N TRP T 624 29.70 59.36 -76.39
CA TRP T 624 29.88 58.00 -75.82
C TRP T 624 28.57 57.22 -75.71
N PRO T 625 27.42 57.79 -75.28
CA PRO T 625 26.18 57.03 -75.30
C PRO T 625 25.71 56.69 -76.73
N LEU T 626 25.83 57.59 -77.71
CA LEU T 626 25.34 57.39 -79.11
C LEU T 626 26.45 56.83 -80.00
N SER T 627 27.64 56.58 -79.47
CA SER T 627 28.74 55.93 -80.23
C SER T 627 28.39 54.46 -80.35
N LEU T 628 27.33 54.01 -79.68
CA LEU T 628 26.88 52.60 -79.65
C LEU T 628 26.28 52.20 -80.99
N ILE T 629 25.41 53.04 -81.58
CA ILE T 629 24.69 52.71 -82.86
C ILE T 629 25.49 53.26 -84.04
N ILE T 630 25.68 54.58 -84.11
CA ILE T 630 26.53 55.21 -85.16
C ILE T 630 27.95 55.21 -84.60
N ASN T 631 28.82 54.36 -85.12
CA ASN T 631 30.22 54.21 -84.62
C ASN T 631 31.16 54.37 -85.82
N ARG T 632 32.41 53.93 -85.70
CA ARG T 632 33.43 53.95 -86.78
C ARG T 632 32.91 53.15 -87.98
N LYS T 633 32.39 51.94 -87.79
CA LYS T 633 31.95 51.09 -88.93
C LYS T 633 30.85 51.82 -89.71
N ALA T 634 29.82 52.34 -89.03
CA ALA T 634 28.67 52.97 -89.72
C ALA T 634 29.13 54.19 -90.48
N LEU T 635 29.99 55.01 -89.88
CA LEU T 635 30.42 56.27 -90.52
C LEU T 635 31.19 55.92 -91.79
N THR T 636 32.06 54.91 -91.74
CA THR T 636 32.90 54.57 -92.92
C THR T 636 31.99 54.10 -94.05
N ARG T 637 30.93 53.35 -93.76
CA ARG T 637 29.93 52.95 -94.80
C ARG T 637 29.17 54.19 -95.26
N TYR T 638 28.81 55.09 -94.36
CA TYR T 638 28.07 56.33 -94.68
C TYR T 638 28.93 57.25 -95.54
N GLN T 639 30.25 57.29 -95.32
CA GLN T 639 31.18 58.19 -96.06
C GLN T 639 31.52 57.64 -97.44
N MET T 640 31.70 56.33 -97.61
CA MET T 640 32.06 55.68 -98.89
C MET T 640 30.83 55.65 -99.79
N LEU T 641 29.63 55.77 -99.21
CA LEU T 641 28.40 55.96 -100.02
C LEU T 641 28.34 57.41 -100.53
N PHE T 642 28.43 58.40 -99.63
CA PHE T 642 28.36 59.84 -99.96
C PHE T 642 29.43 60.24 -100.97
N ARG T 643 30.67 59.74 -100.84
CA ARG T 643 31.80 60.11 -101.73
C ARG T 643 31.50 59.62 -103.16
N HIS T 644 30.95 58.41 -103.31
CA HIS T 644 30.57 57.86 -104.64
C HIS T 644 29.46 58.69 -105.27
N MET T 645 28.48 59.12 -104.47
CA MET T 645 27.33 59.94 -104.96
C MET T 645 27.86 61.33 -105.33
N PHE T 646 28.97 61.76 -104.73
CA PHE T 646 29.53 63.12 -104.96
C PHE T 646 29.96 63.22 -106.43
N TYR T 647 30.38 62.11 -107.06
CA TYR T 647 30.75 62.05 -108.50
C TYR T 647 29.54 62.15 -109.44
N CYS T 648 28.38 61.61 -109.08
CA CYS T 648 27.17 61.76 -109.93
C CYS T 648 26.65 63.19 -109.78
N LYS T 649 26.78 63.79 -108.60
CA LYS T 649 26.35 65.18 -108.35
C LYS T 649 27.29 66.17 -109.04
N HIS T 650 28.60 65.90 -109.12
CA HIS T 650 29.60 66.87 -109.63
C HIS T 650 29.78 66.84 -111.16
N VAL T 651 29.95 65.66 -111.76
CA VAL T 651 30.20 65.47 -113.22
C VAL T 651 28.94 65.82 -114.00
N GLU T 652 27.76 65.58 -113.41
CA GLU T 652 26.47 65.95 -114.04
C GLU T 652 26.44 67.46 -114.25
N ARG T 653 26.76 68.24 -113.22
CA ARG T 653 26.71 69.74 -113.29
C ARG T 653 27.85 70.25 -114.17
N GLN T 654 28.97 69.51 -114.22
CA GLN T 654 30.11 69.86 -115.12
C GLN T 654 29.65 69.83 -116.59
N LEU T 655 28.93 68.79 -117.00
CA LEU T 655 28.38 68.69 -118.38
C LEU T 655 27.26 69.71 -118.55
N CYS T 656 26.46 69.98 -117.51
CA CYS T 656 25.39 71.03 -117.55
C CYS T 656 26.03 72.41 -117.76
N SER T 657 27.19 72.67 -117.15
CA SER T 657 27.91 73.96 -117.30
C SER T 657 28.49 74.06 -118.71
N VAL T 658 28.92 72.94 -119.30
CA VAL T 658 29.49 72.93 -120.69
C VAL T 658 28.38 73.25 -121.69
N TRP T 659 27.14 72.80 -121.41
CA TRP T 659 25.97 73.01 -122.30
C TRP T 659 25.74 74.51 -122.56
N ILE T 660 25.69 75.35 -121.51
CA ILE T 660 25.33 76.80 -121.65
C ILE T 660 26.45 77.59 -122.35
N SER T 661 27.57 76.96 -122.70
CA SER T 661 28.65 77.65 -123.45
C SER T 661 28.08 78.16 -124.77
N ASN T 662 27.24 77.36 -125.43
CA ASN T 662 26.58 77.74 -126.71
C ASN T 662 25.07 77.65 -126.56
N LYS T 663 24.54 77.63 -125.34
CA LYS T 663 23.08 77.44 -125.08
C LYS T 663 22.50 76.54 -126.17
N GLN T 674 27.73 74.00 -141.38
CA GLN T 674 28.31 75.03 -140.47
C GLN T 674 27.76 74.82 -139.05
N TRP T 675 28.63 74.76 -138.04
CA TRP T 675 28.23 74.58 -136.62
C TRP T 675 27.38 73.32 -136.48
N PHE T 676 27.75 72.23 -137.16
CA PHE T 676 27.02 70.93 -137.10
C PHE T 676 26.78 70.57 -135.62
N ALA T 677 25.59 70.05 -135.28
CA ALA T 677 25.22 69.72 -133.87
C ALA T 677 25.49 68.25 -133.56
N GLY T 678 26.63 67.71 -134.00
CA GLY T 678 27.00 66.32 -133.68
C GLY T 678 27.22 66.18 -132.19
N ALA T 679 27.81 67.19 -131.56
CA ALA T 679 28.09 67.22 -130.10
C ALA T 679 26.78 67.29 -129.29
N PHE T 680 25.67 67.79 -129.86
CA PHE T 680 24.39 67.99 -129.13
C PHE T 680 23.71 66.65 -128.83
N THR T 681 23.81 65.63 -129.70
CA THR T 681 23.24 64.27 -129.45
C THR T 681 24.03 63.50 -128.39
N LEU T 682 25.36 63.58 -128.39
CA LEU T 682 26.21 62.95 -127.33
C LEU T 682 25.86 63.64 -126.02
N ARG T 683 25.87 64.97 -126.03
CA ARG T 683 25.61 65.78 -124.80
C ARG T 683 24.21 65.44 -124.26
N GLN T 684 23.20 65.36 -125.14
CA GLN T 684 21.82 65.02 -124.70
C GLN T 684 21.83 63.60 -124.15
N ARG T 685 22.49 62.65 -124.83
CA ARG T 685 22.45 61.22 -124.41
C ARG T 685 23.11 61.05 -123.03
N MET T 686 24.28 61.67 -122.80
CA MET T 686 25.02 61.55 -121.52
C MET T 686 24.17 62.18 -120.42
N LEU T 687 23.56 63.35 -120.67
CA LEU T 687 22.76 64.07 -119.65
C LEU T 687 21.58 63.18 -119.24
N ASN T 688 20.92 62.53 -120.19
CA ASN T 688 19.79 61.63 -119.89
C ASN T 688 20.31 60.44 -119.07
N PHE T 689 21.45 59.88 -119.42
CA PHE T 689 22.01 58.69 -118.72
C PHE T 689 22.33 59.03 -117.25
N VAL T 690 22.98 60.16 -116.97
CA VAL T 690 23.41 60.57 -115.59
C VAL T 690 22.20 60.99 -114.77
N GLN T 691 21.23 61.67 -115.39
CA GLN T 691 20.04 62.20 -114.69
C GLN T 691 19.16 61.03 -114.28
N ASN T 692 18.91 60.06 -115.16
CA ASN T 692 18.13 58.86 -114.79
C ASN T 692 18.86 58.11 -113.68
N ILE T 693 20.19 57.97 -113.75
CA ILE T 693 20.95 57.17 -112.75
C ILE T 693 20.70 57.81 -111.39
N GLN T 694 20.82 59.13 -111.31
CA GLN T 694 20.64 59.84 -110.03
C GLN T 694 19.19 59.69 -109.59
N TYR T 695 18.23 59.86 -110.49
CA TYR T 695 16.79 59.83 -110.12
C TYR T 695 16.47 58.46 -109.52
N TYR T 696 17.05 57.40 -110.06
CA TYR T 696 16.78 56.02 -109.60
C TYR T 696 17.16 55.93 -108.12
N MET T 697 18.35 56.43 -107.77
CA MET T 697 18.84 56.38 -106.37
C MET T 697 17.96 57.29 -105.53
N MET T 698 17.56 58.45 -106.04
CA MET T 698 16.80 59.43 -105.24
C MET T 698 15.43 58.89 -104.83
N PHE T 699 14.69 58.17 -105.67
CA PHE T 699 13.30 57.75 -105.34
C PHE T 699 13.03 56.24 -105.47
N GLU T 700 14.05 55.39 -105.68
CA GLU T 700 13.86 53.91 -105.67
C GLU T 700 14.48 53.27 -104.44
N VAL T 701 15.71 53.63 -104.07
CA VAL T 701 16.45 52.96 -102.96
C VAL T 701 16.53 53.89 -101.76
N MET T 702 17.23 55.02 -101.85
CA MET T 702 17.51 55.86 -100.65
C MET T 702 16.23 56.43 -100.04
N GLU T 703 15.32 57.03 -100.81
CA GLU T 703 14.13 57.66 -100.19
C GLU T 703 13.13 56.60 -99.72
N PRO T 704 12.75 55.56 -100.49
CA PRO T 704 11.77 54.59 -100.01
C PRO T 704 12.26 53.73 -98.84
N THR T 705 13.51 53.29 -98.85
CA THR T 705 14.06 52.37 -97.81
C THR T 705 14.38 53.18 -96.56
N TRP T 706 14.45 54.51 -96.63
CA TRP T 706 14.64 55.35 -95.41
C TRP T 706 13.29 55.42 -94.68
N HIS T 707 12.19 55.47 -95.42
CA HIS T 707 10.80 55.45 -94.88
C HIS T 707 10.54 54.16 -94.11
N ILE T 708 11.20 53.06 -94.48
CA ILE T 708 11.07 51.75 -93.78
C ILE T 708 11.92 51.77 -92.51
N LEU T 709 13.20 52.18 -92.57
CA LEU T 709 14.09 52.19 -91.38
C LEU T 709 13.40 53.04 -90.33
N GLU T 710 12.77 54.12 -90.73
CA GLU T 710 12.07 55.06 -89.80
C GLU T 710 10.88 54.34 -89.17
N LYS T 711 10.44 53.19 -89.73
CA LYS T 711 9.32 52.38 -89.18
C LYS T 711 9.84 51.22 -88.33
N ASN T 712 10.92 50.52 -88.75
CA ASN T 712 11.53 49.38 -88.02
C ASN T 712 12.11 49.85 -86.69
N LEU T 713 12.82 50.98 -86.68
CA LEU T 713 13.42 51.56 -85.44
C LEU T 713 12.30 52.25 -84.67
N LYS T 714 11.10 52.33 -85.23
CA LYS T 714 9.92 52.87 -84.49
C LYS T 714 9.24 51.65 -83.84
N SER T 715 9.47 50.42 -84.33
CA SER T 715 8.81 49.20 -83.80
C SER T 715 9.82 48.21 -83.22
N ALA T 716 10.99 48.67 -82.76
CA ALA T 716 12.00 47.82 -82.10
C ALA T 716 11.67 47.75 -80.61
N SER T 717 12.18 46.75 -79.87
CA SER T 717 11.96 46.61 -78.40
C SER T 717 13.26 46.82 -77.59
N ASN T 718 14.43 46.48 -78.16
CA ASN T 718 15.76 46.58 -77.47
C ASN T 718 16.83 47.20 -78.38
N ILE T 719 18.00 47.54 -77.85
CA ILE T 719 19.07 48.31 -78.56
C ILE T 719 20.00 47.35 -79.32
N ASP T 720 19.69 46.05 -79.35
CA ASP T 720 20.41 45.10 -80.25
C ASP T 720 19.51 44.86 -81.48
N ASP T 721 18.26 45.34 -81.46
CA ASP T 721 17.36 45.28 -82.63
C ASP T 721 17.48 46.60 -83.39
N VAL T 722 17.62 47.73 -82.69
CA VAL T 722 17.82 49.06 -83.32
C VAL T 722 19.15 48.99 -84.07
N LEU T 723 20.18 48.43 -83.45
CA LEU T 723 21.50 48.27 -84.09
C LEU T 723 21.29 47.34 -85.29
N GLY T 724 20.49 46.30 -85.13
CA GLY T 724 20.26 45.32 -86.21
C GLY T 724 19.60 45.94 -87.42
N HIS T 725 18.55 46.74 -87.25
CA HIS T 725 17.84 47.41 -88.37
C HIS T 725 18.76 48.45 -89.01
N HIS T 726 19.49 49.22 -88.22
CA HIS T 726 20.37 50.30 -88.74
C HIS T 726 21.50 49.73 -89.58
N THR T 727 22.17 48.68 -89.10
CA THR T 727 23.26 48.02 -89.87
C THR T 727 22.57 47.40 -91.07
N GLY T 728 21.35 46.90 -90.90
CA GLY T 728 20.57 46.31 -92.00
C GLY T 728 20.23 47.34 -93.07
N PHE T 729 19.79 48.54 -92.69
CA PHE T 729 19.41 49.61 -93.66
C PHE T 729 20.63 50.03 -94.45
N LEU T 730 21.73 50.36 -93.78
CA LEU T 730 22.90 50.96 -94.46
C LEU T 730 23.44 49.91 -95.43
N ASP T 731 23.50 48.66 -95.01
CA ASP T 731 24.03 47.57 -95.88
C ASP T 731 23.12 47.34 -97.09
N THR T 732 21.80 47.28 -96.89
CA THR T 732 20.84 46.99 -97.99
C THR T 732 20.86 48.12 -99.00
N CYS T 733 20.79 49.38 -98.54
CA CYS T 733 20.76 50.56 -99.44
C CYS T 733 22.07 50.66 -100.20
N LEU T 734 23.20 50.36 -99.59
CA LEU T 734 24.50 50.34 -100.30
C LEU T 734 24.44 49.25 -101.36
N LYS T 735 23.92 48.06 -101.01
CA LYS T 735 23.89 46.89 -101.94
C LYS T 735 22.91 47.09 -103.10
N ASP T 736 21.71 47.64 -102.84
CA ASP T 736 20.65 47.80 -103.88
C ASP T 736 21.12 48.90 -104.84
N CYS T 737 21.82 49.91 -104.34
CA CYS T 737 22.42 50.96 -105.19
C CYS T 737 23.65 50.30 -105.82
N MET T 738 24.27 50.90 -106.82
CA MET T 738 25.34 50.23 -107.59
C MET T 738 26.67 50.23 -106.82
N LEU T 739 26.70 50.88 -105.66
CA LEU T 739 27.92 50.96 -104.81
C LEU T 739 28.57 49.58 -104.72
N THR T 740 27.81 48.52 -104.46
CA THR T 740 28.37 47.16 -104.24
C THR T 740 28.31 46.35 -105.54
N ASN T 741 29.46 45.92 -106.07
CA ASN T 741 29.52 45.04 -107.28
C ASN T 741 30.76 44.14 -107.16
N PRO T 742 30.80 42.92 -107.76
CA PRO T 742 32.01 42.10 -107.73
C PRO T 742 33.16 42.73 -108.53
N GLU T 743 32.88 43.26 -109.72
CA GLU T 743 33.91 43.86 -110.61
C GLU T 743 34.11 45.33 -110.21
N LEU T 744 33.37 45.82 -109.22
CA LEU T 744 33.46 47.22 -108.71
C LEU T 744 32.89 48.15 -109.78
N LEU T 745 32.18 47.62 -110.77
CA LEU T 745 31.58 48.42 -111.87
C LEU T 745 32.66 49.37 -112.37
N LYS T 746 33.80 48.83 -112.77
CA LYS T 746 34.85 49.67 -113.41
C LYS T 746 34.20 50.14 -114.71
N VAL T 747 33.12 49.51 -115.14
CA VAL T 747 32.34 50.02 -116.31
C VAL T 747 31.91 51.45 -115.99
N PHE T 748 31.57 51.77 -114.74
CA PHE T 748 31.09 53.13 -114.33
C PHE T 748 32.24 54.12 -114.22
N SER T 749 33.42 53.76 -113.71
CA SER T 749 34.63 54.62 -113.59
C SER T 749 35.11 55.09 -114.97
N LYS T 750 35.22 54.16 -115.93
CA LYS T 750 35.68 54.46 -117.32
C LYS T 750 34.62 55.30 -118.05
N LEU T 751 33.34 55.08 -117.76
CA LEU T 751 32.24 55.83 -118.42
C LEU T 751 32.36 57.29 -117.97
N MET T 752 32.52 57.52 -116.66
CA MET T 752 32.62 58.91 -116.13
C MET T 752 33.98 59.50 -116.52
N SER T 753 35.01 58.66 -116.73
CA SER T 753 36.34 59.16 -117.16
C SER T 753 36.20 59.91 -118.50
N VAL T 754 35.60 59.27 -119.51
CA VAL T 754 35.50 59.83 -120.88
C VAL T 754 34.48 60.97 -120.91
N CYS T 755 33.59 61.05 -119.91
CA CYS T 755 32.55 62.11 -119.84
C CYS T 755 33.23 63.36 -119.30
N VAL T 756 34.25 63.22 -118.43
CA VAL T 756 35.08 64.37 -117.96
C VAL T 756 36.02 64.81 -119.08
N MET T 757 36.55 63.82 -119.83
CA MET T 757 37.53 64.13 -120.91
C MET T 757 36.84 65.02 -121.95
N PHE T 758 35.59 64.71 -122.31
CA PHE T 758 34.79 65.44 -123.33
C PHE T 758 34.34 66.80 -122.81
N THR T 759 33.89 66.86 -121.56
CA THR T 759 33.36 68.14 -121.02
C THR T 759 34.51 69.15 -121.06
N ASN T 760 35.68 68.74 -120.58
CA ASN T 760 36.87 69.63 -120.62
C ASN T 760 37.22 69.93 -122.08
N CYS T 761 37.20 68.91 -122.95
CA CYS T 761 37.63 69.12 -124.36
C CYS T 761 36.69 70.12 -125.04
N MET T 762 35.38 69.95 -124.84
CA MET T 762 34.39 70.85 -125.47
C MET T 762 34.59 72.28 -124.95
N GLN T 763 34.79 72.43 -123.63
CA GLN T 763 34.93 73.79 -123.04
C GLN T 763 36.20 74.47 -123.56
N LYS T 764 37.27 73.68 -123.64
CA LYS T 764 38.53 74.21 -124.22
C LYS T 764 38.21 74.61 -125.67
N PHE T 765 37.47 73.77 -126.40
CA PHE T 765 37.21 74.07 -127.84
C PHE T 765 36.42 75.38 -127.97
N THR T 766 35.40 75.56 -127.13
CA THR T 766 34.56 76.80 -127.24
C THR T 766 35.45 78.00 -126.93
N GLN T 767 36.28 77.93 -125.88
CA GLN T 767 37.24 79.03 -125.61
C GLN T 767 38.32 79.08 -126.71
N SER T 768 38.82 77.93 -127.15
CA SER T 768 39.89 77.87 -128.18
C SER T 768 39.23 77.85 -129.57
N MET T 769 38.21 78.67 -129.75
CA MET T 769 37.48 78.77 -131.05
C MET T 769 37.78 80.12 -131.70
N LYS T 770 37.67 81.22 -130.93
CA LYS T 770 38.00 82.59 -131.41
C LYS T 770 39.24 83.07 -130.65
N LEU T 771 39.23 82.98 -129.31
CA LEU T 771 40.31 83.55 -128.44
C LEU T 771 41.39 82.49 -128.23
N LEU T 814 34.05 73.85 -135.77
CA LEU T 814 32.82 73.39 -135.06
C LEU T 814 32.20 72.29 -135.93
N VAL T 815 32.17 72.51 -137.24
CA VAL T 815 31.60 71.49 -138.18
C VAL T 815 32.45 70.22 -138.19
N SER T 816 33.79 70.34 -138.20
CA SER T 816 34.63 69.13 -138.36
C SER T 816 35.42 68.76 -137.10
N GLY T 817 36.22 69.69 -136.55
CA GLY T 817 37.08 69.35 -135.41
C GLY T 817 36.26 68.95 -134.19
N PHE T 818 35.18 69.69 -133.92
CA PHE T 818 34.29 69.33 -132.78
C PHE T 818 33.71 67.95 -133.05
N GLU T 819 33.26 67.70 -134.27
CA GLU T 819 32.61 66.39 -134.60
C GLU T 819 33.66 65.29 -134.41
N ALA T 820 34.91 65.53 -134.79
CA ALA T 820 35.95 64.49 -134.68
C ALA T 820 36.16 64.10 -133.21
N THR T 821 36.21 65.09 -132.31
CA THR T 821 36.32 64.75 -130.86
C THR T 821 35.03 64.06 -130.41
N ILE T 822 33.87 64.53 -130.87
CA ILE T 822 32.57 63.97 -130.40
C ILE T 822 32.41 62.50 -130.82
N ASN T 823 32.76 62.15 -132.05
CA ASN T 823 32.49 60.76 -132.52
C ASN T 823 33.24 59.73 -131.67
N LYS T 824 34.52 59.99 -131.37
CA LYS T 824 35.32 59.01 -130.58
C LYS T 824 34.71 58.89 -129.18
N PHE T 825 34.34 60.03 -128.57
CA PHE T 825 33.70 60.00 -127.22
C PHE T 825 32.34 59.31 -127.32
N ASP T 826 31.59 59.57 -128.40
CA ASP T 826 30.24 58.97 -128.56
C ASP T 826 30.38 57.46 -128.64
N LYS T 827 31.34 56.98 -129.42
CA LYS T 827 31.58 55.52 -129.54
C LYS T 827 32.04 54.98 -128.18
N ASN T 828 32.98 55.68 -127.52
CA ASN T 828 33.54 55.19 -126.24
C ASN T 828 32.44 55.16 -125.17
N PHE T 829 31.63 56.22 -125.11
CA PHE T 829 30.54 56.30 -124.10
C PHE T 829 29.54 55.17 -124.38
N SER T 830 29.18 54.97 -125.65
CA SER T 830 28.23 53.90 -126.02
C SER T 830 28.83 52.53 -125.69
N ALA T 831 30.13 52.35 -125.95
CA ALA T 831 30.80 51.07 -125.62
C ALA T 831 30.78 50.86 -124.11
N HIS T 832 31.08 51.91 -123.34
CA HIS T 832 31.09 51.81 -121.85
C HIS T 832 29.64 51.76 -121.35
N LEU T 833 28.66 51.99 -122.24
CA LEU T 833 27.26 52.06 -121.75
C LEU T 833 26.56 50.73 -122.03
N LEU T 834 26.78 50.18 -123.23
CA LEU T 834 26.13 48.89 -123.61
C LEU T 834 26.75 47.75 -122.81
N ASP T 835 28.07 47.78 -122.54
CA ASP T 835 28.76 46.74 -121.73
C ASP T 835 28.18 46.75 -120.32
N LEU T 836 27.86 47.95 -119.81
CA LEU T 836 27.31 48.10 -118.43
C LEU T 836 25.88 47.56 -118.34
N LEU T 837 25.01 47.93 -119.30
CA LEU T 837 23.57 47.51 -119.28
C LEU T 837 23.53 46.00 -119.47
N ALA T 838 24.44 45.46 -120.30
CA ALA T 838 24.52 44.00 -120.55
C ALA T 838 24.95 43.27 -119.28
N ARG T 839 25.97 43.81 -118.58
CA ARG T 839 26.53 43.17 -117.36
C ARG T 839 25.56 43.36 -116.19
N LEU T 840 24.57 44.25 -116.34
CA LEU T 840 23.50 44.47 -115.32
C LEU T 840 22.29 43.59 -115.65
N SER T 841 22.09 43.29 -116.94
CA SER T 841 20.98 42.42 -117.43
C SER T 841 21.13 40.99 -116.96
N ILE T 842 22.35 40.50 -116.70
CA ILE T 842 22.62 39.09 -116.28
C ILE T 842 21.98 38.82 -114.91
N TYR T 843 21.89 39.85 -114.06
CA TYR T 843 21.42 39.67 -112.66
C TYR T 843 19.94 39.28 -112.60
N SER T 844 19.65 38.00 -112.28
CA SER T 844 18.26 37.48 -112.08
C SER T 844 17.35 37.82 -113.27
N GLY T 851 12.00 46.22 -109.15
CA GLY T 851 12.95 46.71 -108.13
C GLY T 851 14.40 46.60 -108.60
N MET T 852 14.98 45.39 -108.59
CA MET T 852 16.37 45.17 -109.06
C MET T 852 16.47 45.44 -110.57
N ALA T 853 15.49 45.00 -111.37
CA ALA T 853 15.51 45.14 -112.85
C ALA T 853 14.81 46.43 -113.27
N SER T 854 14.23 47.17 -112.33
CA SER T 854 13.57 48.47 -112.63
C SER T 854 14.64 49.41 -113.13
N VAL T 855 15.92 49.12 -112.83
CA VAL T 855 17.08 49.92 -113.32
C VAL T 855 17.11 49.96 -114.85
N ILE T 856 17.08 48.81 -115.54
CA ILE T 856 17.23 48.74 -117.02
C ILE T 856 15.93 49.21 -117.66
N SER T 857 14.79 48.81 -117.10
CA SER T 857 13.46 49.17 -117.64
C SER T 857 13.30 50.69 -117.70
N ARG T 858 13.73 51.41 -116.65
CA ARG T 858 13.58 52.88 -116.59
C ARG T 858 14.57 53.55 -117.56
N LEU T 859 15.81 53.05 -117.68
CA LEU T 859 16.86 53.73 -118.49
C LEU T 859 16.43 53.92 -119.95
N ASP T 860 15.69 52.99 -120.57
CA ASP T 860 15.16 53.14 -121.95
C ASP T 860 13.65 53.02 -121.89
N PHE T 861 12.99 54.01 -121.25
CA PHE T 861 11.52 54.04 -121.07
C PHE T 861 10.81 54.25 -122.41
N ASN T 862 11.51 54.74 -123.42
CA ASN T 862 10.95 54.89 -124.80
C ASN T 862 11.24 53.63 -125.60
N GLY T 863 12.43 53.03 -125.45
CA GLY T 863 12.88 51.89 -126.27
C GLY T 863 14.00 52.35 -127.19
N PHE T 864 14.65 53.50 -126.88
CA PHE T 864 15.84 53.96 -127.65
C PHE T 864 17.00 53.04 -127.27
N TYR T 865 17.69 52.48 -128.27
CA TYR T 865 18.77 51.47 -128.04
C TYR T 865 18.15 50.34 -127.23
N THR T 866 16.95 49.90 -127.63
CA THR T 866 16.21 48.77 -126.94
C THR T 866 17.11 47.53 -126.95
N GLU T 867 17.82 47.28 -128.06
CA GLU T 867 18.91 46.27 -128.11
C GLU T 867 19.78 46.49 -129.35
N ARG T 868 21.10 46.61 -129.16
CA ARG T 868 22.05 46.84 -130.29
C ARG T 868 22.76 45.52 -130.63
N LEU T 869 23.47 44.92 -129.65
CA LEU T 869 24.19 43.63 -129.83
C LEU T 869 23.65 42.61 -128.84
N GLU T 870 23.00 41.55 -129.34
CA GLU T 870 22.54 40.43 -128.46
C GLU T 870 23.79 39.64 -128.06
N ARG T 871 24.03 39.50 -126.74
CA ARG T 871 25.25 38.80 -126.22
C ARG T 871 25.10 37.30 -126.48
N LEU T 872 26.06 36.69 -127.21
CA LEU T 872 26.07 35.22 -127.54
C LEU T 872 24.76 34.80 -128.23
N ILE U 245 40.34 4.26 -12.73
CA ILE U 245 39.88 5.56 -13.27
C ILE U 245 38.63 5.35 -14.13
N THR U 246 37.50 5.21 -13.48
CA THR U 246 36.21 4.99 -14.17
C THR U 246 35.85 6.24 -14.92
N GLU U 247 34.87 6.14 -15.83
CA GLU U 247 34.39 7.29 -16.64
C GLU U 247 33.74 8.34 -15.78
N ALA U 248 32.91 7.99 -14.79
CA ALA U 248 32.25 8.96 -13.89
C ALA U 248 33.33 9.91 -13.40
N ALA U 249 34.58 9.43 -13.25
CA ALA U 249 35.73 10.29 -12.89
C ALA U 249 36.01 11.24 -14.05
N LEU U 250 36.06 10.82 -15.33
CA LEU U 250 36.41 11.75 -16.45
C LEU U 250 35.37 12.85 -16.65
N VAL U 251 34.08 12.51 -16.60
CA VAL U 251 32.99 13.48 -16.86
C VAL U 251 33.15 14.57 -15.83
N ARG U 252 33.49 14.23 -14.59
CA ARG U 252 33.53 15.29 -13.55
C ARG U 252 34.65 16.25 -13.93
N ASP U 253 35.80 15.75 -14.36
CA ASP U 253 36.97 16.59 -14.71
C ASP U 253 36.81 17.42 -15.99
N ILE U 254 36.31 16.83 -17.05
CA ILE U 254 36.21 17.51 -18.38
C ILE U 254 35.35 18.73 -18.20
N LEU U 255 34.31 18.68 -17.39
CA LEU U 255 33.36 19.81 -17.32
C LEU U 255 34.06 21.10 -16.80
N TYR U 256 35.29 21.05 -16.29
CA TYR U 256 36.07 22.27 -15.90
C TYR U 256 37.10 22.65 -16.96
N VAL U 257 37.61 21.71 -17.77
CA VAL U 257 38.66 21.97 -18.79
C VAL U 257 37.99 22.76 -19.89
N PHE U 258 36.69 22.90 -19.85
CA PHE U 258 35.90 23.74 -20.76
C PHE U 258 36.14 25.22 -20.39
N GLN U 259 36.18 25.57 -19.10
CA GLN U 259 36.55 26.94 -18.67
C GLN U 259 38.01 27.01 -19.01
N GLY U 260 38.78 25.99 -18.68
CA GLY U 260 40.21 25.93 -19.02
C GLY U 260 41.04 25.66 -17.81
N ILE U 261 40.36 25.46 -16.66
CA ILE U 261 40.97 25.16 -15.35
C ILE U 261 41.49 23.73 -15.42
N ASP U 262 42.77 23.49 -15.15
CA ASP U 262 43.38 22.14 -15.26
C ASP U 262 42.57 21.17 -14.38
N GLY U 263 42.22 19.98 -14.89
CA GLY U 263 41.42 18.97 -14.17
C GLY U 263 42.26 18.10 -13.27
N LYS U 264 41.67 17.10 -12.59
CA LYS U 264 42.38 16.18 -11.65
C LYS U 264 43.20 15.15 -12.44
N ASN U 265 42.57 14.37 -13.31
CA ASN U 265 43.25 13.33 -14.14
C ASN U 265 43.46 13.85 -15.57
N ILE U 266 43.18 15.12 -15.86
CA ILE U 266 43.43 15.77 -17.18
C ILE U 266 44.18 17.07 -16.86
N LYS U 267 45.32 17.34 -17.51
CA LYS U 267 46.09 18.59 -17.26
C LYS U 267 46.81 18.97 -18.56
N MET U 268 47.19 20.25 -18.71
CA MET U 268 47.98 20.68 -19.90
C MET U 268 49.45 20.36 -19.60
N ASN U 269 49.78 19.07 -19.47
CA ASN U 269 51.14 18.64 -19.03
C ASN U 269 52.21 19.16 -19.99
N ASN U 270 51.96 19.08 -21.29
CA ASN U 270 52.89 19.72 -22.25
C ASN U 270 52.33 21.13 -22.34
N THR U 271 53.13 22.17 -22.07
CA THR U 271 52.58 23.55 -21.99
C THR U 271 52.02 24.08 -23.32
N GLU U 272 52.74 23.94 -24.43
CA GLU U 272 52.21 24.33 -25.77
C GLU U 272 51.16 23.34 -26.26
N ASN U 273 51.42 22.05 -26.08
CA ASN U 273 50.55 20.99 -26.66
C ASN U 273 49.26 20.84 -25.87
N CYS U 274 48.34 19.97 -26.31
CA CYS U 274 47.00 19.88 -25.69
C CYS U 274 46.95 19.15 -24.35
N TYR U 275 45.78 19.18 -23.68
CA TYR U 275 45.55 18.49 -22.40
C TYR U 275 45.70 17.00 -22.66
N LYS U 276 46.52 16.29 -21.89
CA LYS U 276 46.72 14.82 -22.03
C LYS U 276 46.29 14.12 -20.75
N VAL U 277 45.51 13.05 -20.89
CA VAL U 277 45.00 12.27 -19.72
C VAL U 277 46.20 11.58 -19.10
N GLU U 278 46.29 11.56 -17.76
CA GLU U 278 47.43 10.95 -17.02
C GLU U 278 46.90 9.68 -16.32
N ARG U 285 40.07 1.99 -23.85
CA ARG U 285 41.04 2.94 -24.46
C ARG U 285 40.29 3.91 -25.37
N SER U 286 39.08 3.57 -25.78
CA SER U 286 38.30 4.54 -26.58
C SER U 286 37.67 5.62 -25.67
N LEU U 287 37.43 5.31 -24.40
CA LEU U 287 36.73 6.26 -23.49
C LEU U 287 37.50 7.56 -23.32
N ARG U 288 38.81 7.47 -23.08
CA ARG U 288 39.66 8.67 -22.89
C ARG U 288 39.75 9.46 -24.19
N ASP U 289 39.78 8.76 -25.33
CA ASP U 289 39.99 9.44 -26.64
C ASP U 289 38.82 10.37 -26.97
N THR U 290 37.65 10.17 -26.35
CA THR U 290 36.52 11.12 -26.57
C THR U 290 36.98 12.51 -26.14
N ALA U 291 37.74 12.58 -25.05
CA ALA U 291 38.22 13.88 -24.53
C ALA U 291 39.11 14.57 -25.57
N VAL U 292 39.93 13.81 -26.32
CA VAL U 292 40.88 14.48 -27.27
C VAL U 292 40.10 15.45 -28.18
N ARG U 293 38.78 15.30 -28.27
CA ARG U 293 37.97 16.27 -29.06
C ARG U 293 37.31 17.21 -28.08
N LEU U 294 36.78 16.70 -26.99
CA LEU U 294 36.04 17.51 -26.00
C LEU U 294 37.01 18.52 -25.36
N SER U 295 38.26 18.15 -25.11
CA SER U 295 39.25 19.03 -24.43
C SER U 295 39.47 20.31 -25.24
N GLU U 296 39.44 20.24 -26.55
CA GLU U 296 39.73 21.40 -27.42
C GLU U 296 38.74 22.53 -27.23
N LEU U 297 37.53 22.37 -26.71
CA LEU U 297 36.63 23.55 -26.51
C LEU U 297 37.27 24.42 -25.43
N GLY U 298 38.25 23.89 -24.71
CA GLY U 298 39.01 24.66 -23.71
C GLY U 298 40.27 25.31 -24.25
N TRP U 299 41.11 24.63 -25.02
CA TRP U 299 42.29 25.30 -25.62
C TRP U 299 41.84 26.53 -26.40
N LEU U 300 40.77 26.43 -27.19
CA LEU U 300 40.20 27.56 -27.97
C LEU U 300 39.71 28.60 -26.97
N HIS U 301 39.19 28.20 -25.81
CA HIS U 301 38.75 29.13 -24.74
C HIS U 301 39.93 29.91 -24.20
N ASN U 302 41.11 29.29 -24.03
CA ASN U 302 42.28 29.95 -23.43
C ASN U 302 42.85 30.99 -24.41
N LYS U 303 42.69 30.81 -25.72
CA LYS U 303 43.27 31.73 -26.73
C LYS U 303 42.44 33.00 -26.76
N ILE U 304 41.12 32.90 -26.75
CA ILE U 304 40.23 34.10 -26.69
C ILE U 304 40.22 34.76 -25.31
N ARG U 305 40.24 34.01 -24.19
CA ARG U 305 40.06 34.56 -22.79
C ARG U 305 41.32 35.23 -22.24
N ARG U 306 42.53 34.74 -22.53
CA ARG U 306 43.85 35.32 -22.12
C ARG U 306 44.09 36.61 -22.89
N TYR U 307 43.44 36.86 -24.05
CA TYR U 307 43.67 38.06 -24.90
C TYR U 307 42.64 39.16 -24.65
N THR U 308 41.43 38.83 -24.19
CA THR U 308 40.44 39.90 -23.86
C THR U 308 40.56 40.29 -22.40
N ASP U 309 41.29 39.49 -21.65
CA ASP U 309 41.58 39.89 -20.27
C ASP U 309 42.57 41.06 -20.37
N GLN U 310 43.69 40.86 -21.07
CA GLN U 310 44.77 41.88 -21.21
C GLN U 310 44.46 43.04 -22.16
N ARG U 311 43.94 42.79 -23.37
CA ARG U 311 43.70 43.83 -24.42
C ARG U 311 42.72 44.81 -23.86
N SER U 312 41.91 44.41 -22.91
CA SER U 312 40.87 45.29 -22.36
C SER U 312 41.47 46.39 -21.51
N LEU U 313 42.61 46.12 -20.88
CA LEU U 313 43.19 47.09 -19.90
C LEU U 313 44.09 48.09 -20.60
N ASP U 314 44.34 47.95 -21.92
CA ASP U 314 45.32 48.82 -22.62
C ASP U 314 44.58 49.93 -23.34
N ARG U 315 44.70 51.17 -22.86
CA ARG U 315 44.03 52.34 -23.47
C ARG U 315 44.72 52.68 -24.79
N SER U 316 45.92 52.14 -25.03
CA SER U 316 46.68 52.34 -26.28
C SER U 316 46.02 51.70 -27.51
N PHE U 317 45.44 50.51 -27.39
CA PHE U 317 44.89 49.74 -28.54
C PHE U 317 43.97 50.64 -29.31
N GLY U 318 43.25 51.44 -28.57
CA GLY U 318 42.41 52.44 -29.24
C GLY U 318 40.95 52.19 -29.05
N LEU U 319 40.14 53.20 -29.26
CA LEU U 319 38.66 53.13 -29.09
C LEU U 319 38.18 51.94 -29.91
N VAL U 320 38.74 51.78 -31.10
CA VAL U 320 38.40 50.58 -31.90
C VAL U 320 39.41 49.52 -31.47
N GLY U 321 38.93 48.36 -31.03
CA GLY U 321 39.82 47.35 -30.45
C GLY U 321 39.37 47.05 -29.04
N GLN U 322 39.13 48.10 -28.28
CA GLN U 322 38.59 47.87 -26.92
C GLN U 322 37.13 47.44 -27.11
N SER U 323 36.50 47.85 -28.20
CA SER U 323 35.09 47.52 -28.48
C SER U 323 35.01 46.10 -29.08
N PHE U 324 36.07 45.73 -29.77
CA PHE U 324 36.17 44.32 -30.23
C PHE U 324 36.29 43.38 -29.03
N CYS U 325 36.99 43.81 -27.99
CA CYS U 325 37.10 42.98 -26.77
C CYS U 325 35.78 42.86 -26.01
N ALA U 326 35.10 43.96 -25.77
CA ALA U 326 33.76 43.83 -25.17
C ALA U 326 33.12 42.61 -25.83
N ALA U 327 33.01 42.57 -27.16
CA ALA U 327 32.25 41.52 -27.88
C ALA U 327 32.87 40.16 -27.81
N LEU U 328 34.17 39.99 -27.85
CA LEU U 328 34.77 38.65 -27.66
C LEU U 328 34.35 38.15 -26.27
N HIS U 329 34.37 39.00 -25.24
CA HIS U 329 33.93 38.69 -23.86
C HIS U 329 32.41 38.53 -23.73
N GLN U 330 31.54 39.43 -24.21
CA GLN U 330 30.08 39.18 -24.11
C GLN U 330 29.75 37.83 -24.72
N GLU U 331 30.43 37.39 -25.77
CA GLU U 331 30.26 36.06 -26.39
C GLU U 331 30.78 34.96 -25.47
N LEU U 332 31.88 35.15 -24.78
CA LEU U 332 32.39 34.14 -23.82
C LEU U 332 31.39 34.01 -22.68
N ARG U 333 30.86 35.08 -22.13
CA ARG U 333 29.79 35.02 -21.10
C ARG U 333 28.76 33.97 -21.46
N GLU U 334 28.27 33.92 -22.70
CA GLU U 334 27.20 32.97 -23.11
C GLU U 334 27.68 31.52 -23.07
N TYR U 335 28.93 31.23 -23.41
CA TYR U 335 29.44 29.84 -23.38
C TYR U 335 29.34 29.37 -21.96
N TYR U 336 29.40 30.26 -20.96
CA TYR U 336 29.33 29.91 -19.51
C TYR U 336 27.90 29.59 -19.08
N ARG U 337 26.84 30.18 -19.67
CA ARG U 337 25.45 29.79 -19.35
C ARG U 337 25.26 28.32 -19.76
N LEU U 338 25.84 27.87 -20.85
CA LEU U 338 25.75 26.43 -21.18
C LEU U 338 26.52 25.65 -20.13
N LEU U 339 27.73 26.07 -19.75
CA LEU U 339 28.50 25.22 -18.80
C LEU U 339 27.76 25.16 -17.46
N SER U 340 27.11 26.23 -16.97
CA SER U 340 26.48 26.22 -15.61
C SER U 340 25.46 25.09 -15.55
N VAL U 341 24.63 24.99 -16.58
CA VAL U 341 23.61 23.91 -16.65
C VAL U 341 24.31 22.58 -16.58
N LEU U 342 25.31 22.37 -17.41
CA LEU U 342 25.86 21.02 -17.45
C LEU U 342 26.20 20.60 -16.04
N HIS U 343 26.79 21.53 -15.25
CA HIS U 343 27.14 21.26 -13.84
C HIS U 343 25.96 20.76 -12.99
N SER U 344 24.84 21.48 -13.01
CA SER U 344 23.60 21.11 -12.26
C SER U 344 23.08 19.75 -12.75
N GLN U 345 23.25 19.46 -14.04
CA GLN U 345 22.79 18.18 -14.64
C GLN U 345 23.62 17.10 -13.96
N LEU U 346 24.67 17.50 -13.22
CA LEU U 346 25.39 16.56 -12.35
C LEU U 346 24.70 16.66 -10.99
N GLN U 347 23.64 15.85 -10.83
CA GLN U 347 22.84 15.88 -9.58
C GLN U 347 21.98 17.14 -9.48
N SER U 361 22.04 9.22 -17.62
CA SER U 361 22.96 10.18 -16.96
C SER U 361 23.35 11.29 -17.94
N LEU U 362 24.50 11.96 -17.81
CA LEU U 362 24.94 13.00 -18.77
C LEU U 362 26.19 12.52 -19.51
N THR U 363 26.17 11.38 -20.15
CA THR U 363 27.27 10.97 -21.05
C THR U 363 26.62 11.00 -22.43
N LEU U 364 26.39 12.20 -23.02
CA LEU U 364 25.89 12.33 -24.41
C LEU U 364 27.13 12.12 -25.22
N ARG U 365 27.52 10.84 -25.39
CA ARG U 365 28.82 10.50 -26.00
C ARG U 365 29.79 11.30 -25.15
N ARG U 366 29.56 11.35 -23.82
CA ARG U 366 30.37 12.14 -22.89
C ARG U 366 30.29 13.60 -23.37
N LEU U 367 29.11 14.10 -23.79
CA LEU U 367 28.83 15.51 -24.22
C LEU U 367 29.30 15.88 -25.64
N LEU U 368 29.48 14.96 -26.58
CA LEU U 368 29.83 15.32 -28.00
C LEU U 368 28.70 16.10 -28.68
N VAL U 369 27.43 15.74 -28.54
CA VAL U 369 26.28 16.48 -29.14
C VAL U 369 26.16 17.81 -28.44
N TRP U 370 26.30 17.85 -27.13
CA TRP U 370 26.13 19.09 -26.32
C TRP U 370 27.16 20.14 -26.73
N THR U 371 28.41 19.73 -26.85
CA THR U 371 29.54 20.64 -27.17
C THR U 371 29.56 21.13 -28.63
N TYR U 372 28.98 20.48 -29.63
CA TYR U 372 29.16 20.77 -31.07
C TYR U 372 28.80 22.17 -31.50
N ASP U 373 27.75 22.76 -30.99
CA ASP U 373 27.29 24.14 -31.38
C ASP U 373 28.20 25.18 -30.73
N PRO U 374 28.69 25.06 -29.47
CA PRO U 374 29.73 26.03 -29.08
C PRO U 374 31.11 25.82 -29.72
N LYS U 375 31.47 24.59 -30.10
CA LYS U 375 32.79 24.20 -30.68
C LYS U 375 33.10 24.88 -32.00
N ILE U 376 32.12 25.17 -32.87
CA ILE U 376 32.30 25.86 -34.19
C ILE U 376 32.32 27.36 -33.93
N ARG U 377 31.54 27.83 -32.94
CA ARG U 377 31.47 29.26 -32.57
C ARG U 377 32.75 29.59 -31.80
N LEU U 378 33.59 28.59 -31.51
CA LEU U 378 34.89 28.79 -30.82
C LEU U 378 36.02 28.79 -31.86
N LYS U 379 35.91 28.02 -32.95
CA LYS U 379 36.96 27.94 -34.02
C LYS U 379 37.02 29.34 -34.66
N THR U 380 35.88 29.98 -34.95
CA THR U 380 35.87 31.31 -35.65
C THR U 380 36.26 32.55 -34.85
N LEU U 381 35.88 32.61 -33.59
CA LEU U 381 36.39 33.75 -32.79
C LEU U 381 37.89 33.56 -32.58
N ALA U 382 38.40 32.37 -32.25
CA ALA U 382 39.83 32.15 -32.03
C ALA U 382 40.59 32.41 -33.32
N ALA U 383 40.06 32.17 -34.51
CA ALA U 383 40.72 32.57 -35.78
C ALA U 383 40.75 34.09 -35.88
N LEU U 384 39.66 34.77 -35.54
CA LEU U 384 39.55 36.25 -35.68
C LEU U 384 40.57 36.99 -34.82
N VAL U 385 41.01 36.44 -33.68
CA VAL U 385 41.99 37.10 -32.75
C VAL U 385 43.40 37.20 -33.38
N ASP U 386 43.87 36.19 -34.13
CA ASP U 386 45.26 36.13 -34.70
C ASP U 386 45.34 36.85 -36.04
N HIS U 387 44.21 37.12 -36.71
CA HIS U 387 44.07 37.84 -38.01
C HIS U 387 43.91 39.30 -37.65
N CYS U 388 43.53 39.61 -36.44
CA CYS U 388 43.43 41.01 -35.98
C CYS U 388 44.60 41.35 -35.09
N GLN U 389 45.68 40.55 -35.07
CA GLN U 389 46.91 40.80 -34.24
C GLN U 389 47.84 41.79 -34.93
N GLY U 390 48.31 42.81 -34.22
CA GLY U 390 49.15 43.89 -34.77
C GLY U 390 48.30 45.07 -35.18
N ARG U 391 47.27 44.83 -35.96
CA ARG U 391 46.33 45.84 -36.51
C ARG U 391 45.54 46.45 -35.38
N LYS U 392 45.21 47.75 -35.49
CA LYS U 392 44.33 48.41 -34.49
C LYS U 392 43.57 49.53 -35.20
N GLY U 393 42.61 50.16 -34.51
CA GLY U 393 41.87 51.30 -35.10
C GLY U 393 41.18 50.93 -36.40
N GLY U 394 41.38 51.72 -37.46
CA GLY U 394 40.70 51.47 -38.74
C GLY U 394 41.07 50.12 -39.32
N GLU U 395 42.34 49.73 -39.20
CA GLU U 395 42.83 48.46 -39.81
C GLU U 395 42.09 47.26 -39.19
N LEU U 396 41.85 47.30 -37.88
CA LEU U 396 41.20 46.15 -37.20
C LEU U 396 39.79 45.93 -37.78
N ALA U 397 39.05 47.00 -38.05
CA ALA U 397 37.65 46.87 -38.55
C ALA U 397 37.61 46.17 -39.92
N SER U 398 38.55 46.51 -40.82
CA SER U 398 38.57 45.90 -42.17
C SER U 398 38.92 44.41 -42.06
N ALA U 399 39.81 44.06 -41.12
CA ALA U 399 40.23 42.64 -40.88
C ALA U 399 39.05 41.81 -40.32
N VAL U 400 37.93 42.47 -39.99
CA VAL U 400 36.71 41.74 -39.53
C VAL U 400 35.75 41.67 -40.73
N HIS U 401 35.69 42.75 -41.54
CA HIS U 401 34.92 42.75 -42.82
C HIS U 401 35.57 41.71 -43.71
N ALA U 402 36.83 41.34 -43.45
CA ALA U 402 37.56 40.27 -44.18
C ALA U 402 36.91 38.91 -43.90
N TYR U 403 36.48 38.67 -42.66
CA TYR U 403 35.89 37.37 -42.22
C TYR U 403 34.40 37.27 -42.53
N THR U 404 33.73 38.29 -43.12
CA THR U 404 32.31 38.19 -43.56
C THR U 404 32.33 38.08 -45.08
N LYS U 405 33.06 37.10 -45.57
CA LYS U 405 33.12 36.83 -47.02
C LYS U 405 33.13 35.32 -47.20
N THR U 406 32.48 34.64 -46.27
CA THR U 406 32.46 33.17 -46.33
C THR U 406 31.03 32.71 -46.48
N GLY U 407 30.79 31.82 -47.43
CA GLY U 407 29.40 31.40 -47.68
C GLY U 407 28.76 30.77 -46.44
N ASP U 408 29.52 29.99 -45.65
CA ASP U 408 29.01 29.30 -44.44
C ASP U 408 27.97 30.19 -43.73
N PRO U 409 26.65 29.86 -43.67
CA PRO U 409 25.63 30.75 -43.08
C PRO U 409 25.73 31.05 -41.58
N TYR U 410 26.11 30.09 -40.73
CA TYR U 410 26.17 30.24 -39.24
C TYR U 410 27.36 31.10 -38.83
N MET U 411 28.49 31.01 -39.53
CA MET U 411 29.76 31.78 -39.26
C MET U 411 29.57 33.20 -39.78
N ARG U 412 28.80 33.35 -40.87
CA ARG U 412 28.53 34.68 -41.48
C ARG U 412 27.51 35.39 -40.59
N SER U 413 26.61 34.66 -39.93
CA SER U 413 25.65 35.24 -38.96
C SER U 413 26.42 35.77 -37.74
N LEU U 414 27.46 35.07 -37.27
CA LEU U 414 28.22 35.41 -36.04
C LEU U 414 29.15 36.62 -36.22
N VAL U 415 29.99 36.69 -37.26
CA VAL U 415 31.02 37.73 -37.43
C VAL U 415 30.25 39.00 -37.68
N GLN U 416 29.32 38.96 -38.63
CA GLN U 416 28.67 40.19 -39.12
C GLN U 416 27.98 40.93 -37.98
N HIS U 417 27.71 40.27 -36.84
CA HIS U 417 27.20 40.93 -35.60
C HIS U 417 28.34 41.64 -34.85
N ILE U 418 29.47 40.96 -34.68
CA ILE U 418 30.66 41.56 -34.04
C ILE U 418 31.04 42.82 -34.81
N LEU U 419 30.98 42.76 -36.14
CA LEU U 419 31.44 43.91 -36.96
C LEU U 419 30.53 45.09 -36.67
N SER U 420 29.23 44.89 -36.42
CA SER U 420 28.34 46.07 -36.19
C SER U 420 28.82 46.87 -34.98
N LEU U 421 29.25 46.17 -33.92
CA LEU U 421 29.79 46.80 -32.70
C LEU U 421 31.15 47.43 -33.00
N VAL U 422 32.03 46.67 -33.65
CA VAL U 422 33.42 47.17 -33.84
C VAL U 422 33.35 48.48 -34.60
N SER U 423 32.52 48.55 -35.63
CA SER U 423 32.54 49.77 -36.47
C SER U 423 31.56 50.86 -36.03
N HIS U 424 30.97 50.77 -34.84
CA HIS U 424 30.12 51.86 -34.29
C HIS U 424 30.98 53.04 -33.85
N PRO U 425 32.03 52.86 -33.03
CA PRO U 425 32.93 53.99 -32.77
C PRO U 425 33.35 54.67 -34.09
N VAL U 426 33.78 53.88 -35.08
CA VAL U 426 34.26 54.46 -36.36
C VAL U 426 33.27 55.45 -36.98
N LEU U 427 32.02 54.98 -37.14
CA LEU U 427 30.90 55.78 -37.68
C LEU U 427 30.53 56.89 -36.70
N SER U 428 30.92 56.78 -35.42
CA SER U 428 30.73 57.87 -34.41
C SER U 428 31.65 59.04 -34.76
N PHE U 429 32.88 58.73 -35.20
CA PHE U 429 33.85 59.73 -35.69
C PHE U 429 33.36 60.23 -37.04
N LEU U 430 32.65 59.42 -37.85
CA LEU U 430 32.08 59.82 -39.17
C LEU U 430 30.91 60.80 -39.03
N TYR U 431 29.97 60.59 -38.09
CA TYR U 431 28.73 61.40 -37.94
C TYR U 431 28.96 62.63 -37.04
N ARG U 432 30.19 62.89 -36.58
CA ARG U 432 30.60 64.08 -35.81
C ARG U 432 31.47 64.99 -36.71
N TRP U 433 32.53 64.46 -37.32
CA TRP U 433 33.46 65.18 -38.23
C TRP U 433 32.80 65.64 -39.52
N ILE U 434 31.54 65.29 -39.73
CA ILE U 434 30.72 65.86 -40.80
C ILE U 434 29.75 66.85 -40.19
N TYR U 435 28.83 66.40 -39.30
CA TYR U 435 27.82 67.28 -38.62
C TYR U 435 28.41 68.22 -37.57
N ASP U 436 29.09 67.72 -36.53
CA ASP U 436 29.53 68.54 -35.38
C ASP U 436 30.54 69.62 -35.78
N GLY U 437 31.47 69.35 -36.69
CA GLY U 437 32.45 70.33 -37.17
C GLY U 437 33.87 69.98 -36.80
N GLU U 438 34.11 69.36 -35.63
CA GLU U 438 35.47 69.04 -35.10
C GLU U 438 35.69 67.53 -34.99
N LEU U 439 36.96 67.06 -35.00
CA LEU U 439 37.34 65.65 -34.87
C LEU U 439 38.20 65.47 -33.59
N GLU U 440 37.98 64.44 -32.78
CA GLU U 440 38.70 64.28 -31.48
C GLU U 440 39.15 62.83 -31.26
N ASP U 441 40.32 62.42 -31.79
CA ASP U 441 40.91 61.06 -31.58
C ASP U 441 42.32 61.24 -31.02
N THR U 442 42.64 60.64 -29.87
CA THR U 442 43.97 60.75 -29.20
C THR U 442 44.98 59.87 -29.96
N TYR U 443 44.63 58.62 -30.27
CA TYR U 443 45.49 57.66 -31.03
C TYR U 443 45.16 57.86 -32.49
N HIS U 444 46.05 57.40 -33.38
CA HIS U 444 45.86 57.60 -34.84
C HIS U 444 44.98 56.46 -35.36
N GLU U 445 43.67 56.69 -35.41
CA GLU U 445 42.69 55.66 -35.84
C GLU U 445 41.83 56.13 -37.01
N PHE U 446 41.28 57.35 -36.98
CA PHE U 446 40.35 57.82 -38.05
C PHE U 446 41.13 57.99 -39.35
N PHE U 447 40.50 57.89 -40.54
CA PHE U 447 41.14 57.97 -41.89
C PHE U 447 41.41 59.39 -42.43
N VAL U 448 41.40 60.46 -41.64
CA VAL U 448 41.81 61.84 -42.01
C VAL U 448 42.97 62.13 -41.04
N ALA U 449 43.95 62.97 -41.39
CA ALA U 449 45.12 63.28 -40.53
C ALA U 449 45.39 64.78 -40.40
N SER U 450 44.75 65.49 -39.45
CA SER U 450 45.01 66.94 -39.22
C SER U 450 46.44 67.17 -38.71
N ASP U 451 47.07 68.27 -39.16
CA ASP U 451 48.44 68.65 -38.73
C ASP U 451 48.34 70.08 -38.14
N PRO U 452 48.63 70.29 -36.84
CA PRO U 452 48.47 71.61 -36.24
C PRO U 452 49.61 72.55 -36.65
N THR U 453 49.30 73.80 -37.01
CA THR U 453 50.21 74.89 -37.37
C THR U 453 49.39 76.16 -37.55
N VAL U 454 50.01 77.33 -37.75
CA VAL U 454 49.24 78.61 -37.86
C VAL U 454 48.14 78.61 -38.91
N LYS U 455 48.42 78.19 -40.15
CA LYS U 455 47.37 78.00 -41.20
C LYS U 455 46.46 79.23 -41.29
N THR U 456 47.04 80.43 -41.28
CA THR U 456 46.18 81.63 -41.26
C THR U 456 45.31 81.67 -42.52
N ASP U 457 45.91 81.84 -43.70
CA ASP U 457 45.16 81.87 -44.99
C ASP U 457 45.38 80.56 -45.74
N ARG U 458 46.38 79.77 -45.32
CA ARG U 458 46.73 78.48 -45.96
C ARG U 458 45.83 77.39 -45.43
N LEU U 459 45.02 77.63 -44.40
CA LEU U 459 44.11 76.62 -43.78
C LEU U 459 43.46 75.67 -44.76
N TRP U 460 42.79 76.11 -45.77
CA TRP U 460 41.89 75.28 -46.62
C TRP U 460 42.76 74.24 -47.38
N HIS U 461 43.89 74.68 -47.95
CA HIS U 461 44.72 73.80 -48.81
C HIS U 461 45.53 72.76 -48.03
N ASP U 462 45.98 73.00 -46.78
CA ASP U 462 46.92 72.01 -46.15
C ASP U 462 46.55 71.39 -44.80
N LYS U 463 45.63 71.96 -44.01
CA LYS U 463 45.38 71.45 -42.62
C LYS U 463 44.81 70.04 -42.59
N TYR U 464 44.11 69.60 -43.65
CA TYR U 464 43.42 68.28 -43.58
C TYR U 464 43.78 67.42 -44.78
N THR U 465 44.15 66.17 -44.50
CA THR U 465 44.61 65.30 -45.60
C THR U 465 44.15 63.87 -45.37
N LEU U 466 43.85 63.17 -46.46
CA LEU U 466 43.31 61.79 -46.34
C LEU U 466 44.44 60.80 -46.03
N ARG U 467 44.44 60.23 -44.82
CA ARG U 467 45.37 59.11 -44.51
C ARG U 467 44.84 57.90 -45.30
N LYS U 468 45.68 56.90 -45.62
CA LYS U 468 45.23 55.81 -46.54
C LYS U 468 45.26 54.41 -45.91
N SER U 469 45.72 54.29 -44.67
CA SER U 469 45.79 52.98 -43.96
C SER U 469 44.51 52.71 -43.20
N MET U 470 43.72 53.78 -42.94
CA MET U 470 42.57 53.72 -41.98
C MET U 470 41.21 54.01 -42.58
N ILE U 471 41.12 54.08 -43.91
CA ILE U 471 39.78 54.05 -44.52
C ILE U 471 39.34 52.60 -44.32
N PRO U 472 38.15 52.38 -43.75
CA PRO U 472 37.69 51.01 -43.45
C PRO U 472 37.32 50.26 -44.73
N SER U 473 37.45 48.93 -44.76
CA SER U 473 37.27 48.20 -46.05
C SER U 473 35.88 48.33 -46.67
N PHE U 474 34.84 48.62 -45.86
CA PHE U 474 33.46 48.78 -46.39
C PHE U 474 33.22 50.24 -46.82
N MET U 475 34.20 50.90 -47.44
CA MET U 475 33.97 52.29 -47.91
C MET U 475 34.63 52.47 -49.28
N THR U 476 34.01 53.26 -50.16
CA THR U 476 34.64 53.58 -51.47
C THR U 476 35.61 54.73 -51.26
N MET U 477 36.74 54.72 -51.96
CA MET U 477 37.77 55.78 -51.87
C MET U 477 37.11 57.10 -52.25
N ASP U 478 36.11 57.07 -53.12
CA ASP U 478 35.37 58.30 -53.48
C ASP U 478 34.66 58.83 -52.25
N GLN U 479 34.06 57.95 -51.44
CA GLN U 479 33.32 58.37 -50.23
C GLN U 479 34.30 58.98 -49.24
N SER U 480 35.47 58.39 -49.05
CA SER U 480 36.46 58.87 -48.08
C SER U 480 36.88 60.28 -48.48
N ARG U 481 37.11 60.49 -49.76
CA ARG U 481 37.53 61.82 -50.27
C ARG U 481 36.41 62.83 -50.07
N LYS U 482 35.16 62.47 -50.30
CA LYS U 482 34.00 63.39 -50.17
C LYS U 482 33.77 63.76 -48.72
N VAL U 483 33.95 62.82 -47.79
CA VAL U 483 33.67 63.07 -46.34
C VAL U 483 34.60 64.19 -45.91
N LEU U 484 35.89 64.18 -46.23
CA LEU U 484 36.84 65.27 -45.92
C LEU U 484 36.28 66.55 -46.49
N LEU U 485 35.85 66.51 -47.73
CA LEU U 485 35.38 67.80 -48.26
C LEU U 485 34.31 68.39 -47.36
N ILE U 486 33.49 67.56 -46.68
CA ILE U 486 32.50 68.13 -45.71
C ILE U 486 33.24 68.47 -44.41
N GLY U 487 34.06 67.58 -43.87
CA GLY U 487 34.69 67.97 -42.59
C GLY U 487 35.42 69.30 -42.69
N LYS U 488 36.19 69.48 -43.76
CA LYS U 488 36.96 70.72 -43.96
C LYS U 488 36.02 71.92 -44.12
N SER U 489 34.96 71.77 -44.93
CA SER U 489 34.08 72.94 -45.21
C SER U 489 33.42 73.43 -43.92
N ILE U 490 32.91 72.53 -43.08
CA ILE U 490 32.14 72.93 -41.85
C ILE U 490 33.12 73.47 -40.80
N ASN U 491 34.42 73.25 -41.00
CA ASN U 491 35.44 73.80 -40.07
C ASN U 491 36.03 75.11 -40.61
N PHE U 492 36.18 75.21 -41.94
CA PHE U 492 36.65 76.48 -42.56
C PHE U 492 35.59 77.54 -42.23
N LEU U 493 34.34 77.10 -42.12
CA LEU U 493 33.19 78.04 -41.95
C LEU U 493 33.16 78.66 -40.55
N HIS U 494 33.79 77.99 -39.57
CA HIS U 494 33.79 78.52 -38.19
C HIS U 494 35.04 79.39 -37.95
N GLN U 495 36.25 78.81 -38.09
CA GLN U 495 37.56 79.44 -37.74
C GLN U 495 37.97 80.64 -38.62
N VAL U 496 37.46 80.74 -39.85
CA VAL U 496 37.77 81.89 -40.77
C VAL U 496 36.54 82.76 -40.96
N CYS U 497 35.53 82.27 -41.69
CA CYS U 497 34.38 83.12 -42.10
C CYS U 497 33.68 83.68 -40.86
N HIS U 498 33.89 83.06 -39.68
CA HIS U 498 33.41 83.61 -38.39
C HIS U 498 31.88 83.71 -38.40
N ASP U 499 31.20 82.69 -38.91
CA ASP U 499 29.72 82.65 -38.94
C ASP U 499 29.29 81.38 -38.21
N GLN U 500 29.43 81.38 -36.88
CA GLN U 500 29.15 80.19 -36.05
C GLN U 500 27.63 79.97 -36.00
N THR U 501 27.09 79.34 -37.08
CA THR U 501 25.65 78.95 -37.17
C THR U 501 25.59 77.51 -36.66
N PRO U 502 25.12 77.26 -35.42
CA PRO U 502 25.20 75.94 -34.81
C PRO U 502 24.26 74.91 -35.42
N THR U 503 24.59 73.62 -35.23
CA THR U 503 23.78 72.48 -35.75
C THR U 503 23.45 72.70 -37.23
N THR U 504 24.47 73.05 -38.05
CA THR U 504 24.26 73.16 -39.53
C THR U 504 24.11 71.70 -39.98
N LYS U 505 22.89 71.29 -40.36
CA LYS U 505 22.59 69.85 -40.68
C LYS U 505 22.96 69.53 -42.12
N THR U 524 25.83 45.71 -48.20
CA THR U 524 25.50 46.82 -47.27
C THR U 524 26.77 47.43 -46.68
N ASP U 525 27.05 48.70 -47.00
CA ASP U 525 28.20 49.44 -46.38
C ASP U 525 27.70 49.83 -44.99
N LEU U 526 26.65 50.65 -44.92
CA LEU U 526 25.92 50.92 -43.65
C LEU U 526 24.44 50.88 -44.02
N GLU U 527 23.99 49.74 -44.60
CA GLU U 527 22.54 49.54 -44.97
C GLU U 527 22.18 50.47 -46.14
N ASN U 528 23.17 50.88 -46.97
CA ASN U 528 23.00 51.88 -48.10
C ASN U 528 22.34 53.16 -47.57
N ALA U 529 22.91 53.76 -46.50
CA ALA U 529 22.45 55.05 -45.91
C ALA U 529 23.57 56.10 -45.97
N PHE U 530 24.85 55.66 -46.06
CA PHE U 530 25.96 56.64 -46.26
C PHE U 530 25.70 57.36 -47.56
N GLN U 531 25.56 56.60 -48.66
CA GLN U 531 25.45 57.15 -50.04
C GLN U 531 24.21 58.04 -50.10
N GLY U 532 23.27 57.81 -49.17
CA GLY U 532 22.08 58.68 -48.97
C GLY U 532 22.34 59.85 -48.03
N LYS U 533 22.95 59.64 -46.86
CA LYS U 533 23.13 60.73 -45.89
C LYS U 533 24.28 61.65 -46.30
N ILE U 534 25.39 61.05 -46.73
CA ILE U 534 26.68 61.78 -46.91
C ILE U 534 26.55 62.77 -48.06
N ASP U 535 26.00 62.30 -49.16
CA ASP U 535 25.72 63.28 -50.24
C ASP U 535 24.80 64.34 -49.62
N ALA U 536 23.83 63.95 -48.76
CA ALA U 536 22.84 64.94 -48.25
C ALA U 536 23.57 66.01 -47.44
N ALA U 537 24.45 65.60 -46.51
CA ALA U 537 25.23 66.55 -45.69
C ALA U 537 26.07 67.41 -46.63
N TYR U 538 26.81 66.77 -47.55
CA TYR U 538 27.70 67.45 -48.54
C TYR U 538 26.90 68.55 -49.24
N PHE U 539 25.65 68.29 -49.60
CA PHE U 539 24.90 69.25 -50.44
C PHE U 539 24.48 70.49 -49.66
N GLU U 540 23.95 70.27 -48.46
CA GLU U 540 23.48 71.44 -47.66
C GLU U 540 24.69 72.30 -47.37
N THR U 541 25.71 71.71 -46.73
CA THR U 541 26.90 72.47 -46.23
C THR U 541 27.43 73.39 -47.34
N SER U 542 27.86 72.80 -48.47
CA SER U 542 28.55 73.56 -49.55
C SER U 542 27.62 74.66 -50.04
N LYS U 543 26.33 74.37 -50.20
CA LYS U 543 25.45 75.43 -50.77
C LYS U 543 25.55 76.69 -49.91
N TYR U 544 25.57 76.59 -48.56
CA TYR U 544 25.66 77.75 -47.62
C TYR U 544 27.00 78.46 -47.70
N LEU U 545 28.09 77.67 -47.69
CA LEU U 545 29.49 78.22 -47.67
C LEU U 545 29.59 79.23 -48.81
N LEU U 546 29.06 78.84 -49.97
CA LEU U 546 29.01 79.75 -51.15
C LEU U 546 28.03 80.92 -50.93
N ASP U 547 26.83 80.70 -50.38
CA ASP U 547 25.92 81.86 -50.20
C ASP U 547 26.68 82.91 -49.38
N VAL U 548 27.11 82.57 -48.16
CA VAL U 548 27.73 83.57 -47.23
C VAL U 548 28.92 84.24 -47.91
N LEU U 549 29.72 83.46 -48.64
CA LEU U 549 30.94 83.99 -49.30
C LEU U 549 30.49 85.10 -50.27
N ASN U 550 29.30 84.95 -50.88
CA ASN U 550 28.84 85.86 -51.95
C ASN U 550 27.95 87.02 -51.46
N LYS U 551 27.70 87.15 -50.13
CA LYS U 551 26.99 88.35 -49.57
C LYS U 551 27.74 88.94 -48.36
N LYS U 552 28.47 88.12 -47.60
CA LYS U 552 29.26 88.65 -46.45
C LYS U 552 30.67 89.05 -46.88
N TYR U 553 31.19 88.50 -47.98
CA TYR U 553 32.50 88.96 -48.50
C TYR U 553 32.45 89.26 -49.99
N SER U 554 31.26 89.12 -50.62
CA SER U 554 31.06 89.38 -52.08
C SER U 554 32.26 88.82 -52.85
N LEU U 555 32.46 87.50 -52.84
CA LEU U 555 33.62 86.87 -53.54
C LEU U 555 33.48 87.13 -55.02
N LEU U 556 32.25 87.21 -55.54
CA LEU U 556 32.03 87.34 -57.00
C LEU U 556 32.20 88.79 -57.42
N ASP U 557 31.67 89.76 -56.68
CA ASP U 557 31.72 91.18 -57.13
C ASP U 557 33.18 91.56 -57.24
N HIS U 558 34.07 91.00 -56.43
CA HIS U 558 35.52 91.24 -56.59
C HIS U 558 36.05 90.70 -57.91
N MET U 559 35.70 89.48 -58.31
CA MET U 559 36.30 88.90 -59.54
C MET U 559 35.91 89.84 -60.68
N GLN U 560 34.70 90.38 -60.66
CA GLN U 560 34.19 91.31 -61.71
C GLN U 560 35.02 92.59 -61.68
N ALA U 561 35.55 92.99 -60.51
CA ALA U 561 36.39 94.21 -60.34
C ALA U 561 37.87 93.87 -60.14
N MET U 562 38.32 92.62 -60.37
CA MET U 562 39.75 92.28 -60.36
C MET U 562 40.19 92.25 -61.81
N ARG U 563 39.28 92.21 -62.78
CA ARG U 563 39.54 92.27 -64.25
C ARG U 563 39.19 93.67 -64.72
N ARG U 564 38.05 94.21 -64.30
CA ARG U 564 37.64 95.57 -64.68
C ARG U 564 38.79 96.53 -64.36
N TYR U 565 39.42 96.48 -63.19
CA TYR U 565 40.46 97.47 -62.85
C TYR U 565 41.87 96.95 -63.11
N LEU U 566 42.28 95.81 -62.58
CA LEU U 566 43.68 95.38 -62.72
C LEU U 566 44.02 95.00 -64.15
N LEU U 567 43.19 94.29 -64.91
CA LEU U 567 43.54 93.76 -66.27
C LEU U 567 43.19 94.77 -67.36
N LEU U 568 42.84 96.01 -67.02
CA LEU U 568 42.61 97.16 -67.94
C LEU U 568 41.23 97.13 -68.59
N GLY U 569 40.37 96.22 -68.19
CA GLY U 569 39.01 96.11 -68.74
C GLY U 569 38.18 97.35 -68.45
N GLN U 570 38.54 98.16 -67.45
CA GLN U 570 37.74 99.36 -67.04
C GLN U 570 37.81 100.31 -68.21
N GLY U 571 38.95 100.35 -68.89
CA GLY U 571 39.07 101.13 -70.14
C GLY U 571 39.25 102.61 -69.93
N ASP U 572 38.22 103.27 -69.40
CA ASP U 572 38.27 104.74 -69.16
C ASP U 572 39.17 105.05 -67.96
N PHE U 573 38.93 104.51 -66.78
CA PHE U 573 39.85 104.73 -65.64
C PHE U 573 41.25 104.56 -66.16
N ILE U 574 41.59 103.58 -66.99
CA ILE U 574 43.03 103.34 -67.34
C ILE U 574 43.52 104.39 -68.32
N ARG U 575 42.68 105.05 -69.11
CA ARG U 575 43.25 106.15 -69.97
C ARG U 575 43.33 107.48 -69.23
N HIS U 576 42.59 107.77 -68.16
CA HIS U 576 42.70 109.11 -67.51
C HIS U 576 43.81 109.05 -66.48
N LEU U 577 44.26 107.86 -66.11
CA LEU U 577 45.35 107.69 -65.13
C LEU U 577 46.60 107.87 -65.97
N MET U 578 46.69 107.21 -67.12
CA MET U 578 47.87 107.28 -68.00
C MET U 578 48.06 108.72 -68.45
N ASP U 579 47.00 109.49 -68.70
CA ASP U 579 47.18 110.93 -69.03
C ASP U 579 47.73 111.68 -67.82
N LEU U 580 47.18 111.53 -66.62
CA LEU U 580 47.64 112.36 -65.46
C LEU U 580 48.98 111.85 -64.96
N LEU U 581 49.43 110.63 -65.30
CA LEU U 581 50.66 110.02 -64.74
C LEU U 581 51.84 110.24 -65.70
N LYS U 582 51.62 110.92 -66.83
CA LYS U 582 52.68 111.11 -67.86
C LYS U 582 53.82 112.00 -67.37
N PRO U 583 53.60 113.20 -66.79
CA PRO U 583 54.75 114.03 -66.41
C PRO U 583 55.60 113.30 -65.35
N GLU U 584 54.98 112.73 -64.32
CA GLU U 584 55.71 112.09 -63.19
C GLU U 584 56.51 110.91 -63.72
N LEU U 585 55.88 110.08 -64.53
CA LEU U 585 56.54 108.83 -65.00
C LEU U 585 57.68 109.14 -65.96
N VAL U 586 57.57 110.14 -66.84
CA VAL U 586 58.61 110.37 -67.89
C VAL U 586 59.94 110.71 -67.21
N ARG U 587 59.94 111.02 -65.91
CA ARG U 587 61.17 111.31 -65.12
C ARG U 587 61.74 110.01 -64.53
N PRO U 588 63.09 109.82 -64.48
CA PRO U 588 63.69 108.61 -63.90
C PRO U 588 63.15 108.36 -62.49
N ALA U 589 62.60 107.16 -62.25
CA ALA U 589 61.93 106.83 -60.97
C ALA U 589 62.90 106.27 -59.93
N THR U 590 64.20 106.29 -60.18
CA THR U 590 65.18 105.99 -59.09
C THR U 590 64.98 107.13 -58.10
N THR U 591 64.45 108.28 -58.60
CA THR U 591 64.12 109.48 -57.77
C THR U 591 62.61 109.62 -57.58
N LEU U 592 61.79 108.54 -57.57
CA LEU U 592 60.32 108.71 -57.43
C LEU U 592 59.94 108.34 -55.99
N TYR U 593 58.93 109.03 -55.45
CA TYR U 593 58.44 108.86 -54.04
C TYR U 593 56.96 108.48 -54.00
N GLN U 594 56.61 107.42 -53.27
CA GLN U 594 55.27 106.75 -53.33
C GLN U 594 54.14 107.74 -53.10
N HIS U 595 54.25 108.63 -52.12
CA HIS U 595 53.16 109.57 -51.69
C HIS U 595 52.56 110.41 -52.83
N ASN U 596 53.24 110.54 -53.98
CA ASN U 596 52.68 111.26 -55.16
C ASN U 596 51.93 110.30 -56.09
N LEU U 597 52.28 109.00 -56.06
CA LEU U 597 51.52 107.97 -56.82
C LEU U 597 50.19 107.69 -56.11
N THR U 598 50.25 107.40 -54.80
CA THR U 598 49.01 107.07 -54.03
C THR U 598 48.06 108.25 -54.17
N GLY U 599 48.62 109.47 -54.20
CA GLY U 599 47.76 110.61 -54.52
C GLY U 599 47.21 110.56 -55.92
N ILE U 600 48.02 110.56 -56.99
CA ILE U 600 47.45 110.64 -58.37
C ILE U 600 46.37 109.57 -58.60
N LEU U 601 46.51 108.34 -58.11
CA LEU U 601 45.50 107.30 -58.40
C LEU U 601 44.17 107.78 -57.84
N GLU U 602 44.15 108.41 -56.67
CA GLU U 602 42.88 108.82 -56.01
C GLU U 602 42.15 109.79 -56.94
N THR U 603 42.86 110.75 -57.53
CA THR U 603 42.24 111.75 -58.45
C THR U 603 41.65 111.00 -59.63
N ALA U 604 42.34 109.96 -60.12
CA ALA U 604 41.89 109.18 -61.29
C ALA U 604 40.59 108.46 -60.97
N VAL U 605 40.49 107.81 -59.82
CA VAL U 605 39.29 107.01 -59.46
C VAL U 605 38.08 107.94 -59.32
N ARG U 606 38.23 109.10 -58.72
CA ARG U 606 37.10 110.05 -58.49
C ARG U 606 36.66 110.77 -59.78
N ALA U 607 37.56 111.19 -60.66
CA ALA U 607 37.21 111.96 -61.88
C ALA U 607 36.49 111.11 -62.92
N THR U 608 36.90 109.85 -63.12
CA THR U 608 36.39 108.95 -64.19
C THR U 608 35.34 107.96 -63.68
N ASN U 609 34.69 107.16 -64.52
CA ASN U 609 33.57 106.25 -64.14
C ASN U 609 33.95 105.26 -63.03
N ALA U 610 35.22 105.04 -62.80
CA ALA U 610 35.63 104.17 -61.69
C ALA U 610 34.79 104.47 -60.46
N GLN U 611 34.66 105.74 -60.08
CA GLN U 611 34.00 106.09 -58.79
C GLN U 611 32.72 105.28 -58.65
N PHE U 612 31.97 105.05 -59.75
CA PHE U 612 30.64 104.39 -59.71
C PHE U 612 30.87 102.89 -59.50
N ASP U 613 31.42 102.57 -58.32
CA ASP U 613 31.71 101.17 -57.94
C ASP U 613 31.59 101.09 -56.41
N SER U 614 31.63 99.88 -55.85
CA SER U 614 31.57 99.69 -54.37
C SER U 614 32.78 100.34 -53.72
N PRO U 615 32.62 101.01 -52.57
CA PRO U 615 33.77 101.59 -51.86
C PRO U 615 34.80 100.57 -51.34
N GLU U 616 34.40 99.31 -51.05
CA GLU U 616 35.32 98.29 -50.47
C GLU U 616 36.37 97.88 -51.50
N ILE U 617 35.91 97.41 -52.66
CA ILE U 617 36.87 97.01 -53.71
C ILE U 617 37.77 98.22 -53.97
N LEU U 618 37.20 99.43 -54.01
CA LEU U 618 37.97 100.68 -54.26
C LEU U 618 39.00 100.93 -53.14
N ARG U 619 38.67 100.71 -51.88
CA ARG U 619 39.65 100.83 -50.77
C ARG U 619 40.76 99.80 -50.94
N ARG U 620 40.45 98.61 -51.47
CA ARG U 620 41.46 97.52 -51.63
C ARG U 620 42.31 97.78 -52.87
N LEU U 621 41.94 98.72 -53.75
CA LEU U 621 42.70 99.05 -54.99
C LEU U 621 43.61 100.25 -54.74
N ASP U 622 44.93 100.11 -54.86
CA ASP U 622 45.89 101.23 -54.57
C ASP U 622 47.21 100.98 -55.30
N VAL U 623 48.02 102.03 -55.58
CA VAL U 623 49.27 101.92 -56.38
C VAL U 623 50.31 101.12 -55.61
N ARG U 624 51.39 100.74 -56.28
CA ARG U 624 52.49 99.99 -55.64
C ARG U 624 53.70 100.26 -56.52
N LEU U 625 54.92 99.92 -56.10
CA LEU U 625 56.11 100.07 -56.97
C LEU U 625 56.93 98.79 -56.94
N LEU U 626 57.61 98.46 -58.02
CA LEU U 626 58.53 97.29 -58.10
C LEU U 626 59.91 97.78 -57.63
N GLU U 627 60.93 96.94 -57.62
CA GLU U 627 62.30 97.32 -57.17
C GLU U 627 62.93 98.30 -58.17
N VAL U 628 63.89 99.12 -57.74
CA VAL U 628 64.51 100.16 -58.59
C VAL U 628 65.55 99.55 -59.52
N SER U 629 65.75 100.12 -60.73
CA SER U 629 66.76 99.66 -61.73
C SER U 629 67.86 100.72 -61.77
N PRO U 630 69.14 100.42 -62.09
CA PRO U 630 70.15 101.48 -62.21
C PRO U 630 69.65 102.42 -63.31
N GLY U 631 69.16 101.88 -64.41
CA GLY U 631 68.53 102.68 -65.48
C GLY U 631 67.04 102.52 -65.34
N ASP U 632 66.32 103.55 -64.90
CA ASP U 632 64.87 103.45 -64.60
C ASP U 632 64.11 104.61 -65.21
N THR U 633 62.85 104.41 -65.55
CA THR U 633 61.94 105.49 -66.00
C THR U 633 60.65 105.14 -65.25
N GLY U 634 59.69 106.04 -65.14
CA GLY U 634 58.42 105.69 -64.49
C GLY U 634 57.78 104.52 -65.21
N TRP U 635 57.87 104.49 -66.54
CA TRP U 635 57.19 103.45 -67.34
C TRP U 635 57.88 102.09 -67.15
N ASP U 636 59.09 102.05 -66.59
CA ASP U 636 59.80 100.77 -66.27
C ASP U 636 59.38 100.18 -64.92
N VAL U 637 59.11 101.00 -63.90
CA VAL U 637 58.84 100.50 -62.52
C VAL U 637 57.57 101.15 -61.95
N PHE U 638 56.38 100.72 -62.36
CA PHE U 638 55.08 101.20 -61.80
C PHE U 638 54.14 100.01 -61.91
N SER U 639 53.03 99.98 -61.16
CA SER U 639 52.01 98.90 -61.28
C SER U 639 50.78 99.26 -60.47
N LEU U 640 49.63 98.62 -60.71
CA LEU U 640 48.42 98.78 -59.87
C LEU U 640 48.32 97.41 -59.21
N ASP U 641 48.17 97.31 -57.90
CA ASP U 641 48.00 96.00 -57.23
C ASP U 641 46.72 95.99 -56.41
N TYR U 642 45.84 95.01 -56.63
CA TYR U 642 44.64 94.83 -55.78
C TYR U 642 45.06 93.86 -54.67
N HIS U 643 44.91 94.23 -53.40
CA HIS U 643 45.37 93.41 -52.25
C HIS U 643 44.18 92.73 -51.57
N VAL U 644 44.35 91.49 -51.11
CA VAL U 644 43.28 90.71 -50.42
C VAL U 644 44.00 89.74 -49.45
N ASP U 645 43.68 89.78 -48.15
CA ASP U 645 44.36 88.93 -47.11
C ASP U 645 43.44 88.26 -46.08
N GLY U 646 42.14 88.04 -46.35
CA GLY U 646 41.22 87.52 -45.30
C GLY U 646 40.56 86.18 -45.66
N PRO U 647 39.23 86.14 -45.77
CA PRO U 647 38.56 84.91 -46.23
C PRO U 647 38.86 84.58 -47.70
N ILE U 648 38.74 85.59 -48.57
CA ILE U 648 38.83 85.43 -50.05
C ILE U 648 40.25 85.08 -50.43
N ALA U 649 41.19 85.19 -49.49
CA ALA U 649 42.60 84.81 -49.73
C ALA U 649 42.68 83.49 -50.51
N THR U 650 41.87 82.49 -50.15
CA THR U 650 41.99 81.14 -50.78
C THR U 650 41.56 81.10 -52.26
N VAL U 651 40.88 82.14 -52.74
CA VAL U 651 40.43 82.19 -54.17
C VAL U 651 41.31 83.17 -54.94
N PHE U 652 42.02 84.04 -54.22
CA PHE U 652 42.98 84.98 -54.85
C PHE U 652 44.26 84.80 -54.02
N THR U 653 44.85 83.60 -54.10
CA THR U 653 46.06 83.22 -53.29
C THR U 653 47.30 84.01 -53.68
N ARG U 654 48.26 84.21 -52.75
CA ARG U 654 49.52 84.95 -53.01
C ARG U 654 50.24 84.38 -54.24
N GLU U 655 49.97 83.12 -54.61
CA GLU U 655 50.73 82.55 -55.74
C GLU U 655 49.99 82.92 -57.04
N CYS U 656 48.69 83.25 -56.97
CA CYS U 656 47.87 83.65 -58.15
C CYS U 656 47.98 85.16 -58.30
N MET U 657 48.46 85.86 -57.25
CA MET U 657 48.74 87.32 -57.30
C MET U 657 49.98 87.56 -58.16
N SER U 658 50.92 86.59 -58.25
CA SER U 658 52.16 86.67 -59.07
C SER U 658 51.84 86.53 -60.56
N HIS U 659 50.90 85.67 -60.98
CA HIS U 659 50.50 85.41 -62.38
C HIS U 659 49.80 86.66 -62.91
N TYR U 660 48.87 87.22 -62.15
CA TYR U 660 48.15 88.47 -62.56
C TYR U 660 49.11 89.66 -62.73
N LEU U 661 50.11 89.80 -61.87
CA LEU U 661 51.09 90.91 -62.01
C LEU U 661 51.82 90.73 -63.34
N ARG U 662 52.25 89.50 -63.67
CA ARG U 662 52.97 89.22 -64.95
C ARG U 662 52.05 89.51 -66.14
N VAL U 663 50.82 89.06 -66.07
CA VAL U 663 49.85 89.33 -67.15
C VAL U 663 49.65 90.84 -67.18
N PHE U 664 49.49 91.50 -66.04
CA PHE U 664 49.22 92.96 -66.02
C PHE U 664 50.41 93.67 -66.66
N ASN U 665 51.63 93.18 -66.42
CA ASN U 665 52.86 93.84 -66.93
C ASN U 665 52.85 93.86 -68.45
N PHE U 666 52.45 92.78 -69.13
CA PHE U 666 52.36 92.75 -70.62
C PHE U 666 51.28 93.71 -71.09
N LEU U 667 50.16 93.73 -70.40
CA LEU U 667 49.03 94.55 -70.83
C LEU U 667 49.21 95.99 -70.34
N TRP U 668 50.39 96.45 -69.88
CA TRP U 668 50.60 97.89 -69.55
C TRP U 668 51.42 98.47 -70.69
N ARG U 669 52.53 97.85 -71.03
CA ARG U 669 53.39 98.21 -72.18
C ARG U 669 52.55 98.49 -73.44
N ALA U 670 51.72 97.54 -73.84
CA ALA U 670 50.95 97.63 -75.08
C ALA U 670 49.83 98.63 -74.96
N LYS U 671 49.43 99.05 -73.77
CA LYS U 671 48.40 100.12 -73.64
C LYS U 671 49.11 101.48 -73.60
N ARG U 672 50.44 101.53 -73.56
CA ARG U 672 51.24 102.79 -73.65
C ARG U 672 51.70 102.96 -75.09
N MET U 673 52.23 101.92 -75.73
CA MET U 673 52.74 102.00 -77.11
C MET U 673 51.56 102.43 -77.96
N GLU U 674 50.39 101.90 -77.69
CA GLU U 674 49.19 102.28 -78.46
C GLU U 674 48.92 103.74 -78.23
N TYR U 675 49.06 104.24 -77.02
CA TYR U 675 48.91 105.70 -76.74
C TYR U 675 50.05 106.53 -77.37
N ILE U 676 51.29 106.03 -77.37
CA ILE U 676 52.43 106.73 -77.99
C ILE U 676 52.14 106.84 -79.48
N LEU U 677 51.69 105.78 -80.16
CA LEU U 677 51.46 105.82 -81.63
C LEU U 677 50.25 106.67 -81.95
N THR U 678 49.21 106.63 -81.15
CA THR U 678 48.08 107.54 -81.38
C THR U 678 48.53 108.93 -80.97
N ASP U 679 49.74 109.08 -80.42
CA ASP U 679 50.31 110.45 -80.14
C ASP U 679 51.14 110.89 -81.36
N ILE U 680 51.92 110.02 -81.99
CA ILE U 680 52.64 110.41 -83.24
C ILE U 680 51.59 110.78 -84.28
N ARG U 681 50.53 110.01 -84.44
CA ARG U 681 49.46 110.26 -85.43
C ARG U 681 48.71 111.52 -85.04
N LYS U 682 48.52 111.78 -83.76
CA LYS U 682 47.89 113.04 -83.32
C LYS U 682 48.79 114.12 -83.86
N GLY U 683 50.10 113.90 -83.74
CA GLY U 683 51.09 114.90 -84.16
C GLY U 683 51.02 115.18 -85.64
N HIS U 684 50.91 114.21 -86.53
CA HIS U 684 50.94 114.46 -87.99
C HIS U 684 49.76 115.33 -88.37
N MET U 685 48.56 115.02 -87.90
CA MET U 685 47.35 115.76 -88.32
C MET U 685 47.42 117.19 -87.82
N CYS U 686 48.31 117.49 -86.87
CA CYS U 686 48.36 118.83 -86.25
C CYS U 686 49.48 119.71 -86.83
N ASN U 687 50.71 119.21 -86.86
CA ASN U 687 51.86 120.00 -87.37
C ASN U 687 51.73 120.27 -88.86
N ALA U 688 51.33 119.28 -89.65
CA ALA U 688 51.30 119.39 -91.14
C ALA U 688 50.31 120.45 -91.61
N LYS U 689 49.31 120.78 -90.81
CA LYS U 689 48.29 121.80 -91.20
C LYS U 689 48.90 123.19 -91.01
N LEU U 690 50.13 123.29 -90.47
CA LEU U 690 50.87 124.58 -90.35
C LEU U 690 52.03 124.63 -91.35
N LEU U 691 52.51 123.48 -91.87
CA LEU U 691 53.60 123.42 -92.88
C LEU U 691 52.92 123.22 -94.25
N ARG U 692 51.96 124.08 -94.61
CA ARG U 692 51.20 124.02 -95.88
C ARG U 692 51.90 124.87 -96.95
N ASN U 693 52.75 125.82 -96.57
CA ASN U 693 53.47 126.72 -97.50
C ASN U 693 54.85 126.15 -97.86
N MET U 694 55.27 125.04 -97.24
CA MET U 694 56.59 124.40 -97.46
C MET U 694 56.43 123.25 -98.46
N PRO U 695 56.96 123.33 -99.69
CA PRO U 695 56.93 122.19 -100.60
C PRO U 695 58.16 121.28 -100.52
N GLU U 696 59.31 121.79 -100.04
CA GLU U 696 60.58 121.01 -100.04
C GLU U 696 60.44 119.78 -99.17
N PHE U 697 59.71 119.85 -98.04
CA PHE U 697 59.59 118.73 -97.08
C PHE U 697 58.52 117.72 -97.49
N SER U 698 57.70 117.96 -98.53
CA SER U 698 56.55 117.07 -98.84
C SER U 698 57.07 115.64 -98.95
N GLY U 699 58.22 115.43 -99.58
CA GLY U 699 58.83 114.09 -99.67
C GLY U 699 59.03 113.47 -98.31
N VAL U 700 59.87 114.06 -97.47
CA VAL U 700 60.19 113.43 -96.15
C VAL U 700 58.93 113.37 -95.30
N LEU U 701 58.10 114.42 -95.30
CA LEU U 701 56.92 114.47 -94.39
C LEU U 701 55.95 113.35 -94.78
N HIS U 702 55.76 113.06 -96.07
CA HIS U 702 54.92 111.92 -96.51
C HIS U 702 55.57 110.58 -96.15
N GLN U 703 56.87 110.42 -96.31
CA GLN U 703 57.48 109.09 -96.08
C GLN U 703 57.19 108.74 -94.63
N CYS U 704 57.15 109.73 -93.74
CA CYS U 704 56.86 109.53 -92.31
C CYS U 704 55.43 109.02 -92.15
N HIS U 705 54.46 109.53 -92.91
CA HIS U 705 53.04 109.14 -92.76
C HIS U 705 52.82 107.65 -93.04
N ILE U 706 53.62 106.99 -93.87
CA ILE U 706 53.38 105.56 -94.20
C ILE U 706 54.06 104.75 -93.09
N LEU U 707 55.33 105.01 -92.73
CA LEU U 707 55.97 104.16 -91.68
C LEU U 707 55.06 104.14 -90.45
N ALA U 708 54.34 105.23 -90.20
CA ALA U 708 53.39 105.25 -89.08
C ALA U 708 52.29 104.20 -89.31
N SER U 709 51.73 104.09 -90.52
CA SER U 709 50.56 103.22 -90.83
C SER U 709 50.82 101.71 -90.77
N GLU U 710 52.05 101.22 -90.97
CA GLU U 710 52.39 99.79 -90.86
C GLU U 710 52.53 99.43 -89.39
N MET U 711 53.03 100.34 -88.56
CA MET U 711 53.04 100.15 -87.10
C MET U 711 51.63 100.33 -86.52
N VAL U 712 50.82 101.33 -86.91
CA VAL U 712 49.48 101.54 -86.25
C VAL U 712 48.68 100.27 -86.45
N HIS U 713 48.82 99.53 -87.54
CA HIS U 713 48.14 98.23 -87.72
C HIS U 713 48.65 97.22 -86.69
N PHE U 714 49.95 96.99 -86.55
CA PHE U 714 50.48 95.94 -85.63
C PHE U 714 50.11 96.24 -84.19
N ILE U 715 49.84 97.50 -83.82
CA ILE U 715 49.46 97.92 -82.44
C ILE U 715 47.95 98.17 -82.38
N HIS U 716 47.18 97.90 -83.43
CA HIS U 716 45.70 97.92 -83.35
C HIS U 716 45.18 96.51 -83.67
N GLN U 717 46.03 95.56 -84.08
CA GLN U 717 45.64 94.14 -84.27
C GLN U 717 46.13 93.33 -83.06
N MET U 718 47.27 93.64 -82.46
CA MET U 718 47.69 93.00 -81.20
C MET U 718 46.68 93.42 -80.16
N GLN U 719 46.25 94.68 -80.15
CA GLN U 719 45.33 95.22 -79.11
C GLN U 719 43.89 94.77 -79.38
N TYR U 720 43.60 93.96 -80.41
CA TYR U 720 42.25 93.38 -80.57
C TYR U 720 42.32 91.87 -80.30
N TYR U 721 43.46 91.24 -80.56
CA TYR U 721 43.64 89.80 -80.27
C TYR U 721 43.90 89.65 -78.77
N ILE U 722 44.22 90.74 -78.05
CA ILE U 722 44.49 90.71 -76.58
C ILE U 722 43.13 90.92 -75.91
N THR U 723 42.10 91.25 -76.70
CA THR U 723 40.76 91.55 -76.13
C THR U 723 39.69 90.52 -76.50
N PHE U 724 39.48 90.21 -77.78
CA PHE U 724 38.33 89.33 -78.15
C PHE U 724 38.67 87.84 -78.09
N GLU U 725 39.95 87.47 -78.19
CA GLU U 725 40.39 86.07 -78.11
C GLU U 725 41.18 85.72 -76.85
N VAL U 726 41.70 86.68 -76.05
CA VAL U 726 42.57 86.38 -74.88
C VAL U 726 41.79 86.61 -73.60
N LEU U 727 41.28 87.81 -73.39
CA LEU U 727 40.58 88.24 -72.17
C LEU U 727 39.07 88.32 -72.40
N GLU U 728 38.58 87.59 -73.41
CA GLU U 728 37.10 87.56 -73.56
C GLU U 728 36.59 86.15 -73.75
N CYS U 729 37.28 85.41 -74.60
CA CYS U 729 36.92 83.98 -74.71
C CYS U 729 37.22 83.35 -73.36
N SER U 730 38.40 83.65 -72.81
CA SER U 730 38.81 82.98 -71.55
C SER U 730 38.00 83.46 -70.36
N TRP U 731 37.65 84.75 -70.27
CA TRP U 731 36.77 85.17 -69.15
C TRP U 731 35.41 84.50 -69.26
N ASP U 732 34.82 84.50 -70.45
CA ASP U 732 33.45 83.95 -70.56
C ASP U 732 33.52 82.51 -70.04
N GLU U 733 34.47 81.72 -70.54
CA GLU U 733 34.52 80.28 -70.16
C GLU U 733 34.57 80.18 -68.63
N LEU U 734 35.42 80.94 -67.92
CA LEU U 734 35.40 80.88 -66.42
C LEU U 734 34.01 81.20 -65.90
N TRP U 735 33.42 82.32 -66.36
CA TRP U 735 32.15 82.80 -65.76
C TRP U 735 31.06 81.75 -65.84
N ASN U 736 31.13 80.84 -66.83
CA ASN U 736 30.19 79.69 -66.86
C ASN U 736 30.60 78.61 -65.85
N LYS U 737 31.86 78.13 -65.88
CA LYS U 737 32.25 76.97 -65.03
C LYS U 737 32.13 77.36 -63.57
N VAL U 738 31.78 78.61 -63.27
CA VAL U 738 31.46 79.02 -61.88
C VAL U 738 29.95 79.09 -61.69
N GLN U 739 29.24 79.86 -62.54
CA GLN U 739 27.81 80.24 -62.31
C GLN U 739 26.89 79.03 -62.32
N GLN U 740 27.35 77.93 -62.94
CA GLN U 740 26.67 76.62 -62.77
C GLN U 740 27.28 76.02 -61.51
N ALA U 741 28.61 75.94 -61.32
CA ALA U 741 29.25 75.17 -60.22
C ALA U 741 28.72 75.54 -58.85
N GLN U 742 28.57 74.53 -57.99
CA GLN U 742 28.06 74.73 -56.61
C GLN U 742 29.06 74.06 -55.67
N ASP U 743 30.33 74.49 -55.70
CA ASP U 743 31.36 73.99 -54.75
C ASP U 743 32.50 75.01 -54.70
N LEU U 744 33.09 75.22 -53.53
CA LEU U 744 34.28 76.14 -53.37
C LEU U 744 35.48 75.52 -54.07
N ASP U 745 35.59 74.20 -54.04
CA ASP U 745 36.71 73.44 -54.65
C ASP U 745 36.69 73.45 -56.19
N HIS U 746 35.51 73.66 -56.79
CA HIS U 746 35.42 73.83 -58.27
C HIS U 746 35.66 75.31 -58.63
N ILE U 747 35.14 76.24 -57.82
CA ILE U 747 35.35 77.69 -58.05
C ILE U 747 36.86 77.92 -58.11
N ILE U 748 37.58 77.49 -57.07
CA ILE U 748 39.05 77.75 -56.92
C ILE U 748 39.69 77.19 -58.19
N ALA U 749 39.41 75.92 -58.56
CA ALA U 749 40.08 75.20 -59.67
C ALA U 749 39.61 75.63 -61.07
N ALA U 750 38.65 76.58 -61.23
CA ALA U 750 38.22 77.22 -62.52
C ALA U 750 38.89 78.59 -62.68
N HIS U 751 39.15 79.27 -61.56
CA HIS U 751 39.99 80.50 -61.59
C HIS U 751 41.38 79.98 -61.95
N GLU U 752 41.86 78.90 -61.35
CA GLU U 752 43.18 78.34 -61.70
C GLU U 752 43.38 78.29 -63.20
N VAL U 753 42.51 77.62 -63.97
CA VAL U 753 42.71 77.42 -65.44
C VAL U 753 42.66 78.74 -66.19
N PHE U 754 41.76 79.68 -65.84
CA PHE U 754 41.60 80.97 -66.57
C PHE U 754 42.88 81.73 -66.52
N LEU U 755 43.53 81.73 -65.37
CA LEU U 755 44.83 82.41 -65.22
C LEU U 755 45.86 81.70 -66.07
N ASP U 756 45.89 80.36 -66.11
CA ASP U 756 46.85 79.57 -66.92
C ASP U 756 46.59 79.76 -68.41
N THR U 757 45.32 79.84 -68.84
CA THR U 757 44.93 80.05 -70.26
C THR U 757 45.31 81.46 -70.73
N ILE U 758 45.23 82.49 -69.89
CA ILE U 758 45.65 83.86 -70.27
C ILE U 758 47.18 83.87 -70.44
N ILE U 759 47.99 82.94 -69.88
CA ILE U 759 49.48 83.02 -70.05
C ILE U 759 49.89 82.49 -71.41
N SER U 760 49.10 81.59 -72.00
CA SER U 760 49.42 80.92 -73.29
C SER U 760 48.92 81.74 -74.48
N ARG U 761 47.73 82.33 -74.38
CA ARG U 761 47.18 83.24 -75.43
C ARG U 761 48.08 84.45 -75.43
N CYS U 762 48.55 84.91 -74.27
CA CYS U 762 49.59 85.96 -74.20
C CYS U 762 50.84 85.14 -74.44
N LEU U 763 52.00 85.73 -74.65
CA LEU U 763 53.21 84.98 -75.07
C LEU U 763 54.13 84.90 -73.87
N LEU U 764 53.56 85.07 -72.67
CA LEU U 764 54.30 85.15 -71.36
C LEU U 764 54.66 83.76 -70.81
N ASP U 765 54.45 82.69 -71.57
CA ASP U 765 54.73 81.30 -71.12
C ASP U 765 56.25 81.11 -71.02
N SER U 766 56.72 79.88 -70.73
CA SER U 766 58.18 79.54 -70.67
C SER U 766 58.71 79.02 -72.02
N ASP U 767 57.84 78.84 -73.03
CA ASP U 767 58.24 78.25 -74.35
C ASP U 767 58.17 79.32 -75.47
N SER U 768 57.25 80.27 -75.36
CA SER U 768 57.09 81.36 -76.35
C SER U 768 58.06 82.49 -76.03
N ARG U 769 59.17 82.20 -75.34
CA ARG U 769 60.20 83.21 -75.02
C ARG U 769 60.80 83.73 -76.32
N ALA U 770 61.08 82.84 -77.28
CA ALA U 770 61.66 83.22 -78.58
C ALA U 770 60.66 84.12 -79.28
N LEU U 771 59.37 83.82 -79.20
CA LEU U 771 58.33 84.69 -79.80
C LEU U 771 58.27 86.00 -79.03
N LEU U 772 58.36 85.97 -77.69
CA LEU U 772 58.19 87.20 -76.89
C LEU U 772 59.31 88.18 -77.23
N ASN U 773 60.54 87.72 -77.33
CA ASN U 773 61.68 88.63 -77.56
C ASN U 773 61.45 89.34 -78.88
N GLN U 774 60.98 88.63 -79.90
CA GLN U 774 60.74 89.23 -81.24
C GLN U 774 59.72 90.35 -81.07
N LEU U 775 58.66 90.12 -80.29
CA LEU U 775 57.58 91.14 -80.12
C LEU U 775 58.15 92.37 -79.46
N ARG U 776 59.08 92.20 -78.53
CA ARG U 776 59.70 93.34 -77.82
C ARG U 776 60.45 94.20 -78.83
N ALA U 777 61.03 93.65 -79.90
CA ALA U 777 61.85 94.39 -80.89
C ALA U 777 60.96 95.15 -81.88
N VAL U 778 59.65 94.96 -81.87
CA VAL U 778 58.63 95.69 -82.70
C VAL U 778 58.03 96.79 -81.86
N PHE U 779 58.32 96.83 -80.56
CA PHE U 779 57.95 97.95 -79.68
C PHE U 779 59.22 98.79 -79.63
N ASP U 780 60.39 98.18 -79.86
CA ASP U 780 61.68 98.91 -79.99
C ASP U 780 61.63 99.85 -81.19
N GLN U 781 61.31 99.35 -82.39
CA GLN U 781 61.42 100.23 -83.58
C GLN U 781 60.35 101.30 -83.51
N ILE U 782 59.36 101.18 -82.62
CA ILE U 782 58.31 102.23 -82.41
C ILE U 782 58.90 103.40 -81.62
N ILE U 783 59.54 103.13 -80.49
CA ILE U 783 60.03 104.24 -79.61
C ILE U 783 61.14 104.97 -80.36
N GLU U 784 61.91 104.21 -81.17
CA GLU U 784 62.95 104.82 -82.04
C GLU U 784 62.29 105.87 -82.94
N LEU U 785 61.21 105.52 -83.67
CA LEU U 785 60.47 106.47 -84.54
C LEU U 785 59.95 107.65 -83.70
N GLN U 786 59.65 107.42 -82.41
CA GLN U 786 59.17 108.53 -81.56
C GLN U 786 60.21 109.67 -81.61
N ASN U 787 61.51 109.35 -81.45
CA ASN U 787 62.59 110.39 -81.45
C ASN U 787 62.82 110.95 -82.86
N ALA U 788 63.06 110.06 -83.84
CA ALA U 788 63.45 110.47 -85.22
C ALA U 788 62.38 111.38 -85.81
N GLN U 789 61.11 111.05 -85.59
CA GLN U 789 60.02 111.86 -86.19
C GLN U 789 60.17 113.30 -85.72
N ASP U 790 60.26 113.54 -84.39
CA ASP U 790 60.25 114.93 -83.87
C ASP U 790 61.59 115.61 -84.11
N ALA U 791 62.67 114.82 -84.16
CA ALA U 791 64.04 115.34 -84.46
C ALA U 791 63.99 115.98 -85.84
N ILE U 792 62.95 115.65 -86.63
CA ILE U 792 62.68 116.41 -87.87
C ILE U 792 62.14 117.78 -87.46
N TYR U 793 60.99 117.87 -86.81
CA TYR U 793 60.26 119.16 -86.61
C TYR U 793 61.10 120.11 -85.76
N ARG U 794 61.80 119.59 -84.72
CA ARG U 794 62.68 120.41 -83.82
C ARG U 794 63.91 120.92 -84.58
N ALA U 795 64.10 120.46 -85.84
CA ALA U 795 65.14 120.99 -86.76
C ALA U 795 64.44 121.59 -87.99
N ALA U 796 63.50 120.85 -88.59
CA ALA U 796 62.73 121.29 -89.78
C ALA U 796 61.82 122.48 -89.47
N LEU U 797 60.75 122.31 -88.66
CA LEU U 797 59.75 123.38 -88.43
C LEU U 797 60.50 124.62 -87.94
N GLU U 798 61.51 124.44 -87.10
CA GLU U 798 62.30 125.54 -86.49
C GLU U 798 62.77 126.52 -87.57
N GLU U 799 63.32 126.01 -88.68
CA GLU U 799 63.80 126.84 -89.83
C GLU U 799 62.66 127.70 -90.36
N LEU U 800 61.43 127.19 -90.37
CA LEU U 800 60.28 127.91 -90.98
C LEU U 800 60.01 129.12 -90.08
N GLN U 801 60.20 128.99 -88.78
CA GLN U 801 59.97 130.12 -87.83
C GLN U 801 60.95 131.25 -88.15
N ARG U 802 62.21 130.90 -88.47
CA ARG U 802 63.25 131.90 -88.87
C ARG U 802 62.91 132.57 -90.20
N ARG U 803 62.33 131.80 -91.14
CA ARG U 803 61.92 132.30 -92.49
C ARG U 803 60.86 133.39 -92.34
N LEU U 804 59.94 133.21 -91.39
CA LEU U 804 58.92 134.26 -91.08
C LEU U 804 59.64 135.50 -90.53
N GLN U 805 60.65 135.32 -89.66
CA GLN U 805 61.46 136.43 -89.07
C GLN U 805 62.38 137.02 -90.14
N PHE U 806 62.72 136.25 -91.18
CA PHE U 806 63.50 136.74 -92.37
C PHE U 806 62.62 137.68 -93.20
N GLU U 807 61.31 137.38 -93.29
CA GLU U 807 60.32 138.28 -93.95
C GLU U 807 60.06 139.51 -93.06
N GLU U 808 60.02 139.33 -91.72
CA GLU U 808 59.85 140.43 -90.73
C GLU U 808 61.02 141.40 -90.83
N LYS U 809 62.23 140.92 -91.21
CA LYS U 809 63.39 141.81 -91.49
C LYS U 809 63.06 142.67 -92.71
N LYS U 810 62.45 142.09 -93.76
CA LYS U 810 62.06 142.81 -95.01
C LYS U 810 60.83 143.70 -94.78
N LYS U 811 60.04 143.43 -93.73
CA LYS U 811 58.77 144.17 -93.45
C LYS U 811 59.15 145.53 -92.85
N GLU U 827 69.37 135.85 -99.59
CA GLU U 827 70.65 135.13 -99.82
C GLU U 827 70.93 134.24 -98.61
N GLU U 828 70.58 134.68 -97.40
CA GLU U 828 70.81 133.93 -96.13
C GLU U 828 69.92 132.68 -96.07
N GLU U 829 68.62 132.82 -96.35
CA GLU U 829 67.67 131.66 -96.41
C GLU U 829 68.00 130.79 -97.62
N ASN U 830 68.55 131.47 -98.65
CA ASN U 830 69.00 130.76 -99.88
C ASN U 830 70.12 129.82 -99.44
N LYS U 831 70.91 130.18 -98.40
CA LYS U 831 71.92 129.28 -97.78
C LYS U 831 71.17 128.25 -96.92
N ARG U 832 70.03 128.63 -96.32
CA ARG U 832 69.16 127.70 -95.56
C ARG U 832 68.56 126.66 -96.52
N ILE U 833 68.24 127.07 -97.75
CA ILE U 833 67.77 126.10 -98.80
C ILE U 833 68.97 125.23 -99.21
N GLY U 834 70.17 125.82 -99.27
CA GLY U 834 71.38 125.05 -99.63
C GLY U 834 71.64 123.94 -98.63
N GLU U 835 71.62 124.23 -97.32
CA GLU U 835 71.87 123.21 -96.26
C GLU U 835 70.74 122.18 -96.27
N PHE U 836 69.54 122.56 -96.70
CA PHE U 836 68.40 121.62 -96.80
C PHE U 836 68.61 120.67 -97.96
N LYS U 837 69.20 121.16 -99.02
CA LYS U 837 69.50 120.24 -100.16
C LYS U 837 70.67 119.34 -99.79
N GLU U 838 71.30 119.61 -98.63
CA GLU U 838 72.38 118.72 -98.08
C GLU U 838 71.78 117.83 -96.98
N SER U 839 70.91 118.39 -96.13
CA SER U 839 70.26 117.63 -95.01
C SER U 839 69.13 116.71 -95.48
N ILE U 840 68.22 117.23 -96.30
CA ILE U 840 66.98 116.46 -96.66
C ILE U 840 67.37 115.06 -97.14
N PRO U 841 68.33 114.85 -98.06
CA PRO U 841 68.66 113.50 -98.53
C PRO U 841 69.07 112.43 -97.50
N LYS U 842 70.05 112.70 -96.64
CA LYS U 842 70.52 111.79 -95.57
C LYS U 842 69.38 111.38 -94.62
N MET U 843 68.47 112.31 -94.29
CA MET U 843 67.30 112.04 -93.41
C MET U 843 66.38 111.05 -94.11
N CYS U 844 66.15 111.28 -95.42
CA CYS U 844 65.35 110.34 -96.24
C CYS U 844 66.06 108.98 -96.17
N SER U 845 67.37 108.92 -96.44
CA SER U 845 68.15 107.65 -96.44
C SER U 845 68.11 107.02 -95.05
N GLN U 846 67.99 107.82 -93.98
CA GLN U 846 67.82 107.31 -92.59
C GLN U 846 66.45 106.64 -92.39
N LEU U 847 65.36 107.35 -92.72
CA LEU U 847 63.98 106.80 -92.59
C LEU U 847 63.88 105.58 -93.48
N ARG U 848 64.56 105.62 -94.66
CA ARG U 848 64.58 104.51 -95.64
C ARG U 848 65.22 103.26 -95.05
N ILE U 849 66.32 103.37 -94.30
CA ILE U 849 66.90 102.12 -93.69
C ILE U 849 66.03 101.68 -92.49
N LEU U 850 65.54 102.65 -91.71
CA LEU U 850 64.69 102.32 -90.53
C LEU U 850 63.51 101.49 -91.03
N THR U 851 62.84 101.96 -92.10
CA THR U 851 61.67 101.24 -92.62
C THR U 851 62.10 99.80 -92.95
N HIS U 852 63.10 99.61 -93.80
CA HIS U 852 63.44 98.23 -94.23
C HIS U 852 63.67 97.37 -92.99
N PHE U 853 64.48 97.84 -92.04
CA PHE U 853 64.78 97.15 -90.77
C PHE U 853 63.51 96.69 -90.03
N TYR U 854 62.44 97.50 -90.05
CA TYR U 854 61.16 97.20 -89.39
C TYR U 854 60.40 96.18 -90.23
N GLN U 855 60.16 96.49 -91.49
CA GLN U 855 59.46 95.55 -92.40
C GLN U 855 60.24 94.26 -92.30
N GLY U 856 61.55 94.31 -92.10
CA GLY U 856 62.40 93.13 -91.92
C GLY U 856 62.13 92.30 -90.67
N ILE U 857 61.89 92.94 -89.52
CA ILE U 857 61.69 92.23 -88.21
C ILE U 857 60.27 91.69 -88.10
N VAL U 858 59.23 92.48 -88.44
CA VAL U 858 57.81 92.02 -88.39
C VAL U 858 57.67 90.81 -89.31
N GLN U 859 58.45 90.72 -90.37
CA GLN U 859 58.43 89.53 -91.28
C GLN U 859 59.01 88.33 -90.53
N GLN U 860 60.06 88.56 -89.73
CA GLN U 860 60.71 87.50 -88.93
C GLN U 860 59.77 87.05 -87.80
N PHE U 861 58.76 87.82 -87.43
CA PHE U 861 57.79 87.45 -86.36
C PHE U 861 56.70 86.54 -86.90
N LEU U 862 56.11 86.83 -88.06
CA LEU U 862 54.99 86.03 -88.62
C LEU U 862 55.51 84.64 -88.97
N VAL U 863 56.73 84.53 -89.48
CA VAL U 863 57.35 83.22 -89.82
C VAL U 863 57.52 82.41 -88.54
N LEU U 864 57.96 83.04 -87.45
CA LEU U 864 58.14 82.35 -86.14
C LEU U 864 56.76 82.01 -85.59
N LEU U 865 55.76 82.86 -85.82
CA LEU U 865 54.37 82.67 -85.31
C LEU U 865 53.80 81.38 -85.92
N THR U 866 54.23 80.98 -87.12
CA THR U 866 53.64 79.81 -87.81
C THR U 866 53.76 78.60 -86.90
N THR U 867 54.89 78.45 -86.21
CA THR U 867 55.11 77.33 -85.26
C THR U 867 54.65 77.81 -83.89
N SER U 868 53.46 77.41 -83.42
CA SER U 868 52.88 77.91 -82.14
C SER U 868 51.77 76.99 -81.65
N SER U 869 51.02 77.38 -80.59
CA SER U 869 49.87 76.61 -80.07
C SER U 869 48.96 76.39 -81.26
N ASP U 870 48.23 75.29 -81.31
CA ASP U 870 47.50 74.91 -82.54
C ASP U 870 46.57 76.03 -83.01
N GLU U 871 45.87 76.75 -82.12
CA GLU U 871 44.87 77.73 -82.61
C GLU U 871 45.01 79.14 -82.05
N SER U 872 44.97 79.32 -80.74
CA SER U 872 44.98 80.68 -80.16
C SER U 872 45.96 81.56 -80.93
N LEU U 873 47.25 81.22 -80.92
CA LEU U 873 48.29 82.06 -81.56
C LEU U 873 48.12 82.06 -83.07
N ARG U 874 47.75 80.96 -83.70
CA ARG U 874 47.70 80.95 -85.18
C ARG U 874 46.73 82.04 -85.59
N PHE U 875 45.70 82.26 -84.79
CA PHE U 875 44.66 83.26 -85.13
C PHE U 875 45.36 84.62 -85.20
N LEU U 876 46.43 84.82 -84.46
CA LEU U 876 47.20 86.09 -84.52
C LEU U 876 47.68 86.30 -85.95
N SER U 877 48.12 85.27 -86.66
CA SER U 877 48.72 85.41 -88.02
C SER U 877 47.72 86.02 -89.00
N PHE U 878 46.46 85.64 -88.91
CA PHE U 878 45.43 86.11 -89.88
C PHE U 878 45.15 87.56 -89.62
N ARG U 879 45.02 87.97 -88.37
CA ARG U 879 44.66 89.37 -88.08
C ARG U 879 45.74 90.26 -88.66
N LEU U 880 47.02 89.94 -88.45
CA LEU U 880 48.14 90.84 -88.82
C LEU U 880 48.28 90.96 -90.34
N ASP U 881 47.76 90.00 -91.11
CA ASP U 881 47.97 89.95 -92.57
C ASP U 881 46.65 89.64 -93.28
N PHE U 882 45.65 90.51 -93.20
CA PHE U 882 44.33 90.32 -93.84
C PHE U 882 44.44 90.64 -95.34
N ASN U 883 45.07 91.77 -95.73
CA ASN U 883 45.12 92.21 -97.15
C ASN U 883 46.40 91.69 -97.79
N GLU U 884 47.08 90.75 -97.17
CA GLU U 884 48.24 90.05 -97.76
C GLU U 884 49.33 91.02 -98.24
N HIS U 885 49.62 92.11 -97.53
CA HIS U 885 50.79 92.95 -97.89
C HIS U 885 52.01 92.12 -97.59
N TYR U 886 52.00 91.38 -96.48
CA TYR U 886 53.10 90.46 -96.07
C TYR U 886 52.78 89.08 -96.66
N LYS U 887 53.77 88.26 -96.96
CA LYS U 887 53.59 86.88 -97.51
C LYS U 887 53.28 86.99 -98.99
N ALA U 888 53.28 88.19 -99.57
CA ALA U 888 53.15 88.39 -101.03
C ALA U 888 54.31 89.24 -101.52
N ARG U 889 55.27 89.57 -100.65
CA ARG U 889 56.46 90.41 -100.99
C ARG U 889 57.64 89.45 -101.20
N GLU U 890 57.60 88.23 -100.66
CA GLU U 890 58.66 87.19 -100.72
C GLU U 890 58.71 86.55 -102.11
N ARG V 3 102.51 26.37 -23.41
CA ARG V 3 102.13 27.69 -22.87
C ARG V 3 100.80 28.14 -23.44
N GLU V 4 100.07 28.96 -22.68
CA GLU V 4 98.72 29.42 -23.06
C GLU V 4 98.82 30.36 -24.27
N ILE V 5 97.83 30.33 -25.15
CA ILE V 5 97.82 31.14 -26.41
C ILE V 5 96.92 32.33 -26.17
N ILE V 6 97.37 33.54 -26.55
CA ILE V 6 96.57 34.78 -26.39
C ILE V 6 96.14 35.22 -27.78
N THR V 7 94.85 35.39 -28.03
CA THR V 7 94.36 35.71 -29.39
C THR V 7 94.02 37.19 -29.44
N LEU V 8 94.72 37.93 -30.31
CA LEU V 8 94.51 39.38 -30.48
C LEU V 8 93.50 39.58 -31.62
N GLN V 9 92.20 39.42 -31.34
CA GLN V 9 91.15 39.62 -32.37
C GLN V 9 90.96 41.12 -32.51
N LEU V 10 91.04 41.65 -33.74
CA LEU V 10 90.99 43.13 -33.98
C LEU V 10 90.17 43.46 -35.22
N GLY V 11 89.55 44.64 -35.27
CA GLY V 11 88.78 45.10 -36.44
C GLY V 11 87.39 44.51 -36.42
N GLN V 12 86.42 45.13 -37.07
CA GLN V 12 85.01 44.65 -36.98
C GLN V 12 84.93 43.23 -37.54
N CYS V 13 85.51 42.97 -38.71
CA CYS V 13 85.47 41.64 -39.36
C CYS V 13 86.22 40.63 -38.48
N GLY V 14 87.40 40.99 -38.00
CA GLY V 14 88.20 40.10 -37.15
C GLY V 14 87.50 39.83 -35.84
N ASN V 15 86.84 40.84 -35.27
CA ASN V 15 86.10 40.72 -33.99
C ASN V 15 84.89 39.81 -34.19
N GLN V 16 84.29 39.80 -35.39
CA GLN V 16 83.16 38.90 -35.70
C GLN V 16 83.60 37.43 -35.69
N ILE V 17 84.80 37.07 -36.18
CA ILE V 17 85.21 35.63 -36.33
C ILE V 17 85.84 35.14 -35.03
N GLY V 18 86.36 36.01 -34.17
CA GLY V 18 86.84 35.70 -32.83
C GLY V 18 85.65 35.50 -31.91
N PHE V 19 84.63 36.32 -32.09
CA PHE V 19 83.40 36.20 -31.27
C PHE V 19 82.87 34.79 -31.47
N GLU V 20 82.70 34.39 -32.73
CA GLU V 20 82.18 33.05 -33.09
C GLU V 20 83.12 31.90 -32.71
N PHE V 21 84.43 32.04 -32.93
CA PHE V 21 85.41 30.97 -32.66
C PHE V 21 85.36 30.62 -31.17
N TRP V 22 85.32 31.63 -30.30
CA TRP V 22 85.24 31.42 -28.83
C TRP V 22 83.89 30.80 -28.50
N LYS V 23 82.82 31.23 -29.16
CA LYS V 23 81.46 30.66 -28.94
C LYS V 23 81.47 29.20 -29.38
N GLN V 24 82.16 28.89 -30.47
CA GLN V 24 82.22 27.51 -31.02
C GLN V 24 82.89 26.59 -30.02
N LEU V 25 83.95 27.06 -29.36
CA LEU V 25 84.68 26.30 -28.30
C LEU V 25 83.90 26.42 -26.99
N CYS V 26 82.91 27.31 -26.88
CA CYS V 26 82.09 27.33 -25.66
C CYS V 26 81.26 26.05 -25.64
N ALA V 27 80.45 25.83 -26.66
CA ALA V 27 79.59 24.63 -26.75
C ALA V 27 80.47 23.38 -26.87
N GLU V 28 81.53 23.40 -27.68
CA GLU V 28 82.37 22.21 -27.94
C GLU V 28 83.01 21.77 -26.64
N HIS V 29 83.54 22.72 -25.88
CA HIS V 29 84.13 22.41 -24.56
C HIS V 29 83.00 22.41 -23.54
N GLY V 30 83.30 22.06 -22.30
CA GLY V 30 82.32 22.13 -21.21
C GLY V 30 82.23 23.52 -20.64
N ILE V 31 81.62 24.46 -21.35
CA ILE V 31 81.49 25.87 -20.90
C ILE V 31 80.08 26.34 -21.26
N SER V 32 79.44 27.16 -20.42
CA SER V 32 78.08 27.71 -20.66
C SER V 32 78.25 29.14 -21.19
N PRO V 33 77.21 29.96 -21.49
CA PRO V 33 77.39 31.36 -21.90
C PRO V 33 77.92 32.28 -20.78
N GLU V 34 77.86 31.88 -19.51
CA GLU V 34 78.40 32.67 -18.38
C GLU V 34 79.81 32.18 -18.02
N GLY V 35 80.41 31.27 -18.81
CA GLY V 35 81.79 30.72 -18.63
C GLY V 35 81.81 29.64 -17.54
N ILE V 36 80.64 29.29 -16.97
CA ILE V 36 80.58 28.34 -15.82
C ILE V 36 80.79 26.93 -16.36
N VAL V 37 81.46 26.07 -15.59
CA VAL V 37 81.63 24.65 -16.01
C VAL V 37 80.22 24.09 -16.16
N GLU V 38 79.96 23.39 -17.27
CA GLU V 38 78.63 22.81 -17.54
C GLU V 38 78.39 21.62 -16.62
N GLU V 39 77.20 21.50 -16.06
N GLU V 39 77.16 21.58 -16.08
CA GLU V 39 76.85 20.37 -15.16
CA GLU V 39 76.81 20.45 -15.18
C GLU V 39 76.86 19.07 -15.95
C GLU V 39 76.83 19.16 -15.98
N PHE V 40 76.43 19.09 -17.22
CA PHE V 40 76.31 17.84 -18.02
C PHE V 40 77.69 17.18 -18.16
N ALA V 41 78.77 17.96 -18.31
CA ALA V 41 80.11 17.39 -18.54
C ALA V 41 80.47 16.49 -17.36
N THR V 45 88.28 15.87 -19.94
CA THR V 45 89.11 14.92 -20.73
C THR V 45 89.85 15.73 -21.79
N ASP V 46 89.75 17.06 -21.74
CA ASP V 46 90.33 17.96 -22.77
C ASP V 46 91.43 18.82 -22.16
N ARG V 47 92.38 19.32 -22.96
CA ARG V 47 93.41 20.25 -22.44
C ARG V 47 92.86 21.66 -22.61
N LYS V 48 92.12 22.18 -21.63
CA LYS V 48 91.51 23.53 -21.71
C LYS V 48 92.52 24.58 -21.22
N ASP V 49 93.66 24.16 -20.70
CA ASP V 49 94.65 25.10 -20.12
C ASP V 49 95.13 26.09 -21.17
N VAL V 50 95.43 25.66 -22.38
CA VAL V 50 96.06 26.56 -23.40
C VAL V 50 95.09 27.69 -23.77
N PHE V 51 93.87 27.34 -24.13
CA PHE V 51 92.94 28.35 -24.73
C PHE V 51 92.14 29.06 -23.66
N PHE V 52 91.85 28.41 -22.55
CA PHE V 52 90.96 29.01 -21.52
C PHE V 52 91.70 29.27 -20.21
N TYR V 53 91.68 30.50 -19.70
CA TYR V 53 92.25 30.85 -18.38
C TYR V 53 91.36 30.15 -17.35
N GLN V 54 91.88 29.71 -16.21
CA GLN V 54 91.07 29.05 -15.16
C GLN V 54 90.84 30.04 -14.02
N ALA V 55 89.60 30.48 -13.79
CA ALA V 55 89.27 31.36 -12.65
C ALA V 55 89.07 30.46 -11.42
N ASP V 56 89.03 31.02 -10.21
CA ASP V 56 88.92 30.15 -9.00
C ASP V 56 87.64 29.32 -9.07
N ASP V 57 86.49 29.91 -9.40
CA ASP V 57 85.19 29.19 -9.36
C ASP V 57 84.90 28.63 -10.76
N GLU V 58 85.90 28.02 -11.42
CA GLU V 58 85.73 27.36 -12.75
C GLU V 58 85.06 28.30 -13.77
N HIS V 59 85.39 29.59 -13.74
CA HIS V 59 84.97 30.51 -14.81
C HIS V 59 86.13 30.45 -15.81
N TYR V 60 86.04 29.57 -16.81
CA TYR V 60 87.12 29.39 -17.81
C TYR V 60 86.95 30.53 -18.80
N ILE V 61 87.70 31.64 -18.63
CA ILE V 61 87.52 32.86 -19.48
C ILE V 61 88.54 32.79 -20.62
N PRO V 62 88.15 32.90 -21.90
CA PRO V 62 89.14 32.89 -22.95
C PRO V 62 90.11 34.06 -22.77
N ARG V 63 91.38 33.89 -23.14
CA ARG V 63 92.39 34.98 -23.10
C ARG V 63 92.26 35.80 -24.39
N ALA V 64 91.08 36.33 -24.67
CA ALA V 64 90.82 37.09 -25.90
C ALA V 64 91.20 38.54 -25.67
N VAL V 65 91.87 39.18 -26.61
CA VAL V 65 92.17 40.64 -26.56
C VAL V 65 91.30 41.25 -27.64
N LEU V 66 90.25 41.98 -27.29
CA LEU V 66 89.32 42.54 -28.29
C LEU V 66 89.70 44.01 -28.47
N LEU V 67 90.13 44.42 -29.67
CA LEU V 67 90.51 45.82 -29.97
C LEU V 67 89.39 46.41 -30.82
N ASP V 68 88.86 47.57 -30.44
CA ASP V 68 87.76 48.24 -31.17
C ASP V 68 88.29 49.56 -31.69
N LEU V 69 87.70 50.21 -32.60
CA LEU V 69 88.14 51.53 -33.11
C LEU V 69 86.91 52.12 -33.81
N GLU V 70 86.46 53.26 -33.57
CA GLU V 70 85.21 53.89 -34.06
C GLU V 70 84.12 52.84 -33.87
N PRO V 71 83.93 52.25 -32.66
CA PRO V 71 83.08 51.08 -32.49
C PRO V 71 81.58 51.10 -32.82
N ARG V 72 81.08 50.01 -33.39
CA ARG V 72 79.64 49.80 -33.72
C ARG V 72 79.30 48.35 -33.36
N VAL V 73 80.02 47.37 -33.93
CA VAL V 73 79.78 45.92 -33.70
C VAL V 73 80.49 45.48 -32.44
N ILE V 74 81.33 46.30 -31.85
CA ILE V 74 81.94 45.88 -30.57
C ILE V 74 80.82 46.07 -29.55
N HIS V 75 79.88 46.94 -29.86
CA HIS V 75 78.72 47.22 -28.96
C HIS V 75 77.75 46.04 -29.01
N SER V 76 77.47 45.48 -30.19
CA SER V 76 76.60 44.29 -30.39
C SER V 76 77.22 43.06 -29.70
N ILE V 77 78.55 42.94 -29.71
CA ILE V 77 79.27 41.82 -29.02
C ILE V 77 78.95 41.93 -27.54
N LEU V 78 78.96 43.15 -27.00
CA LEU V 78 78.67 43.41 -25.55
C LEU V 78 77.22 43.05 -25.20
N ASN V 79 76.24 43.36 -26.05
CA ASN V 79 74.84 42.94 -25.75
C ASN V 79 74.65 41.52 -26.26
N SER V 80 75.26 40.53 -25.59
CA SER V 80 75.14 39.11 -25.97
C SER V 80 75.06 38.27 -24.70
N PRO V 81 74.50 37.04 -24.72
CA PRO V 81 74.51 36.17 -23.54
C PRO V 81 75.93 35.79 -23.11
N TYR V 82 76.90 35.86 -24.03
CA TYR V 82 78.29 35.42 -23.78
C TYR V 82 79.16 36.59 -23.31
N ALA V 83 78.58 37.76 -23.03
CA ALA V 83 79.34 38.94 -22.57
C ALA V 83 80.10 38.57 -21.29
N LYS V 84 79.47 37.82 -20.38
CA LYS V 84 80.11 37.36 -19.13
C LYS V 84 81.20 36.34 -19.43
N LEU V 85 81.05 35.53 -20.47
CA LEU V 85 82.02 34.44 -20.75
C LEU V 85 83.40 35.03 -21.00
N TYR V 86 83.48 36.09 -21.81
CA TYR V 86 84.77 36.78 -22.10
C TYR V 86 84.76 38.05 -21.24
N ASN V 87 85.37 37.99 -20.06
CA ASN V 87 85.50 39.20 -19.20
C ASN V 87 86.93 39.31 -18.68
N PRO V 88 87.94 39.57 -19.54
CA PRO V 88 89.26 39.93 -19.07
C PRO V 88 89.11 41.45 -18.87
N GLU V 89 87.93 42.03 -19.16
CA GLU V 89 87.66 43.47 -18.96
C GLU V 89 88.76 44.22 -19.70
N ASN V 90 89.03 43.85 -20.96
CA ASN V 90 90.13 44.45 -21.75
C ASN V 90 89.65 44.84 -23.16
N ILE V 91 88.75 45.82 -23.29
CA ILE V 91 88.30 46.35 -24.61
C ILE V 91 88.57 47.85 -24.58
N TYR V 92 89.29 48.43 -25.56
CA TYR V 92 89.71 49.84 -25.52
C TYR V 92 89.30 50.65 -26.76
N LEU V 93 88.75 51.86 -26.58
CA LEU V 93 88.34 52.75 -27.70
C LEU V 93 89.55 53.61 -28.12
N GLY V 101 88.95 54.74 -39.70
CA GLY V 101 88.82 55.04 -41.14
C GLY V 101 88.90 53.79 -41.98
N ASN V 102 88.59 53.89 -43.28
CA ASN V 102 88.58 52.72 -44.20
C ASN V 102 89.94 52.68 -44.92
N ASN V 103 90.92 53.46 -44.49
CA ASN V 103 92.26 53.53 -45.14
C ASN V 103 93.31 52.77 -44.32
N TRP V 104 94.28 52.14 -44.99
CA TRP V 104 95.36 51.39 -44.30
C TRP V 104 96.16 52.40 -43.49
N ALA V 105 96.48 53.54 -44.10
CA ALA V 105 97.21 54.63 -43.40
C ALA V 105 96.33 55.14 -42.26
N SER V 106 95.02 55.28 -42.48
CA SER V 106 94.09 55.82 -41.45
C SER V 106 94.09 54.92 -40.21
N GLY V 107 94.17 53.59 -40.36
CA GLY V 107 94.18 52.59 -39.27
C GLY V 107 95.51 52.58 -38.56
N PHE V 108 96.61 52.67 -39.30
CA PHE V 108 97.99 52.61 -38.75
C PHE V 108 98.24 53.80 -37.82
N SER V 109 97.81 55.00 -38.22
CA SER V 109 98.01 56.23 -37.42
C SER V 109 97.19 56.17 -36.13
N GLN V 110 95.95 55.71 -36.21
CA GLN V 110 95.05 55.63 -35.02
C GLN V 110 95.68 54.66 -34.01
N GLY V 111 96.26 53.57 -34.48
CA GLY V 111 96.88 52.56 -33.59
C GLY V 111 98.07 53.13 -32.85
N GLU V 112 98.88 53.97 -33.49
CA GLU V 112 100.13 54.53 -32.90
C GLU V 112 99.92 55.37 -31.63
N LYS V 113 98.88 56.20 -31.56
CA LYS V 113 98.56 57.05 -30.37
C LYS V 113 98.11 56.21 -29.16
N ILE V 114 97.39 55.11 -29.41
CA ILE V 114 96.83 54.25 -28.33
C ILE V 114 97.72 53.02 -28.16
N HIS V 115 98.91 52.98 -28.75
CA HIS V 115 99.73 51.73 -28.76
C HIS V 115 100.05 51.27 -27.33
N GLU V 116 100.41 52.17 -26.41
CA GLU V 116 100.88 51.81 -25.04
C GLU V 116 99.80 51.20 -24.12
N ASP V 117 98.55 51.68 -24.17
CA ASP V 117 97.44 51.13 -23.35
C ASP V 117 96.99 49.77 -23.92
N ILE V 118 96.94 49.65 -25.25
CA ILE V 118 96.60 48.35 -25.89
C ILE V 118 97.74 47.39 -25.58
N PHE V 119 98.99 47.87 -25.58
CA PHE V 119 100.18 47.03 -25.29
C PHE V 119 100.24 46.63 -23.82
N ASP V 120 99.77 47.48 -22.88
CA ASP V 120 99.69 47.12 -21.44
C ASP V 120 98.65 46.02 -21.24
N ILE V 121 97.56 46.07 -22.00
CA ILE V 121 96.48 45.04 -21.97
C ILE V 121 97.12 43.72 -22.43
N ILE V 122 98.06 43.76 -23.37
CA ILE V 122 98.83 42.54 -23.81
C ILE V 122 99.67 42.10 -22.63
N ASP V 123 100.32 43.04 -21.95
CA ASP V 123 101.22 42.71 -20.82
C ASP V 123 100.44 42.03 -19.69
N ARG V 124 99.33 42.63 -19.26
CA ARG V 124 98.50 42.10 -18.15
C ARG V 124 98.32 40.61 -18.37
N GLU V 125 97.82 40.21 -19.54
CA GLU V 125 97.50 38.79 -19.79
C GLU V 125 98.80 37.99 -19.75
N ALA V 126 99.90 38.51 -20.30
CA ALA V 126 101.20 37.80 -20.35
C ALA V 126 101.67 37.55 -18.92
N ASP V 127 101.51 38.52 -18.05
CA ASP V 127 101.90 38.40 -16.61
C ASP V 127 100.97 37.38 -15.94
N GLY V 128 99.66 37.45 -16.21
CA GLY V 128 98.65 36.60 -15.56
C GLY V 128 98.85 35.13 -15.87
N SER V 129 99.22 34.79 -17.09
CA SER V 129 99.40 33.39 -17.54
C SER V 129 100.65 32.80 -16.93
N ASP V 130 100.68 31.48 -16.75
CA ASP V 130 101.90 30.80 -16.27
C ASP V 130 102.95 31.08 -17.33
N SER V 131 102.55 31.07 -18.60
CA SER V 131 103.47 31.27 -19.73
C SER V 131 102.67 31.71 -20.98
N LEU V 132 103.34 32.25 -22.01
CA LEU V 132 102.68 32.70 -23.28
C LEU V 132 103.47 32.18 -24.49
N GLU V 133 102.93 31.31 -25.37
CA GLU V 133 103.72 30.69 -26.49
C GLU V 133 103.52 31.44 -27.81
N GLY V 134 102.32 31.95 -28.11
CA GLY V 134 102.07 32.57 -29.41
C GLY V 134 100.95 33.55 -29.39
N PHE V 135 100.90 34.49 -30.34
CA PHE V 135 99.83 35.51 -30.46
C PHE V 135 99.05 35.20 -31.73
N VAL V 136 97.81 34.76 -31.63
CA VAL V 136 97.03 34.32 -32.82
C VAL V 136 96.06 35.45 -33.18
N LEU V 137 96.26 36.10 -34.33
CA LEU V 137 95.48 37.29 -34.68
C LEU V 137 94.31 36.95 -35.59
N CYS V 138 93.07 37.31 -35.25
CA CYS V 138 91.92 37.15 -36.18
C CYS V 138 91.99 38.36 -37.11
N HIS V 139 93.05 38.47 -37.92
CA HIS V 139 93.31 39.65 -38.80
C HIS V 139 92.39 39.73 -39.98
N SER V 140 92.03 40.94 -40.42
CA SER V 140 91.25 41.15 -41.67
C SER V 140 92.18 41.92 -42.63
N ILE V 141 92.53 41.37 -43.80
CA ILE V 141 93.42 42.03 -44.80
C ILE V 141 92.56 43.06 -45.53
N ALA V 142 93.07 44.25 -45.82
CA ALA V 142 92.29 45.34 -46.45
C ALA V 142 90.99 45.40 -45.67
N GLY V 143 91.08 45.49 -44.35
CA GLY V 143 89.92 45.48 -43.44
C GLY V 143 89.53 46.88 -43.00
N GLY V 144 89.87 47.90 -43.78
CA GLY V 144 89.61 49.28 -43.34
C GLY V 144 90.39 49.53 -42.07
N THR V 145 89.72 49.67 -40.93
CA THR V 145 90.38 49.83 -39.62
C THR V 145 91.19 48.58 -39.30
N GLY V 146 90.69 47.39 -39.63
CA GLY V 146 91.35 46.13 -39.27
C GLY V 146 92.75 46.05 -39.85
N SER V 147 92.95 46.43 -41.11
CA SER V 147 94.31 46.49 -41.73
C SER V 147 94.90 47.82 -41.33
N GLY V 148 96.23 47.98 -41.36
CA GLY V 148 96.87 49.21 -40.87
C GLY V 148 97.04 49.14 -39.37
N LEU V 149 95.96 49.03 -38.60
CA LEU V 149 96.10 48.82 -37.14
C LEU V 149 96.72 47.44 -36.93
N GLY V 150 96.33 46.46 -37.74
CA GLY V 150 96.79 45.08 -37.54
C GLY V 150 98.25 44.92 -37.93
N SER V 151 98.71 45.59 -38.98
CA SER V 151 100.11 45.60 -39.47
C SER V 151 101.00 46.23 -38.42
N TYR V 152 100.56 47.36 -37.84
CA TYR V 152 101.36 48.08 -36.83
C TYR V 152 101.54 47.22 -35.60
N LEU V 153 100.46 46.59 -35.14
CA LEU V 153 100.47 45.77 -33.92
C LEU V 153 101.30 44.52 -34.23
N LEU V 154 101.32 44.09 -35.49
CA LEU V 154 102.14 42.93 -35.92
C LEU V 154 103.62 43.29 -35.75
N GLU V 155 104.00 44.52 -36.07
CA GLU V 155 105.41 44.96 -36.00
C GLU V 155 105.86 45.12 -34.54
N ARG V 156 105.01 45.62 -33.66
CA ARG V 156 105.39 45.84 -32.24
C ARG V 156 105.59 44.51 -31.52
N LEU V 157 104.72 43.53 -31.79
CA LEU V 157 104.75 42.26 -31.03
C LEU V 157 106.06 41.51 -31.20
N ASN V 158 106.61 41.43 -32.41
CA ASN V 158 107.86 40.65 -32.64
C ASN V 158 109.02 41.29 -31.88
N ASP V 159 109.11 42.62 -31.90
CA ASP V 159 110.23 43.33 -31.24
C ASP V 159 110.17 43.06 -29.73
N ARG V 160 108.99 43.18 -29.13
CA ARG V 160 108.80 42.97 -27.66
C ARG V 160 108.97 41.49 -27.30
N TYR V 161 108.52 40.57 -28.14
CA TYR V 161 108.60 39.13 -27.84
C TYR V 161 109.45 38.49 -28.94
N PRO V 162 110.77 38.76 -29.03
CA PRO V 162 111.58 38.26 -30.14
C PRO V 162 111.58 36.73 -30.18
N LYS V 163 111.62 36.10 -29.01
CA LYS V 163 111.56 34.62 -28.90
C LYS V 163 110.17 34.12 -29.33
N LYS V 164 109.08 34.82 -29.01
CA LYS V 164 107.70 34.33 -29.25
C LYS V 164 107.34 34.37 -30.74
N LEU V 165 106.30 33.64 -31.16
CA LEU V 165 105.90 33.50 -32.60
C LEU V 165 104.48 34.04 -32.79
N VAL V 166 104.14 34.58 -33.96
CA VAL V 166 102.80 35.18 -34.24
C VAL V 166 102.17 34.44 -35.43
N GLN V 167 100.92 33.99 -35.34
CA GLN V 167 100.17 33.31 -36.43
C GLN V 167 99.14 34.32 -36.91
N THR V 168 98.58 34.18 -38.12
CA THR V 168 97.52 35.11 -38.58
C THR V 168 96.44 34.33 -39.30
N TYR V 169 95.22 34.35 -38.79
CA TYR V 169 94.08 33.74 -39.49
C TYR V 169 93.60 34.79 -40.46
N SER V 170 94.44 35.10 -41.45
CA SER V 170 94.13 36.17 -42.41
C SER V 170 92.91 35.75 -43.21
N VAL V 171 91.86 36.56 -43.25
CA VAL V 171 90.69 36.28 -44.12
C VAL V 171 90.96 37.00 -45.44
N PHE V 172 91.98 36.59 -46.21
CA PHE V 172 92.35 37.38 -47.40
C PHE V 172 91.05 37.70 -48.15
N PRO V 173 90.73 38.96 -48.52
CA PRO V 173 89.44 39.28 -49.10
C PRO V 173 89.38 39.22 -50.61
N ASN V 174 88.55 38.34 -51.15
CA ASN V 174 88.31 38.24 -52.60
C ASN V 174 86.80 38.19 -52.74
N GLN V 175 86.18 39.24 -53.29
CA GLN V 175 84.71 39.32 -53.44
C GLN V 175 84.42 39.57 -54.91
N ASP V 176 85.30 39.11 -55.81
CA ASP V 176 85.17 39.35 -57.27
C ASP V 176 85.56 40.80 -57.53
N GLU V 177 86.22 41.46 -56.56
CA GLU V 177 86.60 42.89 -56.67
C GLU V 177 85.33 43.68 -57.02
N ASP V 180 82.13 48.35 -50.94
CA ASP V 180 83.25 48.28 -51.92
C ASP V 180 84.41 49.11 -51.39
N VAL V 181 85.66 48.72 -51.69
CA VAL V 181 86.86 49.52 -51.33
C VAL V 181 87.60 49.75 -52.64
N VAL V 182 87.80 51.01 -53.01
CA VAL V 182 88.50 51.37 -54.28
C VAL V 182 89.99 51.34 -53.99
N VAL V 183 90.37 51.47 -52.71
CA VAL V 183 91.78 51.43 -52.26
C VAL V 183 92.09 50.02 -51.77
N GLN V 184 91.20 49.06 -51.96
CA GLN V 184 91.40 47.72 -51.36
C GLN V 184 92.76 47.18 -51.77
N PRO V 185 93.23 47.23 -53.04
CA PRO V 185 94.52 46.64 -53.39
C PRO V 185 95.66 47.34 -52.64
N TYR V 186 95.61 48.66 -52.52
CA TYR V 186 96.68 49.43 -51.86
C TYR V 186 96.76 48.98 -50.40
N ASN V 187 95.62 48.86 -49.73
CA ASN V 187 95.60 48.49 -48.29
C ASN V 187 96.19 47.10 -48.14
N SER V 188 95.74 46.17 -48.98
CA SER V 188 96.21 44.77 -48.91
C SER V 188 97.69 44.74 -49.24
N LEU V 189 98.14 45.55 -50.19
CA LEU V 189 99.56 45.46 -50.62
C LEU V 189 100.38 45.74 -49.38
N LEU V 190 100.06 46.79 -48.65
CA LEU V 190 100.87 47.19 -47.47
C LEU V 190 100.81 46.09 -46.41
N THR V 191 99.66 45.47 -46.19
CA THR V 191 99.52 44.48 -45.10
C THR V 191 100.48 43.33 -45.32
N LEU V 192 100.58 42.83 -46.55
CA LEU V 192 101.40 41.62 -46.82
C LEU V 192 102.87 41.93 -46.53
N LYS V 193 103.36 43.12 -46.88
CA LYS V 193 104.80 43.40 -46.72
C LYS V 193 105.12 43.21 -45.24
N ARG V 194 104.27 43.77 -44.38
CA ARG V 194 104.45 43.59 -42.91
C ARG V 194 104.31 42.11 -42.62
N LEU V 195 103.30 41.45 -43.19
CA LEU V 195 103.01 40.02 -42.89
C LEU V 195 104.13 39.10 -43.37
N THR V 196 104.84 39.41 -44.46
CA THR V 196 105.91 38.53 -45.00
C THR V 196 107.14 38.54 -44.12
N GLN V 197 107.49 39.69 -43.51
CA GLN V 197 108.75 39.82 -42.71
C GLN V 197 108.48 39.81 -41.21
N ASN V 198 107.25 40.06 -40.78
CA ASN V 198 106.92 40.18 -39.33
C ASN V 198 105.86 39.18 -38.87
N ALA V 199 105.59 38.07 -39.59
CA ALA V 199 104.66 37.01 -39.14
C ALA V 199 105.32 35.63 -39.26
N ASP V 200 105.40 34.85 -38.17
CA ASP V 200 106.03 33.51 -38.17
C ASP V 200 105.18 32.54 -39.01
N CYS V 201 103.85 32.62 -38.93
CA CYS V 201 102.91 31.76 -39.72
C CYS V 201 101.69 32.58 -40.19
N VAL V 202 101.03 32.18 -41.28
CA VAL V 202 99.76 32.81 -41.74
C VAL V 202 98.89 31.69 -42.29
N VAL V 203 97.58 31.65 -42.01
CA VAL V 203 96.63 30.63 -42.56
C VAL V 203 95.71 31.43 -43.46
N VAL V 204 95.67 31.12 -44.74
CA VAL V 204 94.93 31.98 -45.71
C VAL V 204 93.51 31.47 -45.88
N LEU V 205 92.54 32.37 -45.96
CA LEU V 205 91.14 32.00 -46.31
C LEU V 205 90.69 32.99 -47.38
N ASP V 206 89.64 32.68 -48.14
CA ASP V 206 89.18 33.53 -49.28
C ASP V 206 87.66 33.71 -49.23
N ASN V 207 87.18 34.95 -49.32
CA ASN V 207 85.73 35.26 -49.26
C ASN V 207 85.02 34.61 -50.43
N THR V 208 85.57 34.72 -51.64
CA THR V 208 84.97 34.14 -52.87
C THR V 208 84.99 32.63 -52.81
N ALA V 209 86.09 32.04 -52.34
CA ALA V 209 86.24 30.57 -52.30
C ALA V 209 85.15 30.02 -51.40
N LEU V 210 84.97 30.64 -50.24
CA LEU V 210 83.91 30.23 -49.28
C LEU V 210 82.54 30.59 -49.83
N ASN V 211 82.41 31.73 -50.52
CA ASN V 211 81.12 32.16 -51.12
C ASN V 211 80.72 31.11 -52.16
N ARG V 212 81.69 30.63 -52.95
CA ARG V 212 81.46 29.59 -53.97
C ARG V 212 81.04 28.30 -53.26
N ILE V 213 81.66 27.99 -52.13
CA ILE V 213 81.29 26.80 -51.31
C ILE V 213 79.87 27.00 -50.80
N ALA V 214 79.52 28.19 -50.36
CA ALA V 214 78.18 28.52 -49.82
C ALA V 214 77.15 28.30 -50.92
N THR V 215 77.45 28.77 -52.12
CA THR V 215 76.55 28.57 -53.30
C THR V 215 76.46 27.06 -53.54
N ASP V 216 77.58 26.33 -53.42
CA ASP V 216 77.59 24.87 -53.68
C ASP V 216 76.75 24.12 -52.64
N ARG V 217 77.12 24.18 -51.36
CA ARG V 217 76.44 23.40 -50.30
C ARG V 217 75.02 23.93 -50.08
N LEU V 218 74.82 25.25 -50.17
CA LEU V 218 73.52 25.88 -49.85
C LEU V 218 73.10 26.86 -50.94
N HIS V 219 71.88 27.39 -50.85
CA HIS V 219 71.36 28.38 -51.82
C HIS V 219 71.70 29.79 -51.35
N ILE V 220 72.28 29.92 -50.15
CA ILE V 220 72.61 31.26 -49.55
C ILE V 220 73.55 31.99 -50.51
N GLN V 221 73.17 33.20 -50.96
CA GLN V 221 74.03 34.03 -51.85
C GLN V 221 74.13 35.44 -51.29
N ASN V 222 73.00 36.12 -51.07
CA ASN V 222 72.97 37.53 -50.59
C ASN V 222 73.53 37.70 -49.17
N PRO V 223 73.19 36.85 -48.16
CA PRO V 223 73.73 37.01 -46.81
C PRO V 223 75.04 36.22 -46.71
N SER V 224 75.97 36.39 -47.66
CA SER V 224 77.21 35.59 -47.71
C SER V 224 78.02 35.76 -46.42
N PHE V 225 78.18 36.97 -45.87
CA PHE V 225 79.06 37.20 -44.70
C PHE V 225 78.59 36.47 -43.43
N SER V 226 77.30 36.48 -43.11
CA SER V 226 76.77 35.85 -41.87
C SER V 226 76.95 34.34 -41.89
N GLN V 227 76.60 33.68 -43.00
CA GLN V 227 76.70 32.22 -43.11
C GLN V 227 78.15 31.78 -43.19
N ILE V 228 78.99 32.51 -43.93
CA ILE V 228 80.42 32.15 -44.16
C ILE V 228 81.15 32.25 -42.82
N ASN V 229 80.65 33.03 -41.89
CA ASN V 229 81.31 33.12 -40.56
C ASN V 229 81.40 31.69 -40.01
N GLN V 230 80.34 30.88 -40.13
CA GLN V 230 80.28 29.49 -39.58
C GLN V 230 81.36 28.66 -40.29
N LEU V 231 81.53 28.86 -41.60
CA LEU V 231 82.54 28.11 -42.39
C LEU V 231 83.94 28.43 -41.90
N VAL V 232 84.25 29.70 -41.65
CA VAL V 232 85.61 30.15 -41.20
C VAL V 232 85.81 29.54 -39.82
N SER V 233 84.74 29.50 -39.02
CA SER V 233 84.81 28.98 -37.63
C SER V 233 85.12 27.50 -37.60
N THR V 234 84.46 26.72 -38.45
CA THR V 234 84.64 25.26 -38.41
C THR V 234 86.10 25.01 -38.72
N ILE V 235 86.68 25.73 -39.68
CA ILE V 235 88.12 25.58 -40.03
C ILE V 235 88.94 26.01 -38.81
N MET V 236 88.59 27.13 -38.18
CA MET V 236 89.42 27.68 -37.07
C MET V 236 89.41 26.74 -35.85
N SER V 237 88.26 26.24 -35.44
CA SER V 237 88.18 25.34 -34.28
C SER V 237 88.99 24.12 -34.64
N ALA V 238 88.78 23.64 -35.86
CA ALA V 238 89.41 22.40 -36.31
C ALA V 238 90.92 22.52 -36.37
N SER V 239 91.48 23.67 -36.76
CA SER V 239 92.95 23.81 -36.97
C SER V 239 93.69 23.61 -35.64
N THR V 240 93.00 23.79 -34.53
CA THR V 240 93.58 23.74 -33.16
C THR V 240 93.18 22.49 -32.38
N THR V 241 92.30 21.65 -32.89
CA THR V 241 91.71 20.53 -32.09
C THR V 241 92.80 19.58 -31.60
N THR V 242 93.85 19.34 -32.35
CA THR V 242 94.99 18.48 -31.88
C THR V 242 95.64 19.08 -30.62
N LEU V 243 95.69 20.41 -30.47
CA LEU V 243 96.25 21.12 -29.28
C LEU V 243 95.21 21.13 -28.17
N ARG V 244 93.97 21.50 -28.48
CA ARG V 244 92.88 21.63 -27.48
C ARG V 244 92.53 20.28 -26.87
N TYR V 245 92.78 19.13 -27.54
CA TYR V 245 92.54 17.74 -27.02
C TYR V 245 93.87 17.01 -27.01
N PRO V 246 94.27 16.27 -25.96
CA PRO V 246 95.59 15.65 -25.92
C PRO V 246 95.86 14.53 -26.93
N GLY V 247 97.12 14.24 -27.27
CA GLY V 247 97.43 13.23 -28.30
C GLY V 247 98.87 12.77 -28.26
N TYR V 248 99.25 11.85 -29.14
CA TYR V 248 100.63 11.29 -29.22
C TYR V 248 101.63 12.29 -29.78
N MET V 249 101.26 13.08 -30.79
CA MET V 249 102.19 14.01 -31.48
C MET V 249 101.51 15.32 -31.82
N ASN V 250 102.24 16.40 -32.01
CA ASN V 250 101.66 17.75 -32.20
C ASN V 250 100.92 18.10 -30.92
N ASN V 251 101.57 17.95 -29.76
CA ASN V 251 100.97 18.30 -28.45
C ASN V 251 101.41 19.72 -28.12
N ASP V 252 101.88 20.49 -29.08
CA ASP V 252 102.14 21.93 -28.83
C ASP V 252 102.07 22.63 -30.18
N LEU V 253 101.74 23.92 -30.22
CA LEU V 253 101.52 24.65 -31.48
C LEU V 253 102.78 24.54 -32.29
N ILE V 254 103.89 25.00 -31.75
CA ILE V 254 105.18 25.08 -32.51
C ILE V 254 105.54 23.73 -33.11
N GLY V 255 105.29 22.64 -32.39
CA GLY V 255 105.68 21.31 -32.90
C GLY V 255 104.94 21.07 -34.19
N LEU V 256 103.67 21.45 -34.27
CA LEU V 256 102.82 21.32 -35.48
C LEU V 256 103.26 22.32 -36.56
N ILE V 257 103.50 23.59 -36.21
CA ILE V 257 103.82 24.68 -37.20
C ILE V 257 105.01 24.29 -38.09
N ALA V 258 106.04 23.64 -37.56
CA ALA V 258 107.30 23.41 -38.31
C ALA V 258 107.06 22.69 -39.62
N SER V 259 106.28 21.61 -39.62
CA SER V 259 106.08 20.77 -40.82
C SER V 259 105.36 21.53 -41.92
N LEU V 260 104.35 22.32 -41.59
CA LEU V 260 103.52 23.10 -42.54
C LEU V 260 104.35 24.20 -43.24
N ILE V 261 105.31 24.87 -42.58
CA ILE V 261 106.14 25.99 -43.16
C ILE V 261 107.61 25.52 -43.27
N PRO V 262 108.14 25.06 -44.41
CA PRO V 262 109.52 24.57 -44.45
C PRO V 262 110.55 25.66 -44.68
N THR V 263 110.18 26.75 -45.35
CA THR V 263 111.09 27.92 -45.55
C THR V 263 110.39 29.12 -44.94
N PRO V 264 111.08 30.05 -44.25
CA PRO V 264 110.38 31.14 -43.54
C PRO V 264 109.48 32.02 -44.40
N ARG V 265 109.94 32.39 -45.60
CA ARG V 265 109.19 33.31 -46.48
C ARG V 265 107.85 32.70 -46.87
N LEU V 266 107.82 31.41 -47.21
CA LEU V 266 106.58 30.74 -47.65
C LEU V 266 105.88 30.22 -46.40
N HIS V 267 105.14 31.07 -45.70
CA HIS V 267 104.46 30.69 -44.44
C HIS V 267 102.94 30.79 -44.57
N PHE V 268 102.42 30.76 -45.79
CA PHE V 268 100.95 30.90 -46.04
C PHE V 268 100.35 29.49 -46.18
N LEU V 269 99.25 29.18 -45.49
CA LEU V 269 98.70 27.81 -45.47
C LEU V 269 97.29 27.72 -46.06
N MET V 270 97.07 26.78 -46.98
CA MET V 270 95.76 26.57 -47.63
C MET V 270 94.86 25.70 -46.73
N THR V 271 93.53 25.73 -46.89
CA THR V 271 92.58 24.96 -46.03
C THR V 271 91.71 24.04 -46.89
N GLY V 272 91.00 23.07 -46.28
CA GLY V 272 90.05 22.16 -46.94
C GLY V 272 89.29 21.41 -45.84
N TYR V 273 88.09 20.87 -46.07
CA TYR V 273 87.35 20.05 -45.06
C TYR V 273 86.59 18.93 -45.79
N THR V 274 86.77 17.65 -45.45
CA THR V 274 86.17 16.52 -46.24
C THR V 274 84.64 16.58 -46.21
N PRO V 275 83.92 16.57 -45.07
CA PRO V 275 82.49 16.70 -45.13
C PRO V 275 82.19 18.19 -44.99
N LEU V 276 82.31 18.94 -46.07
CA LEU V 276 81.93 20.37 -46.02
C LEU V 276 80.50 20.28 -45.52
N THR V 277 79.75 19.29 -46.02
CA THR V 277 78.40 19.00 -45.51
C THR V 277 78.55 17.98 -44.38
N THR V 278 79.22 18.32 -43.28
CA THR V 278 79.34 17.44 -42.07
C THR V 278 77.93 17.28 -41.48
N ASP V 279 77.06 18.27 -41.70
CA ASP V 279 75.66 18.20 -41.24
C ASP V 279 75.00 17.02 -41.96
N LYS V 287 79.08 4.36 -42.31
CA LYS V 287 80.24 5.15 -41.80
C LYS V 287 81.12 5.56 -42.97
N THR V 288 82.21 6.31 -42.76
CA THR V 288 83.19 6.64 -43.84
C THR V 288 84.57 6.15 -43.40
N THR V 289 85.25 5.33 -44.20
CA THR V 289 86.60 4.80 -43.90
C THR V 289 87.64 5.89 -44.13
N VAL V 290 88.80 5.76 -43.49
CA VAL V 290 89.86 6.79 -43.63
C VAL V 290 90.25 6.84 -45.10
N LEU V 291 90.28 5.72 -45.81
CA LEU V 291 90.76 5.75 -47.22
C LEU V 291 89.89 6.76 -47.94
N ASP V 292 88.59 6.79 -47.65
CA ASP V 292 87.65 7.71 -48.33
C ASP V 292 87.82 9.16 -47.93
N VAL V 293 87.95 9.46 -46.65
CA VAL V 293 87.94 10.89 -46.21
C VAL V 293 89.20 11.59 -46.71
N MET V 294 90.27 10.84 -46.95
CA MET V 294 91.55 11.40 -47.47
C MET V 294 91.37 11.74 -48.94
N ARG V 295 90.87 10.81 -49.73
CA ARG V 295 90.76 11.02 -51.20
C ARG V 295 89.84 12.20 -51.42
N ARG V 296 88.76 12.26 -50.65
CA ARG V 296 87.74 13.32 -50.87
C ARG V 296 88.42 14.67 -50.69
N LEU V 297 89.30 14.78 -49.70
CA LEU V 297 89.95 16.07 -49.36
C LEU V 297 90.83 16.57 -50.50
N LEU V 298 91.61 15.70 -51.14
CA LEU V 298 92.59 16.14 -52.16
C LEU V 298 91.85 16.70 -53.36
N GLN V 299 90.58 16.34 -53.55
CA GLN V 299 89.76 16.84 -54.67
C GLN V 299 89.61 18.35 -54.50
N PRO V 300 89.42 19.16 -55.55
CA PRO V 300 89.40 20.61 -55.38
C PRO V 300 88.08 21.23 -54.91
N LYS V 301 86.93 20.55 -54.92
CA LYS V 301 85.70 21.12 -54.35
C LYS V 301 85.88 21.25 -52.84
N ASN V 302 86.46 20.24 -52.18
CA ASN V 302 86.75 20.25 -50.73
C ASN V 302 87.75 21.37 -50.37
N VAL V 303 88.60 21.85 -51.29
CA VAL V 303 89.51 23.01 -51.03
C VAL V 303 88.71 24.32 -50.95
N MET V 304 89.08 25.27 -50.08
CA MET V 304 88.38 26.56 -49.77
C MET V 304 89.22 27.77 -50.17
N VAL V 305 90.16 27.62 -51.10
CA VAL V 305 91.00 28.73 -51.65
C VAL V 305 90.66 28.82 -53.13
N SER V 306 90.58 30.00 -53.75
CA SER V 306 90.08 30.16 -55.14
C SER V 306 91.20 30.30 -56.17
N THR V 313 103.09 26.75 -66.78
CA THR V 313 104.05 26.57 -65.67
C THR V 313 103.53 25.47 -64.75
N ASN V 314 104.39 24.54 -64.34
CA ASN V 314 104.01 23.45 -63.41
C ASN V 314 103.66 24.12 -62.09
N HIS V 315 102.80 23.52 -61.27
CA HIS V 315 102.52 24.04 -59.92
C HIS V 315 102.47 22.84 -58.99
N CYS V 316 102.93 22.97 -57.76
CA CYS V 316 103.02 21.83 -56.84
C CYS V 316 103.00 22.23 -55.36
N TYR V 317 102.38 21.40 -54.50
CA TYR V 317 102.36 21.61 -53.02
C TYR V 317 103.79 21.51 -52.51
N ILE V 318 104.18 22.18 -51.41
CA ILE V 318 105.54 22.08 -50.79
C ILE V 318 105.55 21.00 -49.71
N ALA V 319 104.50 20.82 -48.91
CA ALA V 319 104.36 19.73 -47.92
C ALA V 319 102.90 19.71 -47.48
N ILE V 320 102.29 18.56 -47.23
CA ILE V 320 100.84 18.49 -46.91
C ILE V 320 100.70 17.83 -45.57
N LEU V 321 99.68 18.21 -44.82
CA LEU V 321 99.38 17.56 -43.50
C LEU V 321 97.85 17.37 -43.40
N ASN V 322 97.35 16.34 -42.68
CA ASN V 322 95.89 16.14 -42.47
C ASN V 322 95.59 15.70 -41.04
N ILE V 323 94.45 16.12 -40.47
CA ILE V 323 94.01 15.70 -39.10
C ILE V 323 92.59 15.18 -39.23
N ILE V 324 92.26 14.02 -38.63
CA ILE V 324 90.92 13.38 -38.73
C ILE V 324 90.32 13.21 -37.32
N GLN V 325 89.07 13.62 -37.11
CA GLN V 325 88.40 13.47 -35.78
C GLN V 325 87.10 12.71 -35.92
N GLY V 326 87.16 11.42 -35.59
CA GLY V 326 85.93 10.61 -35.61
C GLY V 326 86.17 9.17 -35.26
N GLU V 327 85.26 8.28 -35.68
CA GLU V 327 85.37 6.83 -35.40
C GLU V 327 86.31 6.26 -36.47
N VAL V 328 87.63 6.40 -36.28
CA VAL V 328 88.62 5.99 -37.30
C VAL V 328 89.31 4.71 -36.82
N ASP V 329 89.37 3.67 -37.66
CA ASP V 329 90.09 2.44 -37.28
C ASP V 329 91.59 2.72 -37.33
N PRO V 330 92.43 2.15 -36.44
CA PRO V 330 93.86 2.37 -36.54
C PRO V 330 94.63 1.53 -37.57
N THR V 331 94.29 0.25 -37.72
CA THR V 331 95.09 -0.66 -38.59
C THR V 331 95.06 -0.22 -40.05
N GLN V 332 93.92 0.26 -40.54
CA GLN V 332 93.79 0.63 -41.97
C GLN V 332 94.66 1.84 -42.29
N VAL V 333 94.98 2.71 -41.32
CA VAL V 333 95.69 3.95 -41.76
C VAL V 333 96.93 3.60 -42.57
N HIS V 334 97.72 2.58 -42.26
CA HIS V 334 98.94 2.33 -43.07
C HIS V 334 98.56 1.93 -44.49
N LYS V 335 97.60 1.03 -44.61
CA LYS V 335 97.11 0.62 -45.94
C LYS V 335 96.51 1.86 -46.57
N SER V 336 95.82 2.70 -45.81
CA SER V 336 95.21 3.96 -46.28
C SER V 336 96.29 4.93 -46.73
N LEU V 337 97.39 5.02 -45.99
CA LEU V 337 98.49 5.95 -46.31
C LEU V 337 98.97 5.46 -47.66
N GLN V 338 99.17 4.16 -47.78
CA GLN V 338 99.73 3.62 -49.03
C GLN V 338 98.64 3.75 -50.07
N ARG V 339 97.35 3.92 -49.71
CA ARG V 339 96.41 3.95 -50.86
C ARG V 339 96.48 5.33 -51.53
N ILE V 340 96.63 6.42 -50.79
CA ILE V 340 96.65 7.76 -51.44
C ILE V 340 98.00 7.90 -52.16
N ARG V 341 98.98 7.06 -51.80
CA ARG V 341 100.32 7.08 -52.45
C ARG V 341 100.12 6.56 -53.85
N GLU V 342 99.26 5.55 -53.97
CA GLU V 342 98.93 4.95 -55.30
C GLU V 342 98.02 5.87 -56.11
N ARG V 343 96.99 6.47 -55.51
CA ARG V 343 96.00 7.36 -56.19
C ARG V 343 96.72 8.60 -56.74
N LYS V 344 97.76 9.10 -56.07
CA LYS V 344 98.55 10.28 -56.49
C LYS V 344 97.56 11.42 -56.68
N LEU V 345 96.45 11.46 -55.97
CA LEU V 345 95.48 12.53 -56.30
C LEU V 345 96.17 13.87 -56.04
N ALA V 346 97.22 13.93 -55.22
CA ALA V 346 97.91 15.19 -54.85
C ALA V 346 99.27 15.22 -55.53
N ASN V 347 99.47 16.18 -56.43
CA ASN V 347 100.71 16.18 -57.25
C ASN V 347 101.61 17.27 -56.69
N PHE V 348 102.83 16.87 -56.26
CA PHE V 348 103.83 17.81 -55.70
C PHE V 348 105.25 17.40 -56.10
N ILE V 349 106.14 18.37 -56.35
CA ILE V 349 107.56 18.11 -56.76
C ILE V 349 108.39 19.23 -56.13
N PRO V 350 108.35 19.42 -54.80
CA PRO V 350 109.03 20.56 -54.24
C PRO V 350 110.52 20.34 -53.98
N TRP V 351 111.29 21.41 -53.88
CA TRP V 351 112.69 21.34 -53.40
C TRP V 351 112.74 20.55 -52.09
N GLY V 352 111.71 20.60 -51.25
CA GLY V 352 111.68 19.77 -50.04
C GLY V 352 111.53 18.28 -50.35
N PRO V 353 111.77 17.36 -49.41
CA PRO V 353 111.52 15.93 -49.59
C PRO V 353 110.25 15.64 -48.81
N ALA V 354 109.42 16.66 -48.56
CA ALA V 354 108.27 16.55 -47.65
C ALA V 354 107.23 15.53 -48.11
N SER V 355 106.55 14.90 -47.15
CA SER V 355 105.54 13.88 -47.42
C SER V 355 104.20 14.26 -46.81
N ILE V 356 103.08 13.75 -47.36
CA ILE V 356 101.74 13.95 -46.74
C ILE V 356 101.85 13.22 -45.42
N GLN V 357 101.30 13.77 -44.36
CA GLN V 357 101.45 13.22 -42.99
C GLN V 357 100.06 12.90 -42.42
N VAL V 358 99.86 11.76 -41.77
CA VAL V 358 98.53 11.38 -41.20
C VAL V 358 98.53 11.70 -39.72
N ALA V 359 97.52 12.38 -39.23
CA ALA V 359 97.40 12.73 -37.80
C ALA V 359 95.98 12.39 -37.39
N LEU V 360 95.68 12.07 -36.13
CA LEU V 360 94.32 11.62 -35.72
C LEU V 360 93.94 12.22 -34.37
N SER V 361 92.68 12.58 -34.12
CA SER V 361 92.20 13.26 -32.88
C SER V 361 90.83 12.72 -32.50
N ARG V 362 90.32 13.12 -31.34
CA ARG V 362 89.03 12.63 -30.82
C ARG V 362 87.95 13.66 -31.10
N LYS V 363 86.84 13.24 -31.67
CA LYS V 363 85.69 14.14 -31.80
C LYS V 363 85.16 14.31 -30.39
N SER V 364 84.61 15.48 -30.04
CA SER V 364 84.13 15.79 -28.67
C SER V 364 82.77 15.15 -28.40
N PRO V 365 82.38 14.87 -27.15
CA PRO V 365 81.05 14.35 -26.85
C PRO V 365 80.12 15.54 -26.74
N TYR V 366 78.86 15.35 -26.33
CA TYR V 366 77.83 16.42 -26.12
C TYR V 366 77.31 16.97 -27.45
N LEU V 367 78.17 17.53 -28.30
CA LEU V 367 77.76 18.13 -29.59
C LEU V 367 77.49 16.98 -30.57
N PRO V 368 76.75 17.18 -31.68
CA PRO V 368 76.41 16.08 -32.58
C PRO V 368 77.63 15.34 -33.13
N SER V 369 77.53 14.04 -33.38
CA SER V 369 78.63 13.18 -33.91
C SER V 369 78.34 12.90 -35.38
N ALA V 370 77.56 13.75 -36.06
CA ALA V 370 77.16 13.55 -37.48
C ALA V 370 78.42 13.47 -38.32
N HIS V 371 78.43 12.74 -39.42
CA HIS V 371 79.68 12.52 -40.19
C HIS V 371 80.64 11.98 -39.12
N ARG V 372 80.35 10.78 -38.61
CA ARG V 372 81.12 10.23 -37.48
C ARG V 372 82.58 10.43 -37.78
N VAL V 373 83.05 10.21 -39.01
CA VAL V 373 84.46 10.53 -39.40
C VAL V 373 84.41 11.82 -40.23
N SER V 374 85.22 12.85 -39.90
CA SER V 374 85.21 14.16 -40.59
C SER V 374 86.61 14.75 -40.48
N GLY V 375 87.20 15.32 -41.55
CA GLY V 375 88.61 15.76 -41.55
C GLY V 375 88.88 17.16 -42.04
N LEU V 376 90.11 17.65 -41.90
CA LEU V 376 90.56 18.99 -42.40
C LEU V 376 91.98 18.80 -42.93
N MET V 377 92.47 19.63 -43.85
CA MET V 377 93.89 19.57 -44.28
C MET V 377 94.47 20.98 -44.27
N MET V 378 95.71 21.14 -43.81
CA MET V 378 96.44 22.43 -43.86
C MET V 378 97.67 22.14 -44.74
N ALA V 379 97.90 22.89 -45.82
CA ALA V 379 98.99 22.57 -46.75
C ALA V 379 99.67 23.82 -47.29
N ASN V 380 100.96 23.71 -47.62
CA ASN V 380 101.74 24.83 -48.23
C ASN V 380 101.65 24.59 -49.72
N HIS V 381 100.92 25.43 -50.46
CA HIS V 381 100.69 25.24 -51.92
C HIS V 381 101.14 26.48 -52.68
N THR V 382 101.83 26.34 -53.82
CA THR V 382 102.32 27.47 -54.64
C THR V 382 101.19 28.14 -55.40
N SER V 383 100.00 27.54 -55.45
CA SER V 383 98.83 28.15 -56.12
C SER V 383 98.46 29.46 -55.42
N ILE V 384 98.63 29.54 -54.10
CA ILE V 384 98.20 30.76 -53.33
C ILE V 384 99.00 31.96 -53.83
N SER V 385 100.15 31.74 -54.46
CA SER V 385 100.95 32.84 -55.06
C SER V 385 100.07 33.58 -56.05
N SER V 386 99.24 32.85 -56.79
CA SER V 386 98.38 33.44 -57.82
C SER V 386 97.41 34.44 -57.19
N LEU V 387 96.83 34.13 -56.03
CA LEU V 387 95.91 35.07 -55.35
C LEU V 387 96.65 36.34 -54.96
N PHE V 388 97.89 36.21 -54.50
CA PHE V 388 98.71 37.39 -54.11
C PHE V 388 98.96 38.23 -55.36
N GLU V 389 99.29 37.61 -56.50
CA GLU V 389 99.61 38.35 -57.76
C GLU V 389 98.37 39.09 -58.26
N ARG V 390 97.16 38.57 -58.07
CA ARG V 390 95.89 39.20 -58.56
C ARG V 390 95.66 40.55 -57.89
N THR V 391 95.88 40.64 -56.58
CA THR V 391 95.77 41.96 -55.88
C THR V 391 96.95 42.83 -56.33
N CYS V 392 98.14 42.25 -56.54
CA CYS V 392 99.32 42.98 -57.04
C CYS V 392 99.01 43.46 -58.46
N ARG V 393 98.25 42.69 -59.24
CA ARG V 393 97.81 43.08 -60.60
C ARG V 393 96.83 44.24 -60.47
N GLN V 394 95.86 44.16 -59.57
CA GLN V 394 94.87 45.25 -59.47
C GLN V 394 95.68 46.48 -59.07
N TYR V 395 96.58 46.35 -58.11
CA TYR V 395 97.37 47.48 -57.57
C TYR V 395 98.25 48.08 -58.66
N ASP V 396 98.91 47.24 -59.44
CA ASP V 396 99.84 47.75 -60.48
C ASP V 396 99.01 48.56 -61.46
N LYS V 397 97.85 48.04 -61.85
CA LYS V 397 96.95 48.77 -62.78
C LYS V 397 96.53 50.06 -62.09
N LEU V 398 96.13 49.98 -60.83
CA LEU V 398 95.65 51.15 -60.05
C LEU V 398 96.79 52.14 -59.83
N ARG V 399 98.02 51.69 -59.66
CA ARG V 399 99.17 52.57 -59.35
C ARG V 399 99.44 53.48 -60.55
N LYS V 400 99.40 52.92 -61.75
CA LYS V 400 99.68 53.71 -62.97
C LYS V 400 98.63 54.80 -63.08
N ARG V 401 97.36 54.45 -62.92
CA ARG V 401 96.25 55.41 -63.05
C ARG V 401 96.37 56.43 -61.92
N GLU V 402 96.78 55.98 -60.73
CA GLU V 402 96.82 56.87 -59.53
C GLU V 402 95.40 57.34 -59.33
N ALA V 403 94.43 56.51 -59.71
CA ALA V 403 93.00 56.89 -59.61
C ALA V 403 92.65 57.12 -58.14
N PHE V 404 93.17 56.27 -57.26
CA PHE V 404 92.80 56.38 -55.83
C PHE V 404 94.08 56.47 -55.00
N LEU V 405 94.75 57.63 -55.07
CA LEU V 405 95.94 57.86 -54.23
C LEU V 405 95.42 58.34 -52.87
N GLU V 406 94.10 58.52 -52.76
CA GLU V 406 93.46 59.04 -51.51
C GLU V 406 93.85 60.50 -51.39
N GLN V 407 95.15 60.78 -51.39
CA GLN V 407 95.66 62.16 -51.24
C GLN V 407 94.94 62.77 -50.05
N PHE V 408 94.26 61.92 -49.27
CA PHE V 408 93.65 62.45 -48.03
C PHE V 408 94.83 62.96 -47.21
N ARG V 409 94.67 64.04 -46.45
CA ARG V 409 95.83 64.65 -45.77
C ARG V 409 96.44 63.60 -44.87
N LYS V 410 95.63 62.78 -44.20
CA LYS V 410 96.18 61.66 -43.41
C LYS V 410 97.08 60.84 -44.33
N GLU V 411 96.59 60.43 -45.50
CA GLU V 411 97.34 59.53 -46.42
C GLU V 411 98.63 60.22 -46.90
N ASP V 412 98.55 61.47 -47.36
CA ASP V 412 99.72 62.21 -47.90
C ASP V 412 100.69 62.56 -46.77
N MET V 413 100.20 63.09 -45.65
CA MET V 413 101.07 63.53 -44.52
C MET V 413 101.74 62.29 -43.93
N PHE V 414 101.00 61.20 -43.74
CA PHE V 414 101.58 59.94 -43.24
C PHE V 414 102.58 59.42 -44.27
N LYS V 415 102.23 59.48 -45.56
CA LYS V 415 103.10 58.95 -46.65
C LYS V 415 103.20 59.97 -47.79
N ASP V 416 104.10 60.95 -47.67
CA ASP V 416 104.32 61.96 -48.74
C ASP V 416 105.09 61.29 -49.87
N ASN V 417 106.13 60.51 -49.58
CA ASN V 417 106.94 59.80 -50.61
C ASN V 417 106.07 58.75 -51.31
N PHE V 418 105.15 58.09 -50.61
CA PHE V 418 104.30 56.99 -51.15
C PHE V 418 105.24 55.86 -51.57
N ASP V 419 106.41 55.73 -50.92
CA ASP V 419 107.44 54.71 -51.30
C ASP V 419 107.34 53.43 -50.47
N GLU V 420 106.54 53.39 -49.41
CA GLU V 420 106.31 52.12 -48.65
C GLU V 420 105.52 51.19 -49.56
N MET V 421 104.66 51.75 -50.40
CA MET V 421 103.86 50.95 -51.37
C MET V 421 104.84 50.31 -52.34
N ASP V 422 105.84 51.04 -52.82
CA ASP V 422 106.89 50.51 -53.73
C ASP V 422 107.78 49.53 -52.95
N THR V 423 108.10 49.81 -51.69
CA THR V 423 108.89 48.89 -50.84
C THR V 423 108.08 47.61 -50.70
N SER V 424 106.77 47.75 -50.50
CA SER V 424 105.87 46.59 -50.37
C SER V 424 105.82 45.84 -51.70
N ARG V 425 105.80 46.57 -52.82
CA ARG V 425 105.68 45.94 -54.16
C ARG V 425 106.90 45.07 -54.43
N GLU V 426 108.11 45.52 -54.12
CA GLU V 426 109.33 44.71 -54.33
C GLU V 426 109.33 43.51 -53.37
N ILE V 427 108.92 43.69 -52.11
CA ILE V 427 108.94 42.60 -51.11
C ILE V 427 107.95 41.50 -51.53
N VAL V 428 106.73 41.88 -51.95
CA VAL V 428 105.70 40.90 -52.38
C VAL V 428 106.13 40.28 -53.71
N GLN V 429 106.78 41.02 -54.60
CA GLN V 429 107.30 40.48 -55.88
C GLN V 429 108.40 39.47 -55.57
N GLN V 430 109.23 39.74 -54.56
CA GLN V 430 110.27 38.76 -54.15
C GLN V 430 109.50 37.50 -53.72
N LEU V 431 108.42 37.66 -52.96
CA LEU V 431 107.58 36.52 -52.50
C LEU V 431 106.99 35.81 -53.71
N ILE V 432 106.46 36.55 -54.69
CA ILE V 432 105.82 35.95 -55.88
C ILE V 432 106.93 35.16 -56.58
N ASP V 433 108.11 35.74 -56.68
CA ASP V 433 109.27 35.09 -57.34
C ASP V 433 109.68 33.85 -56.53
N GLU V 434 109.78 33.99 -55.23
CA GLU V 434 110.28 32.88 -54.39
C GLU V 434 109.38 31.68 -54.61
N TYR V 435 108.06 31.89 -54.58
CA TYR V 435 107.11 30.77 -54.73
C TYR V 435 107.47 30.03 -56.00
N HIS V 436 107.52 30.70 -57.14
CA HIS V 436 107.74 30.02 -58.43
C HIS V 436 109.11 29.36 -58.41
N ALA V 437 110.07 29.92 -57.68
CA ALA V 437 111.41 29.32 -57.54
C ALA V 437 111.23 27.99 -56.83
N ALA V 438 110.29 27.92 -55.90
CA ALA V 438 110.01 26.68 -55.15
C ALA V 438 109.60 25.60 -56.15
N THR V 439 108.79 25.95 -57.13
CA THR V 439 108.31 25.00 -58.17
C THR V 439 109.52 24.46 -58.91
N ARG V 440 110.55 25.27 -59.13
CA ARG V 440 111.73 24.89 -59.95
C ARG V 440 112.52 23.80 -59.23
N PRO V 441 113.40 23.04 -59.93
CA PRO V 441 114.25 22.06 -59.29
C PRO V 441 115.36 22.60 -58.38
N ASP V 442 115.69 23.89 -58.42
CA ASP V 442 116.85 24.44 -57.66
C ASP V 442 116.47 25.52 -56.64
N TYR V 443 115.73 25.18 -55.57
CA TYR V 443 115.48 26.14 -54.46
C TYR V 443 116.63 25.95 -53.50
N ILE V 444 117.57 25.03 -53.79
CA ILE V 444 118.81 24.86 -52.99
C ILE V 444 119.56 26.18 -53.16
N SER V 445 119.58 26.74 -54.37
CA SER V 445 120.18 28.07 -54.65
C SER V 445 119.24 29.12 -54.07
N TRP V 446 119.70 30.36 -53.91
CA TRP V 446 118.88 31.40 -53.23
C TRP V 446 117.57 31.61 -53.99
N GLY V 447 116.45 31.83 -53.29
CA GLY V 447 115.11 32.02 -53.87
C GLY V 447 114.64 33.45 -53.63
N ARG W 3 94.83 40.20 26.20
CA ARG W 3 94.42 39.33 25.06
C ARG W 3 93.03 39.76 24.59
N GLU W 4 92.68 41.06 24.67
CA GLU W 4 91.36 41.61 24.25
C GLU W 4 91.61 42.83 23.34
N ILE W 5 91.00 42.88 22.15
CA ILE W 5 91.32 43.95 21.17
C ILE W 5 90.24 44.99 21.29
N ILE W 6 90.61 46.19 21.68
CA ILE W 6 89.63 47.32 21.75
C ILE W 6 89.61 47.89 20.34
N THR W 7 88.63 47.53 19.52
CA THR W 7 88.61 47.93 18.08
C THR W 7 88.21 49.38 17.92
N LEU W 8 89.14 50.33 17.83
CA LEU W 8 88.76 51.76 17.82
C LEU W 8 88.29 52.11 16.40
N GLN W 9 87.05 51.78 16.06
CA GLN W 9 86.48 52.11 14.73
C GLN W 9 86.11 53.59 14.76
N LEU W 10 86.58 54.39 13.80
CA LEU W 10 86.37 55.87 13.81
C LEU W 10 86.09 56.40 12.41
N GLY W 11 85.34 57.50 12.28
CA GLY W 11 85.05 58.14 10.99
C GLY W 11 83.90 57.43 10.31
N GLN W 12 83.18 58.10 9.40
CA GLN W 12 81.98 57.48 8.80
C GLN W 12 82.39 56.22 8.03
N CYS W 13 83.42 56.29 7.20
CA CYS W 13 83.89 55.14 6.40
C CYS W 13 84.37 54.03 7.33
N GLY W 14 85.17 54.38 8.34
CA GLY W 14 85.72 53.40 9.29
C GLY W 14 84.60 52.78 10.08
N ASN W 15 83.59 53.57 10.48
CA ASN W 15 82.43 53.09 11.26
C ASN W 15 81.59 52.14 10.40
N GLN W 16 81.55 52.35 9.09
CA GLN W 16 80.81 51.43 8.17
C GLN W 16 81.47 50.05 8.13
N ILE W 17 82.80 49.93 8.16
CA ILE W 17 83.49 48.61 7.97
C ILE W 17 83.61 47.89 9.32
N GLY W 18 83.56 48.59 10.44
CA GLY W 18 83.51 48.01 11.80
C GLY W 18 82.11 47.52 12.05
N PHE W 19 81.12 48.26 11.58
CA PHE W 19 79.70 47.85 11.76
C PHE W 19 79.56 46.47 11.11
N GLU W 20 80.00 46.36 9.86
CA GLU W 20 79.91 45.09 9.09
C GLU W 20 80.81 43.98 9.64
N PHE W 21 82.03 44.28 10.05
CA PHE W 21 83.00 43.27 10.55
C PHE W 21 82.41 42.59 11.77
N TRP W 22 81.84 43.37 12.69
CA TRP W 22 81.20 42.83 13.92
C TRP W 22 79.96 42.02 13.53
N LYS W 23 79.19 42.50 12.55
CA LYS W 23 78.00 41.78 12.06
C LYS W 23 78.45 40.46 11.43
N GLN W 24 79.56 40.47 10.72
CA GLN W 24 80.08 39.27 10.02
C GLN W 24 80.44 38.20 11.06
N LEU W 25 81.04 38.60 12.18
CA LEU W 25 81.39 37.70 13.31
C LEU W 25 80.14 37.46 14.15
N CYS W 26 79.06 38.20 13.96
CA CYS W 26 77.81 37.86 14.69
C CYS W 26 77.28 36.54 14.13
N ALA W 27 77.02 36.48 12.83
CA ALA W 27 76.51 35.27 12.18
C ALA W 27 77.56 34.15 12.25
N GLU W 28 78.84 34.46 12.01
CA GLU W 28 79.90 33.43 11.95
C GLU W 28 80.02 32.78 13.31
N HIS W 29 80.03 33.57 14.37
CA HIS W 29 80.06 33.03 15.73
C HIS W 29 78.64 32.71 16.14
N GLY W 30 78.46 32.10 17.32
CA GLY W 30 77.13 31.83 17.86
C GLY W 30 76.56 33.05 18.56
N ILE W 31 76.16 34.07 17.81
CA ILE W 31 75.59 35.33 18.39
C ILE W 31 74.39 35.73 17.53
N SER W 32 73.33 36.28 18.13
CA SER W 32 72.12 36.75 17.41
C SER W 32 72.23 38.27 17.26
N PRO W 33 71.27 39.04 16.67
CA PRO W 33 71.35 40.51 16.62
C PRO W 33 71.21 41.20 17.99
N GLU W 34 70.71 40.52 19.03
CA GLU W 34 70.59 41.08 20.40
C GLU W 34 71.79 40.65 21.25
N GLY W 35 72.74 40.11 20.62
CA GLY W 35 73.99 39.66 21.29
C GLY W 35 73.76 38.36 22.09
N ILE W 36 72.63 37.68 22.06
CA ILE W 36 72.26 36.49 22.90
C ILE W 36 72.92 35.27 22.29
N VAL W 37 73.36 34.33 23.12
CA VAL W 37 73.94 33.06 22.58
C VAL W 37 72.84 32.41 21.73
N GLU W 38 73.18 31.96 20.53
CA GLU W 38 72.19 31.35 19.61
C GLU W 38 71.83 29.96 20.12
N GLU W 39 70.54 29.61 20.09
N GLU W 39 70.51 29.70 20.06
CA GLU W 39 70.07 28.28 20.54
CA GLU W 39 70.03 28.37 20.52
C GLU W 39 70.64 27.19 19.63
C GLU W 39 70.60 27.29 19.61
N PHE W 40 70.77 27.46 18.33
CA PHE W 40 71.22 26.43 17.36
C PHE W 40 72.61 25.94 17.73
N ALA W 41 73.50 26.82 18.18
CA ALA W 41 74.90 26.44 18.47
C ALA W 41 74.90 25.34 19.53
N THR W 45 83.05 26.02 20.55
CA THR W 45 84.29 25.35 20.05
C THR W 45 85.24 26.44 19.58
N ASP W 46 84.90 27.72 19.80
CA ASP W 46 85.68 28.87 19.29
C ASP W 46 86.27 29.66 20.45
N ARG W 47 87.33 30.44 20.32
CA ARG W 47 87.90 31.30 21.40
C ARG W 47 87.28 32.68 21.30
N LYS W 48 86.02 32.86 21.71
CA LYS W 48 85.35 34.18 21.50
C LYS W 48 85.84 35.21 22.52
N ASP W 49 86.73 34.80 23.43
CA ASP W 49 87.21 35.70 24.51
C ASP W 49 87.94 36.91 23.95
N VAL W 50 88.79 36.71 22.93
CA VAL W 50 89.65 37.83 22.42
C VAL W 50 88.80 38.99 21.88
N PHE W 51 87.75 38.69 21.12
CA PHE W 51 87.01 39.80 20.46
C PHE W 51 85.73 40.17 21.23
N PHE W 52 84.75 39.26 21.25
CA PHE W 52 83.47 39.60 21.90
C PHE W 52 83.62 39.58 23.42
N TYR W 53 82.93 40.50 24.11
CA TYR W 53 82.95 40.48 25.59
C TYR W 53 81.61 39.89 26.06
N GLN W 54 81.67 38.79 26.78
CA GLN W 54 80.41 38.11 27.22
C GLN W 54 79.88 38.82 28.47
N ALA W 55 78.64 39.30 28.40
CA ALA W 55 78.02 39.95 29.58
C ALA W 55 77.42 38.87 30.50
N ASP W 56 77.17 39.21 31.76
CA ASP W 56 76.50 38.26 32.69
C ASP W 56 75.08 38.03 32.17
N ASP W 57 74.57 38.96 31.35
CA ASP W 57 73.20 38.86 30.79
C ASP W 57 73.23 38.04 29.49
N GLU W 58 74.37 37.40 29.19
CA GLU W 58 74.51 36.53 27.99
C GLU W 58 74.61 37.40 26.73
N HIS W 59 74.99 38.67 26.90
CA HIS W 59 75.19 39.52 25.70
C HIS W 59 76.67 39.48 25.31
N TYR W 60 76.97 38.96 24.12
CA TYR W 60 78.38 38.99 23.65
C TYR W 60 78.62 40.37 23.03
N ILE W 61 78.72 41.40 23.87
CA ILE W 61 78.91 42.79 23.38
C ILE W 61 80.36 42.91 22.91
N PRO W 62 80.62 43.35 21.66
CA PRO W 62 81.98 43.42 21.15
C PRO W 62 82.74 44.55 21.85
N ARG W 63 84.07 44.46 21.88
CA ARG W 63 84.84 45.59 22.44
C ARG W 63 84.99 46.61 21.31
N ALA W 64 83.89 47.26 20.93
CA ALA W 64 83.90 48.22 19.81
C ALA W 64 83.84 49.65 20.35
N VAL W 65 84.86 50.46 20.06
CA VAL W 65 84.84 51.89 20.48
C VAL W 65 84.41 52.64 19.23
N LEU W 66 83.24 53.30 19.24
CA LEU W 66 82.72 54.02 18.04
C LEU W 66 82.87 55.52 18.30
N LEU W 67 83.64 56.26 17.48
CA LEU W 67 83.77 57.74 17.58
C LEU W 67 83.14 58.35 16.34
N ASP W 68 82.20 59.26 16.52
CA ASP W 68 81.43 59.88 15.42
C ASP W 68 81.81 61.35 15.28
N LEU W 69 81.67 61.92 14.10
CA LEU W 69 81.89 63.36 13.88
C LEU W 69 80.83 63.70 12.84
N GLU W 70 79.95 64.67 13.08
CA GLU W 70 78.82 64.93 12.17
C GLU W 70 78.10 63.58 12.03
N PRO W 71 77.51 63.02 13.11
CA PRO W 71 76.99 61.64 13.06
C PRO W 71 75.69 61.32 12.33
N ARG W 72 75.55 61.77 11.09
CA ARG W 72 74.38 61.38 10.27
C ARG W 72 74.48 59.87 10.02
N VAL W 73 75.68 59.34 9.75
CA VAL W 73 75.90 57.90 9.41
C VAL W 73 76.10 57.08 10.68
N ILE W 74 76.24 57.71 11.85
CA ILE W 74 76.30 56.95 13.13
C ILE W 74 74.87 56.87 13.66
N HIS W 75 73.98 57.75 13.21
CA HIS W 75 72.55 57.68 13.60
C HIS W 75 71.97 56.42 12.97
N SER W 76 72.36 56.07 11.74
CA SER W 76 71.80 54.91 11.03
C SER W 76 72.26 53.64 11.72
N ILE W 77 73.53 53.60 12.13
CA ILE W 77 74.09 52.43 12.87
C ILE W 77 73.17 52.18 14.06
N LEU W 78 72.74 53.25 14.74
CA LEU W 78 71.84 53.14 15.93
C LEU W 78 70.47 52.57 15.55
N ASN W 79 69.88 52.99 14.43
CA ASN W 79 68.59 52.39 14.02
C ASN W 79 68.88 51.09 13.25
N SER W 80 69.33 50.06 13.94
CA SER W 80 69.63 48.74 13.33
C SER W 80 69.17 47.63 14.27
N PRO W 81 68.92 46.39 13.81
CA PRO W 81 68.59 45.28 14.71
C PRO W 81 69.76 44.95 15.64
N TYR W 82 70.99 45.31 15.27
CA TYR W 82 72.21 44.96 16.02
C TYR W 82 72.58 46.06 17.01
N ALA W 83 71.74 47.07 17.20
CA ALA W 83 72.03 48.19 18.13
C ALA W 83 72.25 47.61 19.53
N LYS W 84 71.45 46.63 19.93
CA LYS W 84 71.59 45.95 21.26
C LYS W 84 72.88 45.13 21.29
N LEU W 85 73.31 44.56 20.17
CA LEU W 85 74.49 43.65 20.16
C LEU W 85 75.71 44.41 20.64
N TYR W 86 75.93 45.63 20.14
CA TYR W 86 77.08 46.47 20.56
C TYR W 86 76.50 47.51 21.53
N ASN W 87 76.57 47.25 22.84
CA ASN W 87 76.12 48.24 23.84
C ASN W 87 77.17 48.36 24.94
N PRO W 88 78.39 48.89 24.66
CA PRO W 88 79.30 49.25 25.71
C PRO W 88 78.82 50.67 26.08
N GLU W 89 77.78 51.19 25.39
CA GLU W 89 77.21 52.51 25.70
C GLU W 89 78.35 53.52 25.65
N ASN W 90 79.18 53.46 24.59
CA ASN W 90 80.38 54.33 24.47
C ASN W 90 80.45 54.98 23.08
N ILE W 91 79.54 55.87 22.74
CA ILE W 91 79.56 56.64 21.45
C ILE W 91 79.53 58.12 21.84
N TYR W 92 80.48 58.95 21.39
CA TYR W 92 80.58 60.37 21.84
C TYR W 92 80.58 61.38 20.70
N LEU W 93 79.79 62.47 20.82
CA LEU W 93 79.72 63.55 19.80
C LEU W 93 80.82 64.58 20.09
N GLY W 101 84.82 68.24 9.77
CA GLY W 101 85.23 68.85 8.49
C GLY W 101 85.88 67.83 7.57
N ASN W 102 86.11 68.19 6.31
CA ASN W 102 86.69 67.26 5.30
C ASN W 102 88.20 67.49 5.24
N ASN W 103 88.77 68.25 6.19
CA ASN W 103 90.22 68.58 6.21
C ASN W 103 90.96 67.76 7.26
N TRP W 104 92.22 67.38 6.98
CA TRP W 104 93.04 66.59 7.95
C TRP W 104 93.24 67.47 9.17
N ALA W 105 93.57 68.73 8.97
CA ALA W 105 93.73 69.70 10.08
C ALA W 105 92.40 69.87 10.79
N SER W 106 91.29 69.93 10.05
CA SER W 106 89.94 70.14 10.64
C SER W 106 89.60 68.98 11.59
N GLY W 107 89.96 67.73 11.28
CA GLY W 107 89.70 66.53 12.08
C GLY W 107 90.61 66.47 13.29
N PHE W 108 91.89 66.83 13.13
CA PHE W 108 92.91 66.76 14.21
C PHE W 108 92.54 67.73 15.33
N SER W 109 92.10 68.94 14.99
CA SER W 109 91.73 69.98 15.98
C SER W 109 90.49 69.56 16.76
N GLN W 110 89.48 69.02 16.07
CA GLN W 110 88.22 68.59 16.71
C GLN W 110 88.53 67.48 17.72
N GLY W 111 89.43 66.58 17.38
CA GLY W 111 89.81 65.46 18.27
C GLY W 111 90.47 65.96 19.55
N GLU W 112 91.31 66.99 19.47
CA GLU W 112 92.10 67.50 20.63
C GLU W 112 91.24 68.01 21.79
N LYS W 113 90.12 68.71 21.53
CA LYS W 113 89.21 69.24 22.60
C LYS W 113 88.46 68.11 23.33
N ILE W 114 88.11 67.04 22.62
CA ILE W 114 87.33 65.90 23.19
C ILE W 114 88.27 64.76 23.52
N HIS W 115 89.58 64.96 23.51
CA HIS W 115 90.54 63.83 23.66
C HIS W 115 90.33 63.09 24.98
N GLU W 116 90.11 63.78 26.10
CA GLU W 116 90.04 63.16 27.46
C GLU W 116 88.80 62.28 27.70
N ASP W 117 87.61 62.64 27.20
CA ASP W 117 86.38 61.82 27.34
C ASP W 117 86.46 60.59 26.42
N ILE W 118 86.98 60.77 25.20
CA ILE W 118 87.16 59.62 24.27
C ILE W 118 88.22 58.72 24.89
N PHE W 119 89.26 59.30 25.51
CA PHE W 119 90.36 58.53 26.14
C PHE W 119 89.88 57.81 27.41
N ASP W 120 88.94 58.37 28.17
CA ASP W 120 88.33 57.70 29.35
C ASP W 120 87.51 56.50 28.89
N ILE W 121 86.84 56.62 27.74
CA ILE W 121 86.05 55.51 27.13
C ILE W 121 87.04 54.39 26.79
N ILE W 122 88.26 54.73 26.37
CA ILE W 122 89.34 53.72 26.12
C ILE W 122 89.69 53.10 27.46
N ASP W 123 89.83 53.92 28.51
CA ASP W 123 90.23 53.41 29.85
C ASP W 123 89.21 52.43 30.39
N ARG W 124 87.93 52.82 30.39
CA ARG W 124 86.82 51.98 30.91
C ARG W 124 87.01 50.57 30.40
N GLU W 125 87.11 50.40 29.09
CA GLU W 125 87.19 49.05 28.48
C GLU W 125 88.48 48.38 28.95
N ALA W 126 89.59 49.11 29.03
CA ALA W 126 90.90 48.56 29.45
C ALA W 126 90.78 48.02 30.86
N ASP W 127 90.11 48.76 31.73
CA ASP W 127 89.89 48.35 33.15
C ASP W 127 88.96 47.13 33.18
N GLY W 128 87.88 47.14 32.37
CA GLY W 128 86.88 46.07 32.36
C GLY W 128 87.44 44.73 31.94
N SER W 129 88.34 44.72 30.96
CA SER W 129 88.92 43.48 30.41
C SER W 129 89.90 42.87 31.40
N ASP W 130 90.09 41.56 31.35
CA ASP W 130 91.11 40.89 32.20
C ASP W 130 92.42 41.51 31.77
N SER W 131 92.58 41.75 30.47
CA SER W 131 93.84 42.28 29.90
C SER W 131 93.56 42.92 28.53
N LEU W 132 94.47 43.73 27.98
CA LEU W 132 94.33 44.39 26.65
C LEU W 132 95.62 44.23 25.84
N GLU W 133 95.65 43.53 24.69
CA GLU W 133 96.92 43.27 23.93
C GLU W 133 97.15 44.27 22.80
N GLY W 134 96.10 44.72 22.11
CA GLY W 134 96.31 45.59 20.95
C GLY W 134 95.11 46.44 20.63
N PHE W 135 95.31 47.56 19.92
CA PHE W 135 94.21 48.47 19.53
C PHE W 135 94.08 48.39 18.00
N VAL W 136 93.01 47.83 17.48
CA VAL W 136 92.87 47.61 16.01
C VAL W 136 91.96 48.69 15.46
N LEU W 137 92.48 49.59 14.64
CA LEU W 137 91.71 50.77 14.18
C LEU W 137 91.10 50.54 12.81
N CYS W 138 89.79 50.69 12.63
CA CYS W 138 89.16 50.65 11.28
C CYS W 138 89.39 52.04 10.68
N HIS W 139 90.65 52.42 10.45
CA HIS W 139 91.04 53.78 9.99
C HIS W 139 90.68 54.05 8.54
N SER W 140 90.32 55.29 8.20
CA SER W 140 90.10 55.71 6.79
C SER W 140 91.19 56.74 6.48
N ILE W 141 92.07 56.50 5.50
CA ILE W 141 93.16 57.46 5.11
C ILE W 141 92.50 58.53 4.26
N ALA W 142 92.87 59.81 4.43
CA ALA W 142 92.23 60.94 3.70
C ALA W 142 90.74 60.70 3.83
N GLY W 143 90.26 60.50 5.06
CA GLY W 143 88.85 60.18 5.35
C GLY W 143 88.07 61.41 5.81
N GLY W 144 88.52 62.61 5.44
CA GLY W 144 87.87 63.82 5.93
C GLY W 144 88.01 63.84 7.44
N THR W 145 86.91 63.66 8.17
CA THR W 145 86.94 63.59 9.65
C THR W 145 87.76 62.37 10.08
N GLY W 146 87.65 61.25 9.37
CA GLY W 146 88.33 60.00 9.78
C GLY W 146 89.83 60.17 9.86
N SER W 147 90.45 60.85 8.89
CA SER W 147 91.90 61.17 8.95
C SER W 147 92.04 62.43 9.78
N GLY W 148 93.21 62.71 10.36
CA GLY W 148 93.37 63.84 11.27
C GLY W 148 92.92 63.46 12.66
N LEU W 149 91.66 63.07 12.86
CA LEU W 149 91.23 62.56 14.18
C LEU W 149 91.94 61.24 14.41
N GLY W 150 92.10 60.43 13.36
CA GLY W 150 92.68 59.08 13.51
C GLY W 150 94.17 59.14 13.77
N SER W 151 94.89 60.07 13.16
CA SER W 151 96.34 60.32 13.33
C SER W 151 96.59 60.78 14.76
N TYR W 152 95.77 61.70 15.25
CA TYR W 152 95.94 62.26 16.62
C TYR W 152 95.75 61.15 17.65
N LEU W 153 94.70 60.34 17.47
CA LEU W 153 94.38 59.26 18.43
C LEU W 153 95.46 58.20 18.31
N LEU W 154 96.07 58.08 17.14
CA LEU W 154 97.19 57.11 16.92
C LEU W 154 98.37 57.55 17.76
N GLU W 155 98.63 58.86 17.86
CA GLU W 155 99.78 59.40 18.62
C GLU W 155 99.57 59.26 20.12
N ARG W 156 98.36 59.47 20.61
CA ARG W 156 98.07 59.40 22.07
C ARG W 156 98.19 57.96 22.57
N LEU W 157 97.71 57.00 21.79
CA LEU W 157 97.64 55.60 22.26
C LEU W 157 99.02 55.03 22.57
N ASN W 158 100.02 55.28 21.73
CA ASN W 158 101.37 54.67 21.93
C ASN W 158 101.98 55.22 23.22
N ASP W 159 101.84 56.54 23.47
CA ASP W 159 102.44 57.18 24.66
C ASP W 159 101.82 56.57 25.92
N ARG W 160 100.50 56.45 25.96
CA ARG W 160 99.78 55.89 27.13
C ARG W 160 100.03 54.39 27.29
N TYR W 161 100.14 53.64 26.20
CA TYR W 161 100.35 52.19 26.26
C TYR W 161 101.68 51.90 25.55
N PRO W 162 102.84 52.29 26.09
CA PRO W 162 104.11 52.13 25.38
C PRO W 162 104.39 50.65 25.10
N LYS W 163 104.06 49.78 26.04
CA LYS W 163 104.23 48.32 25.86
C LYS W 163 103.25 47.80 24.80
N LYS W 164 102.02 48.32 24.73
CA LYS W 164 100.97 47.77 23.83
C LYS W 164 101.24 48.11 22.36
N LEU W 165 100.61 47.41 21.41
CA LEU W 165 100.87 47.55 19.95
C LEU W 165 99.58 47.99 19.25
N VAL W 166 99.66 48.76 18.16
CA VAL W 166 98.47 49.28 17.41
C VAL W 166 98.52 48.77 15.97
N GLN W 167 97.44 48.20 15.43
CA GLN W 167 97.34 47.72 14.02
C GLN W 167 96.43 48.72 13.32
N THR W 168 96.45 48.81 11.98
CA THR W 168 95.53 49.70 11.27
C THR W 168 95.00 49.01 10.02
N TYR W 169 93.68 48.81 9.94
CA TYR W 169 93.06 48.26 8.73
C TYR W 169 92.84 49.48 7.84
N SER W 170 93.94 50.06 7.38
CA SER W 170 93.86 51.30 6.57
C SER W 170 93.17 50.96 5.27
N VAL W 171 92.10 51.67 4.90
CA VAL W 171 91.46 51.48 3.58
C VAL W 171 92.11 52.51 2.65
N PHE W 172 93.41 52.36 2.34
CA PHE W 172 94.10 53.44 1.57
C PHE W 172 93.17 53.79 0.39
N PRO W 173 92.82 55.07 0.14
CA PRO W 173 91.84 55.39 -0.88
C PRO W 173 92.42 55.67 -2.26
N ASN W 174 92.04 54.85 -3.23
CA ASN W 174 92.45 55.07 -4.65
C ASN W 174 91.15 54.92 -5.44
N GLN W 175 90.64 56.00 -6.01
CA GLN W 175 89.37 55.99 -6.78
C GLN W 175 89.66 56.54 -8.16
N ASP W 176 90.90 56.37 -8.65
CA ASP W 176 91.35 56.92 -9.96
C ASP W 176 91.54 58.43 -9.78
N GLU W 177 91.62 58.90 -8.53
CA GLU W 177 91.74 60.34 -8.23
C GLU W 177 90.61 61.07 -8.95
N ASP W 180 84.43 63.95 -4.20
CA ASP W 180 85.85 64.20 -4.59
C ASP W 180 86.53 64.99 -3.47
N VAL W 181 87.83 64.80 -3.27
CA VAL W 181 88.62 65.60 -2.29
C VAL W 181 89.78 66.19 -3.09
N VAL W 182 89.89 67.51 -3.12
CA VAL W 182 90.97 68.20 -3.89
C VAL W 182 92.19 68.24 -2.97
N VAL W 183 91.98 68.12 -1.66
CA VAL W 183 93.07 68.11 -0.65
C VAL W 183 93.40 66.66 -0.31
N GLN W 184 92.84 65.69 -1.03
CA GLN W 184 93.02 64.27 -0.64
C GLN W 184 94.51 63.97 -0.49
N PRO W 185 95.43 64.34 -1.40
CA PRO W 185 96.83 63.95 -1.25
C PRO W 185 97.42 64.57 0.02
N TYR W 186 97.10 65.82 0.32
CA TYR W 186 97.65 66.51 1.51
C TYR W 186 97.21 65.76 2.77
N ASN W 187 95.93 65.39 2.83
CA ASN W 187 95.39 64.71 4.05
C ASN W 187 96.11 63.38 4.20
N SER W 188 96.21 62.62 3.12
CA SER W 188 96.85 61.28 3.14
C SER W 188 98.32 61.46 3.50
N LEU W 189 98.97 62.50 2.98
CA LEU W 189 100.42 62.64 3.20
C LEU W 189 100.61 62.71 4.71
N LEU W 190 99.83 63.54 5.38
CA LEU W 190 100.02 63.73 6.84
C LEU W 190 99.72 62.43 7.58
N THR W 191 98.70 61.66 7.18
CA THR W 191 98.30 60.45 7.92
C THR W 191 99.47 59.47 7.95
N LEU W 192 100.14 59.26 6.82
CA LEU W 192 101.21 58.23 6.74
C LEU W 192 102.34 58.60 7.69
N LYS W 193 102.72 59.87 7.79
CA LYS W 193 103.89 60.24 8.61
C LYS W 193 103.60 59.76 10.02
N ARG W 194 102.39 60.02 10.50
CA ARG W 194 102.00 59.55 11.84
C ARG W 194 102.01 58.02 11.80
N LEU W 195 101.45 57.42 10.75
CA LEU W 195 101.33 55.94 10.65
C LEU W 195 102.69 55.26 10.57
N THR W 196 103.71 55.85 9.97
CA THR W 196 105.04 55.22 9.80
C THR W 196 105.80 55.15 11.13
N GLN W 197 105.65 56.16 12.00
CA GLN W 197 106.43 56.22 13.28
C GLN W 197 105.57 55.85 14.48
N ASN W 198 104.25 55.87 14.38
CA ASN W 198 103.35 55.64 15.53
C ASN W 198 102.39 54.47 15.31
N ALA W 199 102.63 53.54 14.38
CA ALA W 199 101.80 52.31 14.19
C ALA W 199 102.70 51.06 14.15
N ASP W 200 102.45 50.08 15.02
CA ASP W 200 103.26 48.83 15.07
C ASP W 200 103.01 48.01 13.81
N CYS W 201 101.77 47.94 13.30
CA CYS W 201 101.41 47.20 12.05
C CYS W 201 100.37 47.98 11.24
N VAL W 202 100.27 47.83 9.94
CA VAL W 202 99.21 48.43 9.09
C VAL W 202 98.85 47.38 8.04
N VAL W 203 97.59 47.13 7.69
CA VAL W 203 97.16 46.18 6.62
C VAL W 203 96.55 47.07 5.55
N VAL W 204 97.09 47.06 4.35
CA VAL W 204 96.67 48.04 3.30
C VAL W 204 95.56 47.47 2.46
N LEU W 205 94.57 48.26 2.10
CA LEU W 205 93.52 47.86 1.14
C LEU W 205 93.37 49.02 0.15
N ASP W 206 92.79 48.79 -1.04
CA ASP W 206 92.70 49.84 -2.10
C ASP W 206 91.29 49.86 -2.69
N ASN W 207 90.68 51.04 -2.77
CA ASN W 207 89.30 51.20 -3.30
C ASN W 207 89.27 50.77 -4.76
N THR W 208 90.22 51.21 -5.57
CA THR W 208 90.29 50.87 -7.01
C THR W 208 90.55 49.38 -7.19
N ALA W 209 91.45 48.80 -6.40
CA ALA W 209 91.84 47.38 -6.55
C ALA W 209 90.58 46.55 -6.31
N LEU W 210 89.84 46.87 -5.26
CA LEU W 210 88.58 46.17 -4.94
C LEU W 210 87.50 46.51 -5.98
N ASN W 211 87.47 47.76 -6.45
CA ASN W 211 86.48 48.19 -7.47
C ASN W 211 86.74 47.38 -8.75
N ARG W 212 88.01 47.17 -9.09
CA ARG W 212 88.41 46.37 -10.27
C ARG W 212 87.97 44.93 -10.03
N ILE W 213 88.11 44.43 -8.81
CA ILE W 213 87.66 43.06 -8.45
C ILE W 213 86.15 43.00 -8.59
N ALA W 214 85.44 44.04 -8.15
CA ALA W 214 83.96 44.09 -8.20
C ALA W 214 83.53 44.05 -9.66
N THR W 215 84.21 44.80 -10.52
CA THR W 215 83.92 44.79 -11.97
C THR W 215 84.21 43.38 -12.48
N ASP W 216 85.28 42.75 -12.01
CA ASP W 216 85.66 41.38 -12.48
C ASP W 216 84.62 40.35 -12.04
N ARG W 217 84.42 40.15 -10.74
CA ARG W 217 83.50 39.09 -10.23
C ARG W 217 82.06 39.43 -10.56
N LEU W 218 81.69 40.71 -10.52
CA LEU W 218 80.27 41.13 -10.70
C LEU W 218 80.17 42.30 -11.68
N HIS W 219 78.94 42.67 -12.04
CA HIS W 219 78.69 43.81 -12.97
C HIS W 219 78.55 45.10 -12.17
N ILE W 220 78.57 45.01 -10.83
CA ILE W 220 78.38 46.20 -9.94
C ILE W 220 79.48 47.22 -10.26
N GLN W 221 79.11 48.45 -10.62
CA GLN W 221 80.10 49.54 -10.90
C GLN W 221 79.71 50.79 -10.12
N ASN W 222 78.48 51.29 -10.31
CA ASN W 222 78.01 52.55 -9.67
C ASN W 222 77.90 52.44 -8.14
N PRO W 223 77.34 51.37 -7.53
CA PRO W 223 77.25 51.27 -6.07
C PRO W 223 78.52 50.59 -5.55
N SER W 224 79.70 51.06 -5.95
CA SER W 224 80.98 50.40 -5.60
C SER W 224 81.15 50.36 -4.08
N PHE W 225 80.85 51.41 -3.32
CA PHE W 225 81.12 51.46 -1.85
C PHE W 225 80.31 50.42 -1.07
N SER W 226 79.02 50.24 -1.34
CA SER W 226 78.16 49.31 -0.57
C SER W 226 78.60 47.86 -0.76
N GLN W 227 78.84 47.44 -2.00
CA GLN W 227 79.25 46.04 -2.30
C GLN W 227 80.65 45.77 -1.81
N ILE W 228 81.58 46.73 -1.98
CA ILE W 228 83.01 46.56 -1.62
C ILE W 228 83.11 46.41 -0.11
N ASN W 229 82.14 46.93 0.64
CA ASN W 229 82.16 46.76 2.11
C ASN W 229 82.27 45.28 2.41
N GLN W 230 81.52 44.41 1.70
CA GLN W 230 81.49 42.94 1.93
C GLN W 230 82.90 42.39 1.64
N LEU W 231 83.55 42.89 0.60
CA LEU W 231 84.90 42.43 0.21
C LEU W 231 85.91 42.75 1.31
N VAL W 232 85.86 43.96 1.87
CA VAL W 232 86.80 44.41 2.93
C VAL W 232 86.53 43.53 4.14
N SER W 233 85.27 43.22 4.38
CA SER W 233 84.84 42.41 5.54
C SER W 233 85.38 40.99 5.47
N THR W 234 85.26 40.37 4.31
CA THR W 234 85.66 38.96 4.17
C THR W 234 87.15 38.91 4.50
N ILE W 235 87.93 39.88 4.02
CA ILE W 235 89.39 39.95 4.31
C ILE W 235 89.55 40.15 5.82
N MET W 236 88.78 41.08 6.41
CA MET W 236 88.97 41.44 7.84
C MET W 236 88.64 40.26 8.75
N SER W 237 87.52 39.56 8.53
CA SER W 237 87.14 38.42 9.39
C SER W 237 88.23 37.40 9.21
N ALA W 238 88.62 37.19 7.97
CA ALA W 238 89.59 36.14 7.63
C ALA W 238 90.95 36.41 8.27
N SER W 239 91.41 37.66 8.35
CA SER W 239 92.79 37.97 8.83
C SER W 239 92.94 37.55 10.29
N THR W 240 91.83 37.41 11.01
CA THR W 240 91.81 37.11 12.47
C THR W 240 91.34 35.69 12.77
N THR W 241 90.91 34.91 11.80
CA THR W 241 90.26 33.59 12.07
C THR W 241 91.20 32.65 12.82
N THR W 242 92.52 32.82 12.78
CA THR W 242 93.49 31.98 13.57
C THR W 242 93.34 32.19 15.08
N LEU W 243 93.08 33.39 15.54
CA LEU W 243 92.85 33.69 16.99
C LEU W 243 91.49 33.15 17.44
N ARG W 244 90.47 33.36 16.64
CA ARG W 244 89.06 33.07 17.02
C ARG W 244 88.78 31.57 17.03
N TYR W 245 89.68 30.70 16.58
CA TYR W 245 89.55 29.23 16.69
C TYR W 245 90.95 28.82 17.08
N PRO W 246 91.24 27.92 18.05
CA PRO W 246 92.62 27.68 18.48
C PRO W 246 93.47 26.84 17.53
N GLY W 247 94.78 26.78 17.73
CA GLY W 247 95.71 25.96 16.92
C GLY W 247 96.94 25.63 17.72
N TYR W 248 97.86 24.76 17.27
CA TYR W 248 99.14 24.56 17.97
C TYR W 248 99.97 25.82 17.79
N MET W 249 99.63 26.77 16.90
CA MET W 249 100.56 27.91 16.64
C MET W 249 99.81 29.10 16.07
N ASN W 250 100.34 30.32 16.19
CA ASN W 250 99.68 31.58 15.77
C ASN W 250 98.43 31.77 16.62
N ASN W 251 98.47 31.42 17.91
CA ASN W 251 97.27 31.43 18.81
C ASN W 251 96.90 32.87 19.10
N ASP W 252 97.86 33.80 19.13
CA ASP W 252 97.65 35.22 19.52
C ASP W 252 98.10 36.21 18.46
N LEU W 253 97.62 37.46 18.51
CA LEU W 253 97.98 38.48 17.48
C LEU W 253 99.48 38.70 17.34
N ILE W 254 100.23 38.93 18.41
CA ILE W 254 101.68 39.30 18.31
C ILE W 254 102.49 38.16 17.72
N GLY W 255 102.17 36.91 18.06
CA GLY W 255 102.95 35.77 17.57
C GLY W 255 102.88 35.76 16.07
N LEU W 256 101.70 36.03 15.51
CA LEU W 256 101.46 36.11 14.04
C LEU W 256 102.11 37.37 13.45
N ILE W 257 101.97 38.54 14.07
CA ILE W 257 102.45 39.85 13.51
C ILE W 257 103.95 39.77 13.19
N ALA W 258 104.78 39.12 13.99
CA ALA W 258 106.25 39.19 13.84
C ALA W 258 106.70 38.75 12.45
N SER W 259 106.19 37.64 11.94
CA SER W 259 106.65 37.07 10.64
C SER W 259 106.32 37.99 9.48
N LEU W 260 105.14 38.58 9.47
CA LEU W 260 104.65 39.48 8.39
C LEU W 260 105.47 40.78 8.31
N ILE W 261 105.95 41.38 9.43
CA ILE W 261 106.73 42.66 9.47
C ILE W 261 108.16 42.37 9.94
N PRO W 262 109.16 42.22 9.04
CA PRO W 262 110.53 41.88 9.41
C PRO W 262 111.33 43.06 9.95
N THR W 263 111.11 44.26 9.42
CA THR W 263 111.80 45.52 9.82
C THR W 263 110.70 46.49 10.26
N PRO W 264 110.88 47.30 11.32
CA PRO W 264 109.77 48.13 11.83
C PRO W 264 109.16 49.10 10.81
N ARG W 265 109.99 49.77 10.02
CA ARG W 265 109.52 50.79 9.07
C ARG W 265 108.58 50.16 8.04
N LEU W 266 108.93 48.99 7.50
CA LEU W 266 108.11 48.33 6.47
C LEU W 266 107.07 47.47 7.19
N HIS W 267 105.97 48.08 7.62
CA HIS W 267 104.91 47.37 8.38
C HIS W 267 103.59 47.35 7.61
N PHE W 268 103.62 47.55 6.30
CA PHE W 268 102.38 47.61 5.47
C PHE W 268 102.16 46.24 4.85
N LEU W 269 100.95 45.67 4.92
CA LEU W 269 100.68 44.28 4.48
C LEU W 269 99.68 44.21 3.33
N MET W 270 100.02 43.47 2.26
CA MET W 270 99.16 43.29 1.08
C MET W 270 98.14 42.18 1.35
N THR W 271 97.01 42.12 0.63
CA THR W 271 95.95 41.09 0.85
C THR W 271 95.68 40.32 -0.45
N GLY W 272 94.97 39.18 -0.37
CA GLY W 272 94.55 38.35 -1.52
C GLY W 272 93.56 37.31 -1.01
N TYR W 273 92.66 36.73 -1.82
CA TYR W 273 91.73 35.64 -1.39
C TYR W 273 91.55 34.65 -2.54
N THR W 274 91.81 33.35 -2.38
CA THR W 274 91.79 32.37 -3.52
C THR W 274 90.40 32.30 -4.15
N PRO W 275 89.26 32.11 -3.44
CA PRO W 275 87.94 32.21 -4.06
C PRO W 275 87.42 33.63 -3.85
N LEU W 276 88.03 34.63 -4.51
CA LEU W 276 87.48 36.01 -4.45
C LEU W 276 86.07 35.85 -5.01
N THR W 277 85.94 35.06 -6.09
CA THR W 277 84.65 34.82 -6.81
C THR W 277 83.91 33.64 -6.18
N THR W 278 83.81 33.58 -4.85
CA THR W 278 83.19 32.41 -4.16
C THR W 278 81.71 32.27 -4.54
N ASP W 279 80.93 33.35 -4.53
CA ASP W 279 79.48 33.29 -4.85
C ASP W 279 79.31 32.94 -6.33
N LYS W 287 86.00 19.06 -5.15
CA LYS W 287 86.68 19.81 -4.06
C LYS W 287 87.88 20.55 -4.64
N THR W 288 88.64 21.32 -3.86
CA THR W 288 89.89 21.97 -4.33
C THR W 288 91.04 21.53 -3.42
N THR W 289 92.12 20.98 -3.98
CA THR W 289 93.30 20.51 -3.21
C THR W 289 94.14 21.71 -2.77
N VAL W 290 94.93 21.56 -1.71
CA VAL W 290 95.76 22.68 -1.21
C VAL W 290 96.69 23.09 -2.33
N LEU W 291 97.22 22.16 -3.13
CA LEU W 291 98.22 22.56 -4.16
C LEU W 291 97.55 23.63 -5.02
N ASP W 292 96.26 23.47 -5.33
CA ASP W 292 95.52 24.42 -6.19
C ASP W 292 95.27 25.76 -5.52
N VAL W 293 94.81 25.78 -4.27
CA VAL W 293 94.36 27.06 -3.65
C VAL W 293 95.57 27.97 -3.44
N MET W 294 96.72 27.42 -3.13
CA MET W 294 97.97 28.17 -2.84
C MET W 294 98.37 28.64 -4.23
N ARG W 295 98.12 27.80 -5.23
CA ARG W 295 98.47 28.16 -6.63
C ARG W 295 97.88 29.54 -7.02
N ARG W 296 96.55 29.65 -6.99
CA ARG W 296 95.86 30.94 -7.28
C ARG W 296 96.02 32.06 -6.26
N LEU W 297 96.37 31.72 -5.03
CA LEU W 297 96.55 32.75 -3.97
C LEU W 297 97.66 33.69 -4.42
N LEU W 298 98.76 33.16 -4.99
CA LEU W 298 99.92 33.95 -5.48
C LEU W 298 99.58 34.71 -6.78
N GLN W 299 98.62 34.26 -7.58
CA GLN W 299 98.29 34.86 -8.90
C GLN W 299 97.81 36.30 -8.76
N PRO W 300 98.02 37.20 -9.77
CA PRO W 300 97.67 38.62 -9.65
C PRO W 300 96.19 38.98 -9.48
N LYS W 301 95.30 38.31 -10.21
CA LYS W 301 93.86 38.63 -10.15
C LYS W 301 93.39 38.42 -8.71
N ASN W 302 93.82 37.35 -8.05
CA ASN W 302 93.48 37.06 -6.63
C ASN W 302 94.03 38.15 -5.70
N VAL W 303 95.00 38.98 -6.14
CA VAL W 303 95.56 40.12 -5.34
C VAL W 303 94.57 41.30 -5.34
N MET W 304 94.40 42.00 -4.21
CA MET W 304 93.42 43.11 -4.04
C MET W 304 94.13 44.45 -3.82
N VAL W 305 95.38 44.60 -4.27
CA VAL W 305 96.16 45.87 -4.19
C VAL W 305 96.43 46.26 -5.64
N SER W 306 96.41 47.54 -6.03
CA SER W 306 96.50 47.96 -7.45
C SER W 306 97.91 48.43 -7.86
N THR W 313 113.51 48.45 -12.64
CA THR W 313 113.95 48.10 -11.28
C THR W 313 113.30 46.79 -10.86
N ASN W 314 114.06 45.87 -10.27
CA ASN W 314 113.55 44.57 -9.80
C ASN W 314 112.58 44.88 -8.67
N HIS W 315 111.58 44.05 -8.42
CA HIS W 315 110.68 44.22 -7.25
C HIS W 315 110.46 42.84 -6.66
N CYS W 316 110.35 42.74 -5.35
CA CYS W 316 110.26 41.43 -4.67
C CYS W 316 109.56 41.48 -3.32
N TYR W 317 108.79 40.46 -2.98
CA TYR W 317 108.18 40.30 -1.64
C TYR W 317 109.29 40.24 -0.56
N ILE W 318 109.12 40.93 0.57
CA ILE W 318 110.11 40.90 1.69
C ILE W 318 109.85 39.59 2.42
N ALA W 319 108.58 39.25 2.60
CA ALA W 319 108.14 37.95 3.23
C ALA W 319 106.70 37.61 2.82
N ILE W 320 106.25 36.35 3.01
CA ILE W 320 104.88 35.88 2.61
C ILE W 320 104.33 34.91 3.66
N LEU W 321 103.00 34.90 3.91
CA LEU W 321 102.31 33.94 4.83
C LEU W 321 100.94 33.61 4.22
N ASN W 322 100.38 32.41 4.48
CA ASN W 322 99.02 32.04 3.98
C ASN W 322 98.25 31.26 5.04
N ILE W 323 96.92 31.43 5.12
CA ILE W 323 96.04 30.68 6.08
C ILE W 323 94.91 30.07 5.26
N ILE W 324 94.58 28.79 5.45
CA ILE W 324 93.53 28.08 4.67
C ILE W 324 92.45 27.54 5.63
N GLN W 325 91.17 27.77 5.34
CA GLN W 325 90.06 27.27 6.20
C GLN W 325 89.08 26.44 5.37
N GLY W 326 89.04 25.13 5.60
CA GLY W 326 88.11 24.24 4.90
C GLY W 326 88.40 22.79 5.17
N GLU W 327 87.91 21.90 4.30
CA GLU W 327 88.21 20.45 4.38
C GLU W 327 89.58 20.26 3.75
N VAL W 328 90.64 20.54 4.49
CA VAL W 328 92.04 20.46 3.99
C VAL W 328 92.68 19.22 4.60
N ASP W 329 93.24 18.35 3.76
CA ASP W 329 93.96 17.15 4.25
C ASP W 329 95.25 17.65 4.90
N PRO W 330 95.63 17.18 6.11
CA PRO W 330 96.80 17.74 6.77
C PRO W 330 98.12 17.48 6.03
N THR W 331 98.34 16.27 5.52
CA THR W 331 99.60 15.89 4.84
C THR W 331 99.77 16.71 3.56
N GLN W 332 98.67 17.00 2.86
CA GLN W 332 98.72 17.70 1.55
C GLN W 332 99.34 19.09 1.71
N VAL W 333 99.17 19.76 2.84
CA VAL W 333 99.63 21.17 3.02
C VAL W 333 101.15 21.21 2.89
N HIS W 334 101.86 20.21 3.41
CA HIS W 334 103.34 20.10 3.23
C HIS W 334 103.67 19.93 1.75
N LYS W 335 102.91 19.11 1.03
CA LYS W 335 103.14 18.81 -0.39
C LYS W 335 102.80 20.03 -1.25
N SER W 336 101.93 20.93 -0.77
CA SER W 336 101.58 22.18 -1.51
C SER W 336 102.74 23.14 -1.44
N LEU W 337 103.35 23.31 -0.26
CA LEU W 337 104.51 24.23 -0.07
C LEU W 337 105.65 23.76 -0.97
N GLN W 338 105.91 22.45 -1.00
CA GLN W 338 107.00 21.88 -1.83
C GLN W 338 106.68 22.08 -3.32
N ARG W 339 105.43 21.88 -3.74
CA ARG W 339 105.01 22.10 -5.16
C ARG W 339 105.13 23.59 -5.48
N ILE W 340 104.73 24.47 -4.57
CA ILE W 340 104.81 25.96 -4.75
C ILE W 340 106.27 26.36 -4.86
N ARG W 341 107.18 25.66 -4.18
CA ARG W 341 108.64 25.93 -4.22
C ARG W 341 109.13 25.77 -5.67
N GLU W 342 108.61 24.76 -6.40
CA GLU W 342 109.03 24.47 -7.80
C GLU W 342 108.35 25.45 -8.78
N ARG W 343 107.04 25.69 -8.66
CA ARG W 343 106.28 26.61 -9.56
C ARG W 343 106.93 28.00 -9.52
N LYS W 344 107.50 28.43 -8.38
CA LYS W 344 108.17 29.74 -8.22
C LYS W 344 107.16 30.80 -8.65
N LEU W 345 105.89 30.62 -8.29
CA LEU W 345 104.83 31.57 -8.68
C LEU W 345 105.12 32.92 -8.04
N ALA W 346 105.88 32.84 -6.93
CA ALA W 346 106.37 34.00 -6.16
C ALA W 346 107.87 33.80 -5.95
N ASN W 347 108.71 34.74 -6.40
CA ASN W 347 110.18 34.69 -6.22
C ASN W 347 110.58 35.99 -5.56
N PHE W 348 111.39 35.94 -4.51
CA PHE W 348 111.76 37.15 -3.75
C PHE W 348 113.26 37.18 -3.48
N ILE W 349 113.84 38.36 -3.20
CA ILE W 349 115.28 38.52 -2.84
C ILE W 349 115.27 39.27 -1.51
N PRO W 350 114.87 38.61 -0.42
CA PRO W 350 114.91 39.26 0.87
C PRO W 350 116.38 39.46 1.29
N TRP W 351 116.71 40.54 1.99
CA TRP W 351 118.08 40.77 2.55
C TRP W 351 118.40 39.60 3.47
N GLY W 352 117.39 39.01 4.14
CA GLY W 352 117.55 37.87 5.08
C GLY W 352 116.74 36.64 4.67
N PRO W 353 117.07 35.40 5.13
CA PRO W 353 116.41 34.19 4.68
C PRO W 353 114.92 34.35 5.01
N ALA W 354 114.02 34.10 4.05
CA ALA W 354 112.56 34.23 4.23
C ALA W 354 111.89 33.03 3.58
N SER W 355 110.62 32.75 3.89
CA SER W 355 109.88 31.62 3.29
C SER W 355 108.36 31.86 3.19
N ILE W 356 107.66 31.22 2.24
CA ILE W 356 106.16 31.24 2.15
C ILE W 356 105.71 30.37 3.28
N GLN W 357 104.95 30.86 4.25
CA GLN W 357 104.65 30.03 5.43
C GLN W 357 103.22 29.47 5.28
N VAL W 358 102.99 28.16 5.47
CA VAL W 358 101.63 27.55 5.41
C VAL W 358 101.00 27.58 6.79
N ALA W 359 99.74 28.00 6.91
CA ALA W 359 98.99 28.00 8.17
C ALA W 359 97.61 27.44 7.87
N LEU W 360 96.88 26.83 8.80
CA LEU W 360 95.58 26.16 8.49
C LEU W 360 94.59 26.41 9.61
N SER W 361 93.29 26.58 9.33
CA SER W 361 92.23 26.91 10.33
C SER W 361 90.95 26.17 9.99
N ARG W 362 89.95 26.19 10.87
CA ARG W 362 88.68 25.46 10.66
C ARG W 362 87.60 26.41 10.18
N LYS W 363 86.95 26.11 9.06
CA LYS W 363 85.80 26.90 8.59
C LYS W 363 84.72 26.69 9.63
N SER W 364 83.89 27.69 9.89
CA SER W 364 82.84 27.64 10.94
C SER W 364 81.62 26.83 10.48
N PRO W 365 80.82 26.24 11.37
CA PRO W 365 79.60 25.53 10.97
C PRO W 365 78.50 26.59 10.85
N TYR W 366 77.30 26.13 10.73
CA TYR W 366 76.11 27.03 10.64
C TYR W 366 76.09 27.81 9.33
N LEU W 367 77.10 28.63 9.05
CA LEU W 367 77.15 29.46 7.82
C LEU W 367 77.52 28.54 6.66
N PRO W 368 77.29 28.92 5.38
CA PRO W 368 77.54 28.02 4.27
C PRO W 368 78.99 27.54 4.20
N SER W 369 79.23 26.32 3.71
CA SER W 369 80.57 25.71 3.57
C SER W 369 80.97 25.73 2.09
N ALA W 370 80.41 26.64 1.30
CA ALA W 370 80.66 26.72 -0.16
C ALA W 370 82.15 26.96 -0.36
N HIS W 371 82.73 26.28 -1.34
CA HIS W 371 84.18 26.41 -1.50
C HIS W 371 84.72 26.07 -0.13
N ARG W 372 84.55 24.81 0.25
CA ARG W 372 84.98 24.49 1.61
C ARG W 372 86.41 25.00 1.69
N VAL W 373 87.21 24.82 0.67
CA VAL W 373 88.58 25.32 0.87
C VAL W 373 88.68 26.76 0.40
N SER W 374 89.19 27.66 1.24
CA SER W 374 89.47 29.06 0.83
C SER W 374 90.70 29.50 1.60
N GLY W 375 91.55 30.32 1.02
CA GLY W 375 92.81 30.73 1.67
C GLY W 375 92.99 32.23 1.64
N LEU W 376 93.85 32.81 2.48
CA LEU W 376 94.07 34.28 2.36
C LEU W 376 95.56 34.54 2.46
N MET W 377 96.05 35.58 1.80
CA MET W 377 97.52 35.80 1.79
C MET W 377 97.83 37.15 2.39
N MET W 378 98.52 37.18 3.53
CA MET W 378 98.97 38.50 4.03
C MET W 378 100.47 38.53 3.75
N ALA W 379 100.98 39.51 3.01
CA ALA W 379 102.41 39.52 2.61
C ALA W 379 103.01 40.91 2.64
N ASN W 380 104.33 41.00 2.88
CA ASN W 380 105.07 42.29 2.88
C ASN W 380 105.63 42.38 1.48
N HIS W 381 105.13 43.29 0.64
CA HIS W 381 105.56 43.41 -0.77
C HIS W 381 106.05 44.84 -1.06
N THR W 382 107.16 45.02 -1.79
CA THR W 382 107.74 46.34 -2.11
C THR W 382 106.91 47.06 -3.17
N SER W 383 105.98 46.39 -3.83
CA SER W 383 105.09 47.03 -4.83
C SER W 383 104.24 48.10 -4.16
N ILE W 384 103.84 47.90 -2.90
CA ILE W 384 102.93 48.86 -2.20
C ILE W 384 103.63 50.22 -2.10
N SER W 385 104.96 50.26 -2.20
CA SER W 385 105.72 51.52 -2.19
C SER W 385 105.21 52.39 -3.33
N SER W 386 104.90 51.77 -4.46
CA SER W 386 104.44 52.50 -5.66
C SER W 386 103.14 53.25 -5.36
N LEU W 387 102.21 52.62 -4.63
CA LEU W 387 100.93 53.29 -4.29
C LEU W 387 101.22 54.51 -3.41
N PHE W 388 102.16 54.39 -2.47
CA PHE W 388 102.52 55.52 -1.59
C PHE W 388 103.11 56.65 -2.44
N GLU W 389 103.97 56.32 -3.40
CA GLU W 389 104.64 57.35 -4.25
C GLU W 389 103.62 58.08 -5.13
N ARG W 390 102.54 57.42 -5.57
CA ARG W 390 101.49 58.03 -6.45
C ARG W 390 100.76 59.16 -5.73
N THR W 391 100.42 58.98 -4.46
CA THR W 391 99.81 60.09 -3.67
C THR W 391 100.88 61.14 -3.41
N CYS W 392 102.14 60.73 -3.18
CA CYS W 392 103.28 61.66 -2.99
C CYS W 392 103.49 62.41 -4.30
N ARG W 393 103.26 61.78 -5.45
CA ARG W 393 103.36 62.42 -6.77
C ARG W 393 102.22 63.43 -6.90
N GLN W 394 101.07 63.11 -6.32
CA GLN W 394 99.94 64.02 -6.38
C GLN W 394 100.27 65.23 -5.50
N TYR W 395 100.67 65.05 -4.24
CA TYR W 395 100.88 66.20 -3.31
C TYR W 395 101.98 67.13 -3.77
N ASP W 396 103.09 66.61 -4.28
CA ASP W 396 104.22 67.46 -4.69
C ASP W 396 103.77 68.38 -5.81
N LYS W 397 103.08 67.85 -6.79
CA LYS W 397 102.59 68.66 -7.93
C LYS W 397 101.60 69.66 -7.37
N LEU W 398 100.69 69.20 -6.52
CA LEU W 398 99.65 70.09 -5.94
C LEU W 398 100.31 71.14 -5.07
N ARG W 399 101.42 70.83 -4.40
CA ARG W 399 102.16 71.75 -3.49
C ARG W 399 102.80 72.87 -4.30
N LYS W 400 103.41 72.53 -5.43
CA LYS W 400 104.11 73.54 -6.27
C LYS W 400 103.04 74.48 -6.78
N ARG W 401 101.88 73.94 -7.16
CA ARG W 401 100.76 74.80 -7.59
C ARG W 401 100.24 75.55 -6.37
N GLU W 402 100.19 74.87 -5.22
CA GLU W 402 99.59 75.47 -4.00
C GLU W 402 98.14 75.76 -4.35
N ALA W 403 97.57 74.95 -5.25
CA ALA W 403 96.20 75.17 -5.72
C ALA W 403 95.23 75.02 -4.54
N PHE W 404 95.50 74.05 -3.67
CA PHE W 404 94.56 73.80 -2.55
C PHE W 404 95.35 73.83 -1.24
N LEU W 405 95.77 75.02 -0.83
CA LEU W 405 96.46 75.16 0.48
C LEU W 405 95.36 75.28 1.53
N GLU W 406 94.09 75.30 1.09
CA GLU W 406 92.92 75.47 1.99
C GLU W 406 92.96 76.91 2.51
N GLN W 407 94.07 77.28 3.13
CA GLN W 407 94.22 78.63 3.72
C GLN W 407 92.97 78.90 4.55
N PHE W 408 92.21 77.84 4.81
CA PHE W 408 91.05 78.01 5.73
C PHE W 408 91.68 78.43 7.04
N ARG W 409 91.04 79.29 7.82
CA ARG W 409 91.70 79.84 9.03
C ARG W 409 92.07 78.66 9.92
N LYS W 410 91.22 77.65 10.02
CA LYS W 410 91.58 76.44 10.78
C LYS W 410 92.91 75.93 10.23
N GLU W 411 93.02 75.74 8.90
CA GLU W 411 94.23 75.15 8.28
C GLU W 411 95.45 76.05 8.52
N ASP W 412 95.34 77.36 8.29
CA ASP W 412 96.49 78.29 8.45
C ASP W 412 96.83 78.47 9.92
N MET W 413 95.84 78.69 10.78
CA MET W 413 96.09 78.94 12.23
C MET W 413 96.66 77.66 12.85
N PHE W 414 96.12 76.50 12.51
CA PHE W 414 96.65 75.21 13.01
C PHE W 414 98.06 75.03 12.44
N LYS W 415 98.26 75.35 11.16
CA LYS W 415 99.58 75.16 10.49
C LYS W 415 99.96 76.41 9.69
N ASP W 416 100.53 77.42 10.35
CA ASP W 416 100.99 78.66 9.67
C ASP W 416 102.26 78.33 8.88
N ASN W 417 103.22 77.60 9.48
CA ASN W 417 104.48 77.22 8.79
C ASN W 417 104.17 76.29 7.62
N PHE W 418 103.19 75.40 7.74
CA PHE W 418 102.85 74.38 6.71
C PHE W 418 104.05 73.45 6.56
N ASP W 419 104.87 73.29 7.62
CA ASP W 419 106.11 72.48 7.57
C ASP W 419 105.91 71.04 8.05
N GLU W 420 104.78 70.68 8.63
CA GLU W 420 104.49 69.27 8.99
C GLU W 420 104.31 68.49 7.68
N MET W 421 103.79 69.15 6.65
CA MET W 421 103.61 68.53 5.32
C MET W 421 105.00 68.21 4.78
N ASP W 422 105.96 69.13 4.92
CA ASP W 422 107.36 68.90 4.49
C ASP W 422 108.01 67.85 5.40
N THR W 423 107.73 67.87 6.71
CA THR W 423 108.26 66.86 7.65
C THR W 423 107.71 65.51 7.20
N SER W 424 106.44 65.49 6.84
CA SER W 424 105.78 64.25 6.36
C SER W 424 106.40 63.82 5.05
N ARG W 425 106.72 64.77 4.17
CA ARG W 425 107.25 64.46 2.83
C ARG W 425 108.62 63.78 2.97
N GLU W 426 109.50 64.27 3.85
CA GLU W 426 110.83 63.63 4.06
C GLU W 426 110.65 62.25 4.71
N ILE W 427 109.73 62.11 5.67
CA ILE W 427 109.54 60.82 6.39
C ILE W 427 109.00 59.76 5.40
N VAL W 428 108.03 60.11 4.57
CA VAL W 428 107.46 59.17 3.58
C VAL W 428 108.49 58.89 2.49
N GLN W 429 109.30 59.89 2.10
CA GLN W 429 110.39 59.69 1.11
C GLN W 429 111.42 58.73 1.69
N GLN W 430 111.71 58.85 2.99
CA GLN W 430 112.64 57.90 3.65
C GLN W 430 112.01 56.51 3.49
N LEU W 431 110.70 56.40 3.71
CA LEU W 431 109.97 55.12 3.56
C LEU W 431 110.05 54.64 2.12
N ILE W 432 109.85 55.53 1.15
CA ILE W 432 109.87 55.16 -0.29
C ILE W 432 111.28 54.65 -0.55
N ASP W 433 112.28 55.34 -0.04
CA ASP W 433 113.71 54.96 -0.22
C ASP W 433 113.97 53.62 0.48
N GLU W 434 113.50 53.48 1.70
CA GLU W 434 113.80 52.25 2.48
C GLU W 434 113.29 51.06 1.69
N TYR W 435 112.07 51.13 1.17
CA TYR W 435 111.47 50.00 0.44
C TYR W 435 112.45 49.59 -0.65
N HIS W 436 112.84 50.51 -1.52
CA HIS W 436 113.69 50.16 -2.68
C HIS W 436 115.02 49.64 -2.17
N ALA W 437 115.47 50.10 -1.02
CA ALA W 437 116.73 49.61 -0.41
C ALA W 437 116.52 48.15 -0.08
N ALA W 438 115.30 47.79 0.33
CA ALA W 438 114.98 46.38 0.66
C ALA W 438 115.20 45.52 -0.58
N THR W 439 114.82 46.00 -1.75
CA THR W 439 114.98 45.28 -3.03
C THR W 439 116.47 45.02 -3.25
N ARG W 440 117.32 45.96 -2.86
CA ARG W 440 118.78 45.88 -3.14
C ARG W 440 119.40 44.73 -2.33
N PRO W 441 120.60 44.23 -2.69
CA PRO W 441 121.28 43.21 -1.92
C PRO W 441 121.81 43.63 -0.54
N ASP W 442 121.88 44.92 -0.22
CA ASP W 442 122.52 45.39 1.06
C ASP W 442 121.56 46.16 1.97
N TYR W 443 120.53 45.54 2.54
CA TYR W 443 119.68 46.20 3.57
C TYR W 443 120.36 45.90 4.90
N ILE W 444 121.47 45.15 4.89
CA ILE W 444 122.29 44.92 6.10
C ILE W 444 122.79 46.29 6.51
N SER W 445 123.21 47.12 5.54
CA SER W 445 123.63 48.53 5.78
C SER W 445 122.36 49.33 6.05
N TRP W 446 122.48 50.56 6.55
CA TRP W 446 121.29 51.35 6.96
C TRP W 446 120.38 51.55 5.75
N GLY W 447 119.05 51.52 5.96
CA GLY W 447 118.08 51.69 4.86
C GLY W 447 117.77 53.15 4.61
N ARG X 3 69.80 37.45 73.33
CA ARG X 3 68.83 38.34 73.99
C ARG X 3 68.01 39.09 72.96
N GLU X 4 66.78 39.45 73.34
CA GLU X 4 65.83 40.13 72.42
C GLU X 4 66.34 41.53 72.11
N ILE X 5 66.10 42.02 70.89
CA ILE X 5 66.58 43.35 70.42
C ILE X 5 65.41 44.32 70.50
N ILE X 6 65.63 45.51 71.05
CA ILE X 6 64.57 46.56 71.17
C ILE X 6 64.93 47.67 70.19
N THR X 7 64.04 48.01 69.28
CA THR X 7 64.35 49.01 68.22
C THR X 7 63.70 50.33 68.61
N LEU X 8 64.52 51.35 68.80
CA LEU X 8 64.04 52.71 69.16
C LEU X 8 63.88 53.51 67.88
N GLN X 9 62.77 53.32 67.15
CA GLN X 9 62.50 54.06 65.91
C GLN X 9 62.02 55.45 66.32
N LEU X 10 62.63 56.52 65.82
CA LEU X 10 62.30 57.92 66.25
C LEU X 10 62.30 58.88 65.07
N GLY X 11 61.51 59.95 65.14
CA GLY X 11 61.48 60.99 64.09
C GLY X 11 60.56 60.56 62.97
N GLN X 12 60.01 61.48 62.18
CA GLN X 12 59.03 61.10 61.14
C GLN X 12 59.69 60.17 60.12
N CYS X 13 60.88 60.51 59.64
CA CYS X 13 61.60 59.69 58.64
C CYS X 13 61.96 58.33 59.25
N GLY X 14 62.48 58.33 60.47
CA GLY X 14 62.87 57.08 61.16
C GLY X 14 61.65 56.23 61.42
N ASN X 15 60.53 56.85 61.79
CA ASN X 15 59.26 56.14 62.08
C ASN X 15 58.70 55.54 60.80
N GLN X 16 58.94 56.16 59.65
CA GLN X 16 58.51 55.61 58.35
C GLN X 16 59.26 54.32 58.01
N ILE X 17 60.57 54.20 58.31
CA ILE X 17 61.38 53.01 57.88
C ILE X 17 61.25 51.88 58.91
N GLY X 18 60.90 52.17 60.15
CA GLY X 18 60.58 51.18 61.19
C GLY X 18 59.21 50.63 60.94
N PHE X 19 58.28 51.48 60.51
CA PHE X 19 56.90 51.04 60.21
C PHE X 19 57.01 49.96 59.13
N GLU X 20 57.73 50.26 58.06
CA GLU X 20 57.91 49.33 56.93
C GLU X 20 58.75 48.09 57.28
N PHE X 21 59.83 48.24 58.05
CA PHE X 21 60.73 47.12 58.39
C PHE X 21 59.93 46.07 59.17
N TRP X 22 59.12 46.50 60.12
CA TRP X 22 58.27 45.58 60.93
C TRP X 22 57.22 44.96 60.01
N LYS X 23 56.65 45.73 59.09
CA LYS X 23 55.65 45.21 58.12
C LYS X 23 56.33 44.18 57.23
N GLN X 24 57.58 44.43 56.85
CA GLN X 24 58.34 43.52 55.94
C GLN X 24 58.53 42.17 56.62
N LEU X 25 58.83 42.18 57.93
CA LEU X 25 58.99 40.94 58.75
C LEU X 25 57.61 40.44 59.15
N CYS X 26 56.53 41.21 58.96
CA CYS X 26 55.18 40.65 59.22
C CYS X 26 54.91 39.59 58.17
N ALA X 27 54.94 39.96 56.89
CA ALA X 27 54.68 39.03 55.77
C ALA X 27 55.78 37.96 55.73
N GLU X 28 57.04 38.33 55.91
CA GLU X 28 58.18 37.38 55.78
C GLU X 28 58.05 36.31 56.84
N HIS X 29 57.74 36.70 58.06
CA HIS X 29 57.51 35.74 59.15
C HIS X 29 56.07 35.30 59.08
N GLY X 30 55.68 34.35 59.94
CA GLY X 30 54.28 33.91 60.02
C GLY X 30 53.48 34.82 60.92
N ILE X 31 53.17 36.04 60.48
CA ILE X 31 52.40 37.03 61.27
C ILE X 31 51.39 37.70 60.34
N SER X 32 50.18 38.02 60.81
CA SER X 32 49.13 38.69 60.02
C SER X 32 49.16 40.18 60.39
N PRO X 33 48.30 41.11 59.87
CA PRO X 33 48.28 42.50 60.33
C PRO X 33 47.78 42.70 61.77
N GLU X 34 47.11 41.72 62.38
CA GLU X 34 46.65 41.80 63.79
C GLU X 34 47.66 41.11 64.71
N GLY X 35 48.85 40.68 64.20
CA GLY X 35 49.96 40.03 64.96
C GLY X 35 49.66 38.54 65.22
N ILE X 36 48.52 38.03 64.70
CA ILE X 36 48.08 36.64 65.00
C ILE X 36 48.95 35.68 64.19
N VAL X 37 49.26 34.52 64.75
CA VAL X 37 50.03 33.50 63.99
C VAL X 37 49.21 33.18 62.75
N GLU X 38 49.84 33.14 61.58
CA GLU X 38 49.14 32.87 60.31
C GLU X 38 48.78 31.39 60.25
N GLU X 39 47.56 31.07 59.80
N GLU X 39 47.52 31.16 59.79
CA GLU X 39 47.10 29.66 59.67
CA GLU X 39 47.06 29.76 59.66
C GLU X 39 47.95 28.96 58.62
C GLU X 39 47.91 29.04 58.61
N PHE X 40 48.34 29.63 57.54
CA PHE X 40 49.07 28.97 56.42
C PHE X 40 50.39 28.39 56.94
N ALA X 41 51.08 29.08 57.85
CA ALA X 41 52.40 28.62 58.31
C ALA X 41 52.25 27.23 58.93
N THR X 45 59.89 27.52 62.02
CA THR X 45 61.26 27.06 61.64
C THR X 45 62.20 28.25 61.78
N ASP X 46 61.72 29.37 62.30
CA ASP X 46 62.50 30.63 62.40
C ASP X 46 62.75 30.99 63.86
N ARG X 47 63.76 31.80 64.19
CA ARG X 47 64.01 32.26 65.57
C ARG X 47 63.29 33.60 65.71
N LYS X 48 62.02 33.57 66.05
CA LYS X 48 61.21 34.82 66.19
C LYS X 48 61.39 35.40 67.58
N ASP X 49 62.09 34.71 68.47
CA ASP X 49 62.24 35.17 69.88
C ASP X 49 62.94 36.52 69.93
N VAL X 50 64.00 36.74 69.16
CA VAL X 50 64.80 38.00 69.29
C VAL X 50 63.96 39.21 68.92
N PHE X 51 63.33 39.18 67.75
CA PHE X 51 62.68 40.39 67.20
C PHE X 51 61.24 40.52 67.67
N PHE X 52 60.56 39.42 67.92
CA PHE X 52 59.11 39.47 68.27
C PHE X 52 58.86 38.98 69.68
N TYR X 53 58.20 39.79 70.53
CA TYR X 53 57.76 39.38 71.89
C TYR X 53 56.69 38.31 71.68
N GLN X 54 56.65 37.25 72.48
CA GLN X 54 55.72 36.11 72.25
C GLN X 54 54.59 36.17 73.26
N ALA X 55 53.37 36.53 72.83
CA ALA X 55 52.18 36.54 73.70
C ALA X 55 51.67 35.10 73.83
N ASP X 56 50.85 34.81 74.84
CA ASP X 56 50.31 33.46 75.10
C ASP X 56 49.46 33.01 73.90
N ASP X 57 48.68 33.92 73.30
CA ASP X 57 47.75 33.60 72.18
C ASP X 57 48.48 33.86 70.86
N GLU X 58 49.82 33.99 70.88
CA GLU X 58 50.66 34.12 69.66
C GLU X 58 50.53 35.53 69.06
N HIS X 59 50.11 36.54 69.82
CA HIS X 59 50.18 37.94 69.33
C HIS X 59 51.66 38.32 69.34
N TYR X 60 52.48 37.87 68.38
CA TYR X 60 53.93 38.15 68.35
C TYR X 60 54.05 39.65 68.09
N ILE X 61 54.21 40.46 69.14
CA ILE X 61 54.21 41.95 69.00
C ILE X 61 55.66 42.41 68.89
N PRO X 62 56.09 43.18 67.86
CA PRO X 62 57.45 43.64 67.83
C PRO X 62 57.75 44.50 69.06
N ARG X 63 58.99 44.46 69.56
CA ARG X 63 59.42 45.33 70.69
C ARG X 63 59.83 46.68 70.12
N ALA X 64 58.94 47.35 69.42
CA ALA X 64 59.23 48.64 68.77
C ALA X 64 58.98 49.75 69.79
N VAL X 65 59.86 50.74 69.87
CA VAL X 65 59.64 51.95 70.73
C VAL X 65 59.42 53.07 69.72
N LEU X 66 58.21 53.59 69.59
CA LEU X 66 57.90 54.64 68.59
C LEU X 66 57.88 55.97 69.34
N LEU X 67 58.79 56.90 69.02
CA LEU X 67 58.85 58.23 69.66
C LEU X 67 58.32 59.24 68.64
N ASP X 68 57.31 60.03 69.01
CA ASP X 68 56.72 61.02 68.10
C ASP X 68 57.08 62.40 68.63
N LEU X 69 57.47 63.33 67.76
CA LEU X 69 57.71 64.73 68.17
C LEU X 69 56.99 65.60 67.16
N GLU X 70 56.14 66.53 67.61
CA GLU X 70 55.32 67.35 66.68
C GLU X 70 54.67 66.34 65.72
N PRO X 71 53.93 65.33 66.22
CA PRO X 71 53.44 64.25 65.36
C PRO X 71 52.46 64.55 64.22
N ARG X 72 52.71 63.99 63.04
CA ARG X 72 51.78 64.08 61.87
C ARG X 72 51.72 62.69 61.25
N VAL X 73 52.88 62.10 60.90
CA VAL X 73 52.98 60.76 60.27
C VAL X 73 52.87 59.68 61.35
N ILE X 74 52.85 60.06 62.63
CA ILE X 74 52.64 59.05 63.70
C ILE X 74 51.13 58.80 63.76
N HIS X 75 50.33 59.79 63.40
CA HIS X 75 48.85 59.64 63.34
C HIS X 75 48.47 58.71 62.19
N SER X 76 49.09 58.84 61.02
CA SER X 76 48.89 57.97 59.83
C SER X 76 49.31 56.53 60.16
N ILE X 77 50.38 56.34 60.95
CA ILE X 77 50.85 54.99 61.37
C ILE X 77 49.71 54.36 62.18
N LEU X 78 49.06 55.13 63.05
CA LEU X 78 47.93 54.65 63.89
C LEU X 78 46.73 54.24 63.03
N ASN X 79 46.36 55.01 62.00
CA ASN X 79 45.24 54.58 61.12
C ASN X 79 45.80 53.62 60.06
N SER X 80 46.17 52.40 60.47
CA SER X 80 46.70 51.37 59.55
C SER X 80 46.13 50.01 59.95
N PRO X 81 46.08 48.99 59.07
CA PRO X 81 45.65 47.64 59.46
C PRO X 81 46.60 47.02 60.48
N TYR X 82 47.84 47.48 60.55
CA TYR X 82 48.89 46.90 61.41
C TYR X 82 48.96 47.61 62.77
N ALA X 83 48.02 48.51 63.06
CA ALA X 83 48.00 49.24 64.34
C ALA X 83 47.94 48.24 65.49
N LYS X 84 47.16 47.17 65.36
CA LYS X 84 47.05 46.11 66.38
C LYS X 84 48.36 45.32 66.46
N LEU X 85 49.07 45.15 65.34
CA LEU X 85 50.28 44.29 65.32
C LEU X 85 51.31 44.85 66.31
N TYR X 86 51.54 46.16 66.29
CA TYR X 86 52.50 46.82 67.21
C TYR X 86 51.64 47.47 68.29
N ASN X 87 51.43 46.79 69.43
CA ASN X 87 50.70 47.40 70.56
C ASN X 87 51.46 47.14 71.86
N PRO X 88 52.67 47.74 72.06
CA PRO X 88 53.29 47.73 73.37
C PRO X 88 52.63 48.95 74.03
N GLU X 89 51.73 49.67 73.33
CA GLU X 89 51.00 50.81 73.90
C GLU X 89 52.05 51.78 74.45
N ASN X 90 53.08 52.07 73.66
CA ASN X 90 54.22 52.93 74.11
C ASN X 90 54.55 54.00 73.06
N ILE X 91 53.66 54.97 72.82
CA ILE X 91 53.92 56.12 71.89
C ILE X 91 53.69 57.38 72.72
N TYR X 92 54.64 58.31 72.80
CA TYR X 92 54.54 59.50 73.70
C TYR X 92 54.70 60.84 72.97
N LEU X 93 53.83 61.82 73.25
CA LEU X 93 53.91 63.19 72.65
C LEU X 93 54.83 64.06 73.51
N GLY X 101 60.74 70.92 66.18
CA GLY X 101 61.38 71.92 65.29
C GLY X 101 62.29 71.26 64.27
N ASN X 102 62.76 72.03 63.28
CA ASN X 102 63.62 71.49 62.21
C ASN X 102 65.09 71.72 62.59
N ASN X 103 65.36 72.13 63.83
CA ASN X 103 66.75 72.43 64.29
C ASN X 103 67.29 71.30 65.17
N TRP X 104 68.61 71.03 65.09
CA TRP X 104 69.25 69.98 65.92
C TRP X 104 69.11 70.39 67.37
N ALA X 105 69.38 71.65 67.67
CA ALA X 105 69.21 72.19 69.04
C ALA X 105 67.74 72.11 69.43
N SER X 106 66.83 72.42 68.51
CA SER X 106 65.37 72.42 68.79
C SER X 106 64.92 71.02 69.21
N GLY X 107 65.43 69.95 68.61
CA GLY X 107 65.10 68.54 68.89
C GLY X 107 65.72 68.09 70.20
N PHE X 108 66.97 68.47 70.46
CA PHE X 108 67.71 68.06 71.67
C PHE X 108 67.04 68.60 72.93
N SER X 109 66.60 69.85 72.90
CA SER X 109 65.93 70.51 74.06
C SER X 109 64.58 69.85 74.35
N GLN X 110 63.81 69.56 73.30
CA GLN X 110 62.46 68.96 73.46
C GLN X 110 62.63 67.57 74.10
N GLY X 111 63.65 66.83 73.71
CA GLY X 111 63.90 65.48 74.25
C GLY X 111 64.22 65.52 75.73
N GLU X 112 64.98 66.52 76.19
CA GLU X 112 65.44 66.63 77.61
C GLU X 112 64.30 66.72 78.64
N LYS X 113 63.22 67.46 78.36
CA LYS X 113 62.06 67.61 79.30
C LYS X 113 61.25 66.30 79.42
N ILE X 114 61.16 65.54 78.35
CA ILE X 114 60.36 64.27 78.32
C ILE X 114 61.29 63.07 78.47
N HIS X 115 62.55 63.27 78.84
CA HIS X 115 63.54 62.15 78.84
C HIS X 115 63.09 61.01 79.76
N GLU X 116 62.58 61.30 80.95
CA GLU X 116 62.24 60.26 81.98
C GLU X 116 61.07 59.35 81.63
N ASP X 117 60.00 59.86 81.00
CA ASP X 117 58.83 59.03 80.57
C ASP X 117 59.21 58.19 79.36
N ILE X 118 59.97 58.76 78.41
CA ILE X 118 60.44 57.98 77.24
C ILE X 118 61.41 56.92 77.77
N PHE X 119 62.23 57.26 78.77
CA PHE X 119 63.22 56.32 79.36
C PHE X 119 62.53 55.23 80.18
N ASP X 120 61.39 55.51 80.82
CA ASP X 120 60.59 54.48 81.56
C ASP X 120 60.00 53.50 80.55
N ILE X 121 59.59 54.00 79.38
CA ILE X 121 59.04 53.16 78.27
C ILE X 121 60.17 52.20 77.84
N ILE X 122 61.42 52.67 77.85
CA ILE X 122 62.61 51.79 77.54
C ILE X 122 62.69 50.76 78.66
N ASP X 123 62.53 51.19 79.91
CA ASP X 123 62.67 50.28 81.08
C ASP X 123 61.62 49.17 81.01
N ARG X 124 60.35 49.53 80.84
CA ARG X 124 59.22 48.57 80.78
C ARG X 124 59.63 47.41 79.89
N GLU X 125 60.03 47.68 78.66
CA GLU X 125 60.35 46.62 77.69
C GLU X 125 61.56 45.82 78.22
N ALA X 126 62.55 46.49 78.79
CA ALA X 126 63.78 45.82 79.29
C ALA X 126 63.39 44.85 80.40
N ASP X 127 62.48 45.25 81.27
CA ASP X 127 61.99 44.40 82.38
C ASP X 127 61.18 43.25 81.80
N GLY X 128 60.32 43.52 80.80
CA GLY X 128 59.41 42.51 80.21
C GLY X 128 60.16 41.39 79.53
N SER X 129 61.24 41.71 78.84
CA SER X 129 62.04 40.72 78.07
C SER X 129 62.81 39.81 79.01
N ASP X 130 63.11 38.58 78.59
CA ASP X 130 63.96 37.68 79.39
C ASP X 130 65.30 38.40 79.51
N SER X 131 65.72 39.06 78.43
CA SER X 131 67.03 39.75 78.38
C SER X 131 67.00 40.80 77.26
N LEU X 132 67.95 41.75 77.24
CA LEU X 132 68.06 42.82 76.21
C LEU X 132 69.51 42.94 75.71
N GLU X 133 69.84 42.66 74.44
CA GLU X 133 71.27 42.66 73.97
C GLU X 133 71.67 43.98 73.29
N GLY X 134 70.77 44.63 72.56
CA GLY X 134 71.17 45.85 71.82
C GLY X 134 70.00 46.75 71.53
N PHE X 135 70.26 48.04 71.28
CA PHE X 135 69.21 49.04 70.95
C PHE X 135 69.44 49.47 69.52
N VAL X 136 68.55 49.11 68.59
CA VAL X 136 68.76 49.38 67.14
C VAL X 136 67.92 50.60 66.77
N LEU X 137 68.55 51.72 66.44
CA LEU X 137 67.80 52.98 66.21
C LEU X 137 67.53 53.22 64.73
N CYS X 138 66.28 53.41 64.31
CA CYS X 138 65.99 53.84 62.91
C CYS X 138 66.24 55.34 62.87
N HIS X 139 67.48 55.78 63.08
CA HIS X 139 67.85 57.21 63.19
C HIS X 139 67.81 57.94 61.85
N SER X 140 67.44 59.22 61.85
CA SER X 140 67.51 60.09 60.65
C SER X 140 68.55 61.17 60.95
N ILE X 141 69.64 61.28 60.19
CA ILE X 141 70.72 62.30 60.40
C ILE X 141 70.19 63.60 59.81
N ALA X 142 70.41 64.75 60.46
CA ALA X 142 69.86 66.04 60.01
C ALA X 142 68.39 65.78 59.70
N GLY X 143 67.68 65.18 60.65
CA GLY X 143 66.26 64.79 60.48
C GLY X 143 65.32 65.79 61.10
N GLY X 144 65.74 67.05 61.26
CA GLY X 144 64.90 68.04 61.96
C GLY X 144 64.69 67.54 63.38
N THR X 145 63.48 67.14 63.73
CA THR X 145 63.18 66.58 65.07
C THR X 145 63.98 65.29 65.27
N GLY X 146 64.12 64.46 64.23
CA GLY X 146 64.78 63.15 64.35
C GLY X 146 66.21 63.29 64.84
N SER X 147 66.97 64.25 64.33
CA SER X 147 68.35 64.52 64.82
C SER X 147 68.20 65.44 66.03
N GLY X 148 69.19 65.51 66.91
CA GLY X 148 69.05 66.28 68.16
C GLY X 148 68.33 65.44 69.20
N LEU X 149 67.09 65.02 68.95
CA LEU X 149 66.41 64.10 69.90
C LEU X 149 67.17 62.78 69.85
N GLY X 150 67.62 62.36 68.67
CA GLY X 150 68.25 61.04 68.51
C GLY X 150 69.63 61.01 69.12
N SER X 151 70.39 62.10 69.03
CA SER X 151 71.75 62.27 69.61
C SER X 151 71.63 62.22 71.12
N TYR X 152 70.65 62.93 71.68
CA TYR X 152 70.48 62.99 73.15
C TYR X 152 70.14 61.61 73.70
N LEU X 153 69.23 60.91 73.03
CA LEU X 153 68.78 59.57 73.48
C LEU X 153 69.94 58.61 73.28
N LEU X 154 70.82 58.88 72.31
CA LEU X 154 72.01 58.05 72.06
C LEU X 154 72.95 58.18 73.26
N GLU X 155 73.08 59.38 73.82
CA GLU X 155 73.99 59.64 74.97
C GLU X 155 73.45 59.01 76.25
N ARG X 156 72.15 59.06 76.49
CA ARG X 156 71.55 58.50 77.73
C ARG X 156 71.67 56.97 77.76
N LEU X 157 71.45 56.32 76.62
CA LEU X 157 71.39 54.84 76.58
C LEU X 157 72.71 54.21 77.00
N ASN X 158 73.84 54.71 76.55
CA ASN X 158 75.15 54.08 76.86
C ASN X 158 75.42 54.18 78.37
N ASP X 159 75.13 55.32 78.98
CA ASP X 159 75.40 55.54 80.42
C ASP X 159 74.57 54.54 81.23
N ARG X 160 73.28 54.41 80.91
CA ARG X 160 72.35 53.50 81.64
C ARG X 160 72.69 52.04 81.36
N TYR X 161 73.09 51.69 80.15
CA TYR X 161 73.39 50.30 79.78
C TYR X 161 74.85 50.25 79.35
N PRO X 162 75.83 50.25 80.28
CA PRO X 162 77.22 50.11 79.89
C PRO X 162 77.48 48.82 79.10
N LYS X 163 77.04 47.66 79.60
CA LYS X 163 77.33 46.35 78.97
C LYS X 163 76.63 46.20 77.62
N LYS X 164 75.47 46.82 77.42
CA LYS X 164 74.67 46.65 76.18
C LYS X 164 75.33 47.44 75.05
N LEU X 165 74.95 47.22 73.79
CA LEU X 165 75.54 47.89 72.58
C LEU X 165 74.47 48.74 71.91
N VAL X 166 74.80 49.76 71.08
CA VAL X 166 73.77 50.49 70.29
C VAL X 166 74.18 50.49 68.81
N GLN X 167 73.29 50.13 67.89
CA GLN X 167 73.54 50.14 66.42
C GLN X 167 72.74 51.33 65.86
N THR X 168 73.05 51.85 64.68
CA THR X 168 72.25 52.93 64.09
C THR X 168 72.05 52.70 62.61
N TYR X 169 70.81 52.54 62.17
CA TYR X 169 70.52 52.43 60.72
C TYR X 169 70.42 53.87 60.25
N SER X 170 71.54 54.57 60.28
CA SER X 170 71.56 56.00 59.91
C SER X 170 71.20 56.12 58.46
N VAL X 171 70.19 56.90 58.09
CA VAL X 171 69.88 57.16 56.66
C VAL X 171 70.63 58.44 56.30
N PHE X 172 71.98 58.41 56.28
CA PHE X 172 72.73 59.68 56.08
C PHE X 172 72.07 60.40 54.91
N PRO X 173 71.68 61.69 54.99
CA PRO X 173 70.93 62.34 53.92
C PRO X 173 71.78 63.05 52.89
N ASN X 174 71.70 62.61 51.64
CA ASN X 174 72.39 63.29 50.52
C ASN X 174 71.31 63.40 49.43
N GLN X 175 70.87 64.61 49.13
CA GLN X 175 69.80 64.86 48.13
C GLN X 175 70.36 65.84 47.11
N ASP X 176 71.68 65.84 46.90
CA ASP X 176 72.37 66.79 45.98
C ASP X 176 72.40 68.15 46.69
N GLU X 177 72.15 68.18 48.00
CA GLU X 177 72.10 69.45 48.77
C GLU X 177 71.10 70.38 48.08
N ASP X 180 63.82 71.53 51.90
CA ASP X 180 65.25 71.89 51.95
C ASP X 180 65.60 72.26 53.39
N VAL X 181 66.84 72.00 53.83
CA VAL X 181 67.32 72.43 55.17
C VAL X 181 68.58 73.25 54.90
N VAL X 182 68.60 74.52 55.32
CA VAL X 182 69.76 75.42 55.11
C VAL X 182 70.74 75.16 56.25
N VAL X 183 70.25 74.60 57.35
CA VAL X 183 71.10 74.26 58.53
C VAL X 183 71.44 72.77 58.46
N GLN X 184 71.14 72.09 57.35
CA GLN X 184 71.34 70.63 57.30
C GLN X 184 72.77 70.30 57.68
N PRO X 185 73.84 70.95 57.19
CA PRO X 185 75.20 70.53 57.54
C PRO X 185 75.44 70.69 59.05
N TYR X 186 74.95 71.78 59.64
CA TYR X 186 75.18 72.03 61.08
C TYR X 186 74.53 70.90 61.88
N ASN X 187 73.30 70.53 61.53
CA ASN X 187 72.56 69.49 62.29
C ASN X 187 73.32 68.18 62.17
N SER X 188 73.72 67.83 60.95
CA SER X 188 74.45 66.56 60.70
C SER X 188 75.78 66.60 61.44
N LEU X 189 76.44 67.76 61.45
CA LEU X 189 77.80 67.81 62.04
C LEU X 189 77.64 67.37 63.49
N LEU X 190 76.66 67.93 64.19
CA LEU X 190 76.50 67.64 65.63
C LEU X 190 76.16 66.15 65.81
N THR X 191 75.31 65.58 64.96
CA THR X 191 74.85 64.18 65.15
C THR X 191 76.05 63.25 65.13
N LEU X 192 76.98 63.43 64.19
CA LEU X 192 78.11 62.48 64.04
C LEU X 192 78.98 62.51 65.30
N LYS X 193 79.21 63.68 65.89
CA LYS X 193 80.15 63.75 67.04
C LYS X 193 79.59 62.83 68.10
N ARG X 194 78.28 62.91 68.35
CA ARG X 194 77.64 62.02 69.33
C ARG X 194 77.78 60.60 68.81
N LEU X 195 77.52 60.38 67.52
CA LEU X 195 77.53 59.02 66.92
C LEU X 195 78.93 58.40 66.94
N THR X 196 80.01 59.17 66.82
CA THR X 196 81.39 58.62 66.79
C THR X 196 81.83 58.12 68.16
N GLN X 197 81.41 58.77 69.25
CA GLN X 197 81.88 58.41 70.62
C GLN X 197 80.81 57.65 71.41
N ASN X 198 79.55 57.72 70.99
CA ASN X 198 78.43 57.12 71.76
C ASN X 198 77.63 56.08 70.96
N ALA X 199 78.16 55.52 69.87
CA ALA X 199 77.49 54.42 69.11
C ALA X 199 78.47 53.26 68.87
N ASP X 200 78.11 52.03 69.28
CA ASP X 200 78.98 50.82 69.12
C ASP X 200 79.07 50.43 67.65
N CYS X 201 77.99 50.59 66.87
CA CYS X 201 77.98 50.31 65.40
C CYS X 201 77.09 51.32 64.66
N VAL X 202 77.33 51.60 63.35
CA VAL X 202 76.45 52.45 62.51
C VAL X 202 76.41 51.82 61.13
N VAL X 203 75.25 51.70 60.48
CA VAL X 203 75.14 51.16 59.09
C VAL X 203 74.72 52.35 58.26
N VAL X 204 75.51 52.75 57.26
CA VAL X 204 75.26 54.01 56.53
C VAL X 204 74.42 53.75 55.31
N LEU X 205 73.47 54.62 55.01
CA LEU X 205 72.69 54.57 53.74
C LEU X 205 72.69 55.98 53.17
N ASP X 206 72.41 56.17 51.88
CA ASP X 206 72.47 57.50 51.22
C ASP X 206 71.23 57.73 50.36
N ASN X 207 70.56 58.86 50.52
CA ASN X 207 69.33 59.18 49.76
C ASN X 207 69.66 59.26 48.28
N THR X 208 70.74 59.95 47.90
CA THR X 208 71.15 60.10 46.48
C THR X 208 71.55 58.76 45.90
N ALA X 209 72.30 57.95 46.65
CA ALA X 209 72.81 56.66 46.15
C ALA X 209 71.61 55.79 45.81
N LEU X 210 70.63 55.76 46.69
CA LEU X 210 69.38 54.98 46.46
C LEU X 210 68.55 55.65 45.36
N ASN X 211 68.52 56.99 45.33
CA ASN X 211 67.76 57.74 44.30
C ASN X 211 68.35 57.39 42.93
N ARG X 212 69.69 57.31 42.85
CA ARG X 212 70.40 56.94 41.60
C ARG X 212 70.03 55.51 41.25
N ILE X 213 69.93 54.63 42.24
CA ILE X 213 69.51 53.21 42.02
C ILE X 213 68.09 53.21 41.52
N ALA X 214 67.22 54.04 42.10
CA ALA X 214 65.79 54.12 41.71
C ALA X 214 65.69 54.56 40.25
N THR X 215 66.49 55.56 39.87
CA THR X 215 66.54 56.02 38.47
C THR X 215 67.04 54.85 37.62
N ASP X 216 68.03 54.11 38.10
CA ASP X 216 68.60 52.97 37.32
C ASP X 216 67.58 51.86 37.14
N ARG X 217 67.10 51.24 38.21
CA ARG X 217 66.18 50.07 38.13
C ARG X 217 64.83 50.50 37.59
N LEU X 218 64.36 51.69 37.96
CA LEU X 218 62.99 52.16 37.59
C LEU X 218 63.02 53.57 37.05
N HIS X 219 61.88 54.06 36.54
CA HIS X 219 61.75 55.44 36.00
C HIS X 219 61.35 56.39 37.12
N ILE X 220 61.07 55.87 38.32
CA ILE X 220 60.59 56.69 39.47
C ILE X 220 61.65 57.75 39.77
N GLN X 221 61.28 59.03 39.75
CA GLN X 221 62.22 60.15 40.08
C GLN X 221 61.56 61.08 41.11
N ASN X 222 60.38 61.62 40.81
CA ASN X 222 59.67 62.59 41.68
C ASN X 222 59.23 61.98 43.03
N PRO X 223 58.64 60.76 43.11
CA PRO X 223 58.23 60.18 44.39
C PRO X 223 59.40 59.37 44.95
N SER X 224 60.60 59.94 45.01
CA SER X 224 61.82 59.20 45.43
C SER X 224 61.66 58.65 46.85
N PHE X 225 61.10 59.40 47.81
CA PHE X 225 61.04 58.96 49.24
C PHE X 225 60.15 57.72 49.43
N SER X 226 58.98 57.64 48.81
CA SER X 226 58.04 56.50 49.02
C SER X 226 58.63 55.20 48.47
N GLN X 227 59.17 55.22 47.27
CA GLN X 227 59.73 54.01 46.63
C GLN X 227 61.02 53.57 47.32
N ILE X 228 61.87 54.54 47.69
CA ILE X 228 63.20 54.25 48.32
C ILE X 228 62.97 53.62 49.68
N ASN X 229 61.83 53.85 50.29
CA ASN X 229 61.54 53.22 51.60
C ASN X 229 61.69 51.71 51.41
N GLN X 230 61.18 51.14 50.31
CA GLN X 230 61.22 49.66 50.04
C GLN X 230 62.69 49.24 49.93
N LEU X 231 63.52 50.06 49.29
CA LEU X 231 64.97 49.75 49.10
C LEU X 231 65.66 49.70 50.46
N VAL X 232 65.39 50.65 51.34
CA VAL X 232 66.04 50.72 52.68
C VAL X 232 65.58 49.49 53.45
N SER X 233 64.32 49.10 53.27
CA SER X 233 63.70 47.96 53.98
C SER X 233 64.35 46.65 53.57
N THR X 234 64.55 46.45 52.28
CA THR X 234 65.08 45.16 51.79
C THR X 234 66.45 45.00 52.43
N ILE X 235 67.24 46.09 52.49
CA ILE X 235 68.59 46.05 53.13
C ILE X 235 68.39 45.74 54.61
N MET X 236 67.45 46.42 55.27
CA MET X 236 67.28 46.28 56.73
C MET X 236 66.85 44.86 57.12
N SER X 237 65.87 44.29 56.43
CA SER X 237 65.40 42.93 56.75
C SER X 237 66.57 42.02 56.52
N ALA X 238 67.24 42.22 55.40
CA ALA X 238 68.35 41.35 54.99
C ALA X 238 69.50 41.40 55.98
N SER X 239 69.83 42.54 56.57
CA SER X 239 71.04 42.68 57.43
C SER X 239 70.90 41.80 58.67
N THR X 240 69.66 41.42 59.03
CA THR X 240 69.34 40.66 60.25
C THR X 240 68.94 39.22 59.97
N THR X 241 68.79 38.80 58.72
CA THR X 241 68.20 37.47 58.38
C THR X 241 69.02 36.33 59.00
N THR X 242 70.34 36.52 59.18
CA THR X 242 71.27 35.52 59.78
C THR X 242 70.97 35.33 61.27
N LEU X 243 70.35 36.31 61.94
CA LEU X 243 69.91 36.20 63.36
C LEU X 243 68.44 35.77 63.40
N ARG X 244 67.58 36.34 62.55
CA ARG X 244 66.13 36.02 62.56
C ARG X 244 65.89 34.56 62.15
N TYR X 245 66.80 33.88 61.40
CA TYR X 245 66.72 32.45 61.00
C TYR X 245 67.93 31.73 61.54
N PRO X 246 67.86 30.51 62.07
CA PRO X 246 69.04 29.90 62.67
C PRO X 246 70.19 29.67 61.69
N GLY X 247 71.41 29.39 62.20
CA GLY X 247 72.58 29.15 61.34
C GLY X 247 73.77 28.61 62.11
N TYR X 248 74.86 28.22 61.42
CA TYR X 248 76.05 27.61 62.06
C TYR X 248 76.86 28.68 62.78
N MET X 249 76.91 29.91 62.25
CA MET X 249 77.74 31.00 62.83
C MET X 249 76.98 32.33 62.76
N ASN X 250 77.39 33.34 63.56
CA ASN X 250 76.77 34.69 63.55
C ASN X 250 75.27 34.55 63.79
N ASN X 251 74.88 33.92 64.90
CA ASN X 251 73.46 33.77 65.28
C ASN X 251 73.03 34.91 66.22
N ASP X 252 73.95 35.75 66.72
CA ASP X 252 73.63 36.81 67.71
C ASP X 252 74.36 38.08 67.31
N LEU X 253 73.90 39.27 67.73
CA LEU X 253 74.48 40.57 67.30
C LEU X 253 75.94 40.72 67.70
N ILE X 254 76.34 40.50 68.95
CA ILE X 254 77.75 40.74 69.39
C ILE X 254 78.71 39.88 68.54
N GLY X 255 78.36 38.66 68.16
CA GLY X 255 79.23 37.77 67.38
C GLY X 255 79.48 38.24 65.97
N LEU X 256 78.48 38.75 65.25
CA LEU X 256 78.57 39.18 63.83
C LEU X 256 79.25 40.54 63.79
N ILE X 257 78.74 41.47 64.58
CA ILE X 257 79.24 42.88 64.61
C ILE X 257 80.76 42.93 64.63
N ALA X 258 81.45 42.05 65.36
CA ALA X 258 82.91 42.15 65.59
C ALA X 258 83.68 42.20 64.29
N SER X 259 83.39 41.32 63.33
CA SER X 259 84.17 41.21 62.07
C SER X 259 84.04 42.48 61.23
N LEU X 260 82.84 43.04 61.13
CA LEU X 260 82.54 44.24 60.32
C LEU X 260 83.26 45.50 60.87
N ILE X 261 83.43 45.68 62.19
CA ILE X 261 84.08 46.88 62.83
C ILE X 261 85.39 46.45 63.50
N PRO X 262 86.60 46.60 62.92
CA PRO X 262 87.82 46.12 63.56
C PRO X 262 88.43 47.11 64.54
N THR X 263 88.22 48.40 64.32
CA THR X 263 88.70 49.46 65.27
C THR X 263 87.46 50.23 65.73
N PRO X 264 87.33 50.64 67.00
CA PRO X 264 86.08 51.24 67.47
C PRO X 264 85.64 52.51 66.71
N ARG X 265 86.58 53.39 66.40
CA ARG X 265 86.24 54.68 65.74
C ARG X 265 85.61 54.43 64.37
N LEU X 266 86.16 53.50 63.59
CA LEU X 266 85.65 53.21 62.23
C LEU X 266 84.55 52.18 62.37
N HIS X 267 83.33 52.61 62.70
CA HIS X 267 82.20 51.68 62.92
C HIS X 267 81.07 51.93 61.90
N PHE X 268 81.38 52.54 60.77
CA PHE X 268 80.37 52.88 59.73
C PHE X 268 80.39 51.79 58.66
N LEU X 269 79.24 51.24 58.27
CA LEU X 269 79.20 50.07 57.34
C LEU X 269 78.49 50.38 56.04
N MET X 270 79.11 50.04 54.90
CA MET X 270 78.55 50.27 53.54
C MET X 270 77.59 49.13 53.20
N THR X 271 76.65 49.31 52.25
CA THR X 271 75.65 48.27 51.87
C THR X 271 75.75 47.97 50.37
N GLY X 272 75.11 46.87 49.90
CA GLY X 272 75.04 46.47 48.48
C GLY X 272 74.03 45.33 48.38
N TYR X 273 73.42 45.03 47.23
CA TYR X 273 72.39 43.98 47.07
C TYR X 273 72.51 43.39 45.66
N THR X 274 72.81 42.10 45.52
CA THR X 274 73.11 41.50 44.19
C THR X 274 71.96 41.61 43.19
N PRO X 275 70.68 41.30 43.52
CA PRO X 275 69.60 41.53 42.58
C PRO X 275 69.00 42.92 42.84
N LEU X 276 69.63 43.98 42.33
CA LEU X 276 69.04 45.34 42.47
C LEU X 276 67.69 45.22 41.79
N THR X 277 67.62 44.56 40.63
CA THR X 277 66.34 44.25 39.95
C THR X 277 65.84 43.05 40.75
N THR X 278 65.33 43.27 41.96
CA THR X 278 64.93 42.18 42.89
C THR X 278 63.80 41.34 42.31
N ASP X 279 62.83 41.98 41.63
CA ASP X 279 61.64 41.25 41.10
C ASP X 279 61.99 40.55 39.78
N LYS X 287 69.03 29.49 36.92
CA LYS X 287 69.39 29.82 38.32
C LYS X 287 70.63 30.72 38.30
N THR X 288 71.14 31.20 39.44
CA THR X 288 72.41 31.96 39.53
C THR X 288 73.35 31.25 40.49
N THR X 289 74.57 30.90 40.05
CA THR X 289 75.58 30.20 40.88
C THR X 289 76.19 31.20 41.87
N VAL X 290 76.74 30.70 42.98
CA VAL X 290 77.36 31.59 44.00
C VAL X 290 78.49 32.35 43.32
N LEU X 291 79.24 31.74 42.41
CA LEU X 291 80.41 32.45 41.84
C LEU X 291 79.87 33.75 41.24
N ASP X 292 78.70 33.69 40.59
CA ASP X 292 78.10 34.89 39.95
C ASP X 292 77.59 35.92 40.92
N VAL X 293 76.87 35.53 41.96
CA VAL X 293 76.20 36.53 42.84
C VAL X 293 77.26 37.31 43.62
N MET X 294 78.43 36.69 43.85
CA MET X 294 79.56 37.33 44.57
C MET X 294 80.21 38.39 43.68
N ARG X 295 80.50 38.07 42.41
CA ARG X 295 81.20 39.00 41.50
C ARG X 295 80.29 40.18 41.26
N ARG X 296 79.00 39.92 41.09
CA ARG X 296 78.05 41.00 40.76
C ARG X 296 78.09 42.02 41.87
N LEU X 297 78.15 41.57 43.11
CA LEU X 297 78.08 42.47 44.29
C LEU X 297 79.27 43.42 44.34
N LEU X 298 80.49 42.95 44.06
CA LEU X 298 81.71 43.78 44.21
C LEU X 298 81.66 44.92 43.21
N GLN X 299 80.91 44.78 42.12
CA GLN X 299 80.79 45.83 41.09
C GLN X 299 80.14 47.04 41.73
N PRO X 300 80.36 48.29 41.28
CA PRO X 300 79.85 49.45 42.00
C PRO X 300 78.39 49.83 41.72
N LYS X 301 77.71 49.31 40.69
CA LYS X 301 76.26 49.60 40.50
C LYS X 301 75.50 48.93 41.63
N ASN X 302 75.85 47.70 42.01
CA ASN X 302 75.23 46.95 43.12
C ASN X 302 75.47 47.67 44.47
N VAL X 303 76.52 48.51 44.62
CA VAL X 303 76.73 49.31 45.87
C VAL X 303 75.69 50.44 45.96
N MET X 304 75.20 50.80 47.16
CA MET X 304 74.13 51.79 47.45
C MET X 304 74.67 52.99 48.25
N VAL X 305 75.96 53.28 48.18
CA VAL X 305 76.61 54.45 48.85
C VAL X 305 77.16 55.30 47.71
N SER X 306 77.13 56.64 47.76
CA SER X 306 77.50 57.50 46.62
C SER X 306 78.92 58.08 46.72
N THR X 313 95.14 59.67 46.03
CA THR X 313 95.30 58.90 47.28
C THR X 313 94.68 57.51 47.08
N ASN X 314 95.37 56.45 47.50
CA ASN X 314 94.85 55.07 47.39
C ASN X 314 93.63 55.00 48.29
N HIS X 315 92.67 54.13 48.02
CA HIS X 315 91.53 53.90 48.94
C HIS X 315 91.29 52.40 48.98
N CYS X 316 90.90 51.86 50.13
CA CYS X 316 90.76 50.41 50.30
C CYS X 316 89.78 50.02 51.39
N TYR X 317 89.03 48.90 51.21
CA TYR X 317 88.12 48.33 52.23
C TYR X 317 88.95 47.90 53.43
N ILE X 318 88.42 47.90 54.67
CA ILE X 318 89.13 47.41 55.89
C ILE X 318 88.82 45.94 56.14
N ALA X 319 87.61 45.45 55.90
CA ALA X 319 87.25 44.01 55.98
C ALA X 319 85.88 43.86 55.33
N ILE X 320 85.59 42.78 54.60
CA ILE X 320 84.32 42.65 53.85
C ILE X 320 83.63 41.41 54.35
N LEU X 321 82.29 41.35 54.28
CA LEU X 321 81.51 40.12 54.63
C LEU X 321 80.21 40.15 53.85
N ASN X 322 79.78 39.01 53.31
CA ASN X 322 78.51 38.91 52.57
C ASN X 322 77.70 37.70 53.05
N ILE X 323 76.39 37.73 52.90
CA ILE X 323 75.38 36.71 53.33
C ILE X 323 74.52 36.42 52.11
N ILE X 324 74.25 35.14 51.79
CA ILE X 324 73.46 34.72 50.60
C ILE X 324 72.24 33.91 51.05
N GLN X 325 71.04 34.21 50.56
CA GLN X 325 69.81 33.46 50.93
C GLN X 325 69.11 32.96 49.67
N GLY X 326 69.33 31.67 49.37
CA GLY X 326 68.63 31.06 48.23
C GLY X 326 69.03 29.63 48.00
N GLU X 327 68.82 29.14 46.77
CA GLU X 327 69.16 27.74 46.42
C GLU X 327 70.65 27.73 46.09
N VAL X 328 71.51 27.67 47.11
CA VAL X 328 72.98 27.77 46.92
C VAL X 328 73.60 26.38 47.14
N ASP X 329 74.42 25.92 46.20
CA ASP X 329 75.11 24.62 46.38
C ASP X 329 76.20 24.80 47.43
N PRO X 330 76.45 23.78 48.29
CA PRO X 330 77.54 23.81 49.27
C PRO X 330 78.97 23.71 48.73
N THR X 331 79.31 22.75 47.84
CA THR X 331 80.73 22.57 47.42
C THR X 331 81.18 23.83 46.67
N GLN X 332 80.25 24.57 46.07
CA GLN X 332 80.54 25.74 45.22
C GLN X 332 81.13 26.94 45.95
N VAL X 333 80.90 27.09 47.25
CA VAL X 333 81.31 28.33 47.97
C VAL X 333 82.84 28.55 47.96
N HIS X 334 83.69 27.60 48.35
CA HIS X 334 85.15 27.88 48.46
C HIS X 334 85.68 28.04 47.06
N LYS X 335 85.09 27.35 46.09
CA LYS X 335 85.46 27.54 44.68
C LYS X 335 85.14 28.99 44.37
N SER X 336 83.98 29.47 44.81
CA SER X 336 83.54 30.87 44.57
C SER X 336 84.54 31.81 45.22
N LEU X 337 84.95 31.54 46.45
CA LEU X 337 85.84 32.47 47.19
C LEU X 337 87.20 32.55 46.49
N GLN X 338 87.79 31.41 46.11
CA GLN X 338 89.10 31.38 45.40
C GLN X 338 89.05 32.01 44.02
N ARG X 339 87.98 31.76 43.25
CA ARG X 339 87.82 32.41 41.94
C ARG X 339 87.59 33.91 42.15
N ILE X 340 86.89 34.29 43.22
CA ILE X 340 86.60 35.72 43.57
C ILE X 340 87.95 36.30 43.97
N ARG X 341 88.77 35.53 44.68
CA ARG X 341 90.12 35.98 45.13
C ARG X 341 90.96 36.29 43.90
N GLU X 342 90.88 35.43 42.87
CA GLU X 342 91.68 35.60 41.62
C GLU X 342 91.07 36.73 40.79
N ARG X 343 89.75 36.89 40.81
CA ARG X 343 89.14 38.05 40.10
C ARG X 343 89.65 39.35 40.74
N LYS X 344 89.92 39.38 42.05
CA LYS X 344 90.43 40.56 42.78
C LYS X 344 89.46 41.70 42.50
N LEU X 345 88.19 41.44 42.29
CA LEU X 345 87.29 42.57 41.90
C LEU X 345 87.40 43.67 42.95
N ALA X 346 87.44 43.32 44.24
CA ALA X 346 87.46 44.30 45.36
C ALA X 346 88.90 44.65 45.70
N ASN X 347 89.21 45.95 45.86
CA ASN X 347 90.60 46.40 46.14
C ASN X 347 90.76 46.76 47.61
N PHE X 348 91.51 45.91 48.36
CA PHE X 348 91.83 46.15 49.78
C PHE X 348 93.00 45.31 50.30
N ILE X 349 93.94 45.95 51.01
CA ILE X 349 95.06 45.26 51.71
C ILE X 349 95.47 46.21 52.83
N PRO X 350 94.69 46.34 53.92
CA PRO X 350 94.99 47.29 54.98
C PRO X 350 96.09 46.79 55.92
N TRP X 351 96.41 47.58 56.93
CA TRP X 351 97.41 47.24 57.98
C TRP X 351 97.30 45.80 58.42
N GLY X 352 96.09 45.27 58.61
CA GLY X 352 95.87 43.93 59.19
C GLY X 352 95.78 42.80 58.19
N PRO X 353 95.30 41.59 58.58
CA PRO X 353 95.10 40.45 57.69
C PRO X 353 93.63 40.27 57.33
N ALA X 354 92.86 41.34 57.23
CA ALA X 354 91.40 41.26 57.00
C ALA X 354 91.07 40.56 55.68
N SER X 355 89.92 39.88 55.59
CA SER X 355 89.55 39.05 54.42
C SER X 355 88.05 39.05 54.14
N ILE X 356 87.65 38.59 52.95
CA ILE X 356 86.20 38.41 52.62
C ILE X 356 85.71 37.26 53.47
N GLN X 357 84.45 37.26 53.89
CA GLN X 357 83.86 36.19 54.72
C GLN X 357 82.61 35.70 54.02
N VAL X 358 82.36 34.39 54.03
CA VAL X 358 81.20 33.79 53.32
C VAL X 358 80.20 33.41 54.39
N ALA X 359 78.96 33.85 54.26
CA ALA X 359 77.90 33.42 55.18
C ALA X 359 76.75 32.97 54.31
N LEU X 360 75.97 31.99 54.76
CA LEU X 360 74.83 31.47 53.96
C LEU X 360 73.60 31.33 54.85
N SER X 361 72.38 31.60 54.34
CA SER X 361 71.11 31.59 55.12
C SER X 361 69.99 31.01 54.27
N ARG X 362 68.82 30.79 54.85
CA ARG X 362 67.67 30.19 54.15
C ARG X 362 66.72 31.28 53.71
N LYS X 363 66.31 31.27 52.46
CA LYS X 363 65.24 32.19 52.01
C LYS X 363 63.97 31.66 52.66
N SER X 364 63.02 32.52 53.03
CA SER X 364 61.78 32.12 53.72
C SER X 364 60.76 31.52 52.75
N PRO X 365 59.82 30.66 53.19
CA PRO X 365 58.77 30.14 52.32
C PRO X 365 57.66 31.17 52.29
N TYR X 366 56.51 30.88 51.66
CA TYR X 366 55.31 31.76 51.60
C TYR X 366 55.51 32.93 50.63
N LEU X 367 56.50 33.79 50.88
CA LEU X 367 56.76 34.98 50.04
C LEU X 367 57.44 34.49 48.76
N PRO X 368 57.47 35.28 47.66
CA PRO X 368 58.03 34.81 46.40
C PRO X 368 59.50 34.39 46.52
N SER X 369 59.94 33.39 45.74
CA SER X 369 61.33 32.86 45.73
C SER X 369 62.04 33.37 44.48
N ALA X 370 61.59 34.50 43.92
CA ALA X 370 62.15 35.06 42.66
C ALA X 370 63.63 35.36 42.90
N HIS X 371 64.49 35.28 41.88
CA HIS X 371 65.95 35.40 42.10
C HIS X 371 66.20 34.33 43.17
N ARG X 372 66.04 33.07 42.81
CA ARG X 372 66.12 31.97 43.79
C ARG X 372 67.37 32.20 44.63
N VAL X 373 68.50 32.62 44.05
CA VAL X 373 69.70 33.00 44.84
C VAL X 373 69.80 34.53 44.81
N SER X 374 69.93 35.20 45.97
CA SER X 374 69.94 36.67 46.08
C SER X 374 70.79 37.05 47.29
N GLY X 375 71.69 38.04 47.23
CA GLY X 375 72.64 38.33 48.32
C GLY X 375 72.73 39.78 48.76
N LEU X 376 73.45 40.05 49.85
CA LEU X 376 73.71 41.42 50.37
C LEU X 376 75.15 41.45 50.88
N MET X 377 75.82 42.60 50.95
CA MET X 377 77.17 42.68 51.55
C MET X 377 77.22 43.84 52.53
N MET X 378 77.86 43.68 53.67
CA MET X 378 78.08 44.76 54.67
C MET X 378 79.59 44.88 54.76
N ALA X 379 80.18 46.07 54.53
CA ALA X 379 81.65 46.19 54.51
C ALA X 379 82.13 47.50 55.12
N ASN X 380 83.34 47.50 55.68
CA ASN X 380 83.97 48.72 56.27
C ASN X 380 84.82 49.27 55.15
N HIS X 381 84.45 50.42 54.57
CA HIS X 381 85.17 51.00 53.40
C HIS X 381 85.60 52.43 53.72
N THR X 382 86.83 52.84 53.36
CA THR X 382 87.35 54.20 53.64
C THR X 382 86.73 55.22 52.70
N SER X 383 86.03 54.81 51.67
CA SER X 383 85.35 55.75 50.73
C SER X 383 84.28 56.54 51.51
N ILE X 384 83.62 55.93 52.50
CA ILE X 384 82.51 56.61 53.24
C ILE X 384 83.07 57.86 53.94
N SER X 385 84.37 57.92 54.17
CA SER X 385 85.02 59.11 54.76
C SER X 385 84.70 60.30 53.87
N SER X 386 84.70 60.10 52.56
CA SER X 386 84.47 61.18 51.59
C SER X 386 83.07 61.78 51.80
N LEU X 387 82.06 60.96 52.04
CA LEU X 387 80.68 61.48 52.27
C LEU X 387 80.68 62.34 53.55
N PHE X 388 81.38 61.91 54.58
CA PHE X 388 81.46 62.69 55.85
C PHE X 388 82.13 64.04 55.56
N GLU X 389 83.21 64.05 54.78
CA GLU X 389 83.97 65.29 54.49
C GLU X 389 83.11 66.28 53.70
N ARG X 390 82.21 65.79 52.81
CA ARG X 390 81.35 66.66 51.95
C ARG X 390 80.40 67.49 52.81
N THR X 391 79.79 66.91 53.84
CA THR X 391 78.93 67.70 54.77
C THR X 391 79.84 68.60 55.61
N CYS X 392 81.04 68.13 55.97
CA CYS X 392 82.02 68.95 56.73
C CYS X 392 82.47 70.09 55.82
N ARG X 393 82.56 69.87 54.51
CA ARG X 393 82.89 70.93 53.52
C ARG X 393 81.73 71.91 53.45
N GLN X 394 80.49 71.44 53.38
CA GLN X 394 79.37 72.39 53.27
C GLN X 394 79.41 73.20 54.56
N TYR X 395 79.59 72.54 55.71
CA TYR X 395 79.56 73.21 57.04
C TYR X 395 80.68 74.21 57.16
N ASP X 396 81.88 73.85 56.72
CA ASP X 396 83.05 74.75 56.86
C ASP X 396 82.75 76.00 56.05
N LYS X 397 82.23 75.82 54.84
CA LYS X 397 81.87 76.97 53.97
C LYS X 397 80.78 77.76 54.69
N LEU X 398 79.77 77.07 55.21
CA LEU X 398 78.63 77.72 55.89
C LEU X 398 79.09 78.40 57.17
N ARG X 399 80.06 77.84 57.89
CA ARG X 399 80.52 78.37 59.20
C ARG X 399 81.14 79.74 58.99
N LYS X 400 81.97 79.87 57.95
CA LYS X 400 82.66 81.15 57.68
C LYS X 400 81.61 82.21 57.40
N ARG X 401 80.65 81.90 56.53
CA ARG X 401 79.59 82.87 56.15
C ARG X 401 78.75 83.17 57.38
N GLU X 402 78.51 82.15 58.22
CA GLU X 402 77.61 82.31 59.39
C GLU X 402 76.24 82.70 58.81
N ALA X 403 75.96 82.23 57.59
CA ALA X 403 74.70 82.60 56.90
C ALA X 403 73.52 82.07 57.71
N PHE X 404 73.66 80.86 58.26
CA PHE X 404 72.52 80.26 58.98
C PHE X 404 72.99 79.84 60.38
N LEU X 405 73.22 80.83 61.24
CA LEU X 405 73.58 80.53 62.65
C LEU X 405 72.27 80.29 63.39
N GLU X 406 71.14 80.46 62.69
CA GLU X 406 69.78 80.32 63.30
C GLU X 406 69.59 81.50 64.24
N GLN X 407 70.50 81.65 65.20
CA GLN X 407 70.42 82.73 66.20
C GLN X 407 68.99 82.70 66.76
N PHE X 408 68.27 81.62 66.47
CA PHE X 408 66.94 81.48 67.10
C PHE X 408 67.23 81.45 68.59
N ARG X 409 66.36 81.99 69.42
CA ARG X 409 66.69 82.11 70.86
C ARG X 409 66.94 80.70 71.39
N LYS X 410 66.16 79.72 70.96
CA LYS X 410 66.45 78.32 71.35
C LYS X 410 67.89 78.02 70.99
N GLU X 411 68.31 78.29 69.74
CA GLU X 411 69.67 77.94 69.27
C GLU X 411 70.73 78.70 70.07
N ASP X 412 70.57 80.01 70.25
CA ASP X 412 71.58 80.84 70.96
C ASP X 412 71.58 80.51 72.46
N MET X 413 70.40 80.43 73.08
CA MET X 413 70.30 80.19 74.54
C MET X 413 70.82 78.79 74.84
N PHE X 414 70.46 77.80 74.02
CA PHE X 414 70.97 76.42 74.19
C PHE X 414 72.47 76.44 73.95
N LYS X 415 72.94 77.15 72.92
CA LYS X 415 74.37 77.20 72.55
C LYS X 415 74.82 78.64 72.32
N ASP X 416 75.16 79.37 73.38
CA ASP X 416 75.67 80.77 73.27
C ASP X 416 77.10 80.73 72.74
N ASN X 417 77.95 79.84 73.28
CA ASN X 417 79.35 79.71 72.82
C ASN X 417 79.40 79.21 71.38
N PHE X 418 78.48 78.33 70.97
CA PHE X 418 78.46 77.72 69.61
C PHE X 418 79.74 76.90 69.47
N ASP X 419 80.30 76.39 70.58
CA ASP X 419 81.59 75.64 70.56
C ASP X 419 81.40 74.13 70.49
N GLU X 420 80.19 73.60 70.63
CA GLU X 420 79.94 72.14 70.44
C GLU X 420 80.12 71.84 68.95
N MET X 421 79.79 72.81 68.10
CA MET X 421 79.97 72.66 66.63
C MET X 421 81.46 72.54 66.36
N ASP X 422 82.29 73.36 67.01
CA ASP X 422 83.77 73.28 66.87
C ASP X 422 84.27 71.99 67.53
N THR X 423 83.71 71.58 68.66
CA THR X 423 84.10 70.31 69.33
C THR X 423 83.76 69.19 68.35
N SER X 424 82.60 69.29 67.71
CA SER X 424 82.17 68.27 66.71
C SER X 424 83.11 68.31 65.52
N ARG X 425 83.53 69.50 65.10
CA ARG X 425 84.38 69.64 63.90
C ARG X 425 85.73 68.95 64.13
N GLU X 426 86.35 69.12 65.30
CA GLU X 426 87.64 68.46 65.60
C GLU X 426 87.42 66.93 65.71
N ILE X 427 86.33 66.49 66.33
CA ILE X 427 86.07 65.03 66.52
C ILE X 427 85.87 64.36 65.16
N VAL X 428 85.09 64.97 64.28
CA VAL X 428 84.82 64.40 62.92
C VAL X 428 86.09 64.51 62.08
N GLN X 429 86.89 65.57 62.24
CA GLN X 429 88.17 65.72 61.52
C GLN X 429 89.13 64.63 62.00
N GLN X 430 89.10 64.30 63.29
CA GLN X 430 89.93 63.18 63.81
C GLN X 430 89.47 61.93 63.06
N LEU X 431 88.15 61.75 62.92
CA LEU X 431 87.57 60.59 62.20
C LEU X 431 88.02 60.62 60.74
N ILE X 432 87.97 61.79 60.09
CA ILE X 432 88.34 61.91 58.66
C ILE X 432 89.80 61.51 58.59
N ASP X 433 90.61 61.99 59.52
CA ASP X 433 92.06 61.69 59.57
C ASP X 433 92.26 60.21 59.83
N GLU X 434 91.55 59.65 60.79
CA GLU X 434 91.76 58.25 61.19
C GLU X 434 91.54 57.37 59.95
N TYR X 435 90.47 57.62 59.22
CA TYR X 435 90.13 56.80 58.04
C TYR X 435 91.35 56.77 57.14
N HIS X 436 91.86 57.94 56.73
CA HIS X 436 93.00 58.03 55.78
C HIS X 436 94.21 57.39 56.43
N ALA X 437 94.35 57.46 57.75
CA ALA X 437 95.48 56.84 58.49
C ALA X 437 95.39 55.32 58.34
N ALA X 438 94.20 54.76 58.11
CA ALA X 438 94.00 53.30 57.96
C ALA X 438 94.39 52.90 56.54
N THR X 439 94.18 53.76 55.54
CA THR X 439 94.68 53.49 54.17
C THR X 439 96.20 53.33 54.24
N ARG X 440 96.87 54.08 55.10
CA ARG X 440 98.36 54.09 55.16
C ARG X 440 98.86 52.74 55.68
N PRO X 441 100.14 52.39 55.47
CA PRO X 441 100.71 51.16 56.01
C PRO X 441 100.89 51.10 57.53
N ASP X 442 100.79 52.21 58.27
CA ASP X 442 101.08 52.23 59.72
C ASP X 442 99.90 52.66 60.59
N TYR X 443 98.75 51.97 60.56
CA TYR X 443 97.55 52.41 61.33
C TYR X 443 97.76 52.01 62.78
N ILE X 444 98.82 51.25 63.08
CA ILE X 444 99.20 50.94 64.50
C ILE X 444 99.47 52.31 65.12
N SER X 445 100.10 53.23 64.38
CA SER X 445 100.33 54.63 64.84
C SER X 445 98.98 55.33 64.95
N TRP X 446 98.83 56.28 65.88
CA TRP X 446 97.52 56.95 66.13
C TRP X 446 97.02 57.62 64.85
N GLY X 447 95.74 57.47 64.52
CA GLY X 447 95.15 58.08 63.31
C GLY X 447 95.14 59.60 63.37
N ARG Y 3 31.79 23.39 104.21
CA ARG Y 3 30.58 24.19 104.52
C ARG Y 3 30.29 25.17 103.39
N GLU Y 4 29.01 25.51 103.22
CA GLU Y 4 28.56 26.39 102.12
C GLU Y 4 29.09 27.81 102.35
N ILE Y 5 29.41 28.53 101.28
CA ILE Y 5 29.99 29.90 101.36
C ILE Y 5 28.87 30.89 101.09
N ILE Y 6 28.75 31.94 101.90
CA ILE Y 6 27.71 32.99 101.71
C ILE Y 6 28.43 34.25 101.25
N THR Y 7 28.04 34.81 100.11
CA THR Y 7 28.75 35.98 99.54
C THR Y 7 27.94 37.23 99.83
N LEU Y 8 28.53 38.17 100.58
CA LEU Y 8 27.87 39.44 100.94
C LEU Y 8 28.28 40.49 99.90
N GLN Y 9 27.64 40.49 98.74
CA GLN Y 9 27.93 41.48 97.67
C GLN Y 9 27.24 42.78 98.08
N LEU Y 10 27.97 43.90 98.14
CA LEU Y 10 27.42 45.19 98.64
C LEU Y 10 27.92 46.37 97.81
N GLY Y 11 27.13 47.46 97.70
CA GLY Y 11 27.53 48.67 96.98
C GLY Y 11 27.26 48.51 95.51
N GLN Y 12 27.09 49.59 94.76
CA GLN Y 12 26.71 49.47 93.32
C GLN Y 12 27.81 48.72 92.57
N CYS Y 13 29.08 49.10 92.76
CA CYS Y 13 30.21 48.45 92.06
C CYS Y 13 30.30 46.99 92.49
N GLY Y 14 30.22 46.72 93.79
CA GLY Y 14 30.30 45.35 94.32
C GLY Y 14 29.14 44.52 93.82
N ASN Y 15 27.94 45.11 93.75
CA ASN Y 15 26.71 44.42 93.28
C ASN Y 15 26.84 44.10 91.80
N GLN Y 16 27.56 44.93 91.03
CA GLN Y 16 27.79 44.67 89.59
C GLN Y 16 28.68 43.43 89.40
N ILE Y 17 29.70 43.18 90.23
CA ILE Y 17 30.68 42.06 90.00
C ILE Y 17 30.14 40.77 90.61
N GLY Y 18 29.25 40.83 91.59
CA GLY Y 18 28.53 39.67 92.15
C GLY Y 18 27.46 39.25 91.18
N PHE Y 19 26.81 40.22 90.56
CA PHE Y 19 25.74 39.91 89.57
C PHE Y 19 26.39 39.05 88.48
N GLU Y 20 27.50 39.52 87.94
CA GLU Y 20 28.22 38.81 86.85
C GLU Y 20 28.86 37.50 87.31
N PHE Y 21 29.46 37.44 88.49
CA PHE Y 21 30.15 36.23 88.99
C PHE Y 21 29.14 35.10 89.08
N TRP Y 22 27.96 35.37 89.63
CA TRP Y 22 26.88 34.35 89.76
C TRP Y 22 26.40 33.97 88.35
N LYS Y 23 26.28 34.94 87.44
CA LYS Y 23 25.86 34.67 86.04
C LYS Y 23 26.93 33.80 85.39
N GLN Y 24 28.20 34.05 85.67
CA GLN Y 24 29.33 33.31 85.06
C GLN Y 24 29.25 31.84 85.48
N LEU Y 25 28.92 31.58 86.74
CA LEU Y 25 28.74 30.21 87.29
C LEU Y 25 27.35 29.70 86.90
N CYS Y 26 26.46 30.54 86.40
CA CYS Y 26 25.17 30.01 85.90
C CYS Y 26 25.46 29.19 84.64
N ALA Y 27 26.06 29.81 83.63
CA ALA Y 27 26.38 29.12 82.36
C ALA Y 27 27.41 28.02 82.61
N GLU Y 28 28.45 28.29 83.43
CA GLU Y 28 29.56 27.32 83.64
C GLU Y 28 29.00 26.08 84.30
N HIS Y 29 28.16 26.24 85.29
CA HIS Y 29 27.50 25.10 85.94
C HIS Y 29 26.26 24.74 85.13
N GLY Y 30 25.58 23.66 85.50
CA GLY Y 30 24.31 23.29 84.85
C GLY Y 30 23.15 24.05 85.44
N ILE Y 31 23.02 25.34 85.14
CA ILE Y 31 21.92 26.19 85.68
C ILE Y 31 21.42 27.08 84.54
N SER Y 32 20.12 27.36 84.46
CA SER Y 32 19.52 28.23 83.41
C SER Y 32 19.30 29.61 84.05
N PRO Y 33 18.74 30.66 83.38
CA PRO Y 33 18.44 31.93 84.04
C PRO Y 33 17.32 31.87 85.10
N GLU Y 34 16.50 30.83 85.12
CA GLU Y 34 15.43 30.65 86.15
C GLU Y 34 15.94 29.75 87.27
N GLY Y 35 17.28 29.37 87.26
CA GLY Y 35 17.94 28.53 88.30
C GLY Y 35 17.63 27.04 88.09
N ILE Y 36 16.86 26.69 87.06
CA ILE Y 36 16.39 25.30 86.84
C ILE Y 36 17.59 24.47 86.36
N VAL Y 37 17.66 23.21 86.76
CA VAL Y 37 18.74 22.31 86.25
C VAL Y 37 18.60 22.29 84.74
N GLU Y 38 19.70 22.45 84.01
CA GLU Y 38 19.68 22.47 82.52
C GLU Y 38 19.44 21.05 82.02
N GLU Y 39 18.60 20.88 81.01
N GLU Y 39 18.56 20.98 81.00
CA GLU Y 39 18.32 19.56 80.41
CA GLU Y 39 18.28 19.64 80.41
C GLU Y 39 19.58 19.02 79.75
C GLU Y 39 19.54 19.10 79.74
N PHE Y 40 20.39 19.88 79.13
CA PHE Y 40 21.58 19.42 78.36
C PHE Y 40 22.54 18.68 79.31
N ALA Y 41 22.71 19.13 80.55
CA ALA Y 41 23.69 18.53 81.48
C ALA Y 41 23.34 17.06 81.67
N THR Y 45 28.68 16.36 87.91
CA THR Y 45 30.09 15.92 88.12
C THR Y 45 30.80 17.01 88.92
N ASP Y 46 30.08 18.04 89.37
CA ASP Y 46 30.67 19.21 90.05
C ASP Y 46 30.21 19.27 91.49
N ARG Y 47 30.93 19.91 92.39
CA ARG Y 47 30.49 20.08 93.81
C ARG Y 47 29.71 21.39 93.87
N LYS Y 48 28.42 21.41 93.56
CA LYS Y 48 27.58 22.63 93.55
C LYS Y 48 27.07 22.93 94.96
N ASP Y 49 27.32 22.04 95.92
CA ASP Y 49 26.78 22.20 97.29
C ASP Y 49 27.32 23.49 97.93
N VAL Y 50 28.59 23.81 97.79
CA VAL Y 50 29.19 24.96 98.52
C VAL Y 50 28.56 26.28 98.04
N PHE Y 51 28.53 26.50 96.74
CA PHE Y 51 28.15 27.83 96.20
C PHE Y 51 26.65 27.93 95.97
N PHE Y 52 25.98 26.83 95.66
CA PHE Y 52 24.55 26.89 95.31
C PHE Y 52 23.68 26.14 96.32
N TYR Y 53 22.68 26.81 96.90
CA TYR Y 53 21.69 26.16 97.80
C TYR Y 53 20.89 25.21 96.92
N GLN Y 54 20.41 24.08 97.43
CA GLN Y 54 19.60 23.13 96.63
C GLN Y 54 18.13 23.26 97.04
N ALA Y 55 17.26 23.74 96.16
CA ALA Y 55 15.80 23.82 96.44
C ALA Y 55 15.21 22.45 96.14
N ASP Y 56 13.95 22.19 96.53
CA ASP Y 56 13.30 20.86 96.37
C ASP Y 56 13.22 20.47 94.89
N ASP Y 57 12.89 21.40 93.99
CA ASP Y 57 12.71 21.10 92.54
C ASP Y 57 13.97 21.56 91.79
N GLU Y 58 15.17 21.26 92.30
CA GLU Y 58 16.46 21.57 91.64
C GLU Y 58 16.55 23.04 91.23
N HIS Y 59 16.02 23.95 92.05
CA HIS Y 59 16.24 25.40 91.83
C HIS Y 59 17.50 25.68 92.65
N TYR Y 60 18.69 25.62 92.03
CA TYR Y 60 19.97 25.84 92.73
C TYR Y 60 20.12 27.35 92.86
N ILE Y 61 19.75 27.93 94.00
CA ILE Y 61 19.75 29.42 94.16
C ILE Y 61 21.05 29.81 94.83
N PRO Y 62 21.86 30.74 94.28
CA PRO Y 62 23.07 31.14 94.97
C PRO Y 62 22.74 31.72 96.35
N ARG Y 63 23.60 31.54 97.34
CA ARG Y 63 23.42 32.14 98.69
C ARG Y 63 23.99 33.55 98.66
N ALA Y 64 23.48 34.39 97.76
CA ALA Y 64 23.98 35.77 97.58
C ALA Y 64 23.24 36.67 98.57
N VAL Y 65 23.93 37.58 99.24
CA VAL Y 65 23.28 38.60 100.12
C VAL Y 65 23.50 39.91 99.37
N LEU Y 66 22.46 40.50 98.79
CA LEU Y 66 22.60 41.74 97.99
C LEU Y 66 22.18 42.91 98.89
N LEU Y 67 23.14 43.72 99.31
CA LEU Y 67 22.89 44.88 100.19
C LEU Y 67 22.87 46.13 99.31
N ASP Y 68 21.79 46.89 99.34
CA ASP Y 68 21.62 48.09 98.48
C ASP Y 68 21.60 49.31 99.40
N LEU Y 69 21.90 50.47 98.87
CA LEU Y 69 21.84 51.70 99.67
C LEU Y 69 21.66 52.83 98.66
N GLU Y 70 20.66 53.70 98.82
CA GLU Y 70 20.35 54.76 97.81
C GLU Y 70 20.29 54.04 96.45
N PRO Y 71 19.52 52.93 96.31
CA PRO Y 71 19.60 52.09 95.10
C PRO Y 71 19.27 52.68 93.72
N ARG Y 72 20.07 52.31 92.71
CA ARG Y 72 19.85 52.70 91.29
C ARG Y 72 20.12 51.46 90.43
N VAL Y 73 21.30 50.85 90.58
CA VAL Y 73 21.70 49.63 89.82
C VAL Y 73 21.14 48.40 90.54
N ILE Y 74 20.47 48.53 91.68
CA ILE Y 74 19.89 47.31 92.29
C ILE Y 74 18.58 47.10 91.58
N HIS Y 75 18.03 48.18 91.02
CA HIS Y 75 16.75 48.11 90.27
C HIS Y 75 16.98 47.45 88.91
N SER Y 76 18.07 47.77 88.21
CA SER Y 76 18.47 47.16 86.91
C SER Y 76 18.77 45.66 87.11
N ILE Y 77 19.36 45.27 88.24
CA ILE Y 77 19.64 43.84 88.58
C ILE Y 77 18.30 43.12 88.62
N LEU Y 78 17.28 43.74 89.22
CA LEU Y 78 15.92 43.16 89.34
C LEU Y 78 15.26 42.99 87.96
N ASN Y 79 15.39 43.95 87.05
CA ASN Y 79 14.82 43.76 85.68
C ASN Y 79 15.84 43.00 84.85
N SER Y 80 16.03 41.71 85.12
CA SER Y 80 16.98 40.85 84.37
C SER Y 80 16.35 39.46 84.20
N PRO Y 81 16.76 38.65 83.21
CA PRO Y 81 16.26 37.27 83.08
C PRO Y 81 16.67 36.41 84.28
N TYR Y 82 17.72 36.80 85.01
CA TYR Y 82 18.29 36.00 86.12
C TYR Y 82 17.68 36.44 87.46
N ALA Y 83 16.67 37.30 87.47
CA ALA Y 83 16.03 37.77 88.71
C ALA Y 83 15.50 36.56 89.48
N LYS Y 84 14.91 35.58 88.79
CA LYS Y 84 14.40 34.34 89.42
C LYS Y 84 15.56 33.49 89.93
N LEU Y 85 16.71 33.51 89.26
CA LEU Y 85 17.84 32.62 89.64
C LEU Y 85 18.27 32.93 91.07
N TYR Y 86 18.42 34.20 91.42
CA TYR Y 86 18.81 34.62 92.78
C TYR Y 86 17.52 35.09 93.45
N ASN Y 87 16.85 34.21 94.20
CA ASN Y 87 15.65 34.61 94.97
C ASN Y 87 15.75 34.08 96.40
N PRO Y 88 16.69 34.56 97.23
CA PRO Y 88 16.65 34.27 98.66
C PRO Y 88 15.69 35.36 99.17
N GLU Y 89 15.19 36.24 98.30
CA GLU Y 89 14.22 37.30 98.67
C GLU Y 89 14.85 38.07 99.82
N ASN Y 90 16.13 38.47 99.67
CA ASN Y 90 16.88 39.17 100.74
C ASN Y 90 17.60 40.41 100.20
N ILE Y 91 16.87 41.44 99.77
CA ILE Y 91 17.48 42.73 99.32
C ILE Y 91 16.83 43.83 100.18
N TYR Y 92 17.60 44.68 100.87
CA TYR Y 92 17.03 45.67 101.83
C TYR Y 92 17.45 47.11 101.54
N LEU Y 93 16.51 48.06 101.56
CA LEU Y 93 16.78 49.51 101.35
C LEU Y 93 17.16 50.16 102.68
N GLY Y 101 25.45 58.03 100.39
CA GLY Y 101 26.37 59.15 100.12
C GLY Y 101 27.68 58.66 99.52
N ASN Y 102 28.52 59.58 99.04
CA ASN Y 102 29.81 59.22 98.40
C ASN Y 102 30.92 59.30 99.44
N ASN Y 103 30.57 59.44 100.73
CA ASN Y 103 31.57 59.58 101.82
C ASN Y 103 31.71 58.27 102.62
N TRP Y 104 32.92 57.97 103.10
CA TRP Y 104 33.17 56.73 103.90
C TRP Y 104 32.34 56.86 105.18
N ALA Y 105 32.38 58.03 105.81
CA ALA Y 105 31.59 58.30 107.02
C ALA Y 105 30.10 58.22 106.67
N SER Y 106 29.70 58.74 105.52
CA SER Y 106 28.28 58.76 105.09
C SER Y 106 27.76 57.33 104.96
N GLY Y 107 28.54 56.37 104.48
CA GLY Y 107 28.18 54.96 104.29
C GLY Y 107 28.15 54.22 105.62
N PHE Y 108 29.12 54.49 106.50
CA PHE Y 108 29.24 53.80 107.80
C PHE Y 108 28.04 54.12 108.69
N SER Y 109 27.60 55.38 108.71
CA SER Y 109 26.44 55.82 109.54
C SER Y 109 25.15 55.19 109.02
N GLN Y 110 24.95 55.16 107.72
CA GLN Y 110 23.72 54.59 107.10
C GLN Y 110 23.64 53.11 107.47
N GLY Y 111 24.76 52.40 107.46
CA GLY Y 111 24.80 50.96 107.78
C GLY Y 111 24.39 50.70 109.22
N GLU Y 112 24.80 51.55 110.16
CA GLU Y 112 24.57 51.35 111.61
C GLU Y 112 23.08 51.31 112.01
N LYS Y 113 22.21 52.13 111.42
CA LYS Y 113 20.74 52.16 111.72
C LYS Y 113 20.04 50.89 111.20
N ILE Y 114 20.47 50.35 110.07
CA ILE Y 114 19.84 49.15 109.43
C ILE Y 114 20.65 47.91 109.76
N HIS Y 115 21.60 47.97 110.70
CA HIS Y 115 22.53 46.83 110.93
C HIS Y 115 21.76 45.55 111.31
N GLU Y 116 20.74 45.62 112.17
CA GLU Y 116 20.02 44.42 112.70
C GLU Y 116 19.19 43.65 111.66
N ASP Y 117 18.50 44.32 110.74
CA ASP Y 117 17.70 43.66 109.67
C ASP Y 117 18.64 43.05 108.62
N ILE Y 118 19.72 43.75 108.26
CA ILE Y 118 20.72 43.20 107.30
C ILE Y 118 21.37 42.02 108.01
N PHE Y 119 21.63 42.11 109.31
CA PHE Y 119 22.28 41.03 110.09
C PHE Y 119 21.34 39.83 110.27
N ASP Y 120 20.03 40.03 110.36
CA ASP Y 120 19.03 38.92 110.43
C ASP Y 120 19.01 38.19 109.10
N ILE Y 121 19.16 38.93 107.98
CA ILE Y 121 19.23 38.34 106.62
C ILE Y 121 20.47 37.45 106.56
N ILE Y 122 21.56 37.83 107.24
CA ILE Y 122 22.78 36.98 107.35
C ILE Y 122 22.40 35.75 108.16
N ASP Y 123 21.66 35.93 109.25
CA ASP Y 123 21.29 34.80 110.15
C ASP Y 123 20.44 33.78 109.39
N ARG Y 124 19.39 34.23 108.72
CA ARG Y 124 18.46 33.35 107.98
C ARG Y 124 19.28 32.36 107.16
N GLU Y 125 20.19 32.85 106.34
CA GLU Y 125 20.97 31.98 105.43
C GLU Y 125 21.83 31.04 106.28
N ALA Y 126 22.42 31.54 107.37
CA ALA Y 126 23.31 30.72 108.24
C ALA Y 126 22.51 29.58 108.83
N ASP Y 127 21.28 29.85 109.25
CA ASP Y 127 20.37 28.81 109.81
C ASP Y 127 19.97 27.84 108.70
N GLY Y 128 19.65 28.34 107.51
CA GLY Y 128 19.16 27.53 106.39
C GLY Y 128 20.20 26.52 105.92
N SER Y 129 21.47 26.91 105.88
CA SER Y 129 22.57 26.06 105.38
C SER Y 129 22.86 24.94 106.37
N ASP Y 130 23.39 23.82 105.91
CA ASP Y 130 23.80 22.73 106.82
C ASP Y 130 24.90 23.35 107.68
N SER Y 131 25.74 24.18 107.06
CA SER Y 131 26.90 24.80 107.74
C SER Y 131 27.34 26.06 106.98
N LEU Y 132 28.15 26.94 107.59
CA LEU Y 132 28.67 28.18 106.95
C LEU Y 132 30.17 28.32 107.21
N GLU Y 133 31.07 28.29 106.20
CA GLU Y 133 32.55 28.30 106.45
C GLU Y 133 33.15 29.71 106.31
N GLY Y 134 32.66 30.54 105.38
CA GLY Y 134 33.29 31.85 105.18
C GLY Y 134 32.35 32.85 104.56
N PHE Y 135 32.63 34.14 104.72
CA PHE Y 135 31.81 35.25 104.15
C PHE Y 135 32.65 35.94 103.08
N VAL Y 136 32.31 35.81 101.81
CA VAL Y 136 33.15 36.35 100.70
C VAL Y 136 32.52 37.65 100.23
N LEU Y 137 33.17 38.78 100.45
CA LEU Y 137 32.55 40.10 100.16
C LEU Y 137 32.98 40.64 98.80
N CYS Y 138 32.06 40.98 97.90
CA CYS Y 138 32.41 41.67 96.63
C CYS Y 138 32.58 43.14 97.01
N HIS Y 139 33.58 43.47 97.83
CA HIS Y 139 33.79 44.83 98.39
C HIS Y 139 34.32 45.81 97.36
N SER Y 140 33.93 47.08 97.44
CA SER Y 140 34.50 48.17 96.60
C SER Y 140 35.24 49.12 97.55
N ILE Y 141 36.56 49.31 97.41
CA ILE Y 141 37.36 50.22 98.30
C ILE Y 141 37.10 51.64 97.79
N ALA Y 142 36.94 52.62 98.69
CA ALA Y 142 36.60 54.01 98.29
C ALA Y 142 35.45 53.89 97.31
N GLY Y 143 34.41 53.14 97.68
CA GLY Y 143 33.26 52.86 96.80
C GLY Y 143 32.08 53.77 97.11
N GLY Y 144 32.32 54.94 97.68
CA GLY Y 144 31.21 55.82 98.09
C GLY Y 144 30.40 55.07 99.12
N THR Y 145 29.19 54.66 98.80
CA THR Y 145 28.34 53.87 99.71
C THR Y 145 29.01 52.52 99.99
N GLY Y 146 29.65 51.91 98.99
CA GLY Y 146 30.24 50.57 99.15
C GLY Y 146 31.27 50.55 100.26
N SER Y 147 32.15 51.54 100.35
CA SER Y 147 33.12 51.65 101.47
C SER Y 147 32.40 52.32 102.62
N GLY Y 148 32.85 52.16 103.86
CA GLY Y 148 32.12 52.68 105.03
C GLY Y 148 31.05 51.70 105.44
N LEU Y 149 30.09 51.39 104.56
CA LEU Y 149 29.10 50.34 104.89
C LEU Y 149 29.84 49.01 104.94
N GLY Y 150 30.80 48.81 104.04
CA GLY Y 150 31.51 47.52 103.94
C GLY Y 150 32.46 47.31 105.09
N SER Y 151 33.12 48.34 105.58
CA SER Y 151 34.05 48.34 106.73
C SER Y 151 33.25 48.01 107.99
N TYR Y 152 32.09 48.64 108.16
CA TYR Y 152 31.26 48.42 109.36
C TYR Y 152 30.77 46.98 109.41
N LEU Y 153 30.31 46.46 108.27
CA LEU Y 153 29.77 45.09 108.20
C LEU Y 153 30.93 44.13 108.37
N LEU Y 154 32.14 44.55 107.98
CA LEU Y 154 33.35 43.72 108.16
C LEU Y 154 33.63 43.56 109.65
N GLU Y 155 33.42 44.62 110.44
CA GLU Y 155 33.69 44.61 111.89
C GLU Y 155 32.66 43.76 112.63
N ARG Y 156 31.39 43.82 112.24
CA ARG Y 156 30.31 43.07 112.95
C ARG Y 156 30.48 41.56 112.72
N LEU Y 157 30.58 41.18 111.46
CA LEU Y 157 30.60 39.73 111.12
C LEU Y 157 31.64 39.00 111.95
N ASN Y 158 32.82 39.58 112.12
CA ASN Y 158 33.87 38.81 112.81
C ASN Y 158 33.40 38.48 114.22
N ASP Y 159 32.86 39.47 114.94
CA ASP Y 159 32.49 39.17 116.35
C ASP Y 159 31.31 38.19 116.38
N ARG Y 160 30.33 38.37 115.50
CA ARG Y 160 29.09 37.55 115.57
C ARG Y 160 29.37 36.07 115.35
N TYR Y 161 30.21 35.72 114.39
CA TYR Y 161 30.57 34.29 114.26
C TYR Y 161 32.10 34.21 114.28
N PRO Y 162 32.74 34.13 115.45
CA PRO Y 162 34.19 34.19 115.52
C PRO Y 162 34.86 33.06 114.73
N LYS Y 163 34.31 31.85 114.82
CA LYS Y 163 34.99 30.70 114.18
C LYS Y 163 35.05 30.90 112.68
N LYS Y 164 34.31 31.86 112.13
CA LYS Y 164 34.26 32.00 110.65
C LYS Y 164 35.37 32.91 110.12
N LEU Y 165 35.67 32.86 108.83
CA LEU Y 165 36.72 33.67 108.16
C LEU Y 165 36.06 34.55 107.10
N VAL Y 166 36.60 35.73 106.80
CA VAL Y 166 36.06 36.64 105.75
C VAL Y 166 37.14 36.84 104.68
N GLN Y 167 36.85 36.55 103.40
CA GLN Y 167 37.74 36.86 102.25
C GLN Y 167 37.10 38.10 101.63
N THR Y 168 37.87 39.00 101.03
CA THR Y 168 37.34 40.23 100.42
C THR Y 168 37.91 40.39 99.02
N TYR Y 169 37.10 40.31 97.96
CA TYR Y 169 37.51 40.50 96.55
C TYR Y 169 37.57 42.01 96.37
N SER Y 170 38.51 42.64 97.05
CA SER Y 170 38.63 44.11 97.03
C SER Y 170 38.98 44.53 95.62
N VAL Y 171 38.21 45.42 94.99
CA VAL Y 171 38.58 45.97 93.66
C VAL Y 171 39.36 47.25 93.94
N PHE Y 172 40.56 47.15 94.53
CA PHE Y 172 41.26 48.40 94.96
C PHE Y 172 41.19 49.37 93.78
N PRO Y 173 40.74 50.63 93.94
CA PRO Y 173 40.53 51.52 92.80
C PRO Y 173 41.72 52.38 92.43
N ASN Y 174 42.24 52.20 91.22
CA ASN Y 174 43.34 53.04 90.69
C ASN Y 174 42.89 53.42 89.29
N GLN Y 175 42.56 54.69 89.05
CA GLN Y 175 42.07 55.17 87.74
C GLN Y 175 42.98 56.31 87.31
N ASP Y 176 44.26 56.28 87.73
CA ASP Y 176 45.24 57.36 87.44
C ASP Y 176 44.88 58.55 88.33
N GLU Y 177 44.06 58.34 89.36
CA GLU Y 177 43.60 59.43 90.25
C GLU Y 177 42.99 60.53 89.38
N ASP Y 180 34.71 61.25 89.56
CA ASP Y 180 35.95 61.52 90.34
C ASP Y 180 35.57 61.60 91.82
N VAL Y 181 36.48 61.20 92.72
CA VAL Y 181 36.28 61.33 94.19
C VAL Y 181 37.48 62.14 94.70
N VAL Y 182 37.24 63.29 95.30
CA VAL Y 182 38.33 64.16 95.84
C VAL Y 182 38.69 63.63 97.22
N VAL Y 183 37.77 62.89 97.85
CA VAL Y 183 37.99 62.29 99.19
C VAL Y 183 38.40 60.83 98.99
N GLN Y 184 38.68 60.40 97.76
CA GLN Y 184 38.95 58.96 97.52
C GLN Y 184 40.05 58.48 98.45
N PRO Y 185 41.20 59.17 98.64
CA PRO Y 185 42.27 58.63 99.49
C PRO Y 185 41.78 58.48 100.94
N TYR Y 186 41.02 59.45 101.44
CA TYR Y 186 40.54 59.40 102.84
C TYR Y 186 39.65 58.17 103.01
N ASN Y 187 38.74 57.94 102.07
CA ASN Y 187 37.79 56.81 102.18
C ASN Y 187 38.58 55.51 102.18
N SER Y 188 39.51 55.38 101.23
CA SER Y 188 40.33 54.15 101.10
C SER Y 188 41.16 53.99 102.36
N LEU Y 189 41.70 55.08 102.89
CA LEU Y 189 42.62 54.96 104.04
C LEU Y 189 41.83 54.25 105.14
N LEU Y 190 40.62 54.71 105.42
CA LEU Y 190 39.83 54.14 106.53
C LEU Y 190 39.52 52.67 106.23
N THR Y 191 39.19 52.32 104.99
CA THR Y 191 38.76 50.94 104.68
C THR Y 191 39.87 49.96 105.03
N LEU Y 192 41.12 50.28 104.68
CA LEU Y 192 42.24 49.32 104.89
C LEU Y 192 42.43 49.06 106.37
N LYS Y 193 42.31 50.08 107.22
CA LYS Y 193 42.60 49.89 108.67
C LYS Y 193 41.66 48.80 109.14
N ARG Y 194 40.40 48.90 108.77
CA ARG Y 194 39.40 47.86 109.15
C ARG Y 194 39.85 46.58 108.48
N LEU Y 195 40.22 46.62 107.20
CA LEU Y 195 40.56 45.40 106.43
C LEU Y 195 41.83 44.73 106.97
N THR Y 196 42.74 45.47 107.58
CA THR Y 196 44.02 44.91 108.09
C THR Y 196 43.80 44.19 109.42
N GLN Y 197 42.72 44.51 110.13
CA GLN Y 197 42.42 43.91 111.46
C GLN Y 197 41.16 43.02 111.40
N ASN Y 198 40.24 43.21 110.44
CA ASN Y 198 38.95 42.48 110.42
C ASN Y 198 38.73 41.71 109.12
N ALA Y 199 39.75 41.58 108.26
CA ALA Y 199 39.58 40.73 107.05
C ALA Y 199 40.63 39.63 107.12
N ASP Y 200 40.19 38.38 107.18
CA ASP Y 200 41.18 37.28 107.34
C ASP Y 200 42.08 37.39 106.12
N CYS Y 201 41.49 37.67 104.96
CA CYS Y 201 42.30 37.90 103.74
C CYS Y 201 41.63 38.97 102.87
N VAL Y 202 42.43 39.75 102.14
CA VAL Y 202 41.85 40.73 101.17
C VAL Y 202 42.47 40.41 99.80
N VAL Y 203 41.66 40.23 98.77
CA VAL Y 203 42.20 39.99 97.40
C VAL Y 203 42.16 41.32 96.67
N VAL Y 204 43.31 41.82 96.19
CA VAL Y 204 43.35 43.19 95.59
C VAL Y 204 43.25 43.14 94.06
N LEU Y 205 42.35 43.94 93.48
CA LEU Y 205 42.20 44.02 92.00
C LEU Y 205 42.41 45.49 91.62
N ASP Y 206 43.07 45.80 90.49
CA ASP Y 206 43.37 47.23 90.21
C ASP Y 206 42.66 47.68 88.93
N ASN Y 207 41.93 48.79 88.99
CA ASN Y 207 41.18 49.31 87.82
C ASN Y 207 42.15 49.67 86.71
N THR Y 208 43.24 50.36 87.01
CA THR Y 208 44.25 50.77 86.01
C THR Y 208 44.94 49.55 85.42
N ALA Y 209 45.29 48.57 86.25
CA ALA Y 209 46.04 47.38 85.81
C ALA Y 209 45.18 46.66 84.78
N LEU Y 210 43.90 46.50 85.09
CA LEU Y 210 42.94 45.85 84.18
C LEU Y 210 42.67 46.76 82.98
N ASN Y 211 42.60 48.07 83.19
CA ASN Y 211 42.36 49.04 82.08
C ASN Y 211 43.53 48.95 81.11
N ARG Y 212 44.76 48.81 81.64
CA ARG Y 212 45.98 48.67 80.82
C ARG Y 212 45.88 47.35 80.06
N ILE Y 213 45.38 46.30 80.71
CA ILE Y 213 45.19 44.98 80.04
C ILE Y 213 44.14 45.14 78.95
N ALA Y 214 43.07 45.89 79.21
CA ALA Y 214 41.98 46.11 78.24
C ALA Y 214 42.54 46.83 77.02
N THR Y 215 43.38 47.83 77.25
CA THR Y 215 44.04 48.57 76.14
C THR Y 215 44.93 47.57 75.41
N ASP Y 216 45.62 46.69 76.14
CA ASP Y 216 46.55 45.70 75.51
C ASP Y 216 45.77 44.70 74.66
N ARG Y 217 44.89 43.90 75.25
CA ARG Y 217 44.17 42.82 74.52
C ARG Y 217 43.20 43.41 73.52
N LEU Y 218 42.55 44.53 73.85
CA LEU Y 218 41.48 45.12 73.00
C LEU Y 218 41.69 46.62 72.81
N HIS Y 219 40.89 47.28 71.97
CA HIS Y 219 41.01 48.74 71.73
C HIS Y 219 39.99 49.45 72.62
N ILE Y 220 39.27 48.71 73.47
CA ILE Y 220 38.28 49.31 74.40
C ILE Y 220 39.03 50.24 75.36
N GLN Y 221 38.65 51.53 75.43
CA GLN Y 221 39.27 52.51 76.36
C GLN Y 221 38.18 53.25 77.13
N ASN Y 222 37.24 53.88 76.44
CA ASN Y 222 36.17 54.70 77.06
C ASN Y 222 35.19 53.86 77.90
N PRO Y 223 34.69 52.69 77.46
CA PRO Y 223 33.76 51.89 78.27
C PRO Y 223 34.57 50.93 79.14
N SER Y 224 35.59 51.42 79.86
CA SER Y 224 36.50 50.55 80.63
C SER Y 224 35.73 49.74 81.67
N PHE Y 225 34.77 50.31 82.41
CA PHE Y 225 34.08 49.60 83.52
C PHE Y 225 33.26 48.39 83.04
N SER Y 226 32.50 48.50 81.95
CA SER Y 226 31.63 47.39 81.47
C SER Y 226 32.47 46.19 81.02
N GLN Y 227 33.51 46.42 80.22
CA GLN Y 227 34.35 45.33 79.69
C GLN Y 227 35.19 44.71 80.81
N ILE Y 228 35.74 45.54 81.70
CA ILE Y 228 36.64 45.07 82.79
C ILE Y 228 35.84 44.19 83.75
N ASN Y 229 34.53 44.35 83.79
CA ASN Y 229 33.70 43.50 84.67
C ASN Y 229 34.00 42.05 84.28
N GLN Y 230 34.08 41.72 82.98
CA GLN Y 230 34.31 40.33 82.48
C GLN Y 230 35.68 39.87 82.97
N LEU Y 231 36.67 40.76 82.96
CA LEU Y 231 38.06 40.42 83.40
C LEU Y 231 38.06 40.07 84.88
N VAL Y 232 37.37 40.84 85.72
CA VAL Y 232 37.32 40.62 87.19
C VAL Y 232 36.61 39.28 87.40
N SER Y 233 35.60 39.01 86.59
CA SER Y 233 34.78 37.78 86.69
C SER Y 233 35.60 36.54 86.38
N THR Y 234 36.39 36.58 85.31
CA THR Y 234 37.14 35.40 84.89
C THR Y 234 38.07 35.05 86.05
N ILE Y 235 38.68 36.06 86.67
CA ILE Y 235 39.60 35.83 87.83
C ILE Y 235 38.76 35.25 88.96
N MET Y 236 37.59 35.83 89.23
CA MET Y 236 36.77 35.42 90.40
C MET Y 236 36.27 33.98 90.25
N SER Y 237 35.75 33.59 89.10
CA SER Y 237 35.24 32.22 88.89
C SER Y 237 36.44 31.32 89.05
N ALA Y 238 37.53 31.70 88.44
CA ALA Y 238 38.74 30.88 88.41
C ALA Y 238 39.32 30.68 89.81
N SER Y 239 39.28 31.67 90.69
CA SER Y 239 39.94 31.57 92.03
C SER Y 239 39.29 30.47 92.86
N THR Y 240 38.06 30.10 92.53
CA THR Y 240 37.23 29.12 93.30
C THR Y 240 37.08 27.78 92.58
N THR Y 241 37.60 27.60 91.41
CA THR Y 241 37.31 26.40 90.59
C THR Y 241 37.81 25.12 91.29
N THR Y 242 38.92 25.15 91.99
CA THR Y 242 39.41 23.97 92.76
C THR Y 242 38.37 23.53 93.81
N LEU Y 243 37.62 24.46 94.42
CA LEU Y 243 36.56 24.18 95.43
C LEU Y 243 35.29 23.77 94.71
N ARG Y 244 34.87 24.50 93.68
CA ARG Y 244 33.61 24.25 92.96
C ARG Y 244 33.66 22.92 92.21
N TYR Y 245 34.84 22.37 91.86
CA TYR Y 245 35.03 21.04 91.19
C TYR Y 245 35.89 20.17 92.09
N PRO Y 246 35.58 18.90 92.34
CA PRO Y 246 36.35 18.10 93.30
C PRO Y 246 37.80 17.77 92.90
N GLY Y 247 38.69 17.48 93.84
CA GLY Y 247 40.12 17.23 93.53
C GLY Y 247 40.87 16.53 94.64
N TYR Y 248 42.18 16.34 94.50
CA TYR Y 248 42.93 15.57 95.54
C TYR Y 248 43.27 16.49 96.71
N MET Y 249 43.60 17.75 96.43
CA MET Y 249 44.04 18.67 97.51
C MET Y 249 43.41 20.04 97.35
N ASN Y 250 43.30 20.83 98.41
CA ASN Y 250 42.58 22.11 98.39
C ASN Y 250 41.11 21.80 98.11
N ASN Y 251 40.53 20.85 98.85
CA ASN Y 251 39.11 20.46 98.70
C ASN Y 251 38.32 21.29 99.71
N ASP Y 252 38.87 22.35 100.27
CA ASP Y 252 38.07 23.25 101.12
C ASP Y 252 38.75 24.61 101.09
N LEU Y 253 38.02 25.70 101.30
CA LEU Y 253 38.58 27.07 101.15
C LEU Y 253 39.74 27.18 102.09
N ILE Y 254 39.52 26.98 103.35
CA ILE Y 254 40.57 27.21 104.41
C ILE Y 254 41.84 26.44 104.07
N GLY Y 255 41.71 25.21 103.46
CA GLY Y 255 42.91 24.40 103.18
C GLY Y 255 43.75 25.14 102.18
N LEU Y 256 43.13 25.76 101.18
CA LEU Y 256 43.82 26.56 100.14
C LEU Y 256 44.34 27.89 100.72
N ILE Y 257 43.55 28.60 101.52
CA ILE Y 257 43.91 29.96 102.05
C ILE Y 257 45.25 29.94 102.79
N ALA Y 258 45.56 28.89 103.55
CA ALA Y 258 46.75 28.88 104.45
C ALA Y 258 48.03 29.15 103.69
N SER Y 259 48.25 28.48 102.56
CA SER Y 259 49.52 28.58 101.80
C SER Y 259 49.74 29.99 101.26
N LEU Y 260 48.70 30.62 100.73
CA LEU Y 260 48.75 31.97 100.13
C LEU Y 260 49.07 33.06 101.18
N ILE Y 261 48.66 32.95 102.46
CA ILE Y 261 48.87 33.98 103.54
C ILE Y 261 49.71 33.37 104.66
N PRO Y 262 51.04 33.58 104.70
CA PRO Y 262 51.85 32.92 105.72
C PRO Y 262 51.89 33.67 107.05
N THR Y 263 51.74 34.99 107.03
CA THR Y 263 51.68 35.81 108.27
C THR Y 263 50.34 36.54 108.24
N PRO Y 264 49.62 36.70 109.37
CA PRO Y 264 48.27 37.27 109.32
C PRO Y 264 48.16 38.67 108.71
N ARG Y 265 49.06 39.57 109.06
CA ARG Y 265 48.98 40.97 108.57
C ARG Y 265 49.07 40.97 107.04
N LEU Y 266 50.01 40.22 106.43
CA LEU Y 266 50.19 40.25 104.97
C LEU Y 266 49.20 39.25 104.37
N HIS Y 267 47.95 39.66 104.22
CA HIS Y 267 46.89 38.77 103.69
C HIS Y 267 46.39 39.24 102.33
N PHE Y 268 47.12 40.08 101.60
CA PHE Y 268 46.68 40.66 100.30
C PHE Y 268 47.24 39.79 99.18
N LEU Y 269 46.43 39.39 98.19
CA LEU Y 269 46.87 38.42 97.15
C LEU Y 269 46.83 39.03 95.74
N MET Y 270 47.92 38.88 94.99
CA MET Y 270 48.03 39.39 93.60
C MET Y 270 47.39 38.39 92.62
N THR Y 271 46.99 38.80 91.41
CA THR Y 271 46.33 37.91 90.42
C THR Y 271 47.12 37.90 89.11
N GLY Y 272 46.83 36.96 88.20
CA GLY Y 272 47.43 36.84 86.85
C GLY Y 272 46.64 35.79 86.08
N TYR Y 273 46.61 35.77 84.75
CA TYR Y 273 45.93 34.70 83.95
C TYR Y 273 46.74 34.43 82.67
N THR Y 274 47.38 33.27 82.51
CA THR Y 274 48.28 33.00 81.34
C THR Y 274 47.59 33.36 80.02
N PRO Y 275 46.40 32.86 79.67
CA PRO Y 275 45.71 33.32 78.46
C PRO Y 275 44.77 34.48 78.79
N LEU Y 276 45.29 35.70 78.89
CA LEU Y 276 44.41 36.87 79.07
C LEU Y 276 43.53 36.82 77.81
N THR Y 277 44.11 36.38 76.69
CA THR Y 277 43.40 36.30 75.40
C THR Y 277 42.83 34.88 75.24
N THR Y 278 42.27 34.28 76.30
CA THR Y 278 41.57 32.98 76.19
C THR Y 278 40.38 33.24 75.28
N ASP Y 279 39.68 34.36 75.46
CA ASP Y 279 38.56 34.78 74.57
C ASP Y 279 39.16 35.11 73.20
N LYS Y 287 48.23 22.76 70.75
CA LYS Y 287 47.89 22.80 72.20
C LYS Y 287 48.96 23.62 72.93
N THR Y 288 48.85 23.83 74.25
CA THR Y 288 49.91 24.51 75.05
C THR Y 288 50.34 23.56 76.17
N THR Y 289 51.63 23.27 76.29
CA THR Y 289 52.18 22.37 77.34
C THR Y 289 52.22 23.11 78.68
N VAL Y 290 52.23 22.38 79.78
CA VAL Y 290 52.26 23.02 81.13
C VAL Y 290 53.52 23.84 81.21
N LEU Y 291 54.65 23.39 80.65
CA LEU Y 291 55.92 24.14 80.82
C LEU Y 291 55.65 25.55 80.31
N ASP Y 292 54.91 25.70 79.21
CA ASP Y 292 54.62 27.00 78.60
C ASP Y 292 53.67 27.85 79.42
N VAL Y 293 52.67 27.29 80.08
CA VAL Y 293 51.80 28.14 80.94
C VAL Y 293 52.63 28.65 82.13
N MET Y 294 53.56 27.85 82.68
CA MET Y 294 54.31 28.27 83.90
C MET Y 294 55.14 29.52 83.60
N ARG Y 295 55.91 29.51 82.51
CA ARG Y 295 56.79 30.64 82.14
C ARG Y 295 55.92 31.86 81.79
N ARG Y 296 54.85 31.66 81.02
CA ARG Y 296 53.99 32.78 80.55
C ARG Y 296 53.35 33.46 81.76
N LEU Y 297 52.90 32.71 82.77
CA LEU Y 297 52.18 33.29 83.93
C LEU Y 297 53.13 34.23 84.69
N LEU Y 298 54.41 33.85 84.82
CA LEU Y 298 55.41 34.67 85.56
C LEU Y 298 55.59 36.03 84.88
N GLN Y 299 55.59 36.09 83.55
CA GLN Y 299 55.84 37.36 82.80
C GLN Y 299 54.95 38.48 83.35
N PRO Y 300 55.38 39.77 83.43
CA PRO Y 300 54.54 40.78 84.03
C PRO Y 300 53.35 41.30 83.19
N LYS Y 301 53.24 41.02 81.88
CA LYS Y 301 52.04 41.40 81.12
C LYS Y 301 50.88 40.56 81.62
N ASN Y 302 51.09 39.28 81.92
CA ASN Y 302 50.02 38.38 82.41
C ASN Y 302 49.58 38.81 83.82
N VAL Y 303 50.42 39.51 84.59
CA VAL Y 303 50.00 40.05 85.93
C VAL Y 303 48.98 41.19 85.75
N MET Y 304 47.98 41.34 86.64
CA MET Y 304 46.84 42.30 86.58
C MET Y 304 46.90 43.28 87.75
N VAL Y 305 48.06 43.52 88.35
CA VAL Y 305 48.28 44.50 89.46
C VAL Y 305 49.25 45.53 88.89
N SER Y 306 49.13 46.83 89.19
CA SER Y 306 49.95 47.90 88.53
C SER Y 306 51.13 48.36 89.39
N THR Y 313 65.76 49.27 96.56
CA THR Y 313 65.36 48.25 97.57
C THR Y 313 64.96 46.97 96.83
N ASN Y 314 65.43 45.82 97.31
CA ASN Y 314 65.09 44.51 96.70
C ASN Y 314 63.60 44.32 96.92
N HIS Y 315 62.91 43.56 96.07
CA HIS Y 315 61.49 43.23 96.29
C HIS Y 315 61.33 41.76 95.92
N CYS Y 316 60.49 41.02 96.65
CA CYS Y 316 60.34 39.57 96.45
C CYS Y 316 58.97 39.03 96.82
N TYR Y 317 58.51 37.95 96.16
CA TYR Y 317 57.23 37.27 96.47
C TYR Y 317 57.42 36.57 97.81
N ILE Y 318 56.38 36.38 98.65
CA ILE Y 318 56.47 35.62 99.95
C ILE Y 318 56.16 34.14 99.73
N ALA Y 319 55.22 33.77 98.87
CA ALA Y 319 54.92 32.36 98.49
C ALA Y 319 54.02 32.42 97.25
N ILE Y 320 54.18 31.52 96.27
CA ILE Y 320 53.45 31.58 94.98
C ILE Y 320 52.63 30.31 94.84
N LEU Y 321 51.41 30.38 94.28
CA LEU Y 321 50.59 29.17 94.00
C LEU Y 321 50.02 29.31 92.58
N ASN Y 322 49.74 28.20 91.86
CA ASN Y 322 49.13 28.24 90.51
C ASN Y 322 48.10 27.12 90.34
N ILE Y 323 47.00 27.35 89.59
CA ILE Y 323 45.98 26.32 89.30
C ILE Y 323 45.77 26.31 87.79
N ILE Y 324 45.76 25.13 87.15
CA ILE Y 324 45.62 24.99 85.67
C ILE Y 324 44.37 24.16 85.34
N GLN Y 325 43.51 24.62 84.42
CA GLN Y 325 42.29 23.87 84.01
C GLN Y 325 42.27 23.65 82.51
N GLY Y 326 42.66 22.45 82.10
CA GLY Y 326 42.59 22.10 80.68
C GLY Y 326 43.12 20.73 80.38
N GLU Y 327 43.53 20.50 79.12
CA GLU Y 327 44.06 19.18 78.70
C GLU Y 327 45.54 19.16 79.10
N VAL Y 328 45.83 18.86 80.37
CA VAL Y 328 47.22 18.92 80.90
C VAL Y 328 47.73 17.50 81.09
N ASP Y 329 48.93 17.19 80.67
CA ASP Y 329 49.38 15.83 81.02
C ASP Y 329 49.77 15.92 82.48
N PRO Y 330 49.38 15.00 83.37
CA PRO Y 330 49.75 15.12 84.76
C PRO Y 330 51.18 14.71 85.11
N THR Y 331 51.78 13.74 84.41
CA THR Y 331 53.13 13.31 84.82
C THR Y 331 54.12 14.46 84.54
N GLN Y 332 53.97 15.12 83.40
CA GLN Y 332 54.86 16.24 83.04
C GLN Y 332 54.95 17.29 84.15
N VAL Y 333 53.87 17.65 84.86
CA VAL Y 333 53.92 18.83 85.79
C VAL Y 333 55.10 18.75 86.74
N HIS Y 334 55.38 17.61 87.34
CA HIS Y 334 56.45 17.58 88.35
C HIS Y 334 57.72 18.03 87.67
N LYS Y 335 58.03 17.47 86.50
CA LYS Y 335 59.27 17.82 85.77
C LYS Y 335 59.17 19.30 85.44
N SER Y 336 57.99 19.76 85.02
CA SER Y 336 57.79 21.19 84.65
C SER Y 336 58.31 22.12 85.76
N LEU Y 337 58.09 21.72 87.02
CA LEU Y 337 58.48 22.59 88.18
C LEU Y 337 60.00 22.79 88.23
N GLN Y 338 60.78 21.76 87.93
CA GLN Y 338 62.26 21.87 88.11
C GLN Y 338 62.81 23.00 87.26
N ARG Y 339 62.34 23.13 86.02
CA ARG Y 339 62.91 24.15 85.10
C ARG Y 339 62.69 25.57 85.63
N ILE Y 340 61.50 25.85 86.18
CA ILE Y 340 61.24 27.19 86.76
C ILE Y 340 62.24 27.43 87.88
N ARG Y 341 62.49 26.39 88.69
CA ARG Y 341 63.40 26.53 89.86
C ARG Y 341 64.84 26.88 89.42
N GLU Y 342 65.34 26.27 88.34
CA GLU Y 342 66.77 26.48 87.98
C GLU Y 342 67.02 27.87 87.39
N ARG Y 343 66.34 28.22 86.28
CA ARG Y 343 66.51 29.55 85.62
C ARG Y 343 66.29 30.63 86.67
N LYS Y 344 65.53 30.34 87.75
CA LYS Y 344 65.24 31.27 88.86
C LYS Y 344 64.55 32.48 88.26
N LEU Y 345 63.65 32.27 87.31
CA LEU Y 345 62.85 33.37 86.72
C LEU Y 345 62.15 33.98 87.91
N ALA Y 346 61.67 33.15 88.83
CA ALA Y 346 60.92 33.60 90.02
C ALA Y 346 61.87 33.80 91.19
N ASN Y 347 62.30 35.05 91.44
CA ASN Y 347 63.32 35.33 92.47
C ASN Y 347 62.58 35.85 93.67
N PHE Y 348 62.46 35.02 94.68
CA PHE Y 348 61.89 35.44 96.00
C PHE Y 348 62.70 34.81 97.13
N ILE Y 349 62.92 35.54 98.22
CA ILE Y 349 63.74 35.08 99.38
C ILE Y 349 63.10 35.68 100.64
N PRO Y 350 61.88 35.24 101.02
CA PRO Y 350 61.29 35.72 102.21
C PRO Y 350 61.97 35.10 103.44
N TRP Y 351 61.58 35.53 104.62
CA TRP Y 351 62.13 35.08 105.92
C TRP Y 351 62.07 33.60 106.16
N GLY Y 352 60.99 32.92 105.76
CA GLY Y 352 60.77 31.47 106.01
C GLY Y 352 61.15 30.62 104.82
N PRO Y 353 60.64 29.37 104.68
CA PRO Y 353 61.00 28.46 103.61
C PRO Y 353 59.95 28.38 102.49
N ALA Y 354 59.10 29.38 102.29
CA ALA Y 354 57.98 29.33 101.32
C ALA Y 354 58.44 29.11 99.86
N SER Y 355 57.63 28.47 99.00
CA SER Y 355 58.00 28.09 97.62
C SER Y 355 56.81 28.16 96.65
N ILE Y 356 56.97 27.69 95.39
CA ILE Y 356 55.89 27.70 94.35
C ILE Y 356 55.15 26.37 94.39
N GLN Y 357 53.85 26.32 94.03
CA GLN Y 357 53.11 25.04 94.20
C GLN Y 357 52.28 24.78 92.95
N VAL Y 358 52.25 23.56 92.42
CA VAL Y 358 51.48 23.21 91.19
C VAL Y 358 50.17 22.58 91.61
N ALA Y 359 49.05 23.05 91.07
CA ALA Y 359 47.72 22.49 91.37
C ALA Y 359 47.01 22.30 90.05
N LEU Y 360 46.06 21.38 89.89
CA LEU Y 360 45.43 21.09 88.56
C LEU Y 360 43.94 20.83 88.74
N SER Y 361 43.09 21.26 87.79
CA SER Y 361 41.60 21.15 87.88
C SER Y 361 41.03 20.81 86.52
N ARG Y 362 39.73 20.54 86.44
CA ARG Y 362 39.07 20.14 85.18
C ARG Y 362 38.37 21.34 84.59
N LYS Y 363 38.58 21.60 83.31
CA LYS Y 363 37.79 22.64 82.62
C LYS Y 363 36.40 22.04 82.49
N SER Y 364 35.36 22.87 82.53
CA SER Y 364 33.94 22.39 82.49
C SER Y 364 33.51 22.05 81.07
N PRO Y 365 32.52 21.16 80.85
CA PRO Y 365 32.02 20.89 79.51
C PRO Y 365 30.99 21.96 79.17
N TYR Y 366 30.28 21.85 78.04
CA TYR Y 366 29.20 22.78 77.60
C TYR Y 366 29.78 24.11 77.09
N LEU Y 367 30.49 24.85 77.93
CA LEU Y 367 31.05 26.18 77.55
C LEU Y 367 32.28 25.91 76.66
N PRO Y 368 32.76 26.90 75.87
CA PRO Y 368 33.86 26.65 74.95
C PRO Y 368 35.13 26.14 75.65
N SER Y 369 35.93 25.30 74.98
CA SER Y 369 37.19 24.71 75.51
C SER Y 369 38.37 25.43 74.84
N ALA Y 370 38.18 26.66 74.37
CA ALA Y 370 39.23 27.43 73.66
C ALA Y 370 40.41 27.60 74.60
N HIS Y 371 41.65 27.71 74.10
CA HIS Y 371 42.86 27.69 74.96
C HIS Y 371 42.67 26.44 75.81
N ARG Y 372 42.70 25.25 75.18
CA ARG Y 372 42.37 23.98 75.86
C ARG Y 372 43.09 23.99 77.20
N VAL Y 373 44.33 24.45 77.29
CA VAL Y 373 45.02 24.61 78.61
C VAL Y 373 45.04 26.12 78.93
N SER Y 374 44.60 26.53 80.12
CA SER Y 374 44.48 27.96 80.51
C SER Y 374 44.65 28.05 82.02
N GLY Y 375 45.44 28.99 82.58
CA GLY Y 375 45.77 29.01 84.03
C GLY Y 375 45.58 30.34 84.72
N LEU Y 376 45.70 30.36 86.06
CA LEU Y 376 45.62 31.59 86.89
C LEU Y 376 46.66 31.44 88.00
N MET Y 377 47.18 32.52 88.60
CA MET Y 377 48.09 32.41 89.76
C MET Y 377 47.62 33.36 90.85
N MET Y 378 47.68 32.95 92.09
CA MET Y 378 47.37 33.81 93.27
C MET Y 378 48.66 33.84 94.08
N ALA Y 379 49.23 35.01 94.38
CA ALA Y 379 50.54 35.06 95.05
C ALA Y 379 50.62 36.20 96.07
N ASN Y 380 51.43 36.03 97.11
CA ASN Y 380 51.66 37.08 98.15
C ASN Y 380 52.91 37.80 97.68
N HIS Y 381 52.78 39.05 97.23
CA HIS Y 381 53.93 39.81 96.66
C HIS Y 381 54.10 41.14 97.41
N THR Y 382 55.33 41.55 97.75
CA THR Y 382 55.60 42.80 98.50
C THR Y 382 55.44 44.02 97.61
N SER Y 383 55.32 43.85 96.30
CA SER Y 383 55.09 44.98 95.36
C SER Y 383 53.76 45.65 95.70
N ILE Y 384 52.75 44.90 96.13
CA ILE Y 384 51.38 45.48 96.39
C ILE Y 384 51.50 46.52 97.49
N SER Y 385 52.54 46.49 98.31
CA SER Y 385 52.78 47.51 99.36
C SER Y 385 52.86 48.86 98.67
N SER Y 386 53.48 48.92 97.50
CA SER Y 386 53.66 50.18 96.77
C SER Y 386 52.29 50.80 96.43
N LEU Y 387 51.33 50.00 96.01
CA LEU Y 387 49.98 50.52 95.67
C LEU Y 387 49.35 51.11 96.94
N PHE Y 388 49.51 50.46 98.09
CA PHE Y 388 48.97 50.98 99.36
C PHE Y 388 49.63 52.31 99.69
N GLU Y 389 50.94 52.43 99.52
CA GLU Y 389 51.69 53.66 99.86
C GLU Y 389 51.25 54.83 98.96
N ARG Y 390 50.88 54.57 97.69
CA ARG Y 390 50.47 55.63 96.72
C ARG Y 390 49.19 56.33 97.19
N THR Y 391 48.21 55.58 97.68
CA THR Y 391 46.98 56.21 98.25
C THR Y 391 47.35 56.89 99.57
N CYS Y 392 48.27 56.29 100.34
CA CYS Y 392 48.76 56.90 101.61
C CYS Y 392 49.52 58.18 101.25
N ARG Y 393 50.20 58.22 100.11
CA ARG Y 393 50.91 59.42 99.61
C ARG Y 393 49.87 60.46 99.22
N GLN Y 394 48.83 60.07 98.50
CA GLN Y 394 47.84 61.07 98.07
C GLN Y 394 47.24 61.62 99.37
N TYR Y 395 46.90 60.74 100.31
CA TYR Y 395 46.23 61.13 101.58
C TYR Y 395 47.12 62.04 102.40
N ASP Y 396 48.40 61.71 102.49
CA ASP Y 396 49.33 62.51 103.34
C ASP Y 396 49.38 63.91 102.73
N LYS Y 397 49.48 63.99 101.42
CA LYS Y 397 49.51 65.31 100.72
C LYS Y 397 48.19 65.99 101.00
N LEU Y 398 47.08 65.26 100.85
CA LEU Y 398 45.72 65.82 101.04
C LEU Y 398 45.50 66.21 102.50
N ARG Y 399 46.06 65.47 103.45
CA ARG Y 399 45.83 65.72 104.91
C ARG Y 399 46.43 67.07 105.28
N LYS Y 400 47.62 67.37 104.77
CA LYS Y 400 48.31 68.63 105.12
C LYS Y 400 47.45 69.78 104.60
N ARG Y 401 47.02 69.69 103.35
CA ARG Y 401 46.21 70.77 102.72
C ARG Y 401 44.88 70.86 103.46
N GLU Y 402 44.34 69.71 103.87
CA GLU Y 402 42.98 69.68 104.50
C GLU Y 402 42.02 70.25 103.45
N ALA Y 403 42.35 70.04 102.17
CA ALA Y 403 41.54 70.59 101.07
C ALA Y 403 40.14 69.97 101.12
N PHE Y 404 40.08 68.67 101.42
CA PHE Y 404 38.76 68.00 101.41
C PHE Y 404 38.56 67.30 102.75
N LEU Y 405 38.32 68.09 103.80
CA LEU Y 405 38.00 67.50 105.13
C LEU Y 405 36.51 67.19 105.11
N GLU Y 406 35.82 67.54 104.02
CA GLU Y 406 34.34 67.36 103.90
C GLU Y 406 33.68 68.34 104.86
N GLN Y 407 34.04 68.25 106.14
CA GLN Y 407 33.45 69.12 107.18
C GLN Y 407 31.94 69.04 107.01
N PHE Y 408 31.48 68.08 106.21
CA PHE Y 408 30.01 67.88 106.11
C PHE Y 408 29.59 67.54 107.53
N ARG Y 409 28.41 67.96 107.96
CA ARG Y 409 28.03 67.78 109.39
C ARG Y 409 28.08 66.29 109.68
N LYS Y 410 27.64 65.44 108.75
CA LYS Y 410 27.78 63.98 108.95
C LYS Y 410 29.24 63.69 109.24
N GLU Y 411 30.16 64.07 108.34
CA GLU Y 411 31.60 63.72 108.54
C GLU Y 411 32.04 64.14 109.93
N ASP Y 412 31.92 65.44 110.25
CA ASP Y 412 32.41 65.94 111.56
C ASP Y 412 31.62 65.31 112.71
N MET Y 413 30.30 65.15 112.58
CA MET Y 413 29.55 64.65 113.75
C MET Y 413 30.05 63.24 114.08
N PHE Y 414 30.22 62.41 113.06
CA PHE Y 414 30.79 61.07 113.32
C PHE Y 414 32.24 61.21 113.82
N LYS Y 415 33.03 62.07 113.18
CA LYS Y 415 34.47 62.17 113.54
C LYS Y 415 34.88 63.65 113.68
N ASP Y 416 34.49 64.30 114.78
CA ASP Y 416 34.94 65.69 115.01
C ASP Y 416 36.46 65.68 115.15
N ASN Y 417 36.98 64.72 115.92
CA ASN Y 417 38.45 64.58 116.11
C ASN Y 417 39.10 64.13 114.79
N PHE Y 418 38.41 63.28 114.02
CA PHE Y 418 39.02 62.71 112.78
C PHE Y 418 40.15 61.79 113.22
N ASP Y 419 40.05 61.24 114.44
CA ASP Y 419 41.10 60.35 114.98
C ASP Y 419 41.19 59.08 114.13
N GLU Y 420 40.06 58.62 113.59
CA GLU Y 420 40.07 57.35 112.83
C GLU Y 420 41.09 57.51 111.71
N MET Y 421 41.15 58.70 111.13
CA MET Y 421 42.08 58.94 110.00
C MET Y 421 43.53 58.73 110.47
N ASP Y 422 43.89 59.22 111.65
CA ASP Y 422 45.31 59.10 112.10
C ASP Y 422 45.58 57.66 112.53
N THR Y 423 44.65 57.06 113.25
CA THR Y 423 44.74 55.67 113.74
C THR Y 423 44.94 54.78 112.52
N SER Y 424 44.21 55.06 111.45
CA SER Y 424 44.32 54.28 110.20
C SER Y 424 45.72 54.50 109.60
N ARG Y 425 46.22 55.72 109.66
CA ARG Y 425 47.52 56.07 109.04
C ARG Y 425 48.65 55.28 109.73
N GLU Y 426 48.64 55.18 111.06
CA GLU Y 426 49.68 54.41 111.78
C GLU Y 426 49.51 52.91 111.48
N ILE Y 427 48.28 52.42 111.45
CA ILE Y 427 47.99 50.97 111.19
C ILE Y 427 48.48 50.57 109.80
N VAL Y 428 48.20 51.38 108.78
CA VAL Y 428 48.60 51.10 107.37
C VAL Y 428 50.12 51.31 107.25
N GLN Y 429 50.70 52.27 107.96
CA GLN Y 429 52.17 52.51 107.96
C GLN Y 429 52.84 51.29 108.59
N GLN Y 430 52.25 50.72 109.64
CA GLN Y 430 52.79 49.48 110.25
C GLN Y 430 52.79 48.42 109.15
N LEU Y 431 51.69 48.34 108.39
CA LEU Y 431 51.57 47.37 107.27
C LEU Y 431 52.63 47.66 106.21
N ILE Y 432 52.82 48.94 105.86
CA ILE Y 432 53.81 49.33 104.81
C ILE Y 432 55.16 48.87 105.35
N ASP Y 433 55.41 49.13 106.62
CA ASP Y 433 56.70 48.76 107.27
C ASP Y 433 56.83 47.23 107.29
N GLU Y 434 55.78 46.53 107.70
CA GLU Y 434 55.86 45.07 107.86
C GLU Y 434 56.26 44.47 106.52
N TYR Y 435 55.64 44.91 105.43
CA TYR Y 435 55.93 44.35 104.10
C TYR Y 435 57.43 44.44 103.88
N HIS Y 436 58.00 45.62 103.98
CA HIS Y 436 59.44 45.81 103.64
C HIS Y 436 60.27 44.99 104.61
N ALA Y 437 59.80 44.78 105.84
CA ALA Y 437 60.50 43.93 106.82
C ALA Y 437 60.52 42.52 106.26
N ALA Y 438 59.46 42.12 105.57
CA ALA Y 438 59.38 40.78 104.96
C ALA Y 438 60.53 40.63 103.97
N THR Y 439 60.82 41.66 103.19
CA THR Y 439 61.90 41.64 102.19
C THR Y 439 63.22 41.39 102.91
N ARG Y 440 63.39 41.93 104.11
CA ARG Y 440 64.67 41.85 104.85
C ARG Y 440 64.95 40.42 105.26
N PRO Y 441 66.20 40.05 105.61
CA PRO Y 441 66.51 38.71 106.09
C PRO Y 441 65.97 38.34 107.49
N ASP Y 442 65.50 39.29 108.30
CA ASP Y 442 65.08 39.01 109.70
C ASP Y 442 63.60 39.33 109.98
N TYR Y 443 62.65 38.60 109.40
CA TYR Y 443 61.21 38.74 109.77
C TYR Y 443 61.00 37.77 110.91
N ILE Y 444 62.05 37.03 111.31
CA ILE Y 444 61.98 36.14 112.51
C ILE Y 444 61.76 37.10 113.69
N SER Y 445 62.44 38.24 113.70
CA SER Y 445 62.24 39.30 114.72
C SER Y 445 60.91 39.98 114.42
N TRP Y 446 60.39 40.78 115.34
CA TRP Y 446 59.05 41.43 115.21
C TRP Y 446 59.02 42.24 113.91
N GLY Y 447 57.90 42.24 113.15
CA GLY Y 447 57.75 43.03 111.93
C GLY Y 447 56.68 44.08 112.12
N ARG Z 3 -16.40 0.30 117.42
CA ARG Z 3 -15.82 1.45 118.15
C ARG Z 3 -16.24 2.74 117.46
N GLU Z 4 -17.53 2.87 117.14
CA GLU Z 4 -18.03 4.12 116.53
C GLU Z 4 -17.85 5.24 117.55
N ILE Z 5 -17.40 6.42 117.09
CA ILE Z 5 -17.13 7.53 118.04
C ILE Z 5 -17.95 8.75 117.66
N ILE Z 6 -18.67 9.32 118.62
CA ILE Z 6 -19.56 10.49 118.35
C ILE Z 6 -18.77 11.76 118.65
N THR Z 7 -19.02 12.83 117.90
CA THR Z 7 -18.32 14.12 118.10
C THR Z 7 -19.34 15.17 118.53
N LEU Z 8 -19.17 15.72 119.72
CA LEU Z 8 -20.09 16.76 120.26
C LEU Z 8 -19.50 18.12 119.90
N GLN Z 9 -19.69 18.59 118.68
CA GLN Z 9 -19.19 19.93 118.24
C GLN Z 9 -20.15 20.97 118.81
N LEU Z 10 -19.65 21.96 119.55
CA LEU Z 10 -20.50 22.96 120.24
C LEU Z 10 -19.92 24.36 120.15
N GLY Z 11 -20.77 25.41 120.18
CA GLY Z 11 -20.32 26.81 120.16
C GLY Z 11 -20.05 27.24 118.73
N GLN Z 12 -20.10 28.53 118.43
CA GLN Z 12 -19.95 28.99 117.02
C GLN Z 12 -18.57 28.59 116.51
N CYS Z 13 -17.50 28.85 117.27
CA CYS Z 13 -16.12 28.52 116.86
C CYS Z 13 -15.97 27.00 116.72
N GLY Z 14 -16.47 26.25 117.70
CA GLY Z 14 -16.38 24.77 117.67
C GLY Z 14 -17.19 24.22 116.52
N ASN Z 15 -18.35 24.79 116.23
CA ASN Z 15 -19.24 24.36 115.13
C ASN Z 15 -18.57 24.65 113.79
N GLN Z 16 -17.77 25.71 113.70
CA GLN Z 16 -17.01 26.03 112.46
C GLN Z 16 -15.95 24.96 112.16
N ILE Z 17 -15.25 24.39 113.16
CA ILE Z 17 -14.11 23.46 112.90
C ILE Z 17 -14.63 22.02 112.75
N GLY Z 18 -15.82 21.70 113.28
CA GLY Z 18 -16.51 20.42 113.08
C GLY Z 18 -17.13 20.42 111.70
N PHE Z 19 -17.66 21.57 111.28
CA PHE Z 19 -18.27 21.68 109.93
C PHE Z 19 -17.19 21.31 108.92
N GLU Z 20 -16.03 21.95 109.04
CA GLU Z 20 -14.89 21.72 108.12
C GLU Z 20 -14.27 20.32 108.26
N PHE Z 21 -14.11 19.81 109.47
CA PHE Z 21 -13.47 18.48 109.70
C PHE Z 21 -14.28 17.41 108.99
N TRP Z 22 -15.61 17.46 109.13
CA TRP Z 22 -16.52 16.49 108.46
C TRP Z 22 -16.44 16.69 106.95
N LYS Z 23 -16.36 17.93 106.48
CA LYS Z 23 -16.24 18.24 105.04
C LYS Z 23 -14.91 17.69 104.55
N GLN Z 24 -13.86 17.81 105.35
CA GLN Z 24 -12.49 17.35 104.96
C GLN Z 24 -12.51 15.84 104.75
N LEU Z 25 -13.22 15.10 105.61
CA LEU Z 25 -13.38 13.62 105.50
C LEU Z 25 -14.47 13.33 104.48
N CYS Z 26 -15.24 14.30 104.03
CA CYS Z 26 -16.20 14.02 102.93
C CYS Z 26 -15.40 13.76 101.67
N ALA Z 27 -14.57 14.72 101.25
CA ALA Z 27 -13.75 14.58 100.04
C ALA Z 27 -12.72 13.47 100.22
N GLU Z 28 -12.08 13.38 101.39
CA GLU Z 28 -10.98 12.41 101.63
C GLU Z 28 -11.56 11.01 101.53
N HIS Z 29 -12.71 10.78 102.12
CA HIS Z 29 -13.38 9.46 102.02
C HIS Z 29 -14.21 9.47 100.74
N GLY Z 30 -14.82 8.34 100.41
CA GLY Z 30 -15.73 8.27 99.25
C GLY Z 30 -17.12 8.74 99.61
N ILE Z 31 -17.31 10.05 99.79
CA ILE Z 31 -18.63 10.63 100.16
C ILE Z 31 -18.82 11.90 99.33
N SER Z 32 -20.05 12.20 98.88
CA SER Z 32 -20.37 13.42 98.09
C SER Z 32 -20.97 14.44 99.06
N PRO Z 33 -21.42 15.67 98.67
CA PRO Z 33 -22.10 16.60 99.59
C PRO Z 33 -23.49 16.13 100.06
N GLU Z 34 -24.11 15.16 99.40
CA GLU Z 34 -25.43 14.61 99.83
C GLU Z 34 -25.22 13.32 100.64
N GLY Z 35 -23.98 13.01 100.98
CA GLY Z 35 -23.60 11.82 101.80
C GLY Z 35 -23.62 10.54 100.96
N ILE Z 36 -23.88 10.60 99.67
CA ILE Z 36 -24.04 9.40 98.79
C ILE Z 36 -22.66 8.82 98.51
N VAL Z 37 -22.55 7.50 98.41
CA VAL Z 37 -21.25 6.88 98.05
C VAL Z 37 -20.87 7.44 96.69
N GLU Z 38 -19.62 7.87 96.53
CA GLU Z 38 -19.13 8.47 95.27
C GLU Z 38 -18.98 7.36 94.22
N GLU Z 39 -19.40 7.61 92.99
N GLU Z 39 -19.45 7.70 93.00
CA GLU Z 39 -19.29 6.63 91.88
CA GLU Z 39 -19.34 6.72 91.90
C GLU Z 39 -17.81 6.38 91.59
C GLU Z 39 -17.86 6.47 91.60
N PHE Z 40 -16.96 7.42 91.67
CA PHE Z 40 -15.53 7.28 91.28
C PHE Z 40 -14.86 6.22 92.17
N ALA Z 41 -15.20 6.15 93.45
CA ALA Z 41 -14.51 5.22 94.38
C ALA Z 41 -14.70 3.81 93.88
N THR Z 45 -11.76 0.67 100.91
CA THR Z 45 -10.46 0.15 101.44
C THR Z 45 -10.22 0.84 102.78
N ASP Z 46 -11.25 1.54 103.28
CA ASP Z 46 -11.12 2.36 104.49
C ASP Z 46 -12.10 1.89 105.57
N ARG Z 47 -11.85 2.27 106.83
CA ARG Z 47 -12.72 1.89 107.99
C ARG Z 47 -13.68 3.04 108.26
N LYS Z 48 -14.72 3.19 107.45
CA LYS Z 48 -15.63 4.36 107.59
C LYS Z 48 -16.60 4.09 108.75
N ASP Z 49 -16.55 2.89 109.35
CA ASP Z 49 -17.53 2.52 110.38
C ASP Z 49 -17.45 3.43 111.61
N VAL Z 50 -16.26 3.76 112.10
CA VAL Z 50 -16.18 4.51 113.40
C VAL Z 50 -16.71 5.91 113.22
N PHE Z 51 -16.28 6.51 112.13
CA PHE Z 51 -16.64 7.95 112.02
C PHE Z 51 -17.97 8.15 111.32
N PHE Z 52 -18.33 7.27 110.41
CA PHE Z 52 -19.55 7.47 109.60
C PHE Z 52 -20.60 6.38 109.87
N TYR Z 53 -21.83 6.78 110.25
CA TYR Z 53 -22.97 5.83 110.42
C TYR Z 53 -23.28 5.32 109.01
N GLN Z 54 -23.74 4.08 108.86
CA GLN Z 54 -24.10 3.53 107.53
C GLN Z 54 -25.62 3.50 107.39
N ALA Z 55 -26.20 4.30 106.50
CA ALA Z 55 -27.66 4.28 106.23
C ALA Z 55 -27.92 3.13 105.25
N ASP Z 56 -29.19 2.76 105.03
CA ASP Z 56 -29.56 1.61 104.17
C ASP Z 56 -29.08 1.83 102.72
N ASP Z 57 -29.21 3.04 102.18
CA ASP Z 57 -28.84 3.33 100.77
C ASP Z 57 -27.47 4.04 100.76
N GLU Z 58 -26.50 3.55 101.52
CA GLU Z 58 -25.10 4.09 101.54
C GLU Z 58 -25.09 5.60 101.76
N HIS Z 59 -25.99 6.12 102.61
CA HIS Z 59 -25.89 7.54 103.04
C HIS Z 59 -25.04 7.47 104.30
N TYR Z 60 -23.72 7.63 104.19
CA TYR Z 60 -22.80 7.55 105.34
C TYR Z 60 -22.90 8.89 106.05
N ILE Z 61 -23.72 8.98 107.10
CA ILE Z 61 -23.98 10.28 107.79
C ILE Z 61 -23.04 10.37 108.99
N PRO Z 62 -22.23 11.44 109.16
CA PRO Z 62 -21.39 11.52 110.33
C PRO Z 62 -22.25 11.51 111.61
N ARG Z 63 -21.76 10.94 112.70
CA ARG Z 63 -22.47 10.97 114.01
C ARG Z 63 -22.12 12.28 114.71
N ALA Z 64 -22.40 13.41 114.07
CA ALA Z 64 -22.08 14.74 114.62
C ALA Z 64 -23.22 15.19 115.51
N VAL Z 65 -22.92 15.75 116.68
CA VAL Z 65 -23.96 16.36 117.56
C VAL Z 65 -23.68 17.85 117.49
N LEU Z 66 -24.54 18.63 116.84
CA LEU Z 66 -24.30 20.08 116.65
C LEU Z 66 -25.17 20.80 117.70
N LEU Z 67 -24.55 21.50 118.65
CA LEU Z 67 -25.28 22.27 119.70
C LEU Z 67 -25.19 23.75 119.33
N ASP Z 68 -26.31 24.46 119.29
CA ASP Z 68 -26.35 25.90 118.93
C ASP Z 68 -26.85 26.66 120.14
N LEU Z 69 -26.71 27.90 120.27
CA LEU Z 69 -27.23 28.71 121.39
C LEU Z 69 -27.24 30.16 120.89
N GLU Z 70 -28.25 30.90 120.95
CA GLU Z 70 -28.44 32.25 120.37
C GLU Z 70 -27.95 32.15 118.93
N PRO Z 71 -28.42 31.19 118.10
CA PRO Z 71 -27.79 30.91 116.80
C PRO Z 71 -27.70 31.96 115.69
N ARG Z 72 -26.57 31.98 114.99
CA ARG Z 72 -26.33 32.87 113.81
C ARG Z 72 -25.60 32.04 112.76
N VAL Z 73 -24.45 31.43 113.10
CA VAL Z 73 -23.62 30.62 112.17
C VAL Z 73 -24.15 29.20 112.12
N ILE Z 74 -25.07 28.83 113.00
CA ILE Z 74 -25.64 27.47 112.86
C ILE Z 74 -26.60 27.57 111.69
N HIS Z 75 -27.07 28.78 111.40
CA HIS Z 75 -27.99 29.03 110.27
C HIS Z 75 -27.23 28.94 108.95
N SER Z 76 -26.02 29.51 108.86
CA SER Z 76 -25.12 29.45 107.68
C SER Z 76 -24.71 28.00 107.40
N ILE Z 77 -24.49 27.19 108.45
CA ILE Z 77 -24.14 25.74 108.29
C ILE Z 77 -25.32 25.08 107.58
N LEU Z 78 -26.55 25.42 107.95
CA LEU Z 78 -27.78 24.85 107.34
C LEU Z 78 -27.89 25.23 105.86
N ASN Z 79 -27.60 26.48 105.48
CA ASN Z 79 -27.64 26.85 104.04
C ASN Z 79 -26.30 26.47 103.42
N SER Z 80 -26.04 25.17 103.25
CA SER Z 80 -24.79 24.67 102.63
C SER Z 80 -25.12 23.47 101.75
N PRO Z 81 -24.28 23.10 100.75
CA PRO Z 81 -24.53 21.89 99.95
C PRO Z 81 -24.44 20.62 100.81
N TYR Z 82 -23.76 20.68 101.95
CA TYR Z 82 -23.51 19.51 102.82
C TYR Z 82 -24.58 19.38 103.90
N ALA Z 83 -25.64 20.19 103.85
CA ALA Z 83 -26.72 20.14 104.86
C ALA Z 83 -27.32 18.73 104.88
N LYS Z 84 -27.49 18.10 103.71
CA LYS Z 84 -28.02 16.73 103.61
C LYS Z 84 -26.99 15.72 104.15
N LEU Z 85 -25.69 16.00 104.00
CA LEU Z 85 -24.66 15.02 104.41
C LEU Z 85 -24.77 14.74 105.90
N TYR Z 86 -24.93 15.77 106.73
CA TYR Z 86 -25.08 15.61 108.20
C TYR Z 86 -26.58 15.80 108.47
N ASN Z 87 -27.34 14.70 108.54
CA ASN Z 87 -28.77 14.78 108.91
C ASN Z 87 -29.10 13.72 109.96
N PRO Z 88 -28.57 13.83 111.20
CA PRO Z 88 -29.05 13.01 112.29
C PRO Z 88 -30.26 13.81 112.79
N GLU Z 89 -30.56 14.97 112.17
CA GLU Z 89 -31.73 15.80 112.53
C GLU Z 89 -31.63 16.06 114.03
N ASN Z 90 -30.46 16.47 114.51
CA ASN Z 90 -30.22 16.68 115.96
C ASN Z 90 -29.53 18.02 116.23
N ILE Z 91 -30.20 19.16 115.97
CA ILE Z 91 -29.66 20.52 116.29
C ILE Z 91 -30.70 21.19 117.18
N TYR Z 92 -30.33 21.70 118.36
CA TYR Z 92 -31.32 22.24 119.34
C TYR Z 92 -31.03 23.68 119.78
N LEU Z 93 -32.06 24.54 119.81
CA LEU Z 93 -31.92 25.96 120.27
C LEU Z 93 -32.11 26.02 121.79
N GLY Z 101 -24.69 34.08 125.77
CA GLY Z 101 -23.90 35.21 126.27
C GLY Z 101 -22.41 34.98 126.07
N ASN Z 102 -21.59 36.01 126.29
CA ASN Z 102 -20.12 35.93 126.08
C ASN Z 102 -19.46 35.58 127.43
N ASN Z 103 -20.24 35.21 128.44
CA ASN Z 103 -19.69 34.89 129.80
C ASN Z 103 -19.65 33.38 130.04
N TRP Z 104 -18.66 32.90 130.78
CA TRP Z 104 -18.54 31.44 131.10
C TRP Z 104 -19.73 31.07 131.94
N ALA Z 105 -20.08 31.89 132.92
CA ALA Z 105 -21.27 31.67 133.78
C ALA Z 105 -22.52 31.75 132.89
N SER Z 106 -22.57 32.69 131.95
CA SER Z 106 -23.75 32.88 131.08
C SER Z 106 -24.01 31.62 130.25
N GLY Z 107 -22.98 30.93 129.76
CA GLY Z 107 -23.06 29.70 128.95
C GLY Z 107 -23.44 28.51 129.81
N PHE Z 108 -22.88 28.39 131.01
CA PHE Z 108 -23.11 27.25 131.92
C PHE Z 108 -24.57 27.21 132.35
N SER Z 109 -25.16 28.36 132.67
CA SER Z 109 -26.57 28.45 133.12
C SER Z 109 -27.52 28.09 131.99
N GLN Z 110 -27.25 28.57 130.77
CA GLN Z 110 -28.12 28.30 129.60
C GLN Z 110 -28.12 26.79 129.32
N GLY Z 111 -26.97 26.14 129.46
CA GLY Z 111 -26.84 24.69 129.23
C GLY Z 111 -27.67 23.88 130.21
N GLU Z 112 -27.73 24.30 131.48
CA GLU Z 112 -28.42 23.54 132.56
C GLU Z 112 -29.93 23.36 132.33
N LYS Z 113 -30.65 24.36 131.82
CA LYS Z 113 -32.12 24.27 131.55
C LYS Z 113 -32.43 23.32 130.38
N ILE Z 114 -31.56 23.26 129.38
CA ILE Z 114 -31.78 22.43 128.15
C ILE Z 114 -30.96 21.14 128.27
N HIS Z 115 -30.41 20.82 129.44
CA HIS Z 115 -29.47 19.67 129.56
C HIS Z 115 -30.13 18.36 129.12
N GLU Z 116 -31.38 18.09 129.52
CA GLU Z 116 -32.06 16.79 129.26
C GLU Z 116 -32.39 16.49 127.79
N ASP Z 117 -32.81 17.49 126.99
CA ASP Z 117 -33.09 17.30 125.54
C ASP Z 117 -31.78 17.14 124.77
N ILE Z 118 -30.75 17.92 125.12
CA ILE Z 118 -29.42 17.78 124.46
C ILE Z 118 -28.88 16.41 124.86
N PHE Z 119 -29.11 15.98 126.11
CA PHE Z 119 -28.62 14.67 126.62
C PHE Z 119 -29.38 13.50 125.99
N ASP Z 120 -30.68 13.66 125.66
CA ASP Z 120 -31.48 12.63 124.94
C ASP Z 120 -30.93 12.48 123.52
N ILE Z 121 -30.51 13.59 122.90
CA ILE Z 121 -29.90 13.59 121.54
C ILE Z 121 -28.62 12.77 121.62
N ILE Z 122 -27.88 12.85 122.74
CA ILE Z 122 -26.68 12.02 122.97
C ILE Z 122 -27.13 10.57 123.06
N ASP Z 123 -28.22 10.32 123.79
CA ASP Z 123 -28.71 8.93 124.00
C ASP Z 123 -29.10 8.30 122.67
N ARG Z 124 -29.92 8.98 121.87
CA ARG Z 124 -30.41 8.48 120.57
C ARG Z 124 -29.23 7.88 119.82
N GLU Z 125 -28.17 8.66 119.63
CA GLU Z 125 -27.02 8.19 118.82
C GLU Z 125 -26.39 7.00 119.51
N ALA Z 126 -26.27 7.01 120.85
CA ALA Z 126 -25.62 5.92 121.61
C ALA Z 126 -26.42 4.64 121.39
N ASP Z 127 -27.75 4.73 121.40
CA ASP Z 127 -28.63 3.57 121.17
C ASP Z 127 -28.50 3.11 119.72
N GLY Z 128 -28.46 4.05 118.76
CA GLY Z 128 -28.42 3.74 117.32
C GLY Z 128 -27.16 2.99 116.93
N SER Z 129 -26.02 3.35 117.51
CA SER Z 129 -24.70 2.75 117.17
C SER Z 129 -24.62 1.34 117.72
N ASP Z 130 -23.82 0.48 117.09
CA ASP Z 130 -23.58 -0.88 117.63
C ASP Z 130 -22.95 -0.66 118.98
N SER Z 131 -22.07 0.33 119.08
CA SER Z 131 -21.31 0.63 120.31
C SER Z 131 -20.81 2.08 120.28
N LEU Z 132 -20.24 2.58 121.39
CA LEU Z 132 -19.72 3.97 121.43
C LEU Z 132 -18.35 4.00 122.10
N GLU Z 133 -17.27 4.00 121.32
CA GLU Z 133 -15.90 4.05 121.88
C GLU Z 133 -15.64 5.37 122.59
N GLY Z 134 -16.04 6.50 122.01
CA GLY Z 134 -15.69 7.77 122.70
C GLY Z 134 -16.47 8.98 122.20
N PHE Z 135 -16.23 10.14 122.83
CA PHE Z 135 -16.89 11.39 122.39
C PHE Z 135 -15.81 12.41 122.04
N VAL Z 136 -16.04 13.23 121.02
CA VAL Z 136 -15.03 14.25 120.59
C VAL Z 136 -15.65 15.64 120.65
N LEU Z 137 -14.99 16.60 121.29
CA LEU Z 137 -15.61 17.94 121.44
C LEU Z 137 -14.84 18.97 120.63
N CYS Z 138 -15.54 19.80 119.86
CA CYS Z 138 -14.84 20.91 119.17
C CYS Z 138 -15.35 22.18 119.83
N HIS Z 139 -14.49 22.94 120.53
CA HIS Z 139 -14.92 24.22 121.14
C HIS Z 139 -13.72 25.13 121.40
N SER Z 140 -13.97 26.43 121.57
CA SER Z 140 -12.88 27.38 121.91
C SER Z 140 -12.91 27.66 123.40
N ILE Z 141 -11.75 27.61 124.05
CA ILE Z 141 -11.68 27.99 125.50
C ILE Z 141 -12.05 29.48 125.56
N ALA Z 142 -12.73 29.93 126.62
CA ALA Z 142 -13.21 31.33 126.66
C ALA Z 142 -13.98 31.58 125.35
N GLY Z 143 -14.76 30.58 124.93
CA GLY Z 143 -15.50 30.68 123.65
C GLY Z 143 -16.83 31.40 123.81
N GLY Z 144 -16.96 32.26 124.83
CA GLY Z 144 -18.24 32.91 125.09
C GLY Z 144 -19.25 31.82 125.40
N THR Z 145 -20.21 31.58 124.52
CA THR Z 145 -21.21 30.50 124.69
C THR Z 145 -20.50 29.15 124.69
N GLY Z 146 -19.47 28.98 123.85
CA GLY Z 146 -18.80 27.68 123.70
C GLY Z 146 -18.20 27.20 125.02
N SER Z 147 -17.56 28.08 125.78
CA SER Z 147 -17.04 27.73 127.14
C SER Z 147 -18.20 27.91 128.10
N GLY Z 148 -18.17 27.26 129.28
CA GLY Z 148 -19.33 27.29 130.19
C GLY Z 148 -20.33 26.24 129.79
N LEU Z 149 -20.89 26.29 128.58
CA LEU Z 149 -21.78 25.21 128.11
C LEU Z 149 -20.92 23.98 127.92
N GLY Z 150 -19.68 24.13 127.44
CA GLY Z 150 -18.83 22.98 127.13
C GLY Z 150 -18.31 22.31 128.39
N SER Z 151 -18.00 23.08 129.42
CA SER Z 151 -17.52 22.61 130.75
C SER Z 151 -18.64 21.82 131.41
N TYR Z 152 -19.88 22.34 131.37
CA TYR Z 152 -21.03 21.67 132.00
C TYR Z 152 -21.30 20.33 131.34
N LEU Z 153 -21.28 20.31 130.01
CA LEU Z 153 -21.57 19.09 129.23
C LEU Z 153 -20.41 18.12 129.46
N LEU Z 154 -19.21 18.65 129.72
CA LEU Z 154 -18.02 17.80 130.01
C LEU Z 154 -18.25 17.08 131.33
N GLU Z 155 -18.86 17.74 132.31
CA GLU Z 155 -19.10 17.16 133.65
C GLU Z 155 -20.20 16.09 133.60
N ARG Z 156 -21.27 16.32 132.82
CA ARG Z 156 -22.39 15.35 132.75
C ARG Z 156 -21.96 14.06 132.07
N LEU Z 157 -21.16 14.16 131.00
CA LEU Z 157 -20.81 12.98 130.19
C LEU Z 157 -20.06 11.93 131.00
N ASN Z 158 -19.10 12.31 131.83
CA ASN Z 158 -18.28 11.32 132.57
C ASN Z 158 -19.16 10.56 133.56
N ASP Z 159 -20.07 11.27 134.25
CA ASP Z 159 -20.94 10.63 135.27
C ASP Z 159 -21.82 9.59 134.58
N ARG Z 160 -22.44 9.94 133.45
CA ARG Z 160 -23.35 9.03 132.70
C ARG Z 160 -22.57 7.89 132.05
N TYR Z 161 -21.43 8.27 131.45
CA TYR Z 161 -20.63 7.31 130.67
C TYR Z 161 -19.19 7.30 131.22
N PRO Z 162 -18.91 6.70 132.41
CA PRO Z 162 -17.57 6.71 132.99
C PRO Z 162 -16.59 6.08 131.98
N LYS Z 163 -17.03 5.00 131.33
CA LYS Z 163 -16.15 4.31 130.34
C LYS Z 163 -15.83 5.26 129.20
N LYS Z 164 -16.79 6.06 128.73
CA LYS Z 164 -16.55 6.89 127.52
C LYS Z 164 -15.51 7.97 127.79
N LEU Z 165 -14.55 8.16 126.88
CA LEU Z 165 -13.48 9.16 127.04
C LEU Z 165 -13.79 10.34 126.12
N VAL Z 166 -13.80 11.56 126.66
CA VAL Z 166 -14.18 12.75 125.84
C VAL Z 166 -12.89 13.50 125.48
N GLN Z 167 -12.66 13.71 124.18
CA GLN Z 167 -11.43 14.41 123.74
C GLN Z 167 -11.83 15.70 123.04
N THR Z 168 -11.27 16.82 123.48
CA THR Z 168 -11.68 18.12 122.90
C THR Z 168 -10.53 18.71 122.09
N TYR Z 169 -10.72 18.88 120.78
CA TYR Z 169 -9.67 19.55 119.99
C TYR Z 169 -9.75 21.01 120.39
N SER Z 170 -9.31 21.31 121.62
CA SER Z 170 -9.49 22.68 122.15
C SER Z 170 -8.96 23.77 121.22
N VAL Z 171 -9.77 24.79 120.97
CA VAL Z 171 -9.25 25.97 120.23
C VAL Z 171 -8.75 26.93 121.31
N PHE Z 172 -7.62 26.62 121.93
CA PHE Z 172 -7.16 27.47 123.06
C PHE Z 172 -6.98 28.87 122.52
N PRO Z 173 -7.51 29.94 123.17
CA PRO Z 173 -7.46 31.30 122.61
C PRO Z 173 -6.18 32.08 122.93
N ASN Z 174 -5.35 32.30 121.92
CA ASN Z 174 -4.12 33.11 122.11
C ASN Z 174 -4.08 34.06 120.92
N GLN Z 175 -4.46 35.32 121.11
CA GLN Z 175 -4.54 36.28 119.98
C GLN Z 175 -3.69 37.49 120.37
N ASP Z 176 -2.65 37.30 121.19
CA ASP Z 176 -1.78 38.39 121.70
C ASP Z 176 -2.58 39.14 122.76
N GLU Z 177 -3.67 38.54 123.26
CA GLU Z 177 -4.55 39.20 124.26
C GLU Z 177 -4.97 40.56 123.69
N ASP Z 180 -12.83 41.24 121.09
CA ASP Z 180 -11.99 41.16 122.31
C ASP Z 180 -12.84 40.65 123.47
N VAL Z 181 -12.26 39.92 124.41
CA VAL Z 181 -12.96 39.47 125.65
C VAL Z 181 -12.12 40.00 126.81
N VAL Z 182 -12.71 40.81 127.68
CA VAL Z 182 -12.00 41.40 128.85
C VAL Z 182 -12.06 40.36 129.96
N VAL Z 183 -13.03 39.45 129.89
CA VAL Z 183 -13.20 38.36 130.89
C VAL Z 183 -12.55 37.10 130.34
N GLN Z 184 -11.81 37.18 129.24
CA GLN Z 184 -11.28 35.95 128.59
C GLN Z 184 -10.51 35.14 129.61
N PRO Z 185 -9.59 35.68 130.45
CA PRO Z 185 -8.83 34.84 131.36
C PRO Z 185 -9.74 34.15 132.37
N TYR Z 186 -10.75 34.84 132.88
CA TYR Z 186 -11.67 34.25 133.88
C TYR Z 186 -12.39 33.06 133.25
N ASN Z 187 -12.88 33.22 132.03
CA ASN Z 187 -13.65 32.15 131.36
C ASN Z 187 -12.74 30.95 131.17
N SER Z 188 -11.54 31.20 130.66
CA SER Z 188 -10.56 30.11 130.39
C SER Z 188 -10.19 29.46 131.71
N LEU Z 189 -10.02 30.24 132.77
CA LEU Z 189 -9.54 29.67 134.03
C LEU Z 189 -10.54 28.60 134.42
N LEU Z 190 -11.83 28.92 134.38
CA LEU Z 190 -12.86 27.97 134.84
C LEU Z 190 -12.87 26.74 133.93
N THR Z 191 -12.70 26.90 132.62
CA THR Z 191 -12.80 25.76 131.68
C THR Z 191 -11.75 24.72 132.03
N LEU Z 192 -10.51 25.13 132.30
CA LEU Z 192 -9.41 24.17 132.53
C LEU Z 192 -9.70 23.34 133.78
N LYS Z 193 -10.24 23.95 134.84
CA LYS Z 193 -10.43 23.20 136.10
C LYS Z 193 -11.32 22.01 135.77
N ARG Z 194 -12.39 22.27 135.02
CA ARG Z 194 -13.30 21.17 134.60
C ARG Z 194 -12.48 20.24 133.72
N LEU Z 195 -11.71 20.79 132.78
CA LEU Z 195 -10.96 19.97 131.79
C LEU Z 195 -9.88 19.12 132.47
N THR Z 196 -9.25 19.56 133.56
CA THR Z 196 -8.16 18.81 134.23
C THR Z 196 -8.70 17.58 134.96
N GLN Z 197 -9.89 17.65 135.55
CA GLN Z 197 -10.45 16.53 136.37
C GLN Z 197 -11.52 15.76 135.63
N ASN Z 198 -12.12 16.33 134.57
CA ASN Z 198 -13.26 15.68 133.87
C ASN Z 198 -12.98 15.44 132.38
N ALA Z 199 -11.73 15.41 131.91
CA ALA Z 199 -11.38 15.06 130.51
C ALA Z 199 -10.28 14.00 130.47
N ASP Z 200 -10.52 12.89 129.78
CA ASP Z 200 -9.55 11.76 129.70
C ASP Z 200 -8.34 12.17 128.86
N CYS Z 201 -8.57 13.03 127.86
CA CYS Z 201 -7.46 13.54 127.01
C CYS Z 201 -7.82 14.91 126.43
N VAL Z 202 -6.78 15.81 126.03
CA VAL Z 202 -7.01 17.15 125.42
C VAL Z 202 -5.92 17.36 124.38
N VAL Z 203 -6.23 17.79 123.23
CA VAL Z 203 -5.20 18.09 122.19
C VAL Z 203 -5.20 19.61 122.09
N VAL Z 204 -4.07 20.26 122.36
CA VAL Z 204 -4.05 21.73 122.46
C VAL Z 204 -3.70 22.35 121.13
N LEU Z 205 -4.35 23.44 120.75
CA LEU Z 205 -3.97 24.23 119.56
C LEU Z 205 -3.92 25.70 119.99
N ASP Z 206 -3.26 26.58 119.24
CA ASP Z 206 -3.09 28.00 119.64
C ASP Z 206 -3.37 28.92 118.45
N ASN Z 207 -4.22 29.93 118.65
CA ASN Z 207 -4.60 30.88 117.57
C ASN Z 207 -3.36 31.63 117.10
N THR Z 208 -2.54 32.14 118.02
CA THR Z 208 -1.32 32.90 117.68
C THR Z 208 -0.31 32.01 116.98
N ALA Z 209 -0.13 30.78 117.46
CA ALA Z 209 0.88 29.85 116.92
C ALA Z 209 0.53 29.60 115.45
N LEU Z 210 -0.75 29.34 115.19
CA LEU Z 210 -1.25 29.11 113.81
C LEU Z 210 -1.21 30.42 113.03
N ASN Z 211 -1.53 31.55 113.67
CA ASN Z 211 -1.51 32.87 113.00
C ASN Z 211 -0.07 33.16 112.56
N ARG Z 212 0.90 32.82 113.41
CA ARG Z 212 2.35 33.00 113.11
C ARG Z 212 2.69 32.08 111.92
N ILE Z 213 2.15 30.87 111.91
CA ILE Z 213 2.37 29.91 110.79
C ILE Z 213 1.75 30.50 109.53
N ALA Z 214 0.56 31.10 109.64
CA ALA Z 214 -0.15 31.69 108.48
C ALA Z 214 0.68 32.82 107.92
N THR Z 215 1.25 33.65 108.79
CA THR Z 215 2.14 34.76 108.36
C THR Z 215 3.35 34.12 107.69
N ASP Z 216 3.87 33.01 108.24
CA ASP Z 216 5.08 32.35 107.68
C ASP Z 216 4.79 31.77 106.29
N ARG Z 217 3.87 30.80 106.19
CA ARG Z 217 3.59 30.11 104.91
C ARG Z 217 2.95 31.07 103.91
N LEU Z 218 2.08 31.96 104.36
CA LEU Z 218 1.30 32.85 103.47
C LEU Z 218 1.35 34.30 103.94
N HIS Z 219 0.82 35.22 103.14
CA HIS Z 219 0.77 36.66 103.49
C HIS Z 219 -0.52 36.96 104.25
N ILE Z 220 -1.41 35.98 104.38
CA ILE Z 220 -2.73 36.17 105.04
C ILE Z 220 -2.48 36.65 106.48
N GLN Z 221 -3.04 37.80 106.86
CA GLN Z 221 -2.91 38.33 108.25
C GLN Z 221 -4.29 38.72 108.79
N ASN Z 222 -5.02 39.59 108.08
CA ASN Z 222 -6.35 40.11 108.53
C ASN Z 222 -7.41 39.02 108.58
N PRO Z 223 -7.57 38.11 107.57
CA PRO Z 223 -8.60 37.07 107.65
C PRO Z 223 -8.00 35.83 108.32
N SER Z 224 -7.38 35.99 109.48
CA SER Z 224 -6.66 34.88 110.17
C SER Z 224 -7.64 33.73 110.48
N PHE Z 225 -8.85 33.98 110.96
CA PHE Z 225 -9.78 32.90 111.40
C PHE Z 225 -10.21 31.98 110.25
N SER Z 226 -10.56 32.51 109.07
CA SER Z 226 -11.05 31.70 107.93
C SER Z 226 -9.96 30.77 107.41
N GLN Z 227 -8.76 31.27 107.20
CA GLN Z 227 -7.64 30.47 106.65
C GLN Z 227 -7.15 29.45 107.68
N ILE Z 228 -7.07 29.86 108.95
CA ILE Z 228 -6.52 29.00 110.04
C ILE Z 228 -7.48 27.82 110.24
N ASN Z 229 -8.74 27.97 109.87
CA ASN Z 229 -9.68 26.84 109.99
C ASN Z 229 -9.08 25.65 109.23
N GLN Z 230 -8.52 25.86 108.03
CA GLN Z 230 -7.95 24.78 107.18
C GLN Z 230 -6.77 24.15 107.93
N LEU Z 231 -5.97 24.96 108.61
CA LEU Z 231 -4.78 24.47 109.36
C LEU Z 231 -5.24 23.56 110.50
N VAL Z 232 -6.27 23.95 111.25
CA VAL Z 232 -6.79 23.16 112.41
C VAL Z 232 -7.34 21.86 111.84
N SER Z 233 -7.96 21.94 110.67
CA SER Z 233 -8.59 20.76 110.00
C SER Z 233 -7.56 19.75 109.59
N THR Z 234 -6.46 20.21 108.97
CA THR Z 234 -5.46 19.27 108.45
C THR Z 234 -4.94 18.49 109.64
N ILE Z 235 -4.71 19.17 110.78
CA ILE Z 235 -4.23 18.49 112.02
C ILE Z 235 -5.32 17.52 112.47
N MET Z 236 -6.58 17.96 112.48
CA MET Z 236 -7.68 17.13 113.03
C MET Z 236 -7.90 15.86 112.19
N SER Z 237 -7.94 15.97 110.87
CA SER Z 237 -8.15 14.80 110.00
C SER Z 237 -6.97 13.90 110.24
N ALA Z 238 -5.79 14.48 110.25
CA ALA Z 238 -4.55 13.72 110.38
C ALA Z 238 -4.47 12.97 111.71
N SER Z 239 -4.93 13.53 112.81
CA SER Z 239 -4.75 12.92 114.16
C SER Z 239 -5.49 11.58 114.23
N THR Z 240 -6.48 11.39 113.35
CA THR Z 240 -7.37 10.19 113.35
C THR Z 240 -7.08 9.24 112.19
N THR Z 241 -6.22 9.59 111.25
CA THR Z 241 -6.05 8.80 110.00
C THR Z 241 -5.65 7.35 110.29
N THR Z 242 -4.90 7.09 111.38
CA THR Z 242 -4.50 5.72 111.75
C THR Z 242 -5.75 4.91 112.09
N LEU Z 243 -6.78 5.57 112.59
CA LEU Z 243 -8.08 4.94 112.91
C LEU Z 243 -8.90 4.81 111.64
N ARG Z 244 -9.03 5.91 110.88
CA ARG Z 244 -9.94 5.95 109.69
C ARG Z 244 -9.49 4.98 108.61
N TYR Z 245 -8.21 4.64 108.51
CA TYR Z 245 -7.70 3.67 107.51
C TYR Z 245 -7.02 2.54 108.27
N PRO Z 246 -7.39 1.28 108.05
CA PRO Z 246 -6.84 0.20 108.86
C PRO Z 246 -5.32 0.14 108.73
N GLY Z 247 -4.63 -0.16 109.83
CA GLY Z 247 -3.16 -0.24 109.84
C GLY Z 247 -2.73 -1.26 110.86
N TYR Z 248 -1.47 -1.64 110.91
CA TYR Z 248 -1.08 -2.73 111.83
C TYR Z 248 -1.38 -2.33 113.27
N MET Z 249 -1.14 -1.06 113.65
CA MET Z 249 -1.31 -0.64 115.07
C MET Z 249 -2.02 0.72 115.14
N ASN Z 250 -2.64 1.03 116.27
CA ASN Z 250 -3.32 2.35 116.48
C ASN Z 250 -4.66 2.41 115.76
N ASN Z 251 -5.38 1.30 115.63
CA ASN Z 251 -6.74 1.38 115.03
C ASN Z 251 -7.69 2.00 116.05
N ASP Z 252 -7.58 1.62 117.33
CA ASP Z 252 -8.50 2.13 118.39
C ASP Z 252 -8.06 3.53 118.86
N LEU Z 253 -9.01 4.39 119.26
CA LEU Z 253 -8.65 5.73 119.80
C LEU Z 253 -7.88 5.62 121.11
N ILE Z 254 -8.31 4.73 122.02
CA ILE Z 254 -7.66 4.65 123.36
C ILE Z 254 -6.16 4.38 123.16
N GLY Z 255 -5.84 3.39 122.33
CA GLY Z 255 -4.43 3.02 122.12
C GLY Z 255 -3.64 4.19 121.58
N LEU Z 256 -4.24 4.97 120.68
CA LEU Z 256 -3.51 6.09 120.04
C LEU Z 256 -3.11 7.13 121.09
N ILE Z 257 -3.97 7.41 122.06
CA ILE Z 257 -3.68 8.52 123.03
C ILE Z 257 -2.89 8.03 124.23
N ALA Z 258 -3.25 6.91 124.83
CA ALA Z 258 -2.62 6.49 126.11
C ALA Z 258 -1.11 6.70 126.11
N SER Z 259 -0.43 6.35 125.01
CA SER Z 259 1.05 6.46 125.00
C SER Z 259 1.42 7.93 125.13
N LEU Z 260 0.67 8.81 124.48
CA LEU Z 260 0.99 10.26 124.49
C LEU Z 260 0.95 10.84 125.92
N ILE Z 261 -0.01 10.42 126.76
CA ILE Z 261 -0.10 11.04 128.11
C ILE Z 261 0.28 9.99 129.16
N PRO Z 262 1.49 10.03 129.75
CA PRO Z 262 1.91 9.08 130.77
C PRO Z 262 1.17 9.22 132.11
N THR Z 263 0.95 10.47 132.53
CA THR Z 263 0.28 10.74 133.84
C THR Z 263 -1.10 11.31 133.56
N PRO Z 264 -2.15 10.88 134.28
CA PRO Z 264 -3.52 11.31 133.99
C PRO Z 264 -3.56 12.83 133.91
N ARG Z 265 -3.11 13.50 134.98
CA ARG Z 265 -3.20 14.97 135.08
C ARG Z 265 -2.61 15.61 133.83
N LEU Z 266 -1.40 15.19 133.44
CA LEU Z 266 -0.75 15.81 132.26
C LEU Z 266 -1.49 15.35 131.00
N HIS Z 267 -2.73 15.79 130.82
CA HIS Z 267 -3.53 15.33 129.65
C HIS Z 267 -3.63 16.47 128.63
N PHE Z 268 -2.49 16.92 128.11
CA PHE Z 268 -2.54 17.97 127.05
C PHE Z 268 -1.52 17.61 125.97
N LEU Z 269 -1.93 17.59 124.70
CA LEU Z 269 -0.97 17.18 123.66
C LEU Z 269 -0.60 18.34 122.71
N MET Z 270 0.66 18.41 122.31
CA MET Z 270 1.17 19.43 121.35
C MET Z 270 1.04 18.89 119.92
N THR Z 271 1.03 19.75 118.89
CA THR Z 271 0.87 19.33 117.48
C THR Z 271 2.05 19.83 116.63
N GLY Z 272 2.21 19.31 115.40
CA GLY Z 272 3.24 19.73 114.43
C GLY Z 272 2.92 19.08 113.09
N TYR Z 273 3.45 19.58 111.97
CA TYR Z 273 3.23 18.96 110.62
C TYR Z 273 4.48 19.19 109.77
N THR Z 274 5.05 18.14 109.18
CA THR Z 274 6.34 18.32 108.44
C THR Z 274 6.14 19.20 107.21
N PRO Z 275 5.28 18.90 106.22
CA PRO Z 275 5.11 19.81 105.11
C PRO Z 275 3.94 20.72 105.48
N LEU Z 276 4.20 21.74 106.29
CA LEU Z 276 3.14 22.71 106.61
C LEU Z 276 2.73 23.16 105.22
N THR Z 277 3.70 23.34 104.33
CA THR Z 277 3.42 23.62 102.90
C THR Z 277 3.35 22.27 102.18
N THR Z 278 2.37 21.41 102.51
CA THR Z 278 2.13 20.12 101.80
C THR Z 278 1.70 20.46 100.37
N ASP Z 279 1.10 21.63 100.17
CA ASP Z 279 0.70 22.09 98.83
C ASP Z 279 1.97 22.24 97.99
N LYS Z 287 11.39 13.12 95.77
CA LYS Z 287 10.58 12.58 96.90
C LYS Z 287 11.21 13.04 98.21
N THR Z 288 10.63 12.72 99.38
CA THR Z 288 11.25 13.01 100.70
C THR Z 288 11.40 11.71 101.47
N THR Z 289 12.60 11.36 101.93
CA THR Z 289 12.88 10.12 102.70
C THR Z 289 12.37 10.29 104.13
N VAL Z 290 12.10 9.17 104.82
CA VAL Z 290 11.58 9.24 106.20
C VAL Z 290 12.62 9.95 107.05
N LEU Z 291 13.92 9.75 106.81
CA LEU Z 291 14.94 10.35 107.70
C LEU Z 291 14.66 11.86 107.68
N ASP Z 292 14.34 12.42 106.52
CA ASP Z 292 14.09 13.88 106.39
C ASP Z 292 12.82 14.34 107.05
N VAL Z 293 11.70 13.65 106.86
CA VAL Z 293 10.39 14.19 107.35
C VAL Z 293 10.38 14.18 108.87
N MET Z 294 11.15 13.28 109.49
CA MET Z 294 11.24 13.22 110.98
C MET Z 294 12.06 14.39 111.52
N ARG Z 295 13.21 14.67 110.93
CA ARG Z 295 14.10 15.74 111.43
C ARG Z 295 13.36 17.05 111.28
N ARG Z 296 12.68 17.22 110.16
CA ARG Z 296 12.00 18.50 109.87
C ARG Z 296 10.99 18.76 110.98
N LEU Z 297 10.29 17.74 111.41
CA LEU Z 297 9.20 17.88 112.42
C LEU Z 297 9.74 18.36 113.76
N LEU Z 298 10.87 17.84 114.23
CA LEU Z 298 11.38 18.16 115.58
C LEU Z 298 11.77 19.63 115.64
N GLN Z 299 12.06 20.25 114.49
CA GLN Z 299 12.44 21.67 114.43
C GLN Z 299 11.25 22.49 114.92
N PRO Z 300 11.42 23.70 115.49
CA PRO Z 300 10.28 24.41 116.07
C PRO Z 300 9.40 25.21 115.10
N LYS Z 301 9.78 25.48 113.86
CA LYS Z 301 8.87 26.14 112.89
C LYS Z 301 7.73 25.18 112.59
N ASN Z 302 8.02 23.89 112.39
CA ASN Z 302 6.99 22.84 112.13
C ASN Z 302 6.05 22.69 113.35
N VAL Z 303 6.44 23.05 114.57
CA VAL Z 303 5.52 23.02 115.76
C VAL Z 303 4.47 24.15 115.66
N MET Z 304 3.23 23.94 116.10
CA MET Z 304 2.06 24.86 116.00
C MET Z 304 1.57 25.32 117.38
N VAL Z 305 2.42 25.28 118.40
CA VAL Z 305 2.11 25.76 119.78
C VAL Z 305 3.07 26.92 120.04
N SER Z 306 2.68 27.99 120.72
CA SER Z 306 3.52 29.22 120.86
C SER Z 306 4.26 29.30 122.20
N THR Z 313 15.29 27.23 133.97
CA THR Z 313 14.68 25.91 134.32
C THR Z 313 14.65 25.04 133.06
N ASN Z 314 15.10 23.79 133.20
CA ASN Z 314 15.11 22.85 132.06
C ASN Z 314 13.65 22.58 131.70
N HIS Z 315 13.37 22.25 130.45
CA HIS Z 315 12.00 21.83 130.05
C HIS Z 315 12.16 20.65 129.11
N CYS Z 316 11.22 19.70 129.14
CA CYS Z 316 11.44 18.47 128.34
C CYS Z 316 10.11 17.81 127.98
N TYR Z 317 10.01 17.26 126.77
CA TYR Z 317 8.80 16.49 126.39
C TYR Z 317 8.72 15.28 127.32
N ILE Z 318 7.53 14.97 127.80
CA ILE Z 318 7.34 13.72 128.60
C ILE Z 318 7.51 12.51 127.68
N ALA Z 319 6.87 12.54 126.49
CA ALA Z 319 6.93 11.40 125.52
C ALA Z 319 6.56 11.90 124.12
N ILE Z 320 7.03 11.23 123.04
CA ILE Z 320 6.75 11.75 121.67
C ILE Z 320 6.28 10.61 120.77
N LEU Z 321 5.76 10.91 119.57
CA LEU Z 321 5.43 9.81 118.60
C LEU Z 321 5.12 10.40 117.22
N ASN Z 322 5.70 9.79 116.16
CA ASN Z 322 5.57 10.36 114.78
C ASN Z 322 4.46 9.69 113.96
N ILE Z 323 3.77 10.48 113.13
CA ILE Z 323 2.70 9.93 112.25
C ILE Z 323 3.10 10.21 110.79
N ILE Z 324 3.15 9.19 109.92
CA ILE Z 324 3.44 9.47 108.48
C ILE Z 324 2.41 8.85 107.53
N GLN Z 325 2.11 9.50 106.40
CA GLN Z 325 1.21 8.97 105.34
C GLN Z 325 1.73 9.37 103.96
N GLY Z 326 2.40 8.41 103.32
CA GLY Z 326 2.86 8.66 101.95
C GLY Z 326 3.64 7.50 101.37
N GLU Z 327 4.47 7.78 100.36
CA GLU Z 327 5.30 6.73 99.71
C GLU Z 327 6.54 6.55 100.59
N VAL Z 328 6.42 5.77 101.67
CA VAL Z 328 7.53 5.61 102.65
C VAL Z 328 8.13 4.22 102.48
N ASP Z 329 9.45 4.12 102.35
CA ASP Z 329 10.11 2.79 102.27
C ASP Z 329 10.06 2.14 103.63
N PRO Z 330 9.91 0.81 103.77
CA PRO Z 330 9.95 0.20 105.09
C PRO Z 330 11.33 -0.08 105.69
N THR Z 331 12.37 -0.29 104.89
CA THR Z 331 13.70 -0.44 105.55
C THR Z 331 14.15 0.91 106.13
N GLN Z 332 13.81 2.03 105.49
CA GLN Z 332 14.35 3.35 105.89
C GLN Z 332 13.89 3.82 107.28
N VAL Z 333 12.64 3.57 107.66
CA VAL Z 333 12.21 4.20 108.94
C VAL Z 333 13.16 3.73 110.06
N HIS Z 334 13.64 2.50 110.07
CA HIS Z 334 14.49 2.20 111.26
C HIS Z 334 15.79 2.97 111.22
N LYS Z 335 16.36 3.07 110.04
CA LYS Z 335 17.58 3.90 109.87
C LYS Z 335 17.22 5.32 110.27
N SER Z 336 16.01 5.79 109.91
CA SER Z 336 15.53 7.15 110.26
C SER Z 336 15.37 7.29 111.77
N LEU Z 337 14.86 6.24 112.43
CA LEU Z 337 14.65 6.30 113.89
C LEU Z 337 16.05 6.45 114.47
N GLN Z 338 16.98 5.65 113.97
CA GLN Z 338 18.35 5.71 114.50
C GLN Z 338 18.93 7.06 114.13
N ARG Z 339 18.47 7.69 113.06
CA ARG Z 339 19.14 8.97 112.72
C ARG Z 339 18.81 10.05 113.75
N ILE Z 340 17.56 10.14 114.17
CA ILE Z 340 17.18 11.22 115.13
C ILE Z 340 17.79 10.86 116.48
N ARG Z 341 18.13 9.58 116.69
CA ARG Z 341 18.79 9.15 117.96
C ARG Z 341 20.17 9.78 117.99
N GLU Z 342 20.80 9.92 116.82
CA GLU Z 342 22.16 10.51 116.76
C GLU Z 342 22.06 12.03 116.58
N ARG Z 343 21.12 12.49 115.77
CA ARG Z 343 20.94 13.96 115.55
C ARG Z 343 20.56 14.59 116.88
N LYS Z 344 19.65 13.95 117.63
CA LYS Z 344 19.18 14.49 118.94
C LYS Z 344 18.65 15.91 118.71
N LEU Z 345 17.95 16.14 117.61
CA LEU Z 345 17.45 17.51 117.28
C LEU Z 345 16.44 17.99 118.33
N ALA Z 346 15.52 17.11 118.77
CA ALA Z 346 14.52 17.48 119.80
C ALA Z 346 14.97 16.86 121.12
N ASN Z 347 14.99 17.64 122.20
CA ASN Z 347 15.53 17.13 123.48
C ASN Z 347 14.42 17.01 124.52
N PHE Z 348 14.39 15.88 125.24
CA PHE Z 348 13.41 15.69 126.34
C PHE Z 348 14.04 14.76 127.37
N ILE Z 349 13.71 14.92 128.65
CA ILE Z 349 14.40 14.11 129.68
C ILE Z 349 13.44 13.75 130.82
N PRO Z 350 12.37 12.97 130.56
CA PRO Z 350 11.53 12.50 131.66
C PRO Z 350 12.36 11.46 132.42
N TRP Z 351 12.23 11.41 133.75
CA TRP Z 351 12.91 10.35 134.53
C TRP Z 351 12.51 9.02 133.91
N GLY Z 352 11.37 8.98 133.22
CA GLY Z 352 10.87 7.72 132.63
C GLY Z 352 11.56 7.36 131.33
N PRO Z 353 11.29 6.19 130.72
CA PRO Z 353 11.86 5.83 129.43
C PRO Z 353 10.83 6.05 128.33
N ALA Z 354 10.05 7.13 128.42
CA ALA Z 354 8.95 7.36 127.45
C ALA Z 354 9.47 7.43 126.01
N SER Z 355 10.58 8.15 125.77
CA SER Z 355 11.21 8.19 124.42
C SER Z 355 10.22 8.61 123.31
N ILE Z 356 10.32 7.98 122.14
CA ILE Z 356 9.45 8.33 120.98
C ILE Z 356 8.84 7.07 120.38
N GLN Z 357 7.86 7.20 119.49
CA GLN Z 357 7.24 6.05 118.79
C GLN Z 357 7.10 6.42 117.31
N VAL Z 358 6.88 5.43 116.44
CA VAL Z 358 6.84 5.71 114.98
C VAL Z 358 5.47 5.31 114.43
N ALA Z 359 5.03 5.91 113.32
CA ALA Z 359 3.76 5.47 112.70
C ALA Z 359 3.78 5.74 111.20
N LEU Z 360 3.38 4.73 110.41
CA LEU Z 360 3.32 4.87 108.92
C LEU Z 360 1.90 4.50 108.49
N SER Z 361 1.26 5.32 107.64
CA SER Z 361 -0.16 5.05 107.26
C SER Z 361 -0.36 5.29 105.76
N ARG Z 362 -1.55 4.98 105.25
CA ARG Z 362 -1.68 5.11 103.78
C ARG Z 362 -2.30 6.46 103.46
N LYS Z 363 -1.69 7.20 102.54
CA LYS Z 363 -2.33 8.43 102.04
C LYS Z 363 -3.50 7.95 101.20
N SER Z 364 -4.61 8.69 101.16
CA SER Z 364 -5.85 8.29 100.43
C SER Z 364 -5.71 8.54 98.94
N PRO Z 365 -6.43 7.82 98.05
CA PRO Z 365 -6.40 8.10 96.63
C PRO Z 365 -7.39 9.22 96.35
N TYR Z 366 -7.66 9.57 95.09
CA TYR Z 366 -8.64 10.61 94.66
C TYR Z 366 -8.12 12.02 94.93
N LEU Z 367 -7.84 12.37 96.18
CA LEU Z 367 -7.37 13.73 96.55
C LEU Z 367 -5.90 13.83 96.14
N PRO Z 368 -5.31 15.04 96.01
CA PRO Z 368 -3.93 15.17 95.54
C PRO Z 368 -2.93 14.41 96.40
N SER Z 369 -1.84 13.90 95.81
CA SER Z 369 -0.77 13.14 96.51
C SER Z 369 0.46 14.04 96.64
N ALA Z 370 0.28 15.36 96.62
CA ALA Z 370 1.39 16.34 96.67
C ALA Z 370 2.14 16.12 97.98
N HIS Z 371 3.45 16.38 98.03
CA HIS Z 371 4.25 16.03 99.22
C HIS Z 371 3.95 14.54 99.40
N ARG Z 372 4.40 13.71 98.45
CA ARG Z 372 4.04 12.28 98.44
C ARG Z 372 4.25 11.76 99.85
N VAL Z 373 5.26 12.21 100.58
CA VAL Z 373 5.38 11.80 102.01
C VAL Z 373 4.94 12.97 102.90
N SER Z 374 3.79 12.84 103.57
CA SER Z 374 3.28 13.92 104.47
C SER Z 374 2.90 13.32 105.83
N GLY Z 375 3.21 14.02 106.93
CA GLY Z 375 2.95 13.46 108.26
C GLY Z 375 2.94 14.49 109.37
N LEU Z 376 2.46 14.13 110.56
CA LEU Z 376 2.51 15.07 111.71
C LEU Z 376 3.12 14.38 112.94
N MET Z 377 3.31 15.12 114.03
CA MET Z 377 3.80 14.51 115.29
C MET Z 377 2.96 14.98 116.47
N MET Z 378 2.64 14.06 117.38
CA MET Z 378 1.94 14.45 118.63
C MET Z 378 2.99 14.35 119.73
N ALA Z 379 3.17 15.40 120.54
CA ALA Z 379 4.25 15.35 121.54
C ALA Z 379 3.77 15.85 122.90
N ASN Z 380 3.86 15.01 123.94
CA ASN Z 380 3.52 15.49 125.31
C ASN Z 380 4.68 16.39 125.70
N HIS Z 381 4.42 17.66 126.02
CA HIS Z 381 5.54 18.60 126.31
C HIS Z 381 5.24 19.44 127.55
N THR Z 382 6.26 19.71 128.37
CA THR Z 382 6.09 20.56 129.57
C THR Z 382 6.08 22.04 129.19
N SER Z 383 6.42 22.39 127.97
CA SER Z 383 6.37 23.80 127.50
C SER Z 383 4.93 24.31 127.55
N ILE Z 384 3.95 23.45 127.28
CA ILE Z 384 2.50 23.88 127.21
C ILE Z 384 2.10 24.42 128.58
N SER Z 385 2.80 24.05 129.65
CA SER Z 385 2.53 24.58 131.00
C SER Z 385 2.65 26.09 130.95
N SER Z 386 3.61 26.60 130.20
CA SER Z 386 3.86 28.05 130.10
C SER Z 386 2.62 28.76 129.54
N LEU Z 387 1.98 28.19 128.53
CA LEU Z 387 0.76 28.82 127.95
C LEU Z 387 -0.34 28.87 129.01
N PHE Z 388 -0.48 27.82 129.81
CA PHE Z 388 -1.50 27.80 130.89
C PHE Z 388 -1.18 28.89 131.90
N GLU Z 389 0.09 29.05 132.28
CA GLU Z 389 0.51 30.05 133.30
C GLU Z 389 0.24 31.47 132.80
N ARG Z 390 0.36 31.74 131.49
CA ARG Z 390 0.16 33.10 130.91
C ARG Z 390 -1.28 33.57 131.09
N THR Z 391 -2.26 32.70 130.87
CA THR Z 391 -3.68 33.06 131.14
C THR Z 391 -3.87 33.16 132.66
N CYS Z 392 -3.20 32.31 133.44
CA CYS Z 392 -3.26 32.37 134.92
C CYS Z 392 -2.61 33.67 135.36
N ARG Z 393 -1.58 34.14 134.65
CA ARG Z 393 -0.92 35.44 134.94
C ARG Z 393 -1.90 36.56 134.60
N GLN Z 394 -2.57 36.51 133.46
CA GLN Z 394 -3.48 37.59 133.10
C GLN Z 394 -4.56 37.60 134.19
N TYR Z 395 -5.08 36.42 134.55
CA TYR Z 395 -6.19 36.29 135.53
C TYR Z 395 -5.75 36.79 136.89
N ASP Z 396 -4.54 36.44 137.32
CA ASP Z 396 -4.08 36.83 138.67
C ASP Z 396 -4.03 38.35 138.69
N LYS Z 397 -3.49 38.96 137.63
CA LYS Z 397 -3.41 40.43 137.54
C LYS Z 397 -4.83 40.96 137.54
N LEU Z 398 -5.70 40.37 136.74
CA LEU Z 398 -7.11 40.81 136.61
C LEU Z 398 -7.86 40.60 137.92
N ARG Z 399 -7.57 39.54 138.67
CA ARG Z 399 -8.30 39.20 139.91
C ARG Z 399 -8.07 40.29 140.95
N LYS Z 400 -6.82 40.76 141.08
CA LYS Z 400 -6.47 41.78 142.09
C LYS Z 400 -7.25 43.04 141.75
N ARG Z 401 -7.22 43.46 140.48
CA ARG Z 401 -7.90 44.70 140.05
C ARG Z 401 -9.40 44.50 140.23
N GLU Z 402 -9.90 43.29 139.95
CA GLU Z 402 -11.36 43.03 139.99
C GLU Z 402 -11.97 43.97 138.95
N ALA Z 403 -11.21 44.27 137.90
CA ALA Z 403 -11.66 45.22 136.87
C ALA Z 403 -12.89 44.65 136.18
N PHE Z 404 -12.89 43.34 135.93
CA PHE Z 404 -14.02 42.74 135.18
C PHE Z 404 -14.56 41.57 135.99
N LEU Z 405 -15.26 41.88 137.09
CA LEU Z 405 -15.92 40.82 137.89
C LEU Z 405 -17.26 40.55 137.22
N GLU Z 406 -17.58 41.32 136.17
CA GLU Z 406 -18.88 41.21 135.45
C GLU Z 406 -19.95 41.73 136.39
N GLN Z 407 -20.04 41.15 137.59
CA GLN Z 407 -21.07 41.55 138.58
C GLN Z 407 -22.40 41.55 137.85
N PHE Z 408 -22.44 40.98 136.65
CA PHE Z 408 -23.73 40.86 135.96
C PHE Z 408 -24.56 39.99 136.89
N ARG Z 409 -25.87 40.22 136.97
CA ARG Z 409 -26.67 39.49 137.98
C ARG Z 409 -26.53 38.00 137.70
N LYS Z 410 -26.51 37.59 136.44
CA LYS Z 410 -26.25 36.17 136.11
C LYS Z 410 -24.94 35.77 136.80
N GLU Z 411 -23.86 36.54 136.60
CA GLU Z 411 -22.52 36.18 137.14
C GLU Z 411 -22.54 36.15 138.67
N ASP Z 412 -23.11 37.18 139.32
CA ASP Z 412 -23.13 37.25 140.80
C ASP Z 412 -24.09 36.21 141.39
N MET Z 413 -25.29 36.10 140.83
CA MET Z 413 -26.33 35.17 141.36
C MET Z 413 -25.83 33.73 141.17
N PHE Z 414 -25.27 33.43 140.00
CA PHE Z 414 -24.69 32.09 139.73
C PHE Z 414 -23.53 31.88 140.67
N LYS Z 415 -22.67 32.89 140.84
CA LYS Z 415 -21.46 32.78 141.70
C LYS Z 415 -21.34 33.99 142.63
N ASP Z 416 -22.03 33.96 143.77
CA ASP Z 416 -21.96 35.06 144.78
C ASP Z 416 -20.61 34.96 145.50
N ASN Z 417 -20.20 33.75 145.90
CA ASN Z 417 -18.89 33.54 146.60
C ASN Z 417 -17.74 33.87 145.65
N PHE Z 418 -17.85 33.57 144.35
CA PHE Z 418 -16.78 33.77 143.34
C PHE Z 418 -15.61 32.86 143.74
N ASP Z 419 -15.88 31.75 144.43
CA ASP Z 419 -14.81 30.84 144.94
C ASP Z 419 -14.52 29.67 144.00
N GLU Z 420 -15.31 29.44 142.96
CA GLU Z 420 -14.99 28.41 141.94
C GLU Z 420 -13.75 28.88 141.18
N MET Z 421 -13.62 30.20 141.01
CA MET Z 421 -12.45 30.78 140.32
C MET Z 421 -11.22 30.48 141.18
N ASP Z 422 -11.32 30.62 142.50
CA ASP Z 422 -10.20 30.29 143.43
C ASP Z 422 -10.00 28.77 143.45
N THR Z 423 -11.07 27.97 143.41
CA THR Z 423 -10.96 26.50 143.36
C THR Z 423 -10.24 26.16 142.06
N SER Z 424 -10.59 26.83 140.98
CA SER Z 424 -9.95 26.62 139.67
C SER Z 424 -8.49 27.04 139.75
N ARG Z 425 -8.20 28.15 140.43
CA ARG Z 425 -6.83 28.69 140.51
C ARG Z 425 -5.91 27.69 141.21
N GLU Z 426 -6.35 27.07 142.32
CA GLU Z 426 -5.52 26.06 143.03
C GLU Z 426 -5.37 24.81 142.15
N ILE Z 427 -6.43 24.37 141.47
CA ILE Z 427 -6.38 23.12 140.65
C ILE Z 427 -5.41 23.33 139.47
N VAL Z 428 -5.47 24.48 138.80
CA VAL Z 428 -4.57 24.77 137.65
C VAL Z 428 -3.15 24.99 138.17
N GLN Z 429 -2.98 25.59 139.35
CA GLN Z 429 -1.65 25.79 139.97
C GLN Z 429 -1.07 24.43 140.31
N GLN Z 430 -1.91 23.49 140.78
CA GLN Z 430 -1.43 22.11 141.05
C GLN Z 430 -0.92 21.57 139.71
N LEU Z 431 -1.67 21.80 138.63
CA LEU Z 431 -1.27 21.35 137.26
C LEU Z 431 0.03 22.03 136.86
N ILE Z 432 0.16 23.33 137.10
CA ILE Z 432 1.38 24.10 136.71
C ILE Z 432 2.51 23.46 137.49
N ASP Z 433 2.29 23.19 138.77
CA ASP Z 433 3.32 22.57 139.66
C ASP Z 433 3.63 21.17 139.16
N GLU Z 434 2.61 20.38 138.86
CA GLU Z 434 2.83 18.96 138.49
C GLU Z 434 3.75 18.94 137.27
N TYR Z 435 3.48 19.77 136.28
CA TYR Z 435 4.27 19.78 135.04
C TYR Z 435 5.74 19.94 135.43
N HIS Z 436 6.07 20.99 136.17
CA HIS Z 436 7.49 21.28 136.48
C HIS Z 436 8.05 20.13 137.31
N ALA Z 437 7.22 19.45 138.10
CA ALA Z 437 7.66 18.28 138.89
C ALA Z 437 8.06 17.21 137.90
N ALA Z 438 7.35 17.12 136.78
CA ALA Z 438 7.66 16.09 135.75
C ALA Z 438 9.09 16.35 135.27
N THR Z 439 9.46 17.63 135.12
CA THR Z 439 10.82 18.00 134.64
C THR Z 439 11.84 17.48 135.65
N ARG Z 440 11.51 17.53 136.95
CA ARG Z 440 12.49 17.13 138.00
C ARG Z 440 12.79 15.64 137.92
N PRO Z 441 13.90 15.13 138.51
CA PRO Z 441 14.21 13.72 138.54
C PRO Z 441 13.29 12.84 139.39
N ASP Z 442 12.43 13.40 140.26
CA ASP Z 442 11.61 12.59 141.21
C ASP Z 442 10.11 12.78 141.03
N TYR Z 443 9.51 12.34 139.91
CA TYR Z 443 8.03 12.35 139.75
C TYR Z 443 7.58 11.00 140.29
N ILE Z 444 8.51 10.22 140.84
CA ILE Z 444 8.05 9.00 141.55
C ILE Z 444 7.42 9.55 142.83
N SER Z 445 8.11 10.48 143.51
CA SER Z 445 7.53 11.16 144.71
C SER Z 445 6.51 12.18 144.20
N TRP Z 446 5.64 12.69 145.06
CA TRP Z 446 4.58 13.61 144.61
C TRP Z 446 5.21 14.87 143.99
N GLY Z 447 4.62 15.41 142.92
CA GLY Z 447 5.11 16.65 142.28
C GLY Z 447 4.15 17.81 142.49
N ARG AA 3 -59.62 -18.64 102.29
CA ARG AA 3 -60.86 -17.91 101.96
C ARG AA 3 -60.56 -16.46 101.59
N GLU AA 4 -61.41 -15.88 100.76
CA GLU AA 4 -61.21 -14.51 100.24
C GLU AA 4 -61.36 -13.50 101.39
N ILE AA 5 -60.60 -12.41 101.36
CA ILE AA 5 -60.60 -11.38 102.43
C ILE AA 5 -61.45 -10.21 101.94
N ILE AA 6 -62.34 -9.70 102.79
CA ILE AA 6 -63.21 -8.54 102.43
C ILE AA 6 -62.71 -7.35 103.25
N THR AA 7 -62.38 -6.24 102.61
CA THR AA 7 -61.78 -5.08 103.32
C THR AA 7 -62.87 -4.02 103.49
N LEU AA 8 -63.20 -3.70 104.73
CA LEU AA 8 -64.22 -2.68 105.06
C LEU AA 8 -63.50 -1.34 105.25
N GLN AA 9 -63.17 -0.65 104.15
CA GLN AA 9 -62.50 0.67 104.23
C GLN AA 9 -63.58 1.69 104.56
N LEU AA 10 -63.41 2.49 105.61
CA LEU AA 10 -64.45 3.44 106.08
C LEU AA 10 -63.85 4.78 106.52
N GLY AA 11 -64.60 5.88 106.40
CA GLY AA 11 -64.15 7.21 106.84
C GLY AA 11 -63.30 7.84 105.76
N GLN AA 12 -63.20 9.17 105.73
CA GLN AA 12 -62.46 9.84 104.62
C GLN AA 12 -61.00 9.39 104.63
N CYS AA 13 -60.31 9.52 105.76
CA CYS AA 13 -58.89 9.11 105.90
C CYS AA 13 -58.73 7.64 105.50
N GLY AA 14 -59.56 6.75 106.07
CA GLY AA 14 -59.46 5.31 105.81
C GLY AA 14 -59.69 5.00 104.34
N ASN AA 15 -60.65 5.69 103.72
CA ASN AA 15 -60.99 5.50 102.28
C ASN AA 15 -59.78 5.90 101.44
N GLN AA 16 -59.08 6.97 101.81
CA GLN AA 16 -57.91 7.45 101.03
C GLN AA 16 -56.79 6.40 101.03
N ILE AA 17 -56.46 5.83 102.19
CA ILE AA 17 -55.41 4.77 102.29
C ILE AA 17 -55.93 3.52 101.58
N GLY AA 18 -57.23 3.24 101.72
CA GLY AA 18 -57.86 2.09 101.06
C GLY AA 18 -57.76 2.22 99.56
N PHE AA 19 -57.97 3.43 99.03
CA PHE AA 19 -57.88 3.70 97.56
C PHE AA 19 -56.44 3.49 97.12
N GLU AA 20 -55.48 3.94 97.91
CA GLU AA 20 -54.04 3.83 97.56
C GLU AA 20 -53.60 2.38 97.59
N PHE AA 21 -54.16 1.55 98.48
CA PHE AA 21 -53.76 0.13 98.64
C PHE AA 21 -54.25 -0.71 97.45
N TRP AA 22 -55.52 -0.57 97.03
CA TRP AA 22 -56.09 -1.32 95.88
C TRP AA 22 -55.40 -0.88 94.60
N LYS AA 23 -55.10 0.42 94.46
CA LYS AA 23 -54.39 0.95 93.28
C LYS AA 23 -52.98 0.36 93.25
N GLN AA 24 -52.36 0.22 94.42
CA GLN AA 24 -50.97 -0.31 94.54
C GLN AA 24 -50.93 -1.75 94.04
N LEU AA 25 -51.95 -2.54 94.39
CA LEU AA 25 -52.09 -3.96 93.94
C LEU AA 25 -52.66 -3.96 92.52
N CYS AA 26 -53.15 -2.85 92.00
CA CYS AA 26 -53.59 -2.84 90.58
C CYS AA 26 -52.33 -2.96 89.72
N ALA AA 27 -51.39 -2.04 89.86
CA ALA AA 27 -50.14 -2.05 89.09
C ALA AA 27 -49.30 -3.29 89.45
N GLU AA 28 -49.20 -3.62 90.73
CA GLU AA 28 -48.34 -4.73 91.20
C GLU AA 28 -48.84 -6.03 90.60
N HIS AA 29 -50.14 -6.25 90.63
CA HIS AA 29 -50.75 -7.44 90.00
C HIS AA 29 -50.97 -7.14 88.53
N GLY AA 30 -51.41 -8.12 87.76
CA GLY AA 30 -51.76 -7.92 86.35
C GLY AA 30 -53.15 -7.36 86.21
N ILE AA 31 -53.38 -6.10 86.55
CA ILE AA 31 -54.72 -5.44 86.46
C ILE AA 31 -54.52 -4.04 85.88
N SER AA 32 -55.44 -3.55 85.05
CA SER AA 32 -55.38 -2.19 84.46
C SER AA 32 -56.31 -1.28 85.29
N PRO AA 33 -56.52 0.03 85.00
CA PRO AA 33 -57.50 0.84 85.73
C PRO AA 33 -58.97 0.45 85.50
N GLU AA 34 -59.29 -0.32 84.47
CA GLU AA 34 -60.68 -0.79 84.21
C GLU AA 34 -60.86 -2.22 84.77
N GLY AA 35 -59.90 -2.68 85.54
CA GLY AA 35 -59.93 -4.03 86.19
C GLY AA 35 -59.64 -5.14 85.18
N ILE AA 36 -59.29 -4.86 83.90
CA ILE AA 36 -59.11 -5.87 82.81
C ILE AA 36 -57.75 -6.53 83.01
N VAL AA 37 -57.65 -7.82 82.71
CA VAL AA 37 -56.34 -8.51 82.78
C VAL AA 37 -55.40 -7.76 81.83
N GLU AA 38 -54.18 -7.44 82.28
CA GLU AA 38 -53.21 -6.70 81.46
C GLU AA 38 -52.66 -7.61 80.37
N GLU AA 39 -52.53 -7.12 79.14
N GLU AA 39 -52.58 -7.02 79.15
CA GLU AA 39 -51.99 -7.91 78.01
CA GLU AA 39 -52.04 -7.82 78.02
C GLU AA 39 -50.53 -8.25 78.29
C GLU AA 39 -50.57 -8.15 78.30
N PHE AA 40 -49.77 -7.34 78.90
CA PHE AA 40 -48.31 -7.55 79.11
C PHE AA 40 -48.09 -8.81 79.97
N ALA AA 41 -48.93 -9.07 80.97
CA ALA AA 41 -48.71 -10.20 81.89
C ALA AA 41 -48.71 -11.49 81.08
N THR AA 45 -49.02 -16.05 87.94
CA THR AA 45 -48.07 -16.77 88.84
C THR AA 45 -48.38 -16.35 90.27
N ASP AA 46 -49.46 -15.59 90.48
CA ASP AA 46 -49.80 -15.01 91.80
C ASP AA 46 -51.11 -15.61 92.30
N ARG AA 47 -51.35 -15.61 93.61
CA ARG AA 47 -52.67 -16.08 94.14
C ARG AA 47 -53.56 -14.84 94.23
N LYS AA 48 -54.29 -14.51 93.17
CA LYS AA 48 -55.18 -13.31 93.14
C LYS AA 48 -56.55 -13.68 93.69
N ASP AA 49 -56.80 -14.95 93.97
CA ASP AA 49 -58.14 -15.41 94.43
C ASP AA 49 -58.52 -14.70 95.74
N VAL AA 50 -57.62 -14.58 96.71
CA VAL AA 50 -57.99 -14.05 98.05
C VAL AA 50 -58.44 -12.59 97.94
N PHE AA 51 -57.63 -11.75 97.31
CA PHE AA 51 -57.87 -10.28 97.35
C PHE AA 51 -58.80 -9.83 96.23
N PHE AA 52 -58.77 -10.51 95.09
CA PHE AA 52 -59.54 -10.05 93.91
C PHE AA 52 -60.63 -11.04 93.52
N TYR AA 53 -61.90 -10.60 93.44
CA TYR AA 53 -63.02 -11.43 92.95
C TYR AA 53 -62.75 -11.67 91.47
N GLN AA 54 -63.13 -12.81 90.91
CA GLN AA 54 -62.92 -13.10 89.46
C GLN AA 54 -64.25 -12.94 88.73
N ALA AA 55 -64.40 -11.87 87.94
CA ALA AA 55 -65.71 -11.56 87.33
C ALA AA 55 -65.89 -12.23 85.95
N ASP AA 56 -67.10 -12.09 85.40
CA ASP AA 56 -67.42 -12.71 84.07
C ASP AA 56 -66.80 -11.88 82.96
N ASP AA 57 -66.59 -10.59 83.19
CA ASP AA 57 -65.96 -9.70 82.18
C ASP AA 57 -64.44 -9.74 82.39
N GLU AA 58 -63.98 -10.56 83.36
CA GLU AA 58 -62.53 -10.70 83.67
C GLU AA 58 -62.12 -9.47 84.47
N HIS AA 59 -63.08 -8.63 84.83
CA HIS AA 59 -62.75 -7.49 85.71
C HIS AA 59 -62.27 -8.09 87.03
N TYR AA 60 -61.11 -7.65 87.51
CA TYR AA 60 -60.67 -8.14 88.85
C TYR AA 60 -61.27 -7.19 89.88
N ILE AA 61 -62.58 -7.33 90.12
CA ILE AA 61 -63.24 -6.44 91.12
C ILE AA 61 -62.64 -6.79 92.49
N PRO AA 62 -62.17 -5.80 93.29
CA PRO AA 62 -61.68 -6.08 94.62
C PRO AA 62 -62.84 -6.39 95.56
N ARG AA 63 -62.61 -7.25 96.57
CA ARG AA 63 -63.68 -7.47 97.57
C ARG AA 63 -63.54 -6.33 98.58
N ALA AA 64 -63.91 -5.10 98.17
CA ALA AA 64 -63.73 -3.93 99.05
C ALA AA 64 -65.09 -3.31 99.37
N VAL AA 65 -65.33 -3.00 100.64
CA VAL AA 65 -66.59 -2.31 101.02
C VAL AA 65 -66.24 -0.86 101.33
N LEU AA 66 -66.88 0.09 100.63
CA LEU AA 66 -66.56 1.53 100.82
C LEU AA 66 -67.73 2.22 101.53
N LEU AA 67 -67.50 2.71 102.75
CA LEU AA 67 -68.58 3.35 103.54
C LEU AA 67 -68.31 4.85 103.54
N ASP AA 68 -69.28 5.69 103.16
CA ASP AA 68 -69.10 7.17 103.09
C ASP AA 68 -70.01 7.84 104.12
N LEU AA 69 -69.48 8.80 104.89
CA LEU AA 69 -70.30 9.58 105.86
C LEU AA 69 -69.97 11.06 105.61
N GLU AA 70 -70.97 11.93 105.42
CA GLU AA 70 -70.73 13.35 105.08
C GLU AA 70 -69.75 13.32 103.89
N PRO AA 71 -70.05 12.61 102.79
CA PRO AA 71 -69.06 12.40 101.72
C PRO AA 71 -68.48 13.61 100.99
N ARG AA 72 -67.16 13.68 100.88
CA ARG AA 72 -66.45 14.73 100.11
C ARG AA 72 -65.36 14.03 99.30
N VAL AA 73 -64.50 13.25 99.95
CA VAL AA 73 -63.39 12.49 99.29
C VAL AA 73 -63.95 11.19 98.72
N ILE AA 74 -65.21 10.84 98.94
CA ILE AA 74 -65.82 9.63 98.30
C ILE AA 74 -66.26 10.05 96.89
N HIS AA 75 -66.62 11.31 96.68
CA HIS AA 75 -66.99 11.85 95.34
C HIS AA 75 -65.74 11.90 94.46
N SER AA 76 -64.60 12.35 94.98
CA SER AA 76 -63.29 12.40 94.27
C SER AA 76 -62.83 10.98 93.90
N ILE AA 77 -63.09 9.99 94.76
CA ILE AA 77 -62.74 8.55 94.49
C ILE AA 77 -63.53 8.14 93.25
N LEU AA 78 -64.80 8.55 93.16
CA LEU AA 78 -65.68 8.21 91.99
C LEU AA 78 -65.16 8.86 90.70
N ASN AA 79 -64.71 10.10 90.72
CA ASN AA 79 -64.14 10.72 89.49
C ASN AA 79 -62.67 10.32 89.39
N SER AA 80 -62.39 9.04 89.09
CA SER AA 80 -61.01 8.53 88.95
C SER AA 80 -60.97 7.53 87.79
N PRO AA 81 -59.81 7.26 87.15
CA PRO AA 81 -59.73 6.23 86.12
C PRO AA 81 -60.04 4.83 86.66
N TYR AA 82 -59.89 4.63 87.97
CA TYR AA 82 -60.05 3.31 88.62
C TYR AA 82 -61.48 3.12 89.13
N ALA AA 83 -62.40 4.02 88.81
CA ALA AA 83 -63.80 3.91 89.28
C ALA AA 83 -64.38 2.59 88.78
N LYS AA 84 -64.08 2.19 87.54
CA LYS AA 84 -64.55 0.91 86.96
C LYS AA 84 -63.87 -0.27 87.67
N LEU AA 85 -62.62 -0.11 88.12
CA LEU AA 85 -61.86 -1.25 88.70
C LEU AA 85 -62.59 -1.76 89.94
N TYR AA 86 -63.05 -0.87 90.81
CA TYR AA 86 -63.80 -1.26 92.03
C TYR AA 86 -65.27 -0.97 91.71
N ASN AA 87 -66.01 -1.98 91.25
CA ASN AA 87 -67.47 -1.82 91.02
C ASN AA 87 -68.23 -2.99 91.62
N PRO AA 88 -68.27 -3.16 92.97
CA PRO AA 88 -69.17 -4.10 93.59
C PRO AA 88 -70.46 -3.26 93.70
N GLU AA 89 -70.44 -2.00 93.27
CA GLU AA 89 -71.64 -1.12 93.28
C GLU AA 89 -72.16 -1.13 94.71
N ASN AA 90 -71.28 -0.93 95.69
CA ASN AA 90 -71.66 -0.99 97.13
C ASN AA 90 -71.12 0.21 97.90
N ILE AA 91 -71.58 1.43 97.63
CA ILE AA 91 -71.20 2.66 98.40
C ILE AA 91 -72.50 3.28 98.90
N TYR AA 92 -72.64 3.53 100.21
CA TYR AA 92 -73.93 4.00 100.79
C TYR AA 92 -73.82 5.30 101.59
N LEU AA 93 -74.74 6.26 101.37
CA LEU AA 93 -74.77 7.55 102.11
C LEU AA 93 -75.56 7.37 103.40
N GLY AA 101 -70.28 13.85 111.53
CA GLY AA 101 -69.73 14.78 112.52
C GLY AA 101 -68.30 14.45 112.89
N ASN AA 102 -67.62 15.33 113.63
CA ASN AA 102 -66.20 15.12 114.01
C ASN AA 102 -66.16 14.50 115.40
N ASN AA 103 -67.29 14.03 115.94
CA ASN AA 103 -67.37 13.44 117.30
C ASN AA 103 -67.48 11.93 117.23
N TRP AA 104 -66.88 11.22 118.21
CA TRP AA 104 -66.93 9.73 118.26
C TRP AA 104 -68.40 9.35 118.46
N ALA AA 105 -69.09 10.02 119.36
CA ALA AA 105 -70.53 9.78 119.59
C ALA AA 105 -71.30 10.13 118.32
N SER AA 106 -70.94 11.22 117.64
CA SER AA 106 -71.65 11.68 116.42
C SER AA 106 -71.56 10.60 115.33
N GLY AA 107 -70.45 9.91 115.18
CA GLY AA 107 -70.21 8.84 114.18
C GLY AA 107 -70.95 7.57 114.55
N PHE AA 108 -70.92 7.21 115.83
CA PHE AA 108 -71.54 5.94 116.33
C PHE AA 108 -73.06 5.98 116.12
N SER AA 109 -73.69 7.12 116.40
CA SER AA 109 -75.16 7.29 116.25
C SER AA 109 -75.57 7.20 114.77
N GLN AA 110 -74.80 7.86 113.89
CA GLN AA 110 -75.12 7.88 112.44
C GLN AA 110 -75.03 6.45 111.91
N GLY AA 111 -74.07 5.67 112.37
CA GLY AA 111 -73.89 4.28 111.91
C GLY AA 111 -75.07 3.41 112.31
N GLU AA 112 -75.63 3.60 113.50
CA GLU AA 112 -76.73 2.74 114.04
C GLU AA 112 -78.01 2.76 113.19
N LYS AA 113 -78.44 3.90 112.64
CA LYS AA 113 -79.67 4.02 111.79
C LYS AA 113 -79.49 3.31 110.44
N ILE AA 114 -78.28 3.33 109.88
CA ILE AA 114 -77.99 2.74 108.53
C ILE AA 114 -77.33 1.38 108.72
N HIS AA 115 -77.32 0.81 109.92
CA HIS AA 115 -76.53 -0.44 110.17
C HIS AA 115 -76.99 -1.58 109.27
N GLU AA 116 -78.29 -1.78 109.06
CA GLU AA 116 -78.85 -2.94 108.30
C GLU AA 116 -78.53 -2.95 106.80
N ASP AA 117 -78.57 -1.81 106.11
CA ASP AA 117 -78.23 -1.71 104.66
C ASP AA 117 -76.71 -1.87 104.46
N ILE AA 118 -75.91 -1.27 105.34
CA ILE AA 118 -74.43 -1.44 105.26
C ILE AA 118 -74.14 -2.89 105.57
N PHE AA 119 -74.87 -3.51 106.51
CA PHE AA 119 -74.67 -4.93 106.91
C PHE AA 119 -75.13 -5.88 105.81
N ASP AA 120 -76.16 -5.54 105.03
CA ASP AA 120 -76.62 -6.35 103.86
C ASP AA 120 -75.55 -6.31 102.78
N ILE AA 121 -74.88 -5.17 102.60
CA ILE AA 121 -73.76 -4.99 101.62
C ILE AA 121 -72.64 -5.94 102.07
N ILE AA 122 -72.44 -6.13 103.38
CA ILE AA 122 -71.45 -7.11 103.90
C ILE AA 122 -71.94 -8.50 103.52
N ASP AA 123 -73.23 -8.76 103.68
CA ASP AA 123 -73.80 -10.10 103.41
C ASP AA 123 -73.62 -10.46 101.93
N ARG AA 124 -74.03 -9.57 101.03
CA ARG AA 124 -73.95 -9.79 99.57
C ARG AA 124 -72.58 -10.37 99.24
N GLU AA 125 -71.52 -9.69 99.66
CA GLU AA 125 -70.14 -10.13 99.30
C GLU AA 125 -69.88 -11.49 99.94
N ALA AA 126 -70.32 -11.70 101.19
CA ALA AA 126 -70.07 -12.97 101.91
C ALA AA 126 -70.74 -14.10 101.15
N ASP AA 127 -71.95 -13.87 100.65
CA ASP AA 127 -72.69 -14.89 99.85
C ASP AA 127 -71.98 -15.10 98.52
N GLY AA 128 -71.53 -14.03 97.87
CA GLY AA 128 -70.90 -14.09 96.53
C GLY AA 128 -69.61 -14.89 96.55
N SER AA 129 -68.80 -14.75 97.59
CA SER AA 129 -67.48 -15.42 97.70
C SER AA 129 -67.67 -16.91 97.95
N ASP AA 130 -66.70 -17.73 97.53
CA ASP AA 130 -66.73 -19.18 97.84
C ASP AA 130 -66.72 -19.24 99.35
N SER AA 131 -65.92 -18.38 99.98
CA SER AA 131 -65.75 -18.38 101.46
C SER AA 131 -65.24 -17.00 101.92
N LEU AA 132 -65.23 -16.69 103.22
CA LEU AA 132 -64.76 -15.38 103.77
C LEU AA 132 -63.92 -15.59 105.05
N GLU AA 133 -62.58 -15.51 104.99
CA GLU AA 133 -61.70 -15.82 106.16
C GLU AA 133 -61.76 -14.73 107.24
N GLY AA 134 -61.66 -13.46 106.88
CA GLY AA 134 -61.59 -12.37 107.88
C GLY AA 134 -61.88 -11.01 107.31
N PHE AA 135 -62.10 -10.00 108.15
CA PHE AA 135 -62.44 -8.61 107.73
C PHE AA 135 -61.25 -7.71 108.03
N VAL AA 136 -60.77 -6.94 107.07
CA VAL AA 136 -59.56 -6.07 107.22
C VAL AA 136 -60.01 -4.62 107.08
N LEU AA 137 -60.05 -3.88 108.19
CA LEU AA 137 -60.61 -2.51 108.20
C LEU AA 137 -59.54 -1.46 107.99
N CYS AA 138 -59.60 -0.57 107.00
CA CYS AA 138 -58.65 0.57 106.87
C CYS AA 138 -59.08 1.64 107.89
N HIS AA 139 -59.23 1.29 109.17
CA HIS AA 139 -59.79 2.19 110.21
C HIS AA 139 -58.96 3.45 110.49
N SER AA 140 -59.60 4.57 110.85
CA SER AA 140 -58.92 5.81 111.28
C SER AA 140 -59.28 6.02 112.76
N ILE AA 141 -58.33 6.04 113.69
CA ILE AA 141 -58.60 6.24 115.15
C ILE AA 141 -58.80 7.75 115.33
N ALA AA 142 -59.76 8.17 116.16
CA ALA AA 142 -60.09 9.61 116.34
C ALA AA 142 -60.19 10.18 114.94
N GLY AA 143 -60.97 9.54 114.08
CA GLY AA 143 -61.12 9.92 112.66
C GLY AA 143 -62.37 10.74 112.41
N GLY AA 144 -62.89 11.42 113.44
CA GLY AA 144 -64.16 12.15 113.28
C GLY AA 144 -65.23 11.13 112.94
N THR AA 145 -65.74 11.15 111.72
CA THR AA 145 -66.75 10.15 111.27
C THR AA 145 -66.13 8.76 111.29
N GLY AA 146 -64.85 8.63 110.91
CA GLY AA 146 -64.21 7.31 110.80
C GLY AA 146 -64.22 6.56 112.12
N SER AA 147 -63.94 7.23 113.23
CA SER AA 147 -64.04 6.61 114.58
C SER AA 147 -65.48 6.72 115.01
N GLY AA 148 -65.95 5.90 115.95
CA GLY AA 148 -67.39 5.89 116.31
C GLY AA 148 -68.16 5.03 115.34
N LEU AA 149 -68.16 5.35 114.04
CA LEU AA 149 -68.81 4.46 113.05
C LEU AA 149 -67.99 3.18 112.99
N GLY AA 150 -66.65 3.29 113.08
CA GLY AA 150 -65.77 2.14 112.92
C GLY AA 150 -65.84 1.21 114.13
N SER AA 151 -65.96 1.75 115.33
CA SER AA 151 -66.09 1.02 116.61
C SER AA 151 -67.41 0.24 116.60
N TYR AA 152 -68.49 0.90 116.17
CA TYR AA 152 -69.82 0.26 116.15
C TYR AA 152 -69.82 -0.93 115.18
N LEU AA 153 -69.26 -0.72 114.00
CA LEU AA 153 -69.22 -1.76 112.94
C LEU AA 153 -68.29 -2.86 113.42
N LEU AA 154 -67.30 -2.52 114.23
CA LEU AA 154 -66.35 -3.52 114.81
C LEU AA 154 -67.14 -4.43 115.76
N GLU AA 155 -68.07 -3.87 116.52
CA GLU AA 155 -68.86 -4.65 117.51
C GLU AA 155 -69.86 -5.57 116.80
N ARG AA 156 -70.50 -5.11 115.73
CA ARG AA 156 -71.52 -5.93 115.02
C ARG AA 156 -70.87 -7.13 114.33
N LEU AA 157 -69.71 -6.93 113.73
CA LEU AA 157 -69.08 -7.98 112.91
C LEU AA 157 -68.75 -9.23 113.73
N ASN AA 158 -68.21 -9.09 114.93
CA ASN AA 158 -67.80 -10.28 115.73
C ASN AA 158 -69.03 -11.10 116.11
N ASP AA 159 -70.12 -10.42 116.50
CA ASP AA 159 -71.35 -11.13 116.94
C ASP AA 159 -71.90 -11.95 115.76
N ARG AA 160 -71.99 -11.35 114.58
CA ARG AA 160 -72.52 -12.02 113.36
C ARG AA 160 -71.57 -13.11 112.87
N TYR AA 161 -70.27 -12.90 112.95
CA TYR AA 161 -69.28 -13.88 112.46
C TYR AA 161 -68.43 -14.30 113.65
N PRO AA 162 -68.91 -15.06 114.66
CA PRO AA 162 -68.02 -15.41 115.76
C PRO AA 162 -66.78 -16.09 115.20
N LYS AA 163 -66.95 -17.06 114.31
CA LYS AA 163 -65.79 -17.86 113.83
C LYS AA 163 -64.79 -16.96 113.11
N LYS AA 164 -65.25 -15.98 112.32
CA LYS AA 164 -64.34 -15.15 111.48
C LYS AA 164 -63.51 -14.19 112.35
N LEU AA 165 -62.31 -13.80 111.88
CA LEU AA 165 -61.38 -12.94 112.66
C LEU AA 165 -61.36 -11.54 112.06
N VAL AA 166 -61.11 -10.50 112.87
CA VAL AA 166 -61.08 -9.08 112.41
C VAL AA 166 -59.68 -8.49 112.63
N GLN AA 167 -59.10 -7.83 111.62
CA GLN AA 167 -57.79 -7.14 111.73
C GLN AA 167 -58.11 -5.67 111.46
N THR AA 168 -57.30 -4.73 111.97
CA THR AA 168 -57.50 -3.28 111.76
C THR AA 168 -56.18 -2.60 111.43
N TYR AA 169 -56.00 -2.00 110.25
CA TYR AA 169 -54.81 -1.20 109.84
C TYR AA 169 -54.99 0.17 110.48
N SER AA 170 -55.02 0.20 111.81
CA SER AA 170 -55.30 1.45 112.55
C SER AA 170 -54.21 2.45 112.21
N VAL AA 171 -54.56 3.64 111.74
CA VAL AA 171 -53.55 4.72 111.50
C VAL AA 171 -53.52 5.54 112.80
N PHE AA 172 -53.07 4.97 113.92
CA PHE AA 172 -53.18 5.70 115.21
C PHE AA 172 -52.68 7.12 114.94
N PRO AA 173 -53.42 8.20 115.29
CA PRO AA 173 -53.02 9.55 114.92
C PRO AA 173 -52.16 10.27 115.95
N ASN AA 174 -50.94 10.63 115.56
CA ASN AA 174 -50.04 11.43 116.43
C ASN AA 174 -49.51 12.52 115.51
N GLN AA 175 -49.90 13.77 115.73
CA GLN AA 175 -49.49 14.91 114.89
C GLN AA 175 -48.84 15.94 115.80
N ASP AA 176 -48.24 15.50 116.92
CA ASP AA 176 -47.64 16.40 117.93
C ASP AA 176 -48.79 17.05 118.71
N GLU AA 177 -50.00 16.48 118.61
CA GLU AA 177 -51.20 17.05 119.27
C GLU AA 177 -51.32 18.53 118.86
N ASP AA 180 -57.37 20.43 113.51
CA ASP AA 180 -57.11 20.07 114.93
C ASP AA 180 -58.38 19.46 115.52
N VAL AA 181 -58.25 18.53 116.46
CA VAL AA 181 -59.41 17.94 117.19
C VAL AA 181 -59.13 18.18 118.67
N VAL AA 182 -60.00 18.89 119.37
CA VAL AA 182 -59.82 19.20 120.81
C VAL AA 182 -60.36 18.00 121.58
N VAL AA 183 -61.24 17.22 120.95
CA VAL AA 183 -61.84 16.00 121.57
C VAL AA 183 -61.04 14.78 121.09
N GLN AA 184 -59.91 14.97 120.41
CA GLN AA 184 -59.20 13.82 119.81
C GLN AA 184 -58.93 12.78 120.87
N PRO AA 185 -58.43 13.07 122.09
CA PRO AA 185 -58.13 12.02 123.06
C PRO AA 185 -59.40 11.26 123.45
N TYR AA 186 -60.51 11.95 123.64
CA TYR AA 186 -61.77 11.31 124.05
C TYR AA 186 -62.20 10.32 122.96
N ASN AA 187 -62.13 10.73 121.70
CA ASN AA 187 -62.60 9.87 120.58
C ASN AA 187 -61.70 8.64 120.54
N SER AA 188 -60.39 8.84 120.62
CA SER AA 188 -59.42 7.72 120.56
C SER AA 188 -59.65 6.82 121.76
N LEU AA 189 -59.91 7.40 122.92
CA LEU AA 189 -60.02 6.57 124.15
C LEU AA 189 -61.11 5.55 123.88
N LEU AA 190 -62.26 6.02 123.39
CA LEU AA 190 -63.41 5.11 123.19
C LEU AA 190 -63.06 4.05 122.14
N THR AA 191 -62.36 4.42 121.07
CA THR AA 191 -62.10 3.47 119.96
C THR AA 191 -61.31 2.28 120.49
N LEU AA 192 -60.29 2.52 121.32
CA LEU AA 192 -59.41 1.41 121.78
C LEU AA 192 -60.21 0.43 122.61
N LYS AA 193 -61.13 0.90 123.47
CA LYS AA 193 -61.84 -0.03 124.36
C LYS AA 193 -62.54 -1.05 123.48
N ARG AA 194 -63.19 -0.56 122.44
CA ARG AA 194 -63.87 -1.47 121.48
C ARG AA 194 -62.79 -2.32 120.83
N LEU AA 195 -61.69 -1.70 120.41
CA LEU AA 195 -60.61 -2.42 119.67
C LEU AA 195 -59.93 -3.47 120.55
N THR AA 196 -59.81 -3.29 121.85
CA THR AA 196 -59.07 -4.23 122.74
C THR AA 196 -59.92 -5.48 122.97
N GLN AA 197 -61.25 -5.36 123.01
CA GLN AA 197 -62.16 -6.49 123.35
C GLN AA 197 -62.87 -7.05 122.10
N ASN AA 198 -62.91 -6.33 120.97
CA ASN AA 198 -63.67 -6.73 119.76
C ASN AA 198 -62.81 -6.75 118.50
N ALA AA 199 -61.48 -6.88 118.58
CA ALA AA 199 -60.62 -7.03 117.38
C ALA AA 199 -59.59 -8.13 117.63
N ASP AA 200 -59.52 -9.14 116.77
CA ASP AA 200 -58.58 -10.27 116.93
C ASP AA 200 -57.15 -9.78 116.71
N CYS AA 201 -56.92 -8.88 115.75
CA CYS AA 201 -55.57 -8.31 115.45
C CYS AA 201 -55.65 -6.80 115.18
N VAL AA 202 -54.61 -6.08 115.39
CA VAL AA 202 -54.52 -4.64 115.04
C VAL AA 202 -53.08 -4.38 114.58
N VAL AA 203 -52.81 -3.59 113.49
CA VAL AA 203 -51.44 -3.22 113.02
C VAL AA 203 -51.37 -1.73 113.23
N VAL AA 204 -50.43 -1.26 114.05
CA VAL AA 204 -50.41 0.18 114.44
C VAL AA 204 -49.53 0.97 113.51
N LEU AA 205 -49.93 2.18 113.13
CA LEU AA 205 -49.08 3.11 112.36
C LEU AA 205 -49.18 4.47 113.06
N ASP AA 206 -48.26 5.39 112.83
CA ASP AA 206 -48.22 6.70 113.54
C ASP AA 206 -47.97 7.83 112.54
N ASN AA 207 -48.79 8.88 112.57
CA ASN AA 207 -48.67 10.03 111.64
C ASN AA 207 -47.33 10.72 111.86
N THR AA 208 -46.96 10.98 113.11
CA THR AA 208 -45.69 11.65 113.45
C THR AA 208 -44.50 10.79 113.06
N ALA AA 209 -44.57 9.48 113.31
CA ALA AA 209 -43.44 8.56 113.05
C ALA AA 209 -43.17 8.60 111.55
N LEU AA 210 -44.23 8.52 110.76
CA LEU AA 210 -44.11 8.58 109.28
C LEU AA 210 -43.72 9.99 108.85
N ASN AA 211 -44.25 11.02 109.51
CA ASN AA 211 -43.92 12.43 109.18
C ASN AA 211 -42.42 12.64 109.42
N ARG AA 212 -41.90 12.06 110.51
CA ARG AA 212 -40.45 12.14 110.85
C ARG AA 212 -39.68 11.41 109.75
N ILE AA 213 -40.19 10.27 109.29
CA ILE AA 213 -39.55 9.50 108.19
C ILE AA 213 -39.58 10.36 106.93
N ALA AA 214 -40.69 11.05 106.66
CA ALA AA 214 -40.85 11.90 105.46
C ALA AA 214 -39.82 13.02 105.51
N THR AA 215 -39.65 13.63 106.68
CA THR AA 215 -38.63 14.70 106.87
C THR AA 215 -37.26 14.05 106.63
N ASP AA 216 -37.05 12.82 107.12
CA ASP AA 216 -35.73 12.15 106.97
C ASP AA 216 -35.44 11.84 105.50
N ARG AA 217 -36.26 11.01 104.85
CA ARG AA 217 -35.99 10.57 103.46
C ARG AA 217 -36.15 11.73 102.48
N LEU AA 218 -37.10 12.63 102.72
CA LEU AA 218 -37.42 13.72 101.78
C LEU AA 218 -37.54 15.06 102.50
N HIS AA 219 -37.67 16.15 101.76
CA HIS AA 219 -37.82 17.51 102.33
C HIS AA 219 -39.29 17.82 102.54
N ILE AA 220 -40.19 16.93 102.12
CA ILE AA 220 -41.66 17.14 102.22
C ILE AA 220 -42.02 17.34 103.69
N GLN AA 221 -42.65 18.46 104.05
CA GLN AA 221 -43.10 18.73 105.45
C GLN AA 221 -44.57 19.16 105.44
N ASN AA 222 -44.91 20.21 104.69
CA ASN AA 222 -46.29 20.78 104.66
C ASN AA 222 -47.32 19.80 104.06
N PRO AA 223 -47.07 19.11 102.92
CA PRO AA 223 -48.06 18.18 102.36
C PRO AA 223 -47.82 16.79 102.97
N SER AA 224 -47.73 16.69 104.29
CA SER AA 224 -47.39 15.41 104.97
C SER AA 224 -48.42 14.33 104.64
N PHE AA 225 -49.73 14.62 104.62
CA PHE AA 225 -50.78 13.58 104.44
C PHE AA 225 -50.72 12.92 103.05
N SER AA 226 -50.53 13.67 101.96
CA SER AA 226 -50.54 13.11 100.58
C SER AA 226 -49.35 12.17 100.38
N GLN AA 227 -48.16 12.59 100.77
CA GLN AA 227 -46.93 11.77 100.57
C GLN AA 227 -46.93 10.56 101.49
N ILE AA 228 -47.37 10.73 102.74
CA ILE AA 228 -47.36 9.65 103.77
C ILE AA 228 -48.33 8.56 103.33
N ASN AA 229 -49.37 8.90 102.58
CA ASN AA 229 -50.25 7.84 102.06
C ASN AA 229 -49.31 6.79 101.49
N GLN AA 230 -48.41 7.11 100.55
CA GLN AA 230 -47.56 6.14 99.80
C GLN AA 230 -46.82 5.28 100.81
N LEU AA 231 -46.35 5.88 101.92
CA LEU AA 231 -45.60 5.15 102.96
C LEU AA 231 -46.50 4.10 103.63
N VAL AA 232 -47.73 4.49 103.98
CA VAL AA 232 -48.72 3.57 104.63
C VAL AA 232 -48.96 2.44 103.64
N SER AA 233 -49.09 2.77 102.35
CA SER AA 233 -49.41 1.80 101.29
C SER AA 233 -48.32 0.77 101.13
N THR AA 234 -47.07 1.20 101.11
CA THR AA 234 -45.96 0.27 100.86
C THR AA 234 -46.00 -0.74 101.99
N ILE AA 235 -46.24 -0.30 103.22
CA ILE AA 235 -46.33 -1.22 104.40
C ILE AA 235 -47.54 -2.14 104.17
N MET AA 236 -48.69 -1.58 103.77
CA MET AA 236 -49.96 -2.37 103.65
C MET AA 236 -49.92 -3.41 102.51
N SER AA 237 -49.30 -3.12 101.38
CA SER AA 237 -49.16 -4.11 100.29
C SER AA 237 -48.20 -5.15 100.80
N ALA AA 238 -47.13 -4.70 101.40
CA ALA AA 238 -46.06 -5.59 101.86
C ALA AA 238 -46.55 -6.55 102.94
N SER AA 239 -47.43 -6.14 103.86
CA SER AA 239 -47.84 -6.99 105.01
C SER AA 239 -48.57 -8.23 104.51
N THR AA 240 -49.11 -8.18 103.29
CA THR AA 240 -49.94 -9.26 102.70
C THR AA 240 -49.23 -10.02 101.59
N THR AA 241 -48.05 -9.62 101.16
CA THR AA 241 -47.39 -10.19 99.95
C THR AA 241 -47.18 -11.71 100.09
N THR AA 242 -46.89 -12.21 101.27
CA THR AA 242 -46.75 -13.68 101.50
C THR AA 242 -48.06 -14.41 101.16
N LEU AA 243 -49.24 -13.80 101.40
CA LEU AA 243 -50.59 -14.37 101.09
C LEU AA 243 -50.88 -14.15 99.62
N ARG AA 244 -50.67 -12.94 99.10
CA ARG AA 244 -51.01 -12.59 97.70
C ARG AA 244 -50.14 -13.36 96.71
N TYR AA 245 -48.93 -13.85 97.09
CA TYR AA 245 -48.02 -14.68 96.24
C TYR AA 245 -47.79 -16.00 96.94
N PRO AA 246 -47.86 -17.16 96.29
CA PRO AA 246 -47.75 -18.44 96.98
C PRO AA 246 -46.39 -18.77 97.62
N GLY AA 247 -46.31 -19.64 98.63
CA GLY AA 247 -45.06 -19.93 99.34
C GLY AA 247 -45.10 -21.19 100.16
N TYR AA 248 -44.02 -21.72 100.72
CA TYR AA 248 -44.06 -23.05 101.40
C TYR AA 248 -44.74 -22.94 102.75
N MET AA 249 -44.75 -21.74 103.34
CA MET AA 249 -45.29 -21.52 104.70
C MET AA 249 -45.99 -20.17 104.72
N ASN AA 250 -46.88 -19.93 105.69
CA ASN AA 250 -47.60 -18.64 105.81
C ASN AA 250 -48.47 -18.51 104.57
N ASN AA 251 -49.24 -19.55 104.22
CA ASN AA 251 -50.04 -19.57 102.98
C ASN AA 251 -51.48 -19.25 103.35
N ASP AA 252 -51.72 -18.59 104.51
CA ASP AA 252 -53.07 -18.23 105.02
C ASP AA 252 -52.94 -17.07 106.01
N LEU AA 253 -53.94 -16.19 106.13
CA LEU AA 253 -53.85 -14.97 106.99
C LEU AA 253 -53.66 -15.34 108.46
N ILE AA 254 -54.42 -16.29 108.98
CA ILE AA 254 -54.36 -16.61 110.44
C ILE AA 254 -52.94 -17.04 110.77
N GLY AA 255 -52.26 -17.77 109.88
CA GLY AA 255 -50.92 -18.31 110.19
C GLY AA 255 -49.94 -17.19 110.50
N LEU AA 256 -49.95 -16.12 109.72
CA LEU AA 256 -49.10 -14.94 110.00
C LEU AA 256 -49.59 -14.32 111.32
N ILE AA 257 -50.90 -14.21 111.53
CA ILE AA 257 -51.52 -13.54 112.72
C ILE AA 257 -51.22 -14.30 114.02
N ALA AA 258 -50.94 -15.60 113.99
CA ALA AA 258 -50.78 -16.44 115.20
C ALA AA 258 -49.47 -16.10 115.91
N SER AA 259 -48.36 -16.21 115.22
CA SER AA 259 -46.98 -15.96 115.73
C SER AA 259 -46.83 -14.53 116.22
N LEU AA 260 -47.45 -13.57 115.56
CA LEU AA 260 -47.29 -12.13 115.87
C LEU AA 260 -48.05 -11.73 117.15
N ILE AA 261 -49.15 -12.41 117.54
CA ILE AA 261 -50.00 -12.06 118.73
C ILE AA 261 -50.06 -13.28 119.67
N PRO AA 262 -49.16 -13.44 120.67
CA PRO AA 262 -49.21 -14.63 121.51
C PRO AA 262 -50.41 -14.68 122.46
N THR AA 263 -50.69 -13.62 123.22
CA THR AA 263 -51.77 -13.63 124.25
C THR AA 263 -52.98 -12.90 123.68
N PRO AA 264 -54.23 -13.35 123.92
CA PRO AA 264 -55.38 -12.73 123.26
C PRO AA 264 -55.51 -11.22 123.52
N ARG AA 265 -55.24 -10.76 124.75
CA ARG AA 265 -55.40 -9.33 125.11
C ARG AA 265 -54.41 -8.44 124.36
N LEU AA 266 -53.15 -8.85 124.19
CA LEU AA 266 -52.10 -7.98 123.60
C LEU AA 266 -52.00 -8.22 122.09
N HIS AA 267 -52.67 -7.39 121.26
CA HIS AA 267 -52.65 -7.57 119.80
C HIS AA 267 -52.45 -6.24 119.08
N PHE AA 268 -51.30 -5.58 119.24
CA PHE AA 268 -50.97 -4.34 118.50
C PHE AA 268 -49.62 -4.64 117.82
N LEU AA 269 -49.47 -4.44 116.50
CA LEU AA 269 -48.21 -4.82 115.80
C LEU AA 269 -47.44 -3.61 115.27
N MET AA 270 -46.14 -3.54 115.54
CA MET AA 270 -45.27 -2.44 115.09
C MET AA 270 -44.80 -2.70 113.65
N THR AA 271 -44.37 -1.69 112.90
CA THR AA 271 -43.93 -1.84 111.48
C THR AA 271 -42.50 -1.33 111.30
N GLY AA 272 -41.85 -1.65 110.16
CA GLY AA 272 -40.50 -1.18 109.79
C GLY AA 272 -40.26 -1.56 108.34
N TYR AA 273 -39.38 -0.91 107.58
CA TYR AA 273 -39.04 -1.31 106.18
C TYR AA 273 -37.54 -1.05 105.93
N THR AA 274 -36.73 -2.04 105.51
CA THR AA 274 -35.24 -1.87 105.41
C THR AA 274 -34.89 -0.78 104.40
N PRO AA 275 -35.28 -0.81 103.11
CA PRO AA 275 -34.95 0.28 102.22
C PRO AA 275 -36.14 1.23 102.26
N LEU AA 276 -36.22 2.06 103.30
CA LEU AA 276 -37.29 3.08 103.34
C LEU AA 276 -37.08 3.79 102.02
N THR AA 277 -35.83 4.01 101.65
CA THR AA 277 -35.49 4.56 100.31
C THR AA 277 -35.28 3.37 99.38
N THR AA 278 -36.32 2.56 99.11
CA THR AA 278 -36.28 1.45 98.13
C THR AA 278 -36.07 2.06 96.75
N ASP AA 279 -36.50 3.30 96.55
CA ASP AA 279 -36.30 4.03 95.28
C ASP AA 279 -34.80 4.18 95.07
N LYS AA 287 -25.52 -5.36 95.08
CA LYS AA 287 -26.75 -5.98 95.66
C LYS AA 287 -26.70 -5.83 97.18
N THR AA 288 -27.72 -6.27 97.92
CA THR AA 288 -27.69 -6.27 99.41
C THR AA 288 -27.91 -7.70 99.91
N THR AA 289 -27.01 -8.23 100.74
CA THR AA 289 -27.11 -9.61 101.30
C THR AA 289 -28.17 -9.64 102.40
N VAL AA 290 -28.72 -10.81 102.68
CA VAL AA 290 -29.77 -10.94 103.73
C VAL AA 290 -29.15 -10.49 105.04
N LEU AA 291 -27.91 -10.90 105.31
CA LEU AA 291 -27.19 -10.57 106.57
C LEU AA 291 -27.37 -9.08 106.84
N ASP AA 292 -27.37 -8.26 105.79
CA ASP AA 292 -27.44 -6.78 105.93
C ASP AA 292 -28.87 -6.29 106.07
N VAL AA 293 -29.82 -6.74 105.23
CA VAL AA 293 -31.20 -6.15 105.24
C VAL AA 293 -31.85 -6.42 106.59
N MET AA 294 -31.41 -7.46 107.31
CA MET AA 294 -31.95 -7.80 108.65
C MET AA 294 -31.53 -6.79 109.73
N ARG AA 295 -30.22 -6.55 109.86
CA ARG AA 295 -29.69 -5.68 110.94
C ARG AA 295 -30.22 -4.27 110.67
N ARG AA 296 -30.32 -3.88 109.39
CA ARG AA 296 -30.68 -2.51 108.99
C ARG AA 296 -32.04 -2.33 109.64
N LEU AA 297 -32.90 -3.35 109.54
CA LEU AA 297 -34.29 -3.26 110.03
C LEU AA 297 -34.35 -3.08 111.54
N LEU AA 298 -33.53 -3.78 112.31
CA LEU AA 298 -33.61 -3.75 113.79
C LEU AA 298 -33.24 -2.36 114.29
N GLN AA 299 -32.50 -1.59 113.50
CA GLN AA 299 -32.09 -0.21 113.87
C GLN AA 299 -33.35 0.63 113.99
N PRO AA 300 -33.41 1.70 114.81
CA PRO AA 300 -34.66 2.41 115.01
C PRO AA 300 -35.05 3.45 113.95
N LYS AA 301 -34.18 3.88 113.04
CA LYS AA 301 -34.59 4.79 111.94
C LYS AA 301 -35.54 4.01 111.02
N ASN AA 302 -35.22 2.76 110.70
CA ASN AA 302 -36.07 1.88 109.86
C ASN AA 302 -37.43 1.62 110.53
N VAL AA 303 -37.58 1.73 111.86
CA VAL AA 303 -38.90 1.59 112.55
C VAL AA 303 -39.79 2.82 112.25
N MET AA 304 -41.11 2.67 112.10
CA MET AA 304 -42.11 3.70 111.73
C MET AA 304 -43.11 3.96 112.85
N VAL AA 305 -42.76 3.68 114.11
CA VAL AA 305 -43.61 3.93 115.31
C VAL AA 305 -42.81 4.93 116.15
N SER AA 306 -43.43 5.91 116.82
CA SER AA 306 -42.69 7.01 117.52
C SER AA 306 -42.57 6.79 119.04
N THR AA 313 -37.45 1.58 133.62
CA THR AA 313 -38.15 0.28 133.44
C THR AA 313 -37.61 -0.38 132.17
N ASN AA 314 -37.30 -1.68 132.23
CA ASN AA 314 -36.80 -2.44 131.07
C ASN AA 314 -37.93 -2.46 130.06
N HIS AA 315 -37.64 -2.56 128.76
CA HIS AA 315 -38.69 -2.73 127.73
C HIS AA 315 -38.19 -3.77 126.76
N CYS AA 316 -39.07 -4.61 126.22
CA CYS AA 316 -38.66 -5.73 125.35
C CYS AA 316 -39.73 -6.17 124.39
N TYR AA 317 -39.35 -6.60 123.16
CA TYR AA 317 -40.28 -7.18 122.15
C TYR AA 317 -40.86 -8.48 122.72
N ILE AA 318 -42.09 -8.89 122.34
CA ILE AA 318 -42.70 -10.19 122.78
C ILE AA 318 -42.40 -11.30 121.77
N ALA AA 319 -42.38 -11.02 120.46
CA ALA AA 319 -41.97 -11.99 119.41
C ALA AA 319 -41.78 -11.19 118.12
N ILE AA 320 -40.81 -11.52 117.26
CA ILE AA 320 -40.53 -10.68 116.07
C ILE AA 320 -40.66 -11.58 114.86
N LEU AA 321 -41.07 -11.02 113.74
CA LEU AA 321 -41.15 -11.78 112.44
C LEU AA 321 -40.63 -10.86 111.33
N ASN AA 322 -40.05 -11.41 110.24
CA ASN AA 322 -39.59 -10.60 109.08
C ASN AA 322 -39.89 -11.30 107.76
N ILE AA 323 -40.22 -10.55 106.69
CA ILE AA 323 -40.46 -11.12 105.33
C ILE AA 323 -39.59 -10.35 104.36
N ILE AA 324 -38.88 -11.03 103.45
CA ILE AA 324 -37.94 -10.39 102.48
C ILE AA 324 -38.37 -10.73 101.04
N GLN AA 325 -38.47 -9.75 100.15
CA GLN AA 325 -38.86 -9.99 98.73
C GLN AA 325 -37.81 -9.42 97.80
N GLY AA 326 -36.94 -10.32 97.30
CA GLY AA 326 -35.95 -9.89 96.31
C GLY AA 326 -35.03 -11.01 95.88
N GLU AA 327 -33.84 -10.65 95.37
CA GLU AA 327 -32.85 -11.65 94.91
C GLU AA 327 -32.09 -12.11 96.15
N VAL AA 328 -32.67 -13.04 96.92
CA VAL AA 328 -32.08 -13.48 98.21
C VAL AA 328 -31.48 -14.88 98.03
N ASP AA 329 -30.21 -15.11 98.32
CA ASP AA 329 -29.69 -16.48 98.11
C ASP AA 329 -30.50 -17.35 99.07
N PRO AA 330 -31.30 -18.34 98.64
CA PRO AA 330 -32.12 -19.08 99.57
C PRO AA 330 -31.23 -19.71 100.65
N THR AA 331 -30.00 -20.08 100.31
CA THR AA 331 -29.05 -20.70 101.27
C THR AA 331 -28.66 -19.72 102.37
N GLN AA 332 -28.49 -18.44 102.07
CA GLN AA 332 -27.97 -17.46 103.05
C GLN AA 332 -28.89 -17.36 104.29
N VAL AA 333 -30.20 -17.43 104.14
CA VAL AA 333 -31.14 -17.21 105.28
C VAL AA 333 -30.90 -18.28 106.35
N HIS AA 334 -30.47 -19.49 105.97
CA HIS AA 334 -30.23 -20.60 106.92
C HIS AA 334 -29.14 -20.21 107.90
N LYS AA 335 -28.19 -19.34 107.54
CA LYS AA 335 -27.15 -18.85 108.50
C LYS AA 335 -27.39 -17.39 108.89
N SER AA 336 -28.26 -16.64 108.20
CA SER AA 336 -28.55 -15.21 108.49
C SER AA 336 -29.18 -15.07 109.88
N LEU AA 337 -30.04 -16.01 110.28
CA LEU AA 337 -30.71 -15.99 111.60
C LEU AA 337 -29.64 -16.07 112.69
N GLN AA 338 -28.63 -16.92 112.51
CA GLN AA 338 -27.52 -17.08 113.50
C GLN AA 338 -26.77 -15.75 113.59
N ARG AA 339 -26.58 -15.05 112.48
CA ARG AA 339 -25.83 -13.77 112.46
C ARG AA 339 -26.53 -12.74 113.34
N ILE AA 340 -27.86 -12.61 113.24
CA ILE AA 340 -28.65 -11.66 114.08
C ILE AA 340 -28.54 -12.11 115.53
N ARG AA 341 -28.52 -13.42 115.77
CA ARG AA 341 -28.46 -13.99 117.14
C ARG AA 341 -27.17 -13.53 117.83
N GLU AA 342 -26.03 -13.56 117.14
CA GLU AA 342 -24.71 -13.19 117.73
C GLU AA 342 -24.62 -11.70 118.08
N ARG AA 343 -25.14 -10.81 117.23
CA ARG AA 343 -25.04 -9.34 117.45
C ARG AA 343 -25.92 -8.98 118.66
N LYS AA 344 -26.84 -9.86 119.05
CA LYS AA 344 -27.76 -9.68 120.20
C LYS AA 344 -28.34 -8.28 120.08
N LEU AA 345 -28.68 -7.87 118.86
CA LEU AA 345 -29.27 -6.53 118.60
C LEU AA 345 -30.61 -6.42 119.33
N ALA AA 346 -31.39 -7.49 119.45
CA ALA AA 346 -32.76 -7.44 120.02
C ALA AA 346 -32.87 -8.11 121.39
N ASN AA 347 -33.64 -7.52 122.32
CA ASN AA 347 -33.95 -8.12 123.65
C ASN AA 347 -35.38 -8.65 123.55
N PHE AA 348 -35.63 -9.92 123.90
CA PHE AA 348 -36.94 -10.56 123.68
C PHE AA 348 -37.74 -10.74 124.99
N ILE AA 349 -38.91 -11.39 124.94
CA ILE AA 349 -39.74 -11.74 126.14
C ILE AA 349 -38.95 -12.62 127.11
N PRO AA 350 -39.16 -12.57 128.45
CA PRO AA 350 -38.45 -13.48 129.38
C PRO AA 350 -39.15 -14.74 129.89
N TRP AA 351 -40.48 -14.84 129.77
CA TRP AA 351 -41.29 -15.97 130.32
C TRP AA 351 -41.61 -16.94 129.18
N GLY AA 352 -41.25 -18.22 129.30
CA GLY AA 352 -41.44 -19.19 128.22
C GLY AA 352 -40.47 -18.89 127.09
N PRO AA 353 -40.60 -19.47 125.88
CA PRO AA 353 -39.75 -19.13 124.73
C PRO AA 353 -40.36 -18.28 123.61
N ALA AA 354 -39.55 -17.49 122.90
CA ALA AA 354 -39.99 -16.73 121.70
C ALA AA 354 -38.75 -16.53 120.83
N SER AA 355 -38.88 -16.25 119.53
CA SER AA 355 -37.72 -16.16 118.62
C SER AA 355 -38.00 -15.29 117.40
N ILE AA 356 -36.96 -14.82 116.72
CA ILE AA 356 -37.11 -14.05 115.45
C ILE AA 356 -37.47 -15.10 114.41
N GLN AA 357 -38.35 -14.77 113.45
CA GLN AA 357 -38.79 -15.74 112.43
C GLN AA 357 -38.38 -15.17 111.08
N VAL AA 358 -37.81 -15.97 110.18
CA VAL AA 358 -37.31 -15.51 108.84
C VAL AA 358 -38.23 -16.09 107.78
N ALA AA 359 -38.71 -15.28 106.84
CA ALA AA 359 -39.60 -15.73 105.75
C ALA AA 359 -39.11 -15.10 104.46
N LEU AA 360 -39.34 -15.73 103.31
CA LEU AA 360 -38.84 -15.26 101.99
C LEU AA 360 -40.03 -15.25 101.02
N SER AA 361 -40.18 -14.22 100.18
CA SER AA 361 -41.24 -14.10 99.14
C SER AA 361 -40.63 -13.62 97.83
N ARG AA 362 -41.42 -13.60 96.76
CA ARG AA 362 -40.94 -13.21 95.42
C ARG AA 362 -41.32 -11.78 95.16
N LYS AA 363 -40.38 -10.95 94.72
CA LYS AA 363 -40.72 -9.60 94.25
C LYS AA 363 -41.45 -9.80 92.94
N SER AA 364 -42.42 -8.96 92.60
CA SER AA 364 -43.26 -9.10 91.39
C SER AA 364 -42.51 -8.62 90.14
N PRO AA 365 -42.82 -9.10 88.93
CA PRO AA 365 -42.20 -8.60 87.71
C PRO AA 365 -42.95 -7.33 87.29
N TYR AA 366 -42.67 -6.76 86.12
CA TYR AA 366 -43.36 -5.56 85.55
C TYR AA 366 -42.96 -4.28 86.28
N LEU AA 367 -43.20 -4.18 87.57
CA LEU AA 367 -42.90 -2.96 88.36
C LEU AA 367 -41.40 -2.94 88.60
N PRO AA 368 -40.77 -1.80 88.96
CA PRO AA 368 -39.33 -1.73 89.11
C PRO AA 368 -38.78 -2.72 90.15
N SER AA 369 -37.56 -3.23 89.96
CA SER AA 369 -36.90 -4.21 90.86
C SER AA 369 -35.81 -3.48 91.65
N ALA AA 370 -35.94 -2.16 91.81
CA ALA AA 370 -34.93 -1.32 92.50
C ALA AA 370 -34.78 -1.84 93.93
N HIS AA 371 -33.61 -1.72 94.55
CA HIS AA 371 -33.39 -2.36 95.87
C HIS AA 371 -33.77 -3.80 95.62
N ARG AA 372 -32.98 -4.50 94.78
CA ARG AA 372 -33.34 -5.87 94.35
C ARG AA 372 -33.75 -6.64 95.59
N VAL AA 373 -33.06 -6.50 96.73
CA VAL AA 373 -33.51 -7.13 98.01
C VAL AA 373 -34.10 -6.01 98.88
N SER AA 374 -35.32 -6.16 99.41
CA SER AA 374 -36.01 -5.12 100.20
C SER AA 374 -36.93 -5.83 101.20
N GLY AA 375 -37.01 -5.43 102.47
CA GLY AA 375 -37.76 -6.17 103.51
C GLY AA 375 -38.70 -5.36 104.36
N LEU AA 376 -39.51 -6.02 105.19
CA LEU AA 376 -40.44 -5.38 106.16
C LEU AA 376 -40.42 -6.22 107.43
N MET AA 377 -40.74 -5.68 108.61
CA MET AA 377 -40.86 -6.50 109.84
C MET AA 377 -42.16 -6.14 110.55
N MET AA 378 -42.86 -7.13 111.09
CA MET AA 378 -44.08 -6.93 111.91
C MET AA 378 -43.73 -7.52 113.27
N ALA AA 379 -43.84 -6.77 114.36
CA ALA AA 379 -43.40 -7.26 115.69
C ALA AA 379 -44.31 -6.80 116.81
N ASN AA 380 -44.40 -7.60 117.88
CA ASN AA 380 -45.21 -7.26 119.08
C ASN AA 380 -44.21 -6.62 120.02
N HIS AA 381 -44.31 -5.31 120.26
CA HIS AA 381 -43.33 -4.57 121.10
C HIS AA 381 -44.05 -3.84 122.24
N THR AA 382 -43.54 -3.87 123.47
CA THR AA 382 -44.16 -3.21 124.65
C THR AA 382 -43.99 -1.70 124.59
N SER AA 383 -43.15 -1.18 123.71
CA SER AA 383 -42.96 0.28 123.55
C SER AA 383 -44.29 0.92 123.11
N ILE AA 384 -45.09 0.23 122.29
CA ILE AA 384 -46.36 0.82 121.74
C ILE AA 384 -47.29 1.15 122.91
N SER AA 385 -47.10 0.53 124.07
CA SER AA 385 -47.89 0.85 125.28
C SER AA 385 -47.73 2.33 125.58
N SER AA 386 -46.54 2.85 125.39
CA SER AA 386 -46.23 4.27 125.69
C SER AA 386 -47.11 5.19 124.83
N LEU AA 387 -47.29 4.87 123.56
CA LEU AA 387 -48.15 5.71 122.67
C LEU AA 387 -49.58 5.69 123.19
N PHE AA 388 -50.07 4.54 123.64
CA PHE AA 388 -51.44 4.44 124.19
C PHE AA 388 -51.55 5.31 125.45
N GLU AA 389 -50.54 5.27 126.32
CA GLU AA 389 -50.56 6.03 127.60
C GLU AA 389 -50.56 7.54 127.32
N ARG AA 390 -49.90 8.01 126.25
CA ARG AA 390 -49.80 9.47 125.91
C ARG AA 390 -51.18 10.04 125.59
N THR AA 391 -52.01 9.33 124.83
CA THR AA 391 -53.40 9.79 124.58
C THR AA 391 -54.20 9.65 125.87
N CYS AA 392 -53.94 8.61 126.67
CA CYS AA 392 -54.60 8.42 127.99
C CYS AA 392 -54.16 9.56 128.90
N ARG AA 393 -52.92 10.03 128.77
CA ARG AA 393 -52.41 11.20 129.54
C ARG AA 393 -53.14 12.45 129.07
N GLN AA 394 -53.28 12.64 127.77
CA GLN AA 394 -53.93 13.88 127.30
C GLN AA 394 -55.35 13.81 127.83
N TYR AA 395 -56.00 12.65 127.72
CA TYR AA 395 -57.42 12.46 128.13
C TYR AA 395 -57.58 12.69 129.62
N ASP AA 396 -56.67 12.14 130.41
CA ASP AA 396 -56.80 12.25 131.89
C ASP AA 396 -56.71 13.73 132.23
N LYS AA 397 -55.78 14.44 131.61
CA LYS AA 397 -55.62 15.90 131.85
C LYS AA 397 -56.91 16.57 131.39
N LEU AA 398 -57.39 16.21 130.20
CA LEU AA 398 -58.61 16.80 129.61
C LEU AA 398 -59.84 16.46 130.43
N ARG AA 399 -59.90 15.26 131.02
CA ARG AA 399 -61.10 14.79 131.77
C ARG AA 399 -61.28 15.67 133.02
N LYS AA 400 -60.18 15.96 133.71
CA LYS AA 400 -60.25 16.77 134.95
C LYS AA 400 -60.80 18.14 134.59
N ARG AA 401 -60.25 18.76 133.55
CA ARG AA 401 -60.65 20.12 133.13
C ARG AA 401 -62.10 20.05 132.65
N GLU AA 402 -62.46 18.96 131.97
CA GLU AA 402 -63.81 18.86 131.35
C GLU AA 402 -63.91 20.01 130.36
N ALA AA 403 -62.77 20.40 129.80
CA ALA AA 403 -62.75 21.56 128.87
C ALA AA 403 -63.59 21.24 127.65
N PHE AA 404 -63.52 19.99 127.17
CA PHE AA 404 -64.25 19.64 125.93
C PHE AA 404 -65.11 18.42 126.21
N LEU AA 405 -66.19 18.61 126.98
CA LEU AA 405 -67.15 17.50 127.22
C LEU AA 405 -68.09 17.49 126.03
N GLU AA 406 -67.93 18.45 125.10
CA GLU AA 406 -68.83 18.60 123.92
C GLU AA 406 -70.18 19.07 124.44
N GLN AA 407 -70.76 18.30 125.35
CA GLN AA 407 -72.10 18.63 125.91
C GLN AA 407 -73.01 18.90 124.71
N PHE AA 408 -72.55 18.55 123.52
CA PHE AA 408 -73.45 18.67 122.36
C PHE AA 408 -74.62 17.75 122.67
N ARG AA 409 -75.84 18.09 122.28
CA ARG AA 409 -77.01 17.30 122.72
C ARG AA 409 -76.79 15.86 122.23
N LYS AA 410 -76.26 15.68 121.03
CA LYS AA 410 -75.91 14.31 120.57
C LYS AA 410 -75.02 13.67 121.63
N GLU AA 411 -73.94 14.34 122.03
CA GLU AA 411 -72.95 13.77 122.98
C GLU AA 411 -73.62 13.47 124.33
N ASP AA 412 -74.36 14.42 124.90
CA ASP AA 412 -75.00 14.25 126.23
C ASP AA 412 -76.14 13.24 126.16
N MET AA 413 -77.01 13.35 125.15
CA MET AA 413 -78.19 12.44 125.03
C MET AA 413 -77.69 11.03 124.77
N PHE AA 414 -76.70 10.86 123.90
CA PHE AA 414 -76.11 9.54 123.62
C PHE AA 414 -75.43 9.05 124.90
N LYS AA 415 -74.71 9.92 125.60
CA LYS AA 415 -73.96 9.54 126.82
C LYS AA 415 -74.21 10.57 127.94
N ASP AA 416 -75.31 10.42 128.68
CA ASP AA 416 -75.63 11.30 129.82
C ASP AA 416 -74.71 10.95 130.98
N ASN AA 417 -74.53 9.65 131.29
CA ASN AA 417 -73.63 9.21 132.38
C ASN AA 417 -72.18 9.57 132.07
N PHE AA 418 -71.76 9.51 130.80
CA PHE AA 418 -70.35 9.77 130.37
C PHE AA 418 -69.47 8.69 131.02
N ASP AA 419 -70.04 7.50 131.31
CA ASP AA 419 -69.30 6.42 132.02
C ASP AA 419 -68.68 5.40 131.07
N GLU AA 420 -68.97 5.43 129.77
CA GLU AA 420 -68.28 4.56 128.78
C GLU AA 420 -66.83 5.03 128.68
N MET AA 421 -66.60 6.33 128.85
CA MET AA 421 -65.24 6.90 128.82
C MET AA 421 -64.48 6.33 130.02
N ASP AA 422 -65.11 6.27 131.19
CA ASP AA 422 -64.49 5.66 132.40
C ASP AA 422 -64.35 4.14 132.21
N THR AA 423 -65.33 3.48 131.58
CA THR AA 423 -65.25 2.03 131.30
C THR AA 423 -64.05 1.84 130.36
N SER AA 424 -63.91 2.72 129.39
CA SER AA 424 -62.79 2.67 128.42
C SER AA 424 -61.48 2.92 129.16
N ARG AA 425 -61.49 3.86 130.11
CA ARG AA 425 -60.25 4.23 130.83
C ARG AA 425 -59.73 3.04 131.63
N GLU AA 426 -60.60 2.30 132.33
CA GLU AA 426 -60.17 1.11 133.10
C GLU AA 426 -59.70 0.01 132.13
N ILE AA 427 -60.39 -0.19 131.01
CA ILE AA 427 -60.05 -1.28 130.03
C ILE AA 427 -58.66 -0.98 129.45
N VAL AA 428 -58.41 0.25 129.02
CA VAL AA 428 -57.11 0.65 128.41
C VAL AA 428 -56.03 0.64 129.50
N GLN AA 429 -56.35 1.00 130.73
CA GLN AA 429 -55.38 0.96 131.86
C GLN AA 429 -55.03 -0.50 132.13
N GLN AA 430 -56.00 -1.40 132.04
CA GLN AA 430 -55.72 -2.85 132.19
C GLN AA 430 -54.72 -3.21 131.09
N LEU AA 431 -54.96 -2.76 129.86
CA LEU AA 431 -54.03 -3.02 128.72
C LEU AA 431 -52.68 -2.39 129.04
N ILE AA 432 -52.60 -1.16 129.54
CA ILE AA 432 -51.31 -0.47 129.83
C ILE AA 432 -50.62 -1.34 130.86
N ASP AA 433 -51.36 -1.80 131.87
CA ASP AA 433 -50.81 -2.65 132.95
C ASP AA 433 -50.35 -3.98 132.36
N GLU AA 434 -51.17 -4.59 131.50
CA GLU AA 434 -50.90 -5.94 130.97
C GLU AA 434 -49.57 -5.90 130.22
N TYR AA 435 -49.33 -4.85 129.45
CA TYR AA 435 -48.10 -4.71 128.66
C TYR AA 435 -46.92 -4.77 129.62
N HIS AA 436 -46.90 -3.90 130.62
CA HIS AA 436 -45.73 -3.82 131.53
C HIS AA 436 -45.59 -5.15 132.27
N ALA AA 437 -46.69 -5.84 132.52
CA ALA AA 437 -46.64 -7.18 133.16
C ALA AA 437 -45.89 -8.11 132.23
N ALA AA 438 -46.07 -7.92 130.92
CA ALA AA 438 -45.37 -8.76 129.93
C ALA AA 438 -43.86 -8.59 130.11
N THR AA 439 -43.41 -7.37 130.35
CA THR AA 439 -41.97 -7.07 130.55
C THR AA 439 -41.48 -7.86 131.76
N ARG AA 440 -42.32 -8.02 132.78
CA ARG AA 440 -41.89 -8.66 134.04
C ARG AA 440 -41.62 -10.15 133.81
N PRO AA 441 -40.88 -10.84 134.71
CA PRO AA 441 -40.65 -12.27 134.59
C PRO AA 441 -41.86 -13.18 134.81
N ASP AA 442 -42.98 -12.69 135.36
CA ASP AA 442 -44.14 -13.56 135.71
C ASP AA 442 -45.43 -13.18 134.98
N TYR AA 443 -45.48 -13.25 133.65
CA TYR AA 443 -46.76 -13.08 132.92
C TYR AA 443 -47.40 -14.46 133.00
N ILE AA 444 -46.68 -15.49 133.48
CA ILE AA 444 -47.23 -16.86 133.71
C ILE AA 444 -48.31 -16.71 134.77
N SER AA 445 -48.11 -15.82 135.76
CA SER AA 445 -49.15 -15.49 136.76
C SER AA 445 -50.15 -14.57 136.04
N TRP AA 446 -51.36 -14.40 136.57
CA TRP AA 446 -52.42 -13.63 135.86
C TRP AA 446 -51.91 -12.20 135.59
N GLY AA 447 -52.20 -11.65 134.41
CA GLY AA 447 -51.77 -10.29 134.04
C GLY AA 447 -52.91 -9.50 133.41
N ARG BA 3 -95.78 -32.73 64.19
CA ARG BA 3 -96.90 -32.00 63.58
C ARG BA 3 -96.68 -30.49 63.67
N GLU BA 4 -97.25 -29.75 62.72
CA GLU BA 4 -97.05 -28.28 62.63
C GLU BA 4 -97.75 -27.61 63.81
N ILE BA 5 -97.19 -26.52 64.32
CA ILE BA 5 -97.73 -25.79 65.50
C ILE BA 5 -98.50 -24.57 64.98
N ILE BA 6 -99.70 -24.32 65.49
CA ILE BA 6 -100.52 -23.15 65.09
C ILE BA 6 -100.53 -22.18 66.27
N THR BA 7 -100.13 -20.94 66.07
CA THR BA 7 -100.01 -19.97 67.18
C THR BA 7 -101.21 -19.04 67.14
N LEU BA 8 -102.03 -19.05 68.20
CA LEU BA 8 -103.23 -18.19 68.30
C LEU BA 8 -102.82 -16.91 69.04
N GLN BA 9 -102.20 -15.97 68.34
CA GLN BA 9 -101.79 -14.66 68.96
C GLN BA 9 -103.05 -13.82 69.04
N LEU BA 10 -103.39 -13.29 70.24
CA LEU BA 10 -104.66 -12.54 70.45
C LEU BA 10 -104.44 -11.33 71.35
N GLY BA 11 -105.25 -10.27 71.20
CA GLY BA 11 -105.17 -9.08 72.06
C GLY BA 11 -104.08 -8.16 71.56
N GLN BA 12 -104.16 -6.86 71.85
CA GLN BA 12 -103.16 -5.90 71.29
C GLN BA 12 -101.76 -6.27 71.79
N CYS BA 13 -101.59 -6.52 73.08
CA CYS BA 13 -100.28 -6.88 73.65
C CYS BA 13 -99.80 -8.21 73.07
N GLY BA 14 -100.68 -9.20 73.03
CA GLY BA 14 -100.32 -10.53 72.49
C GLY BA 14 -99.99 -10.43 71.02
N ASN BA 15 -100.72 -9.61 70.27
CA ASN BA 15 -100.50 -9.41 68.81
C ASN BA 15 -99.17 -8.72 68.59
N GLN BA 16 -98.74 -7.85 69.51
CA GLN BA 16 -97.41 -7.18 69.42
C GLN BA 16 -96.27 -8.19 69.54
N ILE BA 17 -96.35 -9.22 70.41
CA ILE BA 17 -95.20 -10.15 70.67
C ILE BA 17 -95.21 -11.28 69.64
N GLY BA 18 -96.34 -11.60 69.02
CA GLY BA 18 -96.45 -12.56 67.91
C GLY BA 18 -95.93 -11.90 66.65
N PHE BA 19 -96.23 -10.62 66.49
CA PHE BA 19 -95.75 -9.86 65.30
C PHE BA 19 -94.23 -9.96 65.31
N GLU BA 20 -93.62 -9.62 66.43
CA GLU BA 20 -92.13 -9.64 66.58
C GLU BA 20 -91.54 -11.05 66.53
N PHE BA 21 -92.17 -12.04 67.17
CA PHE BA 21 -91.63 -13.42 67.23
C PHE BA 21 -91.52 -13.96 65.81
N TRP BA 22 -92.55 -13.76 64.99
CA TRP BA 22 -92.55 -14.22 63.58
C TRP BA 22 -91.49 -13.43 62.80
N LYS BA 23 -91.35 -12.14 63.06
CA LYS BA 23 -90.32 -11.29 62.41
C LYS BA 23 -88.94 -11.81 62.82
N GLN BA 24 -88.78 -12.19 64.07
CA GLN BA 24 -87.48 -12.67 64.60
C GLN BA 24 -87.06 -13.95 63.87
N LEU BA 25 -88.01 -14.84 63.61
CA LEU BA 25 -87.78 -16.10 62.85
C LEU BA 25 -87.78 -15.78 61.36
N CYS BA 26 -88.20 -14.59 60.94
CA CYS BA 26 -88.07 -14.25 59.49
C CYS BA 26 -86.59 -14.09 59.19
N ALA BA 27 -85.90 -13.20 59.89
CA ALA BA 27 -84.45 -12.96 59.67
C ALA BA 27 -83.66 -14.21 60.07
N GLU BA 28 -83.99 -14.86 61.18
CA GLU BA 28 -83.21 -16.01 61.70
C GLU BA 28 -83.28 -17.13 60.68
N HIS BA 29 -84.46 -17.40 60.15
CA HIS BA 29 -84.62 -18.42 59.10
C HIS BA 29 -84.32 -17.77 57.76
N GLY BA 30 -84.31 -18.55 56.69
CA GLY BA 30 -84.13 -18.00 55.34
C GLY BA 30 -85.44 -17.50 54.78
N ILE BA 31 -85.94 -16.37 55.27
CA ILE BA 31 -87.23 -15.78 54.80
C ILE BA 31 -87.03 -14.26 54.66
N SER BA 32 -87.64 -13.62 53.67
CA SER BA 32 -87.54 -12.15 53.45
C SER BA 32 -88.83 -11.53 54.03
N PRO BA 33 -89.09 -10.20 53.96
CA PRO BA 33 -90.38 -9.63 54.42
C PRO BA 33 -91.60 -10.02 53.55
N GLU BA 34 -91.41 -10.52 52.33
CA GLU BA 34 -92.52 -10.98 51.45
C GLU BA 34 -92.69 -12.49 51.58
N GLY BA 35 -92.00 -13.12 52.51
CA GLY BA 35 -92.08 -14.59 52.80
C GLY BA 35 -91.28 -15.39 51.76
N ILE BA 36 -90.57 -14.77 50.85
CA ILE BA 36 -89.86 -15.46 49.73
C ILE BA 36 -88.59 -16.09 50.29
N VAL BA 37 -88.20 -17.26 49.79
CA VAL BA 37 -86.93 -17.88 50.23
C VAL BA 37 -85.83 -16.88 49.89
N GLU BA 38 -84.92 -16.64 50.84
CA GLU BA 38 -83.82 -15.66 50.65
C GLU BA 38 -82.78 -16.25 49.70
N GLU BA 39 -82.29 -15.45 48.75
N GLU BA 39 -82.34 -15.37 48.77
CA GLU BA 39 -81.26 -15.92 47.79
CA GLU BA 39 -81.32 -15.83 47.80
C GLU BA 39 -79.97 -16.24 48.54
C GLU BA 39 -80.03 -16.16 48.55
N PHE BA 40 -79.62 -15.49 49.58
CA PHE BA 40 -78.33 -15.69 50.30
C PHE BA 40 -78.27 -17.10 50.87
N ALA BA 41 -79.38 -17.64 51.39
CA ALA BA 41 -79.37 -18.97 52.05
C ALA BA 41 -78.88 -20.00 51.04
N THR BA 45 -81.09 -26.15 56.08
CA THR BA 45 -80.45 -27.04 57.10
C THR BA 45 -81.33 -27.00 58.35
N ASP BA 46 -82.49 -26.36 58.28
CA ASP BA 46 -83.38 -26.16 59.46
C ASP BA 46 -84.68 -26.91 59.25
N ARG BA 47 -85.39 -27.27 60.33
CA ARG BA 47 -86.74 -27.90 60.19
C ARG BA 47 -87.75 -26.77 60.19
N LYS BA 48 -88.08 -26.21 59.01
CA LYS BA 48 -89.04 -25.08 58.90
C LYS BA 48 -90.47 -25.63 58.77
N ASP BA 49 -90.62 -26.95 58.66
CA ASP BA 49 -91.96 -27.56 58.45
C ASP BA 49 -92.89 -27.23 59.62
N VAL BA 50 -92.43 -27.32 60.87
CA VAL BA 50 -93.34 -27.15 62.03
C VAL BA 50 -93.93 -25.74 62.07
N PHE BA 51 -93.06 -24.73 62.00
CA PHE BA 51 -93.50 -23.34 62.26
C PHE BA 51 -93.99 -22.66 60.99
N PHE BA 52 -93.37 -22.91 59.84
CA PHE BA 52 -93.77 -22.13 58.64
C PHE BA 52 -94.48 -23.02 57.61
N TYR BA 53 -95.65 -22.58 57.14
CA TYR BA 53 -96.34 -23.34 56.07
C TYR BA 53 -95.47 -23.29 54.81
N GLN BA 54 -95.33 -24.44 54.14
CA GLN BA 54 -94.48 -24.49 52.93
C GLN BA 54 -95.36 -24.35 51.69
N ALA BA 55 -95.42 -23.14 51.11
CA ALA BA 55 -96.14 -22.97 49.84
C ALA BA 55 -95.27 -23.59 48.76
N ASP BA 56 -95.88 -24.06 47.67
CA ASP BA 56 -95.13 -24.66 46.55
C ASP BA 56 -94.15 -23.62 46.02
N ASP BA 57 -94.50 -22.34 46.16
CA ASP BA 57 -93.73 -21.24 45.54
C ASP BA 57 -92.80 -20.58 46.56
N GLU BA 58 -92.29 -21.33 47.55
CA GLU BA 58 -91.29 -20.83 48.53
C GLU BA 58 -91.85 -19.63 49.29
N HIS BA 59 -93.17 -19.52 49.44
CA HIS BA 59 -93.80 -18.47 50.28
C HIS BA 59 -93.93 -19.09 51.67
N TYR BA 60 -92.97 -18.84 52.56
CA TYR BA 60 -92.97 -19.43 53.91
C TYR BA 60 -93.88 -18.56 54.76
N ILE BA 61 -95.18 -18.84 54.74
CA ILE BA 61 -96.19 -18.04 55.49
C ILE BA 61 -96.43 -18.74 56.81
N PRO BA 62 -96.26 -18.09 57.99
CA PRO BA 62 -96.41 -18.77 59.26
C PRO BA 62 -97.88 -19.14 59.47
N ARG BA 63 -98.15 -20.13 60.33
CA ARG BA 63 -99.53 -20.55 60.66
C ARG BA 63 -100.04 -19.65 61.79
N ALA BA 64 -99.97 -18.32 61.64
CA ALA BA 64 -100.36 -17.40 62.73
C ALA BA 64 -101.86 -17.18 62.66
N VAL BA 65 -102.57 -17.19 63.78
CA VAL BA 65 -104.01 -16.84 63.83
C VAL BA 65 -104.04 -15.50 64.57
N LEU BA 66 -104.34 -14.40 63.89
CA LEU BA 66 -104.32 -13.07 64.53
C LEU BA 66 -105.77 -12.70 64.83
N LEU BA 67 -106.12 -12.54 66.11
CA LEU BA 67 -107.50 -12.17 66.53
C LEU BA 67 -107.45 -10.71 66.97
N ASP BA 68 -108.30 -9.87 66.37
CA ASP BA 68 -108.34 -8.41 66.68
C ASP BA 68 -109.72 -8.09 67.26
N LEU BA 69 -109.78 -7.56 68.49
CA LEU BA 69 -111.05 -7.15 69.12
C LEU BA 69 -110.97 -5.64 69.33
N GLU BA 70 -111.94 -4.87 68.80
CA GLU BA 70 -111.86 -3.39 68.84
C GLU BA 70 -110.47 -3.03 68.31
N PRO BA 71 -110.12 -3.36 67.05
CA PRO BA 71 -108.75 -3.17 66.55
C PRO BA 71 -108.18 -1.75 66.45
N ARG BA 72 -106.94 -1.56 66.89
CA ARG BA 72 -106.21 -0.27 66.73
C ARG BA 72 -104.78 -0.63 66.35
N VAL BA 73 -104.07 -1.41 67.20
CA VAL BA 73 -102.69 -1.87 66.92
C VAL BA 73 -102.70 -2.75 65.67
N ILE BA 74 -103.75 -3.54 65.47
CA ILE BA 74 -103.83 -4.49 64.33
C ILE BA 74 -103.84 -3.70 63.02
N HIS BA 75 -104.37 -2.48 63.01
CA HIS BA 75 -104.34 -1.63 61.79
C HIS BA 75 -102.87 -1.37 61.43
N SER BA 76 -101.99 -1.18 62.41
CA SER BA 76 -100.55 -0.88 62.19
C SER BA 76 -99.80 -2.13 61.71
N ILE BA 77 -100.12 -3.30 62.27
CA ILE BA 77 -99.50 -4.60 61.85
C ILE BA 77 -99.70 -4.73 60.34
N LEU BA 78 -100.89 -4.37 59.85
CA LEU BA 78 -101.22 -4.44 58.39
C LEU BA 78 -100.35 -3.47 57.58
N ASN BA 79 -100.12 -2.24 58.04
CA ASN BA 79 -99.22 -1.32 57.29
C ASN BA 79 -97.78 -1.62 57.70
N SER BA 80 -97.24 -2.77 57.27
CA SER BA 80 -95.85 -3.16 57.57
C SER BA 80 -95.25 -3.83 56.33
N PRO BA 81 -93.91 -3.88 56.16
CA PRO BA 81 -93.32 -4.61 55.04
C PRO BA 81 -93.61 -6.12 55.12
N TYR BA 82 -93.92 -6.64 56.30
CA TYR BA 82 -94.13 -8.09 56.53
C TYR BA 82 -95.60 -8.47 56.39
N ALA BA 83 -96.45 -7.55 55.93
CA ALA BA 83 -97.90 -7.83 55.77
C ALA BA 83 -98.06 -9.01 54.81
N LYS BA 84 -97.28 -9.07 53.74
CA LYS BA 84 -97.32 -10.19 52.77
C LYS BA 84 -96.79 -11.47 53.41
N LEU BA 85 -95.83 -11.38 54.33
CA LEU BA 85 -95.20 -12.59 54.92
C LEU BA 85 -96.26 -13.43 55.62
N TYR BA 86 -97.13 -12.81 56.41
CA TYR BA 86 -98.22 -13.52 57.12
C TYR BA 86 -99.49 -13.23 56.32
N ASN BA 87 -99.86 -14.12 55.40
CA ASN BA 87 -101.14 -13.96 54.66
C ASN BA 87 -101.89 -15.30 54.65
N PRO BA 88 -102.40 -15.79 55.80
CA PRO BA 88 -103.33 -16.89 55.80
C PRO BA 88 -104.67 -16.16 55.57
N GLU BA 89 -104.67 -14.83 55.46
CA GLU BA 89 -105.89 -14.04 55.19
C GLU BA 89 -106.91 -14.43 56.26
N ASN BA 90 -106.49 -14.45 57.53
CA ASN BA 90 -107.35 -14.88 58.65
C ASN BA 90 -107.30 -13.89 59.82
N ILE BA 91 -107.81 -12.66 59.65
CA ILE BA 91 -107.90 -11.65 60.76
C ILE BA 91 -109.37 -11.25 60.83
N TYR BA 92 -110.02 -11.33 62.00
CA TYR BA 92 -111.49 -11.08 62.12
C TYR BA 92 -111.85 -10.01 63.15
N LEU BA 93 -112.76 -9.08 62.80
CA LEU BA 93 -113.23 -8.01 63.73
C LEU BA 93 -114.42 -8.54 64.54
N GLY BA 101 -113.45 -4.10 75.27
CA GLY BA 101 -113.45 -3.42 76.57
C GLY BA 101 -112.22 -3.78 77.39
N ASN BA 102 -111.99 -3.08 78.50
CA ASN BA 102 -110.81 -3.31 79.37
C ASN BA 102 -111.20 -4.27 80.49
N ASN BA 103 -112.37 -4.90 80.42
CA ASN BA 103 -112.86 -5.82 81.48
C ASN BA 103 -112.73 -7.28 81.06
N TRP BA 104 -112.45 -8.18 82.01
CA TRP BA 104 -112.31 -9.62 81.71
C TRP BA 104 -113.67 -10.12 81.23
N ALA BA 105 -114.74 -9.72 81.91
CA ALA BA 105 -116.11 -10.08 81.50
C ALA BA 105 -116.40 -9.45 80.15
N SER BA 106 -115.96 -8.21 79.91
CA SER BA 106 -116.23 -7.49 78.63
C SER BA 106 -115.60 -8.25 77.46
N GLY BA 107 -114.42 -8.84 77.61
CA GLY BA 107 -113.68 -9.60 76.59
C GLY BA 107 -114.32 -10.96 76.36
N PHE BA 108 -114.73 -11.64 77.43
CA PHE BA 108 -115.31 -13.00 77.37
C PHE BA 108 -116.62 -12.97 76.59
N SER BA 109 -117.47 -11.98 76.83
CA SER BA 109 -118.79 -11.84 76.15
C SER BA 109 -118.60 -11.56 74.67
N GLN BA 110 -117.67 -10.68 74.32
CA GLN BA 110 -117.42 -10.31 72.90
C GLN BA 110 -116.95 -11.55 72.15
N GLY BA 111 -116.13 -12.38 72.77
CA GLY BA 111 -115.61 -13.61 72.14
C GLY BA 111 -116.72 -14.60 71.84
N GLU BA 112 -117.69 -14.74 72.72
CA GLU BA 112 -118.78 -15.74 72.59
C GLU BA 112 -119.66 -15.58 71.33
N LYS BA 113 -120.00 -14.35 70.93
CA LYS BA 113 -120.82 -14.07 69.70
C LYS BA 113 -120.07 -14.41 68.41
N ILE BA 114 -118.75 -14.20 68.38
CA ILE BA 114 -117.90 -14.42 67.18
C ILE BA 114 -117.17 -15.76 67.30
N HIS BA 115 -117.53 -16.61 68.27
CA HIS BA 115 -116.74 -17.84 68.52
C HIS BA 115 -116.66 -18.73 67.29
N GLU BA 116 -117.76 -18.94 66.55
CA GLU BA 116 -117.83 -19.89 65.40
C GLU BA 116 -116.99 -19.51 64.18
N ASP BA 117 -116.91 -18.23 63.80
CA ASP BA 117 -116.08 -17.75 62.66
C ASP BA 117 -114.60 -17.79 63.04
N ILE BA 118 -114.26 -17.41 64.27
CA ILE BA 118 -112.86 -17.48 64.75
C ILE BA 118 -112.51 -18.96 64.82
N PHE BA 119 -113.43 -19.82 65.24
CA PHE BA 119 -113.20 -21.28 65.37
C PHE BA 119 -113.08 -21.94 64.00
N ASP BA 120 -113.79 -21.45 62.97
CA ASP BA 120 -113.67 -21.98 61.58
C ASP BA 120 -112.28 -21.61 61.04
N ILE BA 121 -111.78 -20.43 61.38
CA ILE BA 121 -110.41 -19.98 60.99
C ILE BA 121 -109.41 -20.95 61.63
N ILE BA 122 -109.68 -21.46 62.83
CA ILE BA 122 -108.83 -22.49 63.48
C ILE BA 122 -108.95 -23.76 62.65
N ASP BA 123 -110.16 -24.11 62.23
CA ASP BA 123 -110.40 -25.36 61.46
C ASP BA 123 -109.64 -25.33 60.14
N ARG BA 124 -109.80 -24.26 59.36
CA ARG BA 124 -109.15 -24.10 58.04
C ARG BA 124 -107.69 -24.52 58.17
N GLU BA 125 -106.96 -23.92 59.09
CA GLU BA 125 -105.51 -24.19 59.23
C GLU BA 125 -105.32 -25.66 59.61
N ALA BA 126 -106.16 -26.20 60.50
CA ALA BA 126 -106.03 -27.59 60.97
C ALA BA 126 -106.20 -28.54 59.79
N ASP BA 127 -107.16 -28.24 58.91
CA ASP BA 127 -107.40 -29.04 57.69
C ASP BA 127 -106.22 -28.90 56.74
N GLY BA 128 -105.71 -27.67 56.55
CA GLY BA 128 -104.63 -27.37 55.60
C GLY BA 128 -103.34 -28.09 55.95
N SER BA 129 -103.01 -28.18 57.23
CA SER BA 129 -101.75 -28.80 57.69
C SER BA 129 -101.80 -30.31 57.52
N ASP BA 130 -100.65 -30.95 57.36
CA ASP BA 130 -100.60 -32.43 57.31
C ASP BA 130 -101.13 -32.88 58.66
N SER BA 131 -100.76 -32.16 59.72
CA SER BA 131 -101.14 -32.54 61.10
C SER BA 131 -101.04 -31.29 62.01
N LEU BA 132 -101.63 -31.31 63.21
CA LEU BA 132 -101.58 -30.19 64.19
C LEU BA 132 -101.25 -30.72 65.58
N GLU BA 133 -100.11 -30.37 66.22
CA GLU BA 133 -99.71 -30.98 67.54
C GLU BA 133 -100.09 -30.08 68.73
N GLY BA 134 -100.03 -28.76 68.61
CA GLY BA 134 -100.29 -27.90 69.76
C GLY BA 134 -100.73 -26.51 69.37
N PHE BA 135 -101.40 -25.79 70.27
CA PHE BA 135 -101.88 -24.40 70.02
C PHE BA 135 -101.10 -23.49 70.95
N VAL BA 136 -100.21 -22.65 70.44
CA VAL BA 136 -99.32 -21.82 71.31
C VAL BA 136 -99.89 -20.41 71.34
N LEU BA 137 -100.39 -19.95 72.48
CA LEU BA 137 -101.09 -18.66 72.56
C LEU BA 137 -100.18 -17.54 73.03
N CYS BA 138 -100.05 -16.44 72.29
CA CYS BA 138 -99.31 -15.25 72.79
C CYS BA 138 -100.29 -14.51 73.70
N HIS BA 139 -100.69 -15.12 74.82
CA HIS BA 139 -101.73 -14.59 75.73
C HIS BA 139 -101.24 -13.40 76.55
N SER BA 140 -102.11 -12.45 76.85
CA SER BA 140 -101.82 -11.32 77.77
C SER BA 140 -102.73 -11.50 78.99
N ILE BA 141 -102.20 -11.68 80.20
CA ILE BA 141 -103.01 -11.85 81.45
C ILE BA 141 -103.48 -10.46 81.86
N ALA BA 142 -104.72 -10.30 82.32
CA ALA BA 142 -105.29 -8.97 82.66
C ALA BA 142 -104.94 -8.07 81.48
N GLY BA 143 -105.26 -8.51 80.27
CA GLY BA 143 -104.91 -7.79 79.03
C GLY BA 143 -106.09 -6.99 78.50
N GLY BA 144 -107.03 -6.61 79.35
CA GLY BA 144 -108.24 -5.93 78.87
C GLY BA 144 -108.96 -6.87 77.93
N THR BA 145 -108.98 -6.56 76.64
CA THR BA 145 -109.61 -7.45 75.63
C THR BA 145 -108.85 -8.78 75.58
N GLY BA 146 -107.53 -8.77 75.72
CA GLY BA 146 -106.71 -9.98 75.58
C GLY BA 146 -107.11 -11.03 76.60
N SER BA 147 -107.35 -10.66 77.86
CA SER BA 147 -107.85 -11.61 78.89
C SER BA 147 -109.36 -11.66 78.73
N GLY BA 148 -110.02 -12.71 79.20
CA GLY BA 148 -111.47 -12.87 78.97
C GLY BA 148 -111.71 -13.50 77.61
N LEU BA 149 -111.28 -12.86 76.51
CA LEU BA 149 -111.38 -13.50 75.19
C LEU BA 149 -110.42 -14.68 75.19
N GLY BA 150 -109.25 -14.54 75.81
CA GLY BA 150 -108.22 -15.59 75.76
C GLY BA 150 -108.60 -16.78 76.61
N SER BA 151 -109.24 -16.57 77.76
CA SER BA 151 -109.73 -17.60 78.70
C SER BA 151 -110.83 -18.40 78.01
N TYR BA 152 -111.75 -17.72 77.34
CA TYR BA 152 -112.87 -18.38 76.66
C TYR BA 152 -112.36 -19.28 75.53
N LEU BA 153 -111.43 -18.77 74.74
CA LEU BA 153 -110.87 -19.50 73.59
C LEU BA 153 -110.03 -20.64 74.14
N LEU BA 154 -109.47 -20.48 75.34
CA LEU BA 154 -108.67 -21.55 76.01
C LEU BA 154 -109.62 -22.70 76.35
N GLU BA 155 -110.85 -22.40 76.79
CA GLU BA 155 -111.83 -23.43 77.19
C GLU BA 155 -112.36 -24.18 75.97
N ARG BA 156 -112.61 -23.50 74.86
CA ARG BA 156 -113.17 -24.16 73.65
C ARG BA 156 -112.16 -25.11 73.03
N LEU BA 157 -110.89 -24.72 72.99
CA LEU BA 157 -109.86 -25.51 72.28
C LEU BA 157 -109.70 -26.90 72.87
N ASN BA 158 -109.67 -27.05 74.18
CA ASN BA 158 -109.42 -28.38 74.80
C ASN BA 158 -110.59 -29.32 74.49
N ASP BA 159 -111.81 -28.81 74.55
CA ASP BA 159 -113.02 -29.66 74.30
C ASP BA 159 -112.97 -30.18 72.87
N ARG BA 160 -112.70 -29.30 71.90
CA ARG BA 160 -112.65 -29.67 70.45
C ARG BA 160 -111.44 -30.55 70.16
N TYR BA 161 -110.30 -30.32 70.79
CA TYR BA 161 -109.08 -31.10 70.52
C TYR BA 161 -108.68 -31.76 71.84
N PRO BA 162 -109.44 -32.75 72.36
CA PRO BA 162 -109.14 -33.32 73.68
C PRO BA 162 -107.76 -33.96 73.69
N LYS BA 163 -107.38 -34.62 72.61
CA LYS BA 163 -106.04 -35.23 72.47
C LYS BA 163 -104.96 -34.15 72.40
N LYS BA 164 -105.21 -33.01 71.75
CA LYS BA 164 -104.16 -31.98 71.51
C LYS BA 164 -103.84 -31.21 72.79
N LEU BA 165 -102.69 -30.51 72.83
CA LEU BA 165 -102.18 -29.80 74.04
C LEU BA 165 -102.07 -28.31 73.76
N VAL BA 166 -102.26 -27.43 74.76
CA VAL BA 166 -102.20 -25.95 74.59
C VAL BA 166 -101.11 -25.38 75.48
N GLN BA 167 -100.21 -24.53 74.97
CA GLN BA 167 -99.13 -23.86 75.75
C GLN BA 167 -99.55 -22.39 75.86
N THR BA 168 -99.01 -21.63 76.81
CA THR BA 168 -99.35 -20.19 76.91
C THR BA 168 -98.11 -19.39 77.22
N TYR BA 169 -97.72 -18.48 76.32
CA TYR BA 169 -96.59 -17.57 76.60
C TYR BA 169 -97.21 -16.43 77.36
N SER BA 170 -97.67 -16.71 78.58
CA SER BA 170 -98.37 -15.70 79.39
C SER BA 170 -97.38 -14.61 79.72
N VAL BA 171 -97.68 -13.34 79.42
CA VAL BA 171 -96.82 -12.20 79.85
C VAL BA 171 -97.38 -11.74 81.19
N PHE BA 172 -97.30 -12.55 82.25
CA PHE BA 172 -97.99 -12.17 83.52
C PHE BA 172 -97.63 -10.70 83.78
N PRO BA 173 -98.59 -9.78 84.04
CA PRO BA 173 -98.27 -8.37 84.15
C PRO BA 173 -97.95 -7.89 85.56
N ASN BA 174 -96.75 -7.40 85.77
CA ASN BA 174 -96.34 -6.81 87.06
C ASN BA 174 -95.66 -5.50 86.69
N GLN BA 175 -96.27 -4.36 87.00
CA GLN BA 175 -95.73 -3.03 86.65
C GLN BA 175 -95.63 -2.23 87.95
N ASP BA 176 -95.43 -2.91 89.09
CA ASP BA 176 -95.38 -2.27 90.44
C ASP BA 176 -96.81 -1.89 90.82
N GLU BA 177 -97.81 -2.46 90.12
CA GLU BA 177 -99.23 -2.13 90.37
C GLU BA 177 -99.39 -0.62 90.27
N ASP BA 180 -103.23 2.32 83.52
CA ASP BA 180 -103.47 1.62 84.81
C ASP BA 180 -104.77 0.83 84.71
N VAL BA 181 -104.87 -0.30 85.40
CA VAL BA 181 -106.13 -1.10 85.48
C VAL BA 181 -106.45 -1.23 86.97
N VAL BA 182 -107.60 -0.75 87.40
CA VAL BA 182 -108.01 -0.82 88.83
C VAL BA 182 -108.63 -2.20 89.04
N VAL BA 183 -109.10 -2.83 87.97
CA VAL BA 183 -109.71 -4.18 88.02
C VAL BA 183 -108.64 -5.21 87.64
N GLN BA 184 -107.37 -4.80 87.51
CA GLN BA 184 -106.33 -5.73 87.02
C GLN BA 184 -106.34 -7.00 87.85
N PRO BA 185 -106.38 -7.00 89.20
CA PRO BA 185 -106.31 -8.24 89.95
C PRO BA 185 -107.51 -9.13 89.64
N TYR BA 186 -108.70 -8.56 89.52
CA TYR BA 186 -109.93 -9.34 89.26
C TYR BA 186 -109.77 -10.05 87.91
N ASN BA 187 -109.31 -9.32 86.88
CA ASN BA 187 -109.20 -9.89 85.53
C ASN BA 187 -108.20 -11.04 85.57
N SER BA 188 -107.05 -10.80 86.20
CA SER BA 188 -105.98 -11.83 86.28
C SER BA 188 -106.51 -13.01 87.08
N LEU BA 189 -107.26 -12.75 88.14
CA LEU BA 189 -107.69 -13.86 89.02
C LEU BA 189 -108.47 -14.83 88.13
N LEU BA 190 -109.40 -14.32 87.34
CA LEU BA 190 -110.26 -15.19 86.51
C LEU BA 190 -109.41 -15.93 85.48
N THR BA 191 -108.42 -15.27 84.88
CA THR BA 191 -107.64 -15.90 83.79
C THR BA 191 -106.94 -17.15 84.32
N LEU BA 192 -106.34 -17.09 85.50
CA LEU BA 192 -105.55 -18.23 86.02
C LEU BA 192 -106.46 -19.43 86.24
N LYS BA 193 -107.68 -19.23 86.74
CA LYS BA 193 -108.55 -20.39 87.08
C LYS BA 193 -108.73 -21.18 85.79
N ARG BA 194 -109.01 -20.47 84.70
CA ARG BA 194 -109.14 -21.14 83.38
C ARG BA 194 -107.80 -21.75 83.04
N LEU BA 195 -106.71 -21.00 83.23
CA LEU BA 195 -105.36 -21.47 82.84
C LEU BA 195 -104.90 -22.67 83.66
N THR BA 196 -105.29 -22.81 84.92
CA THR BA 196 -104.85 -23.94 85.78
C THR BA 196 -105.51 -25.25 85.38
N GLN BA 197 -106.77 -25.24 84.92
CA GLN BA 197 -107.51 -26.48 84.59
C GLN BA 197 -107.63 -26.71 83.09
N ASN BA 198 -107.41 -25.68 82.27
CA ASN BA 198 -107.60 -25.78 80.80
C ASN BA 198 -106.34 -25.45 80.00
N ALA BA 199 -105.13 -25.48 80.58
CA ALA BA 199 -103.86 -25.29 79.83
C ALA BA 199 -102.87 -26.41 80.15
N ASP BA 200 -102.37 -27.13 79.16
CA ASP BA 200 -101.41 -28.24 79.35
C ASP BA 200 -100.06 -27.69 79.85
N CYS BA 201 -99.60 -26.54 79.32
CA CYS BA 201 -98.33 -25.88 79.74
C CYS BA 201 -98.51 -24.35 79.79
N VAL BA 202 -97.70 -23.64 80.58
CA VAL BA 202 -97.70 -22.15 80.60
C VAL BA 202 -96.25 -21.73 80.81
N VAL BA 203 -95.74 -20.71 80.12
CA VAL BA 203 -94.36 -20.18 80.32
C VAL BA 203 -94.57 -18.77 80.86
N VAL BA 204 -94.08 -18.48 82.06
CA VAL BA 204 -94.40 -17.20 82.72
C VAL BA 204 -93.35 -16.16 82.42
N LEU BA 205 -93.76 -14.92 82.18
CA LEU BA 205 -92.82 -13.78 82.02
C LEU BA 205 -93.36 -12.65 82.90
N ASP BA 206 -92.54 -11.66 83.26
CA ASP BA 206 -92.95 -10.56 84.18
C ASP BA 206 -92.51 -9.21 83.63
N ASN BA 207 -93.42 -8.25 83.57
CA ASN BA 207 -93.12 -6.90 83.02
C ASN BA 207 -92.06 -6.22 83.90
N THR BA 208 -92.22 -6.27 85.22
CA THR BA 208 -91.27 -5.64 86.17
C THR BA 208 -89.91 -6.33 86.09
N ALA BA 209 -89.89 -7.66 86.02
CA ALA BA 209 -88.64 -8.44 86.02
C ALA BA 209 -87.84 -8.02 84.80
N LEU BA 210 -88.49 -7.94 83.66
CA LEU BA 210 -87.85 -7.50 82.40
C LEU BA 210 -87.53 -6.01 82.46
N ASN BA 211 -88.40 -5.20 83.07
CA ASN BA 211 -88.18 -3.75 83.21
C ASN BA 211 -86.91 -3.55 84.06
N ARG BA 212 -86.76 -4.35 85.11
CA ARG BA 212 -85.56 -4.30 86.00
C ARG BA 212 -84.34 -4.70 85.16
N ILE BA 213 -84.46 -5.71 84.30
CA ILE BA 213 -83.34 -6.15 83.41
C ILE BA 213 -83.06 -5.00 82.43
N ALA BA 214 -84.08 -4.31 81.92
CA ALA BA 214 -83.90 -3.19 80.97
C ALA BA 214 -83.13 -2.07 81.66
N THR BA 215 -83.49 -1.77 82.90
CA THR BA 215 -82.77 -0.76 83.70
C THR BA 215 -81.34 -1.25 83.89
N ASP BA 216 -81.15 -2.55 84.15
CA ASP BA 216 -79.79 -3.11 84.38
C ASP BA 216 -78.94 -3.03 83.12
N ARG BA 217 -79.30 -3.74 82.04
CA ARG BA 217 -78.45 -3.79 80.81
C ARG BA 217 -78.47 -2.45 80.06
N LEU BA 218 -79.54 -1.64 80.15
CA LEU BA 218 -79.64 -0.35 79.42
C LEU BA 218 -80.19 0.75 80.31
N HIS BA 219 -80.20 1.99 79.83
CA HIS BA 219 -80.72 3.16 80.57
C HIS BA 219 -82.22 3.34 80.25
N ILE BA 220 -82.75 2.53 79.33
CA ILE BA 220 -84.17 2.65 78.87
C ILE BA 220 -85.08 2.45 80.10
N GLN BA 221 -85.95 3.43 80.41
CA GLN BA 221 -86.90 3.32 81.54
C GLN BA 221 -88.31 3.67 81.06
N ASN BA 222 -88.49 4.86 80.48
CA ASN BA 222 -89.82 5.36 80.03
C ASN BA 222 -90.42 4.53 78.88
N PRO BA 223 -89.67 4.15 77.81
CA PRO BA 223 -90.24 3.35 76.73
C PRO BA 223 -90.06 1.87 77.06
N SER BA 224 -90.45 1.43 78.26
CA SER BA 224 -90.22 0.05 78.72
C SER BA 224 -90.89 -0.96 77.78
N PHE BA 225 -92.13 -0.74 77.32
CA PHE BA 225 -92.88 -1.73 76.51
C PHE BA 225 -92.22 -2.03 75.16
N SER BA 226 -91.75 -1.02 74.42
CA SER BA 226 -91.17 -1.21 73.07
C SER BA 226 -89.87 -2.01 73.15
N GLN BA 227 -88.97 -1.66 74.05
CA GLN BA 227 -87.66 -2.34 74.19
C GLN BA 227 -87.83 -3.75 74.74
N ILE BA 228 -88.72 -3.92 75.73
CA ILE BA 228 -88.94 -5.23 76.42
C ILE BA 228 -89.53 -6.20 75.41
N ASN BA 229 -90.18 -5.73 74.36
CA ASN BA 229 -90.72 -6.64 73.34
C ASN BA 229 -89.56 -7.49 72.84
N GLN BA 230 -88.38 -6.90 72.58
CA GLN BA 230 -87.19 -7.62 72.04
C GLN BA 230 -86.76 -8.69 73.05
N LEU BA 231 -86.84 -8.37 74.35
CA LEU BA 231 -86.41 -9.30 75.43
C LEU BA 231 -87.36 -10.49 75.50
N VAL BA 232 -88.66 -10.30 75.31
CA VAL BA 232 -89.68 -11.38 75.35
C VAL BA 232 -89.42 -12.23 74.11
N SER BA 233 -89.07 -11.59 73.00
CA SER BA 233 -88.84 -12.27 71.71
C SER BA 233 -87.64 -13.19 71.77
N THR BA 234 -86.54 -12.71 72.34
CA THR BA 234 -85.30 -13.50 72.35
C THR BA 234 -85.61 -14.77 73.12
N ILE BA 235 -86.36 -14.66 74.23
CA ILE BA 235 -86.75 -15.85 75.04
C ILE BA 235 -87.64 -16.72 74.17
N MET BA 236 -88.62 -16.13 73.47
CA MET BA 236 -89.61 -16.93 72.70
C MET BA 236 -88.95 -17.69 71.55
N SER BA 237 -88.10 -17.05 70.77
CA SER BA 237 -87.42 -17.72 69.64
C SER BA 237 -86.60 -18.82 70.25
N ALA BA 238 -85.90 -18.49 71.31
CA ALA BA 238 -84.96 -19.43 71.95
C ALA BA 238 -85.67 -20.64 72.51
N SER BA 239 -86.88 -20.51 73.07
CA SER BA 239 -87.56 -21.63 73.76
C SER BA 239 -87.88 -22.75 72.76
N THR BA 240 -87.93 -22.41 71.47
CA THR BA 240 -88.33 -23.34 70.38
C THR BA 240 -87.16 -23.77 69.49
N THR BA 241 -85.96 -23.22 69.67
CA THR BA 241 -84.84 -23.45 68.73
C THR BA 241 -84.49 -24.94 68.61
N THR BA 242 -84.59 -25.71 69.68
CA THR BA 242 -84.34 -27.18 69.61
C THR BA 242 -85.33 -27.86 68.63
N LEU BA 243 -86.58 -27.37 68.53
CA LEU BA 243 -87.62 -27.91 67.59
C LEU BA 243 -87.38 -27.34 66.21
N ARG BA 244 -87.16 -26.03 66.08
CA ARG BA 244 -87.00 -25.35 64.77
C ARG BA 244 -85.73 -25.81 64.07
N TYR BA 245 -84.69 -26.33 64.77
CA TYR BA 245 -83.43 -26.88 64.20
C TYR BA 245 -83.30 -28.32 64.62
N PRO BA 246 -82.98 -29.28 63.73
CA PRO BA 246 -82.98 -30.67 64.12
C PRO BA 246 -81.90 -30.91 65.17
N GLY BA 247 -82.02 -31.99 65.93
CA GLY BA 247 -81.04 -32.35 66.98
C GLY BA 247 -81.16 -33.82 67.27
N TYR BA 248 -80.25 -34.38 68.08
CA TYR BA 248 -80.36 -35.81 68.49
C TYR BA 248 -81.61 -36.01 69.34
N MET BA 249 -81.92 -35.07 70.24
CA MET BA 249 -83.04 -35.22 71.22
C MET BA 249 -83.86 -33.93 71.30
N ASN BA 250 -85.05 -33.95 71.89
CA ASN BA 250 -85.93 -32.76 72.00
C ASN BA 250 -86.30 -32.27 70.61
N ASN BA 251 -86.66 -33.20 69.71
CA ASN BA 251 -87.08 -32.87 68.32
C ASN BA 251 -88.60 -32.99 68.22
N ASP BA 252 -89.34 -32.98 69.32
CA ASP BA 252 -90.83 -32.91 69.31
C ASP BA 252 -91.18 -31.92 70.43
N LEU BA 253 -92.22 -31.08 70.33
CA LEU BA 253 -92.60 -30.22 71.47
C LEU BA 253 -92.90 -31.09 72.64
N ILE BA 254 -93.83 -32.00 72.51
CA ILE BA 254 -94.31 -32.83 73.65
C ILE BA 254 -93.15 -33.55 74.33
N GLY BA 255 -92.17 -34.02 73.56
CA GLY BA 255 -91.05 -34.77 74.16
C GLY BA 255 -90.33 -33.87 75.13
N LEU BA 256 -90.16 -32.60 74.77
CA LEU BA 256 -89.52 -31.57 75.63
C LEU BA 256 -90.43 -31.18 76.81
N ILE BA 257 -91.73 -30.95 76.57
CA ILE BA 257 -92.69 -30.45 77.62
C ILE BA 257 -92.68 -31.36 78.84
N ALA BA 258 -92.60 -32.68 78.69
CA ALA BA 258 -92.78 -33.63 79.82
C ALA BA 258 -91.83 -33.34 80.97
N SER BA 259 -90.55 -33.15 80.70
CA SER BA 259 -89.52 -32.98 81.75
C SER BA 259 -89.76 -31.71 82.56
N LEU BA 260 -90.11 -30.61 81.91
CA LEU BA 260 -90.33 -29.29 82.55
C LEU BA 260 -91.56 -29.30 83.48
N ILE BA 261 -92.65 -30.03 83.19
CA ILE BA 261 -93.90 -30.09 84.02
C ILE BA 261 -94.06 -31.51 84.60
N PRO BA 262 -93.69 -31.82 85.86
CA PRO BA 262 -93.80 -33.19 86.36
C PRO BA 262 -95.16 -33.54 86.92
N THR BA 263 -95.89 -32.55 87.45
CA THR BA 263 -97.28 -32.76 87.95
C THR BA 263 -98.18 -31.83 87.15
N PRO BA 264 -99.40 -32.22 86.74
CA PRO BA 264 -100.20 -31.38 85.84
C PRO BA 264 -100.51 -29.96 86.36
N ARG BA 265 -100.85 -29.85 87.64
CA ARG BA 265 -101.24 -28.54 88.23
C ARG BA 265 -100.09 -27.55 88.14
N LEU BA 266 -98.86 -27.98 88.45
CA LEU BA 266 -97.69 -27.08 88.44
C LEU BA 266 -97.13 -27.08 87.03
N HIS BA 267 -97.71 -26.28 86.12
CA HIS BA 267 -97.29 -26.25 84.71
C HIS BA 267 -96.74 -24.88 84.32
N PHE BA 268 -96.31 -24.07 85.29
CA PHE BA 268 -95.81 -22.69 85.04
C PHE BA 268 -94.28 -22.75 84.97
N LEU BA 269 -93.66 -22.15 83.95
CA LEU BA 269 -92.20 -22.28 83.73
C LEU BA 269 -91.46 -20.95 83.81
N MET BA 270 -90.39 -20.88 84.59
CA MET BA 270 -89.56 -19.67 84.77
C MET BA 270 -88.57 -19.54 83.60
N THR BA 271 -88.02 -18.34 83.32
CA THR BA 271 -87.08 -18.12 82.19
C THR BA 271 -85.76 -17.52 82.70
N GLY BA 272 -84.71 -17.52 81.87
CA GLY BA 272 -83.39 -16.90 82.17
C GLY BA 272 -82.58 -16.91 80.88
N TYR BA 273 -81.60 -16.02 80.71
CA TYR BA 273 -80.71 -16.04 79.52
C TYR BA 273 -79.32 -15.70 80.00
N THR BA 274 -78.32 -16.53 79.69
CA THR BA 274 -76.96 -16.34 80.25
C THR BA 274 -76.41 -15.00 79.78
N PRO BA 275 -76.46 -14.64 78.48
CA PRO BA 275 -76.06 -13.31 78.05
C PRO BA 275 -77.28 -12.42 77.84
N LEU BA 276 -77.79 -11.77 78.89
CA LEU BA 276 -78.88 -10.79 78.71
C LEU BA 276 -78.26 -9.77 77.77
N THR BA 277 -76.97 -9.46 77.96
CA THR BA 277 -76.19 -8.60 77.03
C THR BA 277 -75.55 -9.53 76.00
N THR BA 278 -76.35 -10.17 75.13
CA THR BA 278 -75.82 -11.02 74.01
C THR BA 278 -75.11 -10.11 73.02
N ASP BA 279 -75.54 -8.84 72.92
CA ASP BA 279 -74.95 -7.84 72.01
C ASP BA 279 -73.49 -7.61 72.41
N LYS BA 287 -63.61 -16.60 73.98
CA LYS BA 287 -64.85 -17.41 73.90
C LYS BA 287 -65.40 -17.63 75.30
N THR BA 288 -66.55 -18.30 75.47
CA THR BA 288 -67.08 -18.67 76.81
C THR BA 288 -67.28 -20.19 76.87
N THR BA 289 -66.68 -20.87 77.85
CA THR BA 289 -66.79 -22.35 78.01
C THR BA 289 -68.16 -22.70 78.58
N VAL BA 290 -68.61 -23.93 78.36
CA VAL BA 290 -69.95 -24.36 78.86
C VAL BA 290 -69.92 -24.22 80.37
N LEU BA 291 -68.82 -24.53 81.05
CA LEU BA 291 -68.82 -24.49 82.53
C LEU BA 291 -69.29 -23.10 82.93
N ASP BA 292 -68.82 -22.07 82.22
CA ASP BA 292 -69.17 -20.66 82.54
C ASP BA 292 -70.60 -20.31 82.25
N VAL BA 293 -71.13 -20.68 81.08
CA VAL BA 293 -72.48 -20.18 80.68
C VAL BA 293 -73.54 -20.79 81.58
N MET BA 294 -73.26 -21.97 82.16
CA MET BA 294 -74.20 -22.65 83.08
C MET BA 294 -74.22 -21.91 84.41
N ARG BA 295 -73.05 -21.65 84.98
CA ARG BA 295 -72.98 -21.04 86.33
C ARG BA 295 -73.64 -19.67 86.24
N ARG BA 296 -73.37 -18.95 85.15
CA ARG BA 296 -73.88 -17.58 85.02
C ARG BA 296 -75.40 -17.63 85.10
N LEU BA 297 -76.01 -18.62 84.45
CA LEU BA 297 -77.48 -18.72 84.37
C LEU BA 297 -78.13 -18.92 85.74
N LEU BA 298 -77.56 -19.76 86.59
CA LEU BA 298 -78.19 -20.10 87.89
C LEU BA 298 -78.22 -18.87 88.78
N GLN BA 299 -77.36 -17.90 88.53
CA GLN BA 299 -77.30 -16.65 89.31
C GLN BA 299 -78.62 -15.91 89.12
N PRO BA 300 -79.13 -15.08 90.06
CA PRO BA 300 -80.45 -14.50 89.90
C PRO BA 300 -80.56 -13.24 89.02
N LYS BA 301 -79.43 -12.62 88.65
CA LYS BA 301 -79.43 -11.44 87.74
C LYS BA 301 -79.82 -11.91 86.35
N ASN BA 302 -79.51 -13.15 86.00
CA ASN BA 302 -79.81 -13.71 84.65
C ASN BA 302 -81.26 -14.18 84.64
N VAL BA 303 -81.86 -14.50 85.79
CA VAL BA 303 -83.32 -14.86 85.85
C VAL BA 303 -84.20 -13.63 85.51
N MET BA 304 -85.33 -13.82 84.80
CA MET BA 304 -86.23 -12.72 84.34
C MET BA 304 -87.62 -12.85 84.98
N VAL BA 305 -87.73 -13.40 86.18
CA VAL BA 305 -88.99 -13.49 86.98
C VAL BA 305 -88.71 -12.71 88.27
N SER BA 306 -89.65 -11.95 88.84
CA SER BA 306 -89.38 -11.04 89.98
C SER BA 306 -89.81 -11.62 91.33
N THR BA 313 -89.78 -20.11 105.27
CA THR BA 313 -90.18 -21.35 104.55
C THR BA 313 -89.12 -21.65 103.48
N ASN BA 314 -88.69 -22.90 103.39
CA ASN BA 314 -87.69 -23.32 102.38
C ASN BA 314 -88.35 -23.14 101.02
N HIS BA 315 -87.59 -22.90 99.95
CA HIS BA 315 -88.16 -22.85 98.58
C HIS BA 315 -87.18 -23.59 97.69
N CYS BA 316 -87.63 -24.29 96.63
CA CYS BA 316 -86.72 -25.11 95.78
C CYS BA 316 -87.32 -25.40 94.40
N TYR BA 317 -86.49 -25.67 93.39
CA TYR BA 317 -86.94 -26.02 92.01
C TYR BA 317 -87.57 -27.41 92.00
N ILE BA 318 -88.49 -27.70 91.08
CA ILE BA 318 -89.09 -29.07 90.93
C ILE BA 318 -88.28 -29.84 89.88
N ALA BA 319 -87.71 -29.20 88.85
CA ALA BA 319 -86.82 -29.85 87.87
C ALA BA 319 -86.28 -28.75 86.95
N ILE BA 320 -84.99 -28.76 86.59
CA ILE BA 320 -84.39 -27.68 85.76
C ILE BA 320 -84.00 -28.25 84.41
N LEU BA 321 -84.03 -27.44 83.35
CA LEU BA 321 -83.52 -27.85 82.00
C LEU BA 321 -82.75 -26.67 81.41
N ASN BA 322 -81.74 -26.90 80.54
CA ASN BA 322 -80.99 -25.80 79.85
C ASN BA 322 -80.69 -26.16 78.40
N ILE BA 323 -80.69 -25.18 77.49
CA ILE BA 323 -80.34 -25.40 76.05
C ILE BA 323 -79.28 -24.38 75.69
N ILE BA 324 -78.19 -24.77 75.02
CA ILE BA 324 -77.06 -23.87 74.65
C ILE BA 324 -76.89 -23.85 73.12
N GLN BA 325 -76.77 -22.68 72.50
CA GLN BA 325 -76.58 -22.58 71.03
C GLN BA 325 -75.34 -21.75 70.72
N GLY BA 326 -74.24 -22.45 70.42
CA GLY BA 326 -73.02 -21.75 70.02
C GLY BA 326 -71.86 -22.68 69.76
N GLU BA 327 -70.64 -22.15 69.84
CA GLU BA 327 -69.42 -22.96 69.61
C GLU BA 327 -69.11 -23.68 70.92
N VAL BA 328 -69.80 -24.80 71.17
CA VAL BA 328 -69.68 -25.53 72.47
C VAL BA 328 -68.87 -26.81 72.24
N ASP BA 329 -67.85 -27.05 73.03
CA ASP BA 329 -67.07 -28.31 72.91
C ASP BA 329 -67.92 -29.46 73.45
N PRO BA 330 -68.02 -30.59 72.76
CA PRO BA 330 -68.91 -31.62 73.25
C PRO BA 330 -68.47 -32.26 74.58
N THR BA 331 -67.19 -32.61 74.76
CA THR BA 331 -66.73 -33.33 75.98
C THR BA 331 -66.78 -32.38 77.19
N GLN BA 332 -66.68 -31.07 76.95
CA GLN BA 332 -66.70 -30.07 78.05
C GLN BA 332 -68.05 -30.15 78.76
N VAL BA 333 -69.15 -30.40 78.05
CA VAL BA 333 -70.51 -30.34 78.65
C VAL BA 333 -70.63 -31.39 79.75
N HIS BA 334 -70.12 -32.61 79.59
CA HIS BA 334 -70.33 -33.66 80.63
C HIS BA 334 -69.47 -33.28 81.84
N LYS BA 335 -68.30 -32.66 81.62
CA LYS BA 335 -67.49 -32.09 82.74
C LYS BA 335 -68.22 -30.89 83.32
N SER BA 336 -68.91 -30.09 82.49
CA SER BA 336 -69.63 -28.89 82.93
C SER BA 336 -70.73 -29.31 83.90
N LEU BA 337 -71.48 -30.35 83.54
CA LEU BA 337 -72.59 -30.85 84.37
C LEU BA 337 -72.00 -31.28 85.72
N GLN BA 338 -70.89 -32.02 85.70
CA GLN BA 338 -70.23 -32.52 86.94
C GLN BA 338 -69.75 -31.44 87.91
N ARG BA 339 -69.09 -30.40 87.42
CA ARG BA 339 -68.62 -29.26 88.27
C ARG BA 339 -69.77 -28.32 88.72
N ILE BA 340 -70.83 -28.22 87.91
CA ILE BA 340 -72.06 -27.43 88.24
C ILE BA 340 -72.63 -28.22 89.42
N ARG BA 341 -72.52 -29.55 89.40
CA ARG BA 341 -73.07 -30.43 90.46
C ARG BA 341 -72.45 -30.04 91.80
N GLU BA 342 -71.15 -29.74 91.82
CA GLU BA 342 -70.44 -29.40 93.09
C GLU BA 342 -70.59 -27.91 93.42
N ARG BA 343 -70.74 -27.02 92.42
CA ARG BA 343 -71.03 -25.59 92.75
C ARG BA 343 -72.36 -25.51 93.52
N LYS BA 344 -73.33 -26.38 93.24
CA LYS BA 344 -74.66 -26.41 93.91
C LYS BA 344 -75.25 -25.02 93.77
N LEU BA 345 -75.01 -24.27 92.71
CA LEU BA 345 -75.53 -22.87 92.70
C LEU BA 345 -77.04 -22.94 92.96
N ALA BA 346 -77.73 -24.00 92.52
CA ALA BA 346 -79.17 -24.23 92.81
C ALA BA 346 -79.38 -25.70 93.15
N ASN BA 347 -80.22 -26.01 94.14
CA ASN BA 347 -80.50 -27.42 94.56
C ASN BA 347 -82.00 -27.69 94.42
N PHE BA 348 -82.36 -28.75 93.71
CA PHE BA 348 -83.77 -29.16 93.45
C PHE BA 348 -84.49 -29.59 94.71
N ILE BA 349 -83.85 -30.47 95.47
CA ILE BA 349 -84.42 -31.05 96.71
C ILE BA 349 -85.94 -31.31 96.54
N PRO BA 350 -86.42 -32.03 95.50
CA PRO BA 350 -87.83 -32.30 95.31
C PRO BA 350 -88.17 -33.72 95.81
N TRP BA 351 -89.40 -34.15 95.62
CA TRP BA 351 -89.84 -35.53 95.97
C TRP BA 351 -89.29 -36.52 94.93
N GLY BA 352 -88.75 -36.07 93.78
CA GLY BA 352 -88.32 -36.95 92.66
C GLY BA 352 -86.85 -36.88 92.26
N PRO BA 353 -86.43 -37.54 91.13
CA PRO BA 353 -85.03 -37.61 90.68
C PRO BA 353 -84.67 -36.43 89.77
N ALA BA 354 -85.44 -35.36 89.83
CA ALA BA 354 -85.25 -34.21 88.92
C ALA BA 354 -83.78 -33.83 88.93
N SER BA 355 -83.18 -33.65 87.75
CA SER BA 355 -81.75 -33.35 87.58
C SER BA 355 -81.60 -32.22 86.59
N ILE BA 356 -80.52 -31.44 86.67
CA ILE BA 356 -80.27 -30.41 85.63
C ILE BA 356 -80.08 -31.25 84.38
N GLN BA 357 -80.69 -30.88 83.26
CA GLN BA 357 -80.62 -31.66 82.01
C GLN BA 357 -79.88 -30.81 80.99
N VAL BA 358 -78.75 -31.28 80.48
CA VAL BA 358 -77.95 -30.48 79.50
C VAL BA 358 -78.46 -30.80 78.11
N ALA BA 359 -78.75 -29.79 77.32
CA ALA BA 359 -79.22 -29.95 75.94
C ALA BA 359 -78.41 -29.00 75.07
N LEU BA 360 -78.20 -29.27 73.77
CA LEU BA 360 -77.30 -28.42 72.93
C LEU BA 360 -77.90 -28.25 71.55
N SER BA 361 -77.75 -27.08 70.89
CA SER BA 361 -78.35 -26.76 69.57
C SER BA 361 -77.38 -25.94 68.74
N ARG BA 362 -77.71 -25.68 67.48
CA ARG BA 362 -76.82 -24.94 66.56
C ARG BA 362 -77.27 -23.51 66.47
N LYS BA 363 -76.36 -22.57 66.63
CA LYS BA 363 -76.69 -21.15 66.37
C LYS BA 363 -76.85 -21.05 64.87
N SER BA 364 -77.73 -20.19 64.37
CA SER BA 364 -78.03 -20.05 62.92
C SER BA 364 -76.94 -19.25 62.21
N PRO BA 365 -76.71 -19.42 60.89
CA PRO BA 365 -75.76 -18.59 60.16
C PRO BA 365 -76.47 -17.31 59.76
N TYR BA 366 -75.86 -16.45 58.94
CA TYR BA 366 -76.44 -15.18 58.43
C TYR BA 366 -76.52 -14.10 59.51
N LEU BA 367 -77.24 -14.34 60.59
CA LEU BA 367 -77.42 -13.34 61.68
C LEU BA 367 -76.13 -13.32 62.49
N PRO BA 368 -75.85 -12.28 63.31
CA PRO BA 368 -74.58 -12.19 64.02
C PRO BA 368 -74.33 -13.39 64.94
N SER BA 369 -73.07 -13.78 65.13
CA SER BA 369 -72.65 -14.92 66.00
C SER BA 369 -72.05 -14.37 67.29
N ALA BA 370 -72.40 -13.14 67.67
CA ALA BA 370 -71.85 -12.45 68.86
C ALA BA 370 -72.17 -13.31 70.08
N HIS BA 371 -71.34 -13.30 71.13
CA HIS BA 371 -71.53 -14.24 72.26
C HIS BA 371 -71.59 -15.60 71.57
N ARG BA 372 -70.47 -16.03 70.98
CA ARG BA 372 -70.46 -17.26 70.16
C ARG BA 372 -71.18 -18.33 70.94
N VAL BA 373 -70.99 -18.46 72.26
CA VAL BA 373 -71.79 -19.39 73.09
C VAL BA 373 -72.80 -18.56 73.87
N SER BA 374 -74.10 -18.90 73.85
CA SER BA 374 -75.18 -18.13 74.50
C SER BA 374 -76.29 -19.09 74.88
N GLY BA 375 -76.89 -19.03 76.08
CA GLY BA 375 -77.86 -20.04 76.55
C GLY BA 375 -79.14 -19.51 77.12
N LEU BA 376 -80.11 -20.39 77.40
CA LEU BA 376 -81.41 -20.05 78.04
C LEU BA 376 -81.75 -21.19 79.01
N MET BA 377 -82.56 -20.98 80.04
CA MET BA 377 -83.01 -22.09 80.92
C MET BA 377 -84.51 -21.97 81.12
N MET BA 378 -85.22 -23.09 81.11
CA MET BA 378 -86.68 -23.15 81.41
C MET BA 378 -86.78 -24.05 82.63
N ALA BA 379 -87.38 -23.61 83.74
CA ALA BA 379 -87.39 -24.40 84.99
C ALA BA 379 -88.72 -24.28 85.73
N ASN BA 380 -89.09 -25.33 86.48
CA ASN BA 380 -90.32 -25.33 87.31
C ASN BA 380 -89.84 -24.91 88.69
N HIS BA 381 -90.20 -23.71 89.15
CA HIS BA 381 -89.71 -23.16 90.44
C HIS BA 381 -90.90 -22.77 91.33
N THR BA 382 -90.88 -23.08 92.63
CA THR BA 382 -91.97 -22.77 93.57
C THR BA 382 -92.00 -21.29 93.92
N SER BA 383 -90.98 -20.53 93.57
CA SER BA 383 -90.95 -19.06 93.81
C SER BA 383 -92.08 -18.40 93.04
N ILE BA 384 -92.44 -18.89 91.85
CA ILE BA 384 -93.47 -18.24 90.98
C ILE BA 384 -94.81 -18.25 91.74
N SER BA 385 -94.98 -19.14 92.72
CA SER BA 385 -96.20 -19.17 93.56
C SER BA 385 -96.36 -17.80 94.20
N SER BA 386 -95.27 -17.20 94.62
CA SER BA 386 -95.28 -15.90 95.31
C SER BA 386 -95.89 -14.83 94.39
N LEU BA 387 -95.55 -14.82 93.11
CA LEU BA 387 -96.12 -13.82 92.17
C LEU BA 387 -97.64 -14.03 92.06
N PHE BA 388 -98.09 -15.28 92.03
CA PHE BA 388 -99.54 -15.57 91.97
C PHE BA 388 -100.22 -15.06 93.23
N GLU BA 389 -99.62 -15.26 94.39
CA GLU BA 389 -100.21 -14.85 95.69
C GLU BA 389 -100.32 -13.32 95.77
N ARG BA 390 -99.38 -12.57 95.18
CA ARG BA 390 -99.37 -11.08 95.22
C ARG BA 390 -100.59 -10.50 94.52
N THR BA 391 -100.97 -11.04 93.36
CA THR BA 391 -102.22 -10.59 92.68
C THR BA 391 -103.41 -11.08 93.50
N CYS BA 392 -103.33 -12.27 94.09
CA CYS BA 392 -104.39 -12.82 94.97
C CYS BA 392 -104.48 -11.94 96.21
N ARG BA 393 -103.37 -11.38 96.68
CA ARG BA 393 -103.34 -10.43 97.82
C ARG BA 393 -104.01 -9.13 97.38
N GLN BA 394 -103.68 -8.61 96.20
CA GLN BA 394 -104.27 -7.34 95.79
C GLN BA 394 -105.77 -7.60 95.70
N TYR BA 395 -106.17 -8.72 95.09
CA TYR BA 395 -107.59 -9.06 94.86
C TYR BA 395 -108.32 -9.23 96.18
N ASP BA 396 -107.71 -9.92 97.13
CA ASP BA 396 -108.38 -10.19 98.42
C ASP BA 396 -108.64 -8.84 99.08
N LYS BA 397 -107.65 -7.96 99.05
CA LYS BA 397 -107.79 -6.60 99.63
C LYS BA 397 -108.89 -5.89 98.86
N LEU BA 398 -108.85 -5.97 97.54
CA LEU BA 398 -109.83 -5.29 96.66
C LEU BA 398 -111.21 -5.88 96.85
N ARG BA 399 -111.33 -7.19 97.07
CA ARG BA 399 -112.64 -7.88 97.17
C ARG BA 399 -113.39 -7.36 98.40
N LYS BA 400 -112.68 -7.20 99.52
CA LYS BA 400 -113.32 -6.74 100.77
C LYS BA 400 -113.87 -5.34 100.53
N ARG BA 401 -113.06 -4.46 99.95
CA ARG BA 401 -113.47 -3.06 99.71
C ARG BA 401 -114.61 -3.07 98.70
N GLU BA 402 -114.54 -3.96 97.71
CA GLU BA 402 -115.54 -3.98 96.61
C GLU BA 402 -115.42 -2.61 95.93
N ALA BA 403 -114.22 -2.03 95.96
CA ALA BA 403 -114.01 -0.68 95.40
C ALA BA 403 -114.30 -0.72 93.90
N PHE BA 404 -113.88 -1.80 93.23
CA PHE BA 404 -114.04 -1.87 91.77
C PHE BA 404 -114.77 -3.16 91.42
N LEU BA 405 -116.06 -3.21 91.71
CA LEU BA 405 -116.88 -4.38 91.32
C LEU BA 405 -117.31 -4.13 89.87
N GLU BA 406 -116.96 -2.97 89.32
CA GLU BA 406 -117.36 -2.56 87.94
C GLU BA 406 -118.86 -2.30 87.97
N GLN BA 407 -119.62 -3.29 88.40
CA GLN BA 407 -121.10 -3.18 88.44
C GLN BA 407 -121.55 -2.65 87.08
N PHE BA 408 -120.63 -2.68 86.11
CA PHE BA 408 -121.04 -2.29 84.74
C PHE BA 408 -122.10 -3.32 84.37
N ARG BA 409 -123.12 -2.95 83.61
CA ARG BA 409 -124.25 -3.87 83.38
C ARG BA 409 -123.68 -5.12 82.72
N LYS BA 410 -122.72 -4.99 81.81
CA LYS BA 410 -122.05 -6.18 81.23
C LYS BA 410 -121.52 -7.02 82.40
N GLU BA 411 -120.78 -6.42 83.33
CA GLU BA 411 -120.14 -7.18 84.45
C GLU BA 411 -121.20 -7.83 85.33
N ASP BA 412 -122.24 -7.09 85.74
CA ASP BA 412 -123.29 -7.61 86.65
C ASP BA 412 -124.16 -8.62 85.92
N MET BA 413 -124.62 -8.31 84.70
CA MET BA 413 -125.53 -9.20 83.94
C MET BA 413 -124.78 -10.48 83.59
N PHE BA 414 -123.52 -10.37 83.16
CA PHE BA 414 -122.70 -11.57 82.86
C PHE BA 414 -122.48 -12.33 84.17
N LYS BA 415 -122.19 -11.63 85.27
CA LYS BA 415 -121.90 -12.27 86.57
C LYS BA 415 -122.69 -11.58 87.69
N ASP BA 416 -123.96 -11.95 87.89
CA ASP BA 416 -124.80 -11.39 88.97
C ASP BA 416 -124.33 -11.99 90.31
N ASN BA 417 -124.09 -13.31 90.37
CA ASN BA 417 -123.61 -13.98 91.60
C ASN BA 417 -122.22 -13.49 91.97
N PHE BA 418 -121.35 -13.21 90.99
CA PHE BA 418 -119.94 -12.79 91.21
C PHE BA 418 -119.22 -13.96 91.90
N ASP BA 419 -119.69 -15.20 91.69
CA ASP BA 419 -119.12 -16.40 92.37
C ASP BA 419 -118.05 -17.11 91.55
N GLU BA 420 -117.84 -16.77 90.28
CA GLU BA 420 -116.73 -17.34 89.49
C GLU BA 420 -115.42 -16.80 90.07
N MET BA 421 -115.46 -15.57 90.58
CA MET BA 421 -114.27 -14.95 91.21
C MET BA 421 -113.94 -15.77 92.45
N ASP BA 422 -114.95 -16.17 93.25
CA ASP BA 422 -114.74 -17.02 94.44
C ASP BA 422 -114.33 -18.43 94.00
N THR BA 423 -114.90 -18.96 92.91
CA THR BA 423 -114.52 -20.28 92.38
C THR BA 423 -113.06 -20.17 91.97
N SER BA 424 -112.69 -19.07 91.34
CA SER BA 424 -111.30 -18.84 90.91
C SER BA 424 -110.40 -18.72 92.13
N ARG BA 425 -110.88 -18.06 93.19
CA ARG BA 425 -110.07 -17.83 94.40
C ARG BA 425 -109.72 -19.16 95.06
N GLU BA 426 -110.68 -20.09 95.18
CA GLU BA 426 -110.40 -21.41 95.78
C GLU BA 426 -109.46 -22.21 94.86
N ILE BA 427 -109.65 -22.16 93.55
CA ILE BA 427 -108.82 -22.96 92.59
C ILE BA 427 -107.36 -22.45 92.64
N VAL BA 428 -107.16 -21.13 92.65
CA VAL BA 428 -105.79 -20.54 92.70
C VAL BA 428 -105.19 -20.79 94.08
N GLN BA 429 -106.00 -20.75 95.14
CA GLN BA 429 -105.52 -21.04 96.52
C GLN BA 429 -105.10 -22.50 96.58
N GLN BA 430 -105.84 -23.40 95.92
CA GLN BA 430 -105.44 -24.82 95.86
C GLN BA 430 -104.06 -24.85 95.21
N LEU BA 431 -103.88 -24.08 94.12
CA LEU BA 431 -102.58 -23.99 93.39
C LEU BA 431 -101.52 -23.43 94.33
N ILE BA 432 -101.82 -22.38 95.08
CA ILE BA 432 -100.85 -21.73 95.99
C ILE BA 432 -100.47 -22.80 97.01
N ASP BA 433 -101.46 -23.54 97.51
CA ASP BA 433 -101.24 -24.61 98.51
C ASP BA 433 -100.41 -25.73 97.87
N GLU BA 434 -100.77 -26.15 96.68
CA GLU BA 434 -100.10 -27.30 96.05
C GLU BA 434 -98.62 -26.98 95.95
N TYR BA 435 -98.28 -25.78 95.48
CA TYR BA 435 -96.86 -25.40 95.29
C TYR BA 435 -96.14 -25.65 96.60
N HIS BA 436 -96.61 -25.06 97.70
CA HIS BA 436 -95.88 -25.16 98.99
C HIS BA 436 -95.84 -26.62 99.42
N ALA BA 437 -96.84 -27.41 99.05
CA ALA BA 437 -96.86 -28.85 99.36
C ALA BA 437 -95.70 -29.49 98.62
N ALA BA 438 -95.40 -28.99 97.43
CA ALA BA 438 -94.28 -29.51 96.63
C ALA BA 438 -92.98 -29.33 97.41
N THR BA 439 -92.83 -28.19 98.08
CA THR BA 439 -91.62 -27.89 98.88
C THR BA 439 -91.51 -28.94 99.99
N ARG BA 440 -92.62 -29.39 100.54
CA ARG BA 440 -92.62 -30.32 101.70
C ARG BA 440 -92.08 -31.67 101.28
N PRO BA 441 -91.64 -32.53 102.23
CA PRO BA 441 -91.18 -33.88 101.90
C PRO BA 441 -92.26 -34.86 101.43
N ASP BA 442 -93.55 -34.57 101.58
CA ASP BA 442 -94.63 -35.56 101.25
C ASP BA 442 -95.60 -35.07 100.17
N TYR BA 443 -95.17 -34.90 98.91
CA TYR BA 443 -96.10 -34.61 97.80
C TYR BA 443 -96.54 -35.96 97.27
N ILE BA 444 -96.04 -37.06 97.85
CA ILE BA 444 -96.50 -38.44 97.51
C ILE BA 444 -97.98 -38.46 97.93
N SER BA 445 -98.31 -37.87 99.08
CA SER BA 445 -99.71 -37.73 99.56
C SER BA 445 -100.37 -36.65 98.71
N TRP BA 446 -101.69 -36.55 98.72
CA TRP BA 446 -102.40 -35.61 97.83
C TRP BA 446 -101.95 -34.17 98.10
N GLY BA 447 -101.80 -33.33 97.06
CA GLY BA 447 -101.36 -31.93 97.17
C GLY BA 447 -102.48 -30.99 96.79
N ARG CA 3 -110.51 -35.27 15.64
CA ARG CA 3 -111.29 -34.25 14.92
C ARG CA 3 -111.14 -32.89 15.57
N GLU CA 4 -111.27 -31.83 14.77
CA GLU CA 4 -111.07 -30.44 15.24
C GLU CA 4 -112.19 -30.06 16.21
N ILE CA 5 -111.89 -29.25 17.23
CA ILE CA 5 -112.87 -28.85 18.27
C ILE CA 5 -113.36 -27.45 17.92
N ILE CA 6 -114.68 -27.22 17.99
CA ILE CA 6 -115.26 -25.88 17.70
C ILE CA 6 -115.76 -25.32 19.03
N THR CA 7 -115.33 -24.13 19.42
CA THR CA 7 -115.68 -23.58 20.74
C THR CA 7 -116.76 -22.53 20.54
N LEU CA 8 -117.93 -22.75 21.14
CA LEU CA 8 -119.07 -21.81 21.04
C LEU CA 8 -119.01 -20.88 22.25
N GLN CA 9 -118.17 -19.85 22.20
CA GLN CA 9 -118.05 -18.86 23.30
C GLN CA 9 -119.25 -17.92 23.18
N LEU CA 10 -120.04 -17.75 24.24
CA LEU CA 10 -121.29 -16.94 24.19
C LEU CA 10 -121.47 -16.09 25.44
N GLY CA 11 -122.15 -14.94 25.35
CA GLY CA 11 -122.45 -14.07 26.51
C GLY CA 11 -121.25 -13.19 26.78
N GLN CA 12 -121.44 -12.05 27.45
CA GLN CA 12 -120.32 -11.10 27.65
C GLN CA 12 -119.23 -11.77 28.49
N CYS CA 13 -119.60 -12.43 29.59
CA CYS CA 13 -118.63 -13.09 30.49
C CYS CA 13 -117.95 -14.23 29.74
N GLY CA 14 -118.72 -15.05 29.03
CA GLY CA 14 -118.18 -16.19 28.27
C GLY CA 14 -117.28 -15.70 27.16
N ASN CA 15 -117.64 -14.60 26.50
CA ASN CA 15 -116.85 -14.01 25.39
C ASN CA 15 -115.55 -13.45 25.94
N GLN CA 16 -115.53 -12.97 27.17
CA GLN CA 16 -114.29 -12.46 27.83
C GLN CA 16 -113.29 -13.61 28.05
N ILE CA 17 -113.71 -14.82 28.44
CA ILE CA 17 -112.76 -15.93 28.80
C ILE CA 17 -112.34 -16.70 27.54
N GLY CA 18 -113.13 -16.66 26.47
CA GLY CA 18 -112.77 -17.22 25.15
C GLY CA 18 -111.79 -16.29 24.49
N PHE CA 19 -112.00 -14.99 24.64
CA PHE CA 19 -111.08 -13.99 24.03
C PHE CA 19 -109.69 -14.27 24.60
N GLU CA 20 -109.59 -14.36 25.92
CA GLU CA 20 -108.30 -14.61 26.61
C GLU CA 20 -107.73 -16.01 26.34
N PHE CA 21 -108.55 -17.05 26.33
CA PHE CA 21 -108.09 -18.44 26.14
C PHE CA 21 -107.39 -18.55 24.78
N TRP CA 22 -108.01 -17.98 23.74
CA TRP CA 22 -107.44 -17.99 22.37
C TRP CA 22 -106.16 -17.15 22.37
N LYS CA 23 -106.15 -16.02 23.07
CA LYS CA 23 -104.94 -15.15 23.17
C LYS CA 23 -103.84 -15.93 23.89
N GLN CA 24 -104.20 -16.70 24.90
CA GLN CA 24 -103.22 -17.48 25.71
C GLN CA 24 -102.53 -18.50 24.82
N LEU CA 25 -103.29 -19.15 23.94
CA LEU CA 25 -102.77 -20.16 22.96
C LEU CA 25 -102.16 -19.40 21.78
N CYS CA 26 -102.39 -18.09 21.64
CA CYS CA 26 -101.68 -17.36 20.57
C CYS CA 26 -100.20 -17.30 20.92
N ALA CA 27 -99.86 -16.75 22.07
CA ALA CA 27 -98.46 -16.64 22.54
C ALA CA 27 -97.88 -18.04 22.76
N GLU CA 28 -98.64 -18.94 23.39
CA GLU CA 28 -98.12 -20.29 23.76
C GLU CA 28 -97.76 -21.04 22.50
N HIS CA 29 -98.62 -20.99 21.50
CA HIS CA 29 -98.33 -21.62 20.20
C HIS CA 29 -97.53 -20.64 19.36
N GLY CA 30 -97.08 -21.06 18.19
CA GLY CA 30 -96.36 -20.16 17.26
C GLY CA 30 -97.35 -19.35 16.45
N ILE CA 31 -98.01 -18.37 17.04
CA ILE CA 31 -99.01 -17.50 16.34
C ILE CA 31 -98.77 -16.05 16.79
N SER CA 32 -98.93 -15.07 15.90
CA SER CA 32 -98.77 -13.63 16.23
C SER CA 32 -100.17 -13.04 16.43
N PRO CA 33 -100.41 -11.73 16.71
CA PRO CA 33 -101.76 -11.18 16.79
C PRO CA 33 -102.52 -11.13 15.45
N GLU CA 34 -101.85 -11.26 14.31
CA GLU CA 34 -102.50 -11.28 12.97
C GLU CA 34 -102.70 -12.74 12.52
N GLY CA 35 -102.47 -13.75 13.39
CA GLY CA 35 -102.65 -15.21 13.12
C GLY CA 35 -101.50 -15.77 12.28
N ILE CA 36 -100.46 -14.94 11.96
CA ILE CA 36 -99.35 -15.35 11.04
C ILE CA 36 -98.42 -16.27 11.81
N VAL CA 37 -97.85 -17.27 11.15
CA VAL CA 37 -96.86 -18.15 11.81
C VAL CA 37 -95.72 -17.25 12.28
N GLU CA 38 -95.28 -17.41 13.52
CA GLU CA 38 -94.20 -16.57 14.10
C GLU CA 38 -92.87 -16.98 13.48
N GLU CA 39 -92.03 -16.00 13.12
N GLU CA 39 -92.10 -15.92 13.15
CA GLU CA 39 -90.70 -16.28 12.54
CA GLU CA 39 -90.76 -16.21 12.55
C GLU CA 39 -89.82 -16.97 13.57
C GLU CA 39 -89.88 -16.90 13.59
N PHE CA 40 -89.93 -16.63 14.85
CA PHE CA 40 -89.04 -17.18 15.90
C PHE CA 40 -89.21 -18.70 15.97
N ALA CA 41 -90.43 -19.23 15.80
CA ALA CA 41 -90.68 -20.68 15.95
C ALA CA 41 -89.83 -21.42 14.94
N THR CA 45 -93.83 -28.46 16.43
CA THR CA 45 -93.65 -29.68 17.27
C THR CA 45 -94.96 -29.92 18.02
N ASP CA 46 -96.01 -29.14 17.72
CA ASP CA 46 -97.29 -29.19 18.46
C ASP CA 46 -98.39 -29.68 17.54
N ARG CA 47 -99.48 -30.25 18.08
CA ARG CA 47 -100.65 -30.64 17.23
C ARG CA 47 -101.59 -29.43 17.21
N LYS CA 48 -101.41 -28.52 16.26
CA LYS CA 48 -102.25 -27.29 16.15
C LYS CA 48 -103.50 -27.60 15.31
N ASP CA 49 -103.59 -28.79 14.73
CA ASP CA 49 -104.72 -29.14 13.83
C ASP CA 49 -106.05 -29.06 14.59
N VAL CA 50 -106.13 -29.57 15.81
CA VAL CA 50 -107.44 -29.65 16.52
C VAL CA 50 -108.00 -28.26 16.79
N PHE CA 51 -107.19 -27.38 17.39
CA PHE CA 51 -107.70 -26.09 17.90
C PHE CA 51 -107.64 -25.01 16.84
N PHE CA 52 -106.68 -25.07 15.93
CA PHE CA 52 -106.49 -23.99 14.95
C PHE CA 52 -106.74 -24.46 13.52
N TYR CA 53 -107.64 -23.80 12.78
CA TYR CA 53 -107.88 -24.07 11.34
C TYR CA 53 -106.61 -23.65 10.62
N GLN CA 54 -106.22 -24.31 9.53
CA GLN CA 54 -105.00 -23.93 8.77
C GLN CA 54 -105.43 -23.20 7.50
N ALA CA 55 -105.13 -21.90 7.36
CA ALA CA 55 -105.41 -21.15 6.12
C ALA CA 55 -104.27 -21.42 5.14
N ASP CA 56 -104.42 -21.03 3.87
CA ASP CA 56 -103.41 -21.32 2.81
C ASP CA 56 -102.06 -20.70 3.16
N ASP CA 57 -102.03 -19.45 3.67
CA ASP CA 57 -100.78 -18.72 3.96
C ASP CA 57 -100.50 -18.80 5.46
N GLU CA 58 -100.65 -19.97 6.08
CA GLU CA 58 -100.36 -20.19 7.53
C GLU CA 58 -101.04 -19.17 8.42
N HIS CA 59 -102.27 -18.77 8.09
CA HIS CA 59 -103.09 -17.94 9.00
C HIS CA 59 -103.87 -18.99 9.81
N TYR CA 60 -103.34 -19.40 10.97
CA TYR CA 60 -103.98 -20.43 11.82
C TYR CA 60 -105.09 -19.71 12.58
N ILE CA 61 -106.33 -19.78 12.09
CA ILE CA 61 -107.46 -19.01 12.69
C ILE CA 61 -108.19 -19.93 13.66
N PRO CA 62 -108.41 -19.58 14.94
CA PRO CA 62 -109.16 -20.45 15.82
C PRO CA 62 -110.57 -20.67 15.26
N ARG CA 63 -111.16 -21.85 15.48
CA ARG CA 63 -112.55 -22.13 15.07
C ARG CA 63 -113.48 -21.63 16.18
N ALA CA 64 -113.40 -20.35 16.51
CA ALA CA 64 -114.20 -19.76 17.59
C ALA CA 64 -115.55 -19.33 17.02
N VAL CA 65 -116.64 -19.60 17.72
CA VAL CA 65 -118.00 -19.09 17.32
C VAL CA 65 -118.33 -18.06 18.38
N LEU CA 66 -118.33 -16.77 18.04
CA LEU CA 66 -118.58 -15.69 19.02
C LEU CA 66 -120.04 -15.27 18.85
N LEU CA 67 -120.88 -15.45 19.88
CA LEU CA 67 -122.31 -15.06 19.83
C LEU CA 67 -122.45 -13.80 20.70
N ASP CA 68 -122.97 -12.73 20.13
CA ASP CA 68 -123.17 -11.44 20.86
C ASP CA 68 -124.67 -11.24 21.01
N LEU CA 69 -125.15 -10.94 22.20
CA LEU CA 69 -126.57 -10.60 22.44
C LEU CA 69 -126.56 -9.28 23.19
N GLU CA 70 -127.29 -8.26 22.71
CA GLU CA 70 -127.26 -6.90 23.31
C GLU CA 70 -125.78 -6.55 23.45
N PRO CA 71 -124.95 -6.64 22.39
CA PRO CA 71 -123.49 -6.49 22.52
C PRO CA 71 -122.88 -5.16 23.01
N ARG CA 72 -121.87 -5.24 23.88
CA ARG CA 72 -121.11 -4.05 24.37
C ARG CA 72 -119.63 -4.41 24.33
N VAL CA 73 -119.26 -5.52 24.98
CA VAL CA 73 -117.85 -6.01 25.05
C VAL CA 73 -117.53 -6.79 23.79
N ILE CA 74 -118.50 -7.06 22.94
CA ILE CA 74 -118.15 -7.72 21.65
C ILE CA 74 -117.54 -6.62 20.80
N HIS CA 75 -117.93 -5.38 21.03
CA HIS CA 75 -117.35 -4.23 20.27
C HIS CA 75 -115.90 -4.01 20.69
N SER CA 76 -115.59 -4.08 21.98
CA SER CA 76 -114.21 -3.97 22.55
C SER CA 76 -113.32 -5.11 22.03
N ILE CA 77 -113.89 -6.32 21.87
CA ILE CA 77 -113.15 -7.50 21.33
C ILE CA 77 -112.72 -7.13 19.91
N LEU CA 78 -113.61 -6.50 19.14
CA LEU CA 78 -113.32 -6.09 17.73
C LEU CA 78 -112.20 -5.04 17.67
N ASN CA 79 -112.19 -4.05 18.57
CA ASN CA 79 -111.08 -3.06 18.57
C ASN CA 79 -109.92 -3.66 19.37
N SER CA 80 -109.25 -4.67 18.85
CA SER CA 80 -108.08 -5.32 19.50
C SER CA 80 -107.04 -5.65 18.45
N PRO CA 81 -105.74 -5.82 18.80
CA PRO CA 81 -104.73 -6.25 17.83
C PRO CA 81 -105.02 -7.66 17.30
N TYR CA 82 -105.79 -8.46 18.02
CA TYR CA 82 -106.06 -9.88 17.67
C TYR CA 82 -107.34 -10.00 16.85
N ALA CA 83 -107.95 -8.90 16.43
CA ALA CA 83 -109.20 -8.93 15.65
C ALA CA 83 -108.96 -9.74 14.36
N LYS CA 84 -107.80 -9.57 13.74
CA LYS CA 84 -107.44 -10.34 12.51
C LYS CA 84 -107.21 -11.81 12.85
N LEU CA 85 -106.70 -12.12 14.05
CA LEU CA 85 -106.35 -13.52 14.40
C LEU CA 85 -107.59 -14.38 14.32
N TYR CA 86 -108.72 -13.93 14.88
CA TYR CA 86 -109.99 -14.67 14.84
C TYR CA 86 -110.84 -14.01 13.76
N ASN CA 87 -110.81 -14.52 12.53
CA ASN CA 87 -111.67 -13.99 11.45
C ASN CA 87 -112.35 -15.14 10.71
N PRO CA 88 -113.27 -15.89 11.35
CA PRO CA 88 -114.12 -16.82 10.62
C PRO CA 88 -115.25 -15.90 10.16
N GLU CA 89 -115.22 -14.60 10.50
CA GLU CA 89 -116.23 -13.62 10.04
C GLU CA 89 -117.58 -14.18 10.45
N ASN CA 90 -117.72 -14.63 11.71
CA ASN CA 90 -118.97 -15.27 12.20
C ASN CA 90 -119.40 -14.69 13.55
N ILE CA 91 -119.80 -13.42 13.61
CA ILE CA 91 -120.34 -12.78 14.85
C ILE CA 91 -121.71 -12.23 14.49
N TYR CA 92 -122.78 -12.58 15.22
CA TYR CA 92 -124.17 -12.20 14.83
C TYR CA 92 -124.93 -11.45 15.94
N LEU CA 93 -125.62 -10.35 15.59
CA LEU CA 93 -126.44 -9.56 16.55
C LEU CA 93 -127.84 -10.16 16.62
N GLY CA 101 -131.34 -9.29 27.70
CA GLY CA 101 -131.88 -9.04 29.05
C GLY CA 101 -131.09 -9.77 30.11
N ASN CA 102 -131.33 -9.48 31.39
CA ASN CA 102 -130.59 -10.11 32.52
C ASN CA 102 -131.40 -11.30 33.03
N ASN CA 103 -132.44 -11.73 32.31
CA ASN CA 103 -133.32 -12.85 32.74
C ASN CA 103 -133.01 -14.12 31.95
N TRP CA 104 -133.13 -15.29 32.59
CA TRP CA 104 -132.88 -16.60 31.91
C TRP CA 104 -133.92 -16.74 30.81
N ALA CA 105 -135.18 -16.43 31.11
CA ALA CA 105 -136.26 -16.48 30.12
C ALA CA 105 -135.98 -15.43 29.04
N SER CA 106 -135.50 -14.25 29.41
CA SER CA 106 -135.23 -13.15 28.44
C SER CA 106 -134.17 -13.60 27.43
N GLY CA 107 -133.15 -14.36 27.81
CA GLY CA 107 -132.05 -14.86 26.97
C GLY CA 107 -132.54 -15.99 26.08
N PHE CA 108 -133.34 -16.90 26.63
CA PHE CA 108 -133.84 -18.10 25.91
C PHE CA 108 -134.72 -17.68 24.74
N SER CA 109 -135.60 -16.70 24.94
CA SER CA 109 -136.53 -16.22 23.89
C SER CA 109 -135.76 -15.52 22.78
N GLN CA 110 -134.77 -14.69 23.12
CA GLN CA 110 -133.96 -13.95 22.11
C GLN CA 110 -133.22 -14.96 21.24
N GLY CA 111 -132.72 -16.04 21.83
CA GLY CA 111 -131.98 -17.07 21.08
C GLY CA 111 -132.87 -17.78 20.07
N GLU CA 112 -134.12 -18.05 20.41
CA GLU CA 112 -135.06 -18.83 19.55
C GLU CA 112 -135.35 -18.18 18.19
N LYS CA 113 -135.50 -16.86 18.09
CA LYS CA 113 -135.76 -16.12 16.81
C LYS CA 113 -134.54 -16.15 15.88
N ILE CA 114 -133.33 -16.11 16.44
CA ILE CA 114 -132.06 -16.06 15.65
C ILE CA 114 -131.45 -17.46 15.60
N HIS CA 115 -132.15 -18.50 16.01
CA HIS CA 115 -131.53 -19.84 16.15
C HIS CA 115 -130.96 -20.33 14.82
N GLU CA 116 -131.65 -20.16 13.69
CA GLU CA 116 -131.24 -20.71 12.36
C GLU CA 116 -129.98 -20.09 11.75
N ASP CA 117 -129.77 -18.77 11.88
CA ASP CA 117 -128.55 -18.09 11.37
C ASP CA 117 -127.35 -18.42 12.25
N ILE CA 118 -127.53 -18.47 13.57
CA ILE CA 118 -126.45 -18.86 14.49
C ILE CA 118 -126.14 -20.33 14.21
N PHE CA 119 -127.16 -21.15 13.95
CA PHE CA 119 -126.98 -22.60 13.67
C PHE CA 119 -126.32 -22.83 12.31
N ASP CA 120 -126.56 -21.98 11.30
CA ASP CA 120 -125.87 -22.06 9.99
C ASP CA 120 -124.39 -21.73 10.17
N ILE CA 121 -124.07 -20.78 11.05
CA ILE CA 121 -122.67 -20.40 11.39
C ILE CA 121 -122.00 -21.65 11.99
N ILE CA 122 -122.74 -22.45 12.77
CA ILE CA 122 -122.22 -23.74 13.33
C ILE CA 122 -121.98 -24.67 12.15
N ASP CA 123 -122.92 -24.72 11.19
CA ASP CA 123 -122.82 -25.65 10.04
C ASP CA 123 -121.59 -25.31 9.21
N ARG CA 124 -121.42 -24.04 8.82
CA ARG CA 124 -120.30 -23.59 7.99
C ARG CA 124 -119.01 -24.20 8.51
N GLU CA 125 -118.72 -24.01 9.79
CA GLU CA 125 -117.46 -24.48 10.38
C GLU CA 125 -117.42 -26.00 10.31
N ALA CA 126 -118.54 -26.68 10.58
CA ALA CA 126 -118.61 -28.16 10.58
C ALA CA 126 -118.28 -28.67 9.19
N ASP CA 127 -118.80 -28.01 8.16
CA ASP CA 127 -118.53 -28.37 6.74
C ASP CA 127 -117.06 -28.09 6.42
N GLY CA 128 -116.53 -26.94 6.87
CA GLY CA 128 -115.15 -26.50 6.55
C GLY CA 128 -114.11 -27.46 7.11
N SER CA 129 -114.32 -27.96 8.32
CA SER CA 129 -113.35 -28.85 9.01
C SER CA 129 -113.33 -30.22 8.35
N ASP CA 130 -112.20 -30.93 8.44
CA ASP CA 130 -112.13 -32.31 7.93
C ASP CA 130 -113.15 -33.08 8.75
N SER CA 131 -113.25 -32.77 10.04
CA SER CA 131 -114.15 -33.48 10.97
C SER CA 131 -114.44 -32.60 12.19
N LEU CA 132 -115.47 -32.89 13.00
CA LEU CA 132 -115.82 -32.13 14.22
C LEU CA 132 -116.09 -33.09 15.39
N GLU CA 133 -115.30 -33.10 16.48
CA GLU CA 133 -115.47 -34.11 17.59
C GLU CA 133 -116.31 -33.59 18.75
N GLY CA 134 -116.20 -32.30 19.11
CA GLY CA 134 -116.92 -31.80 20.29
C GLY CA 134 -117.17 -30.32 20.23
N PHE CA 135 -118.16 -29.83 20.98
CA PHE CA 135 -118.51 -28.37 21.04
C PHE CA 135 -118.17 -27.90 22.44
N VAL CA 136 -117.15 -27.05 22.60
CA VAL CA 136 -116.70 -26.64 23.96
C VAL CA 136 -117.24 -25.24 24.23
N LEU CA 137 -118.16 -25.10 25.18
CA LEU CA 137 -118.85 -23.81 25.39
C LEU CA 137 -118.21 -23.00 26.52
N CYS CA 138 -117.80 -21.76 26.28
CA CYS CA 138 -117.33 -20.87 27.39
C CYS CA 138 -118.60 -20.32 28.04
N HIS CA 139 -119.42 -21.18 28.65
CA HIS CA 139 -120.75 -20.82 29.21
C HIS CA 139 -120.64 -20.01 30.49
N SER CA 140 -121.57 -19.09 30.72
CA SER CA 140 -121.68 -18.34 32.00
C SER CA 140 -123.01 -18.76 32.65
N ILE CA 141 -123.01 -19.35 33.84
CA ILE CA 141 -124.26 -19.79 34.54
C ILE CA 141 -124.86 -18.53 35.17
N ALA CA 142 -126.19 -18.37 35.13
CA ALA CA 142 -126.85 -17.15 35.65
C ALA CA 142 -126.06 -15.98 35.06
N GLY CA 143 -125.85 -15.99 33.75
CA GLY CA 143 -125.03 -14.98 33.04
C GLY CA 143 -125.90 -13.92 32.39
N GLY CA 144 -127.12 -13.70 32.88
CA GLY CA 144 -128.03 -12.76 32.23
C GLY CA 144 -128.30 -13.27 30.83
N THR CA 145 -127.80 -12.59 29.81
CA THR CA 145 -127.95 -13.05 28.41
C THR CA 145 -127.24 -14.39 28.22
N GLY CA 146 -126.08 -14.58 28.86
CA GLY CA 146 -125.27 -15.80 28.67
C GLY CA 146 -126.05 -17.04 29.04
N SER CA 147 -126.77 -17.04 30.16
CA SER CA 147 -127.64 -18.17 30.55
C SER CA 147 -128.96 -17.99 29.82
N GLY CA 148 -129.76 -19.04 29.62
CA GLY CA 148 -130.97 -18.94 28.80
C GLY CA 148 -130.63 -19.10 27.34
N LEU CA 149 -129.80 -18.22 26.78
CA LEU CA 149 -129.35 -18.42 25.38
C LEU CA 149 -128.47 -19.65 25.36
N GLY CA 150 -127.66 -19.85 26.39
CA GLY CA 150 -126.68 -20.96 26.42
C GLY CA 150 -127.37 -22.30 26.61
N SER CA 151 -128.42 -22.36 27.43
CA SER CA 151 -129.25 -23.56 27.71
C SER CA 151 -129.95 -23.97 26.44
N TYR CA 152 -130.53 -23.00 25.72
CA TYR CA 152 -131.29 -23.29 24.48
C TYR CA 152 -130.35 -23.87 23.42
N LEU CA 153 -129.18 -23.25 23.26
CA LEU CA 153 -128.20 -23.68 22.24
C LEU CA 153 -127.66 -25.04 22.67
N LEU CA 154 -127.62 -25.30 23.97
CA LEU CA 154 -127.17 -26.61 24.51
C LEU CA 154 -128.15 -27.69 24.06
N GLU CA 155 -129.45 -27.38 24.08
CA GLU CA 155 -130.51 -28.36 23.70
C GLU CA 155 -130.50 -28.63 22.20
N ARG CA 156 -130.28 -27.63 21.37
CA ARG CA 156 -130.30 -27.81 19.89
C ARG CA 156 -129.12 -28.65 19.43
N LEU CA 157 -127.95 -28.43 20.02
CA LEU CA 157 -126.71 -29.09 19.54
C LEU CA 157 -126.78 -30.60 19.66
N ASN CA 158 -127.29 -31.14 20.76
CA ASN CA 158 -127.31 -32.62 20.97
C ASN CA 158 -128.24 -33.26 19.93
N ASP CA 159 -129.40 -32.65 19.67
CA ASP CA 159 -130.38 -33.22 18.73
C ASP CA 159 -129.76 -33.29 17.33
N ARG CA 160 -129.12 -32.21 16.90
CA ARG CA 160 -128.49 -32.13 15.54
C ARG CA 160 -127.25 -33.03 15.46
N TYR CA 161 -126.47 -33.14 16.52
CA TYR CA 161 -125.24 -33.95 16.51
C TYR CA 161 -125.41 -35.03 17.58
N PRO CA 162 -126.31 -36.02 17.42
CA PRO CA 162 -126.57 -36.99 18.48
C PRO CA 162 -125.30 -37.78 18.83
N LYS CA 163 -124.51 -38.12 17.82
CA LYS CA 163 -123.23 -38.83 18.03
C LYS CA 163 -122.22 -37.92 18.73
N LYS CA 164 -122.19 -36.62 18.44
CA LYS CA 164 -121.15 -35.69 18.97
C LYS CA 164 -121.36 -35.39 20.45
N LEU CA 165 -120.34 -34.89 21.16
CA LEU CA 165 -120.38 -34.65 22.62
C LEU CA 165 -120.17 -33.17 22.92
N VAL CA 166 -120.75 -32.61 23.99
CA VAL CA 166 -120.64 -31.17 24.34
C VAL CA 166 -120.00 -31.03 25.73
N GLN CA 167 -118.98 -30.19 25.90
CA GLN CA 167 -118.31 -29.92 27.21
C GLN CA 167 -118.76 -28.52 27.62
N THR CA 168 -118.66 -28.14 28.90
CA THR CA 168 -119.01 -26.78 29.32
C THR CA 168 -118.00 -26.27 30.32
N TYR CA 169 -117.29 -25.19 30.00
CA TYR CA 169 -116.38 -24.55 30.97
C TYR CA 169 -117.27 -23.61 31.77
N SER CA 170 -118.17 -24.19 32.54
CA SER CA 170 -119.16 -23.40 33.30
C SER CA 170 -118.39 -22.58 34.33
N VAL CA 171 -118.55 -21.26 34.36
CA VAL CA 171 -117.94 -20.42 35.43
C VAL CA 171 -119.00 -20.32 36.53
N PHE CA 172 -119.36 -21.41 37.21
CA PHE CA 172 -120.50 -21.34 38.16
C PHE CA 172 -120.29 -20.08 39.01
N PRO CA 173 -121.27 -19.17 39.15
CA PRO CA 173 -121.03 -17.90 39.84
C PRO CA 173 -121.33 -17.91 41.33
N ASN CA 174 -120.30 -17.67 42.14
CA ASN CA 174 -120.47 -17.54 43.61
C ASN CA 174 -119.70 -16.28 43.97
N GLN CA 175 -120.40 -15.22 44.38
CA GLN CA 175 -119.77 -13.92 44.71
C GLN CA 175 -120.20 -13.57 46.13
N ASP CA 176 -120.48 -14.58 46.97
CA ASP CA 176 -120.98 -14.39 48.36
C ASP CA 176 -122.44 -13.96 48.26
N GLU CA 177 -123.07 -14.16 47.09
CA GLU CA 177 -124.48 -13.74 46.86
C GLU CA 177 -124.59 -12.26 47.22
N ASP CA 180 -125.39 -6.98 40.86
CA ASP CA 180 -126.12 -8.00 41.66
C ASP CA 180 -127.26 -8.55 40.81
N VAL CA 181 -127.64 -9.82 41.00
CA VAL CA 181 -128.81 -10.44 40.31
C VAL CA 181 -129.70 -10.97 41.44
N VAL CA 182 -130.93 -10.50 41.53
CA VAL CA 182 -131.90 -10.94 42.57
C VAL CA 182 -132.54 -12.23 42.08
N VAL CA 183 -132.53 -12.44 40.76
CA VAL CA 183 -133.09 -13.67 40.14
C VAL CA 183 -131.95 -14.65 39.88
N GLN CA 184 -130.74 -14.40 40.40
CA GLN CA 184 -129.58 -15.26 40.06
C GLN CA 184 -129.93 -16.70 40.37
N PRO CA 185 -130.51 -17.10 41.52
CA PRO CA 185 -130.74 -18.51 41.79
C PRO CA 185 -131.71 -19.11 40.77
N TYR CA 186 -132.76 -18.37 40.40
CA TYR CA 186 -133.76 -18.89 39.43
C TYR CA 186 -133.07 -19.17 38.10
N ASN CA 187 -132.24 -18.22 37.64
CA ASN CA 187 -131.58 -18.38 36.32
C ASN CA 187 -130.68 -19.60 36.37
N SER CA 188 -129.87 -19.72 37.43
CA SER CA 188 -128.93 -20.84 37.58
C SER CA 188 -129.72 -22.13 37.68
N LEU CA 189 -130.84 -22.12 38.39
CA LEU CA 189 -131.59 -23.38 38.61
C LEU CA 189 -131.93 -23.92 37.24
N LEU CA 190 -132.46 -23.08 36.36
CA LEU CA 190 -132.92 -23.55 35.04
C LEU CA 190 -131.71 -24.05 34.23
N THR CA 191 -130.56 -23.36 34.31
CA THR CA 191 -129.40 -23.74 33.47
C THR CA 191 -128.98 -25.17 33.78
N LEU CA 192 -128.91 -25.54 35.05
CA LEU CA 192 -128.38 -26.88 35.44
C LEU CA 192 -129.30 -27.96 34.89
N LYS CA 193 -130.62 -27.76 34.91
CA LYS CA 193 -131.54 -28.86 34.49
C LYS CA 193 -131.18 -29.19 33.06
N ARG CA 194 -131.00 -28.16 32.23
CA ARG CA 194 -130.59 -28.38 30.83
C ARG CA 194 -129.21 -29.02 30.86
N LEU CA 195 -128.30 -28.51 31.68
CA LEU CA 195 -126.89 -29.00 31.72
C LEU CA 195 -126.80 -30.45 32.21
N THR CA 196 -127.65 -30.85 33.16
CA THR CA 196 -127.54 -32.16 33.83
C THR CA 196 -127.86 -33.29 32.85
N GLN CA 197 -128.72 -33.04 31.85
CA GLN CA 197 -129.18 -34.10 30.91
C GLN CA 197 -128.79 -33.81 29.45
N ASN CA 198 -128.51 -32.55 29.06
CA ASN CA 198 -128.10 -32.19 27.68
C ASN CA 198 -126.62 -31.79 27.58
N ALA CA 199 -125.75 -32.15 28.54
CA ALA CA 199 -124.28 -31.90 28.45
C ALA CA 199 -123.50 -33.18 28.75
N ASP CA 200 -122.63 -33.62 27.84
CA ASP CA 200 -121.82 -34.86 28.02
C ASP CA 200 -120.80 -34.65 29.15
N CYS CA 201 -120.18 -33.48 29.24
CA CYS CA 201 -119.19 -33.14 30.32
C CYS CA 201 -119.38 -31.68 30.78
N VAL CA 202 -119.01 -31.41 31.99
CA VAL CA 202 -119.01 -30.01 32.49
C VAL CA 202 -117.77 -29.86 33.37
N VAL CA 203 -117.01 -28.68 33.31
CA VAL CA 203 -115.83 -28.41 34.19
C VAL CA 203 -116.25 -27.22 35.04
N VAL CA 204 -116.29 -27.37 36.36
CA VAL CA 204 -116.87 -26.31 37.22
C VAL CA 204 -115.79 -25.37 37.69
N LEU CA 205 -116.06 -24.07 37.74
CA LEU CA 205 -115.15 -23.07 38.34
C LEU CA 205 -116.01 -22.19 39.26
N ASP CA 206 -115.41 -21.47 40.20
CA ASP CA 206 -116.17 -20.66 41.19
C ASP CA 206 -115.55 -19.28 41.34
N ASN CA 207 -116.37 -18.22 41.24
CA ASN CA 207 -115.88 -16.83 41.33
C ASN CA 207 -115.28 -16.57 42.71
N THR CA 208 -115.95 -17.01 43.77
CA THR CA 208 -115.47 -16.82 45.16
C THR CA 208 -114.20 -17.62 45.39
N ALA CA 209 -114.14 -18.86 44.90
CA ALA CA 209 -112.99 -19.75 45.15
C ALA CA 209 -111.76 -19.08 44.54
N LEU CA 210 -111.91 -18.58 43.31
CA LEU CA 210 -110.81 -17.87 42.61
C LEU CA 210 -110.55 -16.52 43.28
N ASN CA 211 -111.61 -15.83 43.74
CA ASN CA 211 -111.46 -14.52 44.42
C ASN CA 211 -110.66 -14.75 45.69
N ARG CA 212 -110.93 -15.85 46.41
CA ARG CA 212 -110.20 -16.21 47.65
C ARG CA 212 -108.75 -16.49 47.27
N ILE CA 213 -108.52 -17.16 46.15
CA ILE CA 213 -107.14 -17.44 45.65
C ILE CA 213 -106.48 -16.12 45.32
N ALA CA 214 -107.19 -15.18 44.70
CA ALA CA 214 -106.65 -13.86 44.30
C ALA CA 214 -106.23 -13.11 45.57
N THR CA 215 -107.07 -13.15 46.60
CA THR CA 215 -106.74 -12.52 47.89
C THR CA 215 -105.50 -13.23 48.45
N ASP CA 216 -105.43 -14.56 48.32
CA ASP CA 216 -104.28 -15.33 48.86
C ASP CA 216 -102.98 -14.98 48.13
N ARG CA 217 -102.90 -15.24 46.83
CA ARG CA 217 -101.64 -15.03 46.05
C ARG CA 217 -101.34 -13.54 45.93
N LEU CA 218 -102.35 -12.70 45.79
CA LEU CA 218 -102.15 -11.25 45.54
C LEU CA 218 -103.03 -10.41 46.45
N HIS CA 219 -102.83 -9.09 46.43
CA HIS CA 219 -103.63 -8.14 47.25
C HIS CA 219 -104.86 -7.69 46.47
N ILE CA 220 -104.97 -8.10 45.20
CA ILE CA 220 -106.08 -7.68 44.30
C ILE CA 220 -107.40 -8.11 44.94
N GLN CA 221 -108.33 -7.18 45.20
CA GLN CA 221 -109.67 -7.51 45.77
C GLN CA 221 -110.76 -6.84 44.92
N ASN CA 222 -110.70 -5.52 44.73
CA ASN CA 222 -111.74 -4.75 43.99
C ASN CA 222 -111.80 -5.12 42.51
N PRO CA 223 -110.69 -5.25 41.75
CA PRO CA 223 -110.77 -5.61 40.33
C PRO CA 223 -110.73 -7.13 40.20
N SER CA 224 -111.57 -7.85 40.95
CA SER CA 224 -111.53 -9.34 40.99
C SER CA 224 -111.76 -9.92 39.59
N PHE CA 225 -112.71 -9.41 38.78
CA PHE CA 225 -113.06 -10.01 37.48
C PHE CA 225 -111.91 -9.97 36.46
N SER CA 226 -111.19 -8.85 36.33
CA SER CA 226 -110.10 -8.71 35.33
C SER CA 226 -108.94 -9.65 35.64
N GLN CA 227 -108.49 -9.70 36.89
CA GLN CA 227 -107.34 -10.55 37.28
C GLN CA 227 -107.72 -12.03 37.23
N ILE CA 228 -108.93 -12.37 37.69
CA ILE CA 228 -109.40 -13.78 37.78
C ILE CA 228 -109.52 -14.34 36.36
N ASN CA 229 -109.69 -13.49 35.36
CA ASN CA 229 -109.77 -13.97 33.97
C ASN CA 229 -108.49 -14.77 33.70
N GLN CA 230 -107.31 -14.30 34.13
CA GLN CA 230 -106.01 -14.96 33.89
C GLN CA 230 -106.02 -16.32 34.59
N LEU CA 231 -106.59 -16.39 35.78
CA LEU CA 231 -106.66 -17.66 36.56
C LEU CA 231 -107.51 -18.69 35.82
N VAL CA 232 -108.66 -18.28 35.28
CA VAL CA 232 -109.59 -19.20 34.56
C VAL CA 232 -108.85 -19.66 33.32
N SER CA 233 -108.09 -18.76 32.70
CA SER CA 233 -107.35 -19.05 31.45
C SER CA 233 -106.27 -20.09 31.67
N THR CA 234 -105.50 -19.94 32.74
CA THR CA 234 -104.36 -20.85 32.97
C THR CA 234 -104.95 -22.24 33.10
N ILE CA 235 -106.08 -22.38 33.81
CA ILE CA 235 -106.77 -23.70 33.98
C ILE CA 235 -107.22 -24.15 32.59
N MET CA 236 -107.83 -23.26 31.81
CA MET CA 236 -108.43 -23.66 30.50
C MET CA 236 -107.35 -24.12 29.52
N SER CA 237 -106.25 -23.39 29.38
CA SER CA 237 -105.18 -23.76 28.45
C SER CA 237 -104.66 -25.09 28.93
N ALA CA 238 -104.45 -25.18 30.23
CA ALA CA 238 -103.85 -26.37 30.83
C ALA CA 238 -104.72 -27.60 30.65
N SER CA 239 -106.05 -27.49 30.71
CA SER CA 239 -106.95 -28.68 30.67
C SER CA 239 -106.82 -29.40 29.32
N THR CA 240 -106.36 -28.69 28.30
CA THR CA 240 -106.27 -29.18 26.91
C THR CA 240 -104.84 -29.47 26.45
N THR CA 241 -103.82 -29.16 27.24
CA THR CA 241 -102.41 -29.23 26.78
C THR CA 241 -102.04 -30.65 26.33
N THR CA 242 -102.60 -31.70 26.93
CA THR CA 242 -102.31 -33.11 26.51
C THR CA 242 -102.87 -33.38 25.11
N LEU CA 243 -103.89 -32.66 24.67
CA LEU CA 243 -104.46 -32.75 23.28
C LEU CA 243 -103.68 -31.84 22.36
N ARG CA 244 -103.45 -30.59 22.76
CA ARG CA 244 -102.76 -29.57 21.92
C ARG CA 244 -101.32 -29.96 21.66
N TYR CA 245 -100.65 -30.79 22.49
CA TYR CA 245 -99.26 -31.30 22.30
C TYR CA 245 -99.31 -32.80 22.26
N PRO CA 246 -98.64 -33.58 21.36
CA PRO CA 246 -98.87 -35.07 21.23
C PRO CA 246 -98.21 -36.10 22.15
N GLY CA 247 -98.73 -37.34 22.31
CA GLY CA 247 -98.08 -38.41 23.12
C GLY CA 247 -98.73 -39.79 23.02
N TYR CA 248 -98.21 -40.85 23.68
CA TYR CA 248 -98.69 -42.26 23.53
C TYR CA 248 -100.05 -42.54 24.16
N MET CA 249 -100.50 -41.76 25.15
CA MET CA 249 -101.83 -41.95 25.80
C MET CA 249 -102.60 -40.64 25.88
N ASN CA 250 -103.91 -40.72 25.97
CA ASN CA 250 -104.78 -39.53 26.19
C ASN CA 250 -104.75 -38.59 25.00
N ASN CA 251 -104.43 -39.12 23.81
CA ASN CA 251 -104.31 -38.32 22.56
C ASN CA 251 -105.54 -37.47 22.28
N ASP CA 252 -106.73 -38.06 22.25
CA ASP CA 252 -107.97 -37.35 21.82
C ASP CA 252 -108.76 -36.89 23.03
N LEU CA 253 -109.75 -36.00 22.84
CA LEU CA 253 -110.57 -35.47 23.96
C LEU CA 253 -111.31 -36.62 24.57
N ILE CA 254 -112.21 -37.28 23.87
CA ILE CA 254 -113.02 -38.33 24.52
C ILE CA 254 -112.11 -39.30 25.28
N GLY CA 255 -110.99 -39.75 24.71
CA GLY CA 255 -110.21 -40.78 25.40
C GLY CA 255 -109.95 -40.31 26.81
N LEU CA 256 -109.65 -39.02 26.98
CA LEU CA 256 -109.43 -38.39 28.31
C LEU CA 256 -110.75 -38.26 29.09
N ILE CA 257 -111.84 -37.81 28.47
CA ILE CA 257 -113.14 -37.52 29.16
C ILE CA 257 -113.63 -38.76 29.92
N ALA CA 258 -113.48 -39.97 29.41
CA ALA CA 258 -114.10 -41.18 29.99
C ALA CA 258 -113.70 -41.37 31.45
N SER CA 259 -112.42 -41.27 31.77
CA SER CA 259 -111.90 -41.56 33.13
C SER CA 259 -112.46 -40.57 34.15
N LEU CA 260 -112.52 -39.29 33.81
CA LEU CA 260 -112.99 -38.20 34.70
C LEU CA 260 -114.49 -38.35 35.04
N ILE CA 261 -115.37 -38.82 34.13
CA ILE CA 261 -116.85 -38.95 34.34
C ILE CA 261 -117.22 -40.45 34.33
N PRO CA 262 -117.48 -41.10 35.48
CA PRO CA 262 -117.73 -42.53 35.48
C PRO CA 262 -119.19 -42.94 35.31
N THR CA 263 -120.20 -42.07 35.46
CA THR CA 263 -121.62 -42.43 35.16
C THR CA 263 -122.30 -41.19 34.60
N PRO CA 264 -123.07 -41.24 33.50
CA PRO CA 264 -123.52 -40.05 32.81
C PRO CA 264 -124.11 -38.95 33.69
N ARG CA 265 -124.88 -39.29 34.70
CA ARG CA 265 -125.45 -38.28 35.63
C ARG CA 265 -124.32 -37.60 36.43
N LEU CA 266 -123.32 -38.34 36.90
CA LEU CA 266 -122.23 -37.77 37.75
C LEU CA 266 -121.15 -37.22 36.83
N HIS CA 267 -121.28 -35.97 36.36
CA HIS CA 267 -120.36 -35.39 35.35
C HIS CA 267 -119.94 -33.93 35.57
N PHE CA 268 -119.62 -33.46 36.79
CA PHE CA 268 -119.10 -32.08 37.02
C PHE CA 268 -117.64 -32.23 37.46
N LEU CA 269 -116.65 -31.45 36.96
CA LEU CA 269 -115.23 -31.70 37.29
C LEU CA 269 -114.60 -30.55 38.08
N MET CA 270 -113.93 -30.86 39.18
CA MET CA 270 -113.25 -29.86 40.05
C MET CA 270 -111.87 -29.53 39.47
N THR CA 271 -111.26 -28.38 39.83
CA THR CA 271 -109.94 -27.96 39.28
C THR CA 271 -108.96 -27.70 40.43
N GLY CA 272 -107.68 -27.50 40.09
CA GLY CA 272 -106.55 -27.30 41.02
C GLY CA 272 -105.27 -27.07 40.24
N TYR CA 273 -104.41 -26.13 40.67
CA TYR CA 273 -103.10 -25.85 40.02
C TYR CA 273 -102.06 -25.82 41.13
N THR CA 274 -101.02 -26.65 41.08
CA THR CA 274 -100.01 -26.74 42.18
C THR CA 274 -99.30 -25.39 42.32
N PRO CA 275 -98.83 -24.72 41.24
CA PRO CA 275 -98.26 -23.40 41.37
C PRO CA 275 -99.37 -22.36 41.21
N LEU CA 276 -100.23 -22.20 42.23
CA LEU CA 276 -101.27 -21.14 42.18
C LEU CA 276 -100.47 -19.85 42.05
N THR CA 277 -99.37 -19.73 42.79
CA THR CA 277 -98.44 -18.57 42.67
C THR CA 277 -97.54 -18.94 41.47
N THR CA 278 -98.07 -18.93 40.25
CA THR CA 278 -97.34 -19.43 39.05
C THR CA 278 -96.05 -18.67 38.76
N ASP CA 279 -96.01 -17.35 38.95
CA ASP CA 279 -94.84 -16.51 38.56
C ASP CA 279 -93.66 -16.72 39.52
N LYS CA 287 -85.18 -27.01 41.74
CA LYS CA 287 -86.28 -27.59 40.91
C LYS CA 287 -87.35 -28.15 41.85
N THR CA 288 -88.46 -28.68 41.33
CA THR CA 288 -89.49 -29.38 42.17
C THR CA 288 -89.67 -30.80 41.64
N THR CA 289 -89.52 -31.82 42.49
CA THR CA 289 -89.68 -33.25 42.12
C THR CA 289 -91.15 -33.57 41.96
N VAL CA 290 -91.47 -34.62 41.20
CA VAL CA 290 -92.89 -35.01 40.98
C VAL CA 290 -93.49 -35.33 42.34
N LEU CA 291 -92.75 -35.96 43.24
CA LEU CA 291 -93.35 -36.37 44.53
C LEU CA 291 -93.94 -35.12 45.16
N ASP CA 292 -93.24 -33.99 45.07
CA ASP CA 292 -93.70 -32.72 45.67
C ASP CA 292 -94.89 -32.11 44.97
N VAL CA 293 -94.90 -32.04 43.65
CA VAL CA 293 -95.98 -31.28 42.93
C VAL CA 293 -97.30 -32.00 43.10
N MET CA 294 -97.28 -33.32 43.33
CA MET CA 294 -98.50 -34.12 43.54
C MET CA 294 -99.07 -33.83 44.93
N ARG CA 295 -98.23 -33.90 45.95
CA ARG CA 295 -98.71 -33.72 47.34
C ARG CA 295 -99.29 -32.33 47.46
N ARG CA 296 -98.61 -31.35 46.86
CA ARG CA 296 -99.04 -29.94 46.99
C ARG CA 296 -100.46 -29.83 46.45
N LEU CA 297 -100.74 -30.49 45.34
CA LEU CA 297 -102.05 -30.37 44.66
C LEU CA 297 -103.19 -30.90 45.54
N LEU CA 298 -103.02 -32.03 46.22
CA LEU CA 298 -104.12 -32.66 46.99
C LEU CA 298 -104.52 -31.75 48.15
N GLN CA 299 -103.62 -30.85 48.57
CA GLN CA 299 -103.91 -29.92 49.69
C GLN CA 299 -105.04 -29.00 49.23
N PRO CA 300 -105.89 -28.44 50.13
CA PRO CA 300 -107.03 -27.68 49.67
C PRO CA 300 -106.79 -26.21 49.27
N LYS CA 301 -105.69 -25.60 49.74
CA LYS CA 301 -105.37 -24.19 49.39
C LYS CA 301 -105.13 -24.18 47.88
N ASN CA 302 -104.61 -25.26 47.32
CA ASN CA 302 -104.34 -25.40 45.86
C ASN CA 302 -105.66 -25.59 45.09
N VAL CA 303 -106.75 -26.00 45.75
CA VAL CA 303 -108.04 -26.32 45.07
C VAL CA 303 -108.77 -25.00 44.78
N MET CA 304 -109.45 -24.86 43.64
CA MET CA 304 -110.09 -23.60 43.19
C MET CA 304 -111.62 -23.70 43.21
N VAL CA 305 -112.19 -24.59 44.01
CA VAL CA 305 -113.67 -24.76 44.19
C VAL CA 305 -113.93 -24.44 45.67
N SER CA 306 -115.03 -23.78 46.03
CA SER CA 306 -115.26 -23.29 47.43
C SER CA 306 -116.19 -24.20 48.24
N THR CA 313 -121.76 -36.41 57.52
CA THR CA 313 -121.82 -37.31 56.35
C THR CA 313 -120.42 -37.41 55.75
N ASN CA 314 -119.98 -38.63 55.41
CA ASN CA 314 -118.66 -38.84 54.79
C ASN CA 314 -118.71 -38.18 53.42
N HIS CA 315 -117.59 -37.72 52.87
CA HIS CA 315 -117.55 -37.20 51.49
C HIS CA 315 -116.29 -37.76 50.84
N CYS CA 316 -116.33 -38.06 49.55
CA CYS CA 316 -115.20 -38.71 48.87
C CYS CA 316 -115.16 -38.45 47.38
N TYR CA 317 -113.95 -38.33 46.79
CA TYR CA 317 -113.75 -38.18 45.32
C TYR CA 317 -114.26 -39.45 44.64
N ILE CA 318 -114.67 -39.43 43.36
CA ILE CA 318 -115.13 -40.65 42.62
C ILE CA 318 -113.97 -41.19 41.80
N ALA CA 319 -113.15 -40.34 41.19
CA ALA CA 319 -111.93 -40.77 40.47
C ALA CA 319 -111.07 -39.51 40.25
N ILE CA 320 -109.75 -39.60 40.32
CA ILE CA 320 -108.89 -38.38 40.24
C ILE CA 320 -107.94 -38.58 39.09
N LEU CA 321 -107.56 -37.50 38.43
CA LEU CA 321 -106.55 -37.55 37.33
C LEU CA 321 -105.62 -36.34 37.49
N ASN CA 322 -104.34 -36.42 37.07
CA ASN CA 322 -103.38 -35.28 37.12
C ASN CA 322 -102.52 -35.22 35.86
N ILE CA 323 -102.15 -34.02 35.39
CA ILE CA 323 -101.25 -33.84 34.21
C ILE CA 323 -100.14 -32.89 34.64
N ILE CA 324 -98.87 -33.21 34.34
CA ILE CA 324 -97.69 -32.39 34.76
C ILE CA 324 -96.92 -31.94 33.52
N GLN CA 325 -96.57 -30.65 33.40
CA GLN CA 325 -95.79 -30.13 32.24
C GLN CA 325 -94.54 -29.41 32.72
N GLY CA 326 -93.41 -30.13 32.65
CA GLY CA 326 -92.14 -29.50 33.01
C GLY CA 326 -90.97 -30.45 32.92
N GLU CA 327 -89.86 -30.10 33.56
CA GLU CA 327 -88.65 -30.93 33.51
C GLU CA 327 -88.84 -32.08 34.49
N VAL CA 328 -90.01 -32.72 34.47
CA VAL CA 328 -90.29 -33.88 35.34
C VAL CA 328 -89.31 -34.93 34.88
N ASP CA 329 -88.71 -35.68 35.80
CA ASP CA 329 -87.87 -36.82 35.39
C ASP CA 329 -88.93 -37.87 35.11
N PRO CA 330 -89.19 -38.28 33.85
CA PRO CA 330 -90.28 -39.22 33.60
C PRO CA 330 -90.08 -40.62 34.21
N THR CA 331 -88.85 -41.07 34.40
CA THR CA 331 -88.57 -42.45 34.89
C THR CA 331 -89.15 -42.68 36.29
N GLN CA 332 -89.09 -41.72 37.20
CA GLN CA 332 -89.52 -41.89 38.61
C GLN CA 332 -90.99 -41.48 38.85
N VAL CA 333 -91.84 -41.20 37.87
CA VAL CA 333 -93.27 -40.89 38.14
C VAL CA 333 -94.01 -42.15 38.57
N HIS CA 334 -93.37 -43.34 38.62
CA HIS CA 334 -93.98 -44.55 39.20
C HIS CA 334 -93.63 -44.65 40.67
N LYS CA 335 -92.34 -44.46 40.99
CA LYS CA 335 -91.87 -44.62 42.38
C LYS CA 335 -92.66 -43.60 43.16
N SER CA 336 -92.93 -42.44 42.57
CA SER CA 336 -93.71 -41.36 43.23
C SER CA 336 -95.10 -41.87 43.61
N LEU CA 337 -95.79 -42.51 42.67
CA LEU CA 337 -97.19 -42.93 42.93
C LEU CA 337 -97.22 -43.92 44.10
N GLN CA 338 -96.23 -44.79 44.17
CA GLN CA 338 -96.25 -45.84 45.23
C GLN CA 338 -96.27 -45.13 46.58
N ARG CA 339 -95.47 -44.07 46.72
CA ARG CA 339 -95.39 -43.34 48.01
C ARG CA 339 -96.75 -42.70 48.35
N ILE CA 340 -97.40 -42.08 47.38
CA ILE CA 340 -98.70 -41.39 47.65
C ILE CA 340 -99.70 -42.47 48.10
N ARG CA 341 -99.64 -43.64 47.49
CA ARG CA 341 -100.60 -44.73 47.80
C ARG CA 341 -100.49 -45.15 49.26
N GLU CA 342 -99.26 -45.25 49.79
CA GLU CA 342 -99.11 -45.80 51.17
C GLU CA 342 -99.42 -44.74 52.25
N ARG CA 343 -99.26 -43.45 51.94
CA ARG CA 343 -99.47 -42.39 52.97
C ARG CA 343 -100.97 -42.29 53.18
N LYS CA 344 -101.80 -42.91 52.34
CA LYS CA 344 -103.27 -42.91 52.46
C LYS CA 344 -103.73 -41.46 52.52
N LEU CA 345 -103.22 -40.62 51.61
CA LEU CA 345 -103.55 -39.17 51.56
C LEU CA 345 -104.93 -38.98 50.92
N ALA CA 346 -105.47 -40.00 50.25
CA ALA CA 346 -106.77 -39.91 49.52
C ALA CA 346 -107.73 -41.07 49.84
N ASN CA 347 -109.06 -40.83 49.86
CA ASN CA 347 -110.09 -41.86 50.21
C ASN CA 347 -110.81 -42.48 48.99
N PHE CA 348 -111.18 -41.73 47.94
CA PHE CA 348 -111.88 -42.22 46.72
C PHE CA 348 -113.22 -42.90 47.08
N ILE CA 349 -113.72 -43.94 46.36
CA ILE CA 349 -115.12 -44.49 46.53
C ILE CA 349 -115.13 -45.97 46.93
N PRO CA 350 -116.00 -46.44 47.86
CA PRO CA 350 -116.11 -47.88 48.22
C PRO CA 350 -116.79 -48.82 47.20
N TRP CA 351 -117.82 -48.38 46.46
CA TRP CA 351 -118.49 -49.18 45.39
C TRP CA 351 -117.54 -49.40 44.23
N GLY CA 352 -116.97 -50.60 44.06
CA GLY CA 352 -116.14 -50.90 42.88
C GLY CA 352 -114.73 -50.35 42.97
N PRO CA 353 -113.93 -50.35 41.87
CA PRO CA 353 -112.57 -49.87 41.86
C PRO CA 353 -112.29 -48.51 41.20
N ALA CA 354 -111.46 -47.67 41.81
CA ALA CA 354 -111.01 -46.38 41.24
C ALA CA 354 -109.55 -46.24 41.63
N SER CA 355 -108.78 -45.32 41.04
CA SER CA 355 -107.34 -45.13 41.35
C SER CA 355 -106.80 -43.78 40.89
N ILE CA 356 -105.60 -43.40 41.36
CA ILE CA 356 -104.96 -42.10 40.99
C ILE CA 356 -104.30 -42.34 39.66
N GLN CA 357 -104.34 -41.38 38.73
CA GLN CA 357 -103.80 -41.65 37.38
C GLN CA 357 -102.79 -40.57 37.06
N VAL CA 358 -101.55 -40.92 36.74
CA VAL CA 358 -100.42 -39.97 36.46
C VAL CA 358 -100.33 -39.79 34.96
N ALA CA 359 -100.28 -38.56 34.50
CA ALA CA 359 -100.15 -38.25 33.06
C ALA CA 359 -99.07 -37.19 32.93
N LEU CA 360 -98.33 -37.08 31.81
CA LEU CA 360 -97.17 -36.15 31.71
C LEU CA 360 -97.17 -35.49 30.33
N SER CA 361 -96.77 -34.21 30.21
CA SER CA 361 -96.80 -33.43 28.93
C SER CA 361 -95.58 -32.53 28.87
N ARG CA 362 -95.36 -31.86 27.74
CA ARG CA 362 -94.19 -31.01 27.51
C ARG CA 362 -94.57 -29.57 27.74
N LYS CA 363 -93.93 -28.82 28.61
CA LYS CA 363 -94.30 -27.38 28.68
C LYS CA 363 -93.80 -26.88 27.35
N SER CA 364 -94.38 -25.82 26.80
CA SER CA 364 -94.02 -25.33 25.44
C SER CA 364 -92.71 -24.56 25.48
N PRO CA 365 -91.93 -24.48 24.38
CA PRO CA 365 -90.74 -23.66 24.35
C PRO CA 365 -91.21 -22.24 24.00
N TYR CA 366 -90.29 -21.31 23.71
CA TYR CA 366 -90.61 -19.90 23.37
C TYR CA 366 -91.05 -19.13 24.61
N LEU CA 367 -92.16 -19.54 25.25
CA LEU CA 367 -92.68 -18.80 26.41
C LEU CA 367 -91.76 -19.11 27.61
N PRO CA 368 -91.65 -18.23 28.61
CA PRO CA 368 -90.70 -18.47 29.69
C PRO CA 368 -91.15 -19.74 30.39
N SER CA 369 -90.24 -20.70 30.50
CA SER CA 369 -90.55 -21.97 31.20
C SER CA 369 -90.12 -21.83 32.67
N ALA CA 370 -90.07 -20.61 33.23
CA ALA CA 370 -89.78 -20.39 34.66
C ALA CA 370 -90.80 -21.22 35.44
N HIS CA 371 -90.41 -21.88 36.54
CA HIS CA 371 -91.30 -22.84 37.23
C HIS CA 371 -91.63 -23.87 36.16
N ARG CA 372 -90.61 -24.57 35.66
CA ARG CA 372 -90.78 -25.51 34.52
C ARG CA 372 -91.86 -26.51 34.89
N VAL CA 373 -91.84 -27.05 36.11
CA VAL CA 373 -92.80 -28.12 36.52
C VAL CA 373 -94.06 -27.45 37.09
N SER CA 374 -95.17 -27.44 36.35
CA SER CA 374 -96.47 -26.89 36.80
C SER CA 374 -97.54 -27.96 36.60
N GLY CA 375 -98.31 -28.31 37.63
CA GLY CA 375 -99.30 -29.41 37.55
C GLY CA 375 -100.73 -28.96 37.82
N LEU CA 376 -101.69 -29.48 37.04
CA LEU CA 376 -103.12 -29.19 37.25
C LEU CA 376 -103.79 -30.54 37.55
N MET CA 377 -104.93 -30.58 38.24
CA MET CA 377 -105.69 -31.82 38.46
C MET CA 377 -107.14 -31.60 38.10
N MET CA 378 -107.78 -32.56 37.45
CA MET CA 378 -109.23 -32.52 37.13
C MET CA 378 -109.81 -33.73 37.86
N ALA CA 379 -110.82 -33.56 38.72
CA ALA CA 379 -111.33 -34.69 39.53
C ALA CA 379 -112.84 -34.63 39.71
N ASN CA 380 -113.47 -35.79 39.87
CA ASN CA 380 -114.94 -35.90 40.12
C ASN CA 380 -115.06 -35.97 41.63
N HIS CA 381 -115.58 -34.92 42.27
CA HIS CA 381 -115.66 -34.86 43.75
C HIS CA 381 -117.11 -34.61 44.19
N THR CA 382 -117.61 -35.29 45.22
CA THR CA 382 -119.00 -35.15 45.72
C THR CA 382 -119.18 -33.84 46.49
N SER CA 383 -118.11 -33.14 46.82
CA SER CA 383 -118.19 -31.83 47.53
C SER CA 383 -118.92 -30.83 46.63
N ILE CA 384 -118.75 -30.90 45.31
CA ILE CA 384 -119.35 -29.89 44.37
C ILE CA 384 -120.88 -29.96 44.51
N SER CA 385 -121.43 -31.07 45.00
CA SER CA 385 -122.89 -31.20 45.25
C SER CA 385 -123.30 -30.08 46.19
N SER CA 386 -122.48 -29.77 47.16
CA SER CA 386 -122.78 -28.74 48.18
C SER CA 386 -122.97 -27.38 47.51
N LEU CA 387 -122.14 -27.04 46.52
CA LEU CA 387 -122.29 -25.73 45.82
C LEU CA 387 -123.62 -25.71 45.07
N PHE CA 388 -124.02 -26.82 44.46
CA PHE CA 388 -125.32 -26.90 43.75
C PHE CA 388 -126.46 -26.70 44.75
N GLU CA 389 -126.37 -27.33 45.92
CA GLU CA 389 -127.45 -27.25 46.95
C GLU CA 389 -127.59 -25.81 47.48
N ARG CA 390 -126.50 -25.04 47.56
CA ARG CA 390 -126.52 -23.64 48.09
C ARG CA 390 -127.35 -22.73 47.20
N THR CA 391 -127.23 -22.85 45.88
CA THR CA 391 -128.10 -22.06 44.96
C THR CA 391 -129.52 -22.62 45.05
N CYS CA 392 -129.66 -23.94 45.21
CA CYS CA 392 -131.00 -24.59 45.38
C CYS CA 392 -131.59 -24.10 46.70
N ARG CA 393 -130.76 -23.86 47.71
CA ARG CA 393 -131.20 -23.32 49.01
C ARG CA 393 -131.63 -21.87 48.80
N GLN CA 394 -130.86 -21.07 48.08
CA GLN CA 394 -131.24 -19.66 47.91
C GLN CA 394 -132.58 -19.70 47.17
N TYR CA 395 -132.68 -20.53 46.13
CA TYR CA 395 -133.90 -20.59 45.27
C TYR CA 395 -135.10 -21.06 46.07
N ASP CA 396 -134.92 -22.07 46.90
CA ASP CA 396 -136.05 -22.63 47.67
C ASP CA 396 -136.57 -21.52 48.58
N LYS CA 397 -135.65 -20.80 49.22
CA LYS CA 397 -136.04 -19.68 50.11
C LYS CA 397 -136.73 -18.63 49.25
N LEU CA 398 -136.15 -18.31 48.10
CA LEU CA 398 -136.70 -17.29 47.18
C LEU CA 398 -138.03 -17.73 46.61
N ARG CA 399 -138.23 -19.02 46.35
CA ARG CA 399 -139.45 -19.54 45.71
C ARG CA 399 -140.64 -19.31 46.64
N LYS CA 400 -140.45 -19.60 47.93
CA LYS CA 400 -141.54 -19.45 48.93
C LYS CA 400 -141.96 -17.99 48.96
N ARG CA 401 -140.99 -17.08 49.06
CA ARG CA 401 -141.27 -15.63 49.15
C ARG CA 401 -141.91 -15.20 47.83
N GLU CA 402 -141.44 -15.75 46.71
CA GLU CA 402 -141.91 -15.31 45.36
C GLU CA 402 -141.54 -13.83 45.27
N ALA CA 403 -140.45 -13.45 45.95
CA ALA CA 403 -140.03 -12.03 45.98
C ALA CA 403 -139.69 -11.58 44.57
N PHE CA 404 -139.03 -12.46 43.80
CA PHE CA 404 -138.58 -12.04 42.45
C PHE CA 404 -139.10 -13.08 41.45
N LEU CA 405 -140.41 -13.05 41.19
CA LEU CA 405 -140.99 -13.94 40.15
C LEU CA 405 -140.80 -13.22 38.81
N GLU CA 406 -140.25 -11.99 38.86
CA GLU CA 406 -140.06 -11.14 37.65
C GLU CA 406 -141.45 -10.72 37.18
N GLN CA 407 -142.32 -11.69 36.93
CA GLN CA 407 -143.68 -11.40 36.44
C GLN CA 407 -143.54 -10.45 35.26
N PHE CA 408 -142.31 -10.29 34.77
CA PHE CA 408 -142.13 -9.47 33.55
C PHE CA 408 -142.95 -10.19 32.49
N ARG CA 409 -143.58 -9.49 31.56
CA ARG CA 409 -144.50 -10.15 30.61
C ARG CA 409 -143.71 -11.21 29.86
N LYS CA 410 -142.46 -10.93 29.49
CA LYS CA 410 -141.61 -11.95 28.87
C LYS CA 410 -141.60 -13.17 29.80
N GLU CA 411 -141.30 -12.98 31.09
CA GLU CA 411 -141.16 -14.11 32.05
C GLU CA 411 -142.49 -14.86 32.19
N ASP CA 412 -143.60 -14.14 32.39
CA ASP CA 412 -144.93 -14.78 32.61
C ASP CA 412 -145.43 -15.41 31.30
N MET CA 413 -145.35 -14.69 30.18
CA MET CA 413 -145.87 -15.19 28.88
C MET CA 413 -145.03 -16.39 28.46
N PHE CA 414 -143.71 -16.32 28.61
CA PHE CA 414 -142.82 -17.46 28.27
C PHE CA 414 -143.15 -18.60 29.24
N LYS CA 415 -143.34 -18.30 30.53
CA LYS CA 415 -143.60 -19.34 31.56
C LYS CA 415 -144.77 -18.92 32.45
N ASP CA 416 -146.00 -19.17 32.00
CA ASP CA 416 -147.22 -18.87 32.80
C ASP CA 416 -147.33 -19.89 33.93
N ASN CA 417 -147.13 -21.18 33.65
CA ASN CA 417 -147.19 -22.26 34.68
C ASN CA 417 -146.06 -22.07 35.70
N PHE CA 418 -144.87 -21.62 35.27
CA PHE CA 418 -143.68 -21.47 36.15
C PHE CA 418 -143.30 -22.88 36.64
N ASP CA 419 -143.62 -23.92 35.87
CA ASP CA 419 -143.38 -25.33 36.30
C ASP CA 419 -142.06 -25.90 35.76
N GLU CA 420 -141.37 -25.22 34.85
CA GLU CA 420 -140.01 -25.66 34.42
C GLU CA 420 -139.06 -25.49 35.60
N MET CA 421 -139.32 -24.48 36.42
CA MET CA 421 -138.48 -24.23 37.63
C MET CA 421 -138.68 -25.42 38.56
N ASP CA 422 -139.91 -25.91 38.73
CA ASP CA 422 -140.20 -27.10 39.57
C ASP CA 422 -139.64 -28.35 38.88
N THR CA 423 -139.73 -28.45 37.55
CA THR CA 423 -139.15 -29.59 36.81
C THR CA 423 -137.65 -29.55 37.04
N SER CA 424 -137.06 -28.36 37.01
CA SER CA 424 -135.61 -28.18 37.25
C SER CA 424 -135.30 -28.56 38.69
N ARG CA 425 -136.16 -28.18 39.63
CA ARG CA 425 -135.91 -28.43 41.07
C ARG CA 425 -135.86 -29.93 41.33
N GLU CA 426 -136.77 -30.73 40.77
CA GLU CA 426 -136.75 -32.20 40.97
C GLU CA 426 -135.52 -32.79 40.28
N ILE CA 427 -135.14 -32.33 39.08
CA ILE CA 427 -133.99 -32.91 38.34
C ILE CA 427 -132.74 -32.64 39.17
N VAL CA 428 -132.52 -31.40 39.59
CA VAL CA 428 -131.29 -31.03 40.35
C VAL CA 428 -131.32 -31.75 41.71
N GLN CA 429 -132.48 -31.93 42.33
CA GLN CA 429 -132.60 -32.68 43.60
C GLN CA 429 -132.23 -34.14 43.35
N GLN CA 430 -132.63 -34.69 42.20
CA GLN CA 430 -132.23 -36.07 41.84
C GLN CA 430 -130.70 -36.07 41.78
N LEU CA 431 -130.09 -35.05 41.15
CA LEU CA 431 -128.62 -34.93 41.06
C LEU CA 431 -128.04 -34.79 42.47
N ILE CA 432 -128.62 -33.98 43.35
CA ILE CA 432 -128.09 -33.77 44.73
C ILE CA 432 -128.16 -35.13 45.39
N ASP CA 433 -129.27 -35.86 45.21
CA ASP CA 433 -129.46 -37.19 45.82
C ASP CA 433 -128.45 -38.16 45.22
N GLU CA 434 -128.26 -38.12 43.90
CA GLU CA 434 -127.41 -39.12 43.20
C GLU CA 434 -125.99 -38.99 43.72
N TYR CA 435 -125.52 -37.76 43.96
CA TYR CA 435 -124.16 -37.53 44.46
C TYR CA 435 -124.02 -38.25 45.79
N HIS CA 436 -124.89 -37.96 46.75
CA HIS CA 436 -124.75 -38.53 48.11
C HIS CA 436 -124.88 -40.05 48.03
N ALA CA 437 -125.65 -40.56 47.06
CA ALA CA 437 -125.78 -42.02 46.85
C ALA CA 437 -124.41 -42.54 46.46
N ALA CA 438 -123.64 -41.80 45.67
CA ALA CA 438 -122.27 -42.23 45.29
C ALA CA 438 -121.43 -42.41 46.53
N THR CA 439 -121.57 -41.52 47.51
CA THR CA 439 -120.79 -41.62 48.78
C THR CA 439 -121.13 -42.96 49.43
N ARG CA 440 -122.36 -43.40 49.34
CA ARG CA 440 -122.81 -44.63 50.03
C ARG CA 440 -122.02 -45.83 49.50
N PRO CA 441 -122.14 -47.01 50.14
CA PRO CA 441 -121.57 -48.24 49.60
C PRO CA 441 -122.36 -48.90 48.46
N ASP CA 442 -123.62 -48.50 48.17
CA ASP CA 442 -124.46 -49.20 47.16
C ASP CA 442 -124.91 -48.29 46.02
N TYR CA 443 -124.02 -47.76 45.20
CA TYR CA 443 -124.39 -47.12 43.92
C TYR CA 443 -124.50 -48.36 43.03
N ILE CA 444 -124.16 -49.56 43.54
CA ILE CA 444 -124.29 -50.86 42.82
C ILE CA 444 -125.77 -51.06 42.57
N SER CA 445 -126.63 -50.66 43.51
CA SER CA 445 -128.12 -50.66 43.33
C SER CA 445 -128.43 -49.32 42.66
N TRP CA 446 -129.68 -49.02 42.33
CA TRP CA 446 -130.01 -47.79 41.59
C TRP CA 446 -129.53 -46.57 42.37
N GLY CA 447 -129.15 -45.48 41.70
CA GLY CA 447 -128.75 -44.22 42.36
C GLY CA 447 -129.74 -43.12 42.09
N ARG DA 3 -109.08 -34.72 -36.98
CA ARG DA 3 -108.75 -33.97 -38.22
C ARG DA 3 -109.25 -32.54 -38.05
N GLU DA 4 -109.25 -31.71 -39.10
CA GLU DA 4 -109.65 -30.28 -39.00
C GLU DA 4 -111.11 -30.15 -38.60
N ILE DA 5 -111.48 -29.20 -37.73
CA ILE DA 5 -112.86 -29.01 -37.20
C ILE DA 5 -113.39 -27.65 -37.67
N ILE DA 6 -114.62 -27.59 -38.20
CA ILE DA 6 -115.25 -26.33 -38.72
C ILE DA 6 -116.28 -25.88 -37.69
N THR DA 7 -116.20 -24.64 -37.17
CA THR DA 7 -117.10 -24.16 -36.09
C THR DA 7 -118.21 -23.34 -36.72
N LEU DA 8 -119.45 -23.78 -36.55
CA LEU DA 8 -120.63 -23.08 -37.10
C LEU DA 8 -121.17 -22.16 -36.00
N GLN DA 9 -120.55 -20.99 -35.82
CA GLN DA 9 -121.02 -20.00 -34.80
C GLN DA 9 -122.25 -19.30 -35.40
N LEU DA 10 -123.38 -19.27 -34.69
CA LEU DA 10 -124.65 -18.72 -35.23
C LEU DA 10 -125.40 -17.92 -34.16
N GLY DA 11 -126.19 -16.93 -34.57
CA GLY DA 11 -127.02 -16.13 -33.64
C GLY DA 11 -126.19 -15.04 -33.01
N GLN DA 12 -126.80 -13.96 -32.55
CA GLN DA 12 -126.01 -12.81 -32.03
C GLN DA 12 -125.19 -13.28 -30.81
N CYS DA 13 -125.79 -13.99 -29.87
CA CYS DA 13 -125.10 -14.47 -28.65
C CYS DA 13 -124.01 -15.45 -29.05
N GLY DA 14 -124.32 -16.40 -29.93
CA GLY DA 14 -123.35 -17.41 -30.38
C GLY DA 14 -122.22 -16.76 -31.13
N ASN DA 15 -122.52 -15.75 -31.95
CA ASN DA 15 -121.51 -15.01 -32.75
C ASN DA 15 -120.60 -14.21 -31.82
N GLN DA 16 -121.12 -13.75 -30.69
CA GLN DA 16 -120.29 -13.02 -29.68
C GLN DA 16 -119.24 -13.96 -29.05
N ILE DA 17 -119.55 -15.23 -28.77
CA ILE DA 17 -118.61 -16.14 -28.02
C ILE DA 17 -117.64 -16.81 -29.00
N GLY DA 18 -117.99 -16.92 -30.28
CA GLY DA 18 -117.10 -17.40 -31.35
C GLY DA 18 -116.13 -16.30 -31.70
N PHE DA 19 -116.61 -15.06 -31.71
CA PHE DA 19 -115.74 -13.90 -32.02
C PHE DA 19 -114.61 -13.91 -30.99
N GLU DA 20 -114.96 -13.99 -29.72
CA GLU DA 20 -113.98 -13.99 -28.61
C GLU DA 20 -113.10 -15.26 -28.57
N PHE DA 21 -113.67 -16.44 -28.80
CA PHE DA 21 -112.93 -17.71 -28.73
C PHE DA 21 -111.79 -17.68 -29.75
N TRP DA 22 -112.09 -17.24 -30.97
CA TRP DA 22 -111.08 -17.13 -32.05
C TRP DA 22 -110.06 -16.07 -31.67
N LYS DA 23 -110.50 -14.96 -31.08
CA LYS DA 23 -109.58 -13.88 -30.63
C LYS DA 23 -108.68 -14.44 -29.53
N GLN DA 24 -109.23 -15.27 -28.64
CA GLN DA 24 -108.48 -15.84 -27.50
C GLN DA 24 -107.36 -16.72 -28.03
N LEU DA 25 -107.62 -17.51 -29.09
CA LEU DA 25 -106.62 -18.39 -29.75
C LEU DA 25 -105.78 -17.52 -30.70
N CYS DA 26 -106.17 -16.28 -30.98
CA CYS DA 26 -105.27 -15.42 -31.80
C CYS DA 26 -104.04 -15.09 -30.95
N ALA DA 27 -104.24 -14.49 -29.79
CA ALA DA 27 -103.13 -14.12 -28.88
C ALA DA 27 -102.43 -15.39 -28.37
N GLU DA 28 -103.19 -16.42 -28.00
CA GLU DA 28 -102.60 -17.64 -27.39
C GLU DA 28 -101.70 -18.31 -28.40
N HIS DA 29 -102.15 -18.42 -29.64
CA HIS DA 29 -101.31 -18.98 -30.72
C HIS DA 29 -100.45 -17.86 -31.27
N GLY DA 30 -99.55 -18.18 -32.19
CA GLY DA 30 -98.73 -17.17 -32.86
C GLY DA 30 -99.48 -16.55 -34.02
N ILE DA 31 -100.48 -15.70 -33.76
CA ILE DA 31 -101.30 -15.04 -34.82
C ILE DA 31 -101.50 -13.58 -34.40
N SER DA 32 -101.50 -12.64 -35.35
CA SER DA 32 -101.73 -11.20 -35.08
C SER DA 32 -103.20 -10.89 -35.42
N PRO DA 33 -103.74 -9.65 -35.32
CA PRO DA 33 -105.11 -9.35 -35.75
C PRO DA 33 -105.35 -9.45 -37.26
N GLU DA 34 -104.30 -9.45 -38.10
CA GLU DA 34 -104.43 -9.60 -39.58
C GLU DA 34 -104.20 -11.06 -39.97
N GLY DA 35 -104.09 -11.99 -39.02
CA GLY DA 35 -103.90 -13.45 -39.24
C GLY DA 35 -102.44 -13.78 -39.58
N ILE DA 36 -101.58 -12.78 -39.70
CA ILE DA 36 -100.16 -13.01 -40.13
C ILE DA 36 -99.38 -13.50 -38.92
N VAL DA 37 -98.35 -14.30 -39.16
CA VAL DA 37 -97.49 -14.78 -38.03
C VAL DA 37 -96.70 -13.58 -37.54
N GLU DA 38 -96.23 -13.62 -36.29
CA GLU DA 38 -95.55 -12.43 -35.73
C GLU DA 38 -94.09 -12.76 -35.45
N GLU DA 39 -93.21 -11.77 -35.38
CA GLU DA 39 -91.75 -12.00 -35.16
C GLU DA 39 -91.56 -12.83 -33.89
N PHE DA 40 -92.26 -12.50 -32.80
CA PHE DA 40 -92.09 -13.18 -31.49
C PHE DA 40 -92.52 -14.64 -31.60
N ALA DA 41 -93.60 -14.95 -32.32
CA ALA DA 41 -94.16 -16.31 -32.43
C ALA DA 41 -93.88 -16.91 -33.81
N THR DA 45 -94.08 -24.74 -31.44
CA THR DA 45 -94.34 -26.19 -31.54
C THR DA 45 -95.79 -26.46 -31.17
N ASP DA 46 -96.74 -26.23 -32.09
CA ASP DA 46 -98.19 -26.45 -31.85
C ASP DA 46 -98.80 -27.06 -33.11
N ARG DA 47 -99.83 -27.90 -32.99
CA ARG DA 47 -100.57 -28.45 -34.16
C ARG DA 47 -101.61 -27.39 -34.48
N LYS DA 48 -101.21 -26.25 -35.05
CA LYS DA 48 -102.12 -25.12 -35.34
C LYS DA 48 -103.19 -25.64 -36.30
N ASP DA 49 -102.87 -26.57 -37.19
CA ASP DA 49 -103.79 -27.01 -38.28
C ASP DA 49 -105.24 -27.31 -37.88
N VAL DA 50 -105.50 -28.10 -36.82
CA VAL DA 50 -106.89 -28.57 -36.58
C VAL DA 50 -107.80 -27.35 -36.49
N PHE DA 51 -107.40 -26.30 -35.78
CA PHE DA 51 -108.28 -25.13 -35.55
C PHE DA 51 -108.03 -24.00 -36.54
N PHE DA 52 -106.97 -24.03 -37.36
CA PHE DA 52 -106.64 -22.89 -38.28
C PHE DA 52 -106.23 -23.36 -39.68
N TYR DA 53 -106.86 -22.84 -40.74
CA TYR DA 53 -106.53 -23.15 -42.15
C TYR DA 53 -105.18 -22.50 -42.41
N GLN DA 54 -104.25 -23.21 -43.05
CA GLN DA 54 -102.90 -22.69 -43.32
C GLN DA 54 -102.96 -22.12 -44.73
N ALA DA 55 -102.93 -20.80 -44.85
CA ALA DA 55 -102.98 -20.13 -46.17
C ALA DA 55 -101.56 -20.20 -46.72
N ASP DA 56 -101.28 -19.50 -47.80
CA ASP DA 56 -99.99 -19.64 -48.50
C ASP DA 56 -98.93 -18.76 -47.85
N ASP DA 57 -99.27 -17.50 -47.61
CA ASP DA 57 -98.34 -16.54 -46.94
C ASP DA 57 -98.62 -16.56 -45.43
N GLU DA 58 -98.69 -17.74 -44.79
CA GLU DA 58 -98.90 -17.87 -43.32
C GLU DA 58 -100.09 -17.05 -42.82
N HIS DA 59 -101.17 -16.88 -43.59
CA HIS DA 59 -102.39 -16.23 -43.07
C HIS DA 59 -103.20 -17.41 -42.51
N TYR DA 60 -103.06 -17.71 -41.22
CA TYR DA 60 -103.76 -18.85 -40.58
C TYR DA 60 -105.17 -18.35 -40.30
N ILE DA 61 -106.14 -18.65 -41.19
CA ILE DA 61 -107.52 -18.11 -41.06
C ILE DA 61 -108.36 -19.16 -40.35
N PRO DA 62 -109.08 -18.85 -39.25
CA PRO DA 62 -109.93 -19.85 -38.64
C PRO DA 62 -110.98 -20.34 -39.62
N ARG DA 63 -111.38 -21.60 -39.56
CA ARG DA 63 -112.48 -22.15 -40.39
C ARG DA 63 -113.81 -21.84 -39.72
N ALA DA 64 -114.08 -20.56 -39.46
CA ALA DA 64 -115.31 -20.13 -38.76
C ALA DA 64 -116.42 -19.96 -39.79
N VAL DA 65 -117.62 -20.44 -39.51
CA VAL DA 65 -118.81 -20.20 -40.38
C VAL DA 65 -119.67 -19.24 -39.57
N LEU DA 66 -119.79 -17.98 -39.97
CA LEU DA 66 -120.55 -16.97 -39.19
C LEU DA 66 -121.91 -16.82 -39.89
N LEU DA 67 -123.01 -17.17 -39.22
CA LEU DA 67 -124.38 -17.04 -39.78
C LEU DA 67 -125.04 -15.85 -39.10
N ASP DA 68 -125.50 -14.87 -39.88
CA ASP DA 68 -126.16 -13.66 -39.35
C ASP DA 68 -127.64 -13.73 -39.74
N LEU DA 69 -128.55 -13.50 -38.78
CA LEU DA 69 -130.01 -13.44 -39.08
C LEU DA 69 -130.50 -12.11 -38.50
N GLU DA 70 -131.14 -11.24 -39.30
CA GLU DA 70 -131.55 -9.89 -38.82
C GLU DA 70 -130.31 -9.27 -38.17
N PRO DA 71 -129.17 -9.15 -38.88
CA PRO DA 71 -127.92 -8.72 -38.23
C PRO DA 71 -127.78 -7.34 -37.59
N ARG DA 72 -127.21 -7.29 -36.38
CA ARG DA 72 -126.90 -6.01 -35.67
C ARG DA 72 -125.47 -6.14 -35.13
N VAL DA 73 -125.17 -7.21 -34.38
CA VAL DA 73 -123.84 -7.47 -33.77
C VAL DA 73 -122.92 -8.14 -34.79
N ILE DA 74 -123.41 -8.49 -35.98
CA ILE DA 74 -122.54 -9.06 -37.05
C ILE DA 74 -121.86 -7.89 -37.75
N HIS DA 75 -122.48 -6.72 -37.75
CA HIS DA 75 -121.90 -5.49 -38.34
C HIS DA 75 -120.75 -5.00 -37.45
N SER DA 76 -120.90 -5.01 -36.13
CA SER DA 76 -119.86 -4.64 -35.13
C SER DA 76 -118.66 -5.60 -35.24
N ILE DA 77 -118.92 -6.89 -35.50
CA ILE DA 77 -117.83 -7.91 -35.68
C ILE DA 77 -117.00 -7.47 -36.88
N LEU DA 78 -117.66 -7.00 -37.95
CA LEU DA 78 -116.98 -6.54 -39.19
C LEU DA 78 -116.12 -5.30 -38.93
N ASN DA 79 -116.59 -4.33 -38.15
CA ASN DA 79 -115.74 -3.15 -37.83
C ASN DA 79 -114.85 -3.51 -36.63
N SER DA 80 -113.86 -4.39 -36.83
CA SER DA 80 -112.93 -4.80 -35.77
C SER DA 80 -111.52 -4.92 -36.37
N PRO DA 81 -110.43 -4.86 -35.58
CA PRO DA 81 -109.09 -5.08 -36.11
C PRO DA 81 -108.91 -6.51 -36.63
N TYR DA 82 -109.73 -7.46 -36.16
CA TYR DA 82 -109.61 -8.89 -36.50
C TYR DA 82 -110.47 -9.26 -37.70
N ALA DA 83 -111.08 -8.28 -38.37
CA ALA DA 83 -111.95 -8.56 -39.54
C ALA DA 83 -111.13 -9.29 -40.60
N LYS DA 84 -109.87 -8.91 -40.80
CA LYS DA 84 -108.97 -9.58 -41.77
C LYS DA 84 -108.62 -10.99 -41.28
N LEU DA 85 -108.52 -11.19 -39.97
CA LEU DA 85 -108.08 -12.51 -39.43
C LEU DA 85 -109.04 -13.61 -39.88
N TYR DA 86 -110.35 -13.36 -39.77
CA TYR DA 86 -111.38 -14.34 -40.21
C TYR DA 86 -111.88 -13.83 -41.55
N ASN DA 87 -111.33 -14.33 -42.66
CA ASN DA 87 -111.84 -13.97 -44.01
C ASN DA 87 -111.99 -15.23 -44.85
N PRO DA 88 -112.94 -16.14 -44.52
CA PRO DA 88 -113.30 -17.21 -45.44
C PRO DA 88 -114.34 -16.52 -46.33
N GLU DA 89 -114.65 -15.24 -46.08
CA GLU DA 89 -115.60 -14.46 -46.92
C GLU DA 89 -116.89 -15.27 -46.98
N ASN DA 90 -117.37 -15.75 -45.81
CA ASN DA 90 -118.58 -16.61 -45.75
C ASN DA 90 -119.55 -16.12 -44.67
N ILE DA 91 -120.17 -14.95 -44.84
CA ILE DA 91 -121.21 -14.43 -43.90
C ILE DA 91 -122.45 -14.15 -44.75
N TYR DA 92 -123.63 -14.69 -44.42
CA TYR DA 92 -124.83 -14.58 -45.29
C TYR DA 92 -126.05 -13.99 -44.56
N LEU DA 93 -126.76 -13.04 -45.19
CA LEU DA 93 -127.99 -12.42 -44.62
C LEU DA 93 -129.20 -13.27 -45.01
N GLY DA 101 -136.48 -13.12 -35.91
CA GLY DA 101 -137.49 -12.98 -34.84
C GLY DA 101 -137.00 -13.55 -33.53
N ASN DA 102 -137.73 -13.32 -32.44
CA ASN DA 102 -137.34 -13.79 -31.09
C ASN DA 102 -138.05 -15.12 -30.81
N ASN DA 103 -138.67 -15.73 -31.82
CA ASN DA 103 -139.43 -17.00 -31.65
C ASN DA 103 -138.64 -18.19 -32.20
N TRP DA 104 -138.78 -19.37 -31.57
CA TRP DA 104 -138.07 -20.59 -32.04
C TRP DA 104 -138.62 -20.93 -33.42
N ALA DA 105 -139.94 -20.87 -33.59
CA ALA DA 105 -140.58 -21.11 -34.90
C ALA DA 105 -140.12 -20.03 -35.87
N SER DA 106 -140.01 -18.78 -35.43
CA SER DA 106 -139.62 -17.65 -36.31
C SER DA 106 -138.21 -17.88 -36.87
N GLY DA 107 -137.27 -18.43 -36.10
CA GLY DA 107 -135.88 -18.72 -36.49
C GLY DA 107 -135.82 -19.92 -37.41
N PHE DA 108 -136.58 -20.97 -37.12
CA PHE DA 108 -136.57 -22.23 -37.90
C PHE DA 108 -137.05 -21.99 -39.32
N SER DA 109 -138.09 -21.19 -39.49
CA SER DA 109 -138.67 -20.88 -40.83
C SER DA 109 -137.69 -20.05 -41.66
N GLN DA 110 -137.05 -19.05 -41.04
CA GLN DA 110 -136.10 -18.17 -41.75
C GLN DA 110 -134.93 -19.02 -42.25
N GLY DA 111 -134.47 -19.98 -41.46
CA GLY DA 111 -133.35 -20.86 -41.83
C GLY DA 111 -133.68 -21.72 -43.04
N GLU DA 112 -134.91 -22.22 -43.14
CA GLU DA 112 -135.33 -23.15 -44.22
C GLU DA 112 -135.23 -22.57 -45.64
N LYS DA 113 -135.57 -21.30 -45.87
CA LYS DA 113 -135.48 -20.63 -47.20
C LYS DA 113 -134.03 -20.41 -47.64
N ILE DA 114 -133.13 -20.15 -46.71
CA ILE DA 114 -131.69 -19.86 -47.01
C ILE DA 114 -130.86 -21.12 -46.75
N HIS DA 115 -131.46 -22.28 -46.55
CA HIS DA 115 -130.70 -23.48 -46.11
C HIS DA 115 -129.61 -23.84 -47.13
N GLU DA 116 -129.89 -23.80 -48.44
CA GLU DA 116 -128.96 -24.27 -49.50
C GLU DA 116 -127.69 -23.41 -49.67
N ASP DA 117 -127.77 -22.08 -49.56
CA ASP DA 117 -126.59 -21.17 -49.67
C ASP DA 117 -125.74 -21.29 -48.41
N ILE DA 118 -126.38 -21.37 -47.24
CA ILE DA 118 -125.62 -21.55 -45.96
C ILE DA 118 -124.99 -22.93 -46.03
N PHE DA 119 -125.68 -23.93 -46.58
CA PHE DA 119 -125.17 -25.32 -46.69
C PHE DA 119 -124.03 -25.42 -47.72
N ASP DA 120 -124.05 -24.61 -48.79
CA ASP DA 120 -122.94 -24.57 -49.78
C ASP DA 120 -121.71 -23.97 -49.12
N ILE DA 121 -121.89 -22.98 -48.24
CA ILE DA 121 -120.79 -22.35 -47.47
C ILE DA 121 -120.17 -23.44 -46.58
N ILE DA 122 -120.97 -24.36 -46.07
CA ILE DA 122 -120.46 -25.53 -45.28
C ILE DA 122 -119.66 -26.40 -46.25
N ASP DA 123 -120.18 -26.63 -47.45
CA ASP DA 123 -119.52 -27.51 -48.44
C ASP DA 123 -118.14 -26.95 -48.82
N ARG DA 124 -118.09 -25.67 -49.21
CA ARG DA 124 -116.84 -25.01 -49.63
C ARG DA 124 -115.74 -25.38 -48.65
N GLU DA 125 -115.96 -25.13 -47.36
CA GLU DA 125 -114.91 -25.36 -46.34
C GLU DA 125 -114.59 -26.86 -46.30
N ALA DA 126 -115.64 -27.68 -46.33
CA ALA DA 126 -115.47 -29.14 -46.29
C ALA DA 126 -114.58 -29.58 -47.44
N ASP DA 127 -114.73 -28.95 -48.61
CA ASP DA 127 -113.85 -29.25 -49.77
C ASP DA 127 -112.42 -28.82 -49.46
N GLY DA 128 -112.26 -27.66 -48.81
CA GLY DA 128 -110.92 -27.12 -48.49
C GLY DA 128 -110.14 -28.03 -47.56
N SER DA 129 -110.81 -28.63 -46.57
CA SER DA 129 -110.11 -29.47 -45.58
C SER DA 129 -109.69 -30.81 -46.19
N ASP DA 130 -108.69 -31.47 -45.61
CA ASP DA 130 -108.32 -32.84 -46.07
C ASP DA 130 -109.33 -33.87 -45.54
N SER DA 131 -109.52 -33.95 -44.22
CA SER DA 131 -110.53 -34.84 -43.59
C SER DA 131 -111.31 -34.01 -42.56
N LEU DA 132 -112.64 -34.01 -42.62
CA LEU DA 132 -113.48 -33.18 -41.71
C LEU DA 132 -113.84 -34.06 -40.53
N GLU DA 133 -113.59 -33.55 -39.34
CA GLU DA 133 -113.81 -34.44 -38.17
C GLU DA 133 -115.12 -34.11 -37.47
N GLY DA 134 -115.45 -32.83 -37.25
CA GLY DA 134 -116.62 -32.47 -36.43
C GLY DA 134 -117.09 -31.07 -36.66
N PHE DA 135 -118.34 -30.78 -36.33
CA PHE DA 135 -118.94 -29.42 -36.48
C PHE DA 135 -119.21 -28.88 -35.09
N VAL DA 136 -118.49 -27.87 -34.63
CA VAL DA 136 -118.62 -27.38 -33.23
C VAL DA 136 -119.47 -26.11 -33.26
N LEU DA 137 -120.66 -26.15 -32.70
CA LEU DA 137 -121.60 -25.01 -32.82
C LEU DA 137 -121.56 -24.11 -31.60
N CYS DA 138 -121.32 -22.80 -31.75
CA CYS DA 138 -121.44 -21.85 -30.62
C CYS DA 138 -122.93 -21.55 -30.48
N HIS DA 139 -123.74 -22.55 -30.14
CA HIS DA 139 -125.22 -22.45 -30.09
C HIS DA 139 -125.72 -21.64 -28.90
N SER DA 140 -126.83 -20.91 -29.07
CA SER DA 140 -127.50 -20.19 -27.96
C SER DA 140 -128.87 -20.86 -27.79
N ILE DA 141 -129.20 -21.45 -26.64
CA ILE DA 141 -130.51 -22.12 -26.38
C ILE DA 141 -131.51 -20.99 -26.08
N ALA DA 142 -132.74 -21.08 -26.59
CA ALA DA 142 -133.75 -20.01 -26.42
C ALA DA 142 -133.02 -18.71 -26.76
N GLY DA 143 -132.37 -18.68 -27.92
CA GLY DA 143 -131.56 -17.53 -28.36
C GLY DA 143 -132.31 -16.65 -29.34
N GLY DA 144 -133.64 -16.66 -29.32
CA GLY DA 144 -134.41 -15.91 -30.30
C GLY DA 144 -134.08 -16.46 -31.67
N THR DA 145 -133.38 -15.70 -32.50
CA THR DA 145 -132.94 -16.17 -33.84
C THR DA 145 -131.98 -17.35 -33.68
N GLY DA 146 -131.10 -17.32 -32.67
CA GLY DA 146 -130.08 -18.36 -32.48
C GLY DA 146 -130.70 -19.73 -32.33
N SER DA 147 -131.77 -19.87 -31.53
CA SER DA 147 -132.50 -21.16 -31.39
C SER DA 147 -133.48 -21.22 -32.56
N GLY DA 148 -133.96 -22.40 -32.95
CA GLY DA 148 -134.81 -22.53 -34.13
C GLY DA 148 -133.96 -22.61 -35.37
N LEU DA 149 -133.15 -21.59 -35.68
CA LEU DA 149 -132.21 -21.70 -36.81
C LEU DA 149 -131.17 -22.74 -36.44
N GLY DA 150 -130.76 -22.79 -35.18
CA GLY DA 150 -129.67 -23.70 -34.76
C GLY DA 150 -130.13 -25.13 -34.72
N SER DA 151 -131.37 -25.39 -34.32
CA SER DA 151 -132.02 -26.73 -34.26
C SER DA 151 -132.14 -27.26 -35.69
N TYR DA 152 -132.60 -26.42 -36.62
CA TYR DA 152 -132.80 -26.84 -38.02
C TYR DA 152 -131.47 -27.22 -38.65
N LEU DA 153 -130.45 -26.41 -38.43
CA LEU DA 153 -129.11 -26.63 -39.01
C LEU DA 153 -128.52 -27.86 -38.35
N LEU DA 154 -128.91 -28.13 -37.09
CA LEU DA 154 -128.44 -29.33 -36.35
C LEU DA 154 -129.00 -30.57 -37.04
N GLU DA 155 -130.25 -30.51 -37.50
CA GLU DA 155 -130.91 -31.66 -38.15
C GLU DA 155 -130.33 -31.93 -39.54
N ARG DA 156 -130.01 -30.89 -40.31
CA ARG DA 156 -129.48 -31.08 -41.68
C ARG DA 156 -128.08 -31.68 -41.64
N LEU DA 157 -127.24 -31.25 -40.71
CA LEU DA 157 -125.82 -31.66 -40.68
C LEU DA 157 -125.67 -33.16 -40.50
N ASN DA 158 -126.43 -33.79 -39.61
CA ASN DA 158 -126.25 -35.24 -39.33
C ASN DA 158 -126.63 -36.04 -40.59
N ASP DA 159 -127.71 -35.67 -41.27
CA ASP DA 159 -128.18 -36.41 -42.46
C ASP DA 159 -127.10 -36.36 -43.54
N ARG DA 160 -126.56 -35.17 -43.80
CA ARG DA 160 -125.52 -34.97 -44.85
C ARG DA 160 -124.19 -35.62 -44.44
N TYR DA 161 -123.83 -35.58 -43.17
CA TYR DA 161 -122.55 -36.15 -42.70
C TYR DA 161 -122.88 -37.23 -41.69
N PRO DA 162 -123.48 -38.38 -42.08
CA PRO DA 162 -123.92 -39.39 -41.12
C PRO DA 162 -122.74 -39.93 -40.32
N LYS DA 163 -121.60 -40.11 -40.96
CA LYS DA 163 -120.37 -40.56 -40.28
C LYS DA 163 -119.85 -39.48 -39.33
N LYS DA 164 -119.95 -38.19 -39.67
CA LYS DA 164 -119.34 -37.09 -38.87
C LYS DA 164 -120.12 -36.84 -37.57
N LEU DA 165 -119.52 -36.13 -36.62
CA LEU DA 165 -120.12 -35.89 -35.27
C LEU DA 165 -120.42 -34.41 -35.16
N VAL DA 166 -121.29 -34.01 -34.23
CA VAL DA 166 -121.58 -32.57 -33.95
C VAL DA 166 -121.50 -32.33 -32.45
N GLN DA 167 -120.77 -31.30 -31.98
CA GLN DA 167 -120.67 -30.92 -30.55
C GLN DA 167 -121.47 -29.63 -30.40
N THR DA 168 -121.89 -29.24 -29.20
CA THR DA 168 -122.61 -27.97 -29.02
C THR DA 168 -122.13 -27.27 -27.75
N TYR DA 169 -121.55 -26.09 -27.88
CA TYR DA 169 -121.16 -25.29 -26.69
C TYR DA 169 -122.43 -24.54 -26.32
N SER DA 170 -123.43 -25.28 -25.87
CA SER DA 170 -124.74 -24.69 -25.54
C SER DA 170 -124.55 -23.75 -24.37
N VAL DA 171 -124.95 -22.48 -24.48
CA VAL DA 171 -124.91 -21.55 -23.32
C VAL DA 171 -126.29 -21.65 -22.68
N PHE DA 172 -126.67 -22.79 -22.09
CA PHE DA 172 -128.06 -22.94 -21.60
C PHE DA 172 -128.38 -21.67 -20.82
N PRO DA 173 -129.50 -20.95 -21.07
CA PRO DA 173 -129.75 -19.67 -20.43
C PRO DA 173 -130.55 -19.74 -19.14
N ASN DA 174 -129.93 -19.31 -18.03
CA ASN DA 174 -130.62 -19.22 -16.73
C ASN DA 174 -130.27 -17.84 -16.20
N GLN DA 175 -131.25 -16.93 -16.14
CA GLN DA 175 -131.01 -15.54 -15.68
C GLN DA 175 -131.98 -15.28 -14.52
N ASP DA 176 -132.34 -16.32 -13.77
CA ASP DA 176 -133.33 -16.24 -12.66
C ASP DA 176 -134.71 -16.10 -13.29
N GLU DA 177 -134.84 -16.40 -14.58
CA GLU DA 177 -136.13 -16.27 -15.31
C GLU DA 177 -136.63 -14.83 -15.11
N ASP DA 180 -136.04 -9.77 -21.68
CA ASP DA 180 -136.83 -10.91 -21.12
C ASP DA 180 -137.48 -11.67 -22.28
N VAL DA 181 -137.66 -12.98 -22.15
CA VAL DA 181 -138.39 -13.80 -23.15
C VAL DA 181 -139.50 -14.50 -22.38
N VAL DA 182 -140.76 -14.27 -22.76
CA VAL DA 182 -141.93 -14.89 -22.08
C VAL DA 182 -142.11 -16.27 -22.68
N VAL DA 183 -141.60 -16.48 -23.89
CA VAL DA 183 -141.69 -17.78 -24.60
C VAL DA 183 -140.38 -18.54 -24.38
N GLN DA 184 -139.49 -18.06 -23.49
CA GLN DA 184 -138.16 -18.68 -23.35
C GLN DA 184 -138.31 -20.17 -23.09
N PRO DA 185 -139.19 -20.67 -22.19
CA PRO DA 185 -139.25 -22.11 -21.93
C PRO DA 185 -139.67 -22.87 -23.19
N TYR DA 186 -140.63 -22.35 -23.94
CA TYR DA 186 -141.14 -23.04 -25.15
C TYR DA 186 -139.97 -23.17 -26.14
N ASN DA 187 -139.21 -22.09 -26.35
CA ASN DA 187 -138.12 -22.11 -27.35
C ASN DA 187 -137.09 -23.14 -26.91
N SER DA 188 -136.70 -23.12 -25.63
CA SER DA 188 -135.69 -24.03 -25.09
C SER DA 188 -136.23 -25.46 -25.18
N LEU DA 189 -137.51 -25.65 -24.92
CA LEU DA 189 -138.05 -27.03 -24.88
C LEU DA 189 -137.78 -27.63 -26.25
N LEU DA 190 -138.10 -26.90 -27.31
CA LEU DA 190 -137.98 -27.44 -28.68
C LEU DA 190 -136.50 -27.70 -28.98
N THR DA 191 -135.59 -26.81 -28.56
CA THR DA 191 -134.16 -26.96 -28.92
C THR DA 191 -133.63 -28.29 -28.39
N LEU DA 192 -133.94 -28.64 -27.15
CA LEU DA 192 -133.37 -29.85 -26.53
C LEU DA 192 -133.82 -31.09 -27.29
N LYS DA 193 -135.07 -31.14 -27.74
CA LYS DA 193 -135.57 -32.39 -28.38
C LYS DA 193 -134.67 -32.64 -29.58
N ARG DA 194 -134.40 -31.59 -30.35
CA ARG DA 194 -133.50 -31.73 -31.51
C ARG DA 194 -132.13 -32.10 -30.97
N LEU DA 195 -131.67 -31.43 -29.90
CA LEU DA 195 -130.30 -31.65 -29.35
C LEU DA 195 -130.14 -33.05 -28.78
N THR DA 196 -131.16 -33.68 -28.22
CA THR DA 196 -131.06 -35.02 -27.59
C THR DA 196 -130.90 -36.11 -28.63
N GLN DA 197 -131.54 -35.99 -29.81
CA GLN DA 197 -131.52 -37.06 -30.85
C GLN DA 197 -130.60 -36.71 -32.01
N ASN DA 198 -130.22 -35.44 -32.18
CA ASN DA 198 -129.42 -34.99 -33.35
C ASN DA 198 -128.10 -34.32 -32.95
N ALA DA 199 -127.56 -34.51 -31.74
CA ALA DA 199 -126.24 -33.97 -31.34
C ALA DA 199 -125.44 -35.04 -30.59
N ASP DA 200 -124.30 -35.48 -31.12
CA ASP DA 200 -123.47 -36.56 -30.52
C ASP DA 200 -122.95 -36.12 -29.15
N CYS DA 201 -122.58 -34.85 -28.99
CA CYS DA 201 -122.09 -34.30 -27.69
C CYS DA 201 -122.68 -32.92 -27.44
N VAL DA 202 -122.72 -32.46 -26.18
CA VAL DA 202 -123.16 -31.09 -25.81
C VAL DA 202 -122.35 -30.70 -24.56
N VAL DA 203 -121.84 -29.48 -24.46
CA VAL DA 203 -121.11 -28.99 -23.24
C VAL DA 203 -122.01 -27.90 -22.68
N VAL DA 204 -122.48 -28.06 -21.45
CA VAL DA 204 -123.51 -27.13 -20.90
C VAL DA 204 -122.85 -26.00 -20.14
N LEU DA 205 -123.35 -24.78 -20.28
CA LEU DA 205 -122.90 -23.64 -19.47
C LEU DA 205 -124.17 -22.93 -18.97
N ASP DA 206 -124.08 -22.11 -17.91
CA ASP DA 206 -125.27 -21.47 -17.30
C ASP DA 206 -124.99 -19.99 -17.04
N ASN DA 207 -125.90 -19.10 -17.48
CA ASN DA 207 -125.73 -17.65 -17.33
C ASN DA 207 -125.71 -17.29 -15.84
N THR DA 208 -126.63 -17.84 -15.05
CA THR DA 208 -126.71 -17.57 -13.59
C THR DA 208 -125.48 -18.12 -12.88
N ALA DA 209 -125.03 -19.32 -13.24
CA ALA DA 209 -123.90 -19.98 -12.55
C ALA DA 209 -122.68 -19.09 -12.75
N LEU DA 210 -122.47 -18.62 -13.97
CA LEU DA 210 -121.34 -17.72 -14.29
C LEU DA 210 -121.58 -16.35 -13.66
N ASN DA 211 -122.82 -15.88 -13.64
CA ASN DA 211 -123.16 -14.56 -13.04
C ASN DA 211 -122.84 -14.63 -11.56
N ARG DA 212 -123.14 -15.76 -10.91
CA ARG DA 212 -122.84 -15.99 -9.47
C ARG DA 212 -121.33 -15.99 -9.30
N ILE DA 213 -120.60 -16.60 -10.24
CA ILE DA 213 -119.10 -16.62 -10.21
C ILE DA 213 -118.62 -15.19 -10.36
N ALA DA 214 -119.22 -14.41 -11.26
CA ALA DA 214 -118.82 -13.00 -11.52
C ALA DA 214 -119.02 -12.20 -10.25
N THR DA 215 -120.14 -12.40 -9.56
CA THR DA 215 -120.42 -11.71 -8.28
C THR DA 215 -119.34 -12.18 -7.29
N ASP DA 216 -118.99 -13.47 -7.29
CA ASP DA 216 -117.99 -14.01 -6.34
C ASP DA 216 -116.60 -13.43 -6.60
N ARG DA 217 -116.02 -13.66 -7.78
CA ARG DA 217 -114.63 -13.22 -8.08
C ARG DA 217 -114.57 -11.70 -8.18
N LEU DA 218 -115.59 -11.06 -8.72
CA LEU DA 218 -115.58 -9.59 -8.98
C LEU DA 218 -116.86 -8.93 -8.47
N HIS DA 219 -116.91 -7.60 -8.51
CA HIS DA 219 -118.10 -6.82 -8.07
C HIS DA 219 -119.04 -6.62 -9.27
N ILE DA 220 -118.61 -7.04 -10.47
CA ILE DA 220 -119.40 -6.83 -11.73
C ILE DA 220 -120.76 -7.51 -11.55
N GLN DA 221 -121.87 -6.76 -11.69
CA GLN DA 221 -123.25 -7.33 -11.60
C GLN DA 221 -124.06 -6.89 -12.81
N ASN DA 222 -124.18 -5.58 -13.05
CA ASN DA 222 -125.01 -5.01 -14.15
C ASN DA 222 -124.48 -5.38 -15.54
N PRO DA 223 -123.16 -5.30 -15.86
CA PRO DA 223 -122.67 -5.66 -17.19
C PRO DA 223 -122.32 -7.15 -17.20
N SER DA 224 -123.22 -8.02 -16.75
CA SER DA 224 -122.95 -9.47 -16.61
C SER DA 224 -122.56 -10.08 -17.96
N PHE DA 225 -123.24 -9.76 -19.06
CA PHE DA 225 -122.99 -10.42 -20.38
C PHE DA 225 -121.58 -10.14 -20.93
N SER DA 226 -121.08 -8.92 -20.87
CA SER DA 226 -119.75 -8.57 -21.44
C SER DA 226 -118.62 -9.28 -20.70
N GLN DA 227 -118.64 -9.25 -19.37
CA GLN DA 227 -117.57 -9.86 -18.55
C GLN DA 227 -117.64 -11.38 -18.62
N ILE DA 228 -118.85 -11.94 -18.60
CA ILE DA 228 -119.07 -13.43 -18.59
C ILE DA 228 -118.58 -13.99 -19.93
N ASN DA 229 -118.54 -13.18 -20.97
CA ASN DA 229 -118.02 -13.67 -22.27
C ASN DA 229 -116.62 -14.22 -22.02
N GLN DA 230 -115.77 -13.52 -21.25
CA GLN DA 230 -114.36 -13.93 -20.97
C GLN DA 230 -114.39 -15.27 -20.25
N LEU DA 231 -115.31 -15.45 -19.32
CA LEU DA 231 -115.43 -16.71 -18.53
C LEU DA 231 -115.76 -17.88 -19.46
N VAL DA 232 -116.71 -17.70 -20.38
CA VAL DA 232 -117.15 -18.77 -21.32
C VAL DA 232 -115.94 -19.08 -22.20
N SER DA 233 -115.19 -18.05 -22.57
CA SER DA 233 -114.02 -18.19 -23.46
C SER DA 233 -112.92 -19.01 -22.81
N THR DA 234 -112.61 -18.72 -21.56
CA THR DA 234 -111.49 -19.40 -20.89
C THR DA 234 -111.83 -20.88 -20.89
N ILE DA 235 -113.10 -21.22 -20.61
CA ILE DA 235 -113.55 -22.65 -20.60
C ILE DA 235 -113.40 -23.18 -22.03
N MET DA 236 -113.84 -22.42 -23.03
CA MET DA 236 -113.85 -22.92 -24.43
C MET DA 236 -112.44 -23.16 -24.95
N SER DA 237 -111.51 -22.23 -24.74
CA SER DA 237 -110.13 -22.39 -25.23
C SER DA 237 -109.59 -23.61 -24.51
N ALA DA 238 -109.83 -23.66 -23.22
CA ALA DA 238 -109.28 -24.72 -22.36
C ALA DA 238 -109.80 -26.09 -22.76
N SER DA 239 -111.06 -26.24 -23.18
CA SER DA 239 -111.66 -27.57 -23.44
C SER DA 239 -110.95 -28.25 -24.61
N THR DA 240 -110.28 -27.45 -25.46
CA THR DA 240 -109.63 -27.92 -26.70
C THR DA 240 -108.10 -27.94 -26.61
N THR DA 241 -107.50 -27.44 -25.54
CA THR DA 241 -106.02 -27.25 -25.47
C THR DA 241 -105.27 -28.56 -25.67
N THR DA 242 -105.77 -29.69 -25.20
CA THR DA 242 -105.14 -31.00 -25.43
C THR DA 242 -105.06 -31.31 -26.94
N LEU DA 243 -106.02 -30.88 -27.75
CA LEU DA 243 -106.03 -31.14 -29.22
C LEU DA 243 -105.09 -30.18 -29.94
N ARG DA 244 -105.16 -28.89 -29.63
CA ARG DA 244 -104.41 -27.84 -30.38
C ARG DA 244 -102.92 -28.07 -30.25
N TYR DA 245 -102.38 -28.42 -29.08
CA TYR DA 245 -100.92 -28.57 -28.84
C TYR DA 245 -100.48 -29.98 -29.20
N PRO DA 246 -99.17 -30.24 -29.38
CA PRO DA 246 -98.66 -31.55 -29.75
C PRO DA 246 -98.62 -32.45 -28.52
N GLY DA 247 -98.15 -33.68 -28.65
CA GLY DA 247 -98.06 -34.65 -27.54
C GLY DA 247 -98.92 -35.84 -27.86
N TYR DA 248 -98.84 -36.91 -27.08
CA TYR DA 248 -99.58 -38.17 -27.36
C TYR DA 248 -100.79 -38.13 -26.45
N MET DA 249 -101.18 -36.94 -25.99
CA MET DA 249 -102.30 -36.73 -25.02
C MET DA 249 -103.63 -36.51 -25.74
N ASN DA 250 -104.44 -37.55 -25.96
CA ASN DA 250 -105.79 -37.35 -26.53
C ASN DA 250 -105.62 -36.45 -27.75
N ASN DA 251 -104.82 -36.87 -28.72
CA ASN DA 251 -104.48 -36.01 -29.88
C ASN DA 251 -105.74 -35.59 -30.64
N ASP DA 252 -106.71 -36.47 -30.82
CA ASP DA 252 -107.94 -36.20 -31.63
C ASP DA 252 -109.14 -35.91 -30.74
N LEU DA 253 -110.19 -35.26 -31.28
CA LEU DA 253 -111.41 -34.90 -30.55
C LEU DA 253 -112.11 -36.16 -30.16
N ILE DA 254 -112.44 -37.00 -31.11
CA ILE DA 254 -113.27 -38.23 -30.85
C ILE DA 254 -112.64 -39.08 -29.76
N GLY DA 255 -111.32 -39.18 -29.73
CA GLY DA 255 -110.65 -40.05 -28.74
C GLY DA 255 -111.00 -39.54 -27.36
N LEU DA 256 -111.02 -38.22 -27.18
CA LEU DA 256 -111.39 -37.56 -25.89
C LEU DA 256 -112.89 -37.69 -25.63
N ILE DA 257 -113.76 -37.45 -26.61
CA ILE DA 257 -115.26 -37.42 -26.44
C ILE DA 257 -115.75 -38.73 -25.82
N ALA DA 258 -115.21 -39.89 -26.18
CA ALA DA 258 -115.78 -41.19 -25.77
C ALA DA 258 -115.89 -41.32 -24.26
N SER DA 259 -114.83 -40.97 -23.52
CA SER DA 259 -114.79 -41.16 -22.04
C SER DA 259 -115.83 -40.30 -21.34
N LEU DA 260 -115.99 -39.06 -21.75
CA LEU DA 260 -116.90 -38.12 -21.07
C LEU DA 260 -118.37 -38.55 -21.27
N ILE DA 261 -118.77 -39.08 -22.43
CA ILE DA 261 -120.18 -39.48 -22.75
C ILE DA 261 -120.27 -41.01 -22.85
N PRO DA 262 -120.84 -41.73 -21.85
CA PRO DA 262 -120.91 -43.19 -21.85
C PRO DA 262 -122.23 -43.85 -22.28
N THR DA 263 -123.27 -43.07 -22.62
CA THR DA 263 -124.58 -43.59 -23.09
C THR DA 263 -125.01 -42.73 -24.27
N PRO DA 264 -125.70 -43.26 -25.29
CA PRO DA 264 -126.02 -42.43 -26.44
C PRO DA 264 -126.86 -41.24 -25.99
N ARG DA 265 -127.82 -41.46 -25.08
CA ARG DA 265 -128.74 -40.40 -24.59
C ARG DA 265 -128.08 -39.33 -23.70
N LEU DA 266 -127.22 -39.69 -22.74
CA LEU DA 266 -126.67 -38.71 -21.77
C LEU DA 266 -125.36 -38.14 -22.34
N HIS DA 267 -125.40 -36.99 -23.03
CA HIS DA 267 -124.22 -36.43 -23.70
C HIS DA 267 -123.98 -35.00 -23.25
N PHE DA 268 -124.51 -34.55 -22.11
CA PHE DA 268 -124.39 -33.16 -21.61
C PHE DA 268 -123.21 -33.10 -20.62
N LEU DA 269 -122.30 -32.14 -20.76
CA LEU DA 269 -121.06 -32.11 -19.93
C LEU DA 269 -120.97 -30.87 -19.05
N MET DA 270 -120.68 -31.06 -17.75
CA MET DA 270 -120.55 -29.96 -16.77
C MET DA 270 -119.14 -29.36 -16.86
N THR DA 271 -118.91 -28.12 -16.40
CA THR DA 271 -117.58 -27.45 -16.48
C THR DA 271 -117.13 -27.03 -15.08
N GLY DA 272 -115.83 -26.65 -14.92
CA GLY DA 272 -115.24 -26.14 -13.66
C GLY DA 272 -113.84 -25.61 -13.99
N TYR DA 273 -113.24 -24.74 -13.20
CA TYR DA 273 -111.90 -24.17 -13.48
C TYR DA 273 -111.23 -23.92 -12.13
N THR DA 274 -110.13 -24.59 -11.82
CA THR DA 274 -109.54 -24.53 -10.45
C THR DA 274 -109.17 -23.10 -10.09
N PRO DA 275 -108.53 -22.28 -10.94
CA PRO DA 275 -108.30 -20.89 -10.60
C PRO DA 275 -109.35 -20.03 -11.30
N LEU DA 276 -110.55 -19.91 -10.75
CA LEU DA 276 -111.56 -18.97 -11.32
C LEU DA 276 -110.82 -17.65 -11.23
N THR DA 277 -110.09 -17.41 -10.13
CA THR DA 277 -109.20 -16.24 -10.00
C THR DA 277 -107.82 -16.64 -10.54
N THR DA 278 -107.71 -16.96 -11.84
CA THR DA 278 -106.41 -17.28 -12.49
C THR DA 278 -105.52 -16.05 -12.52
N ASP DA 279 -106.10 -14.86 -12.71
CA ASP DA 279 -105.32 -13.59 -12.67
C ASP DA 279 -104.56 -13.54 -11.35
N LYS DA 287 -95.85 -21.86 -5.65
CA LYS DA 287 -96.47 -22.63 -6.77
C LYS DA 287 -97.68 -23.39 -6.23
N THR DA 288 -98.44 -24.13 -7.06
CA THR DA 288 -99.55 -25.00 -6.59
C THR DA 288 -99.28 -26.43 -7.05
N THR DA 289 -99.26 -27.40 -6.14
CA THR DA 289 -99.02 -28.83 -6.46
C THR DA 289 -100.26 -29.44 -7.10
N VAL DA 290 -100.09 -30.51 -7.85
CA VAL DA 290 -101.26 -31.16 -8.53
C VAL DA 290 -102.23 -31.60 -7.44
N LEU DA 291 -101.75 -32.08 -6.29
CA LEU DA 291 -102.69 -32.61 -5.27
C LEU DA 291 -103.67 -31.48 -4.97
N ASP DA 292 -103.20 -30.25 -4.89
CA ASP DA 292 -104.05 -29.09 -4.56
C ASP DA 292 -105.02 -28.71 -5.68
N VAL DA 293 -104.57 -28.64 -6.92
CA VAL DA 293 -105.44 -28.10 -8.00
C VAL DA 293 -106.59 -29.05 -8.26
N MET DA 294 -106.41 -30.34 -7.95
CA MET DA 294 -107.47 -31.36 -8.13
C MET DA 294 -108.53 -31.18 -7.05
N ARG DA 295 -108.12 -31.10 -5.79
CA ARG DA 295 -109.08 -31.02 -4.67
C ARG DA 295 -109.89 -29.76 -4.85
N ARG DA 296 -109.24 -28.67 -5.25
CA ARG DA 296 -109.92 -27.37 -5.36
C ARG DA 296 -111.06 -27.52 -6.35
N LEU DA 297 -110.81 -28.23 -7.45
CA LEU DA 297 -111.80 -28.35 -8.55
C LEU DA 297 -113.06 -29.08 -8.09
N LEU DA 298 -112.93 -30.16 -7.32
CA LEU DA 298 -114.11 -30.99 -6.94
C LEU DA 298 -115.04 -30.18 -6.05
N GLN DA 299 -114.53 -29.14 -5.40
CA GLN DA 299 -115.36 -28.28 -4.51
C GLN DA 299 -116.40 -27.59 -5.39
N PRO DA 300 -117.58 -27.20 -4.89
CA PRO DA 300 -118.62 -26.66 -5.76
C PRO DA 300 -118.51 -25.18 -6.13
N LYS DA 301 -117.68 -24.35 -5.49
CA LYS DA 301 -117.50 -22.94 -5.93
C LYS DA 301 -116.79 -22.98 -7.29
N ASN DA 302 -115.77 -23.82 -7.46
CA ASN DA 302 -115.04 -23.99 -8.74
C ASN DA 302 -115.97 -24.50 -9.85
N VAL DA 303 -117.08 -25.18 -9.55
CA VAL DA 303 -118.09 -25.61 -10.59
C VAL DA 303 -118.86 -24.39 -11.12
N MET DA 304 -119.20 -24.34 -12.42
CA MET DA 304 -119.86 -23.22 -13.15
C MET DA 304 -121.26 -23.60 -13.64
N VAL DA 305 -121.91 -24.59 -13.04
CA VAL DA 305 -123.29 -25.03 -13.37
C VAL DA 305 -124.11 -24.77 -12.11
N SER DA 306 -125.37 -24.33 -12.18
CA SER DA 306 -126.16 -23.90 -10.98
C SER DA 306 -127.14 -24.97 -10.48
N THR DA 313 -133.37 -38.04 -2.96
CA THR DA 313 -132.85 -38.93 -4.02
C THR DA 313 -131.33 -38.77 -4.10
N ASN DA 314 -130.59 -39.87 -4.17
CA ASN DA 314 -129.11 -39.84 -4.28
C ASN DA 314 -128.80 -39.19 -5.63
N HIS DA 315 -127.65 -38.54 -5.79
CA HIS DA 315 -127.22 -38.00 -7.10
C HIS DA 315 -125.74 -38.31 -7.22
N CYS DA 316 -125.27 -38.61 -8.42
CA CYS DA 316 -123.88 -39.03 -8.63
C CYS DA 316 -123.36 -38.76 -10.04
N TYR DA 317 -122.06 -38.42 -10.17
CA TYR DA 317 -121.39 -38.23 -11.49
C TYR DA 317 -121.38 -39.58 -12.22
N ILE DA 318 -121.40 -39.62 -13.57
CA ILE DA 318 -121.31 -40.88 -14.37
C ILE DA 318 -119.86 -41.20 -14.72
N ALA DA 319 -119.00 -40.22 -15.01
CA ALA DA 319 -117.55 -40.42 -15.23
C ALA DA 319 -116.91 -39.02 -15.22
N ILE DA 320 -115.70 -38.85 -14.68
CA ILE DA 320 -115.10 -37.49 -14.55
C ILE DA 320 -113.79 -37.50 -15.29
N LEU DA 321 -113.40 -36.37 -15.84
CA LEU DA 321 -112.06 -36.23 -16.51
C LEU DA 321 -111.48 -34.87 -16.11
N ASN DA 322 -110.14 -34.70 -16.07
CA ASN DA 322 -109.49 -33.40 -15.76
C ASN DA 322 -108.26 -33.17 -16.63
N ILE DA 323 -107.97 -31.93 -17.03
CA ILE DA 323 -106.76 -31.57 -17.83
C ILE DA 323 -106.06 -30.43 -17.10
N ILE DA 324 -104.74 -30.50 -16.92
CA ILE DA 324 -103.95 -29.48 -16.17
C ILE DA 324 -102.87 -28.89 -17.10
N GLN DA 325 -102.74 -27.55 -17.16
CA GLN DA 325 -101.70 -26.90 -18.01
C GLN DA 325 -100.86 -25.96 -17.18
N GLY DA 326 -99.66 -26.45 -16.81
CA GLY DA 326 -98.74 -25.59 -16.07
C GLY DA 326 -97.46 -26.29 -15.69
N GLU DA 327 -96.78 -25.78 -14.66
CA GLU DA 327 -95.51 -26.39 -14.18
C GLU DA 327 -95.90 -27.53 -13.25
N VAL DA 328 -96.23 -28.70 -13.81
CA VAL DA 328 -96.74 -29.85 -13.01
C VAL DA 328 -95.64 -30.91 -12.94
N ASP DA 329 -95.32 -31.38 -11.73
CA ASP DA 329 -94.33 -32.47 -11.59
C ASP DA 329 -94.95 -33.77 -12.09
N PRO DA 330 -94.22 -34.70 -12.74
CA PRO DA 330 -94.82 -35.97 -13.12
C PRO DA 330 -94.93 -37.04 -12.05
N THR DA 331 -93.92 -37.19 -11.18
CA THR DA 331 -93.91 -38.32 -10.21
C THR DA 331 -95.06 -38.24 -9.22
N GLN DA 332 -95.42 -37.03 -8.78
CA GLN DA 332 -96.49 -36.88 -7.76
C GLN DA 332 -97.85 -37.28 -8.32
N VAL DA 333 -98.06 -37.20 -9.65
CA VAL DA 333 -99.46 -37.47 -10.10
C VAL DA 333 -99.96 -38.80 -9.56
N HIS DA 334 -99.18 -39.88 -9.51
CA HIS DA 334 -99.77 -41.17 -9.02
C HIS DA 334 -100.06 -40.98 -7.54
N LYS DA 335 -99.14 -40.38 -6.80
CA LYS DA 335 -99.36 -40.11 -5.37
C LYS DA 335 -100.62 -39.26 -5.31
N SER DA 336 -100.73 -38.24 -6.16
CA SER DA 336 -101.89 -37.33 -6.27
C SER DA 336 -103.19 -38.02 -6.65
N LEU DA 337 -103.13 -38.96 -7.59
CA LEU DA 337 -104.32 -39.69 -8.07
C LEU DA 337 -104.83 -40.40 -6.83
N GLN DA 338 -103.95 -41.07 -6.07
CA GLN DA 338 -104.39 -41.88 -4.91
C GLN DA 338 -104.92 -41.00 -3.78
N ARG DA 339 -104.34 -39.81 -3.58
CA ARG DA 339 -104.76 -38.97 -2.42
C ARG DA 339 -106.23 -38.56 -2.57
N ILE DA 340 -106.65 -38.10 -3.74
CA ILE DA 340 -108.04 -37.60 -3.96
C ILE DA 340 -109.00 -38.77 -3.73
N ARG DA 341 -108.61 -39.97 -4.14
CA ARG DA 341 -109.46 -41.17 -4.01
C ARG DA 341 -109.78 -41.39 -2.54
N GLU DA 342 -108.79 -41.26 -1.67
CA GLU DA 342 -108.98 -41.47 -0.20
C GLU DA 342 -109.86 -40.36 0.38
N ARG DA 343 -109.67 -39.11 -0.05
CA ARG DA 343 -110.50 -37.96 0.42
C ARG DA 343 -111.93 -38.20 -0.03
N LYS DA 344 -112.12 -38.72 -1.25
CA LYS DA 344 -113.46 -38.95 -1.86
C LYS DA 344 -114.19 -37.60 -1.95
N LEU DA 345 -113.56 -36.51 -2.42
CA LEU DA 345 -114.34 -35.25 -2.44
C LEU DA 345 -115.43 -35.38 -3.50
N ALA DA 346 -115.27 -36.30 -4.48
CA ALA DA 346 -116.22 -36.48 -5.60
C ALA DA 346 -116.99 -37.77 -5.40
N ASN DA 347 -118.30 -37.69 -5.19
CA ASN DA 347 -119.09 -38.90 -4.83
C ASN DA 347 -119.86 -39.31 -6.08
N PHE DA 348 -119.61 -40.57 -6.53
CA PHE DA 348 -120.29 -41.13 -7.73
C PHE DA 348 -120.56 -42.62 -7.54
N ILE DA 349 -121.68 -43.14 -8.07
CA ILE DA 349 -122.08 -44.58 -7.95
C ILE DA 349 -122.81 -44.92 -9.25
N PRO DA 350 -122.20 -44.71 -10.44
CA PRO DA 350 -122.96 -44.90 -11.63
C PRO DA 350 -123.01 -46.35 -12.12
N TRP DA 351 -124.00 -46.69 -12.94
CA TRP DA 351 -124.03 -48.00 -13.65
C TRP DA 351 -122.68 -48.22 -14.34
N GLY DA 352 -121.99 -47.19 -14.80
CA GLY DA 352 -120.63 -47.37 -15.36
C GLY DA 352 -119.61 -47.78 -14.32
N PRO DA 353 -118.41 -48.27 -14.69
CA PRO DA 353 -117.34 -48.55 -13.74
C PRO DA 353 -116.34 -47.41 -13.91
N ALA DA 354 -116.79 -46.26 -14.42
CA ALA DA 354 -115.88 -45.16 -14.83
C ALA DA 354 -115.09 -44.59 -13.68
N SER DA 355 -113.88 -44.11 -13.97
CA SER DA 355 -112.96 -43.53 -12.97
C SER DA 355 -112.59 -42.11 -13.34
N ILE DA 356 -112.21 -41.29 -12.34
CA ILE DA 356 -111.67 -39.92 -12.61
C ILE DA 356 -110.38 -40.20 -13.36
N GLN DA 357 -110.08 -39.41 -14.36
CA GLN DA 357 -108.90 -39.66 -15.25
C GLN DA 357 -107.99 -38.44 -15.21
N VAL DA 358 -106.67 -38.60 -15.11
CA VAL DA 358 -105.70 -37.46 -15.04
C VAL DA 358 -105.12 -37.25 -16.43
N ALA DA 359 -105.13 -36.02 -16.92
CA ALA DA 359 -104.56 -35.69 -18.25
C ALA DA 359 -103.70 -34.46 -18.05
N LEU DA 360 -102.67 -34.20 -18.86
CA LEU DA 360 -101.73 -33.07 -18.62
C LEU DA 360 -101.35 -32.41 -19.95
N SER DA 361 -101.17 -31.09 -20.00
CA SER DA 361 -100.88 -30.31 -21.25
C SER DA 361 -99.89 -29.20 -20.95
N ARG DA 362 -99.42 -28.51 -21.97
CA ARG DA 362 -98.41 -27.43 -21.82
C ARG DA 362 -99.10 -26.10 -21.84
N LYS DA 363 -98.81 -25.25 -20.88
CA LYS DA 363 -99.30 -23.85 -20.94
C LYS DA 363 -98.50 -23.21 -22.06
N SER DA 364 -99.09 -22.26 -22.80
CA SER DA 364 -98.43 -21.60 -23.96
C SER DA 364 -97.43 -20.54 -23.52
N PRO DA 365 -96.40 -20.19 -24.31
CA PRO DA 365 -95.49 -19.13 -23.96
C PRO DA 365 -96.12 -17.81 -24.41
N TYR DA 366 -95.42 -16.67 -24.33
CA TYR DA 366 -95.88 -15.33 -24.79
C TYR DA 366 -96.92 -14.74 -23.84
N LEU DA 367 -98.06 -15.40 -23.65
CA LEU DA 367 -99.15 -14.89 -22.78
C LEU DA 367 -98.73 -15.12 -21.33
N PRO DA 368 -99.34 -14.44 -20.33
CA PRO DA 368 -98.89 -14.56 -18.95
C PRO DA 368 -98.93 -16.00 -18.43
N SER DA 369 -98.03 -16.39 -17.52
CA SER DA 369 -97.94 -17.75 -16.93
C SER DA 369 -98.46 -17.68 -15.49
N ALA DA 370 -99.30 -16.71 -15.18
CA ALA DA 370 -99.85 -16.49 -13.81
C ALA DA 370 -100.59 -17.76 -13.40
N HIS DA 371 -100.64 -18.11 -12.11
CA HIS DA 371 -101.21 -19.40 -11.70
C HIS DA 371 -100.44 -20.40 -12.55
N ARG DA 372 -99.14 -20.52 -12.27
CA ARG DA 372 -98.25 -21.35 -13.12
C ARG DA 372 -98.96 -22.67 -13.35
N VAL DA 373 -99.60 -23.27 -12.35
CA VAL DA 373 -100.43 -24.50 -12.54
C VAL DA 373 -101.90 -24.07 -12.50
N SER DA 374 -102.72 -24.43 -13.49
CA SER DA 374 -104.14 -24.00 -13.60
C SER DA 374 -104.90 -25.10 -14.34
N GLY DA 375 -106.10 -25.52 -13.90
CA GLY DA 375 -106.80 -26.68 -14.48
C GLY DA 375 -108.26 -26.46 -14.85
N LEU DA 376 -108.88 -27.43 -15.54
CA LEU DA 376 -110.32 -27.41 -15.91
C LEU DA 376 -110.84 -28.85 -15.75
N MET DA 377 -112.13 -29.07 -15.54
CA MET DA 377 -112.69 -30.45 -15.51
C MET DA 377 -113.94 -30.50 -16.38
N MET DA 378 -114.13 -31.56 -17.14
CA MET DA 378 -115.36 -31.79 -17.95
C MET DA 378 -115.93 -33.10 -17.40
N ALA DA 379 -117.19 -33.11 -16.94
CA ALA DA 379 -117.75 -34.32 -16.29
C ALA DA 379 -119.21 -34.56 -16.65
N ASN DA 380 -119.64 -35.82 -16.65
CA ASN DA 380 -121.05 -36.19 -16.91
C ASN DA 380 -121.68 -36.29 -15.54
N HIS DA 381 -122.58 -35.36 -15.18
CA HIS DA 381 -123.18 -35.32 -13.83
C HIS DA 381 -124.71 -35.35 -13.94
N THR DA 382 -125.42 -36.11 -13.10
CA THR DA 382 -126.89 -36.24 -13.13
C THR DA 382 -127.56 -35.00 -12.55
N SER DA 383 -126.81 -34.11 -11.91
CA SER DA 383 -127.38 -32.84 -11.36
C SER DA 383 -127.91 -31.99 -12.52
N ILE DA 384 -127.27 -32.02 -13.70
CA ILE DA 384 -127.68 -31.15 -14.84
C ILE DA 384 -129.11 -31.49 -15.24
N SER DA 385 -129.59 -32.69 -14.90
CA SER DA 385 -131.00 -33.08 -15.17
C SER DA 385 -131.92 -32.08 -14.50
N SER DA 386 -131.54 -31.61 -13.32
CA SER DA 386 -132.37 -30.68 -12.54
C SER DA 386 -132.55 -29.37 -13.34
N LEU DA 387 -131.50 -28.87 -13.98
CA LEU DA 387 -131.62 -27.62 -14.78
C LEU DA 387 -132.58 -27.85 -15.94
N PHE DA 388 -132.55 -29.01 -16.57
CA PHE DA 388 -133.47 -29.32 -17.69
C PHE DA 388 -134.90 -29.35 -17.15
N GLU DA 389 -135.13 -29.95 -15.99
CA GLU DA 389 -136.49 -30.08 -15.41
C GLU DA 389 -137.05 -28.70 -15.05
N ARG DA 390 -136.23 -27.73 -14.64
CA ARG DA 390 -136.68 -26.37 -14.24
C ARG DA 390 -137.29 -25.62 -15.41
N THR DA 391 -136.69 -25.71 -16.61
CA THR DA 391 -137.30 -25.10 -17.82
C THR DA 391 -138.54 -25.92 -18.19
N CYS DA 392 -138.50 -27.25 -18.02
CA CYS DA 392 -139.66 -28.13 -18.28
C CYS DA 392 -140.76 -27.77 -17.27
N ARG DA 393 -140.40 -27.38 -16.06
CA ARG DA 393 -141.36 -26.93 -15.02
C ARG DA 393 -141.95 -25.59 -15.47
N GLN DA 394 -141.13 -24.66 -15.92
CA GLN DA 394 -141.67 -23.34 -16.31
C GLN DA 394 -142.62 -23.64 -17.46
N TYR DA 395 -142.21 -24.46 -18.41
CA TYR DA 395 -143.01 -24.76 -19.63
C TYR DA 395 -144.31 -25.45 -19.27
N ASP DA 396 -144.26 -26.40 -18.37
CA ASP DA 396 -145.48 -27.18 -18.00
C ASP DA 396 -146.46 -26.17 -17.40
N LYS DA 397 -145.98 -25.30 -16.53
CA LYS DA 397 -146.84 -24.28 -15.89
C LYS DA 397 -147.36 -23.38 -17.01
N LEU DA 398 -146.47 -22.95 -17.91
CA LEU DA 398 -146.84 -22.03 -19.02
C LEU DA 398 -147.79 -22.72 -19.99
N ARG DA 399 -147.65 -24.03 -20.22
CA ARG DA 399 -148.46 -24.78 -21.22
C ARG DA 399 -149.91 -24.78 -20.76
N LYS DA 400 -150.14 -25.01 -19.48
CA LYS DA 400 -151.52 -25.09 -18.93
C LYS DA 400 -152.18 -23.73 -19.15
N ARG DA 401 -151.48 -22.66 -18.77
CA ARG DA 401 -152.03 -21.28 -18.88
C ARG DA 401 -152.23 -20.97 -20.36
N GLU DA 402 -151.30 -21.43 -21.21
CA GLU DA 402 -151.34 -21.08 -22.65
C GLU DA 402 -151.22 -19.56 -22.71
N ALA DA 403 -150.54 -18.98 -21.72
CA ALA DA 403 -150.42 -17.50 -21.64
C ALA DA 403 -149.68 -16.99 -22.87
N PHE DA 404 -148.65 -17.73 -23.30
CA PHE DA 404 -147.83 -17.24 -24.44
C PHE DA 404 -147.78 -18.34 -25.49
N LEU DA 405 -148.89 -18.56 -26.19
CA LEU DA 405 -148.91 -19.53 -27.30
C LEU DA 405 -148.38 -18.79 -28.53
N GLU DA 406 -148.11 -17.48 -28.38
CA GLU DA 406 -147.66 -16.62 -29.50
C GLU DA 406 -148.85 -16.46 -30.45
N GLN DA 407 -149.39 -17.57 -30.92
CA GLN DA 407 -150.52 -17.55 -31.88
C GLN DA 407 -150.15 -16.57 -32.98
N PHE DA 408 -148.86 -16.19 -33.03
CA PHE DA 408 -148.42 -15.34 -34.17
C PHE DA 408 -148.67 -16.21 -35.39
N ARG DA 409 -149.04 -15.63 -36.52
CA ARG DA 409 -149.45 -16.45 -37.68
C ARG DA 409 -148.26 -17.34 -38.05
N LYS DA 410 -147.04 -16.82 -37.98
CA LYS DA 410 -145.85 -17.68 -38.20
C LYS DA 410 -145.95 -18.87 -37.25
N GLU DA 411 -146.16 -18.63 -35.96
CA GLU DA 411 -146.18 -19.71 -34.93
C GLU DA 411 -147.31 -20.70 -35.21
N ASP DA 412 -148.53 -20.21 -35.46
CA ASP DA 412 -149.71 -21.09 -35.68
C ASP DA 412 -149.60 -21.79 -37.03
N MET DA 413 -149.26 -21.07 -38.10
CA MET DA 413 -149.19 -21.66 -39.46
C MET DA 413 -148.06 -22.68 -39.50
N PHE DA 414 -146.91 -22.35 -38.90
CA PHE DA 414 -145.78 -23.31 -38.83
C PHE DA 414 -146.21 -24.50 -37.98
N LYS DA 415 -146.89 -24.24 -36.86
CA LYS DA 415 -147.31 -25.31 -35.91
C LYS DA 415 -148.78 -25.12 -35.51
N ASP DA 416 -149.71 -25.60 -36.34
CA ASP DA 416 -151.16 -25.53 -36.03
C ASP DA 416 -151.48 -26.56 -34.95
N ASN DA 417 -150.97 -27.79 -35.05
CA ASN DA 417 -151.20 -28.86 -34.04
C ASN DA 417 -150.55 -28.46 -32.72
N PHE DA 418 -149.39 -27.81 -32.73
CA PHE DA 418 -148.62 -27.44 -31.51
C PHE DA 418 -148.20 -28.74 -30.83
N ASP DA 419 -148.04 -29.83 -31.59
CA ASP DA 419 -147.71 -31.17 -31.02
C ASP DA 419 -146.22 -31.48 -31.03
N GLU DA 420 -145.38 -30.67 -31.68
CA GLU DA 420 -143.90 -30.85 -31.59
C GLU DA 420 -143.47 -30.50 -30.16
N MET DA 421 -144.18 -29.56 -29.54
CA MET DA 421 -143.88 -29.17 -28.15
C MET DA 421 -144.18 -30.37 -27.26
N ASP DA 422 -145.29 -31.08 -27.50
CA ASP DA 422 -145.63 -32.31 -26.74
C ASP DA 422 -144.66 -33.44 -27.11
N THR DA 423 -144.25 -33.54 -28.38
CA THR DA 423 -143.25 -34.55 -28.81
C THR DA 423 -141.96 -34.23 -28.06
N SER DA 424 -141.62 -32.96 -27.97
CA SER DA 424 -140.41 -32.51 -27.26
C SER DA 424 -140.55 -32.82 -25.77
N ARG DA 425 -141.75 -32.62 -25.22
CA ARG DA 425 -141.98 -32.82 -23.77
C ARG DA 425 -141.76 -34.28 -23.40
N GLU DA 426 -142.26 -35.23 -24.20
CA GLU DA 426 -142.05 -36.68 -23.92
C GLU DA 426 -140.57 -37.03 -24.09
N ILE DA 427 -139.90 -36.49 -25.11
CA ILE DA 427 -138.48 -36.84 -25.39
C ILE DA 427 -137.60 -36.32 -24.25
N VAL DA 428 -137.82 -35.09 -23.79
CA VAL DA 428 -137.02 -34.50 -22.67
C VAL DA 428 -137.39 -35.21 -21.37
N GLN DA 429 -138.65 -35.62 -21.18
CA GLN DA 429 -139.08 -36.38 -19.98
C GLN DA 429 -138.40 -37.73 -20.00
N GLN DA 430 -138.25 -38.35 -21.17
CA GLN DA 430 -137.51 -39.63 -21.29
C GLN DA 430 -136.10 -39.34 -20.80
N LEU DA 431 -135.51 -38.22 -21.24
CA LEU DA 431 -134.14 -37.81 -20.82
C LEU DA 431 -134.11 -37.58 -19.31
N ILE DA 432 -135.11 -36.90 -18.76
CA ILE DA 432 -135.15 -36.60 -17.30
C ILE DA 432 -135.20 -37.95 -16.61
N ASP DA 433 -136.02 -38.87 -17.12
CA ASP DA 433 -136.18 -40.22 -16.53
C ASP DA 433 -134.85 -40.98 -16.68
N GLU DA 434 -134.25 -40.94 -17.85
CA GLU DA 434 -133.03 -41.74 -18.10
C GLU DA 434 -131.99 -41.34 -17.08
N TYR DA 435 -131.79 -40.04 -16.87
CA TYR DA 435 -130.76 -39.55 -15.94
C TYR DA 435 -130.98 -40.24 -14.61
N HIS DA 436 -132.17 -40.12 -14.03
CA HIS DA 436 -132.42 -40.66 -12.66
C HIS DA 436 -132.24 -42.17 -12.70
N ALA DA 437 -132.51 -42.82 -13.83
CA ALA DA 437 -132.30 -44.27 -13.98
C ALA DA 437 -130.81 -44.52 -13.84
N ALA DA 438 -130.00 -43.61 -14.34
CA ALA DA 438 -128.53 -43.73 -14.25
C ALA DA 438 -128.13 -43.80 -12.78
N THR DA 439 -128.75 -42.99 -11.93
CA THR DA 439 -128.47 -42.95 -10.48
C THR DA 439 -128.78 -44.32 -9.90
N ARG DA 440 -129.80 -45.00 -10.40
CA ARG DA 440 -130.26 -46.29 -9.82
C ARG DA 440 -129.20 -47.36 -10.06
N PRO DA 441 -129.23 -48.50 -9.33
CA PRO DA 441 -128.30 -49.60 -9.56
C PRO DA 441 -128.50 -50.39 -10.86
N ASP DA 442 -129.62 -50.23 -11.58
CA ASP DA 442 -129.93 -51.07 -12.78
C ASP DA 442 -130.09 -50.27 -14.07
N TYR DA 443 -129.14 -49.43 -14.48
CA TYR DA 443 -129.19 -48.76 -15.80
C TYR DA 443 -128.66 -49.82 -16.75
N ILE DA 444 -128.27 -50.98 -16.22
CA ILE DA 444 -127.90 -52.16 -17.05
C ILE DA 444 -129.18 -52.47 -17.82
N SER DA 445 -130.35 -52.38 -17.17
CA SER DA 445 -131.67 -52.57 -17.83
C SER DA 445 -132.06 -51.26 -18.52
N TRP DA 446 -133.16 -51.23 -19.26
CA TRP DA 446 -133.55 -50.03 -20.05
C TRP DA 446 -133.70 -48.82 -19.11
N GLY DA 447 -133.24 -47.64 -19.53
CA GLY DA 447 -133.32 -46.42 -18.71
C GLY DA 447 -134.63 -46.31 -17.95
N ARG EA 3 -83.60 -14.96 -81.90
CA ARG EA 3 -84.60 -14.62 -82.95
C ARG EA 3 -85.34 -13.34 -82.54
N GLU EA 4 -85.19 -12.26 -83.30
CA GLU EA 4 -85.80 -10.94 -82.95
C GLU EA 4 -87.32 -10.94 -83.13
N ILE EA 5 -88.05 -10.21 -82.27
CA ILE EA 5 -89.52 -10.08 -82.45
C ILE EA 5 -89.86 -8.61 -82.69
N ILE EA 6 -90.92 -8.33 -83.46
CA ILE EA 6 -91.35 -6.93 -83.74
C ILE EA 6 -92.74 -6.73 -83.14
N THR EA 7 -92.90 -5.77 -82.23
CA THR EA 7 -94.20 -5.60 -81.53
C THR EA 7 -95.08 -4.62 -82.29
N LEU EA 8 -96.13 -5.11 -82.95
CA LEU EA 8 -97.03 -4.14 -83.62
C LEU EA 8 -97.92 -3.51 -82.56
N GLN EA 9 -97.40 -2.52 -81.82
CA GLN EA 9 -98.20 -1.81 -80.78
C GLN EA 9 -99.10 -0.83 -81.52
N LEU EA 10 -100.41 -0.87 -81.27
CA LEU EA 10 -101.40 -0.03 -82.02
C LEU EA 10 -102.48 0.52 -81.09
N GLY EA 11 -103.06 1.68 -81.41
CA GLY EA 11 -104.16 2.28 -80.64
C GLY EA 11 -103.60 3.04 -79.45
N GLN EA 12 -104.32 4.02 -78.91
CA GLN EA 12 -103.77 4.85 -77.82
C GLN EA 12 -103.45 3.97 -76.60
N CYS EA 13 -104.38 3.10 -76.20
CA CYS EA 13 -104.19 2.21 -75.03
C CYS EA 13 -103.04 1.25 -75.32
N GLY EA 14 -103.01 0.64 -76.49
CA GLY EA 14 -101.96 -0.32 -76.86
C GLY EA 14 -100.62 0.38 -76.94
N ASN EA 15 -100.59 1.61 -77.46
CA ASN EA 15 -99.35 2.41 -77.59
C ASN EA 15 -98.83 2.79 -76.21
N GLN EA 16 -99.72 2.98 -75.23
CA GLN EA 16 -99.32 3.27 -73.83
C GLN EA 16 -98.58 2.08 -73.20
N ILE EA 17 -98.99 0.82 -73.45
CA ILE EA 17 -98.41 -0.37 -72.74
C ILE EA 17 -97.15 -0.84 -73.48
N GLY EA 18 -97.01 -0.54 -74.77
CA GLY EA 18 -95.78 -0.81 -75.56
C GLY EA 18 -94.74 0.22 -75.19
N PHE EA 19 -95.18 1.46 -74.98
CA PHE EA 19 -94.23 2.54 -74.59
C PHE EA 19 -93.56 2.10 -73.30
N GLU EA 20 -94.36 1.70 -72.32
CA GLU EA 20 -93.85 1.27 -70.99
C GLU EA 20 -93.07 -0.05 -71.04
N PHE EA 21 -93.53 -1.04 -71.81
CA PHE EA 21 -92.87 -2.37 -71.88
C PHE EA 21 -91.45 -2.19 -72.39
N TRP EA 22 -91.28 -1.38 -73.44
CA TRP EA 22 -89.93 -1.10 -74.02
C TRP EA 22 -89.10 -0.33 -72.99
N LYS EA 23 -89.71 0.61 -72.28
CA LYS EA 23 -89.01 1.40 -71.23
C LYS EA 23 -88.59 0.44 -70.11
N GLN EA 24 -89.44 -0.52 -69.78
CA GLN EA 24 -89.18 -1.49 -68.69
C GLN EA 24 -87.94 -2.32 -69.04
N LEU EA 25 -87.81 -2.73 -70.30
CA LEU EA 25 -86.64 -3.49 -70.81
C LEU EA 25 -85.51 -2.52 -71.09
N CYS EA 26 -85.75 -1.20 -71.10
CA CYS EA 26 -84.60 -0.26 -71.25
C CYS EA 26 -83.77 -0.35 -69.97
N ALA EA 27 -84.37 -0.08 -68.81
CA ALA EA 27 -83.67 -0.12 -67.52
C ALA EA 27 -83.22 -1.56 -67.22
N GLU EA 28 -84.07 -2.56 -67.46
CA GLU EA 28 -83.78 -3.96 -67.10
C GLU EA 28 -82.57 -4.43 -67.89
N HIS EA 29 -82.52 -4.12 -69.18
CA HIS EA 29 -81.36 -4.44 -70.01
C HIS EA 29 -80.35 -3.34 -69.86
N GLY EA 30 -79.17 -3.49 -70.46
CA GLY EA 30 -78.15 -2.43 -70.46
C GLY EA 30 -78.42 -1.43 -71.56
N ILE EA 31 -79.43 -0.58 -71.41
CA ILE EA 31 -79.79 0.45 -72.42
C ILE EA 31 -80.12 1.75 -71.68
N SER EA 32 -79.75 2.90 -72.26
CA SER EA 32 -80.03 4.24 -71.68
C SER EA 32 -81.17 4.89 -72.46
N PRO EA 33 -81.73 6.07 -72.08
CA PRO EA 33 -82.91 6.65 -72.75
C PRO EA 33 -82.72 6.95 -74.25
N GLU EA 34 -81.53 7.38 -74.65
CA GLU EA 34 -81.25 7.65 -76.08
C GLU EA 34 -81.21 6.31 -76.83
N GLY EA 35 -81.07 5.20 -76.12
CA GLY EA 35 -80.88 3.90 -76.79
C GLY EA 35 -79.39 3.66 -76.88
N ILE EA 36 -78.60 4.67 -76.50
CA ILE EA 36 -77.13 4.46 -76.43
C ILE EA 36 -76.89 3.50 -75.26
N VAL EA 37 -75.78 2.77 -75.24
CA VAL EA 37 -75.57 1.72 -74.20
C VAL EA 37 -75.51 2.33 -72.80
N GLU EA 38 -76.02 1.60 -71.80
CA GLU EA 38 -75.93 2.07 -70.40
C GLU EA 38 -74.46 2.14 -70.02
N GLU EA 39 -74.08 3.13 -69.21
CA GLU EA 39 -72.65 3.31 -68.82
C GLU EA 39 -72.14 2.12 -68.01
N PHE EA 40 -72.98 1.60 -67.10
CA PHE EA 40 -72.56 0.46 -66.24
C PHE EA 40 -72.26 -0.76 -67.10
N ALA EA 41 -73.07 -1.01 -68.13
CA ALA EA 41 -72.88 -2.20 -68.99
C ALA EA 41 -71.70 -1.98 -69.93
N THR EA 45 -74.25 -10.15 -70.68
CA THR EA 45 -74.70 -11.49 -70.28
C THR EA 45 -76.13 -11.55 -70.81
N ASP EA 46 -76.83 -10.42 -70.72
CA ASP EA 46 -78.19 -10.36 -71.31
C ASP EA 46 -78.03 -10.29 -72.82
N ARG EA 47 -78.89 -10.96 -73.58
CA ARG EA 47 -78.83 -10.82 -75.05
C ARG EA 47 -79.86 -9.77 -75.42
N LYS EA 48 -79.40 -8.61 -75.91
CA LYS EA 48 -80.35 -7.51 -76.25
C LYS EA 48 -80.81 -7.66 -77.71
N ASP EA 49 -80.19 -8.55 -78.48
CA ASP EA 49 -80.51 -8.66 -79.92
C ASP EA 49 -81.97 -9.04 -80.16
N VAL EA 50 -82.50 -9.95 -79.35
CA VAL EA 50 -83.91 -10.40 -79.51
C VAL EA 50 -84.82 -9.17 -79.55
N PHE EA 51 -84.75 -8.32 -78.53
CA PHE EA 51 -85.73 -7.20 -78.46
C PHE EA 51 -85.13 -5.87 -78.91
N PHE EA 52 -83.85 -5.82 -79.28
CA PHE EA 52 -83.29 -4.48 -79.63
C PHE EA 52 -82.39 -4.63 -80.86
N TYR EA 53 -82.67 -3.83 -81.90
CA TYR EA 53 -81.81 -3.84 -83.11
C TYR EA 53 -80.41 -3.37 -82.70
N GLN EA 54 -79.42 -4.25 -82.83
CA GLN EA 54 -78.05 -3.90 -82.36
C GLN EA 54 -77.22 -3.44 -83.56
N ALA EA 55 -76.62 -2.26 -83.46
CA ALA EA 55 -75.82 -1.70 -84.58
C ALA EA 55 -74.56 -1.06 -83.99
N ASP EA 56 -73.53 -0.82 -84.81
CA ASP EA 56 -72.36 -0.07 -84.29
C ASP EA 56 -72.89 1.33 -84.00
N ASP EA 57 -74.08 1.64 -84.52
CA ASP EA 57 -74.73 2.92 -84.18
C ASP EA 57 -74.95 2.89 -82.67
N GLU EA 58 -74.67 4.00 -81.99
CA GLU EA 58 -74.76 4.00 -80.50
C GLU EA 58 -76.20 3.64 -80.12
N HIS EA 59 -77.17 4.11 -80.90
CA HIS EA 59 -78.59 3.87 -80.55
C HIS EA 59 -78.97 2.43 -80.92
N TYR EA 60 -79.27 1.59 -79.92
CA TYR EA 60 -79.77 0.22 -80.21
C TYR EA 60 -81.30 0.30 -80.27
N ILE EA 61 -81.85 0.77 -81.40
CA ILE EA 61 -83.32 0.97 -81.51
C ILE EA 61 -84.04 -0.37 -81.37
N PRO EA 62 -85.12 -0.49 -80.57
CA PRO EA 62 -85.91 -1.73 -80.49
C PRO EA 62 -86.80 -1.88 -81.72
N ARG EA 63 -87.26 -3.10 -81.98
CA ARG EA 63 -88.21 -3.31 -83.11
C ARG EA 63 -89.62 -2.97 -82.62
N ALA EA 64 -89.93 -1.69 -82.48
CA ALA EA 64 -91.26 -1.25 -82.01
C ALA EA 64 -92.00 -0.60 -83.19
N VAL EA 65 -93.21 -1.08 -83.48
CA VAL EA 65 -94.03 -0.45 -84.56
C VAL EA 65 -95.14 0.36 -83.90
N LEU EA 66 -95.18 1.67 -84.17
CA LEU EA 66 -96.19 2.55 -83.53
C LEU EA 66 -97.17 3.07 -84.59
N LEU EA 67 -98.47 2.82 -84.42
CA LEU EA 67 -99.49 3.27 -85.40
C LEU EA 67 -100.38 4.29 -84.70
N ASP EA 68 -100.59 5.44 -85.33
CA ASP EA 68 -101.39 6.51 -84.70
C ASP EA 68 -102.63 6.76 -85.56
N LEU EA 69 -103.79 6.83 -84.92
CA LEU EA 69 -105.03 7.14 -85.68
C LEU EA 69 -105.66 8.34 -85.00
N GLU EA 70 -105.81 9.47 -85.72
CA GLU EA 70 -106.37 10.70 -85.10
C GLU EA 70 -105.47 10.99 -83.89
N PRO EA 71 -104.13 11.07 -84.05
CA PRO EA 71 -103.22 11.11 -82.90
C PRO EA 71 -103.27 12.22 -81.84
N ARG EA 72 -103.08 11.84 -80.58
CA ARG EA 72 -103.01 12.79 -79.42
C ARG EA 72 -101.89 12.29 -78.51
N VAL EA 73 -101.94 11.04 -78.05
CA VAL EA 73 -100.93 10.43 -77.13
C VAL EA 73 -99.76 9.91 -77.94
N ILE EA 74 -99.84 9.86 -79.24
CA ILE EA 74 -98.64 9.44 -80.01
C ILE EA 74 -97.74 10.65 -79.98
N HIS EA 75 -98.31 11.83 -79.79
CA HIS EA 75 -97.54 13.10 -79.73
C HIS EA 75 -96.79 13.17 -78.40
N SER EA 76 -97.42 12.80 -77.27
CA SER EA 76 -96.81 12.74 -75.92
C SER EA 76 -95.67 11.71 -75.89
N ILE EA 77 -95.82 10.59 -76.61
CA ILE EA 77 -94.76 9.53 -76.71
C ILE EA 77 -93.54 10.20 -77.35
N LEU EA 78 -93.76 11.01 -78.39
CA LEU EA 78 -92.65 11.73 -79.10
C LEU EA 78 -91.95 12.73 -78.19
N ASN EA 79 -92.67 13.49 -77.36
CA ASN EA 79 -91.97 14.41 -76.41
C ASN EA 79 -91.59 13.62 -75.16
N SER EA 80 -90.61 12.73 -75.28
CA SER EA 80 -90.13 11.91 -74.14
C SER EA 80 -88.61 11.78 -74.21
N PRO EA 81 -87.88 11.50 -73.12
CA PRO EA 81 -86.44 11.26 -73.20
C PRO EA 81 -86.10 10.02 -74.03
N TYR EA 82 -87.05 9.10 -74.19
CA TYR EA 82 -86.83 7.81 -74.89
C TYR EA 82 -87.19 7.91 -76.37
N ALA EA 83 -87.51 9.10 -76.87
CA ALA EA 83 -87.88 9.29 -78.28
C ALA EA 83 -86.75 8.78 -79.18
N LYS EA 84 -85.49 9.05 -78.80
CA LYS EA 84 -84.30 8.57 -79.56
C LYS EA 84 -84.17 7.05 -79.43
N LEU EA 85 -84.58 6.47 -78.30
CA LEU EA 85 -84.37 5.01 -78.07
C LEU EA 85 -85.11 4.22 -79.14
N TYR EA 86 -86.37 4.58 -79.43
CA TYR EA 86 -87.17 3.91 -80.47
C TYR EA 86 -87.14 4.83 -81.68
N ASN EA 87 -86.22 4.60 -82.62
CA ASN EA 87 -86.19 5.38 -83.88
C ASN EA 87 -86.05 4.45 -85.08
N PRO EA 88 -87.06 3.61 -85.40
CA PRO EA 88 -87.06 2.90 -86.66
C PRO EA 88 -87.69 3.93 -87.60
N GLU EA 89 -88.06 5.12 -87.09
CA GLU EA 89 -88.63 6.21 -87.92
C GLU EA 89 -89.83 5.62 -88.67
N ASN EA 90 -90.70 4.91 -87.96
CA ASN EA 90 -91.87 4.21 -88.57
C ASN EA 90 -93.15 4.49 -87.81
N ILE EA 91 -93.65 5.72 -87.81
CA ILE EA 91 -94.96 6.08 -87.17
C ILE EA 91 -95.79 6.75 -88.27
N TYR EA 92 -97.02 6.29 -88.56
CA TYR EA 92 -97.83 6.79 -89.70
C TYR EA 92 -99.21 7.29 -89.31
N LEU EA 93 -99.62 8.46 -89.82
CA LEU EA 93 -100.97 9.04 -89.55
C LEU EA 93 -101.97 8.49 -90.58
N GLY EA 101 -112.08 6.96 -84.98
CA GLY EA 101 -113.41 6.92 -84.35
C GLY EA 101 -113.45 5.94 -83.19
N ASN EA 102 -114.52 5.95 -82.40
CA ASN EA 102 -114.66 5.06 -81.22
C ASN EA 102 -115.44 3.81 -81.63
N ASN EA 103 -115.65 3.59 -82.93
CA ASN EA 103 -116.43 2.43 -83.44
C ASN EA 103 -115.52 1.35 -84.02
N TRP EA 104 -115.89 0.08 -83.87
CA TRP EA 104 -115.07 -1.05 -84.42
C TRP EA 104 -115.08 -0.91 -85.93
N ALA EA 105 -116.24 -0.63 -86.52
CA ALA EA 105 -116.36 -0.42 -87.98
C ALA EA 105 -115.56 0.83 -88.35
N SER EA 106 -115.60 1.89 -87.54
CA SER EA 106 -114.90 3.16 -87.83
C SER EA 106 -113.39 2.92 -87.92
N GLY EA 107 -112.81 2.07 -87.07
CA GLY EA 107 -111.37 1.73 -87.02
C GLY EA 107 -110.99 0.85 -88.19
N PHE EA 108 -111.82 -0.15 -88.52
CA PHE EA 108 -111.54 -1.14 -89.60
C PHE EA 108 -111.45 -0.43 -90.94
N SER EA 109 -112.36 0.51 -91.22
CA SER EA 109 -112.41 1.25 -92.50
C SER EA 109 -111.18 2.15 -92.64
N GLN EA 110 -110.79 2.84 -91.56
CA GLN EA 110 -109.63 3.77 -91.58
C GLN EA 110 -108.37 2.96 -91.89
N GLY EA 111 -108.26 1.76 -91.33
CA GLY EA 111 -107.08 0.89 -91.54
C GLY EA 111 -106.96 0.46 -92.99
N GLU EA 112 -108.06 0.16 -93.65
CA GLU EA 112 -108.07 -0.37 -95.05
C GLU EA 112 -107.45 0.58 -96.09
N LYS EA 113 -107.67 1.89 -96.02
CA LYS EA 113 -107.10 2.90 -96.96
C LYS EA 113 -105.58 3.04 -96.79
N ILE EA 114 -105.07 2.92 -95.56
CA ILE EA 114 -103.62 3.10 -95.24
C ILE EA 114 -102.95 1.74 -95.11
N HIS EA 115 -103.62 0.64 -95.50
CA HIS EA 115 -103.08 -0.72 -95.23
C HIS EA 115 -101.70 -0.91 -95.86
N GLU EA 116 -101.48 -0.47 -97.10
CA GLU EA 116 -100.22 -0.73 -97.86
C GLU EA 116 -98.96 -0.02 -97.31
N ASP EA 117 -99.07 1.22 -96.84
CA ASP EA 117 -97.91 1.97 -96.24
C ASP EA 117 -97.59 1.40 -94.86
N ILE EA 118 -98.62 1.07 -94.07
CA ILE EA 118 -98.38 0.45 -92.73
C ILE EA 118 -97.79 -0.93 -93.00
N PHE EA 119 -98.24 -1.63 -94.04
CA PHE EA 119 -97.74 -2.99 -94.39
C PHE EA 119 -96.32 -2.93 -94.93
N ASP EA 120 -95.92 -1.86 -95.64
CA ASP EA 120 -94.52 -1.68 -96.12
C ASP EA 120 -93.61 -1.45 -94.92
N ILE EA 121 -94.10 -0.74 -93.91
CA ILE EA 121 -93.34 -0.48 -92.63
C ILE EA 121 -93.11 -1.85 -91.98
N ILE EA 122 -94.06 -2.78 -92.08
CA ILE EA 122 -93.88 -4.18 -91.57
C ILE EA 122 -92.80 -4.83 -92.42
N ASP EA 123 -92.84 -4.63 -93.74
CA ASP EA 123 -91.87 -5.28 -94.65
C ASP EA 123 -90.45 -4.81 -94.35
N ARG EA 124 -90.24 -3.49 -94.27
CA ARG EA 124 -88.91 -2.89 -94.01
C ARG EA 124 -88.25 -3.66 -92.88
N GLU EA 125 -88.93 -3.76 -91.74
CA GLU EA 125 -88.33 -4.40 -90.54
C GLU EA 125 -88.06 -5.87 -90.85
N ALA EA 126 -88.98 -6.55 -91.55
CA ALA EA 126 -88.83 -7.99 -91.87
C ALA EA 126 -87.59 -8.19 -92.73
N ASP EA 127 -87.37 -7.29 -93.68
CA ASP EA 127 -86.16 -7.34 -94.56
C ASP EA 127 -84.92 -7.04 -93.74
N GLY EA 128 -84.99 -6.04 -92.85
CA GLY EA 128 -83.82 -5.59 -92.05
C GLY EA 128 -83.31 -6.67 -91.12
N SER EA 129 -84.23 -7.33 -90.41
CA SER EA 129 -83.81 -8.30 -89.38
C SER EA 129 -83.26 -9.57 -90.02
N ASP EA 130 -82.42 -10.33 -89.29
CA ASP EA 130 -81.97 -11.63 -89.83
C ASP EA 130 -83.19 -12.53 -89.96
N SER EA 131 -83.85 -12.85 -88.84
CA SER EA 131 -85.09 -13.66 -88.89
C SER EA 131 -86.11 -13.11 -87.88
N LEU EA 132 -87.40 -13.06 -88.26
CA LEU EA 132 -88.46 -12.54 -87.35
C LEU EA 132 -89.36 -13.70 -86.90
N GLU EA 133 -89.30 -14.05 -85.62
CA GLU EA 133 -90.11 -15.18 -85.08
C GLU EA 133 -91.61 -14.86 -85.17
N GLY EA 134 -92.00 -13.65 -84.78
CA GLY EA 134 -93.44 -13.30 -84.75
C GLY EA 134 -93.66 -11.80 -84.62
N PHE EA 135 -94.90 -11.35 -84.72
CA PHE EA 135 -95.23 -9.92 -84.51
C PHE EA 135 -96.06 -9.83 -83.22
N VAL EA 136 -95.74 -8.91 -82.31
CA VAL EA 136 -96.46 -8.89 -80.99
C VAL EA 136 -97.40 -7.70 -80.96
N LEU EA 137 -98.69 -7.93 -80.73
CA LEU EA 137 -99.64 -6.80 -80.80
C LEU EA 137 -100.06 -6.39 -79.40
N CYS EA 138 -99.73 -5.17 -78.98
CA CYS EA 138 -100.23 -4.65 -77.68
C CYS EA 138 -101.66 -4.25 -77.98
N HIS EA 139 -102.47 -5.23 -78.37
CA HIS EA 139 -103.87 -4.96 -78.82
C HIS EA 139 -104.75 -4.46 -77.69
N SER EA 140 -105.71 -3.58 -78.00
CA SER EA 140 -106.75 -3.13 -77.02
C SER EA 140 -108.09 -3.64 -77.55
N ILE EA 141 -108.81 -4.49 -76.82
CA ILE EA 141 -110.14 -5.03 -77.26
C ILE EA 141 -111.16 -3.94 -76.99
N ALA EA 142 -112.13 -3.72 -77.90
CA ALA EA 142 -113.12 -2.62 -77.76
C ALA EA 142 -112.30 -1.39 -77.41
N GLY EA 143 -111.26 -1.10 -78.20
CA GLY EA 143 -110.33 0.02 -77.97
C GLY EA 143 -110.66 1.23 -78.81
N GLY EA 144 -111.91 1.37 -79.26
CA GLY EA 144 -112.25 2.47 -80.17
C GLY EA 144 -111.45 2.28 -81.43
N THR EA 145 -110.48 3.15 -81.69
CA THR EA 145 -109.59 3.03 -82.86
C THR EA 145 -108.77 1.75 -82.75
N GLY EA 146 -108.33 1.39 -81.55
CA GLY EA 146 -107.45 0.21 -81.36
C GLY EA 146 -108.11 -1.06 -81.86
N SER EA 147 -109.38 -1.29 -81.57
CA SER EA 147 -110.14 -2.45 -82.10
C SER EA 147 -110.63 -2.07 -83.48
N GLY EA 148 -110.93 -3.02 -84.35
CA GLY EA 148 -111.29 -2.70 -85.74
C GLY EA 148 -110.04 -2.53 -86.57
N LEU EA 149 -109.17 -1.57 -86.24
CA LEU EA 149 -107.88 -1.47 -86.95
C LEU EA 149 -107.06 -2.70 -86.60
N GLY EA 150 -107.14 -3.15 -85.35
CA GLY EA 150 -106.30 -4.27 -84.88
C GLY EA 150 -106.76 -5.59 -85.45
N SER EA 151 -108.06 -5.80 -85.61
CA SER EA 151 -108.69 -7.00 -86.18
C SER EA 151 -108.29 -7.09 -87.66
N TYR EA 152 -108.37 -5.97 -88.38
CA TYR EA 152 -108.05 -5.95 -89.83
C TYR EA 152 -106.58 -6.30 -90.04
N LEU EA 153 -105.70 -5.71 -89.24
CA LEU EA 153 -104.25 -5.92 -89.36
C LEU EA 153 -103.96 -7.35 -88.94
N LEU EA 154 -104.78 -7.92 -88.04
CA LEU EA 154 -104.63 -9.33 -87.60
C LEU EA 154 -104.91 -10.24 -88.79
N GLU EA 155 -105.91 -9.90 -89.61
CA GLU EA 155 -106.31 -10.73 -90.77
C GLU EA 155 -105.25 -10.67 -91.89
N ARG EA 156 -104.66 -9.51 -92.14
CA ARG EA 156 -103.66 -9.35 -93.22
C ARG EA 156 -102.38 -10.11 -92.90
N LEU EA 157 -101.94 -10.06 -91.64
CA LEU EA 157 -100.63 -10.64 -91.26
C LEU EA 157 -100.57 -12.14 -91.51
N ASN EA 158 -101.61 -12.89 -91.17
CA ASN EA 158 -101.58 -14.37 -91.32
C ASN EA 158 -101.47 -14.74 -92.80
N ASP EA 159 -102.23 -14.05 -93.66
CA ASP EA 159 -102.23 -14.37 -95.11
C ASP EA 159 -100.84 -14.13 -95.68
N ARG EA 160 -100.22 -13.00 -95.35
CA ARG EA 160 -98.85 -12.64 -95.86
C ARG EA 160 -97.78 -13.53 -95.24
N TYR EA 161 -97.91 -13.92 -93.98
CA TYR EA 161 -96.90 -14.74 -93.29
C TYR EA 161 -97.60 -16.03 -92.85
N PRO EA 162 -98.02 -16.92 -93.77
CA PRO EA 162 -98.80 -18.10 -93.38
C PRO EA 162 -98.00 -18.98 -92.42
N LYS EA 163 -96.70 -19.12 -92.65
CA LYS EA 163 -95.82 -19.90 -91.76
C LYS EA 163 -95.67 -19.20 -90.40
N LYS EA 164 -95.62 -17.87 -90.35
CA LYS EA 164 -95.34 -17.13 -89.08
C LYS EA 164 -96.54 -17.15 -88.14
N LEU EA 165 -96.32 -16.86 -86.84
CA LEU EA 165 -97.37 -16.96 -85.78
C LEU EA 165 -97.60 -15.58 -85.16
N VAL EA 166 -98.82 -15.26 -84.69
CA VAL EA 166 -99.17 -13.94 -84.10
C VAL EA 166 -99.65 -14.14 -82.67
N GLN EA 167 -99.13 -13.40 -81.69
CA GLN EA 167 -99.56 -13.45 -80.26
C GLN EA 167 -100.34 -12.16 -80.01
N THR EA 168 -101.18 -12.08 -78.97
CA THR EA 168 -101.89 -10.84 -78.66
C THR EA 168 -101.91 -10.59 -77.17
N TYR EA 169 -101.30 -9.50 -76.71
CA TYR EA 169 -101.37 -9.13 -75.29
C TYR EA 169 -102.67 -8.36 -75.15
N SER EA 170 -103.79 -9.07 -75.33
CA SER EA 170 -105.11 -8.44 -75.31
C SER EA 170 -105.36 -7.90 -73.92
N VAL EA 171 -105.67 -6.62 -73.76
CA VAL EA 171 -106.05 -6.07 -72.44
C VAL EA 171 -107.58 -6.16 -72.37
N PHE EA 172 -108.15 -7.37 -72.34
CA PHE EA 172 -109.63 -7.48 -72.43
C PHE EA 172 -110.21 -6.45 -71.45
N PRO EA 173 -111.14 -5.55 -71.85
CA PRO EA 173 -111.59 -4.49 -70.97
C PRO EA 173 -112.81 -4.83 -70.12
N ASN EA 174 -112.64 -4.81 -68.81
CA ASN EA 174 -113.76 -5.01 -67.86
C ASN EA 174 -113.61 -3.88 -66.85
N GLN EA 175 -114.53 -2.92 -66.84
CA GLN EA 175 -114.47 -1.75 -65.93
C GLN EA 175 -115.78 -1.72 -65.16
N ASP EA 176 -116.42 -2.88 -64.94
CA ASP EA 176 -117.73 -2.98 -64.26
C ASP EA 176 -118.79 -2.50 -65.26
N GLU EA 177 -118.44 -2.42 -66.55
CA GLU EA 177 -119.36 -1.91 -67.59
C GLU EA 177 -119.88 -0.54 -67.14
N ASP EA 180 -116.87 6.05 -71.20
CA ASP EA 180 -117.81 4.92 -71.33
C ASP EA 180 -118.00 4.60 -72.81
N VAL EA 181 -118.24 3.34 -73.16
CA VAL EA 181 -118.56 2.93 -74.56
C VAL EA 181 -119.88 2.19 -74.47
N VAL EA 182 -120.91 2.67 -75.17
CA VAL EA 182 -122.26 2.03 -75.17
C VAL EA 182 -122.23 0.92 -76.20
N VAL EA 183 -121.31 1.00 -77.15
CA VAL EA 183 -121.13 -0.03 -78.22
C VAL EA 183 -120.01 -0.97 -77.79
N GLN EA 184 -119.51 -0.88 -76.56
CA GLN EA 184 -118.32 -1.67 -76.16
C GLN EA 184 -118.59 -3.15 -76.45
N PRO EA 185 -119.73 -3.77 -76.11
CA PRO EA 185 -119.90 -5.20 -76.34
C PRO EA 185 -119.85 -5.52 -77.84
N TYR EA 186 -120.45 -4.69 -78.68
CA TYR EA 186 -120.47 -4.94 -80.14
C TYR EA 186 -119.04 -4.93 -80.65
N ASN EA 187 -118.24 -3.95 -80.24
CA ASN EA 187 -116.86 -3.81 -80.75
C ASN EA 187 -116.08 -5.04 -80.32
N SER EA 188 -116.19 -5.42 -79.06
CA SER EA 188 -115.45 -6.58 -78.51
C SER EA 188 -115.93 -7.84 -79.21
N LEU EA 189 -117.23 -7.95 -79.48
CA LEU EA 189 -117.76 -9.20 -80.07
C LEU EA 189 -117.01 -9.41 -81.37
N LEU EA 190 -116.92 -8.38 -82.19
CA LEU EA 190 -116.30 -8.52 -83.53
C LEU EA 190 -114.81 -8.86 -83.36
N THR EA 191 -114.12 -8.25 -82.41
CA THR EA 191 -112.66 -8.47 -82.27
C THR EA 191 -112.37 -9.94 -82.03
N LEU EA 192 -113.13 -10.59 -81.14
CA LEU EA 192 -112.83 -11.99 -80.77
C LEU EA 192 -112.98 -12.90 -81.99
N LYS EA 193 -114.00 -12.67 -82.83
CA LYS EA 193 -114.24 -13.61 -83.96
C LYS EA 193 -112.96 -13.63 -84.79
N ARG EA 194 -112.41 -12.44 -85.05
CA ARG EA 194 -111.14 -12.35 -85.81
C ARG EA 194 -110.08 -13.04 -84.97
N LEU EA 195 -110.03 -12.75 -83.66
CA LEU EA 195 -108.97 -13.28 -82.76
C LEU EA 195 -109.04 -14.80 -82.64
N THR EA 196 -110.21 -15.43 -82.70
CA THR EA 196 -110.36 -16.90 -82.51
C THR EA 196 -109.83 -17.66 -83.72
N GLN EA 197 -110.00 -17.13 -84.94
CA GLN EA 197 -109.61 -17.85 -86.19
C GLN EA 197 -108.31 -17.30 -86.79
N ASN EA 198 -107.90 -16.09 -86.41
CA ASN EA 198 -106.71 -15.44 -87.03
C ASN EA 198 -105.63 -15.08 -86.02
N ALA EA 199 -105.59 -15.67 -84.82
CA ALA EA 199 -104.49 -15.45 -83.83
C ALA EA 199 -103.96 -16.80 -83.32
N ASP EA 200 -102.65 -17.06 -83.46
CA ASP EA 200 -102.01 -18.32 -83.01
C ASP EA 200 -102.06 -18.41 -81.48
N CYS EA 201 -101.82 -17.30 -80.76
CA CYS EA 201 -101.86 -17.25 -79.27
C CYS EA 201 -102.52 -15.93 -78.79
N VAL EA 202 -103.05 -15.82 -77.57
CA VAL EA 202 -103.59 -14.57 -76.96
C VAL EA 202 -103.30 -14.66 -75.47
N VAL EA 203 -102.88 -13.65 -74.83
CA VAL EA 203 -102.64 -13.63 -73.34
C VAL EA 203 -103.67 -12.65 -72.83
N VAL EA 204 -104.56 -13.08 -71.95
CA VAL EA 204 -105.71 -12.23 -71.54
C VAL EA 204 -105.36 -11.45 -70.28
N LEU EA 205 -105.76 -10.19 -70.20
CA LEU EA 205 -105.62 -9.38 -68.97
C LEU EA 205 -106.98 -8.71 -68.74
N ASP EA 206 -107.28 -8.23 -67.53
CA ASP EA 206 -108.60 -7.64 -67.20
C ASP EA 206 -108.43 -6.34 -66.42
N ASN EA 207 -109.09 -5.26 -66.85
CA ASN EA 207 -108.98 -3.94 -66.20
C ASN EA 207 -109.49 -4.03 -64.77
N THR EA 208 -110.65 -4.67 -64.55
CA THR EA 208 -111.26 -4.81 -63.21
C THR EA 208 -110.38 -5.68 -62.32
N ALA EA 209 -109.85 -6.79 -62.86
CA ALA EA 209 -109.05 -7.74 -62.07
C ALA EA 209 -107.84 -7.00 -61.54
N LEU EA 210 -107.18 -6.23 -62.41
CA LEU EA 210 -106.01 -5.42 -62.02
C LEU EA 210 -106.44 -4.27 -61.12
N ASN EA 211 -107.61 -3.66 -61.39
CA ASN EA 211 -108.13 -2.54 -60.57
C ASN EA 211 -108.37 -3.07 -59.16
N ARG EA 212 -108.91 -4.30 -59.04
CA ARG EA 212 -109.16 -4.95 -57.74
C ARG EA 212 -107.80 -5.19 -57.06
N ILE EA 213 -106.80 -5.60 -57.82
CA ILE EA 213 -105.43 -5.81 -57.29
C ILE EA 213 -104.89 -4.46 -56.82
N ALA EA 214 -105.12 -3.39 -57.57
CA ALA EA 214 -104.63 -2.04 -57.23
C ALA EA 214 -105.27 -1.61 -55.92
N THR EA 215 -106.57 -1.85 -55.77
CA THR EA 215 -107.29 -1.53 -54.51
C THR EA 215 -106.66 -2.39 -53.41
N ASP EA 216 -106.34 -3.65 -53.69
CA ASP EA 216 -105.77 -4.57 -52.67
C ASP EA 216 -104.38 -4.11 -52.24
N ARG EA 217 -103.41 -4.07 -53.15
CA ARG EA 217 -102.00 -3.73 -52.80
C ARG EA 217 -101.88 -2.27 -52.39
N LEU EA 218 -102.64 -1.38 -53.03
CA LEU EA 218 -102.51 0.08 -52.81
C LEU EA 218 -103.89 0.73 -52.60
N HIS EA 219 -103.90 2.01 -52.23
CA HIS EA 219 -105.16 2.77 -52.02
C HIS EA 219 -105.58 3.43 -53.34
N ILE EA 220 -104.76 3.31 -54.38
CA ILE EA 220 -105.02 3.98 -55.70
C ILE EA 220 -106.36 3.44 -56.23
N GLN EA 221 -107.32 4.32 -56.51
CA GLN EA 221 -108.64 3.93 -57.08
C GLN EA 221 -108.96 4.80 -58.30
N ASN EA 222 -108.96 6.13 -58.15
CA ASN EA 222 -109.33 7.08 -59.24
C ASN EA 222 -108.32 7.05 -60.40
N PRO EA 223 -106.97 7.06 -60.20
CA PRO EA 223 -106.03 7.03 -61.31
C PRO EA 223 -105.73 5.58 -61.66
N SER EA 224 -106.75 4.74 -61.85
CA SER EA 224 -106.55 3.28 -62.07
C SER EA 224 -105.70 3.04 -63.32
N PHE EA 225 -105.93 3.74 -64.44
CA PHE EA 225 -105.22 3.46 -65.72
C PHE EA 225 -103.71 3.69 -65.63
N SER EA 226 -103.24 4.78 -65.03
CA SER EA 226 -101.79 5.12 -64.97
C SER EA 226 -101.02 4.09 -64.14
N GLN EA 227 -101.53 3.75 -62.96
CA GLN EA 227 -100.84 2.79 -62.05
C GLN EA 227 -100.90 1.37 -62.62
N ILE EA 228 -102.04 0.98 -63.19
CA ILE EA 228 -102.26 -0.40 -63.71
C ILE EA 228 -101.32 -0.62 -64.89
N ASN EA 229 -100.89 0.44 -65.56
CA ASN EA 229 -99.94 0.28 -66.68
C ASN EA 229 -98.73 -0.48 -66.15
N GLN EA 230 -98.22 -0.15 -64.95
CA GLN EA 230 -97.02 -0.79 -64.34
C GLN EA 230 -97.32 -2.26 -64.12
N LEU EA 231 -98.54 -2.59 -63.68
CA LEU EA 231 -98.94 -3.99 -63.41
C LEU EA 231 -98.93 -4.80 -64.71
N VAL EA 232 -99.46 -4.25 -65.79
CA VAL EA 232 -99.54 -4.95 -67.11
C VAL EA 232 -98.10 -5.14 -67.57
N SER EA 233 -97.25 -4.16 -67.32
CA SER EA 233 -95.83 -4.19 -67.74
C SER EA 233 -95.05 -5.28 -67.04
N THR EA 234 -95.24 -5.39 -65.74
CA THR EA 234 -94.44 -6.37 -64.97
C THR EA 234 -94.78 -7.73 -65.53
N ILE EA 235 -96.06 -7.99 -65.84
CA ILE EA 235 -96.49 -9.29 -66.43
C ILE EA 235 -95.84 -9.40 -67.81
N MET EA 236 -95.87 -8.34 -68.61
CA MET EA 236 -95.38 -8.42 -70.01
C MET EA 236 -93.88 -8.67 -70.06
N SER EA 237 -93.08 -7.97 -69.27
CA SER EA 237 -91.62 -8.16 -69.27
C SER EA 237 -91.39 -9.58 -68.82
N ALA EA 238 -92.09 -9.96 -67.77
CA ALA EA 238 -91.91 -11.28 -67.15
C ALA EA 238 -92.26 -12.42 -68.12
N SER EA 239 -93.28 -12.28 -68.95
CA SER EA 239 -93.76 -13.40 -69.82
C SER EA 239 -92.68 -13.79 -70.81
N THR EA 240 -91.74 -12.89 -71.09
CA THR EA 240 -90.67 -13.06 -72.11
C THR EA 240 -89.29 -13.29 -71.50
N THR EA 241 -89.11 -13.19 -70.19
CA THR EA 241 -87.76 -13.21 -69.56
C THR EA 241 -87.01 -14.50 -69.88
N THR EA 242 -87.67 -15.64 -69.99
CA THR EA 242 -87.00 -16.91 -70.38
C THR EA 242 -86.37 -16.78 -71.77
N LEU EA 243 -86.98 -16.03 -72.71
CA LEU EA 243 -86.46 -15.79 -74.09
C LEU EA 243 -85.38 -14.71 -74.04
N ARG EA 244 -85.66 -13.61 -73.33
CA ARG EA 244 -84.72 -12.47 -73.28
C ARG EA 244 -83.39 -12.92 -72.69
N TYR EA 245 -83.42 -13.71 -71.60
CA TYR EA 245 -82.12 -13.99 -70.95
C TYR EA 245 -81.71 -15.41 -71.33
N PRO EA 246 -80.47 -15.64 -71.78
CA PRO EA 246 -80.05 -16.95 -72.24
C PRO EA 246 -80.30 -18.01 -71.16
N GLY EA 247 -80.66 -19.24 -71.56
CA GLY EA 247 -80.92 -20.31 -70.59
C GLY EA 247 -80.92 -21.66 -71.25
N TYR EA 248 -80.71 -22.72 -70.49
CA TYR EA 248 -80.62 -24.09 -71.06
C TYR EA 248 -81.90 -24.45 -71.81
N MET EA 249 -83.04 -23.81 -71.50
CA MET EA 249 -84.32 -24.23 -72.12
C MET EA 249 -85.26 -23.04 -72.35
N ASN EA 250 -86.27 -23.21 -73.21
CA ASN EA 250 -87.30 -22.15 -73.41
C ASN EA 250 -86.72 -20.81 -73.85
N ASN EA 251 -85.76 -20.79 -74.77
CA ASN EA 251 -85.26 -19.49 -75.27
C ASN EA 251 -86.02 -19.07 -76.54
N ASP EA 252 -86.94 -19.91 -77.01
CA ASP EA 252 -87.76 -19.56 -78.20
C ASP EA 252 -89.22 -19.46 -77.75
N LEU EA 253 -89.94 -18.42 -78.17
CA LEU EA 253 -91.32 -18.24 -77.66
C LEU EA 253 -92.15 -19.45 -78.05
N ILE EA 254 -92.03 -19.91 -79.30
CA ILE EA 254 -92.86 -21.04 -79.77
C ILE EA 254 -92.58 -22.27 -78.91
N GLY EA 255 -91.37 -22.40 -78.35
CA GLY EA 255 -91.14 -23.53 -77.42
C GLY EA 255 -91.85 -23.29 -76.10
N LEU EA 256 -91.92 -22.03 -75.67
CA LEU EA 256 -92.49 -21.71 -74.34
C LEU EA 256 -94.01 -21.89 -74.31
N ILE EA 257 -94.74 -21.45 -75.33
CA ILE EA 257 -96.23 -21.48 -75.26
C ILE EA 257 -96.79 -22.80 -75.78
N ALA EA 258 -95.94 -23.73 -76.20
CA ALA EA 258 -96.46 -24.97 -76.83
C ALA EA 258 -97.31 -25.79 -75.87
N SER EA 259 -96.84 -25.97 -74.64
CA SER EA 259 -97.56 -26.81 -73.65
C SER EA 259 -98.90 -26.17 -73.28
N LEU EA 260 -98.94 -24.85 -73.11
CA LEU EA 260 -100.18 -24.17 -72.65
C LEU EA 260 -101.32 -24.38 -73.64
N ILE EA 261 -101.08 -24.25 -74.94
CA ILE EA 261 -102.22 -24.36 -75.91
C ILE EA 261 -102.29 -25.82 -76.32
N PRO EA 262 -103.27 -26.59 -75.82
CA PRO EA 262 -103.32 -28.00 -76.12
C PRO EA 262 -104.19 -28.15 -77.37
N THR EA 263 -104.97 -27.13 -77.68
CA THR EA 263 -105.90 -27.21 -78.83
C THR EA 263 -105.94 -25.82 -79.47
N PRO EA 264 -105.98 -25.67 -80.80
CA PRO EA 264 -105.86 -24.34 -81.41
C PRO EA 264 -106.92 -23.32 -80.97
N ARG EA 265 -108.16 -23.74 -80.87
CA ARG EA 265 -109.28 -22.81 -80.53
C ARG EA 265 -109.05 -22.21 -79.15
N LEU EA 266 -108.65 -23.01 -78.17
CA LEU EA 266 -108.45 -22.52 -76.78
C LEU EA 266 -107.03 -22.00 -76.68
N HIS EA 267 -106.80 -20.75 -77.12
CA HIS EA 267 -105.44 -20.16 -77.12
C HIS EA 267 -105.37 -18.94 -76.20
N PHE EA 268 -106.28 -18.81 -75.24
CA PHE EA 268 -106.34 -17.65 -74.32
C PHE EA 268 -105.61 -18.02 -73.02
N LEU EA 269 -104.70 -17.18 -72.52
CA LEU EA 269 -103.85 -17.54 -71.36
C LEU EA 269 -104.07 -16.62 -70.17
N MET EA 270 -104.28 -17.20 -68.98
CA MET EA 270 -104.50 -16.44 -67.72
C MET EA 270 -103.15 -16.04 -67.13
N THR EA 271 -103.09 -15.01 -66.26
CA THR EA 271 -101.82 -14.52 -65.65
C THR EA 271 -101.91 -14.57 -64.12
N GLY EA 272 -100.76 -14.42 -63.42
CA GLY EA 272 -100.67 -14.36 -61.95
C GLY EA 272 -99.24 -13.94 -61.59
N TYR EA 273 -98.95 -13.36 -60.43
CA TYR EA 273 -97.56 -13.03 -59.99
C TYR EA 273 -97.43 -13.24 -58.48
N THR EA 274 -96.49 -14.06 -57.98
CA THR EA 274 -96.44 -14.42 -56.53
C THR EA 274 -96.22 -13.17 -55.65
N PRO EA 275 -95.16 -12.35 -55.80
CA PRO EA 275 -95.05 -11.17 -54.98
C PRO EA 275 -95.69 -10.04 -55.79
N LEU EA 276 -97.01 -9.96 -55.77
CA LEU EA 276 -97.68 -8.81 -56.45
C LEU EA 276 -97.00 -7.64 -55.78
N THR EA 277 -96.76 -7.72 -54.47
CA THR EA 277 -95.97 -6.72 -53.74
C THR EA 277 -94.51 -7.17 -53.78
N THR EA 278 -93.88 -7.25 -54.96
CA THR EA 278 -92.43 -7.57 -55.12
C THR EA 278 -91.64 -6.42 -54.48
N ASP EA 279 -92.22 -5.22 -54.44
CA ASP EA 279 -91.59 -4.06 -53.79
C ASP EA 279 -91.43 -4.38 -52.30
N LYS EA 287 -85.54 -14.97 -46.82
CA LYS EA 287 -85.71 -15.31 -48.26
C LYS EA 287 -87.05 -16.03 -48.44
N THR EA 288 -87.45 -16.41 -49.66
CA THR EA 288 -88.66 -17.23 -49.90
C THR EA 288 -88.25 -18.49 -50.65
N THR EA 289 -88.59 -19.68 -50.14
CA THR EA 289 -88.26 -20.99 -50.78
C THR EA 289 -89.19 -21.22 -51.96
N VAL EA 290 -88.83 -22.07 -52.91
CA VAL EA 290 -89.68 -22.34 -54.11
C VAL EA 290 -90.90 -23.16 -53.68
N LEU EA 291 -90.79 -23.95 -52.61
CA LEU EA 291 -91.97 -24.70 -52.11
C LEU EA 291 -93.08 -23.68 -51.87
N ASP EA 292 -92.76 -22.58 -51.20
CA ASP EA 292 -93.75 -21.52 -50.87
C ASP EA 292 -94.15 -20.74 -52.11
N VAL EA 293 -93.20 -20.30 -52.94
CA VAL EA 293 -93.55 -19.37 -54.06
C VAL EA 293 -94.52 -20.11 -54.98
N MET EA 294 -94.27 -21.38 -55.28
CA MET EA 294 -95.13 -22.14 -56.22
C MET EA 294 -96.52 -22.18 -55.60
N ARG EA 295 -96.59 -22.43 -54.30
CA ARG EA 295 -97.87 -22.57 -53.58
C ARG EA 295 -98.65 -21.23 -53.61
N ARG EA 296 -98.01 -20.08 -53.35
CA ARG EA 296 -98.72 -18.77 -53.28
C ARG EA 296 -99.31 -18.48 -54.65
N LEU EA 297 -98.61 -18.85 -55.72
CA LEU EA 297 -99.04 -18.55 -57.11
C LEU EA 297 -100.40 -19.22 -57.36
N LEU EA 298 -100.71 -20.34 -56.71
CA LEU EA 298 -101.96 -21.12 -56.95
C LEU EA 298 -103.15 -20.59 -56.12
N GLN EA 299 -102.99 -19.52 -55.33
CA GLN EA 299 -104.10 -18.91 -54.55
C GLN EA 299 -104.76 -17.86 -55.43
N PRO EA 300 -106.09 -17.56 -55.31
CA PRO EA 300 -106.72 -16.68 -56.28
C PRO EA 300 -106.47 -15.18 -56.11
N LYS EA 301 -105.92 -14.67 -55.01
CA LYS EA 301 -105.57 -13.23 -54.89
C LYS EA 301 -104.42 -12.96 -55.86
N ASN EA 302 -103.41 -13.85 -55.92
CA ASN EA 302 -102.26 -13.74 -56.85
C ASN EA 302 -102.73 -13.79 -58.33
N VAL EA 303 -103.88 -14.39 -58.65
CA VAL EA 303 -104.43 -14.38 -60.05
C VAL EA 303 -104.94 -12.97 -60.42
N MET EA 304 -104.79 -12.52 -61.66
CA MET EA 304 -105.12 -11.16 -62.19
C MET EA 304 -106.24 -11.21 -63.24
N VAL EA 305 -107.09 -12.24 -63.23
CA VAL EA 305 -108.25 -12.39 -64.14
C VAL EA 305 -109.48 -12.40 -63.22
N SER EA 306 -110.61 -11.80 -63.59
CA SER EA 306 -111.77 -11.64 -62.67
C SER EA 306 -112.89 -12.68 -62.90
N THR EA 313 -121.60 -26.46 -62.43
CA THR EA 313 -120.74 -27.07 -63.46
C THR EA 313 -119.29 -27.08 -62.96
N ASN EA 314 -118.59 -28.20 -63.11
CA ASN EA 314 -117.18 -28.32 -62.68
C ASN EA 314 -116.38 -27.36 -63.57
N HIS EA 315 -115.25 -26.84 -63.10
CA HIS EA 315 -114.36 -26.01 -63.95
C HIS EA 315 -112.94 -26.46 -63.65
N CYS EA 316 -112.07 -26.46 -64.64
CA CYS EA 316 -110.70 -26.97 -64.48
C CYS EA 316 -109.69 -26.39 -65.45
N TYR EA 317 -108.43 -26.18 -65.03
CA TYR EA 317 -107.32 -25.71 -65.90
C TYR EA 317 -107.07 -26.78 -66.96
N ILE EA 318 -106.58 -26.44 -68.17
CA ILE EA 318 -106.23 -27.42 -69.24
C ILE EA 318 -104.75 -27.81 -69.14
N ALA EA 319 -103.83 -26.90 -68.80
CA ALA EA 319 -102.40 -27.20 -68.56
C ALA EA 319 -101.80 -25.97 -67.89
N ILE EA 320 -100.86 -26.09 -66.95
CA ILE EA 320 -100.35 -24.92 -66.20
C ILE EA 320 -98.85 -24.89 -66.40
N LEU EA 321 -98.28 -23.70 -66.40
CA LEU EA 321 -96.79 -23.53 -66.49
C LEU EA 321 -96.37 -22.43 -65.51
N ASN EA 322 -95.15 -22.46 -64.96
CA ASN EA 322 -94.64 -21.38 -64.06
C ASN EA 322 -93.17 -21.07 -64.34
N ILE EA 323 -92.74 -19.81 -64.20
CA ILE EA 323 -91.32 -19.40 -64.39
C ILE EA 323 -90.91 -18.62 -63.14
N ILE EA 324 -89.75 -18.89 -62.54
CA ILE EA 324 -89.28 -18.22 -61.29
C ILE EA 324 -87.93 -17.54 -61.55
N GLN EA 325 -87.77 -16.26 -61.16
CA GLN EA 325 -86.49 -15.53 -61.35
C GLN EA 325 -86.00 -14.98 -60.02
N GLY EA 326 -85.04 -15.70 -59.44
CA GLY EA 326 -84.43 -15.20 -58.19
C GLY EA 326 -83.40 -16.14 -57.63
N GLU EA 327 -83.13 -16.03 -56.33
CA GLU EA 327 -82.13 -16.90 -55.65
C GLU EA 327 -82.85 -18.21 -55.31
N VAL EA 328 -82.97 -19.12 -56.29
CA VAL EA 328 -83.75 -20.37 -56.11
C VAL EA 328 -82.77 -21.54 -55.99
N ASP EA 329 -82.92 -22.37 -54.96
CA ASP EA 329 -82.05 -23.57 -54.83
C ASP EA 329 -82.46 -24.58 -55.89
N PRO EA 330 -81.61 -25.33 -56.60
CA PRO EA 330 -82.11 -26.38 -57.52
C PRO EA 330 -82.41 -27.81 -56.97
N THR EA 331 -81.89 -28.22 -55.78
CA THR EA 331 -82.24 -29.57 -55.27
C THR EA 331 -83.69 -29.63 -54.77
N GLN EA 332 -84.16 -28.57 -54.13
CA GLN EA 332 -85.53 -28.58 -53.54
C GLN EA 332 -86.59 -28.63 -54.64
N VAL EA 333 -86.29 -28.16 -55.86
CA VAL EA 333 -87.44 -28.10 -56.83
C VAL EA 333 -88.12 -29.46 -56.94
N HIS EA 334 -87.43 -30.60 -56.96
CA HIS EA 334 -88.16 -31.89 -57.13
C HIS EA 334 -89.06 -32.14 -55.92
N LYS EA 335 -88.53 -31.94 -54.72
CA LYS EA 335 -89.33 -32.09 -53.48
C LYS EA 335 -90.43 -31.06 -53.58
N SER EA 336 -90.14 -29.86 -54.06
CA SER EA 336 -91.11 -28.76 -54.23
C SER EA 336 -92.18 -29.14 -55.24
N LEU EA 337 -91.79 -29.79 -56.34
CA LEU EA 337 -92.73 -30.19 -57.41
C LEU EA 337 -93.67 -31.15 -56.70
N GLN EA 338 -93.08 -32.09 -55.97
CA GLN EA 338 -93.91 -33.12 -55.32
C GLN EA 338 -94.71 -32.48 -54.21
N ARG EA 339 -94.35 -31.31 -53.68
CA ARG EA 339 -95.22 -30.86 -52.56
C ARG EA 339 -96.50 -30.21 -53.11
N ILE EA 340 -96.39 -29.50 -54.24
CA ILE EA 340 -97.56 -28.85 -54.91
C ILE EA 340 -98.48 -29.98 -55.39
N ARG EA 341 -97.95 -31.19 -55.56
CA ARG EA 341 -98.70 -32.37 -56.06
C ARG EA 341 -99.55 -32.83 -54.89
N GLU EA 342 -98.97 -32.78 -53.69
CA GLU EA 342 -99.69 -33.16 -52.45
C GLU EA 342 -100.72 -32.10 -52.06
N ARG EA 343 -100.39 -30.82 -52.12
CA ARG EA 343 -101.29 -29.72 -51.69
C ARG EA 343 -102.52 -29.69 -52.61
N LYS EA 344 -102.38 -30.04 -53.90
CA LYS EA 344 -103.50 -30.06 -54.88
C LYS EA 344 -104.11 -28.68 -54.89
N LEU EA 345 -103.35 -27.61 -54.64
CA LEU EA 345 -103.93 -26.24 -54.55
C LEU EA 345 -104.57 -25.91 -55.90
N ALA EA 346 -104.19 -26.62 -56.96
CA ALA EA 346 -104.67 -26.36 -58.34
C ALA EA 346 -105.47 -27.55 -58.83
N ASN EA 347 -106.77 -27.36 -59.08
CA ASN EA 347 -107.63 -28.52 -59.41
C ASN EA 347 -107.91 -28.47 -60.90
N PHE EA 348 -107.53 -29.55 -61.60
CA PHE EA 348 -107.72 -29.68 -63.07
C PHE EA 348 -108.06 -31.11 -63.48
N ILE EA 349 -108.91 -31.31 -64.48
CA ILE EA 349 -109.34 -32.66 -64.96
C ILE EA 349 -109.55 -32.53 -66.47
N PRO EA 350 -108.55 -32.08 -67.24
CA PRO EA 350 -108.82 -31.82 -68.63
C PRO EA 350 -108.71 -33.05 -69.52
N TRP EA 351 -109.32 -33.03 -70.70
CA TRP EA 351 -109.10 -34.06 -71.74
C TRP EA 351 -107.60 -34.25 -71.95
N GLY EA 352 -106.77 -33.22 -71.81
CA GLY EA 352 -105.31 -33.40 -71.89
C GLY EA 352 -104.75 -34.22 -70.74
N PRO EA 353 -103.50 -34.72 -70.79
CA PRO EA 353 -102.85 -35.39 -69.67
C PRO EA 353 -101.86 -34.38 -69.12
N ALA EA 354 -102.07 -33.09 -69.39
CA ALA EA 354 -101.06 -32.04 -69.09
C ALA EA 354 -100.74 -31.92 -67.61
N SER EA 355 -99.50 -31.54 -67.31
CA SER EA 355 -99.01 -31.39 -65.93
C SER EA 355 -98.51 -29.97 -65.68
N ILE EA 356 -98.52 -29.52 -64.41
CA ILE EA 356 -97.90 -28.21 -64.04
C ILE EA 356 -96.43 -28.42 -64.34
N GLN EA 357 -95.76 -27.43 -64.89
CA GLN EA 357 -94.35 -27.55 -65.34
C GLN EA 357 -93.50 -26.52 -64.61
N VAL EA 358 -92.31 -26.86 -64.11
CA VAL EA 358 -91.42 -25.91 -63.37
C VAL EA 358 -90.37 -25.40 -64.33
N ALA EA 359 -90.18 -24.10 -64.39
CA ALA EA 359 -89.16 -23.47 -65.27
C ALA EA 359 -88.42 -22.46 -64.41
N LEU EA 360 -87.16 -22.12 -64.69
CA LEU EA 360 -86.36 -21.22 -63.79
C LEU EA 360 -85.52 -20.27 -64.64
N SER EA 361 -85.31 -19.01 -64.22
CA SER EA 361 -84.58 -17.97 -64.99
C SER EA 361 -83.75 -17.12 -64.04
N ARG EA 362 -82.93 -16.22 -64.56
CA ARG EA 362 -82.04 -15.37 -63.75
C ARG EA 362 -82.66 -14.01 -63.59
N LYS EA 363 -82.73 -13.50 -62.37
CA LYS EA 363 -83.14 -12.11 -62.17
C LYS EA 363 -81.98 -11.26 -62.69
N SER EA 364 -82.23 -10.09 -63.24
CA SER EA 364 -81.19 -9.22 -63.85
C SER EA 364 -80.42 -8.45 -62.77
N PRO EA 365 -79.16 -8.03 -63.02
CA PRO EA 365 -78.43 -7.22 -62.05
C PRO EA 365 -78.84 -5.77 -62.27
N TYR EA 366 -78.20 -4.80 -61.60
CA TYR EA 366 -78.45 -3.34 -61.76
C TYR EA 366 -79.77 -2.91 -61.09
N LEU EA 367 -80.90 -3.46 -61.52
CA LEU EA 367 -82.23 -3.08 -60.98
C LEU EA 367 -82.36 -3.76 -59.62
N PRO EA 368 -83.29 -3.33 -58.73
CA PRO EA 368 -83.38 -3.89 -57.38
C PRO EA 368 -83.63 -5.40 -57.39
N SER EA 369 -83.12 -6.13 -56.39
CA SER EA 369 -83.27 -7.61 -56.26
C SER EA 369 -84.29 -7.88 -55.14
N ALA EA 370 -85.18 -6.94 -54.85
CA ALA EA 370 -86.19 -7.06 -53.76
C ALA EA 370 -87.05 -8.28 -54.06
N HIS EA 371 -87.57 -8.97 -53.04
CA HIS EA 371 -88.27 -10.25 -53.27
C HIS EA 371 -87.24 -11.06 -54.05
N ARG EA 372 -86.14 -11.42 -53.41
CA ARG EA 372 -85.01 -12.07 -54.11
C ARG EA 372 -85.60 -13.18 -54.96
N VAL EA 373 -86.59 -13.95 -54.49
CA VAL EA 373 -87.30 -14.95 -55.33
C VAL EA 373 -88.66 -14.38 -55.66
N SER EA 374 -89.07 -14.34 -56.94
CA SER EA 374 -90.35 -13.73 -57.39
C SER EA 374 -90.80 -14.46 -58.64
N GLY EA 375 -92.08 -14.84 -58.80
CA GLY EA 375 -92.53 -15.69 -59.92
C GLY EA 375 -93.75 -15.20 -60.68
N LEU EA 376 -94.07 -15.85 -61.81
CA LEU EA 376 -95.28 -15.55 -62.63
C LEU EA 376 -95.84 -16.88 -63.11
N MET EA 377 -97.13 -17.00 -63.44
CA MET EA 377 -97.67 -18.25 -64.04
C MET EA 377 -98.52 -17.90 -65.25
N MET EA 378 -98.42 -18.67 -66.32
CA MET EA 378 -99.26 -18.51 -67.53
C MET EA 378 -100.02 -19.83 -67.64
N ALA EA 379 -101.35 -19.83 -67.69
CA ALA EA 379 -102.12 -21.09 -67.67
C ALA EA 379 -103.36 -21.02 -68.57
N ASN EA 380 -103.77 -22.17 -69.10
CA ASN EA 380 -105.00 -22.27 -69.95
C ASN EA 380 -106.08 -22.68 -68.98
N HIS EA 381 -107.03 -21.79 -68.69
CA HIS EA 381 -108.10 -22.06 -67.68
C HIS EA 381 -109.48 -21.86 -68.32
N THR EA 382 -110.45 -22.75 -68.07
CA THR EA 382 -111.82 -22.67 -68.63
C THR EA 382 -112.63 -21.57 -67.97
N SER EA 383 -112.17 -21.00 -66.87
CA SER EA 383 -112.87 -19.88 -66.19
C SER EA 383 -112.93 -18.68 -67.13
N ILE EA 384 -111.91 -18.45 -67.96
CA ILE EA 384 -111.86 -17.24 -68.85
C ILE EA 384 -113.05 -17.29 -69.81
N SER EA 385 -113.64 -18.46 -70.04
CA SER EA 385 -114.85 -18.59 -70.89
C SER EA 385 -115.93 -17.70 -70.31
N SER EA 386 -116.02 -17.64 -68.99
CA SER EA 386 -117.06 -16.86 -68.29
C SER EA 386 -116.92 -15.38 -68.65
N LEU EA 387 -115.70 -14.84 -68.70
CA LEU EA 387 -115.51 -13.42 -69.07
C LEU EA 387 -115.98 -13.18 -70.49
N PHE EA 388 -115.72 -14.12 -71.41
CA PHE EA 388 -116.17 -13.99 -72.81
C PHE EA 388 -117.70 -13.98 -72.85
N GLU EA 389 -118.35 -14.86 -72.08
CA GLU EA 389 -119.83 -14.98 -72.07
C GLU EA 389 -120.47 -13.70 -71.53
N ARG EA 390 -119.84 -12.99 -70.58
CA ARG EA 390 -120.39 -11.76 -69.95
C ARG EA 390 -120.52 -10.64 -70.99
N THR EA 391 -119.52 -10.46 -71.85
CA THR EA 391 -119.64 -9.45 -72.95
C THR EA 391 -120.66 -9.98 -73.96
N CYS EA 392 -120.70 -11.29 -74.21
CA CYS EA 392 -121.71 -11.91 -75.11
C CYS EA 392 -123.09 -11.72 -74.50
N ARG EA 393 -123.19 -11.74 -73.17
CA ARG EA 393 -124.47 -11.49 -72.44
C ARG EA 393 -124.83 -10.01 -72.62
N GLN EA 394 -123.89 -9.11 -72.46
CA GLN EA 394 -124.24 -7.68 -72.58
C GLN EA 394 -124.70 -7.50 -74.02
N TYR EA 395 -123.97 -8.08 -74.98
CA TYR EA 395 -124.27 -7.91 -76.44
C TYR EA 395 -125.63 -8.50 -76.77
N ASP EA 396 -125.93 -9.69 -76.25
CA ASP EA 396 -127.20 -10.36 -76.58
C ASP EA 396 -128.32 -9.46 -76.09
N LYS EA 397 -128.18 -8.94 -74.87
CA LYS EA 397 -129.20 -8.03 -74.30
C LYS EA 397 -129.27 -6.80 -75.19
N LEU EA 398 -128.12 -6.25 -75.54
CA LEU EA 398 -128.02 -5.02 -76.38
C LEU EA 398 -128.57 -5.28 -77.78
N ARG EA 399 -128.36 -6.47 -78.33
CA ARG EA 399 -128.76 -6.79 -79.73
C ARG EA 399 -130.28 -6.76 -79.83
N LYS EA 400 -130.96 -7.31 -78.84
CA LYS EA 400 -132.45 -7.36 -78.86
C LYS EA 400 -132.97 -5.93 -78.86
N ARG EA 401 -132.44 -5.10 -77.96
CA ARG EA 401 -132.90 -3.70 -77.81
C ARG EA 401 -132.53 -2.96 -79.09
N GLU EA 402 -131.37 -3.27 -79.67
CA GLU EA 402 -130.87 -2.51 -80.85
C GLU EA 402 -130.73 -1.07 -80.39
N ALA EA 403 -130.44 -0.88 -79.10
CA ALA EA 403 -130.35 0.48 -78.53
C ALA EA 403 -129.19 1.22 -79.20
N PHE EA 404 -128.10 0.52 -79.46
CA PHE EA 404 -126.91 1.21 -80.03
C PHE EA 404 -126.47 0.45 -81.29
N LEU EA 405 -127.26 0.58 -82.35
CA LEU EA 405 -126.86 -0.04 -83.65
C LEU EA 405 -125.93 0.96 -84.33
N GLU EA 406 -125.72 2.13 -83.70
CA GLU EA 406 -124.88 3.21 -84.27
C GLU EA 406 -125.62 3.78 -85.46
N GLN EA 407 -125.97 2.91 -86.42
CA GLN EA 407 -126.67 3.35 -87.65
C GLN EA 407 -125.90 4.54 -88.20
N PHE EA 408 -124.69 4.77 -87.68
CA PHE EA 408 -123.85 5.83 -88.26
C PHE EA 408 -123.64 5.39 -89.70
N ARG EA 409 -123.57 6.30 -90.66
CA ARG EA 409 -123.53 5.91 -92.08
C ARG EA 409 -122.30 5.02 -92.26
N LYS EA 410 -121.18 5.34 -91.62
CA LYS EA 410 -120.00 4.45 -91.67
C LYS EA 410 -120.46 3.05 -91.23
N GLU EA 411 -121.13 2.94 -90.08
CA GLU EA 411 -121.53 1.62 -89.52
C GLU EA 411 -122.50 0.90 -90.47
N ASP EA 412 -123.54 1.59 -90.95
CA ASP EA 412 -124.56 0.96 -91.83
C ASP EA 412 -123.97 0.66 -93.21
N MET EA 413 -123.25 1.61 -93.80
CA MET EA 413 -122.69 1.43 -95.17
C MET EA 413 -121.64 0.33 -95.13
N PHE EA 414 -120.79 0.33 -94.11
CA PHE EA 414 -119.78 -0.74 -93.94
C PHE EA 414 -120.50 -2.06 -93.70
N LYS EA 415 -121.55 -2.05 -92.87
CA LYS EA 415 -122.30 -3.29 -92.51
C LYS EA 415 -123.80 -3.03 -92.60
N ASP EA 416 -124.38 -3.14 -93.81
CA ASP EA 416 -125.84 -2.98 -94.02
C ASP EA 416 -126.54 -4.23 -93.47
N ASN EA 417 -126.03 -5.43 -93.79
CA ASN EA 417 -126.63 -6.71 -93.30
C ASN EA 417 -126.53 -6.79 -91.78
N PHE EA 418 -125.43 -6.30 -91.18
CA PHE EA 418 -125.16 -6.39 -89.72
C PHE EA 418 -125.03 -7.88 -89.37
N ASP EA 419 -124.61 -8.72 -90.33
CA ASP EA 419 -124.54 -10.19 -90.13
C ASP EA 419 -123.14 -10.67 -89.71
N GLU EA 420 -122.11 -9.83 -89.74
CA GLU EA 420 -120.78 -10.20 -89.21
C GLU EA 420 -120.90 -10.33 -87.70
N MET EA 421 -121.77 -9.52 -87.10
CA MET EA 421 -122.01 -9.58 -85.64
C MET EA 421 -122.62 -10.94 -85.32
N ASP EA 422 -123.58 -11.41 -86.15
CA ASP EA 422 -124.19 -12.75 -85.97
C ASP EA 422 -123.16 -13.84 -86.30
N THR EA 423 -122.32 -13.63 -87.32
CA THR EA 423 -121.24 -14.59 -87.67
C THR EA 423 -120.32 -14.66 -86.46
N SER EA 424 -120.03 -13.51 -85.87
CA SER EA 424 -119.15 -13.44 -84.68
C SER EA 424 -119.83 -14.14 -83.51
N ARG EA 425 -121.14 -13.95 -83.37
CA ARG EA 425 -121.90 -14.52 -82.23
C ARG EA 425 -121.84 -16.05 -82.28
N GLU EA 426 -122.03 -16.67 -83.45
CA GLU EA 426 -121.95 -18.15 -83.58
C GLU EA 426 -120.51 -18.61 -83.33
N ILE EA 427 -119.50 -17.90 -83.84
CA ILE EA 427 -118.08 -18.32 -83.70
C ILE EA 427 -117.68 -18.27 -82.22
N VAL EA 428 -118.04 -17.21 -81.50
CA VAL EA 428 -117.72 -17.06 -80.06
C VAL EA 428 -118.54 -18.06 -79.25
N GLN EA 429 -119.78 -18.34 -79.65
CA GLN EA 429 -120.64 -19.35 -78.97
C GLN EA 429 -120.00 -20.72 -79.16
N GLN EA 430 -119.45 -20.99 -80.34
CA GLN EA 430 -118.73 -22.26 -80.58
C GLN EA 430 -117.59 -22.30 -79.57
N LEU EA 431 -116.87 -21.19 -79.41
CA LEU EA 431 -115.75 -21.08 -78.45
C LEU EA 431 -116.27 -21.31 -77.02
N ILE EA 432 -117.40 -20.69 -76.67
CA ILE EA 432 -117.97 -20.80 -75.31
C ILE EA 432 -118.28 -22.29 -75.12
N ASP EA 433 -118.87 -22.90 -76.14
CA ASP EA 433 -119.25 -24.34 -76.10
C ASP EA 433 -117.98 -25.19 -76.00
N GLU EA 434 -116.98 -24.89 -76.82
CA GLU EA 434 -115.76 -25.73 -76.88
C GLU EA 434 -115.16 -25.77 -75.48
N TYR EA 435 -115.05 -24.61 -74.83
CA TYR EA 435 -114.42 -24.54 -73.49
C TYR EA 435 -115.13 -25.55 -72.60
N HIS EA 436 -116.44 -25.45 -72.46
CA HIS EA 436 -117.18 -26.32 -71.51
C HIS EA 436 -117.02 -27.76 -71.94
N ALA EA 437 -116.60 -27.85 -73.32
CA ALA EA 437 -116.45 -29.19 -73.90
C ALA EA 437 -115.14 -29.76 -73.37
N ALA EA 438 -114.14 -28.90 -73.21
CA ALA EA 438 -112.83 -29.33 -72.68
C ALA EA 438 -113.02 -29.90 -71.28
N THR EA 439 -113.87 -29.27 -70.47
CA THR EA 439 -114.14 -29.73 -69.09
C THR EA 439 -114.73 -31.14 -69.16
N ARG EA 440 -115.54 -31.43 -70.18
CA ARG EA 440 -116.26 -32.72 -70.27
C ARG EA 440 -115.26 -33.85 -70.51
N PRO EA 441 -115.64 -35.13 -70.27
CA PRO EA 441 -114.76 -36.27 -70.55
C PRO EA 441 -114.51 -36.57 -72.04
N ASP EA 442 -115.26 -36.01 -72.98
CA ASP EA 442 -115.13 -36.37 -74.43
C ASP EA 442 -114.75 -35.19 -75.32
N TYR EA 443 -113.66 -34.50 -75.03
CA TYR EA 443 -113.22 -33.48 -76.00
C TYR EA 443 -112.80 -34.38 -77.15
N ILE EA 444 -112.96 -35.69 -76.93
CA ILE EA 444 -112.67 -36.66 -78.02
C ILE EA 444 -113.67 -36.34 -79.13
N SER EA 445 -114.94 -36.13 -78.78
CA SER EA 445 -115.97 -35.71 -79.79
C SER EA 445 -115.74 -34.23 -80.09
N TRP EA 446 -116.18 -33.75 -81.25
CA TRP EA 446 -115.87 -32.35 -81.62
C TRP EA 446 -116.41 -31.39 -80.56
N GLY EA 447 -115.62 -30.39 -80.21
CA GLY EA 447 -116.06 -29.41 -79.20
C GLY EA 447 -116.44 -28.10 -79.87
N ARG FA 3 -49.15 6.15 -117.21
CA ARG FA 3 -49.21 7.36 -118.05
C ARG FA 3 -50.23 8.35 -117.50
N GLU FA 4 -50.01 9.63 -117.75
CA GLU FA 4 -50.86 10.72 -117.22
C GLU FA 4 -52.25 10.65 -117.85
N ILE FA 5 -53.30 10.99 -117.11
CA ILE FA 5 -54.70 10.91 -117.58
C ILE FA 5 -55.14 12.32 -117.98
N ILE FA 6 -55.77 12.48 -119.12
CA ILE FA 6 -56.27 13.81 -119.61
C ILE FA 6 -57.79 13.76 -119.52
N THR FA 7 -58.40 14.72 -118.80
CA THR FA 7 -59.87 14.68 -118.59
C THR FA 7 -60.51 15.70 -119.52
N LEU FA 8 -61.37 15.23 -120.41
CA LEU FA 8 -62.08 16.10 -121.38
C LEU FA 8 -63.43 16.46 -120.77
N GLN FA 9 -63.46 17.44 -119.87
CA GLN FA 9 -64.73 17.91 -119.23
C GLN FA 9 -65.43 18.79 -120.26
N LEU FA 10 -66.69 18.51 -120.59
CA LEU FA 10 -67.43 19.24 -121.65
C LEU FA 10 -68.88 19.50 -121.26
N GLY FA 11 -69.49 20.58 -121.77
CA GLY FA 11 -70.91 20.90 -121.51
C GLY FA 11 -71.03 21.61 -120.18
N GLN FA 12 -72.09 22.39 -119.97
CA GLN FA 12 -72.20 23.20 -118.73
C GLN FA 12 -72.24 22.26 -117.51
N CYS FA 13 -73.06 21.22 -117.55
CA CYS FA 13 -73.19 20.26 -116.43
C CYS FA 13 -71.87 19.53 -116.22
N GLY FA 14 -71.25 19.06 -117.30
CA GLY FA 14 -69.98 18.33 -117.22
C GLY FA 14 -68.89 19.25 -116.71
N ASN FA 15 -68.88 20.52 -117.14
CA ASN FA 15 -67.87 21.52 -116.72
C ASN FA 15 -68.06 21.84 -115.24
N GLN FA 16 -69.29 21.77 -114.72
CA GLN FA 16 -69.54 21.99 -113.27
C GLN FA 16 -68.91 20.89 -112.43
N ILE FA 17 -68.93 19.61 -112.85
CA ILE FA 17 -68.46 18.46 -111.99
C ILE FA 17 -66.96 18.28 -112.15
N GLY FA 18 -66.36 18.73 -113.25
CA GLY FA 18 -64.89 18.76 -113.46
C GLY FA 18 -64.31 19.90 -112.67
N PHE FA 19 -65.02 21.03 -112.64
CA PHE FA 19 -64.55 22.21 -111.86
C PHE FA 19 -64.39 21.75 -110.41
N GLU FA 20 -65.42 21.13 -109.86
CA GLU FA 20 -65.43 20.66 -108.46
C GLU FA 20 -64.45 19.49 -108.21
N PHE FA 21 -64.35 18.53 -109.12
CA PHE FA 21 -63.49 17.35 -108.94
C PHE FA 21 -62.04 17.81 -108.81
N TRP FA 22 -61.61 18.74 -109.67
CA TRP FA 22 -60.24 19.29 -109.62
C TRP FA 22 -60.06 20.09 -108.33
N LYS FA 23 -61.09 20.84 -107.92
CA LYS FA 23 -61.04 21.62 -106.64
C LYS FA 23 -60.93 20.64 -105.48
N GLN FA 24 -61.63 19.51 -105.55
CA GLN FA 24 -61.65 18.50 -104.47
C GLN FA 24 -60.25 17.93 -104.29
N LEU FA 25 -59.54 17.67 -105.39
CA LEU FA 25 -58.14 17.17 -105.39
C LEU FA 25 -57.20 18.36 -105.15
N CYS FA 26 -57.67 19.59 -105.22
CA CYS FA 26 -56.78 20.72 -104.85
C CYS FA 26 -56.53 20.65 -103.36
N ALA FA 27 -57.59 20.70 -102.55
CA ALA FA 27 -57.48 20.64 -101.08
C ALA FA 27 -56.92 19.28 -100.65
N GLU FA 28 -57.39 18.18 -101.25
CA GLU FA 28 -57.00 16.82 -100.83
C GLU FA 28 -55.51 16.64 -101.05
N HIS FA 29 -55.01 17.08 -102.20
CA HIS FA 29 -53.57 17.04 -102.48
C HIS FA 29 -52.94 18.29 -101.89
N GLY FA 30 -51.61 18.39 -101.94
CA GLY FA 30 -50.90 19.60 -101.49
C GLY FA 30 -50.88 20.65 -102.58
N ILE FA 31 -52.02 21.31 -102.85
CA ILE FA 31 -52.13 22.35 -103.90
C ILE FA 31 -52.98 23.49 -103.33
N SER FA 32 -52.67 24.76 -103.65
CA SER FA 32 -53.43 25.94 -103.19
C SER FA 32 -54.35 26.36 -104.34
N PRO FA 33 -55.18 27.45 -104.28
CA PRO FA 33 -55.98 27.90 -105.43
C PRO FA 33 -55.15 28.47 -106.60
N GLU FA 34 -53.89 28.83 -106.40
CA GLU FA 34 -52.99 29.32 -107.48
C GLU FA 34 -52.14 28.17 -108.03
N GLY FA 35 -52.41 26.96 -107.62
CA GLY FA 35 -51.70 25.74 -108.08
C GLY FA 35 -50.34 25.58 -107.39
N ILE FA 36 -49.97 26.43 -106.44
CA ILE FA 36 -48.63 26.45 -105.81
C ILE FA 36 -48.57 25.32 -104.80
N VAL FA 37 -47.41 24.68 -104.64
CA VAL FA 37 -47.26 23.62 -103.62
C VAL FA 37 -47.58 24.29 -102.27
N GLU FA 38 -48.39 23.64 -101.44
CA GLU FA 38 -48.79 24.20 -100.13
C GLU FA 38 -47.60 24.11 -99.16
N GLU FA 39 -47.35 25.16 -98.39
N GLU FA 39 -47.42 25.22 -98.43
CA GLU FA 39 -46.25 25.18 -97.40
CA GLU FA 39 -46.31 25.24 -97.44
C GLU FA 39 -46.52 24.14 -96.32
C GLU FA 39 -46.58 24.20 -96.35
N PHE FA 40 -47.77 23.94 -95.91
CA PHE FA 40 -48.10 23.02 -94.80
C PHE FA 40 -47.64 21.60 -95.14
N ALA FA 41 -47.78 21.17 -96.40
CA ALA FA 41 -47.45 19.77 -96.77
C ALA FA 41 -45.98 19.52 -96.45
N THR FA 45 -46.07 12.39 -100.58
CA THR FA 45 -46.25 10.94 -100.28
C THR FA 45 -47.28 10.39 -101.26
N ASP FA 46 -47.73 11.20 -102.22
CA ASP FA 46 -48.81 10.83 -103.16
C ASP FA 46 -48.27 10.74 -104.57
N ARG FA 47 -48.93 9.98 -105.47
CA ARG FA 47 -48.50 9.94 -106.89
C ARG FA 47 -49.31 11.04 -107.61
N LYS FA 48 -48.78 12.26 -107.66
CA LYS FA 48 -49.48 13.40 -108.32
C LYS FA 48 -49.13 13.43 -109.80
N ASP FA 49 -48.22 12.58 -110.25
CA ASP FA 49 -47.76 12.61 -111.67
C ASP FA 49 -48.93 12.35 -112.61
N VAL FA 50 -49.80 11.38 -112.32
CA VAL FA 50 -50.87 10.99 -113.30
C VAL FA 50 -51.84 12.15 -113.52
N PHE FA 51 -52.36 12.72 -112.45
CA PHE FA 51 -53.48 13.69 -112.56
C PHE FA 51 -52.98 15.11 -112.73
N PHE FA 52 -51.82 15.44 -112.18
CA PHE FA 52 -51.33 16.83 -112.20
C PHE FA 52 -50.04 16.97 -113.00
N TYR FA 53 -50.05 17.82 -114.05
CA TYR FA 53 -48.84 18.12 -114.85
C TYR FA 53 -47.90 18.91 -113.93
N GLN FA 54 -46.59 18.80 -114.12
CA GLN FA 54 -45.60 19.46 -113.22
C GLN FA 54 -45.01 20.70 -113.91
N ALA FA 55 -45.35 21.91 -113.45
CA ALA FA 55 -44.72 23.15 -113.96
C ALA FA 55 -43.47 23.34 -113.10
N ASP FA 56 -42.47 24.10 -113.54
CA ASP FA 56 -41.19 24.17 -112.79
C ASP FA 56 -41.38 24.76 -111.39
N ASP FA 57 -42.08 25.89 -111.22
CA ASP FA 57 -42.21 26.57 -109.91
C ASP FA 57 -43.41 25.98 -109.16
N GLU FA 58 -43.55 24.66 -109.15
CA GLU FA 58 -44.59 23.94 -108.38
C GLU FA 58 -46.01 24.43 -108.73
N HIS FA 59 -46.30 24.76 -109.99
CA HIS FA 59 -47.69 25.10 -110.41
C HIS FA 59 -48.34 23.79 -110.84
N TYR FA 60 -49.08 23.13 -109.95
CA TYR FA 60 -49.72 21.83 -110.24
C TYR FA 60 -51.00 22.11 -111.01
N ILE FA 61 -50.86 22.25 -112.33
CA ILE FA 61 -52.02 22.55 -113.22
C ILE FA 61 -52.53 21.20 -113.71
N PRO FA 62 -53.79 20.79 -113.45
CA PRO FA 62 -54.25 19.49 -113.88
C PRO FA 62 -54.36 19.53 -115.40
N ARG FA 63 -54.33 18.37 -116.07
CA ARG FA 63 -54.45 18.28 -117.55
C ARG FA 63 -55.93 18.32 -117.92
N ALA FA 64 -56.66 19.38 -117.54
CA ALA FA 64 -58.11 19.47 -117.81
C ALA FA 64 -58.30 20.06 -119.21
N VAL FA 65 -59.19 19.52 -120.02
CA VAL FA 65 -59.57 20.11 -121.33
C VAL FA 65 -60.99 20.62 -121.12
N LEU FA 66 -61.19 21.94 -121.08
CA LEU FA 66 -62.52 22.52 -120.81
C LEU FA 66 -63.09 22.95 -122.15
N LEU FA 67 -64.20 22.35 -122.60
CA LEU FA 67 -64.86 22.70 -123.88
C LEU FA 67 -66.13 23.49 -123.54
N ASP FA 68 -66.29 24.69 -124.12
CA ASP FA 68 -67.47 25.55 -123.88
C ASP FA 68 -68.27 25.65 -125.18
N LEU FA 69 -69.60 25.60 -125.11
CA LEU FA 69 -70.48 25.77 -126.28
C LEU FA 69 -71.64 26.64 -125.82
N GLU FA 70 -71.97 27.72 -126.53
CA GLU FA 70 -73.02 28.69 -126.08
C GLU FA 70 -72.69 29.03 -124.62
N PRO FA 71 -71.43 29.44 -124.28
CA PRO FA 71 -71.03 29.55 -122.87
C PRO FA 71 -71.75 30.50 -121.89
N ARG FA 72 -72.01 30.04 -120.68
CA ARG FA 72 -72.58 30.86 -119.57
C ARG FA 72 -71.83 30.48 -118.29
N VAL FA 73 -71.80 29.20 -117.93
CA VAL FA 73 -71.10 28.69 -116.70
C VAL FA 73 -69.60 28.59 -116.97
N ILE FA 74 -69.15 28.73 -118.21
CA ILE FA 74 -67.67 28.72 -118.46
C ILE FA 74 -67.11 30.08 -118.04
N HIS FA 75 -67.89 31.16 -118.08
CA HIS FA 75 -67.47 32.52 -117.67
C HIS FA 75 -67.36 32.58 -116.14
N SER FA 76 -68.30 32.00 -115.40
CA SER FA 76 -68.30 31.90 -113.91
C SER FA 76 -67.08 31.09 -113.44
N ILE FA 77 -66.71 30.03 -114.17
CA ILE FA 77 -65.53 29.18 -113.85
C ILE FA 77 -64.30 30.11 -113.91
N LEU FA 78 -64.23 30.98 -114.92
CA LEU FA 78 -63.10 31.93 -115.09
C LEU FA 78 -63.03 32.94 -113.94
N ASN FA 79 -64.15 33.49 -113.47
CA ASN FA 79 -64.11 34.41 -112.30
C ASN FA 79 -64.12 33.56 -111.03
N SER FA 80 -63.03 32.86 -110.74
CA SER FA 80 -62.90 32.02 -109.52
C SER FA 80 -61.48 32.18 -108.96
N PRO FA 81 -61.22 31.90 -107.66
CA PRO FA 81 -59.86 31.92 -107.14
C PRO FA 81 -58.98 30.85 -107.78
N TYR FA 82 -59.57 29.80 -108.34
CA TYR FA 82 -58.84 28.64 -108.91
C TYR FA 82 -58.59 28.82 -110.41
N ALA FA 83 -58.90 30.00 -110.97
CA ALA FA 83 -58.68 30.26 -112.41
C ALA FA 83 -57.22 30.05 -112.75
N LYS FA 84 -56.30 30.48 -111.88
CA LYS FA 84 -54.85 30.28 -112.08
C LYS FA 84 -54.48 28.80 -111.95
N LEU FA 85 -55.18 28.05 -111.10
CA LEU FA 85 -54.81 26.64 -110.84
C LEU FA 85 -54.89 25.84 -112.14
N TYR FA 86 -55.96 26.01 -112.92
CA TYR FA 86 -56.13 25.32 -114.21
C TYR FA 86 -55.79 26.36 -115.28
N ASN FA 87 -54.54 26.37 -115.76
CA ASN FA 87 -54.16 27.28 -116.87
C ASN FA 87 -53.36 26.51 -117.92
N PRO FA 88 -53.96 25.55 -118.65
CA PRO FA 88 -53.32 24.97 -119.81
C PRO FA 88 -53.69 25.98 -120.91
N GLU FA 89 -54.47 27.04 -120.58
CA GLU FA 89 -54.84 28.09 -121.54
C GLU FA 89 -55.49 27.38 -122.73
N ASN FA 90 -56.42 26.47 -122.47
CA ASN FA 90 -57.08 25.65 -123.53
C ASN FA 90 -58.60 25.63 -123.38
N ILE FA 91 -59.28 26.77 -123.55
CA ILE FA 91 -60.77 26.83 -123.51
C ILE FA 91 -61.21 27.46 -124.84
N TYR FA 92 -62.09 26.83 -125.62
CA TYR FA 92 -62.44 27.30 -126.99
C TYR FA 92 -63.94 27.52 -127.21
N LEU FA 93 -64.33 28.65 -127.81
CA LEU FA 93 -65.75 28.97 -128.12
C LEU FA 93 -66.12 28.37 -129.47
N GLY FA 101 -77.12 24.61 -128.66
CA GLY FA 101 -78.55 24.27 -128.64
C GLY FA 101 -78.87 23.19 -127.63
N ASN FA 102 -80.15 22.94 -127.37
CA ASN FA 102 -80.58 21.93 -126.37
C ASN FA 102 -80.87 20.61 -127.09
N ASN FA 103 -80.49 20.49 -128.37
CA ASN FA 103 -80.76 19.28 -129.18
C ASN FA 103 -79.49 18.43 -129.34
N TRP FA 104 -79.63 17.10 -129.40
CA TRP FA 104 -78.47 16.20 -129.58
C TRP FA 104 -77.88 16.49 -130.95
N ALA FA 105 -78.73 16.62 -131.97
CA ALA FA 105 -78.29 16.96 -133.34
C ALA FA 105 -77.66 18.36 -133.31
N SER FA 106 -78.24 19.30 -132.56
CA SER FA 106 -77.75 20.70 -132.52
C SER FA 106 -76.32 20.72 -131.96
N GLY FA 107 -75.97 19.90 -130.98
CA GLY FA 107 -74.65 19.80 -130.33
C GLY FA 107 -73.65 19.11 -131.25
N PHE FA 108 -74.07 18.03 -131.92
CA PHE FA 108 -73.20 17.22 -132.80
C PHE FA 108 -72.70 18.06 -133.98
N SER FA 109 -73.59 18.86 -134.58
CA SER FA 109 -73.25 19.71 -135.75
C SER FA 109 -72.27 20.81 -135.34
N GLN FA 110 -72.50 21.44 -134.20
CA GLN FA 110 -71.64 22.55 -133.70
C GLN FA 110 -70.22 21.99 -133.47
N GLY FA 111 -70.12 20.78 -132.93
CA GLY FA 111 -68.81 20.15 -132.66
C GLY FA 111 -68.04 19.90 -133.94
N GLU FA 112 -68.69 19.49 -135.01
CA GLU FA 112 -68.03 19.11 -136.29
C GLU FA 112 -67.23 20.24 -136.96
N LYS FA 113 -67.71 21.48 -136.94
CA LYS FA 113 -67.01 22.66 -137.54
C LYS FA 113 -65.75 23.05 -136.74
N ILE FA 114 -65.78 22.88 -135.43
CA ILE FA 114 -64.65 23.28 -134.53
C ILE FA 114 -63.85 22.03 -134.16
N HIS FA 115 -64.07 20.89 -134.81
CA HIS FA 115 -63.43 19.62 -134.37
C HIS FA 115 -61.90 19.73 -134.38
N GLU FA 116 -61.28 20.33 -135.40
CA GLU FA 116 -59.80 20.36 -135.57
C GLU FA 116 -59.04 21.21 -134.53
N ASP FA 117 -59.57 22.36 -134.11
CA ASP FA 117 -58.93 23.22 -133.07
C ASP FA 117 -59.10 22.58 -131.69
N ILE FA 118 -60.27 22.00 -131.41
CA ILE FA 118 -60.49 21.29 -130.11
C ILE FA 118 -59.57 20.07 -130.14
N PHE FA 119 -59.42 19.41 -131.29
CA PHE FA 119 -58.57 18.20 -131.43
C PHE FA 119 -57.08 18.55 -131.32
N ASP FA 120 -56.65 19.74 -131.78
CA ASP FA 120 -55.24 20.20 -131.63
C ASP FA 120 -54.96 20.46 -130.15
N ILE FA 121 -55.95 20.97 -129.41
CA ILE FA 121 -55.84 21.21 -127.94
C ILE FA 121 -55.62 19.85 -127.28
N ILE FA 122 -56.26 18.79 -127.80
CA ILE FA 122 -56.03 17.39 -127.29
C ILE FA 122 -54.59 17.03 -127.61
N ASP FA 123 -54.13 17.34 -128.83
CA ASP FA 123 -52.77 16.97 -129.26
C ASP FA 123 -51.72 17.63 -128.39
N ARG FA 124 -51.82 18.95 -128.20
CA ARG FA 124 -50.85 19.73 -127.39
C ARG FA 124 -50.58 18.98 -126.10
N GLU FA 125 -51.63 18.65 -125.35
CA GLU FA 125 -51.46 18.00 -124.03
C GLU FA 125 -50.80 16.63 -124.23
N ALA FA 126 -51.20 15.89 -125.27
CA ALA FA 126 -50.66 14.53 -125.53
C ALA FA 126 -49.17 14.64 -125.79
N ASP FA 127 -48.75 15.64 -126.54
CA ASP FA 127 -47.32 15.88 -126.84
C ASP FA 127 -46.60 16.31 -125.56
N GLY FA 128 -47.21 17.20 -124.76
CA GLY FA 128 -46.58 17.74 -123.54
C GLY FA 128 -46.30 16.67 -122.51
N SER FA 129 -47.21 15.71 -122.34
CA SER FA 129 -47.07 14.64 -121.32
C SER FA 129 -46.00 13.66 -121.72
N ASP FA 130 -45.37 13.01 -120.74
CA ASP FA 130 -44.39 11.94 -121.04
C ASP FA 130 -45.17 10.89 -121.81
N SER FA 131 -46.41 10.65 -121.39
CA SER FA 131 -47.28 9.61 -122.00
C SER FA 131 -48.75 9.91 -121.70
N LEU FA 132 -49.70 9.29 -122.41
CA LEU FA 132 -51.17 9.48 -122.21
C LEU FA 132 -51.88 8.13 -122.16
N GLU FA 133 -52.51 7.69 -121.05
CA GLU FA 133 -53.11 6.32 -120.95
C GLU FA 133 -54.62 6.31 -121.24
N GLY FA 134 -55.35 7.35 -120.84
CA GLY FA 134 -56.81 7.32 -121.02
C GLY FA 134 -57.43 8.69 -121.07
N PHE FA 135 -58.62 8.82 -121.66
CA PHE FA 135 -59.36 10.11 -121.75
C PHE FA 135 -60.59 9.99 -120.88
N VAL FA 136 -60.67 10.71 -119.76
CA VAL FA 136 -61.80 10.55 -118.81
C VAL FA 136 -62.76 11.71 -119.03
N LEU FA 137 -63.96 11.44 -119.51
CA LEU FA 137 -64.90 12.52 -119.91
C LEU FA 137 -65.91 12.82 -118.80
N CYS FA 138 -66.04 14.05 -118.33
CA CYS FA 138 -67.13 14.43 -117.39
C CYS FA 138 -68.37 14.64 -118.26
N HIS FA 139 -68.86 13.59 -118.92
CA HIS FA 139 -69.98 13.66 -119.89
C HIS FA 139 -71.33 13.89 -119.23
N SER FA 140 -72.22 14.63 -119.88
CA SER FA 140 -73.63 14.79 -119.42
C SER FA 140 -74.51 14.12 -120.49
N ILE FA 141 -75.30 13.09 -120.15
CA ILE FA 141 -76.20 12.38 -121.11
C ILE FA 141 -77.44 13.27 -121.27
N ALA FA 142 -77.97 13.41 -122.49
CA ALA FA 142 -79.12 14.31 -122.75
C ALA FA 142 -78.77 15.62 -122.07
N GLY FA 143 -77.58 16.15 -122.35
CA GLY FA 143 -77.06 17.37 -121.71
C GLY FA 143 -77.25 18.59 -122.59
N GLY FA 144 -78.21 18.57 -123.52
CA GLY FA 144 -78.36 19.68 -124.45
C GLY FA 144 -77.09 19.77 -125.28
N THR FA 145 -76.30 20.80 -125.09
CA THR FA 145 -75.00 20.96 -125.79
C THR FA 145 -74.06 19.82 -125.37
N GLY FA 146 -74.08 19.41 -124.10
CA GLY FA 146 -73.15 18.39 -123.58
C GLY FA 146 -73.29 17.08 -124.34
N SER FA 147 -74.51 16.62 -124.62
CA SER FA 147 -74.72 15.40 -125.44
C SER FA 147 -74.69 15.84 -126.90
N GLY FA 148 -74.42 14.94 -127.84
CA GLY FA 148 -74.23 15.33 -129.24
C GLY FA 148 -72.81 15.79 -129.47
N LEU FA 149 -72.35 16.85 -128.78
CA LEU FA 149 -70.93 17.24 -128.89
C LEU FA 149 -70.11 16.13 -128.24
N GLY FA 150 -70.59 15.55 -127.15
CA GLY FA 150 -69.82 14.55 -126.40
C GLY FA 150 -69.74 13.23 -127.14
N SER FA 151 -70.81 12.83 -127.83
CA SER FA 151 -70.90 11.60 -128.65
C SER FA 151 -69.93 11.73 -129.82
N TYR FA 152 -69.92 12.89 -130.49
CA TYR FA 152 -69.05 13.11 -131.66
C TYR FA 152 -67.58 13.03 -131.25
N LEU FA 153 -67.23 13.68 -130.14
CA LEU FA 153 -65.84 13.72 -129.65
C LEU FA 153 -65.48 12.33 -129.19
N LEU FA 154 -66.46 11.55 -128.73
CA LEU FA 154 -66.24 10.14 -128.29
C LEU FA 154 -65.83 9.32 -129.51
N GLU FA 155 -66.45 9.57 -130.66
CA GLU FA 155 -66.16 8.80 -131.90
C GLU FA 155 -64.79 9.15 -132.47
N ARG FA 156 -64.39 10.43 -132.42
CA ARG FA 156 -63.08 10.85 -132.99
C ARG FA 156 -61.93 10.29 -132.17
N LEU FA 157 -62.06 10.29 -130.86
CA LEU FA 157 -60.93 9.89 -129.96
C LEU FA 157 -60.49 8.46 -130.21
N ASN FA 158 -61.40 7.52 -130.35
CA ASN FA 158 -61.02 6.08 -130.50
C ASN FA 158 -60.26 5.89 -131.81
N ASP FA 159 -60.71 6.53 -132.88
CA ASP FA 159 -60.06 6.36 -134.21
C ASP FA 159 -58.63 6.88 -134.15
N ARG FA 160 -58.43 8.07 -133.56
CA ARG FA 160 -57.09 8.70 -133.45
C ARG FA 160 -56.20 7.93 -132.45
N TYR FA 161 -56.76 7.41 -131.37
CA TYR FA 161 -55.98 6.70 -130.35
C TYR FA 161 -56.52 5.28 -130.26
N PRO FA 162 -56.36 4.42 -131.29
CA PRO FA 162 -56.98 3.10 -131.29
C PRO FA 162 -56.48 2.27 -130.11
N LYS FA 163 -55.21 2.38 -129.78
CA LYS FA 163 -54.63 1.66 -128.61
C LYS FA 163 -55.19 2.24 -127.31
N LYS FA 164 -55.42 3.55 -127.20
CA LYS FA 164 -55.82 4.20 -125.92
C LYS FA 164 -57.28 3.87 -125.56
N LEU FA 165 -57.67 4.07 -124.30
CA LEU FA 165 -59.02 3.69 -123.77
C LEU FA 165 -59.74 4.94 -123.28
N VAL FA 166 -61.08 5.00 -123.36
CA VAL FA 166 -61.89 6.18 -122.93
C VAL FA 166 -62.86 5.75 -121.83
N GLN FA 167 -62.94 6.47 -120.71
CA GLN FA 167 -63.90 6.20 -119.59
C GLN FA 167 -64.95 7.31 -119.66
N THR FA 168 -66.13 7.14 -119.07
CA THR FA 168 -67.13 8.22 -119.07
C THR FA 168 -67.80 8.29 -117.70
N TYR FA 169 -67.66 9.42 -117.01
CA TYR FA 169 -68.37 9.63 -115.73
C TYR FA 169 -69.74 10.15 -116.15
N SER FA 170 -70.52 9.29 -116.79
CA SER FA 170 -71.84 9.69 -117.32
C SER FA 170 -72.73 10.04 -116.15
N VAL FA 171 -73.32 11.22 -116.10
CA VAL FA 171 -74.30 11.57 -115.04
C VAL FA 171 -75.67 11.21 -115.63
N PHE FA 172 -75.97 9.92 -115.85
CA PHE FA 172 -77.23 9.58 -116.56
C PHE FA 172 -78.34 10.40 -115.90
N PRO FA 173 -79.19 11.15 -116.63
CA PRO FA 173 -80.16 12.04 -115.99
C PRO FA 173 -81.52 11.41 -115.74
N ASN FA 174 -81.91 11.34 -114.47
CA ASN FA 174 -83.26 10.85 -114.08
C ASN FA 174 -83.75 11.88 -113.07
N GLN FA 175 -84.77 12.67 -113.43
CA GLN FA 175 -85.31 13.73 -112.56
C GLN FA 175 -86.80 13.47 -112.40
N ASP FA 176 -87.22 12.21 -112.50
CA ASP FA 176 -88.66 11.81 -112.44
C ASP FA 176 -89.29 12.20 -113.77
N GLU FA 177 -88.47 12.48 -114.79
CA GLU FA 177 -88.97 12.92 -116.12
C GLU FA 177 -89.88 14.14 -115.89
N ASP FA 180 -86.83 21.52 -118.17
CA ASP FA 180 -87.39 20.26 -118.70
C ASP FA 180 -86.90 20.06 -120.14
N VAL FA 181 -86.72 18.82 -120.58
CA VAL FA 181 -86.35 18.51 -121.99
C VAL FA 181 -87.44 17.55 -122.49
N VAL FA 182 -88.16 17.92 -123.55
CA VAL FA 182 -89.24 17.08 -124.12
C VAL FA 182 -88.57 16.08 -125.07
N VAL FA 183 -87.38 16.42 -125.55
CA VAL FA 183 -86.59 15.54 -126.46
C VAL FA 183 -85.57 14.76 -125.63
N GLN FA 184 -85.65 14.82 -124.30
CA GLN FA 184 -84.60 14.20 -123.46
C GLN FA 184 -84.43 12.74 -123.86
N PRO FA 185 -85.48 11.89 -124.04
CA PRO FA 185 -85.25 10.49 -124.36
C PRO FA 185 -84.53 10.33 -125.70
N TYR FA 186 -84.89 11.14 -126.70
CA TYR FA 186 -84.27 11.04 -128.04
C TYR FA 186 -82.78 11.34 -127.92
N ASN FA 187 -82.44 12.40 -127.18
CA ASN FA 187 -81.01 12.81 -127.05
C ASN FA 187 -80.25 11.69 -126.37
N SER FA 188 -80.79 11.17 -125.27
CA SER FA 188 -80.14 10.10 -124.49
C SER FA 188 -80.03 8.85 -125.37
N LEU FA 189 -81.05 8.56 -126.15
CA LEU FA 189 -81.05 7.30 -126.93
C LEU FA 189 -79.81 7.36 -127.81
N LEU FA 190 -79.59 8.46 -128.50
CA LEU FA 190 -78.47 8.57 -129.46
C LEU FA 190 -77.14 8.46 -128.69
N THR FA 191 -77.03 9.08 -127.51
CA THR FA 191 -75.74 9.10 -126.79
C THR FA 191 -75.30 7.68 -126.48
N LEU FA 192 -76.21 6.83 -126.01
CA LEU FA 192 -75.82 5.46 -125.57
C LEU FA 192 -75.28 4.67 -126.76
N LYS FA 193 -75.88 4.81 -127.95
CA LYS FA 193 -75.46 3.97 -129.10
C LYS FA 193 -73.99 4.25 -129.31
N ARG FA 194 -73.62 5.53 -129.30
CA ARG FA 194 -72.19 5.90 -129.45
C ARG FA 194 -71.45 5.33 -128.25
N LEU FA 195 -72.00 5.49 -127.05
CA LEU FA 195 -71.31 5.06 -125.81
C LEU FA 195 -71.14 3.53 -125.74
N THR FA 196 -72.04 2.73 -126.30
CA THR FA 196 -71.96 1.25 -126.23
C THR FA 196 -70.85 0.70 -127.13
N GLN FA 197 -70.60 1.32 -128.30
CA GLN FA 197 -69.60 0.80 -129.28
C GLN FA 197 -68.31 1.62 -129.27
N ASN FA 198 -68.33 2.84 -128.73
CA ASN FA 198 -67.14 3.74 -128.78
C ASN FA 198 -66.65 4.17 -127.40
N ALA FA 199 -66.99 3.47 -126.30
CA ALA FA 199 -66.46 3.77 -124.95
C ALA FA 199 -65.93 2.50 -124.29
N ASP FA 200 -64.66 2.47 -123.87
CA ASP FA 200 -64.03 1.29 -123.22
C ASP FA 200 -64.66 1.04 -121.86
N CYS FA 201 -64.97 2.09 -121.09
CA CYS FA 201 -65.62 2.00 -119.74
C CYS FA 201 -66.64 3.13 -119.56
N VAL FA 202 -67.66 2.97 -118.72
CA VAL FA 202 -68.62 4.05 -118.36
C VAL FA 202 -68.95 3.86 -116.87
N VAL FA 203 -69.02 4.89 -116.05
CA VAL FA 203 -69.42 4.81 -114.61
C VAL FA 203 -70.75 5.55 -114.54
N VAL FA 204 -71.81 4.89 -114.13
CA VAL FA 204 -73.17 5.49 -114.21
C VAL FA 204 -73.51 6.18 -112.92
N LEU FA 205 -74.16 7.35 -112.99
CA LEU FA 205 -74.69 8.03 -111.79
C LEU FA 205 -76.12 8.45 -112.14
N ASP FA 206 -76.97 8.74 -111.14
CA ASP FA 206 -78.41 9.06 -111.39
C ASP FA 206 -78.82 10.29 -110.57
N ASN FA 207 -79.44 11.27 -111.22
CA ASN FA 207 -79.87 12.53 -110.56
C ASN FA 207 -80.89 12.21 -109.47
N THR FA 208 -81.88 11.37 -109.78
CA THR FA 208 -82.95 10.99 -108.81
C THR FA 208 -82.36 10.19 -107.66
N ALA FA 209 -81.45 9.26 -107.95
CA ALA FA 209 -80.87 8.37 -106.92
C ALA FA 209 -80.15 9.25 -105.91
N LEU FA 210 -79.37 10.20 -106.41
CA LEU FA 210 -78.63 11.15 -105.55
C LEU FA 210 -79.61 12.12 -104.88
N ASN FA 211 -80.65 12.54 -105.59
CA ASN FA 211 -81.68 13.47 -105.05
C ASN FA 211 -82.36 12.77 -103.89
N ARG FA 212 -82.65 11.47 -104.03
CA ARG FA 212 -83.28 10.65 -102.97
C ARG FA 212 -82.29 10.57 -101.79
N ILE FA 213 -81.01 10.42 -102.07
CA ILE FA 213 -79.96 10.39 -101.02
C ILE FA 213 -79.93 11.75 -100.33
N ALA FA 214 -80.04 12.83 -101.09
CA ALA FA 214 -80.01 14.21 -100.55
C ALA FA 214 -81.19 14.40 -99.62
N THR FA 215 -82.36 13.93 -100.03
CA THR FA 215 -83.57 14.00 -99.18
C THR FA 215 -83.30 13.15 -97.93
N ASP FA 216 -82.65 11.98 -98.09
CA ASP FA 216 -82.39 11.08 -96.94
C ASP FA 216 -81.40 11.73 -95.96
N ARG FA 217 -80.17 12.02 -96.38
CA ARG FA 217 -79.12 12.54 -95.47
C ARG FA 217 -79.48 13.95 -95.02
N LEU FA 218 -80.07 14.77 -95.88
CA LEU FA 218 -80.32 16.20 -95.59
C LEU FA 218 -81.75 16.58 -95.96
N HIS FA 219 -82.16 17.80 -95.61
CA HIS FA 219 -83.52 18.32 -95.93
C HIS FA 219 -83.49 19.02 -97.29
N ILE FA 220 -82.31 19.16 -97.89
CA ILE FA 220 -82.14 19.88 -99.18
C ILE FA 220 -83.02 19.20 -100.24
N GLN FA 221 -83.94 19.93 -100.88
CA GLN FA 221 -84.81 19.38 -101.96
C GLN FA 221 -84.76 20.30 -103.17
N ASN FA 222 -85.08 21.59 -103.01
CA ASN FA 222 -85.15 22.57 -104.13
C ASN FA 222 -83.78 22.84 -104.76
N PRO FA 223 -82.66 23.04 -104.02
CA PRO FA 223 -81.36 23.29 -104.64
C PRO FA 223 -80.65 21.94 -104.86
N SER FA 224 -81.33 20.97 -105.47
CA SER FA 224 -80.78 19.60 -105.63
C SER FA 224 -79.48 19.62 -106.41
N PHE FA 225 -79.35 20.39 -107.51
CA PHE FA 225 -78.14 20.37 -108.38
C PHE FA 225 -76.87 20.84 -107.67
N SER FA 226 -76.92 21.93 -106.89
CA SER FA 226 -75.72 22.49 -106.22
C SER FA 226 -75.17 21.53 -105.17
N GLN FA 227 -76.03 20.99 -104.32
CA GLN FA 227 -75.60 20.07 -103.24
C GLN FA 227 -75.15 18.73 -103.80
N ILE FA 228 -75.86 18.21 -104.81
CA ILE FA 228 -75.57 16.88 -105.40
C ILE FA 228 -74.21 16.93 -106.09
N ASN FA 229 -73.76 18.12 -106.49
CA ASN FA 229 -72.42 18.23 -107.12
C ASN FA 229 -71.41 17.63 -106.15
N GLN FA 230 -71.51 17.93 -104.84
CA GLN FA 230 -70.56 17.43 -103.80
C GLN FA 230 -70.63 15.90 -103.75
N LEU FA 231 -71.82 15.35 -103.87
CA LEU FA 231 -72.03 13.88 -103.83
C LEU FA 231 -71.34 13.21 -105.01
N VAL FA 232 -71.48 13.77 -106.21
CA VAL FA 232 -70.87 13.21 -107.46
C VAL FA 232 -69.36 13.31 -107.28
N SER FA 233 -68.90 14.39 -106.67
CA SER FA 233 -67.45 14.65 -106.46
C SER FA 233 -66.84 13.64 -105.53
N THR FA 234 -67.50 13.36 -104.42
CA THR FA 234 -66.92 12.46 -103.40
C THR FA 234 -66.72 11.11 -104.09
N ILE FA 235 -67.70 10.68 -104.91
CA ILE FA 235 -67.59 9.40 -105.67
C ILE FA 235 -66.42 9.54 -106.64
N MET FA 236 -66.34 10.66 -107.37
CA MET FA 236 -65.31 10.80 -108.43
C MET FA 236 -63.90 10.80 -107.85
N SER FA 237 -63.64 11.55 -106.78
CA SER FA 237 -62.30 11.61 -106.16
C SER FA 237 -62.01 10.21 -105.70
N ALA FA 238 -62.98 9.61 -105.05
CA ALA FA 238 -62.82 8.28 -104.45
C ALA FA 238 -62.51 7.21 -105.48
N SER FA 239 -63.12 7.25 -106.67
CA SER FA 239 -62.98 6.17 -107.68
C SER FA 239 -61.52 6.06 -108.15
N THR FA 240 -60.75 7.14 -107.98
CA THR FA 240 -59.35 7.24 -108.47
C THR FA 240 -58.32 7.20 -107.33
N THR FA 241 -58.71 7.18 -106.07
CA THR FA 241 -57.76 7.33 -104.94
C THR FA 241 -56.71 6.22 -104.95
N THR FA 242 -57.03 5.01 -105.34
CA THR FA 242 -56.03 3.92 -105.45
C THR FA 242 -54.91 4.29 -106.45
N LEU FA 243 -55.24 5.02 -107.53
CA LEU FA 243 -54.26 5.49 -108.56
C LEU FA 243 -53.53 6.71 -108.04
N ARG FA 244 -54.25 7.70 -107.51
CA ARG FA 244 -53.67 8.98 -107.05
C ARG FA 244 -52.75 8.77 -105.85
N TYR FA 245 -52.89 7.68 -105.05
CA TYR FA 245 -52.01 7.32 -103.89
C TYR FA 245 -51.41 5.96 -104.17
N PRO FA 246 -50.10 5.71 -103.96
CA PRO FA 246 -49.51 4.43 -104.33
C PRO FA 246 -49.96 3.21 -103.52
N GLY FA 247 -49.85 1.99 -104.05
CA GLY FA 247 -50.34 0.78 -103.34
C GLY FA 247 -49.79 -0.51 -103.91
N TYR FA 248 -50.16 -1.65 -103.34
CA TYR FA 248 -49.68 -2.99 -103.77
C TYR FA 248 -50.29 -3.42 -105.10
N MET FA 249 -51.56 -3.14 -105.35
CA MET FA 249 -52.26 -3.62 -106.58
C MET FA 249 -53.20 -2.54 -107.11
N ASN FA 250 -53.55 -2.58 -108.39
CA ASN FA 250 -54.33 -1.51 -109.04
C ASN FA 250 -53.49 -0.24 -109.00
N ASN FA 251 -52.23 -0.32 -109.41
CA ASN FA 251 -51.32 0.84 -109.46
C ASN FA 251 -51.40 1.44 -110.86
N ASP FA 252 -52.41 1.10 -111.64
CA ASP FA 252 -52.62 1.78 -112.94
C ASP FA 252 -54.08 1.66 -113.29
N LEU FA 253 -54.65 2.58 -114.06
CA LEU FA 253 -56.10 2.60 -114.34
C LEU FA 253 -56.46 1.29 -114.97
N ILE FA 254 -55.86 0.95 -116.06
CA ILE FA 254 -56.23 -0.27 -116.85
C ILE FA 254 -56.22 -1.51 -115.96
N GLY FA 255 -55.26 -1.62 -115.05
CA GLY FA 255 -55.15 -2.83 -114.22
C GLY FA 255 -56.43 -2.96 -113.42
N LEU FA 256 -56.96 -1.85 -112.91
CA LEU FA 256 -58.22 -1.80 -112.14
C LEU FA 256 -59.44 -2.03 -113.06
N ILE FA 257 -59.49 -1.38 -114.23
CA ILE FA 257 -60.69 -1.43 -115.15
C ILE FA 257 -61.04 -2.88 -115.50
N ALA FA 258 -60.08 -3.78 -115.72
CA ALA FA 258 -60.35 -5.13 -116.24
C ALA FA 258 -61.35 -5.89 -115.39
N SER FA 259 -61.17 -5.90 -114.07
CA SER FA 259 -62.02 -6.70 -113.15
C SER FA 259 -63.46 -6.22 -113.16
N LEU FA 260 -63.69 -4.92 -113.17
CA LEU FA 260 -65.04 -4.29 -113.14
C LEU FA 260 -65.83 -4.59 -114.42
N ILE FA 261 -65.22 -4.66 -115.63
CA ILE FA 261 -65.91 -4.91 -116.93
C ILE FA 261 -65.47 -6.27 -117.49
N PRO FA 262 -66.20 -7.39 -117.34
CA PRO FA 262 -65.72 -8.68 -117.83
C PRO FA 262 -66.04 -8.95 -119.29
N THR FA 263 -67.11 -8.37 -119.82
CA THR FA 263 -67.47 -8.50 -121.26
C THR FA 263 -67.51 -7.08 -121.82
N PRO FA 264 -67.03 -6.80 -123.05
CA PRO FA 264 -66.94 -5.41 -123.52
C PRO FA 264 -68.26 -4.63 -123.54
N ARG FA 265 -69.34 -5.27 -123.98
CA ARG FA 265 -70.65 -4.58 -124.12
C ARG FA 265 -71.13 -4.09 -122.75
N LEU FA 266 -71.00 -4.90 -121.70
CA LEU FA 266 -71.48 -4.53 -120.36
C LEU FA 266 -70.36 -3.79 -119.67
N HIS FA 267 -70.22 -2.49 -119.93
CA HIS FA 267 -69.12 -1.67 -119.36
C HIS FA 267 -69.67 -0.56 -118.46
N PHE FA 268 -70.89 -0.69 -117.97
CA PHE FA 268 -71.54 0.35 -117.13
C PHE FA 268 -71.35 -0.02 -115.66
N LEU FA 269 -70.89 0.90 -114.81
CA LEU FA 269 -70.55 0.57 -113.40
C LEU FA 269 -71.41 1.31 -112.39
N MET FA 270 -71.97 0.59 -111.41
CA MET FA 270 -72.82 1.16 -110.35
C MET FA 270 -71.94 1.74 -109.23
N THR FA 271 -72.44 2.66 -108.39
CA THR FA 271 -71.64 3.29 -107.30
C THR FA 271 -72.33 3.08 -105.95
N GLY FA 272 -71.63 3.34 -104.84
CA GLY FA 272 -72.15 3.27 -103.45
C GLY FA 272 -71.10 3.88 -102.53
N TYR FA 273 -71.44 4.38 -101.33
CA TYR FA 273 -70.43 4.90 -100.34
C TYR FA 273 -70.89 4.57 -98.92
N THR FA 274 -70.10 3.87 -98.09
CA THR FA 274 -70.57 3.38 -96.75
C THR FA 274 -70.98 4.54 -95.85
N PRO FA 275 -70.12 5.54 -95.53
CA PRO FA 275 -70.59 6.64 -94.71
C PRO FA 275 -71.05 7.72 -95.67
N LEU FA 276 -72.26 7.59 -96.21
CA LEU FA 276 -72.80 8.65 -97.07
C LEU FA 276 -72.69 9.85 -96.16
N THR FA 277 -72.99 9.67 -94.88
CA THR FA 277 -72.77 10.72 -93.86
C THR FA 277 -71.37 10.52 -93.30
N THR FA 278 -70.32 10.68 -94.11
CA THR FA 278 -68.89 10.63 -93.64
C THR FA 278 -68.67 11.81 -92.71
N ASP FA 279 -69.44 12.88 -92.90
CA ASP FA 279 -69.36 14.07 -92.01
C ASP FA 279 -69.76 13.63 -90.61
N LYS FA 287 -64.68 3.68 -83.40
CA LYS FA 287 -64.18 3.45 -84.79
C LYS FA 287 -65.15 2.54 -85.52
N THR FA 288 -64.94 2.23 -86.81
CA THR FA 288 -65.77 1.25 -87.55
C THR FA 288 -64.86 0.15 -88.10
N THR FA 289 -65.13 -1.12 -87.79
CA THR FA 289 -64.33 -2.28 -88.27
C THR FA 289 -64.63 -2.54 -89.74
N VAL FA 290 -63.71 -3.19 -90.44
CA VAL FA 290 -63.92 -3.49 -91.89
C VAL FA 290 -65.17 -4.35 -92.00
N LEU FA 291 -65.41 -5.28 -91.07
CA LEU FA 291 -66.57 -6.19 -91.24
C LEU FA 291 -67.80 -5.30 -91.39
N ASP FA 292 -67.88 -4.22 -90.63
CA ASP FA 292 -69.05 -3.31 -90.66
C ASP FA 292 -69.15 -2.50 -91.93
N VAL FA 293 -68.05 -1.90 -92.40
CA VAL FA 293 -68.16 -0.94 -93.54
C VAL FA 293 -68.53 -1.69 -94.80
N MET FA 294 -68.21 -2.98 -94.88
CA MET FA 294 -68.55 -3.84 -96.05
C MET FA 294 -70.04 -4.13 -96.04
N ARG FA 295 -70.56 -4.59 -94.92
CA ARG FA 295 -71.98 -5.02 -94.84
C ARG FA 295 -72.82 -3.79 -95.14
N ARG FA 296 -72.44 -2.64 -94.60
CA ARG FA 296 -73.25 -1.42 -94.76
C ARG FA 296 -73.38 -1.12 -96.24
N LEU FA 297 -72.30 -1.28 -96.99
CA LEU FA 297 -72.27 -0.93 -98.43
C LEU FA 297 -73.24 -1.79 -99.24
N LEU FA 298 -73.31 -3.09 -98.98
CA LEU FA 298 -74.14 -4.00 -99.82
C LEU FA 298 -75.61 -3.65 -99.65
N GLN FA 299 -75.97 -2.99 -98.56
CA GLN FA 299 -77.38 -2.59 -98.29
C GLN FA 299 -77.78 -1.59 -99.38
N PRO FA 300 -79.06 -1.45 -99.77
CA PRO FA 300 -79.40 -0.59 -100.89
C PRO FA 300 -79.54 0.91 -100.60
N LYS FA 301 -79.60 1.38 -99.35
CA LYS FA 301 -79.61 2.84 -99.08
C LYS FA 301 -78.24 3.40 -99.45
N ASN FA 302 -77.15 2.69 -99.12
CA ASN FA 302 -75.77 3.10 -99.48
C ASN FA 302 -75.58 3.12 -101.01
N VAL FA 303 -76.36 2.37 -101.80
CA VAL FA 303 -76.28 2.43 -103.30
C VAL FA 303 -76.86 3.76 -103.82
N MET FA 304 -76.31 4.36 -104.88
CA MET FA 304 -76.66 5.70 -105.46
C MET FA 304 -77.22 5.56 -106.87
N VAL FA 305 -77.77 4.40 -107.24
CA VAL FA 305 -78.42 4.15 -108.56
C VAL FA 305 -79.88 3.85 -108.25
N SER FA 306 -80.86 4.28 -109.05
CA SER FA 306 -82.30 4.15 -108.69
C SER FA 306 -82.99 2.98 -109.39
N THR FA 313 -88.29 -12.05 -112.91
CA THR FA 313 -86.98 -12.40 -113.51
C THR FA 313 -85.90 -12.22 -112.44
N ASN FA 314 -84.99 -13.18 -112.31
CA ASN FA 314 -83.88 -13.11 -111.34
C ASN FA 314 -83.00 -11.95 -111.79
N HIS FA 315 -82.28 -11.29 -110.88
CA HIS FA 315 -81.30 -10.25 -111.26
C HIS FA 315 -80.07 -10.47 -110.40
N CYS FA 316 -78.88 -10.23 -110.94
CA CYS FA 316 -77.63 -10.52 -110.23
C CYS FA 316 -76.45 -9.68 -110.68
N TYR FA 317 -75.54 -9.31 -109.75
CA TYR FA 317 -74.28 -8.58 -110.07
C TYR FA 317 -73.42 -9.48 -110.96
N ILE FA 318 -72.55 -8.97 -111.85
CA ILE FA 318 -71.61 -9.80 -112.67
C ILE FA 318 -70.28 -9.94 -111.90
N ALA FA 319 -69.72 -8.85 -111.38
CA ALA FA 319 -68.51 -8.86 -110.53
C ALA FA 319 -68.68 -7.74 -109.50
N ILE FA 320 -68.02 -7.77 -108.34
CA ILE FA 320 -68.08 -6.60 -107.41
C ILE FA 320 -66.68 -6.30 -106.97
N LEU FA 321 -66.39 -5.04 -106.71
CA LEU FA 321 -65.05 -4.62 -106.16
C LEU FA 321 -65.31 -3.56 -105.07
N ASN FA 322 -64.42 -3.44 -104.05
CA ASN FA 322 -64.54 -2.40 -102.99
C ASN FA 322 -63.18 -1.82 -102.63
N ILE FA 323 -63.09 -0.51 -102.31
CA ILE FA 323 -61.83 0.14 -101.86
C ILE FA 323 -62.13 0.85 -100.55
N ILE FA 324 -61.28 0.72 -99.53
CA ILE FA 324 -61.51 1.32 -98.18
C ILE FA 324 -60.33 2.25 -97.84
N GLN FA 325 -60.59 3.48 -97.38
CA GLN FA 325 -59.51 4.44 -97.00
C GLN FA 325 -59.72 4.92 -95.58
N GLY FA 326 -58.96 4.32 -94.66
CA GLY FA 326 -59.01 4.79 -93.28
C GLY FA 326 -58.14 3.98 -92.34
N GLU FA 327 -58.45 4.00 -91.05
CA GLU FA 327 -57.66 3.24 -90.04
C GLU FA 327 -58.20 1.81 -90.06
N VAL FA 328 -57.73 1.00 -91.01
CA VAL FA 328 -58.25 -0.38 -91.20
C VAL FA 328 -57.20 -1.37 -90.72
N ASP FA 329 -57.59 -2.32 -89.87
CA ASP FA 329 -56.64 -3.36 -89.41
C ASP FA 329 -56.38 -4.32 -90.56
N PRO FA 330 -55.18 -4.88 -90.75
CA PRO FA 330 -54.97 -5.86 -91.81
C PRO FA 330 -55.40 -7.30 -91.52
N THR FA 331 -55.19 -7.81 -90.31
CA THR FA 331 -55.46 -9.24 -90.02
C THR FA 331 -56.94 -9.59 -90.17
N GLN FA 332 -57.81 -8.57 -90.03
CA GLN FA 332 -59.29 -8.73 -90.13
C GLN FA 332 -59.79 -8.57 -91.56
N VAL FA 333 -59.07 -7.97 -92.52
CA VAL FA 333 -59.64 -7.71 -93.87
C VAL FA 333 -59.95 -9.02 -94.61
N HIS FA 334 -59.08 -10.03 -94.56
CA HIS FA 334 -59.38 -11.34 -95.19
C HIS FA 334 -60.52 -11.97 -94.41
N LYS FA 335 -60.49 -11.87 -93.09
CA LYS FA 335 -61.55 -12.41 -92.22
C LYS FA 335 -62.84 -11.67 -92.54
N SER FA 336 -62.77 -10.41 -92.97
CA SER FA 336 -63.95 -9.59 -93.34
C SER FA 336 -64.56 -10.14 -94.63
N LEU FA 337 -63.71 -10.51 -95.60
CA LEU FA 337 -64.19 -11.09 -96.88
C LEU FA 337 -64.89 -12.40 -96.53
N GLN FA 338 -64.30 -13.20 -95.64
CA GLN FA 338 -64.91 -14.47 -95.20
C GLN FA 338 -66.23 -14.16 -94.49
N ARG FA 339 -66.24 -13.15 -93.63
CA ARG FA 339 -67.45 -12.79 -92.84
C ARG FA 339 -68.55 -12.32 -93.80
N ILE FA 340 -68.20 -11.52 -94.80
CA ILE FA 340 -69.16 -11.02 -95.82
C ILE FA 340 -69.64 -12.21 -96.67
N ARG FA 341 -68.80 -13.22 -96.88
CA ARG FA 341 -69.19 -14.45 -97.63
C ARG FA 341 -70.30 -15.17 -96.84
N GLU FA 342 -70.22 -15.22 -95.51
CA GLU FA 342 -71.22 -15.93 -94.67
C GLU FA 342 -72.54 -15.17 -94.68
N ARG FA 343 -72.52 -13.83 -94.60
CA ARG FA 343 -73.74 -12.96 -94.64
C ARG FA 343 -74.46 -13.11 -95.98
N LYS FA 344 -73.73 -13.21 -97.10
CA LYS FA 344 -74.31 -13.31 -98.46
C LYS FA 344 -75.31 -12.15 -98.66
N LEU FA 345 -74.97 -10.92 -98.22
CA LEU FA 345 -75.88 -9.78 -98.39
C LEU FA 345 -75.94 -9.44 -99.88
N ALA FA 346 -74.94 -9.85 -100.67
CA ALA FA 346 -74.86 -9.53 -102.12
C ALA FA 346 -75.14 -10.79 -102.93
N ASN FA 347 -76.24 -10.80 -103.69
CA ASN FA 347 -76.65 -12.04 -104.37
C ASN FA 347 -76.30 -11.89 -105.84
N PHE FA 348 -75.54 -12.87 -106.35
CA PHE FA 348 -75.10 -12.89 -107.75
C PHE FA 348 -74.76 -14.32 -108.15
N ILE FA 349 -75.25 -14.78 -109.31
CA ILE FA 349 -74.89 -16.12 -109.90
C ILE FA 349 -74.69 -15.88 -111.39
N PRO FA 350 -73.77 -14.97 -111.79
CA PRO FA 350 -73.59 -14.62 -113.19
C PRO FA 350 -72.69 -15.58 -113.95
N TRP FA 351 -72.65 -15.43 -115.27
CA TRP FA 351 -71.72 -16.22 -116.13
C TRP FA 351 -70.29 -15.91 -115.67
N GLY FA 352 -69.98 -14.66 -115.28
CA GLY FA 352 -68.61 -14.26 -114.92
C GLY FA 352 -68.11 -15.01 -113.69
N PRO FA 353 -66.84 -15.45 -113.59
CA PRO FA 353 -66.32 -16.10 -112.38
C PRO FA 353 -65.76 -15.13 -111.32
N ALA FA 354 -65.76 -13.82 -111.57
CA ALA FA 354 -65.14 -12.80 -110.68
C ALA FA 354 -65.84 -12.71 -109.32
N SER FA 355 -65.16 -13.07 -108.23
CA SER FA 355 -65.68 -12.93 -106.84
C SER FA 355 -65.26 -11.57 -106.27
N ILE FA 356 -65.94 -11.08 -105.23
CA ILE FA 356 -65.61 -9.77 -104.59
C ILE FA 356 -64.20 -9.84 -103.98
N GLN FA 357 -63.44 -8.74 -103.98
CA GLN FA 357 -62.08 -8.65 -103.38
C GLN FA 357 -62.01 -7.44 -102.45
N VAL FA 358 -61.27 -7.54 -101.34
CA VAL FA 358 -61.17 -6.45 -100.31
C VAL FA 358 -59.93 -5.58 -100.61
N ALA FA 359 -60.11 -4.39 -101.20
CA ALA FA 359 -58.99 -3.49 -101.58
C ALA FA 359 -58.87 -2.37 -100.54
N LEU FA 360 -57.71 -1.71 -100.47
CA LEU FA 360 -57.42 -0.65 -99.48
C LEU FA 360 -56.69 0.50 -100.17
N SER FA 361 -56.93 1.76 -99.80
CA SER FA 361 -56.26 2.97 -100.36
C SER FA 361 -55.89 3.89 -99.19
N ARG FA 362 -55.04 4.90 -99.41
CA ARG FA 362 -54.53 5.76 -98.30
C ARG FA 362 -55.42 6.98 -98.06
N LYS FA 363 -55.97 7.11 -96.85
CA LYS FA 363 -56.74 8.33 -96.47
C LYS FA 363 -55.69 9.44 -96.40
N SER FA 364 -56.00 10.68 -96.82
CA SER FA 364 -54.99 11.77 -96.92
C SER FA 364 -54.88 12.54 -95.60
N PRO FA 365 -53.75 13.19 -95.28
CA PRO FA 365 -53.64 14.00 -94.08
C PRO FA 365 -54.21 15.38 -94.42
N TYR FA 366 -54.09 16.37 -93.53
CA TYR FA 366 -54.54 17.79 -93.74
C TYR FA 366 -56.06 17.91 -93.67
N LEU FA 367 -56.79 17.22 -94.55
CA LEU FA 367 -58.27 17.32 -94.61
C LEU FA 367 -58.82 16.49 -93.44
N PRO FA 368 -60.08 16.68 -93.01
CA PRO FA 368 -60.61 15.97 -91.84
C PRO FA 368 -60.54 14.45 -91.99
N SER FA 369 -60.34 13.72 -90.89
CA SER FA 369 -60.25 12.23 -90.85
C SER FA 369 -61.55 11.67 -90.28
N ALA FA 370 -62.66 12.42 -90.37
CA ALA FA 370 -63.96 12.03 -89.80
C ALA FA 370 -64.37 10.71 -90.45
N HIS FA 371 -65.12 9.85 -89.76
CA HIS FA 371 -65.41 8.49 -90.29
C HIS FA 371 -64.02 7.95 -90.60
N ARG FA 372 -63.22 7.73 -89.56
CA ARG FA 372 -61.80 7.34 -89.73
C ARG FA 372 -61.77 6.24 -90.79
N VAL FA 373 -62.69 5.28 -90.77
CA VAL FA 373 -62.78 4.25 -91.85
C VAL FA 373 -63.99 4.63 -92.73
N SER FA 374 -63.84 4.73 -94.04
CA SER FA 374 -64.91 5.15 -94.97
C SER FA 374 -64.67 4.49 -96.33
N GLY FA 375 -65.67 3.92 -97.02
CA GLY FA 375 -65.46 3.12 -98.24
C GLY FA 375 -66.32 3.48 -99.43
N LEU FA 376 -66.04 2.90 -100.59
CA LEU FA 376 -66.84 3.07 -101.85
C LEU FA 376 -66.88 1.71 -102.55
N MET FA 377 -67.88 1.42 -103.39
CA MET FA 377 -67.87 0.17 -104.19
C MET FA 377 -68.19 0.50 -105.63
N MET FA 378 -67.53 -0.13 -106.57
CA MET FA 378 -67.82 0.00 -108.03
C MET FA 378 -68.20 -1.41 -108.47
N ALA FA 379 -69.37 -1.63 -109.07
CA ALA FA 379 -69.82 -2.99 -109.41
C ALA FA 379 -70.56 -3.04 -110.74
N ASN FA 380 -70.49 -4.19 -111.43
CA ASN FA 380 -71.22 -4.41 -112.71
C ASN FA 380 -72.51 -5.09 -112.29
N HIS FA 381 -73.65 -4.40 -112.40
CA HIS FA 381 -74.96 -4.94 -111.94
C HIS FA 381 -75.97 -4.92 -113.09
N THR FA 382 -76.78 -5.97 -113.28
CA THR FA 382 -77.77 -6.07 -114.38
C THR FA 382 -78.98 -5.19 -114.09
N SER FA 383 -79.13 -4.67 -112.88
CA SER FA 383 -80.25 -3.75 -112.53
C SER FA 383 -80.16 -2.49 -113.38
N ILE FA 384 -78.95 -2.02 -113.71
CA ILE FA 384 -78.78 -0.73 -114.47
C ILE FA 384 -79.44 -0.88 -115.84
N SER FA 385 -79.64 -2.10 -116.32
CA SER FA 385 -80.35 -2.34 -117.60
C SER FA 385 -81.73 -1.72 -117.50
N SER FA 386 -82.35 -1.80 -116.34
CA SER FA 386 -83.72 -1.28 -116.13
C SER FA 386 -83.75 0.23 -116.36
N LEU FA 387 -82.73 0.96 -115.88
CA LEU FA 387 -82.69 2.44 -116.10
C LEU FA 387 -82.58 2.72 -117.60
N PHE FA 388 -81.79 1.95 -118.33
CA PHE FA 388 -81.65 2.14 -119.80
C PHE FA 388 -83.00 1.89 -120.46
N GLU FA 389 -83.72 0.85 -120.05
CA GLU FA 389 -85.03 0.48 -120.68
C GLU FA 389 -86.06 1.58 -120.42
N ARG FA 390 -86.02 2.27 -119.28
CA ARG FA 390 -87.01 3.34 -118.91
C ARG FA 390 -86.92 4.51 -119.87
N THR FA 391 -85.72 4.94 -120.24
CA THR FA 391 -85.57 6.02 -121.27
C THR FA 391 -85.97 5.43 -122.63
N CYS FA 392 -85.65 4.17 -122.90
CA CYS FA 392 -86.06 3.48 -124.15
C CYS FA 392 -87.58 3.38 -124.16
N ARG FA 393 -88.21 3.20 -123.00
CA ARG FA 393 -89.69 3.17 -122.87
C ARG FA 393 -90.23 4.57 -123.15
N GLN FA 394 -89.63 5.61 -122.58
CA GLN FA 394 -90.17 6.96 -122.82
C GLN FA 394 -90.04 7.19 -124.31
N TYR FA 395 -88.88 6.86 -124.90
CA TYR FA 395 -88.59 7.12 -126.33
C TYR FA 395 -89.55 6.34 -127.22
N ASP FA 396 -89.80 5.08 -126.90
CA ASP FA 396 -90.67 4.24 -127.75
C ASP FA 396 -92.05 4.88 -127.75
N LYS FA 397 -92.52 5.29 -126.57
CA LYS FA 397 -93.84 5.96 -126.45
C LYS FA 397 -93.77 7.24 -127.26
N LEU FA 398 -92.70 8.02 -127.10
CA LEU FA 398 -92.53 9.31 -127.79
C LEU FA 398 -92.39 9.11 -129.29
N ARG FA 399 -91.75 8.04 -129.73
CA ARG FA 399 -91.48 7.79 -131.17
C ARG FA 399 -92.80 7.59 -131.90
N LYS FA 400 -93.71 6.82 -131.30
CA LYS FA 400 -95.01 6.53 -131.95
C LYS FA 400 -95.75 7.85 -132.12
N ARG FA 401 -95.82 8.66 -131.07
CA ARG FA 401 -96.55 9.94 -131.09
C ARG FA 401 -95.85 10.85 -132.09
N GLU FA 402 -94.51 10.80 -132.13
CA GLU FA 402 -93.74 11.74 -132.98
C GLU FA 402 -94.07 13.15 -132.47
N ALA FA 403 -94.37 13.24 -131.17
CA ALA FA 403 -94.79 14.54 -130.58
C ALA FA 403 -93.63 15.53 -130.70
N PHE FA 404 -92.40 15.05 -130.49
CA PHE FA 404 -91.25 15.97 -130.49
C PHE FA 404 -90.21 15.43 -131.47
N LEU FA 405 -90.50 15.53 -132.77
CA LEU FA 405 -89.50 15.13 -133.80
C LEU FA 405 -88.59 16.33 -133.99
N GLU FA 406 -88.88 17.45 -133.31
CA GLU FA 406 -88.11 18.71 -133.45
C GLU FA 406 -88.40 19.26 -134.83
N GLN FA 407 -88.15 18.46 -135.87
CA GLN FA 407 -88.36 18.89 -137.27
C GLN FA 407 -87.68 20.25 -137.42
N PHE FA 408 -86.86 20.62 -136.43
CA PHE FA 408 -86.08 21.86 -136.59
C PHE FA 408 -85.22 21.60 -137.82
N ARG FA 409 -84.95 22.62 -138.63
CA ARG FA 409 -84.25 22.38 -139.92
C ARG FA 409 -82.91 21.73 -139.59
N LYS FA 410 -82.24 22.16 -138.53
CA LYS FA 410 -80.99 21.49 -138.10
C LYS FA 410 -81.31 20.00 -137.93
N GLU FA 411 -82.34 19.66 -137.16
CA GLU FA 411 -82.68 18.24 -136.85
C GLU FA 411 -83.02 17.47 -138.14
N ASP FA 412 -83.88 18.02 -138.99
CA ASP FA 412 -84.31 17.32 -140.23
C ASP FA 412 -83.17 17.26 -141.24
N MET FA 413 -82.47 18.38 -141.47
CA MET FA 413 -81.38 18.44 -142.48
C MET FA 413 -80.25 17.53 -142.02
N PHE FA 414 -79.90 17.56 -140.74
CA PHE FA 414 -78.85 16.67 -140.19
C PHE FA 414 -79.35 15.23 -140.30
N LYS FA 415 -80.62 14.97 -139.98
CA LYS FA 415 -81.20 13.61 -140.00
C LYS FA 415 -82.55 13.61 -140.71
N ASP FA 416 -82.55 13.53 -142.05
CA ASP FA 416 -83.80 13.47 -142.85
C ASP FA 416 -84.41 12.07 -142.67
N ASN FA 417 -83.60 11.00 -142.77
CA ASN FA 417 -84.08 9.61 -142.61
C ASN FA 417 -84.58 9.39 -141.19
N PHE FA 418 -83.94 9.99 -140.17
CA PHE FA 418 -84.28 9.80 -138.73
C PHE FA 418 -84.02 8.33 -138.40
N ASP FA 419 -83.09 7.67 -139.11
CA ASP FA 419 -82.82 6.22 -138.93
C ASP FA 419 -81.65 5.94 -137.98
N GLU FA 420 -80.88 6.95 -137.56
CA GLU FA 420 -79.83 6.74 -136.53
C GLU FA 420 -80.53 6.45 -135.21
N MET FA 421 -81.71 7.03 -135.01
CA MET FA 421 -82.50 6.78 -133.78
C MET FA 421 -82.92 5.32 -133.79
N ASP FA 422 -83.34 4.78 -134.94
CA ASP FA 422 -83.71 3.35 -135.07
C ASP FA 422 -82.44 2.49 -134.97
N THR FA 423 -81.31 2.94 -135.52
CA THR FA 423 -80.02 2.21 -135.42
C THR FA 423 -79.67 2.18 -133.94
N SER FA 424 -79.87 3.28 -133.25
CA SER FA 424 -79.58 3.38 -131.80
C SER FA 424 -80.54 2.46 -131.05
N ARG FA 425 -81.80 2.41 -131.47
CA ARG FA 425 -82.83 1.61 -130.75
C ARG FA 425 -82.46 0.12 -130.81
N GLU FA 426 -82.03 -0.39 -131.96
CA GLU FA 426 -81.62 -1.82 -132.08
C GLU FA 426 -80.35 -2.06 -131.27
N ILE FA 427 -79.38 -1.14 -131.29
CA ILE FA 427 -78.09 -1.33 -130.57
C ILE FA 427 -78.35 -1.36 -129.06
N VAL FA 428 -79.16 -0.44 -128.54
CA VAL FA 428 -79.48 -0.39 -127.08
C VAL FA 428 -80.35 -1.59 -126.73
N GLN FA 429 -81.25 -2.04 -127.61
CA GLN FA 429 -82.09 -3.24 -127.37
C GLN FA 429 -81.18 -4.46 -127.31
N GLN FA 430 -80.16 -4.51 -128.16
CA GLN FA 430 -79.17 -5.62 -128.10
C GLN FA 430 -78.55 -5.57 -126.72
N LEU FA 431 -78.19 -4.37 -126.24
CA LEU FA 431 -77.60 -4.17 -124.89
C LEU FA 431 -78.60 -4.62 -123.82
N ILE FA 432 -79.87 -4.25 -123.96
CA ILE FA 432 -80.92 -4.59 -122.95
C ILE FA 432 -80.99 -6.11 -122.96
N ASP FA 433 -80.97 -6.72 -124.14
CA ASP FA 433 -81.04 -8.19 -124.29
C ASP FA 433 -79.78 -8.82 -123.69
N GLU FA 434 -78.62 -8.27 -124.02
CA GLU FA 434 -77.36 -8.89 -123.57
C GLU FA 434 -77.37 -8.97 -122.05
N TYR FA 435 -77.76 -7.88 -121.39
CA TYR FA 435 -77.76 -7.84 -119.91
C TYR FA 435 -78.56 -9.04 -119.42
N HIS FA 436 -79.81 -9.18 -119.84
CA HIS FA 436 -80.69 -10.25 -119.31
C HIS FA 436 -80.07 -11.60 -119.66
N ALA FA 437 -79.37 -11.69 -120.78
CA ALA FA 437 -78.68 -12.95 -121.18
C ALA FA 437 -77.63 -13.24 -120.12
N ALA FA 438 -77.01 -12.20 -119.59
CA ALA FA 438 -75.99 -12.36 -118.54
C ALA FA 438 -76.62 -13.04 -117.34
N THR FA 439 -77.84 -12.67 -116.98
CA THR FA 439 -78.56 -13.26 -115.83
C THR FA 439 -78.73 -14.75 -116.09
N ARG FA 440 -78.95 -15.15 -117.33
CA ARG FA 440 -79.25 -16.57 -117.69
C ARG FA 440 -78.03 -17.43 -117.44
N PRO FA 441 -78.17 -18.77 -117.32
CA PRO FA 441 -77.03 -19.66 -117.17
C PRO FA 441 -76.11 -19.81 -118.39
N ASP FA 442 -76.50 -19.37 -119.59
CA ASP FA 442 -75.71 -19.61 -120.83
C ASP FA 442 -75.26 -18.33 -121.52
N TYR FA 443 -74.36 -17.53 -120.94
CA TYR FA 443 -73.76 -16.36 -121.64
C TYR FA 443 -72.53 -16.92 -122.33
N ILE FA 444 -72.24 -18.21 -122.17
CA ILE FA 444 -71.13 -18.88 -122.91
C ILE FA 444 -71.54 -18.80 -124.38
N SER FA 445 -72.83 -19.01 -124.69
CA SER FA 445 -73.38 -18.86 -126.05
C SER FA 445 -73.47 -17.36 -126.34
N TRP FA 446 -73.63 -16.97 -127.59
CA TRP FA 446 -73.59 -15.54 -127.96
C TRP FA 446 -74.69 -14.77 -127.21
N GLY FA 447 -74.41 -13.53 -126.76
CA GLY FA 447 -75.36 -12.69 -126.01
C GLY FA 447 -75.74 -11.48 -126.83
N ARG GA 3 -11.72 44.34 -123.65
CA ARG GA 3 -11.81 45.76 -124.01
C ARG GA 3 -13.13 46.35 -123.55
N GLU GA 4 -13.16 47.65 -123.27
CA GLU GA 4 -14.34 48.34 -122.76
C GLU GA 4 -15.43 48.39 -123.84
N ILE GA 5 -16.70 48.31 -123.44
CA ILE GA 5 -17.85 48.28 -124.39
C ILE GA 5 -18.45 49.68 -124.41
N ILE GA 6 -18.75 50.21 -125.59
CA ILE GA 6 -19.36 51.56 -125.75
C ILE GA 6 -20.79 51.34 -126.23
N THR GA 7 -21.79 51.85 -125.51
CA THR GA 7 -23.20 51.59 -125.86
C THR GA 7 -23.75 52.82 -126.56
N LEU GA 8 -24.18 52.66 -127.81
CA LEU GA 8 -24.76 53.75 -128.61
C LEU GA 8 -26.27 53.72 -128.45
N GLN GA 9 -26.79 54.26 -127.35
CA GLN GA 9 -28.26 54.31 -127.09
C GLN GA 9 -28.81 55.44 -127.94
N LEU GA 10 -29.82 55.19 -128.78
CA LEU GA 10 -30.36 56.20 -129.73
C LEU GA 10 -31.89 56.14 -129.81
N GLY GA 11 -32.55 57.25 -130.12
CA GLY GA 11 -34.01 57.30 -130.29
C GLY GA 11 -34.68 57.43 -128.94
N GLN GA 12 -35.90 57.96 -128.88
CA GLN GA 12 -36.55 58.20 -127.56
C GLN GA 12 -36.73 56.87 -126.83
N CYS GA 13 -37.24 55.84 -127.50
CA CYS GA 13 -37.48 54.52 -126.89
C CYS GA 13 -36.14 53.91 -126.47
N GLY GA 14 -35.15 53.95 -127.35
CA GLY GA 14 -33.82 53.39 -127.07
C GLY GA 14 -33.17 54.13 -125.93
N ASN GA 15 -33.32 55.46 -125.88
CA ASN GA 15 -32.74 56.32 -124.83
C ASN GA 15 -33.42 56.03 -123.49
N GLN GA 16 -34.70 55.64 -123.49
CA GLN GA 16 -35.41 55.26 -122.25
C GLN GA 16 -34.82 53.96 -121.66
N ILE GA 17 -34.43 52.96 -122.46
CA ILE GA 17 -33.98 51.62 -121.92
C ILE GA 17 -32.49 51.67 -121.58
N GLY GA 18 -31.72 52.58 -122.18
CA GLY GA 18 -30.31 52.83 -121.82
C GLY GA 18 -30.25 53.63 -120.55
N PHE GA 19 -31.19 54.57 -120.40
CA PHE GA 19 -31.24 55.40 -119.16
C PHE GA 19 -31.41 54.43 -117.99
N GLU GA 20 -32.39 53.55 -118.09
CA GLU GA 20 -32.70 52.56 -117.02
C GLU GA 20 -31.60 51.50 -116.84
N PHE GA 21 -31.03 50.98 -117.92
CA PHE GA 21 -30.00 49.91 -117.85
C PHE GA 21 -28.81 50.44 -117.06
N TRP GA 22 -28.37 51.67 -117.35
CA TRP GA 22 -27.24 52.29 -116.63
C TRP GA 22 -27.63 52.54 -115.18
N LYS GA 23 -28.88 52.96 -114.93
CA LYS GA 23 -29.38 53.18 -113.56
C LYS GA 23 -29.40 51.84 -112.82
N GLN GA 24 -29.77 50.77 -113.51
CA GLN GA 24 -29.88 49.42 -112.90
C GLN GA 24 -28.49 48.97 -112.43
N LEU GA 25 -27.46 49.24 -113.23
CA LEU GA 25 -26.04 48.92 -112.89
C LEU GA 25 -25.51 50.00 -111.96
N CYS GA 26 -26.20 51.12 -111.77
CA CYS GA 26 -25.74 52.10 -110.75
C CYS GA 26 -25.94 51.48 -109.38
N ALA GA 27 -27.17 51.10 -109.05
CA ALA GA 27 -27.47 50.48 -107.74
C ALA GA 27 -26.78 49.13 -107.62
N GLU GA 28 -26.79 48.31 -108.67
CA GLU GA 28 -26.24 46.94 -108.61
C GLU GA 28 -24.75 47.01 -108.33
N HIS GA 29 -24.06 47.91 -109.01
CA HIS GA 29 -22.62 48.13 -108.75
C HIS GA 29 -22.49 49.10 -107.61
N GLY GA 30 -21.28 49.36 -107.14
CA GLY GA 30 -21.02 50.37 -106.10
C GLY GA 30 -20.93 51.75 -106.69
N ILE GA 31 -22.06 52.32 -107.13
CA ILE GA 31 -22.04 53.66 -107.80
C ILE GA 31 -23.09 54.58 -107.17
N SER GA 32 -22.99 55.89 -107.43
CA SER GA 32 -23.94 56.89 -106.84
C SER GA 32 -24.42 57.82 -107.96
N PRO GA 33 -25.54 58.58 -107.79
CA PRO GA 33 -26.09 59.42 -108.86
C PRO GA 33 -25.05 60.45 -109.33
N GLU GA 34 -24.18 60.93 -108.44
CA GLU GA 34 -23.10 61.87 -108.81
C GLU GA 34 -22.11 61.16 -109.76
N GLY GA 35 -22.03 59.83 -109.70
CA GLY GA 35 -21.05 59.07 -110.50
C GLY GA 35 -19.90 58.60 -109.64
N ILE GA 36 -19.75 59.15 -108.43
CA ILE GA 36 -18.69 58.70 -107.48
C ILE GA 36 -19.10 57.35 -106.87
N VAL GA 37 -18.15 56.61 -106.31
CA VAL GA 37 -18.44 55.28 -105.68
C VAL GA 37 -19.08 55.52 -104.31
N GLU GA 38 -19.94 54.59 -103.84
CA GLU GA 38 -20.53 54.72 -102.49
C GLU GA 38 -19.51 54.22 -101.47
N GLU GA 39 -19.52 54.74 -100.25
CA GLU GA 39 -18.56 54.35 -99.17
C GLU GA 39 -18.74 52.89 -98.77
N PHE GA 40 -19.97 52.41 -98.69
CA PHE GA 40 -20.27 51.04 -98.24
C PHE GA 40 -19.58 50.08 -99.18
N ALA GA 41 -19.34 50.47 -100.42
CA ALA GA 41 -18.77 49.58 -101.45
C ALA GA 41 -17.28 49.39 -101.19
N THR GA 45 -14.65 43.68 -106.01
CA THR GA 45 -14.40 42.24 -106.36
C THR GA 45 -15.05 41.99 -107.73
N ASP GA 46 -15.56 43.05 -108.36
CA ASP GA 46 -16.29 42.92 -109.66
C ASP GA 46 -15.51 43.59 -110.78
N ARG GA 47 -15.83 43.30 -112.05
CA ARG GA 47 -15.01 43.86 -113.15
C ARG GA 47 -15.79 45.06 -113.70
N LYS GA 48 -15.57 46.25 -113.15
CA LYS GA 48 -16.28 47.48 -113.59
C LYS GA 48 -15.53 48.12 -114.75
N ASP GA 49 -14.36 47.62 -115.11
CA ASP GA 49 -13.53 48.23 -116.17
C ASP GA 49 -14.28 48.24 -117.50
N VAL GA 50 -14.95 47.16 -117.88
CA VAL GA 50 -15.56 47.07 -119.24
C VAL GA 50 -16.66 48.12 -119.40
N PHE GA 51 -17.60 48.17 -118.46
CA PHE GA 51 -18.83 48.99 -118.64
C PHE GA 51 -18.63 50.41 -118.15
N PHE GA 52 -17.79 50.61 -117.14
CA PHE GA 52 -17.65 51.95 -116.51
C PHE GA 52 -16.25 52.52 -116.71
N TYR GA 53 -16.13 53.72 -117.28
CA TYR GA 53 -14.84 54.44 -117.41
C TYR GA 53 -14.42 54.80 -115.99
N GLN GA 54 -13.13 54.84 -115.67
CA GLN GA 54 -12.65 55.20 -114.31
C GLN GA 54 -12.11 56.63 -114.35
N ALA GA 55 -12.76 57.59 -113.68
CA ALA GA 55 -12.26 58.97 -113.57
C ALA GA 55 -11.22 59.01 -112.45
N ASP GA 56 -10.46 60.10 -112.31
CA ASP GA 56 -9.37 60.21 -111.30
C ASP GA 56 -9.92 60.06 -109.89
N ASP GA 57 -11.06 60.67 -109.58
CA ASP GA 57 -11.64 60.67 -108.20
C ASP GA 57 -12.78 59.63 -108.15
N GLU GA 58 -12.57 58.43 -108.72
CA GLU GA 58 -13.57 57.32 -108.67
C GLU GA 58 -14.94 57.77 -109.15
N HIS GA 59 -15.01 58.63 -110.17
CA HIS GA 59 -16.29 58.94 -110.82
C HIS GA 59 -16.38 57.92 -111.95
N TYR GA 60 -17.01 56.77 -111.71
CA TYR GA 60 -17.11 55.70 -112.73
C TYR GA 60 -18.23 56.11 -113.67
N ILE GA 61 -17.90 56.73 -114.81
CA ILE GA 61 -18.92 57.28 -115.73
C ILE GA 61 -19.19 56.24 -116.82
N PRO GA 62 -20.44 55.82 -117.08
CA PRO GA 62 -20.67 54.88 -118.16
C PRO GA 62 -20.21 55.46 -119.48
N ARG GA 63 -19.71 54.63 -120.41
CA ARG GA 63 -19.32 55.08 -121.76
C ARG GA 63 -20.57 55.08 -122.63
N ALA GA 64 -21.60 55.82 -122.24
CA ALA GA 64 -22.88 55.86 -122.97
C ALA GA 64 -22.78 56.93 -124.05
N VAL GA 65 -23.26 56.65 -125.26
CA VAL GA 65 -23.35 57.67 -126.35
C VAL GA 65 -24.84 57.91 -126.50
N LEU GA 66 -25.36 59.07 -126.09
CA LEU GA 66 -26.80 59.37 -126.14
C LEU GA 66 -27.03 60.23 -127.38
N LEU GA 67 -27.80 59.74 -128.37
CA LEU GA 67 -28.10 60.49 -129.61
C LEU GA 67 -29.56 60.96 -129.49
N ASP GA 68 -29.84 62.23 -129.75
CA ASP GA 68 -31.21 62.81 -129.73
C ASP GA 68 -31.49 63.58 -131.01
N LEU GA 69 -32.76 63.66 -131.42
CA LEU GA 69 -33.16 64.31 -132.67
C LEU GA 69 -34.38 65.20 -132.41
N GLU GA 70 -34.25 66.51 -132.57
CA GLU GA 70 -35.36 67.48 -132.29
C GLU GA 70 -35.85 67.21 -130.85
N PRO GA 71 -34.99 67.18 -129.82
CA PRO GA 71 -35.40 66.81 -128.46
C PRO GA 71 -36.39 67.70 -127.71
N ARG GA 72 -37.43 67.14 -127.10
CA ARG GA 72 -38.40 67.90 -126.28
C ARG GA 72 -38.60 67.13 -124.97
N VAL GA 73 -38.98 65.85 -125.05
CA VAL GA 73 -39.12 64.95 -123.86
C VAL GA 73 -37.72 64.41 -123.55
N ILE GA 74 -36.76 64.64 -124.44
CA ILE GA 74 -35.36 64.21 -124.26
C ILE GA 74 -34.82 64.92 -123.03
N HIS GA 75 -35.19 66.17 -122.84
CA HIS GA 75 -34.67 66.99 -121.73
C HIS GA 75 -34.99 66.33 -120.40
N SER GA 76 -35.91 65.36 -120.35
CA SER GA 76 -36.32 64.70 -119.09
C SER GA 76 -35.15 63.89 -118.50
N ILE GA 77 -34.35 63.24 -119.36
CA ILE GA 77 -33.15 62.46 -118.93
C ILE GA 77 -32.21 63.46 -118.24
N LEU GA 78 -32.04 64.65 -118.81
CA LEU GA 78 -31.15 65.71 -118.24
C LEU GA 78 -31.66 66.19 -116.88
N ASN GA 79 -32.96 66.39 -116.69
CA ASN GA 79 -33.46 66.79 -115.35
C ASN GA 79 -33.67 65.51 -114.52
N SER GA 80 -32.57 64.87 -114.10
CA SER GA 80 -32.62 63.64 -113.27
C SER GA 80 -31.51 63.70 -112.23
N PRO GA 81 -31.58 62.98 -111.10
CA PRO GA 81 -30.47 62.93 -110.14
C PRO GA 81 -29.23 62.28 -110.74
N TYR GA 82 -29.39 61.48 -111.80
CA TYR GA 82 -28.27 60.72 -112.42
C TYR GA 82 -27.64 61.50 -113.57
N ALA GA 83 -28.02 62.76 -113.78
CA ALA GA 83 -27.46 63.58 -114.88
C ALA GA 83 -25.95 63.66 -114.72
N LYS GA 84 -25.46 63.81 -113.49
CA LYS GA 84 -24.00 63.85 -113.21
C LYS GA 84 -23.37 62.49 -113.45
N LEU GA 85 -24.10 61.40 -113.21
CA LEU GA 85 -23.51 60.04 -113.32
C LEU GA 85 -23.01 59.81 -114.75
N TYR GA 86 -23.82 60.17 -115.75
CA TYR GA 86 -23.43 60.02 -117.18
C TYR GA 86 -23.04 61.41 -117.64
N ASN GA 87 -21.74 61.74 -117.60
CA ASN GA 87 -21.27 63.05 -118.14
C ASN GA 87 -20.04 62.82 -119.02
N PRO GA 88 -20.17 62.17 -120.20
CA PRO GA 88 -19.11 62.15 -121.17
C PRO GA 88 -19.36 63.47 -121.93
N GLU GA 89 -20.42 64.23 -121.57
CA GLU GA 89 -20.73 65.53 -122.19
C GLU GA 89 -20.82 65.28 -123.70
N ASN GA 90 -21.56 64.24 -124.11
CA ASN GA 90 -21.65 63.86 -125.54
C ASN GA 90 -23.11 63.61 -125.94
N ILE GA 91 -23.96 64.64 -125.97
CA ILE GA 91 -25.36 64.55 -126.46
C ILE GA 91 -25.52 65.59 -127.56
N TYR GA 92 -25.97 65.23 -128.76
CA TYR GA 92 -25.99 66.16 -129.94
C TYR GA 92 -27.37 66.29 -130.58
N LEU GA 93 -27.82 67.52 -130.87
CA LEU GA 93 -29.12 67.79 -131.54
C LEU GA 93 -28.93 67.73 -133.06
N GLY GA 101 -38.52 62.86 -137.53
CA GLY GA 101 -39.78 62.40 -138.14
C GLY GA 101 -40.13 60.98 -137.73
N ASN GA 102 -41.34 60.52 -138.04
CA ASN GA 102 -41.80 59.16 -137.65
C ASN GA 102 -41.55 58.21 -138.82
N ASN GA 103 -40.80 58.63 -139.84
CA ASN GA 103 -40.53 57.81 -141.05
C ASN GA 103 -39.12 57.23 -141.03
N TRP GA 104 -38.93 56.02 -141.55
CA TRP GA 104 -37.59 55.38 -141.61
C TRP GA 104 -36.71 56.24 -142.50
N ALA GA 105 -37.23 56.66 -143.64
CA ALA GA 105 -36.50 57.55 -144.57
C ALA GA 105 -36.23 58.89 -143.86
N SER GA 106 -37.20 59.39 -143.10
CA SER GA 106 -37.08 60.71 -142.42
C SER GA 106 -35.92 60.65 -141.41
N GLY GA 107 -35.70 59.56 -140.70
CA GLY GA 107 -34.64 59.36 -139.70
C GLY GA 107 -33.29 59.18 -140.38
N PHE GA 108 -33.23 58.41 -141.47
CA PHE GA 108 -31.98 58.10 -142.20
C PHE GA 108 -31.37 59.38 -142.76
N SER GA 109 -32.20 60.26 -143.34
CA SER GA 109 -31.72 61.53 -143.95
C SER GA 109 -31.19 62.47 -142.88
N GLN GA 110 -31.89 62.58 -141.76
CA GLN GA 110 -31.48 63.50 -140.65
C GLN GA 110 -30.12 63.04 -140.13
N GLY GA 111 -29.89 61.74 -140.03
CA GLY GA 111 -28.62 61.18 -139.53
C GLY GA 111 -27.46 61.52 -140.44
N GLU GA 112 -27.66 61.49 -141.76
CA GLU GA 112 -26.58 61.72 -142.77
C GLU GA 112 -25.91 63.09 -142.68
N LYS GA 113 -26.64 64.17 -142.44
CA LYS GA 113 -26.08 65.56 -142.31
C LYS GA 113 -25.24 65.73 -141.04
N ILE GA 114 -25.61 65.06 -139.96
CA ILE GA 114 -24.91 65.18 -138.64
C ILE GA 114 -24.00 63.98 -138.44
N HIS GA 115 -23.74 63.17 -139.46
CA HIS GA 115 -23.00 61.90 -139.27
C HIS GA 115 -21.60 62.15 -138.70
N GLU GA 116 -20.86 63.16 -139.17
CA GLU GA 116 -19.44 63.41 -138.77
C GLU GA 116 -19.24 63.85 -137.32
N ASP GA 117 -20.11 64.70 -136.76
CA ASP GA 117 -20.02 65.14 -135.34
C ASP GA 117 -20.43 64.01 -134.40
N ILE GA 118 -21.46 63.25 -134.77
CA ILE GA 118 -21.89 62.07 -133.96
C ILE GA 118 -20.76 61.06 -134.04
N PHE GA 119 -20.13 60.91 -135.22
CA PHE GA 119 -19.02 59.94 -135.43
C PHE GA 119 -17.76 60.37 -134.70
N ASP GA 120 -17.49 61.68 -134.55
CA ASP GA 120 -16.33 62.19 -133.76
C ASP GA 120 -16.57 61.88 -132.28
N ILE GA 121 -17.82 61.97 -131.82
CA ILE GA 121 -18.20 61.62 -130.42
C ILE GA 121 -17.89 60.14 -130.22
N ILE GA 122 -18.08 59.30 -131.24
CA ILE GA 122 -17.71 57.86 -131.19
C ILE GA 122 -16.18 57.79 -131.07
N ASP GA 123 -15.48 58.60 -131.87
CA ASP GA 123 -13.99 58.56 -131.88
C ASP GA 123 -13.43 58.93 -130.51
N ARG GA 124 -13.88 60.06 -129.95
CA ARG GA 124 -13.40 60.55 -128.65
C ARG GA 124 -13.36 59.39 -127.67
N GLU GA 125 -14.47 58.70 -127.50
CA GLU GA 125 -14.55 57.61 -126.50
C GLU GA 125 -13.57 56.50 -126.89
N ALA GA 126 -13.47 56.18 -128.19
CA ALA GA 126 -12.58 55.09 -128.68
C ALA GA 126 -11.14 55.44 -128.33
N ASP GA 127 -10.77 56.70 -128.51
CA ASP GA 127 -9.40 57.18 -128.17
C ASP GA 127 -9.21 57.15 -126.66
N GLY GA 128 -10.21 57.58 -125.89
CA GLY GA 128 -10.11 57.67 -124.42
C GLY GA 128 -9.91 56.33 -123.77
N SER GA 129 -10.58 55.29 -124.27
CA SER GA 129 -10.52 53.92 -123.68
C SER GA 129 -9.17 53.29 -123.97
N ASP GA 130 -8.73 52.36 -123.11
CA ASP GA 130 -7.49 51.61 -123.37
C ASP GA 130 -7.75 50.86 -124.67
N SER GA 131 -8.97 50.36 -124.84
CA SER GA 131 -9.36 49.55 -126.02
C SER GA 131 -10.87 49.56 -126.18
N LEU GA 132 -11.42 49.17 -127.35
CA LEU GA 132 -12.88 49.13 -127.62
C LEU GA 132 -13.24 47.79 -128.29
N GLU GA 133 -14.05 46.90 -127.69
CA GLU GA 133 -14.34 45.54 -128.28
C GLU GA 133 -15.64 45.50 -129.06
N GLY GA 134 -16.69 46.21 -128.64
CA GLY GA 134 -17.98 46.11 -129.33
C GLY GA 134 -18.84 47.32 -129.13
N PHE GA 135 -19.81 47.54 -130.03
CA PHE GA 135 -20.76 48.69 -129.94
C PHE GA 135 -22.13 48.13 -129.67
N VAL GA 136 -22.70 48.33 -128.49
CA VAL GA 136 -23.99 47.70 -128.10
C VAL GA 136 -25.09 48.75 -128.26
N LEU GA 137 -25.99 48.58 -129.21
CA LEU GA 137 -27.00 49.62 -129.52
C LEU GA 137 -28.33 49.36 -128.83
N CYS GA 138 -28.87 50.30 -128.05
CA CYS GA 138 -30.24 50.17 -127.49
C CYS GA 138 -31.18 50.58 -128.62
N HIS GA 139 -31.20 49.82 -129.72
CA HIS GA 139 -31.98 50.15 -130.94
C HIS GA 139 -33.47 49.97 -130.78
N SER GA 140 -34.29 50.80 -131.43
CA SER GA 140 -35.76 50.63 -131.48
C SER GA 140 -36.11 50.34 -132.93
N ILE GA 141 -36.71 49.19 -133.26
CA ILE GA 141 -37.10 48.82 -134.66
C ILE GA 141 -38.40 49.57 -134.95
N ALA GA 142 -38.58 50.12 -136.15
CA ALA GA 142 -39.77 50.92 -136.50
C ALA GA 142 -39.94 51.90 -135.35
N GLY GA 143 -38.87 52.61 -134.98
CA GLY GA 143 -38.86 53.54 -133.84
C GLY GA 143 -39.05 54.98 -134.27
N GLY GA 144 -39.67 55.21 -135.42
CA GLY GA 144 -39.79 56.59 -135.94
C GLY GA 144 -38.39 57.11 -136.17
N THR GA 145 -37.94 58.07 -135.38
CA THR GA 145 -36.56 58.61 -135.47
C THR GA 145 -35.56 57.50 -135.15
N GLY GA 146 -35.86 56.63 -134.18
CA GLY GA 146 -34.91 55.60 -133.74
C GLY GA 146 -34.51 54.67 -134.88
N SER GA 147 -35.46 54.23 -135.71
CA SER GA 147 -35.15 53.41 -136.91
C SER GA 147 -34.78 54.39 -138.02
N GLY GA 148 -34.05 53.96 -139.04
CA GLY GA 148 -33.56 54.89 -140.07
C GLY GA 148 -32.27 55.54 -139.61
N LEU GA 149 -32.29 56.28 -138.51
CA LEU GA 149 -31.03 56.83 -137.96
C LEU GA 149 -30.20 55.64 -137.47
N GLY GA 150 -30.85 54.64 -136.88
CA GLY GA 150 -30.12 53.51 -136.28
C GLY GA 150 -29.53 52.60 -137.34
N SER GA 151 -30.22 52.39 -138.45
CA SER GA 151 -29.78 51.57 -139.61
C SER GA 151 -28.57 52.25 -140.24
N TYR GA 152 -28.63 53.57 -140.43
CA TYR GA 152 -27.53 54.31 -141.07
C TYR GA 152 -26.27 54.23 -140.22
N LEU GA 153 -26.43 54.43 -138.91
CA LEU GA 153 -25.28 54.42 -137.97
C LEU GA 153 -24.76 52.99 -137.89
N LEU GA 154 -25.64 52.00 -138.10
CA LEU GA 154 -25.24 50.57 -138.12
C LEU GA 154 -24.32 50.33 -139.31
N GLU GA 155 -24.60 50.95 -140.44
CA GLU GA 155 -23.81 50.75 -141.68
C GLU GA 155 -22.44 51.44 -141.56
N ARG GA 156 -22.37 52.63 -140.96
CA ARG GA 156 -21.08 53.37 -140.85
C ARG GA 156 -20.13 52.65 -139.91
N LEU GA 157 -20.64 52.12 -138.80
CA LEU GA 157 -19.76 51.54 -137.76
C LEU GA 157 -18.95 50.36 -138.28
N ASN GA 158 -19.55 49.45 -139.06
CA ASN GA 158 -18.82 48.24 -139.51
C ASN GA 158 -17.69 48.65 -140.45
N ASP GA 159 -17.93 49.61 -141.35
CA ASP GA 159 -16.91 50.04 -142.34
C ASP GA 159 -15.71 50.64 -141.58
N ARG GA 160 -15.99 51.57 -140.65
CA ARG GA 160 -14.91 52.27 -139.91
C ARG GA 160 -14.23 51.31 -138.94
N TYR GA 161 -15.04 50.58 -138.18
CA TYR GA 161 -14.51 49.74 -137.09
C TYR GA 161 -14.78 48.28 -137.40
N PRO GA 162 -14.15 47.72 -138.45
CA PRO GA 162 -14.44 46.35 -138.82
C PRO GA 162 -14.03 45.38 -137.72
N LYS GA 163 -12.94 45.64 -137.01
CA LYS GA 163 -12.38 44.68 -136.02
C LYS GA 163 -13.40 44.44 -134.90
N LYS GA 164 -14.16 45.44 -134.49
CA LYS GA 164 -15.06 45.32 -133.31
C LYS GA 164 -16.25 44.44 -133.66
N LEU GA 165 -16.97 43.93 -132.65
CA LEU GA 165 -18.19 43.10 -132.86
C LEU GA 165 -19.40 43.87 -132.34
N VAL GA 166 -20.45 43.99 -133.13
CA VAL GA 166 -21.64 44.80 -132.77
C VAL GA 166 -22.74 43.90 -132.22
N GLN GA 167 -23.57 44.41 -131.31
CA GLN GA 167 -24.76 43.69 -130.80
C GLN GA 167 -25.91 44.69 -130.92
N THR GA 168 -27.16 44.25 -131.02
CA THR GA 168 -28.34 45.13 -131.01
C THR GA 168 -29.38 44.61 -130.04
N TYR GA 169 -29.71 45.39 -129.01
CA TYR GA 169 -30.79 45.01 -128.08
C TYR GA 169 -32.06 45.50 -128.76
N SER GA 170 -32.40 44.88 -129.88
CA SER GA 170 -33.55 45.32 -130.68
C SER GA 170 -34.81 45.09 -129.86
N VAL GA 171 -35.63 46.10 -129.64
CA VAL GA 171 -36.95 45.90 -128.95
C VAL GA 171 -37.96 45.67 -130.06
N PHE GA 172 -37.87 44.55 -130.80
CA PHE GA 172 -38.76 44.38 -131.98
C PHE GA 172 -40.17 44.75 -131.53
N PRO GA 173 -40.91 45.64 -132.22
CA PRO GA 173 -42.20 46.11 -131.72
C PRO GA 173 -43.40 45.30 -132.19
N ASN GA 174 -44.11 44.69 -131.24
CA ASN GA 174 -45.37 43.97 -131.55
C ASN GA 174 -46.37 44.47 -130.51
N GLN GA 175 -47.37 45.22 -130.93
CA GLN GA 175 -48.38 45.81 -130.00
C GLN GA 175 -49.76 45.36 -130.48
N ASP GA 176 -49.83 44.19 -131.14
CA ASP GA 176 -51.09 43.66 -131.73
C ASP GA 176 -51.37 44.47 -132.99
N GLU GA 177 -50.37 45.20 -133.50
CA GLU GA 177 -50.55 46.08 -134.69
C GLU GA 177 -51.73 47.01 -134.42
N ASP GA 180 -49.92 54.96 -132.86
CA ASP GA 180 -49.99 53.96 -133.95
C ASP GA 180 -49.07 54.39 -135.09
N VAL GA 181 -48.49 53.45 -135.83
CA VAL GA 181 -47.67 53.76 -137.04
C VAL GA 181 -48.30 52.96 -138.17
N VAL GA 182 -48.75 53.64 -139.22
CA VAL GA 182 -49.40 52.97 -140.40
C VAL GA 182 -48.27 52.49 -141.31
N VAL GA 183 -47.10 53.10 -141.20
CA VAL GA 183 -45.90 52.74 -142.00
C VAL GA 183 -45.03 51.81 -141.17
N GLN GA 184 -45.50 51.34 -140.01
CA GLN GA 184 -44.63 50.54 -139.12
C GLN GA 184 -44.02 49.38 -139.89
N PRO GA 185 -44.74 48.58 -140.70
CA PRO GA 185 -44.12 47.43 -141.36
C PRO GA 185 -43.02 47.89 -142.32
N TYR GA 186 -43.25 48.97 -143.06
CA TYR GA 186 -42.25 49.47 -144.04
C TYR GA 186 -40.98 49.85 -143.30
N ASN GA 187 -41.11 50.56 -142.18
CA ASN GA 187 -39.92 51.03 -141.43
C ASN GA 187 -39.16 49.82 -140.93
N SER GA 188 -39.86 48.86 -140.33
CA SER GA 188 -39.24 47.64 -139.78
C SER GA 188 -38.60 46.87 -140.91
N LEU GA 189 -39.26 46.79 -142.07
CA LEU GA 189 -38.74 45.95 -143.16
C LEU GA 189 -37.34 46.47 -143.46
N LEU GA 190 -37.19 47.77 -143.62
CA LEU GA 190 -35.89 48.34 -144.02
C LEU GA 190 -34.86 48.08 -142.91
N THR GA 191 -35.24 48.20 -141.64
CA THR GA 191 -34.26 48.07 -140.54
C THR GA 191 -33.62 46.70 -140.58
N LEU GA 192 -34.41 45.64 -140.78
CA LEU GA 192 -33.86 44.26 -140.72
C LEU GA 192 -32.85 44.05 -141.83
N LYS GA 193 -33.08 44.58 -143.03
CA LYS GA 193 -32.16 44.29 -144.16
C LYS GA 193 -30.79 44.79 -143.73
N ARG GA 194 -30.78 45.95 -143.08
CA ARG GA 194 -29.51 46.50 -142.57
C ARG GA 194 -29.03 45.63 -141.42
N LEU GA 195 -29.92 45.27 -140.50
CA LEU GA 195 -29.50 44.54 -139.27
C LEU GA 195 -28.90 43.20 -139.64
N THR GA 196 -29.55 42.48 -140.53
CA THR GA 196 -29.06 41.17 -140.94
C THR GA 196 -27.68 41.40 -141.53
N GLN GA 197 -27.58 42.40 -142.39
CA GLN GA 197 -26.32 42.69 -143.11
C GLN GA 197 -25.23 43.27 -142.23
N ASN GA 198 -25.58 44.17 -141.31
CA ASN GA 198 -24.56 44.97 -140.58
C ASN GA 198 -24.59 44.78 -139.07
N ALA GA 199 -25.16 43.70 -138.53
CA ALA GA 199 -25.11 43.38 -137.07
C ALA GA 199 -24.36 42.06 -136.88
N ASP GA 200 -23.34 41.99 -136.01
CA ASP GA 200 -22.60 40.72 -135.71
C ASP GA 200 -23.48 39.88 -134.79
N CYS GA 201 -24.34 40.53 -134.03
CA CYS GA 201 -25.33 39.85 -133.13
C CYS GA 201 -26.58 40.71 -132.95
N VAL GA 202 -27.74 40.15 -132.62
CA VAL GA 202 -28.98 40.89 -132.30
C VAL GA 202 -29.68 40.12 -131.18
N VAL GA 203 -30.23 40.72 -130.16
CA VAL GA 203 -31.00 40.05 -129.07
C VAL GA 203 -32.41 40.57 -129.24
N VAL GA 204 -33.38 39.68 -129.48
CA VAL GA 204 -34.74 40.12 -129.84
C VAL GA 204 -35.61 40.22 -128.60
N LEU GA 205 -36.45 41.25 -128.50
CA LEU GA 205 -37.46 41.37 -127.42
C LEU GA 205 -38.78 41.74 -128.10
N ASP GA 206 -39.92 41.53 -127.44
CA ASP GA 206 -41.26 41.78 -128.06
C ASP GA 206 -42.15 42.54 -127.09
N ASN GA 207 -42.78 43.63 -127.55
CA ASN GA 207 -43.64 44.47 -126.71
C ASN GA 207 -44.83 43.66 -126.23
N THR GA 208 -45.48 42.91 -127.14
CA THR GA 208 -46.66 42.08 -126.79
C THR GA 208 -46.27 40.96 -125.84
N ALA GA 209 -45.13 40.31 -126.07
CA ALA GA 209 -44.70 39.16 -125.27
C ALA GA 209 -44.52 39.64 -123.84
N LEU GA 210 -43.87 40.78 -123.67
CA LEU GA 210 -43.65 41.39 -122.35
C LEU GA 210 -44.97 41.93 -121.80
N ASN GA 211 -45.83 42.49 -122.66
CA ASN GA 211 -47.15 43.02 -122.23
C ASN GA 211 -47.96 41.84 -121.70
N ARG GA 212 -47.90 40.69 -122.35
CA ARG GA 212 -48.61 39.46 -121.92
C ARG GA 212 -48.03 39.03 -120.57
N ILE GA 213 -46.71 39.13 -120.41
CA ILE GA 213 -46.04 38.80 -119.12
C ILE GA 213 -46.53 39.78 -118.07
N ALA GA 214 -46.64 41.05 -118.40
CA ALA GA 214 -47.09 42.11 -117.46
C ALA GA 214 -48.51 41.80 -117.00
N THR GA 215 -49.37 41.41 -117.94
CA THR GA 215 -50.76 41.02 -117.61
C THR GA 215 -50.68 39.79 -116.71
N ASP GA 216 -49.77 38.85 -117.00
CA ASP GA 216 -49.65 37.60 -116.19
C ASP GA 216 -49.18 37.90 -114.77
N ARG GA 217 -47.98 38.46 -114.60
CA ARG GA 217 -47.39 38.69 -113.26
C ARG GA 217 -48.17 39.77 -112.52
N LEU GA 218 -48.64 40.80 -113.23
CA LEU GA 218 -49.30 41.97 -112.58
C LEU GA 218 -50.60 42.33 -113.29
N HIS GA 219 -51.37 43.26 -112.74
CA HIS GA 219 -52.65 43.72 -113.32
C HIS GA 219 -52.38 44.90 -114.27
N ILE GA 220 -51.13 45.37 -114.33
CA ILE GA 220 -50.77 46.56 -115.15
C ILE GA 220 -51.12 46.25 -116.62
N GLN GA 221 -51.95 47.08 -117.26
CA GLN GA 221 -52.31 46.91 -118.69
C GLN GA 221 -52.12 48.23 -119.43
N ASN GA 222 -52.76 49.31 -118.98
CA ASN GA 222 -52.72 50.63 -119.65
C ASN GA 222 -51.31 51.26 -119.64
N PRO GA 223 -50.55 51.28 -118.52
CA PRO GA 223 -49.21 51.88 -118.50
C PRO GA 223 -48.19 50.80 -118.89
N SER GA 224 -48.41 50.08 -120.00
CA SER GA 224 -47.55 48.94 -120.39
C SER GA 224 -46.10 49.40 -120.60
N PHE GA 225 -45.84 50.54 -121.25
CA PHE GA 225 -44.46 50.98 -121.59
C PHE GA 225 -43.61 51.27 -120.36
N SER GA 226 -44.11 51.96 -119.34
CA SER GA 226 -43.33 52.34 -118.14
C SER GA 226 -42.90 51.10 -117.35
N GLN GA 227 -43.83 50.18 -117.09
CA GLN GA 227 -43.55 48.97 -116.29
C GLN GA 227 -42.65 48.01 -117.07
N ILE GA 228 -42.90 47.85 -118.37
CA ILE GA 228 -42.15 46.89 -119.23
C ILE GA 228 -40.70 47.35 -119.33
N ASN GA 229 -40.44 48.62 -119.12
CA ASN GA 229 -39.04 49.11 -119.15
C ASN GA 229 -38.25 48.29 -118.15
N GLN GA 230 -38.79 48.04 -116.94
CA GLN GA 230 -38.10 47.29 -115.85
C GLN GA 230 -37.83 45.86 -116.34
N LEU GA 231 -38.78 45.27 -117.06
CA LEU GA 231 -38.65 43.89 -117.58
C LEU GA 231 -37.51 43.82 -118.59
N VAL GA 232 -37.41 44.78 -119.50
CA VAL GA 232 -36.36 44.81 -120.56
C VAL GA 232 -35.03 44.98 -119.83
N SER GA 233 -35.02 45.78 -118.77
CA SER GA 233 -33.80 46.09 -117.99
C SER GA 233 -33.27 44.86 -117.29
N THR GA 234 -34.15 44.10 -116.65
CA THR GA 234 -33.71 42.94 -115.86
C THR GA 234 -33.01 42.00 -116.84
N ILE GA 235 -33.59 41.82 -118.04
CA ILE GA 235 -32.97 40.94 -119.08
C ILE GA 235 -31.63 41.57 -119.48
N MET GA 236 -31.59 42.89 -119.70
CA MET GA 236 -30.36 43.54 -120.21
C MET GA 236 -29.22 43.46 -119.20
N SER GA 237 -29.47 43.76 -117.94
CA SER GA 237 -28.41 43.70 -116.90
C SER GA 237 -27.96 42.27 -116.84
N ALA GA 238 -28.92 41.37 -116.84
CA ALA GA 238 -28.64 39.94 -116.68
C ALA GA 238 -27.81 39.40 -117.84
N SER GA 239 -28.03 39.83 -119.08
CA SER GA 239 -27.35 39.24 -120.27
C SER GA 239 -25.84 39.47 -120.19
N THR GA 240 -25.42 40.48 -119.41
CA THR GA 240 -23.98 40.86 -119.38
C THR GA 240 -23.39 40.60 -117.99
N THR GA 241 -24.15 40.02 -117.07
CA THR GA 241 -23.67 39.85 -115.67
C THR GA 241 -22.40 39.00 -115.62
N THR GA 242 -22.27 38.00 -116.49
CA THR GA 242 -21.03 37.20 -116.56
C THR GA 242 -19.84 38.09 -116.95
N LEU GA 243 -20.04 39.03 -117.88
CA LEU GA 243 -18.97 40.01 -118.26
C LEU GA 243 -18.71 40.96 -117.10
N ARG GA 244 -19.78 41.51 -116.49
CA ARG GA 244 -19.66 42.54 -115.43
C ARG GA 244 -18.99 41.97 -114.16
N TYR GA 245 -19.19 40.69 -113.88
CA TYR GA 245 -18.63 40.11 -112.63
C TYR GA 245 -17.54 39.09 -113.00
N PRO GA 246 -16.48 38.91 -112.18
CA PRO GA 246 -15.37 38.02 -112.56
C PRO GA 246 -15.79 36.56 -112.70
N GLY GA 247 -15.23 35.85 -113.69
CA GLY GA 247 -15.57 34.42 -113.91
C GLY GA 247 -14.37 33.63 -114.44
N TYR GA 248 -14.46 32.30 -114.42
CA TYR GA 248 -13.33 31.45 -114.89
C TYR GA 248 -13.44 31.26 -116.41
N MET GA 249 -14.60 31.57 -117.00
CA MET GA 249 -14.80 31.33 -118.46
C MET GA 249 -15.71 32.41 -119.06
N ASN GA 250 -15.64 32.58 -120.38
CA ASN GA 250 -16.48 33.54 -121.15
C ASN GA 250 -16.30 34.95 -120.62
N ASN GA 251 -15.16 35.25 -120.02
CA ASN GA 251 -14.96 36.59 -119.42
C ASN GA 251 -15.07 37.58 -120.57
N ASP GA 252 -14.47 37.26 -121.71
CA ASP GA 252 -14.53 38.12 -122.92
C ASP GA 252 -15.91 38.02 -123.54
N LEU GA 253 -16.39 39.09 -124.16
CA LEU GA 253 -17.73 39.11 -124.80
C LEU GA 253 -17.73 38.13 -125.95
N ILE GA 254 -16.63 38.07 -126.69
CA ILE GA 254 -16.60 37.24 -127.92
C ILE GA 254 -16.90 35.78 -127.59
N GLY GA 255 -16.31 35.20 -126.55
CA GLY GA 255 -16.49 33.76 -126.30
C GLY GA 255 -17.94 33.48 -126.09
N LEU GA 256 -18.58 34.30 -125.28
CA LEU GA 256 -20.03 34.18 -125.05
C LEU GA 256 -20.75 34.23 -126.40
N ILE GA 257 -20.48 35.22 -127.24
CA ILE GA 257 -21.30 35.42 -128.49
C ILE GA 257 -21.21 34.19 -129.40
N ALA GA 258 -20.05 33.56 -129.54
CA ALA GA 258 -19.83 32.50 -130.55
C ALA GA 258 -20.84 31.37 -130.41
N SER GA 259 -21.06 30.86 -129.19
CA SER GA 259 -21.93 29.68 -128.97
C SER GA 259 -23.38 29.99 -129.33
N LEU GA 260 -23.89 31.16 -128.99
CA LEU GA 260 -25.29 31.58 -129.23
C LEU GA 260 -25.59 31.73 -130.74
N ILE GA 261 -24.65 32.19 -131.60
CA ILE GA 261 -24.84 32.41 -133.07
C ILE GA 261 -23.96 31.42 -133.84
N PRO GA 262 -24.43 30.25 -134.36
CA PRO GA 262 -23.55 29.32 -135.03
C PRO GA 262 -23.35 29.61 -136.51
N THR GA 263 -24.33 30.23 -137.16
CA THR GA 263 -24.20 30.65 -138.59
C THR GA 263 -24.40 32.16 -138.63
N PRO GA 264 -23.65 32.94 -139.42
CA PRO GA 264 -23.74 34.40 -139.35
C PRO GA 264 -25.15 34.99 -139.58
N ARG GA 265 -25.87 34.47 -140.56
CA ARG GA 265 -27.21 35.02 -140.92
C ARG GA 265 -28.16 34.90 -139.74
N LEU GA 266 -28.17 33.75 -139.05
CA LEU GA 266 -29.10 33.52 -137.93
C LEU GA 266 -28.42 34.04 -136.67
N HIS GA 267 -28.51 35.36 -136.42
CA HIS GA 267 -27.84 35.98 -135.26
C HIS GA 267 -28.87 36.60 -134.30
N PHE GA 268 -30.12 36.16 -134.35
CA PHE GA 268 -31.21 36.73 -133.51
C PHE GA 268 -31.38 35.83 -132.28
N LEU GA 269 -31.43 36.39 -131.06
CA LEU GA 269 -31.43 35.58 -129.82
C LEU GA 269 -32.70 35.78 -129.00
N MET GA 270 -33.34 34.68 -128.58
CA MET GA 270 -34.58 34.70 -127.77
C MET GA 270 -34.21 34.88 -126.30
N THR GA 271 -35.11 35.41 -125.45
CA THR GA 271 -34.79 35.72 -124.02
C THR GA 271 -35.83 35.08 -123.09
N GLY GA 272 -35.45 34.72 -121.85
CA GLY GA 272 -36.37 34.16 -120.84
C GLY GA 272 -35.81 34.39 -119.45
N TYR GA 273 -36.61 34.44 -118.39
CA TYR GA 273 -36.12 34.57 -116.99
C TYR GA 273 -36.81 33.47 -116.16
N THR GA 274 -36.05 32.68 -115.40
CA THR GA 274 -36.62 31.57 -114.58
C THR GA 274 -37.61 32.17 -113.60
N PRO GA 275 -37.29 33.25 -112.85
CA PRO GA 275 -38.28 33.83 -111.98
C PRO GA 275 -39.08 34.83 -112.82
N LEU GA 276 -40.26 34.43 -113.31
CA LEU GA 276 -41.15 35.39 -114.00
C LEU GA 276 -41.36 36.44 -112.92
N THR GA 277 -41.50 35.99 -111.67
CA THR GA 277 -41.55 36.88 -110.48
C THR GA 277 -40.34 36.55 -109.60
N THR GA 278 -39.30 37.38 -109.58
CA THR GA 278 -38.11 37.20 -108.69
C THR GA 278 -38.44 37.92 -107.37
N ASP GA 279 -39.23 38.98 -107.44
CA ASP GA 279 -39.69 39.74 -106.25
C ASP GA 279 -40.38 38.74 -105.31
N LYS GA 287 -35.50 27.35 -100.49
CA LYS GA 287 -34.58 27.73 -101.60
C LYS GA 287 -35.07 27.08 -102.89
N THR GA 288 -34.42 27.32 -104.05
CA THR GA 288 -34.74 26.62 -105.32
C THR GA 288 -33.49 25.93 -105.83
N THR GA 289 -33.54 24.62 -106.08
CA THR GA 289 -32.40 23.82 -106.59
C THR GA 289 -32.19 24.12 -108.07
N VAL GA 290 -30.97 23.89 -108.58
CA VAL GA 290 -30.68 24.16 -110.01
C VAL GA 290 -31.60 23.30 -110.84
N LEU GA 291 -31.90 22.06 -110.43
CA LEU GA 291 -32.71 21.16 -111.29
C LEU GA 291 -34.01 21.91 -111.57
N ASP GA 292 -34.51 22.69 -110.60
CA ASP GA 292 -35.76 23.46 -110.79
C ASP GA 292 -35.49 24.68 -111.66
N VAL GA 293 -34.52 25.52 -111.30
CA VAL GA 293 -34.35 26.82 -112.02
C VAL GA 293 -34.15 26.53 -113.51
N MET GA 294 -33.40 25.48 -113.87
CA MET GA 294 -33.11 25.11 -115.28
C MET GA 294 -34.42 24.73 -115.99
N ARG GA 295 -35.30 23.97 -115.33
CA ARG GA 295 -36.57 23.49 -115.93
C ARG GA 295 -37.47 24.69 -116.28
N ARG GA 296 -37.46 25.75 -115.47
CA ARG GA 296 -38.37 26.93 -115.72
C ARG GA 296 -38.08 27.57 -117.07
N LEU GA 297 -36.81 27.65 -117.46
CA LEU GA 297 -36.39 28.28 -118.74
C LEU GA 297 -37.06 27.52 -119.89
N LEU GA 298 -37.28 26.21 -119.74
CA LEU GA 298 -37.84 25.36 -120.83
C LEU GA 298 -39.38 25.36 -120.82
N GLN GA 299 -40.03 26.12 -119.92
CA GLN GA 299 -41.51 26.27 -119.89
C GLN GA 299 -41.84 27.51 -120.75
N PRO GA 300 -42.88 27.56 -121.63
CA PRO GA 300 -43.07 28.75 -122.44
C PRO GA 300 -43.62 30.00 -121.74
N LYS GA 301 -44.11 29.87 -120.51
CA LYS GA 301 -44.70 30.98 -119.70
C LYS GA 301 -43.56 31.91 -119.32
N ASN GA 302 -42.35 31.36 -119.18
CA ASN GA 302 -41.15 32.14 -118.75
C ASN GA 302 -40.50 32.74 -120.00
N VAL GA 303 -40.64 32.13 -121.18
CA VAL GA 303 -40.14 32.78 -122.43
C VAL GA 303 -40.83 34.13 -122.65
N MET GA 304 -40.15 35.15 -123.18
CA MET GA 304 -40.60 36.56 -123.37
C MET GA 304 -40.67 36.93 -124.85
N VAL GA 305 -40.82 35.96 -125.76
CA VAL GA 305 -40.97 36.18 -127.23
C VAL GA 305 -42.35 35.63 -127.58
N SER GA 306 -43.13 36.23 -128.47
CA SER GA 306 -44.54 35.83 -128.73
C SER GA 306 -44.72 34.96 -129.96
N THR GA 313 -45.18 22.03 -139.92
CA THR GA 313 -43.71 22.07 -140.10
C THR GA 313 -43.06 21.94 -138.71
N ASN GA 314 -42.03 21.10 -138.59
CA ASN GA 314 -41.30 20.90 -137.32
C ASN GA 314 -40.62 22.23 -137.02
N HIS GA 315 -40.37 22.55 -135.75
CA HIS GA 315 -39.58 23.75 -135.38
C HIS GA 315 -38.64 23.33 -134.27
N CYS GA 316 -37.44 23.88 -134.23
CA CYS GA 316 -36.42 23.47 -133.26
C CYS GA 316 -35.38 24.54 -132.95
N TYR GA 317 -34.89 24.61 -131.70
CA TYR GA 317 -33.80 25.53 -131.29
C TYR GA 317 -32.53 25.13 -132.04
N ILE GA 318 -31.60 26.06 -132.33
CA ILE GA 318 -30.28 25.75 -133.00
C ILE GA 318 -29.20 25.49 -131.95
N ALA GA 319 -29.18 26.19 -130.81
CA ALA GA 319 -28.24 25.93 -129.68
C ALA GA 319 -28.77 26.73 -128.49
N ILE GA 320 -28.67 26.23 -127.25
CA ILE GA 320 -29.28 26.93 -126.08
C ILE GA 320 -28.16 27.18 -125.10
N LEU GA 321 -28.27 28.26 -124.34
CA LEU GA 321 -27.28 28.56 -123.26
C LEU GA 321 -28.07 29.08 -122.04
N ASN GA 322 -27.58 28.89 -120.80
CA ASN GA 322 -28.24 29.42 -119.57
C ASN GA 322 -27.21 29.95 -118.57
N ILE GA 323 -27.53 31.02 -117.84
CA ILE GA 323 -26.63 31.58 -116.78
C ILE GA 323 -27.46 31.70 -115.50
N ILE GA 324 -26.97 31.10 -114.42
CA ILE GA 324 -27.74 31.07 -113.16
C ILE GA 324 -27.01 31.99 -112.20
N GLN GA 325 -27.69 32.51 -111.17
CA GLN GA 325 -27.06 33.50 -110.28
C GLN GA 325 -27.17 33.08 -108.83
N GLY GA 326 -26.19 33.46 -108.00
CA GLY GA 326 -26.28 33.16 -106.56
C GLY GA 326 -25.37 32.02 -106.12
N GLU GA 327 -25.46 31.63 -104.85
CA GLU GA 327 -24.63 30.51 -104.33
C GLU GA 327 -25.33 29.22 -104.69
N VAL GA 328 -25.20 28.80 -105.94
CA VAL GA 328 -25.85 27.56 -106.42
C VAL GA 328 -25.13 26.35 -105.85
N ASP GA 329 -25.87 25.29 -105.57
CA ASP GA 329 -25.15 24.06 -105.15
C ASP GA 329 -24.69 23.42 -106.45
N PRO GA 330 -23.41 23.05 -106.60
CA PRO GA 330 -22.93 22.55 -107.89
C PRO GA 330 -23.26 21.08 -108.18
N THR GA 331 -23.12 20.22 -107.19
CA THR GA 331 -23.37 18.78 -107.47
C THR GA 331 -24.74 18.69 -108.12
N GLN GA 332 -25.63 19.60 -107.72
CA GLN GA 332 -27.01 19.52 -108.23
C GLN GA 332 -26.91 19.63 -109.74
N VAL GA 333 -26.01 20.46 -110.26
CA VAL GA 333 -25.98 20.67 -111.73
C VAL GA 333 -25.67 19.37 -112.48
N HIS GA 334 -24.75 18.52 -112.02
CA HIS GA 334 -24.52 17.30 -112.82
C HIS GA 334 -25.81 16.54 -112.84
N LYS GA 335 -26.43 16.45 -111.68
CA LYS GA 335 -27.73 15.77 -111.62
C LYS GA 335 -28.61 16.61 -112.49
N SER GA 336 -28.57 17.94 -112.40
CA SER GA 336 -29.45 18.90 -113.12
C SER GA 336 -29.33 18.82 -114.61
N LEU GA 337 -28.11 18.70 -115.09
CA LEU GA 337 -27.86 18.74 -116.54
C LEU GA 337 -28.31 17.38 -117.03
N GLN GA 338 -27.77 16.30 -116.44
CA GLN GA 338 -28.34 15.00 -116.84
C GLN GA 338 -29.85 15.01 -116.59
N ARG GA 339 -30.37 15.77 -115.64
CA ARG GA 339 -31.82 15.72 -115.33
C ARG GA 339 -32.64 16.37 -116.46
N ILE GA 340 -32.27 17.56 -116.95
CA ILE GA 340 -33.05 18.27 -117.99
C ILE GA 340 -33.04 17.36 -119.21
N ARG GA 341 -31.98 16.58 -119.38
CA ARG GA 341 -31.81 15.70 -120.56
C ARG GA 341 -32.90 14.66 -120.62
N GLU GA 342 -33.19 14.04 -119.49
CA GLU GA 342 -34.23 13.00 -119.46
C GLU GA 342 -35.52 13.75 -119.68
N ARG GA 343 -35.63 14.95 -119.08
CA ARG GA 343 -36.94 15.66 -119.18
C ARG GA 343 -37.21 16.02 -120.65
N LYS GA 344 -36.18 16.33 -121.45
CA LYS GA 344 -36.30 16.69 -122.88
C LYS GA 344 -37.28 17.85 -122.96
N LEU GA 345 -37.38 18.70 -121.96
CA LEU GA 345 -38.45 19.72 -122.05
C LEU GA 345 -38.13 20.60 -123.26
N ALA GA 346 -36.88 20.64 -123.73
CA ALA GA 346 -36.45 21.51 -124.86
C ALA GA 346 -36.19 20.63 -126.09
N ASN GA 347 -36.98 20.82 -127.14
CA ASN GA 347 -36.88 19.90 -128.30
C ASN GA 347 -36.16 20.65 -129.40
N PHE GA 348 -35.04 20.08 -129.88
CA PHE GA 348 -34.17 20.70 -130.90
C PHE GA 348 -33.27 19.64 -131.55
N ILE GA 349 -33.13 19.64 -132.87
CA ILE GA 349 -32.19 18.74 -133.59
C ILE GA 349 -31.74 19.50 -134.81
N PRO GA 350 -30.93 20.56 -134.64
CA PRO GA 350 -30.62 21.40 -135.77
C PRO GA 350 -29.39 20.87 -136.51
N TRP GA 351 -28.89 21.61 -137.49
CA TRP GA 351 -27.62 21.22 -138.16
C TRP GA 351 -26.51 21.41 -137.13
N GLY GA 352 -26.61 22.47 -136.31
CA GLY GA 352 -25.61 22.73 -135.26
C GLY GA 352 -25.71 21.70 -134.16
N PRO GA 353 -24.66 21.34 -133.40
CA PRO GA 353 -24.76 20.24 -132.41
C PRO GA 353 -25.83 20.55 -131.34
N ALA GA 354 -25.86 21.75 -130.77
CA ALA GA 354 -26.95 22.24 -129.87
C ALA GA 354 -27.02 21.70 -128.44
N SER GA 355 -25.93 21.26 -127.82
CA SER GA 355 -25.99 20.89 -126.39
C SER GA 355 -26.35 22.18 -125.66
N ILE GA 356 -27.21 22.16 -124.65
CA ILE GA 356 -27.47 23.38 -123.85
C ILE GA 356 -26.19 23.60 -123.06
N GLN GA 357 -25.79 24.85 -122.84
CA GLN GA 357 -24.52 25.15 -122.13
C GLN GA 357 -24.89 25.69 -120.77
N VAL GA 358 -24.18 25.28 -119.71
CA VAL GA 358 -24.51 25.67 -118.32
C VAL GA 358 -23.47 26.66 -117.86
N ALA GA 359 -23.89 27.85 -117.44
CA ALA GA 359 -22.97 28.86 -116.88
C ALA GA 359 -23.44 29.18 -115.46
N LEU GA 360 -22.55 29.70 -114.63
CA LEU GA 360 -22.94 30.11 -113.25
C LEU GA 360 -22.24 31.42 -112.88
N SER GA 361 -22.88 32.32 -112.12
CA SER GA 361 -22.34 33.67 -111.76
C SER GA 361 -22.73 34.00 -110.33
N ARG GA 362 -22.22 35.12 -109.80
CA ARG GA 362 -22.48 35.52 -108.41
C ARG GA 362 -23.56 36.59 -108.39
N LYS GA 363 -24.56 36.42 -107.56
CA LYS GA 363 -25.53 37.51 -107.36
C LYS GA 363 -24.79 38.58 -106.58
N SER GA 364 -25.09 39.86 -106.83
CA SER GA 364 -24.32 40.99 -106.23
C SER GA 364 -24.50 41.10 -104.72
N PRO GA 365 -23.58 41.78 -104.00
CA PRO GA 365 -23.64 41.93 -102.54
C PRO GA 365 -24.30 43.23 -102.07
N TYR GA 366 -24.97 43.96 -102.94
CA TYR GA 366 -25.68 45.19 -102.51
C TYR GA 366 -27.18 44.93 -102.57
N LEU GA 367 -27.63 44.37 -103.69
CA LEU GA 367 -29.09 44.21 -103.91
C LEU GA 367 -29.68 43.05 -103.09
N PRO GA 368 -31.02 42.97 -102.89
CA PRO GA 368 -31.62 41.97 -101.99
C PRO GA 368 -31.32 40.49 -102.33
N SER GA 369 -31.29 39.65 -101.30
CA SER GA 369 -31.04 38.19 -101.51
C SER GA 369 -32.37 37.44 -101.63
N ALA GA 370 -33.51 38.14 -101.65
CA ALA GA 370 -34.81 37.47 -101.86
C ALA GA 370 -34.71 36.79 -103.23
N HIS GA 371 -35.15 35.52 -103.34
CA HIS GA 371 -34.96 34.78 -104.62
C HIS GA 371 -33.48 34.89 -104.99
N ARG GA 372 -32.58 34.53 -104.07
CA ARG GA 372 -31.13 34.73 -104.34
C ARG GA 372 -30.80 33.98 -105.62
N VAL GA 373 -31.28 32.73 -105.77
CA VAL GA 373 -31.08 32.00 -107.05
C VAL GA 373 -32.08 32.54 -108.07
N SER GA 374 -31.61 32.97 -109.25
CA SER GA 374 -32.50 33.52 -110.31
C SER GA 374 -31.79 33.29 -111.65
N GLY GA 375 -32.48 32.76 -112.66
CA GLY GA 375 -31.73 32.53 -113.92
C GLY GA 375 -32.27 33.23 -115.14
N LEU GA 376 -31.53 33.18 -116.26
CA LEU GA 376 -31.95 33.76 -117.57
C LEU GA 376 -31.48 32.78 -118.65
N MET GA 377 -32.08 32.73 -119.83
CA MET GA 377 -31.56 31.89 -120.95
C MET GA 377 -31.52 32.72 -122.22
N MET GA 378 -30.48 32.58 -123.02
CA MET GA 378 -30.35 33.25 -124.34
C MET GA 378 -30.25 32.08 -125.34
N ALA GA 379 -31.12 32.00 -126.35
CA ALA GA 379 -31.12 30.83 -127.26
C ALA GA 379 -31.41 31.24 -128.70
N ASN GA 380 -30.89 30.46 -129.66
CA ASN GA 380 -31.13 30.69 -131.11
C ASN GA 380 -32.30 29.77 -131.43
N HIS GA 381 -33.48 30.33 -131.70
CA HIS GA 381 -34.71 29.51 -131.95
C HIS GA 381 -35.31 29.89 -133.31
N THR GA 382 -35.77 28.91 -134.12
CA THR GA 382 -36.34 29.15 -135.46
C THR GA 382 -37.76 29.72 -135.35
N SER GA 383 -38.36 29.71 -134.17
CA SER GA 383 -39.71 30.30 -133.96
C SER GA 383 -39.67 31.79 -134.26
N ILE GA 384 -38.56 32.48 -133.96
CA ILE GA 384 -38.46 33.97 -134.12
C ILE GA 384 -38.64 34.29 -135.61
N SER GA 385 -38.41 33.35 -136.50
CA SER GA 385 -38.64 33.55 -137.95
C SER GA 385 -40.09 33.95 -138.15
N SER GA 386 -40.99 33.35 -137.40
CA SER GA 386 -42.44 33.60 -137.52
C SER GA 386 -42.73 35.08 -137.23
N LEU GA 387 -42.11 35.67 -136.22
CA LEU GA 387 -42.33 37.10 -135.90
C LEU GA 387 -41.85 37.96 -137.07
N PHE GA 388 -40.73 37.62 -137.69
CA PHE GA 388 -40.22 38.38 -138.86
C PHE GA 388 -41.23 38.27 -140.00
N GLU GA 389 -41.77 37.09 -140.24
CA GLU GA 389 -42.72 36.86 -141.38
C GLU GA 389 -44.01 37.67 -141.16
N ARG GA 390 -44.46 37.85 -139.92
CA ARG GA 390 -45.73 38.58 -139.60
C ARG GA 390 -45.62 40.05 -140.03
N THR GA 391 -44.50 40.71 -139.77
CA THR GA 391 -44.31 42.10 -140.26
C THR GA 391 -44.15 42.06 -141.77
N CYS GA 392 -43.49 41.04 -142.33
CA CYS GA 392 -43.34 40.86 -143.78
C CYS GA 392 -44.72 40.60 -144.37
N ARG GA 393 -45.61 39.93 -143.64
CA ARG GA 393 -47.02 39.70 -144.07
C ARG GA 393 -47.75 41.04 -144.05
N GLN GA 394 -47.59 41.83 -143.00
CA GLN GA 394 -48.33 43.10 -142.94
C GLN GA 394 -47.82 43.91 -144.12
N TYR GA 395 -46.50 43.95 -144.33
CA TYR GA 395 -45.87 44.78 -145.39
C TYR GA 395 -46.32 44.31 -146.77
N ASP GA 396 -46.36 43.00 -146.99
CA ASP GA 396 -46.73 42.48 -148.32
C ASP GA 396 -48.15 42.93 -148.61
N LYS GA 397 -49.03 42.80 -147.62
CA LYS GA 397 -50.44 43.23 -147.76
C LYS GA 397 -50.44 44.72 -148.03
N LEU GA 398 -49.67 45.47 -147.23
CA LEU GA 398 -49.61 46.95 -147.35
C LEU GA 398 -48.99 47.37 -148.67
N ARG GA 399 -48.02 46.62 -149.19
CA ARG GA 399 -47.28 46.98 -150.44
C ARG GA 399 -48.26 46.95 -151.60
N LYS GA 400 -49.10 45.92 -151.67
CA LYS GA 400 -50.05 45.77 -152.79
C LYS GA 400 -50.99 46.97 -152.77
N ARG GA 401 -51.54 47.29 -151.60
CA ARG GA 401 -52.51 48.41 -151.47
C ARG GA 401 -51.77 49.70 -151.78
N GLU GA 402 -50.51 49.81 -151.35
CA GLU GA 402 -49.75 51.08 -151.50
C GLU GA 402 -50.53 52.13 -150.71
N ALA GA 403 -51.22 51.69 -149.66
CA ALA GA 403 -52.07 52.60 -148.87
C ALA GA 403 -51.19 53.67 -148.22
N PHE GA 404 -50.00 53.26 -147.76
CA PHE GA 404 -49.14 54.23 -147.05
C PHE GA 404 -47.76 54.22 -147.71
N LEU GA 405 -47.67 54.80 -148.91
CA LEU GA 405 -46.35 54.92 -149.58
C LEU GA 405 -45.72 56.19 -149.03
N GLU GA 406 -46.44 56.92 -148.16
CA GLU GA 406 -45.97 58.21 -147.59
C GLU GA 406 -45.96 59.23 -148.72
N GLN GA 407 -45.24 58.91 -149.80
CA GLN GA 407 -45.13 59.84 -150.96
C GLN GA 407 -44.76 61.20 -150.39
N PHE GA 408 -44.37 61.24 -149.12
CA PHE GA 408 -43.88 62.52 -148.57
C PHE GA 408 -42.67 62.85 -149.41
N ARG GA 409 -42.40 64.12 -149.69
CA ARG GA 409 -41.32 64.47 -150.65
C ARG GA 409 -40.03 63.88 -150.10
N LYS GA 410 -39.81 63.94 -148.78
CA LYS GA 410 -38.62 63.28 -148.19
C LYS GA 410 -38.63 61.82 -148.64
N GLU GA 411 -39.74 61.10 -148.46
CA GLU GA 411 -39.83 59.65 -148.78
C GLU GA 411 -39.59 59.41 -150.27
N ASP GA 412 -40.27 60.16 -151.15
CA ASP GA 412 -40.14 59.96 -152.62
C ASP GA 412 -38.77 60.42 -153.11
N MET GA 413 -38.30 61.60 -152.69
CA MET GA 413 -37.01 62.15 -153.16
C MET GA 413 -35.88 61.26 -152.66
N PHE GA 414 -35.95 60.83 -151.41
CA PHE GA 414 -34.94 59.89 -150.85
C PHE GA 414 -35.03 58.57 -151.60
N LYS GA 415 -36.25 58.09 -151.85
CA LYS GA 415 -36.47 56.79 -152.53
C LYS GA 415 -37.52 56.93 -153.64
N ASP GA 416 -37.11 57.37 -154.83
CA ASP GA 416 -38.02 57.50 -156.00
C ASP GA 416 -38.31 56.09 -156.52
N ASN GA 417 -37.30 55.23 -156.67
CA ASN GA 417 -37.48 53.84 -157.17
C ASN GA 417 -38.30 53.03 -156.17
N PHE GA 418 -38.15 53.27 -154.86
CA PHE GA 418 -38.84 52.49 -153.80
C PHE GA 418 -38.36 51.04 -153.89
N ASP GA 419 -37.14 50.82 -154.40
CA ASP GA 419 -36.61 49.43 -154.63
C ASP GA 419 -35.74 48.93 -153.47
N GLU GA 420 -35.38 49.77 -152.51
CA GLU GA 420 -34.66 49.29 -151.29
C GLU GA 420 -35.63 48.43 -150.48
N MET GA 421 -36.92 48.76 -150.54
CA MET GA 421 -37.96 47.98 -149.83
C MET GA 421 -38.01 46.60 -150.47
N ASP GA 422 -37.94 46.51 -151.80
CA ASP GA 422 -37.91 45.22 -152.52
C ASP GA 422 -36.57 44.51 -152.26
N THR GA 423 -35.46 45.26 -152.20
CA THR GA 423 -34.13 44.68 -151.89
C THR GA 423 -34.24 44.11 -150.48
N SER GA 424 -34.87 44.84 -149.58
CA SER GA 424 -35.06 44.39 -148.18
C SER GA 424 -35.95 43.16 -148.17
N ARG GA 425 -36.99 43.14 -149.00
CA ARG GA 425 -37.97 42.03 -149.02
C ARG GA 425 -37.28 40.73 -149.43
N GLU GA 426 -36.42 40.76 -150.45
CA GLU GA 426 -35.68 39.53 -150.88
C GLU GA 426 -34.69 39.12 -149.79
N ILE GA 427 -33.99 40.07 -149.16
CA ILE GA 427 -32.95 39.75 -148.14
C ILE GA 427 -33.63 39.11 -146.92
N VAL GA 428 -34.76 39.67 -146.46
CA VAL GA 428 -35.49 39.12 -145.29
C VAL GA 428 -36.13 37.78 -145.67
N GLN GA 429 -36.60 37.63 -146.91
CA GLN GA 429 -37.18 36.36 -147.41
C GLN GA 429 -36.08 35.31 -147.44
N GLN GA 430 -34.86 35.69 -147.83
CA GLN GA 430 -33.71 34.76 -147.79
C GLN GA 430 -33.55 34.32 -146.34
N LEU GA 431 -33.64 35.28 -145.41
CA LEU GA 431 -33.52 34.98 -143.95
C LEU GA 431 -34.66 34.06 -143.52
N ILE GA 432 -35.90 34.33 -143.96
CA ILE GA 432 -37.07 33.52 -143.58
C ILE GA 432 -36.79 32.12 -144.11
N ASP GA 433 -36.30 32.03 -145.34
CA ASP GA 433 -35.98 30.72 -145.98
C ASP GA 433 -34.85 30.05 -145.23
N GLU GA 434 -33.80 30.78 -144.90
CA GLU GA 434 -32.61 30.18 -144.28
C GLU GA 434 -33.06 29.51 -142.97
N TYR GA 435 -33.86 30.21 -142.18
CA TYR GA 435 -34.30 29.68 -140.88
C TYR GA 435 -34.91 28.30 -141.12
N HIS GA 436 -35.92 28.22 -141.99
CA HIS GA 436 -36.65 26.94 -142.19
C HIS GA 436 -35.67 25.90 -142.74
N ALA GA 437 -34.66 26.32 -143.48
CA ALA GA 437 -33.63 25.40 -144.00
C ALA GA 437 -32.90 24.83 -142.80
N ALA GA 438 -32.72 25.64 -141.77
CA ALA GA 438 -32.03 25.19 -140.53
C ALA GA 438 -32.82 24.02 -139.94
N THR GA 439 -34.13 24.11 -139.94
CA THR GA 439 -35.02 23.05 -139.40
C THR GA 439 -34.76 21.76 -140.18
N ARG GA 440 -34.50 21.87 -141.47
CA ARG GA 440 -34.35 20.67 -142.36
C ARG GA 440 -33.09 19.91 -141.98
N PRO GA 441 -32.95 18.63 -142.38
CA PRO GA 441 -31.74 17.85 -142.13
C PRO GA 441 -30.50 18.29 -142.93
N ASP GA 442 -30.61 19.12 -143.97
CA ASP GA 442 -29.45 19.46 -144.84
C ASP GA 442 -29.11 20.95 -144.86
N TYR GA 443 -28.65 21.55 -143.76
CA TYR GA 443 -28.15 22.95 -143.78
C TYR GA 443 -26.67 22.84 -144.12
N ILE GA 444 -26.15 21.61 -144.30
CA ILE GA 444 -24.76 21.39 -144.78
C ILE GA 444 -24.73 22.01 -146.19
N SER GA 445 -25.78 21.80 -146.98
CA SER GA 445 -25.93 22.42 -148.32
C SER GA 445 -26.26 23.89 -148.10
N TRP GA 446 -26.13 24.73 -149.13
CA TRP GA 446 -26.31 26.19 -148.96
C TRP GA 446 -27.73 26.49 -148.44
N GLY GA 447 -27.89 27.47 -147.54
CA GLY GA 447 -29.17 27.86 -146.94
C GLY GA 447 -29.57 29.25 -147.39
PB GDP HA . -2.45 96.59 -123.72
O1B GDP HA . -3.91 96.77 -123.43
O2B GDP HA . -1.54 97.00 -122.59
O3B GDP HA . -2.02 97.10 -125.08
O3A GDP HA . -2.23 95.00 -123.83
PA GDP HA . -3.47 94.07 -124.23
O1A GDP HA . -4.14 94.70 -125.43
O2A GDP HA . -4.26 93.77 -122.99
O5' GDP HA . -2.80 92.69 -124.72
C5' GDP HA . -3.58 91.85 -125.56
C4' GDP HA . -3.37 90.39 -125.21
O4' GDP HA . -3.38 90.21 -123.79
C3' GDP HA . -4.45 89.49 -125.78
O3' GDP HA . -3.82 88.62 -126.73
C2' GDP HA . -5.05 88.75 -124.60
O2' GDP HA . -5.14 87.34 -124.81
C1' GDP HA . -4.10 89.03 -123.47
N9 GDP HA . -4.77 89.21 -122.16
C8 GDP HA . -5.41 90.31 -121.73
N7 GDP HA . -5.89 90.12 -120.47
C5 GDP HA . -5.53 88.88 -120.08
C6 GDP HA . -5.70 88.04 -118.88
O6 GDP HA . -6.32 88.48 -117.88
N1 GDP HA . -5.18 86.81 -118.88
C2 GDP HA . -4.51 86.32 -119.93
N2 GDP HA . -3.99 85.06 -119.89
N3 GDP HA . -4.31 87.03 -121.07
C4 GDP HA . -4.79 88.29 -121.20
PB GDP IA . 19.53 128.48 -94.53
O1B GDP IA . 18.08 128.32 -94.91
O2B GDP IA . 19.72 128.78 -93.07
O3B GDP IA . 20.33 129.35 -95.47
O3A GDP IA . 20.17 127.02 -94.71
PA GDP IA . 19.57 126.16 -95.93
O1A GDP IA . 18.35 125.43 -95.42
O2A GDP IA . 19.49 127.06 -97.14
O5' GDP IA . 20.70 125.07 -96.25
C5' GDP IA . 20.61 124.44 -97.53
C4' GDP IA . 20.99 122.99 -97.38
O4' GDP IA . 20.44 122.46 -96.19
C3' GDP IA . 20.48 122.15 -98.53
O3' GDP IA . 21.61 121.67 -99.25
C2' GDP IA . 19.68 121.02 -97.91
O2' GDP IA . 20.08 119.74 -98.37
C1' GDP IA . 20.01 121.12 -96.43
N9 GDP IA . 18.87 120.80 -95.53
C8 GDP IA . 17.86 121.61 -95.19
N7 GDP IA . 17.01 120.98 -94.33
C5 GDP IA . 17.49 119.76 -94.11
C6 GDP IA . 17.10 118.58 -93.32
O6 GDP IA . 16.07 118.60 -92.62
N1 GDP IA . 17.86 117.49 -93.35
C2 GDP IA . 18.98 117.45 -94.10
N2 GDP IA . 19.72 116.32 -94.11
N3 GDP IA . 19.40 118.49 -94.85
C4 GDP IA . 18.71 119.64 -94.90
PB GDP JA . 85.65 48.05 -40.74
O1B GDP JA . 84.20 48.20 -41.12
O2B GDP JA . 85.85 47.82 -39.27
O3B GDP JA . 86.54 49.09 -41.38
O3A GDP JA . 86.12 46.67 -41.39
PA GDP JA . 85.37 46.24 -42.72
O1A GDP JA . 84.12 45.47 -42.37
O2A GDP JA . 85.31 47.44 -43.62
O5' GDP JA . 86.39 45.21 -43.40
C5' GDP JA . 86.19 44.92 -44.77
C4' GDP JA . 86.46 43.45 -44.98
O4' GDP JA . 85.78 42.67 -44.02
C3' GDP JA . 85.99 42.99 -46.35
O3' GDP JA . 87.14 42.59 -47.07
C2' GDP JA . 85.06 41.84 -46.10
O2' GDP JA . 85.40 40.69 -46.87
C1' GDP JA . 85.28 41.50 -44.64
N9 GDP JA . 84.09 41.08 -43.89
C8 GDP JA . 83.13 41.87 -43.39
N7 GDP JA . 82.20 41.13 -42.72
C5 GDP JA . 82.60 39.85 -42.76
C6 GDP JA . 82.12 38.54 -42.27
O6 GDP JA . 81.06 38.46 -41.62
N1 GDP JA . 82.83 37.45 -42.56
C2 GDP JA . 83.96 37.50 -43.27
N2 GDP JA . 84.66 36.37 -43.53
N3 GDP JA . 84.46 38.67 -43.75
C4 GDP JA . 83.82 39.83 -43.54
PB GDP KA . 83.08 62.24 6.48
O1B GDP KA . 82.00 62.19 5.43
O2B GDP KA . 82.49 61.95 7.83
O3B GDP KA . 83.95 63.46 6.42
O3A GDP KA . 84.12 61.02 6.17
PA GDP KA . 84.08 60.26 4.75
O1A GDP KA . 83.12 59.11 4.89
O2A GDP KA . 83.86 61.34 3.71
O5' GDP KA . 85.51 59.59 4.42
C5' GDP KA . 85.91 59.58 3.04
C4' GDP KA . 86.56 58.29 2.60
O4' GDP KA . 85.68 57.23 2.86
C3' GDP KA . 86.84 58.23 1.11
O3' GDP KA . 88.26 58.14 0.93
C2' GDP KA . 86.22 56.96 0.59
O2' GDP KA . 87.19 56.16 -0.07
C1' GDP KA . 85.82 56.25 1.85
N9 GDP KA . 84.57 55.47 1.76
C8 GDP KA . 83.32 55.93 1.63
N7 GDP KA . 82.43 54.90 1.60
C5 GDP KA . 83.13 53.77 1.75
C6 GDP KA . 82.86 52.32 1.79
O6 GDP KA . 81.70 51.90 1.72
N1 GDP KA . 83.88 51.48 1.93
C2 GDP KA . 85.14 51.91 2.02
N2 GDP KA . 86.16 51.02 2.16
N3 GDP KA . 85.47 53.21 1.97
C4 GDP KA . 84.53 54.16 1.84
PB GDP LA . 60.57 66.05 60.67
O1B GDP LA . 59.57 66.29 59.57
O2B GDP LA . 60.06 65.18 61.79
O3B GDP LA . 61.29 67.30 61.11
O3A GDP LA . 61.72 65.16 59.99
PA GDP LA . 62.03 65.33 58.42
O1A GDP LA . 61.12 64.38 57.66
O2A GDP LA . 62.03 66.81 58.11
O5' GDP LA . 63.53 64.81 58.26
C5' GDP LA . 64.29 65.25 57.15
C4' GDP LA . 65.16 64.12 56.61
O4' GDP LA . 64.41 62.92 56.53
C3' GDP LA . 65.71 64.43 55.24
O3' GDP LA . 67.14 64.47 55.33
C2' GDP LA . 65.24 63.30 54.34
O2' GDP LA . 66.28 62.71 53.56
C1' GDP LA . 64.70 62.26 55.30
N9 GDP LA . 63.47 61.57 54.83
C8 GDP LA . 62.22 62.04 54.89
N7 GDP LA . 61.34 61.14 54.39
C5 GDP LA . 62.05 60.06 54.00
C6 GDP LA . 61.75 58.75 53.38
O6 GDP LA . 60.57 58.44 53.09
N1 GDP LA . 62.76 57.92 53.12
C2 GDP LA . 64.04 58.24 53.43
N2 GDP LA . 65.03 57.35 53.15
N3 GDP LA . 64.38 59.42 53.99
C4 GDP LA . 63.45 60.35 54.29
PB GDP MA . 28.28 54.13 94.17
O1B GDP MA . 27.65 54.95 93.07
O2B GDP MA . 27.26 53.28 94.88
O3B GDP MA . 29.20 54.93 95.07
O3A GDP MA . 29.20 53.00 93.47
PA GDP MA . 30.37 53.39 92.44
O1A GDP MA . 30.26 52.36 91.34
O2A GDP MA . 30.25 54.85 92.09
O5' GDP MA . 31.70 53.15 93.33
C5' GDP MA . 32.89 53.85 92.98
C4' GDP MA . 34.04 52.88 92.77
O4' GDP MA . 33.61 51.71 92.09
C3' GDP MA . 35.17 53.49 91.97
O3' GDP MA . 36.36 53.44 92.76
C2' GDP MA . 35.27 52.64 90.72
O2' GDP MA . 36.57 52.23 90.41
C1' GDP MA . 34.52 51.39 91.04
N9 GDP MA . 33.77 50.87 89.88
C8 GDP MA . 32.75 51.49 89.27
N7 GDP MA . 32.27 50.73 88.24
C5 GDP MA . 33.01 49.60 88.21
C6 GDP MA . 33.06 48.38 87.39
O6 GDP MA . 32.26 48.22 86.45
N1 GDP MA . 33.98 47.46 87.68
C2 GDP MA . 34.85 47.61 88.69
N2 GDP MA . 35.74 46.63 88.91
N3 GDP MA . 34.87 48.71 89.48
C4 GDP MA . 33.99 49.72 89.28
PB GDP NA . -19.59 32.84 120.37
O1B GDP NA . -20.45 31.70 119.94
O2B GDP NA . -19.77 33.31 121.80
O3B GDP NA . -19.54 33.96 119.38
O3A GDP NA . -18.12 32.20 120.36
PA GDP NA . -16.93 33.20 120.00
O1A GDP NA . -16.76 33.26 118.50
O2A GDP NA . -17.14 34.47 120.81
O5' GDP NA . -15.65 32.46 120.61
C5' GDP NA . -14.49 33.27 120.78
C4' GDP NA . -13.28 32.42 120.42
O4' GDP NA . -13.49 31.77 119.17
C3' GDP NA . -12.04 33.27 120.28
O3' GDP NA . -11.14 32.84 121.30
C2' GDP NA . -11.50 32.98 118.91
O2' GDP NA . -10.11 32.63 118.93
C1' GDP NA . -12.27 31.79 118.44
N9 GDP NA . -12.62 31.76 117.01
C8 GDP NA . -13.61 32.43 116.40
N7 GDP NA . -13.65 32.12 115.08
C5 GDP NA . -12.70 31.21 114.84
C6 GDP NA . -12.17 30.46 113.69
O6 GDP NA . -12.68 30.60 112.56
N1 GDP NA . -11.15 29.62 113.88
C2 GDP NA . -10.58 29.45 115.08
N2 GDP NA . -9.54 28.58 115.23
N3 GDP NA . -11.00 30.12 116.18
C4 GDP NA . -12.02 30.99 116.12
PB GDP OA . -63.63 13.06 108.44
O1B GDP OA . -64.39 12.06 107.60
O2B GDP OA . -64.33 13.48 109.70
O3B GDP OA . -63.07 14.22 107.65
O3A GDP OA . -62.34 12.25 108.95
PA GDP OA . -60.99 13.04 109.22
O1A GDP OA . -60.23 13.15 107.92
O2A GDP OA . -61.35 14.29 110.01
O5' GDP OA . -60.13 12.10 110.21
C5' GDP OA . -59.12 12.72 111.01
C4' GDP OA . -57.90 11.83 111.08
O4' GDP OA . -57.55 11.35 109.79
C3' GDP OA . -56.68 12.58 111.61
O3' GDP OA . -56.31 11.99 112.87
C2' GDP OA . -55.60 12.43 110.56
O2' GDP OA . -54.35 12.00 111.11
C1' GDP OA . -56.13 11.37 109.63
N9 GDP OA . -55.80 11.60 108.20
C8 GDP OA . -56.36 12.50 107.37
N7 GDP OA . -55.82 12.43 106.13
C5 GDP OA . -54.90 11.44 106.15
C6 GDP OA . -53.95 10.84 105.18
O6 GDP OA . -53.91 11.24 103.99
N1 GDP OA . -53.17 9.85 105.59
C2 GDP OA . -53.21 9.39 106.86
N2 GDP OA . -52.39 8.38 107.24
N3 GDP OA . -54.04 9.89 107.80
C4 GDP OA . -54.89 10.90 107.51
PB GDP PA . -106.03 -3.59 75.05
O1B GDP PA . -106.14 -4.27 73.72
O2B GDP PA . -107.27 -3.67 75.90
O3B GDP PA . -105.42 -2.21 74.97
O3A GDP PA . -104.96 -4.48 75.85
PA GDP PA . -103.94 -3.76 76.86
O1A GDP PA . -104.75 -2.82 77.73
O2A GDP PA . -102.77 -3.23 76.06
O5' GDP PA . -103.40 -4.94 77.81
C5' GDP PA . -102.86 -4.56 79.08
C4' GDP PA . -101.66 -5.42 79.42
O4' GDP PA . -100.81 -5.56 78.28
C3' GDP PA . -100.83 -4.83 80.53
O3' GDP PA . -100.88 -5.71 81.64
C2' GDP PA . -99.43 -4.66 79.98
O2' GDP PA . -98.41 -5.20 80.82
C1' GDP PA . -99.46 -5.46 78.68
N9 GDP PA . -98.66 -4.84 77.59
C8 GDP PA . -99.03 -3.81 76.82
N7 GDP PA . -98.06 -3.53 75.91
C5 GDP PA . -97.07 -4.41 76.09
C6 GDP PA . -95.75 -4.69 75.47
O6 GDP PA . -95.34 -3.98 74.53
N1 GDP PA . -95.02 -5.69 75.96
C2 GDP PA . -95.44 -6.46 76.98
N2 GDP PA . -94.66 -7.47 77.44
N3 GDP PA . -96.63 -6.26 77.59
C4 GDP PA . -97.46 -5.27 77.19
PB GDP QA . -124.38 -9.83 30.47
O1B GDP QA . -125.84 -10.09 30.76
O2B GDP QA . -123.97 -10.00 29.04
O3B GDP QA . -123.85 -8.57 31.10
O3A GDP QA . -123.62 -11.02 31.24
PA GDP QA . -123.30 -10.75 32.77
O1A GDP QA . -124.55 -10.18 33.41
O2A GDP QA . -121.99 -10.01 32.85
O5' GDP QA . -123.08 -12.20 33.41
C5' GDP QA . -123.19 -12.28 34.83
C4' GDP QA . -122.17 -13.27 35.34
O4' GDP QA . -120.94 -13.10 34.63
C3' GDP QA . -121.86 -13.07 36.82
O3' GDP QA . -122.32 -14.24 37.50
C2' GDP QA . -120.36 -12.89 36.91
O2' GDP QA . -119.78 -13.77 37.88
C1' GDP QA . -119.85 -13.27 35.54
N9 GDP QA . -118.69 -12.47 35.08
C8 GDP QA . -118.74 -11.24 34.54
N7 GDP QA . -117.49 -10.82 34.21
C5 GDP QA . -116.63 -11.80 34.53
C6 GDP QA . -115.18 -12.03 34.46
O6 GDP QA . -114.42 -11.16 34.00
N1 GDP QA . -114.68 -13.19 34.90
C2 GDP QA . -115.46 -14.14 35.40
N2 GDP QA . -114.92 -15.30 35.84
N3 GDP QA . -116.81 -14.00 35.51
C4 GDP QA . -117.43 -12.89 35.10
PB GDP RA . -131.17 -12.14 -30.84
O1B GDP RA . -132.56 -12.66 -31.08
O2B GDP RA . -130.24 -12.23 -32.03
O3B GDP RA . -131.10 -10.80 -30.14
O3A GDP RA . -130.55 -13.19 -29.79
PA GDP RA . -130.63 -12.84 -28.22
O1A GDP RA . -132.02 -12.35 -27.92
O2A GDP RA . -129.43 -12.00 -27.87
O5' GDP RA . -130.46 -14.27 -27.49
C5' GDP RA . -130.98 -14.41 -26.17
C4' GDP RA . -130.08 -15.28 -25.32
O4' GDP RA . -128.71 -14.96 -25.56
C3' GDP RA . -130.34 -15.09 -23.85
O3' GDP RA . -130.76 -16.33 -23.31
C2' GDP RA . -129.04 -14.63 -23.24
O2' GDP RA . -128.68 -15.35 -22.06
C1' GDP RA . -128.01 -14.91 -24.32
N9 GDP RA . -126.93 -13.91 -24.41
C8 GDP RA . -127.01 -12.71 -25.02
N7 GDP RA . -125.82 -12.05 -24.92
C5 GDP RA . -124.97 -12.84 -24.26
C6 GDP RA . -123.56 -12.77 -23.81
O6 GDP RA . -122.87 -11.76 -24.06
N1 GDP RA . -123.05 -13.81 -23.14
C2 GDP RA . -123.77 -14.90 -22.86
N2 GDP RA . -123.21 -15.93 -22.18
N3 GDP RA . -125.06 -15.04 -23.24
C4 GDP RA . -125.70 -14.06 -23.92
PB GDP SA . -108.82 5.46 -78.36
O1B GDP SA . -110.05 5.21 -79.20
O2B GDP SA . -107.51 5.50 -79.10
O3B GDP SA . -108.98 6.59 -77.38
O3A GDP SA . -108.68 4.14 -77.46
PA GDP SA . -109.44 4.17 -76.06
O1A GDP SA . -110.83 4.72 -76.30
O2A GDP SA . -108.55 4.79 -75.02
O5' GDP SA . -109.60 2.62 -75.70
C5' GDP SA . -110.54 2.31 -74.70
C4' GDP SA . -109.98 1.19 -73.85
O4' GDP SA . -108.65 1.50 -73.46
C3' GDP SA . -110.78 0.99 -72.59
O3' GDP SA . -111.34 -0.32 -72.66
C2' GDP SA . -109.80 1.10 -71.45
O2' GDP SA . -109.88 0.01 -70.55
C1' GDP SA . -108.46 1.07 -72.12
N9 GDP SA . -107.42 1.94 -71.54
C8 GDP SA . -107.29 3.26 -71.69
N7 GDP SA . -106.18 3.71 -71.03
C5 GDP SA . -105.59 2.65 -70.46
C6 GDP SA . -104.41 2.39 -69.61
O6 GDP SA . -103.66 3.32 -69.28
N1 GDP SA . -104.17 1.13 -69.23
C2 GDP SA . -104.96 0.11 -69.59
N2 GDP SA . -104.68 -1.15 -69.16
N3 GDP SA . -106.06 0.28 -70.35
C4 GDP SA . -106.42 1.50 -70.78
PB GDP TA . -76.85 23.22 -121.27
O1B GDP TA . -77.57 22.88 -122.56
O2B GDP TA . -75.42 23.62 -121.43
O3B GDP TA . -77.62 24.10 -120.33
O3A GDP TA . -76.74 21.81 -120.51
PA GDP TA . -77.97 21.44 -119.55
O1A GDP TA . -79.25 21.76 -120.28
O2A GDP TA . -77.67 22.00 -118.18
O5' GDP TA . -77.87 19.85 -119.42
C5' GDP TA . -79.04 19.19 -118.96
C4' GDP TA . -78.66 18.08 -118.02
O4' GDP TA . -77.67 18.52 -117.10
C3' GDP TA . -79.84 17.60 -117.21
O3' GDP TA . -80.07 16.25 -117.57
C2' GDP TA . -79.44 17.74 -115.76
O2' GDP TA . -79.69 16.55 -115.02
C1' GDP TA . -77.95 17.97 -115.82
N9 GDP TA . -77.43 18.91 -114.80
C8 GDP TA . -77.50 20.26 -114.85
N7 GDP TA . -76.89 20.79 -113.75
C5 GDP TA . -76.39 19.77 -113.02
C6 GDP TA . -75.64 19.60 -111.76
O6 GDP TA . -75.31 20.60 -111.10
N1 GDP TA . -75.35 18.37 -111.34
C2 GDP TA . -75.70 17.28 -112.05
N2 GDP TA . -75.38 16.03 -111.60
N3 GDP TA . -76.39 17.36 -113.21
C4 GDP TA . -76.76 18.55 -113.72
PB GDP UA . -39.84 58.59 -131.47
O1B GDP UA . -40.03 58.68 -132.96
O2B GDP UA . -38.53 59.08 -130.94
O3B GDP UA . -41.02 59.08 -130.68
O3A GDP UA . -39.76 57.02 -131.17
PA GDP UA . -41.16 56.30 -130.87
O1A GDP UA . -42.15 56.78 -131.89
O2A GDP UA . -41.46 56.40 -129.40
O5' GDP UA . -40.85 54.76 -131.19
C5' GDP UA . -41.98 53.92 -131.36
C4' GDP UA . -41.67 52.59 -130.73
O4' GDP UA . -41.14 52.77 -129.42
C3' GDP UA . -42.90 51.73 -130.60
O3' GDP UA . -42.70 50.59 -131.42
C2' GDP UA . -43.00 51.35 -129.15
O2' GDP UA . -43.16 49.95 -128.97
C1' GDP UA . -41.67 51.76 -128.58
N9 GDP UA . -41.70 52.31 -127.21
C8 GDP UA . -42.05 53.55 -126.84
N7 GDP UA . -41.91 53.71 -125.50
C5 GDP UA . -41.44 52.56 -125.00
C6 GDP UA . -41.07 52.01 -123.68
O6 GDP UA . -41.15 52.72 -122.66
N1 GDP UA . -40.62 50.76 -123.61
C2 GDP UA . -40.52 49.97 -124.70
N2 GDP UA . -40.07 48.69 -124.57
N3 GDP UA . -40.85 50.40 -125.93
C4 GDP UA . -41.32 51.65 -126.13
#